data_5MRC
#
_entry.id   5MRC
#
_cell.length_a   1
_cell.length_b   1
_cell.length_c   1
_cell.angle_alpha   90
_cell.angle_beta   90
_cell.angle_gamma   90
#
_symmetry.space_group_name_H-M   'P 1'
#
loop_
_entity.id
_entity.type
_entity.pdbx_description
1 polymer '21S ribosomal RNA'
2 polymer uL2m
3 polymer uL3m
4 polymer uL4m
5 polymer uL5m
6 polymer uL6m
7 polymer bL9m
8 polymer uL13m
9 polymer uL14m
10 polymer uL15m
11 polymer uL16m
12 polymer bL17m
13 polymer bL19m
14 polymer bL21m
15 polymer uL22m
16 polymer uL23m
17 polymer uL24m
18 polymer bL27m
19 polymer bL28m
20 polymer uL29m
21 polymer uL30m
22 polymer bL31m
23 polymer bL32m
24 polymer bL33m
25 polymer bL34m
26 polymer bL35m
27 polymer bL36m
28 polymer mL38
29 polymer mL40
30 polymer mL41
31 polymer mL43
32 polymer mL44
33 polymer mL46
34 polymer mL49
35 polymer mL50
36 polymer mL57
37 polymer mL58
38 polymer mL59
39 polymer mL60
40 polymer mL67
41 polymer bS1m
42 polymer uS2m
43 polymer uS3m
44 polymer uS4m
45 polymer uS5m
46 polymer bS6m
47 polymer uS7m
48 polymer uS8m
49 polymer uS9m
50 polymer uS10m
51 polymer uS11m
52 polymer uS12m
53 polymer uS13m
54 polymer uS14m
55 polymer uS15m
56 polymer bS16m
57 polymer uS17m
58 polymer bS18m
59 polymer uS19m
60 polymer bS21m
61 polymer mS23
62 polymer mS26
63 polymer mS29
64 polymer mS33
65 polymer mS35
66 polymer mS37
67 polymer mS38
68 polymer mS41
69 polymer mS42
70 polymer mS43
71 polymer mS44
72 polymer mS45
73 polymer mS46
74 polymer mS47
75 polymer '15S ribosomal RNA'
76 polymer tRNA
77 polymer 'unknown protein sequence 1'
78 polymer 'unknown protein sequence 2'
79 non-polymer 'MAGNESIUM ION'
80 non-polymer 'SODIUM ION'
81 non-polymer 'ZINC ION'
82 non-polymer "GUANOSINE-5'-DIPHOSPHATE"
#
loop_
_entity_poly.entity_id
_entity_poly.type
_entity_poly.pdbx_seq_one_letter_code
_entity_poly.pdbx_strand_id
1 'polyribonucleotide'
;GUAAAAAGUAGAAUAAUAGAUUUGAAAUAUUUAUUAUAUAGAUUUAAAGAGAUAAUCAUGGAGUAUAAUAAUUAAAUUUA
AUAAAUUUAAUAUAACUAUUAAUAGAAUUAGGUUACUAAUAAAUUAAUAACAAUUAAUUUUAAAACCUAAAGGUAAACCU
UUAUAUUAAUAAUGUUAUUUUUUAUUAUUUUUAUAAUAAGAAUAAUUAUUAAUAAUAAUAAACUAAGUGAACUGAAACAU
CUAAGUAACUUAAGGAUAAGAAAUCAACAGAGAUAUUAUGAGUAUUGGUGAGAGAAAAUAAUAAAGGUCUAAUAAGUAUU
AUGUGAAAAAAAUGUAAGAAAAUAGGAUAACAAAUUCUAAGACUAAAUACUAUUAAUAAGUAUAGUAAGUACCGUAAGGG
AAAGUAUGAAAAUGAUUAUUUUAUAAGCAAUCAUGAAUAUAUUAUAUUAUAUUAAUGAUGUACCUUUUGUAUAAUGGGUC
AGCAAGUAAUUAAUAUUAGUAAAACAAUAAGUUAUAAAUAAAUAGAAUAAUAUAUAUAUAUAAAAAAAUAUAUUAAAAUA
UUUAAUUAAUAUUAAUUGACCCGAAAGCAAACGAUCUAACUAUGAUAAGAUGGAUAAACGAUCGAACAGGUUGAUGUUGC
AAUAUCAUCUGAUUAAUUGUGGUUAGUAGUGAAAGACAAAUCUGGUUUGCAGAUAGCUGGUUUUCUAUGAAAUAUAUGUA
AGUAUAGCCUUUAUAAAUAAUAAUUAUUAUAUAAUAUUAUAUUAAUAUUAUAUAAAGAAUGGUACAGCAAUUAAUAUAUA
UUAGGGAACUAUUAAAGUUUUAUUAAUAAUAUUAAAUCUCGAAAUAUUUAAUUAUAUAUAAUAAAGAGUCAGAUUAUGUG
CGAUAAGGUAAAUAAUCUAAAGGGAAACAGCCCAGAUUAAGAUAUAAAGUUCCUAAUAAAUAAUAAGUGAAAUAAAUAUU
AAAAUAUUAUAAUAUAAUCAGUUAAUGGGUUUGACAAUAACCAUUUUUUAAUGAACAUGUAACAAUGCACUGAUUUAUAA
UAAAUAAAAAAAAAUAAUAUUUAAAAUCAAAUAUAUAUAUAUUUGUUAAUAGAUAAUAUACGGAUCUUAAUAAUAAGAAU
UAUUUAAUUCCUAAUAUGGAAUAUUAUAUUUUUAUAAUAAAAAUAUAAAUACUGAAUAUCUAAAUAUUAUUAUUACUUUU
UUUUUAAUAAUAAUAAUAUGGUAAUAGAACAUUUAAUGAUAAUAUAUAUUAGUUAUUAAUUAAUAUAUGUAUUAAUUAAA
UAGAGAAUGCUGACAUGAGUAACGAAAAAAAGGUAUAAACCUUUUCACCUAAAACAUAAGGUUUAACUAUAAAAGUACGG
CCCCUAAUUAAAUUAAUAAAAAUAUAAAUAUAUUUAAGAUGGGAUAAUCUAUAUUAAUAAAAAUUUAUCUUAAAAUAUAU
AUAUUAUUAAUAAUUAUAUUAAUUAAUUAAUAAUAUAUAUAAUUAUAUUAUAUAUUAUAUAUUUUUUAUAUAAUAUAAAC
UAAUAAAGAUCAGGAAAUAAUUAAUGUAUACCGUAAUGUAGACCGACUCAGGUAUGUAAGUAGAGAAUAUGAAGGUGAAU
UAGAUAAUUAAAGGGAAGGAACUCGGCAAAGAUAGCUCAUAAGUUAGUCAAUAAAGAGUAAUAAGAACAAAGUUGUACAA
CUGUUUACUAAAAACACCGCACUUUGCAGAAACGAUAAGUUUAAGUAUAAGGUGUGAACUCUGCUCCAUGCUUAAUAUAU
AAAUAAAAUUAUUUAACGAUAAUUUAAUUAAAUUUAGGUAAAUAGCAGCCUUAUUAUGAGGGUUAUAAUGUAGCGAAAUU
CCUUGGCCUAUAAUUGAGGUCCCGCAUGAAUGACGUAAUGAUACAACAACUGUCUCCCCUUUAAGCUAAGUGAAAUUGAA
AUCGUAGUGAAGAUGCUAUGUACCUUCAGCAAGACGGAAAGACCCUAUGCAGCUUUACUGUAAUUAGAUAGAUCGAAUUA
UUGUUUAUUAUAUUCAGCAUAUUAAGUAAUCCUAUUAUUAGGUAAUCGUUUAGAUAUUAAUGAGAUACUUAUUAUAAUAU
AAUGAUAAUUCUAAUCUUAUAAAUAAUUAUUAUUAUUAUUAUUAAUAAUAAUAAUAUGCUUUCAAGCAUAGUGAUAAAAC
AUAUUUAUAUGAUAAUCACUUUACUUAAUAGAUAUAAUUCUUAAGUAAUAUAUAAUAUAUAUUUUAUAUAUAUUAUAUAU
AAUAUAAGAGACAAUCUCUAAUUGGUAGUUUUGAUGGGGCGUCAUUAUCAGCAAAAGUAUCUGAAUAAGUCCAUAAAUAA
AUAUAUAAAAUUAUUGAAUAAAAAAAAAAUAAUAUAUAUUAUAUAUAUUAAUUAUAAAUUGAAAUAUGUUUAUAUAAAUU
UAUAUUUAUUGAAUAUAUUUUAGUAAUAGAUAAAAAUAUGUACAGUAAAAUUGUAAGGAAAACAAUAAUAACUUUCUCCU
CUCUCGGUGGGGGUUCACACCUAUUUUUAAUAGGUGUGAACCCCUCUUCGGGGUUCCGGUUCCCUUUCGGGUCCCGGAAC
UUAAAUAAAAAUGGAAAGAAUUAAAUUAAUAUAAUGGUAUAACUGUGCGAUAAUUGUAACACAAACGAGUGAAACAAGUA
CGUAAGUAUGGCAUAAUGAACAAAUAACACUGAUUGUAAAGGUUAUUGAUAACGAAUAAAAGUUACGCUAGGGAUAACAG
GGUAAUAUAGCGAAAGAGUAGAUAUUGUAAGCUAUGUUUGCCACCUCGAUGUCGACUCAACAUUUCCUCUUGGUUGUAAA
AGCUAAGAAGGGUUUGACUGUUCGUCAAUUAAAAUGUUACGUGAGUUGGGUUAAAUACGAUGUGAAUCAGUAUGGUUCCU
AUCUGCUGAAGGAAAUAUUAUCAAAUUAAAUCUCAUUAUUAGUACGCAAGGACCAUAAUGAAUCAACCCAUGGUGUAUCU
AUUGAUAAUAAUAUAAUAUAUUUAAUAAAAAUAAUACUUUAUUAAUAUAUUAUCUAUAUUAGUUUAUAUUUUAAUUAUAU
AUUAUCAUAGUAGAUAAGCUAAGUUGAUAAUAAAUAAAUAUUGAAUACAUAUUAAAUAUGAAGUUGUUUUAAUAAGAUAA
UUAAUCUGAUAAUUUUAUACUAAAAUUAAUAAUUAUAGGUUUUAUAUAUUAUUUAUAAAUAAAUAUAUUAUAAUAAUAAU
AAUUAUUAUUAUUAAUAAAAAAUAUUAAUUAUAAUAUUAAUAAAAUACUAAUUUAUCAGUUAUCUAUAUAAUAUCUAAUC
UAUUAUUCUAUAUACU
;
A
2 'polypeptide(L)'
;MLVLGSLRSALSCSSTASLISKRNPCYPYGILCRTLSQSVKLWQENTSKDDSSLNITPRLLKIIPNDTDIVTLEKQDELI
KRRRKLSKEVTQMKRLKPVSPGLRWYRSPIYPYLYKGRPVRALTVVRKKHGGRNNSGKITVRHQGGGHRNRTRLIDFNRW
EGGAQTVQRIEYDPGRSSHIALLKHNTTGELSYIIACDGLRPGDVVESFRRGIPQTLLNEMGGKVDPAILSVKTTQRGNC
LPISMIPIGTIIHNVGITPVGPGKFCRSAGTYARVLAKLPEKKKAIVRLQSGEHRYVSLEAVATIGVVSNIDHQNRSLGK
AGRSRWLGIRPTVRGVAMNKCDHPHGGGRGKSKSNKLSMSPWGQLAKGYKTRRGKNQNRMKVKDRPRGKDARL
;
B
3 'polypeptide(L)'
;STRPFLVAPSIANSITTEAPAINHSPELANARKWLPKRCGLITRKKGMMPYFDKSTGERSAATILEVNNVEVIMHRTSEV
NGYFACQVGYGSRHLSKVSRQMLGHFASKVVNPKEHVAEFRVKDEKGLIPPGTLLKPSFFKEGQYVDVRSVSKGKGFTGV
MKRYGFKGLRASHGTSIMHRHGGSYGQNQDPGRVLPGRKMPGHMGNEHVTIQNVKVLKVDDENNVIWVKGSVAGPKNSFV
KIQDAIKKT
;
C
4 'polypeptide(L)'
;LNPLPNAAIPPKYALVTVRSFPSLEPLTFVPVPTSTVAAPLRRDILWRAVVYENDNRRVGASNPPGRSENGFSRRKLMPQ
KGSGRARVGDANSPTRHNGGRALARTAPNDYTTELPSKVYSMAFNNALSHQYKSGKLFVIGGEKVDLISPTPELDLNRLD
LVNTNTVEGKEIFEGEVIFRKFLEEFQLKGKRLLFITDKTREGLIKSSDPYKQKVDVIQKELVEVNDILRAQAVFIELEA
LEYLAMAHQKEI
;
D
5 'polypeptide(L)'
;PKSACSLVKPVHHLVKIDKSKLSPRFPELKYDKSDIRSPGFKPKDTHADRLNDHYLNTLQSDLLLINYSHNAAVVKGLKQ
RAWSGDSPYHLNRPPKNPRGSKAQLPDIHPIKWSNIPGLESVVINCFVREARENQLLAITAALQLQQITGCKPHPIFSKN
DVPTWKLRKGHQMGAKVELKGKEMSQFLSTLTEIVLPRIREYKGISNQSGNRFGGISFGLTAEDIKFFPEIDANQDSWPK
TFGMHININTSAQLDYQARTLLSGFQFPFFGEEK
;
E
6 'polypeptide(L)'
;SQVGSLPLYISPEVQVSINALSMPRIIRKGRTSMNISQNITVKGPKGELSVEVPDFLHLDKDEKHGKINVTVQNSEDKHQ
RSMWGTVRSLINNHIIGVTEGHLAVLRFVGTGYRAQLENDGKFVNVKVGASIKQGLDVPEGIVVKTPAPTSLIIEGCNKQ
QVLLFAAKLRKFHPPEPYKGKGIYVNDETIKLKDKK
;
F
7 'polypeptide(L)' SALTKRTHRVKVQVLKDFPRFQLYKGQVANVKPSLMRNYLHNFNGAKYILSEEHDINTELLKQYQTLEAKLEED G
8 'polypeptide(L)'
;SQKIGHSGLAFARLWHHVDVARDKRTLGRLASAIAITLIGRHKPVYHPSQDCGDYVVVTNCQKIRVTGKKFEQKTYWSHS
GRPGQLKLQTMNKVVADKGFGEILKKAVSGMLPKNKLRKQRLDRLKVFDGSENPYKQNITAFAHEQSSIPEPLKESIFNQ
;
H
9 'polypeptide(L)'
;MIFLKSVIKVIDNSGAQLAECIKVIRKGSPKSPAMVGDRIVCVIQKAKPLTQNITGTANTNRVKKGDICHAIVVRSKQRN
MCRKDGSTVAFGDTACVLINKNTGEPLGTRIMANDGCVDRTLKDKGYNKICSLASRVI
;
I
10 'polypeptide(L)'
;VSILGQLKPSDGSTKSFKRLGRGPSSGLGKTSGRGQKGQKARGKVKSWFEGGQTPIYKLFPKIGFTNVGAKPLKELNLKR
IQWFHDKNRLHLQPGEVLDMNKMRKLGLVTGPIKYGVKILASGKFHYNLPIALEASRASAKAIAAIEKAGGKFTARYYTP
LGLRAHLNPQWFLEKRGRVPLQARPTKRRDIDFYSKEEKRGYLVMEKDKLLQDIKEAQNK
;
J
11 'polypeptide(L)'
;KHEYAPRFKIVQKKQKGRVPVRTGGSIKGSTLQFGKYGLRLKSEGIRISAQQLKEADNAIMRYVRPLNNGHLWRRLCTNV
AVCIKGNETRMGKGKGGFDHWMVRVPTGKILFEINGDDLHEKVAREAFRKAGTKLPGVYEFVSLDSLVRVGLHSFKNPKD
DPVKNFYDENAKKPSKKYLNILKSQEPQYKLFRGR
;
K
12 'polypeptide(L)'
;TVGIARKLSRDKAHRDALLKNLACQLFQHESIVSTHAKCKEASRVAERIITWTKRAITTSNSVAQAELKSQIQSQLFLAG
DNRKLMKRLFSEIAPRYLERPGGYTRVLRLEPRANDSAPQSVLELVDSPVMSESHTVNRGNLKMWLLVKSVINDDANQLP
HNPLTLQNLHKVAKFKAEAQLHGEIMLIKQVLLKEMSLPYDEALENERTQALLKEVYSSSLPKKTKKPSSYVMVPRP
;
L
13 'polypeptide(L)'
;YMVPATKRKTIPVYPPVQRIASSQIMKQVALSEIESLDPGAVKRKLISKKNKDRLKAGDVVRIVYDSSKCSYDTFVGYIL
SIDRKQLVQDASLLLRNQIAKTAVEIRVPLFSPLIERIDLLTPHVSSRQRNKHYYIRGTRLDVGDLEAGLR
;
M
14 'polypeptide(L)'
;TDTTPLKLSNELYAIFKIHNRPYLVTEGDRVILPFKLKQAEVGDILNMTDVTTLGSRNYKLVGHPINTSLYTLKATVVGK
TKRAFQTREVTKRRNRRVRHAKSKGDLTILRISELSMN
;
N
15 'polypeptide(L)'
;SITIENDKLLQQHIISLQQPEQLASQSLLSPLKREIYEANCKINGGFYKKDTIVKLPNSSERYKLKLTKREIEVLEPSVY
AQSYRIKSSMKKATLLLRLLGGLDVMKAISQCHFSNKKIAREVAELLQKGVKDGQKLGLKPEDLYISQIWTGSDGFWRKR
VEFKARTRIGIISHPYIHVRCILRTKSVTKRRLAYEAHLKEQKRAPWVQLGDKPIRGVTGGVYKW
;
O
16 'polypeptide(L)'
;DINVSEKIYKWTKAGIEQGKEHFKVGGNKVYFPKARIILLRPNAKHTPYQAKFIVPKSFNKLDLRDYLYHIYGLRAMNIT
TQLLHGKFNRMNLQTTRFREPQIKKMTIEMEEPFIWPEEPRPDENSFWDSTTPDNMEKYREERLNCLGSDANKPGTAFDG
VVGPYERVAQPFIPRFLKREIDNKRERHAAELQRADKLIALNRYIED
;
P
17 'polypeptide(L)'
;SGSYQHLSNVGSRVMKRLGNRPKNFLPHSEKFIKKSTPEFMKSDLKEVDEKTSFKSEKEWKFIPGDRVVVMSGASKGNIA
VIKSFDKRTNSFILDENGPTKTVPVPKQFWLEGQTSHMITIPVSILGKDLRLVADIDDEKTPGKTRTVAVRDVSFNGSYY
DADYKKVMPYRCVKGQPDLIIPWPKPDPIDVQTNLATDPVIAREQTFWVDSVVRNPIPKKAIPSIRNPHSKYKRGTLTAK
DIAKLVAPEMPLTEVRKSHLAEKKELAEREVPKLTEEDMEAIGARVFEFLEKQKRE
;
Q
18 'polypeptide(L)'
;SRTSMKDSAGRRLGPKKYEGQDVSTGEIIMRQRGTKFYPGENVGIGKDHSIFALEPGVVRYYLDPFHPKRKFIGVALRRD
LKLPSPHFEPTVRRFGRFELTNKRAAYKEENSISRKDYLAKPNILKQLEVRESKRKELQDKLSKVLRDELKLDIKDIELA
TSYLIRVRASLKNGYPIEDARFNSRYYLKEEERLKARRESWTNEKLSESLSKIDECSDLLNSSTSFNNKLELHQYISEQE
KQALKAKLLEDLEKSQHLETKKDKNYIKALFKDACNFLTLSEEVHLRRKYLKSVFPETDSTVETKSGKKSIVSRRFDYTK
NKVEVIARSRRAFLSKL
;
R
19 'polypeptide(L)'
;RQWRLIETRKIAKQPNYQVGDAKPLHMPKERKKFPDYKYGESNIFKQSNKGLYGGSFVQFGNNISESKAKTRKKWLPNVV
KKGLWSETLNRKISIKMTAKVLKTISKEGGIDNYLTKEKSARIKELGPTGWKLRYRVLKRKDEIENPPHKDAPIIEMAGG
KKAKIYYDEIVNGSPRKISVGRRRLMSFLYPLEKLEYRSVGKDLNYKKFVELFADV
;
S
20 'polypeptide(L)'
;ARTKFTKPKPKQPVLPKDKIRPPTQLTHHSNNLRITEPIPPTTSNLRCPDDHPLWQFFSNKKFIRSADDLPPSSHIRPWS
IPELRHKSFNDLHSLWYNCLREQNVLARENHLLKNIVGSTHDEFSELSNSIRTTMWQIRHVLNERELAYSASREFLQDES
ERKKFLDTLANDYFLNKDIPDDEVASMLTRFQLAIFGISETIQDNTVDINFIDGIKFLANLKLQR
;
T
21 'polypeptide(L)'
;VFYKVTLSRSLIGVPHTTKSIVKSLGLGKRGSIVYKKVNPAIAGSLAKVKELVKVEVTEHELTPSQQRELRKSNPGFIVE
KR
;
U
22 'polypeptide(L)'
;MLKSIFAKRFASTGSYPGSTRITLPRRPAKKIQLGKSRPAIYHQFNVKMELSDGSVVIRRSQYPKGEIRLIQDQRNNPLW
NPSRDDLVVVDANSGGSLDRFNKRYSSLFSVDSTTPNSSSETVELSEENKKKTQIKKEEKEDVSEKAFGMDDYLSLLDDS
EQQIKSGKLASKKRDKK
;
V
23 'polypeptide(L)'
;AVPKKKVSHQKKRQKLYGPGKKQLKMIHHLNKCPSCGHYKRANTLCMYCVGQISHIWKTHTAKEEIKPRQEEELSELDQR
VLYPGRRDTKYTKDLKDKDNYLERRVRTLKKD
;
W
24 'polypeptide(L)' SKNSVIKLLSTAASGYSRYISIKKGAPLVTQVRYDPVVKRHVLFKEAKKRKVAERKPLDFLRTA X
25 'polypeptide(L)' KSRGNTYQPSTLKRKRTFGFLARAKSKQGSKILKRRKLKGRWFLSH Y
26 'polypeptide(L)' LMKTHKGTAKRWRRTGNTFKRGIAGRKHGNIGWSHRSLKALTGRKIAHPAYSKHLKRLLPYH Z
27 'polypeptide(L)' FKVRTSVKKFCSDCYLVRRKGRVYIYCKSNKKHKQRQG 0
28 'polypeptide(L)'
;HIWSDFTTRPSSLSIQSSKVKNYLFQKKASLDPPSISRRSNRIKYSPPEHIDEIFRMSYDFLEQRSSKFYELANKTKNPL
KKDALLIKAEINNPEVQYNFQFNNKLNNVKDIIDYDVPVYRHLGKQHWESYGQMLLMQRLETLAAIPDTLPTLVPRAEVN
IKFPFSTGVNKWIEPGEFLSSNVTSMRPIFKIQEYELVNVEKQLYTVLIVNPDVPDLSNDSFKTALCYGLVNINLTYNDN
LIDPRKFHSSNIIADYLPPVPEKNAGKQRFVVWVFRQPLIEDKQGPNMLEIDRKELSRDDFDIRQFTKKYNLTAIGAHIW
RSEWDAKVAAVREKYGLPPGRVFSRVRR
;
1
29 'polypeptide(L)'
;SLSPLAQRVVTQLSVMSASRKQPKLLKLAREDLIKHQTIEKCWSIYQQQQRERRNLQLELQYKSIERSMNLLQELSPRLF
EAANASEKGKRFPMEMKVPTDFPPNTLWHYNFR
;
2
30 'polypeptide(L)'
;LTRPWKKYRDGELFYGLSKVGNKRVPLTTKQGNKTMYKGTRASGIGRHTKFGGYVINWKKVRTYVTPDMVNFELKPYVNA
NVPPLKHEFKGFSGGPLDPRLQLLKIKEYIVNGRVQSEGATDTSCYKERG
;
3
31 'polypeptide(L)'
;VVKAIARNSIGRNGVGAFVFPCRKITLQFCNWGGSSEGMRKFLTSKRLDKWGQEFPWIQFEVMRKSGHPLLRAEYTNGRE
KVICVRNLNIDNVENKLKLLKDSDGDILRRRTKNDNVESLNSSVRGIWSPLHAAKRHR
;
4
32 'polypeptide(L)'
;ESELAKYKEYYQGLKSTVNEIPESVASKSPSLRTLHKRLQLPNELTYSTLSRCLTCPSAKLPDKINNPTKGAAFVNTVPT
NKYLDNHGLNIMGKNLLSYHVTKSIIQKYPRLPTVVLNAAVNAYISEAVLAHIAKYWGIEVETTSVLSRYLKMEPFEFTL
GRLKFFNNSLNSKDGIELITGKNFSETSALAMSVRSIIAAIWAVTEQKDSQAVYRFIDDHIMSRKLDITKMFQFEQPTRE
LAMLCRREGLEKPVSKLVAESGRLSKSPVFIVHVFSGEETLGEGYGSSLKEAKARAATDALMKWYCYEPLAQQEPVIDPG
TVVV
;
5
33 'polypeptide(L)'
;MKVNLMLKRGLATATATASSAPPKIKVGVLLSRIPIIKSELNELEKKYYEYQSELEKRLMWTFPAYFYFKKGTVAEHKFL
SLQKGPISKKNGIWFPRGIPDIKHGRERSTKQEVKLSDDSTVAFSNNQKEQSKDDVNRPVIPNDRITEADRSNDMKSLER
QLSRTLYLLVKDKSGTWKFPNFDLSDESKPLHVHAENELKLLSGDQIYTWSVSATPIGVLQDERNRTAEFIVKSHILAGK
FDLVASKNDAFEDFAWLTKGEISEYVPKDYFNKTEFLLADN
;
6
34 'polypeptide(L)'
;APIFPKLEDVKMHELIGNNNFGKKTYYVERSRTGNLPVYSAYKNGGNKIITEIRKIEGDVIQLRNDLQEQLPFIPKKSWS
VVMQSKKIIIKGNAVEAVKRVLTKKF
;
7
35 'polypeptide(L)'
;MSSLLKLHCIRPLPQRSVWLSGYKQKARCIHSSAANGDFMSWFKRKKQEEHQEPVKDTKQLIKDIEEGTNEASSQSSSNN
KNRLELIPENFIGEGSRRCKRQKELKLAVSSAPFNQWLSRDKITSDNQLDDMILQATEKTLGKVDQDVQFSDLVAKFQFT
KFLQSKSGYLIPDYELTTLSTPLQFKRYIKEKILPSANDPKLAYKEAEPNAIHPFSDNYASPNIYVVNDVTSKEQKSKYD
TIMKEIQKLEDDATRKALETARSA
;
8
36 'polypeptide(L)'
;VIYLHKGPRINGLRRDPESYLRNPSGVLFTEVNAKECQDKVRSILQLPKYGINLSNELILQCLTHKSFAHGSKPYNEKLN
LLGAQFLKLQTCIHSLKNGSPAESCENGQLSLQFSNLGTKFAKELTSKNTACTFVKLHNLDPFIFWKMRDPIKDGHINGE
TTIFASVLNAFIGAILSTNGSEKAAKFIQGSLLDKEDLHSLVNIANENVASAKAK
;
9
37 'polypeptide(L)'
;KQFGFPKTQVTTIYNKTKSASNYKGYLKHRDAPGMYYQPSESIATGSVNSETIPRSFMAASDPRRGLDMPVQSTKAKQCP
NVLVGKSTVNGKTYHLGPQEIDEIRKLRLDNPQKYTRKFLAAKYGISPLFVSMVSKPSEQHVQIMESRLQEIQSRWKEKR
RIAREDRKRRKLLWYQA
;
a
38 'polypeptide(L)'
;YKQYFDSLPLKLKSFFQRYPPSIKYSPVSTSTKAINANPFLPNKHPVTQRFHDPKYSLRRMSDVYKLALRYGVEEFLPPI
ENTKKLFFEEKYNKKTLMKGVLLPKGHKHELKLNEKLKKREEALKKVDELIASKKGSKYAKRVEKMKKNQSIGWF
;
b
39 'polypeptide(L)'
;GGLLWKIPWRMSTHQKTRQRERLRNVDQVIKQLTLGLHVQRCQDKGLTYQEAMESKKKYKPRSKSLRLLNKPSVFPKENQ
MSSKDKYWTFDKKAVGYRKGIHKVPKWTKISIRKAPKFF
;
c
40 'polypeptide(L)'
;MKVNHSISRFRPASWFEKTKIIPPQVYIFRNLEYGQVLYSQFPNFSQTQVDKLFVRPNWSNRKPSLRRDIWKCMCVVNLQ
NYKQSVHLYQNLCRLRYLRDVAQRKESDKLRKKDSNGHVWYSGQYRPTYCQEAVADLRESLLKVFENATPAEKQTVPAKK
PSIYWEDPWRMGDKDKHWNYDVFNALGLEHKLIQRVGNIAREESVILKELAKLES
;
d
41 'polypeptide(L)'
;MTLAELLGRSRIAQVANNHKPLTYTGKKFHPTHQIIETKPSTLYRQEWGLKSAIPSKIKSRYLVYNDLDTLERITTFEPR
GGTQWNRLRFQEMGVPIVSNIGRQNPFFKYISRPEDESHAKLSLFKEMKGDTDISPAAMKKRLKKITALIRSFQDEFKEW
LVENHPDELKLNSNKLEDYVVKFLNKKLETKTNKKFNTEIIGTGGLSYSLPGKLKNSPNGVIQRTVVPGRILNVVKENND
NKWLAAIGGFVADVVFFQSPPSSFNSMGDFIRMKTFLFEILEASMEKNGSVSMHARLLEPQNDKTREFFNKRPIYKPLTS
RRARRPSVGNIQEANNLLNIIKGN
;
AA
42 'polypeptide(L)'
;PYPNLIPSANDKPYSSQELFLRQLNHSMRTAKLGATISKVYYPHKDIFYPPLPENITVESLMSAGVHLGQSTSLWRSSTQ
SYIYGEYKGIHIIDLNQTLSYLKRAAKVVEGVSESGGIILFLGTRQGQKRGLEEAAKKTHGYYVSTRWIPGTLTNSTEIS
GIWEKQEIDSNDNPTERALSPNETSKQVKPDLLVVLNPTENRNALLEAIKSRVPTIAIIDTDSEPSLVTYPIPGNDDSLR
SVNFLLGVLARAGQRGLQNRLARNNE
;
BB
43 'polypeptide(L)'
;MKLKLLNMILSMMNKTNNNNNIIINNTLDSLMNKKLLLKNMLLDMNNKKMNNMKRMLNNNNMNPAGANPVVHRIGPAGNI
NNKLQHLNNMNNWNTQIYNYNKNMEIMNTMNDKLINKLLYKMMTLKLNNMNINKIIMSKTINQHSLNKLNIKFYYYNNDI
NNNNNNNNNNYYMNMMNKLMNIMNNNMNNNLCNILSYYYKKKVTIEPIKLSYIYLNSDIFSKYISLNDMDKYNNGILTNY
QRMLNNIMPKLNDHNISMNYINNINNINNNKYNNMINLLNNNNNINNNNNYNNNNNNYIGNINNIYNNMTIDNIPMDILM
YKYLVGWSIKFKGRLSNNNGRTSTTNLLNGTFNNKKYLWSNINNNYKLNYIPSNHNLYNNSNINKNGKYNIKVKLNFI
;
CC
44 'polypeptide(L)'
;MPRKANLLKSLARGRVRTSFNKYNLFNLYKKGGVDLKSKSLYQQKWTAKQETRAYHGEHLTEKRWQTVFKPKLDSVAQLD
ASLRGGEIKETPFLLQTFAVLEKRLDFALFRAMFASSVRQARQFILHGNVRVNGVKIKHPSYTLKPGDMFSVKPDKVLEA
LGAKKPSFQEALKIDKTQIVLWNKYVKEAKTEPKEVWEKKLENFEKMSDSNPKKLQFQEFLRQYNKNLESQQYNALKGCT
QEGILRKLLNVEKEIGKSNNEPLSIDELKQGLPEIQDSQLLESLNNAYQEFFKSGEIRREIISKCQPDELISLATEMMNP
NETTKKELSDGAKSALRSGKRIIAESVKLWTKNITDHFKTRMSDISDGSLTFDPKWAKNLKYHDPIKLSELEGDEPKARK
LINLPWQKNYVYGRQDPKKPFFTPWKPRPFLSPFAILPHHLEISFKTCHAVYLRDPVARPGQSEVISPFDVPVHERAYMY
YLRNGK
;
DD
45 'polypeptide(L)'
;QHYDESLLSRYYPESLLKSIKLAQQTIPEDTKFRVSRNVEFAPPYLDDFTKIHPFWDYKPGMPHLHAQEENNNFSIFRWD
QVQQPLPGEGNILPPGVSLPNDGGRKSKSADVAAGLHKQTGVDPDYITRKLTMKPLVMKRVSNQTGKGKIASFYALVVVG
DKNGMVGLGEGKSREEMSKAIFKAHWDAVRNLKEIPRYENRTIYGDIDFRYHGVKLHLRSAKPGFGLRVNHVIFEICECA
GIKDLSGKVYKSRNDMNIAKGTIEAFTKAQKTLDEVALGRGKKLVDVRKVYYS
;
EE
46 'polypeptide(L)'
;MLYELIGLVRITNSNAPKLEAKELSSTIGKLIIQNRGVVRDIVPMGIRYLPKIMKKDQEKHFRAYHFLMLFDSSAAVQSE
ILRTLKKDPRVIRSSIVKVDLDKQLDRASSLHRSLGKKSILELVN
;
FF
47 'polypeptide(L)'
;KIKPTAEQLAQWEALKSVPIPPRKNATLDHITNMIMRHGKKEKAQTILSRALYLVYCQTRQDPIQALEKSLDELAPLMMT
KTFNTGVAKASVIPVPLNKRQRNRIAWNWIVQSANQRVSSDFAVRLGEELTAIAKGTSSAFEKRDQIHKTAIAHRAYIQL
K
;
GG
48 'polypeptide(L)'
;SLVKLANTCAHLQNCSKVRVALTSIPYTKLQLQFAYNLYQQGFLSSLQKGSTMGPDKDFVEVTPDNISTRRLWVGLKYRD
NKPVLSSCKLISKPNSRIHLPMEDMKKLCSGVTIRNIKPLQPGELILVRAHNNIMDINEAISKKLDGEVLCRVK
;
HH
49 'polypeptide(L)'
;RRIVPKLATFYSANPNHEDRINRLERLLRKYIKLPSQNNNEAQQTKAPWISFDEYALIGGGTKLKPTQYTQLLYMLNKLH
NIDPQLTNDEITSELSQYYKKSSMLSNNIKIKTLDEFGRSIAVGKRKSSTAKVFVVRGTGEILVNGRQLNDYFLKMKDRE
SIMYPLQVIESVGKYNIFATTSGGGPTGQAESIMHAIAKALVVFNPLLKSRLHKAGVLTRDYRHVERKKPGKKKARKMPT
WVKR
;
II
50 'polypeptide(L)'
;STRPYPVNVEAVYYAPLKLPIKYGDLVADIQLRSYDNENLDFYSDFILRTGYYLGIPLTGPKPLPTRRERWTVIKSPFVH
AKSKENFERHTHKRLIRAWDTNPEVLQMLIAYITKHSMAGVGMKCNFFQRSEISLDLGSDANGLEKSLSNIDELYSLRND
DKAQTSAVGQKVLELLDSPDFKKHLE
;
JJ
51 'polypeptide(L)'
;KEEVVKYILHGKFTKNNTHLTFSSVVEDKNFHKNKGLTYNDTMLYYLNLPQKVKISLSTGCLGFRKAARGEYEAAFQTSG
RMFELIKEKNMLNKDIEVVMDDFGKGRAAFISALVGKEGASVVKKVVKISDATKLKFGGVRSPKMRRL
;
KK
52 'polypeptide(L)'
;ATLNQIKRGSGPPRRKKISTAPQLDQCPQRKGVVLRVMVLKPKKPNSAQRKACRVRLTNGNVVSAYIPGEGHDAQEHSIV
YVRGGRCQDLPGVKYHVIRGAGDLSGVVNRISSRSKYGAKKPSK
;
LL
53 'polypeptide(L)'
;VVHILGKGFKGKEVIKIALASKFYGIGKTTAEKICSKLGFYPWMRMHQLSEPQIMSIASELSTMTIEGDARAIVKDNIAL
KRKIGSYSGMRHTLHLPVRGQHTRNNAKTARKLNKIDRRG
;
MM
54 'polypeptide(L)'
;MGNFRFPIKTKLPPGFINARILRDNFKRQQFKENEILVKSLKFIARNMNLPTKLRLEAQLKLNALPNYMRSTQIKNRCVD
SGHARFVLSDFRLCRYQFRENALKGNLPGVKKGIW
;
NN
55 'polypeptide(L)'
;SAKAVKFLKAQRRKQKNEAKQATLKASTDKVDPVLGRADTPFITRIMAELKEPLVLSKGYNIEEVDKFLAAIESAKRERA
ELSGLNTEVVGIEDIEKLEDRREAILRILSMRNSENKNAIKMAVELARKEFERFPGDTGSSEVQAACMTVRIQNMANHIK
EHRKDFANTRNLRILVQQRQAILRYLKRDNPEKYYWTIQKLGLNDAAITDEFNMDRRYMQDYEFFGDKILIRDSKKVANQ
KRKEIRKQKRATF
;
OO
56 'polypeptide(L)'
;TCGLVRIRLARFGRKNSPVYNIVVANSRKARDAKPIEVLGTYVPVPSPVTKRELKRGVVPIKDVKLDFDRTKYWIGVGAQ
PSETVTKLLRKAGILNDAWATSKNSNVNRKVVFERMETL
;
PP
57 'polypeptide(L)'
;MARQNFLGLVVSQGKMQKTVKVRVETKVFNKKINKELFHRRDYLVHDEGEISREGDLVRIEATRPLSKRKFFAIAEIIRN
KGQQFALYESEAQLSVAKEEAQKAKEFLDKRSVRENKLNEKTTLLRDIRTIQDALSSGSTPKELLEIKQRYGIQDFSQET
VRQLLQLDISGLEVNLEKQRSLIDRIQTRLSELLSNDLKCDQFLKDHGVEDPLTLKKNIKKNLLRKHVMMDMQQPSQ
;
QQ
58 'polypeptide(L)'
;KIDQSLSKKLPKGTIYDPFDFSMGRIHLDRKYQANKNSNRNDIMKSGANPLEFYARPRILSRYVTSTGRIQHRDITGLSA
KNQRRLSKAIRRCQAIGLM
;
RR
59 'polypeptide(L)' SRSVWKGPNIVPLPIREAMTKGTPIRTNARAATILPQFVGLKFQIHNGKEYVPIEISEDMVGHKLGEFAPTRKRFSYTQT SS
60 'polypeptide(L)'
;AEIARSSVENAQMRFNSGKSIIVNKNNPAESFKRLNRIMFENNIPGDKRSQRFYMKPGKVAELKRSQRHRKEFMMGFKRL
IEIVKDAKRKGY
;
TT
61 'polypeptide(L)'
;MKIQTNAVNVLQRTSAYLKSGLLKETPAWYNVVASIPPSTKFTREPRFKNPSNGHIIGKLVDVTEQPHANNKGLYKTRPN
SSDKRVGVKRLYRPPKLTYVEDRLRSLFYKQHPWELSRPKILVENEIGDENYDWSHMLQIGRPLDGESVIQRTMYLIKTK
QYGDMVEAYDHARYEFYALRMQEETEQQVALEEAEMFGSLFGVSAIEHGIQKEQEVLDVWEKKVVEETELMAA
;
UU
62 'polypeptide(L)'
;GKGAAKYGFKSGVFPTTRSILKSPTTKQTDIINKVKSPKPKGVLGIGYAKGVKHPKGSHRLSPKVNFIDVDNLIAKTVAE
PQSIKSSNGSAQKVRLQKAELRRKFLIEAFRKEEARLLHKHEYLQKRTKELEKAKELELEKLNKEKSSDLTIMTLDKMMS
QPLLRNRSPEESELLKLKRNYNRSLLNFQAHKKKLNELLNLYHVANEFIVTESQLLKKIDKVFNDETEEFTDA
;
VV
63 'polypeptide(L)'
;RVTPGSLYKNWTNTTHTAQLQQTAVPLALPIFNFDDISKTLNKVVSYSNKQYKSLHHLGSFKKSQFNELFQKPVCLVRED
ATNSFLKKLVSHPVKKFIITGEPGVGKTVLLSQAHAYAVDSKQIIINISYPELFLNGRNDFSYDDDLKLFIQPMYLKKLI
RKILKANDPALLKSIELSKDYKFSNANPKNASVKPFVTLNKTKNTVLDLLSVMTHPHNRGKLMKAIIDELSVQSKVPIMF
TVDNFSKVLTTAYSAYRNTENKQIYSLDLQMGKLMMDIISGETKFANGESSTILAISGVDRTNKTLPVALGKIPVDPYVT
RYHYEPKFVELLQKGNVTEFEVPKLNKQEVNELIDYYKQSNVLLDKDITGKKWENLIDEKYFLSGNGNPRELLKSLVLSH
R
;
WW
64 'polypeptide(L)'
;MNVPKARLLKVAELSAKIFDQNFNPSGIRTGSKILNERLKGPSVASYYGNPDILKFRHLKTLYPDIEFVDLEEQYRLSMV
EAKKRRGKGAPKKMKK
;
XX
65 'polypeptide(L)'
;SADLYMHPEKWKGLPPQRILELYWERMARLGSEYKPNKDELNALLTTSEYSNVPVNDIKKLYHRGEQGAIDIKGGNVNRD
NSLRPFMFDELPSQAQELVAQHREQRFYNRLAAYELPLLAQYRQEYKRPSPESHPVTYRYTSYVGEEHPNSRKVVLSVKT
KELGLEEKSLHKFRILARSRYDHTTDIFKMSSDKFEHASQNARYLHDILQRLLAESKDLTEDDFSDVPLDTRHTIAKSLR
KKKRDYEFPEHWKRPEDAPKKKFDIVDQLLSTL
;
YY
66 'polypeptide(L)'
;PPVYRLPPLPRLKVKKPIIRQEANKCLVLMSNLLQCWSSYGHMSPKCAGLVTELKSCTSESALGKRNNVQKSNINYHAAR
LYDRINGKPHD
;
ZZ
67 'polypeptide(L)' DSVMRKRKKKMKKHKLRKRRKREKAERRKLSQGR 11
68 'polypeptide(L)'
;TIPKPSDQVPDVDAFLNKIGRNCNELKDTFENNWNNLFQWDSKILKEKGVNIQQRKYILKQVHNYRNNRPIHEIKLGKKS
FFGGERKRKAFTAKWKAEN
;
22
69 'polypeptide(L)'
;IHVVPKLPNSKALLQNGVPNILSSSGFKTVWFDYQRYLCDKLTLATAGQSLESYYPFHILLKTAGNPLQSNIFNLASSIH
NNHLFVENILPSAVEHGTNSNAVVKTEPSRLFLSKIKDSFNGSDWEVVKEEMIYRAENEVLGQGWLFLVENNEKKLFILT
SNNNGTPYYFPRNQSFDLNSAISIDEFATLKQMKELIGKSTKLNGKVQDWTMPIICVNLWDHAYLHDYGVGNRSKYVKNV
LDNLNWSVVNNRIFS
;
33
70 'polypeptide(L)'
;MLRFTGARAIRKYSTRYALEHLKEGAPLKGLFSIEGLQKAWFDRVKYLDAKLNDCTNEAQQKPLETLIHENSKSASKKHI
VNYASSLYNLKFSMSSLQGCIRTPPEECPRLGPEALLQTPDFNRTISNEPLTTGNERLQAALISSFGSLMEFRTLLINSN
LAISGDGFTWLVARRQLDKRAMRNDMPNRDIEYDKLFILNTYNAGTPFNFSTSGVMNELNNQYTNMEKQRAKEAGNLEDS
EMTAKQAKTKFIYETQQKGFSGKEVSYIPLLAIDASPKTWLTDYGVFGKREYLERVWDSIEWKIVESRLPQRTKIQAFNT
L
;
44
71 'polypeptide(L)'
;MGTITVVINEGPILLIRALHRATTNKKMFRSTVWRRFASTGEIAKAKLDEFLIYHKTDAKLKPFIYRPKNAQILLTKDIR
DPKTREPLQPRPPVKPLSKQTLNDFIYSVEPNSTELLDWFKEWTGTSIRKRAIWTYISPIHVQKMLTASFFKIGKYAHMV
GLLYGIEHKFLKAQNPSVFDIEHFFNTNIMCALHRNRLKDYKDAEIAQRKLQVAWKKVLNRKNNTGLANILVATLGRQIG
FTPELTGLQPVDISLPDIPNSSSGAELKDLLSKYEGIYLIARTLLDIDQHNAQYLELQEFIRQYQNALSESSDPYDTHLK
ALGLLETPPPQESTEKEEK
;
55
72 'polypeptide(L)'
;FSRRRIAYPFYPFKKLGRQHPKKHDTNLKTAMRQFLGPKNYKGEYVMNKYFTVPTNHVPNYIKPDLERGQSLEHPVTKKP
LQLRYDGTLGPPPVENKRLQNIFKDRLLQPFPSNPHCKTNYVLSPQLKQSIFEEITVEGLSAQQVSQKYGLKIPRVEAIV
KLVSVENSWNRRNRVSSDLKTMDETLYRMFPVFDSDASFKRENLSEIPVPQKTLASRFLTIAESEPFGPVDAAHVLELEP
AVETLRNLSTVGEHSSGHQQSTNKNTKVIYGELVEGERSQYKFTNAKVGKVGYRYGSGNRDNKKDRRIGFNKLGQMVYI
;
66
73 'polypeptide(L)'
;SSEYVLEEPTPLSLLEYTPQVFPTKESRLVNFTLDSLKKSNYPIYRSPNLGILKVHDFTLNTPNFGKYTPGSSLIFAKEP
QLQNLLIEEDPEDFHRQVTGEYQLLKPYVKKDFEKLTKSKDTVSKLVQNSQVVRLSLQSVVMGSEEKKLVYDVCSGMKPI
SELQQ
;
77
74 'polypeptide(L)'
;APPVLFTVQDTARVITLNRPKKLNALNAEMSESMFKTLNEYAKSDTTNLVILKSSNRPRSFCAGGDVATVAIFNFNKEFA
KSIKFFTDEYSLNFQIATYLKPIVTFMDGITMGGGVGLSIHTPFRIATENTKWAMPEMDIGFFPDVGSTFALPRIVTLAN
SNSQMALYLCLTGEVVTGADAYMLGLASHYVSSENLDALQKRLGEISPPFNNDPQSAYFFGMVNESIDEFVSPLPKDYVF
KYSNEKLNVIEACFNLSKNGTIEDIMNNLRQYEGSAEGKAFAQEIKTKLLTKSPSSLQIALRLVQENSRDHIESAIKRDL
YTAANMCMNQDSLVEFSEATKHKLIDKQRVPYPWTKKEQLFVSQLTSITSPKPSLPMSLLRNTSNVTWTQYPYHSKYQLP
TEQEIAAYIEKRTNDDTGAKVTEREVLNHFANVIPSRRGKLGIQSLCKIVCERKCEE
;
88
75 'polyribonucleotide'
;GUAAAAAAUUUAUAAGAAUAUGAUGUUGGUUCAGAUUAAGCGCUAAAUAAGGACAUGACACAUGCGAAUCAUACGUUUAU
UAUUGAUAAGAUAAUAAAUAUGUGGUGUAAACGUGAGUAAUUUUAUUAGGAAUUAAUGAACUAUAGAAUAAGCUAAAUAC
UUAAUAUAUUAUUAUAUAAAAAUAAUUUAUAUAAUAAAAAGGAUAUAUAUAUAAUAUAUAUUUAUCUAUAGUCAAGCCAA
UAAUGGUUUAGGUAGUAGGUUUAUUAAGAGUUAAACCUAGCCAACGAUCCAUAAUCGAUAAUGAAAGUUAGAACGAUCAC
GUUGACUCUGAAAUAUAGUCAAUAUCUAUAAGAUACAGCAGUGAGGAAUAUUGGACAAUGAUCGAAAGAUUGAUCCAGUU
ACUUAUUAGGAUGAUAUAUAAAAAUAUUUUAUUUUAUUUAUAAAUAUUAAAUAUUUAUAAUAAUAAUAAUAAUAAUAUAU
AUAUAUAAAUUGAUUAAAAAUAAAAUCCAUAAAUAAUUAAAAUAAUGAUAUUAAUUACCAUAUAUAUUUUUAUAUGGAUA
UAUAUAUUAAUAAUAAUAUUAAUUUUAUUAUUAUUAAUAAUAUAUUUUAAUAGUCCUGACUAAUAUUUGUGCCAGCAGUC
GCGGUAACACAAAGAGGGCGAGCGUUAAUCAUAAUGGUUUAAAGGAUCCGUAGAAUGAAUUAUAUAUUAUAAUUUAGAGU
UAAUAAAAUAUAAUUAAAGAAUUAUAAUAGUAAAGAUGAAAUAAUAAUAAUAAUUAUAAGACUAAUAUAUGUGAAAAUAU
UAAUUAAAUAUUAACUGACAUUGAGGGAUUAAAACUAGAGUAGCGAAACGGAUUCGAUACCCGUGUAGUUCUAGUAGUAA
ACUAUGAAUACAAUUAUUUAUAAUAUAUAUUAUAUAUAAAUAAUAAAUGAAAAUGAAAGUAUUCCACCUGAAGAGUACGU
UAGCAAUAAUGAAACUCAAAACAAUAGACGGUUACAGACUUAAGCAGUGGAGCAUGUUAUUUAAUUCGAUAAUCCACGAC
UAACCUUACCAUAUUUUGAAUAUUAUAAUAAUUAUUAUAAUUAUUAUAUUACAGGCGUUACAUUGUUGUCUUUAGUUCGU
GCUGCAAAGUUUUAGAUUAAGUUCAUAAACGAACAAAACUCCAUAUAUAUAAUUUUAAUUAUAUAUAAUUUUAUAUUAUU
UAUUAAUAUAAAGAAAGGAAUUAAGACAAAUCAUAAUGAUCCUUAUAAUAUGGGUAAUAGACGUGCUAUAAUAAAAUGAU
AAUAAAAUUAUAUAAAAUAUAUUUAAUUAUAUUUAAUUAAUAAUAUAAAACAUUUUAAUUUUUAAUAUAUUUUUUUAUUA
UAUAUUAAUAUGAAUUAUAAUCUGAAAUUCGAUUAUAUGAAAAAAGAAUUGCUAGUAAUACGUAAAUUAGUAUGUUACGG
UGAAUAUUCUAACUGUUUCGCACUAAUCACUCAUCACGCGUUGAAACAUAUUAUUAUCUUAUUAUUUAUAUAAUAUUUUU
UAAUAAAUAUUAAUAAUUAUUAAUUUAUAUUUAUUUAUAUCAGAAAUAAUAUGAAUUAAUGCGAAGUUGAAAUACAGUUA
CCGUAGGGGAACCUGCGGUGGGCUUAUAAAUAUCUUAAAUAUUCUUACA
;
aa
76 'polyribonucleotide' GGCUACGUAGCUCAGUUGGUAGAGCACAUCACUCAUAAUGAUGGGGUCACAGGUUCGAAUCCCGUCGUAGCCACCA bb
77 'polypeptide(L)'
;(UNK)(UNK)(UNK)(UNK)(UNK)(UNK)(UNK)(UNK)(UNK)(UNK)(UNK)(UNK)(UNK)(UNK)(UNK)(UNK)
(UNK)(UNK)(UNK)(UNK)(UNK)(UNK)(UNK)(UNK)(UNK)(UNK)(UNK)(UNK)(UNK)(UNK)(UNK)(UNK)
(UNK)(UNK)(UNK)(UNK)(UNK)(UNK)(UNK)(UNK)(UNK)(UNK)(UNK)(UNK)(UNK)(UNK)(UNK)(UNK)
(UNK)(UNK)(UNK)(UNK)(UNK)(UNK)(UNK)(UNK)(UNK)(UNK)(UNK)(UNK)(UNK)(UNK)(UNK)(UNK)
(UNK)(UNK)(UNK)(UNK)(UNK)(UNK)(UNK)(UNK)(UNK)(UNK)(UNK)(UNK)(UNK)(UNK)(UNK)(UNK)
(UNK)(UNK)(UNK)(UNK)(UNK)(UNK)(UNK)(UNK)(UNK)(UNK)(UNK)(UNK)(UNK)(UNK)
;
cc
78 'polypeptide(L)'
;(UNK)(UNK)(UNK)(UNK)(UNK)(UNK)(UNK)(UNK)(UNK)(UNK)(UNK)(UNK)(UNK)(UNK)(UNK)(UNK)
(UNK)(UNK)(UNK)(UNK)(UNK)(UNK)(UNK)(UNK)(UNK)(UNK)(UNK)(UNK)(UNK)(UNK)(UNK)(UNK)
(UNK)(UNK)(UNK)(UNK)(UNK)(UNK)(UNK)(UNK)(UNK)(UNK)(UNK)(UNK)(UNK)(UNK)(UNK)(UNK)
(UNK)(UNK)(UNK)(UNK)(UNK)(UNK)(UNK)(UNK)(UNK)(UNK)(UNK)(UNK)(UNK)(UNK)(UNK)(UNK)
(UNK)(UNK)(UNK)(UNK)(UNK)(UNK)(UNK)(UNK)(UNK)(UNK)(UNK)(UNK)(UNK)(UNK)(UNK)(UNK)
(UNK)(UNK)(UNK)(UNK)(UNK)(UNK)(UNK)(UNK)(UNK)(UNK)(UNK)(UNK)(UNK)(UNK)(UNK)(UNK)
(UNK)(UNK)(UNK)(UNK)(UNK)(UNK)(UNK)(UNK)(UNK)(UNK)(UNK)(UNK)(UNK)(UNK)(UNK)(UNK)
(UNK)(UNK)(UNK)(UNK)(UNK)(UNK)(UNK)(UNK)(UNK)(UNK)(UNK)(UNK)(UNK)(UNK)(UNK)(UNK)
(UNK)(UNK)(UNK)(UNK)(UNK)(UNK)(UNK)(UNK)(UNK)(UNK)(UNK)(UNK)(UNK)(UNK)(UNK)(UNK)
(UNK)(UNK)(UNK)(UNK)(UNK)(UNK)(UNK)
;
dd
#
loop_
_chem_comp.id
_chem_comp.type
_chem_comp.name
_chem_comp.formula
A RNA linking ADENOSINE-5'-MONOPHOSPHATE 'C10 H14 N5 O7 P'
C RNA linking CYTIDINE-5'-MONOPHOSPHATE 'C9 H14 N3 O8 P'
G RNA linking GUANOSINE-5'-MONOPHOSPHATE 'C10 H14 N5 O8 P'
GDP RNA linking GUANOSINE-5'-DIPHOSPHATE 'C10 H15 N5 O11 P2'
MG non-polymer 'MAGNESIUM ION' 'Mg 2'
NA non-polymer 'SODIUM ION' 'Na 1'
U RNA linking URIDINE-5'-MONOPHOSPHATE 'C9 H13 N2 O9 P'
ZN non-polymer 'ZINC ION' 'Zn 2'
#
# COMPACT_ATOMS: atom_id res chain seq x y z
N LEU B 61 54.58 69.37 1.50
CA LEU B 61 53.47 70.26 0.99
C LEU B 61 52.25 69.45 0.56
N LYS B 62 51.07 70.08 0.69
CA LYS B 62 49.80 69.45 0.34
C LYS B 62 49.33 69.91 -1.05
N ILE B 63 48.97 68.93 -1.90
CA ILE B 63 48.47 69.18 -3.25
C ILE B 63 47.04 68.61 -3.35
N ILE B 64 46.05 69.42 -2.99
CA ILE B 64 44.65 69.01 -3.09
C ILE B 64 44.16 69.07 -4.55
N PRO B 65 43.43 68.04 -5.01
CA PRO B 65 42.72 68.17 -6.29
C PRO B 65 41.54 69.13 -6.19
N ASN B 66 41.44 70.10 -7.10
CA ASN B 66 40.35 71.09 -7.08
C ASN B 66 38.99 70.50 -7.46
N ASP B 67 37.95 71.06 -6.86
CA ASP B 67 36.56 70.69 -7.17
C ASP B 67 35.83 71.96 -7.61
N THR B 68 36.39 72.62 -8.63
CA THR B 68 35.92 73.91 -9.13
C THR B 68 35.61 73.80 -10.62
N ASP B 69 34.69 74.63 -11.11
CA ASP B 69 34.24 74.61 -12.51
C ASP B 69 33.41 73.34 -12.76
N ILE B 70 32.39 73.17 -11.91
CA ILE B 70 31.41 72.10 -12.05
C ILE B 70 30.08 72.77 -12.27
N VAL B 71 29.29 72.15 -13.13
CA VAL B 71 28.06 72.74 -13.59
C VAL B 71 26.86 72.21 -12.78
N THR B 72 25.76 72.98 -12.75
CA THR B 72 24.50 72.60 -12.10
C THR B 72 23.95 71.25 -12.56
N LEU B 73 23.99 71.06 -13.88
CA LEU B 73 23.51 69.85 -14.53
C LEU B 73 24.37 68.64 -14.20
N GLU B 74 25.68 68.86 -14.18
CA GLU B 74 26.66 67.84 -13.79
C GLU B 74 26.45 67.41 -12.34
N LYS B 75 26.24 68.39 -11.48
CA LYS B 75 25.94 68.20 -10.05
C LYS B 75 24.69 67.34 -9.87
N GLN B 76 23.64 67.68 -10.63
CA GLN B 76 22.37 66.95 -10.62
C GLN B 76 22.58 65.49 -11.04
N ASP B 77 23.34 65.30 -12.13
CA ASP B 77 23.70 63.96 -12.63
C ASP B 77 24.43 63.13 -11.58
N GLU B 78 25.38 63.77 -10.89
CA GLU B 78 26.13 63.15 -9.80
C GLU B 78 25.20 62.70 -8.68
N LEU B 79 24.30 63.60 -8.27
CA LEU B 79 23.30 63.34 -7.22
C LEU B 79 22.41 62.14 -7.53
N ILE B 80 21.97 62.06 -8.78
CA ILE B 80 21.18 60.94 -9.30
C ILE B 80 21.95 59.64 -9.18
N LYS B 81 23.20 59.67 -9.67
CA LYS B 81 24.12 58.53 -9.62
C LYS B 81 24.28 58.00 -8.20
N ARG B 82 24.44 58.93 -7.25
CA ARG B 82 24.51 58.62 -5.81
C ARG B 82 23.24 57.95 -5.31
N ARG B 83 22.10 58.51 -5.69
CA ARG B 83 20.78 57.96 -5.36
C ARG B 83 20.63 56.52 -5.87
N ARG B 84 20.99 56.32 -7.14
CA ARG B 84 20.98 54.97 -7.76
C ARG B 84 21.83 53.97 -7.00
N LYS B 85 23.03 54.41 -6.62
CA LYS B 85 23.97 53.61 -5.84
C LYS B 85 23.38 53.21 -4.48
N LEU B 86 22.77 54.19 -3.82
CA LEU B 86 22.06 53.97 -2.55
C LEU B 86 20.94 52.95 -2.68
N SER B 87 20.15 53.09 -3.74
CA SER B 87 19.06 52.16 -4.04
C SER B 87 19.57 50.73 -4.26
N LYS B 88 20.68 50.62 -4.99
CA LYS B 88 21.32 49.33 -5.26
C LYS B 88 21.71 48.53 -4.02
N GLU B 89 22.27 49.20 -3.00
CA GLU B 89 22.75 48.50 -1.80
C GLU B 89 21.58 47.92 -1.00
N VAL B 90 21.78 46.72 -0.45
CA VAL B 90 20.69 45.94 0.16
C VAL B 90 20.60 46.14 1.68
N THR B 91 19.48 45.73 2.25
CA THR B 91 19.23 45.83 3.69
C THR B 91 19.96 44.70 4.41
N GLN B 92 20.88 45.08 5.30
CA GLN B 92 21.71 44.12 6.04
C GLN B 92 21.00 43.72 7.33
N MET B 93 21.05 42.42 7.66
CA MET B 93 20.32 41.87 8.80
C MET B 93 21.27 41.61 9.99
N LYS B 94 20.77 41.85 11.19
CA LYS B 94 21.54 41.67 12.42
C LYS B 94 21.45 40.22 12.89
N ARG B 95 22.61 39.59 13.08
CA ARG B 95 22.67 38.23 13.61
C ARG B 95 23.81 38.18 14.64
N LEU B 96 23.44 38.09 15.91
CA LEU B 96 24.41 37.95 17.00
C LEU B 96 24.92 36.52 17.03
N LYS B 97 26.07 36.31 17.67
CA LYS B 97 26.61 34.97 17.83
C LYS B 97 25.71 34.20 18.79
N PRO B 98 25.32 32.96 18.43
CA PRO B 98 24.28 32.26 19.18
C PRO B 98 24.78 31.61 20.49
N VAL B 99 25.31 32.43 21.40
CA VAL B 99 25.84 31.92 22.67
C VAL B 99 24.73 31.45 23.61
N SER B 100 23.52 31.95 23.38
CA SER B 100 22.29 31.46 24.00
C SER B 100 21.42 30.83 22.89
N PRO B 101 20.63 29.79 23.23
CA PRO B 101 19.75 29.22 22.18
C PRO B 101 18.59 30.13 21.77
N GLY B 102 18.23 31.10 22.61
CA GLY B 102 17.26 32.13 22.25
C GLY B 102 17.77 33.10 21.19
N LEU B 103 19.09 33.33 21.16
CA LEU B 103 19.70 34.20 20.14
C LEU B 103 19.75 33.58 18.76
N ARG B 104 19.78 32.24 18.69
CA ARG B 104 20.01 31.50 17.44
C ARG B 104 19.18 31.97 16.25
N TRP B 105 17.92 32.31 16.49
CA TRP B 105 17.00 32.70 15.42
C TRP B 105 16.48 34.14 15.58
N TYR B 106 17.30 35.00 16.17
CA TYR B 106 16.98 36.42 16.32
C TYR B 106 17.57 37.21 15.14
N ARG B 107 16.70 37.55 14.19
CA ARG B 107 17.04 38.44 13.07
C ARG B 107 16.23 39.74 13.17
N SER B 108 16.93 40.85 12.97
CA SER B 108 16.30 42.17 12.88
C SER B 108 17.06 42.98 11.83
N PRO B 109 16.33 43.72 10.96
CA PRO B 109 17.00 44.47 9.89
C PRO B 109 17.73 45.69 10.43
N ILE B 110 18.97 45.88 9.96
CA ILE B 110 19.82 46.99 10.40
C ILE B 110 19.55 48.20 9.51
N TYR B 111 19.24 49.33 10.14
CA TYR B 111 19.07 50.60 9.45
C TYR B 111 20.02 51.60 10.12
N PRO B 112 21.22 51.81 9.55
CA PRO B 112 22.19 52.73 10.17
C PRO B 112 21.81 54.21 10.06
N TYR B 113 21.14 54.58 8.97
CA TYR B 113 20.61 55.93 8.78
C TYR B 113 19.55 56.32 9.83
N LEU B 114 18.87 55.32 10.38
CA LEU B 114 17.87 55.51 11.45
C LEU B 114 18.44 56.30 12.62
N TYR B 115 17.58 57.11 13.24
CA TYR B 115 17.97 58.00 14.34
C TYR B 115 18.19 57.20 15.62
N LYS B 116 19.24 57.58 16.36
CA LYS B 116 19.56 56.94 17.65
C LYS B 116 19.48 57.99 18.76
N GLY B 117 18.28 58.55 18.89
CA GLY B 117 17.96 59.49 19.97
C GLY B 117 16.49 59.42 20.33
N ARG B 118 16.06 60.26 21.26
CA ARG B 118 14.66 60.29 21.69
C ARG B 118 13.83 61.09 20.68
N PRO B 119 12.53 60.78 20.56
CA PRO B 119 11.68 61.57 19.67
C PRO B 119 11.39 62.94 20.28
N VAL B 120 10.93 63.89 19.46
CA VAL B 120 10.57 65.20 20.00
C VAL B 120 9.39 65.03 20.97
N ARG B 121 9.55 65.58 22.16
CA ARG B 121 8.66 65.28 23.29
C ARG B 121 7.29 65.94 23.16
N ALA B 122 7.22 67.06 22.43
CA ALA B 122 5.97 67.76 22.18
C ALA B 122 5.02 66.99 21.26
N LEU B 123 5.57 66.19 20.34
CA LEU B 123 4.76 65.37 19.42
C LEU B 123 4.40 63.97 19.96
N THR B 124 4.81 63.65 21.19
CA THR B 124 4.52 62.34 21.80
C THR B 124 3.50 62.47 22.93
N VAL B 125 2.53 61.55 22.92
CA VAL B 125 1.53 61.41 23.99
C VAL B 125 1.80 60.04 24.61
N VAL B 126 1.34 59.82 25.84
CA VAL B 126 1.48 58.50 26.48
C VAL B 126 0.63 57.44 25.79
N ARG B 127 1.20 56.25 25.62
CA ARG B 127 0.49 55.12 25.05
C ARG B 127 -0.11 54.33 26.21
N LYS B 128 -1.38 54.59 26.47
CA LYS B 128 -2.08 53.95 27.59
C LYS B 128 -2.34 52.48 27.30
N LYS B 129 -1.89 51.62 28.21
CA LYS B 129 -2.10 50.19 28.09
C LYS B 129 -3.51 49.81 28.55
N HIS B 130 -4.02 48.72 28.00
CA HIS B 130 -5.35 48.21 28.34
C HIS B 130 -5.39 46.72 28.74
N GLY B 131 -4.41 45.93 28.30
CA GLY B 131 -4.43 44.48 28.48
C GLY B 131 -5.48 43.78 27.63
N GLY B 132 -5.96 44.46 26.59
CA GLY B 132 -7.10 43.98 25.81
C GLY B 132 -8.43 43.93 26.57
N ARG B 133 -8.57 44.80 27.58
CA ARG B 133 -9.82 44.91 28.35
C ARG B 133 -10.60 46.14 27.91
N ASN B 134 -11.89 45.94 27.63
CA ASN B 134 -12.80 47.05 27.34
C ASN B 134 -13.35 47.70 28.62
N ASN B 135 -14.25 48.67 28.46
CA ASN B 135 -14.81 49.44 29.60
C ASN B 135 -15.46 48.62 30.73
N SER B 136 -15.92 47.41 30.42
CA SER B 136 -16.37 46.45 31.42
C SER B 136 -15.25 46.08 32.41
N GLY B 137 -14.02 46.01 31.91
CA GLY B 137 -12.87 45.49 32.65
C GLY B 137 -12.61 44.02 32.36
N LYS B 138 -13.36 43.47 31.38
CA LYS B 138 -13.22 42.08 30.97
C LYS B 138 -12.39 42.00 29.71
N ILE B 139 -11.60 40.94 29.60
CA ILE B 139 -10.76 40.68 28.43
C ILE B 139 -11.67 40.40 27.23
N THR B 140 -11.71 41.37 26.31
CA THR B 140 -12.44 41.24 25.07
C THR B 140 -11.51 40.65 24.02
N VAL B 141 -10.36 41.32 23.81
CA VAL B 141 -9.34 40.85 22.87
C VAL B 141 -8.33 40.06 23.67
N ARG B 142 -8.13 38.80 23.29
CA ARG B 142 -7.21 37.91 23.99
C ARG B 142 -5.78 38.19 23.57
N HIS B 143 -4.85 37.68 24.38
CA HIS B 143 -3.41 37.63 24.05
C HIS B 143 -2.68 38.98 23.99
N GLN B 144 -3.24 40.01 24.62
CA GLN B 144 -2.60 41.33 24.72
C GLN B 144 -2.34 41.64 26.18
N GLY B 145 -1.12 42.11 26.48
CA GLY B 145 -0.72 42.32 27.87
C GLY B 145 0.48 43.23 28.11
N GLY B 146 1.26 42.89 29.12
CA GLY B 146 2.32 43.76 29.64
C GLY B 146 3.57 43.80 28.80
N GLY B 147 3.59 44.69 27.82
CA GLY B 147 4.77 44.94 27.01
C GLY B 147 5.74 45.90 27.69
N HIS B 148 6.59 46.53 26.89
CA HIS B 148 7.43 47.64 27.34
C HIS B 148 6.53 48.86 27.44
N ARG B 149 6.97 49.85 28.21
CA ARG B 149 6.34 51.17 28.24
C ARG B 149 6.51 51.86 26.89
N ASN B 150 5.54 52.69 26.50
CA ASN B 150 5.61 53.38 25.21
C ASN B 150 4.96 54.75 25.24
N ARG B 151 5.30 55.54 24.21
CA ARG B 151 4.63 56.81 23.93
C ARG B 151 4.09 56.73 22.51
N THR B 152 2.80 57.04 22.35
CA THR B 152 2.23 57.18 21.00
C THR B 152 2.74 58.49 20.40
N ARG B 153 3.08 58.44 19.11
CA ARG B 153 3.59 59.60 18.39
C ARG B 153 2.48 60.17 17.50
N LEU B 154 2.34 61.49 17.52
CA LEU B 154 1.29 62.19 16.78
C LEU B 154 1.78 62.47 15.38
N ILE B 155 1.51 61.53 14.46
CA ILE B 155 2.03 61.63 13.09
C ILE B 155 0.90 62.13 12.18
N ASP B 156 1.26 63.08 11.31
CA ASP B 156 0.28 63.80 10.50
C ASP B 156 -0.14 62.97 9.28
N PHE B 157 -1.35 62.41 9.34
CA PHE B 157 -1.93 61.67 8.22
C PHE B 157 -2.68 62.57 7.24
N ASN B 158 -3.28 63.64 7.75
CA ASN B 158 -4.06 64.56 6.92
C ASN B 158 -3.21 65.34 5.92
N ARG B 159 -2.11 65.93 6.39
CA ARG B 159 -1.12 66.62 5.52
C ARG B 159 -1.71 67.88 4.88
N TRP B 160 -2.12 68.84 5.71
CA TRP B 160 -2.95 69.97 5.26
C TRP B 160 -2.14 71.19 4.87
N GLU B 161 -1.26 71.63 5.78
CA GLU B 161 -0.62 72.96 5.72
C GLU B 161 -0.05 73.34 4.36
N GLY B 162 0.69 72.42 3.73
CA GLY B 162 1.34 72.68 2.44
C GLY B 162 2.60 73.52 2.59
N GLY B 163 3.32 73.67 1.48
CA GLY B 163 4.64 74.30 1.47
C GLY B 163 5.73 73.27 1.68
N ALA B 164 6.95 73.61 1.26
CA ALA B 164 8.08 72.68 1.30
C ALA B 164 8.56 72.42 2.73
N GLN B 165 8.78 71.15 3.05
CA GLN B 165 9.24 70.72 4.37
C GLN B 165 10.41 69.75 4.22
N THR B 166 11.48 69.99 4.98
CA THR B 166 12.69 69.18 4.92
C THR B 166 12.62 68.07 5.97
N VAL B 167 12.85 66.82 5.56
CA VAL B 167 12.96 65.70 6.51
C VAL B 167 14.29 65.82 7.27
N GLN B 168 14.19 66.11 8.56
CA GLN B 168 15.37 66.30 9.41
C GLN B 168 15.96 64.97 9.86
N ARG B 169 15.11 64.03 10.23
CA ARG B 169 15.55 62.70 10.66
C ARG B 169 14.47 61.64 10.50
N ILE B 170 14.90 60.38 10.48
CA ILE B 170 14.01 59.23 10.38
C ILE B 170 14.22 58.35 11.61
N GLU B 171 13.12 58.06 12.31
CA GLU B 171 13.17 57.42 13.62
C GLU B 171 12.56 56.04 13.67
N TYR B 172 12.90 55.31 14.72
CA TYR B 172 12.17 54.13 15.15
C TYR B 172 10.90 54.58 15.84
N ASP B 173 9.79 53.87 15.56
CA ASP B 173 8.52 54.11 16.22
C ASP B 173 8.03 52.77 16.78
N PRO B 174 7.82 52.68 18.10
CA PRO B 174 7.41 51.40 18.70
C PRO B 174 5.98 50.96 18.41
N GLY B 175 5.09 51.90 18.06
CA GLY B 175 3.67 51.59 17.81
C GLY B 175 3.27 51.38 16.35
N ARG B 176 4.23 51.09 15.48
CA ARG B 176 3.96 50.85 14.06
C ARG B 176 5.16 50.21 13.36
N SER B 177 4.87 49.42 12.34
CA SER B 177 5.91 48.73 11.58
C SER B 177 6.73 49.69 10.70
N SER B 178 6.08 50.76 10.23
CA SER B 178 6.75 51.79 9.43
C SER B 178 7.69 52.66 10.27
N HIS B 179 8.70 53.22 9.60
CA HIS B 179 9.52 54.29 10.18
C HIS B 179 8.75 55.60 10.05
N ILE B 180 9.10 56.57 10.88
CA ILE B 180 8.51 57.91 10.81
C ILE B 180 9.61 58.92 10.54
N ALA B 181 9.25 59.99 9.81
CA ALA B 181 10.19 61.02 9.40
C ALA B 181 9.79 62.35 10.02
N LEU B 182 10.70 62.95 10.79
CA LEU B 182 10.47 64.28 11.38
C LEU B 182 10.67 65.34 10.31
N LEU B 183 9.56 65.92 9.87
CA LEU B 183 9.59 67.02 8.90
C LEU B 183 9.80 68.32 9.64
N LYS B 184 10.42 69.29 8.96
CA LYS B 184 10.50 70.66 9.43
C LYS B 184 10.08 71.57 8.28
N HIS B 185 9.08 72.41 8.53
CA HIS B 185 8.57 73.32 7.51
C HIS B 185 9.64 74.39 7.23
N ASN B 186 9.96 74.58 5.96
CA ASN B 186 11.05 75.47 5.56
C ASN B 186 10.74 76.94 5.86
N THR B 187 9.56 77.38 5.42
CA THR B 187 9.05 78.72 5.72
C THR B 187 8.67 78.89 7.20
N THR B 188 7.70 78.10 7.65
CA THR B 188 7.05 78.26 8.96
C THR B 188 7.97 77.92 10.15
N GLY B 189 8.79 76.88 9.99
CA GLY B 189 9.60 76.34 11.10
C GLY B 189 8.87 75.40 12.04
N GLU B 190 7.64 75.03 11.71
CA GLU B 190 6.83 74.13 12.55
C GLU B 190 7.29 72.69 12.35
N LEU B 191 7.32 71.93 13.44
CA LEU B 191 7.85 70.56 13.44
C LEU B 191 6.71 69.56 13.49
N SER B 192 6.87 68.43 12.81
CA SER B 192 5.82 67.42 12.67
C SER B 192 6.38 66.07 12.24
N TYR B 193 5.64 65.00 12.57
CA TYR B 193 5.98 63.64 12.15
C TYR B 193 5.11 63.23 10.97
N ILE B 194 5.65 62.31 10.16
CA ILE B 194 5.02 61.87 8.92
C ILE B 194 5.50 60.43 8.67
N ILE B 195 4.63 59.55 8.17
CA ILE B 195 5.05 58.19 7.80
C ILE B 195 6.19 58.29 6.79
N ALA B 196 7.30 57.62 7.10
CA ALA B 196 8.49 57.66 6.26
C ALA B 196 8.28 56.81 5.02
N CYS B 197 8.62 57.37 3.86
CA CYS B 197 8.59 56.65 2.59
C CYS B 197 9.80 55.72 2.50
N ASP B 198 9.83 54.88 1.46
CA ASP B 198 10.88 53.86 1.31
C ASP B 198 12.29 54.45 1.26
N GLY B 199 12.61 55.16 0.19
CA GLY B 199 13.95 55.70 -0.02
C GLY B 199 14.22 57.03 0.67
N LEU B 200 13.28 57.52 1.49
CA LEU B 200 13.44 58.79 2.19
C LEU B 200 14.63 58.71 3.15
N ARG B 201 15.41 59.78 3.19
CA ARG B 201 16.59 59.89 4.04
C ARG B 201 16.69 61.34 4.53
N PRO B 202 17.37 61.58 5.67
CA PRO B 202 17.42 62.96 6.20
C PRO B 202 18.15 63.92 5.27
N GLY B 203 17.53 65.06 4.99
CA GLY B 203 18.01 66.01 3.98
C GLY B 203 17.03 66.20 2.84
N ASP B 204 16.27 65.15 2.51
CA ASP B 204 15.22 65.21 1.49
C ASP B 204 14.19 66.29 1.78
N VAL B 205 13.53 66.77 0.73
CA VAL B 205 12.49 67.79 0.84
C VAL B 205 11.19 67.22 0.26
N VAL B 206 10.10 67.44 0.99
CA VAL B 206 8.75 67.01 0.58
C VAL B 206 7.75 68.15 0.75
N GLU B 207 6.87 68.32 -0.24
CA GLU B 207 5.76 69.26 -0.15
C GLU B 207 4.46 68.48 0.10
N SER B 208 3.34 69.19 0.13
CA SER B 208 2.02 68.58 0.17
C SER B 208 1.04 69.48 -0.58
N PHE B 209 0.35 68.91 -1.58
CA PHE B 209 -0.54 69.66 -2.46
C PHE B 209 -2.00 69.27 -2.22
N ARG B 210 -2.35 69.07 -0.95
CA ARG B 210 -3.67 68.60 -0.55
C ARG B 210 -4.68 69.75 -0.62
N ARG B 211 -4.25 70.93 -0.17
CA ARG B 211 -4.98 72.18 -0.41
C ARG B 211 -5.08 72.50 -1.90
N GLY B 212 -3.95 72.35 -2.60
CA GLY B 212 -3.86 72.61 -4.03
C GLY B 212 -2.45 73.02 -4.41
N ILE B 213 -2.25 73.29 -5.70
CA ILE B 213 -0.94 73.73 -6.20
C ILE B 213 -0.80 75.21 -5.82
N PRO B 214 0.21 75.54 -4.98
CA PRO B 214 0.35 76.92 -4.51
C PRO B 214 0.92 77.86 -5.57
N GLN B 215 0.88 79.16 -5.29
CA GLN B 215 1.29 80.18 -6.25
C GLN B 215 2.79 80.25 -6.55
N THR B 216 3.61 79.59 -5.73
CA THR B 216 5.05 79.46 -5.98
C THR B 216 5.31 78.58 -7.21
N LEU B 217 4.79 77.35 -7.18
CA LEU B 217 4.94 76.40 -8.28
C LEU B 217 4.08 76.73 -9.51
N LEU B 218 2.98 77.44 -9.31
CA LEU B 218 2.08 77.81 -10.41
C LEU B 218 2.73 78.83 -11.34
N ASN B 219 3.35 79.86 -10.76
CA ASN B 219 4.06 80.90 -11.53
C ASN B 219 5.26 80.34 -12.30
N GLU B 220 6.12 79.60 -11.58
CA GLU B 220 7.32 79.00 -12.17
C GLU B 220 6.95 77.78 -13.01
N ALA B 228 1.97 65.85 -18.56
CA ALA B 228 1.94 67.22 -18.05
C ALA B 228 3.30 67.68 -17.55
N ILE B 229 3.43 68.99 -17.35
CA ILE B 229 4.68 69.63 -16.91
C ILE B 229 4.77 69.64 -15.38
N LEU B 230 3.66 69.97 -14.72
CA LEU B 230 3.59 70.02 -13.25
C LEU B 230 3.53 68.64 -12.60
N SER B 231 2.87 67.70 -13.27
CA SER B 231 2.66 66.34 -12.74
C SER B 231 3.96 65.62 -12.39
N VAL B 232 4.91 65.64 -13.32
CA VAL B 232 6.22 65.00 -13.12
C VAL B 232 7.01 65.64 -11.97
N LYS B 233 6.95 66.96 -11.85
CA LYS B 233 7.56 67.70 -10.75
C LYS B 233 6.94 67.28 -9.41
N THR B 234 5.62 67.17 -9.42
CA THR B 234 4.83 66.82 -8.24
C THR B 234 5.01 65.36 -7.81
N THR B 235 4.94 64.42 -8.75
CA THR B 235 4.94 62.98 -8.43
C THR B 235 6.29 62.36 -7.97
N GLN B 236 7.13 63.17 -7.33
CA GLN B 236 8.30 62.69 -6.60
C GLN B 236 7.85 61.95 -5.35
N ARG B 237 8.62 60.95 -4.92
CA ARG B 237 8.25 60.14 -3.75
C ARG B 237 8.38 60.93 -2.45
N GLY B 238 7.45 60.69 -1.53
CA GLY B 238 7.45 61.35 -0.22
C GLY B 238 6.49 62.52 -0.07
N ASN B 239 6.02 63.09 -1.19
CA ASN B 239 5.08 64.23 -1.15
C ASN B 239 3.63 63.84 -1.44
N CYS B 240 2.71 64.45 -0.68
CA CYS B 240 1.30 64.07 -0.66
C CYS B 240 0.47 64.97 -1.56
N LEU B 241 -0.61 64.40 -2.08
CA LEU B 241 -1.49 65.08 -3.04
C LEU B 241 -2.77 64.29 -3.27
N PRO B 242 -3.83 64.96 -3.79
CA PRO B 242 -5.07 64.24 -4.11
C PRO B 242 -4.89 63.28 -5.28
N ILE B 243 -5.67 62.20 -5.28
CA ILE B 243 -5.57 61.15 -6.32
C ILE B 243 -5.89 61.68 -7.73
N SER B 244 -6.64 62.78 -7.82
CA SER B 244 -6.84 63.49 -9.09
C SER B 244 -5.53 63.90 -9.77
N MET B 245 -4.59 64.43 -8.98
CA MET B 245 -3.27 64.83 -9.49
C MET B 245 -2.36 63.63 -9.81
N ILE B 246 -2.52 62.55 -9.04
CA ILE B 246 -1.64 61.38 -9.12
C ILE B 246 -1.97 60.60 -10.40
N PRO B 247 -0.99 60.47 -11.35
CA PRO B 247 -1.28 59.84 -12.64
C PRO B 247 -1.59 58.34 -12.53
N ILE B 248 -2.30 57.82 -13.51
CA ILE B 248 -2.78 56.44 -13.48
C ILE B 248 -1.60 55.47 -13.60
N GLY B 249 -1.59 54.48 -12.72
CA GLY B 249 -0.54 53.46 -12.69
C GLY B 249 0.45 53.58 -11.54
N THR B 250 0.69 54.81 -11.05
CA THR B 250 1.78 55.04 -10.09
C THR B 250 1.45 54.53 -8.69
N ILE B 251 2.51 54.19 -7.95
CA ILE B 251 2.41 53.58 -6.63
C ILE B 251 2.28 54.64 -5.55
N ILE B 252 1.41 54.38 -4.57
CA ILE B 252 1.07 55.33 -3.51
C ILE B 252 0.87 54.63 -2.17
N HIS B 253 0.86 55.41 -1.10
CA HIS B 253 0.52 54.91 0.24
C HIS B 253 -0.22 55.98 1.06
N ASN B 254 -0.70 55.59 2.24
CA ASN B 254 -1.57 56.42 3.09
C ASN B 254 -2.77 56.93 2.28
N VAL B 255 -3.45 56.00 1.65
CA VAL B 255 -4.59 56.30 0.78
C VAL B 255 -5.82 56.60 1.64
N GLY B 256 -6.52 57.68 1.28
CA GLY B 256 -7.73 58.10 2.01
C GLY B 256 -8.99 57.49 1.44
N ILE B 257 -10.10 57.73 2.12
CA ILE B 257 -11.45 57.40 1.63
C ILE B 257 -12.06 58.66 1.02
N THR B 258 -12.20 59.67 1.86
CA THR B 258 -12.97 60.87 1.59
C THR B 258 -12.01 62.00 1.19
N PRO B 259 -12.55 63.07 0.56
CA PRO B 259 -11.69 64.21 0.21
C PRO B 259 -11.21 65.05 1.41
N VAL B 260 -11.85 64.93 2.57
CA VAL B 260 -11.45 65.67 3.77
C VAL B 260 -10.67 64.83 4.80
N GLY B 261 -11.01 63.54 4.91
CA GLY B 261 -10.43 62.68 5.95
C GLY B 261 -9.00 62.25 5.67
N PRO B 262 -8.31 61.73 6.70
CA PRO B 262 -6.90 61.37 6.61
C PRO B 262 -6.64 60.11 5.80
N GLY B 263 -5.37 59.81 5.54
CA GLY B 263 -4.97 58.57 4.90
C GLY B 263 -5.15 57.39 5.83
N LYS B 264 -5.96 56.42 5.40
CA LYS B 264 -6.28 55.24 6.21
C LYS B 264 -5.57 53.97 5.72
N PHE B 265 -5.71 53.67 4.43
CA PHE B 265 -5.15 52.43 3.86
C PHE B 265 -3.65 52.53 3.62
N CYS B 266 -3.00 51.38 3.57
CA CYS B 266 -1.59 51.25 3.20
C CYS B 266 -0.67 52.12 4.04
N ARG B 267 -0.52 51.72 5.30
CA ARG B 267 0.30 52.41 6.30
C ARG B 267 1.47 51.57 6.83
N SER B 268 1.30 50.24 6.87
CA SER B 268 2.28 49.32 7.44
C SER B 268 3.57 49.27 6.63
N ALA B 269 4.59 48.62 7.18
CA ALA B 269 5.90 48.55 6.56
C ALA B 269 5.88 47.91 5.18
N GLY B 270 6.55 48.55 4.21
CA GLY B 270 6.67 48.04 2.84
C GLY B 270 5.38 47.80 2.06
N THR B 271 4.30 48.45 2.49
CA THR B 271 2.98 48.29 1.90
C THR B 271 2.74 49.42 0.92
N TYR B 272 1.82 49.23 -0.02
CA TYR B 272 1.44 50.27 -0.97
C TYR B 272 0.17 49.94 -1.74
N ALA B 273 -0.49 51.01 -2.21
CA ALA B 273 -1.58 50.92 -3.17
C ALA B 273 -1.09 51.40 -4.54
N ARG B 274 -1.93 51.21 -5.55
CA ARG B 274 -1.62 51.57 -6.93
C ARG B 274 -2.88 52.18 -7.55
N VAL B 275 -2.75 53.34 -8.18
CA VAL B 275 -3.87 53.99 -8.85
C VAL B 275 -4.15 53.25 -10.16
N LEU B 276 -5.37 52.76 -10.32
CA LEU B 276 -5.77 51.97 -11.48
C LEU B 276 -6.57 52.75 -12.51
N ALA B 277 -7.52 53.55 -12.04
CA ALA B 277 -8.34 54.39 -12.91
C ALA B 277 -8.92 55.56 -12.14
N LYS B 278 -9.34 56.59 -12.87
CA LYS B 278 -10.06 57.72 -12.28
C LYS B 278 -11.25 58.16 -13.13
N LEU B 279 -12.36 58.43 -12.46
CA LEU B 279 -13.65 58.74 -13.06
C LEU B 279 -14.11 60.12 -12.56
N PRO B 280 -13.81 61.19 -13.31
CA PRO B 280 -14.28 62.54 -12.91
C PRO B 280 -15.81 62.74 -12.99
N GLU B 281 -16.50 61.90 -13.75
CA GLU B 281 -17.97 61.89 -13.79
C GLU B 281 -18.56 61.61 -12.40
N LYS B 282 -18.13 60.49 -11.82
CA LYS B 282 -18.65 60.02 -10.53
C LYS B 282 -17.83 60.52 -9.34
N LYS B 283 -16.72 61.23 -9.62
CA LYS B 283 -15.80 61.78 -8.63
C LYS B 283 -15.13 60.67 -7.79
N LYS B 284 -14.87 59.54 -8.44
CA LYS B 284 -14.20 58.40 -7.80
C LYS B 284 -12.93 58.06 -8.56
N ALA B 285 -12.11 57.21 -7.94
CA ALA B 285 -10.88 56.73 -8.53
C ALA B 285 -10.61 55.31 -8.04
N ILE B 286 -10.62 54.35 -8.96
CA ILE B 286 -10.40 52.96 -8.61
C ILE B 286 -8.93 52.78 -8.21
N VAL B 287 -8.73 52.24 -7.01
CA VAL B 287 -7.41 52.02 -6.45
C VAL B 287 -7.30 50.56 -5.99
N ARG B 288 -6.16 49.94 -6.29
CA ARG B 288 -5.83 48.61 -5.81
C ARG B 288 -5.05 48.79 -4.51
N LEU B 289 -5.58 48.22 -3.42
CA LEU B 289 -4.91 48.24 -2.11
C LEU B 289 -3.94 47.07 -2.00
N GLN B 290 -3.20 47.01 -0.89
CA GLN B 290 -2.18 45.98 -0.68
C GLN B 290 -2.75 44.55 -0.68
N SER B 291 -3.93 44.37 -0.10
CA SER B 291 -4.63 43.08 -0.14
C SER B 291 -4.85 42.56 -1.57
N GLY B 292 -5.10 43.48 -2.50
CA GLY B 292 -5.45 43.17 -3.87
C GLY B 292 -6.87 43.58 -4.21
N GLU B 293 -7.65 43.98 -3.20
CA GLU B 293 -9.01 44.46 -3.40
C GLU B 293 -9.01 45.78 -4.18
N HIS B 294 -9.55 45.73 -5.40
CA HIS B 294 -9.81 46.93 -6.19
C HIS B 294 -10.97 47.65 -5.51
N ARG B 295 -10.86 48.97 -5.39
CA ARG B 295 -11.77 49.73 -4.54
C ARG B 295 -11.95 51.15 -5.04
N TYR B 296 -13.20 51.63 -5.03
CA TYR B 296 -13.48 53.04 -5.26
C TYR B 296 -13.02 53.87 -4.06
N VAL B 297 -12.33 54.95 -4.37
CA VAL B 297 -11.88 55.94 -3.40
C VAL B 297 -12.24 57.28 -4.01
N SER B 298 -12.62 58.25 -3.18
CA SER B 298 -12.96 59.58 -3.69
C SER B 298 -11.81 60.13 -4.51
N LEU B 299 -12.12 60.67 -5.70
CA LEU B 299 -11.10 61.15 -6.64
C LEU B 299 -10.21 62.25 -6.05
N GLU B 300 -10.78 63.04 -5.15
CA GLU B 300 -10.06 64.10 -4.44
C GLU B 300 -9.48 63.65 -3.08
N ALA B 301 -9.39 62.34 -2.85
CA ALA B 301 -8.85 61.79 -1.59
C ALA B 301 -7.33 61.82 -1.61
N VAL B 302 -6.75 61.89 -0.41
CA VAL B 302 -5.31 62.07 -0.23
C VAL B 302 -4.52 60.76 -0.40
N ALA B 303 -3.29 60.88 -0.91
CA ALA B 303 -2.37 59.75 -1.01
C ALA B 303 -0.94 60.23 -1.24
N THR B 304 0.00 59.68 -0.47
CA THR B 304 1.43 59.97 -0.64
C THR B 304 2.03 59.12 -1.73
N ILE B 305 3.02 59.66 -2.44
CA ILE B 305 3.73 58.93 -3.49
C ILE B 305 4.81 58.05 -2.87
N GLY B 306 4.97 56.85 -3.41
CA GLY B 306 6.02 55.90 -2.99
C GLY B 306 5.52 54.80 -2.09
N VAL B 307 6.38 53.80 -1.89
CA VAL B 307 6.11 52.68 -0.99
C VAL B 307 6.52 53.07 0.43
N VAL B 308 5.87 52.47 1.42
CA VAL B 308 6.16 52.74 2.84
C VAL B 308 7.54 52.19 3.21
N SER B 309 8.19 52.84 4.17
CA SER B 309 9.49 52.42 4.71
C SER B 309 9.53 51.01 5.30
N ASN B 310 10.74 50.55 5.58
CA ASN B 310 10.99 49.33 6.34
C ASN B 310 10.44 48.08 5.65
N ILE B 311 10.78 47.91 4.36
CA ILE B 311 10.29 46.79 3.55
C ILE B 311 10.70 45.46 4.19
N ASP B 312 11.90 45.43 4.77
CA ASP B 312 12.47 44.22 5.35
C ASP B 312 11.95 43.89 6.76
N HIS B 313 10.98 44.66 7.26
CA HIS B 313 10.29 44.36 8.53
C HIS B 313 9.77 42.93 8.59
N GLN B 314 9.07 42.50 7.54
CA GLN B 314 8.51 41.13 7.47
C GLN B 314 9.55 40.02 7.66
N ASN B 315 10.78 40.26 7.21
CA ASN B 315 11.88 39.28 7.31
C ASN B 315 12.49 39.13 8.70
N ARG B 316 12.15 40.00 9.65
CA ARG B 316 12.62 39.86 11.03
C ARG B 316 12.13 38.54 11.63
N SER B 317 12.98 37.93 12.44
CA SER B 317 12.64 36.75 13.20
C SER B 317 12.89 37.07 14.66
N LEU B 318 11.83 37.05 15.46
CA LEU B 318 11.98 37.15 16.92
C LEU B 318 12.65 35.86 17.37
N GLY B 319 13.70 35.96 18.19
CA GLY B 319 14.47 34.79 18.59
C GLY B 319 13.79 33.90 19.60
N LYS B 320 12.95 34.49 20.44
CA LYS B 320 12.50 33.86 21.67
C LYS B 320 11.16 34.39 22.17
N ALA B 321 10.54 33.62 23.07
CA ALA B 321 9.25 33.95 23.68
C ALA B 321 9.23 35.32 24.34
N GLY B 322 10.33 35.66 25.01
CA GLY B 322 10.47 36.91 25.75
C GLY B 322 10.30 38.16 24.89
N ARG B 323 10.79 38.09 23.65
CA ARG B 323 10.68 39.21 22.70
C ARG B 323 9.21 39.53 22.40
N SER B 324 8.42 38.49 22.19
CA SER B 324 6.97 38.61 21.98
C SER B 324 6.27 39.25 23.18
N ARG B 325 6.65 38.80 24.38
CA ARG B 325 6.16 39.35 25.65
C ARG B 325 6.47 40.84 25.79
N TRP B 326 7.68 41.23 25.40
CA TRP B 326 8.14 42.62 25.46
C TRP B 326 7.30 43.49 24.52
N LEU B 327 7.05 42.97 23.32
CA LEU B 327 6.21 43.63 22.32
C LEU B 327 4.74 43.80 22.77
N GLY B 328 4.31 42.95 23.70
CA GLY B 328 2.99 43.04 24.32
C GLY B 328 2.05 41.97 23.78
N ILE B 329 2.54 40.72 23.76
CA ILE B 329 1.84 39.60 23.14
C ILE B 329 1.87 38.41 24.10
N ARG B 330 0.78 38.24 24.85
CA ARG B 330 0.64 37.09 25.75
C ARG B 330 0.36 35.79 24.99
N PRO B 331 0.63 34.62 25.61
CA PRO B 331 0.55 33.33 24.91
C PRO B 331 -0.84 32.91 24.44
N THR B 332 -0.91 32.35 23.22
CA THR B 332 -2.14 31.76 22.68
C THR B 332 -2.22 30.30 23.08
N VAL B 333 -3.26 29.93 23.80
CA VAL B 333 -3.49 28.52 24.14
C VAL B 333 -4.42 27.92 23.09
N ARG B 334 -4.00 26.78 22.53
CA ARG B 334 -4.72 26.15 21.43
C ARG B 334 -6.04 25.55 21.91
N GLY B 335 -7.06 25.62 21.06
CA GLY B 335 -8.35 25.00 21.32
C GLY B 335 -8.30 23.50 21.61
N VAL B 336 -7.45 22.79 20.87
CA VAL B 336 -7.26 21.34 21.10
C VAL B 336 -6.66 21.00 22.48
N ALA B 337 -5.86 21.91 23.03
CA ALA B 337 -5.28 21.76 24.38
C ALA B 337 -6.32 21.92 25.51
N MET B 338 -7.38 22.67 25.24
CA MET B 338 -8.39 23.04 26.25
C MET B 338 -9.33 21.89 26.61
N ASN B 339 -10.19 22.15 27.59
CA ASN B 339 -11.34 21.29 27.89
C ASN B 339 -12.52 21.68 27.01
N LYS B 340 -13.48 20.77 26.84
CA LYS B 340 -14.67 21.01 25.99
C LYS B 340 -15.49 22.23 26.41
N CYS B 341 -15.61 22.44 27.72
CA CYS B 341 -16.29 23.61 28.29
C CYS B 341 -15.67 24.93 27.82
N ASP B 342 -14.36 24.94 27.65
CA ASP B 342 -13.60 26.14 27.29
C ASP B 342 -13.54 26.43 25.79
N HIS B 343 -13.51 25.38 24.96
CA HIS B 343 -13.31 25.53 23.52
C HIS B 343 -13.85 24.28 22.80
N PRO B 344 -14.56 24.45 21.66
CA PRO B 344 -15.16 23.30 20.94
C PRO B 344 -14.17 22.17 20.60
N HIS B 345 -12.99 22.54 20.12
CA HIS B 345 -11.86 21.62 19.94
C HIS B 345 -11.36 20.88 21.17
N GLY B 346 -11.71 21.32 22.37
CA GLY B 346 -11.28 20.68 23.62
C GLY B 346 -11.81 19.26 23.84
N GLY B 347 -11.45 18.68 24.97
CA GLY B 347 -11.85 17.32 25.32
C GLY B 347 -11.02 16.26 24.62
N GLY B 348 -11.57 15.05 24.53
CA GLY B 348 -10.89 13.91 23.93
C GLY B 348 -9.79 13.32 24.79
N ARG B 349 -9.53 12.03 24.62
CA ARG B 349 -8.35 11.37 25.21
C ARG B 349 -7.22 11.39 24.21
N GLY B 350 -6.00 11.49 24.72
CA GLY B 350 -4.83 11.77 23.89
C GLY B 350 -4.96 13.16 23.31
N LYS B 351 -4.44 13.35 22.10
CA LYS B 351 -4.66 14.59 21.35
C LYS B 351 -5.56 14.31 20.16
N SER B 352 -6.67 15.05 20.10
CA SER B 352 -7.75 14.82 19.15
C SER B 352 -8.29 16.18 18.69
N LYS B 353 -8.88 16.20 17.50
CA LYS B 353 -9.56 17.39 16.99
C LYS B 353 -11.09 17.25 17.06
N SER B 354 -11.56 16.12 17.61
CA SER B 354 -12.98 15.89 17.92
C SER B 354 -13.93 15.86 16.72
N ASN B 355 -13.39 15.63 15.51
CA ASN B 355 -14.14 15.77 14.27
C ASN B 355 -14.90 17.11 14.18
N LYS B 356 -14.28 18.15 14.74
CA LYS B 356 -14.91 19.47 14.86
C LYS B 356 -14.26 20.41 13.88
N LEU B 357 -15.10 21.08 13.07
CA LEU B 357 -14.63 21.98 12.03
C LEU B 357 -13.81 23.11 12.67
N SER B 358 -12.68 23.44 12.06
CA SER B 358 -11.78 24.47 12.59
C SER B 358 -12.60 25.72 12.83
N MET B 359 -12.62 26.18 14.09
CA MET B 359 -13.50 27.27 14.51
C MET B 359 -12.97 27.93 15.77
N SER B 360 -13.52 29.11 16.05
CA SER B 360 -13.07 29.95 17.17
C SER B 360 -13.55 29.36 18.50
N PRO B 361 -13.15 29.98 19.65
CA PRO B 361 -13.72 29.59 20.94
C PRO B 361 -15.23 29.87 21.07
N TRP B 362 -15.76 30.74 20.21
CA TRP B 362 -17.18 31.09 20.19
C TRP B 362 -17.90 30.54 18.94
N GLY B 363 -17.37 29.45 18.38
CA GLY B 363 -18.04 28.70 17.33
C GLY B 363 -18.07 29.28 15.93
N GLN B 364 -17.32 30.36 15.68
CA GLN B 364 -17.21 30.91 14.32
C GLN B 364 -16.15 30.14 13.58
N LEU B 365 -16.47 29.67 12.37
CA LEU B 365 -15.55 28.84 11.60
C LEU B 365 -14.29 29.62 11.21
N ALA B 366 -13.15 28.95 11.35
CA ALA B 366 -11.84 29.60 11.28
C ALA B 366 -11.26 29.62 9.86
N LYS B 367 -11.51 28.55 9.10
CA LYS B 367 -10.96 28.39 7.75
C LYS B 367 -12.00 28.69 6.68
N GLY B 368 -11.85 29.82 5.99
CA GLY B 368 -12.62 30.12 4.79
C GLY B 368 -13.96 30.81 4.96
N TYR B 369 -14.50 30.82 6.17
CA TYR B 369 -15.85 31.35 6.42
C TYR B 369 -15.87 32.87 6.35
N LYS B 370 -16.50 33.40 5.30
CA LYS B 370 -16.57 34.86 5.08
C LYS B 370 -17.45 35.52 6.15
N THR B 371 -16.82 36.40 6.94
CA THR B 371 -17.45 36.98 8.13
C THR B 371 -18.30 38.23 7.83
N ARG B 372 -17.91 39.01 6.82
CA ARG B 372 -18.69 40.16 6.37
C ARG B 372 -19.52 39.71 5.17
N ARG B 373 -20.83 39.63 5.36
CA ARG B 373 -21.72 38.92 4.43
C ARG B 373 -23.12 39.51 4.37
N GLY B 374 -23.82 39.20 3.28
CA GLY B 374 -25.21 39.61 3.09
C GLY B 374 -25.35 41.08 2.71
N LYS B 375 -26.29 41.76 3.36
CA LYS B 375 -26.50 43.20 3.17
C LYS B 375 -25.31 44.02 3.64
N ASN B 376 -24.85 43.72 4.86
CA ASN B 376 -23.65 44.39 5.41
C ASN B 376 -22.36 43.91 4.72
N GLN B 377 -22.09 44.51 3.55
CA GLN B 377 -20.85 44.29 2.81
C GLN B 377 -20.32 45.65 2.33
N ASN B 378 -19.11 45.65 1.78
CA ASN B 378 -18.48 46.88 1.29
C ASN B 378 -19.10 47.32 -0.03
N ARG B 379 -19.69 48.52 -0.04
CA ARG B 379 -20.32 49.08 -1.24
C ARG B 379 -19.31 49.55 -2.28
N MET B 380 -18.14 50.00 -1.82
CA MET B 380 -17.17 50.68 -2.69
C MET B 380 -16.21 49.74 -3.43
N LYS B 381 -16.20 48.46 -3.09
CA LYS B 381 -15.26 47.51 -3.72
C LYS B 381 -15.70 47.10 -5.13
N VAL B 382 -14.77 47.23 -6.08
CA VAL B 382 -15.01 46.96 -7.49
C VAL B 382 -14.74 45.48 -7.76
N LYS B 383 -13.56 45.04 -7.34
CA LYS B 383 -13.13 43.64 -7.45
C LYS B 383 -12.58 43.20 -6.11
N ASP B 384 -13.07 42.06 -5.62
CA ASP B 384 -12.67 41.52 -4.32
C ASP B 384 -11.23 41.01 -4.38
N ARG B 385 -10.56 41.02 -3.23
CA ARG B 385 -9.16 40.58 -3.11
C ARG B 385 -8.96 39.12 -3.56
N PRO B 386 -7.77 38.80 -4.09
CA PRO B 386 -7.47 37.42 -4.47
C PRO B 386 -7.38 36.51 -3.25
N ARG B 387 -8.00 35.34 -3.35
CA ARG B 387 -8.36 34.53 -2.19
C ARG B 387 -7.73 33.14 -2.37
N GLY B 388 -6.80 32.79 -1.49
CA GLY B 388 -6.08 31.52 -1.57
C GLY B 388 -5.09 31.46 -2.71
N SER C 1 -6.39 -51.65 130.28
CA SER C 1 -5.05 -51.04 130.00
C SER C 1 -4.94 -50.49 128.58
N THR C 2 -5.33 -51.32 127.60
CA THR C 2 -5.30 -50.95 126.20
C THR C 2 -6.38 -49.92 125.85
N ARG C 3 -6.10 -49.12 124.83
CA ARG C 3 -7.03 -48.07 124.38
C ARG C 3 -8.15 -48.65 123.51
N PRO C 4 -9.30 -47.96 123.46
CA PRO C 4 -10.41 -48.44 122.64
C PRO C 4 -10.16 -48.18 121.17
N PHE C 5 -10.22 -49.24 120.37
CA PHE C 5 -10.20 -49.08 118.92
C PHE C 5 -10.98 -50.19 118.21
N LEU C 6 -11.68 -49.78 117.16
CA LEU C 6 -12.39 -50.67 116.28
C LEU C 6 -11.67 -50.67 114.94
N VAL C 7 -11.67 -51.82 114.27
CA VAL C 7 -11.02 -51.98 112.97
C VAL C 7 -12.00 -52.67 112.02
N ALA C 8 -12.04 -52.18 110.78
CA ALA C 8 -12.92 -52.73 109.76
C ALA C 8 -12.42 -54.10 109.30
N PRO C 9 -13.33 -55.06 109.06
CA PRO C 9 -12.93 -56.34 108.47
C PRO C 9 -12.28 -56.21 107.09
N SER C 10 -12.82 -55.31 106.27
CA SER C 10 -12.32 -55.08 104.91
C SER C 10 -10.85 -54.65 104.87
N ILE C 11 -10.41 -53.87 105.86
CA ILE C 11 -9.01 -53.43 105.93
C ILE C 11 -8.11 -54.42 106.68
N ALA C 12 -8.69 -55.17 107.62
CA ALA C 12 -7.95 -56.21 108.36
C ALA C 12 -7.72 -57.46 107.51
N ASN C 13 -8.78 -57.92 106.86
CA ASN C 13 -8.74 -59.14 106.03
C ASN C 13 -8.17 -58.94 104.63
N SER C 14 -7.81 -57.70 104.27
CA SER C 14 -7.16 -57.41 102.99
C SER C 14 -5.80 -58.11 102.89
N ILE C 15 -5.67 -59.00 101.91
CA ILE C 15 -4.40 -59.68 101.62
C ILE C 15 -3.30 -58.68 101.26
N THR C 16 -2.14 -58.84 101.89
CA THR C 16 -1.04 -57.87 101.77
C THR C 16 -0.34 -58.03 100.41
N THR C 17 -0.20 -56.91 99.72
CA THR C 17 0.42 -56.85 98.39
C THR C 17 1.20 -55.54 98.28
N GLU C 18 2.46 -55.64 97.85
CA GLU C 18 3.31 -54.46 97.68
C GLU C 18 2.91 -53.75 96.39
N ALA C 19 3.00 -52.42 96.40
CA ALA C 19 2.69 -51.60 95.23
C ALA C 19 3.81 -51.75 94.18
N PRO C 20 3.46 -51.74 92.87
CA PRO C 20 4.51 -51.72 91.86
C PRO C 20 5.24 -50.39 91.82
N ALA C 21 6.52 -50.42 91.46
CA ALA C 21 7.34 -49.21 91.38
C ALA C 21 6.92 -48.37 90.18
N ILE C 22 6.93 -47.05 90.35
CA ILE C 22 6.45 -46.10 89.35
C ILE C 22 7.63 -45.29 88.82
N ASN C 23 7.55 -44.85 87.57
CA ASN C 23 8.63 -44.07 86.94
C ASN C 23 8.82 -42.73 87.63
N HIS C 24 7.72 -42.06 87.97
CA HIS C 24 7.78 -40.77 88.68
C HIS C 24 8.06 -40.91 90.20
N SER C 25 8.69 -42.01 90.61
CA SER C 25 9.30 -42.12 91.92
C SER C 25 10.69 -41.47 91.90
N PRO C 26 11.17 -40.99 93.06
CA PRO C 26 12.57 -40.58 93.23
C PRO C 26 13.62 -41.64 92.89
N GLU C 27 13.44 -42.87 93.40
CA GLU C 27 14.45 -43.93 93.22
C GLU C 27 14.63 -44.35 91.76
N LEU C 28 13.52 -44.41 91.02
CA LEU C 28 13.54 -44.68 89.59
C LEU C 28 14.26 -43.58 88.83
N ALA C 29 13.93 -42.33 89.16
CA ALA C 29 14.57 -41.16 88.58
C ALA C 29 16.07 -41.17 88.80
N ASN C 30 16.48 -41.44 90.04
CA ASN C 30 17.89 -41.58 90.40
C ASN C 30 18.61 -42.62 89.55
N ALA C 31 17.97 -43.78 89.38
CA ALA C 31 18.49 -44.86 88.55
C ALA C 31 18.67 -44.44 87.10
N ARG C 32 17.68 -43.73 86.56
CA ARG C 32 17.72 -43.19 85.20
C ARG C 32 18.87 -42.20 84.98
N LYS C 33 19.07 -41.30 85.93
CA LYS C 33 19.97 -40.13 85.78
C LYS C 33 21.40 -40.44 85.32
N TRP C 34 21.94 -39.52 84.52
CA TRP C 34 23.33 -39.56 84.05
C TRP C 34 24.15 -38.67 84.95
N LEU C 35 24.85 -39.27 85.91
CA LEU C 35 25.52 -38.54 86.98
C LEU C 35 27.01 -38.84 87.08
N PRO C 36 27.79 -37.89 87.62
CA PRO C 36 29.21 -38.12 87.81
C PRO C 36 29.47 -39.01 89.02
N LYS C 37 30.54 -39.80 88.97
CA LYS C 37 30.88 -40.76 90.03
C LYS C 37 31.67 -40.14 91.20
N ARG C 38 31.83 -38.81 91.20
CA ARG C 38 32.67 -38.11 92.16
C ARG C 38 32.10 -36.72 92.42
N CYS C 39 32.39 -36.18 93.60
CA CYS C 39 31.93 -34.84 93.99
C CYS C 39 32.63 -33.74 93.20
N GLY C 40 32.21 -32.49 93.44
CA GLY C 40 32.82 -31.31 92.83
C GLY C 40 33.28 -30.31 93.87
N LEU C 41 33.63 -29.11 93.40
CA LEU C 41 33.94 -27.99 94.29
C LEU C 41 33.56 -26.63 93.70
N ILE C 42 33.09 -25.76 94.59
CA ILE C 42 32.70 -24.40 94.25
C ILE C 42 33.98 -23.58 94.05
N THR C 43 33.94 -22.64 93.10
CA THR C 43 35.07 -21.75 92.83
C THR C 43 34.55 -20.34 92.54
N ARG C 44 35.47 -19.38 92.48
CA ARG C 44 35.21 -18.04 91.95
C ARG C 44 36.00 -17.79 90.68
N LYS C 45 35.31 -17.27 89.65
CA LYS C 45 35.97 -16.86 88.42
C LYS C 45 36.71 -15.55 88.68
N LYS C 46 38.01 -15.65 88.94
CA LYS C 46 38.84 -14.46 89.23
C LYS C 46 39.14 -13.64 88.00
N GLY C 47 39.35 -14.31 86.87
CA GLY C 47 39.61 -13.61 85.61
C GLY C 47 39.98 -14.57 84.50
N MET C 48 40.76 -14.07 83.56
CA MET C 48 41.12 -14.81 82.35
C MET C 48 42.49 -14.34 81.84
N MET C 49 43.32 -15.29 81.39
CA MET C 49 44.66 -14.95 80.89
C MET C 49 45.24 -16.06 80.00
N PRO C 50 46.35 -15.76 79.28
CA PRO C 50 46.89 -16.75 78.34
C PRO C 50 47.60 -17.91 79.01
N TYR C 51 47.41 -19.10 78.44
CA TYR C 51 48.17 -20.29 78.81
C TYR C 51 48.98 -20.74 77.60
N PHE C 52 50.31 -20.63 77.71
CA PHE C 52 51.22 -21.10 76.67
C PHE C 52 51.69 -22.52 76.97
N ASP C 53 51.41 -23.45 76.05
CA ASP C 53 51.92 -24.81 76.15
C ASP C 53 53.40 -24.78 75.73
N LYS C 54 54.27 -25.24 76.62
CA LYS C 54 55.72 -25.01 76.46
C LYS C 54 56.38 -26.01 75.51
N SER C 55 55.74 -27.16 75.29
CA SER C 55 56.24 -28.16 74.33
C SER C 55 55.90 -27.75 72.91
N THR C 56 54.61 -27.58 72.63
CA THR C 56 54.11 -27.26 71.30
C THR C 56 54.30 -25.78 70.95
N GLY C 57 54.03 -24.91 71.92
CA GLY C 57 54.04 -23.46 71.71
C GLY C 57 52.66 -22.85 71.54
N GLU C 58 51.62 -23.68 71.58
CA GLU C 58 50.24 -23.21 71.34
C GLU C 58 49.72 -22.38 72.52
N ARG C 59 49.06 -21.27 72.18
CA ARG C 59 48.50 -20.35 73.17
C ARG C 59 47.01 -20.64 73.28
N SER C 60 46.51 -20.67 74.51
CA SER C 60 45.10 -20.93 74.78
C SER C 60 44.60 -19.99 75.88
N ALA C 61 43.46 -19.34 75.65
CA ALA C 61 42.84 -18.49 76.66
C ALA C 61 42.30 -19.36 77.78
N ALA C 62 42.71 -19.04 79.02
CA ALA C 62 42.36 -19.83 80.19
C ALA C 62 41.71 -18.94 81.23
N THR C 63 40.61 -19.41 81.83
CA THR C 63 39.98 -18.69 82.93
C THR C 63 40.52 -19.22 84.27
N ILE C 64 40.83 -18.30 85.18
CA ILE C 64 41.44 -18.62 86.47
C ILE C 64 40.32 -18.72 87.51
N LEU C 65 40.07 -19.95 87.96
CA LEU C 65 39.03 -20.24 88.96
C LEU C 65 39.67 -20.50 90.31
N GLU C 66 39.46 -19.59 91.26
CA GLU C 66 40.13 -19.67 92.55
C GLU C 66 39.35 -20.54 93.55
N VAL C 67 40.10 -21.28 94.37
CA VAL C 67 39.56 -22.29 95.28
C VAL C 67 39.97 -21.90 96.70
N ASN C 68 39.00 -21.46 97.49
CA ASN C 68 39.25 -20.85 98.80
C ASN C 68 38.28 -21.39 99.85
N ASN C 69 38.83 -22.08 100.86
CA ASN C 69 38.07 -22.65 101.98
C ASN C 69 36.92 -23.57 101.53
N VAL C 70 37.13 -24.29 100.42
CA VAL C 70 36.09 -25.13 99.86
C VAL C 70 36.02 -26.40 100.68
N GLU C 71 34.83 -26.70 101.19
CA GLU C 71 34.67 -27.64 102.29
C GLU C 71 33.35 -28.39 102.18
N VAL C 72 33.39 -29.71 102.39
CA VAL C 72 32.19 -30.54 102.37
C VAL C 72 31.46 -30.31 103.70
N ILE C 73 30.35 -29.59 103.64
CA ILE C 73 29.58 -29.21 104.83
C ILE C 73 28.84 -30.45 105.36
N MET C 74 28.01 -31.02 104.51
CA MET C 74 27.29 -32.25 104.80
C MET C 74 27.00 -32.96 103.48
N HIS C 75 26.33 -34.10 103.55
CA HIS C 75 25.87 -34.77 102.34
C HIS C 75 24.52 -35.46 102.51
N ARG C 76 23.89 -35.71 101.37
CA ARG C 76 22.53 -36.22 101.28
C ARG C 76 22.57 -37.65 100.78
N THR C 77 21.55 -38.42 101.14
CA THR C 77 21.50 -39.86 100.87
C THR C 77 20.11 -40.24 100.36
N SER C 78 20.04 -41.35 99.61
CA SER C 78 18.80 -41.81 98.98
C SER C 78 17.68 -42.14 99.97
N GLU C 79 18.02 -42.77 101.09
CA GLU C 79 17.02 -43.18 102.09
C GLU C 79 16.33 -41.99 102.80
N VAL C 80 17.06 -40.89 102.99
CA VAL C 80 16.53 -39.68 103.64
C VAL C 80 16.02 -38.69 102.61
N ASN C 81 16.87 -38.36 101.64
CA ASN C 81 16.66 -37.22 100.73
C ASN C 81 16.18 -37.59 99.32
N GLY C 82 16.31 -38.86 98.95
CA GLY C 82 15.95 -39.35 97.61
C GLY C 82 17.07 -39.33 96.57
N TYR C 83 18.25 -38.89 96.96
CA TYR C 83 19.40 -38.78 96.05
C TYR C 83 20.72 -38.60 96.81
N PHE C 84 21.83 -38.90 96.12
CA PHE C 84 23.16 -38.79 96.71
C PHE C 84 23.80 -37.49 96.23
N ALA C 85 24.19 -36.63 97.17
CA ALA C 85 24.81 -35.35 96.84
C ALA C 85 25.64 -34.83 97.99
N CYS C 86 26.68 -34.06 97.66
CA CYS C 86 27.58 -33.48 98.65
C CYS C 86 27.34 -31.98 98.70
N GLN C 87 26.83 -31.49 99.83
CA GLN C 87 26.70 -30.05 100.03
C GLN C 87 28.07 -29.45 100.33
N VAL C 88 28.63 -28.78 99.34
CA VAL C 88 29.92 -28.09 99.46
C VAL C 88 29.69 -26.63 99.79
N GLY C 89 30.59 -26.06 100.59
CA GLY C 89 30.58 -24.64 100.93
C GLY C 89 31.90 -23.98 100.61
N TYR C 90 31.84 -22.78 100.05
CA TYR C 90 33.02 -22.03 99.60
C TYR C 90 33.28 -20.80 100.47
N GLY C 91 34.57 -20.54 100.72
CA GLY C 91 35.01 -19.24 101.20
C GLY C 91 34.75 -19.00 102.67
N SER C 92 34.93 -17.75 103.08
CA SER C 92 34.65 -17.31 104.44
C SER C 92 33.87 -16.01 104.41
N ARG C 93 32.91 -15.89 105.33
CA ARG C 93 32.03 -14.74 105.42
C ARG C 93 32.08 -14.23 106.86
N HIS C 94 31.68 -12.99 107.06
CA HIS C 94 31.63 -12.41 108.41
C HIS C 94 30.42 -12.96 109.18
N LEU C 95 30.38 -12.69 110.48
CA LEU C 95 29.19 -12.99 111.30
C LEU C 95 28.04 -12.10 110.86
N SER C 96 28.31 -10.79 110.87
CA SER C 96 27.42 -9.73 110.41
C SER C 96 26.54 -10.07 109.20
N LYS C 97 27.15 -10.70 108.19
CA LYS C 97 26.46 -11.00 106.94
C LYS C 97 25.51 -12.18 107.11
N VAL C 98 25.96 -13.20 107.84
CA VAL C 98 25.27 -14.50 107.89
C VAL C 98 24.11 -14.43 108.89
N SER C 99 23.01 -15.10 108.54
CA SER C 99 21.83 -15.20 109.40
C SER C 99 22.12 -16.06 110.64
N ARG C 100 21.45 -15.75 111.75
CA ARG C 100 21.61 -16.50 113.01
C ARG C 100 21.41 -18.00 112.80
N GLN C 101 20.36 -18.33 112.03
CA GLN C 101 20.01 -19.70 111.71
C GLN C 101 21.11 -20.37 110.89
N MET C 102 21.62 -19.64 109.91
CA MET C 102 22.74 -20.14 109.09
C MET C 102 24.01 -20.35 109.90
N LEU C 103 24.31 -19.40 110.79
CA LEU C 103 25.46 -19.53 111.71
C LEU C 103 25.37 -20.79 112.58
N GLY C 104 24.17 -21.03 113.12
CA GLY C 104 23.89 -22.24 113.90
C GLY C 104 24.06 -23.51 113.10
N HIS C 105 23.58 -23.49 111.85
CA HIS C 105 23.76 -24.60 110.90
C HIS C 105 25.25 -24.90 110.64
N PHE C 106 26.01 -23.84 110.40
CA PHE C 106 27.46 -23.96 110.17
C PHE C 106 28.21 -24.49 111.40
N ALA C 107 27.79 -24.04 112.58
CA ALA C 107 28.34 -24.53 113.85
C ALA C 107 28.08 -26.02 114.06
N SER C 108 26.86 -26.45 113.72
CA SER C 108 26.46 -27.85 113.79
C SER C 108 27.28 -28.73 112.86
N LYS C 109 27.46 -28.25 111.64
CA LYS C 109 28.29 -28.94 110.63
C LYS C 109 29.80 -28.72 110.83
N VAL C 110 30.14 -27.77 111.70
CA VAL C 110 31.51 -27.53 112.17
C VAL C 110 32.35 -27.02 111.00
N VAL C 111 31.93 -25.87 110.50
CA VAL C 111 32.67 -25.11 109.49
C VAL C 111 32.51 -23.63 109.78
N ASN C 112 33.36 -22.83 109.15
CA ASN C 112 33.26 -21.37 109.26
C ASN C 112 32.03 -20.85 108.48
N PRO C 113 31.50 -19.67 108.88
CA PRO C 113 30.41 -19.06 108.11
C PRO C 113 30.82 -18.84 106.67
N LYS C 114 30.02 -19.39 105.75
CA LYS C 114 30.45 -19.67 104.39
C LYS C 114 29.92 -18.62 103.43
N GLU C 115 30.64 -18.43 102.34
CA GLU C 115 30.34 -17.37 101.37
C GLU C 115 29.32 -17.83 100.31
N HIS C 116 29.35 -19.12 99.98
CA HIS C 116 28.42 -19.71 99.02
C HIS C 116 28.31 -21.22 99.25
N VAL C 117 27.10 -21.74 99.28
CA VAL C 117 26.85 -23.17 99.51
C VAL C 117 26.16 -23.72 98.26
N ALA C 118 26.49 -24.97 97.92
CA ALA C 118 25.89 -25.64 96.76
C ALA C 118 26.05 -27.16 96.83
N GLU C 119 25.07 -27.87 96.28
CA GLU C 119 25.10 -29.33 96.23
C GLU C 119 25.87 -29.82 95.01
N PHE C 120 26.37 -31.05 95.11
CA PHE C 120 27.03 -31.72 94.00
C PHE C 120 26.55 -33.16 93.93
N ARG C 121 25.59 -33.40 93.05
CA ARG C 121 24.90 -34.69 93.00
C ARG C 121 25.82 -35.76 92.38
N VAL C 122 25.74 -36.97 92.93
CA VAL C 122 26.59 -38.08 92.51
C VAL C 122 25.76 -39.34 92.28
N LYS C 123 26.39 -40.33 91.65
CA LYS C 123 25.73 -41.58 91.28
C LYS C 123 25.46 -42.48 92.49
N ASP C 124 26.51 -42.73 93.26
CA ASP C 124 26.50 -43.75 94.33
C ASP C 124 26.87 -43.16 95.68
N GLU C 125 26.77 -44.01 96.71
CA GLU C 125 27.24 -43.68 98.06
C GLU C 125 28.77 -43.65 98.15
N LYS C 126 29.44 -44.33 97.22
CA LYS C 126 30.91 -44.35 97.14
C LYS C 126 31.49 -42.97 96.77
N GLY C 127 30.77 -42.23 95.93
CA GLY C 127 31.19 -40.90 95.49
C GLY C 127 31.22 -39.83 96.58
N LEU C 128 30.44 -40.03 97.64
CA LEU C 128 30.39 -39.09 98.78
C LEU C 128 31.76 -39.00 99.46
N ILE C 129 32.18 -37.76 99.72
CA ILE C 129 33.43 -37.48 100.44
C ILE C 129 33.06 -37.37 101.92
N PRO C 130 33.96 -37.79 102.84
CA PRO C 130 33.67 -37.57 104.26
C PRO C 130 33.51 -36.08 104.60
N PRO C 131 32.51 -35.72 105.44
CA PRO C 131 32.21 -34.32 105.67
C PRO C 131 33.21 -33.66 106.62
N GLY C 132 33.36 -32.34 106.47
CA GLY C 132 34.36 -31.57 107.21
C GLY C 132 35.68 -31.38 106.48
N THR C 133 35.94 -32.17 105.44
CA THR C 133 37.24 -32.15 104.75
C THR C 133 37.39 -30.94 103.85
N LEU C 134 38.64 -30.60 103.56
CA LEU C 134 38.99 -29.44 102.75
C LEU C 134 39.32 -29.90 101.32
N LEU C 135 38.61 -29.35 100.34
CA LEU C 135 38.85 -29.66 98.93
C LEU C 135 39.81 -28.63 98.34
N LYS C 136 40.90 -29.10 97.74
CA LYS C 136 41.93 -28.25 97.16
C LYS C 136 41.95 -28.46 95.64
N PRO C 137 42.59 -27.54 94.87
CA PRO C 137 42.67 -27.70 93.41
C PRO C 137 43.23 -29.04 92.91
N SER C 138 44.13 -29.65 93.68
CA SER C 138 44.68 -30.99 93.40
C SER C 138 43.64 -32.11 93.34
N PHE C 139 42.41 -31.85 93.79
CA PHE C 139 41.24 -32.70 93.53
C PHE C 139 41.21 -33.13 92.06
N PHE C 140 41.27 -32.17 91.15
CA PHE C 140 41.26 -32.43 89.71
C PHE C 140 42.67 -32.72 89.21
N LYS C 141 42.76 -33.54 88.16
CA LYS C 141 44.02 -33.80 87.47
C LYS C 141 44.16 -32.87 86.28
N GLU C 142 45.40 -32.55 85.93
CA GLU C 142 45.70 -31.71 84.77
C GLU C 142 45.43 -32.51 83.51
N GLY C 143 44.67 -31.92 82.58
CA GLY C 143 44.27 -32.61 81.34
C GLY C 143 42.90 -33.26 81.40
N GLN C 144 42.31 -33.39 82.59
CA GLN C 144 40.97 -33.98 82.73
C GLN C 144 39.91 -33.00 82.26
N TYR C 145 38.74 -33.55 81.92
CA TYR C 145 37.59 -32.74 81.47
C TYR C 145 36.60 -32.55 82.61
N VAL C 146 35.98 -31.37 82.64
CA VAL C 146 35.00 -31.01 83.66
C VAL C 146 33.83 -30.23 83.07
N ASP C 147 32.65 -30.44 83.64
CA ASP C 147 31.48 -29.60 83.37
C ASP C 147 31.56 -28.38 84.30
N VAL C 148 31.04 -27.25 83.84
CA VAL C 148 31.16 -25.98 84.56
C VAL C 148 29.83 -25.24 84.56
N ARG C 149 29.20 -25.11 85.73
CA ARG C 149 27.96 -24.33 85.88
C ARG C 149 28.22 -22.99 86.56
N SER C 150 27.54 -21.96 86.05
CA SER C 150 27.57 -20.61 86.63
C SER C 150 26.50 -19.73 85.99
N VAL C 151 26.16 -18.64 86.67
CA VAL C 151 25.16 -17.68 86.18
C VAL C 151 25.84 -16.73 85.21
N SER C 152 25.28 -16.58 84.01
CA SER C 152 25.87 -15.76 82.96
C SER C 152 25.78 -14.26 83.24
N LYS C 153 26.55 -13.48 82.48
CA LYS C 153 26.49 -12.01 82.52
C LYS C 153 25.08 -11.52 82.21
N GLY C 154 24.59 -10.59 83.01
CA GLY C 154 23.30 -9.95 82.76
C GLY C 154 23.41 -8.97 81.62
N LYS C 155 22.49 -9.10 80.65
CA LYS C 155 22.46 -8.23 79.46
C LYS C 155 21.31 -7.22 79.47
N GLY C 156 20.41 -7.30 80.45
CA GLY C 156 19.31 -6.37 80.59
C GLY C 156 18.20 -6.65 79.61
N PHE C 157 17.24 -5.72 79.52
CA PHE C 157 16.12 -5.85 78.60
C PHE C 157 16.59 -5.69 77.17
N THR C 158 16.72 -6.82 76.47
CA THR C 158 17.27 -6.84 75.11
C THR C 158 16.20 -7.00 74.04
N GLY C 159 16.58 -6.63 72.82
CA GLY C 159 15.71 -6.74 71.65
C GLY C 159 15.85 -8.09 70.99
N VAL C 160 14.97 -8.35 70.02
CA VAL C 160 14.96 -9.62 69.29
C VAL C 160 16.17 -9.84 68.37
N MET C 161 16.86 -8.76 68.01
CA MET C 161 18.09 -8.85 67.22
C MET C 161 19.22 -9.45 68.06
N LYS C 162 19.40 -8.92 69.28
CA LYS C 162 20.44 -9.40 70.19
C LYS C 162 20.05 -10.73 70.85
N ARG C 163 18.79 -10.84 71.28
CA ARG C 163 18.28 -12.09 71.87
C ARG C 163 18.39 -13.26 70.92
N TYR C 164 17.72 -13.15 69.78
CA TYR C 164 17.46 -14.28 68.90
C TYR C 164 18.13 -14.20 67.51
N GLY C 165 18.97 -13.20 67.30
CA GLY C 165 19.67 -13.05 66.02
C GLY C 165 18.72 -12.81 64.85
N PHE C 166 17.64 -12.06 65.12
CA PHE C 166 16.67 -11.69 64.07
C PHE C 166 17.36 -10.75 63.11
N LYS C 167 17.04 -10.90 61.83
CA LYS C 167 17.70 -10.13 60.77
C LYS C 167 17.29 -8.66 60.79
N GLY C 168 16.07 -8.38 61.26
CA GLY C 168 15.53 -7.02 61.26
C GLY C 168 15.18 -6.58 59.85
N LEU C 169 14.65 -5.37 59.73
CA LEU C 169 14.26 -4.82 58.44
C LEU C 169 15.43 -4.10 57.78
N ARG C 170 15.23 -3.66 56.54
CA ARG C 170 16.30 -3.02 55.77
C ARG C 170 16.64 -1.63 56.31
N ALA C 171 17.84 -1.16 56.00
CA ALA C 171 18.32 0.14 56.43
C ALA C 171 17.73 1.26 55.59
N SER C 172 17.64 1.02 54.27
CA SER C 172 17.12 1.99 53.32
C SER C 172 15.95 1.36 52.55
N HIS C 173 15.66 1.89 51.36
CA HIS C 173 14.56 1.40 50.50
C HIS C 173 13.18 1.52 51.18
N GLY C 174 12.89 2.71 51.70
CA GLY C 174 11.57 3.01 52.24
C GLY C 174 11.30 2.66 53.69
N THR C 175 12.11 1.79 54.29
CA THR C 175 11.88 1.27 55.63
C THR C 175 11.65 2.38 56.64
N SER C 176 10.49 2.36 57.30
CA SER C 176 10.09 3.42 58.21
C SER C 176 9.93 2.91 59.64
N ILE C 177 10.80 3.42 60.53
CA ILE C 177 10.55 3.43 61.98
C ILE C 177 10.57 2.04 62.65
N MET C 178 11.07 1.00 61.96
CA MET C 178 11.06 -0.38 62.48
C MET C 178 12.31 -1.18 62.07
N HIS C 179 13.47 -0.54 62.10
CA HIS C 179 14.70 -1.13 61.53
C HIS C 179 15.20 -2.36 62.31
N ARG C 180 14.96 -2.39 63.62
CA ARG C 180 15.40 -3.47 64.50
C ARG C 180 14.27 -4.37 65.02
N HIS C 181 13.08 -4.25 64.43
CA HIS C 181 11.89 -4.95 64.93
C HIS C 181 11.78 -6.38 64.42
N GLY C 182 10.96 -7.16 65.11
CA GLY C 182 10.77 -8.58 64.80
C GLY C 182 9.85 -8.90 63.64
N GLY C 183 9.19 -7.88 63.08
CA GLY C 183 8.31 -8.06 61.94
C GLY C 183 6.97 -8.61 62.38
N SER C 184 6.52 -9.69 61.75
CA SER C 184 5.27 -10.34 62.13
C SER C 184 5.46 -11.13 63.41
N TYR C 185 4.42 -11.10 64.27
CA TYR C 185 4.40 -11.87 65.51
C TYR C 185 3.29 -12.94 65.54
N GLY C 186 2.62 -13.15 64.41
CA GLY C 186 1.59 -14.19 64.34
C GLY C 186 0.90 -14.33 63.00
N GLN C 187 -0.36 -14.77 63.06
CA GLN C 187 -1.13 -15.19 61.89
C GLN C 187 -2.58 -14.69 62.02
N ASN C 188 -3.20 -14.30 60.90
CA ASN C 188 -4.50 -13.61 60.92
C ASN C 188 -5.69 -14.53 61.27
N GLN C 189 -5.95 -14.63 62.56
CA GLN C 189 -7.16 -15.24 63.09
C GLN C 189 -7.33 -16.74 63.21
N ASP C 190 -6.50 -17.55 62.56
CA ASP C 190 -6.67 -18.99 62.76
C ASP C 190 -6.26 -19.20 64.21
N PRO C 191 -5.08 -18.67 64.56
CA PRO C 191 -4.61 -18.68 65.93
C PRO C 191 -5.40 -17.68 66.73
N GLY C 192 -5.61 -16.52 66.11
CA GLY C 192 -6.31 -15.41 66.75
C GLY C 192 -5.64 -14.98 68.04
N ARG C 193 -4.34 -15.26 68.16
CA ARG C 193 -3.58 -15.05 69.38
C ARG C 193 -2.11 -15.31 69.11
N VAL C 194 -1.23 -14.58 69.79
CA VAL C 194 0.21 -14.85 69.73
C VAL C 194 0.45 -16.13 70.53
N LEU C 195 0.97 -17.15 69.85
CA LEU C 195 1.12 -18.47 70.44
C LEU C 195 2.27 -18.47 71.44
N PRO C 196 2.16 -19.25 72.54
CA PRO C 196 3.21 -19.30 73.57
C PRO C 196 4.63 -19.53 73.05
N GLY C 197 5.58 -18.91 73.73
CA GLY C 197 6.99 -18.95 73.34
C GLY C 197 7.34 -18.25 72.04
N ARG C 198 6.55 -17.23 71.67
CA ARG C 198 6.87 -16.44 70.49
C ARG C 198 8.03 -15.51 70.86
N LYS C 199 9.14 -15.69 70.15
CA LYS C 199 10.38 -14.96 70.42
C LYS C 199 10.16 -13.45 70.33
N MET C 200 10.21 -12.79 71.49
CA MET C 200 9.88 -11.37 71.63
C MET C 200 10.99 -10.70 72.44
N PRO C 201 11.05 -9.36 72.43
CA PRO C 201 12.05 -8.69 73.26
C PRO C 201 11.81 -8.93 74.75
N GLY C 202 12.88 -9.03 75.52
CA GLY C 202 12.79 -9.31 76.95
C GLY C 202 14.14 -9.31 77.63
N HIS C 203 14.15 -9.57 78.93
CA HIS C 203 15.38 -9.64 79.71
C HIS C 203 16.24 -10.83 79.29
N MET C 204 17.55 -10.61 79.25
CA MET C 204 18.52 -11.59 78.77
C MET C 204 19.72 -11.63 79.70
N GLY C 205 20.33 -12.80 79.79
CA GLY C 205 21.45 -13.01 80.70
C GLY C 205 20.99 -13.21 82.13
N ASN C 206 21.96 -13.40 83.02
CA ASN C 206 21.71 -13.65 84.44
C ASN C 206 20.92 -14.94 84.70
N GLU C 207 21.16 -15.93 83.84
CA GLU C 207 20.60 -17.28 83.98
C GLU C 207 21.76 -18.26 84.07
N HIS C 208 21.49 -19.44 84.63
CA HIS C 208 22.50 -20.49 84.76
C HIS C 208 22.91 -21.03 83.39
N VAL C 209 24.17 -21.45 83.30
CA VAL C 209 24.77 -21.95 82.06
C VAL C 209 25.76 -23.07 82.39
N THR C 210 25.43 -24.30 82.03
CA THR C 210 26.39 -25.40 82.08
C THR C 210 27.24 -25.38 80.82
N ILE C 211 28.55 -25.52 80.99
CA ILE C 211 29.50 -25.62 79.88
C ILE C 211 30.20 -26.97 80.03
N GLN C 212 29.96 -27.85 79.07
CA GLN C 212 30.37 -29.25 79.17
C GLN C 212 31.72 -29.48 78.50
N ASN C 213 32.50 -30.39 79.09
CA ASN C 213 33.76 -30.88 78.53
C ASN C 213 34.82 -29.78 78.37
N VAL C 214 35.08 -29.03 79.44
CA VAL C 214 36.16 -28.03 79.43
C VAL C 214 37.39 -28.69 80.05
N LYS C 215 38.55 -28.46 79.44
CA LYS C 215 39.78 -29.13 79.86
C LYS C 215 40.45 -28.35 80.99
N VAL C 216 40.87 -29.06 82.03
CA VAL C 216 41.62 -28.48 83.14
C VAL C 216 43.06 -28.33 82.66
N LEU C 217 43.43 -27.13 82.23
CA LEU C 217 44.78 -26.88 81.70
C LEU C 217 45.85 -27.03 82.77
N LYS C 218 45.58 -26.44 83.93
CA LYS C 218 46.58 -26.35 84.98
C LYS C 218 45.93 -26.31 86.37
N VAL C 219 46.59 -26.97 87.31
CA VAL C 219 46.15 -27.06 88.70
C VAL C 219 47.36 -26.73 89.55
N ASP C 220 47.18 -25.83 90.51
CA ASP C 220 48.24 -25.55 91.49
C ASP C 220 47.66 -25.13 92.84
N ASP C 221 48.06 -25.85 93.89
CA ASP C 221 47.61 -25.60 95.26
C ASP C 221 48.31 -24.41 95.93
N GLU C 222 49.38 -23.92 95.32
CA GLU C 222 50.18 -22.83 95.89
C GLU C 222 49.45 -21.50 95.79
N ASN C 223 49.02 -21.16 94.57
CA ASN C 223 48.26 -19.93 94.32
C ASN C 223 46.75 -20.09 94.58
N ASN C 224 46.30 -21.32 94.84
CA ASN C 224 44.91 -21.64 95.18
C ASN C 224 43.95 -21.43 93.99
N VAL C 225 44.39 -21.85 92.81
CA VAL C 225 43.61 -21.66 91.57
C VAL C 225 43.62 -22.90 90.68
N ILE C 226 42.53 -23.08 89.95
CA ILE C 226 42.44 -24.04 88.85
C ILE C 226 42.36 -23.23 87.57
N TRP C 227 43.31 -23.47 86.68
CA TRP C 227 43.24 -22.95 85.31
C TRP C 227 42.31 -23.88 84.52
N VAL C 228 41.47 -23.29 83.68
CA VAL C 228 40.49 -24.05 82.90
C VAL C 228 40.49 -23.47 81.49
N LYS C 229 40.54 -24.37 80.49
CA LYS C 229 40.63 -23.94 79.09
C LYS C 229 39.35 -23.23 78.66
N GLY C 230 39.52 -22.04 78.11
CA GLY C 230 38.42 -21.32 77.48
C GLY C 230 37.57 -20.53 78.45
N SER C 231 36.34 -20.28 78.04
CA SER C 231 35.47 -19.32 78.69
C SER C 231 34.61 -19.99 79.76
N VAL C 232 34.13 -19.17 80.69
CA VAL C 232 33.21 -19.60 81.74
C VAL C 232 32.16 -18.51 81.91
N ALA C 233 30.90 -18.92 82.11
CA ALA C 233 29.78 -17.99 82.17
C ALA C 233 29.82 -17.10 83.41
N GLY C 234 29.44 -15.84 83.23
CA GLY C 234 29.33 -14.87 84.32
C GLY C 234 30.45 -13.85 84.34
N PRO C 235 30.31 -12.83 85.21
CA PRO C 235 31.33 -11.80 85.38
C PRO C 235 32.49 -12.29 86.25
N LYS C 236 33.40 -11.37 86.59
CA LYS C 236 34.45 -11.66 87.55
C LYS C 236 33.84 -11.76 88.95
N ASN C 237 34.47 -12.57 89.79
CA ASN C 237 34.00 -12.86 91.16
C ASN C 237 32.65 -13.61 91.22
N SER C 238 32.21 -14.19 90.10
CA SER C 238 30.98 -14.98 90.07
C SER C 238 31.33 -16.40 90.47
N PHE C 239 30.43 -17.03 91.23
CA PHE C 239 30.64 -18.40 91.71
C PHE C 239 30.46 -19.39 90.57
N VAL C 240 31.35 -20.38 90.53
CA VAL C 240 31.43 -21.33 89.44
C VAL C 240 31.56 -22.74 90.02
N LYS C 241 30.56 -23.58 89.73
CA LYS C 241 30.64 -25.00 90.07
C LYS C 241 31.60 -25.70 89.11
N ILE C 242 32.28 -26.73 89.61
CA ILE C 242 33.16 -27.57 88.77
C ILE C 242 32.98 -29.03 89.22
N GLN C 243 32.59 -29.89 88.27
CA GLN C 243 32.52 -31.33 88.49
C GLN C 243 33.06 -32.04 87.26
N ASP C 244 33.49 -33.28 87.43
CA ASP C 244 33.91 -34.14 86.31
C ASP C 244 32.88 -34.17 85.19
N ALA C 245 33.37 -34.23 83.96
CA ALA C 245 32.51 -34.28 82.79
C ALA C 245 31.87 -35.66 82.67
N ILE C 246 30.54 -35.70 82.59
CA ILE C 246 29.80 -36.96 82.42
C ILE C 246 29.97 -37.50 81.00
N LYS C 247 30.01 -36.59 80.02
CA LYS C 247 30.13 -36.96 78.61
C LYS C 247 31.53 -37.48 78.30
N LYS C 248 32.53 -36.67 78.64
CA LYS C 248 33.94 -37.05 78.47
C LYS C 248 34.49 -37.74 79.72
N THR C 249 34.28 -39.04 79.79
CA THR C 249 34.88 -39.93 80.81
C THR C 249 34.43 -39.55 82.22
N LEU D 1 -110.55 -5.00 74.98
CA LEU D 1 -111.69 -4.35 75.71
C LEU D 1 -111.26 -2.95 76.20
N ASN D 2 -110.21 -2.93 77.02
CA ASN D 2 -109.51 -1.71 77.43
C ASN D 2 -108.07 -1.81 76.88
N PRO D 3 -107.72 -0.95 75.90
CA PRO D 3 -106.45 -1.15 75.17
C PRO D 3 -105.19 -0.71 75.93
N LEU D 4 -105.19 0.53 76.42
CA LEU D 4 -104.07 1.11 77.16
C LEU D 4 -104.61 1.61 78.51
N PRO D 5 -104.81 0.68 79.48
CA PRO D 5 -105.53 1.01 80.72
C PRO D 5 -104.91 2.13 81.55
N ASN D 6 -103.58 2.17 81.60
CA ASN D 6 -102.83 3.12 82.43
C ASN D 6 -102.47 4.45 81.75
N ALA D 7 -103.07 4.73 80.59
CA ALA D 7 -102.91 6.03 79.94
C ALA D 7 -103.57 7.13 80.78
N ALA D 8 -102.98 8.31 80.75
CA ALA D 8 -103.45 9.46 81.54
C ALA D 8 -102.90 10.76 81.00
N ILE D 9 -103.46 11.88 81.48
CA ILE D 9 -103.05 13.21 81.01
C ILE D 9 -102.12 13.85 82.05
N PRO D 10 -100.94 14.33 81.62
CA PRO D 10 -99.96 14.86 82.57
C PRO D 10 -100.33 16.24 83.12
N PRO D 11 -99.72 16.65 84.25
CA PRO D 11 -99.96 17.98 84.79
C PRO D 11 -99.23 19.03 83.97
N LYS D 12 -99.80 20.22 83.88
CA LYS D 12 -99.34 21.25 82.94
C LYS D 12 -98.94 22.61 83.52
N TYR D 13 -99.12 22.84 84.82
CA TYR D 13 -98.79 24.13 85.46
C TYR D 13 -98.18 23.94 86.85
N ALA D 14 -96.98 24.49 87.05
CA ALA D 14 -96.36 24.54 88.38
C ALA D 14 -96.44 25.97 88.92
N LEU D 15 -96.82 26.09 90.19
CA LEU D 15 -96.96 27.40 90.84
C LEU D 15 -95.60 27.89 91.33
N VAL D 16 -95.20 29.07 90.87
CA VAL D 16 -94.02 29.74 91.41
C VAL D 16 -94.48 31.01 92.13
N THR D 17 -93.96 31.23 93.35
CA THR D 17 -94.38 32.36 94.15
C THR D 17 -93.72 33.65 93.64
N VAL D 18 -94.54 34.68 93.46
CA VAL D 18 -94.08 35.98 93.00
C VAL D 18 -93.75 36.80 94.24
N ARG D 19 -92.52 37.32 94.30
CA ARG D 19 -92.01 37.96 95.51
C ARG D 19 -91.67 39.45 95.31
N SER D 20 -91.62 40.17 96.42
CA SER D 20 -91.04 41.51 96.49
C SER D 20 -89.54 41.34 96.72
N PHE D 21 -88.70 42.25 96.20
CA PHE D 21 -87.25 41.99 96.19
C PHE D 21 -86.55 42.05 97.56
N PRO D 22 -86.20 43.26 98.08
CA PRO D 22 -85.27 43.30 99.24
C PRO D 22 -85.49 42.21 100.27
N SER D 23 -86.75 42.00 100.63
CA SER D 23 -87.20 40.90 101.47
C SER D 23 -88.13 39.99 100.65
N LEU D 24 -87.65 38.79 100.35
CA LEU D 24 -88.38 37.80 99.53
C LEU D 24 -89.73 37.39 100.13
N GLU D 25 -90.75 38.26 99.98
CA GLU D 25 -92.07 38.04 100.58
C GLU D 25 -93.08 37.52 99.55
N PRO D 26 -93.80 36.41 99.85
CA PRO D 26 -94.83 35.90 98.94
C PRO D 26 -95.98 36.88 98.70
N LEU D 27 -96.12 37.31 97.44
CA LEU D 27 -97.18 38.25 97.04
C LEU D 27 -98.32 37.48 96.39
N THR D 28 -97.97 36.64 95.41
CA THR D 28 -98.94 35.81 94.67
C THR D 28 -98.28 34.47 94.32
N PHE D 29 -99.09 33.52 93.85
CA PHE D 29 -98.59 32.42 93.03
C PHE D 29 -98.76 32.82 91.57
N VAL D 30 -97.94 32.24 90.71
CA VAL D 30 -98.09 32.36 89.26
C VAL D 30 -97.86 30.96 88.68
N PRO D 31 -98.86 30.42 87.94
CA PRO D 31 -98.70 29.11 87.33
C PRO D 31 -97.89 29.18 86.03
N VAL D 32 -96.59 28.91 86.12
CA VAL D 32 -95.75 28.74 84.93
C VAL D 32 -95.94 27.32 84.41
N PRO D 33 -95.80 27.11 83.08
CA PRO D 33 -96.05 25.76 82.55
C PRO D 33 -95.00 24.76 83.00
N THR D 34 -95.39 23.48 83.04
CA THR D 34 -94.52 22.41 83.54
C THR D 34 -93.25 22.20 82.70
N SER D 35 -93.33 22.48 81.40
CA SER D 35 -92.21 22.31 80.49
C SER D 35 -91.01 23.22 80.82
N THR D 36 -91.29 24.45 81.26
CA THR D 36 -90.24 25.39 81.65
C THR D 36 -89.62 25.06 83.00
N VAL D 37 -90.47 24.83 84.00
CA VAL D 37 -90.07 24.81 85.41
C VAL D 37 -90.11 23.43 86.10
N ALA D 38 -90.60 22.40 85.41
CA ALA D 38 -90.64 21.06 86.00
C ALA D 38 -90.50 19.94 84.97
N ALA D 39 -89.58 20.12 84.03
CA ALA D 39 -89.17 19.05 83.11
C ALA D 39 -88.41 17.96 83.87
N PRO D 40 -88.46 16.70 83.37
CA PRO D 40 -87.58 15.67 83.92
C PRO D 40 -86.10 16.02 83.66
N LEU D 41 -85.29 15.95 84.71
CA LEU D 41 -83.89 16.38 84.64
C LEU D 41 -83.06 15.41 83.78
N ARG D 42 -82.92 15.76 82.50
CA ARG D 42 -82.04 15.08 81.57
C ARG D 42 -80.65 15.69 81.65
N ARG D 43 -79.70 14.93 82.19
CA ARG D 43 -78.31 15.39 82.37
C ARG D 43 -77.56 15.55 81.06
N ASP D 44 -77.74 14.58 80.16
CA ASP D 44 -77.05 14.55 78.86
C ASP D 44 -77.26 15.81 78.01
N ILE D 45 -78.51 16.28 77.98
CA ILE D 45 -78.88 17.53 77.30
C ILE D 45 -78.20 18.73 77.94
N LEU D 46 -78.23 18.74 79.26
CA LEU D 46 -77.60 19.79 80.07
C LEU D 46 -76.10 19.87 79.80
N TRP D 47 -75.47 18.70 79.80
CA TRP D 47 -74.05 18.55 79.47
C TRP D 47 -73.71 19.13 78.10
N ARG D 48 -74.51 18.74 77.10
CA ARG D 48 -74.35 19.22 75.72
C ARG D 48 -74.36 20.74 75.64
N ALA D 49 -75.34 21.33 76.32
CA ALA D 49 -75.49 22.79 76.40
C ALA D 49 -74.29 23.47 77.02
N VAL D 50 -73.81 22.90 78.13
CA VAL D 50 -72.70 23.46 78.89
C VAL D 50 -71.39 23.42 78.10
N VAL D 51 -71.07 22.25 77.54
CA VAL D 51 -69.83 22.06 76.78
C VAL D 51 -69.78 22.99 75.57
N TYR D 52 -70.89 23.03 74.82
CA TYR D 52 -71.06 23.93 73.68
C TYR D 52 -70.79 25.39 74.05
N GLU D 53 -71.42 25.83 75.13
CA GLU D 53 -71.24 27.19 75.67
C GLU D 53 -69.79 27.49 76.04
N ASN D 54 -69.15 26.51 76.69
CA ASN D 54 -67.74 26.60 77.07
C ASN D 54 -66.83 26.74 75.85
N ASP D 55 -67.13 25.94 74.82
CA ASP D 55 -66.41 25.97 73.54
C ASP D 55 -66.55 27.32 72.83
N ASN D 56 -67.76 27.85 72.83
CA ASN D 56 -68.04 29.19 72.31
C ASN D 56 -67.24 30.28 73.03
N ARG D 57 -67.19 30.16 74.35
CA ARG D 57 -66.46 31.11 75.22
C ARG D 57 -64.96 31.20 74.93
N ARG D 58 -64.34 30.07 74.58
CA ARG D 58 -62.90 29.97 74.29
C ARG D 58 -62.28 31.17 73.57
N VAL D 59 -61.15 31.65 74.09
CA VAL D 59 -60.35 32.69 73.43
C VAL D 59 -59.48 32.05 72.35
N GLY D 60 -58.73 31.02 72.74
CA GLY D 60 -57.92 30.24 71.80
C GLY D 60 -56.68 30.99 71.33
N ALA D 61 -55.87 31.42 72.30
CA ALA D 61 -54.69 32.25 72.06
C ALA D 61 -53.36 31.49 72.00
N SER D 62 -53.40 30.15 71.99
CA SER D 62 -52.18 29.34 71.92
C SER D 62 -51.48 29.57 70.58
N ASN D 63 -50.25 30.09 70.65
CA ASN D 63 -49.48 30.47 69.48
C ASN D 63 -48.00 30.14 69.66
N PRO D 64 -47.67 28.84 69.77
CA PRO D 64 -46.27 28.44 69.78
C PRO D 64 -45.68 28.54 68.39
N PRO D 65 -44.39 28.92 68.28
CA PRO D 65 -43.82 29.07 66.94
C PRO D 65 -43.43 27.74 66.34
N GLY D 66 -43.99 27.43 65.16
CA GLY D 66 -43.51 26.32 64.34
C GLY D 66 -42.12 26.59 63.80
N ARG D 67 -41.60 25.66 63.00
CA ARG D 67 -40.26 25.82 62.42
C ARG D 67 -40.18 26.96 61.37
N SER D 68 -41.32 27.32 60.78
CA SER D 68 -41.42 28.52 59.92
C SER D 68 -41.48 29.78 60.77
N GLU D 69 -42.42 29.80 61.71
CA GLU D 69 -42.62 30.93 62.64
C GLU D 69 -41.33 31.30 63.37
N ASN D 70 -40.63 30.28 63.84
CA ASN D 70 -39.35 30.44 64.54
C ASN D 70 -38.30 31.06 63.63
N GLY D 71 -37.46 31.92 64.21
CA GLY D 71 -36.69 32.90 63.43
C GLY D 71 -35.22 32.64 63.14
N PHE D 72 -34.84 31.37 62.95
CA PHE D 72 -33.48 31.04 62.53
C PHE D 72 -33.34 31.19 61.01
N SER D 73 -32.09 31.14 60.54
CA SER D 73 -31.79 31.09 59.12
C SER D 73 -32.14 29.72 58.55
N ARG D 74 -32.19 29.65 57.22
CA ARG D 74 -32.47 28.40 56.50
C ARG D 74 -31.19 27.60 56.17
N ARG D 75 -30.04 28.00 56.69
CA ARG D 75 -28.76 27.45 56.27
C ARG D 75 -28.51 26.09 56.94
N LYS D 76 -27.87 25.19 56.21
CA LYS D 76 -27.52 23.86 56.70
C LYS D 76 -26.32 23.99 57.64
N LEU D 77 -26.48 23.53 58.87
CA LEU D 77 -25.53 23.80 59.95
C LEU D 77 -24.21 23.04 59.77
N MET D 78 -24.33 21.78 59.35
CA MET D 78 -23.19 20.90 59.09
C MET D 78 -23.46 20.17 57.78
N PRO D 79 -22.42 19.97 56.94
CA PRO D 79 -22.62 19.31 55.65
C PRO D 79 -23.10 17.86 55.81
N GLN D 80 -23.91 17.39 54.85
CA GLN D 80 -24.62 16.11 54.96
C GLN D 80 -23.73 14.95 55.40
N LYS D 81 -22.57 14.82 54.77
CA LYS D 81 -21.56 13.84 55.17
C LYS D 81 -20.21 14.53 55.45
N GLY D 82 -19.28 13.76 55.99
CA GLY D 82 -17.94 14.25 56.32
C GLY D 82 -17.89 15.19 57.51
N SER D 83 -18.81 15.00 58.46
CA SER D 83 -18.87 15.79 59.69
C SER D 83 -18.52 14.98 60.96
N GLY D 84 -18.72 13.66 60.93
CA GLY D 84 -18.57 12.81 62.12
C GLY D 84 -19.68 12.97 63.13
N ARG D 85 -20.84 13.46 62.68
CA ARG D 85 -22.00 13.71 63.54
C ARG D 85 -23.29 13.45 62.74
N ALA D 86 -24.42 13.41 63.45
CA ALA D 86 -25.72 13.16 62.84
C ALA D 86 -26.10 14.23 61.82
N ARG D 87 -26.99 13.87 60.90
CA ARG D 87 -27.39 14.75 59.80
C ARG D 87 -28.31 15.85 60.33
N VAL D 88 -28.01 17.09 59.97
CA VAL D 88 -28.80 18.26 60.36
C VAL D 88 -29.09 19.15 59.14
N GLY D 89 -30.24 19.82 59.19
CA GLY D 89 -30.62 20.81 58.20
C GLY D 89 -30.52 22.18 58.84
N ASP D 90 -31.61 22.95 58.76
CA ASP D 90 -31.69 24.25 59.44
C ASP D 90 -31.89 24.08 60.96
N ALA D 91 -31.65 25.16 61.69
CA ALA D 91 -31.71 25.16 63.15
C ALA D 91 -33.13 25.17 63.74
N ASN D 92 -34.15 25.35 62.91
CA ASN D 92 -35.55 25.44 63.37
C ASN D 92 -36.23 24.10 63.71
N SER D 93 -35.56 22.97 63.49
CA SER D 93 -36.17 21.65 63.67
C SER D 93 -36.74 21.44 65.09
N PRO D 94 -37.93 20.80 65.20
CA PRO D 94 -38.48 20.39 66.51
C PRO D 94 -37.55 19.49 67.33
N THR D 95 -36.73 18.72 66.64
CA THR D 95 -35.77 17.81 67.26
C THR D 95 -34.72 18.53 68.10
N ARG D 96 -34.35 19.75 67.71
CA ARG D 96 -33.33 20.53 68.45
C ARG D 96 -33.96 21.44 69.51
N HIS D 97 -33.14 21.82 70.48
CA HIS D 97 -33.62 22.43 71.71
C HIS D 97 -34.12 23.88 71.56
N ASN D 98 -33.50 24.63 70.65
CA ASN D 98 -33.89 26.02 70.36
C ASN D 98 -34.86 26.15 69.18
N GLY D 99 -35.10 25.05 68.46
CA GLY D 99 -35.97 25.07 67.29
C GLY D 99 -37.45 25.20 67.61
N GLY D 100 -38.25 25.38 66.56
CA GLY D 100 -39.70 25.57 66.69
C GLY D 100 -40.44 24.29 66.98
N ARG D 101 -41.71 24.42 67.36
CA ARG D 101 -42.53 23.28 67.78
C ARG D 101 -43.07 22.49 66.58
N ALA D 102 -43.16 21.18 66.74
CA ALA D 102 -43.75 20.30 65.73
C ALA D 102 -45.27 20.39 65.81
N LEU D 103 -45.91 20.50 64.66
CA LEU D 103 -47.38 20.60 64.56
C LEU D 103 -47.92 21.74 65.42
N ALA D 104 -47.28 22.89 65.30
CA ALA D 104 -47.57 24.04 66.15
C ALA D 104 -48.93 24.63 65.79
N ARG D 105 -49.72 24.93 66.81
CA ARG D 105 -50.95 25.70 66.64
C ARG D 105 -50.60 27.15 66.30
N THR D 106 -51.58 27.86 65.73
CA THR D 106 -51.43 29.27 65.42
C THR D 106 -52.71 30.00 65.79
N ALA D 107 -52.59 30.94 66.71
CA ALA D 107 -53.70 31.74 67.18
C ALA D 107 -54.19 32.70 66.11
N PRO D 108 -55.50 32.89 66.03
CA PRO D 108 -56.42 32.51 67.11
C PRO D 108 -57.08 31.20 66.76
N ASN D 109 -56.99 30.22 67.65
CA ASN D 109 -57.57 28.92 67.40
C ASN D 109 -59.08 29.00 67.56
N ASP D 110 -59.82 28.52 66.57
CA ASP D 110 -61.29 28.54 66.63
C ASP D 110 -61.79 27.23 67.25
N TYR D 111 -62.34 27.34 68.46
CA TYR D 111 -62.87 26.19 69.20
C TYR D 111 -64.41 26.14 69.16
N THR D 112 -65.03 26.94 68.29
CA THR D 112 -66.49 27.06 68.25
C THR D 112 -67.16 25.79 67.75
N THR D 113 -68.02 25.22 68.59
CA THR D 113 -68.88 24.10 68.22
C THR D 113 -70.30 24.59 68.01
N GLU D 114 -71.11 23.75 67.38
CA GLU D 114 -72.50 24.06 67.07
C GLU D 114 -73.43 23.18 67.91
N LEU D 115 -74.68 23.64 68.04
CA LEU D 115 -75.74 22.89 68.72
C LEU D 115 -77.05 23.18 67.98
N PRO D 116 -77.96 22.19 67.88
CA PRO D 116 -79.29 22.56 67.40
C PRO D 116 -79.99 23.52 68.37
N SER D 117 -80.75 24.46 67.82
CA SER D 117 -81.41 25.50 68.60
C SER D 117 -82.43 24.91 69.57
N LYS D 118 -83.18 23.92 69.09
CA LYS D 118 -84.16 23.20 69.90
C LYS D 118 -83.55 22.50 71.10
N VAL D 119 -82.42 21.83 70.87
CA VAL D 119 -81.66 21.15 71.93
C VAL D 119 -81.22 22.14 73.01
N TYR D 120 -80.69 23.27 72.55
CA TYR D 120 -80.25 24.35 73.44
C TYR D 120 -81.39 24.89 74.29
N SER D 121 -82.55 25.09 73.65
CA SER D 121 -83.77 25.56 74.33
C SER D 121 -84.23 24.58 75.40
N MET D 122 -84.22 23.30 75.04
CA MET D 122 -84.56 22.20 75.94
C MET D 122 -83.66 22.17 77.17
N ALA D 123 -82.36 22.30 76.93
CA ALA D 123 -81.36 22.38 78.00
C ALA D 123 -81.59 23.55 78.93
N PHE D 124 -81.92 24.69 78.34
CA PHE D 124 -82.22 25.92 79.08
C PHE D 124 -83.41 25.73 80.01
N ASN D 125 -84.49 25.16 79.46
CA ASN D 125 -85.68 24.76 80.23
C ASN D 125 -85.33 23.81 81.36
N ASN D 126 -84.52 22.81 81.02
CA ASN D 126 -84.13 21.74 81.94
C ASN D 126 -83.37 22.25 83.15
N ALA D 127 -82.41 23.13 82.91
CA ALA D 127 -81.63 23.80 83.96
C ALA D 127 -82.53 24.58 84.91
N LEU D 128 -83.47 25.32 84.32
CA LEU D 128 -84.46 26.11 85.07
C LEU D 128 -85.32 25.22 85.96
N SER D 129 -85.77 24.11 85.39
CA SER D 129 -86.57 23.11 86.11
C SER D 129 -85.83 22.52 87.29
N HIS D 130 -84.58 22.15 87.05
CA HIS D 130 -83.68 21.65 88.09
C HIS D 130 -83.52 22.66 89.24
N GLN D 131 -83.34 23.92 88.87
CA GLN D 131 -83.20 25.02 89.84
C GLN D 131 -84.45 25.18 90.70
N TYR D 132 -85.61 25.10 90.05
CA TYR D 132 -86.91 25.15 90.71
C TYR D 132 -87.09 24.01 91.71
N LYS D 133 -86.73 22.81 91.26
CA LYS D 133 -86.76 21.60 92.11
C LYS D 133 -85.89 21.74 93.36
N SER D 134 -84.67 22.24 93.16
CA SER D 134 -83.74 22.51 94.25
C SER D 134 -84.29 23.48 95.31
N GLY D 135 -85.08 24.45 94.85
CA GLY D 135 -85.58 25.54 95.70
C GLY D 135 -84.59 26.69 95.66
N LYS D 136 -84.15 27.00 94.44
CA LYS D 136 -83.12 28.01 94.18
C LYS D 136 -83.55 28.96 93.05
N LEU D 137 -84.87 29.09 92.85
CA LEU D 137 -85.43 29.92 91.79
C LEU D 137 -86.43 30.91 92.40
N PHE D 138 -85.95 32.13 92.64
CA PHE D 138 -86.75 33.16 93.29
C PHE D 138 -87.29 34.13 92.26
N VAL D 139 -88.59 34.01 91.98
CA VAL D 139 -89.27 34.86 91.01
C VAL D 139 -89.77 36.13 91.71
N ILE D 140 -89.27 37.27 91.26
CA ILE D 140 -89.60 38.57 91.83
C ILE D 140 -90.43 39.38 90.83
N GLY D 141 -91.56 39.90 91.29
CA GLY D 141 -92.46 40.65 90.41
C GLY D 141 -93.64 41.22 91.17
N GLY D 142 -94.80 41.29 90.50
CA GLY D 142 -96.03 41.82 91.08
C GLY D 142 -96.56 43.11 90.45
N GLU D 143 -95.82 43.66 89.48
CA GLU D 143 -96.21 44.89 88.80
C GLU D 143 -97.37 44.63 87.82
N LYS D 144 -97.19 43.65 86.96
CA LYS D 144 -98.15 43.31 85.92
C LYS D 144 -99.32 42.49 86.45
N VAL D 145 -99.01 41.44 87.21
CA VAL D 145 -100.02 40.46 87.66
C VAL D 145 -100.93 41.00 88.77
N ASP D 146 -102.07 40.32 88.95
CA ASP D 146 -103.02 40.66 90.02
C ASP D 146 -102.59 39.96 91.31
N LEU D 147 -102.35 40.75 92.36
CA LEU D 147 -101.77 40.24 93.61
C LEU D 147 -102.83 39.65 94.54
N ILE D 148 -102.35 38.88 95.52
CA ILE D 148 -103.18 38.39 96.64
C ILE D 148 -102.81 39.24 97.86
N SER D 149 -101.55 39.13 98.30
CA SER D 149 -101.02 39.92 99.39
C SER D 149 -100.37 41.18 98.80
N PRO D 150 -100.59 42.36 99.42
CA PRO D 150 -100.02 43.59 98.87
C PRO D 150 -98.52 43.69 99.12
N THR D 151 -97.82 44.40 98.22
CA THR D 151 -96.37 44.57 98.35
C THR D 151 -96.02 45.42 99.59
N PRO D 152 -94.88 45.12 100.26
CA PRO D 152 -94.49 45.94 101.41
C PRO D 152 -94.15 47.40 101.09
N GLU D 153 -94.15 48.22 102.14
CA GLU D 153 -93.90 49.67 102.01
C GLU D 153 -92.48 50.01 101.56
N LEU D 154 -91.49 49.30 102.09
CA LEU D 154 -90.07 49.55 101.81
C LEU D 154 -89.45 48.64 100.72
N ASP D 155 -90.13 47.55 100.37
CA ASP D 155 -89.76 46.72 99.21
C ASP D 155 -90.30 47.35 97.92
N LEU D 156 -89.90 46.77 96.79
CA LEU D 156 -90.51 47.08 95.49
C LEU D 156 -90.54 45.83 94.60
N ASN D 157 -91.44 45.85 93.62
CA ASN D 157 -91.77 44.67 92.82
C ASN D 157 -90.69 44.25 91.81
N ARG D 158 -89.96 45.23 91.27
CA ARG D 158 -88.80 44.97 90.39
C ARG D 158 -87.56 44.57 91.20
N LEU D 159 -86.51 44.17 90.50
CA LEU D 159 -85.27 43.66 91.12
C LEU D 159 -84.20 44.76 91.16
N ASP D 160 -84.32 45.67 92.13
CA ASP D 160 -83.44 46.85 92.23
C ASP D 160 -83.48 47.48 93.63
N LEU D 161 -82.40 48.18 93.98
CA LEU D 161 -82.34 48.95 95.23
C LEU D 161 -82.53 50.44 94.95
N VAL D 162 -83.28 51.11 95.83
CA VAL D 162 -83.57 52.55 95.72
C VAL D 162 -82.38 53.38 96.25
N ASN D 163 -82.25 54.60 95.73
CA ASN D 163 -81.22 55.59 96.11
C ASN D 163 -79.79 55.05 96.35
N THR D 164 -79.34 54.21 95.42
CA THR D 164 -77.99 53.64 95.43
C THR D 164 -76.94 54.71 95.11
N ASN D 165 -77.22 55.52 94.09
CA ASN D 165 -76.32 56.59 93.66
C ASN D 165 -76.16 57.73 94.67
N THR D 166 -77.17 57.94 95.51
CA THR D 166 -77.13 58.96 96.56
C THR D 166 -76.12 58.54 97.64
N VAL D 167 -75.25 59.49 98.02
CA VAL D 167 -74.18 59.23 98.99
C VAL D 167 -73.69 60.57 99.59
N GLU D 168 -74.47 61.08 100.54
CA GLU D 168 -74.30 62.45 101.05
C GLU D 168 -73.57 62.56 102.39
N GLY D 169 -73.93 61.71 103.34
CA GLY D 169 -73.38 61.78 104.70
C GLY D 169 -71.95 61.27 104.78
N LYS D 170 -71.79 60.00 104.46
CA LYS D 170 -70.49 59.31 104.47
C LYS D 170 -70.23 58.68 103.11
N GLU D 171 -69.03 58.12 102.94
CA GLU D 171 -68.67 57.39 101.72
C GLU D 171 -69.49 56.11 101.49
N ILE D 172 -69.91 55.48 102.59
CA ILE D 172 -70.86 54.36 102.57
C ILE D 172 -72.21 54.79 101.99
N PHE D 173 -72.86 53.89 101.25
CA PHE D 173 -74.20 54.15 100.67
C PHE D 173 -75.23 53.06 101.03
N GLU D 174 -76.50 53.42 100.86
CA GLU D 174 -77.64 52.71 101.44
C GLU D 174 -77.97 51.39 100.74
N GLY D 175 -77.91 51.38 99.41
CA GLY D 175 -78.22 50.18 98.62
C GLY D 175 -77.34 48.98 98.91
N GLU D 176 -76.05 49.25 99.12
CA GLU D 176 -75.07 48.24 99.54
C GLU D 176 -75.46 47.63 100.88
N VAL D 177 -75.76 48.51 101.85
CA VAL D 177 -76.19 48.10 103.20
C VAL D 177 -77.42 47.20 103.15
N ILE D 178 -78.41 47.62 102.36
CA ILE D 178 -79.65 46.87 102.15
C ILE D 178 -79.35 45.47 101.62
N PHE D 179 -78.46 45.41 100.64
CA PHE D 179 -78.01 44.15 100.04
C PHE D 179 -77.37 43.23 101.07
N ARG D 180 -76.46 43.80 101.86
CA ARG D 180 -75.80 43.07 102.96
C ARG D 180 -76.80 42.50 103.96
N LYS D 181 -77.77 43.32 104.33
CA LYS D 181 -78.85 42.93 105.24
C LYS D 181 -79.65 41.76 104.68
N PHE D 182 -80.02 41.88 103.40
CA PHE D 182 -80.69 40.81 102.64
C PHE D 182 -79.89 39.51 102.66
N LEU D 183 -78.59 39.61 102.40
CA LEU D 183 -77.69 38.45 102.41
C LEU D 183 -77.66 37.77 103.79
N GLU D 184 -77.55 38.61 104.82
CA GLU D 184 -77.56 38.17 106.22
C GLU D 184 -78.83 37.40 106.57
N GLU D 185 -79.96 37.94 106.09
CA GLU D 185 -81.29 37.38 106.35
C GLU D 185 -81.46 35.97 105.77
N PHE D 186 -81.09 35.81 104.51
CA PHE D 186 -81.33 34.55 103.78
C PHE D 186 -80.13 33.60 103.74
N GLN D 187 -79.07 33.93 104.49
CA GLN D 187 -77.97 33.01 104.77
C GLN D 187 -77.27 32.55 103.49
N LEU D 188 -76.82 33.52 102.71
CA LEU D 188 -76.20 33.28 101.40
C LEU D 188 -75.11 34.34 101.13
N LYS D 189 -74.22 34.48 102.12
CA LYS D 189 -73.15 35.48 102.08
C LYS D 189 -72.06 35.05 101.11
N GLY D 190 -71.53 33.85 101.33
CA GLY D 190 -70.49 33.27 100.47
C GLY D 190 -71.00 32.52 99.25
N LYS D 191 -72.31 32.31 99.17
CA LYS D 191 -72.90 31.52 98.08
C LYS D 191 -72.98 32.31 96.77
N ARG D 192 -72.89 31.59 95.66
CA ARG D 192 -73.02 32.19 94.32
C ARG D 192 -74.46 32.61 94.04
N LEU D 193 -74.63 33.84 93.56
CA LEU D 193 -75.96 34.39 93.27
C LEU D 193 -76.02 34.87 91.82
N LEU D 194 -77.22 34.81 91.25
CA LEU D 194 -77.42 35.10 89.83
C LEU D 194 -78.73 35.88 89.63
N PHE D 195 -78.59 37.19 89.43
CA PHE D 195 -79.73 38.10 89.31
C PHE D 195 -80.11 38.33 87.84
N ILE D 196 -81.14 37.63 87.37
CA ILE D 196 -81.61 37.75 85.98
C ILE D 196 -82.61 38.90 85.88
N THR D 197 -82.13 40.05 85.42
CA THR D 197 -82.97 41.23 85.21
C THR D 197 -83.61 41.21 83.83
N ASP D 198 -84.55 42.13 83.60
CA ASP D 198 -85.19 42.33 82.29
C ASP D 198 -84.52 43.51 81.59
N LYS D 199 -84.49 44.65 82.25
CA LYS D 199 -83.80 45.86 81.79
C LYS D 199 -82.65 46.18 82.74
N THR D 200 -81.77 47.09 82.32
CA THR D 200 -80.52 47.36 83.04
C THR D 200 -80.78 48.01 84.41
N ARG D 201 -80.59 47.23 85.48
CA ARG D 201 -80.75 47.69 86.85
C ARG D 201 -79.38 48.14 87.38
N GLU D 202 -79.06 49.41 87.14
CA GLU D 202 -77.75 50.00 87.44
C GLU D 202 -77.46 50.04 88.94
N GLY D 203 -78.47 50.41 89.72
CA GLY D 203 -78.37 50.47 91.17
C GLY D 203 -78.10 49.11 91.80
N LEU D 204 -78.78 48.09 91.29
CA LEU D 204 -78.58 46.71 91.73
C LEU D 204 -77.13 46.25 91.53
N ILE D 205 -76.59 46.50 90.34
CA ILE D 205 -75.21 46.09 90.02
C ILE D 205 -74.18 46.85 90.86
N LYS D 206 -74.48 48.10 91.18
CA LYS D 206 -73.65 48.91 92.06
C LYS D 206 -73.63 48.34 93.48
N SER D 207 -74.81 48.00 93.97
CA SER D 207 -74.99 47.33 95.25
C SER D 207 -74.21 46.01 95.32
N SER D 208 -74.32 45.23 94.25
CA SER D 208 -73.62 43.95 94.11
C SER D 208 -72.09 44.06 94.13
N ASP D 209 -71.55 45.08 93.45
CA ASP D 209 -70.10 45.23 93.17
C ASP D 209 -69.10 44.84 94.28
N PRO D 210 -69.40 45.19 95.55
CA PRO D 210 -68.70 44.61 96.70
C PRO D 210 -68.59 43.08 96.68
N TYR D 211 -69.71 42.40 96.42
CA TYR D 211 -69.74 40.94 96.28
C TYR D 211 -69.76 40.52 94.81
N LYS D 212 -68.87 41.10 94.01
CA LYS D 212 -68.79 40.83 92.57
C LYS D 212 -68.30 39.40 92.27
N GLN D 213 -67.43 38.88 93.13
CA GLN D 213 -66.87 37.53 92.95
C GLN D 213 -67.90 36.40 93.00
N LYS D 214 -68.97 36.58 93.76
CA LYS D 214 -70.03 35.58 93.90
C LYS D 214 -71.37 35.98 93.22
N VAL D 215 -71.71 37.26 93.23
CA VAL D 215 -72.97 37.75 92.67
C VAL D 215 -72.78 38.15 91.21
N ASP D 216 -73.60 37.59 90.32
CA ASP D 216 -73.56 37.90 88.89
C ASP D 216 -74.93 38.40 88.43
N VAL D 217 -75.01 39.68 88.09
CA VAL D 217 -76.24 40.29 87.59
C VAL D 217 -76.20 40.21 86.06
N ILE D 218 -77.20 39.57 85.47
CA ILE D 218 -77.25 39.35 84.02
C ILE D 218 -78.60 39.80 83.47
N GLN D 219 -78.61 40.23 82.21
CA GLN D 219 -79.84 40.58 81.51
C GLN D 219 -80.63 39.33 81.13
N LYS D 220 -81.90 39.53 80.75
CA LYS D 220 -82.75 38.43 80.27
C LYS D 220 -82.23 37.77 78.98
N GLU D 221 -81.58 38.56 78.12
CA GLU D 221 -81.10 38.07 76.82
C GLU D 221 -79.75 37.36 76.91
N LEU D 222 -78.85 37.89 77.75
CA LEU D 222 -77.47 37.38 77.85
C LEU D 222 -77.26 36.26 78.87
N VAL D 223 -78.31 35.86 79.58
CA VAL D 223 -78.22 34.75 80.53
C VAL D 223 -77.97 33.41 79.81
N GLU D 224 -77.16 32.57 80.43
CA GLU D 224 -76.70 31.29 79.87
C GLU D 224 -77.17 30.11 80.73
N VAL D 225 -77.02 28.91 80.16
CA VAL D 225 -77.25 27.65 80.89
C VAL D 225 -76.23 27.52 82.03
N ASN D 226 -74.95 27.74 81.68
CA ASN D 226 -73.85 27.72 82.66
C ASN D 226 -74.09 28.64 83.85
N ASP D 227 -74.49 29.88 83.55
CA ASP D 227 -74.79 30.88 84.57
C ASP D 227 -75.88 30.42 85.53
N ILE D 228 -76.94 29.84 84.96
CA ILE D 228 -78.07 29.32 85.73
C ILE D 228 -77.65 28.18 86.67
N LEU D 229 -76.85 27.25 86.14
CA LEU D 229 -76.50 26.03 86.89
C LEU D 229 -75.44 26.27 87.96
N ARG D 230 -74.43 27.06 87.62
CA ARG D 230 -73.40 27.50 88.58
C ARG D 230 -74.01 28.18 89.82
N ALA D 231 -75.05 28.99 89.61
CA ALA D 231 -75.71 29.73 90.69
C ALA D 231 -76.21 28.85 91.83
N GLN D 232 -75.98 29.31 93.06
CA GLN D 232 -76.49 28.66 94.27
C GLN D 232 -77.94 29.07 94.52
N ALA D 233 -78.33 30.24 93.99
CA ALA D 233 -79.72 30.70 94.04
C ALA D 233 -79.93 31.81 93.00
N VAL D 234 -80.84 31.58 92.04
CA VAL D 234 -81.12 32.59 91.00
C VAL D 234 -82.28 33.50 91.42
N PHE D 235 -82.16 34.78 91.09
CA PHE D 235 -83.16 35.79 91.42
C PHE D 235 -83.64 36.41 90.13
N ILE D 236 -84.77 35.93 89.63
CA ILE D 236 -85.26 36.31 88.30
C ILE D 236 -86.48 37.20 88.40
N GLU D 237 -86.55 38.18 87.51
CA GLU D 237 -87.72 39.05 87.41
C GLU D 237 -88.83 38.24 86.71
N LEU D 238 -90.08 38.45 87.12
CA LEU D 238 -91.22 37.71 86.56
C LEU D 238 -91.29 37.88 85.04
N GLU D 239 -91.20 39.13 84.60
CA GLU D 239 -91.17 39.49 83.18
C GLU D 239 -90.05 38.79 82.42
N ALA D 240 -88.86 38.81 83.00
CA ALA D 240 -87.69 38.13 82.44
C ALA D 240 -87.90 36.63 82.29
N LEU D 241 -88.50 36.03 83.32
CA LEU D 241 -88.83 34.60 83.33
C LEU D 241 -89.85 34.25 82.24
N GLU D 242 -90.87 35.09 82.11
CA GLU D 242 -91.86 35.00 81.02
C GLU D 242 -91.21 35.01 79.64
N TYR D 243 -90.32 35.99 79.45
CA TYR D 243 -89.57 36.15 78.20
C TYR D 243 -88.76 34.90 77.86
N LEU D 244 -88.04 34.38 78.86
CA LEU D 244 -87.27 33.15 78.71
C LEU D 244 -88.14 31.96 78.31
N ALA D 245 -89.27 31.83 78.98
CA ALA D 245 -90.26 30.80 78.66
C ALA D 245 -90.71 30.88 77.21
N MET D 246 -91.08 32.09 76.79
CA MET D 246 -91.46 32.37 75.40
C MET D 246 -90.37 31.99 74.39
N ALA D 247 -89.13 32.35 74.71
CA ALA D 247 -87.98 32.05 73.87
C ALA D 247 -87.76 30.55 73.67
N HIS D 248 -87.77 29.81 74.79
CA HIS D 248 -87.40 28.40 74.80
C HIS D 248 -88.60 27.44 74.90
N GLN D 249 -89.79 27.91 74.53
CA GLN D 249 -90.97 27.07 74.39
C GLN D 249 -90.85 26.26 73.10
N LYS D 250 -91.35 25.03 73.12
CA LYS D 250 -91.46 24.23 71.90
C LYS D 250 -92.60 24.79 71.04
N GLU D 251 -92.30 25.12 69.78
CA GLU D 251 -93.26 25.77 68.90
C GLU D 251 -94.32 24.78 68.42
N ILE D 252 -95.51 25.30 68.10
CA ILE D 252 -96.64 24.48 67.67
C ILE D 252 -97.27 25.10 66.43
N PRO E 1 -74.46 -21.64 13.17
CA PRO E 1 -74.37 -22.95 13.79
C PRO E 1 -74.16 -22.89 15.30
N LYS E 2 -75.10 -23.40 16.06
CA LYS E 2 -74.97 -23.44 17.52
C LYS E 2 -74.04 -24.57 17.95
N SER E 3 -74.00 -25.66 17.19
CA SER E 3 -73.06 -26.75 17.48
C SER E 3 -72.80 -27.65 16.28
N ALA E 4 -71.76 -28.45 16.42
CA ALA E 4 -71.36 -29.45 15.42
C ALA E 4 -71.65 -30.88 15.87
N CYS E 5 -72.35 -31.06 16.99
CA CYS E 5 -72.56 -32.37 17.59
C CYS E 5 -73.60 -33.19 16.82
N SER E 6 -73.13 -34.18 16.06
CA SER E 6 -74.00 -35.07 15.28
C SER E 6 -74.45 -36.25 16.15
N LEU E 7 -75.76 -36.51 16.16
CA LEU E 7 -76.35 -37.49 17.07
C LEU E 7 -77.78 -37.86 16.61
N VAL E 8 -77.89 -38.99 15.94
CA VAL E 8 -79.16 -39.44 15.33
C VAL E 8 -80.05 -39.97 16.45
N LYS E 9 -81.28 -39.46 16.54
CA LYS E 9 -82.18 -39.84 17.62
C LYS E 9 -82.82 -41.21 17.32
N PRO E 10 -82.99 -42.07 18.36
CA PRO E 10 -83.71 -43.32 18.12
C PRO E 10 -85.21 -43.12 17.88
N VAL E 11 -85.83 -44.14 17.29
CA VAL E 11 -87.23 -44.09 16.86
C VAL E 11 -88.07 -45.09 17.66
N HIS E 12 -89.38 -45.03 17.49
CA HIS E 12 -90.32 -45.90 18.22
C HIS E 12 -91.24 -46.65 17.26
N HIS E 13 -90.67 -47.11 16.15
CA HIS E 13 -91.39 -47.93 15.17
C HIS E 13 -90.41 -48.60 14.21
N LEU E 14 -90.84 -49.70 13.61
CA LEU E 14 -89.99 -50.50 12.72
C LEU E 14 -90.26 -50.28 11.22
N VAL E 15 -91.25 -49.43 10.89
CA VAL E 15 -91.49 -49.02 9.51
C VAL E 15 -90.28 -48.25 8.99
N LYS E 16 -89.85 -48.59 7.78
CA LYS E 16 -88.69 -47.96 7.15
C LYS E 16 -89.12 -46.74 6.32
N ILE E 17 -88.89 -45.55 6.86
CA ILE E 17 -89.30 -44.30 6.22
C ILE E 17 -88.32 -43.94 5.10
N ASP E 18 -88.76 -44.12 3.86
CA ASP E 18 -88.05 -43.60 2.69
C ASP E 18 -88.36 -42.11 2.60
N LYS E 19 -87.37 -41.28 2.92
CA LYS E 19 -87.54 -39.82 3.00
C LYS E 19 -87.74 -39.18 1.63
N SER E 20 -87.11 -39.76 0.60
CA SER E 20 -87.25 -39.33 -0.79
C SER E 20 -88.70 -39.33 -1.29
N LYS E 21 -89.48 -40.31 -0.85
CA LYS E 21 -90.87 -40.48 -1.30
C LYS E 21 -91.82 -39.45 -0.68
N LEU E 22 -91.49 -38.97 0.52
CA LEU E 22 -92.33 -38.02 1.26
C LEU E 22 -92.27 -36.60 0.70
N SER E 23 -91.16 -36.26 0.03
CA SER E 23 -91.02 -34.97 -0.65
C SER E 23 -91.86 -34.93 -1.94
N PRO E 24 -92.11 -33.71 -2.49
CA PRO E 24 -92.59 -33.57 -3.86
C PRO E 24 -91.56 -32.90 -4.80
N ARG E 25 -90.27 -33.00 -4.49
CA ARG E 25 -89.23 -32.25 -5.23
C ARG E 25 -88.83 -32.82 -6.58
N PHE E 26 -88.51 -34.11 -6.61
CA PHE E 26 -87.97 -34.76 -7.81
C PHE E 26 -88.92 -35.87 -8.28
N PRO E 27 -90.05 -35.48 -8.93
CA PRO E 27 -91.07 -36.44 -9.32
C PRO E 27 -90.63 -37.43 -10.42
N GLU E 28 -89.71 -36.98 -11.28
CA GLU E 28 -89.17 -37.84 -12.34
C GLU E 28 -88.19 -38.84 -11.74
N LEU E 29 -87.53 -38.42 -10.66
CA LEU E 29 -86.53 -39.21 -9.96
C LEU E 29 -87.10 -40.32 -9.05
N LYS E 30 -88.40 -40.25 -8.74
CA LYS E 30 -89.05 -41.28 -7.92
C LYS E 30 -89.21 -42.58 -8.69
N TYR E 31 -89.40 -42.46 -10.01
CA TYR E 31 -89.42 -43.60 -10.91
C TYR E 31 -88.03 -44.22 -10.99
N ASP E 32 -87.97 -45.54 -11.12
CA ASP E 32 -86.72 -46.25 -11.36
C ASP E 32 -86.25 -45.95 -12.79
N LYS E 33 -84.95 -46.02 -13.01
CA LYS E 33 -84.38 -45.79 -14.34
C LYS E 33 -84.81 -46.87 -15.36
N SER E 34 -85.15 -48.06 -14.85
CA SER E 34 -85.75 -49.12 -15.67
C SER E 34 -87.16 -48.78 -16.17
N ASP E 35 -87.91 -47.99 -15.40
CA ASP E 35 -89.28 -47.61 -15.75
C ASP E 35 -89.33 -46.68 -16.96
N ILE E 36 -90.31 -46.91 -17.83
CA ILE E 36 -90.53 -46.13 -19.06
C ILE E 36 -90.81 -44.64 -18.82
N ARG E 37 -91.44 -44.33 -17.70
CA ARG E 37 -91.82 -42.94 -17.37
C ARG E 37 -90.64 -42.05 -16.97
N SER E 38 -89.53 -42.67 -16.55
CA SER E 38 -88.31 -41.93 -16.22
C SER E 38 -87.64 -41.41 -17.49
N PRO E 39 -87.15 -40.15 -17.48
CA PRO E 39 -86.25 -39.66 -18.52
C PRO E 39 -84.94 -40.45 -18.65
N GLY E 40 -84.52 -41.10 -17.57
CA GLY E 40 -83.38 -42.01 -17.59
C GLY E 40 -83.59 -43.36 -18.25
N PHE E 41 -84.76 -43.59 -18.86
CA PHE E 41 -85.07 -44.88 -19.51
C PHE E 41 -84.15 -45.17 -20.69
N LYS E 42 -83.71 -46.42 -20.77
CA LYS E 42 -82.96 -46.94 -21.91
C LYS E 42 -83.38 -48.39 -22.17
N PRO E 43 -83.71 -48.72 -23.42
CA PRO E 43 -83.91 -50.13 -23.81
C PRO E 43 -82.66 -50.99 -23.56
N LYS E 44 -82.77 -51.88 -22.57
CA LYS E 44 -81.64 -52.71 -22.12
C LYS E 44 -81.48 -53.94 -23.00
N ASP E 45 -82.50 -54.79 -23.01
CA ASP E 45 -82.45 -56.10 -23.64
C ASP E 45 -82.92 -55.99 -25.10
N THR E 46 -82.11 -55.31 -25.90
CA THR E 46 -82.47 -54.94 -27.27
C THR E 46 -82.33 -56.09 -28.27
N HIS E 47 -81.27 -56.88 -28.12
CA HIS E 47 -81.05 -58.06 -28.97
C HIS E 47 -80.36 -59.16 -28.17
N ALA E 48 -80.38 -60.38 -28.73
CA ALA E 48 -79.80 -61.55 -28.08
C ALA E 48 -78.28 -61.48 -28.09
N ASP E 49 -77.69 -61.47 -26.88
CA ASP E 49 -76.24 -61.42 -26.73
C ASP E 49 -75.63 -62.78 -27.04
N ARG E 50 -74.63 -62.79 -27.91
CA ARG E 50 -74.17 -64.02 -28.57
C ARG E 50 -73.17 -64.77 -27.67
N LEU E 51 -72.19 -64.04 -27.16
CA LEU E 51 -71.15 -64.57 -26.28
C LEU E 51 -71.75 -65.12 -24.98
N ASN E 52 -72.69 -64.36 -24.43
CA ASN E 52 -73.45 -64.77 -23.24
C ASN E 52 -74.24 -66.05 -23.46
N ASP E 53 -74.92 -66.12 -24.61
CA ASP E 53 -75.67 -67.31 -25.02
C ASP E 53 -74.77 -68.55 -25.11
N HIS E 54 -73.61 -68.36 -25.75
CA HIS E 54 -72.59 -69.41 -25.87
C HIS E 54 -72.13 -69.92 -24.50
N TYR E 55 -71.82 -68.97 -23.61
CA TYR E 55 -71.43 -69.27 -22.23
C TYR E 55 -72.48 -70.12 -21.52
N LEU E 56 -73.72 -69.66 -21.59
CA LEU E 56 -74.88 -70.37 -21.03
C LEU E 56 -74.99 -71.82 -21.53
N ASN E 57 -74.84 -71.99 -22.85
CA ASN E 57 -75.11 -73.27 -23.50
C ASN E 57 -73.96 -74.27 -23.31
N THR E 58 -72.80 -73.92 -23.86
CA THR E 58 -71.66 -74.83 -23.92
C THR E 58 -70.79 -74.75 -22.67
N LEU E 59 -70.31 -73.55 -22.36
CA LEU E 59 -69.16 -73.38 -21.46
C LEU E 59 -69.46 -73.64 -19.99
N GLN E 60 -70.58 -73.13 -19.50
CA GLN E 60 -70.86 -73.09 -18.06
C GLN E 60 -70.85 -74.48 -17.43
N SER E 61 -71.49 -75.42 -18.11
CA SER E 61 -71.50 -76.83 -17.72
C SER E 61 -70.09 -77.43 -17.72
N ASP E 62 -69.32 -77.12 -18.76
CA ASP E 62 -67.94 -77.59 -18.89
C ASP E 62 -67.06 -77.06 -17.76
N LEU E 63 -67.20 -75.77 -17.47
CA LEU E 63 -66.50 -75.10 -16.37
C LEU E 63 -66.80 -75.72 -15.02
N LEU E 64 -68.08 -75.98 -14.76
CA LEU E 64 -68.54 -76.66 -13.55
C LEU E 64 -67.87 -78.02 -13.41
N LEU E 65 -67.84 -78.77 -14.52
CA LEU E 65 -67.25 -80.10 -14.57
C LEU E 65 -65.75 -80.07 -14.26
N ILE E 66 -65.07 -79.09 -14.85
CA ILE E 66 -63.64 -78.84 -14.60
C ILE E 66 -63.39 -78.57 -13.12
N ASN E 67 -64.19 -77.68 -12.54
CA ASN E 67 -63.92 -77.13 -11.21
C ASN E 67 -64.40 -78.03 -10.06
N TYR E 68 -65.10 -79.12 -10.36
CA TYR E 68 -65.49 -80.07 -9.34
C TYR E 68 -64.25 -80.73 -8.71
N SER E 69 -64.04 -80.47 -7.43
CA SER E 69 -63.11 -81.22 -6.59
C SER E 69 -63.93 -81.93 -5.52
N HIS E 70 -63.70 -83.23 -5.34
CA HIS E 70 -64.57 -84.06 -4.51
C HIS E 70 -64.43 -83.76 -3.02
N ASN E 71 -65.57 -83.48 -2.37
CA ASN E 71 -65.64 -83.06 -0.97
C ASN E 71 -64.68 -81.92 -0.63
N ALA E 72 -64.65 -80.91 -1.50
CA ALA E 72 -63.85 -79.71 -1.28
C ALA E 72 -64.57 -78.83 -0.28
N ALA E 73 -63.87 -78.49 0.80
CA ALA E 73 -64.39 -77.57 1.82
C ALA E 73 -63.90 -76.16 1.53
N VAL E 74 -64.44 -75.19 2.25
CA VAL E 74 -64.07 -73.78 2.08
C VAL E 74 -62.65 -73.54 2.59
N VAL E 75 -61.89 -72.74 1.84
CA VAL E 75 -60.57 -72.29 2.26
C VAL E 75 -60.73 -70.86 2.74
N LYS E 76 -60.65 -70.65 4.05
CA LYS E 76 -60.75 -69.32 4.63
C LYS E 76 -59.51 -68.50 4.29
N GLY E 77 -59.73 -67.22 3.99
CA GLY E 77 -58.63 -66.30 3.67
C GLY E 77 -57.88 -65.84 4.90
N LEU E 78 -56.88 -65.01 4.68
CA LEU E 78 -56.19 -64.31 5.77
C LEU E 78 -57.12 -63.24 6.34
N LYS E 79 -57.36 -63.31 7.64
CA LYS E 79 -58.27 -62.38 8.32
C LYS E 79 -57.54 -61.71 9.48
N GLN E 80 -58.19 -60.71 10.05
CA GLN E 80 -57.71 -60.03 11.25
C GLN E 80 -57.78 -61.01 12.42
N ARG E 81 -56.64 -61.27 13.06
CA ARG E 81 -56.58 -62.19 14.19
C ARG E 81 -56.94 -61.46 15.47
N ALA E 82 -57.71 -62.12 16.32
CA ALA E 82 -58.00 -61.60 17.66
C ALA E 82 -56.82 -61.90 18.57
N TRP E 83 -56.71 -61.11 19.65
CA TRP E 83 -55.71 -61.34 20.68
C TRP E 83 -56.18 -62.45 21.61
N SER E 84 -55.24 -63.28 22.07
CA SER E 84 -55.49 -64.15 23.20
C SER E 84 -55.62 -63.26 24.43
N GLY E 85 -56.57 -63.56 25.30
CA GLY E 85 -56.82 -62.76 26.50
C GLY E 85 -55.88 -63.09 27.66
N ASP E 86 -54.59 -63.20 27.38
CA ASP E 86 -53.57 -63.55 28.39
C ASP E 86 -52.96 -62.32 29.09
N SER E 87 -53.68 -61.20 29.06
CA SER E 87 -53.24 -59.93 29.62
C SER E 87 -54.45 -59.00 29.61
N PRO E 88 -54.61 -58.18 30.66
CA PRO E 88 -55.78 -57.30 30.72
C PRO E 88 -55.74 -56.11 29.75
N TYR E 89 -54.62 -55.92 29.06
CA TYR E 89 -54.48 -54.91 28.00
C TYR E 89 -55.07 -55.35 26.66
N HIS E 90 -55.41 -56.64 26.54
CA HIS E 90 -56.08 -57.17 25.35
C HIS E 90 -57.59 -56.85 25.30
N LEU E 91 -58.11 -56.18 26.33
CA LEU E 91 -59.53 -56.22 26.64
C LEU E 91 -60.42 -55.37 25.74
N ASN E 92 -59.92 -54.22 25.28
CA ASN E 92 -60.59 -53.41 24.26
C ASN E 92 -59.62 -53.10 23.11
N ARG E 93 -58.69 -54.03 22.87
CA ARG E 93 -57.62 -53.82 21.91
C ARG E 93 -58.16 -54.15 20.51
N PRO E 94 -57.82 -53.34 19.49
CA PRO E 94 -58.14 -53.73 18.11
C PRO E 94 -57.43 -55.03 17.70
N PRO E 95 -58.05 -55.83 16.82
CA PRO E 95 -57.45 -57.11 16.44
C PRO E 95 -56.17 -56.95 15.64
N LYS E 96 -55.26 -57.92 15.79
CA LYS E 96 -54.03 -57.97 15.00
C LYS E 96 -54.39 -58.05 13.54
N ASN E 97 -53.71 -57.27 12.72
CA ASN E 97 -53.89 -57.31 11.26
C ASN E 97 -53.54 -58.72 10.73
N PRO E 98 -53.97 -59.05 9.50
CA PRO E 98 -53.70 -60.40 8.96
C PRO E 98 -52.22 -60.79 8.92
N ARG E 99 -51.98 -62.09 8.74
CA ARG E 99 -50.63 -62.67 8.86
C ARG E 99 -49.63 -62.01 7.89
N GLY E 100 -49.71 -62.32 6.61
CA GLY E 100 -48.84 -61.71 5.60
C GLY E 100 -49.27 -60.30 5.24
N SER E 101 -50.55 -60.16 4.88
CA SER E 101 -51.09 -58.90 4.37
C SER E 101 -51.49 -57.91 5.46
N LYS E 102 -51.63 -56.65 5.06
CA LYS E 102 -52.22 -55.59 5.91
C LYS E 102 -53.74 -55.58 5.80
N ALA E 103 -54.24 -55.83 4.59
CA ALA E 103 -55.67 -55.94 4.33
C ALA E 103 -56.13 -57.40 4.38
N GLN E 104 -57.39 -57.61 4.77
CA GLN E 104 -57.99 -58.94 4.86
C GLN E 104 -58.25 -59.50 3.46
N LEU E 105 -58.13 -60.82 3.32
CA LEU E 105 -58.38 -61.51 2.04
C LEU E 105 -59.64 -62.37 2.13
N PRO E 106 -60.33 -62.58 0.99
CA PRO E 106 -61.60 -63.31 1.00
C PRO E 106 -61.45 -64.82 1.07
N ASP E 107 -62.53 -65.48 1.49
CA ASP E 107 -62.59 -66.94 1.51
C ASP E 107 -62.81 -67.47 0.11
N ILE E 108 -62.11 -68.56 -0.22
CA ILE E 108 -62.22 -69.22 -1.51
C ILE E 108 -63.20 -70.39 -1.36
N HIS E 109 -64.32 -70.31 -2.08
CA HIS E 109 -65.39 -71.30 -1.97
C HIS E 109 -65.21 -72.41 -3.00
N PRO E 110 -65.74 -73.62 -2.73
CA PRO E 110 -65.80 -74.65 -3.77
C PRO E 110 -66.81 -74.26 -4.86
N ILE E 111 -66.50 -74.57 -6.12
CA ILE E 111 -67.36 -74.21 -7.24
C ILE E 111 -68.50 -75.23 -7.33
N LYS E 112 -69.73 -74.71 -7.27
CA LYS E 112 -70.94 -75.49 -7.44
C LYS E 112 -71.82 -74.79 -8.48
N TRP E 113 -72.99 -75.37 -8.75
CA TRP E 113 -73.97 -74.82 -9.70
C TRP E 113 -74.27 -73.32 -9.57
N SER E 114 -74.24 -72.79 -8.34
CA SER E 114 -74.48 -71.36 -8.10
C SER E 114 -73.30 -70.47 -8.53
N ASN E 115 -72.12 -70.77 -7.99
CA ASN E 115 -70.94 -69.89 -8.11
C ASN E 115 -69.93 -70.31 -9.19
N ILE E 116 -70.43 -70.60 -10.40
CA ILE E 116 -69.56 -70.91 -11.54
C ILE E 116 -68.96 -69.59 -12.02
N PRO E 117 -67.66 -69.58 -12.40
CA PRO E 117 -67.07 -68.33 -12.89
C PRO E 117 -67.66 -67.87 -14.23
N GLY E 118 -67.78 -66.56 -14.39
CA GLY E 118 -68.34 -65.94 -15.59
C GLY E 118 -67.86 -64.50 -15.70
N LEU E 119 -68.06 -63.88 -16.86
CA LEU E 119 -67.63 -62.49 -17.06
C LEU E 119 -68.52 -61.55 -16.26
N GLU E 120 -67.89 -60.62 -15.54
CA GLU E 120 -68.61 -59.66 -14.71
C GLU E 120 -68.60 -58.26 -15.31
N SER E 121 -67.40 -57.78 -15.67
CA SER E 121 -67.24 -56.43 -16.19
C SER E 121 -65.89 -56.27 -16.90
N VAL E 122 -65.87 -55.40 -17.92
CA VAL E 122 -64.63 -55.00 -18.59
C VAL E 122 -64.45 -53.50 -18.34
N VAL E 123 -63.20 -53.09 -18.10
CA VAL E 123 -62.87 -51.68 -17.91
C VAL E 123 -61.69 -51.36 -18.84
N ILE E 124 -61.81 -50.27 -19.59
CA ILE E 124 -60.81 -49.90 -20.59
C ILE E 124 -60.15 -48.58 -20.22
N ASN E 125 -59.11 -48.67 -19.40
CA ASN E 125 -58.38 -47.52 -18.89
C ASN E 125 -57.36 -47.02 -19.92
N CYS E 126 -57.56 -45.80 -20.41
CA CYS E 126 -56.64 -45.15 -21.35
C CYS E 126 -56.16 -43.85 -20.74
N PHE E 127 -54.92 -43.85 -20.23
CA PHE E 127 -54.28 -42.66 -19.69
C PHE E 127 -53.21 -42.20 -20.66
N VAL E 128 -53.49 -41.14 -21.42
CA VAL E 128 -52.55 -40.64 -22.42
C VAL E 128 -51.61 -39.64 -21.71
N ARG E 129 -50.32 -39.94 -21.72
CA ARG E 129 -49.34 -39.15 -20.95
C ARG E 129 -48.81 -37.91 -21.67
N GLU E 130 -48.99 -37.84 -22.99
CA GLU E 130 -48.72 -36.62 -23.74
C GLU E 130 -49.74 -35.52 -23.42
N ALA E 131 -50.92 -35.89 -22.92
CA ALA E 131 -51.95 -34.91 -22.52
C ALA E 131 -51.61 -34.03 -21.31
N ARG E 132 -50.47 -34.26 -20.66
CA ARG E 132 -49.90 -33.29 -19.73
C ARG E 132 -49.53 -31.98 -20.45
N GLU E 133 -49.15 -32.10 -21.73
CA GLU E 133 -48.91 -30.96 -22.62
C GLU E 133 -50.20 -30.48 -23.29
N ASN E 134 -50.96 -31.41 -23.86
CA ASN E 134 -52.13 -31.09 -24.71
C ASN E 134 -53.44 -31.73 -24.21
N GLN E 135 -54.35 -30.90 -23.70
CA GLN E 135 -55.66 -31.36 -23.20
C GLN E 135 -56.54 -32.00 -24.29
N LEU E 136 -56.36 -31.54 -25.53
CA LEU E 136 -57.13 -32.02 -26.68
C LEU E 136 -56.90 -33.51 -26.99
N LEU E 137 -55.70 -33.99 -26.66
CA LEU E 137 -55.34 -35.41 -26.77
C LEU E 137 -56.20 -36.34 -25.91
N ALA E 138 -56.54 -35.86 -24.71
CA ALA E 138 -57.46 -36.57 -23.80
C ALA E 138 -58.84 -36.76 -24.42
N ILE E 139 -59.30 -35.70 -25.10
CA ILE E 139 -60.61 -35.67 -25.76
C ILE E 139 -60.65 -36.69 -26.90
N THR E 140 -59.60 -36.67 -27.72
CA THR E 140 -59.44 -37.59 -28.84
C THR E 140 -59.41 -39.05 -28.37
N ALA E 141 -58.70 -39.31 -27.28
CA ALA E 141 -58.64 -40.63 -26.65
C ALA E 141 -60.00 -41.10 -26.18
N ALA E 142 -60.75 -40.20 -25.55
CA ALA E 142 -62.12 -40.47 -25.09
C ALA E 142 -63.04 -40.82 -26.26
N LEU E 143 -62.95 -40.05 -27.34
CA LEU E 143 -63.71 -40.30 -28.56
C LEU E 143 -63.41 -41.70 -29.13
N GLN E 144 -62.12 -42.00 -29.23
CA GLN E 144 -61.65 -43.31 -29.70
C GLN E 144 -62.28 -44.44 -28.90
N LEU E 145 -62.21 -44.30 -27.57
CA LEU E 145 -62.82 -45.25 -26.64
C LEU E 145 -64.30 -45.45 -26.89
N GLN E 146 -65.01 -44.33 -27.03
CA GLN E 146 -66.44 -44.33 -27.34
C GLN E 146 -66.73 -45.08 -28.64
N GLN E 147 -65.94 -44.78 -29.67
CA GLN E 147 -66.06 -45.43 -30.98
C GLN E 147 -65.92 -46.94 -30.85
N ILE E 148 -64.86 -47.35 -30.14
CA ILE E 148 -64.55 -48.76 -29.92
C ILE E 148 -65.69 -49.50 -29.21
N THR E 149 -66.25 -48.86 -28.19
CA THR E 149 -67.17 -49.53 -27.27
C THR E 149 -68.63 -49.41 -27.68
N GLY E 150 -69.02 -48.20 -28.09
CA GLY E 150 -70.43 -47.83 -28.21
C GLY E 150 -71.01 -47.49 -26.84
N CYS E 151 -70.14 -47.04 -25.94
CA CYS E 151 -70.50 -46.72 -24.56
C CYS E 151 -69.83 -45.41 -24.17
N LYS E 152 -70.47 -44.67 -23.27
CA LYS E 152 -70.00 -43.35 -22.89
C LYS E 152 -68.77 -43.44 -21.99
N PRO E 153 -67.65 -42.82 -22.41
CA PRO E 153 -66.46 -42.82 -21.56
C PRO E 153 -66.55 -41.77 -20.46
N HIS E 154 -65.72 -41.96 -19.43
CA HIS E 154 -65.59 -41.04 -18.31
C HIS E 154 -64.16 -40.51 -18.28
N PRO E 155 -63.99 -39.19 -18.10
CA PRO E 155 -62.66 -38.59 -18.16
C PRO E 155 -61.80 -38.95 -16.95
N ILE E 156 -60.54 -39.31 -17.22
CA ILE E 156 -59.55 -39.54 -16.18
C ILE E 156 -58.85 -38.20 -15.95
N PHE E 157 -58.62 -37.88 -14.68
CA PHE E 157 -57.84 -36.70 -14.29
C PHE E 157 -56.60 -37.16 -13.52
N SER E 158 -55.56 -36.34 -13.59
CA SER E 158 -54.33 -36.59 -12.83
C SER E 158 -54.59 -36.44 -11.33
N LYS E 159 -54.65 -37.56 -10.62
CA LYS E 159 -54.88 -37.56 -9.17
C LYS E 159 -53.66 -37.13 -8.36
N ASN E 160 -52.46 -37.37 -8.88
CA ASN E 160 -51.20 -37.09 -8.18
C ASN E 160 -50.41 -35.96 -8.83
N ASP E 161 -49.33 -35.56 -8.14
CA ASP E 161 -48.37 -34.59 -8.65
C ASP E 161 -46.96 -35.20 -8.55
N VAL E 162 -46.11 -34.88 -9.52
CA VAL E 162 -44.75 -35.42 -9.60
C VAL E 162 -43.93 -34.52 -10.54
N PRO E 163 -42.66 -34.22 -10.16
CA PRO E 163 -41.82 -33.35 -11.01
C PRO E 163 -41.08 -34.06 -12.14
N THR E 164 -40.59 -35.28 -11.91
CA THR E 164 -39.78 -36.01 -12.88
C THR E 164 -40.53 -36.20 -14.21
N TRP E 165 -41.74 -36.73 -14.10
CA TRP E 165 -42.69 -36.76 -15.21
C TRP E 165 -43.44 -35.44 -15.11
N LYS E 166 -43.56 -34.71 -16.22
CA LYS E 166 -44.08 -33.33 -16.20
C LYS E 166 -45.60 -33.30 -15.95
N LEU E 167 -45.99 -33.68 -14.74
CA LEU E 167 -47.39 -34.00 -14.41
C LEU E 167 -47.91 -33.14 -13.27
N ARG E 168 -48.97 -32.38 -13.55
CA ARG E 168 -49.68 -31.58 -12.56
C ARG E 168 -50.77 -32.42 -11.90
N LYS E 169 -51.43 -31.84 -10.89
CA LYS E 169 -52.58 -32.45 -10.22
C LYS E 169 -53.87 -31.77 -10.68
N GLY E 170 -54.85 -32.58 -11.09
CA GLY E 170 -56.16 -32.08 -11.51
C GLY E 170 -56.20 -31.67 -12.97
N HIS E 171 -55.61 -32.50 -13.82
CA HIS E 171 -55.49 -32.25 -15.27
C HIS E 171 -56.09 -33.43 -16.03
N GLN E 172 -57.00 -33.14 -16.96
CA GLN E 172 -57.69 -34.18 -17.74
C GLN E 172 -56.71 -34.91 -18.66
N MET E 173 -56.63 -36.23 -18.50
CA MET E 173 -55.61 -37.04 -19.16
C MET E 173 -56.18 -38.42 -19.50
N GLY E 174 -56.59 -38.58 -20.75
CA GLY E 174 -57.27 -39.78 -21.22
C GLY E 174 -58.66 -40.00 -20.65
N ALA E 175 -59.13 -41.25 -20.73
CA ALA E 175 -60.47 -41.62 -20.28
C ALA E 175 -60.58 -43.12 -19.99
N LYS E 176 -61.67 -43.47 -19.32
CA LYS E 176 -62.01 -44.86 -18.99
C LYS E 176 -63.45 -45.16 -19.35
N VAL E 177 -63.80 -46.44 -19.38
CA VAL E 177 -65.18 -46.86 -19.64
C VAL E 177 -65.43 -48.28 -19.13
N GLU E 178 -66.34 -48.41 -18.16
CA GLU E 178 -66.74 -49.72 -17.63
C GLU E 178 -67.86 -50.28 -18.48
N LEU E 179 -67.55 -51.34 -19.23
CA LEU E 179 -68.54 -52.04 -20.03
C LEU E 179 -69.13 -53.17 -19.20
N LYS E 180 -70.44 -53.37 -19.35
CA LYS E 180 -71.18 -54.40 -18.61
C LYS E 180 -72.32 -54.94 -19.46
N GLY E 181 -72.56 -56.25 -19.35
CA GLY E 181 -73.63 -56.91 -20.07
C GLY E 181 -73.31 -57.17 -21.53
N LYS E 182 -74.11 -56.60 -22.42
CA LYS E 182 -74.10 -56.97 -23.84
C LYS E 182 -73.02 -56.22 -24.64
N GLU E 183 -72.83 -54.94 -24.32
CA GLU E 183 -71.78 -54.11 -24.96
C GLU E 183 -70.39 -54.65 -24.68
N MET E 184 -70.17 -55.02 -23.41
CA MET E 184 -68.94 -55.65 -22.95
C MET E 184 -68.66 -56.95 -23.72
N SER E 185 -69.69 -57.80 -23.79
CA SER E 185 -69.63 -59.05 -24.54
C SER E 185 -69.24 -58.85 -26.00
N GLN E 186 -69.88 -57.87 -26.63
CA GLN E 186 -69.57 -57.50 -28.01
C GLN E 186 -68.11 -57.09 -28.16
N PHE E 187 -67.67 -56.22 -27.27
CA PHE E 187 -66.28 -55.75 -27.22
C PHE E 187 -65.28 -56.90 -27.09
N LEU E 188 -65.60 -57.87 -26.24
CA LEU E 188 -64.77 -59.07 -26.08
C LEU E 188 -64.70 -59.87 -27.38
N SER E 189 -65.86 -60.09 -27.98
CA SER E 189 -65.98 -60.80 -29.26
C SER E 189 -65.17 -60.15 -30.38
N THR E 190 -65.20 -58.82 -30.43
CA THR E 190 -64.42 -58.04 -31.41
C THR E 190 -62.92 -58.22 -31.19
N LEU E 191 -62.53 -58.17 -29.91
CA LEU E 191 -61.14 -58.38 -29.50
C LEU E 191 -60.62 -59.75 -29.93
N THR E 192 -61.43 -60.77 -29.67
CA THR E 192 -61.08 -62.14 -30.01
C THR E 192 -60.91 -62.34 -31.51
N GLU E 193 -61.83 -61.76 -32.29
CA GLU E 193 -61.98 -62.10 -33.72
C GLU E 193 -61.23 -61.14 -34.64
N ILE E 194 -61.47 -59.84 -34.47
CA ILE E 194 -60.93 -58.82 -35.37
C ILE E 194 -59.51 -58.40 -34.96
N VAL E 195 -59.39 -57.86 -33.75
CA VAL E 195 -58.21 -57.07 -33.36
C VAL E 195 -56.98 -57.91 -33.02
N LEU E 196 -57.10 -58.83 -32.07
CA LEU E 196 -55.94 -59.57 -31.55
C LEU E 196 -55.21 -60.49 -32.56
N PRO E 197 -55.96 -61.08 -33.52
CA PRO E 197 -55.29 -61.76 -34.64
C PRO E 197 -54.47 -60.86 -35.56
N ARG E 198 -54.90 -59.61 -35.75
CA ARG E 198 -54.12 -58.64 -36.56
C ARG E 198 -52.86 -58.09 -35.88
N ILE E 199 -52.69 -58.36 -34.59
CA ILE E 199 -51.44 -58.06 -33.89
C ILE E 199 -50.42 -59.11 -34.34
N ARG E 200 -49.25 -58.66 -34.79
CA ARG E 200 -48.26 -59.53 -35.47
C ARG E 200 -47.74 -60.67 -34.61
N GLU E 201 -46.78 -60.38 -33.72
CA GLU E 201 -46.20 -61.38 -32.84
C GLU E 201 -46.97 -61.41 -31.52
N TYR E 202 -48.21 -61.90 -31.61
CA TYR E 202 -49.11 -61.99 -30.47
C TYR E 202 -49.18 -63.43 -30.00
N LYS E 203 -48.55 -63.70 -28.86
CA LYS E 203 -48.55 -65.04 -28.26
C LYS E 203 -49.84 -65.25 -27.49
N GLY E 204 -50.25 -64.23 -26.74
CA GLY E 204 -51.51 -64.24 -25.99
C GLY E 204 -51.46 -63.35 -24.77
N ILE E 205 -52.37 -63.61 -23.84
CA ILE E 205 -52.35 -62.99 -22.51
C ILE E 205 -51.40 -63.81 -21.65
N SER E 206 -50.62 -63.15 -20.79
CA SER E 206 -49.68 -63.84 -19.90
C SER E 206 -50.44 -64.64 -18.85
N ASN E 207 -49.90 -65.80 -18.48
CA ASN E 207 -50.45 -66.59 -17.38
C ASN E 207 -50.06 -66.03 -16.01
N GLN E 208 -48.99 -65.23 -15.98
CA GLN E 208 -48.60 -64.51 -14.76
C GLN E 208 -49.41 -63.23 -14.53
N SER E 209 -50.16 -62.79 -15.55
CA SER E 209 -51.09 -61.66 -15.40
C SER E 209 -52.26 -62.01 -14.50
N GLY E 210 -52.75 -60.99 -13.79
CA GLY E 210 -54.02 -61.07 -13.08
C GLY E 210 -53.98 -60.65 -11.63
N ASN E 211 -55.17 -60.52 -11.06
CA ASN E 211 -55.36 -60.34 -9.63
C ASN E 211 -55.12 -61.68 -8.96
N ARG E 212 -55.16 -61.70 -7.64
CA ARG E 212 -55.16 -62.96 -6.89
C ARG E 212 -56.56 -63.60 -6.96
N PHE E 213 -57.59 -62.76 -7.13
CA PHE E 213 -59.00 -63.21 -7.14
C PHE E 213 -59.73 -62.71 -8.40
N GLY E 214 -59.83 -63.60 -9.38
CA GLY E 214 -60.74 -63.44 -10.52
C GLY E 214 -60.73 -62.12 -11.24
N GLY E 215 -59.55 -61.71 -11.69
CA GLY E 215 -59.39 -60.51 -12.51
C GLY E 215 -58.14 -60.63 -13.35
N ILE E 216 -58.30 -60.46 -14.67
CA ILE E 216 -57.20 -60.65 -15.63
C ILE E 216 -57.11 -59.40 -16.48
N SER E 217 -55.89 -59.05 -16.90
CA SER E 217 -55.68 -57.84 -17.67
C SER E 217 -54.53 -57.92 -18.67
N PHE E 218 -54.57 -56.98 -19.59
CA PHE E 218 -53.59 -56.83 -20.67
C PHE E 218 -53.81 -55.47 -21.31
N GLY E 219 -52.93 -55.10 -22.24
CA GLY E 219 -53.00 -53.79 -22.88
C GLY E 219 -52.67 -53.80 -24.35
N LEU E 220 -53.22 -52.82 -25.06
CA LEU E 220 -53.06 -52.68 -26.49
C LEU E 220 -52.28 -51.41 -26.77
N THR E 221 -51.34 -51.48 -27.72
CA THR E 221 -50.57 -50.31 -28.15
C THR E 221 -51.40 -49.46 -29.10
N ALA E 222 -50.89 -48.27 -29.44
CA ALA E 222 -51.51 -47.40 -30.44
C ALA E 222 -51.57 -48.04 -31.84
N GLU E 223 -50.60 -48.92 -32.13
CA GLU E 223 -50.59 -49.71 -33.36
C GLU E 223 -51.77 -50.67 -33.44
N ASP E 224 -52.11 -51.28 -32.29
CA ASP E 224 -53.18 -52.28 -32.21
C ASP E 224 -54.60 -51.71 -32.35
N ILE E 225 -54.80 -50.44 -32.01
CA ILE E 225 -56.13 -49.82 -32.01
C ILE E 225 -56.66 -49.54 -33.42
N LYS E 226 -55.76 -49.38 -34.39
CA LYS E 226 -56.15 -49.16 -35.78
C LYS E 226 -56.79 -50.39 -36.46
N PHE E 227 -56.82 -51.54 -35.78
CA PHE E 227 -57.50 -52.74 -36.26
C PHE E 227 -58.98 -52.79 -35.89
N PHE E 228 -59.41 -51.98 -34.91
CA PHE E 228 -60.84 -51.84 -34.59
C PHE E 228 -61.58 -51.28 -35.80
N PRO E 229 -62.72 -51.91 -36.18
CA PRO E 229 -63.42 -51.55 -37.44
C PRO E 229 -63.93 -50.12 -37.51
N GLU E 230 -64.26 -49.52 -36.36
CA GLU E 230 -64.72 -48.14 -36.29
C GLU E 230 -63.58 -47.15 -36.57
N ILE E 231 -62.38 -47.48 -36.10
CA ILE E 231 -61.18 -46.68 -36.33
C ILE E 231 -60.61 -46.96 -37.73
N ASP E 232 -60.58 -48.24 -38.11
CA ASP E 232 -60.02 -48.69 -39.39
C ASP E 232 -60.74 -48.09 -40.62
N ALA E 233 -62.06 -47.93 -40.53
CA ALA E 233 -62.87 -47.44 -41.65
C ALA E 233 -62.63 -45.98 -42.04
N ASN E 234 -62.05 -45.18 -41.13
CA ASN E 234 -61.64 -43.81 -41.44
C ASN E 234 -60.26 -43.47 -40.85
N GLN E 235 -59.22 -43.97 -41.50
CA GLN E 235 -57.83 -43.71 -41.09
C GLN E 235 -57.41 -42.25 -41.31
N ASP E 236 -58.09 -41.55 -42.22
CA ASP E 236 -57.93 -40.10 -42.38
C ASP E 236 -58.44 -39.33 -41.15
N SER E 237 -59.57 -39.76 -40.60
CA SER E 237 -60.15 -39.14 -39.40
C SER E 237 -59.37 -39.43 -38.11
N TRP E 238 -58.58 -40.50 -38.11
CA TRP E 238 -57.76 -40.89 -36.95
C TRP E 238 -56.26 -40.84 -37.28
N PRO E 239 -55.66 -39.62 -37.25
CA PRO E 239 -54.21 -39.51 -37.41
C PRO E 239 -53.45 -40.00 -36.18
N LYS E 240 -53.81 -39.47 -35.00
CA LYS E 240 -53.28 -39.96 -33.73
C LYS E 240 -54.20 -41.03 -33.15
N THR E 241 -53.62 -41.84 -32.27
CA THR E 241 -54.31 -42.97 -31.67
C THR E 241 -53.51 -43.38 -30.42
N PHE E 242 -54.23 -43.86 -29.41
CA PHE E 242 -53.68 -44.01 -28.07
C PHE E 242 -53.85 -45.45 -27.60
N GLY E 243 -52.84 -45.95 -26.89
CA GLY E 243 -52.92 -47.29 -26.30
C GLY E 243 -53.94 -47.35 -25.17
N MET E 244 -54.14 -48.54 -24.61
CA MET E 244 -55.12 -48.72 -23.55
C MET E 244 -54.86 -49.98 -22.72
N HIS E 245 -55.23 -49.90 -21.45
CA HIS E 245 -55.27 -51.06 -20.55
C HIS E 245 -56.67 -51.63 -20.56
N ILE E 246 -56.78 -52.95 -20.45
CA ILE E 246 -58.06 -53.66 -20.51
C ILE E 246 -58.19 -54.59 -19.31
N ASN E 247 -58.89 -54.12 -18.28
CA ASN E 247 -59.11 -54.89 -17.05
C ASN E 247 -60.39 -55.73 -17.17
N ILE E 248 -60.23 -57.04 -17.30
CA ILE E 248 -61.36 -57.97 -17.32
C ILE E 248 -61.60 -58.46 -15.89
N ASN E 249 -62.84 -58.27 -15.42
CA ASN E 249 -63.25 -58.67 -14.08
C ASN E 249 -64.22 -59.83 -14.19
N THR E 250 -63.87 -60.97 -13.59
CA THR E 250 -64.70 -62.16 -13.63
C THR E 250 -65.41 -62.37 -12.30
N SER E 251 -66.33 -63.33 -12.28
CA SER E 251 -66.93 -63.84 -11.05
C SER E 251 -66.20 -65.09 -10.56
N ALA E 252 -64.89 -65.14 -10.80
CA ALA E 252 -64.07 -66.31 -10.47
C ALA E 252 -63.54 -66.14 -9.05
N GLN E 253 -63.46 -67.26 -8.33
CA GLN E 253 -62.90 -67.28 -6.98
C GLN E 253 -61.39 -67.04 -7.00
N LEU E 254 -60.71 -67.72 -7.93
CA LEU E 254 -59.28 -67.58 -8.12
C LEU E 254 -58.96 -67.26 -9.58
N ASP E 255 -57.70 -66.98 -9.87
CA ASP E 255 -57.29 -66.43 -11.17
C ASP E 255 -57.17 -67.49 -12.26
N TYR E 256 -56.76 -68.71 -11.92
CA TYR E 256 -56.69 -69.81 -12.90
C TYR E 256 -58.05 -70.17 -13.48
N GLN E 257 -59.09 -70.04 -12.65
CA GLN E 257 -60.48 -70.27 -13.05
C GLN E 257 -60.90 -69.22 -14.06
N ALA E 258 -60.55 -67.97 -13.76
CA ALA E 258 -60.81 -66.82 -14.64
C ALA E 258 -60.12 -66.98 -15.99
N ARG E 259 -58.86 -67.42 -15.96
CA ARG E 259 -58.08 -67.68 -17.17
C ARG E 259 -58.75 -68.75 -18.04
N THR E 260 -59.17 -69.83 -17.41
CA THR E 260 -59.89 -70.93 -18.06
C THR E 260 -61.17 -70.44 -18.73
N LEU E 261 -61.93 -69.61 -18.01
CA LEU E 261 -63.15 -69.00 -18.52
C LEU E 261 -62.87 -68.17 -19.78
N LEU E 262 -61.84 -67.32 -19.69
CA LEU E 262 -61.46 -66.46 -20.82
C LEU E 262 -61.02 -67.29 -22.04
N SER E 263 -60.28 -68.36 -21.79
CA SER E 263 -59.91 -69.32 -22.83
C SER E 263 -61.14 -69.90 -23.56
N GLY E 264 -62.19 -70.22 -22.79
CA GLY E 264 -63.47 -70.65 -23.34
C GLY E 264 -64.06 -69.68 -24.36
N PHE E 265 -63.83 -68.38 -24.14
CA PHE E 265 -64.20 -67.33 -25.10
C PHE E 265 -63.09 -66.98 -26.12
N GLN E 266 -62.20 -67.92 -26.42
CA GLN E 266 -61.17 -67.78 -27.46
C GLN E 266 -60.14 -66.66 -27.16
N PHE E 267 -59.61 -66.66 -25.95
CA PHE E 267 -58.46 -65.84 -25.58
C PHE E 267 -57.24 -66.75 -25.39
N PRO E 268 -56.16 -66.52 -26.15
CA PRO E 268 -54.98 -67.37 -26.01
C PRO E 268 -54.12 -66.98 -24.81
N PHE E 269 -53.53 -67.98 -24.16
CA PHE E 269 -52.74 -67.79 -22.94
C PHE E 269 -51.39 -68.50 -23.15
N PHE E 270 -50.29 -67.78 -22.95
CA PHE E 270 -48.94 -68.25 -23.39
C PHE E 270 -47.93 -68.55 -22.28
N GLY E 271 -47.79 -67.66 -21.30
CA GLY E 271 -46.75 -67.76 -20.28
C GLY E 271 -46.84 -68.95 -19.33
N GLU E 272 -45.82 -69.10 -18.50
CA GLU E 272 -45.77 -70.15 -17.48
C GLU E 272 -46.64 -69.75 -16.30
N GLU E 273 -47.63 -70.58 -15.97
CA GLU E 273 -48.63 -70.26 -14.95
C GLU E 273 -48.04 -70.39 -13.55
N LYS E 274 -48.61 -69.63 -12.61
CA LYS E 274 -48.09 -69.53 -11.24
C LYS E 274 -48.26 -70.83 -10.47
N SER F 1 -6.47 -81.65 67.89
CA SER F 1 -7.55 -82.69 67.79
C SER F 1 -7.01 -84.00 67.21
N GLN F 2 -6.63 -83.98 65.94
CA GLN F 2 -6.02 -85.13 65.28
C GLN F 2 -4.59 -85.34 65.78
N VAL F 3 -3.92 -84.25 66.15
CA VAL F 3 -2.57 -84.29 66.71
C VAL F 3 -2.63 -84.71 68.19
N GLY F 4 -3.45 -84.01 68.96
CA GLY F 4 -3.62 -84.28 70.40
C GLY F 4 -4.12 -85.66 70.74
N SER F 5 -4.92 -86.26 69.85
CA SER F 5 -5.41 -87.63 70.02
C SER F 5 -4.31 -88.70 69.91
N LEU F 6 -3.20 -88.38 69.25
CA LEU F 6 -2.09 -89.31 69.07
C LEU F 6 -1.37 -89.55 70.41
N PRO F 7 -1.30 -90.82 70.87
CA PRO F 7 -0.72 -91.11 72.18
C PRO F 7 0.81 -91.09 72.19
N LEU F 8 1.39 -90.64 73.29
CA LEU F 8 2.85 -90.50 73.41
C LEU F 8 3.48 -91.71 74.08
N TYR F 9 4.49 -92.28 73.41
CA TYR F 9 5.24 -93.42 73.94
C TYR F 9 6.37 -92.94 74.84
N ILE F 10 6.56 -93.62 75.96
CA ILE F 10 7.61 -93.29 76.93
C ILE F 10 8.48 -94.52 77.24
N SER F 11 9.79 -94.29 77.33
CA SER F 11 10.75 -95.31 77.77
C SER F 11 10.97 -95.16 79.28
N PRO F 12 11.13 -96.29 80.03
CA PRO F 12 11.24 -96.26 81.50
C PRO F 12 12.13 -95.19 82.15
N GLU F 13 13.23 -94.84 81.48
CA GLU F 13 14.15 -93.80 81.96
C GLU F 13 13.53 -92.39 82.08
N VAL F 14 12.55 -92.11 81.22
CA VAL F 14 11.88 -90.80 81.17
C VAL F 14 10.57 -90.84 81.96
N GLN F 15 10.26 -89.73 82.65
CA GLN F 15 9.05 -89.60 83.46
C GLN F 15 8.30 -88.31 83.12
N VAL F 16 7.05 -88.45 82.66
CA VAL F 16 6.17 -87.30 82.38
C VAL F 16 5.20 -87.11 83.55
N SER F 17 5.53 -86.16 84.42
CA SER F 17 4.68 -85.81 85.56
C SER F 17 3.80 -84.61 85.25
N ILE F 18 2.90 -84.29 86.19
CA ILE F 18 2.12 -83.05 86.13
C ILE F 18 1.68 -82.64 87.53
N ASN F 19 1.64 -81.33 87.77
CA ASN F 19 1.25 -80.77 89.06
C ASN F 19 0.91 -79.28 88.95
N ALA F 20 0.15 -78.78 89.91
CA ALA F 20 -0.29 -77.39 89.91
C ALA F 20 0.87 -76.43 90.19
N LEU F 21 0.74 -75.20 89.67
CA LEU F 21 1.79 -74.18 89.83
C LEU F 21 1.71 -73.58 91.23
N SER F 22 2.78 -72.88 91.62
CA SER F 22 2.82 -72.16 92.89
C SER F 22 1.89 -70.95 92.86
N MET F 23 1.97 -70.17 91.78
CA MET F 23 1.10 -69.02 91.55
C MET F 23 0.57 -69.04 90.11
N PRO F 24 -0.58 -69.73 89.90
CA PRO F 24 -1.24 -69.77 88.58
C PRO F 24 -1.59 -68.39 88.01
N ARG F 25 -1.29 -68.20 86.72
CA ARG F 25 -1.58 -66.95 86.01
C ARG F 25 -2.70 -67.18 84.98
N ILE F 26 -3.48 -66.13 84.73
CA ILE F 26 -4.64 -66.21 83.82
C ILE F 26 -4.42 -65.31 82.62
N ILE F 27 -4.47 -65.91 81.42
CA ILE F 27 -4.42 -65.19 80.15
C ILE F 27 -5.84 -64.75 79.81
N ARG F 28 -6.03 -63.45 79.66
CA ARG F 28 -7.35 -62.87 79.43
C ARG F 28 -7.41 -62.37 77.97
N LYS F 29 -8.27 -62.98 77.17
CA LYS F 29 -8.51 -62.57 75.78
C LYS F 29 -9.60 -61.48 75.78
N GLY F 30 -10.16 -61.15 74.62
CA GLY F 30 -11.27 -60.22 74.53
C GLY F 30 -12.53 -60.74 75.21
N ARG F 31 -12.98 -61.90 74.77
CA ARG F 31 -14.18 -62.56 75.31
C ARG F 31 -13.81 -63.79 76.15
N THR F 32 -13.03 -64.69 75.56
CA THR F 32 -12.60 -65.93 76.22
C THR F 32 -11.46 -65.67 77.21
N SER F 33 -11.21 -66.65 78.09
CA SER F 33 -10.06 -66.63 79.01
C SER F 33 -9.33 -67.98 78.99
N MET F 34 -8.17 -68.02 79.65
CA MET F 34 -7.34 -69.23 79.70
C MET F 34 -6.43 -69.22 80.94
N ASN F 35 -6.80 -70.03 81.95
CA ASN F 35 -6.06 -70.07 83.23
C ASN F 35 -4.95 -71.13 83.26
N ILE F 36 -3.69 -70.66 83.22
CA ILE F 36 -2.52 -71.55 83.32
C ILE F 36 -2.33 -71.97 84.78
N SER F 37 -2.69 -73.22 85.07
CA SER F 37 -2.58 -73.81 86.41
C SER F 37 -1.49 -74.87 86.48
N GLN F 38 -1.64 -75.91 85.66
CA GLN F 38 -0.74 -77.07 85.71
C GLN F 38 0.64 -76.78 85.10
N ASN F 39 1.59 -77.65 85.42
CA ASN F 39 2.98 -77.52 84.99
C ASN F 39 3.58 -78.89 84.70
N ILE F 40 3.52 -79.30 83.45
CA ILE F 40 4.07 -80.60 83.00
C ILE F 40 5.59 -80.51 83.00
N THR F 41 6.24 -81.62 83.35
CA THR F 41 7.70 -81.74 83.29
C THR F 41 8.11 -83.03 82.59
N VAL F 42 9.22 -82.97 81.86
CA VAL F 42 9.77 -84.11 81.15
C VAL F 42 11.22 -84.30 81.61
N LYS F 43 11.40 -85.14 82.63
CA LYS F 43 12.73 -85.46 83.16
C LYS F 43 13.28 -86.68 82.43
N GLY F 44 14.58 -86.65 82.11
CA GLY F 44 15.23 -87.73 81.37
C GLY F 44 16.75 -87.77 81.53
N PRO F 45 17.43 -88.62 80.72
CA PRO F 45 18.89 -88.78 80.80
C PRO F 45 19.71 -87.51 80.54
N LYS F 46 19.48 -86.87 79.40
CA LYS F 46 20.27 -85.69 79.00
C LYS F 46 19.96 -84.44 79.84
N GLY F 47 18.69 -84.28 80.24
CA GLY F 47 18.30 -83.18 81.10
C GLY F 47 16.86 -83.25 81.56
N GLU F 48 16.35 -82.11 82.03
CA GLU F 48 14.96 -81.97 82.43
C GLU F 48 14.43 -80.58 82.08
N LEU F 49 13.17 -80.52 81.67
CA LEU F 49 12.53 -79.28 81.24
C LEU F 49 11.01 -79.38 81.31
N SER F 50 10.36 -78.21 81.39
CA SER F 50 8.95 -78.12 81.77
C SER F 50 8.10 -77.27 80.84
N VAL F 51 6.78 -77.51 80.90
CA VAL F 51 5.77 -76.76 80.14
C VAL F 51 4.67 -76.30 81.10
N GLU F 52 4.48 -74.99 81.21
CA GLU F 52 3.35 -74.42 81.95
C GLU F 52 2.11 -74.56 81.05
N VAL F 53 1.03 -75.10 81.59
CA VAL F 53 -0.13 -75.50 80.78
C VAL F 53 -1.47 -75.17 81.47
N PRO F 54 -2.53 -74.86 80.69
CA PRO F 54 -3.88 -74.65 81.22
C PRO F 54 -4.50 -75.73 82.11
N ASP F 55 -5.58 -75.37 82.80
CA ASP F 55 -6.30 -76.25 83.73
C ASP F 55 -7.12 -77.32 83.00
N PHE F 56 -7.83 -76.92 81.93
CA PHE F 56 -8.68 -77.84 81.16
C PHE F 56 -7.95 -79.08 80.62
N LEU F 57 -6.67 -78.94 80.30
CA LEU F 57 -5.87 -80.09 79.86
C LEU F 57 -5.45 -80.95 81.04
N HIS F 58 -5.35 -82.26 80.81
CA HIS F 58 -4.79 -83.21 81.79
C HIS F 58 -4.32 -84.48 81.11
N LEU F 59 -3.29 -85.11 81.69
CA LEU F 59 -2.71 -86.34 81.13
C LEU F 59 -3.57 -87.56 81.50
N ASP F 60 -3.23 -88.68 80.88
CA ASP F 60 -3.81 -89.98 81.21
C ASP F 60 -2.72 -91.05 81.10
N LYS F 61 -1.99 -91.24 82.20
CA LYS F 61 -0.83 -92.12 82.24
C LYS F 61 -1.23 -93.59 82.38
N ASP F 62 -0.85 -94.40 81.39
CA ASP F 62 -1.11 -95.85 81.41
C ASP F 62 0.19 -96.61 81.71
N GLU F 63 0.10 -97.60 82.58
CA GLU F 63 1.24 -98.47 82.91
C GLU F 63 1.62 -99.42 81.76
N LYS F 64 0.61 -99.95 81.08
CA LYS F 64 0.81 -100.94 80.00
C LYS F 64 1.28 -100.27 78.70
N HIS F 65 2.28 -100.89 78.07
CA HIS F 65 2.83 -100.47 76.76
C HIS F 65 3.53 -99.08 76.71
N GLY F 66 3.76 -98.48 77.88
CA GLY F 66 4.43 -97.17 77.96
C GLY F 66 3.74 -95.96 77.33
N LYS F 67 2.44 -96.08 77.05
CA LYS F 67 1.68 -94.99 76.42
C LYS F 67 1.19 -94.00 77.48
N ILE F 68 1.12 -92.72 77.09
CA ILE F 68 0.35 -91.72 77.83
C ILE F 68 -0.49 -90.92 76.83
N ASN F 69 -1.68 -90.51 77.27
CA ASN F 69 -2.59 -89.73 76.45
C ASN F 69 -2.78 -88.35 77.06
N VAL F 70 -3.30 -87.43 76.24
CA VAL F 70 -3.63 -86.07 76.66
C VAL F 70 -5.02 -85.72 76.14
N THR F 71 -5.84 -85.12 77.02
CA THR F 71 -7.22 -84.77 76.70
C THR F 71 -7.61 -83.46 77.37
N VAL F 72 -8.59 -82.78 76.77
CA VAL F 72 -9.14 -81.54 77.32
C VAL F 72 -10.58 -81.76 77.77
N GLN F 73 -11.04 -80.92 78.70
CA GLN F 73 -12.40 -81.03 79.24
C GLN F 73 -13.50 -80.75 78.21
N ASN F 74 -13.19 -79.96 77.19
CA ASN F 74 -14.13 -79.67 76.10
C ASN F 74 -13.40 -79.51 74.76
N SER F 75 -13.44 -80.56 73.95
CA SER F 75 -12.84 -80.56 72.61
C SER F 75 -13.61 -79.68 71.63
N GLU F 76 -14.92 -79.51 71.87
CA GLU F 76 -15.77 -78.65 71.04
C GLU F 76 -15.47 -77.16 71.26
N ASP F 77 -14.89 -76.82 72.42
CA ASP F 77 -14.35 -75.48 72.66
C ASP F 77 -13.11 -75.33 71.77
N LYS F 78 -13.11 -74.29 70.95
CA LYS F 78 -12.11 -74.11 69.89
C LYS F 78 -10.71 -73.87 70.44
N HIS F 79 -10.62 -72.95 71.39
CA HIS F 79 -9.34 -72.56 72.00
C HIS F 79 -8.67 -73.73 72.71
N GLN F 80 -9.47 -74.49 73.46
CA GLN F 80 -9.01 -75.71 74.12
C GLN F 80 -8.46 -76.74 73.14
N ARG F 81 -9.20 -76.93 72.05
CA ARG F 81 -8.84 -77.89 71.00
C ARG F 81 -7.52 -77.48 70.34
N SER F 82 -7.35 -76.18 70.11
CA SER F 82 -6.12 -75.61 69.56
C SER F 82 -4.93 -75.80 70.48
N MET F 83 -5.17 -75.62 71.78
CA MET F 83 -4.15 -75.82 72.81
C MET F 83 -3.70 -77.28 72.89
N TRP F 84 -4.68 -78.19 72.82
CA TRP F 84 -4.47 -79.64 72.95
C TRP F 84 -3.42 -80.17 71.97
N GLY F 85 -3.57 -79.82 70.70
CA GLY F 85 -2.61 -80.23 69.66
C GLY F 85 -1.21 -79.66 69.88
N THR F 86 -1.16 -78.42 70.37
CA THR F 86 0.11 -77.76 70.71
C THR F 86 0.86 -78.47 71.84
N VAL F 87 0.15 -78.68 72.94
CA VAL F 87 0.75 -79.17 74.18
C VAL F 87 1.34 -80.56 74.00
N ARG F 88 0.56 -81.44 73.38
CA ARG F 88 0.98 -82.80 73.05
C ARG F 88 2.27 -82.81 72.24
N SER F 89 2.29 -81.98 71.20
CA SER F 89 3.44 -81.82 70.32
C SER F 89 4.68 -81.32 71.08
N LEU F 90 4.45 -80.37 71.98
CA LEU F 90 5.50 -79.80 72.82
C LEU F 90 6.13 -80.87 73.72
N ILE F 91 5.28 -81.65 74.37
CA ILE F 91 5.77 -82.70 75.28
C ILE F 91 6.45 -83.85 74.51
N ASN F 92 6.00 -84.13 73.28
CA ASN F 92 6.69 -85.06 72.38
C ASN F 92 8.10 -84.58 72.05
N ASN F 93 8.20 -83.30 71.68
CA ASN F 93 9.49 -82.65 71.43
C ASN F 93 10.45 -82.72 72.61
N HIS F 94 9.90 -82.47 73.80
CA HIS F 94 10.66 -82.58 75.05
C HIS F 94 11.18 -83.99 75.28
N ILE F 95 10.31 -84.96 75.10
CA ILE F 95 10.65 -86.39 75.20
C ILE F 95 11.81 -86.73 74.29
N ILE F 96 11.69 -86.29 73.03
CA ILE F 96 12.73 -86.50 72.01
C ILE F 96 14.07 -85.91 72.46
N GLY F 97 14.01 -84.68 72.95
CA GLY F 97 15.20 -83.97 73.42
C GLY F 97 15.90 -84.65 74.59
N VAL F 98 15.12 -85.01 75.61
CA VAL F 98 15.69 -85.65 76.82
C VAL F 98 16.29 -87.03 76.52
N THR F 99 15.62 -87.82 75.68
CA THR F 99 16.13 -89.14 75.29
C THR F 99 17.25 -89.08 74.24
N GLU F 100 17.05 -88.33 73.16
CA GLU F 100 18.01 -88.28 72.04
C GLU F 100 18.79 -86.97 71.97
N GLY F 101 18.09 -85.85 72.04
CA GLY F 101 18.70 -84.52 71.93
C GLY F 101 18.47 -83.91 70.57
N HIS F 102 18.13 -82.62 70.56
CA HIS F 102 17.88 -81.88 69.33
C HIS F 102 19.18 -81.33 68.78
N LEU F 103 19.24 -81.21 67.46
CA LEU F 103 20.47 -80.85 66.76
C LEU F 103 20.17 -79.79 65.69
N ALA F 104 21.15 -78.93 65.43
CA ALA F 104 21.04 -77.90 64.40
C ALA F 104 22.40 -77.60 63.77
N VAL F 105 22.61 -78.15 62.57
CA VAL F 105 23.85 -77.96 61.82
C VAL F 105 23.75 -76.68 61.00
N LEU F 106 24.74 -75.80 61.15
CA LEU F 106 24.88 -74.61 60.31
C LEU F 106 26.12 -74.77 59.44
N ARG F 107 25.93 -74.81 58.13
CA ARG F 107 27.04 -74.82 57.17
C ARG F 107 27.23 -73.42 56.58
N PHE F 108 28.44 -72.89 56.70
CA PHE F 108 28.79 -71.57 56.18
C PHE F 108 29.29 -71.71 54.74
N VAL F 109 28.84 -70.81 53.88
CA VAL F 109 29.17 -70.88 52.45
C VAL F 109 29.68 -69.51 51.99
N GLY F 110 30.93 -69.47 51.52
CA GLY F 110 31.55 -68.24 51.06
C GLY F 110 33.05 -68.23 51.31
N THR F 111 33.75 -67.33 50.62
CA THR F 111 35.19 -67.15 50.80
C THR F 111 35.47 -66.44 52.13
N GLY F 112 36.07 -67.16 53.07
CA GLY F 112 36.31 -66.65 54.42
C GLY F 112 35.06 -66.54 55.27
N TYR F 113 34.08 -67.40 55.01
CA TYR F 113 32.84 -67.47 55.78
C TYR F 113 32.95 -68.67 56.72
N ARG F 114 33.03 -68.40 58.03
CA ARG F 114 33.23 -69.45 59.03
C ARG F 114 32.88 -68.99 60.44
N ALA F 115 32.69 -69.97 61.33
CA ALA F 115 32.41 -69.73 62.75
C ALA F 115 33.60 -70.11 63.62
N GLN F 116 33.57 -69.66 64.87
CA GLN F 116 34.63 -69.94 65.84
C GLN F 116 34.10 -69.80 67.27
N LEU F 117 34.49 -70.74 68.13
CA LEU F 117 34.13 -70.69 69.56
C LEU F 117 35.18 -69.86 70.30
N GLU F 118 34.78 -68.67 70.72
CA GLU F 118 35.72 -67.65 71.20
C GLU F 118 35.95 -67.72 72.72
N ASN F 119 34.85 -67.78 73.48
CA ASN F 119 34.90 -67.76 74.95
C ASN F 119 34.75 -69.17 75.56
N ASP F 120 35.51 -70.12 75.03
CA ASP F 120 35.48 -71.53 75.47
C ASP F 120 34.06 -72.13 75.37
N GLY F 121 33.41 -71.90 74.23
CA GLY F 121 32.04 -72.37 73.99
C GLY F 121 30.92 -71.39 74.31
N LYS F 122 31.20 -70.41 75.17
CA LYS F 122 30.18 -69.49 75.70
C LYS F 122 29.83 -68.32 74.77
N PHE F 123 30.60 -68.14 73.68
CA PHE F 123 30.32 -67.11 72.68
C PHE F 123 30.71 -67.60 71.29
N VAL F 124 29.71 -67.80 70.43
CA VAL F 124 29.94 -68.20 69.04
C VAL F 124 30.30 -66.96 68.23
N ASN F 125 31.61 -66.76 68.01
CA ASN F 125 32.08 -65.74 67.08
C ASN F 125 31.80 -66.19 65.65
N VAL F 126 31.21 -65.29 64.87
CA VAL F 126 30.85 -65.57 63.47
C VAL F 126 31.44 -64.50 62.56
N LYS F 127 32.20 -64.94 61.56
CA LYS F 127 32.88 -64.07 60.62
C LYS F 127 32.28 -64.33 59.25
N VAL F 128 31.53 -63.38 58.73
CA VAL F 128 30.67 -63.59 57.56
C VAL F 128 30.67 -62.37 56.61
N GLY F 129 31.81 -61.69 56.51
CA GLY F 129 31.96 -60.50 55.67
C GLY F 129 31.50 -59.24 56.39
N ALA F 130 32.33 -58.81 57.35
CA ALA F 130 32.08 -57.60 58.13
C ALA F 130 33.37 -57.11 58.79
N SER F 131 33.59 -55.80 58.76
CA SER F 131 34.76 -55.19 59.40
C SER F 131 34.68 -55.33 60.91
N ILE F 132 33.53 -54.96 61.47
CA ILE F 132 33.19 -55.24 62.87
C ILE F 132 33.05 -56.75 63.11
N LYS F 133 33.41 -57.20 64.31
CA LYS F 133 33.24 -58.60 64.70
C LYS F 133 31.77 -58.84 65.03
N GLN F 134 31.28 -60.04 64.67
CA GLN F 134 29.90 -60.44 64.91
C GLN F 134 29.85 -61.75 65.69
N GLY F 135 28.76 -61.94 66.43
CA GLY F 135 28.57 -63.12 67.26
C GLY F 135 27.54 -62.89 68.34
N LEU F 136 27.23 -63.96 69.08
CA LEU F 136 26.30 -63.89 70.21
C LEU F 136 26.55 -65.02 71.21
N ASP F 137 26.20 -64.75 72.47
CA ASP F 137 26.41 -65.72 73.56
C ASP F 137 25.47 -66.90 73.43
N VAL F 138 25.96 -68.09 73.76
CA VAL F 138 25.12 -69.30 73.78
C VAL F 138 24.23 -69.25 75.01
N PRO F 139 22.93 -69.59 74.88
CA PRO F 139 22.07 -69.63 76.08
C PRO F 139 22.34 -70.86 76.95
N GLU F 140 21.74 -70.87 78.14
CA GLU F 140 21.77 -72.03 79.03
C GLU F 140 20.99 -73.20 78.43
N GLY F 141 21.57 -74.40 78.49
CA GLY F 141 21.01 -75.60 77.85
C GLY F 141 21.65 -75.90 76.50
N ILE F 142 21.94 -74.87 75.72
CA ILE F 142 22.55 -75.02 74.40
C ILE F 142 24.04 -75.31 74.56
N VAL F 143 24.51 -76.32 73.83
CA VAL F 143 25.94 -76.63 73.71
C VAL F 143 26.30 -76.57 72.23
N VAL F 144 27.33 -75.79 71.91
CA VAL F 144 27.79 -75.60 70.53
C VAL F 144 29.12 -76.31 70.34
N LYS F 145 29.33 -76.86 69.15
CA LYS F 145 30.59 -77.49 68.77
C LYS F 145 30.86 -77.37 67.27
N THR F 146 32.13 -77.22 66.92
CA THR F 146 32.56 -76.91 65.56
C THR F 146 33.51 -78.00 65.01
N PRO F 147 32.94 -79.03 64.36
CA PRO F 147 33.73 -80.05 63.64
C PRO F 147 34.69 -79.46 62.60
N ALA F 148 34.19 -78.50 61.83
CA ALA F 148 35.00 -77.70 60.90
C ALA F 148 34.83 -76.21 61.25
N PRO F 149 35.68 -75.34 60.69
CA PRO F 149 35.44 -73.89 60.84
C PRO F 149 34.16 -73.45 60.11
N THR F 150 33.96 -73.98 58.91
CA THR F 150 32.81 -73.66 58.06
C THR F 150 31.54 -74.52 58.31
N SER F 151 31.54 -75.34 59.37
CA SER F 151 30.39 -76.19 59.69
C SER F 151 30.19 -76.32 61.21
N LEU F 152 29.32 -75.45 61.74
CA LEU F 152 29.02 -75.41 63.17
C LEU F 152 27.82 -76.29 63.52
N ILE F 153 27.79 -76.80 64.75
CA ILE F 153 26.67 -77.61 65.26
C ILE F 153 26.20 -77.05 66.59
N ILE F 154 24.89 -76.82 66.69
CA ILE F 154 24.22 -76.41 67.93
C ILE F 154 23.43 -77.62 68.43
N GLU F 155 23.43 -77.83 69.74
CA GLU F 155 22.82 -79.01 70.35
C GLU F 155 22.15 -78.67 71.68
N GLY F 156 20.96 -79.21 71.91
CA GLY F 156 20.20 -78.92 73.13
C GLY F 156 19.01 -79.83 73.38
N CYS F 157 18.43 -79.69 74.58
CA CYS F 157 17.26 -80.46 75.00
C CYS F 157 15.95 -79.84 74.55
N ASN F 158 15.91 -78.52 74.43
CA ASN F 158 14.73 -77.79 73.98
C ASN F 158 14.82 -77.54 72.46
N LYS F 159 13.88 -78.13 71.71
CA LYS F 159 13.80 -77.94 70.25
C LYS F 159 13.54 -76.48 69.88
N GLN F 160 12.71 -75.81 70.67
CA GLN F 160 12.43 -74.38 70.49
C GLN F 160 13.70 -73.54 70.53
N GLN F 161 14.48 -73.74 71.59
CA GLN F 161 15.59 -72.84 71.93
C GLN F 161 16.74 -72.96 70.95
N VAL F 162 17.13 -74.21 70.66
CA VAL F 162 18.20 -74.52 69.71
C VAL F 162 17.95 -73.95 68.32
N LEU F 163 16.73 -74.11 67.83
CA LEU F 163 16.39 -73.72 66.47
C LEU F 163 16.23 -72.20 66.37
N LEU F 164 15.79 -71.57 67.46
CA LEU F 164 15.79 -70.11 67.59
C LEU F 164 17.21 -69.56 67.51
N PHE F 165 18.11 -70.18 68.27
CA PHE F 165 19.54 -69.81 68.28
C PHE F 165 20.17 -69.91 66.90
N ALA F 166 19.87 -71.03 66.22
CA ALA F 166 20.32 -71.28 64.85
C ALA F 166 19.85 -70.19 63.89
N ALA F 167 18.57 -69.84 64.00
CA ALA F 167 17.97 -68.76 63.21
C ALA F 167 18.63 -67.41 63.45
N LYS F 168 18.90 -67.11 64.72
CA LYS F 168 19.64 -65.91 65.12
C LYS F 168 21.03 -65.84 64.49
N LEU F 169 21.74 -66.96 64.58
CA LEU F 169 23.06 -67.13 63.94
C LEU F 169 23.02 -66.87 62.44
N ARG F 170 22.03 -67.48 61.79
CA ARG F 170 21.81 -67.30 60.35
C ARG F 170 21.57 -65.84 59.98
N LYS F 171 20.77 -65.15 60.80
CA LYS F 171 20.34 -63.78 60.55
C LYS F 171 21.46 -62.77 60.25
N PHE F 172 22.68 -63.05 60.71
CA PHE F 172 23.86 -62.26 60.33
C PHE F 172 24.12 -62.26 58.81
N HIS F 173 23.89 -63.40 58.17
CA HIS F 173 23.98 -63.51 56.70
C HIS F 173 23.16 -64.69 56.18
N PRO F 174 21.86 -64.46 55.88
CA PRO F 174 21.08 -65.49 55.19
C PRO F 174 21.59 -65.77 53.78
N PRO F 175 21.29 -66.96 53.21
CA PRO F 175 21.76 -67.30 51.87
C PRO F 175 21.34 -66.31 50.78
N GLU F 176 22.31 -65.82 50.02
CA GLU F 176 22.03 -64.95 48.88
C GLU F 176 21.64 -65.83 47.68
N PRO F 177 20.79 -65.31 46.78
CA PRO F 177 20.38 -66.10 45.61
C PRO F 177 21.43 -66.17 44.49
N TYR F 178 22.20 -65.10 44.29
CA TYR F 178 23.10 -64.96 43.14
C TYR F 178 24.26 -65.94 43.20
N LYS F 179 24.91 -65.98 44.36
CA LYS F 179 25.79 -67.06 44.74
C LYS F 179 25.18 -67.66 45.98
N GLY F 180 24.99 -68.98 45.99
CA GLY F 180 24.57 -69.69 47.20
C GLY F 180 25.62 -69.44 48.27
N LYS F 181 25.38 -68.42 49.10
CA LYS F 181 26.42 -67.84 49.95
C LYS F 181 25.81 -67.25 51.22
N GLY F 182 26.24 -67.77 52.37
CA GLY F 182 25.69 -67.36 53.66
C GLY F 182 25.74 -68.47 54.70
N ILE F 183 24.64 -68.61 55.45
CA ILE F 183 24.56 -69.55 56.57
C ILE F 183 23.26 -70.38 56.41
N TYR F 184 23.42 -71.69 56.27
CA TYR F 184 22.31 -72.60 55.95
C TYR F 184 22.00 -73.47 57.17
N VAL F 185 20.81 -73.31 57.76
CA VAL F 185 20.41 -74.07 58.95
C VAL F 185 19.75 -75.38 58.54
N ASN F 186 20.33 -76.50 58.96
CA ASN F 186 19.81 -77.85 58.67
C ASN F 186 19.68 -78.09 57.15
N ASP F 187 18.63 -78.78 56.71
CA ASP F 187 18.30 -78.87 55.28
C ASP F 187 17.61 -77.58 54.84
N GLU F 188 18.41 -76.58 54.53
CA GLU F 188 17.94 -75.34 53.91
C GLU F 188 18.43 -75.31 52.47
N THR F 189 17.58 -74.84 51.57
CA THR F 189 17.89 -74.78 50.15
C THR F 189 17.62 -73.35 49.65
N ILE F 190 18.10 -73.08 48.45
CA ILE F 190 17.86 -71.79 47.79
C ILE F 190 18.00 -71.95 46.28
N LYS F 191 17.01 -71.43 45.55
CA LYS F 191 17.01 -71.48 44.08
C LYS F 191 17.98 -70.43 43.55
N LEU F 192 19.08 -70.89 42.98
CA LEU F 192 20.14 -69.98 42.48
C LEU F 192 19.71 -69.35 41.15
N LYS F 193 19.82 -68.03 41.07
CA LYS F 193 19.50 -67.30 39.84
C LYS F 193 20.59 -67.49 38.80
N ASP F 194 20.21 -67.30 37.53
CA ASP F 194 21.16 -67.33 36.42
C ASP F 194 22.08 -66.10 36.52
N LYS F 195 23.36 -66.29 36.18
CA LYS F 195 24.38 -65.26 36.39
C LYS F 195 24.18 -64.04 35.48
N LYS F 196 24.29 -64.25 34.18
CA LYS F 196 24.10 -63.21 33.17
C LYS F 196 25.05 -62.01 33.33
N SER G 1 -49.65 50.53 3.32
CA SER G 1 -49.85 49.60 2.15
C SER G 1 -49.70 50.33 0.81
N ALA G 2 -49.69 49.55 -0.27
CA ALA G 2 -49.63 50.08 -1.63
C ALA G 2 -50.90 50.85 -2.01
N LEU G 3 -52.04 50.26 -1.67
CA LEU G 3 -53.37 50.87 -1.83
C LEU G 3 -53.43 52.19 -1.07
N THR G 4 -53.03 52.15 0.20
CA THR G 4 -52.98 53.32 1.07
C THR G 4 -52.14 54.43 0.45
N LYS G 5 -50.94 54.07 -0.01
CA LYS G 5 -50.01 54.99 -0.66
C LYS G 5 -50.65 55.67 -1.87
N ARG G 6 -51.31 54.87 -2.71
CA ARG G 6 -52.07 55.39 -3.86
C ARG G 6 -53.15 56.40 -3.48
N THR G 7 -53.96 56.07 -2.50
CA THR G 7 -55.21 56.81 -2.22
C THR G 7 -55.13 57.86 -1.10
N HIS G 8 -54.24 57.67 -0.13
CA HIS G 8 -54.10 58.64 0.96
C HIS G 8 -53.55 59.97 0.45
N ARG G 9 -54.33 61.03 0.68
CA ARG G 9 -53.93 62.39 0.34
C ARG G 9 -54.21 63.31 1.52
N VAL G 10 -53.57 64.46 1.49
CA VAL G 10 -53.74 65.51 2.50
C VAL G 10 -53.96 66.83 1.77
N LYS G 11 -55.06 67.50 2.08
CA LYS G 11 -55.40 68.77 1.47
C LYS G 11 -54.57 69.87 2.12
N VAL G 12 -53.73 70.53 1.32
CA VAL G 12 -52.86 71.61 1.79
C VAL G 12 -53.05 72.84 0.91
N GLN G 13 -52.58 73.98 1.40
CA GLN G 13 -52.39 75.16 0.57
C GLN G 13 -50.92 75.52 0.58
N VAL G 14 -50.29 75.56 -0.60
CA VAL G 14 -48.90 76.01 -0.71
C VAL G 14 -48.84 77.53 -0.64
N LEU G 15 -47.80 78.05 0.02
CA LEU G 15 -47.59 79.49 0.20
C LEU G 15 -46.25 79.88 -0.41
N LYS G 16 -45.84 79.14 -1.44
CA LYS G 16 -44.48 79.24 -1.98
C LYS G 16 -44.40 78.45 -3.29
N ASP G 17 -43.50 78.87 -4.17
CA ASP G 17 -43.23 78.12 -5.40
C ASP G 17 -42.47 76.83 -5.10
N PHE G 18 -42.86 75.74 -5.78
CA PHE G 18 -42.24 74.43 -5.63
C PHE G 18 -42.12 73.80 -7.02
N PRO G 19 -41.09 74.20 -7.80
CA PRO G 19 -40.90 73.74 -9.19
C PRO G 19 -40.75 72.23 -9.39
N ARG G 20 -40.09 71.55 -8.44
CA ARG G 20 -39.90 70.10 -8.53
C ARG G 20 -41.24 69.35 -8.40
N PHE G 21 -42.05 69.75 -7.43
CA PHE G 21 -43.33 69.12 -7.12
C PHE G 21 -44.51 69.69 -7.92
N GLN G 22 -44.25 70.66 -8.80
CA GLN G 22 -45.25 71.24 -9.71
C GLN G 22 -46.39 71.94 -8.95
N LEU G 23 -46.02 72.72 -7.94
CA LEU G 23 -46.99 73.41 -7.08
C LEU G 23 -46.62 74.88 -6.99
N TYR G 24 -47.52 75.76 -7.44
CA TYR G 24 -47.25 77.20 -7.52
C TYR G 24 -47.98 77.94 -6.39
N LYS G 25 -47.36 79.03 -5.91
CA LYS G 25 -47.82 79.77 -4.73
C LYS G 25 -49.33 80.02 -4.69
N GLY G 26 -49.94 79.70 -3.56
CA GLY G 26 -51.38 79.86 -3.36
C GLY G 26 -52.25 78.67 -3.73
N GLN G 27 -51.71 77.74 -4.51
CA GLN G 27 -52.44 76.54 -4.94
C GLN G 27 -52.90 75.72 -3.74
N VAL G 28 -54.11 75.17 -3.87
CA VAL G 28 -54.70 74.28 -2.88
C VAL G 28 -54.69 72.90 -3.49
N ALA G 29 -53.91 71.99 -2.91
CA ALA G 29 -53.62 70.69 -3.51
C ALA G 29 -53.77 69.54 -2.52
N ASN G 30 -54.25 68.40 -3.03
CA ASN G 30 -54.31 67.17 -2.26
C ASN G 30 -53.01 66.38 -2.45
N VAL G 31 -52.01 66.73 -1.64
CA VAL G 31 -50.66 66.17 -1.76
C VAL G 31 -50.51 64.90 -0.94
N LYS G 32 -49.39 64.19 -1.15
CA LYS G 32 -49.02 63.05 -0.30
C LYS G 32 -48.65 63.56 1.09
N PRO G 33 -49.07 62.85 2.17
CA PRO G 33 -48.78 63.31 3.54
C PRO G 33 -47.29 63.43 3.84
N SER G 34 -46.53 62.42 3.38
CA SER G 34 -45.07 62.39 3.51
C SER G 34 -44.41 63.63 2.91
N LEU G 35 -44.79 63.93 1.67
CA LEU G 35 -44.31 65.11 0.96
C LEU G 35 -44.55 66.39 1.74
N MET G 36 -45.77 66.51 2.26
CA MET G 36 -46.19 67.68 3.03
C MET G 36 -45.32 67.86 4.28
N ARG G 37 -45.21 66.81 5.09
CA ARG G 37 -44.45 66.89 6.35
C ARG G 37 -42.95 67.11 6.12
N ASN G 38 -42.41 66.58 5.03
CA ASN G 38 -40.97 66.61 4.76
C ASN G 38 -40.53 67.88 4.02
N TYR G 39 -41.20 68.20 2.92
CA TYR G 39 -40.75 69.25 2.00
C TYR G 39 -41.55 70.55 2.11
N LEU G 40 -42.87 70.45 1.91
CA LEU G 40 -43.75 71.62 1.75
C LEU G 40 -43.93 72.45 3.03
N HIS G 41 -44.25 71.78 4.14
CA HIS G 41 -44.61 72.45 5.39
C HIS G 41 -43.45 73.22 6.05
N ASN G 42 -42.21 72.79 5.78
CA ASN G 42 -41.03 73.46 6.34
C ASN G 42 -40.92 74.92 5.90
N PHE G 43 -40.47 75.77 6.82
CA PHE G 43 -40.25 77.21 6.58
C PHE G 43 -41.50 77.97 6.12
N ASN G 44 -42.65 77.60 6.69
CA ASN G 44 -43.95 78.18 6.32
C ASN G 44 -44.25 78.08 4.81
N GLY G 45 -43.75 77.02 4.18
CA GLY G 45 -43.83 76.86 2.73
C GLY G 45 -45.21 76.46 2.26
N ALA G 46 -45.90 75.66 3.07
CA ALA G 46 -47.30 75.32 2.84
C ALA G 46 -48.07 75.34 4.16
N LYS G 47 -49.34 74.97 4.11
CA LYS G 47 -50.19 74.95 5.29
C LYS G 47 -51.27 73.88 5.15
N TYR G 48 -51.52 73.14 6.23
CA TYR G 48 -52.61 72.17 6.28
C TYR G 48 -53.94 72.91 6.36
N ILE G 49 -54.95 72.43 5.63
CA ILE G 49 -56.29 73.03 5.65
C ILE G 49 -57.38 72.00 5.98
N LEU G 50 -57.75 71.93 7.25
CA LEU G 50 -58.80 71.02 7.72
C LEU G 50 -60.17 71.64 7.47
N SER G 51 -60.40 72.81 8.05
CA SER G 51 -61.63 73.59 7.82
C SER G 51 -61.39 74.57 6.67
N GLU G 52 -62.10 74.38 5.56
CA GLU G 52 -61.91 75.19 4.35
C GLU G 52 -62.25 76.68 4.56
N GLU G 53 -63.23 76.96 5.43
CA GLU G 53 -63.64 78.34 5.71
C GLU G 53 -62.57 79.11 6.48
N HIS G 54 -62.17 78.56 7.63
CA HIS G 54 -61.27 79.24 8.56
C HIS G 54 -59.79 79.22 8.16
N ASP G 55 -59.30 78.04 7.77
CA ASP G 55 -57.87 77.83 7.56
C ASP G 55 -57.37 78.51 6.28
N ILE G 56 -58.04 78.21 5.17
CA ILE G 56 -57.58 78.59 3.82
C ILE G 56 -57.36 80.11 3.64
N ASN G 57 -56.32 80.45 2.88
CA ASN G 57 -56.12 81.82 2.41
C ASN G 57 -56.82 81.97 1.05
N THR G 58 -57.61 83.02 0.91
CA THR G 58 -58.50 83.19 -0.25
C THR G 58 -57.81 83.92 -1.41
N GLU G 59 -57.11 85.01 -1.07
CA GLU G 59 -56.45 85.88 -2.05
C GLU G 59 -55.39 85.12 -2.86
N LEU G 60 -54.56 84.38 -2.15
CA LEU G 60 -53.52 83.53 -2.75
C LEU G 60 -54.09 82.50 -3.71
N LEU G 61 -55.18 81.85 -3.28
CA LEU G 61 -55.90 80.89 -4.12
C LEU G 61 -56.44 81.53 -5.40
N LYS G 62 -57.02 82.73 -5.25
CA LYS G 62 -57.53 83.51 -6.38
C LYS G 62 -56.42 83.85 -7.38
N GLN G 63 -55.28 84.29 -6.85
CA GLN G 63 -54.09 84.59 -7.66
C GLN G 63 -53.61 83.37 -8.44
N TYR G 64 -53.55 82.23 -7.76
CA TYR G 64 -53.19 80.95 -8.39
C TYR G 64 -54.13 80.59 -9.55
N GLN G 65 -55.43 80.72 -9.29
CA GLN G 65 -56.47 80.47 -10.30
C GLN G 65 -56.29 81.37 -11.52
N THR G 66 -56.01 82.64 -11.28
CA THR G 66 -55.74 83.63 -12.33
C THR G 66 -54.53 83.23 -13.18
N LEU G 67 -53.46 82.83 -12.49
CA LEU G 67 -52.23 82.34 -13.15
C LEU G 67 -52.51 81.13 -14.03
N GLU G 68 -53.27 80.19 -13.50
CA GLU G 68 -53.67 78.98 -14.23
C GLU G 68 -54.46 79.32 -15.48
N ALA G 69 -55.42 80.25 -15.35
CA ALA G 69 -56.21 80.76 -16.47
C ALA G 69 -55.34 81.39 -17.55
N LYS G 70 -54.37 82.19 -17.12
CA LYS G 70 -53.40 82.85 -18.00
C LYS G 70 -52.57 81.81 -18.79
N LEU G 71 -52.10 80.79 -18.07
CA LEU G 71 -51.38 79.65 -18.67
C LEU G 71 -52.21 78.94 -19.73
N GLU G 72 -53.46 78.66 -19.40
CA GLU G 72 -54.41 78.03 -20.33
C GLU G 72 -54.61 78.85 -21.60
N GLU G 73 -54.79 80.16 -21.42
CA GLU G 73 -54.91 81.11 -22.54
C GLU G 73 -53.68 81.06 -23.44
N ASP G 74 -52.50 81.12 -22.82
CA ASP G 74 -51.23 81.06 -23.54
C ASP G 74 -50.86 79.62 -23.88
N SER H 1 -40.87 -30.43 110.30
CA SER H 1 -40.83 -31.36 111.48
C SER H 1 -39.79 -32.47 111.35
N GLN H 2 -39.72 -33.08 110.17
CA GLN H 2 -38.77 -34.18 109.89
C GLN H 2 -37.33 -33.71 110.00
N LYS H 3 -37.05 -32.50 109.52
CA LYS H 3 -35.72 -31.90 109.55
C LYS H 3 -35.20 -31.52 110.95
N ILE H 4 -36.11 -31.28 111.89
CA ILE H 4 -35.74 -30.75 113.21
C ILE H 4 -35.14 -31.87 114.09
N GLY H 5 -33.97 -31.57 114.66
CA GLY H 5 -33.21 -32.54 115.47
C GLY H 5 -31.72 -32.28 115.36
N HIS H 6 -30.93 -33.22 115.88
CA HIS H 6 -29.46 -33.15 115.76
C HIS H 6 -29.03 -33.75 114.43
N SER H 7 -28.50 -32.90 113.56
CA SER H 7 -28.12 -33.26 112.20
C SER H 7 -26.63 -33.56 112.00
N GLY H 8 -25.84 -33.42 113.07
CA GLY H 8 -24.38 -33.59 113.01
C GLY H 8 -23.91 -34.93 112.46
N LEU H 9 -24.59 -36.00 112.86
CA LEU H 9 -24.29 -37.35 112.37
C LEU H 9 -24.64 -37.55 110.89
N ALA H 10 -25.75 -36.96 110.45
CA ALA H 10 -26.17 -37.04 109.04
C ALA H 10 -25.11 -36.46 108.10
N PHE H 11 -24.62 -35.27 108.46
CA PHE H 11 -23.58 -34.58 107.69
C PHE H 11 -22.13 -35.01 108.00
N ALA H 12 -21.96 -36.04 108.82
CA ALA H 12 -20.65 -36.59 109.13
C ALA H 12 -19.99 -37.19 107.90
N ARG H 13 -18.73 -36.83 107.67
CA ARG H 13 -17.93 -37.39 106.60
C ARG H 13 -17.40 -38.75 107.03
N LEU H 14 -17.97 -39.83 106.51
CA LEU H 14 -17.47 -41.17 106.78
C LEU H 14 -16.32 -41.48 105.84
N TRP H 15 -15.61 -42.57 106.14
CA TRP H 15 -14.51 -43.04 105.31
C TRP H 15 -14.83 -44.44 104.80
N HIS H 16 -14.87 -44.59 103.49
CA HIS H 16 -15.30 -45.83 102.84
C HIS H 16 -14.10 -46.51 102.18
N HIS H 17 -13.80 -47.71 102.65
CA HIS H 17 -12.77 -48.53 102.05
C HIS H 17 -13.33 -49.26 100.83
N VAL H 18 -12.46 -49.51 99.84
CA VAL H 18 -12.75 -50.46 98.77
C VAL H 18 -11.47 -51.18 98.35
N ASP H 19 -11.37 -52.45 98.76
CA ASP H 19 -10.27 -53.33 98.38
C ASP H 19 -10.52 -53.77 96.94
N VAL H 20 -9.78 -53.18 96.00
CA VAL H 20 -9.98 -53.41 94.56
C VAL H 20 -9.69 -54.88 94.18
N ALA H 21 -8.78 -55.53 94.91
CA ALA H 21 -8.51 -56.97 94.74
C ALA H 21 -9.77 -57.83 94.94
N ARG H 22 -10.58 -57.47 95.94
CA ARG H 22 -11.85 -58.14 96.21
C ARG H 22 -12.96 -57.75 95.23
N ASP H 23 -13.06 -56.46 94.92
CA ASP H 23 -14.16 -55.94 94.09
C ASP H 23 -14.04 -56.46 92.65
N LYS H 24 -15.17 -56.94 92.13
CA LYS H 24 -15.23 -57.61 90.82
C LYS H 24 -15.69 -56.68 89.68
N ARG H 25 -16.00 -55.43 90.00
CA ARG H 25 -16.40 -54.46 88.98
C ARG H 25 -15.21 -54.07 88.11
N THR H 26 -15.51 -53.69 86.87
CA THR H 26 -14.52 -53.12 85.97
C THR H 26 -14.21 -51.69 86.42
N LEU H 27 -13.19 -51.09 85.80
CA LEU H 27 -12.71 -49.76 86.18
C LEU H 27 -13.79 -48.68 86.18
N GLY H 28 -14.44 -48.51 85.03
CA GLY H 28 -15.40 -47.43 84.83
C GLY H 28 -16.63 -47.50 85.71
N ARG H 29 -17.13 -48.73 85.89
CA ARG H 29 -18.27 -49.00 86.76
C ARG H 29 -17.95 -48.70 88.21
N LEU H 30 -16.75 -49.09 88.62
CA LEU H 30 -16.21 -48.78 89.95
C LEU H 30 -16.10 -47.27 90.17
N ALA H 31 -15.55 -46.58 89.18
CA ALA H 31 -15.40 -45.12 89.21
C ALA H 31 -16.75 -44.40 89.35
N SER H 32 -17.74 -44.89 88.60
CA SER H 32 -19.11 -44.38 88.65
C SER H 32 -19.73 -44.57 90.03
N ALA H 33 -19.52 -45.75 90.61
CA ALA H 33 -19.98 -46.07 91.97
C ALA H 33 -19.36 -45.14 93.02
N ILE H 34 -18.06 -44.92 92.88
CA ILE H 34 -17.30 -44.00 93.74
C ILE H 34 -17.82 -42.57 93.66
N ALA H 35 -18.11 -42.13 92.44
CA ALA H 35 -18.54 -40.74 92.17
C ALA H 35 -19.74 -40.32 93.00
N ILE H 36 -20.76 -41.18 93.00
CA ILE H 36 -21.98 -41.03 93.82
C ILE H 36 -21.65 -40.82 95.29
N THR H 37 -20.82 -41.71 95.83
CA THR H 37 -20.35 -41.65 97.21
C THR H 37 -19.68 -40.30 97.51
N LEU H 38 -18.79 -39.91 96.61
CA LEU H 38 -18.04 -38.64 96.70
C LEU H 38 -18.95 -37.43 96.70
N ILE H 39 -19.98 -37.47 95.87
CA ILE H 39 -20.99 -36.41 95.80
C ILE H 39 -21.80 -36.37 97.09
N GLY H 40 -22.19 -37.55 97.56
CA GLY H 40 -23.10 -37.70 98.69
C GLY H 40 -24.53 -37.96 98.28
N ARG H 41 -24.73 -38.63 97.14
CA ARG H 41 -26.07 -38.96 96.65
C ARG H 41 -26.68 -40.12 97.42
N HIS H 42 -25.82 -41.05 97.86
CA HIS H 42 -26.22 -42.16 98.75
C HIS H 42 -27.00 -41.77 100.00
N LYS H 43 -26.69 -40.61 100.58
CA LYS H 43 -27.34 -40.14 101.81
C LYS H 43 -28.55 -39.24 101.55
N PRO H 44 -29.68 -39.50 102.26
CA PRO H 44 -30.95 -38.80 102.01
C PRO H 44 -30.99 -37.34 102.42
N VAL H 45 -30.06 -36.95 103.30
CA VAL H 45 -29.93 -35.56 103.75
C VAL H 45 -29.35 -34.65 102.63
N TYR H 46 -28.76 -35.25 101.60
CA TYR H 46 -28.19 -34.52 100.44
C TYR H 46 -29.04 -33.38 99.88
N HIS H 47 -28.35 -32.33 99.48
CA HIS H 47 -28.93 -31.21 98.74
C HIS H 47 -27.87 -30.75 97.73
N PRO H 48 -28.28 -30.37 96.50
CA PRO H 48 -27.31 -29.91 95.50
C PRO H 48 -26.43 -28.73 95.94
N SER H 49 -27.00 -27.82 96.71
CA SER H 49 -26.30 -26.61 97.18
C SER H 49 -25.18 -26.88 98.20
N GLN H 50 -25.19 -28.05 98.83
CA GLN H 50 -24.26 -28.38 99.92
C GLN H 50 -23.42 -29.60 99.58
N ASP H 51 -22.09 -29.46 99.69
CA ASP H 51 -21.19 -30.60 99.59
C ASP H 51 -21.30 -31.40 100.88
N CYS H 52 -21.69 -32.66 100.76
CA CYS H 52 -21.89 -33.53 101.91
C CYS H 52 -21.60 -34.99 101.55
N GLY H 53 -20.47 -35.19 100.86
CA GLY H 53 -20.06 -36.51 100.40
C GLY H 53 -18.88 -37.04 101.20
N ASP H 54 -18.77 -38.36 101.22
CA ASP H 54 -17.84 -39.07 102.11
C ASP H 54 -16.45 -39.25 101.49
N TYR H 55 -15.50 -39.66 102.33
CA TYR H 55 -14.18 -40.06 101.85
C TYR H 55 -14.24 -41.47 101.30
N VAL H 56 -13.45 -41.73 100.27
CA VAL H 56 -13.33 -43.07 99.68
C VAL H 56 -11.86 -43.42 99.56
N VAL H 57 -11.41 -44.38 100.37
CA VAL H 57 -10.06 -44.92 100.27
C VAL H 57 -10.10 -46.16 99.39
N VAL H 58 -9.41 -46.09 98.25
CA VAL H 58 -9.25 -47.24 97.36
C VAL H 58 -7.87 -47.83 97.62
N THR H 59 -7.80 -49.16 97.62
CA THR H 59 -6.58 -49.90 97.97
C THR H 59 -6.47 -51.18 97.15
N ASN H 60 -5.23 -51.64 96.99
CA ASN H 60 -4.87 -52.72 96.05
C ASN H 60 -5.34 -52.38 94.63
N CYS H 61 -5.09 -51.13 94.22
CA CYS H 61 -5.57 -50.61 92.95
C CYS H 61 -4.83 -51.19 91.74
N GLN H 62 -3.68 -51.82 91.98
CA GLN H 62 -2.95 -52.57 90.94
C GLN H 62 -3.76 -53.72 90.32
N LYS H 63 -4.71 -54.27 91.09
CA LYS H 63 -5.54 -55.40 90.64
C LYS H 63 -6.89 -54.93 90.07
N ILE H 64 -6.90 -53.75 89.43
CA ILE H 64 -8.13 -53.19 88.88
C ILE H 64 -8.42 -53.83 87.52
N ARG H 65 -9.68 -54.11 87.26
CA ARG H 65 -10.11 -54.79 86.05
C ARG H 65 -10.34 -53.78 84.92
N VAL H 66 -9.76 -54.06 83.76
CA VAL H 66 -9.96 -53.26 82.56
C VAL H 66 -10.22 -54.23 81.41
N THR H 67 -11.38 -54.08 80.76
CA THR H 67 -11.79 -55.01 79.69
C THR H 67 -11.13 -54.67 78.35
N GLY H 68 -11.32 -55.57 77.39
CA GLY H 68 -10.82 -55.39 76.03
C GLY H 68 -9.31 -55.32 75.96
N LYS H 69 -8.82 -54.48 75.04
CA LYS H 69 -7.39 -54.15 74.95
C LYS H 69 -7.13 -52.69 75.34
N LYS H 70 -7.93 -52.18 76.28
CA LYS H 70 -7.82 -50.77 76.70
C LYS H 70 -6.52 -50.46 77.42
N PHE H 71 -5.93 -51.45 78.07
CA PHE H 71 -4.67 -51.25 78.80
C PHE H 71 -3.51 -50.86 77.88
N GLU H 72 -3.51 -51.36 76.64
CA GLU H 72 -2.48 -51.02 75.65
C GLU H 72 -2.97 -50.11 74.50
N GLN H 73 -4.27 -49.83 74.43
CA GLN H 73 -4.84 -48.95 73.40
C GLN H 73 -5.29 -47.59 73.94
N LYS H 74 -6.11 -47.60 75.00
CA LYS H 74 -6.76 -46.40 75.53
C LYS H 74 -5.77 -45.27 75.80
N THR H 75 -5.95 -44.15 75.11
CA THR H 75 -5.02 -43.01 75.17
C THR H 75 -5.60 -41.86 76.00
N TYR H 76 -4.80 -41.40 76.96
CA TYR H 76 -5.11 -40.23 77.77
C TYR H 76 -4.43 -39.01 77.17
N TRP H 77 -5.20 -37.96 76.92
CA TRP H 77 -4.71 -36.76 76.24
C TRP H 77 -4.36 -35.65 77.22
N SER H 78 -3.59 -34.68 76.73
CA SER H 78 -3.27 -33.46 77.47
C SER H 78 -2.76 -32.40 76.51
N HIS H 79 -2.98 -31.13 76.85
CA HIS H 79 -2.58 -30.02 76.00
C HIS H 79 -2.40 -28.73 76.82
N SER H 80 -1.23 -28.10 76.67
CA SER H 80 -0.92 -26.86 77.38
C SER H 80 -1.70 -25.68 76.79
N GLY H 81 -1.55 -25.50 75.49
CA GLY H 81 -2.22 -24.43 74.73
C GLY H 81 -1.41 -24.06 73.51
N ARG H 82 -0.09 -24.01 73.69
CA ARG H 82 0.87 -23.91 72.60
C ARG H 82 0.64 -25.06 71.61
N PRO H 83 0.37 -24.75 70.31
CA PRO H 83 0.17 -25.83 69.34
C PRO H 83 1.39 -26.73 69.12
N GLY H 84 1.13 -27.95 68.68
CA GLY H 84 2.17 -28.97 68.55
C GLY H 84 2.66 -29.51 69.89
N GLN H 85 1.82 -29.43 70.91
CA GLN H 85 2.13 -29.91 72.26
C GLN H 85 1.02 -30.80 72.80
N LEU H 86 0.33 -31.52 71.91
CA LEU H 86 -0.67 -32.50 72.33
C LEU H 86 0.08 -33.72 72.87
N LYS H 87 -0.12 -33.98 74.15
CA LYS H 87 0.54 -35.10 74.83
C LYS H 87 -0.46 -36.25 74.96
N LEU H 88 -0.23 -37.33 74.22
CA LEU H 88 -1.10 -38.50 74.21
C LEU H 88 -0.34 -39.68 74.83
N GLN H 89 -0.83 -40.18 75.96
CA GLN H 89 -0.21 -41.30 76.67
C GLN H 89 -1.20 -42.47 76.72
N THR H 90 -0.73 -43.67 76.38
CA THR H 90 -1.54 -44.88 76.53
C THR H 90 -1.70 -45.23 78.02
N MET H 91 -2.74 -46.01 78.33
CA MET H 91 -3.11 -46.34 79.71
C MET H 91 -1.96 -47.00 80.49
N ASN H 92 -1.34 -47.99 79.85
CA ASN H 92 -0.16 -48.67 80.43
C ASN H 92 1.01 -47.72 80.74
N LYS H 93 1.22 -46.75 79.86
CA LYS H 93 2.27 -45.74 80.05
C LYS H 93 1.95 -44.87 81.27
N VAL H 94 0.70 -44.43 81.35
CA VAL H 94 0.19 -43.63 82.47
C VAL H 94 0.37 -44.37 83.80
N VAL H 95 0.02 -45.65 83.79
CA VAL H 95 0.22 -46.55 84.95
C VAL H 95 1.68 -46.59 85.38
N ALA H 96 2.56 -46.81 84.40
CA ALA H 96 4.00 -46.87 84.63
C ALA H 96 4.52 -45.57 85.25
N ASP H 97 4.06 -44.44 84.72
CA ASP H 97 4.38 -43.11 85.26
C ASP H 97 3.94 -42.94 86.71
N LYS H 98 2.64 -43.14 86.95
CA LYS H 98 2.02 -42.86 88.24
C LYS H 98 1.48 -44.10 88.94
N GLY H 99 0.58 -44.81 88.27
CA GLY H 99 -0.06 -45.98 88.84
C GLY H 99 -1.47 -46.20 88.32
N PHE H 100 -2.06 -47.31 88.76
CA PHE H 100 -3.46 -47.64 88.47
C PHE H 100 -4.42 -46.72 89.23
N GLY H 101 -3.95 -46.20 90.37
CA GLY H 101 -4.72 -45.26 91.15
C GLY H 101 -4.97 -43.93 90.47
N GLU H 102 -3.96 -43.45 89.73
CA GLU H 102 -4.08 -42.25 88.90
C GLU H 102 -5.18 -42.41 87.85
N ILE H 103 -5.17 -43.57 87.19
CA ILE H 103 -6.16 -43.95 86.18
C ILE H 103 -7.56 -43.89 86.76
N LEU H 104 -7.73 -44.52 87.91
CA LEU H 104 -9.00 -44.53 88.64
C LEU H 104 -9.48 -43.13 88.97
N LYS H 105 -8.55 -42.31 89.47
CA LYS H 105 -8.81 -40.91 89.83
C LYS H 105 -9.35 -40.11 88.65
N LYS H 106 -8.73 -40.29 87.49
CA LYS H 106 -9.16 -39.64 86.25
C LYS H 106 -10.59 -39.98 85.88
N ALA H 107 -10.91 -41.27 85.95
CA ALA H 107 -12.27 -41.76 85.74
C ALA H 107 -13.23 -41.08 86.70
N VAL H 108 -12.89 -41.12 87.99
CA VAL H 108 -13.72 -40.52 89.04
C VAL H 108 -13.94 -39.02 88.81
N SER H 109 -12.87 -38.32 88.41
CA SER H 109 -12.95 -36.89 88.07
C SER H 109 -13.96 -36.63 86.96
N GLY H 110 -13.87 -37.42 85.90
CA GLY H 110 -14.80 -37.33 84.78
C GLY H 110 -16.24 -37.64 85.15
N MET H 111 -16.44 -38.56 86.09
CA MET H 111 -17.77 -38.89 86.61
C MET H 111 -18.39 -37.71 87.37
N LEU H 112 -17.57 -36.99 88.14
CA LEU H 112 -18.05 -35.94 89.05
C LEU H 112 -18.70 -34.73 88.36
N PRO H 113 -19.54 -33.96 89.09
CA PRO H 113 -20.20 -32.77 88.51
C PRO H 113 -19.24 -31.59 88.37
N LYS H 114 -19.32 -30.89 87.24
CA LYS H 114 -18.32 -29.87 86.88
C LYS H 114 -18.67 -28.52 87.53
N ASN H 115 -18.14 -28.31 88.73
CA ASN H 115 -18.36 -27.06 89.46
C ASN H 115 -17.28 -26.85 90.55
N LYS H 116 -17.45 -25.84 91.42
CA LYS H 116 -16.43 -25.48 92.41
C LYS H 116 -16.12 -26.56 93.47
N LEU H 117 -17.04 -27.50 93.67
CA LEU H 117 -16.89 -28.57 94.66
C LEU H 117 -16.20 -29.82 94.10
N ARG H 118 -16.09 -29.90 92.77
CA ARG H 118 -15.52 -31.06 92.07
C ARG H 118 -14.12 -31.43 92.56
N LYS H 119 -13.27 -30.41 92.67
CA LYS H 119 -11.89 -30.57 93.13
C LYS H 119 -11.84 -31.16 94.53
N GLN H 120 -12.70 -30.63 95.41
CA GLN H 120 -12.82 -31.10 96.80
C GLN H 120 -13.21 -32.58 96.84
N ARG H 121 -14.21 -32.93 96.03
CA ARG H 121 -14.69 -34.31 95.92
C ARG H 121 -13.58 -35.25 95.46
N LEU H 122 -12.82 -34.80 94.45
CA LEU H 122 -11.68 -35.54 93.91
C LEU H 122 -10.60 -35.77 94.97
N ASP H 123 -10.32 -34.71 95.73
CA ASP H 123 -9.38 -34.78 96.86
C ASP H 123 -9.77 -35.84 97.89
N ARG H 124 -11.06 -35.89 98.24
CA ARG H 124 -11.56 -36.91 99.18
C ARG H 124 -11.32 -38.36 98.76
N LEU H 125 -11.23 -38.63 97.46
CA LEU H 125 -10.80 -39.94 96.97
C LEU H 125 -9.31 -40.13 97.27
N LYS H 126 -8.97 -41.23 97.96
CA LYS H 126 -7.59 -41.56 98.33
C LYS H 126 -7.23 -42.94 97.77
N VAL H 127 -6.45 -42.99 96.69
CA VAL H 127 -6.18 -44.24 96.00
C VAL H 127 -4.76 -44.73 96.26
N PHE H 128 -4.60 -46.06 96.32
CA PHE H 128 -3.32 -46.70 96.63
C PHE H 128 -3.13 -47.95 95.78
N ASP H 129 -2.00 -48.02 95.07
CA ASP H 129 -1.68 -49.14 94.17
C ASP H 129 -1.63 -50.48 94.90
N GLY H 130 -0.92 -50.49 96.03
CA GLY H 130 -0.80 -51.68 96.87
C GLY H 130 -1.75 -51.64 98.06
N SER H 131 -1.41 -52.40 99.10
CA SER H 131 -2.28 -52.55 100.27
C SER H 131 -2.06 -51.46 101.32
N GLU H 132 -0.80 -51.24 101.71
CA GLU H 132 -0.48 -50.35 102.84
C GLU H 132 -0.79 -48.89 102.55
N ASN H 133 -1.39 -48.23 103.54
CA ASN H 133 -1.89 -46.86 103.41
C ASN H 133 -2.08 -46.24 104.81
N PRO H 134 -2.01 -44.89 104.91
CA PRO H 134 -2.13 -44.24 106.22
C PRO H 134 -3.54 -44.24 106.81
N TYR H 135 -4.56 -44.28 105.95
CA TYR H 135 -5.96 -44.15 106.38
C TYR H 135 -6.57 -45.47 106.87
N LYS H 136 -5.81 -46.56 106.79
CA LYS H 136 -6.13 -47.85 107.45
C LYS H 136 -6.90 -47.72 108.76
N GLN H 137 -6.44 -46.81 109.61
CA GLN H 137 -6.96 -46.64 110.97
C GLN H 137 -8.31 -45.89 111.07
N ASN H 138 -8.76 -45.25 109.98
CA ASN H 138 -9.95 -44.39 110.03
C ASN H 138 -11.16 -44.80 109.17
N ILE H 139 -11.11 -45.99 108.60
CA ILE H 139 -12.26 -46.57 107.89
C ILE H 139 -13.34 -46.89 108.93
N THR H 140 -14.60 -46.66 108.56
CA THR H 140 -15.72 -46.91 109.47
C THR H 140 -15.77 -48.36 109.94
N ALA H 141 -15.96 -48.54 111.25
CA ALA H 141 -15.93 -49.85 111.89
C ALA H 141 -16.99 -49.93 112.98
N PHE H 142 -17.33 -51.16 113.34
CA PHE H 142 -18.37 -51.44 114.33
C PHE H 142 -17.89 -52.51 115.30
N ALA H 143 -18.43 -52.49 116.51
CA ALA H 143 -18.06 -53.45 117.55
C ALA H 143 -18.54 -54.87 117.25
N HIS H 144 -19.72 -54.98 116.62
CA HIS H 144 -20.26 -56.28 116.17
C HIS H 144 -19.43 -57.00 115.09
N GLU H 145 -18.63 -56.24 114.34
CA GLU H 145 -17.76 -56.81 113.31
C GLU H 145 -16.46 -57.44 113.86
N GLN H 146 -16.12 -57.13 115.12
CA GLN H 146 -14.80 -57.44 115.68
C GLN H 146 -14.53 -58.94 115.86
N SER H 147 -15.58 -59.73 116.09
CA SER H 147 -15.46 -61.18 116.27
C SER H 147 -14.95 -61.90 115.01
N SER H 148 -15.34 -61.40 113.84
CA SER H 148 -14.87 -61.92 112.54
C SER H 148 -13.34 -61.86 112.39
N ILE H 149 -12.76 -60.75 112.84
CA ILE H 149 -11.32 -60.51 112.69
C ILE H 149 -10.57 -61.25 113.81
N PRO H 150 -9.47 -61.96 113.47
CA PRO H 150 -8.56 -62.55 114.47
C PRO H 150 -7.93 -61.54 115.44
N GLU H 151 -7.47 -62.03 116.59
CA GLU H 151 -6.98 -61.18 117.69
C GLU H 151 -5.73 -60.34 117.39
N PRO H 152 -4.62 -60.98 116.93
CA PRO H 152 -3.36 -60.23 116.78
C PRO H 152 -3.31 -59.29 115.57
N LEU H 153 -4.09 -59.60 114.52
CA LEU H 153 -4.18 -58.76 113.32
C LEU H 153 -4.62 -57.34 113.63
N LYS H 154 -5.63 -57.22 114.48
CA LYS H 154 -6.17 -55.92 114.92
C LYS H 154 -5.09 -55.09 115.60
N GLU H 155 -4.37 -55.73 116.51
CA GLU H 155 -3.24 -55.10 117.23
C GLU H 155 -2.15 -54.61 116.29
N SER H 156 -1.80 -55.45 115.31
CA SER H 156 -0.82 -55.11 114.29
C SER H 156 -1.23 -53.89 113.46
N ILE H 157 -2.51 -53.87 113.07
CA ILE H 157 -3.11 -52.75 112.35
C ILE H 157 -3.03 -51.45 113.16
N PHE H 158 -3.38 -51.55 114.44
CA PHE H 158 -3.34 -50.43 115.38
C PHE H 158 -1.93 -49.86 115.52
N ASN H 159 -0.97 -50.77 115.66
CA ASN H 159 0.46 -50.44 115.71
C ASN H 159 0.92 -49.68 114.46
N GLN H 160 0.47 -50.18 113.31
CA GLN H 160 0.78 -49.60 112.00
C GLN H 160 0.26 -48.16 111.88
N MET I 1 38.73 -12.83 53.95
CA MET I 1 37.28 -13.18 53.82
C MET I 1 36.74 -12.86 52.43
N ILE I 2 36.76 -13.88 51.57
CA ILE I 2 36.18 -13.81 50.23
C ILE I 2 34.68 -14.09 50.33
N PHE I 3 33.90 -13.31 49.59
CA PHE I 3 32.45 -13.48 49.49
C PHE I 3 32.03 -13.54 48.01
N LEU I 4 30.72 -13.63 47.78
CA LEU I 4 30.12 -13.43 46.45
C LEU I 4 30.58 -12.07 45.89
N LYS I 5 30.88 -12.04 44.59
CA LYS I 5 31.21 -10.81 43.86
C LYS I 5 32.53 -10.14 44.27
N SER I 6 33.35 -10.88 45.03
CA SER I 6 34.62 -10.37 45.52
C SER I 6 35.70 -10.79 44.54
N VAL I 7 36.36 -9.80 43.92
CA VAL I 7 37.43 -10.09 42.95
C VAL I 7 38.78 -10.18 43.66
N ILE I 8 39.60 -11.13 43.21
CA ILE I 8 40.91 -11.37 43.82
C ILE I 8 41.96 -11.71 42.77
N LYS I 9 43.22 -11.55 43.16
CA LYS I 9 44.35 -11.88 42.29
C LYS I 9 44.53 -13.38 42.16
N VAL I 10 44.87 -13.82 40.95
CA VAL I 10 45.33 -15.18 40.70
C VAL I 10 46.84 -15.09 40.53
N ILE I 11 47.57 -15.95 41.24
CA ILE I 11 49.04 -15.88 41.28
C ILE I 11 49.68 -17.14 40.70
N ASP I 12 49.18 -17.56 39.53
CA ASP I 12 49.69 -18.74 38.82
C ASP I 12 50.09 -18.37 37.41
N ASN I 13 50.79 -19.30 36.75
CA ASN I 13 51.05 -19.22 35.31
C ASN I 13 49.93 -19.87 34.46
N SER I 14 48.70 -19.87 34.99
CA SER I 14 47.53 -20.41 34.30
C SER I 14 47.05 -19.46 33.20
N GLY I 15 47.20 -18.15 33.43
CA GLY I 15 46.75 -17.12 32.49
C GLY I 15 45.88 -16.07 33.17
N ALA I 16 45.12 -16.49 34.18
CA ALA I 16 44.24 -15.58 34.91
C ALA I 16 45.00 -14.50 35.66
N GLN I 17 44.51 -13.27 35.57
CA GLN I 17 45.01 -12.14 36.33
C GLN I 17 44.12 -11.87 37.55
N LEU I 18 42.81 -12.04 37.38
CA LEU I 18 41.82 -11.55 38.32
C LEU I 18 40.58 -12.44 38.25
N ALA I 19 40.00 -12.76 39.42
CA ALA I 19 38.89 -13.72 39.49
C ALA I 19 37.83 -13.30 40.51
N GLU I 20 36.61 -13.11 40.04
CA GLU I 20 35.46 -12.81 40.89
C GLU I 20 34.95 -14.12 41.48
N CYS I 21 34.94 -14.20 42.81
CA CYS I 21 34.41 -15.39 43.50
C CYS I 21 32.90 -15.43 43.41
N ILE I 22 32.36 -16.55 42.91
CA ILE I 22 30.90 -16.75 42.83
C ILE I 22 30.35 -17.79 43.81
N LYS I 23 31.20 -18.67 44.35
CA LYS I 23 30.77 -19.60 45.40
C LYS I 23 31.92 -20.13 46.25
N VAL I 24 31.58 -20.56 47.46
CA VAL I 24 32.50 -21.24 48.39
C VAL I 24 31.98 -22.66 48.53
N ILE I 25 32.89 -23.64 48.52
CA ILE I 25 32.51 -25.04 48.28
C ILE I 25 31.91 -25.76 49.49
N ARG I 26 32.74 -26.13 50.47
CA ARG I 26 32.25 -26.92 51.62
C ARG I 26 31.31 -26.17 52.56
N LYS I 27 31.28 -24.85 52.49
CA LYS I 27 30.39 -24.03 53.33
C LYS I 27 28.94 -24.09 52.86
N GLY I 28 28.05 -24.43 53.78
CA GLY I 28 26.65 -24.73 53.50
C GLY I 28 25.80 -23.53 53.17
N SER I 29 25.91 -22.48 53.97
CA SER I 29 25.23 -21.22 53.70
C SER I 29 26.04 -20.51 52.63
N PRO I 30 25.40 -20.12 51.50
CA PRO I 30 26.11 -19.34 50.48
C PRO I 30 26.58 -17.94 50.94
N LYS I 31 26.06 -17.46 52.08
CA LYS I 31 26.52 -16.22 52.68
C LYS I 31 27.93 -16.38 53.30
N SER I 32 28.22 -17.57 53.83
CA SER I 32 29.47 -17.85 54.56
C SER I 32 30.72 -17.57 53.70
N PRO I 33 31.70 -16.85 54.28
CA PRO I 33 32.88 -16.45 53.51
C PRO I 33 33.91 -17.56 53.29
N ALA I 34 34.62 -17.46 52.16
CA ALA I 34 35.77 -18.30 51.90
C ALA I 34 37.00 -17.69 52.57
N MET I 35 37.68 -18.48 53.39
CA MET I 35 38.90 -18.05 54.08
C MET I 35 40.05 -18.98 53.73
N VAL I 36 41.27 -18.49 53.89
CA VAL I 36 42.50 -19.17 53.43
C VAL I 36 42.45 -20.70 53.56
N GLY I 37 42.73 -21.37 52.44
CA GLY I 37 42.59 -22.81 52.34
C GLY I 37 41.16 -23.27 52.17
N ASP I 38 40.37 -22.52 51.40
CA ASP I 38 39.01 -22.90 51.02
C ASP I 38 38.88 -22.87 49.50
N ARG I 39 38.33 -23.95 48.95
CA ARG I 39 38.16 -24.07 47.50
C ARG I 39 36.93 -23.24 47.13
N ILE I 40 37.11 -22.34 46.17
CA ILE I 40 36.02 -21.47 45.68
C ILE I 40 35.81 -21.66 44.19
N VAL I 41 34.58 -21.43 43.74
CA VAL I 41 34.25 -21.32 42.32
C VAL I 41 34.33 -19.85 41.97
N CYS I 42 35.04 -19.54 40.89
CA CYS I 42 35.26 -18.15 40.49
C CYS I 42 35.19 -17.96 38.98
N VAL I 43 34.70 -16.78 38.59
CA VAL I 43 34.61 -16.36 37.19
C VAL I 43 35.81 -15.45 36.95
N ILE I 44 36.60 -15.77 35.93
CA ILE I 44 37.81 -15.01 35.61
C ILE I 44 37.42 -13.70 34.93
N GLN I 45 37.79 -12.59 35.57
CA GLN I 45 37.42 -11.25 35.12
C GLN I 45 38.44 -10.71 34.13
N LYS I 46 39.73 -10.96 34.39
CA LYS I 46 40.82 -10.51 33.54
C LYS I 46 41.83 -11.64 33.37
N ALA I 47 42.32 -11.81 32.14
CA ALA I 47 43.25 -12.90 31.79
C ALA I 47 44.33 -12.37 30.86
N LYS I 48 45.39 -13.16 30.70
CA LYS I 48 46.49 -12.78 29.81
C LYS I 48 46.11 -13.12 28.37
N PRO I 49 46.36 -12.19 27.42
CA PRO I 49 45.93 -12.38 26.05
C PRO I 49 46.78 -13.42 25.33
N LEU I 50 46.13 -14.26 24.54
CA LEU I 50 46.78 -15.34 23.79
C LEU I 50 47.54 -16.28 24.72
N ARG I 62 45.29 -23.30 29.08
CA ARG I 62 45.26 -21.99 29.73
C ARG I 62 43.87 -21.35 29.69
N VAL I 63 43.59 -20.50 30.68
CA VAL I 63 42.25 -19.97 30.91
C VAL I 63 41.94 -18.70 30.10
N LYS I 64 40.64 -18.43 29.97
CA LYS I 64 40.13 -17.24 29.27
C LYS I 64 39.43 -16.30 30.26
N LYS I 65 38.98 -15.15 29.76
CA LYS I 65 38.03 -14.31 30.49
C LYS I 65 36.64 -14.95 30.42
N GLY I 66 35.86 -14.73 31.47
CA GLY I 66 34.50 -15.30 31.56
C GLY I 66 34.48 -16.81 31.71
N ASP I 67 35.59 -17.36 32.22
CA ASP I 67 35.78 -18.80 32.31
C ASP I 67 35.57 -19.20 33.75
N ILE I 68 34.54 -20.00 34.00
CA ILE I 68 34.20 -20.46 35.35
C ILE I 68 35.20 -21.55 35.73
N CYS I 69 35.87 -21.36 36.86
CA CYS I 69 36.92 -22.26 37.30
C CYS I 69 37.06 -22.29 38.81
N HIS I 70 37.66 -23.37 39.32
CA HIS I 70 37.87 -23.55 40.74
C HIS I 70 39.22 -23.01 41.17
N ALA I 71 39.24 -22.38 42.34
CA ALA I 71 40.46 -21.80 42.91
C ALA I 71 40.55 -22.12 44.38
N ILE I 72 41.76 -22.04 44.94
CA ILE I 72 41.98 -22.13 46.38
C ILE I 72 42.55 -20.81 46.86
N VAL I 73 42.00 -20.32 47.96
CA VAL I 73 42.42 -19.05 48.54
C VAL I 73 43.72 -19.32 49.32
N VAL I 74 44.78 -18.59 48.97
CA VAL I 74 46.12 -18.83 49.55
C VAL I 74 46.61 -17.75 50.50
N ARG I 75 46.10 -16.52 50.36
CA ARG I 75 46.35 -15.46 51.34
C ARG I 75 45.21 -14.45 51.36
N SER I 76 45.09 -13.74 52.49
CA SER I 76 43.99 -12.78 52.70
C SER I 76 44.44 -11.55 53.49
N LYS I 77 43.74 -10.44 53.25
CA LYS I 77 43.98 -9.19 53.98
C LYS I 77 43.44 -9.19 55.40
N GLN I 78 42.45 -10.03 55.68
CA GLN I 78 41.77 -10.03 56.99
C GLN I 78 42.77 -10.28 58.11
N ARG I 79 42.78 -9.39 59.10
CA ARG I 79 43.82 -9.36 60.12
C ARG I 79 43.64 -10.43 61.17
N ASN I 80 42.42 -10.49 61.73
CA ASN I 80 42.17 -11.22 62.96
C ASN I 80 41.98 -12.75 62.91
N MET I 81 42.28 -13.37 61.76
CA MET I 81 42.30 -14.84 61.67
C MET I 81 43.42 -15.37 62.58
N CYS I 82 43.02 -15.89 63.74
CA CYS I 82 43.97 -16.27 64.79
C CYS I 82 44.53 -17.67 64.56
N ARG I 83 45.83 -17.82 64.86
CA ARG I 83 46.52 -19.12 64.78
C ARG I 83 46.62 -19.76 66.16
N LYS I 84 47.06 -21.01 66.20
CA LYS I 84 47.25 -21.76 67.45
C LYS I 84 48.32 -21.15 68.34
N ASP I 85 49.45 -20.78 67.75
CA ASP I 85 50.59 -20.21 68.49
C ASP I 85 50.41 -18.76 68.99
N GLY I 86 49.32 -18.10 68.59
CA GLY I 86 48.99 -16.74 69.06
C GLY I 86 49.28 -15.64 68.06
N SER I 87 50.13 -15.92 67.07
CA SER I 87 50.48 -14.95 66.04
C SER I 87 49.35 -14.77 65.03
N THR I 88 49.38 -13.64 64.33
CA THR I 88 48.52 -13.41 63.16
C THR I 88 49.36 -12.96 61.97
N VAL I 89 48.82 -13.20 60.78
CA VAL I 89 49.42 -12.80 59.52
C VAL I 89 48.35 -12.07 58.72
N ALA I 90 48.77 -11.02 58.00
CA ALA I 90 47.84 -10.16 57.27
C ALA I 90 48.53 -9.56 56.03
N PHE I 91 48.27 -10.18 54.88
CA PHE I 91 48.92 -9.80 53.63
C PHE I 91 48.32 -8.53 53.03
N GLY I 92 49.01 -7.98 52.05
CA GLY I 92 48.58 -6.75 51.36
C GLY I 92 47.44 -6.94 50.38
N ASP I 93 47.23 -8.17 49.94
CA ASP I 93 46.12 -8.50 49.03
C ASP I 93 45.65 -9.94 49.21
N THR I 94 44.36 -10.16 48.94
CA THR I 94 43.82 -11.52 48.91
C THR I 94 44.19 -12.14 47.58
N ALA I 95 44.66 -13.38 47.61
CA ALA I 95 45.12 -14.08 46.41
C ALA I 95 44.67 -15.53 46.39
N CYS I 96 44.48 -16.07 45.19
CA CYS I 96 44.08 -17.46 45.01
C CYS I 96 44.94 -18.18 43.97
N VAL I 97 44.78 -19.49 43.92
CA VAL I 97 45.53 -20.37 43.02
C VAL I 97 44.52 -21.29 42.34
N LEU I 98 44.41 -21.18 41.02
CA LEU I 98 43.47 -22.00 40.23
C LEU I 98 43.85 -23.47 40.29
N ILE I 99 42.82 -24.33 40.34
CA ILE I 99 43.00 -25.78 40.45
C ILE I 99 42.11 -26.53 39.48
N ASN I 100 42.44 -27.81 39.28
CA ASN I 100 41.58 -28.73 38.56
C ASN I 100 40.33 -29.00 39.40
N LYS I 101 39.20 -29.17 38.73
CA LYS I 101 37.90 -29.31 39.41
C LYS I 101 37.80 -30.67 40.10
N ASN I 102 38.01 -31.73 39.33
CA ASN I 102 37.91 -33.11 39.84
C ASN I 102 39.13 -33.57 40.64
N THR I 103 40.33 -33.22 40.17
CA THR I 103 41.59 -33.67 40.79
C THR I 103 41.88 -32.91 42.08
N GLY I 104 41.80 -31.58 42.01
CA GLY I 104 42.15 -30.71 43.14
C GLY I 104 43.58 -30.18 43.14
N GLU I 105 44.41 -30.68 42.24
CA GLU I 105 45.80 -30.22 42.11
C GLU I 105 45.84 -28.85 41.42
N PRO I 106 46.97 -28.10 41.59
CA PRO I 106 47.08 -26.79 40.94
C PRO I 106 47.01 -26.83 39.41
N LEU I 107 46.34 -25.84 38.83
CA LEU I 107 46.12 -25.75 37.39
C LEU I 107 47.42 -25.26 36.74
N GLY I 108 47.95 -24.15 37.26
CA GLY I 108 49.24 -23.62 36.83
C GLY I 108 50.41 -24.45 37.35
N THR I 109 51.46 -24.52 36.55
CA THR I 109 52.65 -25.32 36.88
C THR I 109 53.55 -24.64 37.93
N ARG I 110 53.42 -23.32 38.10
CA ARG I 110 54.21 -22.57 39.07
C ARG I 110 53.48 -21.32 39.58
N ILE I 111 53.78 -20.94 40.82
CA ILE I 111 53.32 -19.68 41.40
C ILE I 111 54.35 -18.61 41.03
N MET I 112 53.88 -17.36 40.87
CA MET I 112 54.74 -16.26 40.49
C MET I 112 55.65 -15.89 41.66
N ALA I 113 56.96 -15.89 41.41
CA ALA I 113 57.95 -15.53 42.43
C ALA I 113 57.88 -14.05 42.85
N ASN I 114 57.36 -13.21 41.94
CA ASN I 114 57.12 -11.79 42.22
C ASN I 114 56.11 -11.56 43.35
N ASP I 115 55.09 -12.41 43.43
CA ASP I 115 54.08 -12.32 44.50
C ASP I 115 53.55 -13.71 44.89
N GLY I 116 54.48 -14.58 45.25
CA GLY I 116 54.18 -15.96 45.68
C GLY I 116 54.36 -16.16 47.17
N CYS I 117 53.68 -15.32 47.95
CA CYS I 117 53.67 -15.40 49.41
C CYS I 117 52.32 -15.95 49.84
N VAL I 118 52.35 -17.02 50.65
CA VAL I 118 51.13 -17.69 51.10
C VAL I 118 51.13 -17.91 52.61
N ASP I 119 49.96 -18.24 53.14
CA ASP I 119 49.79 -18.53 54.57
C ASP I 119 50.31 -19.95 54.85
N ARG I 120 50.87 -20.13 56.05
CA ARG I 120 51.29 -21.47 56.51
C ARG I 120 50.15 -22.32 57.11
N THR I 121 48.93 -21.76 57.15
CA THR I 121 47.72 -22.54 57.42
C THR I 121 47.40 -23.52 56.28
N LEU I 122 47.88 -23.22 55.07
CA LEU I 122 47.73 -24.13 53.92
C LEU I 122 48.36 -25.49 54.15
N LYS I 123 49.55 -25.49 54.74
CA LYS I 123 50.25 -26.72 55.14
C LYS I 123 49.41 -27.56 56.11
N ASP I 124 48.86 -26.88 57.11
CA ASP I 124 47.99 -27.50 58.12
C ASP I 124 46.76 -28.14 57.49
N LYS I 125 46.15 -27.41 56.56
CA LYS I 125 44.98 -27.87 55.79
C LYS I 125 45.30 -29.14 55.00
N GLY I 126 46.48 -29.13 54.37
CA GLY I 126 46.92 -30.21 53.48
C GLY I 126 47.04 -29.79 52.02
N TYR I 127 47.46 -28.54 51.79
CA TYR I 127 47.67 -28.02 50.44
C TYR I 127 49.19 -27.96 50.26
N ASN I 128 49.78 -29.13 50.07
CA ASN I 128 51.23 -29.31 50.07
C ASN I 128 51.86 -28.83 48.77
N LYS I 129 51.26 -29.23 47.66
CA LYS I 129 51.74 -28.90 46.31
C LYS I 129 51.78 -27.38 46.11
N ILE I 130 50.69 -26.72 46.49
CA ILE I 130 50.56 -25.26 46.42
C ILE I 130 51.67 -24.56 47.21
N CYS I 131 51.87 -25.03 48.44
CA CYS I 131 52.93 -24.51 49.31
C CYS I 131 54.32 -24.66 48.69
N SER I 132 54.57 -25.82 48.10
CA SER I 132 55.83 -26.12 47.40
C SER I 132 56.05 -25.16 46.23
N LEU I 133 54.99 -24.93 45.45
CA LEU I 133 55.04 -23.96 44.34
C LEU I 133 55.36 -22.55 44.82
N ALA I 134 54.75 -22.16 45.93
CA ALA I 134 54.90 -20.80 46.48
C ALA I 134 56.34 -20.50 46.90
N SER I 135 56.68 -19.21 46.86
CA SER I 135 58.03 -18.73 47.13
C SER I 135 58.35 -18.80 48.63
N ARG I 136 57.46 -18.24 49.43
CA ARG I 136 57.65 -18.14 50.88
C ARG I 136 56.34 -18.43 51.62
N VAL I 137 56.30 -19.56 52.32
CA VAL I 137 55.16 -19.95 53.14
C VAL I 137 55.30 -19.27 54.51
N ILE I 138 54.52 -18.21 54.72
CA ILE I 138 54.56 -17.44 55.98
C ILE I 138 53.50 -17.99 56.94
N VAL J 1 -74.77 20.72 96.10
CA VAL J 1 -73.76 21.26 95.12
C VAL J 1 -74.42 21.48 93.76
N SER J 2 -73.84 22.37 92.96
CA SER J 2 -74.32 22.62 91.60
C SER J 2 -74.16 21.37 90.74
N ILE J 3 -75.09 21.19 89.80
CA ILE J 3 -75.04 20.09 88.83
C ILE J 3 -73.83 20.17 87.89
N LEU J 4 -73.30 21.39 87.72
CA LEU J 4 -72.21 21.69 86.77
C LEU J 4 -70.95 20.83 86.89
N GLY J 5 -70.70 20.25 88.07
CA GLY J 5 -69.60 19.30 88.27
C GLY J 5 -69.99 17.84 88.30
N GLN J 6 -71.08 17.50 87.61
CA GLN J 6 -71.56 16.11 87.56
C GLN J 6 -72.48 15.90 86.35
N LEU J 7 -71.99 16.31 85.18
CA LEU J 7 -72.70 16.16 83.91
C LEU J 7 -71.89 15.24 83.00
N LYS J 8 -72.57 14.25 82.42
CA LYS J 8 -71.96 13.32 81.47
C LYS J 8 -72.67 13.40 80.14
N PRO J 9 -72.00 12.98 79.05
CA PRO J 9 -72.72 12.75 77.80
C PRO J 9 -73.60 11.49 77.90
N SER J 10 -74.58 11.39 77.00
CA SER J 10 -75.43 10.20 76.92
C SER J 10 -74.59 8.99 76.49
N ASP J 11 -74.94 7.82 77.02
CA ASP J 11 -74.16 6.59 76.77
C ASP J 11 -74.26 6.19 75.30
N GLY J 12 -73.09 6.05 74.66
CA GLY J 12 -73.00 5.80 73.22
C GLY J 12 -72.65 7.02 72.38
N SER J 13 -72.66 8.21 72.99
CA SER J 13 -72.34 9.45 72.27
C SER J 13 -70.85 9.55 71.96
N THR J 14 -70.03 9.59 73.01
CA THR J 14 -68.60 9.87 72.88
C THR J 14 -67.76 8.60 72.71
N LYS J 15 -66.53 8.82 72.28
CA LYS J 15 -65.52 7.76 72.12
C LYS J 15 -64.14 8.32 72.45
N SER J 16 -63.20 7.41 72.73
CA SER J 16 -61.78 7.75 72.83
C SER J 16 -61.19 7.68 71.42
N PHE J 17 -60.50 8.74 71.00
CA PHE J 17 -59.85 8.76 69.69
C PHE J 17 -58.60 7.88 69.72
N LYS J 18 -58.34 7.16 68.62
CA LYS J 18 -57.19 6.26 68.56
C LYS J 18 -55.90 7.09 68.50
N ARG J 19 -55.08 6.93 69.54
CA ARG J 19 -53.90 7.76 69.78
C ARG J 19 -52.67 6.94 69.45
N LEU J 20 -51.93 7.38 68.42
CA LEU J 20 -50.84 6.58 67.85
C LEU J 20 -49.49 6.96 68.44
N GLY J 21 -48.50 6.12 68.16
CA GLY J 21 -47.10 6.43 68.45
C GLY J 21 -46.82 6.74 69.90
N ARG J 22 -47.35 5.91 70.80
CA ARG J 22 -47.33 6.20 72.22
C ARG J 22 -47.19 4.94 73.09
N GLY J 23 -46.24 4.08 72.70
CA GLY J 23 -45.86 2.89 73.47
C GLY J 23 -46.39 1.59 72.90
N PRO J 24 -45.70 0.47 73.18
CA PRO J 24 -46.04 -0.82 72.56
C PRO J 24 -47.38 -1.42 72.99
N SER J 25 -47.65 -1.42 74.29
CA SER J 25 -48.86 -2.05 74.84
C SER J 25 -50.14 -1.29 74.52
N SER J 26 -50.00 0.00 74.17
CA SER J 26 -51.11 0.79 73.61
C SER J 26 -51.79 0.10 72.43
N GLY J 27 -51.00 -0.59 71.60
CA GLY J 27 -51.48 -1.27 70.41
C GLY J 27 -50.98 -0.56 69.17
N LEU J 28 -51.16 0.77 69.17
CA LEU J 28 -50.67 1.64 68.10
C LEU J 28 -49.28 2.16 68.52
N GLY J 29 -48.31 1.25 68.49
CA GLY J 29 -46.97 1.51 69.00
C GLY J 29 -46.09 2.26 68.03
N LYS J 30 -44.89 1.74 67.78
CA LYS J 30 -43.87 2.46 67.01
C LYS J 30 -44.33 2.80 65.58
N THR J 31 -44.81 1.82 64.83
CA THR J 31 -45.20 2.02 63.43
C THR J 31 -46.49 2.84 63.31
N SER J 32 -47.28 2.87 64.38
CA SER J 32 -48.45 3.76 64.50
C SER J 32 -49.54 3.43 63.48
N GLY J 33 -49.74 2.14 63.23
CA GLY J 33 -50.74 1.66 62.26
C GLY J 33 -50.37 1.76 60.79
N ARG J 34 -49.18 2.29 60.48
CA ARG J 34 -48.77 2.53 59.10
C ARG J 34 -48.38 1.26 58.34
N GLY J 35 -48.00 0.20 59.07
CA GLY J 35 -47.55 -1.05 58.47
C GLY J 35 -46.04 -1.14 58.60
N GLN J 36 -45.33 -1.16 57.46
CA GLN J 36 -43.87 -1.22 57.48
C GLN J 36 -43.21 -0.76 56.17
N LYS J 37 -42.62 0.43 56.22
CA LYS J 37 -41.53 0.87 55.31
C LYS J 37 -41.87 1.39 53.91
N GLY J 38 -43.11 1.24 53.45
CA GLY J 38 -43.48 1.63 52.09
C GLY J 38 -43.61 3.13 51.85
N GLN J 39 -44.23 3.48 50.72
CA GLN J 39 -44.62 4.86 50.43
C GLN J 39 -45.71 5.35 51.39
N LYS J 40 -46.69 4.49 51.67
CA LYS J 40 -47.76 4.81 52.63
C LYS J 40 -47.24 4.90 54.08
N ALA J 41 -46.15 4.21 54.38
CA ALA J 41 -45.53 4.25 55.70
C ALA J 41 -45.01 5.64 56.08
N ARG J 42 -44.34 6.30 55.15
CA ARG J 42 -43.73 7.61 55.37
C ARG J 42 -43.84 8.47 54.12
N GLY J 43 -45.03 9.04 53.94
CA GLY J 43 -45.35 9.85 52.78
C GLY J 43 -46.83 9.81 52.45
N LYS J 44 -47.16 10.12 51.19
CA LYS J 44 -48.54 10.12 50.73
C LYS J 44 -48.66 9.66 49.28
N VAL J 45 -49.28 8.49 49.10
CA VAL J 45 -49.85 8.11 47.80
C VAL J 45 -51.34 8.39 47.90
N LYS J 46 -51.94 8.73 46.77
CA LYS J 46 -53.36 9.05 46.71
C LYS J 46 -54.20 7.78 46.92
N SER J 47 -55.37 7.95 47.54
CA SER J 47 -56.27 6.83 47.84
C SER J 47 -56.68 6.05 46.59
N TRP J 48 -57.08 6.78 45.55
CA TRP J 48 -57.53 6.16 44.29
C TRP J 48 -56.44 5.99 43.22
N PHE J 49 -55.16 6.11 43.60
CA PHE J 49 -54.06 5.83 42.68
C PHE J 49 -53.99 4.31 42.44
N GLU J 50 -54.27 3.92 41.20
CA GLU J 50 -54.44 2.51 40.84
C GLU J 50 -53.12 1.79 40.46
N GLY J 51 -51.98 2.47 40.61
CA GLY J 51 -50.67 1.86 40.45
C GLY J 51 -49.93 2.20 39.16
N GLY J 52 -50.67 2.55 38.12
CA GLY J 52 -50.11 2.73 36.77
C GLY J 52 -50.94 2.06 35.69
N GLN J 53 -51.76 1.08 36.09
CA GLN J 53 -52.85 0.57 35.25
C GLN J 53 -53.79 1.71 34.87
N THR J 54 -54.44 1.59 33.71
CA THR J 54 -55.44 2.58 33.30
C THR J 54 -56.57 2.60 34.32
N PRO J 55 -56.78 3.75 34.98
CA PRO J 55 -57.71 3.78 36.11
C PRO J 55 -59.18 3.65 35.71
N ILE J 56 -60.02 3.46 36.74
CA ILE J 56 -61.49 3.40 36.55
C ILE J 56 -62.16 4.75 36.24
N TYR J 57 -61.35 5.81 36.10
CA TYR J 57 -61.80 7.11 35.59
C TYR J 57 -61.03 7.43 34.29
N LYS J 58 -60.86 6.41 33.45
CA LYS J 58 -60.11 6.53 32.20
C LYS J 58 -60.42 5.40 31.21
N LEU J 59 -60.44 4.16 31.68
CA LEU J 59 -60.87 3.01 30.85
C LEU J 59 -62.18 3.28 30.09
N PHE J 60 -63.15 3.85 30.79
CA PHE J 60 -64.53 3.90 30.30
C PHE J 60 -64.76 5.21 29.54
N PRO J 61 -65.64 5.17 28.52
CA PRO J 61 -65.88 6.37 27.73
C PRO J 61 -66.76 7.35 28.49
N LYS J 62 -66.61 8.64 28.20
CA LYS J 62 -67.44 9.66 28.87
C LYS J 62 -68.81 9.71 28.21
N ILE J 63 -69.85 9.76 29.05
CA ILE J 63 -71.23 9.55 28.61
C ILE J 63 -72.12 10.76 28.91
N GLY J 64 -72.97 11.09 27.94
CA GLY J 64 -74.00 12.09 28.10
C GLY J 64 -73.55 13.52 28.18
N PHE J 65 -74.52 14.40 28.37
CA PHE J 65 -74.30 15.84 28.48
C PHE J 65 -75.18 16.40 29.60
N THR J 66 -74.80 17.55 30.12
CA THR J 66 -75.57 18.23 31.15
C THR J 66 -76.48 19.23 30.47
N ASN J 67 -77.80 18.95 30.47
CA ASN J 67 -78.78 19.90 29.95
C ASN J 67 -78.89 21.08 30.90
N VAL J 68 -78.19 22.16 30.58
CA VAL J 68 -78.26 23.40 31.35
C VAL J 68 -79.63 24.10 31.25
N GLY J 69 -80.31 23.90 30.13
CA GLY J 69 -81.68 24.39 29.94
C GLY J 69 -82.73 23.69 30.79
N ALA J 70 -82.37 22.53 31.35
CA ALA J 70 -83.26 21.79 32.25
C ALA J 70 -83.61 22.59 33.49
N LYS J 71 -84.84 22.39 33.95
CA LYS J 71 -85.37 23.06 35.14
C LYS J 71 -86.24 22.04 35.89
N PRO J 72 -85.61 21.26 36.80
CA PRO J 72 -86.33 20.15 37.43
C PRO J 72 -87.42 20.59 38.39
N LEU J 73 -88.65 20.17 38.12
CA LEU J 73 -89.78 20.43 39.00
C LEU J 73 -89.72 19.54 40.23
N LYS J 74 -90.21 20.05 41.35
CA LYS J 74 -90.39 19.27 42.56
C LYS J 74 -91.69 18.48 42.42
N GLU J 75 -91.64 17.17 42.69
CA GLU J 75 -92.83 16.32 42.52
C GLU J 75 -93.69 16.23 43.79
N LEU J 76 -94.99 16.46 43.60
CA LEU J 76 -95.98 16.35 44.68
C LEU J 76 -97.00 15.30 44.27
N ASN J 77 -97.11 14.24 45.07
CA ASN J 77 -98.07 13.17 44.78
C ASN J 77 -99.45 13.51 45.33
N LEU J 78 -100.51 13.06 44.63
CA LEU J 78 -101.90 13.23 45.08
C LEU J 78 -102.13 12.65 46.48
N LYS J 79 -101.45 11.55 46.76
CA LYS J 79 -101.48 10.85 48.04
C LYS J 79 -101.19 11.76 49.22
N ARG J 80 -100.14 12.58 49.08
CA ARG J 80 -99.71 13.51 50.13
C ARG J 80 -100.78 14.56 50.40
N ILE J 81 -101.40 15.04 49.33
CA ILE J 81 -102.49 16.03 49.41
C ILE J 81 -103.68 15.43 50.16
N GLN J 82 -104.02 14.19 49.81
CA GLN J 82 -105.11 13.44 50.45
C GLN J 82 -104.86 13.27 51.94
N TRP J 83 -103.64 12.84 52.28
CA TRP J 83 -103.18 12.69 53.66
C TRP J 83 -103.32 14.00 54.46
N PHE J 84 -102.91 15.10 53.83
CA PHE J 84 -103.01 16.44 54.42
C PHE J 84 -104.46 16.80 54.71
N HIS J 85 -105.33 16.52 53.75
CA HIS J 85 -106.76 16.75 53.87
C HIS J 85 -107.38 15.95 55.02
N ASP J 86 -107.01 14.67 55.10
CA ASP J 86 -107.44 13.79 56.19
C ASP J 86 -107.02 14.33 57.56
N LYS J 87 -105.79 14.83 57.63
CA LYS J 87 -105.23 15.42 58.86
C LYS J 87 -105.84 16.77 59.24
N ASN J 88 -106.60 17.37 58.32
CA ASN J 88 -107.22 18.69 58.50
C ASN J 88 -106.15 19.79 58.57
N ARG J 89 -105.13 19.64 57.72
CA ARG J 89 -104.09 20.65 57.49
C ARG J 89 -104.29 21.39 56.17
N LEU J 90 -105.15 20.87 55.28
CA LEU J 90 -105.35 21.43 53.95
C LEU J 90 -106.40 22.55 54.00
N HIS J 91 -106.01 23.68 54.58
CA HIS J 91 -106.91 24.80 54.84
C HIS J 91 -107.17 25.60 53.57
N LEU J 92 -108.37 25.43 53.01
CA LEU J 92 -108.78 26.14 51.80
C LEU J 92 -110.22 26.64 51.92
N GLN J 93 -110.42 27.92 51.64
CA GLN J 93 -111.76 28.52 51.59
C GLN J 93 -112.39 28.11 50.25
N PRO J 94 -113.74 28.09 50.18
CA PRO J 94 -114.40 27.64 48.94
C PRO J 94 -114.21 28.61 47.78
N GLY J 95 -113.67 28.11 46.67
CA GLY J 95 -113.31 28.93 45.50
C GLY J 95 -111.82 29.12 45.35
N GLU J 96 -111.12 29.30 46.47
CA GLU J 96 -109.66 29.43 46.50
C GLU J 96 -108.98 28.15 46.00
N VAL J 97 -108.13 28.28 44.99
CA VAL J 97 -107.43 27.13 44.39
C VAL J 97 -106.15 26.82 45.17
N LEU J 98 -105.76 25.54 45.16
CA LEU J 98 -104.53 25.10 45.79
C LEU J 98 -103.37 25.29 44.82
N ASP J 99 -102.85 26.51 44.80
CA ASP J 99 -101.76 26.91 43.90
C ASP J 99 -100.40 26.55 44.54
N MET J 100 -99.32 26.76 43.82
CA MET J 100 -97.96 26.38 44.28
C MET J 100 -97.54 27.15 45.53
N ASN J 101 -97.85 28.45 45.55
CA ASN J 101 -97.74 29.30 46.73
C ASN J 101 -98.53 28.75 47.91
N LYS J 102 -99.77 28.39 47.63
CA LYS J 102 -100.68 27.83 48.64
C LYS J 102 -100.13 26.54 49.21
N MET J 103 -99.63 25.67 48.34
CA MET J 103 -98.99 24.41 48.74
C MET J 103 -97.82 24.66 49.69
N ARG J 104 -96.96 25.61 49.31
CA ARG J 104 -95.80 26.01 50.12
C ARG J 104 -96.22 26.49 51.50
N LYS J 105 -97.23 27.35 51.52
CA LYS J 105 -97.80 27.90 52.76
C LYS J 105 -98.25 26.79 53.70
N LEU J 106 -98.97 25.82 53.13
CA LEU J 106 -99.54 24.70 53.87
C LEU J 106 -98.46 23.76 54.40
N GLY J 107 -97.39 23.61 53.63
CA GLY J 107 -96.33 22.63 53.90
C GLY J 107 -96.52 21.34 53.12
N LEU J 108 -97.28 21.39 52.03
CA LEU J 108 -97.41 20.25 51.12
C LEU J 108 -96.08 20.05 50.43
N VAL J 109 -95.60 21.10 49.77
CA VAL J 109 -94.25 21.16 49.26
C VAL J 109 -93.45 21.96 50.30
N THR J 110 -92.20 21.56 50.47
CA THR J 110 -91.34 22.09 51.53
C THR J 110 -89.89 22.03 51.06
N GLY J 111 -89.10 23.02 51.50
CA GLY J 111 -87.81 23.29 50.90
C GLY J 111 -88.00 24.25 49.72
N PRO J 112 -86.91 24.60 49.02
CA PRO J 112 -86.96 25.60 47.97
C PRO J 112 -87.56 25.09 46.65
N ILE J 113 -88.65 25.73 46.22
CA ILE J 113 -89.25 25.47 44.91
C ILE J 113 -88.60 26.44 43.93
N LYS J 114 -87.59 25.95 43.21
CA LYS J 114 -86.78 26.78 42.31
C LYS J 114 -87.44 26.97 40.96
N TYR J 115 -87.91 25.87 40.37
CA TYR J 115 -88.43 25.85 39.00
C TYR J 115 -89.92 25.55 38.86
N GLY J 116 -90.47 24.74 39.77
CA GLY J 116 -91.90 24.51 39.83
C GLY J 116 -92.27 23.21 40.53
N VAL J 117 -93.55 22.86 40.44
CA VAL J 117 -94.07 21.62 40.98
C VAL J 117 -94.76 20.81 39.89
N LYS J 118 -94.48 19.52 39.84
CA LYS J 118 -95.25 18.56 39.05
C LYS J 118 -96.12 17.72 39.97
N ILE J 119 -97.40 17.55 39.62
CA ILE J 119 -98.32 16.73 40.41
C ILE J 119 -98.39 15.30 39.85
N LEU J 120 -97.86 14.35 40.61
CA LEU J 120 -97.85 12.93 40.24
C LEU J 120 -98.97 12.16 40.98
N ALA J 121 -99.15 10.88 40.62
CA ALA J 121 -100.38 10.14 40.92
C ALA J 121 -100.20 8.92 41.85
N SER J 122 -99.32 9.00 42.85
CA SER J 122 -99.00 7.83 43.67
C SER J 122 -100.10 7.36 44.65
N GLY J 123 -101.13 8.19 44.86
CA GLY J 123 -102.32 7.78 45.62
C GLY J 123 -103.60 8.17 44.90
N LYS J 124 -103.66 7.85 43.61
CA LYS J 124 -104.81 8.21 42.76
C LYS J 124 -106.09 7.46 43.08
N PHE J 125 -105.99 6.28 43.69
CA PHE J 125 -107.15 5.49 44.10
C PHE J 125 -107.96 6.18 45.20
N HIS J 126 -107.28 6.51 46.29
CA HIS J 126 -107.91 7.10 47.46
C HIS J 126 -108.04 8.63 47.40
N TYR J 127 -107.56 9.24 46.32
CA TYR J 127 -107.80 10.66 46.07
C TYR J 127 -109.28 10.90 45.77
N ASN J 128 -109.91 11.80 46.53
CA ASN J 128 -111.33 12.14 46.34
C ASN J 128 -111.65 13.62 46.55
N LEU J 129 -110.67 14.50 46.32
CA LEU J 129 -110.81 15.92 46.61
C LEU J 129 -111.36 16.69 45.40
N PRO J 130 -112.48 17.42 45.57
CA PRO J 130 -113.05 18.23 44.50
C PRO J 130 -112.43 19.63 44.35
N ILE J 131 -111.43 19.96 45.18
CA ILE J 131 -110.68 21.22 45.04
C ILE J 131 -109.93 21.31 43.70
N ALA J 132 -109.69 22.55 43.27
CA ALA J 132 -108.97 22.83 42.03
C ALA J 132 -107.49 23.00 42.30
N LEU J 133 -106.65 22.36 41.49
CA LEU J 133 -105.19 22.43 41.62
C LEU J 133 -104.58 23.29 40.51
N GLU J 134 -103.36 23.75 40.74
CA GLU J 134 -102.60 24.54 39.76
C GLU J 134 -101.11 24.40 40.05
N ALA J 135 -100.37 23.88 39.08
CA ALA J 135 -98.94 23.61 39.23
C ALA J 135 -98.21 23.84 37.90
N SER J 136 -96.92 23.53 37.85
CA SER J 136 -96.16 23.65 36.60
C SER J 136 -96.68 22.64 35.58
N ARG J 137 -96.92 21.41 36.04
CA ARG J 137 -97.62 20.39 35.24
C ARG J 137 -98.10 19.24 36.12
N ALA J 138 -98.80 18.29 35.51
CA ALA J 138 -99.26 17.09 36.22
C ALA J 138 -99.12 15.87 35.34
N SER J 139 -99.01 14.71 35.99
CA SER J 139 -99.04 13.44 35.29
C SER J 139 -100.43 13.20 34.73
N ALA J 140 -100.51 12.50 33.59
CA ALA J 140 -101.78 12.24 32.92
C ALA J 140 -102.76 11.47 33.81
N LYS J 141 -102.21 10.46 34.49
CA LYS J 141 -102.97 9.65 35.46
C LYS J 141 -103.48 10.50 36.63
N ALA J 142 -102.59 11.37 37.13
CA ALA J 142 -102.92 12.30 38.22
C ALA J 142 -104.07 13.23 37.83
N ILE J 143 -103.96 13.79 36.63
CA ILE J 143 -105.00 14.64 36.04
C ILE J 143 -106.34 13.91 35.98
N ALA J 144 -106.31 12.69 35.47
CA ALA J 144 -107.50 11.84 35.36
C ALA J 144 -108.16 11.59 36.71
N ALA J 145 -107.32 11.32 37.72
CA ALA J 145 -107.78 11.13 39.11
C ALA J 145 -108.44 12.38 39.67
N ILE J 146 -107.83 13.53 39.40
CA ILE J 146 -108.36 14.84 39.80
C ILE J 146 -109.73 15.10 39.18
N GLU J 147 -109.83 14.84 37.88
CA GLU J 147 -111.09 14.96 37.12
C GLU J 147 -112.20 14.07 37.70
N LYS J 148 -111.82 12.83 38.02
CA LYS J 148 -112.73 11.85 38.63
C LYS J 148 -113.25 12.32 39.98
N ALA J 149 -112.35 12.89 40.78
CA ALA J 149 -112.69 13.48 42.09
C ALA J 149 -113.69 14.65 42.02
N GLY J 150 -113.83 15.25 40.84
CA GLY J 150 -114.63 16.45 40.65
C GLY J 150 -113.77 17.71 40.81
N GLY J 151 -112.47 17.56 40.55
CA GLY J 151 -111.51 18.65 40.68
C GLY J 151 -111.28 19.35 39.35
N LYS J 152 -110.20 20.12 39.29
CA LYS J 152 -109.88 20.91 38.10
C LYS J 152 -108.41 21.35 38.13
N PHE J 153 -107.59 20.75 37.26
CA PHE J 153 -106.17 21.07 37.15
C PHE J 153 -105.91 22.09 36.04
N THR J 154 -104.85 22.89 36.21
CA THR J 154 -104.36 23.79 35.18
C THR J 154 -102.83 23.89 35.26
N ALA J 155 -102.14 23.45 34.22
CA ALA J 155 -100.68 23.60 34.12
C ALA J 155 -100.36 25.05 33.79
N ARG J 156 -99.61 25.71 34.68
CA ARG J 156 -99.38 27.15 34.60
C ARG J 156 -97.88 27.42 34.41
N TYR J 157 -97.55 28.32 33.48
CA TYR J 157 -96.16 28.68 33.19
C TYR J 157 -95.65 29.67 34.22
N TYR J 158 -94.42 29.46 34.66
CA TYR J 158 -93.74 30.36 35.59
C TYR J 158 -92.25 30.38 35.29
N THR J 159 -91.75 31.54 34.87
CA THR J 159 -90.30 31.79 34.83
C THR J 159 -89.81 31.84 36.28
N PRO J 160 -88.49 31.68 36.51
CA PRO J 160 -88.03 31.58 37.90
C PRO J 160 -88.39 32.79 38.76
N LEU J 161 -88.26 33.99 38.19
CA LEU J 161 -88.67 35.22 38.89
C LEU J 161 -90.17 35.26 39.12
N GLY J 162 -90.94 34.92 38.08
CA GLY J 162 -92.40 34.85 38.17
C GLY J 162 -92.88 33.86 39.20
N LEU J 163 -92.22 32.71 39.27
CA LEU J 163 -92.49 31.69 40.29
C LEU J 163 -92.23 32.23 41.68
N ARG J 164 -91.08 32.85 41.86
CA ARG J 164 -90.68 33.47 43.12
C ARG J 164 -91.71 34.50 43.60
N ALA J 165 -92.15 35.35 42.67
CA ALA J 165 -93.19 36.36 42.93
C ALA J 165 -94.50 35.73 43.38
N HIS J 166 -94.88 34.66 42.70
CA HIS J 166 -96.07 33.88 43.03
C HIS J 166 -95.99 33.32 44.45
N LEU J 167 -94.84 32.74 44.78
CA LEU J 167 -94.61 32.13 46.10
C LEU J 167 -94.63 33.17 47.23
N ASN J 168 -93.99 34.31 47.00
CA ASN J 168 -93.80 35.32 48.04
C ASN J 168 -94.07 36.74 47.48
N PRO J 169 -95.35 37.06 47.23
CA PRO J 169 -95.72 38.36 46.66
C PRO J 169 -95.52 39.53 47.62
N GLN J 170 -95.69 39.27 48.92
CA GLN J 170 -95.52 40.29 49.96
C GLN J 170 -94.11 40.88 50.02
N TRP J 171 -93.10 40.03 49.80
CA TRP J 171 -91.69 40.47 49.78
C TRP J 171 -91.46 41.55 48.73
N PHE J 172 -91.95 41.30 47.52
CA PHE J 172 -91.83 42.24 46.41
C PHE J 172 -92.52 43.57 46.70
N LEU J 173 -93.70 43.48 47.32
CA LEU J 173 -94.46 44.66 47.75
C LEU J 173 -93.69 45.48 48.77
N GLU J 174 -93.09 44.79 49.75
CA GLU J 174 -92.26 45.42 50.79
C GLU J 174 -91.07 46.16 50.19
N LYS J 175 -90.38 45.50 49.26
CA LYS J 175 -89.18 46.05 48.65
C LYS J 175 -89.49 47.21 47.71
N ARG J 176 -90.44 46.99 46.81
CA ARG J 176 -90.64 47.85 45.63
C ARG J 176 -92.03 48.49 45.49
N GLY J 177 -92.94 48.20 46.42
CA GLY J 177 -94.33 48.68 46.32
C GLY J 177 -95.14 48.13 45.17
N ARG J 178 -94.72 46.99 44.61
CA ARG J 178 -95.31 46.46 43.39
C ARG J 178 -94.81 45.04 43.12
N VAL J 179 -95.73 44.08 43.01
CA VAL J 179 -95.40 42.71 42.61
C VAL J 179 -95.13 42.68 41.09
N PRO J 180 -94.10 41.94 40.63
CA PRO J 180 -93.82 41.95 39.18
C PRO J 180 -94.86 41.19 38.37
N LEU J 181 -95.01 41.58 37.11
CA LEU J 181 -95.96 40.93 36.19
C LEU J 181 -95.47 39.55 35.79
N GLN J 182 -96.40 38.65 35.50
CA GLN J 182 -96.08 37.29 35.12
C GLN J 182 -95.72 37.26 33.64
N ALA J 183 -94.57 36.68 33.32
CA ALA J 183 -94.03 36.64 31.97
C ALA J 183 -94.83 35.72 31.05
N ARG J 184 -94.73 35.98 29.75
CA ARG J 184 -95.23 35.07 28.71
C ARG J 184 -94.16 34.00 28.45
N PRO J 185 -94.58 32.82 27.95
CA PRO J 185 -93.59 31.85 27.48
C PRO J 185 -92.96 32.31 26.17
N THR J 186 -91.66 32.59 26.24
CA THR J 186 -90.87 33.03 25.09
C THR J 186 -90.42 31.83 24.28
N LYS J 187 -89.95 30.79 24.97
CA LYS J 187 -89.50 29.55 24.35
C LYS J 187 -90.59 28.85 23.55
N ARG J 188 -90.16 28.15 22.51
CA ARG J 188 -91.05 27.42 21.59
C ARG J 188 -91.64 26.19 22.27
N ARG J 189 -90.77 25.39 22.88
CA ARG J 189 -91.14 24.19 23.65
C ARG J 189 -92.18 24.47 24.74
N ASP J 190 -91.97 25.57 25.47
CA ASP J 190 -92.89 25.98 26.53
C ASP J 190 -94.25 26.32 25.95
N ILE J 191 -94.25 27.16 24.91
CA ILE J 191 -95.47 27.53 24.19
C ILE J 191 -96.26 26.29 23.74
N ASP J 192 -95.55 25.35 23.12
CA ASP J 192 -96.14 24.09 22.66
C ASP J 192 -96.79 23.30 23.79
N PHE J 193 -96.10 23.23 24.93
CA PHE J 193 -96.57 22.46 26.09
C PHE J 193 -97.87 23.03 26.63
N TYR J 194 -97.89 24.33 26.88
CA TYR J 194 -99.08 24.99 27.43
C TYR J 194 -100.21 25.17 26.40
N SER J 195 -99.89 25.05 25.11
CA SER J 195 -100.92 24.99 24.06
C SER J 195 -101.61 23.62 23.94
N LYS J 196 -101.14 22.61 24.67
CA LYS J 196 -101.77 21.28 24.66
C LYS J 196 -102.96 21.21 25.63
N GLU J 197 -104.11 20.77 25.11
CA GLU J 197 -105.30 20.51 25.92
C GLU J 197 -105.13 19.25 26.78
N GLU J 198 -104.38 18.27 26.28
CA GLU J 198 -104.08 17.04 27.03
C GLU J 198 -103.27 17.29 28.30
N LYS J 199 -102.39 18.29 28.27
CA LYS J 199 -101.59 18.68 29.44
C LYS J 199 -102.36 19.60 30.41
N ARG J 200 -103.54 20.07 29.99
CA ARG J 200 -104.32 21.10 30.68
C ARG J 200 -103.52 22.38 30.86
N GLY J 201 -102.84 22.78 29.78
CA GLY J 201 -102.03 24.00 29.78
C GLY J 201 -102.91 25.23 29.82
N TYR J 202 -102.42 26.26 30.53
CA TYR J 202 -103.20 27.47 30.75
C TYR J 202 -103.51 28.30 29.49
N LEU J 203 -102.65 28.23 28.47
CA LEU J 203 -102.83 29.01 27.25
C LEU J 203 -104.07 28.60 26.45
N VAL J 204 -104.39 27.31 26.45
CA VAL J 204 -105.59 26.79 25.77
C VAL J 204 -106.80 26.85 26.71
N MET J 205 -106.61 26.43 27.96
CA MET J 205 -107.70 26.33 28.94
C MET J 205 -108.31 27.69 29.30
N GLU J 206 -107.46 28.71 29.45
CA GLU J 206 -107.93 30.09 29.68
C GLU J 206 -108.14 30.89 28.38
N LYS J 207 -107.74 30.33 27.24
CA LYS J 207 -107.83 30.96 25.92
C LYS J 207 -107.04 32.27 25.90
N ASP J 208 -105.72 32.13 25.94
CA ASP J 208 -104.81 33.26 26.10
C ASP J 208 -104.65 34.10 24.83
N LYS J 209 -104.17 35.32 25.05
CA LYS J 209 -103.97 36.32 24.00
C LYS J 209 -102.75 35.99 23.12
N LEU J 210 -101.69 35.49 23.76
CA LEU J 210 -100.45 35.11 23.07
C LEU J 210 -100.66 34.10 21.96
N LEU J 211 -101.43 33.06 22.29
CA LEU J 211 -101.77 31.98 21.34
C LEU J 211 -102.53 32.52 20.13
N GLN J 212 -103.49 33.41 20.40
CA GLN J 212 -104.27 34.08 19.37
C GLN J 212 -103.39 34.94 18.45
N ASP J 213 -102.46 35.67 19.06
CA ASP J 213 -101.51 36.52 18.35
C ASP J 213 -100.63 35.69 17.41
N ILE J 214 -100.15 34.56 17.92
CA ILE J 214 -99.36 33.59 17.14
C ILE J 214 -100.14 33.07 15.93
N LYS J 215 -101.39 32.67 16.17
CA LYS J 215 -102.31 32.22 15.12
C LYS J 215 -102.52 33.27 14.02
N GLU J 216 -102.69 34.51 14.45
CA GLU J 216 -102.84 35.66 13.54
C GLU J 216 -101.59 35.86 12.68
N ALA J 217 -100.43 35.75 13.32
CA ALA J 217 -99.13 35.86 12.64
C ALA J 217 -98.95 34.76 11.59
N GLN J 218 -99.29 33.53 11.97
CA GLN J 218 -99.27 32.36 11.08
C GLN J 218 -100.16 32.57 9.85
N ASN J 219 -101.38 33.03 10.10
CA ASN J 219 -102.33 33.38 9.03
C ASN J 219 -101.76 34.41 8.06
N LYS J 220 -101.15 35.45 8.62
CA LYS J 220 -100.58 36.54 7.85
C LYS J 220 -99.15 36.21 7.45
N LYS K 1 -26.77 -53.19 16.32
CA LYS K 1 -26.26 -52.17 15.35
C LYS K 1 -26.52 -50.75 15.80
N HIS K 2 -27.79 -50.44 16.08
CA HIS K 2 -28.24 -49.10 16.47
C HIS K 2 -28.66 -48.98 17.94
N GLU K 3 -28.31 -49.98 18.76
CA GLU K 3 -28.69 -50.00 20.18
C GLU K 3 -28.06 -48.87 21.01
N TYR K 4 -26.85 -48.45 20.63
CA TYR K 4 -26.13 -47.38 21.33
C TYR K 4 -26.29 -46.00 20.67
N ALA K 5 -27.00 -45.94 19.54
CA ALA K 5 -27.28 -44.68 18.86
C ALA K 5 -28.59 -44.81 18.08
N PRO K 6 -29.74 -44.61 18.77
CA PRO K 6 -31.04 -44.61 18.09
C PRO K 6 -31.15 -43.57 16.99
N ARG K 7 -31.95 -43.88 15.97
CA ARG K 7 -32.11 -43.02 14.80
C ARG K 7 -33.56 -42.52 14.79
N PHE K 8 -33.84 -41.71 15.81
CA PHE K 8 -35.07 -40.92 15.87
C PHE K 8 -34.92 -39.85 14.79
N LYS K 9 -35.91 -39.78 13.90
CA LYS K 9 -35.89 -38.81 12.80
C LYS K 9 -35.88 -37.38 13.34
N ILE K 10 -36.85 -37.09 14.19
CA ILE K 10 -36.96 -35.79 14.85
C ILE K 10 -36.18 -35.88 16.16
N VAL K 11 -34.89 -35.57 16.10
CA VAL K 11 -34.04 -35.56 17.29
C VAL K 11 -34.43 -34.38 18.19
N GLN K 12 -34.51 -34.64 19.49
CA GLN K 12 -35.02 -33.65 20.44
C GLN K 12 -34.48 -33.86 21.86
N LYS K 13 -34.39 -32.76 22.60
CA LYS K 13 -33.92 -32.77 23.98
C LYS K 13 -34.96 -33.43 24.86
N LYS K 14 -34.51 -33.99 25.99
CA LYS K 14 -35.38 -34.71 26.92
C LYS K 14 -35.15 -34.28 28.36
N GLN K 15 -36.24 -34.33 29.13
CA GLN K 15 -36.17 -34.11 30.57
C GLN K 15 -35.43 -35.25 31.25
N LYS K 16 -35.00 -34.99 32.48
CA LYS K 16 -34.15 -35.92 33.20
C LYS K 16 -34.88 -37.21 33.57
N GLY K 17 -36.06 -37.05 34.16
CA GLY K 17 -36.86 -38.18 34.63
C GLY K 17 -36.19 -38.89 35.80
N ARG K 18 -36.72 -40.07 36.13
CA ARG K 18 -36.14 -40.94 37.16
C ARG K 18 -36.12 -42.39 36.69
N VAL K 19 -35.19 -43.16 37.26
CA VAL K 19 -35.07 -44.58 36.95
C VAL K 19 -36.22 -45.31 37.64
N PRO K 20 -37.02 -46.08 36.89
CA PRO K 20 -38.22 -46.70 37.47
C PRO K 20 -37.90 -47.80 38.49
N VAL K 21 -38.20 -47.54 39.76
CA VAL K 21 -38.23 -48.58 40.80
C VAL K 21 -39.55 -49.33 40.61
N ARG K 22 -39.45 -50.58 40.17
CA ARG K 22 -40.63 -51.32 39.69
C ARG K 22 -41.34 -51.97 40.87
N THR K 23 -42.11 -51.13 41.56
CA THR K 23 -42.81 -51.47 42.79
C THR K 23 -43.85 -52.59 42.62
N GLY K 24 -44.46 -52.64 41.44
CA GLY K 24 -45.44 -53.68 41.11
C GLY K 24 -44.93 -55.08 40.79
N GLY K 25 -43.62 -55.26 40.70
CA GLY K 25 -43.01 -56.56 40.43
C GLY K 25 -43.11 -56.91 38.95
N SER K 26 -42.32 -56.20 38.15
CA SER K 26 -42.45 -56.21 36.69
C SER K 26 -41.88 -57.46 36.00
N ILE K 27 -40.64 -57.81 36.37
CA ILE K 27 -39.83 -58.87 35.72
C ILE K 27 -39.72 -58.79 34.18
N LYS K 28 -39.83 -57.58 33.62
CA LYS K 28 -39.81 -57.39 32.17
C LYS K 28 -38.38 -56.99 31.78
N GLY K 29 -37.75 -57.82 30.95
CA GLY K 29 -36.33 -57.69 30.65
C GLY K 29 -35.45 -58.16 31.80
N SER K 30 -36.02 -58.98 32.68
CA SER K 30 -35.33 -59.51 33.86
C SER K 30 -35.25 -61.04 33.77
N THR K 31 -35.20 -61.55 32.55
CA THR K 31 -35.26 -63.00 32.27
C THR K 31 -34.39 -63.33 31.07
N LEU K 32 -33.76 -64.50 31.09
CA LEU K 32 -32.94 -64.97 29.97
C LEU K 32 -33.83 -65.43 28.84
N GLN K 33 -33.74 -64.73 27.71
CA GLN K 33 -34.59 -64.99 26.54
C GLN K 33 -33.85 -65.58 25.36
N PHE K 34 -32.69 -65.02 25.04
CA PHE K 34 -31.93 -65.36 23.83
C PHE K 34 -30.81 -66.37 24.07
N GLY K 35 -30.10 -66.22 25.19
CA GLY K 35 -28.86 -66.97 25.45
C GLY K 35 -28.96 -67.96 26.58
N LYS K 36 -27.80 -68.47 26.97
CA LYS K 36 -27.65 -69.48 28.02
C LYS K 36 -27.25 -68.82 29.33
N TYR K 37 -26.23 -67.97 29.27
CA TYR K 37 -25.74 -67.24 30.44
C TYR K 37 -25.96 -65.75 30.19
N GLY K 38 -26.17 -65.00 31.26
CA GLY K 38 -26.38 -63.55 31.17
C GLY K 38 -25.78 -62.78 32.34
N LEU K 39 -25.85 -61.46 32.23
CA LEU K 39 -25.36 -60.53 33.24
C LEU K 39 -26.51 -59.60 33.62
N ARG K 40 -26.96 -59.68 34.87
CA ARG K 40 -28.03 -58.83 35.36
C ARG K 40 -27.54 -57.82 36.39
N LEU K 41 -28.27 -56.71 36.50
CA LEU K 41 -28.02 -55.75 37.57
C LEU K 41 -28.50 -56.37 38.88
N LYS K 42 -27.75 -56.11 39.94
CA LYS K 42 -28.05 -56.60 41.29
C LYS K 42 -28.38 -55.47 42.28
N SER K 43 -27.88 -54.27 42.00
CA SER K 43 -27.97 -53.13 42.91
C SER K 43 -29.27 -52.35 42.69
N GLU K 44 -29.27 -51.11 43.18
CA GLU K 44 -30.40 -50.20 42.99
C GLU K 44 -30.42 -49.73 41.55
N GLY K 45 -31.60 -49.37 41.06
CA GLY K 45 -31.80 -48.95 39.68
C GLY K 45 -30.90 -47.79 39.30
N ILE K 46 -30.30 -47.87 38.11
CA ILE K 46 -29.21 -46.96 37.73
C ILE K 46 -29.26 -46.61 36.24
N ARG K 47 -28.70 -45.44 35.91
CA ARG K 47 -28.49 -45.04 34.52
C ARG K 47 -27.13 -45.48 34.03
N ILE K 48 -27.13 -46.19 32.89
CA ILE K 48 -25.90 -46.60 32.24
C ILE K 48 -25.80 -45.83 30.92
N SER K 49 -24.69 -45.10 30.75
CA SER K 49 -24.42 -44.36 29.52
C SER K 49 -24.12 -45.29 28.35
N ALA K 50 -24.11 -44.73 27.16
CA ALA K 50 -23.84 -45.48 25.92
C ALA K 50 -22.41 -45.99 25.87
N GLN K 51 -21.47 -45.11 26.21
CA GLN K 51 -20.05 -45.42 26.20
C GLN K 51 -19.71 -46.60 27.11
N GLN K 52 -20.22 -46.54 28.33
CA GLN K 52 -20.03 -47.61 29.33
C GLN K 52 -20.52 -48.96 28.81
N LEU K 53 -21.72 -48.95 28.23
CA LEU K 53 -22.30 -50.15 27.63
C LEU K 53 -21.46 -50.71 26.49
N LYS K 54 -21.00 -49.82 25.62
CA LYS K 54 -20.08 -50.18 24.52
C LYS K 54 -18.82 -50.86 25.04
N GLU K 55 -18.26 -50.30 26.10
CA GLU K 55 -17.06 -50.85 26.73
C GLU K 55 -17.29 -52.23 27.34
N ALA K 56 -18.44 -52.39 27.98
CA ALA K 56 -18.87 -53.68 28.53
C ALA K 56 -19.02 -54.73 27.42
N ASP K 57 -19.68 -54.33 26.33
CA ASP K 57 -19.82 -55.17 25.13
C ASP K 57 -18.47 -55.62 24.59
N ASN K 58 -17.55 -54.68 24.44
CA ASN K 58 -16.19 -54.95 23.97
C ASN K 58 -15.45 -55.96 24.86
N ALA K 59 -15.57 -55.75 26.16
CA ALA K 59 -14.98 -56.64 27.18
C ALA K 59 -15.50 -58.07 27.06
N ILE K 60 -16.82 -58.19 26.89
CA ILE K 60 -17.49 -59.48 26.70
C ILE K 60 -17.00 -60.15 25.41
N MET K 61 -16.87 -59.36 24.35
CA MET K 61 -16.51 -59.86 23.02
C MET K 61 -15.19 -60.62 22.97
N ARG K 62 -14.18 -60.12 23.67
CA ARG K 62 -12.89 -60.80 23.84
C ARG K 62 -13.01 -62.29 24.14
N TYR K 63 -14.03 -62.65 24.94
CA TYR K 63 -14.35 -64.05 25.24
C TYR K 63 -15.27 -64.70 24.20
N VAL K 64 -16.19 -63.92 23.63
CA VAL K 64 -17.17 -64.43 22.66
C VAL K 64 -16.58 -64.77 21.27
N ARG K 65 -15.69 -63.93 20.73
CA ARG K 65 -15.19 -64.13 19.35
C ARG K 65 -14.39 -65.43 19.14
N PRO K 66 -13.53 -65.83 20.12
CA PRO K 66 -12.84 -67.12 20.03
C PRO K 66 -13.76 -68.36 19.94
N LEU K 67 -14.94 -68.29 20.56
CA LEU K 67 -15.90 -69.41 20.55
C LEU K 67 -16.39 -69.75 19.15
N ASN K 68 -16.70 -71.04 18.95
CA ASN K 68 -17.39 -71.50 17.76
C ASN K 68 -18.88 -71.18 17.91
N ASN K 69 -19.44 -70.50 16.92
CA ASN K 69 -20.85 -70.07 16.94
C ASN K 69 -21.19 -69.20 18.17
N GLY K 70 -20.23 -68.38 18.59
CA GLY K 70 -20.38 -67.51 19.74
C GLY K 70 -21.27 -66.33 19.41
N HIS K 71 -22.08 -65.92 20.39
CA HIS K 71 -23.07 -64.86 20.20
C HIS K 71 -23.20 -64.00 21.44
N LEU K 72 -23.44 -62.71 21.25
CA LEU K 72 -23.72 -61.77 22.33
C LEU K 72 -25.00 -61.02 22.00
N TRP K 73 -26.02 -61.18 22.85
CA TRP K 73 -27.30 -60.48 22.71
C TRP K 73 -27.32 -59.27 23.65
N ARG K 74 -27.26 -58.07 23.06
CA ARG K 74 -27.35 -56.82 23.82
C ARG K 74 -28.82 -56.53 24.13
N ARG K 75 -29.23 -56.77 25.37
CA ARG K 75 -30.66 -56.70 25.74
C ARG K 75 -31.29 -55.30 25.82
N LEU K 76 -30.50 -54.28 26.15
CA LEU K 76 -31.06 -52.92 26.30
C LEU K 76 -30.41 -51.88 25.38
N CYS K 77 -31.22 -50.92 24.95
CA CYS K 77 -30.82 -49.85 24.04
C CYS K 77 -30.78 -48.52 24.80
N THR K 78 -29.81 -47.67 24.45
CA THR K 78 -29.69 -46.35 25.06
C THR K 78 -30.65 -45.40 24.36
N ASN K 79 -31.90 -45.42 24.82
CA ASN K 79 -32.98 -44.65 24.20
C ASN K 79 -33.13 -43.19 24.68
N VAL K 80 -32.72 -42.90 25.91
CA VAL K 80 -32.86 -41.55 26.48
C VAL K 80 -31.69 -40.66 26.06
N ALA K 81 -32.00 -39.59 25.33
CA ALA K 81 -31.01 -38.58 24.93
C ALA K 81 -30.73 -37.66 26.10
N VAL K 82 -29.46 -37.64 26.54
CA VAL K 82 -29.02 -36.74 27.61
C VAL K 82 -28.31 -35.54 27.02
N CYS K 83 -28.77 -34.35 27.40
CA CYS K 83 -28.07 -33.10 27.12
C CYS K 83 -27.31 -32.68 28.37
N ILE K 84 -26.22 -31.93 28.18
CA ILE K 84 -25.53 -31.32 29.31
C ILE K 84 -25.13 -29.88 28.99
N LYS K 85 -25.27 -29.02 29.99
CA LYS K 85 -24.58 -27.74 30.02
C LYS K 85 -23.14 -28.00 30.46
N GLY K 86 -22.24 -27.06 30.18
CA GLY K 86 -20.87 -27.17 30.65
C GLY K 86 -20.75 -26.81 32.12
N ASN K 87 -19.69 -27.28 32.77
CA ASN K 87 -19.31 -26.81 34.10
C ASN K 87 -18.85 -25.34 34.08
N GLU K 88 -18.34 -24.90 32.93
CA GLU K 88 -17.89 -23.52 32.71
C GLU K 88 -19.01 -22.46 32.79
N THR K 89 -20.23 -22.83 32.38
CA THR K 89 -21.32 -21.88 32.18
C THR K 89 -22.09 -21.60 33.48
N ARG K 90 -22.72 -20.43 33.56
CA ARG K 90 -23.63 -20.08 34.67
C ARG K 90 -24.96 -20.83 34.56
N MET K 91 -25.72 -20.79 35.65
CA MET K 91 -27.02 -21.46 35.73
C MET K 91 -28.07 -20.62 35.00
N GLY K 92 -29.15 -21.28 34.59
CA GLY K 92 -30.20 -20.65 33.78
C GLY K 92 -29.75 -20.50 32.33
N LYS K 93 -30.46 -19.63 31.60
CA LYS K 93 -30.14 -19.31 30.21
C LYS K 93 -30.26 -20.52 29.29
N GLY K 94 -31.46 -21.12 29.31
CA GLY K 94 -31.78 -22.26 28.46
C GLY K 94 -31.23 -23.58 28.95
N LYS K 95 -31.41 -24.61 28.12
CA LYS K 95 -30.95 -25.96 28.39
C LYS K 95 -29.70 -26.26 27.55
N GLY K 96 -28.83 -27.13 28.08
CA GLY K 96 -27.60 -27.51 27.38
C GLY K 96 -27.83 -28.37 26.14
N GLY K 97 -26.77 -28.52 25.35
CA GLY K 97 -26.82 -29.31 24.11
C GLY K 97 -26.65 -30.80 24.34
N PHE K 98 -27.00 -31.59 23.33
CA PHE K 98 -26.91 -33.05 23.38
C PHE K 98 -25.49 -33.51 23.69
N ASP K 99 -25.38 -34.52 24.56
CA ASP K 99 -24.09 -35.06 25.00
C ASP K 99 -23.95 -36.54 24.66
N HIS K 100 -24.84 -37.36 25.21
CA HIS K 100 -24.78 -38.81 25.03
C HIS K 100 -26.14 -39.48 25.17
N TRP K 101 -26.20 -40.75 24.78
CA TRP K 101 -27.38 -41.59 24.94
C TRP K 101 -27.22 -42.40 26.22
N MET K 102 -28.35 -42.68 26.88
CA MET K 102 -28.35 -43.43 28.14
C MET K 102 -29.63 -44.25 28.31
N VAL K 103 -29.55 -45.28 29.15
CA VAL K 103 -30.67 -46.18 29.43
C VAL K 103 -30.93 -46.25 30.94
N ARG K 104 -32.21 -46.17 31.33
CA ARG K 104 -32.63 -46.36 32.72
C ARG K 104 -32.78 -47.85 32.98
N VAL K 105 -31.98 -48.37 33.92
CA VAL K 105 -31.90 -49.80 34.18
C VAL K 105 -32.45 -50.09 35.60
N PRO K 106 -33.67 -50.63 35.69
CA PRO K 106 -34.21 -51.22 36.92
C PRO K 106 -33.32 -52.28 37.58
N THR K 107 -33.57 -52.49 38.88
CA THR K 107 -32.76 -53.37 39.74
C THR K 107 -32.50 -54.76 39.15
N GLY K 108 -33.53 -55.44 38.69
CA GLY K 108 -33.42 -56.85 38.26
C GLY K 108 -33.01 -57.12 36.82
N LYS K 109 -32.95 -56.08 35.99
CA LYS K 109 -32.85 -56.26 34.52
C LYS K 109 -31.56 -56.90 34.02
N ILE K 110 -31.68 -57.69 32.96
CA ILE K 110 -30.55 -58.31 32.27
C ILE K 110 -29.99 -57.35 31.24
N LEU K 111 -28.67 -57.22 31.22
CA LEU K 111 -27.97 -56.33 30.27
C LEU K 111 -27.51 -57.08 29.03
N PHE K 112 -26.87 -58.23 29.23
CA PHE K 112 -26.25 -59.01 28.16
C PHE K 112 -26.64 -60.48 28.22
N GLU K 113 -26.27 -61.21 27.19
CA GLU K 113 -26.55 -62.63 27.10
C GLU K 113 -25.58 -63.28 26.14
N ILE K 114 -25.09 -64.47 26.46
CA ILE K 114 -24.16 -65.18 25.56
C ILE K 114 -24.45 -66.67 25.48
N ASN K 115 -24.06 -67.26 24.35
CA ASN K 115 -24.16 -68.71 24.13
C ASN K 115 -23.28 -69.13 22.96
N GLY K 116 -22.22 -69.88 23.27
CA GLY K 116 -21.35 -70.47 22.26
C GLY K 116 -21.60 -71.96 22.11
N ASP K 117 -21.02 -72.55 21.07
CA ASP K 117 -21.08 -73.99 20.86
C ASP K 117 -20.20 -74.70 21.89
N ASP K 118 -18.97 -74.21 22.04
CA ASP K 118 -17.99 -74.77 22.98
C ASP K 118 -17.69 -73.77 24.11
N LEU K 119 -18.76 -73.28 24.75
CA LEU K 119 -18.64 -72.33 25.88
C LEU K 119 -18.87 -73.04 27.21
N HIS K 120 -17.80 -73.16 28.00
CA HIS K 120 -17.90 -73.61 29.38
C HIS K 120 -18.34 -72.42 30.25
N GLU K 121 -19.12 -72.71 31.29
CA GLU K 121 -19.79 -71.67 32.07
C GLU K 121 -18.86 -70.76 32.87
N LYS K 122 -17.73 -71.32 33.31
CA LYS K 122 -16.74 -70.58 34.11
C LYS K 122 -16.17 -69.41 33.32
N VAL K 123 -15.87 -69.65 32.05
CA VAL K 123 -15.34 -68.64 31.13
C VAL K 123 -16.36 -67.51 30.95
N ALA K 124 -17.61 -67.90 30.71
CA ALA K 124 -18.75 -66.97 30.57
C ALA K 124 -18.91 -66.09 31.81
N ARG K 125 -18.82 -66.72 32.97
CA ARG K 125 -18.89 -66.04 34.27
C ARG K 125 -17.78 -65.00 34.43
N GLU K 126 -16.57 -65.40 34.06
CA GLU K 126 -15.39 -64.53 34.09
C GLU K 126 -15.58 -63.32 33.20
N ALA K 127 -16.06 -63.57 31.98
CA ALA K 127 -16.34 -62.53 30.98
C ALA K 127 -17.33 -61.50 31.51
N PHE K 128 -18.42 -62.01 32.09
CA PHE K 128 -19.46 -61.16 32.65
C PHE K 128 -19.02 -60.35 33.87
N ARG K 129 -18.11 -60.93 34.66
CA ARG K 129 -17.51 -60.23 35.80
C ARG K 129 -16.69 -59.05 35.27
N LYS K 130 -15.86 -59.33 34.25
CA LYS K 130 -15.05 -58.31 33.58
C LYS K 130 -15.87 -57.21 32.90
N ALA K 131 -17.02 -57.56 32.37
CA ALA K 131 -17.98 -56.60 31.81
C ALA K 131 -18.50 -55.68 32.92
N GLY K 132 -18.89 -56.30 34.03
CA GLY K 132 -19.38 -55.59 35.22
C GLY K 132 -18.39 -54.62 35.82
N THR K 133 -17.09 -54.95 35.76
CA THR K 133 -16.03 -54.03 36.22
C THR K 133 -16.05 -52.67 35.51
N LYS K 134 -16.58 -52.61 34.29
CA LYS K 134 -16.69 -51.35 33.53
C LYS K 134 -18.00 -50.56 33.66
N LEU K 135 -19.04 -51.16 34.26
CA LEU K 135 -20.36 -50.52 34.37
C LEU K 135 -20.60 -49.94 35.78
N PRO K 136 -21.47 -48.91 35.89
CA PRO K 136 -21.64 -48.20 37.17
C PRO K 136 -22.41 -48.93 38.29
N GLY K 137 -23.22 -49.92 37.95
CA GLY K 137 -23.94 -50.72 38.96
C GLY K 137 -23.08 -51.79 39.59
N VAL K 138 -23.73 -52.68 40.36
CA VAL K 138 -23.13 -53.92 40.83
C VAL K 138 -23.94 -55.03 40.17
N TYR K 139 -23.26 -56.00 39.57
CA TYR K 139 -23.89 -56.95 38.66
C TYR K 139 -23.74 -58.40 39.11
N GLU K 140 -24.45 -59.29 38.43
CA GLU K 140 -24.62 -60.67 38.86
C GLU K 140 -24.77 -61.61 37.67
N PHE K 141 -24.11 -62.75 37.76
CA PHE K 141 -24.19 -63.80 36.74
C PHE K 141 -25.54 -64.52 36.87
N VAL K 142 -26.22 -64.71 35.74
CA VAL K 142 -27.54 -65.35 35.72
C VAL K 142 -27.55 -66.49 34.70
N SER K 143 -27.90 -67.68 35.17
CA SER K 143 -28.09 -68.86 34.34
C SER K 143 -29.58 -69.12 34.16
N LEU K 144 -29.91 -70.06 33.28
CA LEU K 144 -31.31 -70.39 32.99
C LEU K 144 -32.06 -70.98 34.19
N ASP K 145 -31.34 -71.73 35.03
CA ASP K 145 -31.92 -72.29 36.27
C ASP K 145 -32.01 -71.25 37.39
N SER K 146 -31.08 -70.30 37.42
CA SER K 146 -31.11 -69.21 38.40
C SER K 146 -32.33 -68.31 38.20
N LEU K 147 -32.99 -67.98 39.30
CA LEU K 147 -34.35 -67.43 39.28
C LEU K 147 -34.37 -65.90 39.31
N VAL K 148 -35.51 -65.34 38.93
CA VAL K 148 -35.64 -63.92 38.58
C VAL K 148 -35.55 -63.01 39.80
N ARG K 149 -34.64 -62.05 39.74
CA ARG K 149 -34.52 -61.01 40.75
C ARG K 149 -35.60 -59.95 40.53
N VAL K 150 -36.19 -59.48 41.62
CA VAL K 150 -37.26 -58.49 41.59
C VAL K 150 -36.83 -57.26 42.39
N GLY K 151 -36.70 -57.44 43.70
CA GLY K 151 -36.17 -56.39 44.58
C GLY K 151 -34.67 -56.49 44.69
N LEU K 152 -34.12 -55.82 45.71
CA LEU K 152 -32.70 -55.87 45.99
C LEU K 152 -32.34 -57.20 46.65
N HIS K 153 -33.23 -57.68 47.53
CA HIS K 153 -33.02 -58.89 48.32
C HIS K 153 -34.15 -59.90 48.12
N SER K 154 -34.83 -59.84 46.98
CA SER K 154 -36.02 -60.65 46.75
C SER K 154 -35.98 -61.33 45.39
N PHE K 155 -36.70 -62.43 45.28
CA PHE K 155 -36.61 -63.34 44.13
C PHE K 155 -37.96 -63.92 43.75
N LYS K 156 -38.00 -64.53 42.57
CA LYS K 156 -39.24 -65.00 41.97
C LYS K 156 -38.97 -66.00 40.84
N ASN K 157 -39.85 -66.99 40.70
CA ASN K 157 -39.87 -67.87 39.53
C ASN K 157 -41.09 -67.50 38.68
N PRO K 158 -40.89 -67.13 37.40
CA PRO K 158 -42.03 -66.85 36.51
C PRO K 158 -42.96 -68.04 36.25
N LYS K 159 -42.41 -69.25 36.25
CA LYS K 159 -43.18 -70.50 36.18
C LYS K 159 -44.33 -70.56 37.21
N ASP K 160 -44.12 -69.99 38.39
CA ASP K 160 -45.13 -70.00 39.46
C ASP K 160 -46.34 -69.11 39.19
N ASP K 161 -46.11 -67.86 38.77
CA ASP K 161 -47.21 -66.87 38.66
C ASP K 161 -48.34 -67.34 37.73
N PRO K 162 -49.61 -67.01 38.06
CA PRO K 162 -50.74 -67.69 37.46
C PRO K 162 -51.09 -67.22 36.04
N VAL K 163 -51.67 -68.14 35.27
CA VAL K 163 -52.19 -67.86 33.93
C VAL K 163 -53.68 -67.53 34.07
N LYS K 164 -54.13 -66.53 33.30
CA LYS K 164 -55.50 -66.02 33.40
C LYS K 164 -56.01 -65.61 32.02
N ASN K 165 -57.20 -66.10 31.67
CA ASN K 165 -57.95 -65.55 30.53
C ASN K 165 -58.75 -64.35 31.03
N PHE K 166 -58.36 -63.16 30.59
CA PHE K 166 -58.92 -61.91 31.10
C PHE K 166 -60.29 -61.53 30.53
N TYR K 167 -60.61 -62.06 29.33
CA TYR K 167 -61.95 -61.89 28.75
C TYR K 167 -63.00 -62.55 29.63
N ASP K 168 -62.68 -63.75 30.10
CA ASP K 168 -63.55 -64.52 30.99
C ASP K 168 -63.78 -63.78 32.31
N GLU K 169 -62.70 -63.27 32.88
CA GLU K 169 -62.73 -62.46 34.10
C GLU K 169 -63.60 -61.21 33.95
N ASN K 170 -63.44 -60.54 32.82
CA ASN K 170 -64.26 -59.38 32.48
C ASN K 170 -65.74 -59.73 32.40
N ALA K 171 -66.04 -60.84 31.73
CA ALA K 171 -67.41 -61.35 31.63
C ALA K 171 -68.04 -61.63 33.00
N LYS K 172 -67.24 -62.25 33.87
CA LYS K 172 -67.65 -62.54 35.26
C LYS K 172 -68.01 -61.27 36.04
N LYS K 173 -67.14 -60.27 35.99
CA LYS K 173 -67.31 -59.02 36.73
C LYS K 173 -67.22 -57.82 35.76
N PRO K 174 -68.32 -57.56 35.02
CA PRO K 174 -68.26 -56.66 33.87
C PRO K 174 -68.25 -55.17 34.19
N SER K 175 -67.56 -54.41 33.33
CA SER K 175 -67.59 -52.96 33.38
C SER K 175 -68.92 -52.43 32.84
N LYS K 176 -69.16 -51.15 33.08
CA LYS K 176 -70.42 -50.50 32.67
C LYS K 176 -70.54 -50.36 31.15
N LYS K 177 -69.42 -50.01 30.52
CA LYS K 177 -69.33 -49.90 29.06
C LYS K 177 -69.67 -51.21 28.35
N TYR K 178 -69.08 -52.29 28.84
CA TYR K 178 -69.33 -53.64 28.33
C TYR K 178 -70.81 -54.03 28.41
N LEU K 179 -71.41 -53.74 29.57
CA LEU K 179 -72.85 -53.98 29.78
C LEU K 179 -73.72 -53.18 28.83
N ASN K 180 -73.35 -51.92 28.62
CA ASN K 180 -74.05 -51.03 27.67
C ASN K 180 -73.99 -51.56 26.24
N ILE K 181 -72.81 -52.03 25.85
CA ILE K 181 -72.59 -52.66 24.54
C ILE K 181 -73.47 -53.89 24.38
N LEU K 182 -73.49 -54.74 25.40
CA LEU K 182 -74.31 -55.96 25.42
C LEU K 182 -75.79 -55.64 25.24
N LYS K 183 -76.24 -54.60 25.97
CA LYS K 183 -77.61 -54.09 25.84
C LYS K 183 -77.92 -53.62 24.43
N SER K 184 -77.00 -52.86 23.85
CA SER K 184 -77.12 -52.37 22.46
C SER K 184 -77.29 -53.52 21.47
N GLN K 185 -76.47 -54.56 21.67
CA GLN K 185 -76.51 -55.78 20.86
C GLN K 185 -77.87 -56.49 20.91
N GLU K 186 -78.51 -56.46 22.08
CA GLU K 186 -79.89 -56.96 22.27
C GLU K 186 -80.93 -56.28 21.33
N PRO K 187 -82.04 -56.99 21.03
CA PRO K 187 -82.93 -56.60 19.92
C PRO K 187 -83.84 -55.39 20.16
N GLN K 188 -84.28 -55.16 21.40
CA GLN K 188 -85.14 -54.01 21.71
C GLN K 188 -84.47 -52.63 21.53
N TYR K 189 -83.14 -52.63 21.44
CA TYR K 189 -82.35 -51.43 21.12
C TYR K 189 -81.82 -51.43 19.68
N LYS K 190 -81.36 -52.59 19.19
CA LYS K 190 -80.74 -52.70 17.85
C LYS K 190 -81.73 -52.42 16.71
N LEU K 191 -82.99 -52.83 16.90
CA LEU K 191 -84.05 -52.57 15.93
C LEU K 191 -84.49 -51.09 15.89
N PHE K 192 -84.54 -50.45 17.05
CA PHE K 192 -85.10 -49.11 17.19
C PHE K 192 -84.06 -47.97 17.28
N ARG K 193 -82.80 -48.26 16.99
CA ARG K 193 -81.75 -47.22 16.99
C ARG K 193 -81.93 -46.21 15.85
N GLY K 194 -82.48 -46.68 14.73
CA GLY K 194 -82.97 -45.81 13.66
C GLY K 194 -81.95 -44.92 12.99
N ARG K 195 -80.79 -45.49 12.67
CA ARG K 195 -79.73 -44.75 11.98
C ARG K 195 -79.96 -44.74 10.48
N THR L 1 33.92 6.13 77.97
CA THR L 1 32.86 7.00 77.35
C THR L 1 31.43 6.72 77.87
N VAL L 2 31.14 5.46 78.20
CA VAL L 2 29.97 5.10 79.00
C VAL L 2 30.46 4.54 80.34
N GLY L 3 30.01 5.15 81.43
CA GLY L 3 30.35 4.70 82.79
C GLY L 3 31.46 5.45 83.49
N ILE L 4 32.24 6.24 82.74
CA ILE L 4 33.35 7.01 83.32
C ILE L 4 32.91 8.19 84.19
N ALA L 5 31.74 8.76 83.90
CA ALA L 5 31.21 9.91 84.64
C ALA L 5 29.71 10.11 84.41
N ARG L 6 29.10 11.00 85.20
CA ARG L 6 27.71 11.42 84.99
C ARG L 6 27.64 12.20 83.68
N LYS L 7 26.58 11.96 82.93
CA LYS L 7 26.34 12.65 81.66
C LYS L 7 25.61 13.98 81.91
N LEU L 8 24.71 13.98 82.89
CA LEU L 8 23.99 15.18 83.36
C LEU L 8 23.09 15.85 82.30
N SER L 9 22.62 15.07 81.33
CA SER L 9 21.73 15.54 80.26
C SER L 9 22.27 16.77 79.50
N ARG L 10 23.58 16.79 79.28
CA ARG L 10 24.25 17.87 78.58
C ARG L 10 25.23 17.29 77.57
N ASP L 11 25.44 18.01 76.47
CA ASP L 11 26.49 17.68 75.49
C ASP L 11 27.86 17.88 76.13
N LYS L 12 28.84 17.08 75.69
CA LYS L 12 30.16 16.99 76.32
C LYS L 12 30.80 18.33 76.64
N ALA L 13 30.83 19.21 75.63
CA ALA L 13 31.44 20.54 75.74
C ALA L 13 30.77 21.39 76.82
N HIS L 14 29.44 21.39 76.80
CA HIS L 14 28.63 22.09 77.79
C HIS L 14 28.86 21.52 79.21
N ARG L 15 28.81 20.20 79.31
CA ARG L 15 28.97 19.49 80.59
C ARG L 15 30.27 19.86 81.30
N ASP L 16 31.37 19.77 80.56
CA ASP L 16 32.71 20.12 81.07
C ASP L 16 32.78 21.56 81.57
N ALA L 17 32.23 22.48 80.77
CA ALA L 17 32.16 23.91 81.12
C ALA L 17 31.38 24.13 82.41
N LEU L 18 30.23 23.48 82.51
CA LEU L 18 29.42 23.48 83.74
C LEU L 18 30.23 23.05 84.96
N LEU L 19 30.92 21.93 84.82
CA LEU L 19 31.74 21.37 85.90
C LEU L 19 32.85 22.32 86.34
N LYS L 20 33.51 22.93 85.36
CA LYS L 20 34.53 23.98 85.61
C LYS L 20 33.94 25.14 86.41
N ASN L 21 32.79 25.62 85.95
CA ASN L 21 32.04 26.69 86.65
C ASN L 21 31.75 26.34 88.10
N LEU L 22 31.23 25.13 88.32
CA LEU L 22 30.95 24.63 89.67
C LEU L 22 32.19 24.58 90.56
N ALA L 23 33.30 24.11 89.98
CA ALA L 23 34.59 24.07 90.67
C ALA L 23 35.06 25.46 91.08
N CYS L 24 34.98 26.40 90.14
CA CYS L 24 35.32 27.81 90.39
C CYS L 24 34.49 28.42 91.52
N GLN L 25 33.19 28.14 91.49
CA GLN L 25 32.24 28.65 92.49
C GLN L 25 32.51 28.06 93.87
N LEU L 26 32.90 26.78 93.89
CA LEU L 26 33.31 26.11 95.13
C LEU L 26 34.57 26.73 95.73
N PHE L 27 35.55 27.03 94.88
CA PHE L 27 36.78 27.65 95.35
C PHE L 27 36.55 29.08 95.84
N GLN L 28 35.68 29.83 95.17
CA GLN L 28 35.35 31.20 95.55
C GLN L 28 34.55 31.22 96.85
N HIS L 29 33.37 30.60 96.81
CA HIS L 29 32.50 30.46 97.98
C HIS L 29 32.74 29.07 98.53
N GLU L 30 33.37 28.99 99.70
CA GLU L 30 33.90 27.70 100.22
C GLU L 30 32.85 26.60 100.49
N SER L 31 31.56 26.97 100.42
CA SER L 31 30.46 26.02 100.24
C SER L 31 29.49 26.51 99.16
N ILE L 32 28.88 25.59 98.42
CA ILE L 32 27.80 25.90 97.46
C ILE L 32 26.70 24.85 97.47
N VAL L 33 25.46 25.30 97.26
CA VAL L 33 24.30 24.42 97.16
C VAL L 33 23.98 24.17 95.69
N SER L 34 23.73 22.90 95.35
CA SER L 34 23.29 22.53 94.00
C SER L 34 22.58 21.19 94.03
N THR L 35 22.16 20.70 92.86
CA THR L 35 21.57 19.37 92.73
C THR L 35 22.63 18.32 93.07
N HIS L 36 22.17 17.14 93.48
CA HIS L 36 23.08 16.13 94.04
C HIS L 36 24.08 15.59 93.03
N ALA L 37 23.58 15.24 91.84
CA ALA L 37 24.39 14.67 90.77
C ALA L 37 25.49 15.63 90.30
N LYS L 38 25.11 16.89 90.12
CA LYS L 38 26.05 17.97 89.77
C LYS L 38 27.14 18.15 90.82
N CYS L 39 26.71 18.18 92.09
CA CYS L 39 27.61 18.31 93.25
C CYS L 39 28.65 17.19 93.28
N LYS L 40 28.17 15.96 93.03
CA LYS L 40 29.01 14.75 93.08
C LYS L 40 30.12 14.79 92.03
N GLU L 41 29.75 15.20 90.83
CA GLU L 41 30.68 15.35 89.71
C GLU L 41 31.66 16.50 89.94
N ALA L 42 31.12 17.62 90.43
CA ALA L 42 31.90 18.82 90.73
C ALA L 42 33.00 18.56 91.77
N SER L 43 32.66 17.75 92.78
CA SER L 43 33.61 17.31 93.81
C SER L 43 34.80 16.59 93.20
N ARG L 44 34.53 15.64 92.30
CA ARG L 44 35.58 14.92 91.58
C ARG L 44 36.58 15.86 90.89
N VAL L 45 36.05 16.87 90.21
CA VAL L 45 36.89 17.85 89.50
C VAL L 45 37.71 18.68 90.48
N ALA L 46 37.02 19.28 91.45
CA ALA L 46 37.64 20.17 92.43
C ALA L 46 38.75 19.49 93.20
N GLU L 47 38.46 18.30 93.71
CA GLU L 47 39.45 17.47 94.42
C GLU L 47 40.67 17.19 93.56
N ARG L 48 40.44 16.72 92.33
CA ARG L 48 41.52 16.55 91.32
C ARG L 48 42.41 17.78 91.16
N ILE L 49 41.76 18.94 91.01
CA ILE L 49 42.45 20.23 90.88
C ILE L 49 43.34 20.53 92.09
N ILE L 50 42.77 20.32 93.28
CA ILE L 50 43.48 20.51 94.55
C ILE L 50 44.73 19.65 94.63
N THR L 51 44.60 18.39 94.20
CA THR L 51 45.71 17.44 94.24
C THR L 51 46.83 17.85 93.31
N TRP L 52 46.44 18.30 92.12
CA TRP L 52 47.37 18.80 91.11
C TRP L 52 48.17 19.99 91.65
N THR L 53 47.45 20.90 92.30
CA THR L 53 48.04 22.07 92.95
C THR L 53 49.05 21.66 94.02
N LYS L 54 48.65 20.71 94.87
CA LYS L 54 49.53 20.12 95.88
C LYS L 54 50.79 19.53 95.28
N ARG L 55 50.61 18.73 94.22
CA ARG L 55 51.71 18.13 93.47
C ARG L 55 52.68 19.18 92.93
N ALA L 56 52.13 20.24 92.34
CA ALA L 56 52.90 21.37 91.82
C ALA L 56 53.74 22.03 92.92
N ILE L 57 53.08 22.30 94.06
CA ILE L 57 53.74 22.86 95.24
C ILE L 57 54.91 22.01 95.71
N THR L 58 54.69 20.71 95.83
CA THR L 58 55.66 19.80 96.41
C THR L 58 56.84 19.45 95.50
N THR L 59 56.53 19.02 94.28
CA THR L 59 57.51 18.41 93.37
C THR L 59 58.80 19.22 93.17
N SER L 60 59.93 18.51 93.17
CA SER L 60 61.24 19.09 92.85
C SER L 60 61.41 19.20 91.33
N ASN L 61 60.92 18.21 90.60
CA ASN L 61 60.91 18.24 89.13
C ASN L 61 60.21 19.50 88.60
N SER L 62 60.97 20.33 87.90
CA SER L 62 60.49 21.63 87.39
C SER L 62 59.49 21.47 86.25
N VAL L 63 59.82 20.57 85.33
CA VAL L 63 58.97 20.26 84.17
C VAL L 63 57.60 19.74 84.61
N ALA L 64 57.63 18.80 85.55
CA ALA L 64 56.41 18.23 86.14
C ALA L 64 55.53 19.33 86.72
N GLN L 65 56.13 20.16 87.56
CA GLN L 65 55.47 21.30 88.20
C GLN L 65 54.80 22.23 87.19
N ALA L 66 55.53 22.55 86.12
CA ALA L 66 55.02 23.37 85.02
C ALA L 66 53.80 22.73 84.34
N GLU L 67 53.91 21.43 84.10
CA GLU L 67 52.80 20.62 83.55
C GLU L 67 51.56 20.63 84.44
N LEU L 68 51.77 20.45 85.74
CA LEU L 68 50.70 20.53 86.73
C LEU L 68 50.01 21.89 86.70
N LYS L 69 50.82 22.96 86.72
CA LYS L 69 50.34 24.34 86.59
C LYS L 69 49.47 24.55 85.35
N SER L 70 49.97 24.10 84.21
CA SER L 70 49.24 24.18 82.94
C SER L 70 47.90 23.46 82.99
N GLN L 71 47.90 22.28 83.62
CA GLN L 71 46.70 21.47 83.80
C GLN L 71 45.66 22.18 84.68
N ILE L 72 46.14 22.79 85.76
CA ILE L 72 45.31 23.59 86.67
C ILE L 72 44.67 24.76 85.94
N GLN L 73 45.47 25.44 85.12
CA GLN L 73 45.02 26.58 84.33
C GLN L 73 43.92 26.19 83.36
N SER L 74 44.12 25.05 82.69
CA SER L 74 43.14 24.46 81.78
C SER L 74 41.80 24.19 82.46
N GLN L 75 41.87 23.68 83.70
CA GLN L 75 40.68 23.25 84.43
C GLN L 75 39.86 24.36 85.12
N LEU L 76 40.26 25.62 84.96
CA LEU L 76 39.52 26.76 85.54
C LEU L 76 39.15 27.80 84.50
N PHE L 77 38.09 28.56 84.78
CA PHE L 77 37.76 29.77 84.03
C PHE L 77 38.26 30.95 84.84
N LEU L 78 39.38 31.55 84.41
CA LEU L 78 39.99 32.66 85.14
C LEU L 78 39.55 34.01 84.58
N ALA L 79 38.43 34.52 85.07
CA ALA L 79 37.88 35.80 84.62
C ALA L 79 36.89 36.38 85.61
N GLY L 80 36.80 37.70 85.63
CA GLY L 80 35.86 38.43 86.48
C GLY L 80 36.16 38.27 87.97
N ASP L 81 35.31 37.51 88.65
CA ASP L 81 35.52 37.22 90.08
C ASP L 81 36.60 36.17 90.32
N ASN L 82 36.90 35.36 89.30
CA ASN L 82 37.95 34.32 89.38
C ASN L 82 39.27 34.67 88.67
N ARG L 83 39.53 35.97 88.47
CA ARG L 83 40.80 36.45 87.88
C ARG L 83 42.01 35.92 88.64
N LYS L 84 42.00 36.13 89.96
CA LYS L 84 43.09 35.74 90.85
C LYS L 84 42.78 34.42 91.58
N LEU L 85 42.10 33.51 90.88
CA LEU L 85 41.71 32.21 91.45
C LEU L 85 42.90 31.26 91.52
N MET L 86 43.76 31.31 90.52
CA MET L 86 44.98 30.50 90.47
C MET L 86 45.88 30.78 91.67
N LYS L 87 46.08 32.07 91.94
CA LYS L 87 46.85 32.56 93.08
C LYS L 87 46.28 32.05 94.40
N ARG L 88 44.96 32.19 94.54
CA ARG L 88 44.23 31.70 95.72
C ARG L 88 44.44 30.20 95.92
N LEU L 89 44.32 29.45 94.83
CA LEU L 89 44.50 28.00 94.84
C LEU L 89 45.89 27.61 95.38
N PHE L 90 46.92 28.28 94.86
CA PHE L 90 48.29 27.99 95.27
C PHE L 90 48.61 28.48 96.69
N SER L 91 48.11 29.65 97.05
CA SER L 91 48.49 30.34 98.30
C SER L 91 47.54 30.11 99.48
N GLU L 92 46.25 29.99 99.21
CA GLU L 92 45.21 29.93 100.26
C GLU L 92 44.60 28.53 100.41
N ILE L 93 44.10 27.96 99.31
CA ILE L 93 43.31 26.72 99.35
C ILE L 93 44.17 25.46 99.49
N ALA L 94 45.12 25.27 98.58
CA ALA L 94 45.90 24.01 98.53
C ALA L 94 46.81 23.75 99.75
N PRO L 95 47.37 24.81 100.38
CA PRO L 95 48.15 24.62 101.61
C PRO L 95 47.39 24.07 102.83
N ARG L 96 46.05 24.18 102.84
CA ARG L 96 45.22 23.52 103.86
C ARG L 96 45.33 21.99 103.80
N TYR L 97 45.49 21.45 102.60
CA TYR L 97 45.34 20.01 102.34
C TYR L 97 46.64 19.23 102.12
N LEU L 98 47.77 19.78 102.55
CA LEU L 98 49.08 19.15 102.33
C LEU L 98 49.26 17.81 103.06
N GLU L 99 48.72 17.72 104.28
CA GLU L 99 48.79 16.50 105.09
C GLU L 99 47.64 15.53 104.81
N ARG L 100 46.49 16.08 104.39
CA ARG L 100 45.28 15.31 104.14
C ARG L 100 45.42 14.49 102.84
N PRO L 101 45.31 13.14 102.92
CA PRO L 101 45.41 12.31 101.72
C PRO L 101 44.06 12.12 101.03
N GLY L 102 43.70 13.06 100.15
CA GLY L 102 42.41 13.05 99.45
C GLY L 102 41.27 13.52 100.34
N GLY L 103 40.05 13.45 99.80
CA GLY L 103 38.84 13.80 100.56
C GLY L 103 38.79 15.26 101.01
N TYR L 104 38.94 16.18 100.06
CA TYR L 104 39.04 17.61 100.35
C TYR L 104 37.66 18.28 100.37
N THR L 105 36.68 17.63 99.75
CA THR L 105 35.31 18.12 99.71
C THR L 105 34.41 17.25 100.57
N ARG L 106 33.21 17.76 100.85
CA ARG L 106 32.14 16.93 101.39
C ARG L 106 30.79 17.32 100.80
N VAL L 107 30.14 16.35 100.18
CA VAL L 107 28.80 16.52 99.63
C VAL L 107 27.81 16.08 100.71
N LEU L 108 27.08 17.05 101.25
CA LEU L 108 26.12 16.81 102.31
C LEU L 108 24.72 16.92 101.75
N ARG L 109 23.93 15.86 101.92
CA ARG L 109 22.58 15.80 101.35
C ARG L 109 21.62 16.71 102.10
N LEU L 110 20.73 17.34 101.34
CA LEU L 110 19.69 18.20 101.87
C LEU L 110 18.34 17.58 101.52
N GLU L 111 17.26 18.19 102.00
CA GLU L 111 15.91 17.80 101.65
C GLU L 111 15.66 18.25 100.20
N PRO L 112 15.07 17.38 99.34
CA PRO L 112 14.90 17.73 97.93
C PRO L 112 14.04 18.97 97.71
N ARG L 113 14.38 19.76 96.70
CA ARG L 113 13.72 21.05 96.49
C ARG L 113 12.24 20.86 96.09
N ALA L 114 11.39 21.76 96.59
CA ALA L 114 9.94 21.53 96.60
C ALA L 114 9.29 21.61 95.23
N ASN L 115 9.60 22.66 94.48
CA ASN L 115 9.07 22.87 93.14
C ASN L 115 9.37 21.72 92.17
N ASP L 116 10.56 21.14 92.33
CA ASP L 116 11.11 20.19 91.36
C ASP L 116 11.26 18.74 91.85
N SER L 117 11.23 18.52 93.16
CA SER L 117 11.61 17.25 93.79
C SER L 117 13.02 16.77 93.41
N ALA L 118 13.91 17.72 93.09
CA ALA L 118 15.26 17.40 92.69
C ALA L 118 16.10 17.19 93.94
N PRO L 119 16.86 16.08 94.02
CA PRO L 119 17.67 15.85 95.21
C PRO L 119 18.79 16.89 95.34
N GLN L 120 18.80 17.58 96.48
CA GLN L 120 19.61 18.77 96.69
C GLN L 120 20.76 18.45 97.64
N SER L 121 21.90 19.10 97.42
CA SER L 121 23.11 18.83 98.21
C SER L 121 23.97 20.07 98.43
N VAL L 122 24.94 19.96 99.33
CA VAL L 122 25.87 21.05 99.64
C VAL L 122 27.29 20.55 99.42
N LEU L 123 27.85 20.88 98.25
CA LEU L 123 29.27 20.68 98.00
C LEU L 123 30.02 21.76 98.76
N GLU L 124 30.97 21.36 99.60
CA GLU L 124 31.76 22.33 100.37
C GLU L 124 33.17 21.82 100.67
N LEU L 125 34.05 22.77 100.92
CA LEU L 125 35.47 22.49 101.13
C LEU L 125 35.68 22.09 102.59
N VAL L 126 36.45 21.02 102.81
CA VAL L 126 36.74 20.51 104.15
C VAL L 126 37.74 21.44 104.85
N ASP L 127 37.56 21.62 106.17
CA ASP L 127 38.46 22.40 107.00
C ASP L 127 38.74 23.81 106.46
N SER L 128 37.67 24.47 106.00
CA SER L 128 37.71 25.89 105.64
C SER L 128 37.83 26.71 106.92
N PRO L 129 38.66 27.78 106.91
CA PRO L 129 38.82 28.58 108.14
C PRO L 129 37.56 29.38 108.47
N VAL L 130 37.05 29.21 109.68
CA VAL L 130 35.81 29.88 110.10
C VAL L 130 36.03 31.38 110.39
N MET L 131 37.26 31.74 110.74
CA MET L 131 37.60 33.12 111.10
C MET L 131 38.84 33.58 110.33
N SER L 132 38.68 34.68 109.59
CA SER L 132 39.80 35.33 108.89
C SER L 132 40.59 36.19 109.87
N GLU L 133 41.68 36.81 109.39
CA GLU L 133 42.50 37.68 110.24
C GLU L 133 41.75 38.93 110.71
N SER L 134 40.83 39.43 109.87
CA SER L 134 39.89 40.47 110.29
C SER L 134 38.84 39.89 111.23
N HIS L 135 38.35 40.70 112.16
CA HIS L 135 37.35 40.27 113.14
C HIS L 135 35.96 40.12 112.50
N THR L 136 35.78 38.99 111.84
CA THR L 136 34.53 38.63 111.17
C THR L 136 34.35 37.11 111.29
N VAL L 137 33.33 36.56 110.62
CA VAL L 137 33.24 35.12 110.41
C VAL L 137 33.17 34.84 108.91
N ASN L 138 33.71 33.69 108.50
CA ASN L 138 33.86 33.34 107.09
C ASN L 138 32.76 32.40 106.62
N ARG L 139 32.36 32.58 105.36
CA ARG L 139 31.36 31.72 104.73
C ARG L 139 32.00 30.38 104.38
N GLY L 140 31.58 29.33 105.09
CA GLY L 140 31.99 27.96 104.79
C GLY L 140 32.12 27.09 106.03
N ASN L 141 32.45 25.82 105.79
CA ASN L 141 32.63 24.82 106.85
C ASN L 141 31.33 24.56 107.63
N LEU L 142 30.25 24.37 106.88
CA LEU L 142 28.89 24.17 107.43
C LEU L 142 28.81 23.06 108.46
N LYS L 143 29.48 21.95 108.18
CA LYS L 143 29.46 20.77 109.04
C LYS L 143 29.94 21.07 110.45
N MET L 144 31.06 21.80 110.53
CA MET L 144 31.62 22.25 111.80
C MET L 144 30.61 23.07 112.58
N TRP L 145 29.99 24.05 111.91
CA TRP L 145 28.95 24.89 112.50
C TRP L 145 27.80 24.07 113.09
N LEU L 146 27.34 23.11 112.29
CA LEU L 146 26.26 22.20 112.70
C LEU L 146 26.64 21.38 113.93
N LEU L 147 27.86 20.86 113.92
CA LEU L 147 28.43 20.15 115.08
C LEU L 147 28.40 20.97 116.34
N VAL L 148 28.87 22.21 116.23
CA VAL L 148 28.94 23.11 117.38
C VAL L 148 27.53 23.45 117.88
N LYS L 149 26.59 23.64 116.96
CA LYS L 149 25.18 23.84 117.30
C LYS L 149 24.59 22.66 118.07
N SER L 150 24.92 21.45 117.62
CA SER L 150 24.49 20.21 118.29
C SER L 150 25.05 20.10 119.70
N VAL L 151 26.34 20.42 119.83
CA VAL L 151 27.04 20.49 121.12
C VAL L 151 26.34 21.46 122.08
N ILE L 152 26.03 22.65 121.57
CA ILE L 152 25.33 23.70 122.33
C ILE L 152 23.97 23.20 122.84
N ASN L 153 23.23 22.56 121.94
CA ASN L 153 21.93 21.97 122.25
C ASN L 153 22.03 20.91 123.36
N ASP L 154 23.03 20.04 123.23
CA ASP L 154 23.31 19.01 124.24
C ASP L 154 23.61 19.63 125.60
N ASP L 155 24.43 20.69 125.60
CA ASP L 155 24.78 21.44 126.81
C ASP L 155 23.55 22.06 127.47
N ALA L 156 22.69 22.65 126.65
CA ALA L 156 21.42 23.24 127.10
C ALA L 156 20.51 22.20 127.76
N ASN L 157 20.40 21.04 127.11
CA ASN L 157 19.61 19.92 127.62
C ASN L 157 20.23 19.20 128.81
N GLN L 158 21.52 19.46 129.08
CA GLN L 158 22.29 18.79 130.15
C GLN L 158 22.31 17.28 129.91
N LEU L 159 22.58 16.93 128.65
CA LEU L 159 22.64 15.54 128.18
C LEU L 159 24.08 15.23 127.81
N PRO L 160 24.43 13.93 127.72
CA PRO L 160 25.73 13.57 127.19
C PRO L 160 25.76 13.72 125.68
N HIS L 161 26.95 13.95 125.12
CA HIS L 161 27.11 14.06 123.67
C HIS L 161 26.93 12.71 123.01
N ASN L 162 26.30 12.71 121.84
CA ASN L 162 26.07 11.47 121.10
C ASN L 162 27.40 10.92 120.57
N PRO L 163 27.56 9.58 120.53
CA PRO L 163 28.75 8.95 119.96
C PRO L 163 29.12 9.43 118.55
N LEU L 164 28.10 9.59 117.71
CA LEU L 164 28.28 10.08 116.34
C LEU L 164 28.86 11.50 116.30
N THR L 165 28.34 12.37 117.16
CA THR L 165 28.84 13.74 117.31
C THR L 165 30.31 13.75 117.70
N LEU L 166 30.66 12.92 118.67
CA LEU L 166 32.04 12.77 119.14
C LEU L 166 32.98 12.29 118.04
N GLN L 167 32.51 11.30 117.27
CA GLN L 167 33.25 10.77 116.12
C GLN L 167 33.52 11.84 115.07
N ASN L 168 32.49 12.63 114.78
CA ASN L 168 32.59 13.75 113.85
C ASN L 168 33.61 14.80 114.31
N LEU L 169 33.54 15.14 115.59
CA LEU L 169 34.50 16.06 116.23
C LEU L 169 35.93 15.56 116.14
N HIS L 170 36.12 14.26 116.38
CA HIS L 170 37.41 13.60 116.26
C HIS L 170 37.97 13.69 114.84
N LYS L 171 37.10 13.40 113.86
CA LYS L 171 37.44 13.53 112.44
C LYS L 171 37.89 14.93 112.06
N VAL L 172 37.12 15.91 112.52
CA VAL L 172 37.44 17.34 112.33
C VAL L 172 38.83 17.67 112.88
N ALA L 173 39.08 17.19 114.10
CA ALA L 173 40.36 17.41 114.80
C ALA L 173 41.58 16.85 114.08
N LYS L 174 41.46 15.66 113.50
CA LYS L 174 42.61 14.91 112.94
C LYS L 174 43.66 15.73 112.17
N PHE L 175 43.20 16.74 111.42
CA PHE L 175 44.10 17.68 110.74
C PHE L 175 43.87 19.09 111.26
N LYS L 176 44.01 19.25 112.57
CA LYS L 176 43.80 20.52 113.26
C LYS L 176 44.63 20.56 114.53
N ALA L 177 45.35 21.66 114.76
CA ALA L 177 45.98 21.91 116.06
C ALA L 177 44.88 22.10 117.09
N GLU L 178 45.08 21.53 118.29
CA GLU L 178 44.02 21.45 119.30
C GLU L 178 43.55 22.83 119.79
N ALA L 179 44.52 23.69 120.08
CA ALA L 179 44.25 25.06 120.55
C ALA L 179 43.49 25.88 119.51
N GLN L 180 43.90 25.74 118.25
CA GLN L 180 43.25 26.41 117.13
C GLN L 180 41.79 25.96 116.99
N LEU L 181 41.59 24.64 117.00
CA LEU L 181 40.26 24.02 116.98
C LEU L 181 39.35 24.54 118.09
N HIS L 182 39.89 24.56 119.31
CA HIS L 182 39.21 25.11 120.48
C HIS L 182 38.76 26.56 120.25
N GLY L 183 39.69 27.39 119.79
CA GLY L 183 39.43 28.79 119.48
C GLY L 183 38.35 29.00 118.44
N GLU L 184 38.37 28.15 117.40
CA GLU L 184 37.33 28.14 116.37
C GLU L 184 35.96 27.81 116.95
N ILE L 185 35.91 26.77 117.79
CA ILE L 185 34.69 26.35 118.47
C ILE L 185 34.10 27.48 119.31
N MET L 186 34.98 28.13 120.08
CA MET L 186 34.59 29.29 120.91
C MET L 186 34.00 30.41 120.08
N LEU L 187 34.64 30.69 118.95
CA LEU L 187 34.17 31.72 118.02
C LEU L 187 32.79 31.40 117.46
N ILE L 188 32.61 30.14 117.07
CA ILE L 188 31.32 29.65 116.56
C ILE L 188 30.22 29.78 117.63
N LYS L 189 30.54 29.41 118.86
CA LYS L 189 29.61 29.51 120.00
C LYS L 189 29.05 30.91 120.18
N GLN L 190 29.95 31.89 120.19
CA GLN L 190 29.58 33.32 120.33
C GLN L 190 28.48 33.76 119.36
N VAL L 191 28.63 33.36 118.10
CA VAL L 191 27.67 33.71 117.05
C VAL L 191 26.38 32.90 117.25
N LEU L 192 26.55 31.58 117.39
CA LEU L 192 25.43 30.64 117.49
C LEU L 192 24.51 30.91 118.66
N LEU L 193 25.10 31.09 119.85
CA LEU L 193 24.33 31.37 121.07
C LEU L 193 23.49 32.64 120.96
N LYS L 194 24.07 33.68 120.38
CA LYS L 194 23.38 34.95 120.14
C LYS L 194 22.20 34.80 119.19
N GLU L 195 22.43 34.06 118.11
CA GLU L 195 21.38 33.73 117.14
C GLU L 195 20.21 32.98 117.80
N MET L 196 20.56 31.97 118.57
CA MET L 196 19.58 31.15 119.29
C MET L 196 19.03 31.84 120.55
N SER L 197 19.75 32.87 121.02
CA SER L 197 19.37 33.69 122.17
C SER L 197 19.49 32.94 123.51
N LEU L 198 20.62 32.24 123.67
CA LEU L 198 21.01 31.65 124.96
C LEU L 198 22.17 32.48 125.54
N PRO L 199 22.29 32.53 126.88
CA PRO L 199 23.27 33.42 127.51
C PRO L 199 24.71 32.91 127.38
N TYR L 200 25.63 33.83 127.10
CA TYR L 200 27.04 33.51 126.88
C TYR L 200 27.89 33.96 128.06
N ASP L 201 27.91 33.13 129.11
CA ASP L 201 28.90 33.25 130.17
C ASP L 201 30.15 32.57 129.64
N GLU L 202 31.22 33.36 129.50
CA GLU L 202 32.35 33.02 128.63
C GLU L 202 33.24 31.92 129.20
N ALA L 203 33.62 32.09 130.46
CA ALA L 203 34.51 31.16 131.17
C ALA L 203 33.96 29.74 131.22
N LEU L 204 32.66 29.64 131.50
CA LEU L 204 31.95 28.35 131.54
C LEU L 204 31.94 27.66 130.18
N GLU L 205 31.66 28.44 129.14
CA GLU L 205 31.70 27.96 127.76
C GLU L 205 33.08 27.44 127.36
N ASN L 206 34.11 28.21 127.71
CA ASN L 206 35.51 27.79 127.50
C ASN L 206 35.85 26.47 128.16
N GLU L 207 35.41 26.33 129.41
CA GLU L 207 35.60 25.10 130.20
C GLU L 207 34.92 23.90 129.54
N ARG L 208 33.68 24.11 129.09
CA ARG L 208 32.91 23.10 128.35
C ARG L 208 33.60 22.65 127.07
N THR L 209 34.11 23.63 126.32
CA THR L 209 34.87 23.39 125.10
C THR L 209 36.11 22.54 125.40
N GLN L 210 36.85 22.94 126.43
CA GLN L 210 38.04 22.21 126.89
C GLN L 210 37.72 20.75 127.22
N ALA L 211 36.63 20.55 127.97
CA ALA L 211 36.14 19.22 128.34
C ALA L 211 35.82 18.37 127.11
N LEU L 212 35.13 18.98 126.15
CA LEU L 212 34.79 18.35 124.87
C LEU L 212 36.04 17.92 124.12
N LEU L 213 37.03 18.83 124.05
CA LEU L 213 38.32 18.55 123.42
C LEU L 213 39.06 17.37 124.06
N LYS L 214 39.06 17.34 125.39
CA LYS L 214 39.79 16.31 126.15
C LYS L 214 39.30 14.90 125.85
N GLU L 215 37.98 14.72 125.90
CA GLU L 215 37.36 13.41 125.62
C GLU L 215 37.58 12.96 124.17
N VAL L 216 37.57 13.92 123.24
CA VAL L 216 37.90 13.66 121.83
C VAL L 216 39.33 13.13 121.68
N TYR L 217 40.28 13.82 122.32
CA TYR L 217 41.71 13.60 122.06
C TYR L 217 42.25 12.32 122.71
N SER L 218 42.10 12.22 124.03
CA SER L 218 42.60 11.07 124.79
C SER L 218 41.78 9.81 124.49
N SER L 219 42.36 8.90 123.70
CA SER L 219 41.68 7.66 123.31
C SER L 219 41.70 6.65 124.46
N SER L 220 40.58 5.95 124.65
CA SER L 220 40.44 4.97 125.72
C SER L 220 39.26 4.03 125.44
N SER L 229 28.47 -10.39 124.10
CA SER L 229 28.42 -10.79 122.70
C SER L 229 27.46 -11.97 122.47
N SER L 230 26.83 -11.98 121.30
CA SER L 230 25.89 -13.04 120.93
C SER L 230 26.61 -14.31 120.53
N TYR L 231 27.57 -14.17 119.62
CA TYR L 231 28.34 -15.29 119.08
C TYR L 231 29.76 -15.29 119.63
N VAL L 232 30.31 -16.48 119.86
CA VAL L 232 31.67 -16.63 120.41
C VAL L 232 32.64 -17.18 119.36
N MET L 233 33.82 -16.58 119.29
CA MET L 233 34.85 -16.97 118.33
C MET L 233 35.70 -18.06 118.99
N VAL L 234 35.61 -19.28 118.47
CA VAL L 234 36.33 -20.43 119.05
C VAL L 234 37.02 -21.25 117.95
N PRO L 235 38.22 -21.80 118.24
CA PRO L 235 38.97 -22.54 117.21
C PRO L 235 38.35 -23.90 116.88
N ARG L 236 38.73 -24.44 115.72
CA ARG L 236 38.25 -25.75 115.26
C ARG L 236 38.77 -26.88 116.17
N PRO L 237 37.88 -27.82 116.56
CA PRO L 237 38.34 -29.00 117.30
C PRO L 237 38.95 -30.06 116.38
N TYR M 1 1.67 -27.12 136.47
CA TYR M 1 1.91 -26.32 135.23
C TYR M 1 3.40 -25.95 135.06
N MET M 2 4.09 -26.69 134.18
CA MET M 2 5.48 -26.39 133.86
C MET M 2 5.55 -25.34 132.77
N VAL M 3 6.03 -24.13 133.12
CA VAL M 3 6.24 -23.07 132.13
C VAL M 3 7.48 -23.38 131.28
N PRO M 4 7.46 -23.00 129.98
CA PRO M 4 8.62 -23.25 129.13
C PRO M 4 9.77 -22.28 129.42
N ALA M 5 10.73 -22.72 130.23
CA ALA M 5 11.92 -21.93 130.54
C ALA M 5 12.88 -21.97 129.36
N THR M 6 12.62 -21.11 128.37
CA THR M 6 13.42 -21.06 127.15
C THR M 6 14.85 -20.56 127.42
N LYS M 7 15.81 -21.15 126.71
CA LYS M 7 17.22 -20.80 126.83
C LYS M 7 17.79 -20.46 125.45
N ARG M 8 18.17 -19.20 125.26
CA ARG M 8 18.78 -18.75 124.01
C ARG M 8 20.23 -19.24 123.96
N LYS M 9 20.59 -19.93 122.88
CA LYS M 9 21.89 -20.56 122.75
C LYS M 9 22.98 -19.54 122.44
N THR M 10 24.20 -19.85 122.89
CA THR M 10 25.40 -19.12 122.50
C THR M 10 26.04 -19.90 121.36
N ILE M 11 25.72 -19.51 120.13
CA ILE M 11 26.18 -20.22 118.94
C ILE M 11 27.65 -19.89 118.69
N PRO M 12 28.51 -20.91 118.57
CA PRO M 12 29.92 -20.66 118.26
C PRO M 12 30.11 -20.36 116.78
N VAL M 13 31.22 -19.74 116.43
CA VAL M 13 31.55 -19.41 115.03
C VAL M 13 33.03 -19.70 114.80
N TYR M 14 33.28 -20.77 114.03
CA TYR M 14 34.63 -21.27 113.80
C TYR M 14 35.36 -20.45 112.73
N PRO M 15 36.71 -20.43 112.77
CA PRO M 15 37.48 -19.67 111.80
C PRO M 15 37.80 -20.50 110.56
N PRO M 16 38.29 -19.86 109.48
CA PRO M 16 38.62 -20.60 108.26
C PRO M 16 39.93 -21.40 108.38
N VAL M 17 40.02 -22.49 107.64
CA VAL M 17 41.23 -23.33 107.59
C VAL M 17 42.33 -22.60 106.82
N GLN M 18 42.15 -22.45 105.52
CA GLN M 18 43.06 -21.65 104.66
C GLN M 18 42.90 -20.15 104.94
N ARG M 19 44.00 -19.41 104.72
CA ARG M 19 44.00 -17.95 104.75
C ARG M 19 44.53 -17.45 103.40
N ILE M 20 43.60 -17.04 102.54
CA ILE M 20 43.91 -16.67 101.15
C ILE M 20 43.48 -15.23 100.90
N ALA M 21 44.40 -14.42 100.37
CA ALA M 21 44.09 -13.07 99.92
C ALA M 21 43.53 -13.14 98.49
N SER M 22 42.21 -13.18 98.38
CA SER M 22 41.52 -13.37 97.09
C SER M 22 41.69 -12.21 96.11
N SER M 23 41.85 -11.00 96.64
CA SER M 23 42.11 -9.81 95.81
C SER M 23 43.45 -9.88 95.07
N GLN M 24 44.46 -10.45 95.73
CA GLN M 24 45.83 -10.51 95.19
C GLN M 24 46.12 -11.71 94.30
N ILE M 25 45.15 -12.64 94.16
CA ILE M 25 45.38 -13.92 93.46
C ILE M 25 45.85 -13.72 92.02
N MET M 26 45.07 -12.96 91.26
CA MET M 26 45.32 -12.74 89.83
C MET M 26 46.72 -12.21 89.53
N LYS M 27 47.14 -11.24 90.33
CA LYS M 27 48.48 -10.64 90.24
C LYS M 27 49.58 -11.67 90.48
N GLN M 28 49.39 -12.48 91.53
CA GLN M 28 50.30 -13.57 91.90
C GLN M 28 50.44 -14.59 90.78
N VAL M 29 49.30 -14.94 90.19
CA VAL M 29 49.23 -15.88 89.06
C VAL M 29 50.00 -15.33 87.86
N ALA M 30 49.76 -14.06 87.56
CA ALA M 30 50.46 -13.36 86.47
C ALA M 30 51.97 -13.36 86.65
N LEU M 31 52.39 -13.04 87.88
CA LEU M 31 53.80 -13.10 88.28
C LEU M 31 54.43 -14.48 88.09
N SER M 32 53.70 -15.51 88.51
CA SER M 32 54.14 -16.90 88.36
C SER M 32 54.32 -17.28 86.90
N GLU M 33 53.36 -16.87 86.07
CA GLU M 33 53.39 -17.14 84.63
C GLU M 33 54.51 -16.40 83.92
N ILE M 34 54.60 -15.09 84.17
CA ILE M 34 55.61 -14.26 83.50
C ILE M 34 57.04 -14.70 83.84
N GLU M 35 57.26 -15.06 85.11
CA GLU M 35 58.57 -15.54 85.57
C GLU M 35 58.96 -16.82 84.84
N SER M 36 58.00 -17.74 84.74
CA SER M 36 58.18 -18.99 84.00
C SER M 36 58.53 -18.74 82.54
N LEU M 37 57.82 -17.81 81.91
CA LEU M 37 57.99 -17.51 80.48
C LEU M 37 59.34 -16.91 80.12
N ASP M 38 59.73 -15.81 80.75
CA ASP M 38 61.06 -15.22 80.53
C ASP M 38 61.89 -15.18 81.82
N PRO M 39 62.77 -16.19 82.03
CA PRO M 39 63.69 -16.16 83.17
C PRO M 39 64.81 -15.15 82.97
N GLY M 40 65.08 -14.35 84.00
CA GLY M 40 66.11 -13.32 83.96
C GLY M 40 65.75 -12.04 83.21
N ALA M 41 64.47 -11.90 82.83
CA ALA M 41 63.96 -10.71 82.15
C ALA M 41 64.76 -10.26 80.92
N VAL M 42 64.84 -11.14 79.93
CA VAL M 42 65.51 -10.85 78.66
C VAL M 42 64.55 -10.09 77.76
N LYS M 43 63.39 -10.70 77.52
CA LYS M 43 62.35 -10.12 76.65
C LYS M 43 61.60 -8.96 77.30
N ARG M 44 61.45 -9.00 78.62
CA ARG M 44 60.83 -7.89 79.39
C ARG M 44 61.58 -6.56 79.21
N LYS M 45 62.92 -6.63 79.20
CA LYS M 45 63.76 -5.45 79.05
C LYS M 45 63.72 -4.81 77.64
N LEU M 46 63.37 -5.61 76.63
CA LEU M 46 63.23 -5.10 75.26
C LEU M 46 62.06 -4.14 75.09
N ILE M 47 61.00 -4.36 75.87
CA ILE M 47 59.78 -3.53 75.82
C ILE M 47 59.52 -2.80 77.15
N SER M 48 60.54 -2.67 77.99
CA SER M 48 60.42 -1.97 79.26
C SER M 48 60.47 -0.47 78.98
N LYS M 49 59.46 0.26 79.45
CA LYS M 49 59.43 1.73 79.27
C LYS M 49 60.54 2.45 80.03
N LYS M 50 61.04 1.83 81.10
CA LYS M 50 62.22 2.32 81.82
C LYS M 50 63.52 2.08 81.06
N ASN M 51 63.56 1.08 80.18
CA ASN M 51 64.72 0.88 79.29
C ASN M 51 64.76 1.98 78.23
N LYS M 52 65.79 2.82 78.32
CA LYS M 52 66.09 3.84 77.31
C LYS M 52 66.25 3.23 75.91
N ASP M 53 67.01 2.15 75.83
CA ASP M 53 67.32 1.47 74.55
C ASP M 53 66.31 0.36 74.24
N ARG M 54 65.03 0.68 74.35
CA ARG M 54 63.95 -0.29 74.13
C ARG M 54 63.57 -0.36 72.66
N LEU M 55 62.76 -1.35 72.31
CA LEU M 55 62.18 -1.44 70.98
C LEU M 55 61.09 -0.38 70.85
N LYS M 56 61.11 0.31 69.72
CA LYS M 56 60.12 1.33 69.39
C LYS M 56 59.59 1.07 67.99
N ALA M 57 58.49 1.74 67.65
CA ALA M 57 58.01 1.73 66.27
C ALA M 57 59.06 2.45 65.44
N GLY M 58 59.43 1.85 64.31
CA GLY M 58 60.54 2.35 63.48
C GLY M 58 61.68 1.37 63.35
N ASP M 59 61.95 0.61 64.42
CA ASP M 59 63.04 -0.38 64.43
C ASP M 59 62.74 -1.52 63.46
N VAL M 60 63.74 -1.90 62.66
CA VAL M 60 63.71 -3.14 61.90
C VAL M 60 64.29 -4.22 62.81
N VAL M 61 63.61 -5.36 62.86
CA VAL M 61 63.90 -6.42 63.82
C VAL M 61 63.72 -7.78 63.15
N ARG M 62 64.62 -8.72 63.47
CA ARG M 62 64.49 -10.10 63.03
C ARG M 62 63.98 -10.96 64.19
N ILE M 63 62.79 -11.52 64.02
CA ILE M 63 62.27 -12.54 64.93
C ILE M 63 62.96 -13.85 64.59
N VAL M 64 63.38 -14.59 65.62
CA VAL M 64 64.08 -15.86 65.45
C VAL M 64 63.34 -16.95 66.24
N TYR M 65 62.69 -17.86 65.51
CA TYR M 65 61.91 -18.91 66.14
C TYR M 65 62.80 -20.07 66.60
N ASP M 66 62.37 -20.74 67.68
CA ASP M 66 63.09 -21.87 68.25
C ASP M 66 62.91 -23.09 67.34
N SER M 67 64.02 -23.66 66.90
CA SER M 67 64.01 -24.79 65.95
C SER M 67 63.47 -26.08 66.58
N SER M 68 63.76 -26.28 67.87
CA SER M 68 63.26 -27.43 68.62
C SER M 68 61.74 -27.46 68.75
N LYS M 69 61.13 -26.27 68.93
CA LYS M 69 59.69 -26.14 69.14
C LYS M 69 58.93 -26.19 67.83
N CYS M 70 59.35 -25.36 66.87
CA CYS M 70 58.68 -25.23 65.56
C CYS M 70 59.69 -25.08 64.43
N SER M 71 59.18 -25.15 63.20
CA SER M 71 60.02 -25.05 61.99
C SER M 71 59.72 -23.81 61.15
N TYR M 72 59.45 -22.68 61.81
CA TYR M 72 59.16 -21.42 61.12
C TYR M 72 60.47 -20.69 60.82
N ASP M 73 60.53 -20.08 59.63
CA ASP M 73 61.70 -19.31 59.21
C ASP M 73 61.74 -17.97 59.95
N THR M 74 62.95 -17.41 60.09
CA THR M 74 63.14 -16.06 60.63
C THR M 74 62.38 -15.02 59.81
N PHE M 75 61.75 -14.07 60.51
CA PHE M 75 61.03 -12.97 59.87
C PHE M 75 61.65 -11.63 60.24
N VAL M 76 62.15 -10.92 59.24
CA VAL M 76 62.62 -9.54 59.40
C VAL M 76 61.44 -8.61 59.14
N GLY M 77 61.32 -7.56 59.95
CA GLY M 77 60.22 -6.62 59.81
C GLY M 77 60.35 -5.31 60.56
N TYR M 78 59.86 -4.24 59.93
CA TYR M 78 59.79 -2.90 60.52
C TYR M 78 58.65 -2.91 61.53
N ILE M 79 58.95 -2.53 62.78
CA ILE M 79 57.95 -2.48 63.84
C ILE M 79 57.01 -1.30 63.61
N LEU M 80 55.73 -1.59 63.44
CA LEU M 80 54.69 -0.58 63.36
C LEU M 80 54.20 -0.20 64.76
N SER M 81 54.07 -1.20 65.63
CA SER M 81 53.58 -0.99 66.99
C SER M 81 54.02 -2.07 67.98
N ILE M 82 54.36 -1.65 69.20
CA ILE M 82 54.50 -2.57 70.33
C ILE M 82 53.19 -2.46 71.12
N ASP M 83 52.46 -3.57 71.18
CA ASP M 83 51.21 -3.64 71.92
C ASP M 83 51.52 -4.11 73.32
N ARG M 84 51.19 -3.28 74.31
CA ARG M 84 51.39 -3.60 75.73
C ARG M 84 50.05 -3.62 76.44
N LYS M 85 49.91 -4.52 77.41
CA LYS M 85 48.62 -4.89 77.99
C LYS M 85 48.63 -4.90 79.52
N GLN M 86 47.46 -5.17 80.10
CA GLN M 86 47.27 -5.21 81.56
C GLN M 86 48.23 -6.17 82.27
N LEU M 87 48.47 -7.33 81.66
CA LEU M 87 49.55 -8.23 82.11
C LEU M 87 50.64 -8.29 81.03
N VAL M 88 51.80 -8.83 81.38
CA VAL M 88 53.00 -8.70 80.56
C VAL M 88 53.04 -9.73 79.42
N GLN M 89 52.87 -11.00 79.79
CA GLN M 89 52.93 -12.15 78.85
C GLN M 89 52.14 -12.01 77.53
N ASP M 90 51.05 -11.23 77.53
CA ASP M 90 50.28 -10.95 76.30
C ASP M 90 50.68 -9.64 75.58
N ALA M 91 51.98 -9.30 75.63
CA ALA M 91 52.53 -8.21 74.82
C ALA M 91 52.88 -8.75 73.44
N SER M 92 52.83 -7.87 72.43
CA SER M 92 53.04 -8.31 71.04
C SER M 92 53.53 -7.20 70.11
N LEU M 93 54.52 -7.54 69.30
CA LEU M 93 55.01 -6.67 68.22
C LEU M 93 54.12 -6.85 67.01
N LEU M 94 53.73 -5.75 66.39
CA LEU M 94 53.15 -5.76 65.05
C LEU M 94 54.23 -5.21 64.13
N LEU M 95 54.68 -6.01 63.17
CA LEU M 95 55.76 -5.63 62.27
C LEU M 95 55.47 -6.01 60.82
N ARG M 96 55.73 -5.07 59.91
CA ARG M 96 55.45 -5.25 58.48
C ARG M 96 56.74 -5.36 57.67
N ASN M 97 56.57 -5.81 56.44
CA ASN M 97 57.68 -6.09 55.53
C ASN M 97 57.11 -6.38 54.14
N GLN M 98 57.62 -5.68 53.12
CA GLN M 98 57.15 -5.85 51.74
C GLN M 98 58.04 -6.86 51.00
N ILE M 99 57.62 -8.12 51.01
CA ILE M 99 58.37 -9.20 50.37
C ILE M 99 58.04 -9.16 48.89
N ALA M 100 59.05 -8.80 48.09
CA ALA M 100 58.92 -8.58 46.65
C ALA M 100 57.89 -7.47 46.33
N LYS M 101 56.72 -7.79 45.77
CA LYS M 101 55.65 -6.79 45.57
C LYS M 101 54.37 -7.10 46.35
N THR M 102 54.52 -7.80 47.49
CA THR M 102 53.42 -8.07 48.42
C THR M 102 53.83 -7.66 49.83
N ALA M 103 53.01 -6.81 50.46
CA ALA M 103 53.18 -6.47 51.87
C ALA M 103 52.76 -7.65 52.74
N VAL M 104 53.32 -7.70 53.95
CA VAL M 104 52.89 -8.68 54.95
C VAL M 104 53.12 -8.17 56.38
N GLU M 105 52.04 -7.68 57.00
CA GLU M 105 52.05 -7.41 58.44
C GLU M 105 52.00 -8.72 59.20
N ILE M 106 52.73 -8.78 60.30
CA ILE M 106 52.73 -9.93 61.20
C ILE M 106 52.70 -9.42 62.63
N ARG M 107 51.73 -9.90 63.41
CA ARG M 107 51.78 -9.76 64.85
C ARG M 107 52.29 -11.06 65.44
N VAL M 108 53.20 -10.95 66.41
CA VAL M 108 53.73 -12.09 67.15
C VAL M 108 53.69 -11.79 68.64
N PRO M 109 53.28 -12.77 69.48
CA PRO M 109 53.34 -12.52 70.92
C PRO M 109 54.80 -12.56 71.37
N LEU M 110 55.22 -11.51 72.06
CA LEU M 110 56.62 -11.36 72.47
C LEU M 110 57.06 -12.50 73.38
N PHE M 111 56.22 -12.85 74.35
CA PHE M 111 56.53 -13.90 75.32
C PHE M 111 55.97 -15.28 74.94
N SER M 112 55.80 -15.52 73.64
CA SER M 112 55.52 -16.86 73.15
C SER M 112 56.78 -17.71 73.34
N PRO M 113 56.63 -18.98 73.76
CA PRO M 113 57.80 -19.86 73.85
C PRO M 113 58.45 -20.21 72.50
N LEU M 114 57.70 -20.07 71.40
CA LEU M 114 58.21 -20.34 70.07
C LEU M 114 59.33 -19.40 69.58
N ILE M 115 59.44 -18.20 70.14
CA ILE M 115 60.50 -17.26 69.72
C ILE M 115 61.71 -17.33 70.68
N GLU M 116 62.89 -17.60 70.10
CA GLU M 116 64.15 -17.66 70.86
C GLU M 116 64.58 -16.26 71.27
N ARG M 117 64.79 -15.43 70.26
CA ARG M 117 65.29 -14.06 70.43
C ARG M 117 64.71 -13.17 69.34
N ILE M 118 64.78 -11.86 69.57
CA ILE M 118 64.48 -10.88 68.53
C ILE M 118 65.68 -9.92 68.39
N ASP M 119 66.39 -10.05 67.28
CA ASP M 119 67.61 -9.29 67.03
C ASP M 119 67.27 -7.98 66.32
N LEU M 120 67.79 -6.88 66.84
CA LEU M 120 67.59 -5.57 66.23
C LEU M 120 68.53 -5.39 65.04
N LEU M 121 67.99 -5.48 63.84
CA LEU M 121 68.78 -5.33 62.60
C LEU M 121 69.12 -3.87 62.33
N THR M 122 68.11 -3.01 62.35
CA THR M 122 68.29 -1.57 62.13
C THR M 122 67.53 -0.77 63.18
N PRO M 123 68.21 0.20 63.83
CA PRO M 123 67.53 1.03 64.83
C PRO M 123 66.67 2.11 64.18
N HIS M 124 65.69 2.60 64.94
CA HIS M 124 64.72 3.57 64.43
C HIS M 124 65.36 4.95 64.16
N VAL M 125 64.84 5.63 63.15
CA VAL M 125 65.27 7.00 62.79
C VAL M 125 64.43 8.03 63.56
N SER M 126 65.01 9.19 63.79
CA SER M 126 64.37 10.25 64.59
C SER M 126 63.33 11.09 63.85
N SER M 127 63.24 10.94 62.52
CA SER M 127 62.30 11.72 61.70
C SER M 127 60.84 11.36 61.94
N ARG M 128 60.52 10.07 61.88
CA ARG M 128 59.14 9.58 62.09
C ARG M 128 58.72 9.77 63.54
N GLN M 129 57.46 10.21 63.74
CA GLN M 129 57.05 10.79 65.02
C GLN M 129 55.59 10.52 65.46
N ARG M 130 55.33 9.28 65.85
CA ARG M 130 54.20 8.90 66.71
C ARG M 130 54.67 7.72 67.56
N ASN M 131 53.82 7.24 68.48
CA ASN M 131 54.09 5.97 69.17
C ASN M 131 54.02 4.80 68.22
N LYS M 132 52.98 4.78 67.39
CA LYS M 132 52.75 3.73 66.41
C LYS M 132 52.79 4.30 65.01
N HIS M 133 53.41 3.57 64.09
CA HIS M 133 53.54 4.00 62.69
C HIS M 133 52.60 3.19 61.79
N TYR M 134 51.30 3.29 62.07
CA TYR M 134 50.28 2.77 61.16
C TYR M 134 50.15 3.64 59.92
N TYR M 135 50.42 4.93 60.06
CA TYR M 135 50.33 5.89 58.95
C TYR M 135 51.28 5.61 57.78
N ILE M 136 52.43 4.98 58.06
CA ILE M 136 53.45 4.73 57.02
C ILE M 136 53.06 3.66 55.99
N ARG M 137 52.05 2.84 56.27
CA ARG M 137 51.59 1.87 55.28
C ARG M 137 50.78 2.58 54.18
N GLY M 138 51.17 2.35 52.92
CA GLY M 138 50.54 2.97 51.76
C GLY M 138 50.91 4.44 51.58
N THR M 139 52.21 4.73 51.59
CA THR M 139 52.72 6.10 51.38
C THR M 139 54.23 6.09 51.02
N ARG M 140 54.80 7.28 50.92
CA ARG M 140 56.24 7.47 50.64
C ARG M 140 57.14 6.90 51.75
N LEU M 141 56.65 6.92 52.99
CA LEU M 141 57.36 6.39 54.15
C LEU M 141 57.35 4.86 54.33
N ASP M 142 56.61 4.14 53.47
CA ASP M 142 56.42 2.69 53.65
C ASP M 142 57.75 1.91 53.54
N VAL M 143 57.74 0.70 54.07
CA VAL M 143 58.97 0.01 54.49
C VAL M 143 59.87 -0.50 53.36
N GLY M 144 59.26 -0.96 52.26
CA GLY M 144 60.00 -1.56 51.15
C GLY M 144 60.51 -2.95 51.49
N ASP M 145 61.36 -3.50 50.63
CA ASP M 145 61.94 -4.83 50.86
C ASP M 145 63.10 -4.71 51.85
N LEU M 146 62.85 -5.16 53.09
CA LEU M 146 63.84 -5.05 54.19
C LEU M 146 64.98 -6.03 54.00
N GLU M 147 64.62 -7.29 53.74
CA GLU M 147 65.58 -8.37 53.52
C GLU M 147 66.56 -8.03 52.38
N ALA M 148 66.00 -7.54 51.27
CA ALA M 148 66.79 -7.09 50.12
C ALA M 148 67.75 -5.96 50.46
N GLY M 149 67.28 -5.02 51.26
CA GLY M 149 68.09 -3.87 51.70
C GLY M 149 69.26 -4.28 52.61
N LEU M 150 68.96 -5.12 53.60
CA LEU M 150 69.98 -5.73 54.47
C LEU M 150 71.09 -6.38 53.66
N ARG M 151 70.62 -7.13 52.69
CA ARG M 151 71.43 -7.95 51.85
C ARG M 151 72.29 -7.15 50.88
N THR N 1 -55.99 -55.13 113.46
CA THR N 1 -54.90 -54.12 113.54
C THR N 1 -54.55 -53.78 114.99
N ASP N 2 -53.50 -54.44 115.50
CA ASP N 2 -53.01 -54.17 116.86
C ASP N 2 -52.28 -52.83 116.87
N THR N 3 -53.00 -51.79 117.27
CA THR N 3 -52.49 -50.41 117.21
C THR N 3 -52.00 -49.94 118.60
N THR N 4 -51.47 -50.87 119.39
CA THR N 4 -51.10 -50.60 120.78
C THR N 4 -49.80 -49.77 120.95
N PRO N 5 -48.74 -50.05 120.15
CA PRO N 5 -47.51 -49.24 120.32
C PRO N 5 -47.69 -47.77 119.97
N LEU N 6 -48.45 -47.51 118.90
CA LEU N 6 -48.80 -46.15 118.47
C LEU N 6 -49.55 -45.41 119.58
N LYS N 7 -50.55 -46.09 120.13
CA LYS N 7 -51.35 -45.55 121.24
C LYS N 7 -50.50 -45.19 122.44
N LEU N 8 -49.55 -46.06 122.76
CA LEU N 8 -48.62 -45.85 123.88
C LEU N 8 -47.68 -44.65 123.70
N SER N 9 -47.14 -44.49 122.49
CA SER N 9 -46.05 -43.55 122.24
C SER N 9 -46.42 -42.08 122.53
N ASN N 10 -45.50 -41.36 123.16
CA ASN N 10 -45.68 -39.94 123.47
C ASN N 10 -45.61 -39.03 122.23
N GLU N 11 -44.65 -39.33 121.35
CA GLU N 11 -44.54 -38.64 120.06
C GLU N 11 -45.23 -39.46 118.98
N LEU N 12 -45.84 -38.77 118.03
CA LEU N 12 -46.67 -39.40 117.02
C LEU N 12 -46.88 -38.46 115.85
N TYR N 13 -46.68 -38.96 114.62
CA TYR N 13 -46.89 -38.16 113.41
C TYR N 13 -47.98 -38.75 112.51
N ALA N 14 -48.52 -37.90 111.64
CA ALA N 14 -49.53 -38.29 110.66
C ALA N 14 -49.12 -37.80 109.28
N ILE N 15 -49.61 -38.46 108.23
CA ILE N 15 -49.39 -38.04 106.84
C ILE N 15 -50.75 -37.97 106.13
N PHE N 16 -51.61 -37.09 106.63
CA PHE N 16 -52.93 -36.86 106.02
C PHE N 16 -52.82 -36.19 104.66
N LYS N 17 -53.79 -36.49 103.78
CA LYS N 17 -53.80 -35.94 102.42
C LYS N 17 -55.05 -35.11 102.14
N ILE N 18 -54.85 -33.83 101.81
CA ILE N 18 -55.92 -32.97 101.30
C ILE N 18 -55.77 -32.85 99.79
N HIS N 19 -56.78 -33.31 99.06
CA HIS N 19 -56.77 -33.38 97.59
C HIS N 19 -55.53 -34.12 97.05
N ASN N 20 -55.24 -35.27 97.67
CA ASN N 20 -54.06 -36.08 97.36
C ASN N 20 -52.68 -35.41 97.57
N ARG N 21 -52.66 -34.24 98.23
CA ARG N 21 -51.43 -33.55 98.58
C ARG N 21 -51.07 -34.01 100.01
N PRO N 22 -49.96 -34.75 100.19
CA PRO N 22 -49.62 -35.19 101.54
C PRO N 22 -48.99 -34.08 102.40
N TYR N 23 -49.31 -34.09 103.69
CA TYR N 23 -48.73 -33.17 104.67
C TYR N 23 -48.36 -33.95 105.93
N LEU N 24 -47.06 -34.06 106.20
CA LEU N 24 -46.58 -34.79 107.36
C LEU N 24 -46.60 -33.88 108.58
N VAL N 25 -47.38 -34.25 109.60
CA VAL N 25 -47.61 -33.37 110.76
C VAL N 25 -47.56 -34.07 112.12
N THR N 26 -47.26 -33.27 113.13
CA THR N 26 -47.45 -33.60 114.54
C THR N 26 -48.47 -32.61 115.09
N GLU N 27 -48.79 -32.70 116.38
CA GLU N 27 -49.70 -31.72 117.01
C GLU N 27 -48.94 -30.41 117.23
N GLY N 28 -49.62 -29.29 116.97
CA GLY N 28 -48.98 -27.97 116.99
C GLY N 28 -48.45 -27.50 115.65
N ASP N 29 -48.25 -28.41 114.70
CA ASP N 29 -47.74 -28.06 113.38
C ASP N 29 -48.76 -27.23 112.60
N ARG N 30 -48.22 -26.37 111.75
CA ARG N 30 -48.94 -25.27 111.15
C ARG N 30 -48.88 -25.44 109.62
N VAL N 31 -49.91 -26.09 109.08
CA VAL N 31 -49.94 -26.43 107.66
C VAL N 31 -50.35 -25.20 106.86
N ILE N 32 -49.75 -25.04 105.68
CA ILE N 32 -50.04 -23.91 104.80
C ILE N 32 -50.50 -24.44 103.45
N LEU N 33 -51.81 -24.59 103.31
CA LEU N 33 -52.41 -25.11 102.07
C LEU N 33 -52.34 -24.05 100.98
N PRO N 34 -51.96 -24.43 99.75
CA PRO N 34 -51.75 -23.46 98.67
C PRO N 34 -53.02 -23.18 97.85
N PHE N 35 -54.13 -22.93 98.53
CA PHE N 35 -55.39 -22.58 97.88
C PHE N 35 -56.38 -21.95 98.85
N LYS N 36 -57.40 -21.33 98.29
CA LYS N 36 -58.45 -20.68 99.06
C LYS N 36 -59.51 -21.72 99.46
N LEU N 37 -59.65 -21.96 100.76
CA LEU N 37 -60.74 -22.82 101.28
C LEU N 37 -62.06 -22.06 101.22
N LYS N 38 -63.05 -22.65 100.55
CA LYS N 38 -64.40 -22.09 100.47
C LYS N 38 -65.36 -22.64 101.53
N GLN N 39 -65.18 -23.90 101.90
CA GLN N 39 -66.12 -24.61 102.77
C GLN N 39 -66.01 -24.09 104.20
N ALA N 40 -64.79 -24.12 104.72
CA ALA N 40 -64.51 -23.69 106.08
C ALA N 40 -64.18 -22.20 106.14
N GLU N 41 -64.76 -21.51 107.12
CA GLU N 41 -64.34 -20.16 107.49
C GLU N 41 -63.17 -20.23 108.46
N VAL N 42 -62.63 -19.06 108.83
CA VAL N 42 -61.60 -18.96 109.86
C VAL N 42 -62.23 -19.26 111.23
N GLY N 43 -61.54 -20.10 112.01
CA GLY N 43 -62.07 -20.59 113.28
C GLY N 43 -62.69 -21.98 113.21
N ASP N 44 -63.10 -22.39 112.01
CA ASP N 44 -63.70 -23.72 111.82
C ASP N 44 -62.67 -24.83 111.94
N ILE N 45 -63.15 -25.99 112.39
CA ILE N 45 -62.32 -27.15 112.66
C ILE N 45 -62.52 -28.14 111.51
N LEU N 46 -61.41 -28.75 111.07
CA LEU N 46 -61.41 -29.76 110.00
C LEU N 46 -61.02 -31.11 110.57
N ASN N 47 -61.92 -32.09 110.47
CA ASN N 47 -61.64 -33.48 110.84
C ASN N 47 -61.03 -34.20 109.66
N MET N 48 -59.73 -34.48 109.72
CA MET N 48 -59.01 -35.09 108.61
C MET N 48 -59.44 -36.54 108.42
N THR N 49 -59.64 -36.93 107.16
CA THR N 49 -60.31 -38.18 106.80
C THR N 49 -59.39 -39.11 106.00
N ASP N 50 -58.79 -38.59 104.92
CA ASP N 50 -57.83 -39.36 104.11
C ASP N 50 -56.45 -39.32 104.75
N VAL N 51 -56.30 -40.07 105.84
CA VAL N 51 -55.03 -40.19 106.55
C VAL N 51 -54.34 -41.46 106.07
N THR N 52 -53.23 -41.28 105.37
CA THR N 52 -52.49 -42.38 104.76
C THR N 52 -51.70 -43.16 105.80
N THR N 53 -50.90 -42.45 106.59
CA THR N 53 -49.95 -43.06 107.51
C THR N 53 -50.02 -42.39 108.88
N LEU N 54 -49.97 -43.21 109.93
CA LEU N 54 -49.91 -42.74 111.31
C LEU N 54 -48.72 -43.45 111.96
N GLY N 55 -47.70 -42.67 112.34
CA GLY N 55 -46.41 -43.24 112.72
C GLY N 55 -45.87 -42.82 114.06
N SER N 56 -45.30 -43.78 114.77
CA SER N 56 -44.48 -43.52 115.96
C SER N 56 -43.02 -43.40 115.51
N ARG N 57 -42.08 -43.47 116.44
CA ARG N 57 -40.65 -43.49 116.11
C ARG N 57 -40.24 -44.76 115.35
N ASN N 58 -40.78 -45.91 115.77
CA ASN N 58 -40.42 -47.21 115.18
C ASN N 58 -41.55 -47.99 114.50
N TYR N 59 -42.79 -47.56 114.64
CA TYR N 59 -43.92 -48.23 114.01
C TYR N 59 -44.71 -47.26 113.18
N LYS N 60 -45.50 -47.79 112.25
CA LYS N 60 -46.47 -46.98 111.54
C LYS N 60 -47.66 -47.80 111.07
N LEU N 61 -48.85 -47.31 111.38
CA LEU N 61 -50.08 -47.79 110.78
C LEU N 61 -50.21 -47.09 109.43
N VAL N 62 -50.66 -47.85 108.43
CA VAL N 62 -50.88 -47.30 107.09
C VAL N 62 -52.22 -47.83 106.54
N GLY N 63 -52.95 -47.01 105.85
CA GLY N 63 -54.20 -47.43 105.31
C GLY N 63 -54.60 -46.51 104.19
N HIS N 64 -55.48 -46.97 103.31
CA HIS N 64 -55.88 -46.12 102.20
C HIS N 64 -57.37 -45.87 102.15
N PRO N 65 -57.89 -44.99 103.00
CA PRO N 65 -57.17 -44.31 104.06
C PRO N 65 -57.48 -44.93 105.41
N ILE N 66 -56.55 -44.87 106.37
CA ILE N 66 -56.70 -45.44 107.71
C ILE N 66 -58.06 -45.27 108.35
N ASN N 67 -58.61 -46.35 108.87
CA ASN N 67 -59.92 -46.29 109.53
C ASN N 67 -60.09 -45.02 110.37
N THR N 68 -61.15 -44.27 110.08
CA THR N 68 -61.48 -43.05 110.82
C THR N 68 -61.68 -43.29 112.32
N SER N 69 -62.19 -44.48 112.67
CA SER N 69 -62.38 -44.89 114.07
C SER N 69 -61.09 -44.96 114.91
N LEU N 70 -59.98 -45.33 114.27
CA LEU N 70 -58.72 -45.60 114.99
C LEU N 70 -58.03 -44.36 115.56
N TYR N 71 -58.25 -43.19 114.96
CA TYR N 71 -57.52 -41.98 115.32
C TYR N 71 -58.42 -40.76 115.41
N THR N 72 -57.81 -39.64 115.81
CA THR N 72 -58.36 -38.30 115.63
C THR N 72 -57.27 -37.43 115.01
N LEU N 73 -57.69 -36.44 114.24
CA LEU N 73 -56.77 -35.46 113.66
C LEU N 73 -57.52 -34.18 113.30
N LYS N 74 -57.63 -33.29 114.29
CA LYS N 74 -58.36 -32.03 114.14
C LYS N 74 -57.42 -30.90 113.76
N ALA N 75 -57.63 -30.32 112.58
CA ALA N 75 -57.00 -29.06 112.20
C ALA N 75 -57.98 -27.92 112.50
N THR N 76 -57.43 -26.73 112.72
CA THR N 76 -58.21 -25.51 112.86
C THR N 76 -57.79 -24.58 111.73
N VAL N 77 -58.76 -23.91 111.10
CA VAL N 77 -58.48 -22.95 110.03
C VAL N 77 -58.10 -21.62 110.69
N VAL N 78 -56.81 -21.31 110.64
CA VAL N 78 -56.22 -20.18 111.36
C VAL N 78 -55.71 -19.18 110.31
N GLY N 79 -56.64 -18.62 109.55
CA GLY N 79 -56.36 -17.54 108.60
C GLY N 79 -56.21 -17.96 107.16
N LYS N 80 -57.16 -17.54 106.33
CA LYS N 80 -56.98 -17.49 104.88
C LYS N 80 -56.12 -16.26 104.58
N THR N 81 -55.19 -16.39 103.63
CA THR N 81 -54.31 -15.28 103.26
C THR N 81 -53.78 -15.47 101.83
N LYS N 82 -52.72 -14.76 101.47
CA LYS N 82 -52.11 -14.87 100.15
C LYS N 82 -50.58 -14.92 100.21
N ARG N 83 -49.99 -15.37 99.09
CA ARG N 83 -48.55 -15.24 98.86
C ARG N 83 -48.23 -13.80 98.53
N ALA N 84 -46.94 -13.48 98.54
CA ALA N 84 -46.47 -12.14 98.14
C ALA N 84 -46.74 -11.90 96.67
N PHE N 85 -47.12 -10.66 96.33
CA PHE N 85 -47.44 -10.27 94.96
C PHE N 85 -46.16 -10.21 94.13
N GLN N 86 -46.20 -10.86 92.96
CA GLN N 86 -45.07 -10.90 92.04
C GLN N 86 -45.52 -10.55 90.63
N THR N 87 -44.64 -9.91 89.88
CA THR N 87 -44.88 -9.54 88.48
C THR N 87 -43.67 -9.88 87.61
N ARG N 88 -43.64 -11.12 87.13
CA ARG N 88 -42.67 -11.52 86.11
C ARG N 88 -43.11 -10.95 84.76
N GLU N 89 -42.13 -10.51 83.96
CA GLU N 89 -42.43 -9.93 82.65
C GLU N 89 -42.20 -10.96 81.54
N VAL N 90 -43.14 -10.98 80.58
CA VAL N 90 -43.14 -11.92 79.48
C VAL N 90 -42.91 -11.12 78.20
N THR N 91 -41.87 -11.46 77.45
CA THR N 91 -41.55 -10.78 76.20
C THR N 91 -40.65 -11.60 75.29
N LYS N 92 -40.78 -11.35 73.99
CA LYS N 92 -39.94 -11.97 72.97
C LYS N 92 -38.74 -11.08 72.70
N ARG N 93 -37.81 -11.56 71.88
CA ARG N 93 -36.44 -11.05 71.90
C ARG N 93 -36.12 -9.82 71.02
N ARG N 94 -37.02 -9.45 70.12
CA ARG N 94 -36.93 -8.16 69.41
C ARG N 94 -38.34 -7.62 69.28
N ASN N 95 -38.92 -7.34 70.44
CA ASN N 95 -40.31 -6.93 70.56
C ASN N 95 -40.45 -6.03 71.79
N ARG N 96 -40.87 -4.79 71.58
CA ARG N 96 -40.96 -3.81 72.65
C ARG N 96 -42.14 -4.04 73.60
N ARG N 97 -43.15 -4.78 73.16
CA ARG N 97 -44.28 -5.12 74.00
C ARG N 97 -43.86 -6.17 75.03
N VAL N 98 -44.06 -5.83 76.31
CA VAL N 98 -43.61 -6.63 77.44
C VAL N 98 -44.80 -6.83 78.37
N ARG N 99 -45.45 -7.99 78.25
CA ARG N 99 -46.66 -8.29 79.02
C ARG N 99 -46.29 -8.68 80.46
N HIS N 100 -46.88 -7.97 81.42
CA HIS N 100 -46.64 -8.23 82.84
C HIS N 100 -47.59 -9.29 83.34
N ALA N 101 -47.03 -10.41 83.79
CA ALA N 101 -47.81 -11.53 84.31
C ALA N 101 -47.88 -11.45 85.84
N LYS N 102 -48.82 -10.65 86.32
CA LYS N 102 -49.01 -10.44 87.76
C LYS N 102 -49.57 -11.69 88.43
N SER N 103 -49.12 -11.96 89.66
CA SER N 103 -49.47 -13.18 90.38
C SER N 103 -49.47 -12.96 91.89
N LYS N 104 -50.48 -13.52 92.56
CA LYS N 104 -50.63 -13.39 94.01
C LYS N 104 -51.57 -14.49 94.49
N GLY N 105 -51.03 -15.70 94.58
CA GLY N 105 -51.82 -16.89 94.90
C GLY N 105 -52.34 -16.92 96.32
N ASP N 106 -53.42 -17.68 96.53
CA ASP N 106 -54.08 -17.77 97.84
C ASP N 106 -53.44 -18.85 98.70
N LEU N 107 -53.53 -18.65 100.02
CA LEU N 107 -53.05 -19.60 101.01
C LEU N 107 -54.11 -19.78 102.09
N THR N 108 -54.08 -20.94 102.73
CA THR N 108 -54.92 -21.19 103.91
C THR N 108 -54.06 -21.82 105.00
N ILE N 109 -53.87 -21.08 106.09
CA ILE N 109 -53.07 -21.54 107.22
C ILE N 109 -53.97 -22.40 108.11
N LEU N 110 -53.66 -23.69 108.18
CA LEU N 110 -54.27 -24.59 109.16
C LEU N 110 -53.31 -24.77 110.32
N ARG N 111 -53.85 -25.15 111.47
CA ARG N 111 -53.05 -25.58 112.62
C ARG N 111 -53.59 -26.90 113.14
N ILE N 112 -52.71 -27.91 113.22
CA ILE N 112 -53.07 -29.24 113.70
C ILE N 112 -53.21 -29.17 115.22
N SER N 113 -54.46 -29.12 115.70
CA SER N 113 -54.76 -28.95 117.11
C SER N 113 -54.69 -30.27 117.88
N GLU N 114 -55.30 -31.31 117.32
CA GLU N 114 -55.37 -32.63 117.96
C GLU N 114 -54.87 -33.71 117.01
N LEU N 115 -54.06 -34.63 117.54
CA LEU N 115 -53.62 -35.81 116.79
C LEU N 115 -53.30 -36.93 117.79
N SER N 116 -54.17 -37.94 117.84
CA SER N 116 -54.05 -39.03 118.83
C SER N 116 -54.76 -40.30 118.39
N MET N 117 -54.33 -41.42 118.96
CA MET N 117 -54.93 -42.72 118.70
C MET N 117 -56.12 -42.88 119.63
N ASN N 118 -57.30 -43.11 119.03
CA ASN N 118 -58.57 -43.13 119.76
C ASN N 118 -58.78 -44.46 120.47
N SER O 1 -1.68 47.30 118.66
CA SER O 1 -2.69 46.73 119.61
C SER O 1 -4.09 46.70 119.00
N ILE O 2 -4.98 45.93 119.65
CA ILE O 2 -6.37 45.76 119.23
C ILE O 2 -6.44 45.12 117.83
N THR O 3 -6.08 43.84 117.79
CA THR O 3 -6.15 43.03 116.58
C THR O 3 -7.53 42.38 116.46
N ILE O 4 -7.73 41.68 115.34
CA ILE O 4 -8.90 40.80 115.16
C ILE O 4 -8.99 39.71 116.24
N GLU O 5 -7.83 39.24 116.70
CA GLU O 5 -7.76 38.18 117.73
C GLU O 5 -8.07 38.71 119.13
N ASN O 6 -7.47 39.85 119.49
CA ASN O 6 -7.61 40.43 120.83
C ASN O 6 -9.01 40.96 121.16
N ASP O 7 -9.68 41.52 120.16
CA ASP O 7 -11.02 42.10 120.35
C ASP O 7 -12.04 41.00 120.66
N LYS O 8 -12.69 41.11 121.81
CA LYS O 8 -13.61 40.08 122.31
C LYS O 8 -15.00 40.20 121.68
N LEU O 9 -15.50 41.44 121.57
CA LEU O 9 -16.81 41.73 120.95
C LEU O 9 -16.90 41.21 119.53
N LEU O 10 -15.83 41.47 118.77
CA LEU O 10 -15.69 40.98 117.39
C LEU O 10 -15.73 39.46 117.32
N GLN O 11 -15.00 38.83 118.24
CA GLN O 11 -14.96 37.37 118.35
C GLN O 11 -16.34 36.78 118.62
N GLN O 12 -17.06 37.39 119.57
CA GLN O 12 -18.43 37.01 119.91
C GLN O 12 -19.38 37.10 118.72
N HIS O 13 -19.26 38.21 117.98
CA HIS O 13 -20.02 38.44 116.75
C HIS O 13 -19.77 37.35 115.72
N ILE O 14 -18.50 37.04 115.52
CA ILE O 14 -18.07 35.97 114.60
C ILE O 14 -18.68 34.62 114.98
N ILE O 15 -18.62 34.31 116.28
CA ILE O 15 -19.22 33.10 116.85
C ILE O 15 -20.72 33.04 116.59
N SER O 16 -21.40 34.16 116.80
CA SER O 16 -22.85 34.27 116.58
C SER O 16 -23.21 34.01 115.11
N LEU O 17 -22.44 34.61 114.22
CA LEU O 17 -22.57 34.39 112.77
C LEU O 17 -22.48 32.92 112.38
N GLN O 18 -21.52 32.22 112.97
CA GLN O 18 -21.32 30.78 112.75
C GLN O 18 -22.00 29.98 113.88
N GLN O 19 -21.60 28.73 114.09
CA GLN O 19 -22.05 27.95 115.26
C GLN O 19 -21.03 28.07 116.41
N PRO O 20 -21.46 27.85 117.68
CA PRO O 20 -20.52 27.98 118.80
C PRO O 20 -19.47 26.87 118.89
N GLU O 21 -18.36 27.17 119.57
CA GLU O 21 -17.26 26.23 119.76
C GLU O 21 -17.50 25.32 120.96
N GLN O 22 -18.10 24.16 120.67
CA GLN O 22 -18.40 23.17 121.69
C GLN O 22 -18.66 21.81 121.03
N LEU O 23 -18.34 20.75 121.76
CA LEU O 23 -18.51 19.38 121.25
C LEU O 23 -19.98 19.03 121.00
N ALA O 24 -20.18 18.00 120.19
CA ALA O 24 -21.51 17.52 119.80
C ALA O 24 -22.39 17.17 121.01
N SER O 25 -21.78 16.59 122.04
CA SER O 25 -22.48 16.25 123.29
C SER O 25 -23.08 17.49 123.97
N GLN O 26 -22.35 18.60 123.97
CA GLN O 26 -22.85 19.86 124.53
C GLN O 26 -23.82 20.53 123.55
N SER O 27 -23.46 20.56 122.27
CA SER O 27 -24.26 21.23 121.23
C SER O 27 -25.65 20.62 121.02
N LEU O 28 -25.69 19.35 120.64
CA LEU O 28 -26.96 18.68 120.31
C LEU O 28 -27.88 18.53 121.52
N LEU O 29 -27.40 17.82 122.53
CA LEU O 29 -28.25 17.28 123.59
C LEU O 29 -28.89 18.33 124.51
N SER O 30 -30.10 18.01 124.98
CA SER O 30 -30.74 18.76 126.07
C SER O 30 -29.99 18.47 127.38
N PRO O 31 -30.11 19.35 128.40
CA PRO O 31 -29.28 19.22 129.60
C PRO O 31 -29.36 17.90 130.37
N LEU O 32 -30.57 17.46 130.73
CA LEU O 32 -30.77 16.20 131.45
C LEU O 32 -30.19 15.01 130.68
N LYS O 33 -30.56 14.93 129.40
CA LYS O 33 -30.08 13.88 128.51
C LYS O 33 -28.56 13.85 128.43
N ARG O 34 -27.99 15.03 128.25
CA ARG O 34 -26.53 15.24 128.23
C ARG O 34 -25.87 14.72 129.51
N GLU O 35 -26.43 15.10 130.66
CA GLU O 35 -25.95 14.65 131.97
C GLU O 35 -25.95 13.13 132.09
N ILE O 36 -27.05 12.53 131.64
CA ILE O 36 -27.23 11.07 131.62
C ILE O 36 -26.16 10.40 130.77
N TYR O 37 -25.95 10.94 129.57
CA TYR O 37 -24.92 10.46 128.64
C TYR O 37 -23.53 10.51 129.27
N GLU O 38 -23.22 11.63 129.92
CA GLU O 38 -21.95 11.82 130.64
C GLU O 38 -21.75 10.80 131.74
N ALA O 39 -22.81 10.56 132.52
CA ALA O 39 -22.82 9.55 133.57
C ALA O 39 -22.54 8.15 133.02
N ASN O 40 -23.21 7.83 131.91
CA ASN O 40 -23.03 6.55 131.20
C ASN O 40 -21.58 6.36 130.76
N CYS O 41 -21.02 7.39 130.14
CA CYS O 41 -19.62 7.42 129.72
C CYS O 41 -18.66 7.19 130.88
N LYS O 42 -18.91 7.89 131.98
CA LYS O 42 -18.13 7.72 133.23
C LYS O 42 -18.13 6.28 133.72
N ILE O 43 -19.32 5.69 133.76
CA ILE O 43 -19.52 4.32 134.22
C ILE O 43 -18.77 3.30 133.37
N ASN O 44 -18.83 3.48 132.05
CA ASN O 44 -18.35 2.47 131.09
C ASN O 44 -17.01 2.84 130.40
N GLY O 45 -16.12 3.50 131.14
CA GLY O 45 -14.76 3.76 130.66
C GLY O 45 -14.65 4.73 129.50
N GLY O 46 -15.35 5.86 129.61
CA GLY O 46 -15.26 6.94 128.62
C GLY O 46 -16.04 6.78 127.32
N PHE O 47 -17.01 5.86 127.30
CA PHE O 47 -17.91 5.72 126.14
C PHE O 47 -19.26 5.10 126.53
N TYR O 48 -20.26 5.31 125.69
CA TYR O 48 -21.63 4.87 125.95
C TYR O 48 -21.79 3.36 125.76
N LYS O 49 -22.57 2.75 126.65
CA LYS O 49 -23.04 1.36 126.50
C LYS O 49 -24.55 1.33 126.68
N LYS O 50 -25.18 0.27 126.17
CA LYS O 50 -26.65 0.23 126.05
C LYS O 50 -27.40 0.18 127.38
N ASP O 51 -27.31 -0.94 128.08
CA ASP O 51 -28.11 -1.19 129.29
C ASP O 51 -27.34 -0.82 130.56
N THR O 52 -26.99 0.46 130.66
CA THR O 52 -26.35 1.02 131.86
C THR O 52 -27.37 1.92 132.54
N ILE O 53 -27.79 1.53 133.74
CA ILE O 53 -28.79 2.27 134.51
C ILE O 53 -28.04 3.30 135.38
N VAL O 54 -27.93 4.52 134.87
CA VAL O 54 -27.09 5.55 135.50
C VAL O 54 -27.83 6.29 136.61
N LYS O 55 -27.07 6.78 137.58
CA LYS O 55 -27.54 7.71 138.61
C LYS O 55 -26.71 8.98 138.49
N LEU O 56 -27.24 10.09 139.01
CA LEU O 56 -26.57 11.40 138.93
C LEU O 56 -26.44 12.00 140.33
N PRO O 57 -25.50 12.95 140.52
CA PRO O 57 -25.28 13.52 141.84
C PRO O 57 -26.35 14.51 142.28
N ASN O 58 -26.54 14.63 143.59
CA ASN O 58 -27.56 15.50 144.20
C ASN O 58 -29.01 15.11 143.82
N SER O 59 -29.23 13.82 143.56
CA SER O 59 -30.54 13.31 143.16
C SER O 59 -30.59 11.79 143.29
N SER O 60 -31.78 11.26 143.56
CA SER O 60 -32.01 9.81 143.69
C SER O 60 -32.76 9.21 142.50
N GLU O 61 -32.73 9.88 141.35
CA GLU O 61 -33.45 9.46 140.16
C GLU O 61 -32.50 8.69 139.25
N ARG O 62 -32.79 7.41 139.03
CA ARG O 62 -32.03 6.59 138.08
C ARG O 62 -32.53 6.84 136.66
N TYR O 63 -31.70 6.52 135.67
CA TYR O 63 -32.06 6.69 134.25
C TYR O 63 -31.43 5.61 133.38
N LYS O 64 -32.04 5.38 132.22
CA LYS O 64 -31.50 4.50 131.19
C LYS O 64 -31.63 5.20 129.84
N LEU O 65 -30.51 5.31 129.14
CA LEU O 65 -30.40 6.09 127.90
C LEU O 65 -30.49 5.17 126.69
N LYS O 66 -31.29 5.57 125.70
CA LYS O 66 -31.56 4.78 124.50
C LYS O 66 -31.08 5.54 123.26
N LEU O 67 -29.94 5.15 122.70
CA LEU O 67 -29.36 5.85 121.53
C LEU O 67 -29.07 4.99 120.31
N THR O 68 -29.43 5.48 119.11
CA THR O 68 -29.21 4.80 117.84
C THR O 68 -27.70 4.65 117.63
N LYS O 69 -27.32 3.86 116.63
CA LYS O 69 -25.92 3.70 116.22
C LYS O 69 -25.34 5.03 115.71
N ARG O 70 -26.15 5.73 114.92
CA ARG O 70 -25.78 7.02 114.35
C ARG O 70 -25.57 8.08 115.44
N GLU O 71 -26.50 8.12 116.39
CA GLU O 71 -26.41 9.01 117.57
C GLU O 71 -25.15 8.78 118.40
N ILE O 72 -24.83 7.50 118.61
CA ILE O 72 -23.61 7.09 119.31
C ILE O 72 -22.38 7.62 118.59
N GLU O 73 -22.35 7.41 117.28
CA GLU O 73 -21.25 7.84 116.42
C GLU O 73 -21.01 9.34 116.49
N VAL O 74 -22.09 10.11 116.38
CA VAL O 74 -22.00 11.57 116.29
C VAL O 74 -21.56 12.23 117.60
N LEU O 75 -22.01 11.68 118.73
CA LEU O 75 -21.78 12.29 120.05
C LEU O 75 -20.38 12.08 120.62
N GLU O 76 -19.65 11.09 120.13
CA GLU O 76 -18.24 10.92 120.49
C GLU O 76 -17.45 12.16 120.07
N PRO O 77 -16.50 12.62 120.92
CA PRO O 77 -15.77 13.85 120.61
C PRO O 77 -14.94 13.75 119.32
N SER O 78 -15.25 14.62 118.37
CA SER O 78 -14.53 14.70 117.10
C SER O 78 -14.23 16.16 116.75
N VAL O 79 -13.50 16.35 115.66
CA VAL O 79 -13.23 17.71 115.13
C VAL O 79 -13.08 17.64 113.60
N TYR O 80 -13.73 18.60 112.92
CA TYR O 80 -13.97 18.56 111.49
C TYR O 80 -13.13 19.63 110.78
N ALA O 81 -11.97 19.21 110.28
CA ALA O 81 -11.11 20.09 109.49
C ALA O 81 -11.62 20.21 108.06
N GLN O 82 -11.37 21.37 107.45
CA GLN O 82 -11.72 21.62 106.05
C GLN O 82 -10.66 22.50 105.41
N SER O 83 -10.27 22.15 104.18
CA SER O 83 -9.31 22.95 103.43
C SER O 83 -10.03 24.09 102.74
N TYR O 84 -9.24 24.98 102.13
CA TYR O 84 -9.76 25.99 101.22
C TYR O 84 -9.71 25.40 99.81
N ARG O 85 -10.02 26.22 98.81
CA ARG O 85 -10.04 25.77 97.41
C ARG O 85 -8.63 25.41 96.93
N ILE O 86 -8.26 24.14 97.13
CA ILE O 86 -6.96 23.62 96.69
C ILE O 86 -6.95 23.47 95.17
N LYS O 87 -5.82 23.86 94.56
CA LYS O 87 -5.59 23.66 93.13
C LYS O 87 -4.97 22.29 92.90
N SER O 88 -5.82 21.30 92.63
CA SER O 88 -5.36 19.96 92.28
C SER O 88 -6.49 19.10 91.72
N SER O 89 -6.12 17.92 91.24
CA SER O 89 -7.07 16.88 90.87
C SER O 89 -7.47 16.11 92.13
N MET O 90 -8.66 15.52 92.07
CA MET O 90 -9.15 14.64 93.15
C MET O 90 -8.32 13.36 93.22
N LYS O 91 -7.93 12.86 92.05
CA LYS O 91 -7.11 11.65 91.90
C LYS O 91 -5.74 11.81 92.56
N LYS O 92 -5.12 12.97 92.32
CA LYS O 92 -3.83 13.34 92.91
C LYS O 92 -3.89 13.43 94.43
N ALA O 93 -4.98 14.02 94.93
CA ALA O 93 -5.22 14.10 96.36
C ALA O 93 -5.36 12.70 96.98
N THR O 94 -6.18 11.87 96.35
CA THR O 94 -6.37 10.48 96.75
C THR O 94 -5.05 9.73 96.87
N LEU O 95 -4.20 9.89 95.86
CA LEU O 95 -2.87 9.28 95.81
C LEU O 95 -2.06 9.54 97.10
N LEU O 96 -2.19 10.72 97.70
CA LEU O 96 -1.62 11.00 99.03
C LEU O 96 -2.53 10.53 100.16
N LEU O 97 -3.77 11.02 100.17
CA LEU O 97 -4.70 10.86 101.31
C LEU O 97 -4.94 9.41 101.78
N ARG O 98 -4.81 8.45 100.87
CA ARG O 98 -4.91 7.03 101.22
C ARG O 98 -3.83 6.57 102.20
N LEU O 99 -2.65 7.20 102.15
CA LEU O 99 -1.58 6.95 103.11
C LEU O 99 -1.94 7.42 104.53
N LEU O 100 -2.66 8.53 104.63
CA LEU O 100 -3.06 9.13 105.92
C LEU O 100 -4.43 8.64 106.38
N GLY O 101 -4.68 7.34 106.28
CA GLY O 101 -6.00 6.77 106.56
C GLY O 101 -6.40 6.87 108.02
N GLY O 102 -5.84 5.99 108.84
CA GLY O 102 -6.14 5.93 110.27
C GLY O 102 -4.98 6.31 111.18
N LEU O 103 -4.15 7.25 110.73
CA LEU O 103 -2.95 7.65 111.47
C LEU O 103 -3.29 8.57 112.64
N ASP O 104 -2.37 8.63 113.60
CA ASP O 104 -2.39 9.68 114.62
C ASP O 104 -2.08 10.99 113.89
N VAL O 105 -2.72 12.08 114.29
CA VAL O 105 -2.61 13.35 113.54
C VAL O 105 -1.17 13.83 113.39
N MET O 106 -0.39 13.70 114.46
CA MET O 106 1.01 14.12 114.47
C MET O 106 1.85 13.34 113.47
N LYS O 107 1.62 12.03 113.41
CA LYS O 107 2.28 11.15 112.44
C LYS O 107 1.95 11.57 111.02
N ALA O 108 0.65 11.79 110.78
CA ALA O 108 0.16 12.24 109.47
C ALA O 108 0.78 13.55 109.04
N ILE O 109 0.84 14.51 109.97
CA ILE O 109 1.49 15.81 109.76
C ILE O 109 2.96 15.65 109.36
N SER O 110 3.66 14.79 110.10
CA SER O 110 5.06 14.47 109.82
C SER O 110 5.25 13.88 108.42
N GLN O 111 4.37 12.94 108.06
CA GLN O 111 4.38 12.33 106.73
C GLN O 111 4.20 13.38 105.62
N CYS O 112 3.24 14.28 105.83
CA CYS O 112 2.96 15.37 104.90
C CYS O 112 4.14 16.31 104.73
N HIS O 113 4.80 16.64 105.84
CA HIS O 113 6.01 17.47 105.84
C HIS O 113 7.11 16.89 104.95
N PHE O 114 7.33 15.58 105.05
CA PHE O 114 8.39 14.92 104.29
C PHE O 114 7.93 14.25 102.98
N SER O 115 6.68 14.51 102.58
CA SER O 115 6.18 14.06 101.29
C SER O 115 6.70 14.96 100.17
N ASN O 116 6.92 14.37 98.99
CA ASN O 116 7.38 15.12 97.81
C ASN O 116 6.26 15.87 97.07
N LYS O 117 5.01 15.59 97.41
CA LYS O 117 3.85 16.10 96.65
C LYS O 117 3.47 17.52 97.07
N LYS O 118 2.76 18.22 96.18
CA LYS O 118 2.42 19.63 96.38
C LYS O 118 1.19 19.81 97.27
N ILE O 119 0.18 18.96 97.07
CA ILE O 119 -1.01 18.89 97.95
C ILE O 119 -0.63 18.58 99.41
N ALA O 120 0.48 17.86 99.59
CA ALA O 120 0.97 17.45 100.92
C ALA O 120 1.05 18.57 101.94
N ARG O 121 1.65 19.68 101.54
CA ARG O 121 1.76 20.88 102.39
C ARG O 121 0.38 21.37 102.84
N GLU O 122 -0.55 21.41 101.90
CA GLU O 122 -1.93 21.85 102.17
C GLU O 122 -2.62 20.91 103.17
N VAL O 123 -2.41 19.61 102.96
CA VAL O 123 -2.94 18.57 103.85
C VAL O 123 -2.38 18.72 105.26
N ALA O 124 -1.06 18.92 105.36
CA ALA O 124 -0.38 19.17 106.64
C ALA O 124 -0.98 20.36 107.39
N GLU O 125 -1.18 21.44 106.64
CA GLU O 125 -1.76 22.69 107.16
C GLU O 125 -3.17 22.46 107.71
N LEU O 126 -3.97 21.72 106.94
CA LEU O 126 -5.31 21.31 107.34
C LEU O 126 -5.32 20.51 108.63
N LEU O 127 -4.42 19.53 108.71
CA LEU O 127 -4.26 18.70 109.91
C LEU O 127 -3.91 19.55 111.12
N GLN O 128 -2.97 20.46 110.93
CA GLN O 128 -2.55 21.42 111.97
C GLN O 128 -3.73 22.25 112.48
N LYS O 129 -4.55 22.72 111.55
CA LYS O 129 -5.76 23.49 111.85
C LYS O 129 -6.76 22.67 112.66
N GLY O 130 -6.98 21.43 112.25
CA GLY O 130 -7.86 20.50 112.95
C GLY O 130 -7.40 20.18 114.37
N VAL O 131 -6.09 20.02 114.53
CA VAL O 131 -5.46 19.86 115.84
C VAL O 131 -5.73 21.06 116.75
N LYS O 132 -5.50 22.25 116.20
CA LYS O 132 -5.74 23.52 116.89
C LYS O 132 -7.18 23.67 117.35
N ASP O 133 -8.11 23.31 116.46
CA ASP O 133 -9.54 23.29 116.74
C ASP O 133 -9.87 22.35 117.89
N GLY O 134 -9.32 21.13 117.82
CA GLY O 134 -9.48 20.12 118.87
C GLY O 134 -8.98 20.58 120.23
N GLN O 135 -7.81 21.24 120.22
CA GLN O 135 -7.24 21.85 121.43
C GLN O 135 -8.16 22.91 122.04
N LYS O 136 -8.69 23.77 121.17
CA LYS O 136 -9.62 24.82 121.56
C LYS O 136 -10.89 24.27 122.20
N LEU O 137 -11.41 23.21 121.59
CA LEU O 137 -12.58 22.49 122.11
C LEU O 137 -12.35 21.89 123.51
N GLY O 138 -11.15 21.34 123.72
CA GLY O 138 -10.82 20.59 124.93
C GLY O 138 -9.98 19.34 124.73
N LEU O 139 -9.86 18.86 123.49
CA LEU O 139 -9.16 17.61 123.18
C LEU O 139 -7.64 17.80 123.22
N LYS O 140 -6.91 16.69 123.11
CA LYS O 140 -5.44 16.70 123.08
C LYS O 140 -4.93 16.34 121.68
N PRO O 141 -3.75 16.87 121.30
CA PRO O 141 -3.18 16.56 119.98
C PRO O 141 -2.58 15.14 119.87
N GLU O 142 -2.08 14.60 121.00
CA GLU O 142 -1.55 13.24 121.04
C GLU O 142 -2.65 12.18 121.20
N ASP O 143 -3.88 12.62 121.45
CA ASP O 143 -5.06 11.75 121.48
C ASP O 143 -5.73 11.62 120.10
N LEU O 144 -5.60 12.65 119.26
CA LEU O 144 -6.30 12.72 117.97
C LEU O 144 -5.70 11.81 116.90
N TYR O 145 -6.58 11.03 116.26
CA TYR O 145 -6.25 10.26 115.06
C TYR O 145 -7.21 10.66 113.96
N ILE O 146 -6.76 10.58 112.71
CA ILE O 146 -7.59 10.88 111.55
C ILE O 146 -8.55 9.71 111.36
N SER O 147 -9.83 9.92 111.66
CA SER O 147 -10.83 8.87 111.48
C SER O 147 -11.20 8.74 110.00
N GLN O 148 -11.56 9.86 109.41
CA GLN O 148 -11.85 9.95 107.98
C GLN O 148 -11.11 11.12 107.36
N ILE O 149 -10.68 10.94 106.11
CA ILE O 149 -10.12 12.02 105.31
C ILE O 149 -10.38 11.70 103.84
N TRP O 150 -11.11 12.59 103.19
CA TRP O 150 -11.52 12.41 101.80
C TRP O 150 -11.28 13.70 101.04
N THR O 151 -11.59 13.68 99.75
CA THR O 151 -11.53 14.87 98.92
C THR O 151 -12.80 14.97 98.07
N GLY O 152 -12.99 16.13 97.46
CA GLY O 152 -14.11 16.36 96.57
C GLY O 152 -13.81 17.47 95.60
N SER O 153 -14.55 17.50 94.49
CA SER O 153 -14.48 18.61 93.55
C SER O 153 -15.01 19.86 94.26
N ASP O 154 -14.36 21.01 94.02
CA ASP O 154 -14.80 22.26 94.60
C ASP O 154 -15.64 23.10 93.64
N GLY O 155 -15.93 22.55 92.45
CA GLY O 155 -16.83 23.18 91.50
C GLY O 155 -16.22 24.34 90.74
N PHE O 156 -16.93 24.76 89.70
CA PHE O 156 -16.53 25.91 88.87
C PHE O 156 -15.15 25.71 88.24
N TRP O 157 -14.93 24.48 87.76
CA TRP O 157 -13.73 24.15 87.00
C TRP O 157 -13.89 24.81 85.64
N ARG O 158 -12.93 25.64 85.26
CA ARG O 158 -13.04 26.40 84.00
C ARG O 158 -12.45 25.60 82.84
N LYS O 159 -13.33 25.19 81.92
CA LYS O 159 -12.93 24.52 80.69
C LYS O 159 -12.27 25.52 79.74
N ARG O 160 -11.38 25.02 78.90
CA ARG O 160 -10.55 25.87 78.04
C ARG O 160 -10.01 25.01 76.90
N VAL O 161 -10.39 25.34 75.66
CA VAL O 161 -10.05 24.50 74.50
C VAL O 161 -8.54 24.40 74.23
N GLU O 162 -8.07 23.18 73.98
CA GLU O 162 -6.72 22.91 73.50
C GLU O 162 -6.80 22.72 72.00
N PHE O 163 -6.13 23.60 71.26
CA PHE O 163 -6.10 23.51 69.80
C PHE O 163 -4.99 22.54 69.40
N LYS O 164 -5.36 21.59 68.54
CA LYS O 164 -4.44 20.55 68.08
C LYS O 164 -4.14 20.72 66.60
N ALA O 165 -3.19 19.93 66.12
CA ALA O 165 -2.84 19.92 64.71
C ALA O 165 -3.96 19.38 63.84
N ARG O 166 -4.00 19.83 62.59
CA ARG O 166 -4.94 19.36 61.58
C ARG O 166 -6.41 19.52 61.99
N THR O 167 -6.75 20.77 62.33
CA THR O 167 -8.11 21.20 62.73
C THR O 167 -8.84 20.26 63.72
N ARG O 168 -8.09 19.79 64.71
CA ARG O 168 -8.63 19.00 65.81
C ARG O 168 -8.56 19.80 67.11
N ILE O 169 -9.34 19.39 68.10
CA ILE O 169 -9.39 20.06 69.40
C ILE O 169 -9.61 19.09 70.57
N GLY O 170 -9.22 19.55 71.75
CA GLY O 170 -9.64 18.97 73.01
C GLY O 170 -10.14 20.08 73.91
N ILE O 171 -10.63 19.71 75.09
CA ILE O 171 -10.99 20.69 76.12
C ILE O 171 -10.18 20.38 77.39
N ILE O 172 -9.44 21.39 77.83
CA ILE O 172 -8.64 21.32 79.05
C ILE O 172 -9.46 21.91 80.20
N SER O 173 -9.84 21.05 81.14
CA SER O 173 -10.40 21.48 82.41
C SER O 173 -9.26 21.79 83.37
N HIS O 174 -9.56 22.56 84.41
CA HIS O 174 -8.58 22.92 85.44
C HIS O 174 -9.17 22.65 86.81
N PRO O 175 -8.89 21.45 87.36
CA PRO O 175 -9.60 21.00 88.54
C PRO O 175 -9.16 21.69 89.82
N TYR O 176 -10.15 22.08 90.63
CA TYR O 176 -9.95 22.54 91.99
C TYR O 176 -10.70 21.61 92.93
N ILE O 177 -10.07 21.32 94.06
CA ILE O 177 -10.61 20.38 95.03
C ILE O 177 -10.58 20.98 96.42
N HIS O 178 -11.18 20.25 97.35
CA HIS O 178 -11.03 20.49 98.77
C HIS O 178 -10.78 19.16 99.45
N VAL O 179 -9.95 19.19 100.49
CA VAL O 179 -9.80 18.06 101.41
C VAL O 179 -10.51 18.44 102.69
N ARG O 180 -11.42 17.57 103.14
CA ARG O 180 -11.96 17.63 104.49
C ARG O 180 -11.43 16.43 105.25
N CYS O 181 -11.40 16.53 106.57
CA CYS O 181 -11.07 15.39 107.41
C CYS O 181 -11.75 15.48 108.78
N ILE O 182 -12.07 14.32 109.34
CA ILE O 182 -12.66 14.20 110.66
C ILE O 182 -11.64 13.53 111.58
N LEU O 183 -11.20 14.28 112.58
CA LEU O 183 -10.32 13.74 113.61
C LEU O 183 -11.18 13.26 114.77
N ARG O 184 -10.93 12.04 115.24
CA ARG O 184 -11.59 11.49 116.42
C ARG O 184 -10.53 11.12 117.44
N THR O 185 -10.96 10.74 118.64
CA THR O 185 -10.08 10.51 119.77
C THR O 185 -9.73 9.03 119.96
N LYS O 186 -8.46 8.76 120.24
CA LYS O 186 -8.02 7.43 120.68
C LYS O 186 -8.59 7.07 122.07
N SER O 187 -8.85 8.09 122.89
CA SER O 187 -9.38 7.91 124.24
C SER O 187 -10.81 7.38 124.29
N VAL O 188 -11.61 7.60 123.24
CA VAL O 188 -13.03 7.21 123.25
C VAL O 188 -13.44 6.31 122.07
N THR O 189 -13.42 6.85 120.86
CA THR O 189 -13.96 6.16 119.67
C THR O 189 -13.30 4.81 119.45
N LYS O 190 -11.96 4.82 119.48
CA LYS O 190 -11.15 3.61 119.28
C LYS O 190 -11.41 2.57 120.36
N ARG O 191 -11.53 3.03 121.60
CA ARG O 191 -11.91 2.18 122.74
C ARG O 191 -13.28 1.54 122.54
N ARG O 192 -14.23 2.34 122.07
CA ARG O 192 -15.60 1.88 121.81
C ARG O 192 -15.63 0.77 120.77
N LEU O 193 -14.92 0.99 119.66
CA LEU O 193 -14.87 -0.01 118.59
C LEU O 193 -14.08 -1.28 118.97
N ALA O 194 -13.11 -1.13 119.88
CA ALA O 194 -12.42 -2.28 120.48
C ALA O 194 -13.38 -3.12 121.33
N TYR O 195 -14.20 -2.42 122.14
CA TYR O 195 -15.24 -3.05 122.95
C TYR O 195 -16.27 -3.79 122.10
N GLU O 196 -16.72 -3.14 121.04
CA GLU O 196 -17.64 -3.75 120.06
C GLU O 196 -17.08 -5.02 119.45
N ALA O 197 -15.81 -4.97 119.06
CA ALA O 197 -15.09 -6.12 118.50
C ALA O 197 -15.01 -7.28 119.49
N HIS O 198 -14.75 -6.94 120.76
CA HIS O 198 -14.72 -7.91 121.85
C HIS O 198 -16.06 -8.59 122.05
N LEU O 199 -17.12 -7.79 122.07
CA LEU O 199 -18.50 -8.28 122.17
C LEU O 199 -18.87 -9.24 121.04
N LYS O 200 -18.49 -8.85 119.83
CA LYS O 200 -18.70 -9.67 118.63
C LYS O 200 -17.99 -11.01 118.73
N GLU O 201 -16.75 -10.97 119.21
CA GLU O 201 -15.94 -12.17 119.45
C GLU O 201 -16.59 -13.11 120.46
N GLN O 202 -17.07 -12.53 121.55
CA GLN O 202 -17.81 -13.27 122.60
C GLN O 202 -19.06 -13.96 122.05
N LYS O 203 -19.81 -13.20 121.25
CA LYS O 203 -21.03 -13.68 120.60
C LYS O 203 -20.77 -14.87 119.67
N ARG O 204 -19.72 -14.74 118.86
CA ARG O 204 -19.36 -15.69 117.80
C ARG O 204 -19.48 -17.15 118.24
N ALA O 205 -20.37 -17.89 117.58
CA ALA O 205 -20.54 -19.31 117.83
C ALA O 205 -19.31 -20.05 117.29
N PRO O 206 -18.83 -21.09 118.02
CA PRO O 206 -17.59 -21.74 117.64
C PRO O 206 -17.75 -22.69 116.45
N TRP O 207 -16.62 -23.12 115.90
CA TRP O 207 -16.62 -24.20 114.93
C TRP O 207 -16.81 -25.52 115.66
N VAL O 208 -17.94 -26.17 115.42
CA VAL O 208 -18.20 -27.51 115.93
C VAL O 208 -17.93 -28.49 114.78
N GLN O 209 -17.24 -29.58 115.11
CA GLN O 209 -16.74 -30.53 114.11
C GLN O 209 -17.87 -31.35 113.52
N LEU O 210 -18.63 -31.97 114.41
CA LEU O 210 -19.78 -32.79 114.07
C LEU O 210 -21.04 -32.02 114.50
N GLY O 211 -21.13 -30.79 114.00
CA GLY O 211 -22.12 -29.82 114.48
C GLY O 211 -23.43 -29.85 113.73
N ASP O 212 -24.46 -29.30 114.38
CA ASP O 212 -25.83 -29.30 113.84
C ASP O 212 -25.99 -28.28 112.72
N LYS O 213 -25.86 -28.74 111.48
CA LYS O 213 -26.12 -27.93 110.29
C LYS O 213 -27.56 -28.17 109.84
N PRO O 214 -28.26 -27.14 109.35
CA PRO O 214 -29.65 -27.32 108.95
C PRO O 214 -29.78 -28.25 107.74
N ILE O 215 -30.70 -29.23 107.82
CA ILE O 215 -30.98 -30.12 106.70
C ILE O 215 -31.72 -29.31 105.64
N ARG O 216 -30.93 -28.64 104.81
CA ARG O 216 -31.47 -27.74 103.78
C ARG O 216 -32.18 -28.52 102.68
N GLY O 217 -33.21 -27.89 102.13
CA GLY O 217 -34.18 -28.55 101.26
C GLY O 217 -35.50 -28.66 101.98
N VAL O 218 -36.56 -28.86 101.20
CA VAL O 218 -37.92 -29.01 101.71
C VAL O 218 -38.21 -30.50 101.93
N THR O 219 -39.06 -30.80 102.90
CA THR O 219 -39.33 -32.17 103.32
C THR O 219 -40.08 -33.00 102.27
N GLY O 220 -41.11 -32.42 101.68
CA GLY O 220 -41.91 -33.08 100.64
C GLY O 220 -43.01 -34.00 101.15
N GLY O 221 -43.49 -33.73 102.36
CA GLY O 221 -44.61 -34.48 102.95
C GLY O 221 -44.37 -35.97 103.12
N VAL O 222 -43.14 -36.33 103.47
CA VAL O 222 -42.72 -37.73 103.51
C VAL O 222 -41.41 -37.90 104.29
N TYR O 223 -41.31 -38.96 105.08
CA TYR O 223 -40.05 -39.30 105.74
C TYR O 223 -39.14 -40.00 104.74
N LYS O 224 -37.91 -39.49 104.64
CA LYS O 224 -36.84 -40.14 103.89
C LYS O 224 -35.93 -40.97 104.80
N TRP O 225 -36.30 -41.05 106.09
CA TRP O 225 -35.59 -41.86 107.07
C TRP O 225 -36.51 -42.20 108.25
N ASP P 1 15.52 93.66 56.00
CA ASP P 1 16.31 94.23 57.16
C ASP P 1 16.83 93.12 58.07
N ILE P 2 15.90 92.28 58.54
CA ILE P 2 16.23 91.14 59.41
C ILE P 2 15.36 89.92 59.08
N ASN P 3 15.85 88.75 59.48
CA ASN P 3 15.15 87.47 59.22
C ASN P 3 13.87 87.31 60.06
N VAL P 4 13.11 86.26 59.76
CA VAL P 4 11.73 86.11 60.25
C VAL P 4 11.70 85.72 61.73
N SER P 5 12.49 84.71 62.08
CA SER P 5 12.62 84.24 63.47
C SER P 5 13.07 85.34 64.42
N GLU P 6 14.04 86.14 63.97
CA GLU P 6 14.54 87.29 64.72
C GLU P 6 13.46 88.35 64.93
N LYS P 7 12.71 88.66 63.87
CA LYS P 7 11.55 89.56 63.94
C LYS P 7 10.52 89.11 64.97
N ILE P 8 10.22 87.81 64.94
CA ILE P 8 9.27 87.19 65.87
C ILE P 8 9.73 87.34 67.31
N TYR P 9 11.00 87.04 67.53
CA TYR P 9 11.65 87.20 68.84
C TYR P 9 11.55 88.64 69.35
N LYS P 10 11.86 89.59 68.47
CA LYS P 10 11.75 91.02 68.75
C LYS P 10 10.35 91.43 69.16
N TRP P 11 9.37 90.97 68.38
CA TRP P 11 7.94 91.19 68.66
C TRP P 11 7.55 90.68 70.05
N THR P 12 7.97 89.46 70.35
CA THR P 12 7.72 88.81 71.64
C THR P 12 8.29 89.63 72.79
N LYS P 13 9.53 90.06 72.63
CA LYS P 13 10.21 90.94 73.60
C LYS P 13 9.46 92.25 73.83
N ALA P 14 9.01 92.86 72.74
CA ALA P 14 8.23 94.10 72.78
C ALA P 14 6.94 93.91 73.57
N GLY P 15 6.23 92.82 73.29
CA GLY P 15 4.99 92.47 73.99
C GLY P 15 5.19 92.27 75.48
N ILE P 16 6.29 91.61 75.84
CA ILE P 16 6.70 91.41 77.24
C ILE P 16 6.96 92.75 77.93
N GLU P 17 7.70 93.61 77.25
CA GLU P 17 8.03 94.96 77.75
C GLU P 17 6.76 95.76 78.03
N GLN P 18 5.83 95.72 77.07
CA GLN P 18 4.52 96.37 77.19
C GLN P 18 3.71 95.94 78.42
N GLY P 19 3.73 94.64 78.71
CA GLY P 19 2.73 94.02 79.58
C GLY P 19 1.44 93.79 78.80
N LYS P 20 1.58 93.71 77.47
CA LYS P 20 0.50 93.37 76.55
C LYS P 20 0.79 91.91 76.18
N GLU P 21 0.01 91.36 75.26
CA GLU P 21 0.23 89.99 74.81
C GLU P 21 1.58 89.88 74.12
N HIS P 22 2.31 88.80 74.40
CA HIS P 22 3.61 88.52 73.77
C HIS P 22 3.43 87.75 72.44
N PHE P 23 2.30 87.98 71.78
CA PHE P 23 1.85 87.17 70.66
C PHE P 23 0.70 87.93 69.98
N LYS P 24 0.51 87.69 68.68
CA LYS P 24 -0.58 88.34 67.95
C LYS P 24 -1.93 87.78 68.40
N VAL P 25 -2.77 88.64 68.96
CA VAL P 25 -4.12 88.25 69.36
C VAL P 25 -5.02 88.09 68.14
N GLY P 26 -5.81 87.02 68.14
CA GLY P 26 -6.78 86.77 67.08
C GLY P 26 -8.00 87.68 67.10
N GLY P 27 -8.84 87.53 66.08
CA GLY P 27 -10.07 88.30 65.94
C GLY P 27 -11.36 87.59 66.34
N ASN P 28 -11.32 86.25 66.44
CA ASN P 28 -12.49 85.44 66.78
C ASN P 28 -12.76 85.50 68.30
N LYS P 29 -13.45 86.55 68.73
CA LYS P 29 -13.63 86.83 70.16
C LYS P 29 -14.65 85.91 70.85
N VAL P 30 -14.14 85.03 71.72
CA VAL P 30 -14.95 84.17 72.56
C VAL P 30 -15.12 84.85 73.92
N TYR P 31 -16.32 85.37 74.18
CA TYR P 31 -16.61 86.04 75.45
C TYR P 31 -16.83 85.07 76.60
N PHE P 32 -17.57 84.00 76.35
CA PHE P 32 -17.98 83.07 77.40
C PHE P 32 -17.44 81.66 77.11
N PRO P 33 -16.13 81.45 77.33
CA PRO P 33 -15.54 80.14 77.10
C PRO P 33 -15.94 79.13 78.17
N LYS P 34 -16.23 77.92 77.73
CA LYS P 34 -16.68 76.83 78.59
C LYS P 34 -15.55 75.82 78.86
N ALA P 35 -14.38 76.03 78.25
CA ALA P 35 -13.25 75.12 78.38
C ALA P 35 -12.59 75.21 79.76
N ARG P 36 -12.35 74.05 80.36
CA ARG P 36 -11.59 73.94 81.59
C ARG P 36 -10.26 73.25 81.29
N ILE P 37 -9.26 73.51 82.13
CA ILE P 37 -7.95 72.88 82.03
C ILE P 37 -7.53 72.31 83.39
N ILE P 38 -6.88 71.14 83.36
CA ILE P 38 -6.45 70.43 84.55
C ILE P 38 -4.93 70.57 84.67
N LEU P 39 -4.49 71.36 85.65
CA LEU P 39 -3.06 71.51 85.94
C LEU P 39 -2.52 70.21 86.53
N LEU P 40 -1.57 69.59 85.84
CA LEU P 40 -1.01 68.29 86.25
C LEU P 40 0.23 68.46 87.11
N ARG P 41 0.56 67.41 87.86
CA ARG P 41 1.83 67.35 88.58
C ARG P 41 2.99 67.17 87.59
N PRO P 42 4.19 67.67 87.94
CA PRO P 42 5.32 67.57 87.02
C PRO P 42 6.00 66.21 87.02
N ASN P 43 6.30 65.71 85.82
CA ASN P 43 7.12 64.50 85.63
C ASN P 43 8.61 64.79 85.85
N ALA P 44 9.36 63.71 86.08
CA ALA P 44 10.83 63.75 86.15
C ALA P 44 11.50 64.43 84.95
N LYS P 45 10.95 64.25 83.75
CA LYS P 45 11.53 64.82 82.53
C LYS P 45 11.40 66.36 82.42
N HIS P 46 10.47 66.95 83.17
CA HIS P 46 10.27 68.40 83.17
C HIS P 46 11.07 69.11 84.25
N THR P 47 11.23 70.41 84.06
CA THR P 47 11.94 71.29 84.99
C THR P 47 10.92 71.96 85.94
N PRO P 48 11.42 72.75 86.92
CA PRO P 48 10.54 73.66 87.68
C PRO P 48 9.96 74.82 86.85
N TYR P 49 10.60 75.16 85.72
CA TYR P 49 10.11 76.20 84.81
C TYR P 49 9.10 75.71 83.77
N GLN P 50 8.58 74.48 83.94
CA GLN P 50 7.51 73.95 83.10
C GLN P 50 6.27 73.61 83.91
N ALA P 51 5.13 73.59 83.22
CA ALA P 51 3.86 73.17 83.78
C ALA P 51 3.06 72.48 82.68
N LYS P 52 2.42 71.35 83.01
CA LYS P 52 1.64 70.61 82.02
C LYS P 52 0.17 70.54 82.41
N PHE P 53 -0.69 70.66 81.41
CA PHE P 53 -2.13 70.68 81.59
C PHE P 53 -2.79 69.60 80.75
N ILE P 54 -3.85 68.98 81.28
CA ILE P 54 -4.86 68.34 80.43
C ILE P 54 -5.75 69.47 79.95
N VAL P 55 -6.00 69.50 78.64
CA VAL P 55 -6.76 70.57 77.99
C VAL P 55 -7.88 69.92 77.16
N PRO P 56 -8.78 70.73 76.56
CA PRO P 56 -9.74 70.15 75.61
C PRO P 56 -9.08 69.47 74.40
N LYS P 57 -9.71 68.42 73.89
CA LYS P 57 -9.22 67.72 72.70
C LYS P 57 -9.25 68.61 71.45
N SER P 58 -10.19 69.55 71.41
CA SER P 58 -10.26 70.56 70.34
C SER P 58 -9.58 71.89 70.72
N PHE P 59 -8.64 71.85 71.65
CA PHE P 59 -7.93 73.05 72.08
C PHE P 59 -6.67 73.18 71.25
N ASN P 60 -6.47 74.38 70.73
CA ASN P 60 -5.31 74.73 69.95
C ASN P 60 -4.17 75.14 70.90
N LYS P 61 -2.96 75.14 70.37
CA LYS P 61 -1.76 75.56 71.12
C LYS P 61 -1.81 77.07 71.39
N LEU P 62 -2.19 77.81 70.34
CA LEU P 62 -2.37 79.25 70.39
C LEU P 62 -3.51 79.64 71.33
N ASP P 63 -4.63 78.92 71.20
CA ASP P 63 -5.80 79.06 72.07
C ASP P 63 -5.45 78.88 73.54
N LEU P 64 -4.71 77.81 73.83
CA LEU P 64 -4.25 77.55 75.20
C LEU P 64 -3.45 78.71 75.75
N ARG P 65 -2.51 79.20 74.94
CA ARG P 65 -1.67 80.33 75.32
C ARG P 65 -2.50 81.57 75.64
N ASP P 66 -3.50 81.82 74.79
CA ASP P 66 -4.45 82.93 74.97
C ASP P 66 -5.24 82.80 76.27
N TYR P 67 -5.73 81.59 76.51
CA TYR P 67 -6.45 81.23 77.74
C TYR P 67 -5.59 81.50 78.97
N LEU P 68 -4.35 81.00 78.94
CA LEU P 68 -3.41 81.22 80.04
C LEU P 68 -3.13 82.69 80.29
N TYR P 69 -3.02 83.48 79.22
CA TYR P 69 -2.77 84.91 79.32
C TYR P 69 -3.94 85.67 79.96
N HIS P 70 -5.13 85.49 79.38
CA HIS P 70 -6.28 86.33 79.71
C HIS P 70 -7.04 85.89 80.95
N ILE P 71 -7.24 84.57 81.09
CA ILE P 71 -7.95 84.01 82.25
C ILE P 71 -7.08 84.19 83.51
N TYR P 72 -5.83 83.73 83.42
CA TYR P 72 -4.96 83.59 84.60
C TYR P 72 -3.85 84.63 84.77
N GLY P 73 -3.43 85.28 83.70
CA GLY P 73 -2.31 86.25 83.74
C GLY P 73 -0.92 85.64 83.58
N LEU P 74 -0.86 84.34 83.28
CA LEU P 74 0.40 83.62 83.07
C LEU P 74 0.73 83.66 81.57
N ARG P 75 2.01 83.90 81.24
CA ARG P 75 2.46 83.90 79.84
C ARG P 75 3.35 82.70 79.52
N ALA P 76 2.78 81.73 78.79
CA ALA P 76 3.51 80.56 78.31
C ALA P 76 4.32 80.94 77.08
N MET P 77 5.64 80.84 77.18
CA MET P 77 6.54 81.24 76.09
C MET P 77 6.57 80.18 74.99
N ASN P 78 6.89 78.94 75.38
CA ASN P 78 6.84 77.79 74.48
C ASN P 78 5.75 76.83 74.93
N ILE P 79 5.05 76.23 73.96
CA ILE P 79 4.02 75.23 74.24
C ILE P 79 4.23 74.03 73.31
N THR P 80 4.16 72.83 73.89
CA THR P 80 4.10 71.58 73.14
C THR P 80 2.75 70.92 73.38
N THR P 81 2.43 69.93 72.54
CA THR P 81 1.13 69.26 72.58
C THR P 81 1.32 67.75 72.48
N GLN P 82 0.71 67.02 73.41
CA GLN P 82 0.82 65.57 73.48
C GLN P 82 -0.57 64.94 73.55
N LEU P 83 -1.11 64.59 72.37
CA LEU P 83 -2.38 63.90 72.27
C LEU P 83 -2.13 62.42 72.55
N LEU P 84 -2.71 61.92 73.64
CA LEU P 84 -2.49 60.53 74.06
C LEU P 84 -3.35 59.55 73.28
N HIS P 85 -2.93 58.29 73.32
CA HIS P 85 -3.67 57.19 72.71
C HIS P 85 -4.83 56.79 73.62
N GLY P 86 -5.85 56.18 73.02
CA GLY P 86 -7.01 55.67 73.74
C GLY P 86 -7.01 54.16 73.71
N LYS P 87 -6.54 53.53 74.80
CA LYS P 87 -6.49 52.07 74.89
C LYS P 87 -7.89 51.48 75.03
N PHE P 88 -8.08 50.28 74.50
CA PHE P 88 -9.37 49.57 74.60
C PHE P 88 -9.65 49.18 76.05
N ASN P 89 -10.88 49.42 76.48
CA ASN P 89 -11.37 48.96 77.78
C ASN P 89 -12.77 48.38 77.66
N ARG P 90 -13.13 47.52 78.60
CA ARG P 90 -14.46 46.92 78.66
C ARG P 90 -14.78 46.56 80.11
N MET P 91 -16.06 46.69 80.45
CA MET P 91 -16.51 46.51 81.84
C MET P 91 -16.30 45.05 82.24
N ASN P 92 -16.74 44.16 81.35
CA ASN P 92 -16.48 42.73 81.44
C ASN P 92 -16.43 42.16 80.02
N LEU P 93 -16.00 40.90 79.88
CA LEU P 93 -15.88 40.27 78.56
C LEU P 93 -17.21 40.04 77.84
N GLN P 94 -18.32 40.03 78.60
CA GLN P 94 -19.67 40.01 78.00
C GLN P 94 -20.05 41.32 77.29
N THR P 95 -19.50 42.45 77.75
CA THR P 95 -19.78 43.75 77.13
C THR P 95 -18.94 44.01 75.88
N THR P 96 -19.38 44.99 75.10
CA THR P 96 -18.67 45.47 73.92
C THR P 96 -17.43 46.24 74.35
N ARG P 97 -16.34 46.06 73.60
CA ARG P 97 -15.12 46.83 73.84
C ARG P 97 -15.19 48.18 73.14
N PHE P 98 -14.55 49.18 73.75
CA PHE P 98 -14.42 50.51 73.17
C PHE P 98 -13.18 51.17 73.73
N ARG P 99 -12.67 52.18 73.03
CA ARG P 99 -11.46 52.89 73.46
C ARG P 99 -11.77 53.87 74.57
N GLU P 100 -10.81 54.03 75.48
CA GLU P 100 -10.83 55.12 76.45
C GLU P 100 -10.51 56.42 75.70
N PRO P 101 -10.80 57.59 76.31
CA PRO P 101 -10.73 58.82 75.52
C PRO P 101 -9.30 59.26 75.20
N GLN P 102 -9.09 59.68 73.95
CA GLN P 102 -7.85 60.37 73.59
C GLN P 102 -7.82 61.68 74.34
N ILE P 103 -6.74 61.91 75.09
CA ILE P 103 -6.64 63.06 75.97
C ILE P 103 -5.42 63.90 75.63
N LYS P 104 -5.67 65.20 75.49
CA LYS P 104 -4.68 66.16 75.04
C LYS P 104 -4.00 66.75 76.25
N LYS P 105 -2.67 66.73 76.25
CA LYS P 105 -1.88 67.28 77.35
C LYS P 105 -0.82 68.21 76.79
N MET P 106 -0.87 69.48 77.21
CA MET P 106 0.04 70.50 76.69
C MET P 106 0.99 71.00 77.76
N THR P 107 2.29 70.79 77.53
CA THR P 107 3.34 71.33 78.37
C THR P 107 3.53 72.79 78.00
N ILE P 108 3.86 73.63 78.98
CA ILE P 108 4.24 75.02 78.72
C ILE P 108 5.57 75.34 79.39
N GLU P 109 6.33 76.25 78.78
CA GLU P 109 7.52 76.82 79.40
C GLU P 109 7.21 78.25 79.80
N MET P 110 7.65 78.64 80.99
CA MET P 110 7.32 79.92 81.60
C MET P 110 8.55 80.52 82.25
N GLU P 111 8.58 81.85 82.32
CA GLU P 111 9.79 82.59 82.73
C GLU P 111 10.09 82.56 84.24
N GLU P 112 9.09 82.27 85.07
CA GLU P 112 9.30 82.05 86.50
C GLU P 112 9.03 80.58 86.85
N PRO P 113 9.79 80.02 87.82
CA PRO P 113 9.60 78.63 88.18
C PRO P 113 8.39 78.39 89.08
N PHE P 114 8.07 77.12 89.30
CA PHE P 114 6.98 76.71 90.17
C PHE P 114 7.17 75.27 90.60
N ILE P 115 6.95 75.01 91.88
CA ILE P 115 6.93 73.66 92.43
C ILE P 115 5.64 73.48 93.22
N TRP P 116 4.99 72.33 93.03
CA TRP P 116 3.72 72.03 93.68
C TRP P 116 3.84 72.01 95.22
N PRO P 117 2.71 72.21 95.92
CA PRO P 117 2.71 71.98 97.37
C PRO P 117 2.80 70.48 97.66
N GLU P 118 3.39 70.14 98.80
CA GLU P 118 3.63 68.73 99.14
C GLU P 118 2.32 68.04 99.49
N GLU P 119 2.12 66.83 98.93
CA GLU P 119 0.88 66.08 99.12
C GLU P 119 0.68 65.71 100.60
N PRO P 120 -0.58 65.70 101.07
CA PRO P 120 -0.83 65.58 102.50
C PRO P 120 -0.64 64.16 103.04
N ARG P 121 -0.54 64.06 104.36
CA ARG P 121 -0.40 62.76 105.03
C ARG P 121 -1.76 62.04 105.06
N PRO P 122 -1.76 60.70 105.26
CA PRO P 122 -3.01 59.93 105.39
C PRO P 122 -3.95 60.42 106.50
N ASP P 123 -3.36 60.76 107.65
CA ASP P 123 -4.13 61.26 108.80
C ASP P 123 -4.70 62.66 108.58
N GLU P 124 -3.97 63.52 107.86
CA GLU P 124 -4.36 64.92 107.66
C GLU P 124 -5.63 65.07 106.81
N ASN P 125 -5.54 64.72 105.53
CA ASN P 125 -6.65 64.89 104.59
C ASN P 125 -7.54 63.67 104.55
N SER P 126 -8.85 63.90 104.41
CA SER P 126 -9.85 62.83 104.34
C SER P 126 -9.84 62.15 102.98
N PHE P 127 -9.84 62.95 101.92
CA PHE P 127 -10.01 62.46 100.55
C PHE P 127 -8.74 61.80 100.03
N TRP P 128 -7.61 62.52 100.11
CA TRP P 128 -6.32 61.99 99.68
C TRP P 128 -5.81 60.96 100.69
N ASP P 129 -6.35 59.75 100.57
CA ASP P 129 -6.03 58.65 101.46
C ASP P 129 -6.49 57.36 100.77
N SER P 130 -5.58 56.78 99.98
CA SER P 130 -5.90 55.68 99.06
C SER P 130 -6.16 54.32 99.73
N THR P 131 -5.87 54.19 101.03
CA THR P 131 -6.10 52.93 101.77
C THR P 131 -7.54 52.39 101.69
N THR P 132 -8.52 53.24 101.95
CA THR P 132 -9.94 52.84 102.02
C THR P 132 -10.50 52.32 100.69
N PRO P 133 -10.44 53.15 99.61
CA PRO P 133 -11.00 52.70 98.33
C PRO P 133 -10.32 51.46 97.76
N ASP P 134 -9.00 51.39 97.93
CA ASP P 134 -8.21 50.23 97.52
C ASP P 134 -8.61 48.97 98.28
N ASN P 135 -8.78 49.11 99.59
CA ASN P 135 -9.28 48.02 100.45
C ASN P 135 -10.66 47.53 100.01
N MET P 136 -11.54 48.48 99.73
CA MET P 136 -12.90 48.19 99.26
C MET P 136 -12.86 47.40 97.96
N GLU P 137 -12.04 47.88 97.02
CA GLU P 137 -11.82 47.21 95.72
C GLU P 137 -11.33 45.78 95.91
N LYS P 138 -10.34 45.61 96.79
CA LYS P 138 -9.80 44.31 97.12
C LYS P 138 -10.87 43.36 97.65
N TYR P 139 -11.70 43.89 98.56
CA TYR P 139 -12.81 43.14 99.14
C TYR P 139 -13.82 42.69 98.09
N ARG P 140 -14.15 43.60 97.18
CA ARG P 140 -15.03 43.29 96.04
C ARG P 140 -14.47 42.17 95.18
N GLU P 141 -13.19 42.29 94.84
CA GLU P 141 -12.47 41.28 94.06
C GLU P 141 -12.54 39.91 94.73
N GLU P 142 -12.25 39.89 96.04
CA GLU P 142 -12.32 38.67 96.84
C GLU P 142 -13.70 38.02 96.78
N ARG P 143 -14.74 38.83 96.95
CA ARG P 143 -16.10 38.31 97.14
C ARG P 143 -16.71 37.81 95.83
N LEU P 144 -16.53 38.58 94.75
CA LEU P 144 -17.02 38.17 93.43
C LEU P 144 -16.23 36.97 92.88
N ASN P 145 -14.90 37.02 93.02
CA ASN P 145 -14.03 35.96 92.52
C ASN P 145 -13.85 34.77 93.49
N CYS P 146 -14.41 34.86 94.69
CA CYS P 146 -14.50 33.69 95.59
C CYS P 146 -15.49 32.69 95.00
N LEU P 147 -15.08 31.42 94.95
CA LEU P 147 -15.82 30.38 94.23
C LEU P 147 -16.45 29.34 95.17
N GLY P 148 -15.61 28.50 95.77
CA GLY P 148 -16.08 27.35 96.56
C GLY P 148 -15.69 27.43 98.02
N SER P 149 -14.58 26.77 98.36
CA SER P 149 -14.10 26.69 99.74
C SER P 149 -13.25 27.91 100.15
N ASP P 150 -12.97 28.80 99.20
CA ASP P 150 -12.39 30.12 99.50
C ASP P 150 -13.39 31.11 100.13
N ALA P 151 -14.68 30.73 100.21
CA ALA P 151 -15.65 31.44 101.06
C ALA P 151 -15.29 31.34 102.54
N ASN P 152 -14.82 30.16 102.95
CA ASN P 152 -14.34 29.93 104.32
C ASN P 152 -12.99 30.61 104.59
N LYS P 153 -12.17 30.74 103.55
CA LYS P 153 -10.84 31.38 103.63
C LYS P 153 -10.96 32.81 104.16
N PRO P 154 -10.17 33.15 105.20
CA PRO P 154 -10.32 34.44 105.87
C PRO P 154 -9.91 35.63 104.99
N GLY P 155 -10.56 36.76 105.21
CA GLY P 155 -10.41 37.93 104.36
C GLY P 155 -9.09 38.65 104.58
N THR P 156 -8.62 39.28 103.50
CA THR P 156 -7.39 40.06 103.51
C THR P 156 -7.67 41.55 103.70
N ALA P 157 -8.71 42.05 103.00
CA ALA P 157 -9.07 43.48 103.02
C ALA P 157 -9.54 43.97 104.39
N PHE P 158 -9.25 45.24 104.68
CA PHE P 158 -9.56 45.89 105.96
C PHE P 158 -8.98 45.17 107.19
N ASP P 159 -7.82 44.53 107.02
CA ASP P 159 -7.18 43.71 108.06
C ASP P 159 -8.07 42.52 108.50
N GLY P 160 -8.92 42.03 107.60
CA GLY P 160 -9.85 40.93 107.89
C GLY P 160 -10.94 41.17 108.93
N VAL P 161 -11.12 42.41 109.37
CA VAL P 161 -12.02 42.72 110.50
C VAL P 161 -13.49 42.73 110.03
N VAL P 162 -13.70 43.18 108.80
CA VAL P 162 -14.92 42.91 108.06
C VAL P 162 -14.56 41.84 107.03
N GLY P 163 -15.57 41.10 106.59
CA GLY P 163 -15.38 40.08 105.55
C GLY P 163 -15.06 38.72 106.12
N PRO P 164 -14.82 37.72 105.25
CA PRO P 164 -14.64 36.31 105.61
C PRO P 164 -13.81 36.08 106.87
N TYR P 165 -14.38 35.34 107.82
CA TYR P 165 -13.70 34.95 109.05
C TYR P 165 -13.40 33.46 108.98
N GLU P 166 -12.39 33.03 109.74
CA GLU P 166 -12.03 31.62 109.80
C GLU P 166 -13.17 30.81 110.41
N ARG P 167 -13.40 29.61 109.86
CA ARG P 167 -14.37 28.69 110.44
C ARG P 167 -13.92 28.31 111.84
N VAL P 168 -14.82 28.44 112.81
CA VAL P 168 -14.54 28.08 114.20
C VAL P 168 -14.22 26.59 114.38
N ALA P 169 -13.78 26.24 115.58
CA ALA P 169 -13.58 24.83 115.94
C ALA P 169 -14.93 24.12 116.04
N GLN P 170 -15.18 23.20 115.11
CA GLN P 170 -16.43 22.44 115.07
C GLN P 170 -16.13 20.95 115.26
N PRO P 171 -17.05 20.21 115.91
CA PRO P 171 -17.07 18.76 115.77
C PRO P 171 -17.85 18.39 114.53
N PHE P 172 -17.55 17.23 113.93
CA PHE P 172 -18.30 16.76 112.78
C PHE P 172 -19.70 16.31 113.21
N ILE P 173 -20.72 17.01 112.70
CA ILE P 173 -22.11 16.62 112.88
C ILE P 173 -22.77 16.62 111.50
N PRO P 174 -23.17 15.43 110.99
CA PRO P 174 -23.76 15.36 109.64
C PRO P 174 -25.16 15.98 109.59
N ARG P 175 -25.50 16.56 108.44
CA ARG P 175 -26.67 17.47 108.31
C ARG P 175 -28.02 16.89 108.73
N PHE P 176 -28.46 15.85 108.03
CA PHE P 176 -29.84 15.35 108.15
C PHE P 176 -30.08 14.70 109.50
N LEU P 177 -29.07 13.98 109.99
CA LEU P 177 -29.08 13.46 111.36
C LEU P 177 -29.20 14.57 112.40
N LYS P 178 -28.37 15.62 112.22
CA LYS P 178 -28.38 16.78 113.11
C LYS P 178 -29.75 17.44 113.17
N ARG P 179 -30.32 17.70 111.99
CA ARG P 179 -31.68 18.23 111.86
C ARG P 179 -32.68 17.40 112.65
N GLU P 180 -32.62 16.08 112.46
CA GLU P 180 -33.50 15.11 113.11
C GLU P 180 -33.39 15.20 114.64
N ILE P 181 -32.15 15.27 115.12
CA ILE P 181 -31.85 15.46 116.54
C ILE P 181 -32.45 16.76 117.08
N ASP P 182 -32.24 17.84 116.33
CA ASP P 182 -32.70 19.18 116.72
C ASP P 182 -34.22 19.25 116.84
N ASN P 183 -34.90 18.69 115.84
CA ASN P 183 -36.36 18.57 115.85
C ASN P 183 -36.83 17.77 117.05
N LYS P 184 -36.22 16.60 117.23
CA LYS P 184 -36.58 15.66 118.31
C LYS P 184 -36.49 16.31 119.70
N ARG P 185 -35.41 17.05 119.92
CA ARG P 185 -35.19 17.77 121.17
C ARG P 185 -36.28 18.81 121.42
N GLU P 186 -36.61 19.57 120.37
CA GLU P 186 -37.68 20.57 120.41
C GLU P 186 -39.04 19.94 120.74
N ARG P 187 -39.31 18.78 120.12
CA ARG P 187 -40.55 18.04 120.34
C ARG P 187 -40.65 17.59 121.79
N HIS P 188 -39.54 17.06 122.30
CA HIS P 188 -39.43 16.64 123.70
C HIS P 188 -39.71 17.79 124.66
N ALA P 189 -39.07 18.94 124.39
CA ALA P 189 -39.26 20.16 125.18
C ALA P 189 -40.72 20.61 125.21
N ALA P 190 -41.35 20.57 124.03
CA ALA P 190 -42.78 20.88 123.90
C ALA P 190 -43.64 19.93 124.74
N GLU P 191 -43.33 18.64 124.66
CA GLU P 191 -44.02 17.60 125.45
C GLU P 191 -43.91 17.80 126.95
N LEU P 192 -42.73 18.21 127.42
CA LEU P 192 -42.52 18.51 128.84
C LEU P 192 -43.45 19.62 129.32
N GLN P 193 -43.52 20.69 128.53
CA GLN P 193 -44.40 21.83 128.80
C GLN P 193 -45.87 21.43 128.82
N ARG P 194 -46.27 20.64 127.83
CA ARG P 194 -47.62 20.08 127.75
C ARG P 194 -47.97 19.28 128.98
N ALA P 195 -47.06 18.38 129.36
CA ALA P 195 -47.20 17.55 130.56
C ALA P 195 -47.41 18.40 131.81
N ASP P 196 -46.54 19.39 131.98
CA ASP P 196 -46.63 20.37 133.09
C ASP P 196 -47.99 21.06 133.15
N LYS P 197 -48.45 21.51 131.99
CA LYS P 197 -49.78 22.12 131.84
C LYS P 197 -50.90 21.18 132.29
N LEU P 198 -50.83 19.94 131.82
CA LEU P 198 -51.79 18.89 132.20
C LEU P 198 -51.81 18.63 133.71
N ILE P 199 -50.63 18.59 134.30
CA ILE P 199 -50.46 18.42 135.75
C ILE P 199 -51.12 19.57 136.52
N ALA P 200 -50.85 20.79 136.07
CA ALA P 200 -51.43 22.01 136.64
C ALA P 200 -52.96 22.00 136.59
N LEU P 201 -53.48 21.61 135.44
CA LEU P 201 -54.93 21.45 135.23
C LEU P 201 -55.53 20.45 136.21
N ASN P 202 -54.90 19.28 136.31
CA ASN P 202 -55.35 18.21 137.23
C ASN P 202 -55.33 18.63 138.70
N ARG P 203 -54.30 19.37 139.08
CA ARG P 203 -54.10 19.79 140.48
C ARG P 203 -55.27 20.59 141.05
N TYR P 204 -55.72 21.56 140.26
CA TYR P 204 -56.87 22.40 140.61
C TYR P 204 -58.12 21.56 140.83
N ILE P 205 -58.37 20.64 139.89
CA ILE P 205 -59.53 19.73 139.95
C ILE P 205 -59.48 18.83 141.18
N GLU P 206 -58.29 18.31 141.47
CA GLU P 206 -58.08 17.50 142.69
C GLU P 206 -58.45 18.26 143.95
N ASP P 207 -57.98 19.51 144.05
CA ASP P 207 -58.29 20.38 145.19
C ASP P 207 -59.66 21.02 145.03
N SER Q 1 -7.52 54.25 90.52
CA SER Q 1 -8.20 53.77 89.27
C SER Q 1 -7.29 53.81 88.05
N GLY Q 2 -6.73 54.98 87.77
CA GLY Q 2 -5.92 55.20 86.57
C GLY Q 2 -6.82 55.15 85.34
N SER Q 3 -7.89 55.92 85.39
CA SER Q 3 -9.03 55.75 84.48
C SER Q 3 -9.01 56.66 83.25
N TYR Q 4 -9.12 57.97 83.47
CA TYR Q 4 -9.38 58.99 82.43
C TYR Q 4 -10.81 58.98 81.85
N GLN Q 5 -11.65 58.02 82.24
CA GLN Q 5 -13.05 57.92 81.78
C GLN Q 5 -13.86 59.15 82.17
N HIS Q 6 -13.57 59.68 83.35
CA HIS Q 6 -14.25 60.85 83.92
C HIS Q 6 -14.09 62.18 83.16
N LEU Q 7 -13.12 62.27 82.23
CA LEU Q 7 -12.91 63.48 81.42
C LEU Q 7 -13.53 63.38 80.01
N SER Q 8 -14.62 62.61 79.87
CA SER Q 8 -15.20 62.31 78.55
C SER Q 8 -16.53 61.55 78.71
N ASN Q 9 -17.13 61.13 77.60
CA ASN Q 9 -18.37 60.36 77.62
C ASN Q 9 -18.31 59.18 76.64
N VAL Q 10 -17.23 58.41 76.74
CA VAL Q 10 -16.87 57.42 75.71
C VAL Q 10 -17.57 56.08 75.96
N GLY Q 11 -17.96 55.42 74.87
CA GLY Q 11 -18.72 54.17 74.95
C GLY Q 11 -20.11 54.43 75.49
N SER Q 12 -20.76 55.45 74.93
CA SER Q 12 -21.98 56.05 75.51
C SER Q 12 -23.16 55.10 75.52
N ARG Q 13 -23.37 54.43 74.40
CA ARG Q 13 -24.45 53.45 74.23
C ARG Q 13 -24.35 52.33 75.26
N VAL Q 14 -23.14 51.80 75.42
CA VAL Q 14 -22.84 50.73 76.37
C VAL Q 14 -23.17 51.17 77.80
N MET Q 15 -22.75 52.39 78.14
CA MET Q 15 -23.03 52.99 79.46
C MET Q 15 -24.52 53.12 79.72
N LYS Q 16 -25.25 53.61 78.70
CA LYS Q 16 -26.71 53.72 78.76
C LYS Q 16 -27.38 52.38 79.05
N ARG Q 17 -26.96 51.36 78.30
CA ARG Q 17 -27.45 49.99 78.47
C ARG Q 17 -27.25 49.47 79.88
N LEU Q 18 -26.03 49.67 80.38
CA LEU Q 18 -25.67 49.28 81.75
C LEU Q 18 -26.45 50.05 82.80
N GLY Q 19 -26.52 51.37 82.60
CA GLY Q 19 -27.22 52.27 83.52
C GLY Q 19 -28.71 51.99 83.60
N ASN Q 20 -29.35 51.89 82.43
CA ASN Q 20 -30.78 51.61 82.34
C ASN Q 20 -31.00 50.11 82.13
N ARG Q 21 -30.75 49.35 83.18
CA ARG Q 21 -30.95 47.91 83.22
C ARG Q 21 -32.45 47.66 83.29
N PRO Q 22 -32.98 46.59 82.64
CA PRO Q 22 -34.40 46.32 82.80
C PRO Q 22 -34.77 45.99 84.24
N LYS Q 23 -35.97 46.40 84.63
CA LYS Q 23 -36.40 46.34 86.03
C LYS Q 23 -36.69 44.92 86.50
N ASN Q 24 -37.08 44.03 85.57
CA ASN Q 24 -37.31 42.63 85.89
C ASN Q 24 -36.02 41.80 86.12
N PHE Q 25 -34.88 42.33 85.67
CA PHE Q 25 -33.56 41.77 86.02
C PHE Q 25 -32.81 42.66 87.03
N LEU Q 26 -33.56 43.42 87.84
CA LEU Q 26 -32.99 44.25 88.90
C LEU Q 26 -32.45 43.43 90.08
N PRO Q 27 -33.16 42.34 90.47
CA PRO Q 27 -32.62 41.43 91.50
C PRO Q 27 -31.28 40.81 91.13
N HIS Q 28 -31.18 40.38 89.87
CA HIS Q 28 -29.93 39.87 89.29
C HIS Q 28 -28.78 40.86 89.42
N SER Q 29 -29.06 42.10 89.03
CA SER Q 29 -28.09 43.19 89.08
C SER Q 29 -27.58 43.45 90.50
N GLU Q 30 -28.52 43.51 91.45
CA GLU Q 30 -28.23 43.90 92.84
C GLU Q 30 -27.72 42.77 93.73
N LYS Q 31 -27.98 41.52 93.36
CA LYS Q 31 -27.48 40.34 94.09
C LYS Q 31 -25.97 40.39 94.26
N PHE Q 32 -25.28 40.63 93.15
CA PHE Q 32 -23.82 40.71 93.13
C PHE Q 32 -23.27 41.95 93.83
N ILE Q 33 -24.01 43.06 93.72
CA ILE Q 33 -23.69 44.30 94.44
C ILE Q 33 -23.71 44.07 95.95
N LYS Q 34 -24.78 43.44 96.41
CA LYS Q 34 -24.94 43.08 97.83
C LYS Q 34 -23.78 42.24 98.34
N LYS Q 35 -23.44 41.22 97.56
CA LYS Q 35 -22.30 40.34 97.86
C LYS Q 35 -21.02 41.15 98.01
N SER Q 36 -20.77 42.04 97.04
CA SER Q 36 -19.58 42.89 97.01
C SER Q 36 -19.43 43.77 98.25
N THR Q 37 -20.52 44.41 98.67
CA THR Q 37 -20.50 45.37 99.77
C THR Q 37 -20.27 44.70 101.13
N PRO Q 38 -19.46 45.32 102.01
CA PRO Q 38 -19.33 44.80 103.39
C PRO Q 38 -20.60 45.02 104.21
N GLU Q 39 -20.69 44.35 105.35
CA GLU Q 39 -21.91 44.38 106.20
C GLU Q 39 -22.22 45.79 106.72
N PHE Q 40 -21.17 46.53 107.11
CA PHE Q 40 -21.34 47.89 107.64
C PHE Q 40 -21.78 48.93 106.60
N MET Q 41 -21.55 48.63 105.31
CA MET Q 41 -21.97 49.49 104.20
C MET Q 41 -23.39 49.20 103.73
N LYS Q 42 -23.69 47.92 103.52
CA LYS Q 42 -24.94 47.53 102.85
C LYS Q 42 -26.19 47.83 103.68
N SER Q 43 -27.27 48.18 102.97
CA SER Q 43 -28.57 48.49 103.57
C SER Q 43 -29.63 47.51 103.08
N ASP Q 44 -30.62 47.25 103.94
CA ASP Q 44 -31.71 46.33 103.63
C ASP Q 44 -32.74 46.91 102.66
N LEU Q 45 -32.92 48.23 102.70
CA LEU Q 45 -33.98 48.91 101.94
C LEU Q 45 -33.63 49.01 100.45
N LYS Q 46 -34.67 49.07 99.62
CA LYS Q 46 -34.53 49.08 98.17
C LYS Q 46 -34.11 50.47 97.66
N GLU Q 47 -33.05 50.50 96.85
CA GLU Q 47 -32.57 51.75 96.24
C GLU Q 47 -33.50 52.15 95.10
N VAL Q 48 -34.44 53.04 95.40
CA VAL Q 48 -35.44 53.49 94.41
C VAL Q 48 -34.83 54.41 93.35
N ASP Q 49 -35.46 54.42 92.17
CA ASP Q 49 -35.00 55.21 91.03
C ASP Q 49 -35.33 56.70 91.23
N GLU Q 50 -34.57 57.57 90.56
CA GLU Q 50 -34.74 59.03 90.69
C GLU Q 50 -36.12 59.58 90.26
N LYS Q 51 -36.84 58.81 89.43
CA LYS Q 51 -38.24 59.13 89.09
C LYS Q 51 -39.11 59.04 90.34
N THR Q 52 -39.08 57.88 91.00
CA THR Q 52 -39.83 57.64 92.23
C THR Q 52 -38.94 58.01 93.42
N SER Q 53 -38.71 59.32 93.57
CA SER Q 53 -37.89 59.87 94.65
C SER Q 53 -38.58 61.11 95.21
N PHE Q 54 -38.67 61.20 96.53
CA PHE Q 54 -39.36 62.29 97.20
C PHE Q 54 -38.49 63.55 97.18
N LYS Q 55 -38.68 64.38 96.14
CA LYS Q 55 -37.93 65.62 96.00
C LYS Q 55 -38.55 66.78 96.79
N SER Q 56 -39.89 66.88 96.74
CA SER Q 56 -40.61 67.92 97.48
C SER Q 56 -40.73 67.58 98.97
N GLU Q 57 -40.95 68.61 99.78
CA GLU Q 57 -41.19 68.46 101.23
C GLU Q 57 -42.63 68.03 101.55
N LYS Q 58 -43.50 68.00 100.53
CA LYS Q 58 -44.81 67.35 100.63
C LYS Q 58 -44.68 65.84 100.46
N GLU Q 59 -43.82 65.41 99.52
CA GLU Q 59 -43.59 63.99 99.23
C GLU Q 59 -42.96 63.27 100.42
N TRP Q 60 -41.92 63.86 101.01
CA TRP Q 60 -41.49 63.48 102.35
C TRP Q 60 -42.58 63.95 103.30
N LYS Q 61 -43.08 63.06 104.16
CA LYS Q 61 -44.03 63.47 105.20
C LYS Q 61 -43.34 64.10 106.40
N PHE Q 62 -42.03 63.87 106.54
CA PHE Q 62 -41.24 64.38 107.68
C PHE Q 62 -39.93 65.01 107.21
N ILE Q 63 -39.46 66.01 107.95
CA ILE Q 63 -38.19 66.73 107.66
C ILE Q 63 -37.15 66.40 108.75
N PRO Q 64 -35.86 66.35 108.38
CA PRO Q 64 -34.78 66.28 109.36
C PRO Q 64 -34.90 67.34 110.45
N GLY Q 65 -35.07 66.89 111.70
CA GLY Q 65 -35.28 67.78 112.84
C GLY Q 65 -36.53 67.50 113.64
N ASP Q 66 -37.59 67.02 112.98
CA ASP Q 66 -38.85 66.71 113.67
C ASP Q 66 -38.77 65.40 114.48
N ARG Q 67 -39.66 65.30 115.46
CA ARG Q 67 -39.69 64.19 116.40
C ARG Q 67 -40.73 63.18 115.92
N VAL Q 68 -40.34 61.89 115.92
CA VAL Q 68 -41.15 60.83 115.32
C VAL Q 68 -41.14 59.57 116.20
N VAL Q 69 -42.28 58.90 116.32
CA VAL Q 69 -42.37 57.60 117.02
C VAL Q 69 -42.15 56.46 116.01
N VAL Q 70 -41.33 55.49 116.39
CA VAL Q 70 -41.03 54.34 115.54
C VAL Q 70 -42.02 53.22 115.84
N MET Q 71 -42.34 52.44 114.81
CA MET Q 71 -43.20 51.26 114.94
C MET Q 71 -42.93 50.28 113.79
N SER Q 72 -43.55 49.10 113.86
CA SER Q 72 -43.32 48.01 112.90
C SER Q 72 -41.84 47.61 112.81
N GLY Q 73 -41.24 47.39 113.99
CA GLY Q 73 -39.82 47.06 114.08
C GLY Q 73 -39.40 46.56 115.45
N ALA Q 74 -38.10 46.38 115.64
CA ALA Q 74 -37.53 45.90 116.89
C ALA Q 74 -37.60 46.97 117.98
N SER Q 75 -37.15 48.17 117.65
CA SER Q 75 -37.25 49.33 118.53
C SER Q 75 -38.54 50.10 118.26
N LYS Q 76 -39.67 49.45 118.54
CA LYS Q 76 -41.01 50.02 118.29
C LYS Q 76 -41.54 50.68 119.55
N GLY Q 77 -42.38 51.70 119.35
CA GLY Q 77 -42.85 52.55 120.44
C GLY Q 77 -41.75 53.43 121.02
N ASN Q 78 -40.78 53.79 120.18
CA ASN Q 78 -39.63 54.61 120.58
C ASN Q 78 -39.67 55.97 119.88
N ILE Q 79 -39.60 57.04 120.67
CA ILE Q 79 -39.50 58.40 120.12
C ILE Q 79 -38.07 58.61 119.62
N ALA Q 80 -37.96 59.34 118.51
CA ALA Q 80 -36.67 59.60 117.88
C ALA Q 80 -36.75 60.87 117.03
N VAL Q 81 -35.75 61.74 117.17
CA VAL Q 81 -35.62 62.93 116.32
C VAL Q 81 -34.87 62.48 115.07
N ILE Q 82 -35.47 62.70 113.89
CA ILE Q 82 -34.91 62.18 112.64
C ILE Q 82 -33.77 63.11 112.20
N LYS Q 83 -32.63 62.51 111.86
CA LYS Q 83 -31.35 63.23 111.74
C LYS Q 83 -31.12 63.73 110.32
N SER Q 84 -31.28 62.82 109.35
CA SER Q 84 -31.10 63.15 107.93
C SER Q 84 -31.71 62.05 107.07
N PHE Q 85 -32.36 62.42 105.96
CA PHE Q 85 -32.89 61.42 105.01
C PHE Q 85 -31.84 60.98 103.99
N ASP Q 86 -32.02 59.76 103.48
CA ASP Q 86 -31.23 59.25 102.36
C ASP Q 86 -32.06 59.42 101.09
N LYS Q 87 -31.44 59.99 100.06
CA LYS Q 87 -32.15 60.42 98.85
C LYS Q 87 -32.42 59.26 97.91
N ARG Q 88 -31.41 58.42 97.70
CA ARG Q 88 -31.52 57.25 96.82
C ARG Q 88 -32.50 56.17 97.30
N THR Q 89 -32.56 55.98 98.61
CA THR Q 89 -33.37 54.91 99.23
C THR Q 89 -34.81 55.33 99.56
N ASN Q 90 -35.03 56.64 99.76
CA ASN Q 90 -36.31 57.19 100.24
C ASN Q 90 -36.58 56.70 101.66
N SER Q 91 -35.74 57.17 102.58
CA SER Q 91 -35.75 56.71 103.97
C SER Q 91 -35.05 57.72 104.88
N PHE Q 92 -35.23 57.53 106.19
CA PHE Q 92 -34.69 58.44 107.20
C PHE Q 92 -33.65 57.74 108.08
N ILE Q 93 -32.64 58.50 108.51
CA ILE Q 93 -31.67 58.06 109.51
C ILE Q 93 -32.02 58.73 110.83
N LEU Q 94 -32.43 57.93 111.81
CA LEU Q 94 -32.86 58.44 113.11
C LEU Q 94 -31.67 58.58 114.05
N ASP Q 95 -31.93 59.21 115.20
CA ASP Q 95 -30.91 59.38 116.25
C ASP Q 95 -30.69 58.07 117.03
N GLU Q 96 -29.95 58.15 118.15
CA GLU Q 96 -29.62 56.98 118.98
C GLU Q 96 -30.81 56.09 119.37
N ASN Q 97 -31.96 56.70 119.63
CA ASN Q 97 -33.16 55.97 120.06
C ASN Q 97 -33.83 55.11 118.97
N GLY Q 98 -33.57 55.44 117.70
CA GLY Q 98 -34.14 54.69 116.57
C GLY Q 98 -33.53 53.31 116.37
N PRO Q 99 -33.88 52.63 115.25
CA PRO Q 99 -33.39 51.29 114.99
C PRO Q 99 -31.92 51.29 114.57
N THR Q 100 -31.16 50.34 115.11
CA THR Q 100 -29.71 50.25 114.88
C THR Q 100 -29.28 48.82 114.56
N LYS Q 101 -28.03 48.68 114.13
CA LYS Q 101 -27.37 47.39 113.98
C LYS Q 101 -25.92 47.48 114.42
N THR Q 102 -25.46 46.47 115.15
CA THR Q 102 -24.08 46.40 115.63
C THR Q 102 -23.27 45.62 114.59
N VAL Q 103 -22.25 46.25 114.03
CA VAL Q 103 -21.48 45.71 112.90
C VAL Q 103 -19.99 46.01 113.09
N PRO Q 104 -19.09 45.07 112.71
CA PRO Q 104 -17.66 45.37 112.76
C PRO Q 104 -17.24 46.41 111.73
N VAL Q 105 -16.30 47.27 112.12
CA VAL Q 105 -15.89 48.41 111.31
C VAL Q 105 -14.36 48.54 111.33
N PRO Q 106 -13.72 48.82 110.16
CA PRO Q 106 -12.26 48.98 110.15
C PRO Q 106 -11.77 50.27 110.78
N LYS Q 107 -10.49 50.29 111.15
CA LYS Q 107 -9.85 51.44 111.82
C LYS Q 107 -9.74 52.72 110.97
N GLN Q 108 -10.02 52.62 109.68
CA GLN Q 108 -10.20 53.80 108.82
C GLN Q 108 -11.42 54.62 109.26
N PHE Q 109 -12.49 53.92 109.64
CA PHE Q 109 -13.76 54.54 110.06
C PHE Q 109 -14.03 54.46 111.57
N TRP Q 110 -12.98 54.54 112.39
CA TRP Q 110 -13.13 54.50 113.85
C TRP Q 110 -13.40 55.89 114.41
N LEU Q 111 -14.37 55.97 115.31
CA LEU Q 111 -14.66 57.20 116.04
C LEU Q 111 -13.71 57.31 117.23
N GLU Q 112 -13.43 58.54 117.66
CA GLU Q 112 -12.53 58.79 118.78
C GLU Q 112 -13.19 58.39 120.10
N GLY Q 113 -12.60 57.37 120.75
CA GLY Q 113 -13.17 56.75 121.94
C GLY Q 113 -13.84 55.43 121.61
N GLN Q 114 -13.07 54.51 121.02
CA GLN Q 114 -13.53 53.17 120.67
C GLN Q 114 -12.53 52.12 121.12
N THR Q 115 -13.03 51.09 121.80
CA THR Q 115 -12.22 49.95 122.24
C THR Q 115 -12.24 48.82 121.21
N SER Q 116 -13.44 48.47 120.75
CA SER Q 116 -13.65 47.35 119.83
C SER Q 116 -13.91 47.81 118.39
N HIS Q 117 -13.73 46.88 117.45
CA HIS Q 117 -14.11 47.08 116.05
C HIS Q 117 -15.64 47.14 115.89
N MET Q 118 -16.34 46.48 116.80
CA MET Q 118 -17.79 46.44 116.82
C MET Q 118 -18.35 47.82 117.17
N ILE Q 119 -19.26 48.33 116.34
CA ILE Q 119 -19.91 49.63 116.55
C ILE Q 119 -21.37 49.55 116.14
N THR Q 120 -22.25 50.12 116.97
CA THR Q 120 -23.67 50.22 116.64
C THR Q 120 -23.90 51.42 115.71
N ILE Q 121 -24.60 51.19 114.61
CA ILE Q 121 -24.88 52.21 113.60
C ILE Q 121 -26.36 52.21 113.24
N PRO Q 122 -26.93 53.37 112.88
CA PRO Q 122 -28.37 53.45 112.65
C PRO Q 122 -28.76 52.94 111.26
N VAL Q 123 -29.71 52.01 111.22
CA VAL Q 123 -30.27 51.54 109.95
C VAL Q 123 -31.27 52.56 109.43
N SER Q 124 -31.43 52.58 108.10
CA SER Q 124 -32.44 53.43 107.47
C SER Q 124 -33.84 52.84 107.67
N ILE Q 125 -34.84 53.72 107.63
CA ILE Q 125 -36.24 53.34 107.85
C ILE Q 125 -37.17 54.23 107.02
N LEU Q 126 -38.24 53.63 106.51
CA LEU Q 126 -39.15 54.31 105.59
C LEU Q 126 -40.11 55.22 106.36
N GLY Q 127 -40.74 56.15 105.64
CA GLY Q 127 -41.78 57.00 106.20
C GLY Q 127 -43.06 56.26 106.58
N LYS Q 128 -43.28 55.12 105.93
CA LYS Q 128 -44.43 54.25 106.22
C LYS Q 128 -44.34 53.63 107.60
N ASP Q 129 -43.12 53.24 107.99
CA ASP Q 129 -42.88 52.53 109.26
C ASP Q 129 -42.97 53.40 110.52
N LEU Q 130 -42.84 54.72 110.39
CA LEU Q 130 -42.85 55.62 111.56
C LEU Q 130 -43.89 56.75 111.43
N ARG Q 131 -44.46 57.13 112.57
CA ARG Q 131 -45.55 58.11 112.66
C ARG Q 131 -45.11 59.31 113.50
N LEU Q 132 -45.63 60.49 113.17
CA LEU Q 132 -45.29 61.75 113.89
C LEU Q 132 -45.69 61.74 115.37
N VAL Q 133 -45.15 62.70 116.11
CA VAL Q 133 -45.56 62.98 117.49
C VAL Q 133 -45.63 64.48 117.77
N ALA Q 134 -46.43 64.84 118.77
CA ALA Q 134 -46.70 66.23 119.12
C ALA Q 134 -46.98 66.39 120.61
N THR Q 147 -47.98 63.73 125.56
CA THR Q 147 -47.48 63.47 124.20
C THR Q 147 -48.48 62.63 123.40
N VAL Q 148 -48.63 62.95 122.12
CA VAL Q 148 -49.63 62.35 121.24
C VAL Q 148 -49.03 62.06 119.87
N ALA Q 149 -49.14 60.81 119.43
CA ALA Q 149 -48.72 60.42 118.07
C ALA Q 149 -49.80 60.73 117.05
N VAL Q 150 -49.39 60.96 115.81
CA VAL Q 150 -50.30 61.30 114.70
C VAL Q 150 -50.40 60.10 113.77
N ARG Q 151 -51.64 59.74 113.41
CA ARG Q 151 -51.90 58.60 112.53
C ARG Q 151 -51.48 58.90 111.10
N ASP Q 152 -51.98 60.01 110.57
CA ASP Q 152 -51.64 60.48 109.22
C ASP Q 152 -51.75 62.00 109.13
N VAL Q 153 -50.93 62.58 108.26
CA VAL Q 153 -50.85 64.03 108.06
C VAL Q 153 -51.24 64.36 106.62
N SER Q 154 -51.95 65.47 106.45
CA SER Q 154 -52.37 65.97 105.13
C SER Q 154 -51.95 67.43 104.96
N PHE Q 155 -51.79 67.83 103.70
CA PHE Q 155 -51.35 69.17 103.34
C PHE Q 155 -52.47 69.87 102.55
N ASN Q 156 -52.87 71.05 103.02
CA ASN Q 156 -53.98 71.81 102.40
C ASN Q 156 -53.63 73.26 102.01
N GLY Q 157 -52.90 73.95 102.87
CA GLY Q 157 -52.41 75.32 102.58
C GLY Q 157 -50.90 75.37 102.39
N SER Q 158 -50.41 76.57 102.09
CA SER Q 158 -48.97 76.83 101.90
C SER Q 158 -48.60 78.25 102.30
N TYR Q 159 -47.31 78.45 102.61
CA TYR Q 159 -46.80 79.75 103.07
C TYR Q 159 -45.28 79.84 102.98
N TYR Q 160 -44.76 81.06 102.92
CA TYR Q 160 -43.32 81.32 102.92
C TYR Q 160 -42.77 81.18 104.35
N ASP Q 161 -41.82 80.26 104.52
CA ASP Q 161 -41.11 80.09 105.80
C ASP Q 161 -39.96 81.08 105.90
N ALA Q 162 -39.77 81.65 107.10
CA ALA Q 162 -38.69 82.60 107.37
C ALA Q 162 -37.34 81.90 107.47
N ASP Q 163 -37.29 80.77 108.18
CA ASP Q 163 -36.04 80.05 108.44
C ASP Q 163 -35.65 79.16 107.25
N TYR Q 164 -36.60 78.34 106.79
CA TYR Q 164 -36.38 77.45 105.63
C TYR Q 164 -36.16 78.18 104.30
N LYS Q 165 -36.76 79.36 104.16
CA LYS Q 165 -36.69 80.18 102.94
C LYS Q 165 -37.27 79.44 101.73
N LYS Q 166 -38.48 78.93 101.91
CA LYS Q 166 -39.23 78.21 100.87
C LYS Q 166 -40.73 78.41 101.09
N VAL Q 167 -41.51 78.28 100.02
CA VAL Q 167 -42.97 78.30 100.11
C VAL Q 167 -43.42 76.88 100.48
N MET Q 168 -43.33 76.57 101.78
CA MET Q 168 -43.64 75.24 102.29
C MET Q 168 -45.13 75.08 102.58
N PRO Q 169 -45.64 73.83 102.56
CA PRO Q 169 -47.05 73.60 102.88
C PRO Q 169 -47.29 73.58 104.39
N TYR Q 170 -48.57 73.56 104.78
CA TYR Q 170 -48.97 73.42 106.18
C TYR Q 170 -49.26 71.94 106.49
N ARG Q 171 -48.44 71.33 107.34
CA ARG Q 171 -48.70 69.97 107.83
C ARG Q 171 -49.88 70.00 108.79
N CYS Q 172 -51.01 69.44 108.33
CA CYS Q 172 -52.24 69.37 109.12
C CYS Q 172 -52.56 67.91 109.40
N VAL Q 173 -53.05 67.62 110.61
CA VAL Q 173 -53.43 66.26 110.97
C VAL Q 173 -54.62 65.83 110.11
N LYS Q 174 -54.62 64.58 109.64
CA LYS Q 174 -55.69 64.08 108.78
C LYS Q 174 -57.02 64.08 109.53
N GLY Q 175 -58.08 64.49 108.84
CA GLY Q 175 -59.38 64.71 109.46
C GLY Q 175 -59.55 66.18 109.82
N GLN Q 176 -59.21 66.53 111.06
CA GLN Q 176 -59.29 67.93 111.53
C GLN Q 176 -58.12 68.78 110.98
N PRO Q 177 -58.41 69.71 110.05
CA PRO Q 177 -57.34 70.45 109.38
C PRO Q 177 -56.72 71.59 110.19
N ASP Q 178 -57.42 72.10 111.21
CA ASP Q 178 -56.93 73.23 112.02
C ASP Q 178 -55.78 72.85 112.96
N LEU Q 179 -55.70 71.57 113.34
CA LEU Q 179 -54.59 71.09 114.19
C LEU Q 179 -53.33 70.97 113.34
N ILE Q 180 -52.53 72.05 113.33
CA ILE Q 180 -51.32 72.13 112.52
C ILE Q 180 -50.13 71.52 113.27
N ILE Q 181 -49.46 70.57 112.62
CA ILE Q 181 -48.17 70.06 113.09
C ILE Q 181 -47.10 70.96 112.46
N PRO Q 182 -46.42 71.80 113.27
CA PRO Q 182 -45.48 72.76 112.70
C PRO Q 182 -44.18 72.12 112.26
N TRP Q 183 -43.49 72.75 111.31
CA TRP Q 183 -42.20 72.26 110.83
C TRP Q 183 -41.12 72.54 111.87
N PRO Q 184 -40.08 71.67 111.93
CA PRO Q 184 -38.97 71.91 112.86
C PRO Q 184 -38.05 73.02 112.35
N LYS Q 185 -37.83 74.04 113.17
CA LYS Q 185 -36.93 75.15 112.79
C LYS Q 185 -35.49 74.63 112.69
N PRO Q 186 -34.87 74.75 111.49
CA PRO Q 186 -33.53 74.18 111.27
C PRO Q 186 -32.41 74.96 111.95
N ASP Q 187 -31.21 74.37 111.92
CA ASP Q 187 -30.03 74.99 112.54
C ASP Q 187 -29.55 76.18 111.71
N PRO Q 188 -29.01 77.23 112.37
CA PRO Q 188 -28.57 78.42 111.63
C PRO Q 188 -27.29 78.19 110.84
N ILE Q 189 -27.41 78.22 109.51
CA ILE Q 189 -26.25 78.06 108.62
C ILE Q 189 -25.32 79.30 108.68
N ASP Q 190 -24.33 79.25 109.57
CA ASP Q 190 -23.34 80.32 109.70
C ASP Q 190 -22.33 80.24 108.56
N VAL Q 191 -22.61 80.95 107.47
CA VAL Q 191 -21.82 80.84 106.23
C VAL Q 191 -20.59 81.74 106.31
N GLN Q 192 -19.41 81.12 106.19
CA GLN Q 192 -18.14 81.83 106.07
C GLN Q 192 -17.25 81.11 105.05
N THR Q 193 -17.57 81.31 103.78
CA THR Q 193 -16.82 80.71 102.67
C THR Q 193 -16.45 81.77 101.64
N ASN Q 194 -15.29 81.59 101.02
CA ASN Q 194 -14.82 82.51 99.98
C ASN Q 194 -15.51 82.34 98.62
N LEU Q 195 -16.19 81.21 98.43
CA LEU Q 195 -16.87 80.90 97.16
C LEU Q 195 -18.37 81.23 97.17
N ALA Q 196 -18.88 81.79 98.26
CA ALA Q 196 -20.28 82.24 98.35
C ALA Q 196 -20.35 83.75 98.47
N THR Q 197 -20.96 84.41 97.49
CA THR Q 197 -21.16 85.87 97.54
C THR Q 197 -22.22 86.24 98.59
N ASP Q 198 -21.99 87.34 99.29
CA ASP Q 198 -22.85 87.78 100.39
C ASP Q 198 -24.21 88.29 99.87
N PRO Q 199 -25.24 88.39 100.75
CA PRO Q 199 -26.59 88.80 100.32
C PRO Q 199 -26.71 90.14 99.61
N VAL Q 200 -25.92 91.13 100.03
CA VAL Q 200 -26.04 92.49 99.50
C VAL Q 200 -25.56 92.56 98.04
N ILE Q 201 -24.40 91.96 97.78
CA ILE Q 201 -23.80 91.97 96.43
C ILE Q 201 -24.51 90.99 95.49
N ALA Q 202 -24.91 89.83 96.02
CA ALA Q 202 -25.62 88.81 95.24
C ALA Q 202 -26.86 89.35 94.54
N ARG Q 203 -27.60 90.22 95.22
CA ARG Q 203 -28.87 90.74 94.70
C ARG Q 203 -28.84 92.17 94.16
N GLU Q 204 -27.77 92.93 94.40
CA GLU Q 204 -27.72 94.33 93.94
C GLU Q 204 -27.91 94.43 92.42
N GLN Q 205 -28.85 95.29 92.02
CA GLN Q 205 -29.22 95.44 90.62
C GLN Q 205 -28.23 96.38 89.93
N THR Q 206 -27.50 95.85 88.95
CA THR Q 206 -26.59 96.65 88.11
C THR Q 206 -27.09 96.86 86.67
N PHE Q 207 -28.14 96.14 86.27
CA PHE Q 207 -28.74 96.29 84.94
C PHE Q 207 -30.13 96.92 85.02
N TRP Q 208 -30.45 97.74 84.02
CA TRP Q 208 -31.80 98.24 83.78
C TRP Q 208 -32.08 98.25 82.28
N VAL Q 209 -33.29 97.85 81.89
CA VAL Q 209 -33.72 97.95 80.50
C VAL Q 209 -33.96 99.42 80.21
N ASP Q 210 -33.03 100.04 79.49
CA ASP Q 210 -33.11 101.48 79.17
C ASP Q 210 -33.16 101.73 77.66
N SER Q 211 -32.15 101.24 76.94
CA SER Q 211 -31.98 101.56 75.52
C SER Q 211 -32.78 100.65 74.61
N VAL Q 212 -33.39 101.25 73.59
CA VAL Q 212 -33.92 100.53 72.43
C VAL Q 212 -32.92 100.60 71.27
N VAL Q 213 -32.05 101.61 71.26
CA VAL Q 213 -31.11 101.84 70.15
C VAL Q 213 -29.86 100.98 70.31
N ARG Q 214 -29.19 101.11 71.45
CA ARG Q 214 -28.02 100.29 71.77
C ARG Q 214 -28.50 98.96 72.36
N ASN Q 215 -28.03 97.85 71.81
CA ASN Q 215 -28.35 96.53 72.37
C ASN Q 215 -27.48 96.26 73.60
N PRO Q 216 -28.02 95.54 74.60
CA PRO Q 216 -27.36 95.51 75.90
C PRO Q 216 -26.02 94.78 75.95
N ILE Q 217 -25.92 93.63 75.27
CA ILE Q 217 -24.71 92.83 75.26
C ILE Q 217 -24.15 92.76 73.82
N PRO Q 218 -22.82 92.95 73.66
CA PRO Q 218 -22.22 93.27 72.36
C PRO Q 218 -22.38 92.21 71.27
N LYS Q 219 -22.16 92.64 70.03
CA LYS Q 219 -22.37 91.78 68.85
C LYS Q 219 -21.38 90.64 68.75
N LYS Q 220 -20.13 90.88 69.17
CA LYS Q 220 -19.09 89.85 69.20
C LYS Q 220 -19.30 88.76 70.26
N ALA Q 221 -20.12 89.05 71.27
CA ALA Q 221 -20.47 88.06 72.30
C ALA Q 221 -21.58 87.08 71.90
N ILE Q 222 -22.37 87.42 70.89
CA ILE Q 222 -23.55 86.62 70.49
C ILE Q 222 -23.23 85.14 70.17
N PRO Q 223 -22.16 84.87 69.40
CA PRO Q 223 -21.80 83.48 69.06
C PRO Q 223 -21.61 82.53 70.26
N SER Q 224 -21.12 83.05 71.38
CA SER Q 224 -21.04 82.29 72.64
C SER Q 224 -22.44 82.03 73.22
N ILE Q 225 -23.28 83.07 73.17
CA ILE Q 225 -24.65 83.04 73.72
C ILE Q 225 -25.59 82.10 72.97
N ARG Q 226 -25.50 82.08 71.64
CA ARG Q 226 -26.32 81.19 70.82
C ARG Q 226 -25.59 80.77 69.55
N ASN Q 227 -25.94 79.60 69.02
CA ASN Q 227 -25.34 79.07 67.81
C ASN Q 227 -25.89 79.80 66.59
N PRO Q 228 -25.04 80.55 65.84
CA PRO Q 228 -25.52 81.27 64.67
C PRO Q 228 -25.86 80.36 63.48
N HIS Q 229 -25.32 79.14 63.47
CA HIS Q 229 -25.57 78.15 62.42
C HIS Q 229 -26.46 77.02 62.93
N SER Q 230 -27.52 77.39 63.64
CA SER Q 230 -28.42 76.40 64.25
C SER Q 230 -29.29 75.76 63.18
N LYS Q 231 -29.18 74.43 63.06
CA LYS Q 231 -30.00 73.66 62.10
C LYS Q 231 -31.50 73.67 62.44
N TYR Q 232 -31.84 73.97 63.70
CA TYR Q 232 -33.23 73.95 64.16
C TYR Q 232 -34.02 75.19 63.73
N LYS Q 233 -33.37 76.35 63.79
CA LYS Q 233 -34.02 77.63 63.46
C LYS Q 233 -34.25 77.78 61.96
N ARG Q 234 -35.46 77.44 61.53
CA ARG Q 234 -35.85 77.49 60.11
C ARG Q 234 -36.15 78.93 59.69
N GLY Q 235 -35.78 79.26 58.46
CA GLY Q 235 -36.07 80.57 57.89
C GLY Q 235 -37.51 80.69 57.45
N THR Q 236 -38.05 81.92 57.50
CA THR Q 236 -39.42 82.20 57.06
C THR Q 236 -39.45 82.41 55.54
N LEU Q 237 -40.57 82.06 54.93
CA LEU Q 237 -40.76 82.20 53.48
C LEU Q 237 -41.00 83.66 53.08
N THR Q 238 -40.78 83.94 51.80
CA THR Q 238 -41.10 85.22 51.16
C THR Q 238 -41.96 84.97 49.92
N ALA Q 239 -42.43 86.05 49.30
CA ALA Q 239 -43.25 85.96 48.08
C ALA Q 239 -42.47 85.41 46.90
N LYS Q 240 -41.25 85.93 46.72
CA LYS Q 240 -40.33 85.50 45.67
C LYS Q 240 -39.98 84.01 45.79
N ASP Q 241 -39.69 83.59 47.01
CA ASP Q 241 -39.39 82.18 47.32
C ASP Q 241 -40.56 81.26 46.97
N ILE Q 242 -41.76 81.69 47.35
CA ILE Q 242 -43.02 81.00 46.99
C ILE Q 242 -43.15 80.83 45.48
N ALA Q 243 -42.93 81.93 44.76
CA ALA Q 243 -43.01 81.96 43.30
C ALA Q 243 -42.03 81.01 42.66
N LYS Q 244 -40.80 80.99 43.18
CA LYS Q 244 -39.76 80.05 42.75
C LYS Q 244 -40.18 78.60 42.95
N LEU Q 245 -40.75 78.33 44.12
CA LEU Q 245 -41.21 76.98 44.50
C LEU Q 245 -42.32 76.47 43.58
N VAL Q 246 -43.34 77.30 43.40
CA VAL Q 246 -44.56 76.89 42.69
C VAL Q 246 -44.35 77.00 41.17
N ALA Q 247 -44.84 76.00 40.45
CA ALA Q 247 -44.76 75.96 38.99
C ALA Q 247 -45.74 76.97 38.36
N PRO Q 248 -45.35 77.60 37.24
CA PRO Q 248 -46.25 78.52 36.55
C PRO Q 248 -47.40 77.77 35.89
N GLU Q 249 -48.62 78.32 36.01
CA GLU Q 249 -49.82 77.67 35.48
C GLU Q 249 -49.82 77.72 33.95
N MET Q 250 -50.20 76.60 33.32
CA MET Q 250 -50.29 76.51 31.87
C MET Q 250 -51.48 77.34 31.40
N PRO Q 251 -51.33 78.08 30.27
CA PRO Q 251 -52.48 78.85 29.75
C PRO Q 251 -53.58 77.96 29.16
N LEU Q 252 -54.77 78.53 29.05
CA LEU Q 252 -55.94 77.82 28.56
C LEU Q 252 -55.97 77.90 27.03
N THR Q 253 -56.15 76.76 26.36
CA THR Q 253 -56.30 76.75 24.91
C THR Q 253 -57.69 77.26 24.50
N GLU Q 254 -57.87 77.50 23.20
CA GLU Q 254 -59.06 78.18 22.66
C GLU Q 254 -60.37 77.49 23.03
N VAL Q 255 -60.39 76.17 22.86
CA VAL Q 255 -61.56 75.33 23.17
C VAL Q 255 -61.92 75.41 24.66
N ARG Q 256 -60.89 75.36 25.50
CA ARG Q 256 -61.05 75.45 26.95
C ARG Q 256 -61.66 76.79 27.37
N LYS Q 257 -61.14 77.86 26.77
CA LYS Q 257 -61.65 79.23 26.99
C LYS Q 257 -63.12 79.36 26.60
N SER Q 258 -63.46 78.82 25.43
CA SER Q 258 -64.83 78.83 24.91
C SER Q 258 -65.79 78.09 25.83
N HIS Q 259 -65.34 76.94 26.34
CA HIS Q 259 -66.09 76.15 27.33
C HIS Q 259 -66.33 76.93 28.62
N LEU Q 260 -65.29 77.62 29.08
CA LEU Q 260 -65.36 78.45 30.29
C LEU Q 260 -66.38 79.58 30.10
N ALA Q 261 -66.32 80.24 28.95
CA ALA Q 261 -67.25 81.31 28.58
C ALA Q 261 -68.70 80.81 28.58
N GLU Q 262 -68.91 79.64 27.99
CA GLU Q 262 -70.21 78.98 27.95
C GLU Q 262 -70.76 78.70 29.35
N LYS Q 263 -69.89 78.19 30.21
CA LYS Q 263 -70.21 77.90 31.61
C LYS Q 263 -70.63 79.16 32.36
N LYS Q 264 -69.88 80.24 32.12
CA LYS Q 264 -70.16 81.57 32.70
C LYS Q 264 -71.53 82.09 32.27
N GLU Q 265 -71.80 81.99 30.97
CA GLU Q 265 -73.10 82.35 30.39
C GLU Q 265 -74.26 81.58 31.02
N LEU Q 266 -74.05 80.28 31.19
CA LEU Q 266 -75.02 79.38 31.83
C LEU Q 266 -75.32 79.82 33.27
N ALA Q 267 -74.25 80.09 34.02
CA ALA Q 267 -74.34 80.60 35.39
C ALA Q 267 -75.12 81.90 35.48
N GLU Q 268 -74.86 82.79 34.52
CA GLU Q 268 -75.51 84.11 34.45
C GLU Q 268 -77.04 84.03 34.33
N ARG Q 269 -77.54 83.04 33.60
CA ARG Q 269 -78.99 82.81 33.49
C ARG Q 269 -79.62 82.48 34.84
N GLU Q 270 -80.94 82.68 34.92
CA GLU Q 270 -81.70 82.37 36.14
C GLU Q 270 -81.77 80.86 36.35
N VAL Q 271 -81.42 80.41 37.54
CA VAL Q 271 -81.30 78.98 37.86
C VAL Q 271 -82.69 78.40 38.14
N PRO Q 272 -83.01 77.22 37.55
CA PRO Q 272 -84.18 76.45 37.97
C PRO Q 272 -84.11 76.01 39.43
N LYS Q 273 -85.10 76.44 40.22
CA LYS Q 273 -85.18 76.08 41.64
C LYS Q 273 -86.57 75.56 41.96
N LEU Q 274 -86.63 74.49 42.76
CA LEU Q 274 -87.89 73.88 43.13
C LEU Q 274 -88.65 74.77 44.12
N THR Q 275 -89.77 75.31 43.65
CA THR Q 275 -90.59 76.23 44.43
C THR Q 275 -91.38 75.45 45.50
N GLU Q 276 -91.76 76.16 46.56
CA GLU Q 276 -92.66 75.66 47.60
C GLU Q 276 -93.97 75.13 47.03
N GLU Q 277 -94.52 75.89 46.08
CA GLU Q 277 -95.79 75.56 45.41
C GLU Q 277 -95.73 74.23 44.67
N ASP Q 278 -94.62 74.01 43.96
CA ASP Q 278 -94.37 72.75 43.24
C ASP Q 278 -94.32 71.56 44.20
N MET Q 279 -93.62 71.74 45.31
CA MET Q 279 -93.52 70.71 46.36
C MET Q 279 -94.89 70.36 46.95
N GLU Q 280 -95.68 71.39 47.23
CA GLU Q 280 -97.05 71.23 47.71
C GLU Q 280 -97.93 70.44 46.74
N ALA Q 281 -97.83 70.79 45.46
CA ALA Q 281 -98.55 70.11 44.39
C ALA Q 281 -98.20 68.63 44.30
N ILE Q 282 -96.89 68.35 44.38
CA ILE Q 282 -96.36 66.98 44.41
C ILE Q 282 -96.92 66.22 45.62
N GLY Q 283 -96.78 66.84 46.80
CA GLY Q 283 -97.19 66.25 48.06
C GLY Q 283 -98.68 65.90 48.14
N ALA Q 284 -99.51 66.78 47.59
CA ALA Q 284 -100.95 66.55 47.46
C ALA Q 284 -101.24 65.34 46.58
N ARG Q 285 -100.54 65.27 45.45
CA ARG Q 285 -100.68 64.15 44.51
C ARG Q 285 -100.28 62.81 45.12
N VAL Q 286 -99.18 62.84 45.89
CA VAL Q 286 -98.70 61.68 46.64
C VAL Q 286 -99.76 61.20 47.63
N PHE Q 287 -100.31 62.15 48.37
CA PHE Q 287 -101.38 61.88 49.34
C PHE Q 287 -102.60 61.22 48.70
N GLU Q 288 -103.02 61.78 47.56
CA GLU Q 288 -104.13 61.22 46.77
C GLU Q 288 -103.87 59.79 46.33
N PHE Q 289 -102.64 59.55 45.88
CA PHE Q 289 -102.19 58.22 45.48
C PHE Q 289 -102.25 57.22 46.62
N LEU Q 290 -101.74 57.63 47.78
CA LEU Q 290 -101.81 56.84 49.01
C LEU Q 290 -103.24 56.49 49.42
N GLU Q 291 -104.11 57.49 49.34
CA GLU Q 291 -105.54 57.31 49.64
C GLU Q 291 -106.19 56.29 48.71
N LYS Q 292 -105.86 56.38 47.43
CA LYS Q 292 -106.34 55.45 46.41
C LYS Q 292 -105.88 54.02 46.66
N GLN Q 293 -104.60 53.88 47.02
CA GLN Q 293 -104.00 52.60 47.42
C GLN Q 293 -104.72 51.97 48.60
N LYS Q 294 -104.95 52.79 49.63
CA LYS Q 294 -105.70 52.38 50.83
C LYS Q 294 -107.10 51.88 50.50
N ARG Q 295 -107.78 52.60 49.62
CA ARG Q 295 -109.12 52.25 49.15
C ARG Q 295 -109.14 50.89 48.46
N GLU Q 296 -108.20 50.69 47.54
CA GLU Q 296 -108.05 49.42 46.82
C GLU Q 296 -107.14 48.48 47.61
N SER R 1 -27.68 -17.13 23.39
CA SER R 1 -28.75 -18.08 23.86
C SER R 1 -30.12 -17.76 23.24
N ARG R 2 -30.99 -18.76 23.24
CA ARG R 2 -32.39 -18.60 22.78
C ARG R 2 -33.25 -19.62 23.53
N THR R 3 -34.27 -19.12 24.23
CA THR R 3 -35.07 -19.92 25.15
C THR R 3 -36.52 -20.03 24.68
N SER R 4 -37.16 -21.17 24.98
CA SER R 4 -38.54 -21.45 24.59
C SER R 4 -39.49 -21.12 25.73
N MET R 5 -39.54 -19.83 26.07
CA MET R 5 -40.27 -19.34 27.24
C MET R 5 -41.61 -18.71 26.83
N LYS R 6 -42.56 -19.57 26.46
CA LYS R 6 -43.86 -19.10 25.96
C LYS R 6 -44.89 -20.23 25.95
N ASP R 7 -46.06 -19.95 26.51
CA ASP R 7 -47.15 -20.94 26.61
C ASP R 7 -48.46 -20.25 26.99
N SER R 8 -49.57 -20.77 26.46
CA SER R 8 -50.89 -20.30 26.84
C SER R 8 -51.27 -20.85 28.21
N ALA R 9 -52.23 -20.20 28.85
CA ALA R 9 -52.77 -20.67 30.13
C ALA R 9 -53.64 -21.90 29.90
N GLY R 10 -54.00 -22.54 31.01
CA GLY R 10 -54.92 -23.66 30.98
C GLY R 10 -56.33 -23.18 30.69
N ARG R 11 -57.01 -23.86 29.78
CA ARG R 11 -58.44 -23.64 29.55
C ARG R 11 -59.16 -24.44 30.62
N ARG R 12 -59.99 -23.78 31.41
CA ARG R 12 -60.67 -24.45 32.53
C ARG R 12 -61.77 -25.36 31.97
N LEU R 13 -61.39 -26.59 31.63
CA LEU R 13 -62.24 -27.50 30.83
C LEU R 13 -62.63 -28.82 31.55
N GLY R 14 -62.85 -28.75 32.86
CA GLY R 14 -63.43 -29.88 33.60
C GLY R 14 -64.95 -29.96 33.47
N PRO R 15 -65.58 -30.86 34.24
CA PRO R 15 -67.02 -30.84 34.44
C PRO R 15 -67.38 -29.78 35.47
N LYS R 16 -68.27 -28.86 35.09
CA LYS R 16 -68.65 -27.74 35.95
C LYS R 16 -69.85 -28.03 36.84
N LYS R 17 -70.51 -29.16 36.59
CA LYS R 17 -71.64 -29.62 37.39
C LYS R 17 -71.65 -31.14 37.42
N TYR R 18 -71.95 -31.70 38.59
CA TYR R 18 -71.69 -33.11 38.88
C TYR R 18 -72.98 -33.92 38.98
N GLU R 19 -72.81 -35.24 39.01
CA GLU R 19 -73.92 -36.19 39.16
C GLU R 19 -74.73 -35.89 40.41
N GLY R 20 -76.05 -35.93 40.28
CA GLY R 20 -76.96 -35.64 41.38
C GLY R 20 -77.11 -34.17 41.77
N GLN R 21 -76.45 -33.26 41.04
CA GLN R 21 -76.46 -31.86 41.40
C GLN R 21 -77.66 -31.16 40.77
N ASP R 22 -78.33 -30.34 41.57
CA ASP R 22 -79.43 -29.51 41.09
C ASP R 22 -78.92 -28.53 40.04
N VAL R 23 -79.70 -28.33 38.98
CA VAL R 23 -79.39 -27.34 37.94
C VAL R 23 -80.55 -26.41 37.67
N SER R 24 -80.23 -25.34 36.97
CA SER R 24 -81.18 -24.36 36.48
C SER R 24 -80.99 -24.26 34.98
N THR R 25 -81.98 -23.71 34.29
CA THR R 25 -81.91 -23.49 32.84
C THR R 25 -80.77 -22.54 32.50
N GLY R 26 -79.99 -22.90 31.47
CA GLY R 26 -78.85 -22.11 31.03
C GLY R 26 -77.50 -22.50 31.61
N GLU R 27 -77.49 -23.21 32.74
CA GLU R 27 -76.26 -23.52 33.47
C GLU R 27 -75.39 -24.53 32.74
N ILE R 28 -74.08 -24.30 32.78
CA ILE R 28 -73.11 -25.12 32.07
C ILE R 28 -72.74 -26.32 32.91
N ILE R 29 -72.97 -27.51 32.37
CA ILE R 29 -72.67 -28.78 33.04
C ILE R 29 -71.26 -29.29 32.67
N MET R 30 -70.76 -28.91 31.50
CA MET R 30 -69.47 -29.37 31.02
C MET R 30 -68.85 -28.33 30.09
N ARG R 31 -67.55 -28.11 30.25
CA ARG R 31 -66.74 -27.40 29.26
C ARG R 31 -65.73 -28.39 28.71
N GLN R 32 -65.56 -28.41 27.39
CA GLN R 32 -64.79 -29.46 26.72
C GLN R 32 -64.35 -29.05 25.31
N ARG R 33 -63.37 -29.79 24.79
CA ARG R 33 -62.90 -29.65 23.42
C ARG R 33 -63.35 -30.88 22.65
N GLY R 34 -64.45 -30.74 21.93
CA GLY R 34 -65.07 -31.87 21.23
C GLY R 34 -65.90 -32.67 22.19
N THR R 35 -66.85 -33.42 21.64
CA THR R 35 -67.80 -34.17 22.45
C THR R 35 -67.17 -35.40 23.10
N LYS R 36 -66.54 -35.18 24.24
CA LYS R 36 -66.17 -36.27 25.16
C LYS R 36 -67.46 -36.78 25.81
N PHE R 37 -68.32 -35.83 26.20
CA PHE R 37 -69.68 -36.13 26.62
C PHE R 37 -70.66 -35.56 25.60
N TYR R 38 -71.67 -36.36 25.25
CA TYR R 38 -72.71 -35.94 24.33
C TYR R 38 -73.91 -35.38 25.09
N PRO R 39 -74.64 -34.43 24.49
CA PRO R 39 -75.79 -33.86 25.16
C PRO R 39 -76.95 -34.84 25.21
N GLY R 40 -77.34 -35.21 26.42
CA GLY R 40 -78.35 -36.24 26.64
C GLY R 40 -79.75 -35.65 26.74
N GLU R 41 -80.50 -36.09 27.74
CA GLU R 41 -81.91 -35.73 27.90
C GLU R 41 -82.04 -34.36 28.59
N ASN R 42 -82.90 -33.50 28.04
CA ASN R 42 -83.16 -32.16 28.56
C ASN R 42 -81.90 -31.28 28.66
N VAL R 43 -81.00 -31.45 27.71
CA VAL R 43 -79.69 -30.81 27.73
C VAL R 43 -79.30 -30.37 26.31
N GLY R 44 -78.75 -29.16 26.22
CA GLY R 44 -78.29 -28.58 24.95
C GLY R 44 -76.79 -28.70 24.79
N ILE R 45 -76.29 -28.27 23.63
CA ILE R 45 -74.85 -28.22 23.37
C ILE R 45 -74.50 -26.98 22.55
N GLY R 46 -73.43 -26.30 22.95
CA GLY R 46 -73.05 -25.00 22.38
C GLY R 46 -72.02 -25.11 21.28
N LYS R 47 -71.52 -23.94 20.85
CA LYS R 47 -70.52 -23.83 19.79
C LYS R 47 -69.22 -24.50 20.21
N ASP R 48 -68.81 -24.23 21.45
CA ASP R 48 -67.61 -24.85 22.05
C ASP R 48 -67.87 -26.24 22.65
N HIS R 49 -68.90 -26.94 22.15
CA HIS R 49 -69.34 -28.23 22.67
C HIS R 49 -69.66 -28.23 24.18
N SER R 50 -70.07 -27.08 24.69
CA SER R 50 -70.35 -26.91 26.11
C SER R 50 -71.75 -27.45 26.36
N ILE R 51 -71.87 -28.47 27.21
CA ILE R 51 -73.18 -29.00 27.58
C ILE R 51 -73.79 -28.04 28.59
N PHE R 52 -75.03 -27.63 28.33
CA PHE R 52 -75.79 -26.77 29.23
C PHE R 52 -77.21 -27.30 29.44
N ALA R 53 -77.78 -26.98 30.59
CA ALA R 53 -79.12 -27.46 30.96
C ALA R 53 -80.21 -26.64 30.28
N LEU R 54 -81.13 -27.34 29.62
CA LEU R 54 -82.31 -26.72 29.00
C LEU R 54 -83.45 -26.50 30.00
N GLU R 55 -83.44 -27.29 31.08
CA GLU R 55 -84.50 -27.26 32.08
C GLU R 55 -83.94 -27.30 33.51
N PRO R 56 -84.77 -26.93 34.51
CA PRO R 56 -84.37 -27.16 35.89
C PRO R 56 -84.49 -28.64 36.24
N GLY R 57 -83.48 -29.20 36.91
CA GLY R 57 -83.51 -30.61 37.26
C GLY R 57 -82.26 -31.09 37.98
N VAL R 58 -81.91 -32.34 37.73
CA VAL R 58 -80.81 -33.03 38.40
C VAL R 58 -79.85 -33.52 37.33
N VAL R 59 -78.60 -33.07 37.40
CA VAL R 59 -77.57 -33.49 36.44
C VAL R 59 -77.26 -34.97 36.63
N ARG R 60 -77.31 -35.73 35.54
CA ARG R 60 -77.00 -37.16 35.56
C ARG R 60 -76.07 -37.52 34.40
N TYR R 61 -75.01 -38.26 34.72
CA TYR R 61 -74.09 -38.81 33.74
C TYR R 61 -74.51 -40.26 33.49
N TYR R 62 -74.55 -40.67 32.22
CA TYR R 62 -75.00 -42.03 31.89
C TYR R 62 -74.55 -42.54 30.52
N LEU R 63 -74.71 -43.85 30.33
CA LEU R 63 -74.62 -44.49 29.02
C LEU R 63 -76.02 -44.87 28.54
N ASP R 64 -76.22 -44.81 27.23
CA ASP R 64 -77.46 -45.22 26.58
C ASP R 64 -77.11 -46.35 25.60
N PRO R 65 -77.82 -47.50 25.70
CA PRO R 65 -77.60 -48.59 24.73
C PRO R 65 -77.77 -48.23 23.25
N PHE R 66 -78.67 -47.29 22.94
CA PHE R 66 -78.83 -46.80 21.57
C PHE R 66 -77.55 -46.22 20.98
N HIS R 67 -76.77 -45.57 21.84
CA HIS R 67 -75.49 -44.97 21.46
C HIS R 67 -74.36 -45.62 22.27
N PRO R 68 -73.92 -46.83 21.86
CA PRO R 68 -72.80 -47.45 22.55
C PRO R 68 -71.49 -46.72 22.18
N LYS R 69 -70.51 -46.77 23.07
CA LYS R 69 -69.25 -46.03 22.93
C LYS R 69 -69.44 -44.51 22.94
N ARG R 70 -70.44 -44.04 23.70
CA ARG R 70 -70.70 -42.62 23.86
C ARG R 70 -71.22 -42.33 25.27
N LYS R 71 -70.53 -41.46 25.99
CA LYS R 71 -70.96 -41.02 27.31
C LYS R 71 -71.93 -39.86 27.17
N PHE R 72 -72.93 -39.82 28.04
CA PHE R 72 -73.95 -38.77 28.02
C PHE R 72 -74.07 -38.06 29.35
N ILE R 73 -74.44 -36.78 29.24
CA ILE R 73 -74.84 -35.96 30.36
C ILE R 73 -76.25 -35.50 30.03
N GLY R 74 -77.19 -35.78 30.92
CA GLY R 74 -78.55 -35.25 30.81
C GLY R 74 -79.04 -34.72 32.14
N VAL R 75 -80.22 -34.12 32.10
CA VAL R 75 -80.84 -33.53 33.29
C VAL R 75 -82.20 -34.18 33.54
N ALA R 76 -82.29 -34.97 34.60
CA ALA R 76 -83.55 -35.58 35.03
C ALA R 76 -84.40 -34.50 35.69
N LEU R 77 -85.70 -34.47 35.38
CA LEU R 77 -86.60 -33.46 35.93
C LEU R 77 -86.88 -33.65 37.44
N ARG R 78 -86.60 -34.84 37.97
CA ARG R 78 -86.60 -35.08 39.42
C ARG R 78 -85.45 -36.02 39.79
N ARG R 79 -85.25 -36.20 41.11
CA ARG R 79 -84.25 -37.14 41.62
C ARG R 79 -84.69 -38.60 41.51
N ASP R 80 -85.99 -38.82 41.33
CA ASP R 80 -86.57 -40.17 41.26
C ASP R 80 -86.20 -40.91 39.98
N LEU R 81 -85.98 -40.17 38.89
CA LEU R 81 -85.84 -40.74 37.55
C LEU R 81 -84.41 -41.23 37.28
N LYS R 82 -84.29 -42.46 36.80
CA LYS R 82 -83.06 -42.97 36.20
C LYS R 82 -82.98 -42.37 34.80
N LEU R 83 -82.01 -41.51 34.57
CA LEU R 83 -82.04 -40.60 33.42
C LEU R 83 -81.71 -41.21 32.03
N PRO R 84 -81.10 -42.41 31.97
CA PRO R 84 -81.30 -43.16 30.72
C PRO R 84 -82.73 -43.71 30.74
N SER R 85 -83.67 -42.87 30.35
CA SER R 85 -85.09 -43.12 30.59
C SER R 85 -85.61 -44.27 29.72
N PRO R 86 -86.66 -44.97 30.17
CA PRO R 86 -87.20 -46.07 29.36
C PRO R 86 -87.72 -45.56 28.02
N HIS R 87 -87.38 -46.27 26.95
CA HIS R 87 -87.59 -45.79 25.59
C HIS R 87 -89.06 -45.65 25.23
N PHE R 88 -89.81 -46.72 25.45
CA PHE R 88 -91.23 -46.76 25.06
C PHE R 88 -92.20 -46.15 26.09
N GLU R 89 -91.69 -45.77 27.27
CA GLU R 89 -92.50 -44.98 28.21
C GLU R 89 -92.60 -43.53 27.73
N PRO R 90 -93.67 -42.81 28.13
CA PRO R 90 -93.86 -41.42 27.70
C PRO R 90 -92.84 -40.47 28.33
N THR R 91 -92.46 -39.44 27.58
CA THR R 91 -91.41 -38.50 28.01
C THR R 91 -91.90 -37.66 29.18
N VAL R 92 -91.11 -37.64 30.26
CA VAL R 92 -91.38 -36.74 31.39
C VAL R 92 -91.12 -35.29 30.96
N ARG R 93 -92.21 -34.52 30.88
CA ARG R 93 -92.18 -33.15 30.39
C ARG R 93 -92.51 -32.18 31.51
N ARG R 94 -91.98 -30.97 31.39
CA ARG R 94 -92.30 -29.86 32.28
C ARG R 94 -93.16 -28.87 31.52
N PHE R 95 -94.30 -28.49 32.11
CA PHE R 95 -95.15 -27.45 31.55
C PHE R 95 -94.42 -26.11 31.66
N GLY R 96 -93.95 -25.81 32.87
CA GLY R 96 -93.05 -24.67 33.10
C GLY R 96 -93.63 -23.27 33.00
N ARG R 97 -94.96 -23.17 32.87
CA ARG R 97 -95.65 -21.90 32.79
C ARG R 97 -96.61 -21.80 33.96
N PHE R 98 -97.18 -20.62 34.16
CA PHE R 98 -98.14 -20.39 35.24
C PHE R 98 -99.35 -19.64 34.67
N GLU R 99 -100.54 -20.02 35.12
CA GLU R 99 -101.76 -19.35 34.67
C GLU R 99 -101.86 -17.97 35.31
N LEU R 100 -102.44 -17.04 34.57
CA LEU R 100 -102.55 -15.64 34.99
C LEU R 100 -103.87 -15.48 35.76
N THR R 101 -103.82 -15.87 37.03
CA THR R 101 -104.96 -15.72 37.97
C THR R 101 -105.44 -14.27 38.03
N ASN R 102 -104.49 -13.34 38.12
CA ASN R 102 -104.76 -11.90 37.97
C ASN R 102 -105.53 -11.64 36.69
N LYS R 103 -106.62 -10.88 36.81
CA LYS R 103 -107.56 -10.69 35.70
C LYS R 103 -107.01 -9.77 34.62
N ARG R 104 -106.45 -8.63 35.06
CA ARG R 104 -105.85 -7.64 34.18
C ARG R 104 -104.73 -8.24 33.31
N ALA R 105 -103.82 -8.96 33.96
CA ALA R 105 -102.71 -9.64 33.30
C ALA R 105 -103.19 -10.61 32.23
N ALA R 106 -104.21 -11.40 32.58
CA ALA R 106 -104.84 -12.35 31.66
C ALA R 106 -105.44 -11.65 30.44
N TYR R 107 -106.14 -10.55 30.69
CA TYR R 107 -106.72 -9.70 29.65
C TYR R 107 -105.66 -9.16 28.70
N LYS R 108 -104.57 -8.64 29.26
CA LYS R 108 -103.42 -8.14 28.48
C LYS R 108 -102.85 -9.22 27.58
N GLU R 109 -102.70 -10.41 28.14
CA GLU R 109 -102.17 -11.56 27.43
C GLU R 109 -103.07 -12.00 26.27
N GLU R 110 -104.37 -12.00 26.52
CA GLU R 110 -105.39 -12.26 25.49
C GLU R 110 -105.31 -11.27 24.35
N ASN R 111 -105.20 -9.98 24.69
CA ASN R 111 -105.02 -8.90 23.73
C ASN R 111 -103.79 -9.07 22.84
N SER R 112 -102.68 -9.46 23.46
CA SER R 112 -101.39 -9.55 22.76
C SER R 112 -101.38 -10.68 21.73
N ILE R 113 -101.04 -10.32 20.50
CA ILE R 113 -100.94 -11.27 19.38
C ILE R 113 -99.65 -11.00 18.60
N SER R 114 -99.33 -11.88 17.66
CA SER R 114 -98.17 -11.70 16.78
C SER R 114 -98.33 -10.45 15.92
N ARG R 115 -97.21 -9.91 15.44
CA ARG R 115 -97.24 -8.76 14.52
C ARG R 115 -97.89 -9.15 13.19
N LYS R 116 -97.54 -10.33 12.68
CA LYS R 116 -98.14 -10.87 11.45
C LYS R 116 -99.66 -10.95 11.55
N ASP R 117 -100.13 -11.51 12.66
CA ASP R 117 -101.56 -11.62 12.96
C ASP R 117 -102.24 -10.25 12.98
N TYR R 118 -101.61 -9.31 13.69
CA TYR R 118 -102.07 -7.92 13.77
C TYR R 118 -102.19 -7.26 12.40
N LEU R 119 -101.16 -7.45 11.58
CA LEU R 119 -101.15 -6.98 10.18
C LEU R 119 -102.27 -7.58 9.34
N ALA R 120 -102.44 -8.89 9.46
CA ALA R 120 -103.35 -9.65 8.61
C ALA R 120 -104.81 -9.53 9.03
N LYS R 121 -105.05 -9.42 10.33
CA LYS R 121 -106.39 -9.44 10.92
C LYS R 121 -107.49 -8.63 10.21
N PRO R 122 -107.25 -7.32 9.94
CA PRO R 122 -108.30 -6.49 9.32
C PRO R 122 -108.74 -6.99 7.95
N ASN R 123 -107.78 -7.39 7.12
CA ASN R 123 -108.03 -8.00 5.81
C ASN R 123 -108.86 -9.27 5.92
N ILE R 124 -108.49 -10.12 6.87
CA ILE R 124 -109.20 -11.37 7.17
C ILE R 124 -110.65 -11.09 7.55
N LEU R 125 -110.84 -10.12 8.45
CA LEU R 125 -112.17 -9.67 8.88
C LEU R 125 -113.03 -9.19 7.72
N LYS R 126 -112.43 -8.38 6.85
CA LYS R 126 -113.08 -7.87 5.65
C LYS R 126 -113.55 -9.01 4.75
N GLN R 127 -112.65 -9.97 4.51
CA GLN R 127 -112.96 -11.17 3.72
C GLN R 127 -114.13 -11.97 4.29
N LEU R 128 -114.11 -12.15 5.61
CA LEU R 128 -115.20 -12.81 6.34
C LEU R 128 -116.53 -12.09 6.12
N GLU R 129 -116.50 -10.77 6.30
CA GLU R 129 -117.67 -9.90 6.09
C GLU R 129 -118.24 -10.03 4.69
N VAL R 130 -117.35 -10.04 3.70
CA VAL R 130 -117.71 -10.24 2.29
C VAL R 130 -118.40 -11.59 2.08
N ARG R 131 -117.81 -12.64 2.64
CA ARG R 131 -118.37 -14.00 2.56
C ARG R 131 -119.74 -14.11 3.21
N GLU R 132 -119.90 -13.47 4.37
CA GLU R 132 -121.20 -13.36 5.05
C GLU R 132 -122.25 -12.68 4.19
N SER R 133 -121.86 -11.59 3.53
CA SER R 133 -122.74 -10.84 2.64
C SER R 133 -123.20 -11.69 1.45
N LYS R 134 -122.24 -12.41 0.87
CA LYS R 134 -122.52 -13.35 -0.22
C LYS R 134 -123.50 -14.45 0.17
N ARG R 135 -123.28 -15.03 1.35
CA ARG R 135 -124.18 -16.04 1.93
C ARG R 135 -125.61 -15.51 2.11
N LYS R 136 -125.70 -14.28 2.62
CA LYS R 136 -126.98 -13.59 2.82
C LYS R 136 -127.70 -13.39 1.49
N GLU R 137 -126.97 -12.92 0.48
CA GLU R 137 -127.49 -12.77 -0.89
C GLU R 137 -128.03 -14.08 -1.45
N LEU R 138 -127.25 -15.13 -1.26
CA LEU R 138 -127.63 -16.49 -1.70
C LEU R 138 -128.92 -16.96 -1.04
N GLN R 139 -129.02 -16.74 0.27
CA GLN R 139 -130.21 -17.10 1.05
C GLN R 139 -131.45 -16.33 0.57
N ASP R 140 -131.24 -15.04 0.27
CA ASP R 140 -132.30 -14.18 -0.26
C ASP R 140 -132.79 -14.65 -1.62
N LYS R 141 -131.85 -15.07 -2.46
CA LYS R 141 -132.14 -15.66 -3.78
C LYS R 141 -132.98 -16.92 -3.63
N LEU R 142 -132.53 -17.81 -2.75
CA LEU R 142 -133.24 -19.06 -2.45
C LEU R 142 -134.66 -18.82 -1.97
N SER R 143 -134.82 -17.85 -1.08
CA SER R 143 -136.14 -17.46 -0.57
C SER R 143 -137.05 -16.97 -1.70
N LYS R 144 -136.50 -16.12 -2.56
CA LYS R 144 -137.22 -15.65 -3.76
C LYS R 144 -137.69 -16.80 -4.67
N VAL R 145 -136.78 -17.74 -4.90
CA VAL R 145 -137.06 -18.94 -5.71
C VAL R 145 -138.22 -19.73 -5.11
N LEU R 146 -138.14 -19.98 -3.80
CA LEU R 146 -139.20 -20.67 -3.05
C LEU R 146 -140.56 -19.96 -3.19
N ARG R 147 -140.53 -18.64 -3.08
CA ARG R 147 -141.77 -17.83 -3.17
C ARG R 147 -142.41 -17.87 -4.55
N ASP R 148 -141.62 -17.57 -5.58
CA ASP R 148 -142.12 -17.37 -6.93
C ASP R 148 -142.32 -18.68 -7.69
N GLU R 149 -141.28 -19.52 -7.69
CA GLU R 149 -141.23 -20.70 -8.56
C GLU R 149 -141.92 -21.91 -7.90
N LEU R 150 -141.42 -22.30 -6.73
CA LEU R 150 -141.86 -23.53 -6.05
C LEU R 150 -142.81 -23.21 -4.89
N LYS R 151 -144.10 -23.16 -5.19
CA LYS R 151 -145.15 -22.77 -4.23
C LYS R 151 -145.19 -23.75 -3.05
N LEU R 152 -144.50 -23.39 -1.96
CA LEU R 152 -144.26 -24.29 -0.82
C LEU R 152 -144.79 -23.76 0.52
N ASP R 153 -145.17 -24.70 1.38
CA ASP R 153 -145.54 -24.42 2.76
C ASP R 153 -144.28 -24.52 3.63
N ILE R 154 -143.96 -23.44 4.34
CA ILE R 154 -142.73 -23.35 5.14
C ILE R 154 -142.97 -22.50 6.40
N LYS R 155 -142.66 -23.07 7.56
CA LYS R 155 -142.93 -22.43 8.85
C LYS R 155 -141.76 -21.54 9.26
N ASP R 156 -140.58 -22.14 9.36
CA ASP R 156 -139.34 -21.42 9.66
C ASP R 156 -138.50 -21.37 8.37
N ILE R 157 -138.65 -20.28 7.63
CA ILE R 157 -138.00 -20.11 6.32
C ILE R 157 -136.49 -19.94 6.42
N GLU R 158 -136.04 -19.18 7.42
CA GLU R 158 -134.61 -18.85 7.59
C GLU R 158 -133.74 -20.09 7.79
N LEU R 159 -134.23 -21.00 8.62
CA LEU R 159 -133.59 -22.31 8.83
C LEU R 159 -133.48 -23.11 7.54
N ALA R 160 -134.58 -23.15 6.79
CA ALA R 160 -134.64 -23.84 5.49
C ALA R 160 -133.63 -23.26 4.50
N THR R 161 -133.57 -21.94 4.44
CA THR R 161 -132.62 -21.23 3.57
C THR R 161 -131.17 -21.57 3.95
N SER R 162 -130.91 -21.58 5.25
CA SER R 162 -129.58 -21.92 5.80
C SER R 162 -129.16 -23.35 5.45
N TYR R 163 -130.12 -24.27 5.52
CA TYR R 163 -129.93 -25.65 5.11
C TYR R 163 -129.58 -25.73 3.63
N LEU R 164 -130.37 -25.03 2.81
CA LEU R 164 -130.17 -24.97 1.36
C LEU R 164 -128.76 -24.49 0.97
N ILE R 165 -128.33 -23.38 1.58
CA ILE R 165 -126.99 -22.84 1.32
C ILE R 165 -125.87 -23.82 1.73
N ARG R 166 -126.11 -24.55 2.82
CA ARG R 166 -125.17 -25.58 3.29
C ARG R 166 -125.05 -26.74 2.31
N VAL R 167 -126.21 -27.18 1.80
CA VAL R 167 -126.28 -28.21 0.76
C VAL R 167 -125.52 -27.76 -0.48
N ARG R 168 -125.78 -26.53 -0.91
CA ARG R 168 -125.12 -25.94 -2.07
C ARG R 168 -123.60 -25.90 -1.92
N ALA R 169 -123.15 -25.47 -0.75
CA ALA R 169 -121.74 -25.44 -0.40
C ALA R 169 -121.11 -26.83 -0.52
N SER R 170 -121.77 -27.81 0.09
CA SER R 170 -121.34 -29.21 0.02
C SER R 170 -121.24 -29.73 -1.41
N LEU R 171 -122.25 -29.41 -2.21
CA LEU R 171 -122.27 -29.72 -3.65
C LEU R 171 -121.09 -29.10 -4.41
N LYS R 172 -120.80 -27.85 -4.09
CA LYS R 172 -119.66 -27.11 -4.67
C LYS R 172 -118.36 -27.82 -4.34
N ASN R 173 -118.25 -28.24 -3.07
CA ASN R 173 -117.17 -29.11 -2.62
C ASN R 173 -117.40 -30.54 -3.12
N GLY R 174 -116.49 -31.46 -2.81
CA GLY R 174 -116.50 -32.78 -3.47
C GLY R 174 -117.37 -33.84 -2.82
N TYR R 175 -118.60 -33.46 -2.45
CA TYR R 175 -119.52 -34.38 -1.78
C TYR R 175 -120.59 -34.90 -2.75
N PRO R 176 -120.98 -36.19 -2.61
CA PRO R 176 -122.19 -36.67 -3.29
C PRO R 176 -123.44 -35.95 -2.79
N ILE R 177 -124.52 -35.97 -3.56
CA ILE R 177 -125.70 -35.16 -3.23
C ILE R 177 -126.37 -35.62 -1.93
N GLU R 178 -126.49 -36.94 -1.75
CA GLU R 178 -127.11 -37.53 -0.58
C GLU R 178 -126.27 -37.27 0.67
N ASP R 179 -124.97 -37.48 0.52
CA ASP R 179 -123.98 -37.17 1.56
C ASP R 179 -124.05 -35.71 2.00
N ALA R 180 -124.04 -34.83 1.01
CA ALA R 180 -124.14 -33.37 1.20
C ALA R 180 -125.37 -32.99 2.02
N ARG R 181 -126.52 -33.54 1.60
CA ARG R 181 -127.80 -33.32 2.30
C ARG R 181 -127.77 -33.81 3.73
N PHE R 182 -127.21 -35.00 3.94
CA PHE R 182 -127.11 -35.58 5.28
C PHE R 182 -126.27 -34.70 6.20
N ASN R 183 -125.10 -34.29 5.71
CA ASN R 183 -124.19 -33.43 6.47
C ASN R 183 -124.87 -32.14 6.93
N SER R 184 -125.60 -31.52 6.01
CA SER R 184 -126.40 -30.33 6.28
C SER R 184 -127.44 -30.57 7.37
N ARG R 185 -128.14 -31.70 7.24
CA ARG R 185 -129.15 -32.13 8.22
C ARG R 185 -128.55 -32.32 9.60
N TYR R 186 -127.40 -32.98 9.64
CA TYR R 186 -126.65 -33.22 10.88
C TYR R 186 -126.21 -31.93 11.57
N TYR R 187 -125.67 -31.00 10.79
CA TYR R 187 -125.05 -29.78 11.33
C TYR R 187 -126.02 -28.94 12.16
N LEU R 188 -127.20 -28.71 11.59
CA LEU R 188 -128.27 -27.94 12.25
C LEU R 188 -128.75 -28.62 13.52
N LYS R 189 -128.91 -29.94 13.45
CA LYS R 189 -129.30 -30.75 14.60
C LYS R 189 -128.27 -30.66 15.72
N GLU R 190 -126.99 -30.79 15.35
CA GLU R 190 -125.87 -30.62 16.29
C GLU R 190 -125.88 -29.27 16.99
N GLU R 191 -126.10 -28.22 16.21
CA GLU R 191 -126.22 -26.85 16.73
C GLU R 191 -127.36 -26.70 17.74
N GLU R 192 -128.51 -27.30 17.39
CA GLU R 192 -129.68 -27.32 18.28
C GLU R 192 -129.39 -28.03 19.60
N ARG R 193 -128.74 -29.18 19.51
CA ARG R 193 -128.31 -29.97 20.68
C ARG R 193 -127.40 -29.16 21.60
N LEU R 194 -126.42 -28.48 20.98
CA LEU R 194 -125.50 -27.60 21.70
C LEU R 194 -126.21 -26.47 22.42
N LYS R 195 -127.17 -25.86 21.73
CA LYS R 195 -128.00 -24.79 22.29
C LYS R 195 -128.79 -25.28 23.51
N ALA R 196 -129.39 -26.46 23.36
CA ALA R 196 -130.15 -27.12 24.43
C ALA R 196 -129.29 -27.39 25.66
N ARG R 197 -128.08 -27.90 25.41
CA ARG R 197 -127.09 -28.15 26.47
C ARG R 197 -126.71 -26.87 27.22
N ARG R 198 -126.49 -25.81 26.44
CA ARG R 198 -126.17 -24.47 26.97
C ARG R 198 -127.27 -23.97 27.91
N GLU R 199 -128.51 -23.99 27.41
CA GLU R 199 -129.66 -23.39 28.08
C GLU R 199 -130.43 -24.35 29.00
N SER R 200 -130.07 -25.64 28.96
CA SER R 200 -130.73 -26.69 29.76
C SER R 200 -132.23 -26.76 29.49
N TRP R 201 -132.58 -27.05 28.24
CA TRP R 201 -133.99 -27.20 27.84
C TRP R 201 -134.61 -28.45 28.43
N THR R 202 -135.94 -28.44 28.51
CA THR R 202 -136.71 -29.66 28.71
C THR R 202 -136.62 -30.43 27.40
N ASN R 203 -136.11 -31.67 27.48
CA ASN R 203 -135.77 -32.48 26.29
C ASN R 203 -136.88 -32.65 25.25
N GLU R 204 -138.14 -32.58 25.69
CA GLU R 204 -139.31 -32.64 24.81
C GLU R 204 -139.29 -31.55 23.74
N LYS R 205 -138.98 -30.32 24.17
CA LYS R 205 -138.84 -29.17 23.28
C LYS R 205 -137.75 -29.38 22.23
N LEU R 206 -136.61 -29.89 22.70
CA LEU R 206 -135.46 -30.21 21.85
C LEU R 206 -135.87 -31.24 20.79
N SER R 207 -136.54 -32.30 21.22
CA SER R 207 -137.04 -33.36 20.35
C SER R 207 -138.00 -32.83 19.28
N GLU R 208 -138.88 -31.92 19.70
CA GLU R 208 -139.83 -31.25 18.81
C GLU R 208 -139.09 -30.42 17.75
N SER R 209 -138.08 -29.67 18.19
CA SER R 209 -137.24 -28.86 17.30
C SER R 209 -136.50 -29.71 16.26
N LEU R 210 -135.95 -30.84 16.73
CA LEU R 210 -135.31 -31.82 15.85
C LEU R 210 -136.26 -32.37 14.79
N SER R 211 -137.47 -32.72 15.23
CA SER R 211 -138.53 -33.21 14.34
C SER R 211 -138.90 -32.18 13.27
N LYS R 212 -139.05 -30.93 13.69
CA LYS R 212 -139.30 -29.80 12.78
C LYS R 212 -138.20 -29.65 11.73
N ILE R 213 -136.95 -29.70 12.19
CA ILE R 213 -135.76 -29.65 11.30
C ILE R 213 -135.79 -30.77 10.27
N ASP R 214 -136.08 -31.98 10.73
CA ASP R 214 -136.18 -33.16 9.87
C ASP R 214 -137.25 -32.96 8.79
N GLU R 215 -138.42 -32.49 9.22
CA GLU R 215 -139.54 -32.18 8.31
C GLU R 215 -139.14 -31.16 7.25
N CYS R 216 -138.49 -30.09 7.69
CA CYS R 216 -137.98 -29.04 6.79
C CYS R 216 -137.03 -29.63 5.75
N SER R 217 -136.07 -30.43 6.21
CA SER R 217 -135.10 -31.08 5.35
C SER R 217 -135.78 -32.03 4.36
N ASP R 218 -136.65 -32.90 4.89
CA ASP R 218 -137.42 -33.86 4.08
C ASP R 218 -138.26 -33.18 3.00
N LEU R 219 -138.93 -32.09 3.40
CA LEU R 219 -139.74 -31.29 2.48
C LEU R 219 -138.91 -30.72 1.34
N LEU R 220 -137.75 -30.18 1.69
CA LEU R 220 -136.83 -29.59 0.71
C LEU R 220 -136.26 -30.65 -0.25
N ASN R 221 -135.95 -31.83 0.28
CA ASN R 221 -135.55 -32.98 -0.54
C ASN R 221 -136.61 -33.37 -1.54
N SER R 222 -137.86 -33.40 -1.07
CA SER R 222 -139.03 -33.73 -1.91
C SER R 222 -139.22 -32.73 -3.04
N SER R 223 -139.16 -31.44 -2.70
CA SER R 223 -139.55 -30.37 -3.63
C SER R 223 -138.40 -29.84 -4.48
N THR R 224 -137.31 -29.47 -3.82
CA THR R 224 -136.22 -28.74 -4.47
C THR R 224 -135.10 -29.66 -4.96
N SER R 225 -134.28 -29.12 -5.86
CA SER R 225 -133.05 -29.76 -6.32
C SER R 225 -132.10 -28.69 -6.84
N PHE R 226 -130.79 -28.94 -6.68
CA PHE R 226 -129.76 -28.05 -7.22
C PHE R 226 -129.33 -28.55 -8.59
N ASN R 227 -129.35 -27.65 -9.58
CA ASN R 227 -128.95 -28.00 -10.94
C ASN R 227 -127.44 -28.13 -11.09
N ASN R 228 -127.01 -28.46 -12.30
CA ASN R 228 -125.60 -28.41 -12.71
C ASN R 228 -124.80 -27.23 -12.12
N LYS R 229 -125.36 -26.03 -12.27
CA LYS R 229 -124.68 -24.78 -11.89
C LYS R 229 -124.93 -24.30 -10.44
N LEU R 230 -125.59 -25.11 -9.63
CA LEU R 230 -125.94 -24.77 -8.23
C LEU R 230 -126.95 -23.61 -8.08
N GLU R 231 -127.88 -23.50 -9.04
CA GLU R 231 -129.13 -22.76 -8.86
C GLU R 231 -130.21 -23.73 -8.43
N LEU R 232 -131.18 -23.24 -7.65
CA LEU R 232 -132.26 -24.08 -7.14
C LEU R 232 -133.43 -24.14 -8.12
N HIS R 233 -134.11 -25.29 -8.15
CA HIS R 233 -135.23 -25.53 -9.05
C HIS R 233 -136.06 -26.74 -8.58
N GLN R 234 -137.10 -27.08 -9.34
CA GLN R 234 -137.99 -28.22 -9.02
C GLN R 234 -137.25 -29.56 -9.08
N TYR R 235 -137.68 -30.50 -8.25
CA TYR R 235 -137.00 -31.79 -8.05
C TYR R 235 -137.28 -32.78 -9.18
N ILE R 236 -136.26 -33.55 -9.56
CA ILE R 236 -136.38 -34.63 -10.54
C ILE R 236 -135.74 -35.89 -9.95
N SER R 237 -136.42 -37.02 -10.11
CA SER R 237 -135.90 -38.32 -9.68
C SER R 237 -134.79 -38.80 -10.62
N GLU R 238 -134.10 -39.87 -10.22
CA GLU R 238 -132.92 -40.34 -10.96
C GLU R 238 -133.27 -40.97 -12.30
N GLN R 239 -134.27 -41.85 -12.28
CA GLN R 239 -134.77 -42.52 -13.49
C GLN R 239 -135.30 -41.52 -14.50
N GLU R 240 -136.09 -40.56 -14.00
CA GLU R 240 -136.65 -39.47 -14.80
C GLU R 240 -135.55 -38.64 -15.47
N LYS R 241 -134.53 -38.28 -14.68
CA LYS R 241 -133.34 -37.56 -15.17
C LYS R 241 -132.64 -38.32 -16.30
N GLN R 242 -132.43 -39.61 -16.09
CA GLN R 242 -131.85 -40.52 -17.09
C GLN R 242 -132.66 -40.53 -18.39
N ALA R 243 -133.97 -40.62 -18.25
CA ALA R 243 -134.90 -40.60 -19.39
C ALA R 243 -134.80 -39.29 -20.17
N LEU R 244 -134.79 -38.18 -19.44
CA LEU R 244 -134.60 -36.84 -20.02
C LEU R 244 -133.29 -36.71 -20.79
N LYS R 245 -132.22 -37.22 -20.20
CA LYS R 245 -130.89 -37.25 -20.83
C LYS R 245 -130.91 -38.05 -22.13
N ALA R 246 -131.54 -39.21 -22.08
CA ALA R 246 -131.69 -40.08 -23.26
C ALA R 246 -132.45 -39.38 -24.38
N LYS R 247 -133.54 -38.71 -24.02
CA LYS R 247 -134.35 -37.90 -24.95
C LYS R 247 -133.52 -36.79 -25.60
N LEU R 248 -132.75 -36.09 -24.78
CA LEU R 248 -131.83 -35.04 -25.23
C LEU R 248 -130.84 -35.58 -26.25
N LEU R 249 -130.21 -36.70 -25.92
CA LEU R 249 -129.27 -37.39 -26.80
C LEU R 249 -129.90 -37.74 -28.15
N GLU R 250 -131.11 -38.31 -28.10
CA GLU R 250 -131.88 -38.64 -29.30
C GLU R 250 -132.14 -37.42 -30.17
N ASP R 251 -132.55 -36.32 -29.54
CA ASP R 251 -132.79 -35.05 -30.23
C ASP R 251 -131.52 -34.53 -30.91
N LEU R 252 -130.39 -34.63 -30.21
CA LEU R 252 -129.08 -34.25 -30.76
C LEU R 252 -128.71 -35.06 -31.98
N GLU R 253 -128.89 -36.39 -31.88
CA GLU R 253 -128.67 -37.32 -32.98
C GLU R 253 -129.51 -36.97 -34.21
N LYS R 254 -130.78 -36.65 -33.97
CA LYS R 254 -131.70 -36.23 -35.04
C LYS R 254 -131.21 -34.97 -35.77
N SER R 255 -130.78 -33.97 -35.01
CA SER R 255 -130.34 -32.67 -35.56
C SER R 255 -128.85 -32.43 -35.33
N GLN R 256 -128.02 -33.17 -36.06
CA GLN R 256 -126.55 -33.05 -35.99
C GLN R 256 -125.96 -32.04 -36.97
N HIS R 257 -126.58 -31.91 -38.15
CA HIS R 257 -125.94 -31.25 -39.29
C HIS R 257 -125.78 -29.73 -39.14
N LEU R 258 -126.85 -29.06 -38.71
CA LEU R 258 -126.86 -27.59 -38.51
C LEU R 258 -126.44 -26.81 -39.76
N GLU R 259 -127.30 -26.86 -40.77
CA GLU R 259 -127.05 -26.16 -42.03
C GLU R 259 -127.37 -24.66 -41.92
N THR R 260 -128.44 -24.33 -41.19
CA THR R 260 -128.93 -22.95 -41.08
C THR R 260 -128.75 -22.33 -39.69
N LYS R 261 -128.98 -21.02 -39.62
CA LYS R 261 -129.02 -20.25 -38.38
C LYS R 261 -130.10 -20.75 -37.43
N LYS R 262 -131.28 -21.00 -37.99
CA LYS R 262 -132.45 -21.48 -37.24
C LYS R 262 -132.17 -22.77 -36.48
N ASP R 263 -131.55 -23.73 -37.17
CA ASP R 263 -131.17 -25.02 -36.59
C ASP R 263 -130.21 -24.85 -35.41
N LYS R 264 -129.21 -24.00 -35.61
CA LYS R 264 -128.26 -23.61 -34.55
C LYS R 264 -128.98 -23.02 -33.33
N ASN R 265 -129.91 -22.11 -33.59
CA ASN R 265 -130.70 -21.47 -32.54
C ASN R 265 -131.51 -22.48 -31.74
N TYR R 266 -132.13 -23.41 -32.47
CA TYR R 266 -132.89 -24.52 -31.89
C TYR R 266 -132.03 -25.40 -30.98
N ILE R 267 -130.83 -25.74 -31.46
CA ILE R 267 -129.91 -26.59 -30.68
C ILE R 267 -129.46 -25.87 -29.41
N LYS R 268 -129.20 -24.57 -29.52
CA LYS R 268 -128.85 -23.73 -28.36
C LYS R 268 -129.95 -23.72 -27.30
N ALA R 269 -131.18 -23.54 -27.77
CA ALA R 269 -132.38 -23.56 -26.92
C ALA R 269 -132.53 -24.90 -26.20
N LEU R 270 -132.28 -25.98 -26.94
CA LEU R 270 -132.32 -27.35 -26.41
C LEU R 270 -131.29 -27.53 -25.30
N PHE R 271 -130.07 -27.08 -25.58
CA PHE R 271 -128.96 -27.13 -24.61
C PHE R 271 -129.21 -26.33 -23.34
N LYS R 272 -129.89 -25.19 -23.49
CA LYS R 272 -130.17 -24.27 -22.37
C LYS R 272 -130.92 -24.93 -21.21
N ASP R 273 -131.91 -25.76 -21.53
CA ASP R 273 -132.70 -26.48 -20.51
C ASP R 273 -131.93 -27.61 -19.79
N ALA R 274 -130.86 -28.11 -20.41
CA ALA R 274 -130.15 -29.31 -19.95
C ALA R 274 -129.60 -29.29 -18.52
N CYS R 275 -129.18 -28.11 -18.04
CA CYS R 275 -128.51 -27.97 -16.73
C CYS R 275 -129.20 -28.66 -15.54
N ASN R 276 -130.53 -28.73 -15.57
CA ASN R 276 -131.32 -29.33 -14.48
C ASN R 276 -131.17 -30.85 -14.34
N PHE R 277 -131.17 -31.57 -15.47
CA PHE R 277 -131.16 -33.05 -15.48
C PHE R 277 -129.83 -33.67 -15.91
N LEU R 278 -128.78 -32.86 -15.99
CA LEU R 278 -127.51 -33.26 -16.60
C LEU R 278 -126.34 -32.80 -15.73
N THR R 279 -125.30 -33.63 -15.62
CA THR R 279 -124.09 -33.25 -14.86
C THR R 279 -123.26 -32.28 -15.69
N LEU R 280 -122.27 -31.67 -15.06
CA LEU R 280 -121.45 -30.64 -15.71
C LEU R 280 -120.59 -31.23 -16.83
N SER R 281 -119.86 -32.28 -16.49
CA SER R 281 -118.98 -32.99 -17.42
C SER R 281 -119.70 -33.48 -18.68
N GLU R 282 -120.87 -34.09 -18.47
CA GLU R 282 -121.73 -34.56 -19.56
C GLU R 282 -122.16 -33.42 -20.48
N GLU R 283 -122.59 -32.31 -19.87
CA GLU R 283 -123.00 -31.11 -20.60
C GLU R 283 -121.85 -30.54 -21.45
N VAL R 284 -120.67 -30.47 -20.85
CA VAL R 284 -119.45 -30.00 -21.53
C VAL R 284 -119.16 -30.87 -22.76
N HIS R 285 -119.20 -32.19 -22.55
CA HIS R 285 -118.99 -33.16 -23.62
C HIS R 285 -119.95 -32.97 -24.78
N LEU R 286 -121.23 -32.80 -24.44
CA LEU R 286 -122.28 -32.67 -25.45
C LEU R 286 -122.14 -31.38 -26.26
N ARG R 287 -121.93 -30.25 -25.58
CA ARG R 287 -121.71 -28.96 -26.24
C ARG R 287 -120.54 -29.00 -27.21
N ARG R 288 -119.43 -29.56 -26.74
CA ARG R 288 -118.22 -29.74 -27.54
C ARG R 288 -118.46 -30.61 -28.77
N LYS R 289 -119.22 -31.68 -28.58
CA LYS R 289 -119.59 -32.62 -29.64
C LYS R 289 -120.43 -31.95 -30.74
N TYR R 290 -121.46 -31.22 -30.34
CA TYR R 290 -122.52 -30.77 -31.26
C TYR R 290 -122.49 -29.29 -31.65
N LEU R 291 -122.01 -28.42 -30.75
CA LEU R 291 -121.74 -27.02 -31.08
C LEU R 291 -120.25 -26.88 -31.35
N LYS R 292 -119.80 -27.53 -32.42
CA LYS R 292 -118.41 -27.39 -32.88
C LYS R 292 -118.21 -25.99 -33.44
N SER R 293 -117.02 -25.44 -33.25
CA SER R 293 -116.70 -24.11 -33.77
C SER R 293 -116.81 -24.07 -35.29
N VAL R 294 -116.24 -25.10 -35.94
CA VAL R 294 -116.36 -25.29 -37.39
C VAL R 294 -116.74 -26.75 -37.68
N PHE R 295 -117.60 -26.96 -38.67
CA PHE R 295 -118.10 -28.30 -38.99
C PHE R 295 -117.12 -29.04 -39.90
N PRO R 296 -117.27 -30.39 -40.01
CA PRO R 296 -116.40 -31.16 -40.91
C PRO R 296 -116.49 -30.80 -42.39
N GLU R 297 -115.51 -31.28 -43.16
CA GLU R 297 -115.46 -31.02 -44.60
C GLU R 297 -116.46 -31.90 -45.35
N THR R 298 -117.16 -31.30 -46.31
CA THR R 298 -118.10 -32.01 -47.18
C THR R 298 -118.39 -31.17 -48.44
N ASP R 299 -119.08 -31.78 -49.40
CA ASP R 299 -119.40 -31.14 -50.69
C ASP R 299 -120.09 -29.76 -50.54
N SER R 300 -120.92 -29.62 -49.52
CA SER R 300 -121.59 -28.36 -49.21
C SER R 300 -120.61 -27.27 -48.71
N THR R 301 -119.65 -27.67 -47.88
CA THR R 301 -118.75 -26.74 -47.18
C THR R 301 -117.41 -26.51 -47.90
N VAL R 302 -116.69 -27.59 -48.17
CA VAL R 302 -115.27 -27.52 -48.52
C VAL R 302 -114.95 -27.02 -49.95
N GLU R 303 -115.82 -27.34 -50.91
CA GLU R 303 -115.60 -26.93 -52.31
C GLU R 303 -115.87 -25.43 -52.51
N THR R 304 -117.05 -24.99 -52.08
CA THR R 304 -117.44 -23.58 -52.19
C THR R 304 -116.74 -22.72 -51.15
N ILE R 311 -111.91 -20.72 -45.16
CA ILE R 311 -111.89 -19.79 -46.30
C ILE R 311 -110.48 -19.72 -46.89
N VAL R 312 -109.50 -19.46 -46.03
CA VAL R 312 -108.08 -19.40 -46.41
C VAL R 312 -107.27 -20.34 -45.50
N SER R 313 -107.82 -21.51 -45.22
CA SER R 313 -107.16 -22.51 -44.38
C SER R 313 -106.22 -23.33 -45.25
N ARG R 314 -104.92 -23.28 -44.93
CA ARG R 314 -103.90 -24.04 -45.66
C ARG R 314 -103.13 -24.93 -44.69
N ARG R 315 -103.26 -26.23 -44.87
CA ARG R 315 -102.64 -27.24 -44.01
C ARG R 315 -101.63 -28.08 -44.78
N PHE R 316 -100.91 -28.92 -44.04
CA PHE R 316 -99.91 -29.81 -44.60
C PHE R 316 -100.40 -31.26 -44.50
N ASP R 317 -100.76 -31.87 -45.64
CA ASP R 317 -101.10 -33.29 -45.67
C ASP R 317 -99.82 -34.13 -45.79
N TYR R 318 -99.67 -35.13 -44.92
CA TYR R 318 -98.43 -35.91 -44.80
C TYR R 318 -98.38 -37.15 -45.71
N THR R 319 -99.46 -37.42 -46.44
CA THR R 319 -99.47 -38.49 -47.44
C THR R 319 -98.63 -38.08 -48.65
N LYS R 320 -98.95 -36.92 -49.21
CA LYS R 320 -98.28 -36.38 -50.39
C LYS R 320 -97.17 -35.36 -50.07
N ASN R 321 -97.10 -34.90 -48.82
CA ASN R 321 -96.12 -33.90 -48.36
C ASN R 321 -96.20 -32.58 -49.13
N LYS R 322 -97.37 -31.95 -49.05
CA LYS R 322 -97.65 -30.69 -49.74
C LYS R 322 -98.60 -29.80 -48.93
N VAL R 323 -98.64 -28.52 -49.28
CA VAL R 323 -99.49 -27.53 -48.59
C VAL R 323 -100.86 -27.51 -49.28
N GLU R 324 -101.78 -28.30 -48.76
CA GLU R 324 -103.13 -28.40 -49.33
C GLU R 324 -104.00 -27.21 -48.87
N VAL R 325 -104.26 -26.29 -49.80
CA VAL R 325 -105.09 -25.12 -49.52
C VAL R 325 -106.56 -25.53 -49.59
N ILE R 326 -107.35 -25.01 -48.65
CA ILE R 326 -108.77 -25.34 -48.51
C ILE R 326 -109.59 -24.06 -48.51
N ALA R 327 -110.70 -24.08 -49.26
CA ALA R 327 -111.59 -22.91 -49.40
C ALA R 327 -112.95 -23.21 -48.78
N ARG R 328 -113.03 -23.11 -47.46
CA ARG R 328 -114.23 -23.44 -46.71
C ARG R 328 -115.32 -22.38 -46.87
N SER R 329 -116.57 -22.84 -46.95
CA SER R 329 -117.72 -21.94 -47.07
C SER R 329 -118.06 -21.32 -45.71
N ARG R 330 -118.86 -20.25 -45.75
CA ARG R 330 -119.26 -19.54 -44.54
C ARG R 330 -120.27 -20.33 -43.69
N ARG R 331 -121.06 -21.17 -44.35
CA ARG R 331 -122.00 -22.10 -43.68
C ARG R 331 -121.34 -23.12 -42.74
N ALA R 332 -120.07 -23.46 -43.01
CA ALA R 332 -119.31 -24.41 -42.19
C ALA R 332 -118.96 -23.91 -40.79
N PHE R 333 -118.95 -22.60 -40.59
CA PHE R 333 -118.57 -21.98 -39.31
C PHE R 333 -119.82 -21.70 -38.48
N LEU R 334 -119.77 -22.06 -37.20
CA LEU R 334 -120.94 -21.99 -36.30
C LEU R 334 -121.40 -20.56 -36.06
N SER R 335 -120.44 -19.68 -35.75
CA SER R 335 -120.72 -18.26 -35.53
C SER R 335 -121.26 -17.54 -36.78
N LYS R 336 -120.81 -17.99 -37.96
CA LYS R 336 -121.18 -17.35 -39.24
C LYS R 336 -122.24 -18.15 -40.03
N LEU R 337 -123.20 -18.76 -39.33
CA LEU R 337 -124.30 -19.48 -39.99
C LEU R 337 -125.34 -18.49 -40.51
N ARG S 1 -59.06 52.20 23.75
CA ARG S 1 -57.78 51.99 24.49
C ARG S 1 -57.86 52.55 25.91
N GLN S 2 -56.82 52.28 26.70
CA GLN S 2 -56.66 52.86 28.03
C GLN S 2 -55.26 53.44 28.20
N TRP S 3 -55.09 54.22 29.26
CA TRP S 3 -53.81 54.86 29.57
C TRP S 3 -53.40 54.44 30.98
N ARG S 4 -53.33 53.13 31.18
CA ARG S 4 -53.12 52.53 32.50
C ARG S 4 -51.74 52.85 33.07
N LEU S 5 -50.70 52.65 32.25
CA LEU S 5 -49.31 52.90 32.68
C LEU S 5 -49.00 54.39 32.86
N ILE S 6 -49.87 55.27 32.36
CA ILE S 6 -49.78 56.72 32.56
C ILE S 6 -50.59 57.16 33.77
N GLU S 7 -51.90 56.91 33.73
CA GLU S 7 -52.82 57.42 34.76
C GLU S 7 -52.76 56.69 36.12
N THR S 8 -52.07 55.54 36.16
CA THR S 8 -51.72 54.89 37.42
C THR S 8 -50.69 55.70 38.22
N ARG S 9 -49.78 56.38 37.51
CA ARG S 9 -48.69 57.14 38.14
C ARG S 9 -49.20 58.17 39.13
N LYS S 10 -48.55 58.25 40.29
CA LYS S 10 -48.87 59.23 41.33
C LYS S 10 -47.60 59.96 41.73
N ILE S 11 -47.74 61.25 42.04
CA ILE S 11 -46.62 62.12 42.42
C ILE S 11 -46.94 62.71 43.79
N ALA S 12 -45.90 62.97 44.57
CA ALA S 12 -46.06 63.49 45.94
C ALA S 12 -46.77 64.85 45.92
N LYS S 13 -47.92 64.91 46.60
CA LYS S 13 -48.73 66.12 46.64
C LYS S 13 -48.00 67.22 47.41
N GLN S 14 -47.57 68.25 46.68
CA GLN S 14 -46.89 69.39 47.29
C GLN S 14 -47.87 70.22 48.12
N PRO S 15 -47.49 70.59 49.36
CA PRO S 15 -48.37 71.41 50.18
C PRO S 15 -48.34 72.87 49.71
N ASN S 16 -49.51 73.50 49.64
CA ASN S 16 -49.60 74.91 49.22
C ASN S 16 -48.90 75.85 50.20
N TYR S 17 -47.88 76.56 49.69
CA TYR S 17 -47.00 77.37 50.53
C TYR S 17 -47.51 78.80 50.67
N GLN S 18 -47.90 79.18 51.88
CA GLN S 18 -48.30 80.55 52.19
C GLN S 18 -47.04 81.42 52.32
N VAL S 19 -47.20 82.72 52.09
CA VAL S 19 -46.07 83.67 52.14
C VAL S 19 -45.44 83.78 53.54
N GLY S 20 -46.27 83.69 54.59
CA GLY S 20 -45.81 83.81 55.98
C GLY S 20 -45.36 82.53 56.65
N ASP S 21 -45.50 81.38 55.98
CA ASP S 21 -45.20 80.07 56.57
C ASP S 21 -43.68 79.84 56.61
N ALA S 22 -43.26 78.84 57.39
CA ALA S 22 -41.84 78.45 57.49
C ALA S 22 -41.39 77.71 56.23
N LYS S 23 -40.08 77.77 55.96
CA LYS S 23 -39.49 77.13 54.78
C LYS S 23 -39.45 75.61 54.90
N PRO S 24 -39.37 74.90 53.75
CA PRO S 24 -38.98 73.49 53.74
C PRO S 24 -37.45 73.38 53.81
N LEU S 25 -36.96 72.22 54.24
CA LEU S 25 -35.51 72.03 54.42
C LEU S 25 -34.72 72.12 53.12
N HIS S 26 -35.24 71.49 52.06
CA HIS S 26 -34.60 71.55 50.74
C HIS S 26 -35.46 72.31 49.72
N MET S 27 -35.17 73.60 49.61
CA MET S 27 -35.74 74.47 48.58
C MET S 27 -34.76 74.49 47.40
N PRO S 28 -35.28 74.34 46.16
CA PRO S 28 -34.39 74.27 44.99
C PRO S 28 -33.72 75.60 44.63
N LYS S 29 -32.62 75.51 43.89
CA LYS S 29 -31.82 76.68 43.51
C LYS S 29 -32.50 77.47 42.39
N GLU S 30 -32.67 76.84 41.23
CA GLU S 30 -33.34 77.45 40.09
C GLU S 30 -34.84 77.16 40.18
N ARG S 31 -35.66 78.13 39.77
CA ARG S 31 -37.12 78.02 39.88
C ARG S 31 -37.73 77.07 38.84
N LYS S 32 -38.99 76.73 39.06
CA LYS S 32 -39.75 75.89 38.13
C LYS S 32 -40.03 76.66 36.84
N LYS S 33 -39.51 76.16 35.72
CA LYS S 33 -39.67 76.80 34.41
C LYS S 33 -41.02 76.45 33.80
N PHE S 34 -41.36 75.16 33.81
CA PHE S 34 -42.59 74.65 33.16
C PHE S 34 -43.67 74.34 34.18
N PRO S 35 -44.93 74.22 33.73
CA PRO S 35 -46.01 73.73 34.61
C PRO S 35 -45.83 72.26 34.97
N ASP S 36 -46.42 71.84 36.08
CA ASP S 36 -46.38 70.44 36.50
C ASP S 36 -47.27 69.60 35.59
N TYR S 37 -46.70 68.54 35.02
CA TYR S 37 -47.45 67.58 34.22
C TYR S 37 -48.20 66.67 35.18
N LYS S 38 -49.52 66.60 35.03
CA LYS S 38 -50.40 65.82 35.92
C LYS S 38 -49.89 64.42 36.22
N TYR S 39 -49.41 63.74 35.17
CA TYR S 39 -49.01 62.34 35.25
C TYR S 39 -47.49 62.17 35.35
N GLY S 40 -46.81 63.11 36.01
CA GLY S 40 -45.41 62.96 36.41
C GLY S 40 -44.40 62.77 35.31
N GLU S 41 -43.73 61.61 35.32
CA GLU S 41 -42.77 61.23 34.30
C GLU S 41 -42.57 59.72 34.39
N SER S 42 -42.70 59.03 33.25
CA SER S 42 -42.83 57.56 33.25
C SER S 42 -41.62 56.89 33.90
N ASN S 43 -41.90 55.88 34.73
CA ASN S 43 -40.88 55.16 35.48
C ASN S 43 -40.69 53.72 34.98
N ILE S 44 -40.99 53.47 33.71
CA ILE S 44 -40.81 52.12 33.15
C ILE S 44 -40.12 52.11 31.78
N PHE S 45 -40.66 52.81 30.79
CA PHE S 45 -40.11 52.78 29.44
C PHE S 45 -39.49 54.15 29.25
N LYS S 46 -38.48 54.44 30.08
CA LYS S 46 -37.87 55.79 30.20
C LYS S 46 -37.28 56.34 28.91
N GLN S 47 -36.99 55.43 27.98
CA GLN S 47 -36.85 55.72 26.55
C GLN S 47 -37.93 56.71 26.03
N SER S 48 -39.18 56.48 26.42
CA SER S 48 -40.34 57.28 25.98
C SER S 48 -40.51 58.66 26.63
N ASN S 49 -39.79 58.94 27.72
CA ASN S 49 -39.79 60.28 28.33
C ASN S 49 -39.17 61.36 27.43
N LYS S 50 -38.23 60.96 26.58
CA LYS S 50 -37.53 61.87 25.67
C LYS S 50 -38.29 62.19 24.37
N GLY S 51 -39.38 61.48 24.08
CA GLY S 51 -40.10 61.63 22.81
C GLY S 51 -41.62 61.58 22.92
N LEU S 52 -42.26 61.73 21.75
CA LEU S 52 -43.71 61.65 21.62
C LEU S 52 -44.11 60.22 21.23
N TYR S 53 -44.29 59.37 22.23
CA TYR S 53 -44.56 57.95 22.00
C TYR S 53 -46.05 57.62 21.88
N GLY S 54 -46.91 58.57 22.22
CA GLY S 54 -48.36 58.40 22.09
C GLY S 54 -48.91 57.33 23.02
N GLY S 55 -48.42 57.33 24.26
CA GLY S 55 -48.78 56.34 25.28
C GLY S 55 -48.54 54.89 24.87
N SER S 56 -47.53 54.66 24.04
CA SER S 56 -47.21 53.32 23.55
C SER S 56 -45.96 52.81 24.27
N PHE S 57 -46.19 52.06 25.34
CA PHE S 57 -45.10 51.46 26.12
C PHE S 57 -44.68 50.15 25.48
N VAL S 58 -43.53 49.65 25.93
CA VAL S 58 -43.05 48.33 25.52
C VAL S 58 -43.95 47.27 26.14
N GLN S 59 -44.28 46.26 25.35
CA GLN S 59 -44.97 45.07 25.84
C GLN S 59 -43.93 44.00 26.14
N PHE S 60 -44.26 43.13 27.09
CA PHE S 60 -43.60 41.84 27.24
C PHE S 60 -44.66 40.75 27.17
N GLY S 61 -44.32 39.67 26.48
CA GLY S 61 -45.24 38.54 26.28
C GLY S 61 -44.45 37.31 25.90
N ASN S 62 -45.12 36.32 25.32
CA ASN S 62 -44.50 35.02 25.06
C ASN S 62 -44.33 34.70 23.59
N ASN S 63 -43.09 34.38 23.19
CA ASN S 63 -42.86 33.64 21.95
C ASN S 63 -43.37 32.22 22.18
N ILE S 64 -44.21 31.74 21.26
CA ILE S 64 -44.82 30.41 21.36
C ILE S 64 -44.53 29.63 20.09
N SER S 65 -44.05 28.40 20.26
CA SER S 65 -43.65 27.53 19.15
C SER S 65 -44.79 26.60 18.70
N GLU S 66 -44.47 25.70 17.78
CA GLU S 66 -45.39 24.60 17.40
C GLU S 66 -45.60 23.63 18.55
N SER S 67 -44.56 23.44 19.38
CA SER S 67 -44.65 22.65 20.62
C SER S 67 -45.31 23.40 21.79
N LYS S 68 -45.71 24.65 21.56
CA LYS S 68 -46.20 25.57 22.60
C LYS S 68 -45.23 25.82 23.75
N ALA S 69 -43.93 25.75 23.45
CA ALA S 69 -42.88 26.03 24.43
C ALA S 69 -42.76 27.55 24.55
N LYS S 70 -43.26 28.09 25.66
CA LYS S 70 -43.32 29.54 25.85
C LYS S 70 -41.96 30.10 26.24
N THR S 71 -41.59 31.22 25.62
CA THR S 71 -40.32 31.91 25.90
C THR S 71 -40.62 33.41 25.91
N ARG S 72 -40.05 34.14 26.89
CA ARG S 72 -40.37 35.56 27.04
C ARG S 72 -39.78 36.39 25.90
N LYS S 73 -40.62 37.22 25.28
CA LYS S 73 -40.20 38.19 24.27
C LYS S 73 -40.75 39.56 24.63
N LYS S 74 -40.19 40.59 24.02
CA LYS S 74 -40.70 41.96 24.18
C LYS S 74 -41.05 42.52 22.80
N TRP S 75 -41.99 43.46 22.79
CA TRP S 75 -42.56 44.03 21.57
C TRP S 75 -42.38 45.53 21.66
N LEU S 76 -41.38 46.03 20.93
CA LEU S 76 -41.07 47.46 20.94
C LEU S 76 -41.95 48.21 19.95
N PRO S 77 -42.25 49.50 20.24
CA PRO S 77 -42.97 50.29 19.26
C PRO S 77 -42.06 50.77 18.12
N ASN S 78 -42.68 51.08 16.98
CA ASN S 78 -41.94 51.54 15.80
C ASN S 78 -41.59 53.01 15.98
N VAL S 79 -40.51 53.23 16.73
CA VAL S 79 -40.01 54.57 17.05
C VAL S 79 -39.24 55.10 15.86
N VAL S 80 -39.26 56.41 15.68
CA VAL S 80 -38.50 57.07 14.61
C VAL S 80 -38.16 58.52 14.94
N LYS S 81 -36.92 58.90 14.64
CA LYS S 81 -36.44 60.28 14.81
C LYS S 81 -37.02 61.10 13.67
N LYS S 82 -37.60 62.26 13.98
CA LYS S 82 -38.32 63.04 12.96
C LYS S 82 -38.40 64.54 13.29
N GLY S 83 -37.69 65.35 12.50
CA GLY S 83 -37.71 66.81 12.61
C GLY S 83 -38.91 67.40 11.91
N LEU S 84 -39.93 67.75 12.69
CA LEU S 84 -41.19 68.24 12.14
C LEU S 84 -41.41 69.72 12.42
N TRP S 85 -41.99 70.43 11.45
CA TRP S 85 -42.11 71.88 11.50
C TRP S 85 -43.19 72.38 12.46
N SER S 86 -42.81 73.30 13.34
CA SER S 86 -43.74 74.03 14.19
C SER S 86 -43.97 75.42 13.59
N GLU S 87 -45.22 75.74 13.31
CA GLU S 87 -45.60 77.07 12.81
C GLU S 87 -45.49 78.13 13.91
N THR S 88 -45.90 77.74 15.11
CA THR S 88 -45.90 78.62 16.28
C THR S 88 -44.47 79.01 16.70
N LEU S 89 -43.60 78.01 16.81
CA LEU S 89 -42.19 78.25 17.20
C LEU S 89 -41.33 78.79 16.05
N ASN S 90 -41.80 78.62 14.81
CA ASN S 90 -41.07 79.01 13.60
C ASN S 90 -39.71 78.30 13.47
N ARG S 91 -39.72 77.02 13.84
CA ARG S 91 -38.57 76.13 13.74
C ARG S 91 -39.10 74.71 13.67
N LYS S 92 -38.31 73.79 13.11
CA LYS S 92 -38.66 72.37 13.16
C LYS S 92 -38.13 71.74 14.44
N ILE S 93 -38.95 70.89 15.06
CA ILE S 93 -38.60 70.22 16.32
C ILE S 93 -38.37 68.72 16.10
N SER S 94 -37.13 68.30 16.30
CA SER S 94 -36.71 66.91 16.13
C SER S 94 -36.85 66.09 17.41
N ILE S 95 -37.62 65.01 17.32
CA ILE S 95 -37.90 64.12 18.45
C ILE S 95 -38.14 62.69 17.97
N LYS S 96 -38.08 61.76 18.93
CA LYS S 96 -38.48 60.38 18.72
C LYS S 96 -40.00 60.30 18.72
N MET S 97 -40.57 59.69 17.69
CA MET S 97 -42.02 59.45 17.60
C MET S 97 -42.29 58.01 17.27
N THR S 98 -43.44 57.52 17.72
CA THR S 98 -44.01 56.29 17.17
C THR S 98 -44.54 56.64 15.78
N ALA S 99 -44.47 55.69 14.84
CA ALA S 99 -45.05 55.86 13.49
C ALA S 99 -46.53 56.22 13.56
N LYS S 100 -47.22 55.62 14.52
CA LYS S 100 -48.61 55.94 14.86
C LYS S 100 -48.78 57.42 15.18
N VAL S 101 -47.92 57.93 16.06
CA VAL S 101 -47.93 59.33 16.47
C VAL S 101 -47.72 60.27 15.28
N LEU S 102 -46.76 59.90 14.42
CA LEU S 102 -46.51 60.64 13.18
C LEU S 102 -47.75 60.72 12.29
N LYS S 103 -48.44 59.58 12.20
CA LYS S 103 -49.70 59.47 11.46
C LYS S 103 -50.78 60.40 12.02
N THR S 104 -50.89 60.42 13.36
CA THR S 104 -51.86 61.28 14.07
C THR S 104 -51.57 62.76 13.81
N ILE S 105 -50.29 63.11 13.89
CA ILE S 105 -49.81 64.47 13.62
C ILE S 105 -50.23 64.90 12.22
N SER S 106 -49.97 64.03 11.24
CA SER S 106 -50.32 64.27 9.84
C SER S 106 -51.83 64.48 9.65
N LYS S 107 -52.62 63.65 10.31
CA LYS S 107 -54.07 63.73 10.31
C LYS S 107 -54.57 65.07 10.85
N GLU S 108 -54.02 65.47 12.00
CA GLU S 108 -54.43 66.70 12.69
C GLU S 108 -53.98 67.99 12.00
N GLY S 109 -52.96 67.88 11.15
CA GLY S 109 -52.49 69.00 10.36
C GLY S 109 -51.56 69.88 11.14
N GLY S 110 -50.45 69.30 11.57
CA GLY S 110 -49.40 70.01 12.26
C GLY S 110 -49.04 69.40 13.60
N ILE S 111 -47.91 69.85 14.13
CA ILE S 111 -47.31 69.32 15.35
C ILE S 111 -47.84 70.12 16.53
N ASP S 112 -47.92 71.44 16.36
CA ASP S 112 -48.50 72.35 17.34
C ASP S 112 -49.93 71.97 17.67
N ASN S 113 -50.71 71.70 16.63
CA ASN S 113 -52.11 71.23 16.75
C ASN S 113 -52.23 69.96 17.57
N TYR S 114 -51.36 69.00 17.26
CA TYR S 114 -51.28 67.73 18.00
C TYR S 114 -51.00 67.98 19.48
N LEU S 115 -49.99 68.80 19.76
CA LEU S 115 -49.63 69.17 21.13
C LEU S 115 -50.78 69.82 21.90
N THR S 116 -51.44 70.79 21.26
CA THR S 116 -52.43 71.65 21.91
C THR S 116 -53.88 71.12 22.01
N LYS S 117 -54.14 69.91 21.52
CA LYS S 117 -55.50 69.33 21.58
C LYS S 117 -55.94 69.19 23.04
N GLU S 118 -57.13 69.72 23.35
CA GLU S 118 -57.58 69.89 24.74
C GLU S 118 -58.04 68.61 25.44
N LYS S 119 -58.35 67.57 24.67
CA LYS S 119 -58.77 66.26 25.24
C LYS S 119 -57.76 65.71 26.26
N SER S 120 -58.29 65.02 27.26
CA SER S 120 -57.48 64.41 28.32
C SER S 120 -56.61 63.28 27.78
N ALA S 121 -57.16 62.50 26.84
CA ALA S 121 -56.43 61.40 26.18
C ALA S 121 -55.10 61.86 25.59
N ARG S 122 -55.15 62.97 24.86
CA ARG S 122 -53.96 63.60 24.28
C ARG S 122 -52.94 63.95 25.36
N ILE S 123 -53.42 64.62 26.40
CA ILE S 123 -52.59 65.04 27.53
C ILE S 123 -51.87 63.84 28.15
N LYS S 124 -52.63 62.77 28.39
CA LYS S 124 -52.08 61.52 28.90
C LYS S 124 -50.96 60.98 28.01
N GLU S 125 -51.23 60.93 26.70
CA GLU S 125 -50.28 60.37 25.73
C GLU S 125 -49.27 61.37 25.15
N LEU S 126 -49.28 62.62 25.62
CA LEU S 126 -48.10 63.47 25.57
C LEU S 126 -47.16 62.97 26.66
N GLY S 127 -45.85 63.09 26.43
CA GLY S 127 -44.87 62.79 27.46
C GLY S 127 -44.72 63.95 28.44
N PRO S 128 -43.65 63.92 29.25
CA PRO S 128 -43.18 65.14 29.91
C PRO S 128 -42.57 66.11 28.91
N THR S 129 -41.77 65.57 27.97
CA THR S 129 -41.26 66.34 26.84
C THR S 129 -42.39 66.96 26.03
N GLY S 130 -43.36 66.13 25.67
CA GLY S 130 -44.55 66.57 24.93
C GLY S 130 -45.32 67.68 25.64
N TRP S 131 -45.46 67.53 26.95
CA TRP S 131 -46.09 68.55 27.82
C TRP S 131 -45.33 69.88 27.79
N LYS S 132 -44.00 69.79 27.88
CA LYS S 132 -43.12 70.96 27.77
C LYS S 132 -43.23 71.66 26.42
N LEU S 133 -43.27 70.86 25.36
CA LEU S 133 -43.47 71.36 23.99
C LEU S 133 -44.79 72.11 23.86
N ARG S 134 -45.87 71.47 24.33
CA ARG S 134 -47.20 72.07 24.39
C ARG S 134 -47.17 73.43 25.08
N TYR S 135 -46.58 73.46 26.28
CA TYR S 135 -46.44 74.70 27.06
C TYR S 135 -45.75 75.79 26.27
N ARG S 136 -44.61 75.44 25.67
CA ARG S 136 -43.84 76.35 24.81
C ARG S 136 -44.68 76.94 23.68
N VAL S 137 -45.44 76.08 23.02
CA VAL S 137 -46.30 76.47 21.90
C VAL S 137 -47.43 77.38 22.38
N LEU S 138 -48.14 76.93 23.40
CA LEU S 138 -49.29 77.67 23.96
C LEU S 138 -48.92 79.06 24.46
N LYS S 139 -47.81 79.13 25.20
CA LYS S 139 -47.27 80.39 25.70
C LYS S 139 -46.95 81.35 24.56
N ARG S 140 -46.30 80.81 23.53
CA ARG S 140 -45.96 81.58 22.33
C ARG S 140 -47.20 82.12 21.62
N LYS S 141 -48.21 81.26 21.45
CA LYS S 141 -49.52 81.65 20.91
C LYS S 141 -50.17 82.79 21.69
N ASP S 142 -50.13 82.68 23.02
CA ASP S 142 -50.67 83.71 23.92
C ASP S 142 -49.96 85.04 23.75
N GLU S 143 -48.63 84.99 23.69
CA GLU S 143 -47.78 86.17 23.42
C GLU S 143 -48.13 86.86 22.11
N ILE S 144 -48.27 86.04 21.06
CA ILE S 144 -48.67 86.51 19.72
C ILE S 144 -50.01 87.23 19.76
N GLU S 145 -50.97 86.61 20.43
CA GLU S 145 -52.32 87.16 20.60
C GLU S 145 -52.31 88.49 21.34
N ASN S 146 -51.61 88.50 22.48
CA ASN S 146 -51.71 89.55 23.48
C ASN S 146 -50.34 90.07 23.90
N PRO S 147 -49.77 91.01 23.13
CA PRO S 147 -48.62 91.75 23.63
C PRO S 147 -48.99 92.61 24.86
N PRO S 148 -48.03 92.87 25.77
CA PRO S 148 -48.25 93.54 27.07
C PRO S 148 -49.30 94.66 27.09
N HIS S 149 -49.28 95.52 26.07
CA HIS S 149 -50.25 96.62 25.92
C HIS S 149 -50.98 96.51 24.58
N LYS S 150 -52.31 96.54 24.63
CA LYS S 150 -53.15 96.40 23.44
C LYS S 150 -54.54 96.99 23.67
N ARG S 182 -44.09 101.22 31.64
CA ARG S 182 -43.91 100.85 33.04
C ARG S 182 -42.44 100.64 33.39
N ARG S 183 -41.76 99.86 32.55
CA ARG S 183 -40.30 99.61 32.67
C ARG S 183 -39.52 100.91 32.66
N ARG S 184 -39.85 101.80 31.73
CA ARG S 184 -39.19 103.10 31.63
C ARG S 184 -39.43 103.97 32.86
N LEU S 185 -40.68 103.97 33.36
CA LEU S 185 -41.04 104.66 34.59
C LEU S 185 -40.22 104.17 35.78
N MET S 186 -40.08 102.85 35.88
CA MET S 186 -39.25 102.20 36.90
C MET S 186 -37.79 102.64 36.81
N SER S 187 -37.28 102.65 35.59
CA SER S 187 -35.91 103.09 35.29
C SER S 187 -35.68 104.55 35.66
N PHE S 188 -36.66 105.40 35.38
CA PHE S 188 -36.64 106.81 35.79
C PHE S 188 -36.60 106.99 37.31
N LEU S 189 -37.44 106.23 38.00
CA LEU S 189 -37.62 106.36 39.45
C LEU S 189 -36.44 105.78 40.24
N TYR S 190 -35.90 104.66 39.73
CA TYR S 190 -34.77 103.95 40.37
C TYR S 190 -33.61 104.81 40.91
N PRO S 191 -32.99 105.66 40.04
CA PRO S 191 -31.88 106.50 40.52
C PRO S 191 -32.29 107.47 41.62
N LEU S 192 -33.48 108.05 41.49
CA LEU S 192 -34.06 108.92 42.51
C LEU S 192 -34.24 108.18 43.83
N GLU S 193 -34.78 106.96 43.75
CA GLU S 193 -34.97 106.09 44.90
C GLU S 193 -33.65 105.76 45.60
N LYS S 194 -32.64 105.44 44.79
CA LYS S 194 -31.29 105.18 45.27
C LYS S 194 -30.71 106.37 46.02
N LEU S 195 -30.83 107.55 45.41
CA LEU S 195 -30.41 108.82 46.02
C LEU S 195 -31.08 109.09 47.37
N GLU S 196 -32.38 108.86 47.42
CA GLU S 196 -33.18 108.98 48.64
C GLU S 196 -32.69 108.04 49.75
N TYR S 197 -32.42 106.80 49.36
CA TYR S 197 -31.84 105.79 50.26
C TYR S 197 -30.50 106.24 50.82
N ARG S 198 -29.63 106.73 49.93
CA ARG S 198 -28.31 107.25 50.31
C ARG S 198 -28.40 108.42 51.30
N SER S 199 -29.35 109.31 51.05
CA SER S 199 -29.61 110.46 51.93
C SER S 199 -29.99 110.02 53.34
N VAL S 200 -30.81 108.97 53.43
CA VAL S 200 -31.12 108.33 54.72
C VAL S 200 -29.86 107.67 55.30
N GLY S 201 -29.12 106.95 54.45
CA GLY S 201 -27.85 106.31 54.85
C GLY S 201 -27.47 105.00 54.16
N LYS S 202 -28.44 104.31 53.55
CA LYS S 202 -28.24 102.96 53.00
C LYS S 202 -28.01 103.02 51.50
N ASP S 203 -27.37 102.00 50.95
CA ASP S 203 -27.20 101.85 49.49
C ASP S 203 -28.29 100.93 48.94
N LEU S 204 -28.60 101.10 47.65
CA LEU S 204 -29.69 100.37 47.00
C LEU S 204 -29.30 99.93 45.58
N ASN S 205 -29.52 98.64 45.28
CA ASN S 205 -29.19 98.04 43.99
C ASN S 205 -30.38 98.03 43.03
N TYR S 206 -30.14 97.72 41.78
CA TYR S 206 -31.25 97.65 40.89
C TYR S 206 -32.03 96.43 41.30
N LYS S 207 -31.44 95.26 41.09
CA LYS S 207 -32.14 93.99 41.32
C LYS S 207 -33.08 94.08 42.52
N LYS S 208 -32.57 94.67 43.61
CA LYS S 208 -33.35 94.87 44.82
C LYS S 208 -34.58 95.77 44.58
N PHE S 209 -34.35 96.86 43.86
CA PHE S 209 -35.41 97.80 43.45
C PHE S 209 -36.50 97.09 42.65
N VAL S 210 -36.08 96.27 41.70
CA VAL S 210 -36.98 95.46 40.86
C VAL S 210 -37.84 94.53 41.71
N GLU S 211 -37.18 93.84 42.64
CA GLU S 211 -37.83 92.93 43.59
C GLU S 211 -38.90 93.65 44.41
N LEU S 212 -38.54 94.82 44.92
CA LEU S 212 -39.44 95.68 45.68
C LEU S 212 -40.70 96.08 44.91
N PHE S 213 -40.50 96.56 43.68
CA PHE S 213 -41.58 97.13 42.86
C PHE S 213 -41.97 96.23 41.69
N ALA S 214 -42.28 94.97 42.01
CA ALA S 214 -42.84 94.02 41.05
C ALA S 214 -44.36 94.04 41.15
N ASP S 215 -44.88 93.88 42.37
CA ASP S 215 -46.31 93.88 42.64
C ASP S 215 -46.98 95.26 42.56
N VAL S 216 -46.19 96.33 42.72
CA VAL S 216 -46.71 97.70 42.76
C VAL S 216 -47.05 98.15 41.33
N ALA T 1 37.58 32.32 48.21
CA ALA T 1 37.77 31.73 49.58
C ALA T 1 39.24 31.66 49.97
N ARG T 2 39.51 31.64 51.27
CA ARG T 2 40.86 31.40 51.76
C ARG T 2 41.17 29.91 51.65
N THR T 3 42.42 29.62 51.28
CA THR T 3 42.84 28.29 50.85
C THR T 3 44.28 28.07 51.29
N LYS T 4 44.76 26.82 51.14
CA LYS T 4 46.20 26.52 51.29
C LYS T 4 47.07 27.31 50.29
N PHE T 5 46.53 27.58 49.11
CA PHE T 5 47.26 28.25 48.02
C PHE T 5 47.29 29.78 48.10
N THR T 6 46.47 30.38 48.97
CA THR T 6 46.36 31.84 49.05
C THR T 6 47.61 32.48 49.64
N LYS T 7 48.36 33.18 48.79
CA LYS T 7 49.51 33.97 49.22
C LYS T 7 49.00 35.22 49.94
N PRO T 8 49.68 35.67 51.01
CA PRO T 8 49.19 36.85 51.72
C PRO T 8 49.28 38.13 50.88
N LYS T 9 48.37 39.07 51.14
CA LYS T 9 48.31 40.34 50.41
C LYS T 9 49.49 41.23 50.82
N PRO T 10 49.87 42.19 49.95
CA PRO T 10 50.90 43.16 50.33
C PRO T 10 50.39 44.17 51.36
N LYS T 11 51.31 44.75 52.13
CA LYS T 11 50.97 45.78 53.11
C LYS T 11 50.59 47.07 52.40
N GLN T 12 49.70 47.86 53.01
CA GLN T 12 49.21 49.11 52.43
C GLN T 12 50.33 50.11 52.15
N PRO T 13 50.20 50.91 51.07
CA PRO T 13 51.23 51.90 50.75
C PRO T 13 51.24 53.09 51.71
N VAL T 14 52.19 53.10 52.63
CA VAL T 14 52.36 54.22 53.57
C VAL T 14 52.98 55.42 52.85
N LEU T 15 52.57 56.62 53.25
CA LEU T 15 53.15 57.85 52.73
C LEU T 15 54.43 58.15 53.54
N PRO T 16 55.53 58.54 52.87
CA PRO T 16 56.79 58.80 53.59
C PRO T 16 56.72 59.85 54.70
N LYS T 17 57.69 59.79 55.63
CA LYS T 17 57.75 60.68 56.79
C LYS T 17 57.81 62.16 56.42
N ASP T 18 58.56 62.47 55.36
CA ASP T 18 58.74 63.86 54.92
C ASP T 18 57.49 64.43 54.24
N LYS T 19 56.82 63.60 53.44
CA LYS T 19 55.64 64.02 52.68
C LYS T 19 54.37 64.20 53.51
N ILE T 20 54.18 63.38 54.54
CA ILE T 20 52.97 63.47 55.39
C ILE T 20 52.81 64.85 56.01
N ARG T 21 51.59 65.37 55.96
CA ARG T 21 51.27 66.67 56.56
C ARG T 21 51.23 66.56 58.08
N PRO T 22 51.61 67.64 58.79
CA PRO T 22 51.39 67.67 60.23
C PRO T 22 49.90 67.89 60.52
N PRO T 23 49.33 67.20 61.51
CA PRO T 23 47.89 67.34 61.77
C PRO T 23 47.55 68.72 62.30
N THR T 24 46.36 69.20 61.96
CA THR T 24 45.90 70.55 62.35
C THR T 24 45.77 70.67 63.87
N GLN T 25 45.31 69.61 64.52
CA GLN T 25 45.21 69.54 65.97
C GLN T 25 46.42 68.77 66.54
N LEU T 26 47.07 69.38 67.53
CA LEU T 26 48.26 68.80 68.18
C LEU T 26 47.96 68.37 69.63
N THR T 27 47.45 69.31 70.43
CA THR T 27 47.21 69.09 71.86
C THR T 27 45.77 68.65 72.14
N HIS T 28 45.63 67.41 72.60
CA HIS T 28 44.31 66.79 72.83
C HIS T 28 43.89 66.86 74.31
N HIS T 29 42.81 66.17 74.66
CA HIS T 29 42.29 66.09 76.04
C HIS T 29 43.32 65.87 77.13
N SER T 30 42.99 66.34 78.34
CA SER T 30 43.83 66.14 79.51
C SER T 30 43.78 64.68 79.97
N ASN T 31 44.94 64.11 80.25
CA ASN T 31 45.03 62.72 80.72
C ASN T 31 44.61 62.57 82.20
N ASN T 32 44.67 63.68 82.93
CA ASN T 32 44.34 63.73 84.35
C ASN T 32 42.84 63.61 84.69
N LEU T 33 41.97 63.76 83.69
CA LEU T 33 40.49 63.66 83.85
C LEU T 33 40.03 62.49 84.72
N ARG T 34 39.00 62.74 85.52
CA ARG T 34 38.52 61.80 86.53
C ARG T 34 36.99 61.78 86.58
N ILE T 35 36.43 60.59 86.72
CA ILE T 35 34.97 60.43 86.82
C ILE T 35 34.53 60.80 88.23
N THR T 36 34.04 62.03 88.38
CA THR T 36 33.46 62.51 89.63
C THR T 36 31.98 62.10 89.67
N GLU T 37 31.45 61.96 90.88
CA GLU T 37 30.01 61.67 91.07
C GLU T 37 29.14 62.80 90.50
N PRO T 38 27.88 62.48 90.09
CA PRO T 38 27.04 63.52 89.48
C PRO T 38 26.60 64.58 90.48
N ILE T 39 26.21 65.74 89.97
CA ILE T 39 25.81 66.87 90.82
C ILE T 39 24.33 67.21 90.55
N PRO T 40 23.42 66.65 91.40
CA PRO T 40 21.98 66.73 91.13
C PRO T 40 21.40 68.10 91.41
N PRO T 41 20.59 68.64 90.46
CA PRO T 41 20.11 70.02 90.52
C PRO T 41 19.22 70.26 91.72
N THR T 42 19.42 71.41 92.38
CA THR T 42 18.75 71.68 93.66
C THR T 42 17.74 72.84 93.58
N THR T 43 16.69 72.72 94.39
CA THR T 43 15.66 73.76 94.52
C THR T 43 16.18 75.05 95.16
N SER T 44 17.28 74.97 95.91
CA SER T 44 17.88 76.14 96.58
C SER T 44 18.22 77.30 95.63
N ASN T 45 18.65 76.97 94.41
CA ASN T 45 18.93 77.98 93.39
C ASN T 45 17.68 78.69 92.86
N LEU T 46 16.54 77.99 92.86
CA LEU T 46 15.27 78.59 92.48
C LEU T 46 14.82 79.66 93.47
N ARG T 47 14.07 80.63 92.97
CA ARG T 47 13.31 81.56 93.79
C ARG T 47 11.89 81.61 93.24
N CYS T 48 11.14 80.55 93.52
CA CYS T 48 9.75 80.44 93.10
C CYS T 48 8.92 81.54 93.77
N PRO T 49 8.25 82.40 92.98
CA PRO T 49 7.58 83.54 93.60
C PRO T 49 6.32 83.14 94.35
N ASP T 50 6.02 83.86 95.43
CA ASP T 50 4.85 83.60 96.27
C ASP T 50 3.53 83.94 95.54
N ASP T 51 3.61 84.84 94.56
CA ASP T 51 2.47 85.19 93.71
C ASP T 51 2.73 84.76 92.26
N HIS T 52 3.12 83.49 92.08
CA HIS T 52 3.22 82.88 90.76
C HIS T 52 1.79 82.59 90.30
N PRO T 53 1.41 82.98 89.07
CA PRO T 53 0.00 82.86 88.64
C PRO T 53 -0.55 81.42 88.58
N LEU T 54 0.33 80.42 88.58
CA LEU T 54 -0.07 79.01 88.64
C LEU T 54 -0.62 78.58 90.02
N TRP T 55 -0.36 79.37 91.07
CA TRP T 55 -1.04 79.18 92.38
C TRP T 55 -2.54 79.42 92.33
N GLN T 56 -2.98 80.20 91.35
CA GLN T 56 -4.40 80.47 91.10
C GLN T 56 -5.23 79.23 90.76
N PHE T 57 -4.56 78.16 90.31
CA PHE T 57 -5.19 76.84 90.10
C PHE T 57 -5.40 76.03 91.39
N PHE T 58 -4.77 76.47 92.48
CA PHE T 58 -4.95 75.88 93.81
C PHE T 58 -5.90 76.77 94.60
N SER T 59 -6.19 76.36 95.83
CA SER T 59 -7.03 77.14 96.74
C SER T 59 -6.38 77.18 98.13
N ASN T 60 -5.89 78.35 98.51
CA ASN T 60 -5.10 78.53 99.73
C ASN T 60 -3.81 77.69 99.73
N LYS T 61 -3.24 77.51 98.54
CA LYS T 61 -2.03 76.70 98.31
C LYS T 61 -2.09 75.26 98.84
N LYS T 62 -3.28 74.66 98.80
CA LYS T 62 -3.48 73.29 99.26
C LYS T 62 -3.47 72.34 98.07
N PHE T 63 -2.67 71.28 98.20
CA PHE T 63 -2.67 70.16 97.24
C PHE T 63 -4.07 69.59 97.03
N ILE T 64 -4.87 69.59 98.11
CA ILE T 64 -6.24 69.12 98.06
C ILE T 64 -7.02 69.74 99.23
N ARG T 65 -8.22 70.25 98.92
CA ARG T 65 -9.12 70.75 99.96
C ARG T 65 -9.72 69.56 100.70
N SER T 66 -9.57 69.54 102.02
CA SER T 66 -10.23 68.55 102.87
C SER T 66 -11.74 68.82 102.92
N ALA T 67 -12.48 67.94 103.59
CA ALA T 67 -13.92 68.11 103.78
C ALA T 67 -14.25 69.42 104.51
N ASP T 68 -13.43 69.76 105.50
CA ASP T 68 -13.58 71.02 106.25
C ASP T 68 -13.21 72.26 105.41
N ASP T 69 -12.20 72.11 104.56
CA ASP T 69 -11.75 73.20 103.67
C ASP T 69 -12.77 73.54 102.58
N LEU T 70 -13.53 72.53 102.13
CA LEU T 70 -14.60 72.73 101.14
C LEU T 70 -15.77 73.52 101.73
N PRO T 71 -16.52 74.23 100.86
CA PRO T 71 -17.74 74.89 101.32
C PRO T 71 -18.88 73.86 101.47
N PRO T 72 -19.57 73.86 102.63
CA PRO T 72 -20.63 72.86 102.84
C PRO T 72 -21.87 73.09 101.96
N SER T 73 -22.59 72.01 101.71
CA SER T 73 -23.73 72.00 100.78
C SER T 73 -24.92 72.84 101.24
N SER T 74 -25.17 72.87 102.54
CA SER T 74 -26.25 73.67 103.12
C SER T 74 -26.00 75.18 103.03
N HIS T 75 -24.75 75.59 103.21
CA HIS T 75 -24.36 77.00 103.17
C HIS T 75 -24.35 77.58 101.75
N ILE T 76 -24.11 76.73 100.76
CA ILE T 76 -23.91 77.14 99.37
C ILE T 76 -25.18 76.89 98.54
N ARG T 77 -25.46 77.82 97.63
CA ARG T 77 -26.53 77.69 96.65
C ARG T 77 -26.04 78.21 95.29
N PRO T 78 -26.49 77.59 94.19
CA PRO T 78 -26.23 78.20 92.89
C PRO T 78 -27.10 79.44 92.67
N TRP T 79 -26.75 80.25 91.67
CA TRP T 79 -27.47 81.48 91.37
C TRP T 79 -28.86 81.15 90.83
N SER T 80 -29.83 82.01 91.14
CA SER T 80 -31.17 81.90 90.58
C SER T 80 -31.17 82.67 89.25
N ILE T 81 -31.93 82.19 88.26
CA ILE T 81 -32.05 82.88 86.97
C ILE T 81 -32.58 84.32 87.13
N PRO T 82 -33.62 84.51 87.96
CA PRO T 82 -34.11 85.85 88.25
C PRO T 82 -33.07 86.82 88.84
N GLU T 83 -32.25 86.31 89.75
CA GLU T 83 -31.15 87.08 90.34
C GLU T 83 -30.15 87.53 89.28
N LEU T 84 -29.79 86.60 88.41
CA LEU T 84 -28.90 86.86 87.28
C LEU T 84 -29.46 87.91 86.32
N ARG T 85 -30.76 87.83 86.07
CA ARG T 85 -31.45 88.74 85.14
C ARG T 85 -31.28 90.22 85.44
N HIS T 86 -31.23 90.62 86.71
CA HIS T 86 -30.82 91.99 87.06
C HIS T 86 -29.38 92.04 87.57
N LYS T 87 -28.47 91.70 86.65
CA LYS T 87 -27.04 91.97 86.77
C LYS T 87 -26.56 92.51 85.42
N SER T 88 -25.58 93.43 85.46
CA SER T 88 -25.03 94.04 84.25
C SER T 88 -24.21 93.02 83.44
N PHE T 89 -23.93 93.36 82.19
CA PHE T 89 -23.22 92.46 81.29
C PHE T 89 -21.81 92.15 81.79
N ASN T 90 -21.10 93.22 82.15
CA ASN T 90 -19.72 93.13 82.63
C ASN T 90 -19.61 92.27 83.90
N ASP T 91 -20.54 92.53 84.82
CA ASP T 91 -20.67 91.75 86.05
C ASP T 91 -20.91 90.26 85.78
N LEU T 92 -21.85 89.98 84.87
CA LEU T 92 -22.15 88.60 84.44
C LEU T 92 -20.94 87.89 83.85
N HIS T 93 -20.21 88.62 83.02
CA HIS T 93 -18.97 88.15 82.39
C HIS T 93 -17.93 87.79 83.44
N SER T 94 -17.77 88.67 84.43
CA SER T 94 -16.85 88.47 85.56
C SER T 94 -17.21 87.22 86.36
N LEU T 95 -18.50 87.11 86.69
CA LEU T 95 -19.07 85.95 87.39
C LEU T 95 -18.77 84.65 86.65
N TRP T 96 -19.01 84.66 85.34
CA TRP T 96 -18.73 83.52 84.47
C TRP T 96 -17.27 83.07 84.55
N TYR T 97 -16.37 84.04 84.48
CA TYR T 97 -14.93 83.75 84.53
C TYR T 97 -14.47 83.26 85.89
N ASN T 98 -15.11 83.77 86.96
CA ASN T 98 -14.88 83.25 88.32
C ASN T 98 -15.32 81.80 88.45
N CYS T 99 -16.50 81.51 87.90
CA CYS T 99 -17.04 80.15 87.84
C CYS T 99 -16.09 79.19 87.13
N LEU T 100 -15.65 79.61 85.95
CA LEU T 100 -14.68 78.85 85.14
C LEU T 100 -13.38 78.57 85.90
N ARG T 101 -12.89 79.58 86.61
CA ARG T 101 -11.68 79.46 87.43
C ARG T 101 -11.89 78.43 88.53
N GLU T 102 -13.04 78.50 89.19
CA GLU T 102 -13.42 77.57 90.26
C GLU T 102 -13.48 76.14 89.73
N GLN T 103 -14.10 75.96 88.57
CA GLN T 103 -14.18 74.66 87.90
C GLN T 103 -12.80 74.07 87.63
N ASN T 104 -11.90 74.90 87.08
CA ASN T 104 -10.51 74.52 86.83
C ASN T 104 -9.80 73.99 88.08
N VAL T 105 -9.99 74.72 89.19
CA VAL T 105 -9.43 74.35 90.49
C VAL T 105 -9.98 72.99 90.93
N LEU T 106 -11.30 72.85 90.84
CA LEU T 106 -11.98 71.61 91.16
C LEU T 106 -11.62 70.48 90.20
N ALA T 107 -11.50 70.81 88.91
CA ALA T 107 -11.17 69.82 87.86
C ALA T 107 -9.81 69.19 88.09
N ARG T 108 -8.83 70.03 88.42
CA ARG T 108 -7.48 69.58 88.80
C ARG T 108 -7.56 68.60 89.97
N GLU T 109 -8.28 69.02 91.00
CA GLU T 109 -8.46 68.25 92.21
C GLU T 109 -9.24 66.96 91.96
N ASN T 110 -10.35 67.09 91.24
CA ASN T 110 -11.23 65.96 90.91
C ASN T 110 -10.47 64.87 90.18
N HIS T 111 -9.72 65.29 89.16
CA HIS T 111 -8.86 64.40 88.37
C HIS T 111 -7.89 63.61 89.26
N LEU T 112 -7.17 64.34 90.11
CA LEU T 112 -6.26 63.74 91.09
C LEU T 112 -6.93 62.69 91.94
N LEU T 113 -8.13 63.02 92.42
CA LEU T 113 -8.93 62.12 93.25
C LEU T 113 -9.32 60.84 92.52
N LYS T 114 -9.78 61.00 91.28
CA LYS T 114 -10.29 59.87 90.50
C LYS T 114 -9.15 59.01 89.98
N ASN T 115 -8.17 59.66 89.37
CA ASN T 115 -7.06 58.97 88.69
C ASN T 115 -6.11 58.28 89.67
N ILE T 116 -5.72 58.96 90.74
CA ILE T 116 -4.72 58.46 91.68
C ILE T 116 -5.33 57.60 92.79
N VAL T 117 -6.15 58.22 93.65
CA VAL T 117 -6.65 57.53 94.86
C VAL T 117 -7.85 56.63 94.56
N GLY T 118 -8.55 56.89 93.45
CA GLY T 118 -9.68 56.05 93.02
C GLY T 118 -10.89 56.19 93.92
N SER T 119 -11.16 57.43 94.34
CA SER T 119 -12.25 57.73 95.26
C SER T 119 -13.61 57.74 94.57
N THR T 120 -14.65 57.78 95.39
CA THR T 120 -16.03 58.00 94.93
C THR T 120 -16.75 58.95 95.89
N HIS T 121 -16.02 59.97 96.35
CA HIS T 121 -16.52 60.92 97.35
C HIS T 121 -17.32 62.04 96.69
N ASP T 122 -16.84 62.49 95.52
CA ASP T 122 -17.62 63.28 94.54
C ASP T 122 -18.11 64.68 94.95
N GLU T 123 -17.66 65.20 96.09
CA GLU T 123 -18.02 66.57 96.52
C GLU T 123 -17.57 67.60 95.49
N PHE T 124 -16.33 67.44 95.03
CA PHE T 124 -15.74 68.31 94.01
C PHE T 124 -16.54 68.29 92.71
N SER T 125 -16.92 67.09 92.30
CA SER T 125 -17.74 66.86 91.11
C SER T 125 -19.10 67.56 91.21
N GLU T 126 -19.73 67.42 92.38
CA GLU T 126 -21.02 68.07 92.68
C GLU T 126 -20.90 69.59 92.60
N LEU T 127 -19.85 70.12 93.19
CA LEU T 127 -19.51 71.55 93.12
C LEU T 127 -19.35 72.04 91.67
N SER T 128 -18.61 71.26 90.88
CA SER T 128 -18.39 71.56 89.46
C SER T 128 -19.69 71.59 88.67
N ASN T 129 -20.54 70.59 88.94
CA ASN T 129 -21.88 70.51 88.34
C ASN T 129 -22.71 71.73 88.66
N SER T 130 -22.76 72.08 89.95
CA SER T 130 -23.47 73.27 90.44
C SER T 130 -23.01 74.54 89.74
N ILE T 131 -21.70 74.70 89.60
CA ILE T 131 -21.11 75.85 88.90
C ILE T 131 -21.56 75.87 87.43
N ARG T 132 -21.51 74.70 86.80
CA ARG T 132 -21.96 74.50 85.42
C ARG T 132 -23.43 74.91 85.25
N THR T 133 -24.26 74.57 86.24
CA THR T 133 -25.67 74.95 86.23
C THR T 133 -25.82 76.48 86.19
N THR T 134 -25.09 77.15 87.08
CA THR T 134 -25.11 78.63 87.18
C THR T 134 -24.67 79.25 85.85
N MET T 135 -23.61 78.68 85.28
CA MET T 135 -23.06 79.15 84.00
C MET T 135 -24.10 79.09 82.88
N TRP T 136 -24.79 77.95 82.74
CA TRP T 136 -25.81 77.84 81.69
C TRP T 136 -26.99 78.77 81.93
N GLN T 137 -27.36 78.95 83.19
CA GLN T 137 -28.39 79.92 83.56
C GLN T 137 -28.00 81.33 83.14
N ILE T 138 -26.75 81.71 83.42
CA ILE T 138 -26.17 82.98 82.95
C ILE T 138 -26.26 83.11 81.43
N ARG T 139 -25.86 82.05 80.74
CA ARG T 139 -25.90 82.00 79.28
C ARG T 139 -27.32 82.19 78.74
N HIS T 140 -28.27 81.52 79.39
CA HIS T 140 -29.69 81.63 79.08
C HIS T 140 -30.19 83.07 79.24
N VAL T 141 -29.86 83.71 80.36
CA VAL T 141 -30.33 85.08 80.63
C VAL T 141 -29.72 86.08 79.64
N LEU T 142 -28.48 85.84 79.24
CA LEU T 142 -27.80 86.64 78.21
C LEU T 142 -28.51 86.55 76.86
N ASN T 143 -28.86 85.32 76.46
CA ASN T 143 -29.64 85.11 75.24
C ASN T 143 -31.03 85.75 75.31
N GLU T 144 -31.67 85.57 76.45
CA GLU T 144 -33.02 86.04 76.71
C GLU T 144 -33.13 87.56 76.62
N ARG T 145 -32.14 88.24 77.19
CA ARG T 145 -32.05 89.70 77.17
C ARG T 145 -31.95 90.24 75.73
N GLU T 146 -31.08 89.62 74.94
CA GLU T 146 -30.91 89.94 73.52
C GLU T 146 -32.20 89.79 72.74
N LEU T 147 -32.87 88.66 72.96
CA LEU T 147 -34.17 88.35 72.34
C LEU T 147 -35.23 89.39 72.70
N ALA T 148 -35.27 89.76 73.97
CA ALA T 148 -36.19 90.79 74.46
C ALA T 148 -35.93 92.14 73.80
N TYR T 149 -34.66 92.49 73.67
CA TYR T 149 -34.24 93.70 72.95
C TYR T 149 -34.69 93.69 71.49
N SER T 150 -34.46 92.56 70.83
CA SER T 150 -34.85 92.36 69.43
C SER T 150 -36.36 92.52 69.24
N ALA T 151 -37.12 91.93 70.16
CA ALA T 151 -38.58 92.05 70.17
C ALA T 151 -39.05 93.50 70.32
N SER T 152 -38.38 94.23 71.23
CA SER T 152 -38.65 95.65 71.46
C SER T 152 -38.40 96.48 70.21
N ARG T 153 -37.26 96.22 69.56
CA ARG T 153 -36.89 96.85 68.30
C ARG T 153 -37.93 96.62 67.21
N GLU T 154 -38.35 95.37 67.05
CA GLU T 154 -39.41 94.97 66.12
C GLU T 154 -40.70 95.72 66.36
N PHE T 155 -41.08 95.80 67.64
CA PHE T 155 -42.28 96.52 68.08
C PHE T 155 -42.22 98.00 67.72
N LEU T 156 -41.05 98.60 67.96
CA LEU T 156 -40.82 100.01 67.64
C LEU T 156 -40.88 100.26 66.13
N GLN T 157 -40.36 99.30 65.36
CA GLN T 157 -40.37 99.38 63.90
C GLN T 157 -41.79 99.49 63.32
N ASP T 158 -42.74 98.78 63.92
CA ASP T 158 -44.16 98.99 63.62
C ASP T 158 -44.51 100.41 64.06
N GLU T 159 -44.92 101.23 63.10
CA GLU T 159 -44.95 102.69 63.23
C GLU T 159 -46.06 103.18 64.16
N SER T 160 -47.26 102.64 63.96
CA SER T 160 -48.44 103.03 64.72
C SER T 160 -48.26 102.80 66.22
N GLU T 161 -47.74 101.61 66.55
CA GLU T 161 -47.44 101.22 67.93
C GLU T 161 -46.45 102.17 68.60
N ARG T 162 -45.40 102.52 67.86
CA ARG T 162 -44.40 103.49 68.32
C ARG T 162 -45.02 104.85 68.59
N LYS T 163 -45.87 105.29 67.67
CA LYS T 163 -46.58 106.58 67.78
C LYS T 163 -47.46 106.60 69.04
N LYS T 164 -48.20 105.51 69.26
CA LYS T 164 -49.01 105.32 70.46
C LYS T 164 -48.19 105.41 71.74
N PHE T 165 -47.05 104.74 71.74
CA PHE T 165 -46.10 104.75 72.86
C PHE T 165 -45.60 106.16 73.17
N LEU T 166 -45.23 106.89 72.12
CA LEU T 166 -44.80 108.30 72.22
C LEU T 166 -45.89 109.20 72.81
N ASP T 167 -47.12 108.99 72.34
CA ASP T 167 -48.30 109.71 72.84
C ASP T 167 -48.52 109.46 74.33
N THR T 168 -48.43 108.19 74.71
CA THR T 168 -48.55 107.76 76.12
C THR T 168 -47.49 108.42 77.00
N LEU T 169 -46.25 108.41 76.54
CA LEU T 169 -45.13 109.08 77.21
C LEU T 169 -45.40 110.57 77.42
N ALA T 170 -45.86 111.22 76.34
CA ALA T 170 -46.20 112.65 76.36
C ALA T 170 -47.28 113.00 77.37
N ASN T 171 -48.31 112.15 77.45
CA ASN T 171 -49.50 112.44 78.26
C ASN T 171 -49.24 112.47 79.76
N ASP T 172 -48.57 111.43 80.28
CA ASP T 172 -48.45 111.21 81.72
C ASP T 172 -47.38 112.07 82.38
N TYR T 173 -46.14 111.90 81.93
CA TYR T 173 -44.96 112.42 82.64
C TYR T 173 -44.43 113.72 82.07
N PHE T 174 -44.31 113.79 80.75
CA PHE T 174 -43.97 115.05 80.06
C PHE T 174 -45.18 115.98 80.03
N LEU T 175 -44.94 117.26 79.80
CA LEU T 175 -45.99 118.28 79.64
C LEU T 175 -46.97 118.40 80.83
N ASN T 176 -46.53 117.98 82.02
CA ASN T 176 -47.39 117.89 83.21
C ASN T 176 -46.72 118.49 84.44
N LYS T 177 -47.54 118.88 85.41
CA LYS T 177 -47.10 119.50 86.65
C LYS T 177 -47.82 118.89 87.85
N ASP T 178 -47.12 118.83 88.99
CA ASP T 178 -47.63 118.26 90.24
C ASP T 178 -48.03 116.79 90.09
N GLU T 183 -36.39 117.70 86.92
CA GLU T 183 -36.96 116.36 86.75
C GLU T 183 -37.31 116.06 85.29
N VAL T 184 -38.03 117.00 84.68
CA VAL T 184 -38.44 116.89 83.27
C VAL T 184 -37.23 116.78 82.36
N ALA T 185 -36.25 117.65 82.59
CA ALA T 185 -34.98 117.66 81.86
C ALA T 185 -34.23 116.33 81.98
N SER T 186 -34.21 115.79 83.19
CA SER T 186 -33.60 114.49 83.47
C SER T 186 -34.30 113.36 82.73
N MET T 187 -35.64 113.39 82.76
CA MET T 187 -36.47 112.45 81.99
C MET T 187 -36.17 112.49 80.51
N LEU T 188 -36.09 113.71 79.97
CA LEU T 188 -35.74 113.94 78.56
C LEU T 188 -34.38 113.35 78.19
N THR T 189 -33.39 113.58 79.06
CA THR T 189 -32.02 113.07 78.83
C THR T 189 -31.99 111.53 78.84
N ARG T 190 -32.75 110.94 79.74
CA ARG T 190 -32.90 109.48 79.81
C ARG T 190 -33.65 108.96 78.59
N PHE T 191 -34.77 109.60 78.29
CA PHE T 191 -35.61 109.31 77.11
C PHE T 191 -34.82 109.41 75.81
N GLN T 192 -34.02 110.47 75.69
CA GLN T 192 -33.11 110.68 74.56
C GLN T 192 -32.21 109.47 74.32
N LEU T 193 -31.53 109.02 75.38
CA LEU T 193 -30.66 107.84 75.31
C LEU T 193 -31.44 106.57 74.98
N ALA T 194 -32.58 106.41 75.66
CA ALA T 194 -33.44 105.24 75.50
C ALA T 194 -33.89 105.01 74.07
N ILE T 195 -34.51 106.04 73.49
CA ILE T 195 -35.22 105.94 72.22
C ILE T 195 -34.39 106.34 71.00
N PHE T 196 -33.41 107.22 71.19
CA PHE T 196 -32.60 107.75 70.08
C PHE T 196 -31.10 107.67 70.40
N GLY T 197 -30.28 107.97 69.40
CA GLY T 197 -28.82 107.88 69.52
C GLY T 197 -28.20 109.21 69.88
N ILE T 198 -28.57 109.75 71.03
CA ILE T 198 -28.20 111.10 71.45
C ILE T 198 -27.77 111.13 72.92
N SER T 199 -26.44 111.06 73.11
CA SER T 199 -25.81 111.21 74.42
C SER T 199 -25.15 112.59 74.53
N GLU T 200 -24.62 112.90 75.71
CA GLU T 200 -23.97 114.18 75.97
C GLU T 200 -22.55 113.96 76.50
N THR T 206 -23.82 108.52 66.65
CA THR T 206 -23.62 109.96 66.74
C THR T 206 -24.65 110.73 65.91
N VAL T 207 -24.71 110.40 64.62
CA VAL T 207 -25.68 111.00 63.69
C VAL T 207 -26.27 109.93 62.77
N ASP T 208 -27.58 110.03 62.54
CA ASP T 208 -28.36 109.01 61.82
C ASP T 208 -29.78 109.53 61.58
N ILE T 209 -30.59 108.79 60.84
CA ILE T 209 -32.02 109.11 60.66
C ILE T 209 -32.79 109.07 61.99
N ASN T 210 -32.48 108.07 62.82
CA ASN T 210 -33.10 107.92 64.14
C ASN T 210 -32.82 109.10 65.06
N PHE T 211 -31.54 109.50 65.07
CA PHE T 211 -31.07 110.68 65.79
C PHE T 211 -31.81 111.96 65.38
N ILE T 212 -31.93 112.14 64.07
CA ILE T 212 -32.68 113.26 63.47
C ILE T 212 -34.13 113.27 63.94
N ASP T 213 -34.77 112.11 63.87
CA ASP T 213 -36.16 111.93 64.33
C ASP T 213 -36.34 112.30 65.79
N GLY T 214 -35.39 111.86 66.61
CA GLY T 214 -35.37 112.21 68.04
C GLY T 214 -35.22 113.68 68.32
N ILE T 215 -34.33 114.33 67.56
CA ILE T 215 -34.15 115.79 67.59
C ILE T 215 -35.45 116.52 67.27
N LYS T 216 -36.10 116.09 66.18
CA LYS T 216 -37.37 116.66 65.75
C LYS T 216 -38.45 116.54 66.82
N PHE T 217 -38.53 115.36 67.42
CA PHE T 217 -39.45 115.08 68.52
C PHE T 217 -39.20 116.01 69.72
N LEU T 218 -37.92 116.16 70.06
CA LEU T 218 -37.50 117.05 71.15
C LEU T 218 -37.90 118.50 70.88
N ALA T 219 -37.66 118.94 69.65
CA ALA T 219 -38.05 120.29 69.19
C ALA T 219 -39.56 120.50 69.30
N ASN T 220 -40.32 119.48 68.89
CA ASN T 220 -41.78 119.49 68.98
C ASN T 220 -42.27 119.63 70.42
N LEU T 221 -41.66 118.86 71.32
CA LEU T 221 -41.93 118.92 72.76
C LEU T 221 -41.67 120.30 73.35
N LYS T 222 -40.53 120.88 72.96
CA LYS T 222 -40.15 122.24 73.37
C LYS T 222 -41.19 123.28 72.93
N LEU T 223 -41.60 123.17 71.68
CA LEU T 223 -42.64 124.04 71.11
C LEU T 223 -43.96 123.95 71.87
N GLN T 224 -44.37 122.71 72.15
CA GLN T 224 -45.56 122.45 72.97
C GLN T 224 -45.48 123.10 74.34
N ARG T 225 -44.33 122.92 74.99
CA ARG T 225 -44.08 123.49 76.31
C ARG T 225 -43.54 124.92 76.17
N VAL U 1 -75.55 -47.64 73.11
CA VAL U 1 -74.05 -47.76 73.17
C VAL U 1 -73.39 -46.47 72.67
N PHE U 2 -72.26 -46.11 73.28
CA PHE U 2 -71.58 -44.85 72.99
C PHE U 2 -70.07 -45.03 72.87
N TYR U 3 -69.47 -44.40 71.88
CA TYR U 3 -68.02 -44.24 71.82
C TYR U 3 -67.62 -43.12 72.75
N LYS U 4 -66.80 -43.43 73.75
CA LYS U 4 -66.12 -42.41 74.54
C LYS U 4 -64.79 -42.13 73.86
N VAL U 5 -64.72 -41.03 73.10
CA VAL U 5 -63.52 -40.70 72.33
C VAL U 5 -62.75 -39.56 73.00
N THR U 6 -61.43 -39.67 72.96
CA THR U 6 -60.52 -38.76 73.64
C THR U 6 -59.47 -38.30 72.65
N LEU U 7 -59.18 -37.00 72.62
CA LEU U 7 -58.19 -36.44 71.71
C LEU U 7 -56.80 -36.63 72.32
N SER U 8 -56.22 -37.81 72.11
CA SER U 8 -54.95 -38.19 72.75
C SER U 8 -53.77 -37.32 72.32
N ARG U 9 -53.61 -37.14 71.01
CA ARG U 9 -52.52 -36.33 70.45
C ARG U 9 -52.97 -34.92 70.15
N SER U 10 -52.00 -34.05 69.89
CA SER U 10 -52.25 -32.67 69.52
C SER U 10 -52.68 -32.58 68.06
N LEU U 11 -53.08 -31.38 67.66
CA LEU U 11 -53.38 -31.07 66.26
C LEU U 11 -52.37 -30.07 65.68
N ILE U 12 -51.14 -30.10 66.17
CA ILE U 12 -50.14 -29.10 65.78
C ILE U 12 -49.48 -29.50 64.46
N GLY U 13 -48.90 -30.69 64.40
CA GLY U 13 -48.30 -31.19 63.15
C GLY U 13 -49.30 -31.72 62.12
N VAL U 14 -50.59 -31.63 62.44
CA VAL U 14 -51.63 -32.32 61.70
C VAL U 14 -52.10 -31.47 60.51
N PRO U 15 -52.33 -32.09 59.33
CA PRO U 15 -52.88 -31.32 58.20
C PRO U 15 -54.31 -30.83 58.43
N HIS U 16 -54.77 -29.93 57.55
CA HIS U 16 -56.02 -29.21 57.80
C HIS U 16 -57.29 -30.06 57.66
N THR U 17 -57.28 -31.03 56.76
CA THR U 17 -58.40 -31.97 56.61
C THR U 17 -58.68 -32.75 57.90
N THR U 18 -57.60 -33.22 58.53
CA THR U 18 -57.69 -34.01 59.75
C THR U 18 -58.14 -33.14 60.93
N LYS U 19 -57.63 -31.90 60.99
CA LYS U 19 -58.10 -30.89 61.94
C LYS U 19 -59.61 -30.66 61.82
N SER U 20 -60.07 -30.46 60.59
CA SER U 20 -61.49 -30.23 60.28
C SER U 20 -62.36 -31.40 60.74
N ILE U 21 -61.88 -32.61 60.50
CA ILE U 21 -62.54 -33.86 60.95
C ILE U 21 -62.67 -33.88 62.47
N VAL U 22 -61.58 -33.56 63.15
CA VAL U 22 -61.53 -33.49 64.61
C VAL U 22 -62.56 -32.49 65.15
N LYS U 23 -62.57 -31.30 64.55
CA LYS U 23 -63.53 -30.24 64.89
C LYS U 23 -64.98 -30.68 64.74
N SER U 24 -65.27 -31.37 63.62
CA SER U 24 -66.60 -31.91 63.34
C SER U 24 -67.01 -32.94 64.38
N LEU U 25 -66.07 -33.79 64.75
CA LEU U 25 -66.25 -34.80 65.79
C LEU U 25 -66.65 -34.17 67.13
N GLY U 26 -66.07 -33.01 67.44
CA GLY U 26 -66.43 -32.22 68.62
C GLY U 26 -65.31 -32.02 69.63
N LEU U 27 -64.14 -32.60 69.36
CA LEU U 27 -63.00 -32.53 70.27
C LEU U 27 -62.27 -31.21 70.09
N GLY U 28 -62.12 -30.46 71.19
CA GLY U 28 -61.40 -29.19 71.17
C GLY U 28 -59.92 -29.38 71.45
N LYS U 29 -59.56 -29.30 72.72
CA LYS U 29 -58.16 -29.41 73.17
C LYS U 29 -57.73 -30.88 73.28
N ARG U 30 -56.46 -31.05 73.61
CA ARG U 30 -55.90 -32.34 73.84
C ARG U 30 -56.47 -32.84 75.15
N GLY U 31 -56.75 -34.12 75.23
CA GLY U 31 -57.32 -34.70 76.42
C GLY U 31 -58.67 -34.16 76.81
N SER U 32 -59.56 -33.96 75.84
CA SER U 32 -60.87 -33.45 76.12
C SER U 32 -61.75 -34.52 75.61
N ILE U 33 -62.48 -35.10 76.52
CA ILE U 33 -63.36 -36.27 76.41
C ILE U 33 -64.71 -35.91 75.83
N VAL U 34 -65.18 -36.74 74.90
CA VAL U 34 -66.47 -36.57 74.23
C VAL U 34 -67.12 -37.94 74.07
N TYR U 35 -68.41 -38.03 74.43
CA TYR U 35 -69.20 -39.24 74.19
C TYR U 35 -70.04 -39.07 72.94
N LYS U 36 -70.08 -40.10 72.11
CA LYS U 36 -70.82 -40.10 70.84
C LYS U 36 -71.66 -41.35 70.72
N LYS U 37 -72.95 -41.16 70.45
CA LYS U 37 -73.85 -42.28 70.13
C LYS U 37 -73.30 -43.01 68.90
N VAL U 38 -73.12 -44.32 69.02
CA VAL U 38 -72.53 -45.12 67.96
C VAL U 38 -73.43 -45.16 66.72
N ASN U 39 -72.79 -45.08 65.56
CA ASN U 39 -73.41 -45.25 64.26
C ASN U 39 -72.30 -45.43 63.22
N PRO U 40 -72.64 -45.79 61.97
CA PRO U 40 -71.60 -45.89 60.93
C PRO U 40 -70.87 -44.59 60.62
N ALA U 41 -71.61 -43.48 60.59
CA ALA U 41 -71.07 -42.17 60.26
C ALA U 41 -69.99 -41.70 61.22
N ILE U 42 -70.25 -41.82 62.50
CA ILE U 42 -69.28 -41.41 63.52
C ILE U 42 -68.08 -42.36 63.57
N ALA U 43 -68.32 -43.65 63.31
CA ALA U 43 -67.27 -44.66 63.27
C ALA U 43 -66.26 -44.39 62.16
N GLY U 44 -66.77 -44.07 60.96
CA GLY U 44 -65.95 -43.72 59.81
C GLY U 44 -65.12 -42.46 60.04
N SER U 45 -65.72 -41.47 60.70
CA SER U 45 -65.04 -40.23 61.07
C SER U 45 -63.90 -40.49 62.05
N LEU U 46 -64.16 -41.36 63.02
CA LEU U 46 -63.15 -41.77 64.00
C LEU U 46 -61.99 -42.55 63.38
N ALA U 47 -62.32 -43.42 62.43
CA ALA U 47 -61.32 -44.15 61.64
C ALA U 47 -60.40 -43.21 60.86
N LYS U 48 -61.00 -42.18 60.27
CA LYS U 48 -60.26 -41.13 59.56
C LYS U 48 -59.20 -40.42 60.44
N VAL U 49 -59.46 -40.30 61.75
CA VAL U 49 -58.48 -39.73 62.71
C VAL U 49 -57.96 -40.76 63.74
N LYS U 50 -57.78 -42.00 63.31
CA LYS U 50 -57.44 -43.12 64.21
C LYS U 50 -56.15 -43.00 65.04
N GLU U 51 -55.21 -42.16 64.62
CA GLU U 51 -53.90 -42.03 65.28
C GLU U 51 -53.81 -40.88 66.29
N LEU U 52 -54.78 -39.97 66.25
CA LEU U 52 -54.84 -38.83 67.18
C LEU U 52 -55.72 -39.12 68.40
N VAL U 53 -56.54 -40.16 68.31
CA VAL U 53 -57.70 -40.35 69.17
C VAL U 53 -57.62 -41.69 69.92
N LYS U 54 -58.18 -41.73 71.13
CA LYS U 54 -58.42 -42.99 71.85
C LYS U 54 -59.93 -43.16 72.06
N VAL U 55 -60.47 -44.26 71.52
CA VAL U 55 -61.89 -44.58 71.60
C VAL U 55 -62.10 -45.78 72.53
N GLU U 56 -63.22 -45.79 73.25
CA GLU U 56 -63.66 -46.97 73.99
C GLU U 56 -65.18 -46.97 74.16
N VAL U 57 -65.79 -48.14 74.00
CA VAL U 57 -67.26 -48.26 74.00
C VAL U 57 -67.80 -48.21 75.43
N THR U 58 -69.05 -47.77 75.58
CA THR U 58 -69.71 -47.68 76.89
C THR U 58 -71.21 -47.97 76.79
N GLU U 59 -71.75 -48.54 77.88
CA GLU U 59 -73.21 -48.71 78.04
C GLU U 59 -73.92 -47.36 77.95
N HIS U 60 -73.53 -46.46 78.84
CA HIS U 60 -74.15 -45.13 78.97
C HIS U 60 -73.13 -44.05 78.64
N GLU U 61 -73.65 -42.89 78.23
CA GLU U 61 -72.84 -41.69 78.09
C GLU U 61 -72.89 -40.92 79.41
N LEU U 62 -72.01 -39.94 79.54
CA LEU U 62 -72.01 -39.03 80.68
C LEU U 62 -72.12 -37.59 80.19
N THR U 63 -72.97 -36.81 80.87
CA THR U 63 -73.04 -35.37 80.64
C THR U 63 -71.78 -34.70 81.20
N PRO U 64 -71.45 -33.47 80.74
CA PRO U 64 -70.25 -32.77 81.22
C PRO U 64 -70.19 -32.59 82.74
N SER U 65 -71.33 -32.29 83.35
CA SER U 65 -71.45 -32.12 84.80
C SER U 65 -71.10 -33.39 85.57
N GLN U 66 -71.63 -34.52 85.09
CA GLN U 66 -71.33 -35.85 85.65
C GLN U 66 -69.85 -36.18 85.58
N GLN U 67 -69.26 -35.92 84.41
CA GLN U 67 -67.82 -36.14 84.18
C GLN U 67 -66.97 -35.33 85.16
N ARG U 68 -67.32 -34.05 85.29
CA ARG U 68 -66.69 -33.13 86.26
C ARG U 68 -66.76 -33.68 87.68
N GLU U 69 -67.95 -34.14 88.08
CA GLU U 69 -68.17 -34.71 89.40
C GLU U 69 -67.27 -35.93 89.64
N LEU U 70 -67.22 -36.81 88.65
CA LEU U 70 -66.31 -37.97 88.65
C LEU U 70 -64.85 -37.58 88.84
N ARG U 71 -64.43 -36.57 88.07
CA ARG U 71 -63.06 -36.04 88.13
C ARG U 71 -62.66 -35.52 89.51
N LYS U 72 -63.53 -34.75 90.14
CA LYS U 72 -63.22 -34.07 91.41
C LYS U 72 -62.56 -34.98 92.45
N SER U 73 -61.40 -34.57 92.95
CA SER U 73 -60.65 -35.34 93.93
C SER U 73 -61.30 -35.26 95.31
N ASN U 74 -60.98 -36.23 96.14
CA ASN U 74 -61.50 -36.30 97.50
C ASN U 74 -60.81 -35.26 98.39
N PRO U 75 -61.60 -34.31 98.95
CA PRO U 75 -61.04 -33.45 99.99
C PRO U 75 -61.01 -34.24 101.28
N GLY U 76 -59.81 -34.53 101.79
CA GLY U 76 -59.65 -35.34 102.99
C GLY U 76 -59.94 -34.59 104.27
N PHE U 77 -61.15 -34.05 104.40
CA PHE U 77 -61.57 -33.33 105.60
C PHE U 77 -63.09 -33.11 105.64
N ILE U 78 -63.59 -32.94 106.86
CA ILE U 78 -65.01 -32.68 107.12
C ILE U 78 -65.08 -31.45 108.02
N VAL U 79 -65.61 -30.34 107.49
CA VAL U 79 -65.72 -29.10 108.26
C VAL U 79 -66.83 -29.20 109.32
N GLU U 80 -66.56 -28.63 110.49
CA GLU U 80 -67.54 -28.53 111.59
C GLU U 80 -67.43 -27.13 112.21
N LYS U 81 -68.41 -26.29 111.94
CA LYS U 81 -68.32 -24.85 112.21
C LYS U 81 -68.70 -24.49 113.64
N ARG U 82 -67.84 -23.71 114.29
CA ARG U 82 -68.09 -23.19 115.64
C ARG U 82 -67.18 -22.01 115.93
N THR V 20 -48.43 -22.40 -22.43
CA THR V 20 -47.61 -23.63 -22.68
C THR V 20 -48.50 -24.86 -22.87
N ARG V 21 -49.37 -25.11 -21.90
CA ARG V 21 -50.32 -26.22 -21.96
C ARG V 21 -51.45 -25.90 -22.94
N ILE V 22 -51.57 -26.70 -24.00
CA ILE V 22 -52.60 -26.50 -25.01
C ILE V 22 -53.94 -27.02 -24.46
N THR V 23 -54.97 -26.17 -24.50
CA THR V 23 -56.29 -26.49 -23.94
C THR V 23 -57.45 -25.96 -24.78
N LEU V 24 -58.63 -26.48 -24.51
CA LEU V 24 -59.89 -25.92 -24.97
C LEU V 24 -60.59 -25.32 -23.74
N PRO V 25 -60.69 -23.98 -23.65
CA PRO V 25 -61.19 -23.34 -22.43
C PRO V 25 -62.70 -23.50 -22.27
N ARG V 26 -63.13 -23.96 -21.09
CA ARG V 26 -64.52 -24.33 -20.85
C ARG V 26 -65.48 -23.14 -20.79
N ARG V 27 -66.65 -23.32 -21.40
CA ARG V 27 -67.79 -22.40 -21.26
C ARG V 27 -68.56 -22.75 -19.99
N PRO V 28 -69.52 -21.90 -19.59
CA PRO V 28 -70.39 -22.29 -18.47
C PRO V 28 -71.17 -23.59 -18.77
N ALA V 29 -71.10 -24.53 -17.83
CA ALA V 29 -71.74 -25.84 -18.00
C ALA V 29 -73.26 -25.72 -17.94
N LYS V 30 -73.94 -26.57 -18.71
CA LYS V 30 -75.40 -26.56 -18.79
C LYS V 30 -75.95 -27.43 -17.65
N LYS V 31 -76.88 -26.88 -16.87
CA LYS V 31 -77.39 -27.55 -15.68
C LYS V 31 -78.37 -28.67 -16.05
N ILE V 32 -77.92 -29.92 -15.94
CA ILE V 32 -78.83 -31.06 -16.02
C ILE V 32 -79.53 -31.19 -14.67
N GLN V 33 -80.86 -31.03 -14.68
CA GLN V 33 -81.67 -31.08 -13.46
C GLN V 33 -81.81 -32.53 -13.01
N LEU V 34 -82.04 -32.73 -11.72
CA LEU V 34 -82.16 -34.08 -11.14
C LEU V 34 -83.46 -34.72 -11.59
N GLY V 35 -83.35 -35.92 -12.17
CA GLY V 35 -84.49 -36.60 -12.80
C GLY V 35 -84.53 -36.44 -14.30
N LYS V 36 -84.06 -35.30 -14.80
CA LYS V 36 -84.09 -34.98 -16.24
C LYS V 36 -82.89 -35.51 -17.03
N SER V 37 -81.88 -36.05 -16.33
CA SER V 37 -80.72 -36.65 -16.99
C SER V 37 -81.14 -37.85 -17.84
N ARG V 38 -80.70 -37.83 -19.11
CA ARG V 38 -81.07 -38.85 -20.08
C ARG V 38 -79.85 -39.66 -20.50
N PRO V 39 -80.01 -40.98 -20.72
CA PRO V 39 -78.86 -41.82 -21.03
C PRO V 39 -78.39 -41.63 -22.47
N ALA V 40 -77.07 -41.67 -22.67
CA ALA V 40 -76.49 -41.44 -23.98
C ALA V 40 -76.69 -42.65 -24.90
N ILE V 41 -77.77 -42.61 -25.67
CA ILE V 41 -78.04 -43.61 -26.71
C ILE V 41 -77.47 -43.09 -28.03
N TYR V 42 -76.25 -43.53 -28.35
CA TYR V 42 -75.56 -43.09 -29.57
C TYR V 42 -76.20 -43.75 -30.79
N HIS V 43 -76.09 -43.06 -31.93
CA HIS V 43 -76.64 -43.59 -33.18
C HIS V 43 -75.77 -44.75 -33.65
N GLN V 44 -76.38 -45.92 -33.81
CA GLN V 44 -75.68 -47.15 -34.18
C GLN V 44 -76.39 -47.89 -35.31
N PHE V 45 -75.61 -48.36 -36.27
CA PHE V 45 -76.10 -49.14 -37.39
C PHE V 45 -75.80 -50.61 -37.15
N ASN V 46 -76.69 -51.49 -37.63
CA ASN V 46 -76.41 -52.93 -37.65
C ASN V 46 -75.48 -53.25 -38.82
N VAL V 47 -74.26 -53.68 -38.49
CA VAL V 47 -73.18 -53.87 -39.46
C VAL V 47 -72.86 -55.35 -39.58
N LYS V 48 -72.85 -55.86 -40.82
CA LYS V 48 -72.48 -57.25 -41.10
C LYS V 48 -70.97 -57.35 -41.33
N MET V 49 -70.30 -58.16 -40.51
CA MET V 49 -68.90 -58.49 -40.71
C MET V 49 -68.80 -59.90 -41.29
N GLU V 50 -68.34 -60.01 -42.53
CA GLU V 50 -67.94 -61.31 -43.06
C GLU V 50 -66.47 -61.49 -42.71
N LEU V 51 -66.16 -62.57 -42.01
CA LEU V 51 -64.79 -62.84 -41.55
C LEU V 51 -63.92 -63.33 -42.72
N SER V 52 -62.72 -63.87 -42.45
CA SER V 52 -61.85 -64.41 -43.50
C SER V 52 -62.55 -65.45 -44.37
N ASP V 53 -63.16 -66.43 -43.71
CA ASP V 53 -64.09 -67.37 -44.38
C ASP V 53 -65.49 -66.73 -44.45
N GLY V 54 -66.43 -67.41 -45.10
CA GLY V 54 -67.77 -66.84 -45.33
C GLY V 54 -68.72 -66.70 -44.15
N SER V 55 -68.24 -66.89 -42.92
CA SER V 55 -69.07 -66.74 -41.72
C SER V 55 -69.37 -65.26 -41.48
N VAL V 56 -70.65 -64.89 -41.61
CA VAL V 56 -71.09 -63.51 -41.36
C VAL V 56 -71.52 -63.38 -39.91
N VAL V 57 -71.26 -62.21 -39.33
CA VAL V 57 -71.70 -61.88 -37.98
C VAL V 57 -72.19 -60.43 -37.92
N ILE V 58 -73.37 -60.23 -37.34
CA ILE V 58 -73.94 -58.90 -37.17
C ILE V 58 -73.38 -58.28 -35.89
N ARG V 59 -72.97 -57.02 -35.98
CA ARG V 59 -72.57 -56.24 -34.80
C ARG V 59 -73.03 -54.80 -34.94
N ARG V 60 -73.47 -54.21 -33.84
CA ARG V 60 -73.87 -52.80 -33.82
C ARG V 60 -72.64 -51.91 -33.79
N SER V 61 -72.65 -50.89 -34.65
CA SER V 61 -71.47 -50.04 -34.88
C SER V 61 -71.87 -48.60 -35.19
N GLN V 62 -71.02 -47.67 -34.77
CA GLN V 62 -71.32 -46.24 -34.86
C GLN V 62 -70.96 -45.65 -36.24
N TYR V 63 -69.98 -46.25 -36.91
CA TYR V 63 -69.57 -45.83 -38.25
C TYR V 63 -70.60 -46.31 -39.30
N PRO V 64 -70.94 -45.45 -40.29
CA PRO V 64 -71.95 -45.82 -41.29
C PRO V 64 -71.43 -46.73 -42.40
N LYS V 65 -71.49 -48.04 -42.17
CA LYS V 65 -71.14 -49.04 -43.18
C LYS V 65 -71.90 -50.34 -42.90
N GLY V 66 -72.92 -50.62 -43.71
CA GLY V 66 -73.76 -51.81 -43.54
C GLY V 66 -73.05 -53.15 -43.67
N GLU V 67 -72.03 -53.21 -44.53
CA GLU V 67 -71.27 -54.43 -44.78
C GLU V 67 -69.76 -54.18 -44.75
N ILE V 68 -69.04 -55.05 -44.04
CA ILE V 68 -67.57 -55.11 -44.10
C ILE V 68 -67.17 -56.57 -44.30
N ARG V 69 -66.12 -56.79 -45.08
CA ARG V 69 -65.48 -58.11 -45.19
C ARG V 69 -64.03 -58.00 -44.75
N LEU V 70 -63.61 -58.89 -43.87
CA LEU V 70 -62.30 -58.85 -43.23
C LEU V 70 -61.32 -59.81 -43.90
N ILE V 71 -60.05 -59.43 -43.92
CA ILE V 71 -58.99 -60.22 -44.56
C ILE V 71 -58.24 -61.05 -43.52
N GLN V 72 -57.70 -60.37 -42.50
CA GLN V 72 -56.95 -61.00 -41.42
C GLN V 72 -57.79 -61.08 -40.15
N ASP V 73 -58.28 -62.29 -39.83
CA ASP V 73 -59.11 -62.54 -38.65
C ASP V 73 -58.59 -63.74 -37.86
N GLN V 74 -59.29 -64.08 -36.77
CA GLN V 74 -59.00 -65.31 -36.02
C GLN V 74 -59.27 -66.57 -36.85
N ARG V 75 -60.22 -66.48 -37.78
CA ARG V 75 -60.63 -67.63 -38.59
C ARG V 75 -59.63 -67.99 -39.71
N ASN V 76 -58.62 -67.15 -39.95
CA ASN V 76 -57.46 -67.53 -40.78
C ASN V 76 -56.08 -67.38 -40.11
N ASN V 77 -56.06 -67.13 -38.79
CA ASN V 77 -54.82 -67.04 -38.02
C ASN V 77 -54.45 -68.43 -37.48
N PRO V 78 -53.16 -68.82 -37.55
CA PRO V 78 -52.77 -70.15 -37.06
C PRO V 78 -52.90 -70.36 -35.54
N LEU V 79 -52.72 -69.30 -34.76
CA LEU V 79 -52.87 -69.38 -33.30
C LEU V 79 -54.28 -69.78 -32.87
N TRP V 80 -55.29 -69.25 -33.57
CA TRP V 80 -56.69 -69.52 -33.26
C TRP V 80 -57.24 -70.83 -33.86
N ASN V 81 -56.52 -71.41 -34.82
CA ASN V 81 -56.85 -72.74 -35.36
C ASN V 81 -55.58 -73.52 -35.72
N PRO V 82 -54.94 -74.17 -34.71
CA PRO V 82 -53.73 -74.96 -34.96
C PRO V 82 -53.95 -76.24 -35.76
N SER V 83 -55.07 -76.92 -35.52
CA SER V 83 -55.40 -78.17 -36.19
C SER V 83 -55.65 -78.00 -37.69
N ARG V 84 -56.38 -76.94 -38.05
CA ARG V 84 -56.66 -76.65 -39.46
C ARG V 84 -55.46 -75.96 -40.11
N GLY V 96 -47.86 -52.92 -51.02
CA GLY V 96 -47.80 -54.08 -51.91
C GLY V 96 -46.45 -54.24 -52.59
N SER V 97 -45.40 -54.34 -51.78
CA SER V 97 -44.02 -54.49 -52.28
C SER V 97 -43.79 -55.88 -52.86
N LEU V 98 -44.26 -56.90 -52.15
CA LEU V 98 -44.20 -58.30 -52.58
C LEU V 98 -44.94 -58.49 -53.91
N ASP V 99 -46.15 -57.92 -53.96
CA ASP V 99 -46.99 -57.95 -55.17
C ASP V 99 -46.28 -57.32 -56.37
N ARG V 100 -45.67 -56.16 -56.14
CA ARG V 100 -44.86 -55.46 -57.14
C ARG V 100 -43.73 -56.33 -57.66
N PHE V 101 -43.00 -56.95 -56.74
CA PHE V 101 -41.89 -57.86 -57.05
C PHE V 101 -42.36 -59.00 -57.95
N ASN V 102 -43.46 -59.63 -57.53
CA ASN V 102 -44.10 -60.71 -58.31
C ASN V 102 -44.44 -60.29 -59.73
N LYS V 103 -44.99 -59.08 -59.85
CA LYS V 103 -45.36 -58.50 -61.16
C LYS V 103 -44.15 -58.33 -62.09
N ARG V 104 -43.10 -57.68 -61.60
CA ARG V 104 -41.92 -57.36 -62.44
C ARG V 104 -40.78 -58.39 -62.42
N TYR V 105 -41.02 -59.56 -61.82
CA TYR V 105 -40.14 -60.73 -61.98
C TYR V 105 -41.04 -61.94 -62.29
N SER V 106 -41.98 -61.74 -63.21
CA SER V 106 -43.01 -62.74 -63.56
C SER V 106 -42.56 -63.68 -64.68
N SER V 107 -41.86 -63.13 -65.67
CA SER V 107 -41.32 -63.92 -66.80
C SER V 107 -40.34 -65.01 -66.37
N LEU V 108 -39.60 -64.75 -65.30
CA LEU V 108 -38.62 -65.70 -64.74
C LEU V 108 -39.27 -66.78 -63.89
N PHE V 109 -40.43 -66.48 -63.28
CA PHE V 109 -41.13 -67.37 -62.34
C PHE V 109 -40.32 -67.67 -61.07
N SER V 110 -39.47 -66.72 -60.68
CA SER V 110 -38.58 -66.86 -59.50
C SER V 110 -37.71 -68.11 -59.54
N THR V 122 -39.38 -75.24 -52.20
CA THR V 122 -39.45 -74.99 -53.63
C THR V 122 -38.14 -75.32 -54.35
N VAL V 123 -38.20 -75.35 -55.68
CA VAL V 123 -37.05 -75.69 -56.53
C VAL V 123 -36.00 -74.58 -56.54
N GLU V 124 -36.48 -73.34 -56.71
CA GLU V 124 -35.62 -72.15 -56.71
C GLU V 124 -34.85 -71.98 -55.40
N LEU V 125 -35.57 -72.19 -54.29
CA LEU V 125 -34.98 -72.14 -52.95
C LEU V 125 -33.87 -73.18 -52.79
N SER V 126 -34.16 -74.40 -53.22
CA SER V 126 -33.19 -75.51 -53.19
C SER V 126 -31.93 -75.20 -53.97
N GLU V 127 -32.11 -74.61 -55.16
CA GLU V 127 -31.02 -74.18 -56.03
C GLU V 127 -30.11 -73.15 -55.35
N GLU V 128 -30.74 -72.13 -54.75
CA GLU V 128 -30.01 -71.02 -54.12
C GLU V 128 -30.08 -71.07 -52.59
N ASN V 129 -29.56 -72.16 -52.03
CA ASN V 129 -29.46 -72.30 -50.57
C ASN V 129 -28.39 -73.31 -50.15
N LYS V 130 -27.13 -72.89 -50.25
CA LYS V 130 -25.99 -73.67 -49.76
C LYS V 130 -25.66 -73.19 -48.35
N LYS V 131 -25.79 -74.10 -47.37
CA LYS V 131 -25.71 -73.74 -45.94
C LYS V 131 -24.32 -73.94 -45.30
N LYS V 132 -23.26 -73.95 -46.12
CA LYS V 132 -21.89 -74.07 -45.61
C LYS V 132 -21.42 -72.73 -45.05
N THR V 133 -21.49 -71.69 -45.88
CA THR V 133 -21.09 -70.33 -45.48
C THR V 133 -22.19 -69.68 -44.65
N GLN V 134 -21.80 -69.11 -43.50
CA GLN V 134 -22.74 -68.42 -42.60
C GLN V 134 -22.00 -67.48 -41.66
N ALA W 1 -4.95 0.63 69.87
CA ALA W 1 -4.78 2.12 69.82
C ALA W 1 -5.82 2.85 70.66
N VAL W 2 -7.06 2.36 70.64
CA VAL W 2 -8.21 3.04 71.20
C VAL W 2 -8.95 2.12 72.17
N PRO W 3 -9.49 2.66 73.29
CA PRO W 3 -10.23 1.76 74.20
C PRO W 3 -11.54 1.26 73.60
N LYS W 4 -11.74 -0.05 73.64
CA LYS W 4 -12.92 -0.69 73.05
C LYS W 4 -14.18 -0.41 73.85
N LYS W 5 -14.04 -0.26 75.17
CA LYS W 5 -15.16 0.00 76.08
C LYS W 5 -14.84 1.10 77.10
N LYS W 6 -15.90 1.67 77.65
CA LYS W 6 -15.86 2.47 78.88
C LYS W 6 -15.27 1.61 79.98
N VAL W 7 -14.08 1.97 80.48
CA VAL W 7 -13.44 1.20 81.54
C VAL W 7 -14.26 1.39 82.83
N SER W 8 -14.58 0.27 83.48
CA SER W 8 -15.46 0.27 84.64
C SER W 8 -14.81 0.92 85.86
N HIS W 9 -15.61 1.09 86.90
CA HIS W 9 -15.13 1.64 88.16
C HIS W 9 -14.13 0.70 88.84
N GLN W 10 -14.51 -0.57 88.91
CA GLN W 10 -13.66 -1.63 89.45
C GLN W 10 -12.28 -1.66 88.80
N LYS W 11 -12.28 -1.80 87.48
CA LYS W 11 -11.07 -2.09 86.72
C LYS W 11 -10.07 -0.93 86.67
N LYS W 12 -10.58 0.31 86.67
CA LYS W 12 -9.70 1.48 86.78
C LYS W 12 -9.10 1.61 88.19
N ARG W 13 -9.87 1.24 89.21
CA ARG W 13 -9.44 1.38 90.60
C ARG W 13 -8.43 0.32 91.02
N GLN W 14 -8.68 -0.93 90.64
CA GLN W 14 -7.71 -2.01 90.89
C GLN W 14 -6.40 -1.79 90.11
N LYS W 15 -6.50 -1.20 88.92
CA LYS W 15 -5.33 -0.78 88.16
C LYS W 15 -4.51 0.28 88.90
N LEU W 16 -5.18 1.29 89.40
CA LEU W 16 -4.52 2.43 90.03
C LEU W 16 -4.00 2.12 91.43
N TYR W 17 -4.88 1.58 92.27
CA TYR W 17 -4.63 1.45 93.71
C TYR W 17 -4.22 0.04 94.18
N GLY W 18 -4.57 -0.99 93.40
CA GLY W 18 -4.19 -2.38 93.70
C GLY W 18 -2.71 -2.67 93.87
N PRO W 19 -1.86 -2.15 92.96
CA PRO W 19 -0.43 -2.44 93.07
C PRO W 19 0.29 -1.53 94.08
N GLY W 20 1.25 -2.11 94.81
CA GLY W 20 2.03 -1.38 95.81
C GLY W 20 3.00 -0.39 95.21
N LYS W 21 3.57 -0.76 94.06
CA LYS W 21 4.37 0.15 93.22
C LYS W 21 3.73 1.54 93.06
N LYS W 22 2.45 1.54 92.73
CA LYS W 22 1.71 2.79 92.49
C LYS W 22 1.33 3.57 93.76
N GLN W 23 1.16 2.85 94.87
CA GLN W 23 0.82 3.47 96.16
C GLN W 23 1.95 4.32 96.73
N LEU W 24 1.59 5.23 97.63
CA LEU W 24 2.57 5.97 98.42
C LEU W 24 3.01 5.13 99.62
N LYS W 25 4.27 5.32 100.02
CA LYS W 25 4.86 4.59 101.13
C LYS W 25 5.00 5.52 102.33
N MET W 26 4.93 4.95 103.53
CA MET W 26 5.26 5.68 104.75
C MET W 26 6.74 6.03 104.74
N ILE W 27 7.05 7.22 105.25
CA ILE W 27 8.42 7.68 105.36
C ILE W 27 8.91 7.28 106.74
N HIS W 28 9.28 6.00 106.85
CA HIS W 28 9.80 5.41 108.07
C HIS W 28 11.15 5.99 108.50
N HIS W 29 11.92 6.44 107.51
CA HIS W 29 13.31 6.89 107.70
C HIS W 29 13.47 8.34 108.17
N LEU W 30 12.54 8.82 109.00
CA LEU W 30 12.70 10.06 109.75
C LEU W 30 13.50 9.79 111.00
N ASN W 31 14.25 10.80 111.45
CA ASN W 31 14.94 10.74 112.74
C ASN W 31 15.25 12.13 113.30
N LYS W 32 15.72 12.17 114.53
CA LYS W 32 15.95 13.44 115.23
C LYS W 32 17.19 14.16 114.69
N CYS W 33 17.06 15.48 114.54
CA CYS W 33 18.20 16.34 114.25
C CYS W 33 18.96 16.60 115.56
N PRO W 34 20.30 16.51 115.54
CA PRO W 34 21.08 16.74 116.76
C PRO W 34 21.18 18.20 117.20
N SER W 35 21.09 19.13 116.24
CA SER W 35 21.20 20.57 116.52
C SER W 35 19.93 21.16 117.10
N CYS W 36 18.79 20.86 116.47
CA CYS W 36 17.47 21.15 117.03
C CYS W 36 16.68 19.84 117.07
N GLY W 37 16.07 19.53 118.22
CA GLY W 37 15.44 18.22 118.42
C GLY W 37 14.14 18.04 117.66
N HIS W 38 14.24 18.02 116.33
CA HIS W 38 13.09 17.98 115.44
C HIS W 38 13.25 16.88 114.41
N TYR W 39 12.16 16.54 113.73
CA TYR W 39 12.19 15.53 112.67
C TYR W 39 13.02 16.02 111.49
N LYS W 40 13.78 15.09 110.92
CA LYS W 40 14.49 15.30 109.67
C LYS W 40 14.64 13.94 109.00
N ARG W 41 14.97 13.93 107.71
CA ARG W 41 15.23 12.68 107.01
C ARG W 41 16.55 12.07 107.45
N ALA W 42 16.62 10.74 107.39
CA ALA W 42 17.84 10.01 107.71
C ALA W 42 18.88 10.23 106.62
N ASN W 43 20.14 10.30 107.02
CA ASN W 43 21.26 10.63 106.13
C ASN W 43 21.08 11.97 105.40
N THR W 44 20.46 12.92 106.09
CA THR W 44 20.12 14.23 105.53
C THR W 44 20.34 15.29 106.60
N LEU W 45 20.69 16.50 106.16
CA LEU W 45 20.84 17.63 107.08
C LEU W 45 19.49 18.22 107.42
N CYS W 46 19.40 18.79 108.62
CA CYS W 46 18.21 19.51 109.07
C CYS W 46 18.12 20.84 108.32
N MET W 47 17.03 21.02 107.58
CA MET W 47 16.82 22.25 106.80
C MET W 47 16.66 23.52 107.62
N TYR W 48 16.29 23.39 108.90
CA TYR W 48 16.22 24.54 109.79
C TYR W 48 17.62 25.02 110.18
N CYS W 49 18.42 24.09 110.70
CA CYS W 49 19.76 24.40 111.20
C CYS W 49 20.71 24.91 110.12
N VAL W 50 20.68 24.26 108.96
CA VAL W 50 21.51 24.70 107.82
C VAL W 50 21.05 26.06 107.28
N GLY W 51 19.73 26.27 107.28
CA GLY W 51 19.14 27.55 106.91
C GLY W 51 19.58 28.67 107.83
N GLN W 52 19.53 28.39 109.13
CA GLN W 52 20.00 29.32 110.17
C GLN W 52 21.46 29.70 109.98
N ILE W 53 22.29 28.70 109.71
CA ILE W 53 23.72 28.90 109.47
C ILE W 53 23.96 29.73 108.21
N SER W 54 23.18 29.47 107.16
CA SER W 54 23.23 30.25 105.92
C SER W 54 22.86 31.71 106.17
N HIS W 55 21.82 31.93 106.96
CA HIS W 55 21.39 33.26 107.38
C HIS W 55 22.49 34.00 108.14
N ILE W 56 23.10 33.30 109.10
CA ILE W 56 24.24 33.82 109.87
C ILE W 56 25.37 34.26 108.95
N TRP W 57 25.73 33.39 108.01
CA TRP W 57 26.77 33.69 107.03
C TRP W 57 26.46 34.94 106.22
N LYS W 58 25.21 35.02 105.74
CA LYS W 58 24.73 36.20 105.01
C LYS W 58 24.88 37.48 105.81
N THR W 59 24.48 37.44 107.07
CA THR W 59 24.55 38.60 107.96
C THR W 59 26.00 39.04 108.20
N HIS W 60 26.90 38.08 108.34
CA HIS W 60 28.33 38.35 108.52
C HIS W 60 29.02 38.68 107.19
N THR W 61 29.03 37.71 106.27
CA THR W 61 29.61 37.89 104.93
C THR W 61 28.60 38.66 104.05
N ALA W 62 28.53 39.97 104.28
CA ALA W 62 27.60 40.86 103.59
C ALA W 62 28.37 41.93 102.82
N LYS W 63 28.18 41.96 101.50
CA LYS W 63 28.72 43.03 100.67
C LYS W 63 27.90 44.29 100.92
N GLU W 64 28.58 45.37 101.30
CA GLU W 64 27.93 46.63 101.68
C GLU W 64 27.18 47.26 100.51
N GLU W 65 25.97 47.73 100.77
CA GLU W 65 25.15 48.39 99.76
C GLU W 65 25.76 49.73 99.35
N ILE W 66 25.73 50.01 98.04
CA ILE W 66 26.30 51.23 97.50
C ILE W 66 25.22 52.31 97.54
N LYS W 67 25.39 53.26 98.46
CA LYS W 67 24.54 54.45 98.54
C LYS W 67 25.38 55.61 98.00
N PRO W 68 25.01 56.15 96.81
CA PRO W 68 25.71 57.33 96.29
C PRO W 68 25.57 58.54 97.21
N ARG W 69 26.66 59.30 97.37
CA ARG W 69 26.69 60.47 98.26
C ARG W 69 25.62 61.49 97.90
N GLN W 70 25.63 61.92 96.64
CA GLN W 70 24.74 62.98 96.15
C GLN W 70 23.25 62.70 96.36
N GLU W 71 22.84 61.44 96.23
CA GLU W 71 21.46 61.04 96.50
C GLU W 71 21.16 60.89 98.00
N GLU W 72 22.17 60.50 98.78
CA GLU W 72 22.03 60.41 100.24
C GLU W 72 21.87 61.78 100.91
N GLU W 73 22.52 62.81 100.33
CA GLU W 73 22.48 64.17 100.89
C GLU W 73 21.52 65.14 100.15
N LEU W 74 20.53 64.60 99.42
CA LEU W 74 19.47 65.43 98.84
C LEU W 74 18.51 65.89 99.93
N SER W 75 17.94 67.08 99.74
CA SER W 75 16.81 67.55 100.54
C SER W 75 15.56 66.76 100.12
N GLU W 76 14.56 66.72 100.99
CA GLU W 76 13.34 65.93 100.74
C GLU W 76 12.54 66.50 99.57
N LEU W 77 12.33 67.81 99.61
CA LEU W 77 11.65 68.56 98.55
C LEU W 77 12.38 68.37 97.21
N ASP W 78 13.68 68.56 97.24
CA ASP W 78 14.55 68.40 96.06
C ASP W 78 14.44 66.99 95.46
N GLN W 79 14.44 65.99 96.34
CA GLN W 79 14.30 64.58 95.94
C GLN W 79 12.95 64.32 95.26
N ARG W 80 11.90 64.89 95.85
CA ARG W 80 10.54 64.81 95.30
C ARG W 80 10.43 65.44 93.91
N VAL W 81 11.04 66.61 93.76
CA VAL W 81 11.13 67.31 92.48
C VAL W 81 11.81 66.45 91.41
N LEU W 82 12.95 65.88 91.78
CA LEU W 82 13.76 65.08 90.86
C LEU W 82 13.14 63.75 90.48
N TYR W 83 12.77 62.98 91.50
CA TYR W 83 12.32 61.60 91.36
C TYR W 83 10.89 61.47 91.88
N PRO W 84 9.90 61.94 91.10
CA PRO W 84 8.50 61.82 91.51
C PRO W 84 7.95 60.40 91.46
N GLY W 85 6.80 60.19 92.08
CA GLY W 85 6.14 58.89 92.12
C GLY W 85 5.50 58.52 90.79
N ARG W 86 4.97 57.30 90.73
CA ARG W 86 4.34 56.79 89.51
C ARG W 86 3.33 55.69 89.82
N ARG W 87 2.36 55.52 88.93
CA ARG W 87 1.45 54.39 89.00
C ARG W 87 2.16 53.16 88.43
N ASP W 88 2.26 52.12 89.24
CA ASP W 88 2.78 50.82 88.79
C ASP W 88 1.71 50.10 87.99
N THR W 89 2.16 49.26 87.05
CA THR W 89 1.24 48.46 86.23
C THR W 89 0.61 47.33 87.07
N LYS W 90 -0.43 46.72 86.53
CA LYS W 90 -1.07 45.56 87.18
C LYS W 90 -0.06 44.44 87.38
N TYR W 91 0.70 44.14 86.34
CA TYR W 91 1.76 43.13 86.36
C TYR W 91 2.79 43.42 87.46
N THR W 92 3.26 44.66 87.50
CA THR W 92 4.22 45.13 88.51
C THR W 92 3.67 44.91 89.92
N LYS W 93 2.43 45.33 90.15
CA LYS W 93 1.73 45.13 91.43
C LYS W 93 1.68 43.67 91.84
N ASP W 94 1.31 42.81 90.89
CA ASP W 94 1.26 41.35 91.09
C ASP W 94 2.64 40.80 91.47
N LEU W 95 3.67 41.25 90.77
CA LEU W 95 5.06 40.88 91.06
C LEU W 95 5.47 41.27 92.48
N LYS W 96 5.06 42.48 92.87
CA LYS W 96 5.36 43.03 94.21
C LYS W 96 4.77 42.18 95.34
N ASP W 97 3.51 41.76 95.21
CA ASP W 97 2.91 40.86 96.21
C ASP W 97 3.50 39.43 96.07
N LYS W 98 4.69 39.26 96.64
CA LYS W 98 5.42 38.00 96.59
C LYS W 98 4.80 36.93 97.48
N ASP W 99 4.31 37.34 98.65
CA ASP W 99 3.65 36.43 99.60
C ASP W 99 2.44 35.68 99.01
N ASN W 100 1.84 36.25 97.97
CA ASN W 100 0.80 35.58 97.17
C ASN W 100 1.28 34.29 96.49
N TYR W 101 2.50 34.30 95.94
CA TYR W 101 3.00 33.20 95.09
C TYR W 101 4.35 32.59 95.47
N LEU W 102 4.90 32.94 96.63
CA LEU W 102 6.24 32.50 97.03
C LEU W 102 6.16 31.75 98.37
N GLU W 103 6.64 30.51 98.38
CA GLU W 103 6.48 29.61 99.53
C GLU W 103 7.69 29.63 100.46
N ARG W 104 7.46 30.05 101.69
CA ARG W 104 8.47 30.03 102.74
C ARG W 104 8.48 28.63 103.37
N ARG W 105 9.66 28.20 103.84
CA ARG W 105 9.86 26.83 104.34
C ARG W 105 9.19 26.62 105.70
N VAL W 106 8.46 25.51 105.84
CA VAL W 106 7.77 25.17 107.10
C VAL W 106 8.70 24.43 108.05
N ARG W 107 8.47 24.63 109.36
CA ARG W 107 9.22 23.96 110.41
C ARG W 107 8.58 22.61 110.69
N THR W 108 9.42 21.60 110.94
CA THR W 108 8.96 20.25 111.26
C THR W 108 8.48 20.15 112.71
N LEU W 109 7.89 19.01 113.06
CA LEU W 109 7.46 18.74 114.43
C LEU W 109 8.63 18.34 115.31
N LYS W 110 8.51 18.61 116.61
CA LYS W 110 9.53 18.25 117.58
C LYS W 110 9.44 16.76 117.89
N LYS W 111 10.58 16.07 117.82
CA LYS W 111 10.65 14.62 118.03
C LYS W 111 10.49 14.27 119.50
N ASP W 112 9.92 13.08 119.75
CA ASP W 112 9.73 12.54 121.10
C ASP W 112 10.65 11.36 121.35
N SER X 1 -52.68 -2.57 2.28
CA SER X 1 -54.10 -2.90 2.66
C SER X 1 -54.70 -3.93 1.70
N LYS X 2 -55.00 -5.12 2.22
CA LYS X 2 -55.58 -6.21 1.44
C LYS X 2 -57.10 -6.25 1.53
N ASN X 3 -57.63 -6.12 2.75
CA ASN X 3 -59.06 -6.09 3.02
C ASN X 3 -59.52 -4.71 3.47
N SER X 4 -60.37 -4.07 2.67
CA SER X 4 -60.91 -2.75 2.97
C SER X 4 -62.32 -2.83 3.58
N VAL X 5 -62.69 -1.75 4.27
CA VAL X 5 -64.02 -1.59 4.86
C VAL X 5 -64.92 -0.82 3.88
N ILE X 6 -66.22 -1.15 3.90
CA ILE X 6 -67.22 -0.44 3.10
C ILE X 6 -68.51 -0.23 3.88
N LYS X 7 -69.32 0.73 3.41
CA LYS X 7 -70.61 1.05 3.99
C LYS X 7 -71.73 0.61 3.06
N LEU X 8 -72.54 -0.35 3.52
CA LEU X 8 -73.74 -0.77 2.80
C LEU X 8 -74.92 0.04 3.32
N LEU X 9 -75.53 0.81 2.42
CA LEU X 9 -76.65 1.70 2.76
C LEU X 9 -77.96 1.03 2.32
N SER X 10 -78.96 1.05 3.22
CA SER X 10 -80.25 0.43 2.94
C SER X 10 -80.94 1.03 1.72
N THR X 11 -81.62 0.18 0.95
CA THR X 11 -82.29 0.60 -0.28
C THR X 11 -83.63 1.25 0.03
N ALA X 12 -84.36 0.69 0.99
CA ALA X 12 -85.50 1.38 1.59
C ALA X 12 -84.91 2.59 2.32
N ALA X 13 -85.26 3.79 1.88
CA ALA X 13 -84.55 5.01 2.27
C ALA X 13 -84.89 5.44 3.70
N SER X 14 -84.41 4.63 4.65
CA SER X 14 -84.52 4.90 6.06
C SER X 14 -83.38 5.79 6.52
N GLY X 15 -82.17 5.48 6.01
CA GLY X 15 -80.94 6.07 6.51
C GLY X 15 -80.09 5.02 7.22
N TYR X 16 -80.73 3.94 7.66
CA TYR X 16 -80.05 2.78 8.25
C TYR X 16 -79.02 2.21 7.28
N SER X 17 -77.90 1.78 7.83
CA SER X 17 -76.77 1.28 7.05
C SER X 17 -75.92 0.35 7.89
N ARG X 18 -75.37 -0.67 7.25
CA ARG X 18 -74.51 -1.65 7.90
C ARG X 18 -73.15 -1.68 7.21
N TYR X 19 -72.10 -1.86 7.97
CA TYR X 19 -70.73 -1.84 7.45
C TYR X 19 -70.15 -3.24 7.43
N ILE X 20 -69.47 -3.57 6.34
CA ILE X 20 -68.79 -4.86 6.20
C ILE X 20 -67.42 -4.70 5.53
N SER X 21 -66.61 -5.75 5.64
CA SER X 21 -65.27 -5.79 5.07
C SER X 21 -65.25 -6.65 3.80
N ILE X 22 -64.45 -6.23 2.83
CA ILE X 22 -64.23 -7.01 1.59
C ILE X 22 -62.79 -6.87 1.10
N LYS X 23 -62.39 -7.80 0.23
CA LYS X 23 -61.11 -7.70 -0.48
C LYS X 23 -61.14 -6.50 -1.43
N LYS X 24 -59.95 -5.92 -1.66
CA LYS X 24 -59.83 -4.65 -2.40
C LYS X 24 -60.51 -4.62 -3.77
N GLY X 25 -60.38 -5.70 -4.53
CA GLY X 25 -60.98 -5.81 -5.86
C GLY X 25 -62.12 -6.80 -5.94
N ALA X 26 -62.91 -6.91 -4.86
CA ALA X 26 -64.04 -7.83 -4.82
C ALA X 26 -65.22 -7.28 -5.63
N PRO X 27 -66.10 -8.16 -6.14
CA PRO X 27 -67.35 -7.71 -6.78
C PRO X 27 -68.21 -6.82 -5.89
N LEU X 28 -69.10 -6.04 -6.50
CA LEU X 28 -70.02 -5.17 -5.75
C LEU X 28 -70.87 -6.02 -4.82
N VAL X 29 -70.84 -5.70 -3.54
CA VAL X 29 -71.45 -6.53 -2.50
C VAL X 29 -72.79 -5.89 -2.11
N THR X 30 -73.85 -6.51 -2.60
CA THR X 30 -75.21 -6.23 -2.21
C THR X 30 -75.70 -7.42 -1.39
N GLN X 31 -76.41 -7.14 -0.31
CA GLN X 31 -76.97 -8.19 0.55
C GLN X 31 -78.31 -7.76 1.12
N VAL X 32 -79.19 -8.73 1.36
CA VAL X 32 -80.51 -8.46 1.92
C VAL X 32 -80.45 -8.79 3.41
N ARG X 33 -80.69 -7.76 4.23
CA ARG X 33 -80.69 -7.86 5.68
C ARG X 33 -81.85 -7.08 6.25
N TYR X 34 -82.07 -7.24 7.55
CA TYR X 34 -83.16 -6.55 8.23
C TYR X 34 -82.86 -5.07 8.41
N ASP X 35 -83.80 -4.23 7.96
CA ASP X 35 -83.78 -2.79 8.24
C ASP X 35 -84.76 -2.54 9.39
N PRO X 36 -84.25 -2.18 10.59
CA PRO X 36 -85.14 -1.98 11.74
C PRO X 36 -86.06 -0.75 11.71
N VAL X 37 -85.72 0.23 10.88
CA VAL X 37 -86.55 1.43 10.71
C VAL X 37 -87.84 1.05 9.98
N VAL X 38 -87.68 0.23 8.94
CA VAL X 38 -88.79 -0.22 8.09
C VAL X 38 -89.43 -1.49 8.66
N LYS X 39 -88.65 -2.24 9.45
CA LYS X 39 -89.07 -3.51 10.08
C LYS X 39 -89.31 -4.61 9.05
N ARG X 40 -88.35 -4.75 8.14
CA ARG X 40 -88.38 -5.81 7.13
C ARG X 40 -87.01 -6.02 6.52
N HIS X 41 -86.88 -7.12 5.77
CA HIS X 41 -85.67 -7.38 5.00
C HIS X 41 -85.69 -6.58 3.71
N VAL X 42 -84.63 -5.80 3.51
CA VAL X 42 -84.47 -4.95 2.33
C VAL X 42 -83.08 -5.16 1.76
N LEU X 43 -82.91 -4.71 0.53
CA LEU X 43 -81.60 -4.74 -0.11
C LEU X 43 -80.70 -3.67 0.50
N PHE X 44 -79.42 -4.01 0.67
CA PHE X 44 -78.37 -3.04 0.98
C PHE X 44 -77.43 -2.97 -0.20
N LYS X 45 -76.92 -1.77 -0.48
CA LYS X 45 -75.99 -1.53 -1.59
C LYS X 45 -74.89 -0.60 -1.14
N GLU X 46 -73.74 -0.67 -1.82
CA GLU X 46 -72.58 0.16 -1.48
C GLU X 46 -72.86 1.62 -1.80
N ALA X 47 -72.70 2.49 -0.80
CA ALA X 47 -72.95 3.92 -0.93
C ALA X 47 -71.87 4.60 -1.77
N LYS X 48 -70.61 4.27 -1.49
CA LYS X 48 -69.47 4.83 -2.20
C LYS X 48 -69.23 4.04 -3.50
N LYS X 49 -68.37 4.59 -4.35
CA LYS X 49 -67.89 3.89 -5.56
C LYS X 49 -66.44 3.46 -5.39
N ARG X 50 -66.08 2.39 -6.08
CA ARG X 50 -64.72 1.84 -6.03
C ARG X 50 -64.45 0.92 -7.20
N LYS X 51 -63.17 0.72 -7.49
CA LYS X 51 -62.72 -0.12 -8.58
C LYS X 51 -62.98 -1.58 -8.27
N VAL X 52 -63.08 -2.38 -9.33
CA VAL X 52 -63.35 -3.80 -9.18
C VAL X 52 -62.46 -4.57 -10.15
N ALA X 53 -62.03 -5.76 -9.72
CA ALA X 53 -61.29 -6.68 -10.59
C ALA X 53 -62.24 -7.21 -11.66
N GLU X 54 -62.09 -6.70 -12.89
CA GLU X 54 -63.03 -6.99 -13.97
C GLU X 54 -62.91 -8.43 -14.47
N ARG X 55 -63.90 -9.25 -14.11
CA ARG X 55 -64.02 -10.61 -14.61
C ARG X 55 -64.69 -10.58 -15.98
N LYS X 56 -64.29 -11.50 -16.86
CA LYS X 56 -64.91 -11.64 -18.17
C LYS X 56 -66.30 -12.25 -17.98
N PRO X 57 -67.36 -11.59 -18.50
CA PRO X 57 -68.71 -12.11 -18.31
C PRO X 57 -68.92 -13.41 -19.10
N LEU X 58 -68.95 -14.53 -18.37
CA LEU X 58 -69.06 -15.87 -18.95
C LEU X 58 -70.29 -16.01 -19.86
N ASP X 59 -70.05 -16.42 -21.11
CA ASP X 59 -71.08 -16.40 -22.15
C ASP X 59 -71.76 -17.77 -22.25
N PHE X 60 -73.07 -17.78 -21.99
CA PHE X 60 -73.91 -18.97 -22.09
C PHE X 60 -74.38 -19.15 -23.54
N LEU X 61 -74.55 -18.02 -24.23
CA LEU X 61 -74.84 -18.00 -25.66
C LEU X 61 -73.55 -18.39 -26.38
N ARG X 62 -73.59 -19.49 -27.13
CA ARG X 62 -72.37 -20.09 -27.68
C ARG X 62 -71.84 -19.20 -28.80
N THR X 63 -70.76 -18.47 -28.52
CA THR X 63 -70.24 -17.46 -29.44
C THR X 63 -69.30 -18.08 -30.49
N ALA X 64 -69.40 -17.58 -31.71
CA ALA X 64 -68.57 -17.99 -32.85
C ALA X 64 -68.64 -19.49 -33.16
N LYS Y 1 3.21 25.46 50.31
CA LYS Y 1 2.32 26.66 50.47
C LYS Y 1 1.26 26.42 51.55
N SER Y 2 1.50 27.00 52.73
CA SER Y 2 0.60 26.87 53.88
C SER Y 2 -0.49 27.95 53.81
N ARG Y 3 -1.73 27.53 54.06
CA ARG Y 3 -2.91 28.42 53.98
C ARG Y 3 -3.28 28.90 55.38
N GLY Y 4 -4.46 29.53 55.50
CA GLY Y 4 -4.98 29.99 56.79
C GLY Y 4 -4.88 31.49 57.00
N ASN Y 5 -3.79 32.08 56.49
CA ASN Y 5 -3.54 33.52 56.62
C ASN Y 5 -4.09 34.36 55.45
N THR Y 6 -5.34 34.10 55.08
CA THR Y 6 -6.00 34.80 53.97
C THR Y 6 -6.33 36.25 54.30
N TYR Y 7 -6.61 36.54 55.57
CA TYR Y 7 -6.77 37.91 56.04
C TYR Y 7 -5.38 38.55 56.16
N GLN Y 8 -5.20 39.71 55.52
CA GLN Y 8 -3.95 40.45 55.56
C GLN Y 8 -4.27 41.93 55.75
N PRO Y 9 -4.37 42.38 57.02
CA PRO Y 9 -4.93 43.70 57.29
C PRO Y 9 -4.16 44.88 56.72
N SER Y 10 -4.91 45.93 56.41
CA SER Y 10 -4.38 47.17 55.87
C SER Y 10 -5.54 48.16 55.96
N THR Y 11 -5.50 49.00 56.99
CA THR Y 11 -6.65 49.83 57.42
C THR Y 11 -7.31 50.57 56.26
N LEU Y 12 -6.49 51.21 55.44
CA LEU Y 12 -6.92 52.00 54.28
C LEU Y 12 -7.84 51.21 53.36
N LYS Y 13 -7.40 50.02 52.97
CA LYS Y 13 -8.16 49.13 52.08
C LYS Y 13 -9.50 48.75 52.67
N ARG Y 14 -9.47 48.35 53.95
CA ARG Y 14 -10.66 48.01 54.72
C ARG Y 14 -11.69 49.14 54.71
N LYS Y 15 -11.22 50.36 54.95
CA LYS Y 15 -12.10 51.53 54.99
C LYS Y 15 -12.68 51.85 53.61
N ARG Y 16 -11.86 51.72 52.58
CA ARG Y 16 -12.33 51.84 51.18
C ARG Y 16 -13.47 50.87 50.85
N THR Y 17 -13.27 49.61 51.21
CA THR Y 17 -14.18 48.53 50.81
C THR Y 17 -15.39 48.41 51.73
N PHE Y 18 -15.12 48.31 53.03
CA PHE Y 18 -16.13 47.99 54.04
C PHE Y 18 -16.46 49.13 55.00
N GLY Y 19 -15.93 50.32 54.75
CA GLY Y 19 -16.21 51.48 55.58
C GLY Y 19 -17.62 52.01 55.37
N PHE Y 20 -18.10 52.74 56.37
CA PHE Y 20 -19.45 53.30 56.39
C PHE Y 20 -19.75 54.16 55.16
N LEU Y 21 -18.83 55.06 54.83
CA LEU Y 21 -19.03 56.01 53.74
C LEU Y 21 -19.10 55.35 52.37
N ALA Y 22 -18.33 54.28 52.18
CA ALA Y 22 -18.40 53.46 50.97
C ALA Y 22 -19.79 52.85 50.80
N ARG Y 23 -20.32 52.31 51.90
CA ARG Y 23 -21.68 51.77 51.93
C ARG Y 23 -22.69 52.86 51.59
N ALA Y 24 -22.58 54.00 52.27
CA ALA Y 24 -23.45 55.15 52.06
C ALA Y 24 -23.49 55.59 50.59
N LYS Y 25 -22.31 55.66 49.98
CA LYS Y 25 -22.15 56.21 48.63
C LYS Y 25 -22.80 55.36 47.54
N SER Y 26 -22.63 54.05 47.64
CA SER Y 26 -23.30 53.13 46.72
C SER Y 26 -24.77 52.98 47.11
N LYS Y 27 -25.61 52.68 46.13
CA LYS Y 27 -27.02 52.37 46.37
C LYS Y 27 -27.12 51.05 47.12
N GLN Y 28 -26.38 50.06 46.65
CA GLN Y 28 -26.36 48.72 47.25
C GLN Y 28 -25.89 48.76 48.69
N GLY Y 29 -24.82 49.51 48.93
CA GLY Y 29 -24.30 49.73 50.28
C GLY Y 29 -25.28 50.42 51.21
N SER Y 30 -26.00 51.40 50.68
CA SER Y 30 -27.06 52.10 51.42
C SER Y 30 -28.20 51.15 51.82
N LYS Y 31 -28.54 50.24 50.90
CA LYS Y 31 -29.55 49.20 51.14
C LYS Y 31 -29.11 48.25 52.25
N ILE Y 32 -27.83 47.84 52.20
CA ILE Y 32 -27.21 47.00 53.24
C ILE Y 32 -27.33 47.66 54.60
N LEU Y 33 -26.90 48.93 54.67
CA LEU Y 33 -26.94 49.73 55.89
C LEU Y 33 -28.34 49.79 56.49
N LYS Y 34 -29.32 50.06 55.63
CA LYS Y 34 -30.74 50.09 56.00
C LYS Y 34 -31.18 48.76 56.60
N ARG Y 35 -30.80 47.68 55.93
CA ARG Y 35 -31.11 46.31 56.38
C ARG Y 35 -30.52 46.01 57.76
N ARG Y 36 -29.27 46.42 57.96
CA ARG Y 36 -28.60 46.28 59.26
C ARG Y 36 -29.29 47.09 60.36
N LYS Y 37 -29.69 48.31 60.02
CA LYS Y 37 -30.45 49.17 60.94
C LYS Y 37 -31.78 48.52 61.36
N LEU Y 38 -32.48 47.97 60.38
CA LEU Y 38 -33.75 47.25 60.61
C LEU Y 38 -33.57 46.07 61.53
N LYS Y 39 -32.52 45.29 61.29
CA LYS Y 39 -32.15 44.16 62.15
C LYS Y 39 -31.94 44.61 63.59
N GLY Y 40 -31.28 45.76 63.76
CA GLY Y 40 -30.94 46.33 65.07
C GLY Y 40 -29.45 46.47 65.33
N ARG Y 41 -28.63 46.27 64.29
CA ARG Y 41 -27.17 46.24 64.42
C ARG Y 41 -26.57 47.46 65.10
N TRP Y 42 -25.63 47.22 66.02
CA TRP Y 42 -24.89 48.30 66.67
C TRP Y 42 -23.81 48.86 65.74
N PHE Y 43 -23.17 47.97 64.97
CA PHE Y 43 -22.05 48.32 64.10
C PHE Y 43 -22.44 48.03 62.65
N LEU Y 44 -22.70 49.11 61.91
CA LEU Y 44 -23.21 49.02 60.55
C LEU Y 44 -22.10 48.80 59.52
N SER Y 45 -20.90 49.30 59.81
CA SER Y 45 -19.77 49.19 58.89
C SER Y 45 -18.43 49.36 59.62
N HIS Y 46 -17.35 49.04 58.92
CA HIS Y 46 -15.99 49.22 59.44
C HIS Y 46 -15.61 50.70 59.45
N LEU Z 1 -62.06 23.36 50.41
CA LEU Z 1 -63.01 22.21 50.41
C LEU Z 1 -62.65 21.14 49.36
N MET Z 2 -63.36 20.02 49.41
CA MET Z 2 -63.14 18.89 48.53
C MET Z 2 -63.83 19.20 47.21
N LYS Z 3 -63.38 18.59 46.11
CA LYS Z 3 -64.04 18.79 44.81
C LYS Z 3 -64.10 17.53 43.96
N THR Z 4 -65.06 17.51 43.05
CA THR Z 4 -65.34 16.35 42.22
C THR Z 4 -64.26 16.16 41.18
N HIS Z 5 -63.95 14.89 40.90
CA HIS Z 5 -63.04 14.52 39.85
C HIS Z 5 -63.83 14.60 38.55
N LYS Z 6 -63.49 15.59 37.71
CA LYS Z 6 -64.33 15.93 36.56
C LYS Z 6 -64.36 14.85 35.49
N GLY Z 7 -63.22 14.22 35.25
CA GLY Z 7 -63.12 13.06 34.36
C GLY Z 7 -64.02 11.92 34.82
N THR Z 8 -63.98 11.64 36.13
CA THR Z 8 -64.79 10.60 36.75
C THR Z 8 -66.29 10.93 36.63
N ALA Z 9 -66.64 12.19 36.86
CA ALA Z 9 -68.01 12.68 36.69
C ALA Z 9 -68.52 12.50 35.26
N LYS Z 10 -67.66 12.79 34.30
CA LYS Z 10 -67.95 12.57 32.88
C LYS Z 10 -68.17 11.10 32.55
N ARG Z 11 -67.35 10.23 33.13
CA ARG Z 11 -67.46 8.78 32.93
C ARG Z 11 -68.65 8.18 33.67
N TRP Z 12 -68.81 8.56 34.94
CA TRP Z 12 -69.78 7.94 35.85
C TRP Z 12 -70.94 8.85 36.23
N ARG Z 13 -72.15 8.30 36.23
CA ARG Z 13 -73.35 9.01 36.70
C ARG Z 13 -74.03 8.20 37.80
N ARG Z 14 -74.74 8.91 38.70
CA ARG Z 14 -75.38 8.29 39.86
C ARG Z 14 -76.62 7.47 39.48
N THR Z 15 -76.82 6.36 40.18
CA THR Z 15 -78.03 5.52 40.05
C THR Z 15 -78.44 4.99 41.42
N GLY Z 16 -79.14 5.84 42.18
CA GLY Z 16 -79.56 5.50 43.55
C GLY Z 16 -78.38 5.48 44.49
N ASN Z 17 -77.95 4.27 44.86
CA ASN Z 17 -76.79 4.06 45.74
C ASN Z 17 -75.62 3.36 45.02
N THR Z 18 -75.52 3.63 43.72
CA THR Z 18 -74.47 3.07 42.86
C THR Z 18 -74.14 4.08 41.77
N PHE Z 19 -73.16 3.75 40.92
CA PHE Z 19 -72.84 4.55 39.75
C PHE Z 19 -72.94 3.70 38.48
N LYS Z 20 -73.49 4.29 37.42
CA LYS Z 20 -73.56 3.65 36.11
C LYS Z 20 -72.47 4.20 35.19
N ARG Z 21 -72.02 3.36 34.26
CA ARG Z 21 -70.97 3.73 33.31
C ARG Z 21 -71.16 3.07 31.94
N GLY Z 22 -70.54 3.66 30.92
CA GLY Z 22 -70.51 3.08 29.59
C GLY Z 22 -69.54 1.91 29.51
N ILE Z 23 -69.69 1.08 28.49
CA ILE Z 23 -68.85 -0.10 28.29
C ILE Z 23 -67.64 0.31 27.45
N ALA Z 24 -66.51 -0.38 27.69
CA ALA Z 24 -65.29 -0.18 26.90
C ALA Z 24 -65.20 -1.21 25.77
N GLY Z 25 -64.71 -0.76 24.62
CA GLY Z 25 -64.40 -1.64 23.48
C GLY Z 25 -65.48 -1.65 22.40
N ARG Z 26 -65.96 -0.47 22.05
CA ARG Z 26 -67.01 -0.32 21.04
C ARG Z 26 -66.91 1.06 20.35
N LYS Z 27 -65.68 1.46 20.05
CA LYS Z 27 -65.39 2.76 19.40
C LYS Z 27 -64.75 2.63 18.02
N HIS Z 28 -63.95 1.59 17.81
CA HIS Z 28 -63.50 1.21 16.47
C HIS Z 28 -63.08 -0.26 16.44
N GLY Z 29 -62.85 -0.78 15.23
CA GLY Z 29 -62.53 -2.18 15.03
C GLY Z 29 -63.68 -3.13 15.31
N ASN Z 30 -64.91 -2.63 15.13
CA ASN Z 30 -66.13 -3.41 15.35
C ASN Z 30 -66.49 -4.37 14.22
N ILE Z 31 -66.09 -4.03 12.99
CA ILE Z 31 -66.34 -4.89 11.81
C ILE Z 31 -65.56 -6.19 11.92
N GLY Z 32 -66.19 -7.28 11.49
CA GLY Z 32 -65.62 -8.63 11.60
C GLY Z 32 -66.21 -9.42 12.75
N TRP Z 33 -66.47 -8.73 13.87
CA TRP Z 33 -67.11 -9.34 15.03
C TRP Z 33 -68.59 -9.56 14.78
N SER Z 34 -69.17 -10.51 15.52
CA SER Z 34 -70.61 -10.77 15.45
C SER Z 34 -71.38 -9.62 16.10
N HIS Z 35 -72.46 -9.20 15.43
CA HIS Z 35 -73.27 -8.05 15.87
C HIS Z 35 -74.04 -8.35 17.15
N ARG Z 36 -74.60 -9.55 17.22
CA ARG Z 36 -75.26 -10.06 18.42
C ARG Z 36 -74.33 -10.08 19.63
N SER Z 37 -73.11 -10.55 19.41
CA SER Z 37 -72.06 -10.56 20.44
C SER Z 37 -71.71 -9.15 20.91
N LEU Z 38 -71.57 -8.25 19.93
CA LEU Z 38 -71.30 -6.83 20.18
C LEU Z 38 -72.39 -6.11 20.96
N LYS Z 39 -73.64 -6.51 20.75
CA LYS Z 39 -74.80 -5.93 21.46
C LYS Z 39 -74.71 -6.01 22.99
N ALA Z 40 -73.92 -6.95 23.51
CA ALA Z 40 -73.54 -6.97 24.92
C ALA Z 40 -72.88 -5.67 25.41
N LEU Z 41 -72.06 -5.06 24.56
CA LEU Z 41 -71.27 -3.86 24.91
C LEU Z 41 -71.95 -2.51 24.64
N THR Z 42 -73.16 -2.50 24.09
CA THR Z 42 -73.81 -1.24 23.68
C THR Z 42 -74.34 -0.38 24.85
N GLY Z 43 -74.83 -1.03 25.91
CA GLY Z 43 -75.58 -0.36 26.97
C GLY Z 43 -74.74 0.31 28.05
N ARG Z 44 -75.27 0.28 29.28
CA ARG Z 44 -74.60 0.80 30.47
C ARG Z 44 -74.23 -0.35 31.40
N LYS Z 45 -73.55 -0.02 32.49
CA LYS Z 45 -73.11 -1.02 33.48
C LYS Z 45 -73.00 -0.39 34.86
N ILE Z 46 -73.47 -1.11 35.87
CA ILE Z 46 -73.38 -0.65 37.27
C ILE Z 46 -71.96 -0.87 37.76
N ALA Z 47 -71.50 -0.01 38.66
CA ALA Z 47 -70.15 -0.08 39.23
C ALA Z 47 -69.95 -1.39 39.97
N HIS Z 48 -68.77 -1.98 39.82
CA HIS Z 48 -68.39 -3.17 40.56
C HIS Z 48 -68.08 -2.76 42.00
N PRO Z 49 -68.49 -3.58 43.00
CA PRO Z 49 -68.29 -3.19 44.41
C PRO Z 49 -66.83 -2.99 44.85
N ALA Z 50 -65.88 -3.61 44.15
CA ALA Z 50 -64.44 -3.42 44.36
C ALA Z 50 -64.00 -1.95 44.37
N TYR Z 51 -64.46 -1.19 43.38
CA TYR Z 51 -64.08 0.21 43.19
C TYR Z 51 -65.16 1.23 43.60
N SER Z 52 -66.18 0.77 44.31
CA SER Z 52 -67.28 1.64 44.75
C SER Z 52 -66.79 2.73 45.70
N LYS Z 53 -65.94 2.32 46.66
CA LYS Z 53 -65.29 3.22 47.62
C LYS Z 53 -64.45 4.28 46.93
N HIS Z 54 -63.65 3.85 45.96
CA HIS Z 54 -62.84 4.75 45.12
C HIS Z 54 -63.71 5.79 44.41
N LEU Z 55 -64.79 5.31 43.79
CA LEU Z 55 -65.76 6.18 43.10
C LEU Z 55 -66.38 7.23 44.01
N LYS Z 56 -66.77 6.79 45.20
CA LYS Z 56 -67.30 7.69 46.24
C LYS Z 56 -66.31 8.79 46.60
N ARG Z 57 -65.05 8.40 46.78
CA ARG Z 57 -63.98 9.35 47.11
C ARG Z 57 -63.69 10.34 45.99
N LEU Z 58 -63.76 9.85 44.75
CA LEU Z 58 -63.64 10.69 43.56
C LEU Z 58 -64.76 11.71 43.43
N LEU Z 59 -65.99 11.26 43.72
CA LEU Z 59 -67.21 12.06 43.59
C LEU Z 59 -67.82 12.28 44.97
N PRO Z 60 -67.30 13.27 45.74
CA PRO Z 60 -67.80 13.43 47.11
C PRO Z 60 -69.24 13.97 47.19
N TYR Z 61 -69.69 14.70 46.17
CA TYR Z 61 -71.00 15.34 46.15
C TYR Z 61 -71.98 14.60 45.24
N HIS Z 62 -72.03 13.28 45.39
CA HIS Z 62 -72.91 12.41 44.61
C HIS Z 62 -73.51 11.33 45.52
N PHE AA 1 7.19 -56.45 48.82
CA PHE AA 1 5.75 -56.40 49.23
C PHE AA 1 4.92 -55.49 48.34
N LYS AA 2 3.81 -56.02 47.83
CA LYS AA 2 2.79 -55.22 47.16
C LYS AA 2 1.68 -54.93 48.15
N VAL AA 3 1.67 -53.71 48.68
CA VAL AA 3 0.66 -53.28 49.64
C VAL AA 3 -0.55 -52.79 48.86
N ARG AA 4 -1.69 -53.47 49.06
CA ARG AA 4 -2.89 -53.21 48.28
C ARG AA 4 -4.16 -53.67 49.01
N THR AA 5 -5.30 -53.17 48.55
CA THR AA 5 -6.60 -53.52 49.13
C THR AA 5 -6.96 -54.96 48.79
N SER AA 6 -6.88 -55.30 47.50
CA SER AA 6 -7.09 -56.67 47.02
C SER AA 6 -5.82 -57.49 47.25
N VAL AA 7 -5.99 -58.68 47.81
CA VAL AA 7 -4.86 -59.56 48.15
C VAL AA 7 -5.23 -61.01 47.80
N LYS AA 8 -5.00 -61.39 46.54
CA LYS AA 8 -5.23 -62.76 46.06
C LYS AA 8 -3.92 -63.55 45.99
N LYS AA 9 -3.99 -64.84 46.25
CA LYS AA 9 -2.82 -65.72 46.10
C LYS AA 9 -2.66 -66.12 44.63
N PHE AA 10 -1.45 -65.89 44.09
CA PHE AA 10 -1.20 -66.05 42.66
C PHE AA 10 -0.95 -67.51 42.28
N CYS AA 11 0.13 -68.08 42.80
CA CYS AA 11 0.53 -69.45 42.49
C CYS AA 11 0.12 -70.41 43.61
N SER AA 12 0.35 -71.70 43.39
CA SER AA 12 0.11 -72.73 44.41
C SER AA 12 1.02 -72.58 45.63
N ASP AA 13 2.25 -72.11 45.41
CA ASP AA 13 3.24 -71.92 46.48
C ASP AA 13 2.99 -70.70 47.36
N CYS AA 14 2.08 -69.80 46.95
CA CYS AA 14 1.62 -68.71 47.81
C CYS AA 14 0.81 -69.28 48.99
N TYR AA 15 0.92 -68.62 50.14
CA TYR AA 15 0.12 -68.96 51.32
C TYR AA 15 -0.28 -67.71 52.09
N LEU AA 16 -1.53 -67.69 52.53
CA LEU AA 16 -2.11 -66.54 53.22
C LEU AA 16 -1.86 -66.66 54.72
N VAL AA 17 -1.52 -65.54 55.34
CA VAL AA 17 -1.26 -65.47 56.78
C VAL AA 17 -2.01 -64.28 57.37
N ARG AA 18 -2.46 -64.42 58.60
CA ARG AA 18 -3.19 -63.38 59.31
C ARG AA 18 -2.41 -62.95 60.55
N ARG AA 19 -1.65 -61.86 60.42
CA ARG AA 19 -0.84 -61.30 61.50
C ARG AA 19 -1.09 -59.81 61.68
N LYS AA 20 -0.97 -59.34 62.92
CA LYS AA 20 -1.05 -57.91 63.25
C LYS AA 20 -2.32 -57.20 62.75
N GLY AA 21 -3.42 -57.96 62.63
CA GLY AA 21 -4.65 -57.44 62.03
C GLY AA 21 -4.57 -57.08 60.56
N ARG AA 22 -3.69 -57.78 59.83
CA ARG AA 22 -3.51 -57.60 58.39
C ARG AA 22 -3.33 -58.94 57.69
N VAL AA 23 -4.04 -59.13 56.58
CA VAL AA 23 -3.85 -60.32 55.75
C VAL AA 23 -2.58 -60.14 54.92
N TYR AA 24 -1.59 -60.99 55.17
CA TYR AA 24 -0.39 -61.09 54.35
C TYR AA 24 -0.53 -62.29 53.44
N ILE AA 25 -0.02 -62.17 52.22
CA ILE AA 25 0.21 -63.32 51.36
C ILE AA 25 1.71 -63.41 51.12
N TYR AA 26 2.33 -64.36 51.80
CA TYR AA 26 3.72 -64.74 51.53
C TYR AA 26 3.71 -65.84 50.48
N CYS AA 27 4.89 -66.14 49.95
CA CYS AA 27 5.06 -67.19 48.95
C CYS AA 27 6.44 -67.83 49.06
N LYS AA 28 6.46 -69.15 48.95
CA LYS AA 28 7.69 -69.92 49.10
C LYS AA 28 8.54 -69.97 47.83
N SER AA 29 7.90 -69.96 46.65
CA SER AA 29 8.60 -70.01 45.37
C SER AA 29 8.98 -68.61 44.86
N ASN AA 30 7.97 -67.85 44.43
CA ASN AA 30 8.19 -66.54 43.81
C ASN AA 30 8.07 -65.42 44.85
N LYS AA 31 9.14 -64.64 44.99
CA LYS AA 31 9.20 -63.56 45.98
C LYS AA 31 8.40 -62.33 45.57
N LYS AA 32 8.12 -62.20 44.27
CA LYS AA 32 7.24 -61.14 43.75
C LYS AA 32 5.79 -61.24 44.24
N HIS AA 33 5.36 -62.44 44.61
CA HIS AA 33 3.98 -62.67 45.09
C HIS AA 33 3.70 -62.21 46.52
N LYS AA 34 4.68 -61.63 47.21
CA LYS AA 34 4.45 -61.06 48.54
C LYS AA 34 3.49 -59.89 48.51
N GLN AA 35 2.37 -60.01 49.22
CA GLN AA 35 1.33 -58.98 49.27
C GLN AA 35 0.89 -58.72 50.69
N ARG AA 36 0.26 -57.57 50.91
CA ARG AA 36 -0.24 -57.18 52.22
C ARG AA 36 -1.53 -56.38 52.07
N GLN AA 37 -2.52 -56.71 52.90
CA GLN AA 37 -3.84 -56.09 52.82
C GLN AA 37 -3.88 -54.77 53.58
N GLY AA 38 -3.50 -53.70 52.88
CA GLY AA 38 -3.52 -52.35 53.43
C GLY AA 38 -2.45 -52.08 54.47
N HIS BA 1 -108.47 -69.41 -21.51
CA HIS BA 1 -108.57 -67.92 -21.35
C HIS BA 1 -109.34 -67.56 -20.08
N ILE BA 2 -108.64 -67.60 -18.96
CA ILE BA 2 -109.25 -67.39 -17.63
C ILE BA 2 -109.69 -65.93 -17.40
N TRP BA 3 -108.91 -64.97 -17.89
CA TRP BA 3 -109.18 -63.54 -17.66
C TRP BA 3 -110.35 -62.96 -18.44
N SER BA 4 -110.83 -63.67 -19.48
CA SER BA 4 -112.07 -63.30 -20.17
C SER BA 4 -113.32 -63.88 -19.50
N ASP BA 5 -113.15 -64.95 -18.72
CA ASP BA 5 -114.25 -65.57 -17.98
C ASP BA 5 -114.67 -64.72 -16.78
N PHE BA 6 -115.98 -64.57 -16.59
CA PHE BA 6 -116.55 -63.89 -15.41
C PHE BA 6 -117.75 -64.65 -14.85
N THR BA 7 -117.62 -65.98 -14.78
CA THR BA 7 -118.65 -66.84 -14.19
C THR BA 7 -118.47 -66.83 -12.68
N THR BA 8 -117.29 -67.25 -12.24
CA THR BA 8 -116.92 -67.28 -10.82
C THR BA 8 -116.16 -66.02 -10.38
N ARG BA 9 -115.43 -65.40 -11.30
CA ARG BA 9 -114.58 -64.24 -10.98
C ARG BA 9 -115.44 -62.97 -10.89
N PRO BA 10 -115.07 -62.03 -9.98
CA PRO BA 10 -115.82 -60.75 -9.86
C PRO BA 10 -115.82 -59.88 -11.11
N SER BA 11 -116.78 -58.96 -11.17
CA SER BA 11 -116.90 -57.99 -12.27
C SER BA 11 -115.81 -56.91 -12.23
N SER BA 12 -115.28 -56.63 -11.05
CA SER BA 12 -114.29 -55.55 -10.86
C SER BA 12 -112.96 -55.79 -11.57
N LEU BA 13 -112.61 -57.05 -11.84
CA LEU BA 13 -111.35 -57.37 -12.53
C LEU BA 13 -111.33 -56.90 -13.99
N SER BA 14 -112.50 -56.76 -14.61
CA SER BA 14 -112.61 -56.18 -15.95
C SER BA 14 -112.50 -54.66 -15.90
N ILE BA 15 -112.15 -54.05 -17.03
CA ILE BA 15 -112.26 -52.60 -17.22
C ILE BA 15 -113.72 -52.30 -17.56
N GLN BA 16 -114.30 -51.32 -16.87
CA GLN BA 16 -115.70 -50.95 -17.06
C GLN BA 16 -115.89 -50.09 -18.32
N SER BA 17 -114.89 -49.25 -18.61
CA SER BA 17 -114.83 -48.54 -19.90
C SER BA 17 -114.68 -49.53 -21.06
N SER BA 18 -115.54 -49.39 -22.06
CA SER BA 18 -115.57 -50.28 -23.21
C SER BA 18 -114.50 -49.92 -24.24
N LYS BA 19 -114.39 -48.62 -24.52
CA LYS BA 19 -113.42 -48.08 -25.48
C LYS BA 19 -111.97 -48.42 -25.11
N VAL BA 20 -111.66 -48.25 -23.83
CA VAL BA 20 -110.33 -48.56 -23.28
C VAL BA 20 -109.99 -50.04 -23.47
N LYS BA 21 -110.97 -50.89 -23.14
CA LYS BA 21 -110.84 -52.34 -23.29
C LYS BA 21 -110.58 -52.73 -24.75
N ASN BA 22 -111.34 -52.11 -25.65
CA ASN BA 22 -111.18 -52.31 -27.09
C ASN BA 22 -109.79 -51.93 -27.58
N TYR BA 23 -109.31 -50.77 -27.11
CA TYR BA 23 -107.96 -50.29 -27.41
C TYR BA 23 -106.88 -51.26 -26.94
N LEU BA 24 -107.06 -51.76 -25.72
CA LEU BA 24 -106.15 -52.76 -25.14
C LEU BA 24 -106.05 -54.01 -26.01
N PHE BA 25 -107.21 -54.54 -26.40
CA PHE BA 25 -107.30 -55.80 -27.15
C PHE BA 25 -107.79 -55.58 -28.58
N GLN BA 26 -106.84 -55.27 -29.47
CA GLN BA 26 -107.10 -55.22 -30.92
C GLN BA 26 -106.02 -56.00 -31.67
N LYS BA 27 -106.29 -56.29 -32.94
CA LYS BA 27 -105.38 -57.10 -33.78
C LYS BA 27 -104.35 -56.25 -34.54
N LYS BA 28 -104.62 -54.95 -34.69
CA LYS BA 28 -103.65 -54.00 -35.25
C LYS BA 28 -103.73 -52.65 -34.52
N ALA BA 29 -102.65 -51.88 -34.60
CA ALA BA 29 -102.58 -50.54 -34.00
C ALA BA 29 -103.28 -49.52 -34.90
N SER BA 30 -104.60 -49.65 -35.00
CA SER BA 30 -105.45 -48.83 -35.87
C SER BA 30 -106.15 -47.74 -35.07
N LEU BA 31 -106.77 -48.13 -33.96
CA LEU BA 31 -107.49 -47.20 -33.08
C LEU BA 31 -106.54 -46.25 -32.35
N ASP BA 32 -107.13 -45.23 -31.74
CA ASP BA 32 -106.39 -44.18 -31.00
C ASP BA 32 -106.84 -44.15 -29.54
N PRO BA 33 -105.91 -43.80 -28.61
CA PRO BA 33 -106.15 -43.99 -27.18
C PRO BA 33 -107.29 -43.13 -26.61
N PRO BA 34 -108.25 -43.76 -25.89
CA PRO BA 34 -109.31 -43.01 -25.20
C PRO BA 34 -108.84 -41.98 -24.16
N SER BA 35 -107.66 -42.21 -23.57
CA SER BA 35 -107.05 -41.27 -22.62
C SER BA 35 -106.87 -39.88 -23.21
N ILE BA 36 -106.38 -39.82 -24.45
CA ILE BA 36 -106.22 -38.55 -25.16
C ILE BA 36 -107.61 -38.12 -25.65
N SER BA 37 -108.21 -37.18 -24.93
CA SER BA 37 -109.58 -36.74 -25.21
C SER BA 37 -109.71 -35.87 -26.46
N ARG BA 38 -108.67 -35.10 -26.76
CA ARG BA 38 -108.71 -34.08 -27.81
C ARG BA 38 -108.28 -34.67 -29.17
N ARG BA 39 -108.98 -34.28 -30.23
CA ARG BA 39 -108.77 -34.83 -31.59
C ARG BA 39 -107.38 -34.53 -32.13
N SER BA 40 -106.99 -33.26 -32.05
CA SER BA 40 -105.67 -32.81 -32.50
C SER BA 40 -104.53 -33.52 -31.78
N ASN BA 41 -104.68 -33.69 -30.48
CA ASN BA 41 -103.70 -34.41 -29.66
C ASN BA 41 -103.58 -35.89 -30.04
N ARG BA 42 -104.73 -36.52 -30.30
CA ARG BA 42 -104.78 -37.89 -30.81
C ARG BA 42 -104.03 -38.04 -32.13
N ILE BA 43 -104.30 -37.10 -33.04
CA ILE BA 43 -103.64 -37.04 -34.35
C ILE BA 43 -102.12 -36.97 -34.18
N LYS BA 44 -101.70 -36.02 -33.34
CA LYS BA 44 -100.28 -35.85 -32.99
C LYS BA 44 -99.62 -37.10 -32.44
N TYR BA 45 -100.34 -37.79 -31.55
CA TYR BA 45 -99.82 -38.95 -30.84
C TYR BA 45 -99.49 -40.11 -31.78
N SER BA 46 -98.39 -40.80 -31.47
CA SER BA 46 -97.96 -41.99 -32.18
C SER BA 46 -97.45 -43.02 -31.16
N PRO BA 47 -98.14 -44.16 -31.02
CA PRO BA 47 -97.67 -45.18 -30.07
C PRO BA 47 -96.43 -45.90 -30.62
N PRO BA 48 -95.63 -46.51 -29.73
CA PRO BA 48 -94.42 -47.20 -30.19
C PRO BA 48 -94.74 -48.42 -31.04
N GLU BA 49 -93.89 -48.68 -32.04
CA GLU BA 49 -94.17 -49.69 -33.07
C GLU BA 49 -94.09 -51.11 -32.53
N HIS BA 50 -94.77 -52.03 -33.22
CA HIS BA 50 -94.83 -53.47 -32.88
C HIS BA 50 -95.46 -53.82 -31.51
N ILE BA 51 -95.99 -52.83 -30.80
CA ILE BA 51 -96.41 -53.01 -29.40
C ILE BA 51 -97.55 -54.03 -29.23
N ASP BA 52 -98.40 -54.17 -30.25
CA ASP BA 52 -99.61 -54.98 -30.15
C ASP BA 52 -99.39 -56.50 -30.03
N GLU BA 53 -98.69 -57.07 -31.01
CA GLU BA 53 -98.45 -58.52 -31.07
C GLU BA 53 -97.72 -59.05 -29.83
N ILE BA 54 -96.73 -58.28 -29.39
CA ILE BA 54 -95.91 -58.60 -28.22
C ILE BA 54 -96.76 -58.54 -26.97
N PHE BA 55 -97.55 -57.48 -26.87
CA PHE BA 55 -98.49 -57.30 -25.78
C PHE BA 55 -99.45 -58.48 -25.66
N ARG BA 56 -100.01 -58.87 -26.80
CA ARG BA 56 -100.91 -60.04 -26.90
C ARG BA 56 -100.24 -61.31 -26.40
N MET BA 57 -99.00 -61.53 -26.84
CA MET BA 57 -98.19 -62.67 -26.39
C MET BA 57 -97.94 -62.65 -24.88
N SER BA 58 -97.64 -61.46 -24.36
CA SER BA 58 -97.44 -61.26 -22.92
C SER BA 58 -98.69 -61.57 -22.13
N TYR BA 59 -99.82 -61.10 -22.64
CA TYR BA 59 -101.14 -61.36 -22.07
C TYR BA 59 -101.42 -62.86 -21.98
N ASP BA 60 -101.22 -63.54 -23.12
CA ASP BA 60 -101.40 -65.00 -23.22
C ASP BA 60 -100.55 -65.75 -22.18
N PHE BA 61 -99.28 -65.35 -22.10
CA PHE BA 61 -98.32 -65.92 -21.14
C PHE BA 61 -98.77 -65.77 -19.69
N LEU BA 62 -99.13 -64.54 -19.32
CA LEU BA 62 -99.57 -64.22 -17.97
C LEU BA 62 -100.98 -64.75 -17.67
N GLU BA 63 -101.83 -64.80 -18.70
CA GLU BA 63 -103.16 -65.42 -18.60
C GLU BA 63 -103.04 -66.91 -18.29
N GLN BA 64 -102.13 -67.58 -18.99
CA GLN BA 64 -101.82 -69.00 -18.75
C GLN BA 64 -101.34 -69.24 -17.32
N ARG BA 65 -100.42 -68.38 -16.87
CA ARG BA 65 -99.91 -68.41 -15.50
C ARG BA 65 -101.02 -68.27 -14.47
N SER BA 66 -101.91 -67.30 -14.70
CA SER BA 66 -103.07 -67.07 -13.85
C SER BA 66 -103.97 -68.30 -13.75
N SER BA 67 -104.25 -68.89 -14.91
CA SER BA 67 -105.04 -70.13 -15.02
C SER BA 67 -104.42 -71.27 -14.21
N LYS BA 68 -103.10 -71.42 -14.34
CA LYS BA 68 -102.34 -72.41 -13.57
C LYS BA 68 -102.44 -72.19 -12.07
N PHE BA 69 -102.29 -70.93 -11.65
CA PHE BA 69 -102.47 -70.52 -10.25
C PHE BA 69 -103.85 -70.87 -9.73
N TYR BA 70 -104.88 -70.57 -10.52
CA TYR BA 70 -106.27 -70.88 -10.20
C TYR BA 70 -106.53 -72.37 -9.96
N GLU BA 71 -105.83 -73.21 -10.73
CA GLU BA 71 -105.88 -74.67 -10.53
C GLU BA 71 -105.47 -75.06 -9.11
N LEU BA 72 -104.44 -74.39 -8.57
CA LEU BA 72 -104.04 -74.55 -7.17
C LEU BA 72 -105.02 -73.88 -6.21
N ALA BA 73 -105.42 -72.65 -6.52
CA ALA BA 73 -106.23 -71.79 -5.65
C ALA BA 73 -107.54 -72.43 -5.15
N ASN BA 74 -108.23 -73.14 -6.04
CA ASN BA 74 -109.51 -73.78 -5.69
C ASN BA 74 -109.34 -75.01 -4.80
N LYS BA 75 -108.23 -75.73 -4.96
CA LYS BA 75 -107.89 -76.88 -4.11
C LYS BA 75 -107.54 -76.48 -2.68
N THR BA 76 -107.01 -75.27 -2.50
CA THR BA 76 -106.59 -74.77 -1.19
C THR BA 76 -107.79 -74.53 -0.27
N LYS BA 77 -107.63 -74.88 1.01
CA LYS BA 77 -108.70 -74.80 2.01
C LYS BA 77 -108.55 -73.62 2.95
N ASN BA 78 -107.37 -73.49 3.56
CA ASN BA 78 -107.11 -72.38 4.49
C ASN BA 78 -107.17 -71.01 3.80
N PRO BA 79 -107.72 -69.99 4.47
CA PRO BA 79 -108.19 -68.79 3.77
C PRO BA 79 -107.11 -67.82 3.30
N LEU BA 80 -106.12 -67.57 4.17
CA LEU BA 80 -105.00 -66.66 3.86
C LEU BA 80 -104.19 -67.13 2.65
N LYS BA 81 -103.96 -68.44 2.59
CA LYS BA 81 -103.22 -69.08 1.49
C LYS BA 81 -103.99 -68.93 0.20
N LYS BA 82 -105.30 -69.21 0.25
CA LYS BA 82 -106.21 -69.06 -0.88
C LYS BA 82 -106.18 -67.64 -1.44
N ASP BA 83 -106.32 -66.67 -0.53
CA ASP BA 83 -106.22 -65.24 -0.88
C ASP BA 83 -104.92 -64.89 -1.58
N ALA BA 84 -103.81 -65.39 -1.04
CA ALA BA 84 -102.48 -65.19 -1.62
C ALA BA 84 -102.38 -65.76 -3.03
N LEU BA 85 -102.94 -66.96 -3.21
CA LEU BA 85 -103.03 -67.61 -4.53
C LEU BA 85 -103.82 -66.77 -5.52
N LEU BA 86 -104.99 -66.30 -5.07
CA LEU BA 86 -105.84 -65.41 -5.87
C LEU BA 86 -105.11 -64.15 -6.32
N ILE BA 87 -104.38 -63.54 -5.38
CA ILE BA 87 -103.56 -62.36 -5.64
C ILE BA 87 -102.53 -62.64 -6.73
N LYS BA 88 -101.78 -63.73 -6.55
CA LYS BA 88 -100.79 -64.19 -7.53
C LYS BA 88 -101.37 -64.38 -8.93
N ALA BA 89 -102.56 -64.99 -8.98
CA ALA BA 89 -103.26 -65.21 -10.24
C ALA BA 89 -103.56 -63.92 -10.99
N GLU BA 90 -104.12 -62.94 -10.27
CA GLU BA 90 -104.70 -61.75 -10.92
C GLU BA 90 -103.85 -60.47 -10.88
N ILE BA 91 -102.79 -60.42 -10.06
CA ILE BA 91 -101.98 -59.20 -9.92
C ILE BA 91 -101.36 -58.69 -11.24
N ASN BA 92 -100.96 -59.60 -12.12
CA ASN BA 92 -100.39 -59.24 -13.42
C ASN BA 92 -101.41 -59.01 -14.54
N ASN BA 93 -102.70 -59.18 -14.24
CA ASN BA 93 -103.80 -58.86 -15.17
C ASN BA 93 -103.72 -57.37 -15.56
N PRO BA 94 -103.61 -57.06 -16.86
CA PRO BA 94 -103.55 -55.65 -17.30
C PRO BA 94 -104.77 -54.82 -16.88
N GLU BA 95 -105.95 -55.41 -17.02
CA GLU BA 95 -107.22 -54.74 -16.71
C GLU BA 95 -107.32 -54.28 -15.26
N VAL BA 96 -106.88 -55.14 -14.33
CA VAL BA 96 -106.94 -54.83 -12.89
C VAL BA 96 -105.91 -53.74 -12.56
N GLN BA 97 -104.77 -53.79 -13.23
CA GLN BA 97 -103.71 -52.78 -13.10
C GLN BA 97 -104.20 -51.42 -13.56
N TYR BA 98 -104.87 -51.41 -14.72
CA TYR BA 98 -105.48 -50.19 -15.26
C TYR BA 98 -106.46 -49.60 -14.26
N ASN BA 99 -107.37 -50.46 -13.80
CA ASN BA 99 -108.40 -50.08 -12.82
C ASN BA 99 -107.81 -49.43 -11.59
N PHE BA 100 -106.79 -50.07 -11.02
CA PHE BA 100 -106.24 -49.62 -9.76
C PHE BA 100 -105.47 -48.31 -9.92
N GLN BA 101 -104.53 -48.30 -10.86
CA GLN BA 101 -103.63 -47.17 -11.07
C GLN BA 101 -104.36 -45.85 -11.35
N PHE BA 102 -105.35 -45.90 -12.25
CA PHE BA 102 -105.92 -44.70 -12.86
C PHE BA 102 -107.33 -44.32 -12.36
N ASN BA 103 -107.72 -44.83 -11.20
CA ASN BA 103 -108.98 -44.45 -10.54
C ASN BA 103 -108.74 -44.32 -9.04
N ASN BA 104 -109.55 -43.50 -8.37
CA ASN BA 104 -109.29 -43.16 -6.97
C ASN BA 104 -109.39 -44.35 -6.01
N LYS BA 105 -108.42 -44.44 -5.11
CA LYS BA 105 -108.33 -45.51 -4.11
C LYS BA 105 -109.01 -45.11 -2.79
N LEU BA 106 -109.07 -43.81 -2.51
CA LEU BA 106 -109.59 -43.29 -1.24
C LEU BA 106 -111.10 -43.48 -1.19
N ASN BA 107 -111.81 -42.89 -2.17
CA ASN BA 107 -113.24 -43.05 -2.32
C ASN BA 107 -113.50 -43.95 -3.52
N ASN BA 108 -113.08 -45.20 -3.39
CA ASN BA 108 -113.21 -46.20 -4.46
C ASN BA 108 -114.67 -46.49 -4.80
N VAL BA 109 -115.00 -46.43 -6.08
CA VAL BA 109 -116.29 -46.92 -6.57
C VAL BA 109 -116.17 -48.45 -6.68
N LYS BA 110 -117.16 -49.16 -6.16
CA LYS BA 110 -117.09 -50.62 -5.99
C LYS BA 110 -116.92 -51.39 -7.31
N ASP BA 111 -117.59 -50.93 -8.36
CA ASP BA 111 -117.47 -51.56 -9.69
C ASP BA 111 -116.07 -51.49 -10.32
N ILE BA 112 -115.30 -50.46 -9.98
CA ILE BA 112 -113.95 -50.25 -10.54
C ILE BA 112 -112.88 -50.91 -9.66
N ILE BA 113 -112.74 -50.42 -8.43
CA ILE BA 113 -111.81 -50.98 -7.44
C ILE BA 113 -112.63 -51.52 -6.28
N ASP BA 114 -112.81 -52.84 -6.24
CA ASP BA 114 -113.51 -53.52 -5.15
C ASP BA 114 -112.50 -54.04 -4.14
N TYR BA 115 -112.49 -53.47 -2.94
CA TYR BA 115 -111.60 -53.96 -1.87
C TYR BA 115 -112.06 -55.27 -1.21
N ASP BA 116 -113.26 -55.74 -1.56
CA ASP BA 116 -113.67 -57.12 -1.24
C ASP BA 116 -112.83 -58.13 -2.03
N VAL BA 117 -112.40 -57.75 -3.23
CA VAL BA 117 -111.53 -58.58 -4.07
C VAL BA 117 -110.11 -58.54 -3.46
N PRO BA 118 -109.46 -59.71 -3.30
CA PRO BA 118 -108.16 -59.77 -2.60
C PRO BA 118 -107.02 -59.04 -3.29
N VAL BA 119 -107.00 -59.12 -4.62
CA VAL BA 119 -105.94 -58.55 -5.45
C VAL BA 119 -105.93 -57.03 -5.31
N TYR BA 120 -107.10 -56.43 -5.48
CA TYR BA 120 -107.29 -54.98 -5.32
C TYR BA 120 -106.89 -54.49 -3.93
N ARG BA 121 -107.25 -55.26 -2.92
CA ARG BA 121 -106.89 -54.98 -1.53
C ARG BA 121 -105.38 -54.99 -1.33
N HIS BA 122 -104.72 -56.00 -1.89
CA HIS BA 122 -103.26 -56.12 -1.90
C HIS BA 122 -102.60 -54.92 -2.57
N LEU BA 123 -103.12 -54.54 -3.74
CA LEU BA 123 -102.66 -53.36 -4.48
C LEU BA 123 -102.76 -52.09 -3.63
N GLY BA 124 -103.92 -51.90 -2.99
CA GLY BA 124 -104.18 -50.77 -2.10
C GLY BA 124 -103.22 -50.69 -0.93
N LYS BA 125 -102.92 -51.86 -0.34
CA LYS BA 125 -101.94 -51.99 0.73
C LYS BA 125 -100.56 -51.55 0.27
N GLN BA 126 -100.16 -52.05 -0.90
CA GLN BA 126 -98.86 -51.73 -1.50
C GLN BA 126 -98.72 -50.23 -1.76
N HIS BA 127 -99.78 -49.63 -2.28
CA HIS BA 127 -99.87 -48.19 -2.51
C HIS BA 127 -99.70 -47.39 -1.23
N TRP BA 128 -100.38 -47.84 -0.18
CA TRP BA 128 -100.31 -47.23 1.15
C TRP BA 128 -98.90 -47.28 1.72
N GLU BA 129 -98.27 -48.44 1.61
CA GLU BA 129 -96.88 -48.64 2.05
C GLU BA 129 -95.89 -47.74 1.30
N SER BA 130 -96.14 -47.52 0.02
CA SER BA 130 -95.29 -46.68 -0.83
C SER BA 130 -95.13 -45.23 -0.36
N TYR BA 131 -96.17 -44.64 0.23
CA TYR BA 131 -96.14 -43.22 0.62
C TYR BA 131 -96.88 -42.87 1.91
N GLY BA 132 -98.20 -43.05 1.92
CA GLY BA 132 -99.07 -42.55 2.99
C GLY BA 132 -98.76 -43.07 4.38
N GLN BA 133 -98.44 -44.37 4.44
CA GLN BA 133 -98.07 -45.04 5.69
C GLN BA 133 -96.77 -44.49 6.27
N MET BA 134 -95.76 -44.37 5.41
CA MET BA 134 -94.46 -43.80 5.78
C MET BA 134 -94.59 -42.40 6.35
N LEU BA 135 -95.40 -41.59 5.67
CA LEU BA 135 -95.67 -40.21 6.09
C LEU BA 135 -96.29 -40.18 7.48
N LEU BA 136 -97.32 -41.00 7.67
CA LEU BA 136 -98.00 -41.15 8.96
C LEU BA 136 -97.03 -41.51 10.08
N MET BA 137 -96.19 -42.50 9.80
CA MET BA 137 -95.13 -42.94 10.74
C MET BA 137 -94.18 -41.82 11.11
N GLN BA 138 -93.78 -41.04 10.11
CA GLN BA 138 -92.90 -39.89 10.32
C GLN BA 138 -93.56 -38.86 11.24
N ARG BA 139 -94.82 -38.54 10.96
CA ARG BA 139 -95.58 -37.58 11.76
C ARG BA 139 -95.80 -38.04 13.19
N LEU BA 140 -96.00 -39.35 13.38
CA LEU BA 140 -96.10 -39.92 14.72
C LEU BA 140 -94.78 -39.83 15.50
N GLU BA 141 -93.67 -40.09 14.83
CA GLU BA 141 -92.35 -40.12 15.47
C GLU BA 141 -91.84 -38.71 15.78
N THR BA 142 -91.91 -37.84 14.78
CA THR BA 142 -91.43 -36.46 14.90
C THR BA 142 -92.19 -35.65 15.95
N LEU BA 143 -93.51 -35.70 15.87
CA LEU BA 143 -94.37 -35.00 16.83
C LEU BA 143 -94.38 -35.65 18.22
N ALA BA 144 -93.91 -36.90 18.32
CA ALA BA 144 -93.85 -37.65 19.57
C ALA BA 144 -95.26 -37.95 20.06
N ALA BA 145 -96.02 -38.60 19.18
CA ALA BA 145 -97.35 -39.11 19.50
C ALA BA 145 -97.34 -40.60 19.87
N ILE BA 146 -96.27 -41.31 19.52
CA ILE BA 146 -96.17 -42.76 19.84
C ILE BA 146 -95.83 -42.94 21.33
N PRO BA 147 -94.57 -42.67 21.74
CA PRO BA 147 -94.21 -42.96 23.14
C PRO BA 147 -95.05 -42.18 24.16
N ASP BA 148 -95.43 -40.95 23.82
CA ASP BA 148 -96.23 -40.10 24.72
C ASP BA 148 -97.63 -40.62 25.03
N THR BA 149 -98.30 -41.20 24.02
CA THR BA 149 -99.60 -41.86 24.23
C THR BA 149 -99.45 -43.37 24.35
N LEU BA 150 -99.05 -43.99 23.25
CA LEU BA 150 -99.18 -45.44 23.07
C LEU BA 150 -97.91 -46.02 22.41
N PRO BA 151 -97.17 -46.88 23.12
CA PRO BA 151 -95.72 -47.16 22.88
C PRO BA 151 -95.27 -47.14 21.42
N THR BA 152 -95.94 -47.94 20.61
CA THR BA 152 -95.54 -48.24 19.23
C THR BA 152 -96.79 -48.27 18.37
N LEU BA 153 -96.60 -48.33 17.05
CA LEU BA 153 -97.67 -48.67 16.12
C LEU BA 153 -97.11 -49.61 15.05
N VAL BA 154 -97.89 -50.64 14.71
CA VAL BA 154 -97.64 -51.49 13.54
C VAL BA 154 -98.77 -51.21 12.53
N PRO BA 155 -98.57 -50.19 11.65
CA PRO BA 155 -99.67 -49.74 10.78
C PRO BA 155 -100.23 -50.83 9.88
N ARG BA 156 -101.51 -51.16 10.08
CA ARG BA 156 -102.21 -52.18 9.30
C ARG BA 156 -103.33 -51.56 8.47
N ALA BA 157 -104.23 -50.82 9.13
CA ALA BA 157 -105.28 -50.07 8.43
C ALA BA 157 -104.84 -48.65 8.11
N GLU BA 158 -105.23 -48.16 6.94
CA GLU BA 158 -105.06 -46.76 6.56
C GLU BA 158 -106.23 -45.96 7.12
N VAL BA 159 -105.93 -45.00 7.99
CA VAL BA 159 -106.94 -44.17 8.65
C VAL BA 159 -106.84 -42.75 8.10
N ASN BA 160 -107.96 -42.26 7.59
CA ASN BA 160 -108.08 -40.87 7.10
C ASN BA 160 -109.23 -40.20 7.81
N ILE BA 161 -109.01 -38.96 8.28
CA ILE BA 161 -110.06 -38.19 8.95
C ILE BA 161 -110.51 -36.98 8.14
N LYS BA 162 -111.69 -36.48 8.48
CA LYS BA 162 -112.31 -35.35 7.80
C LYS BA 162 -113.15 -34.57 8.80
N PHE BA 163 -113.37 -33.28 8.55
CA PHE BA 163 -114.23 -32.43 9.39
C PHE BA 163 -115.33 -31.80 8.53
N PRO BA 164 -116.31 -32.61 8.10
CA PRO BA 164 -117.32 -32.11 7.16
C PRO BA 164 -118.38 -31.18 7.76
N PHE BA 165 -118.74 -31.42 9.02
CA PHE BA 165 -119.92 -30.80 9.63
C PHE BA 165 -119.73 -29.37 10.10
N SER BA 166 -118.49 -28.94 10.31
CA SER BA 166 -118.20 -27.65 10.94
C SER BA 166 -118.33 -26.49 9.96
N THR BA 167 -117.54 -26.55 8.89
CA THR BA 167 -117.39 -25.44 7.95
C THR BA 167 -118.25 -25.65 6.70
N GLY BA 168 -118.03 -26.76 6.02
CA GLY BA 168 -118.66 -27.04 4.72
C GLY BA 168 -117.70 -27.60 3.69
N VAL BA 169 -116.41 -27.28 3.81
CA VAL BA 169 -115.41 -27.64 2.79
C VAL BA 169 -115.02 -29.11 2.92
N ASN BA 170 -114.69 -29.73 1.79
CA ASN BA 170 -114.26 -31.12 1.75
C ASN BA 170 -112.74 -31.18 1.71
N LYS BA 171 -112.15 -31.81 2.72
CA LYS BA 171 -110.69 -31.99 2.78
C LYS BA 171 -110.33 -33.11 3.74
N TRP BA 172 -109.63 -34.12 3.22
CA TRP BA 172 -109.02 -35.15 4.06
C TRP BA 172 -107.81 -34.52 4.75
N ILE BA 173 -107.72 -34.70 6.06
CA ILE BA 173 -106.68 -34.05 6.87
C ILE BA 173 -105.36 -34.79 6.64
N GLU BA 174 -104.33 -34.07 6.22
CA GLU BA 174 -102.97 -34.60 6.17
C GLU BA 174 -102.46 -34.75 7.60
N PRO BA 175 -101.79 -35.88 7.93
CA PRO BA 175 -101.26 -36.04 9.29
C PRO BA 175 -100.34 -34.90 9.74
N GLY BA 176 -100.54 -34.45 10.98
CA GLY BA 176 -99.74 -33.38 11.56
C GLY BA 176 -100.06 -32.00 11.03
N GLU BA 177 -101.33 -31.76 10.68
CA GLU BA 177 -101.78 -30.44 10.22
C GLU BA 177 -102.20 -29.56 11.38
N PHE BA 178 -102.08 -28.25 11.18
CA PHE BA 178 -102.62 -27.25 12.10
C PHE BA 178 -104.01 -26.85 11.61
N LEU BA 179 -105.04 -27.27 12.35
CA LEU BA 179 -106.42 -26.94 12.05
C LEU BA 179 -106.92 -25.85 12.98
N SER BA 180 -107.77 -24.96 12.44
CA SER BA 180 -108.39 -23.89 13.21
C SER BA 180 -109.44 -24.47 14.14
N SER BA 181 -109.81 -23.69 15.16
CA SER BA 181 -110.85 -24.10 16.10
C SER BA 181 -112.24 -24.14 15.47
N ASN BA 182 -112.44 -23.30 14.44
CA ASN BA 182 -113.65 -23.35 13.59
C ASN BA 182 -113.76 -24.66 12.82
N VAL BA 183 -112.64 -25.10 12.25
CA VAL BA 183 -112.57 -26.34 11.46
C VAL BA 183 -112.91 -27.56 12.32
N THR BA 184 -112.28 -27.63 13.49
CA THR BA 184 -112.46 -28.75 14.42
C THR BA 184 -113.49 -28.46 15.53
N SER BA 185 -114.51 -27.65 15.22
CA SER BA 185 -115.54 -27.27 16.19
C SER BA 185 -116.51 -28.42 16.42
N MET BA 186 -117.02 -28.99 15.33
CA MET BA 186 -117.85 -30.20 15.37
C MET BA 186 -116.99 -31.42 15.06
N ARG BA 187 -117.59 -32.61 15.22
CA ARG BA 187 -116.83 -33.86 15.23
C ARG BA 187 -116.22 -34.22 13.86
N PRO BA 188 -115.21 -35.12 13.86
CA PRO BA 188 -114.67 -35.59 12.59
C PRO BA 188 -115.32 -36.88 12.09
N ILE BA 189 -114.94 -37.24 10.86
CA ILE BA 189 -115.37 -38.47 10.20
C ILE BA 189 -114.13 -39.29 9.88
N PHE BA 190 -114.13 -40.55 10.30
CA PHE BA 190 -113.02 -41.47 10.04
C PHE BA 190 -113.31 -42.31 8.81
N LYS BA 191 -112.24 -42.77 8.16
CA LYS BA 191 -112.32 -43.85 7.19
C LYS BA 191 -111.19 -44.84 7.47
N ILE BA 192 -111.53 -45.99 8.04
CA ILE BA 192 -110.57 -47.02 8.41
C ILE BA 192 -110.54 -48.07 7.29
N GLN BA 193 -109.60 -47.91 6.36
CA GLN BA 193 -109.43 -48.86 5.25
C GLN BA 193 -108.50 -49.98 5.67
N GLU BA 194 -109.04 -51.20 5.71
CA GLU BA 194 -108.33 -52.39 6.15
C GLU BA 194 -107.82 -53.19 4.95
N TYR BA 195 -106.54 -53.52 4.97
CA TYR BA 195 -105.90 -54.26 3.88
C TYR BA 195 -105.58 -55.73 4.19
N GLU BA 196 -105.55 -56.11 5.47
CA GLU BA 196 -105.36 -57.51 5.85
C GLU BA 196 -106.66 -58.29 5.65
N LEU BA 197 -106.52 -59.60 5.49
CA LEU BA 197 -107.67 -60.51 5.45
C LEU BA 197 -108.21 -60.60 6.87
N VAL BA 198 -109.47 -60.21 7.04
CA VAL BA 198 -110.11 -60.15 8.36
C VAL BA 198 -111.59 -60.52 8.25
N ASN BA 199 -112.12 -61.09 9.33
CA ASN BA 199 -113.55 -61.46 9.40
C ASN BA 199 -114.40 -60.19 9.49
N VAL BA 200 -115.02 -59.82 8.37
CA VAL BA 200 -115.83 -58.60 8.26
C VAL BA 200 -117.05 -58.62 9.18
N GLU BA 201 -117.70 -59.78 9.29
CA GLU BA 201 -118.90 -59.96 10.10
C GLU BA 201 -118.63 -59.85 11.60
N LYS BA 202 -117.59 -60.54 12.06
CA LYS BA 202 -117.26 -60.61 13.51
C LYS BA 202 -116.45 -59.43 14.02
N GLN BA 203 -115.42 -59.02 13.28
CA GLN BA 203 -114.45 -58.03 13.76
C GLN BA 203 -115.06 -56.66 14.03
N LEU BA 204 -115.03 -56.24 15.30
CA LEU BA 204 -115.40 -54.89 15.72
C LEU BA 204 -114.16 -54.04 15.88
N TYR BA 205 -114.37 -52.72 16.00
CA TYR BA 205 -113.29 -51.75 16.18
C TYR BA 205 -113.65 -50.68 17.20
N THR BA 206 -112.61 -50.06 17.78
CA THR BA 206 -112.74 -48.90 18.65
C THR BA 206 -111.89 -47.77 18.11
N VAL BA 207 -112.35 -46.53 18.31
CA VAL BA 207 -111.66 -45.34 17.86
C VAL BA 207 -111.54 -44.37 19.03
N LEU BA 208 -110.32 -43.93 19.33
CA LEU BA 208 -110.05 -43.01 20.44
C LEU BA 208 -109.20 -41.83 19.99
N ILE BA 209 -109.76 -40.62 20.09
CA ILE BA 209 -109.00 -39.38 19.88
C ILE BA 209 -108.53 -38.88 21.26
N VAL BA 210 -107.22 -38.77 21.42
CA VAL BA 210 -106.60 -38.43 22.70
C VAL BA 210 -105.75 -37.17 22.56
N ASN BA 211 -105.83 -36.30 23.57
CA ASN BA 211 -105.03 -35.09 23.66
C ASN BA 211 -104.01 -35.21 24.80
N PRO BA 212 -102.78 -35.68 24.51
CA PRO BA 212 -101.75 -35.76 25.54
C PRO BA 212 -101.25 -34.43 26.15
N ASP BA 213 -101.46 -33.31 25.44
CA ASP BA 213 -100.88 -32.03 25.81
C ASP BA 213 -101.89 -31.02 26.39
N VAL BA 214 -102.63 -31.45 27.43
CA VAL BA 214 -103.39 -30.49 28.25
C VAL BA 214 -102.65 -30.32 29.58
N PRO BA 215 -102.43 -29.07 30.01
CA PRO BA 215 -101.53 -28.83 31.15
C PRO BA 215 -102.17 -29.11 32.51
N ASP BA 216 -101.44 -29.84 33.35
CA ASP BA 216 -101.83 -30.11 34.73
C ASP BA 216 -100.86 -29.35 35.64
N LEU BA 217 -101.38 -28.34 36.34
CA LEU BA 217 -100.55 -27.41 37.13
C LEU BA 217 -100.19 -27.93 38.52
N SER BA 218 -100.93 -28.92 39.02
CA SER BA 218 -100.57 -29.62 40.26
C SER BA 218 -99.28 -30.44 40.06
N ASN BA 219 -99.28 -31.24 39.00
CA ASN BA 219 -98.11 -32.05 38.63
C ASN BA 219 -96.97 -31.23 38.00
N ASP BA 220 -97.27 -30.05 37.48
CA ASP BA 220 -96.34 -29.18 36.72
C ASP BA 220 -95.91 -29.87 35.41
N SER BA 221 -96.83 -30.65 34.84
CA SER BA 221 -96.59 -31.42 33.62
C SER BA 221 -97.88 -31.38 32.80
N PHE BA 222 -98.08 -32.36 31.93
CA PHE BA 222 -99.31 -32.49 31.15
C PHE BA 222 -100.06 -33.75 31.57
N LYS BA 223 -101.31 -33.83 31.12
CA LYS BA 223 -102.13 -35.03 31.27
C LYS BA 223 -102.84 -35.30 29.95
N THR BA 224 -103.28 -36.55 29.78
CA THR BA 224 -104.06 -36.93 28.60
C THR BA 224 -105.51 -36.47 28.74
N ALA BA 225 -106.21 -36.42 27.62
CA ALA BA 225 -107.64 -36.12 27.60
C ALA BA 225 -108.33 -36.81 26.43
N LEU BA 226 -109.21 -37.77 26.75
CA LEU BA 226 -110.01 -38.46 25.74
C LEU BA 226 -111.04 -37.52 25.17
N CYS BA 227 -110.75 -36.96 24.00
CA CYS BA 227 -111.63 -35.95 23.37
C CYS BA 227 -112.81 -36.60 22.64
N TYR BA 228 -112.63 -37.82 22.15
CA TYR BA 228 -113.68 -38.54 21.42
C TYR BA 228 -113.42 -40.04 21.47
N GLY BA 229 -114.44 -40.81 21.88
CA GLY BA 229 -114.30 -42.24 22.11
C GLY BA 229 -115.48 -43.05 21.58
N LEU BA 230 -115.21 -43.87 20.56
CA LEU BA 230 -116.20 -44.79 20.00
C LEU BA 230 -115.75 -46.23 20.22
N VAL BA 231 -116.72 -47.12 20.40
CA VAL BA 231 -116.46 -48.56 20.54
C VAL BA 231 -117.44 -49.40 19.73
N ASN BA 232 -117.03 -50.63 19.43
CA ASN BA 232 -117.86 -51.64 18.77
C ASN BA 232 -118.39 -51.21 17.40
N ILE BA 233 -117.50 -50.66 16.58
CA ILE BA 233 -117.83 -50.20 15.23
C ILE BA 233 -117.58 -51.31 14.22
N ASN BA 234 -118.52 -51.48 13.29
CA ASN BA 234 -118.44 -52.49 12.24
C ASN BA 234 -117.92 -51.87 10.95
N LEU BA 235 -116.80 -52.41 10.45
CA LEU BA 235 -116.21 -51.98 9.19
C LEU BA 235 -116.42 -53.05 8.12
N THR BA 236 -116.43 -52.60 6.86
CA THR BA 236 -116.43 -53.49 5.70
C THR BA 236 -115.50 -52.86 4.67
N TYR BA 237 -114.76 -53.70 3.93
CA TYR BA 237 -113.69 -53.24 3.03
C TYR BA 237 -114.07 -52.04 2.15
N ASN BA 238 -115.30 -52.07 1.64
CA ASN BA 238 -115.86 -50.96 0.85
C ASN BA 238 -116.71 -49.98 1.67
N ASP BA 239 -117.43 -50.50 2.66
CA ASP BA 239 -118.32 -49.70 3.51
C ASP BA 239 -117.59 -49.42 4.84
N ASN BA 240 -116.80 -48.36 4.86
CA ASN BA 240 -115.84 -48.11 5.96
C ASN BA 240 -115.76 -46.68 6.52
N LEU BA 241 -116.67 -45.79 6.10
CA LEU BA 241 -116.65 -44.40 6.55
C LEU BA 241 -117.45 -44.28 7.84
N ILE BA 242 -116.75 -44.04 8.96
CA ILE BA 242 -117.39 -43.98 10.28
C ILE BA 242 -118.03 -42.61 10.45
N ASP BA 243 -119.37 -42.61 10.33
CA ASP BA 243 -120.17 -41.40 10.32
C ASP BA 243 -121.33 -41.59 11.30
N PRO BA 244 -121.88 -40.49 11.87
CA PRO BA 244 -123.12 -40.57 12.67
C PRO BA 244 -124.24 -41.46 12.10
N ARG BA 245 -124.27 -41.65 10.77
CA ARG BA 245 -125.13 -42.65 10.11
C ARG BA 245 -124.91 -44.05 10.69
N LYS BA 246 -123.64 -44.49 10.68
CA LYS BA 246 -123.30 -45.87 11.06
C LYS BA 246 -123.41 -46.11 12.57
N PHE BA 247 -122.52 -45.51 13.34
CA PHE BA 247 -122.46 -45.77 14.80
C PHE BA 247 -123.66 -45.18 15.52
N HIS BA 248 -124.13 -45.91 16.55
CA HIS BA 248 -125.28 -45.53 17.35
C HIS BA 248 -124.80 -44.77 18.59
N SER BA 249 -125.74 -44.20 19.34
CA SER BA 249 -125.43 -43.53 20.62
C SER BA 249 -124.86 -44.47 21.69
N SER BA 250 -125.20 -45.75 21.62
CA SER BA 250 -124.62 -46.78 22.50
C SER BA 250 -123.12 -46.97 22.28
N ASN BA 251 -122.67 -46.81 21.03
CA ASN BA 251 -121.25 -46.94 20.66
C ASN BA 251 -120.34 -45.83 21.21
N ILE BA 252 -120.92 -44.68 21.55
CA ILE BA 252 -120.14 -43.51 21.97
C ILE BA 252 -119.81 -43.61 23.47
N ILE BA 253 -118.60 -44.07 23.78
CA ILE BA 253 -118.13 -44.11 25.18
C ILE BA 253 -117.76 -42.72 25.74
N ALA BA 254 -117.42 -41.80 24.84
CA ALA BA 254 -117.12 -40.41 25.22
C ALA BA 254 -117.33 -39.50 24.01
N ASP BA 255 -118.43 -38.75 24.01
CA ASP BA 255 -118.86 -37.99 22.83
C ASP BA 255 -117.98 -36.76 22.61
N TYR BA 256 -117.77 -36.43 21.33
CA TYR BA 256 -116.77 -35.46 20.89
C TYR BA 256 -116.78 -34.12 21.64
N LEU BA 257 -115.68 -33.84 22.35
CA LEU BA 257 -115.40 -32.52 22.90
C LEU BA 257 -114.29 -31.89 22.04
N PRO BA 258 -114.49 -30.63 21.61
CA PRO BA 258 -113.60 -30.05 20.61
C PRO BA 258 -112.25 -29.63 21.18
N PRO BA 259 -111.22 -29.53 20.32
CA PRO BA 259 -109.98 -28.87 20.71
C PRO BA 259 -110.22 -27.41 21.10
N VAL BA 260 -109.90 -27.09 22.36
CA VAL BA 260 -109.96 -25.73 22.87
C VAL BA 260 -108.65 -25.43 23.60
N PRO BA 261 -107.55 -25.20 22.83
CA PRO BA 261 -106.26 -24.93 23.45
C PRO BA 261 -106.26 -23.59 24.18
N GLU BA 262 -105.58 -23.54 25.32
CA GLU BA 262 -105.44 -22.31 26.08
C GLU BA 262 -104.35 -21.42 25.47
N LYS BA 263 -104.46 -20.12 25.75
CA LYS BA 263 -103.51 -19.11 25.26
C LYS BA 263 -102.15 -19.31 25.95
N ASN BA 264 -101.11 -19.50 25.14
CA ASN BA 264 -99.74 -19.81 25.60
C ASN BA 264 -99.50 -21.20 26.24
N ALA BA 265 -100.53 -22.04 26.29
CA ALA BA 265 -100.37 -23.43 26.73
C ALA BA 265 -99.60 -24.25 25.70
N GLY BA 266 -99.61 -23.80 24.44
CA GLY BA 266 -98.77 -24.35 23.38
C GLY BA 266 -99.59 -25.10 22.36
N LYS BA 267 -98.87 -25.81 21.49
CA LYS BA 267 -99.48 -26.62 20.44
C LYS BA 267 -99.92 -27.95 21.05
N GLN BA 268 -101.15 -28.36 20.75
CA GLN BA 268 -101.72 -29.56 21.34
C GLN BA 268 -101.97 -30.61 20.28
N ARG BA 269 -101.32 -31.77 20.44
CA ARG BA 269 -101.47 -32.88 19.53
C ARG BA 269 -102.79 -33.59 19.80
N PHE BA 270 -103.54 -33.86 18.74
CA PHE BA 270 -104.72 -34.70 18.81
C PHE BA 270 -104.50 -35.89 17.91
N VAL BA 271 -104.21 -37.03 18.52
CA VAL BA 271 -103.78 -38.23 17.81
C VAL BA 271 -104.86 -39.31 17.95
N VAL BA 272 -105.67 -39.46 16.89
CA VAL BA 272 -106.64 -40.55 16.84
C VAL BA 272 -105.95 -41.91 16.70
N TRP BA 273 -106.40 -42.87 17.49
CA TRP BA 273 -105.94 -44.25 17.45
C TRP BA 273 -107.12 -45.15 17.09
N VAL BA 274 -106.87 -46.13 16.24
CA VAL BA 274 -107.86 -47.10 15.80
C VAL BA 274 -107.41 -48.48 16.24
N PHE BA 275 -108.19 -49.12 17.11
CA PHE BA 275 -107.92 -50.48 17.56
C PHE BA 275 -108.98 -51.42 17.01
N ARG BA 276 -108.58 -52.68 16.83
CA ARG BA 276 -109.52 -53.75 16.49
C ARG BA 276 -109.81 -54.58 17.75
N GLN BA 277 -111.03 -55.09 17.86
CA GLN BA 277 -111.46 -55.89 19.02
C GLN BA 277 -110.75 -57.24 19.10
N PRO BA 278 -110.69 -57.84 20.31
CA PRO BA 278 -110.30 -59.24 20.40
C PRO BA 278 -111.44 -60.16 19.94
N LEU BA 279 -111.12 -61.09 19.04
CA LEU BA 279 -112.11 -61.95 18.41
C LEU BA 279 -112.21 -63.27 19.20
N ILE BA 280 -113.43 -63.59 19.65
CA ILE BA 280 -113.69 -64.80 20.45
C ILE BA 280 -114.22 -65.93 19.56
N GLU BA 281 -113.68 -67.13 19.74
CA GLU BA 281 -114.11 -68.32 19.02
C GLU BA 281 -115.33 -68.98 19.67
N ASP BA 282 -115.98 -69.86 18.92
CA ASP BA 282 -117.18 -70.59 19.35
C ASP BA 282 -118.35 -69.66 19.72
N LYS BA 283 -118.47 -68.53 19.01
CA LYS BA 283 -119.54 -67.56 19.21
C LYS BA 283 -119.88 -66.87 17.89
N GLN BA 284 -121.02 -67.23 17.30
CA GLN BA 284 -121.49 -66.62 16.05
C GLN BA 284 -121.95 -65.19 16.29
N GLY BA 285 -121.70 -64.32 15.32
CA GLY BA 285 -122.06 -62.90 15.40
C GLY BA 285 -120.97 -62.05 16.04
N PRO BA 286 -121.17 -60.72 16.08
CA PRO BA 286 -120.18 -59.79 16.62
C PRO BA 286 -120.15 -59.78 18.14
N ASN BA 287 -118.99 -60.12 18.72
CA ASN BA 287 -118.80 -60.11 20.17
C ASN BA 287 -118.59 -58.67 20.68
N MET BA 288 -119.60 -58.15 21.38
CA MET BA 288 -119.52 -56.79 21.96
C MET BA 288 -118.65 -56.79 23.22
N LEU BA 289 -118.42 -55.59 23.76
CA LEU BA 289 -117.76 -55.43 25.06
C LEU BA 289 -118.33 -54.22 25.79
N GLU BA 290 -118.49 -54.38 27.11
CA GLU BA 290 -119.01 -53.31 27.98
C GLU BA 290 -117.86 -52.52 28.58
N ILE BA 291 -117.99 -51.20 28.56
CA ILE BA 291 -117.00 -50.28 29.14
C ILE BA 291 -117.61 -49.70 30.41
N ASP BA 292 -116.83 -49.73 31.49
CA ASP BA 292 -117.23 -49.13 32.77
C ASP BA 292 -117.11 -47.61 32.62
N ARG BA 293 -118.25 -46.95 32.39
CA ARG BA 293 -118.26 -45.52 32.03
C ARG BA 293 -117.94 -44.57 33.19
N LYS BA 294 -118.11 -45.05 34.43
CA LYS BA 294 -117.65 -44.31 35.61
C LYS BA 294 -116.14 -44.47 35.83
N GLU BA 295 -115.58 -45.62 35.46
CA GLU BA 295 -114.15 -45.90 35.65
C GLU BA 295 -113.24 -45.04 34.77
N LEU BA 296 -113.51 -45.03 33.46
CA LEU BA 296 -112.71 -44.21 32.53
C LEU BA 296 -113.10 -42.75 32.68
N SER BA 297 -112.10 -41.89 32.81
CA SER BA 297 -112.30 -40.44 32.96
C SER BA 297 -111.76 -39.71 31.75
N ARG BA 298 -112.37 -38.57 31.42
CA ARG BA 298 -112.02 -37.79 30.24
C ARG BA 298 -110.96 -36.73 30.52
N ASP BA 299 -111.03 -36.09 31.68
CA ASP BA 299 -110.04 -35.09 32.08
C ASP BA 299 -108.64 -35.67 32.38
N ASP BA 300 -108.58 -36.98 32.68
CA ASP BA 300 -107.31 -37.71 32.78
C ASP BA 300 -107.52 -39.17 32.35
N PHE BA 301 -106.75 -39.62 31.36
CA PHE BA 301 -107.05 -40.86 30.64
C PHE BA 301 -105.80 -41.68 30.28
N ASP BA 302 -105.55 -42.73 31.06
CA ASP BA 302 -104.49 -43.70 30.74
C ASP BA 302 -104.91 -44.55 29.54
N ILE BA 303 -104.46 -44.17 28.35
CA ILE BA 303 -104.74 -44.90 27.10
C ILE BA 303 -104.20 -46.33 27.14
N ARG BA 304 -102.98 -46.46 27.62
CA ARG BA 304 -102.27 -47.75 27.65
C ARG BA 304 -102.98 -48.72 28.60
N GLN BA 305 -103.38 -48.19 29.76
CA GLN BA 305 -104.14 -48.93 30.76
C GLN BA 305 -105.48 -49.43 30.22
N PHE BA 306 -106.18 -48.52 29.53
CA PHE BA 306 -107.45 -48.83 28.86
C PHE BA 306 -107.28 -49.97 27.86
N THR BA 307 -106.25 -49.87 27.03
CA THR BA 307 -105.91 -50.89 26.04
C THR BA 307 -105.67 -52.25 26.69
N LYS BA 308 -104.89 -52.23 27.77
CA LYS BA 308 -104.59 -53.43 28.57
C LYS BA 308 -105.86 -54.08 29.11
N LYS BA 309 -106.76 -53.24 29.64
CA LYS BA 309 -108.03 -53.68 30.22
C LYS BA 309 -108.89 -54.44 29.20
N TYR BA 310 -109.11 -53.84 28.04
CA TYR BA 310 -110.02 -54.40 27.03
C TYR BA 310 -109.33 -55.24 25.94
N ASN BA 311 -108.02 -55.43 26.06
CA ASN BA 311 -107.23 -56.30 25.17
C ASN BA 311 -107.30 -55.86 23.71
N LEU BA 312 -107.01 -54.58 23.48
CA LEU BA 312 -107.06 -53.97 22.15
C LEU BA 312 -105.69 -54.06 21.47
N THR BA 313 -105.69 -53.95 20.15
CA THR BA 313 -104.45 -53.88 19.35
C THR BA 313 -104.57 -52.73 18.36
N ALA BA 314 -103.71 -51.72 18.52
CA ALA BA 314 -103.74 -50.52 17.68
C ALA BA 314 -103.29 -50.82 16.25
N ILE BA 315 -104.22 -50.77 15.31
CA ILE BA 315 -103.94 -51.05 13.90
C ILE BA 315 -103.65 -49.80 13.07
N GLY BA 316 -104.27 -48.68 13.43
CA GLY BA 316 -104.16 -47.45 12.67
C GLY BA 316 -104.11 -46.23 13.55
N ALA BA 317 -103.63 -45.13 12.98
CA ALA BA 317 -103.56 -43.86 13.66
C ALA BA 317 -103.60 -42.70 12.68
N HIS BA 318 -104.00 -41.55 13.19
CA HIS BA 318 -103.93 -40.29 12.46
C HIS BA 318 -103.76 -39.20 13.50
N ILE BA 319 -103.27 -38.04 13.09
CA ILE BA 319 -102.98 -36.96 14.02
C ILE BA 319 -103.17 -35.60 13.36
N TRP BA 320 -103.81 -34.68 14.09
CA TRP BA 320 -103.74 -33.26 13.78
C TRP BA 320 -103.23 -32.57 15.05
N ARG BA 321 -103.02 -31.26 14.99
CA ARG BA 321 -102.65 -30.52 16.20
C ARG BA 321 -103.10 -29.06 16.21
N SER BA 322 -103.83 -28.71 17.25
CA SER BA 322 -104.47 -27.40 17.39
C SER BA 322 -103.72 -26.54 18.40
N GLU BA 323 -103.69 -25.23 18.14
CA GLU BA 323 -103.23 -24.25 19.11
C GLU BA 323 -104.23 -23.09 19.18
N TRP BA 324 -104.06 -22.24 20.19
CA TRP BA 324 -104.99 -21.16 20.48
C TRP BA 324 -105.16 -20.20 19.31
N ASP BA 325 -106.39 -19.77 19.11
CA ASP BA 325 -106.74 -18.69 18.17
C ASP BA 325 -107.93 -17.92 18.77
N ALA BA 326 -108.44 -16.92 18.05
CA ALA BA 326 -109.53 -16.07 18.55
C ALA BA 326 -110.84 -16.82 18.80
N LYS BA 327 -111.14 -17.82 17.95
CA LYS BA 327 -112.44 -18.49 17.96
C LYS BA 327 -112.59 -19.62 19.01
N VAL BA 328 -111.52 -19.96 19.73
CA VAL BA 328 -111.61 -21.03 20.74
C VAL BA 328 -112.57 -20.66 21.87
N ALA BA 329 -112.58 -19.38 22.26
CA ALA BA 329 -113.53 -18.86 23.25
C ALA BA 329 -114.98 -19.02 22.79
N ALA BA 330 -115.21 -18.72 21.51
CA ALA BA 330 -116.52 -18.89 20.88
C ALA BA 330 -116.96 -20.35 20.86
N VAL BA 331 -116.02 -21.23 20.53
CA VAL BA 331 -116.24 -22.69 20.55
C VAL BA 331 -116.62 -23.18 21.95
N ARG BA 332 -115.86 -22.74 22.94
CA ARG BA 332 -116.14 -23.05 24.35
C ARG BA 332 -117.55 -22.61 24.76
N GLU BA 333 -117.90 -21.39 24.38
CA GLU BA 333 -119.21 -20.80 24.64
C GLU BA 333 -120.35 -21.62 24.02
N LYS BA 334 -120.14 -22.03 22.77
CA LYS BA 334 -121.07 -22.89 22.05
C LYS BA 334 -121.28 -24.23 22.77
N TYR BA 335 -120.17 -24.85 23.16
CA TYR BA 335 -120.20 -26.12 23.90
C TYR BA 335 -120.56 -25.97 25.38
N GLY BA 336 -120.55 -24.75 25.90
CA GLY BA 336 -120.84 -24.48 27.31
C GLY BA 336 -119.68 -24.83 28.22
N LEU BA 337 -118.47 -24.88 27.67
CA LEU BA 337 -117.25 -25.06 28.46
C LEU BA 337 -116.91 -23.72 29.15
N PRO BA 338 -116.14 -23.76 30.25
CA PRO BA 338 -115.81 -22.51 30.95
C PRO BA 338 -114.93 -21.56 30.13
N PRO BA 339 -114.78 -20.28 30.56
CA PRO BA 339 -114.06 -19.22 29.83
C PRO BA 339 -112.72 -19.63 29.20
N GLY BA 340 -111.96 -20.48 29.89
CA GLY BA 340 -110.68 -20.98 29.40
C GLY BA 340 -109.54 -20.15 29.96
N ARG BA 341 -108.49 -20.84 30.43
CA ARG BA 341 -107.38 -20.19 31.12
C ARG BA 341 -106.45 -19.48 30.14
N VAL BA 342 -105.61 -18.61 30.69
CA VAL BA 342 -104.58 -17.89 29.94
C VAL BA 342 -103.27 -17.98 30.71
N PHE BA 343 -102.23 -18.51 30.07
CA PHE BA 343 -100.94 -18.73 30.70
C PHE BA 343 -99.93 -17.65 30.33
N SER BA 344 -98.85 -17.59 31.10
CA SER BA 344 -97.76 -16.66 30.85
C SER BA 344 -97.05 -17.03 29.55
N ARG BA 345 -96.68 -16.02 28.77
CA ARG BA 345 -95.97 -16.22 27.51
C ARG BA 345 -94.61 -16.91 27.70
N VAL BA 346 -93.97 -16.63 28.83
CA VAL BA 346 -92.68 -17.23 29.14
C VAL BA 346 -92.89 -18.57 29.84
N ARG BA 347 -92.14 -19.57 29.39
CA ARG BA 347 -92.05 -20.85 30.08
C ARG BA 347 -90.91 -20.77 31.10
N ARG BA 348 -91.22 -20.11 32.22
CA ARG BA 348 -90.24 -19.85 33.29
C ARG BA 348 -90.12 -21.06 34.21
N SER CA 1 -59.27 -17.18 -33.84
CA SER CA 1 -60.18 -17.78 -32.80
C SER CA 1 -59.78 -19.21 -32.45
N LEU CA 2 -59.82 -20.10 -33.45
CA LEU CA 2 -59.47 -21.51 -33.29
C LEU CA 2 -58.68 -22.03 -34.48
N SER CA 3 -57.78 -22.97 -34.21
CA SER CA 3 -56.99 -23.64 -35.24
C SER CA 3 -57.81 -24.78 -35.90
N PRO CA 4 -57.32 -25.34 -37.03
CA PRO CA 4 -57.99 -26.52 -37.63
C PRO CA 4 -58.00 -27.74 -36.70
N LEU CA 5 -56.89 -27.96 -35.99
CA LEU CA 5 -56.80 -29.00 -34.97
C LEU CA 5 -57.82 -28.81 -33.85
N ALA CA 6 -57.98 -27.57 -33.42
CA ALA CA 6 -58.94 -27.21 -32.37
C ALA CA 6 -60.36 -27.48 -32.84
N GLN CA 7 -60.65 -27.08 -34.07
CA GLN CA 7 -61.94 -27.34 -34.70
C GLN CA 7 -62.24 -28.83 -34.73
N ARG CA 8 -61.28 -29.62 -35.21
CA ARG CA 8 -61.46 -31.08 -35.31
C ARG CA 8 -61.70 -31.71 -33.93
N VAL CA 9 -61.00 -31.23 -32.91
CA VAL CA 9 -61.20 -31.66 -31.53
C VAL CA 9 -62.63 -31.37 -31.05
N VAL CA 10 -63.10 -30.16 -31.34
CA VAL CA 10 -64.46 -29.74 -31.03
C VAL CA 10 -65.50 -30.65 -31.68
N THR CA 11 -65.27 -30.97 -32.95
CA THR CA 11 -66.14 -31.87 -33.72
C THR CA 11 -66.21 -33.25 -33.05
N GLN CA 12 -65.04 -33.77 -32.70
CA GLN CA 12 -64.89 -35.04 -31.99
C GLN CA 12 -65.66 -35.04 -30.68
N LEU CA 13 -65.50 -33.96 -29.92
CA LEU CA 13 -66.21 -33.76 -28.66
C LEU CA 13 -67.72 -33.81 -28.86
N SER CA 14 -68.18 -33.11 -29.89
CA SER CA 14 -69.59 -33.04 -30.27
C SER CA 14 -70.19 -34.42 -30.55
N VAL CA 15 -69.44 -35.24 -31.30
CA VAL CA 15 -69.83 -36.64 -31.58
C VAL CA 15 -70.25 -37.38 -30.31
N MET CA 16 -69.46 -37.20 -29.24
CA MET CA 16 -69.75 -37.81 -27.94
C MET CA 16 -70.85 -37.10 -27.15
N SER CA 17 -70.95 -35.78 -27.30
CA SER CA 17 -71.87 -34.96 -26.50
C SER CA 17 -73.33 -35.12 -26.89
N ALA CA 18 -74.21 -34.90 -25.91
CA ALA CA 18 -75.66 -34.90 -26.10
C ALA CA 18 -76.23 -33.55 -26.56
N SER CA 19 -75.37 -32.57 -26.82
CA SER CA 19 -75.80 -31.23 -27.24
C SER CA 19 -76.52 -31.28 -28.58
N ARG CA 20 -77.79 -30.88 -28.57
CA ARG CA 20 -78.69 -30.79 -29.74
C ARG CA 20 -78.71 -32.01 -30.70
N LYS CA 21 -78.50 -33.20 -30.15
CA LYS CA 21 -78.56 -34.45 -30.90
C LYS CA 21 -79.66 -35.40 -30.47
N GLN CA 22 -80.34 -35.12 -29.35
CA GLN CA 22 -81.23 -36.10 -28.75
C GLN CA 22 -82.69 -35.70 -28.98
N PRO CA 23 -83.59 -36.70 -29.14
CA PRO CA 23 -84.97 -36.44 -29.51
C PRO CA 23 -85.82 -35.96 -28.33
N LYS CA 24 -87.13 -35.87 -28.54
CA LYS CA 24 -88.07 -35.63 -27.46
C LYS CA 24 -88.20 -36.86 -26.56
N LEU CA 25 -88.75 -36.66 -25.37
CA LEU CA 25 -88.98 -37.74 -24.42
C LEU CA 25 -90.09 -38.66 -24.92
N LEU CA 26 -89.93 -39.94 -24.64
CA LEU CA 26 -90.90 -40.96 -25.05
C LEU CA 26 -92.10 -40.92 -24.12
N LYS CA 27 -93.10 -40.13 -24.49
CA LYS CA 27 -94.38 -40.07 -23.78
C LYS CA 27 -95.32 -41.16 -24.27
N LEU CA 28 -96.11 -41.72 -23.36
CA LEU CA 28 -97.11 -42.75 -23.68
C LEU CA 28 -98.48 -42.36 -23.14
N ALA CA 29 -99.52 -42.95 -23.76
CA ALA CA 29 -100.87 -42.91 -23.21
C ALA CA 29 -100.94 -43.92 -22.06
N ARG CA 30 -101.97 -43.82 -21.22
CA ARG CA 30 -102.08 -44.70 -20.04
C ARG CA 30 -102.26 -46.18 -20.43
N GLU CA 31 -103.11 -46.42 -21.44
CA GLU CA 31 -103.32 -47.75 -22.00
C GLU CA 31 -102.03 -48.32 -22.59
N ASP CA 32 -101.35 -47.50 -23.39
CA ASP CA 32 -100.03 -47.84 -23.94
C ASP CA 32 -98.99 -48.15 -22.86
N LEU CA 33 -98.97 -47.32 -21.81
CA LEU CA 33 -98.09 -47.51 -20.66
C LEU CA 33 -98.32 -48.86 -19.97
N ILE CA 34 -99.59 -49.19 -19.77
CA ILE CA 34 -100.00 -50.49 -19.22
C ILE CA 34 -99.53 -51.65 -20.09
N LYS CA 35 -99.77 -51.53 -21.39
CA LYS CA 35 -99.34 -52.54 -22.36
C LYS CA 35 -97.84 -52.76 -22.27
N HIS CA 36 -97.09 -51.68 -22.21
CA HIS CA 36 -95.65 -51.73 -22.04
C HIS CA 36 -95.23 -52.46 -20.76
N GLN CA 37 -95.87 -52.10 -19.65
CA GLN CA 37 -95.63 -52.74 -18.34
C GLN CA 37 -95.85 -54.25 -18.39
N THR CA 38 -96.95 -54.65 -19.02
CA THR CA 38 -97.32 -56.06 -19.15
C THR CA 38 -96.31 -56.82 -20.02
N ILE CA 39 -95.83 -56.17 -21.08
CA ILE CA 39 -94.77 -56.70 -21.94
C ILE CA 39 -93.49 -56.96 -21.13
N GLU CA 40 -93.08 -55.95 -20.37
CA GLU CA 40 -91.82 -55.98 -19.61
C GLU CA 40 -91.85 -57.01 -18.49
N LYS CA 41 -92.93 -56.99 -17.71
CA LYS CA 41 -93.12 -57.91 -16.59
C LYS CA 41 -93.10 -59.37 -17.03
N CYS CA 42 -93.87 -59.68 -18.06
CA CYS CA 42 -93.93 -61.01 -18.66
C CYS CA 42 -92.55 -61.49 -19.12
N TRP CA 43 -91.85 -60.61 -19.82
CA TRP CA 43 -90.48 -60.86 -20.28
C TRP CA 43 -89.56 -61.20 -19.12
N SER CA 44 -89.60 -60.37 -18.08
CA SER CA 44 -88.80 -60.55 -16.87
C SER CA 44 -89.05 -61.91 -16.21
N ILE CA 45 -90.34 -62.25 -16.11
CA ILE CA 45 -90.78 -63.56 -15.58
C ILE CA 45 -90.19 -64.71 -16.41
N TYR CA 46 -90.31 -64.60 -17.72
CA TYR CA 46 -89.76 -65.58 -18.66
C TYR CA 46 -88.26 -65.77 -18.47
N GLN CA 47 -87.55 -64.65 -18.35
CA GLN CA 47 -86.10 -64.65 -18.09
C GLN CA 47 -85.74 -65.36 -16.79
N GLN CA 48 -86.51 -65.07 -15.74
CA GLN CA 48 -86.34 -65.72 -14.43
C GLN CA 48 -86.53 -67.23 -14.55
N GLN CA 49 -87.61 -67.64 -15.21
CA GLN CA 49 -87.90 -69.06 -15.47
C GLN CA 49 -86.73 -69.77 -16.15
N GLN CA 50 -86.22 -69.13 -17.21
CA GLN CA 50 -85.08 -69.64 -17.97
C GLN CA 50 -83.85 -69.81 -17.10
N ARG CA 51 -83.58 -68.81 -16.27
CA ARG CA 51 -82.47 -68.84 -15.31
C ARG CA 51 -82.61 -70.02 -14.34
N GLU CA 52 -83.81 -70.21 -13.82
CA GLU CA 52 -84.11 -71.33 -12.91
C GLU CA 52 -83.90 -72.67 -13.58
N ARG CA 53 -84.41 -72.79 -14.81
CA ARG CA 53 -84.22 -74.01 -15.62
C ARG CA 53 -82.75 -74.37 -15.78
N ARG CA 54 -81.96 -73.39 -16.21
CA ARG CA 54 -80.52 -73.55 -16.39
C ARG CA 54 -79.82 -73.87 -15.06
N ASN CA 55 -80.16 -73.09 -14.03
CA ASN CA 55 -79.64 -73.29 -12.68
C ASN CA 55 -79.96 -74.68 -12.13
N LEU CA 56 -81.21 -75.09 -12.31
CA LEU CA 56 -81.68 -76.42 -11.92
C LEU CA 56 -80.88 -77.52 -12.61
N GLN CA 57 -80.74 -77.37 -13.93
CA GLN CA 57 -79.95 -78.29 -14.76
C GLN CA 57 -78.52 -78.44 -14.23
N LEU CA 58 -77.89 -77.30 -13.96
CA LEU CA 58 -76.54 -77.25 -13.39
C LEU CA 58 -76.44 -77.99 -12.06
N GLU CA 59 -77.42 -77.74 -11.19
CA GLU CA 59 -77.52 -78.42 -9.89
C GLU CA 59 -77.63 -79.93 -10.08
N LEU CA 60 -78.51 -80.35 -11.00
CA LEU CA 60 -78.68 -81.77 -11.34
C LEU CA 60 -77.38 -82.42 -11.82
N GLN CA 61 -76.67 -81.72 -12.70
CA GLN CA 61 -75.36 -82.16 -13.19
C GLN CA 61 -74.36 -82.34 -12.06
N TYR CA 62 -74.30 -81.34 -11.18
CA TYR CA 62 -73.44 -81.37 -9.99
C TYR CA 62 -73.72 -82.58 -9.10
N LYS CA 63 -75.00 -82.83 -8.87
CA LYS CA 63 -75.45 -83.98 -8.08
C LYS CA 63 -75.02 -85.31 -8.70
N SER CA 64 -75.17 -85.40 -10.02
CA SER CA 64 -74.76 -86.58 -10.79
C SER CA 64 -73.26 -86.84 -10.68
N ILE CA 65 -72.48 -85.76 -10.79
CA ILE CA 65 -71.02 -85.81 -10.65
C ILE CA 65 -70.63 -86.31 -9.27
N GLU CA 66 -71.27 -85.76 -8.24
CA GLU CA 66 -71.05 -86.16 -6.84
C GLU CA 66 -71.33 -87.65 -6.64
N ARG CA 67 -72.45 -88.09 -7.20
CA ARG CA 67 -72.88 -89.49 -7.16
C ARG CA 67 -71.85 -90.42 -7.82
N SER CA 68 -71.37 -89.98 -8.98
CA SER CA 68 -70.34 -90.70 -9.73
C SER CA 68 -69.03 -90.84 -8.95
N MET CA 69 -68.58 -89.74 -8.38
CA MET CA 69 -67.27 -89.68 -7.73
C MET CA 69 -67.21 -90.50 -6.44
N ASN CA 70 -68.30 -90.49 -5.68
CA ASN CA 70 -68.46 -91.36 -4.51
C ASN CA 70 -68.37 -92.84 -4.88
N LEU CA 71 -69.06 -93.19 -5.96
CA LEU CA 71 -69.06 -94.56 -6.48
C LEU CA 71 -67.65 -94.99 -6.90
N LEU CA 72 -66.98 -94.10 -7.60
CA LEU CA 72 -65.61 -94.32 -8.06
C LEU CA 72 -64.64 -94.55 -6.89
N GLN CA 73 -64.80 -93.71 -5.86
CA GLN CA 73 -64.03 -93.82 -4.62
C GLN CA 73 -64.24 -95.16 -3.92
N GLU CA 74 -65.50 -95.59 -3.88
CA GLU CA 74 -65.89 -96.88 -3.31
C GLU CA 74 -65.23 -98.06 -4.05
N LEU CA 75 -65.29 -98.02 -5.38
CA LEU CA 75 -64.85 -99.14 -6.21
C LEU CA 75 -63.33 -99.18 -6.45
N SER CA 76 -62.84 -98.26 -7.27
CA SER CA 76 -61.46 -98.25 -7.74
C SER CA 76 -60.77 -96.96 -7.26
N PRO CA 77 -59.88 -97.06 -6.24
CA PRO CA 77 -59.23 -95.86 -5.70
C PRO CA 77 -58.35 -95.11 -6.69
N ARG CA 78 -57.60 -95.85 -7.49
CA ARG CA 78 -56.71 -95.29 -8.51
C ARG CA 78 -57.47 -94.47 -9.55
N LEU CA 79 -58.58 -95.03 -10.04
CA LEU CA 79 -59.46 -94.34 -10.98
C LEU CA 79 -60.03 -93.05 -10.41
N PHE CA 80 -60.46 -93.11 -9.15
CA PHE CA 80 -60.96 -91.93 -8.42
C PHE CA 80 -59.90 -90.84 -8.32
N GLU CA 81 -58.69 -91.23 -7.95
CA GLU CA 81 -57.53 -90.33 -7.88
C GLU CA 81 -57.26 -89.64 -9.21
N ALA CA 82 -57.27 -90.43 -10.28
CA ALA CA 82 -57.08 -89.95 -11.65
C ALA CA 82 -58.14 -88.92 -12.05
N ALA CA 83 -59.40 -89.23 -11.71
CA ALA CA 83 -60.53 -88.33 -11.95
C ALA CA 83 -60.36 -87.00 -11.21
N ASN CA 84 -60.12 -87.11 -9.90
CA ASN CA 84 -59.98 -85.95 -9.03
C ASN CA 84 -58.54 -85.44 -9.00
N ALA CA 85 -58.19 -84.70 -10.05
CA ALA CA 85 -56.90 -84.01 -10.16
C ALA CA 85 -57.15 -82.51 -10.26
N SER CA 86 -56.13 -81.73 -9.93
CA SER CA 86 -56.19 -80.29 -10.12
C SER CA 86 -56.08 -79.97 -11.60
N GLU CA 87 -57.10 -79.30 -12.13
CA GLU CA 87 -57.15 -78.90 -13.53
C GLU CA 87 -56.98 -77.39 -13.59
N LYS CA 88 -55.82 -76.96 -13.10
CA LYS CA 88 -55.50 -75.54 -12.92
C LYS CA 88 -55.30 -74.84 -14.25
N GLY CA 89 -54.40 -75.40 -15.06
CA GLY CA 89 -54.07 -74.83 -16.36
C GLY CA 89 -54.89 -75.38 -17.52
N LYS CA 90 -56.10 -75.86 -17.25
CA LYS CA 90 -56.96 -76.41 -18.29
C LYS CA 90 -57.45 -75.29 -19.19
N ARG CA 91 -57.28 -75.48 -20.49
CA ARG CA 91 -57.58 -74.48 -21.49
C ARG CA 91 -58.60 -75.09 -22.46
N PHE CA 92 -59.67 -74.36 -22.76
CA PHE CA 92 -60.62 -74.79 -23.79
C PHE CA 92 -59.93 -74.80 -25.15
N PRO CA 93 -60.27 -75.77 -26.02
CA PRO CA 93 -59.58 -75.88 -27.29
C PRO CA 93 -60.01 -74.74 -28.21
N MET CA 94 -59.08 -74.29 -29.04
CA MET CA 94 -59.29 -73.10 -29.86
C MET CA 94 -60.25 -73.35 -31.04
N GLU CA 95 -60.52 -74.63 -31.34
CA GLU CA 95 -61.55 -75.00 -32.31
C GLU CA 95 -62.98 -74.75 -31.81
N MET CA 96 -63.22 -74.91 -30.52
CA MET CA 96 -64.55 -74.61 -29.93
C MET CA 96 -64.80 -73.10 -29.90
N LYS CA 97 -65.15 -72.55 -31.07
CA LYS CA 97 -65.32 -71.11 -31.24
C LYS CA 97 -66.72 -70.65 -30.86
N VAL CA 98 -66.85 -69.35 -30.63
CA VAL CA 98 -68.13 -68.74 -30.24
C VAL CA 98 -69.02 -68.71 -31.49
N PRO CA 99 -70.18 -69.40 -31.44
CA PRO CA 99 -71.05 -69.55 -32.63
C PRO CA 99 -71.44 -68.22 -33.27
N THR CA 100 -71.15 -68.07 -34.57
CA THR CA 100 -71.41 -66.83 -35.32
C THR CA 100 -72.91 -66.61 -35.58
N ASP CA 101 -73.25 -65.51 -36.26
CA ASP CA 101 -74.64 -65.25 -36.66
C ASP CA 101 -75.07 -66.16 -37.81
N PHE CA 102 -74.22 -66.23 -38.85
CA PHE CA 102 -74.42 -67.12 -39.99
C PHE CA 102 -73.19 -68.01 -40.17
N PRO CA 103 -73.37 -69.22 -40.74
CA PRO CA 103 -72.26 -70.17 -40.81
C PRO CA 103 -71.26 -69.86 -41.93
N PRO CA 104 -70.06 -70.47 -41.87
CA PRO CA 104 -69.03 -70.24 -42.89
C PRO CA 104 -69.31 -70.96 -44.22
N ASN CA 105 -68.38 -70.86 -45.16
CA ASN CA 105 -68.49 -71.56 -46.44
C ASN CA 105 -68.28 -73.07 -46.26
N THR CA 106 -67.16 -73.41 -45.62
CA THR CA 106 -66.88 -74.78 -45.20
C THR CA 106 -67.40 -74.96 -43.77
N LEU CA 107 -68.53 -75.65 -43.63
CA LEU CA 107 -69.19 -75.83 -42.33
C LEU CA 107 -68.38 -76.64 -41.33
N TRP CA 108 -67.81 -77.75 -41.80
CA TRP CA 108 -67.08 -78.68 -40.94
C TRP CA 108 -65.81 -79.20 -41.62
N HIS CA 109 -64.72 -79.23 -40.85
CA HIS CA 109 -63.43 -79.76 -41.32
C HIS CA 109 -63.30 -81.22 -40.91
N TYR CA 110 -63.19 -82.11 -41.90
CA TYR CA 110 -63.08 -83.56 -41.66
C TYR CA 110 -61.63 -84.02 -41.44
N ASN CA 111 -60.66 -83.24 -41.91
CA ASN CA 111 -59.23 -83.51 -41.68
C ASN CA 111 -58.58 -82.43 -40.82
N PHE CA 112 -57.48 -82.81 -40.17
CA PHE CA 112 -56.88 -82.00 -39.08
C PHE CA 112 -55.39 -82.30 -38.90
N ARG CA 113 -54.75 -81.58 -37.98
CA ARG CA 113 -53.30 -81.65 -37.73
C ARG CA 113 -52.48 -81.26 -38.97
N LEU DA 1 9.46 32.22 82.69
CA LEU DA 1 8.00 32.53 82.75
C LEU DA 1 7.72 33.99 82.37
N THR DA 2 6.62 34.21 81.67
CA THR DA 2 6.13 35.55 81.35
C THR DA 2 5.73 36.27 82.64
N ARG DA 3 5.07 35.54 83.53
CA ARG DA 3 4.77 36.03 84.87
C ARG DA 3 4.99 34.90 85.90
N PRO DA 4 5.87 35.10 86.90
CA PRO DA 4 6.35 34.03 87.78
C PRO DA 4 5.31 33.33 88.67
N TRP DA 5 4.21 34.01 88.96
CA TRP DA 5 3.10 33.42 89.74
C TRP DA 5 2.29 32.40 88.94
N LYS DA 6 2.31 32.52 87.61
CA LYS DA 6 1.68 31.55 86.72
C LYS DA 6 2.72 30.63 86.11
N LYS DA 7 3.03 29.54 86.83
CA LYS DA 7 3.98 28.53 86.38
C LYS DA 7 3.42 27.67 85.27
N TYR DA 8 2.15 27.28 85.40
CA TYR DA 8 1.50 26.36 84.46
C TYR DA 8 0.62 27.07 83.45
N ARG DA 9 0.22 26.31 82.43
CA ARG DA 9 -0.51 26.85 81.29
C ARG DA 9 -2.00 26.96 81.61
N ASP DA 10 -2.39 28.11 82.16
CA ASP DA 10 -3.78 28.55 82.14
C ASP DA 10 -3.99 29.18 80.77
N GLY DA 11 -5.24 29.31 80.36
CA GLY DA 11 -5.57 30.03 79.13
C GLY DA 11 -5.47 31.55 79.22
N GLU DA 12 -4.43 32.05 79.88
CA GLU DA 12 -4.19 33.50 79.99
C GLU DA 12 -3.31 33.95 78.85
N LEU DA 13 -3.58 35.17 78.36
CA LEU DA 13 -2.85 35.73 77.23
C LEU DA 13 -1.52 36.31 77.65
N PHE DA 14 -0.69 36.59 76.65
CA PHE DA 14 0.59 37.28 76.84
C PHE DA 14 0.36 38.72 77.31
N TYR DA 15 -0.65 39.38 76.73
CA TYR DA 15 -1.13 40.67 77.23
C TYR DA 15 -2.64 40.79 77.08
N GLY DA 16 -3.27 41.45 78.05
CA GLY DA 16 -4.72 41.66 78.06
C GLY DA 16 -5.51 40.41 78.37
N LEU DA 17 -6.82 40.51 78.19
CA LEU DA 17 -7.77 39.45 78.57
C LEU DA 17 -8.28 38.65 77.37
N SER DA 18 -8.66 39.35 76.31
CA SER DA 18 -9.14 38.72 75.07
C SER DA 18 -8.47 39.33 73.85
N LYS DA 19 -8.04 38.48 72.93
CA LYS DA 19 -7.50 38.92 71.65
C LYS DA 19 -8.60 39.49 70.77
N VAL DA 20 -9.71 38.76 70.70
CA VAL DA 20 -10.83 39.12 69.83
C VAL DA 20 -11.65 40.27 70.39
N GLY DA 21 -12.50 40.83 69.53
CA GLY DA 21 -13.35 41.97 69.90
C GLY DA 21 -13.94 42.64 68.67
N ASN DA 22 -14.81 43.61 68.91
CA ASN DA 22 -15.45 44.36 67.83
C ASN DA 22 -14.44 45.22 67.08
N LYS DA 23 -14.13 44.82 65.85
CA LYS DA 23 -13.20 45.55 64.98
C LYS DA 23 -13.85 46.85 64.46
N ARG DA 24 -15.17 46.82 64.30
CA ARG DA 24 -15.93 47.96 63.78
C ARG DA 24 -16.20 48.98 64.87
N VAL DA 25 -15.22 49.87 65.06
CA VAL DA 25 -15.27 50.91 66.08
C VAL DA 25 -14.46 52.09 65.55
N PRO DA 26 -14.98 53.34 65.70
CA PRO DA 26 -14.40 54.47 64.95
C PRO DA 26 -12.89 54.69 65.14
N LEU DA 27 -12.23 55.11 64.07
CA LEU DA 27 -10.78 55.36 64.09
C LEU DA 27 -10.45 56.56 64.97
N THR DA 28 -9.22 56.58 65.44
CA THR DA 28 -8.68 57.67 66.25
C THR DA 28 -7.54 58.31 65.46
N THR DA 29 -6.84 59.26 66.07
CA THR DA 29 -5.70 59.90 65.43
C THR DA 29 -4.49 58.96 65.29
N LYS DA 30 -4.34 58.04 66.25
CA LYS DA 30 -3.18 57.14 66.31
C LYS DA 30 -3.19 56.06 65.21
N GLN DA 31 -4.38 55.66 64.79
CA GLN DA 31 -4.54 54.53 63.87
C GLN DA 31 -4.37 54.90 62.40
N GLY DA 32 -4.24 53.86 61.57
CA GLY DA 32 -4.16 54.02 60.13
C GLY DA 32 -2.75 54.20 59.59
N ASN DA 33 -2.69 54.60 58.33
CA ASN DA 33 -1.43 54.75 57.58
C ASN DA 33 -0.70 56.03 58.00
N LYS DA 34 0.46 56.29 57.38
CA LYS DA 34 1.11 57.60 57.45
C LYS DA 34 0.20 58.70 56.87
N THR DA 35 -0.48 58.37 55.77
CA THR DA 35 -1.38 59.31 55.07
C THR DA 35 -2.70 59.57 55.79
N MET DA 36 -3.12 58.65 56.67
CA MET DA 36 -4.36 58.80 57.42
C MET DA 36 -4.27 59.96 58.42
N TYR DA 37 -5.05 61.01 58.17
CA TYR DA 37 -5.13 62.19 59.04
C TYR DA 37 -6.57 62.37 59.50
N LYS DA 38 -6.80 62.15 60.81
CA LYS DA 38 -8.12 62.31 61.41
C LYS DA 38 -8.35 63.77 61.79
N GLY DA 39 -7.52 64.31 62.68
CA GLY DA 39 -7.70 65.67 63.19
C GLY DA 39 -8.70 65.71 64.33
N THR DA 40 -8.64 66.79 65.12
CA THR DA 40 -9.36 66.88 66.39
C THR DA 40 -10.14 68.20 66.57
N ARG DA 41 -10.66 68.74 65.46
CA ARG DA 41 -11.44 70.00 65.43
C ARG DA 41 -10.71 71.21 66.03
N ALA DA 42 -9.38 71.21 65.92
CA ALA DA 42 -8.54 72.18 66.62
C ALA DA 42 -8.06 73.34 65.75
N SER DA 43 -7.99 73.14 64.42
CA SER DA 43 -7.27 74.07 63.54
C SER DA 43 -7.90 74.27 62.16
N GLY DA 44 -9.03 74.96 62.15
CA GLY DA 44 -9.54 75.63 60.96
C GLY DA 44 -9.18 77.09 61.14
N ILE DA 45 -7.87 77.36 61.18
CA ILE DA 45 -7.32 78.63 61.65
C ILE DA 45 -6.88 79.48 60.48
N GLY DA 46 -5.92 78.96 59.72
CA GLY DA 46 -5.28 79.68 58.64
C GLY DA 46 -5.56 79.05 57.30
N ARG DA 47 -4.50 78.87 56.50
CA ARG DA 47 -4.63 78.27 55.18
C ARG DA 47 -3.36 77.49 54.82
N HIS DA 48 -3.57 76.32 54.20
CA HIS DA 48 -2.47 75.50 53.72
C HIS DA 48 -1.81 76.13 52.52
N THR DA 49 -0.49 76.10 52.50
CA THR DA 49 0.30 76.72 51.45
C THR DA 49 0.42 75.74 50.27
N LYS DA 50 0.69 76.30 49.10
CA LYS DA 50 1.00 75.53 47.88
C LYS DA 50 2.16 74.54 48.08
N PHE DA 51 3.17 74.94 48.85
CA PHE DA 51 4.38 74.14 49.09
C PHE DA 51 4.28 73.11 50.22
N GLY DA 52 3.22 73.15 51.01
CA GLY DA 52 3.03 72.24 52.15
C GLY DA 52 3.09 72.91 53.51
N GLY DA 53 3.45 74.19 53.54
CA GLY DA 53 3.46 74.97 54.78
C GLY DA 53 2.07 75.32 55.27
N TYR DA 54 2.01 76.34 56.13
CA TYR DA 54 0.75 76.84 56.68
C TYR DA 54 0.88 78.32 57.03
N VAL DA 55 -0.20 79.06 56.81
CA VAL DA 55 -0.21 80.51 57.05
C VAL DA 55 -1.45 80.86 57.88
N ILE DA 56 -1.22 81.24 59.14
CA ILE DA 56 -2.29 81.60 60.07
C ILE DA 56 -3.04 82.84 59.59
N ASN DA 57 -4.36 82.82 59.77
CA ASN DA 57 -5.24 83.93 59.43
C ASN DA 57 -5.83 84.43 60.75
N TRP DA 58 -5.24 85.50 61.28
CA TRP DA 58 -5.48 85.93 62.67
C TRP DA 58 -6.90 86.42 62.95
N LYS DA 59 -7.59 86.91 61.93
CA LYS DA 59 -9.01 87.27 62.07
C LYS DA 59 -9.90 86.03 62.32
N LYS DA 60 -9.37 84.84 62.02
CA LYS DA 60 -10.03 83.55 62.26
C LYS DA 60 -9.30 82.73 63.35
N VAL DA 61 -8.77 83.41 64.37
CA VAL DA 61 -8.10 82.76 65.51
C VAL DA 61 -8.84 83.13 66.80
N ARG DA 62 -9.06 82.12 67.65
CA ARG DA 62 -9.82 82.31 68.89
C ARG DA 62 -9.04 83.05 69.98
N THR DA 63 -9.54 84.24 70.34
CA THR DA 63 -9.16 84.90 71.59
C THR DA 63 -10.23 84.64 72.64
N TYR DA 64 -9.82 84.70 73.91
CA TYR DA 64 -10.73 84.53 75.03
C TYR DA 64 -10.77 85.84 75.81
N VAL DA 65 -11.75 86.68 75.45
CA VAL DA 65 -11.83 88.05 75.99
C VAL DA 65 -12.38 88.06 77.42
N THR DA 66 -11.59 88.64 78.32
CA THR DA 66 -11.88 88.70 79.75
C THR DA 66 -12.23 90.15 80.08
N PRO DA 67 -13.18 90.38 81.03
CA PRO DA 67 -13.52 91.77 81.36
C PRO DA 67 -12.35 92.54 81.99
N ASP DA 68 -12.19 93.79 81.55
CA ASP DA 68 -11.06 94.63 82.00
C ASP DA 68 -11.10 94.99 83.49
N MET DA 69 -12.31 95.19 84.02
CA MET DA 69 -12.53 95.43 85.45
C MET DA 69 -13.31 94.26 86.03
N VAL DA 70 -12.57 93.31 86.62
CA VAL DA 70 -13.15 92.07 87.12
C VAL DA 70 -13.82 92.31 88.48
N ASN DA 71 -15.14 92.11 88.53
CA ASN DA 71 -15.87 92.11 89.79
C ASN DA 71 -15.60 90.81 90.54
N PHE DA 72 -14.62 90.85 91.44
CA PHE DA 72 -14.22 89.67 92.22
C PHE DA 72 -15.23 89.31 93.32
N GLU DA 73 -16.01 90.29 93.77
CA GLU DA 73 -17.03 90.07 94.81
C GLU DA 73 -18.20 89.19 94.37
N LEU DA 74 -18.41 89.05 93.06
CA LEU DA 74 -19.31 88.02 92.54
C LEU DA 74 -18.59 86.68 92.57
N LYS DA 75 -19.26 85.68 93.15
CA LYS DA 75 -18.68 84.36 93.38
C LYS DA 75 -19.51 83.31 92.65
N PRO DA 76 -18.91 82.11 92.40
CA PRO DA 76 -19.64 81.05 91.71
C PRO DA 76 -20.93 80.59 92.41
N TYR DA 77 -20.95 80.67 93.73
CA TYR DA 77 -22.15 80.35 94.53
C TYR DA 77 -22.69 81.60 95.21
N VAL DA 78 -23.96 81.52 95.61
CA VAL DA 78 -24.59 82.55 96.43
C VAL DA 78 -24.70 82.00 97.85
N ASN DA 79 -24.69 82.90 98.84
CA ASN DA 79 -24.94 82.54 100.23
C ASN DA 79 -26.36 81.99 100.35
N ALA DA 80 -26.49 80.79 100.93
CA ALA DA 80 -27.79 80.11 101.03
C ALA DA 80 -28.80 80.79 101.95
N ASN DA 81 -28.33 81.68 102.82
CA ASN DA 81 -29.23 82.57 103.59
C ASN DA 81 -30.10 83.47 102.71
N VAL DA 82 -29.60 83.80 101.52
CA VAL DA 82 -30.39 84.47 100.49
C VAL DA 82 -31.37 83.43 99.92
N PRO DA 83 -32.68 83.78 99.84
CA PRO DA 83 -33.60 82.84 99.16
C PRO DA 83 -33.43 82.87 97.64
N PRO DA 84 -33.85 81.80 96.94
CA PRO DA 84 -33.88 81.87 95.49
C PRO DA 84 -35.03 82.76 95.00
N LEU DA 85 -34.70 83.79 94.22
CA LEU DA 85 -35.69 84.76 93.74
C LEU DA 85 -36.64 84.14 92.72
N LYS DA 86 -37.83 84.73 92.57
CA LYS DA 86 -38.84 84.28 91.61
C LYS DA 86 -39.53 85.47 90.94
N HIS DA 87 -39.41 85.56 89.61
CA HIS DA 87 -40.10 86.61 88.85
C HIS DA 87 -41.52 86.20 88.48
N GLU DA 88 -42.40 87.19 88.35
CA GLU DA 88 -43.80 87.01 87.94
C GLU DA 88 -44.11 87.97 86.81
N PHE DA 89 -44.70 87.45 85.73
CA PHE DA 89 -44.99 88.24 84.52
C PHE DA 89 -46.48 88.25 84.18
N LYS DA 90 -47.33 88.44 85.20
CA LYS DA 90 -48.79 88.46 84.99
C LYS DA 90 -49.22 89.67 84.15
N GLY DA 91 -50.11 89.43 83.20
CA GLY DA 91 -50.49 90.43 82.20
C GLY DA 91 -49.50 90.59 81.06
N PHE DA 92 -48.66 89.58 80.84
CA PHE DA 92 -47.68 89.58 79.74
C PHE DA 92 -47.53 88.15 79.18
N SER DA 93 -48.23 87.88 78.07
CA SER DA 93 -48.21 86.55 77.44
C SER DA 93 -46.82 86.10 76.97
N GLY DA 94 -46.05 87.06 76.45
CA GLY DA 94 -44.67 86.81 76.01
C GLY DA 94 -43.67 86.50 77.12
N GLY DA 95 -43.99 86.91 78.36
CA GLY DA 95 -43.13 86.65 79.52
C GLY DA 95 -42.00 87.65 79.58
N PRO DA 96 -40.75 87.19 79.83
CA PRO DA 96 -39.61 88.11 79.79
C PRO DA 96 -39.23 88.59 78.38
N LEU DA 97 -39.62 87.82 77.35
CA LEU DA 97 -39.45 88.21 75.94
C LEU DA 97 -40.59 89.10 75.41
N ASP DA 98 -41.55 89.46 76.27
CA ASP DA 98 -42.70 90.28 75.87
C ASP DA 98 -42.21 91.70 75.55
N PRO DA 99 -42.53 92.22 74.34
CA PRO DA 99 -42.12 93.58 73.99
C PRO DA 99 -42.83 94.67 74.82
N ARG DA 100 -44.09 94.42 75.18
CA ARG DA 100 -44.88 95.32 76.02
C ARG DA 100 -44.22 95.54 77.38
N LEU DA 101 -43.78 94.43 77.98
CA LEU DA 101 -43.07 94.45 79.26
C LEU DA 101 -41.79 95.28 79.17
N GLN DA 102 -41.02 95.05 78.12
CA GLN DA 102 -39.78 95.78 77.84
C GLN DA 102 -40.04 97.29 77.74
N LEU DA 103 -41.07 97.64 76.98
CA LEU DA 103 -41.50 99.04 76.83
C LEU DA 103 -41.86 99.69 78.17
N LEU DA 104 -42.58 98.94 78.99
CA LEU DA 104 -42.95 99.37 80.34
C LEU DA 104 -41.72 99.64 81.19
N LYS DA 105 -40.77 98.70 81.16
CA LYS DA 105 -39.49 98.82 81.87
C LYS DA 105 -38.70 100.07 81.44
N ILE DA 106 -38.66 100.29 80.13
CA ILE DA 106 -38.00 101.47 79.54
C ILE DA 106 -38.65 102.76 80.06
N LYS DA 107 -39.98 102.78 80.04
CA LYS DA 107 -40.78 103.90 80.54
C LYS DA 107 -40.47 104.20 82.00
N GLU DA 108 -40.46 103.15 82.82
CA GLU DA 108 -40.11 103.23 84.24
C GLU DA 108 -38.72 103.82 84.45
N TYR DA 109 -37.75 103.32 83.69
CA TYR DA 109 -36.37 103.82 83.71
C TYR DA 109 -36.32 105.32 83.41
N ILE DA 110 -37.00 105.72 82.34
CA ILE DA 110 -37.08 107.12 81.91
C ILE DA 110 -37.62 108.00 83.03
N VAL DA 111 -38.70 107.56 83.65
CA VAL DA 111 -39.37 108.30 84.72
C VAL DA 111 -38.47 108.45 85.94
N ASN DA 112 -37.91 107.32 86.39
CA ASN DA 112 -37.26 107.23 87.70
C ASN DA 112 -35.73 107.29 87.66
N GLY DA 113 -35.14 106.48 86.79
CA GLY DA 113 -33.68 106.49 86.58
C GLY DA 113 -32.92 105.54 87.48
N ARG DA 114 -32.94 104.26 87.11
CA ARG DA 114 -32.13 103.20 87.75
C ARG DA 114 -32.45 102.99 89.24
N VAL DA 115 -33.73 102.73 89.52
CA VAL DA 115 -34.19 102.39 90.87
C VAL DA 115 -34.17 100.87 91.01
N GLN DA 116 -33.58 100.38 92.11
CA GLN DA 116 -33.44 98.95 92.34
C GLN DA 116 -34.78 98.31 92.74
N SER DA 117 -34.97 97.06 92.32
CA SER DA 117 -36.25 96.34 92.51
C SER DA 117 -36.41 95.83 93.95
N GLU DA 118 -37.56 95.21 94.21
CA GLU DA 118 -37.88 94.65 95.53
C GLU DA 118 -36.83 93.65 96.01
N GLY DA 119 -36.50 92.69 95.16
CA GLY DA 119 -35.48 91.68 95.44
C GLY DA 119 -34.08 92.27 95.60
N ALA DA 120 -33.75 93.25 94.77
CA ALA DA 120 -32.45 93.91 94.82
C ALA DA 120 -32.24 94.75 96.09
N THR DA 121 -33.29 95.45 96.52
CA THR DA 121 -33.25 96.25 97.75
C THR DA 121 -33.28 95.36 98.99
N ASP DA 122 -34.33 94.56 99.10
CA ASP DA 122 -34.56 93.68 100.26
C ASP DA 122 -34.15 92.24 99.94
N THR DA 123 -33.16 91.73 100.67
CA THR DA 123 -32.69 90.35 100.52
C THR DA 123 -33.69 89.31 101.05
N SER DA 124 -34.50 89.71 102.02
CA SER DA 124 -35.56 88.85 102.58
C SER DA 124 -36.70 88.56 101.58
N CYS DA 125 -36.86 89.42 100.58
CA CYS DA 125 -37.85 89.23 99.51
C CYS DA 125 -37.56 87.96 98.69
N TYR DA 126 -38.62 87.29 98.24
CA TYR DA 126 -38.51 86.09 97.40
C TYR DA 126 -39.20 86.17 96.03
N LYS DA 127 -40.20 87.03 95.88
CA LYS DA 127 -40.90 87.21 94.59
C LYS DA 127 -40.97 88.66 94.14
N GLU DA 128 -41.01 88.86 92.81
CA GLU DA 128 -40.74 90.15 92.19
C GLU DA 128 -41.43 90.25 90.81
N ARG DA 129 -41.63 91.47 90.33
CA ARG DA 129 -42.19 91.71 89.00
C ARG DA 129 -41.14 91.47 87.91
N GLY DA 130 -40.07 92.28 87.94
CA GLY DA 130 -39.08 92.29 86.87
C GLY DA 130 -38.20 91.06 86.82
N VAL EA 1 -24.11 -32.72 138.42
CA VAL EA 1 -24.86 -31.48 138.78
C VAL EA 1 -25.65 -30.98 137.56
N VAL EA 2 -26.83 -30.43 137.80
CA VAL EA 2 -27.73 -29.96 136.74
C VAL EA 2 -28.15 -28.51 136.99
N LYS EA 3 -28.22 -27.73 135.91
CA LYS EA 3 -28.60 -26.32 135.95
C LYS EA 3 -29.58 -26.01 134.84
N ALA EA 4 -30.53 -25.11 135.11
CA ALA EA 4 -31.52 -24.71 134.11
C ALA EA 4 -30.96 -23.66 133.17
N ILE EA 5 -31.53 -23.62 131.97
CA ILE EA 5 -31.31 -22.54 131.01
C ILE EA 5 -32.65 -21.81 130.93
N ALA EA 6 -32.66 -20.52 131.28
CA ALA EA 6 -33.86 -19.69 131.20
C ALA EA 6 -34.35 -19.63 129.77
N ARG EA 7 -35.60 -20.03 129.57
CA ARG EA 7 -36.18 -20.17 128.23
C ARG EA 7 -37.67 -19.90 128.33
N ASN EA 8 -38.28 -19.38 127.26
CA ASN EA 8 -39.71 -19.04 127.24
C ASN EA 8 -40.50 -19.88 126.25
N SER EA 9 -41.80 -20.04 126.55
CA SER EA 9 -42.69 -20.87 125.75
C SER EA 9 -43.13 -20.17 124.46
N ILE EA 10 -43.58 -20.97 123.49
CA ILE EA 10 -44.04 -20.46 122.19
C ILE EA 10 -45.54 -20.71 122.08
N GLY EA 11 -46.32 -19.65 121.85
CA GLY EA 11 -47.77 -19.78 121.72
C GLY EA 11 -48.20 -20.32 120.37
N ARG EA 12 -48.88 -21.45 120.37
CA ARG EA 12 -49.56 -21.96 119.17
C ARG EA 12 -51.04 -21.62 119.34
N ASN EA 13 -51.50 -20.64 118.55
CA ASN EA 13 -52.85 -20.08 118.69
C ASN EA 13 -53.98 -21.12 118.61
N GLY EA 14 -53.87 -22.02 117.64
CA GLY EA 14 -54.92 -22.99 117.37
C GLY EA 14 -55.16 -24.10 118.38
N VAL EA 15 -54.09 -24.64 118.97
CA VAL EA 15 -54.16 -25.99 119.59
C VAL EA 15 -55.08 -26.10 120.83
N GLY EA 16 -55.00 -25.13 121.72
CA GLY EA 16 -55.81 -25.11 122.94
C GLY EA 16 -57.10 -24.33 122.75
N ALA EA 17 -56.95 -23.00 122.71
CA ALA EA 17 -58.07 -22.09 122.44
C ALA EA 17 -57.72 -21.15 121.30
N PHE EA 18 -58.53 -21.18 120.25
CA PHE EA 18 -58.35 -20.30 119.10
C PHE EA 18 -58.79 -18.87 119.43
N VAL EA 19 -57.81 -17.96 119.46
CA VAL EA 19 -58.06 -16.52 119.54
C VAL EA 19 -58.15 -16.04 118.09
N PHE EA 20 -59.22 -15.33 117.76
CA PHE EA 20 -59.47 -14.92 116.37
C PHE EA 20 -58.50 -13.81 115.96
N PRO EA 21 -57.76 -14.00 114.85
CA PRO EA 21 -56.68 -13.07 114.48
C PRO EA 21 -57.09 -11.61 114.32
N CYS EA 22 -58.17 -11.35 113.58
CA CYS EA 22 -58.68 -9.99 113.40
C CYS EA 22 -59.39 -9.51 114.66
N ARG EA 23 -58.88 -8.42 115.24
CA ARG EA 23 -59.43 -7.86 116.50
C ARG EA 23 -60.25 -6.58 116.32
N LYS EA 24 -59.90 -5.76 115.33
CA LYS EA 24 -60.57 -4.48 115.11
C LYS EA 24 -60.46 -4.04 113.65
N ILE EA 25 -61.55 -3.46 113.15
CA ILE EA 25 -61.60 -2.90 111.80
C ILE EA 25 -62.10 -1.46 111.89
N THR EA 26 -61.44 -0.55 111.18
CA THR EA 26 -61.86 0.85 111.12
C THR EA 26 -62.35 1.18 109.72
N LEU EA 27 -63.62 1.53 109.61
CA LEU EA 27 -64.20 2.04 108.37
C LEU EA 27 -63.96 3.55 108.38
N GLN EA 28 -63.25 4.05 107.37
CA GLN EA 28 -62.98 5.49 107.28
C GLN EA 28 -63.55 6.01 105.96
N PHE EA 29 -64.22 7.16 106.05
CA PHE EA 29 -64.89 7.76 104.89
C PHE EA 29 -64.78 9.29 104.89
N CYS EA 30 -65.36 9.91 103.87
CA CYS EA 30 -65.43 11.36 103.74
C CYS EA 30 -66.84 11.73 103.27
N ASN EA 31 -67.40 12.81 103.83
CA ASN EA 31 -68.73 13.30 103.43
C ASN EA 31 -68.69 13.98 102.07
N TRP EA 32 -67.68 14.84 101.89
CA TRP EA 32 -67.26 15.31 100.58
C TRP EA 32 -66.47 14.16 99.93
N GLY EA 33 -65.99 14.34 98.72
CA GLY EA 33 -65.07 13.39 98.12
C GLY EA 33 -65.80 12.25 97.45
N GLY EA 34 -65.86 12.30 96.12
CA GLY EA 34 -66.60 11.32 95.32
C GLY EA 34 -66.04 9.90 95.35
N SER EA 35 -64.77 9.75 95.71
CA SER EA 35 -64.15 8.43 95.90
C SER EA 35 -64.72 7.64 97.09
N SER EA 36 -65.32 8.33 98.06
CA SER EA 36 -65.88 7.70 99.25
C SER EA 36 -67.38 7.34 99.15
N GLU EA 37 -67.92 7.27 97.92
CA GLU EA 37 -69.36 7.07 97.73
C GLU EA 37 -69.80 5.67 98.13
N GLY EA 38 -69.11 4.66 97.59
CA GLY EA 38 -69.41 3.26 97.88
C GLY EA 38 -69.26 2.89 99.35
N MET EA 39 -68.22 3.44 99.98
CA MET EA 39 -68.01 3.31 101.44
C MET EA 39 -69.19 3.89 102.22
N ARG EA 40 -69.57 5.11 101.87
CA ARG EA 40 -70.73 5.80 102.47
C ARG EA 40 -72.01 4.98 102.36
N LYS EA 41 -72.24 4.45 101.17
CA LYS EA 41 -73.40 3.59 100.88
C LYS EA 41 -73.40 2.34 101.76
N PHE EA 42 -72.23 1.71 101.87
CA PHE EA 42 -72.03 0.53 102.72
C PHE EA 42 -72.37 0.84 104.18
N LEU EA 43 -71.85 1.96 104.67
CA LEU EA 43 -72.11 2.43 106.04
C LEU EA 43 -73.59 2.64 106.29
N THR EA 44 -74.27 3.24 105.33
CA THR EA 44 -75.71 3.48 105.39
C THR EA 44 -76.55 2.20 105.48
N SER EA 45 -76.21 1.20 104.67
CA SER EA 45 -77.21 0.23 104.17
C SER EA 45 -77.27 -1.15 104.87
N LYS EA 46 -77.35 -1.17 106.20
CA LYS EA 46 -77.68 -2.40 106.97
C LYS EA 46 -76.72 -3.60 106.86
N ARG EA 47 -75.65 -3.46 106.05
CA ARG EA 47 -74.67 -4.51 105.85
C ARG EA 47 -73.70 -4.57 107.01
N LEU EA 48 -73.29 -3.39 107.47
CA LEU EA 48 -72.37 -3.23 108.59
C LEU EA 48 -72.90 -3.83 109.89
N ASP EA 49 -74.18 -3.57 110.15
CA ASP EA 49 -74.89 -4.16 111.31
C ASP EA 49 -74.85 -5.68 111.27
N LYS EA 50 -75.23 -6.24 110.12
CA LYS EA 50 -75.20 -7.70 109.88
C LYS EA 50 -73.81 -8.27 110.14
N TRP EA 51 -72.80 -7.61 109.57
CA TRP EA 51 -71.40 -7.95 109.79
C TRP EA 51 -71.01 -8.00 111.26
N GLY EA 52 -71.36 -6.94 111.98
CA GLY EA 52 -71.09 -6.86 113.42
C GLY EA 52 -71.77 -7.95 114.23
N GLN EA 53 -73.01 -8.27 113.83
CA GLN EA 53 -73.77 -9.37 114.42
C GLN EA 53 -73.07 -10.72 114.22
N GLU EA 54 -72.58 -10.92 112.99
CA GLU EA 54 -71.85 -12.13 112.62
C GLU EA 54 -70.55 -12.30 113.41
N PHE EA 55 -69.80 -11.19 113.55
CA PHE EA 55 -68.45 -11.20 114.14
C PHE EA 55 -68.39 -10.27 115.36
N PRO EA 56 -68.90 -10.74 116.52
CA PRO EA 56 -68.89 -9.91 117.73
C PRO EA 56 -67.55 -9.85 118.48
N TRP EA 57 -66.54 -10.60 118.03
CA TRP EA 57 -65.16 -10.52 118.56
C TRP EA 57 -64.33 -9.41 117.90
N ILE EA 58 -64.74 -8.97 116.71
CA ILE EA 58 -64.15 -7.79 116.06
C ILE EA 58 -64.94 -6.55 116.50
N GLN EA 59 -64.24 -5.47 116.82
CA GLN EA 59 -64.88 -4.15 117.00
C GLN EA 59 -64.76 -3.34 115.71
N PHE EA 60 -65.86 -2.66 115.35
CA PHE EA 60 -65.97 -1.95 114.09
C PHE EA 60 -66.06 -0.45 114.30
N GLU EA 61 -64.92 0.21 114.25
CA GLU EA 61 -64.84 1.67 114.37
C GLU EA 61 -65.27 2.31 113.04
N VAL EA 62 -65.96 3.45 113.13
CA VAL EA 62 -66.40 4.20 111.95
C VAL EA 62 -65.95 5.65 112.12
N MET EA 63 -65.03 6.09 111.26
CA MET EA 63 -64.37 7.40 111.36
C MET EA 63 -64.63 8.23 110.11
N ARG EA 64 -64.59 9.55 110.26
CA ARG EA 64 -64.68 10.48 109.14
C ARG EA 64 -63.37 11.26 109.01
N LYS EA 65 -62.82 11.27 107.79
CA LYS EA 65 -61.62 12.04 107.46
C LYS EA 65 -61.74 12.63 106.05
N SER EA 66 -60.92 13.64 105.76
CA SER EA 66 -60.98 14.37 104.49
C SER EA 66 -60.51 13.57 103.26
N GLY EA 67 -59.60 12.62 103.48
CA GLY EA 67 -58.96 11.90 102.38
C GLY EA 67 -59.80 10.81 101.74
N HIS EA 68 -59.11 9.86 101.11
CA HIS EA 68 -59.74 8.69 100.48
C HIS EA 68 -60.33 7.74 101.52
N PRO EA 69 -61.30 6.89 101.11
CA PRO EA 69 -61.89 5.96 102.08
C PRO EA 69 -60.96 4.79 102.39
N LEU EA 70 -60.93 4.40 103.66
CA LEU EA 70 -59.93 3.48 104.19
C LEU EA 70 -60.57 2.34 104.97
N LEU EA 71 -59.96 1.16 104.84
CA LEU EA 71 -60.29 -0.02 105.64
C LEU EA 71 -59.00 -0.48 106.32
N ARG EA 72 -58.80 -0.07 107.57
CA ARG EA 72 -57.64 -0.55 108.33
C ARG EA 72 -58.04 -1.61 109.38
N ALA EA 73 -57.53 -2.82 109.18
CA ALA EA 73 -57.73 -3.92 110.13
C ALA EA 73 -56.61 -3.87 111.17
N GLU EA 74 -56.82 -4.64 112.24
CA GLU EA 74 -55.87 -4.69 113.35
C GLU EA 74 -55.90 -6.09 113.95
N TYR EA 75 -54.74 -6.75 113.97
CA TYR EA 75 -54.66 -8.18 114.26
C TYR EA 75 -54.00 -8.48 115.60
N THR EA 76 -54.11 -9.74 116.03
CA THR EA 76 -53.58 -10.19 117.31
C THR EA 76 -52.06 -10.08 117.41
N ASN EA 77 -51.36 -10.36 116.31
CA ASN EA 77 -49.90 -10.24 116.26
C ASN EA 77 -49.35 -8.79 116.32
N GLY EA 78 -50.23 -7.81 116.15
CA GLY EA 78 -49.86 -6.38 116.28
C GLY EA 78 -49.71 -5.66 114.95
N ARG EA 79 -49.72 -6.40 113.85
CA ARG EA 79 -49.63 -5.81 112.52
C ARG EA 79 -50.96 -5.18 112.13
N GLU EA 80 -50.88 -4.26 111.16
CA GLU EA 80 -52.03 -3.48 110.71
C GLU EA 80 -52.06 -3.42 109.18
N LYS EA 81 -53.05 -4.09 108.59
CA LYS EA 81 -53.35 -3.91 107.17
C LYS EA 81 -54.19 -2.65 107.00
N VAL EA 82 -53.90 -1.87 105.96
CA VAL EA 82 -54.71 -0.72 105.58
C VAL EA 82 -54.98 -0.79 104.08
N ILE EA 83 -56.25 -0.99 103.71
CA ILE EA 83 -56.68 -1.02 102.32
C ILE EA 83 -57.41 0.28 102.00
N CYS EA 84 -56.90 1.01 101.01
CA CYS EA 84 -57.61 2.15 100.46
C CYS EA 84 -58.68 1.64 99.51
N VAL EA 85 -59.94 2.00 99.76
CA VAL EA 85 -61.08 1.52 98.95
C VAL EA 85 -61.64 2.63 98.05
N ARG EA 86 -60.76 3.45 97.49
CA ARG EA 86 -61.15 4.60 96.67
C ARG EA 86 -61.92 4.15 95.42
N ASN EA 87 -63.06 4.80 95.19
CA ASN EA 87 -63.91 4.55 94.01
C ASN EA 87 -64.48 3.12 93.86
N LEU EA 88 -64.45 2.33 94.92
CA LEU EA 88 -65.03 0.98 94.89
C LEU EA 88 -66.50 1.06 95.23
N ASN EA 89 -67.31 0.22 94.58
CA ASN EA 89 -68.74 0.10 94.92
C ASN EA 89 -68.95 -0.59 96.27
N ILE EA 90 -70.20 -0.69 96.72
CA ILE EA 90 -70.54 -1.28 98.03
C ILE EA 90 -70.04 -2.71 98.13
N ASP EA 91 -70.31 -3.49 97.08
CA ASP EA 91 -70.01 -4.91 97.06
C ASP EA 91 -68.51 -5.19 97.10
N ASN EA 92 -67.75 -4.40 96.35
CA ASN EA 92 -66.28 -4.46 96.36
C ASN EA 92 -65.68 -4.13 97.72
N VAL EA 93 -66.24 -3.12 98.38
CA VAL EA 93 -65.86 -2.74 99.74
C VAL EA 93 -66.10 -3.89 100.72
N GLU EA 94 -67.28 -4.50 100.61
CA GLU EA 94 -67.66 -5.64 101.44
C GLU EA 94 -66.72 -6.84 101.25
N ASN EA 95 -66.37 -7.11 100.00
CA ASN EA 95 -65.40 -8.16 99.65
C ASN EA 95 -64.02 -7.90 100.27
N LYS EA 96 -63.57 -6.65 100.17
CA LYS EA 96 -62.33 -6.18 100.81
C LYS EA 96 -62.33 -6.38 102.32
N LEU EA 97 -63.47 -6.06 102.94
CA LEU EA 97 -63.67 -6.23 104.38
C LEU EA 97 -63.60 -7.70 104.78
N LYS EA 98 -64.23 -8.54 103.97
CA LYS EA 98 -64.19 -10.01 104.12
C LYS EA 98 -62.77 -10.55 104.04
N LEU EA 99 -62.04 -10.11 103.02
CA LEU EA 99 -60.62 -10.45 102.84
C LEU EA 99 -59.81 -10.09 104.09
N LEU EA 100 -60.00 -8.87 104.59
CA LEU EA 100 -59.31 -8.39 105.80
C LEU EA 100 -59.59 -9.26 107.02
N LYS EA 101 -60.86 -9.58 107.22
CA LYS EA 101 -61.26 -10.42 108.37
C LYS EA 101 -60.67 -11.84 108.27
N ASP EA 102 -60.57 -12.35 107.04
CA ASP EA 102 -59.98 -13.66 106.77
C ASP EA 102 -58.51 -13.72 107.15
N SER EA 103 -57.79 -12.64 106.87
CA SER EA 103 -56.34 -12.60 107.10
C SER EA 103 -55.94 -12.88 108.55
N ASP EA 104 -54.98 -13.78 108.72
CA ASP EA 104 -54.11 -13.75 109.89
C ASP EA 104 -53.14 -12.60 109.63
N GLY EA 105 -52.88 -11.80 110.65
CA GLY EA 105 -52.19 -10.50 110.48
C GLY EA 105 -50.81 -10.48 109.85
N ASP EA 106 -50.16 -11.64 109.78
CA ASP EA 106 -48.77 -11.75 109.33
C ASP EA 106 -48.49 -11.15 107.94
N ILE EA 107 -47.28 -10.61 107.80
CA ILE EA 107 -46.77 -10.05 106.54
C ILE EA 107 -46.83 -11.04 105.37
N LEU EA 108 -47.03 -10.52 104.16
CA LEU EA 108 -47.03 -11.35 102.95
C LEU EA 108 -45.59 -11.70 102.55
N ARG EA 109 -45.44 -12.88 101.94
CA ARG EA 109 -44.17 -13.59 101.91
C ARG EA 109 -44.14 -14.61 100.77
N ARG EA 110 -43.01 -14.70 100.08
CA ARG EA 110 -42.82 -15.73 99.06
C ARG EA 110 -42.54 -17.07 99.73
N ARG EA 111 -43.25 -18.11 99.28
CA ARG EA 111 -43.02 -19.48 99.74
C ARG EA 111 -42.35 -20.24 98.60
N THR EA 112 -41.36 -21.09 98.95
CA THR EA 112 -40.79 -22.03 97.97
C THR EA 112 -41.73 -23.23 97.77
N LYS EA 113 -41.39 -24.08 96.81
CA LYS EA 113 -42.19 -25.27 96.48
C LYS EA 113 -42.26 -26.22 97.67
N ASN EA 114 -43.48 -26.64 97.99
CA ASN EA 114 -43.77 -27.59 99.09
C ASN EA 114 -43.36 -27.15 100.50
N ASP EA 115 -43.19 -25.83 100.71
CA ASP EA 115 -42.88 -25.28 102.03
C ASP EA 115 -44.20 -25.17 102.80
N ASN EA 116 -44.72 -26.33 103.20
CA ASN EA 116 -46.10 -26.44 103.67
C ASN EA 116 -46.21 -26.29 105.18
N VAL EA 117 -45.61 -27.22 105.92
CA VAL EA 117 -45.79 -27.31 107.37
C VAL EA 117 -44.65 -26.60 108.10
N GLU EA 118 -45.00 -25.96 109.23
CA GLU EA 118 -44.06 -25.19 110.04
C GLU EA 118 -44.11 -25.69 111.48
N SER EA 119 -43.14 -26.53 111.84
CA SER EA 119 -43.12 -27.20 113.13
C SER EA 119 -42.14 -26.56 114.11
N LEU EA 120 -42.54 -26.51 115.37
CA LEU EA 120 -41.63 -26.26 116.49
C LEU EA 120 -41.09 -27.59 117.04
N ASN EA 121 -41.75 -28.69 116.71
CA ASN EA 121 -41.51 -29.99 117.34
C ASN EA 121 -40.31 -30.70 116.72
N SER EA 122 -39.54 -31.38 117.57
CA SER EA 122 -38.46 -32.25 117.11
C SER EA 122 -39.07 -33.45 116.39
N SER EA 123 -38.34 -33.96 115.41
CA SER EA 123 -38.82 -35.06 114.57
C SER EA 123 -39.21 -36.28 115.42
N VAL EA 124 -40.32 -36.93 115.06
CA VAL EA 124 -40.85 -38.08 115.83
C VAL EA 124 -39.92 -39.27 115.65
N ARG EA 125 -39.64 -39.59 114.39
CA ARG EA 125 -38.50 -40.42 114.04
C ARG EA 125 -37.30 -39.49 114.19
N GLY EA 126 -36.09 -40.02 114.35
CA GLY EA 126 -34.93 -39.15 114.54
C GLY EA 126 -34.50 -38.43 113.27
N ILE EA 127 -33.31 -37.84 113.31
CA ILE EA 127 -32.62 -37.43 112.09
C ILE EA 127 -31.78 -38.61 111.67
N TRP EA 128 -31.69 -38.82 110.36
CA TRP EA 128 -30.92 -39.90 109.78
C TRP EA 128 -29.46 -39.87 110.23
N SER EA 129 -28.85 -41.05 110.29
CA SER EA 129 -27.44 -41.20 110.60
C SER EA 129 -26.87 -42.36 109.77
N PRO EA 130 -25.68 -42.17 109.17
CA PRO EA 130 -25.11 -43.22 108.32
C PRO EA 130 -24.65 -44.45 109.11
N LEU EA 131 -24.19 -44.25 110.35
CA LEU EA 131 -23.83 -45.38 111.23
C LEU EA 131 -25.05 -46.20 111.66
N HIS EA 132 -26.19 -45.52 111.83
CA HIS EA 132 -27.41 -46.16 112.35
C HIS EA 132 -28.44 -46.54 111.27
N ALA EA 133 -28.06 -46.44 110.00
CA ALA EA 133 -28.97 -46.79 108.89
C ALA EA 133 -29.23 -48.29 108.84
N ALA EA 134 -30.37 -48.66 108.25
CA ALA EA 134 -30.76 -50.06 108.13
C ALA EA 134 -29.87 -50.78 107.12
N LYS EA 135 -29.81 -50.23 105.91
CA LYS EA 135 -28.90 -50.70 104.87
C LYS EA 135 -27.61 -49.90 104.97
N ARG EA 136 -26.51 -50.57 105.30
CA ARG EA 136 -25.20 -49.95 105.34
C ARG EA 136 -24.71 -49.69 103.92
N HIS EA 137 -24.04 -48.56 103.73
CA HIS EA 137 -23.55 -48.17 102.41
C HIS EA 137 -22.32 -48.99 102.02
N ARG EA 138 -22.51 -49.91 101.06
CA ARG EA 138 -21.48 -50.85 100.60
C ARG EA 138 -20.89 -51.70 101.74
N GLU FA 1 -70.93 30.65 130.97
CA GLU FA 1 -70.28 29.31 131.22
C GLU FA 1 -68.76 29.37 131.10
N SER FA 2 -68.11 28.29 131.53
CA SER FA 2 -66.64 28.13 131.44
C SER FA 2 -66.29 26.71 130.99
N GLU FA 3 -65.31 26.61 130.09
CA GLU FA 3 -64.83 25.31 129.58
C GLU FA 3 -64.10 24.49 130.64
N LEU FA 4 -63.43 25.17 131.58
CA LEU FA 4 -62.75 24.51 132.69
C LEU FA 4 -63.76 23.73 133.55
N ALA FA 5 -64.86 24.38 133.88
CA ALA FA 5 -65.97 23.78 134.63
C ALA FA 5 -66.54 22.54 133.95
N LYS FA 6 -66.74 22.66 132.63
CA LYS FA 6 -67.20 21.55 131.79
C LYS FA 6 -66.24 20.36 131.82
N TYR FA 7 -64.95 20.66 131.69
CA TYR FA 7 -63.90 19.65 131.78
C TYR FA 7 -63.87 18.98 133.15
N LYS FA 8 -63.96 19.80 134.19
CA LYS FA 8 -63.93 19.36 135.58
C LYS FA 8 -65.07 18.38 135.89
N GLU FA 9 -66.27 18.71 135.44
CA GLU FA 9 -67.45 17.86 135.67
C GLU FA 9 -67.34 16.52 134.92
N TYR FA 10 -66.76 16.57 133.72
CA TYR FA 10 -66.47 15.37 132.92
C TYR FA 10 -65.50 14.45 133.65
N TYR FA 11 -64.42 15.04 134.15
CA TYR FA 11 -63.40 14.35 134.96
C TYR FA 11 -64.02 13.68 136.19
N GLN FA 12 -64.87 14.43 136.89
CA GLN FA 12 -65.60 13.92 138.06
C GLN FA 12 -66.49 12.73 137.71
N GLY FA 13 -67.22 12.84 136.60
CA GLY FA 13 -68.06 11.77 136.09
C GLY FA 13 -67.25 10.52 135.77
N LEU FA 14 -66.11 10.72 135.10
CA LEU FA 14 -65.17 9.64 134.80
C LEU FA 14 -64.67 8.93 136.06
N LYS FA 15 -64.28 9.72 137.05
CA LYS FA 15 -63.84 9.20 138.35
C LYS FA 15 -64.93 8.36 139.03
N SER FA 16 -66.16 8.87 139.00
CA SER FA 16 -67.32 8.18 139.55
C SER FA 16 -67.58 6.84 138.86
N THR FA 17 -67.45 6.84 137.53
CA THR FA 17 -67.61 5.61 136.74
C THR FA 17 -66.53 4.58 137.05
N VAL FA 18 -65.30 5.05 137.24
CA VAL FA 18 -64.17 4.20 137.63
C VAL FA 18 -64.42 3.55 139.00
N ASN FA 19 -64.87 4.37 139.96
CA ASN FA 19 -65.21 3.92 141.30
C ASN FA 19 -66.27 2.83 141.30
N GLU FA 20 -67.33 3.07 140.54
CA GLU FA 20 -68.45 2.13 140.41
C GLU FA 20 -68.10 0.96 139.52
N ILE FA 21 -67.64 1.29 138.31
CA ILE FA 21 -67.77 0.41 137.14
C ILE FA 21 -69.25 -0.01 137.07
N PRO FA 22 -70.15 0.92 136.69
CA PRO FA 22 -71.55 0.57 136.60
C PRO FA 22 -71.77 -0.39 135.44
N GLU FA 23 -72.66 -1.36 135.64
CA GLU FA 23 -72.78 -2.51 134.72
C GLU FA 23 -73.23 -2.11 133.31
N SER FA 24 -74.20 -1.20 133.25
CA SER FA 24 -74.73 -0.71 131.96
C SER FA 24 -73.64 -0.05 131.11
N VAL FA 25 -72.81 0.77 131.76
CA VAL FA 25 -71.70 1.48 131.12
C VAL FA 25 -70.68 0.48 130.58
N ALA FA 26 -70.34 -0.51 131.41
CA ALA FA 26 -69.43 -1.60 131.03
C ALA FA 26 -69.94 -2.41 129.83
N SER FA 27 -71.24 -2.69 129.85
CA SER FA 27 -71.92 -3.37 128.74
C SER FA 27 -71.81 -2.57 127.45
N LYS FA 28 -72.07 -1.27 127.54
CA LYS FA 28 -71.95 -0.36 126.40
C LYS FA 28 -70.55 -0.31 125.77
N SER FA 29 -69.51 -0.50 126.58
CA SER FA 29 -68.12 -0.50 126.11
C SER FA 29 -67.82 -1.60 125.09
N PRO FA 30 -67.59 -1.22 123.80
CA PRO FA 30 -67.42 -2.19 122.72
C PRO FA 30 -66.18 -3.08 122.86
N SER FA 31 -65.08 -2.48 123.32
CA SER FA 31 -63.80 -3.18 123.48
C SER FA 31 -63.90 -4.33 124.46
N LEU FA 32 -64.56 -4.08 125.59
CA LEU FA 32 -64.83 -5.12 126.61
C LEU FA 32 -65.62 -6.28 126.03
N ARG FA 33 -66.67 -5.94 125.29
CA ARG FA 33 -67.55 -6.93 124.67
C ARG FA 33 -66.78 -7.83 123.72
N THR FA 34 -65.97 -7.21 122.87
CA THR FA 34 -65.15 -7.92 121.90
C THR FA 34 -64.13 -8.83 122.58
N LEU FA 35 -63.53 -8.35 123.67
CA LEU FA 35 -62.61 -9.15 124.48
C LEU FA 35 -63.33 -10.38 125.04
N HIS FA 36 -64.51 -10.16 125.58
CA HIS FA 36 -65.37 -11.21 126.14
C HIS FA 36 -65.69 -12.30 125.10
N LYS FA 37 -66.06 -11.85 123.90
CA LYS FA 37 -66.38 -12.76 122.79
C LYS FA 37 -65.15 -13.52 122.30
N ARG FA 38 -64.01 -12.84 122.28
CA ARG FA 38 -62.76 -13.40 121.78
C ARG FA 38 -62.27 -14.58 122.62
N LEU FA 39 -62.28 -14.38 123.94
CA LEU FA 39 -61.80 -15.40 124.89
C LEU FA 39 -62.84 -16.46 125.24
N GLN FA 40 -64.09 -16.24 124.84
CA GLN FA 40 -65.21 -17.13 125.15
C GLN FA 40 -65.34 -17.27 126.67
N LEU FA 41 -65.39 -16.11 127.33
CA LEU FA 41 -65.52 -16.04 128.79
C LEU FA 41 -66.95 -16.42 129.16
N PRO FA 42 -67.15 -16.92 130.39
CA PRO FA 42 -68.49 -17.33 130.79
C PRO FA 42 -69.48 -16.16 130.83
N ASN FA 43 -70.76 -16.47 130.59
CA ASN FA 43 -71.83 -15.46 130.63
C ASN FA 43 -72.10 -14.94 132.04
N GLU FA 44 -71.72 -15.73 133.05
CA GLU FA 44 -71.82 -15.33 134.46
C GLU FA 44 -70.81 -14.24 134.79
N LEU FA 45 -69.66 -14.25 134.12
CA LEU FA 45 -68.67 -13.18 134.25
C LEU FA 45 -69.21 -11.90 133.61
N THR FA 46 -69.64 -10.97 134.45
CA THR FA 46 -70.21 -9.70 134.00
C THR FA 46 -69.14 -8.80 133.39
N TYR FA 47 -69.61 -7.78 132.68
CA TYR FA 47 -68.74 -6.87 131.94
C TYR FA 47 -68.07 -5.88 132.90
N SER FA 48 -68.74 -5.57 134.00
CA SER FA 48 -68.17 -4.78 135.11
C SER FA 48 -66.93 -5.44 135.71
N THR FA 49 -67.03 -6.75 135.95
CA THR FA 49 -65.92 -7.56 136.45
C THR FA 49 -64.72 -7.50 135.52
N LEU FA 50 -64.98 -7.59 134.22
CA LEU FA 50 -63.95 -7.52 133.19
C LEU FA 50 -63.24 -6.17 133.18
N SER FA 51 -64.04 -5.10 133.29
CA SER FA 51 -63.52 -3.73 133.40
C SER FA 51 -62.62 -3.55 134.62
N ARG FA 52 -63.09 -4.09 135.75
CA ARG FA 52 -62.33 -4.07 137.01
C ARG FA 52 -60.99 -4.77 136.88
N CYS FA 53 -60.98 -5.93 136.23
CA CYS FA 53 -59.76 -6.68 135.97
C CYS FA 53 -58.70 -5.87 135.22
N LEU FA 54 -59.15 -5.02 134.31
CA LEU FA 54 -58.28 -4.09 133.58
C LEU FA 54 -57.85 -2.86 134.40
N THR FA 55 -58.57 -2.58 135.48
CA THR FA 55 -58.25 -1.49 136.40
C THR FA 55 -57.19 -1.92 137.42
N CYS FA 56 -55.97 -1.42 137.25
CA CYS FA 56 -54.89 -1.63 138.23
C CYS FA 56 -55.07 -0.67 139.42
N PRO FA 57 -54.44 -0.99 140.57
CA PRO FA 57 -54.49 -0.08 141.71
C PRO FA 57 -53.81 1.26 141.43
N SER FA 58 -54.49 2.33 141.82
CA SER FA 58 -53.99 3.69 141.62
C SER FA 58 -54.78 4.63 142.54
N ALA FA 59 -54.44 4.58 143.82
CA ALA FA 59 -55.17 5.33 144.84
C ALA FA 59 -54.76 6.79 144.84
N LYS FA 60 -53.46 7.04 145.00
CA LYS FA 60 -52.89 8.38 145.04
C LYS FA 60 -51.91 8.61 143.90
N LEU FA 61 -51.93 9.83 143.35
CA LEU FA 61 -51.01 10.23 142.30
C LEU FA 61 -49.62 10.46 142.92
N PRO FA 62 -48.55 9.93 142.29
CA PRO FA 62 -47.24 9.94 142.96
C PRO FA 62 -46.53 11.31 142.95
N ASP FA 63 -45.40 11.37 143.64
CA ASP FA 63 -44.60 12.60 143.76
C ASP FA 63 -43.88 12.97 142.45
N LYS FA 64 -43.63 11.99 141.59
CA LYS FA 64 -42.89 12.21 140.33
C LYS FA 64 -43.64 13.03 139.27
N ILE FA 65 -44.95 13.24 139.45
CA ILE FA 65 -45.71 14.17 138.59
C ILE FA 65 -45.20 15.61 138.72
N ASN FA 66 -44.74 15.98 139.90
CA ASN FA 66 -44.27 17.36 140.19
C ASN FA 66 -43.24 17.90 139.20
N ASN FA 67 -42.43 17.01 138.62
CA ASN FA 67 -41.40 17.40 137.66
C ASN FA 67 -41.35 16.50 136.41
N PRO FA 68 -41.94 16.99 135.28
CA PRO FA 68 -41.61 16.47 133.95
C PRO FA 68 -40.16 16.74 133.51
N THR FA 69 -39.50 17.70 134.15
CA THR FA 69 -38.07 17.95 133.95
C THR FA 69 -37.17 16.77 134.32
N LYS FA 70 -37.60 15.95 135.29
CA LYS FA 70 -36.89 14.72 135.66
C LYS FA 70 -37.30 13.49 134.84
N GLY FA 71 -38.16 13.68 133.84
CA GLY FA 71 -38.46 12.64 132.85
C GLY FA 71 -39.64 11.76 133.19
N ALA FA 72 -40.73 12.36 133.69
CA ALA FA 72 -41.97 11.64 133.96
C ALA FA 72 -43.18 12.54 134.18
N ALA FA 73 -44.30 12.11 133.60
CA ALA FA 73 -45.59 12.79 133.79
C ALA FA 73 -46.72 11.76 133.73
N PHE FA 74 -47.49 11.69 134.82
CA PHE FA 74 -48.60 10.74 134.94
C PHE FA 74 -49.91 11.51 134.84
N VAL FA 75 -50.42 11.59 133.62
CA VAL FA 75 -51.58 12.43 133.26
C VAL FA 75 -52.69 11.67 132.53
N ASN FA 76 -52.57 10.35 132.44
CA ASN FA 76 -53.51 9.52 131.68
C ASN FA 76 -54.59 8.97 132.58
N THR FA 77 -54.19 8.26 133.63
CA THR FA 77 -55.16 7.61 134.53
C THR FA 77 -55.81 8.58 135.50
N VAL FA 78 -56.83 8.08 136.19
CA VAL FA 78 -57.60 8.81 137.19
C VAL FA 78 -57.66 7.92 138.44
N PRO FA 79 -57.65 8.51 139.67
CA PRO FA 79 -57.67 7.69 140.88
C PRO FA 79 -58.79 6.66 140.98
N THR FA 80 -58.46 5.49 141.52
CA THR FA 80 -59.38 4.34 141.60
C THR FA 80 -59.92 4.14 143.02
N ASN FA 81 -60.98 3.35 143.10
CA ASN FA 81 -61.55 2.93 144.39
C ASN FA 81 -60.62 1.92 145.05
N LYS FA 82 -60.49 2.01 146.37
CA LYS FA 82 -59.63 1.12 147.15
C LYS FA 82 -60.10 -0.34 147.09
N TYR FA 83 -61.43 -0.54 147.11
CA TYR FA 83 -62.04 -1.88 147.13
C TYR FA 83 -62.67 -2.28 145.79
N LEU FA 84 -62.20 -1.71 144.69
CA LEU FA 84 -62.63 -2.13 143.35
C LEU FA 84 -61.50 -1.90 142.34
N ASP FA 85 -60.47 -2.74 142.46
CA ASP FA 85 -59.34 -2.78 141.56
C ASP FA 85 -59.03 -4.24 141.24
N ASN FA 86 -58.01 -4.50 140.43
CA ASN FA 86 -57.63 -5.87 140.06
C ASN FA 86 -56.67 -6.58 141.04
N HIS FA 87 -56.43 -5.99 142.20
CA HIS FA 87 -55.27 -6.34 143.04
C HIS FA 87 -55.44 -7.68 143.74
N GLY FA 88 -56.58 -7.85 144.41
CA GLY FA 88 -56.94 -9.11 145.05
C GLY FA 88 -57.12 -10.21 144.04
N LEU FA 89 -57.88 -9.92 142.99
CA LEU FA 89 -58.05 -10.81 141.83
C LEU FA 89 -56.70 -11.29 141.29
N ASN FA 90 -55.81 -10.34 141.03
CA ASN FA 90 -54.47 -10.61 140.47
C ASN FA 90 -53.70 -11.66 141.26
N ILE FA 91 -53.67 -11.48 142.58
CA ILE FA 91 -53.00 -12.41 143.50
C ILE FA 91 -53.57 -13.82 143.36
N MET FA 92 -54.90 -13.90 143.33
CA MET FA 92 -55.61 -15.17 143.18
C MET FA 92 -55.27 -15.86 141.86
N GLY FA 93 -55.26 -15.08 140.79
CA GLY FA 93 -54.85 -15.56 139.46
C GLY FA 93 -53.42 -16.09 139.44
N LYS FA 94 -52.52 -15.37 140.10
CA LYS FA 94 -51.12 -15.77 140.24
C LYS FA 94 -50.98 -17.10 140.97
N ASN FA 95 -51.70 -17.23 142.07
CA ASN FA 95 -51.76 -18.48 142.85
C ASN FA 95 -52.24 -19.66 142.01
N LEU FA 96 -53.32 -19.44 141.27
CA LEU FA 96 -53.89 -20.44 140.35
C LEU FA 96 -52.88 -20.90 139.32
N LEU FA 97 -52.23 -19.92 138.69
CA LEU FA 97 -51.17 -20.18 137.71
C LEU FA 97 -50.02 -20.98 138.31
N SER FA 98 -49.59 -20.59 139.51
CA SER FA 98 -48.50 -21.27 140.20
C SER FA 98 -48.86 -22.70 140.60
N TYR FA 99 -50.11 -22.93 140.98
CA TYR FA 99 -50.59 -24.27 141.31
C TYR FA 99 -50.68 -25.13 140.05
N HIS FA 100 -51.54 -24.71 139.14
CA HIS FA 100 -52.01 -25.56 138.05
C HIS FA 100 -50.91 -25.92 137.05
N VAL FA 101 -50.18 -24.90 136.61
CA VAL FA 101 -49.07 -25.05 135.66
C VAL FA 101 -48.03 -26.01 136.21
N THR FA 102 -47.62 -25.76 137.44
CA THR FA 102 -46.65 -26.60 138.16
C THR FA 102 -47.12 -28.05 138.24
N LYS FA 103 -48.38 -28.23 138.61
CA LYS FA 103 -49.00 -29.56 138.68
C LYS FA 103 -48.96 -30.28 137.34
N SER FA 104 -49.32 -29.56 136.28
CA SER FA 104 -49.29 -30.08 134.91
C SER FA 104 -47.89 -30.52 134.48
N ILE FA 105 -46.90 -29.70 134.82
CA ILE FA 105 -45.49 -29.99 134.55
C ILE FA 105 -45.03 -31.25 135.27
N ILE FA 106 -45.41 -31.36 136.54
CA ILE FA 106 -45.07 -32.53 137.36
C ILE FA 106 -45.71 -33.81 136.80
N GLN FA 107 -46.97 -33.70 136.39
CA GLN FA 107 -47.69 -34.80 135.71
C GLN FA 107 -46.95 -35.26 134.46
N LYS FA 108 -46.52 -34.29 133.67
CA LYS FA 108 -45.80 -34.54 132.43
C LYS FA 108 -44.45 -35.19 132.70
N TYR FA 109 -43.67 -34.58 133.59
CA TYR FA 109 -42.29 -34.99 133.87
C TYR FA 109 -42.11 -35.18 135.37
N PRO FA 110 -42.46 -36.39 135.89
CA PRO FA 110 -42.45 -36.58 137.35
C PRO FA 110 -41.07 -36.61 138.03
N ARG FA 111 -39.99 -36.79 137.27
CA ARG FA 111 -38.62 -36.76 137.83
C ARG FA 111 -37.85 -35.47 137.55
N LEU FA 112 -38.42 -34.57 136.74
CA LEU FA 112 -37.79 -33.30 136.37
C LEU FA 112 -37.07 -32.64 137.55
N PRO FA 113 -35.78 -32.25 137.39
CA PRO FA 113 -35.08 -31.59 138.50
C PRO FA 113 -35.78 -30.31 138.97
N THR FA 114 -35.54 -29.94 140.23
CA THR FA 114 -36.30 -28.85 140.87
C THR FA 114 -36.08 -27.51 140.17
N VAL FA 115 -34.81 -27.20 139.89
CA VAL FA 115 -34.42 -25.97 139.21
C VAL FA 115 -35.01 -25.92 137.80
N VAL FA 116 -34.92 -27.05 137.10
CA VAL FA 116 -35.45 -27.20 135.73
C VAL FA 116 -36.97 -27.00 135.72
N LEU FA 117 -37.64 -27.63 136.68
CA LEU FA 117 -39.08 -27.48 136.87
C LEU FA 117 -39.48 -26.03 137.07
N ASN FA 118 -38.76 -25.35 137.97
CA ASN FA 118 -39.00 -23.93 138.26
C ASN FA 118 -38.86 -23.06 137.01
N ALA FA 119 -37.82 -23.34 136.22
CA ALA FA 119 -37.57 -22.67 134.95
C ALA FA 119 -38.71 -22.87 133.96
N ALA FA 120 -39.17 -24.11 133.87
CA ALA FA 120 -40.32 -24.48 133.02
C ALA FA 120 -41.58 -23.72 133.43
N VAL FA 121 -41.85 -23.71 134.73
CA VAL FA 121 -42.97 -22.97 135.31
C VAL FA 121 -42.90 -21.50 134.91
N ASN FA 122 -41.73 -20.91 135.13
CA ASN FA 122 -41.46 -19.52 134.78
C ASN FA 122 -41.77 -19.26 133.31
N ALA FA 123 -41.24 -20.12 132.44
CA ALA FA 123 -41.48 -20.04 131.00
C ALA FA 123 -42.96 -20.02 130.65
N TYR FA 124 -43.71 -20.92 131.29
CA TYR FA 124 -45.15 -21.01 131.08
C TYR FA 124 -45.91 -19.76 131.56
N ILE FA 125 -45.50 -19.20 132.69
CA ILE FA 125 -46.22 -18.07 133.33
C ILE FA 125 -45.31 -16.94 133.83
N SER FA 126 -44.25 -16.62 133.08
CA SER FA 126 -43.41 -15.45 133.42
C SER FA 126 -44.17 -14.18 133.09
N GLU FA 127 -43.75 -13.09 133.71
CA GLU FA 127 -44.44 -11.80 133.58
C GLU FA 127 -44.49 -11.31 132.14
N ALA FA 128 -43.35 -11.44 131.45
CA ALA FA 128 -43.22 -11.05 130.05
C ALA FA 128 -44.15 -11.85 129.13
N VAL FA 129 -44.19 -13.16 129.36
CA VAL FA 129 -45.08 -14.08 128.61
C VAL FA 129 -46.54 -13.70 128.81
N LEU FA 130 -46.91 -13.48 130.07
CA LEU FA 130 -48.26 -13.04 130.43
C LEU FA 130 -48.65 -11.72 129.77
N ALA FA 131 -47.72 -10.78 129.75
CA ALA FA 131 -47.92 -9.49 129.07
C ALA FA 131 -48.15 -9.66 127.58
N HIS FA 132 -47.32 -10.50 126.96
CA HIS FA 132 -47.47 -10.85 125.54
C HIS FA 132 -48.84 -11.44 125.22
N ILE FA 133 -49.28 -12.38 126.06
CA ILE FA 133 -50.59 -13.02 125.95
C ILE FA 133 -51.71 -11.99 126.00
N ALA FA 134 -51.60 -11.06 126.96
CA ALA FA 134 -52.57 -9.98 127.13
C ALA FA 134 -52.64 -9.07 125.90
N LYS FA 135 -51.47 -8.74 125.35
CA LYS FA 135 -51.37 -7.96 124.10
C LYS FA 135 -52.04 -8.68 122.93
N TYR FA 136 -51.77 -9.98 122.82
CA TYR FA 136 -52.35 -10.84 121.79
C TYR FA 136 -53.87 -10.84 121.87
N TRP FA 137 -54.38 -10.99 123.09
CA TRP FA 137 -55.82 -10.92 123.37
C TRP FA 137 -56.45 -9.58 122.95
N GLY FA 138 -55.69 -8.50 123.12
CA GLY FA 138 -56.12 -7.15 122.72
C GLY FA 138 -56.36 -6.19 123.87
N ILE FA 139 -55.77 -6.49 125.04
CA ILE FA 139 -55.82 -5.61 126.20
C ILE FA 139 -54.91 -4.40 125.92
N GLU FA 140 -55.53 -3.33 125.42
CA GLU FA 140 -54.81 -2.10 125.07
C GLU FA 140 -54.76 -1.15 126.27
N VAL FA 141 -53.66 -0.39 126.34
CA VAL FA 141 -53.38 0.51 127.47
C VAL FA 141 -53.99 1.89 127.22
N GLU FA 142 -54.47 2.52 128.27
CA GLU FA 142 -55.01 3.89 128.19
C GLU FA 142 -53.86 4.89 128.13
N THR FA 143 -53.34 5.08 126.92
CA THR FA 143 -52.21 5.98 126.66
C THR FA 143 -52.65 7.44 126.53
N THR FA 144 -53.84 7.65 125.95
CA THR FA 144 -54.42 8.98 125.77
C THR FA 144 -54.70 9.66 127.11
N SER FA 145 -54.51 10.98 127.15
CA SER FA 145 -54.77 11.78 128.34
C SER FA 145 -56.26 11.96 128.60
N VAL FA 146 -56.58 12.43 129.80
CA VAL FA 146 -57.96 12.69 130.22
C VAL FA 146 -58.48 13.92 129.49
N LEU FA 147 -57.66 14.97 129.48
CA LEU FA 147 -57.96 16.22 128.79
C LEU FA 147 -58.21 16.00 127.30
N SER FA 148 -57.32 15.25 126.66
CA SER FA 148 -57.44 14.90 125.25
C SER FA 148 -58.76 14.18 124.95
N ARG FA 149 -59.09 13.21 125.80
CA ARG FA 149 -60.35 12.48 125.71
C ARG FA 149 -61.57 13.39 125.80
N TYR FA 150 -61.52 14.31 126.77
CA TYR FA 150 -62.56 15.32 126.95
C TYR FA 150 -62.76 16.19 125.71
N LEU FA 151 -61.64 16.64 125.16
CA LEU FA 151 -61.64 17.45 123.94
C LEU FA 151 -62.27 16.72 122.76
N LYS FA 152 -61.87 15.46 122.58
CA LYS FA 152 -62.49 14.56 121.61
C LYS FA 152 -63.96 14.30 121.96
N MET FA 153 -64.22 14.29 123.27
CA MET FA 153 -65.56 14.14 123.85
C MET FA 153 -66.00 12.68 123.69
N GLU FA 154 -65.08 11.76 124.00
CA GLU FA 154 -65.36 10.34 123.94
C GLU FA 154 -66.05 9.89 125.24
N PRO FA 155 -66.92 8.87 125.16
CA PRO FA 155 -67.54 8.30 126.37
C PRO FA 155 -66.55 7.66 127.35
N PHE FA 156 -67.04 7.40 128.56
CA PHE FA 156 -66.27 6.73 129.62
C PHE FA 156 -66.16 5.22 129.39
N GLU FA 157 -67.04 4.69 128.55
CA GLU FA 157 -67.10 3.26 128.22
C GLU FA 157 -65.77 2.78 127.64
N PHE FA 158 -65.23 3.55 126.70
CA PHE FA 158 -63.95 3.26 126.07
C PHE FA 158 -62.81 3.21 127.09
N THR FA 159 -62.81 4.19 128.00
CA THR FA 159 -61.84 4.25 129.09
C THR FA 159 -61.91 3.00 129.97
N LEU FA 160 -63.12 2.62 130.35
CA LEU FA 160 -63.36 1.39 131.13
C LEU FA 160 -62.81 0.16 130.43
N GLY FA 161 -63.05 0.08 129.13
CA GLY FA 161 -62.55 -1.03 128.29
C GLY FA 161 -61.05 -1.17 128.21
N ARG FA 162 -60.33 -0.06 128.28
CA ARG FA 162 -58.87 -0.08 128.23
C ARG FA 162 -58.24 -0.42 129.58
N LEU FA 163 -56.96 -0.82 129.53
CA LEU FA 163 -56.17 -1.13 130.73
C LEU FA 163 -55.76 0.18 131.41
N LYS FA 164 -55.88 0.22 132.74
CA LYS FA 164 -55.74 1.47 133.50
C LYS FA 164 -54.77 1.34 134.67
N PHE FA 165 -53.58 1.92 134.51
CA PHE FA 165 -52.60 2.05 135.58
C PHE FA 165 -51.85 3.37 135.44
N PHE FA 166 -50.97 3.68 136.40
CA PHE FA 166 -50.12 4.88 136.32
C PHE FA 166 -49.05 4.70 135.24
N ASN FA 167 -49.47 4.79 133.99
CA ASN FA 167 -48.54 4.70 132.86
C ASN FA 167 -47.90 6.06 132.66
N ASN FA 168 -46.58 6.10 132.71
CA ASN FA 168 -45.84 7.33 132.57
C ASN FA 168 -45.91 7.84 131.13
N SER FA 169 -46.55 9.00 130.94
CA SER FA 169 -46.44 9.73 129.68
C SER FA 169 -45.00 10.22 129.55
N LEU FA 170 -44.54 10.35 128.31
CA LEU FA 170 -43.12 10.56 128.00
C LEU FA 170 -42.17 9.58 128.72
N ASN FA 171 -42.46 8.29 128.57
CA ASN FA 171 -41.68 7.23 129.20
C ASN FA 171 -40.28 7.09 128.59
N SER FA 172 -40.22 7.04 127.27
CA SER FA 172 -38.95 6.87 126.54
C SER FA 172 -38.79 7.91 125.42
N LYS FA 173 -39.22 9.14 125.69
CA LYS FA 173 -39.09 10.24 124.73
C LYS FA 173 -37.68 10.82 124.81
N ASP FA 174 -37.12 11.15 123.65
CA ASP FA 174 -35.72 11.55 123.50
C ASP FA 174 -34.75 10.44 123.97
N GLY FA 175 -35.22 9.19 123.96
CA GLY FA 175 -34.46 8.04 124.46
C GLY FA 175 -34.03 8.12 125.92
N ILE FA 176 -34.95 8.49 126.80
CA ILE FA 176 -34.67 8.61 128.25
C ILE FA 176 -35.76 7.91 129.07
N GLU FA 177 -35.41 6.76 129.65
CA GLU FA 177 -36.26 6.09 130.64
C GLU FA 177 -35.90 6.59 132.04
N LEU FA 178 -36.85 6.50 132.97
CA LEU FA 178 -36.65 6.97 134.34
C LEU FA 178 -36.39 5.85 135.36
N ILE FA 179 -36.63 4.58 134.98
CA ILE FA 179 -36.41 3.43 135.87
C ILE FA 179 -37.20 3.58 137.17
N THR FA 180 -38.51 3.47 137.02
CA THR FA 180 -39.45 3.51 138.14
C THR FA 180 -39.72 2.07 138.61
N GLY FA 181 -40.56 1.92 139.62
CA GLY FA 181 -40.89 0.60 140.17
C GLY FA 181 -41.77 -0.26 139.29
N LYS FA 182 -42.19 -1.39 139.84
CA LYS FA 182 -43.11 -2.33 139.15
C LYS FA 182 -44.53 -1.77 139.01
N ASN FA 183 -44.90 -0.84 139.88
CA ASN FA 183 -46.23 -0.21 139.86
C ASN FA 183 -46.46 0.81 138.73
N PHE FA 184 -45.44 1.07 137.90
CA PHE FA 184 -45.59 1.93 136.71
C PHE FA 184 -45.16 1.25 135.40
N SER FA 185 -44.94 -0.07 135.42
CA SER FA 185 -44.51 -0.82 134.24
C SER FA 185 -45.72 -1.37 133.48
N GLU FA 186 -45.63 -1.34 132.15
CA GLU FA 186 -46.70 -1.78 131.26
C GLU FA 186 -46.85 -3.30 131.26
N THR FA 187 -45.71 -3.97 131.10
CA THR FA 187 -45.61 -5.44 131.15
C THR FA 187 -46.27 -6.03 132.40
N SER FA 188 -45.93 -5.45 133.56
CA SER FA 188 -46.48 -5.87 134.85
C SER FA 188 -48.00 -5.71 134.89
N ALA FA 189 -48.47 -4.56 134.43
CA ALA FA 189 -49.92 -4.26 134.35
C ALA FA 189 -50.67 -5.26 133.48
N LEU FA 190 -50.07 -5.60 132.34
CA LEU FA 190 -50.62 -6.59 131.42
C LEU FA 190 -50.66 -7.98 132.03
N ALA FA 191 -49.60 -8.33 132.77
CA ALA FA 191 -49.54 -9.59 133.52
C ALA FA 191 -50.65 -9.66 134.56
N MET FA 192 -50.79 -8.58 135.32
CA MET FA 192 -51.86 -8.47 136.32
C MET FA 192 -53.24 -8.66 135.71
N SER FA 193 -53.46 -8.02 134.56
CA SER FA 193 -54.73 -8.11 133.83
C SER FA 193 -55.07 -9.54 133.44
N VAL FA 194 -54.10 -10.25 132.87
CA VAL FA 194 -54.32 -11.66 132.48
C VAL FA 194 -54.56 -12.56 133.70
N ARG FA 195 -53.86 -12.30 134.80
CA ARG FA 195 -54.10 -13.02 136.05
C ARG FA 195 -55.47 -12.68 136.64
N SER FA 196 -55.84 -11.40 136.55
CA SER FA 196 -57.12 -10.91 137.07
C SER FA 196 -58.32 -11.53 136.34
N ILE FA 197 -58.21 -11.64 135.01
CA ILE FA 197 -59.22 -12.30 134.19
C ILE FA 197 -59.45 -13.75 134.64
N ILE FA 198 -58.34 -14.47 134.81
CA ILE FA 198 -58.33 -15.86 135.29
C ILE FA 198 -59.05 -15.98 136.63
N ALA FA 199 -58.69 -15.07 137.54
CA ALA FA 199 -59.30 -15.00 138.88
C ALA FA 199 -60.79 -14.75 138.84
N ALA FA 200 -61.20 -13.84 137.95
CA ALA FA 200 -62.60 -13.52 137.74
C ALA FA 200 -63.37 -14.73 137.21
N ILE FA 201 -62.78 -15.42 136.23
CA ILE FA 201 -63.33 -16.67 135.68
C ILE FA 201 -63.52 -17.70 136.78
N TRP FA 202 -62.51 -17.86 137.63
CA TRP FA 202 -62.56 -18.78 138.76
C TRP FA 202 -63.71 -18.45 139.70
N ALA FA 203 -63.81 -17.17 140.05
CA ALA FA 203 -64.84 -16.67 140.95
C ALA FA 203 -66.24 -17.01 140.46
N VAL FA 204 -66.47 -16.80 139.16
CA VAL FA 204 -67.80 -17.01 138.59
C VAL FA 204 -68.15 -18.50 138.42
N THR FA 205 -67.17 -19.33 138.06
CA THR FA 205 -67.46 -20.73 137.71
C THR FA 205 -67.29 -21.76 138.85
N GLU FA 206 -66.53 -21.41 139.91
CA GLU FA 206 -66.11 -22.40 140.94
C GLU FA 206 -67.21 -23.31 141.49
N GLN FA 207 -68.37 -22.76 141.78
CA GLN FA 207 -69.48 -23.53 142.37
C GLN FA 207 -70.18 -24.42 141.34
N LYS FA 208 -70.37 -23.90 140.13
CA LYS FA 208 -71.02 -24.66 139.05
C LYS FA 208 -70.06 -25.67 138.42
N ASP FA 209 -68.98 -25.18 137.82
CA ASP FA 209 -67.94 -26.02 137.21
C ASP FA 209 -66.58 -25.63 137.79
N SER FA 210 -66.11 -26.44 138.74
CA SER FA 210 -64.86 -26.16 139.46
C SER FA 210 -63.61 -26.16 138.57
N GLN FA 211 -63.60 -27.03 137.56
CA GLN FA 211 -62.43 -27.20 136.68
C GLN FA 211 -62.44 -26.33 135.41
N ALA FA 212 -63.45 -25.46 135.27
CA ALA FA 212 -63.57 -24.55 134.13
C ALA FA 212 -62.36 -23.63 133.96
N VAL FA 213 -61.89 -23.12 135.09
CA VAL FA 213 -60.71 -22.24 135.16
C VAL FA 213 -59.47 -22.97 134.66
N TYR FA 214 -59.31 -24.19 135.13
CA TYR FA 214 -58.13 -25.01 134.82
C TYR FA 214 -58.11 -25.43 133.36
N ARG FA 215 -59.28 -25.71 132.78
CA ARG FA 215 -59.36 -26.00 131.34
C ARG FA 215 -59.13 -24.74 130.47
N PHE FA 216 -59.55 -23.58 130.97
CA PHE FA 216 -59.23 -22.28 130.33
C PHE FA 216 -57.71 -22.05 130.32
N ILE FA 217 -57.08 -22.27 131.46
CA ILE FA 217 -55.62 -22.19 131.61
C ILE FA 217 -54.91 -23.13 130.64
N ASP FA 218 -55.38 -24.37 130.59
CA ASP FA 218 -54.83 -25.39 129.69
C ASP FA 218 -54.90 -24.95 128.24
N ASP FA 219 -56.06 -24.42 127.86
CA ASP FA 219 -56.30 -23.86 126.54
C ASP FA 219 -55.35 -22.71 126.15
N HIS FA 220 -55.12 -21.81 127.10
CA HIS FA 220 -54.35 -20.58 126.83
C HIS FA 220 -52.88 -20.66 127.25
N ILE FA 221 -52.63 -21.07 128.48
CA ILE FA 221 -51.26 -21.12 129.04
C ILE FA 221 -50.54 -22.44 128.76
N MET FA 222 -51.18 -23.57 129.04
CA MET FA 222 -50.52 -24.89 128.92
C MET FA 222 -50.48 -25.42 127.48
N SER FA 223 -51.20 -24.77 126.58
CA SER FA 223 -51.16 -25.08 125.15
C SER FA 223 -49.87 -24.64 124.46
N ARG FA 224 -49.05 -23.82 125.12
CA ARG FA 224 -47.87 -23.21 124.49
C ARG FA 224 -46.71 -24.22 124.47
N LYS FA 225 -45.91 -24.16 123.40
CA LYS FA 225 -44.81 -25.10 123.19
C LYS FA 225 -43.65 -24.79 124.14
N LEU FA 226 -43.14 -25.82 124.79
CA LEU FA 226 -41.88 -25.74 125.52
C LEU FA 226 -41.19 -27.09 125.47
N ASP FA 227 -40.07 -27.15 124.76
CA ASP FA 227 -39.24 -28.35 124.72
C ASP FA 227 -38.42 -28.37 126.00
N ILE FA 228 -38.74 -29.30 126.89
CA ILE FA 228 -38.08 -29.41 128.20
C ILE FA 228 -36.62 -29.83 128.09
N THR FA 229 -36.28 -30.55 127.01
CA THR FA 229 -34.92 -30.97 126.71
C THR FA 229 -33.94 -29.79 126.51
N LYS FA 230 -34.44 -28.67 126.00
CA LYS FA 230 -33.63 -27.46 125.85
C LYS FA 230 -33.33 -26.72 127.17
N MET FA 231 -33.99 -27.11 128.26
CA MET FA 231 -33.86 -26.43 129.56
C MET FA 231 -32.60 -26.84 130.33
N PHE FA 232 -32.05 -28.02 130.05
CA PHE FA 232 -30.99 -28.60 130.89
C PHE FA 232 -29.59 -28.11 130.55
N GLN FA 233 -28.72 -28.10 131.55
CA GLN FA 233 -27.30 -27.84 131.39
C GLN FA 233 -26.53 -28.59 132.47
N PHE FA 234 -25.93 -29.72 132.11
CA PHE FA 234 -25.19 -30.56 133.05
C PHE FA 234 -23.75 -30.07 133.23
N GLU FA 235 -23.07 -30.59 134.26
CA GLU FA 235 -21.69 -30.20 134.59
C GLU FA 235 -20.73 -31.39 134.46
N GLN FA 236 -20.87 -32.38 135.35
CA GLN FA 236 -20.06 -33.60 135.32
C GLN FA 236 -21.02 -34.79 135.31
N PRO FA 237 -21.71 -35.01 134.17
CA PRO FA 237 -22.88 -35.89 134.10
C PRO FA 237 -22.58 -37.38 134.32
N THR FA 238 -21.37 -37.81 134.01
CA THR FA 238 -20.97 -39.22 134.21
C THR FA 238 -21.06 -39.61 135.68
N ARG FA 239 -20.50 -38.75 136.53
CA ARG FA 239 -20.56 -38.92 138.00
C ARG FA 239 -21.99 -38.99 138.52
N GLU FA 240 -22.83 -38.08 138.01
CA GLU FA 240 -24.25 -38.01 138.36
C GLU FA 240 -24.99 -39.29 137.96
N LEU FA 241 -24.71 -39.76 136.75
CA LEU FA 241 -25.26 -41.02 136.24
C LEU FA 241 -24.87 -42.22 137.12
N ALA FA 242 -23.59 -42.27 137.48
CA ALA FA 242 -23.06 -43.31 138.37
C ALA FA 242 -23.75 -43.32 139.73
N MET FA 243 -23.98 -42.12 140.27
CA MET FA 243 -24.70 -41.93 141.53
C MET FA 243 -26.14 -42.44 141.43
N LEU FA 244 -26.80 -42.08 140.33
CA LEU FA 244 -28.16 -42.54 140.02
C LEU FA 244 -28.25 -44.06 139.96
N CYS FA 245 -27.31 -44.66 139.24
CA CYS FA 245 -27.19 -46.12 139.13
C CYS FA 245 -27.01 -46.80 140.49
N ARG FA 246 -26.15 -46.22 141.32
CA ARG FA 246 -25.94 -46.68 142.71
C ARG FA 246 -27.23 -46.65 143.53
N ARG FA 247 -27.95 -45.54 143.41
CA ARG FA 247 -29.21 -45.31 144.14
C ARG FA 247 -30.26 -46.37 143.77
N GLU FA 248 -30.46 -46.57 142.48
CA GLU FA 248 -31.35 -47.63 141.98
C GLU FA 248 -30.64 -48.99 142.04
N GLY FA 249 -31.36 -50.05 141.67
CA GLY FA 249 -30.79 -51.40 141.62
C GLY FA 249 -30.18 -51.70 140.27
N LEU FA 250 -29.15 -50.92 139.90
CA LEU FA 250 -28.50 -51.02 138.59
C LEU FA 250 -27.00 -51.26 138.75
N GLU FA 251 -26.43 -51.96 137.79
CA GLU FA 251 -24.98 -52.20 137.74
C GLU FA 251 -24.25 -50.91 137.39
N LYS FA 252 -22.97 -50.83 137.76
CA LYS FA 252 -22.17 -49.63 137.51
C LYS FA 252 -22.11 -49.30 136.01
N PRO FA 253 -22.35 -48.03 135.65
CA PRO FA 253 -22.34 -47.66 134.23
C PRO FA 253 -20.91 -47.55 133.69
N VAL FA 254 -20.64 -48.19 132.56
CA VAL FA 254 -19.37 -48.00 131.84
C VAL FA 254 -19.67 -47.65 130.38
N SER FA 255 -18.85 -46.75 129.84
CA SER FA 255 -18.97 -46.29 128.46
C SER FA 255 -18.12 -47.18 127.56
N LYS FA 256 -18.66 -47.54 126.39
CA LYS FA 256 -17.96 -48.41 125.44
C LYS FA 256 -18.17 -47.96 123.98
N LEU FA 257 -17.11 -48.04 123.17
CA LEU FA 257 -17.20 -47.74 121.72
C LEU FA 257 -18.12 -48.73 121.00
N VAL FA 258 -19.18 -48.23 120.39
CA VAL FA 258 -20.06 -49.05 119.55
C VAL FA 258 -19.55 -49.01 118.12
N ALA FA 259 -19.34 -47.80 117.63
CA ALA FA 259 -18.90 -47.57 116.25
C ALA FA 259 -17.97 -46.36 116.20
N GLU FA 260 -17.12 -46.34 115.18
CA GLU FA 260 -16.07 -45.34 115.06
C GLU FA 260 -15.71 -45.15 113.59
N SER FA 261 -15.49 -43.90 113.20
CA SER FA 261 -15.06 -43.57 111.84
C SER FA 261 -14.37 -42.22 111.80
N GLY FA 262 -13.32 -42.12 110.97
CA GLY FA 262 -12.61 -40.88 110.77
C GLY FA 262 -11.67 -40.47 111.89
N ARG FA 263 -11.24 -41.42 112.72
CA ARG FA 263 -10.13 -41.21 113.67
C ARG FA 263 -8.91 -40.79 112.86
N LEU FA 264 -8.12 -39.85 113.36
CA LEU FA 264 -7.05 -39.23 112.55
C LEU FA 264 -7.61 -38.35 111.42
N SER FA 265 -8.67 -37.59 111.73
CA SER FA 265 -9.21 -36.57 110.82
C SER FA 265 -9.64 -35.32 111.59
N LYS FA 266 -9.99 -34.27 110.85
CA LYS FA 266 -10.45 -32.99 111.42
C LYS FA 266 -11.74 -33.18 112.21
N SER FA 267 -12.62 -34.02 111.69
CA SER FA 267 -13.94 -34.26 112.29
C SER FA 267 -14.27 -35.76 112.26
N PRO FA 268 -13.78 -36.52 113.26
CA PRO FA 268 -14.18 -37.92 113.37
C PRO FA 268 -15.63 -38.08 113.85
N VAL FA 269 -16.05 -39.33 113.97
CA VAL FA 269 -17.32 -39.67 114.61
C VAL FA 269 -17.10 -40.90 115.49
N PHE FA 270 -17.34 -40.73 116.79
CA PHE FA 270 -17.25 -41.80 117.77
C PHE FA 270 -18.63 -41.99 118.39
N ILE FA 271 -19.19 -43.19 118.22
CA ILE FA 271 -20.44 -43.56 118.89
C ILE FA 271 -20.04 -44.38 120.12
N VAL FA 272 -20.41 -43.89 121.30
CA VAL FA 272 -20.23 -44.66 122.54
C VAL FA 272 -21.56 -44.80 123.26
N HIS FA 273 -21.74 -45.96 123.91
CA HIS FA 273 -22.96 -46.28 124.66
C HIS FA 273 -22.57 -46.50 126.11
N VAL FA 274 -23.28 -45.84 127.03
CA VAL FA 274 -23.10 -46.12 128.46
C VAL FA 274 -23.96 -47.31 128.83
N PHE FA 275 -23.32 -48.46 129.01
CA PHE FA 275 -23.99 -49.68 129.43
C PHE FA 275 -24.01 -49.79 130.95
N SER FA 276 -25.13 -50.26 131.49
CA SER FA 276 -25.20 -50.78 132.86
C SER FA 276 -25.59 -52.26 132.73
N GLY FA 277 -24.60 -53.14 132.85
CA GLY FA 277 -24.77 -54.54 132.51
C GLY FA 277 -24.78 -54.70 131.00
N GLU FA 278 -25.75 -55.45 130.48
CA GLU FA 278 -25.96 -55.57 129.03
C GLU FA 278 -26.90 -54.50 128.48
N GLU FA 279 -27.75 -53.96 129.34
CA GLU FA 279 -28.65 -52.85 128.98
C GLU FA 279 -27.84 -51.57 128.70
N THR FA 280 -28.17 -50.90 127.60
CA THR FA 280 -27.64 -49.56 127.31
C THR FA 280 -28.56 -48.53 127.92
N LEU FA 281 -27.99 -47.53 128.59
CA LEU FA 281 -28.75 -46.44 129.19
C LEU FA 281 -28.78 -45.23 128.28
N GLY FA 282 -27.60 -44.77 127.87
CA GLY FA 282 -27.46 -43.60 127.01
C GLY FA 282 -26.56 -43.86 125.82
N GLU FA 283 -26.95 -43.31 124.67
CA GLU FA 283 -26.17 -43.37 123.44
C GLU FA 283 -25.59 -41.98 123.19
N GLY FA 284 -24.31 -41.93 122.84
CA GLY FA 284 -23.58 -40.67 122.70
C GLY FA 284 -22.64 -40.66 121.52
N TYR FA 285 -22.93 -39.77 120.56
CA TYR FA 285 -22.05 -39.51 119.42
C TYR FA 285 -21.11 -38.36 119.77
N GLY FA 286 -19.96 -38.29 119.11
CA GLY FA 286 -19.03 -37.19 119.33
C GLY FA 286 -17.85 -37.14 118.38
N SER FA 287 -17.28 -35.95 118.22
CA SER FA 287 -16.07 -35.73 117.44
C SER FA 287 -14.85 -36.36 118.11
N SER FA 288 -14.74 -36.19 119.42
CA SER FA 288 -13.73 -36.89 120.25
C SER FA 288 -14.38 -38.04 120.99
N LEU FA 289 -13.55 -38.91 121.57
CA LEU FA 289 -14.02 -40.01 122.43
C LEU FA 289 -14.65 -39.47 123.70
N LYS FA 290 -13.92 -38.55 124.35
CA LYS FA 290 -14.37 -37.85 125.56
C LYS FA 290 -15.74 -37.21 125.39
N GLU FA 291 -15.87 -36.44 124.30
CA GLU FA 291 -17.14 -35.79 123.95
C GLU FA 291 -18.28 -36.77 123.84
N ALA FA 292 -18.03 -37.86 123.12
CA ALA FA 292 -19.01 -38.93 122.91
C ALA FA 292 -19.46 -39.52 124.25
N LYS FA 293 -18.48 -39.79 125.11
CA LYS FA 293 -18.72 -40.31 126.46
C LYS FA 293 -19.60 -39.38 127.28
N ALA FA 294 -19.26 -38.09 127.24
CA ALA FA 294 -20.03 -37.04 127.91
C ALA FA 294 -21.47 -37.03 127.42
N ARG FA 295 -21.62 -37.04 126.09
CA ARG FA 295 -22.95 -37.05 125.45
C ARG FA 295 -23.81 -38.25 125.82
N ALA FA 296 -23.19 -39.42 125.95
CA ALA FA 296 -23.90 -40.63 126.37
C ALA FA 296 -24.46 -40.49 127.79
N ALA FA 297 -23.63 -39.94 128.68
CA ALA FA 297 -24.03 -39.65 130.06
C ALA FA 297 -25.17 -38.65 130.14
N THR FA 298 -25.09 -37.60 129.33
CA THR FA 298 -26.13 -36.56 129.28
C THR FA 298 -27.45 -37.12 128.75
N ASP FA 299 -27.35 -37.95 127.72
CA ASP FA 299 -28.50 -38.66 127.16
C ASP FA 299 -29.20 -39.53 128.21
N ALA FA 300 -28.40 -40.30 128.95
CA ALA FA 300 -28.89 -41.16 130.04
C ALA FA 300 -29.64 -40.34 131.08
N LEU FA 301 -29.04 -39.21 131.48
CA LEU FA 301 -29.66 -38.30 132.44
C LEU FA 301 -30.97 -37.71 131.94
N MET FA 302 -31.00 -37.33 130.67
CA MET FA 302 -32.22 -36.85 130.01
C MET FA 302 -33.34 -37.89 130.07
N LYS FA 303 -32.99 -39.12 129.73
CA LYS FA 303 -33.92 -40.25 129.76
C LYS FA 303 -34.45 -40.54 131.16
N TRP FA 304 -33.58 -40.40 132.15
CA TRP FA 304 -33.98 -40.51 133.54
C TRP FA 304 -34.99 -39.44 133.91
N TYR FA 305 -34.64 -38.19 133.65
CA TYR FA 305 -35.40 -37.03 134.15
C TYR FA 305 -36.67 -36.77 133.35
N CYS FA 306 -36.50 -36.62 132.03
CA CYS FA 306 -37.61 -36.30 131.14
C CYS FA 306 -38.53 -37.49 130.80
N TYR FA 307 -38.37 -38.62 131.48
CA TYR FA 307 -39.33 -39.72 131.43
C TYR FA 307 -40.74 -39.21 131.70
N GLU FA 308 -41.63 -39.35 130.72
CA GLU FA 308 -43.02 -38.96 130.86
C GLU FA 308 -43.91 -40.21 130.83
N PRO FA 309 -44.54 -40.55 131.98
CA PRO FA 309 -45.40 -41.73 132.01
C PRO FA 309 -46.75 -41.47 131.36
N LEU FA 310 -47.48 -42.53 131.07
CA LEU FA 310 -48.83 -42.43 130.51
C LEU FA 310 -49.82 -41.99 131.57
N ALA FA 311 -50.96 -41.47 131.13
CA ALA FA 311 -52.07 -41.13 132.02
C ALA FA 311 -52.70 -42.38 132.64
N GLN FA 312 -52.67 -43.50 131.90
CA GLN FA 312 -53.19 -44.79 132.39
C GLN FA 312 -52.40 -45.38 133.56
N GLN FA 313 -51.11 -45.04 133.66
CA GLN FA 313 -50.27 -45.47 134.78
C GLN FA 313 -50.73 -44.85 136.09
N GLU FA 314 -50.50 -45.57 137.19
CA GLU FA 314 -50.68 -45.00 138.53
C GLU FA 314 -49.57 -43.98 138.80
N PRO FA 315 -49.83 -42.97 139.66
CA PRO FA 315 -48.91 -41.81 139.80
C PRO FA 315 -47.47 -42.17 140.13
N VAL FA 316 -46.55 -41.57 139.38
CA VAL FA 316 -45.11 -41.74 139.59
C VAL FA 316 -44.61 -40.58 140.44
N ILE FA 317 -44.31 -40.84 141.71
CA ILE FA 317 -43.62 -39.88 142.56
C ILE FA 317 -42.14 -40.26 142.55
N ASP FA 318 -41.30 -39.36 142.04
CA ASP FA 318 -39.86 -39.59 141.94
C ASP FA 318 -39.20 -39.59 143.33
N PRO FA 319 -37.97 -40.14 143.44
CA PRO FA 319 -37.28 -40.17 144.73
C PRO FA 319 -36.28 -39.01 144.91
N GLY FA 320 -36.66 -37.81 144.46
CA GLY FA 320 -35.80 -36.63 144.54
C GLY FA 320 -34.72 -36.56 143.47
N THR FA 321 -34.07 -35.41 143.41
CA THR FA 321 -32.96 -35.16 142.48
C THR FA 321 -31.73 -35.95 142.92
N VAL FA 322 -30.91 -36.35 141.94
CA VAL FA 322 -29.71 -37.16 142.21
C VAL FA 322 -28.64 -36.24 142.82
N VAL FA 323 -28.52 -36.27 144.15
CA VAL FA 323 -27.57 -35.43 144.86
C VAL FA 323 -26.19 -36.06 144.76
N VAL FA 324 -25.37 -35.53 143.86
CA VAL FA 324 -24.01 -36.04 143.63
C VAL FA 324 -23.08 -35.72 144.79
N PRO GA 23 -68.15 -105.31 -8.76
CA PRO GA 23 -68.84 -104.81 -9.95
C PRO GA 23 -67.89 -104.40 -11.07
N LYS GA 24 -68.32 -104.59 -12.32
CA LYS GA 24 -67.51 -104.27 -13.50
C LYS GA 24 -67.53 -102.77 -13.75
N ILE GA 25 -66.35 -102.20 -14.02
CA ILE GA 25 -66.22 -100.79 -14.36
C ILE GA 25 -66.32 -100.67 -15.87
N LYS GA 26 -67.27 -99.84 -16.33
CA LYS GA 26 -67.47 -99.59 -17.76
C LYS GA 26 -67.36 -98.08 -18.02
N VAL GA 27 -67.05 -97.74 -19.27
CA VAL GA 27 -66.80 -96.35 -19.67
C VAL GA 27 -67.85 -95.87 -20.66
N GLY GA 28 -68.79 -95.05 -20.16
CA GLY GA 28 -69.73 -94.32 -21.01
C GLY GA 28 -69.05 -93.11 -21.61
N VAL GA 29 -69.40 -92.79 -22.86
CA VAL GA 29 -68.88 -91.61 -23.56
C VAL GA 29 -70.01 -90.96 -24.33
N LEU GA 30 -70.21 -89.65 -24.13
CA LEU GA 30 -71.11 -88.87 -24.98
C LEU GA 30 -70.33 -87.73 -25.63
N LEU GA 31 -70.25 -87.77 -26.96
CA LEU GA 31 -69.53 -86.76 -27.74
C LEU GA 31 -70.43 -85.60 -28.08
N SER GA 32 -70.02 -84.39 -27.68
CA SER GA 32 -70.81 -83.18 -27.83
C SER GA 32 -70.24 -82.28 -28.94
N ARG GA 33 -70.88 -82.31 -30.10
CA ARG GA 33 -70.62 -81.33 -31.15
C ARG GA 33 -71.40 -80.07 -30.77
N ILE GA 34 -70.68 -78.98 -30.50
CA ILE GA 34 -71.30 -77.70 -30.07
C ILE GA 34 -71.82 -76.92 -31.28
N PRO GA 35 -72.84 -76.05 -31.07
CA PRO GA 35 -73.43 -75.33 -32.20
C PRO GA 35 -72.46 -74.35 -32.85
N ILE GA 36 -72.52 -74.25 -34.18
CA ILE GA 36 -71.60 -73.39 -34.95
C ILE GA 36 -72.16 -72.01 -35.28
N ILE GA 37 -73.46 -71.80 -35.04
CA ILE GA 37 -74.11 -70.49 -35.19
C ILE GA 37 -75.04 -70.18 -34.02
N LYS GA 38 -75.57 -68.95 -34.00
CA LYS GA 38 -76.55 -68.50 -33.00
C LYS GA 38 -77.75 -69.44 -32.86
N SER GA 39 -78.29 -69.49 -31.65
CA SER GA 39 -79.53 -70.23 -31.38
C SER GA 39 -80.71 -69.48 -32.01
N GLU GA 40 -81.71 -70.25 -32.46
CA GLU GA 40 -82.91 -69.67 -33.07
C GLU GA 40 -83.78 -69.05 -31.98
N LEU GA 41 -84.26 -67.84 -32.23
CA LEU GA 41 -85.05 -67.10 -31.24
C LEU GA 41 -86.48 -67.64 -31.17
N ASN GA 42 -87.04 -67.63 -29.97
CA ASN GA 42 -88.45 -67.99 -29.75
C ASN GA 42 -89.35 -66.91 -30.33
N GLU GA 43 -90.57 -67.30 -30.71
CA GLU GA 43 -91.55 -66.36 -31.31
C GLU GA 43 -91.80 -65.16 -30.41
N LEU GA 44 -92.00 -65.42 -29.12
CA LEU GA 44 -92.12 -64.41 -28.07
C LEU GA 44 -90.89 -63.49 -28.04
N GLU GA 45 -89.71 -64.10 -27.99
CA GLU GA 45 -88.44 -63.38 -27.89
C GLU GA 45 -88.20 -62.39 -29.02
N LYS GA 46 -88.39 -62.87 -30.25
CA LYS GA 46 -88.10 -62.10 -31.46
C LYS GA 46 -88.87 -60.78 -31.49
N LYS GA 47 -90.18 -60.89 -31.28
CA LYS GA 47 -91.07 -59.74 -31.27
C LYS GA 47 -90.66 -58.72 -30.23
N TYR GA 48 -90.41 -59.20 -29.01
CA TYR GA 48 -89.93 -58.37 -27.90
C TYR GA 48 -88.65 -57.61 -28.28
N TYR GA 49 -87.70 -58.33 -28.87
CA TYR GA 49 -86.43 -57.73 -29.30
C TYR GA 49 -86.64 -56.64 -30.35
N GLU GA 50 -87.53 -56.90 -31.31
CA GLU GA 50 -87.91 -55.91 -32.33
C GLU GA 50 -88.47 -54.62 -31.72
N TYR GA 51 -89.35 -54.79 -30.74
CA TYR GA 51 -89.95 -53.67 -29.98
C TYR GA 51 -88.90 -52.84 -29.27
N GLN GA 52 -87.99 -53.52 -28.59
CA GLN GA 52 -86.89 -52.86 -27.89
C GLN GA 52 -85.97 -52.10 -28.83
N SER GA 53 -85.72 -52.69 -30.00
CA SER GA 53 -84.94 -52.03 -31.07
C SER GA 53 -85.63 -50.76 -31.56
N GLU GA 54 -86.94 -50.85 -31.77
CA GLU GA 54 -87.75 -49.70 -32.20
C GLU GA 54 -87.84 -48.59 -31.15
N LEU GA 55 -87.91 -48.99 -29.88
CA LEU GA 55 -87.83 -48.05 -28.75
C LEU GA 55 -86.49 -47.33 -28.70
N GLU GA 56 -85.41 -48.09 -28.91
CA GLU GA 56 -84.06 -47.56 -28.97
C GLU GA 56 -83.97 -46.51 -30.07
N LYS GA 57 -84.39 -46.89 -31.28
CA LYS GA 57 -84.42 -46.02 -32.46
C LYS GA 57 -85.16 -44.70 -32.22
N ARG GA 58 -86.33 -44.82 -31.59
CA ARG GA 58 -87.12 -43.65 -31.19
C ARG GA 58 -86.32 -42.73 -30.26
N LEU GA 59 -85.67 -43.34 -29.27
CA LEU GA 59 -84.84 -42.61 -28.31
C LEU GA 59 -83.41 -42.31 -28.77
N MET GA 60 -82.94 -42.97 -29.84
CA MET GA 60 -81.57 -42.77 -30.34
C MET GA 60 -81.29 -41.31 -30.66
N TRP GA 61 -80.02 -40.93 -30.57
CA TRP GA 61 -79.57 -39.59 -30.95
C TRP GA 61 -79.62 -39.39 -32.46
N THR GA 62 -79.36 -38.17 -32.90
CA THR GA 62 -79.17 -37.86 -34.31
C THR GA 62 -77.85 -38.47 -34.74
N PHE GA 63 -77.79 -38.95 -35.98
CA PHE GA 63 -76.52 -39.37 -36.57
C PHE GA 63 -75.68 -38.12 -36.86
N PRO GA 64 -74.50 -37.99 -36.23
CA PRO GA 64 -73.66 -36.82 -36.50
C PRO GA 64 -72.90 -36.99 -37.82
N ALA GA 65 -73.61 -36.70 -38.91
CA ALA GA 65 -73.07 -36.86 -40.27
C ALA GA 65 -71.91 -35.92 -40.57
N TYR GA 66 -71.96 -34.72 -39.98
CA TYR GA 66 -70.88 -33.74 -40.10
C TYR GA 66 -69.49 -34.27 -39.69
N PHE GA 67 -69.44 -35.21 -38.76
CA PHE GA 67 -68.19 -35.87 -38.35
C PHE GA 67 -67.72 -36.89 -39.38
N TYR GA 68 -68.58 -37.89 -39.63
CA TYR GA 68 -68.22 -39.03 -40.49
C TYR GA 68 -68.08 -38.65 -41.96
N PHE GA 69 -68.79 -37.61 -42.39
CA PHE GA 69 -68.73 -37.10 -43.75
C PHE GA 69 -68.31 -35.63 -43.74
N LYS GA 70 -67.20 -35.33 -44.41
CA LYS GA 70 -66.65 -33.97 -44.46
C LYS GA 70 -67.44 -33.14 -45.47
N LYS GA 71 -67.64 -31.85 -45.17
CA LYS GA 71 -68.41 -30.97 -46.06
C LYS GA 71 -67.65 -30.69 -47.35
N GLY GA 72 -68.36 -30.76 -48.48
CA GLY GA 72 -67.76 -30.58 -49.80
C GLY GA 72 -66.85 -31.73 -50.20
N THR GA 73 -67.39 -32.94 -50.15
CA THR GA 73 -66.65 -34.17 -50.50
C THR GA 73 -67.58 -35.12 -51.27
N VAL GA 74 -67.00 -35.92 -52.16
CA VAL GA 74 -67.76 -36.86 -53.01
C VAL GA 74 -68.51 -37.96 -52.22
N ALA GA 75 -67.93 -38.40 -51.11
CA ALA GA 75 -68.53 -39.41 -50.24
C ALA GA 75 -69.77 -38.88 -49.52
N GLU GA 76 -69.68 -37.65 -49.02
CA GLU GA 76 -70.81 -36.97 -48.39
C GLU GA 76 -72.02 -36.86 -49.32
N HIS GA 77 -71.74 -36.46 -50.56
CA HIS GA 77 -72.78 -36.20 -51.56
C HIS GA 77 -73.68 -37.41 -51.81
N LYS GA 78 -73.05 -38.59 -51.92
CA LYS GA 78 -73.76 -39.86 -52.09
C LYS GA 78 -74.66 -40.18 -50.90
N PHE GA 79 -74.14 -39.95 -49.71
CA PHE GA 79 -74.88 -40.12 -48.45
C PHE GA 79 -76.12 -39.22 -48.41
N LEU GA 80 -75.91 -37.95 -48.75
CA LEU GA 80 -77.00 -36.96 -48.86
C LEU GA 80 -78.09 -37.39 -49.85
N SER GA 81 -77.66 -37.90 -51.00
CA SER GA 81 -78.58 -38.38 -52.03
C SER GA 81 -79.43 -39.55 -51.54
N LEU GA 82 -78.76 -40.48 -50.86
CA LEU GA 82 -79.43 -41.63 -50.20
C LEU GA 82 -80.48 -41.18 -49.19
N GLN GA 83 -80.13 -40.19 -48.37
CA GLN GA 83 -81.05 -39.63 -47.36
C GLN GA 83 -82.19 -38.82 -47.96
N LYS GA 84 -83.22 -38.63 -47.14
CA LYS GA 84 -84.29 -37.66 -47.41
C LYS GA 84 -84.48 -36.80 -46.16
N GLY GA 85 -84.61 -35.48 -46.35
CA GLY GA 85 -84.64 -34.54 -45.24
C GLY GA 85 -85.98 -34.44 -44.53
N PRO GA 86 -86.02 -33.79 -43.35
CA PRO GA 86 -87.24 -33.57 -42.60
C PRO GA 86 -87.98 -32.31 -43.04
N ILE GA 87 -89.31 -32.33 -42.92
CA ILE GA 87 -90.15 -31.16 -43.26
C ILE GA 87 -90.02 -30.05 -42.21
N SER GA 88 -89.50 -28.90 -42.62
CA SER GA 88 -89.29 -27.77 -41.73
C SER GA 88 -90.57 -27.00 -41.45
N LYS GA 89 -90.57 -26.24 -40.37
CA LYS GA 89 -91.69 -25.35 -40.05
C LYS GA 89 -91.64 -24.13 -40.97
N LYS GA 90 -92.82 -23.67 -41.38
CA LYS GA 90 -92.98 -22.57 -42.32
C LYS GA 90 -94.23 -21.79 -41.92
N ASN GA 91 -94.09 -20.46 -41.84
CA ASN GA 91 -95.14 -19.61 -41.29
C ASN GA 91 -96.37 -19.53 -42.20
N GLY GA 92 -97.55 -19.46 -41.58
CA GLY GA 92 -98.81 -19.41 -42.30
C GLY GA 92 -99.33 -20.76 -42.78
N ILE GA 93 -98.91 -21.84 -42.12
CA ILE GA 93 -99.33 -23.21 -42.48
C ILE GA 93 -99.68 -24.00 -41.22
N TRP GA 94 -100.72 -24.83 -41.32
CA TRP GA 94 -101.10 -25.77 -40.27
C TRP GA 94 -100.33 -27.07 -40.44
N PHE GA 95 -99.61 -27.46 -39.40
CA PHE GA 95 -99.01 -28.79 -39.29
C PHE GA 95 -99.80 -29.58 -38.25
N PRO GA 96 -100.81 -30.37 -38.69
CA PRO GA 96 -101.64 -31.10 -37.72
C PRO GA 96 -100.95 -32.20 -36.88
N ARG GA 97 -99.70 -32.56 -37.19
CA ARG GA 97 -98.88 -33.41 -36.33
C ARG GA 97 -97.87 -32.58 -35.52
N GLY GA 98 -98.29 -31.42 -35.03
CA GLY GA 98 -97.41 -30.49 -34.32
C GLY GA 98 -96.43 -29.76 -35.23
N ILE GA 99 -95.80 -28.72 -34.70
CA ILE GA 99 -94.81 -27.93 -35.43
C ILE GA 99 -93.51 -28.72 -35.43
N PRO GA 100 -92.80 -28.78 -36.58
CA PRO GA 100 -91.52 -29.50 -36.62
C PRO GA 100 -90.43 -28.97 -35.66
N ASP GA 101 -89.96 -29.84 -34.77
CA ASP GA 101 -88.81 -29.57 -33.90
C ASP GA 101 -87.57 -30.19 -34.55
N ILE GA 102 -86.70 -29.35 -35.11
CA ILE GA 102 -85.53 -29.80 -35.87
C ILE GA 102 -84.22 -29.25 -35.30
N LYS GA 103 -83.23 -30.14 -35.18
CA LYS GA 103 -81.87 -29.79 -34.80
C LYS GA 103 -80.90 -30.81 -35.39
N HIS GA 104 -79.85 -30.32 -36.06
CA HIS GA 104 -78.97 -31.12 -36.93
C HIS GA 104 -79.72 -31.86 -38.06
N GLY GA 105 -80.87 -31.32 -38.48
CA GLY GA 105 -81.70 -31.95 -39.52
C GLY GA 105 -82.32 -33.26 -39.10
N ARG GA 106 -83.07 -33.23 -37.99
CA ARG GA 106 -83.89 -34.37 -37.57
C ARG GA 106 -85.15 -33.90 -36.85
N GLU GA 107 -86.28 -34.50 -37.19
CA GLU GA 107 -87.51 -34.34 -36.41
C GLU GA 107 -87.31 -34.99 -35.04
N ARG GA 108 -87.11 -34.14 -34.02
CA ARG GA 108 -86.96 -34.60 -32.62
C ARG GA 108 -88.13 -35.45 -32.13
N SER GA 109 -89.34 -35.14 -32.61
CA SER GA 109 -90.55 -35.85 -32.19
C SER GA 109 -90.66 -37.31 -32.67
N THR GA 110 -89.82 -37.72 -33.62
CA THR GA 110 -89.89 -39.07 -34.20
C THR GA 110 -88.54 -39.78 -34.32
N LYS GA 111 -88.63 -41.08 -34.61
CA LYS GA 111 -87.48 -41.92 -34.96
C LYS GA 111 -86.83 -41.43 -36.25
N GLN GA 112 -85.51 -41.49 -36.31
CA GLN GA 112 -84.75 -41.16 -37.51
C GLN GA 112 -84.32 -42.44 -38.22
N GLU GA 113 -84.44 -42.46 -39.55
CA GLU GA 113 -83.89 -43.54 -40.37
C GLU GA 113 -82.76 -42.96 -41.24
N VAL GA 114 -81.64 -43.68 -41.30
CA VAL GA 114 -80.44 -43.26 -42.01
C VAL GA 114 -80.03 -44.37 -42.97
N LYS GA 115 -80.37 -44.20 -44.25
CA LYS GA 115 -80.10 -45.20 -45.28
C LYS GA 115 -78.67 -45.08 -45.81
N LEU GA 116 -78.03 -46.22 -46.02
CA LEU GA 116 -76.62 -46.29 -46.44
C LEU GA 116 -76.52 -46.91 -47.82
N VAL GA 136 -62.06 -56.52 -51.39
CA VAL GA 136 -62.72 -56.25 -52.67
C VAL GA 136 -64.12 -55.68 -52.48
N ASN GA 137 -64.56 -54.84 -53.41
CA ASN GA 137 -65.92 -54.29 -53.40
C ASN GA 137 -66.92 -55.37 -53.81
N ARG GA 138 -67.63 -55.91 -52.81
CA ARG GA 138 -68.59 -56.99 -53.02
C ARG GA 138 -69.68 -56.94 -51.95
N PRO GA 139 -70.95 -57.22 -52.31
CA PRO GA 139 -71.99 -57.31 -51.27
C PRO GA 139 -71.79 -58.53 -50.35
N VAL GA 140 -71.83 -58.30 -49.04
CA VAL GA 140 -71.72 -59.37 -48.05
C VAL GA 140 -73.04 -60.15 -48.01
N ILE GA 141 -73.02 -61.35 -48.60
CA ILE GA 141 -74.18 -62.22 -48.67
C ILE GA 141 -73.94 -63.40 -47.72
N PRO GA 142 -74.72 -63.47 -46.62
CA PRO GA 142 -74.54 -64.59 -45.68
C PRO GA 142 -75.10 -65.91 -46.19
N ASN GA 143 -74.52 -67.01 -45.72
CA ASN GA 143 -74.95 -68.34 -46.12
C ASN GA 143 -76.22 -68.74 -45.38
N ASP GA 144 -76.97 -69.67 -45.96
CA ASP GA 144 -78.22 -70.16 -45.36
C ASP GA 144 -77.93 -70.97 -44.10
N ARG GA 145 -78.70 -70.72 -43.06
CA ARG GA 145 -78.51 -71.38 -41.76
C ARG GA 145 -78.97 -72.83 -41.79
N ILE GA 146 -80.08 -73.10 -42.49
CA ILE GA 146 -80.45 -74.48 -42.84
C ILE GA 146 -79.51 -75.01 -43.92
N THR GA 147 -79.22 -76.31 -43.84
CA THR GA 147 -78.21 -76.95 -44.70
C THR GA 147 -78.83 -78.01 -45.61
N GLU GA 148 -78.01 -78.53 -46.52
CA GLU GA 148 -78.38 -79.64 -47.41
C GLU GA 148 -78.69 -80.89 -46.61
N ALA GA 149 -77.82 -81.17 -45.63
CA ALA GA 149 -77.98 -82.31 -44.72
C ALA GA 149 -79.28 -82.24 -43.92
N ASP GA 150 -79.57 -81.05 -43.41
CA ASP GA 150 -80.81 -80.77 -42.67
C ASP GA 150 -82.04 -81.05 -43.53
N ARG GA 151 -82.01 -80.55 -44.75
CA ARG GA 151 -83.08 -80.78 -45.74
C ARG GA 151 -83.32 -82.26 -46.02
N SER GA 152 -82.22 -83.00 -46.19
CA SER GA 152 -82.28 -84.45 -46.43
C SER GA 152 -82.57 -85.26 -45.16
N ASN GA 153 -82.32 -84.67 -43.98
CA ASN GA 153 -82.45 -85.35 -42.67
C ASN GA 153 -81.43 -86.49 -42.51
N ASP GA 154 -80.17 -86.19 -42.81
CA ASP GA 154 -79.08 -87.15 -42.65
C ASP GA 154 -78.59 -87.12 -41.21
N MET GA 155 -78.86 -88.17 -40.45
CA MET GA 155 -78.56 -88.22 -39.02
C MET GA 155 -77.09 -88.45 -38.71
N LYS GA 156 -76.37 -89.10 -39.63
CA LYS GA 156 -74.94 -89.35 -39.47
C LYS GA 156 -74.05 -88.12 -39.72
N SER GA 157 -74.59 -87.09 -40.38
CA SER GA 157 -73.82 -85.88 -40.70
C SER GA 157 -73.69 -84.94 -39.50
N LEU GA 158 -72.58 -84.21 -39.47
CA LEU GA 158 -72.30 -83.21 -38.43
C LEU GA 158 -72.79 -81.80 -38.78
N GLU GA 159 -73.10 -81.57 -40.06
CA GLU GA 159 -73.52 -80.24 -40.54
C GLU GA 159 -75.06 -80.08 -40.57
N ARG GA 160 -75.76 -81.03 -39.94
CA ARG GA 160 -77.21 -81.17 -40.11
C ARG GA 160 -78.00 -80.17 -39.25
N GLN GA 161 -77.51 -79.89 -38.04
CA GLN GA 161 -78.04 -78.80 -37.22
C GLN GA 161 -76.87 -77.89 -36.84
N LEU GA 162 -76.98 -76.61 -37.16
CA LEU GA 162 -75.91 -75.65 -36.86
C LEU GA 162 -76.17 -74.79 -35.61
N SER GA 163 -77.44 -74.66 -35.21
CA SER GA 163 -77.84 -73.86 -34.05
C SER GA 163 -78.04 -74.68 -32.75
N ARG GA 164 -77.83 -75.99 -32.82
CA ARG GA 164 -78.08 -76.89 -31.68
C ARG GA 164 -76.83 -77.68 -31.31
N THR GA 165 -76.86 -78.28 -30.12
CA THR GA 165 -75.77 -79.12 -29.62
C THR GA 165 -76.07 -80.58 -29.98
N LEU GA 166 -75.26 -81.16 -30.86
CA LEU GA 166 -75.42 -82.55 -31.30
C LEU GA 166 -74.63 -83.50 -30.40
N TYR GA 167 -75.24 -84.64 -30.10
CA TYR GA 167 -74.65 -85.67 -29.26
C TYR GA 167 -74.55 -87.00 -30.02
N LEU GA 168 -73.40 -87.65 -29.93
CA LEU GA 168 -73.17 -88.91 -30.62
C LEU GA 168 -73.93 -90.03 -29.89
N LEU GA 169 -74.86 -90.67 -30.59
CA LEU GA 169 -75.55 -91.88 -30.10
C LEU GA 169 -75.16 -93.08 -30.95
N VAL GA 170 -75.30 -94.26 -30.36
CA VAL GA 170 -74.86 -95.52 -30.96
C VAL GA 170 -75.89 -96.63 -30.70
N LYS GA 171 -76.08 -97.49 -31.70
CA LYS GA 171 -77.01 -98.61 -31.63
C LYS GA 171 -76.22 -99.91 -31.54
N ASP GA 172 -76.51 -100.72 -30.51
CA ASP GA 172 -75.77 -101.96 -30.24
C ASP GA 172 -76.31 -103.14 -31.08
N LYS GA 173 -75.93 -104.37 -30.73
CA LYS GA 173 -76.45 -105.58 -31.39
C LYS GA 173 -77.98 -105.69 -31.28
N SER GA 174 -78.51 -105.41 -30.10
CA SER GA 174 -79.95 -105.30 -29.89
C SER GA 174 -80.52 -104.02 -30.51
N GLY GA 175 -81.84 -103.87 -30.45
CA GLY GA 175 -82.52 -102.70 -31.01
C GLY GA 175 -82.36 -101.38 -30.25
N THR GA 176 -81.79 -101.42 -29.04
CA THR GA 176 -81.63 -100.24 -28.20
C THR GA 176 -80.56 -99.27 -28.72
N TRP GA 177 -80.78 -97.98 -28.47
CA TRP GA 177 -79.77 -96.95 -28.68
C TRP GA 177 -79.17 -96.56 -27.32
N LYS GA 178 -77.95 -96.03 -27.34
CA LYS GA 178 -77.28 -95.55 -26.13
C LYS GA 178 -76.00 -94.77 -26.45
N PHE GA 179 -75.46 -94.10 -25.43
CA PHE GA 179 -74.16 -93.44 -25.54
C PHE GA 179 -73.05 -94.51 -25.51
N PRO GA 180 -72.03 -94.39 -26.39
CA PRO GA 180 -70.93 -95.37 -26.49
C PRO GA 180 -70.38 -95.93 -25.16
N ASN GA 181 -70.55 -97.24 -24.98
CA ASN GA 181 -70.03 -97.98 -23.81
C ASN GA 181 -68.72 -98.66 -24.18
N PHE GA 182 -67.80 -98.76 -23.22
CA PHE GA 182 -66.52 -99.47 -23.41
C PHE GA 182 -66.10 -100.21 -22.14
N ASP GA 183 -65.64 -101.45 -22.30
CA ASP GA 183 -65.18 -102.27 -21.16
C ASP GA 183 -63.79 -101.82 -20.70
N LEU GA 184 -63.67 -101.50 -19.41
CA LEU GA 184 -62.40 -101.09 -18.81
C LEU GA 184 -61.79 -102.26 -18.03
N SER GA 185 -61.11 -103.14 -18.76
CA SER GA 185 -60.49 -104.34 -18.18
C SER GA 185 -59.14 -104.05 -17.53
N ASP GA 186 -58.35 -103.17 -18.13
CA ASP GA 186 -56.99 -102.88 -17.69
C ASP GA 186 -56.96 -102.12 -16.36
N GLU GA 187 -57.63 -100.97 -16.33
CA GLU GA 187 -57.69 -100.09 -15.15
C GLU GA 187 -56.32 -99.49 -14.76
N SER GA 188 -55.41 -99.38 -15.72
CA SER GA 188 -54.08 -98.80 -15.50
C SER GA 188 -54.11 -97.32 -15.84
N LYS GA 189 -54.54 -97.02 -17.06
CA LYS GA 189 -54.70 -95.64 -17.53
C LYS GA 189 -55.90 -94.96 -16.87
N PRO GA 190 -55.95 -93.61 -16.91
CA PRO GA 190 -57.16 -92.90 -16.51
C PRO GA 190 -58.36 -93.21 -17.40
N LEU GA 191 -59.56 -92.86 -16.92
CA LEU GA 191 -60.81 -93.32 -17.51
C LEU GA 191 -61.16 -92.56 -18.78
N HIS GA 192 -61.08 -91.23 -18.71
CA HIS GA 192 -61.33 -90.34 -19.84
C HIS GA 192 -60.38 -90.57 -21.02
N VAL GA 193 -59.12 -90.84 -20.70
CA VAL GA 193 -58.08 -91.12 -21.71
C VAL GA 193 -58.40 -92.43 -22.42
N HIS GA 194 -58.74 -93.44 -21.63
CA HIS GA 194 -59.16 -94.75 -22.14
C HIS GA 194 -60.35 -94.62 -23.09
N ALA GA 195 -61.35 -93.84 -22.66
CA ALA GA 195 -62.54 -93.56 -23.47
C ALA GA 195 -62.17 -92.97 -24.82
N GLU GA 196 -61.32 -91.94 -24.78
CA GLU GA 196 -60.81 -91.27 -25.99
C GLU GA 196 -60.10 -92.24 -26.93
N ASN GA 197 -59.25 -93.09 -26.37
CA ASN GA 197 -58.54 -94.12 -27.13
C ASN GA 197 -59.49 -95.08 -27.84
N GLU GA 198 -60.48 -95.54 -27.09
CA GLU GA 198 -61.56 -96.40 -27.61
C GLU GA 198 -62.31 -95.75 -28.79
N LEU GA 199 -62.68 -94.49 -28.60
CA LEU GA 199 -63.32 -93.68 -29.66
C LEU GA 199 -62.46 -93.61 -30.92
N LYS GA 200 -61.18 -93.31 -30.71
CA LYS GA 200 -60.19 -93.23 -31.79
C LYS GA 200 -60.07 -94.55 -32.56
N LEU GA 201 -60.06 -95.65 -31.80
CA LEU GA 201 -60.01 -97.00 -32.36
C LEU GA 201 -61.24 -97.31 -33.22
N LEU GA 202 -62.41 -96.97 -32.69
CA LEU GA 202 -63.69 -97.08 -33.40
C LEU GA 202 -63.68 -96.31 -34.72
N SER GA 203 -63.21 -95.07 -34.65
CA SER GA 203 -63.12 -94.18 -35.80
C SER GA 203 -62.23 -94.71 -36.91
N GLY GA 204 -61.07 -95.22 -36.52
CA GLY GA 204 -59.95 -95.44 -37.43
C GLY GA 204 -59.18 -94.15 -37.63
N ASP GA 205 -59.03 -93.40 -36.54
CA ASP GA 205 -58.32 -92.11 -36.51
C ASP GA 205 -58.86 -91.03 -37.48
N GLN GA 206 -60.18 -91.00 -37.67
CA GLN GA 206 -60.86 -89.90 -38.37
C GLN GA 206 -61.27 -88.81 -37.37
N ILE GA 207 -61.70 -89.23 -36.18
CA ILE GA 207 -62.20 -88.32 -35.13
C ILE GA 207 -61.06 -87.51 -34.49
N TYR GA 208 -61.37 -86.29 -34.05
CA TYR GA 208 -60.47 -85.45 -33.24
C TYR GA 208 -61.24 -84.87 -32.06
N THR GA 209 -61.08 -85.50 -30.89
CA THR GA 209 -61.86 -85.17 -29.70
C THR GA 209 -61.05 -84.37 -28.68
N TRP GA 210 -61.77 -83.81 -27.69
CA TRP GA 210 -61.16 -83.12 -26.55
C TRP GA 210 -61.99 -83.38 -25.30
N SER GA 211 -61.42 -84.06 -24.32
CA SER GA 211 -62.09 -84.28 -23.04
C SER GA 211 -62.20 -82.98 -22.27
N VAL GA 212 -63.40 -82.66 -21.78
CA VAL GA 212 -63.63 -81.44 -21.00
C VAL GA 212 -62.92 -81.53 -19.65
N SER GA 213 -62.97 -82.72 -19.02
CA SER GA 213 -62.29 -82.97 -17.75
C SER GA 213 -62.11 -84.47 -17.49
N ALA GA 214 -61.27 -84.77 -16.50
CA ALA GA 214 -61.04 -86.14 -16.05
C ALA GA 214 -62.19 -86.67 -15.18
N THR GA 215 -62.93 -85.75 -14.54
CA THR GA 215 -64.08 -86.11 -13.71
C THR GA 215 -65.22 -86.69 -14.58
N PRO GA 216 -65.86 -87.78 -14.12
CA PRO GA 216 -67.04 -88.29 -14.83
C PRO GA 216 -68.32 -87.50 -14.52
N ILE GA 217 -69.10 -87.19 -15.56
CA ILE GA 217 -70.38 -86.46 -15.40
C ILE GA 217 -71.44 -87.22 -14.60
N GLY GA 218 -71.48 -88.54 -14.75
CA GLY GA 218 -72.47 -89.38 -14.06
C GLY GA 218 -72.21 -90.86 -14.21
N VAL GA 219 -73.12 -91.67 -13.67
CA VAL GA 219 -73.02 -93.14 -13.76
C VAL GA 219 -74.37 -93.75 -14.16
N LEU GA 220 -74.30 -94.77 -15.01
CA LEU GA 220 -75.44 -95.66 -15.29
C LEU GA 220 -75.15 -97.00 -14.64
N GLN GA 221 -76.03 -97.40 -13.72
CA GLN GA 221 -75.83 -98.57 -12.86
C GLN GA 221 -77.09 -99.45 -12.84
N ASP GA 222 -76.90 -100.74 -12.57
CA ASP GA 222 -78.01 -101.71 -12.59
C ASP GA 222 -77.73 -102.98 -11.78
N GLU GA 223 -78.81 -103.68 -11.42
CA GLU GA 223 -78.74 -104.88 -10.57
C GLU GA 223 -78.66 -106.19 -11.35
N ARG GA 224 -79.32 -106.26 -12.51
CA ARG GA 224 -79.36 -107.48 -13.33
C ARG GA 224 -77.96 -107.87 -13.80
N ASN GA 225 -77.29 -106.93 -14.46
CA ASN GA 225 -75.86 -107.03 -14.76
C ASN GA 225 -75.11 -106.18 -13.75
N ARG GA 226 -74.32 -106.81 -12.89
CA ARG GA 226 -73.61 -106.12 -11.81
C ARG GA 226 -72.44 -105.30 -12.38
N THR GA 227 -72.79 -104.13 -12.92
CA THR GA 227 -71.84 -103.25 -13.63
C THR GA 227 -72.04 -101.78 -13.22
N ALA GA 228 -71.12 -100.94 -13.67
CA ALA GA 228 -71.17 -99.49 -13.41
C ALA GA 228 -70.53 -98.71 -14.57
N GLU GA 229 -71.38 -98.07 -15.37
CA GLU GA 229 -70.93 -97.28 -16.53
C GLU GA 229 -70.67 -95.83 -16.12
N PHE GA 230 -69.40 -95.49 -15.92
CA PHE GA 230 -68.99 -94.11 -15.60
C PHE GA 230 -68.93 -93.29 -16.88
N ILE GA 231 -69.73 -92.24 -16.95
CA ILE GA 231 -69.89 -91.45 -18.16
C ILE GA 231 -68.89 -90.29 -18.17
N VAL GA 232 -68.08 -90.23 -19.23
CA VAL GA 232 -67.14 -89.14 -19.48
C VAL GA 232 -67.81 -88.15 -20.44
N LYS GA 233 -67.41 -86.88 -20.36
CA LYS GA 233 -67.80 -85.87 -21.34
C LYS GA 233 -66.60 -85.49 -22.21
N SER GA 234 -66.85 -85.30 -23.50
CA SER GA 234 -65.81 -84.95 -24.47
C SER GA 234 -66.43 -84.27 -25.70
N HIS GA 235 -65.63 -83.46 -26.37
CA HIS GA 235 -66.08 -82.61 -27.48
C HIS GA 235 -65.38 -82.97 -28.79
N ILE GA 236 -66.17 -83.45 -29.76
CA ILE GA 236 -65.72 -83.55 -31.16
C ILE GA 236 -65.34 -82.17 -31.71
N LEU GA 237 -64.09 -82.03 -32.15
CA LEU GA 237 -63.57 -80.76 -32.69
C LEU GA 237 -63.50 -80.73 -34.22
N ALA GA 238 -62.92 -81.76 -34.83
CA ALA GA 238 -62.76 -81.82 -36.29
C ALA GA 238 -62.46 -83.22 -36.83
N GLY GA 239 -63.51 -83.97 -37.14
CA GLY GA 239 -63.37 -85.27 -37.81
C GLY GA 239 -64.65 -86.03 -38.04
N LYS GA 240 -64.54 -87.11 -38.81
CA LYS GA 240 -65.65 -88.07 -39.00
C LYS GA 240 -65.67 -89.04 -37.83
N PHE GA 241 -66.72 -89.85 -37.80
CA PHE GA 241 -66.82 -91.00 -36.89
C PHE GA 241 -66.93 -92.26 -37.75
N ASP GA 242 -68.10 -92.52 -38.32
CA ASP GA 242 -68.28 -93.49 -39.43
C ASP GA 242 -67.90 -94.97 -39.18
N LEU GA 243 -67.64 -95.34 -37.93
CA LEU GA 243 -67.17 -96.69 -37.57
C LEU GA 243 -65.93 -97.12 -38.37
N ALA GA 250 -69.26 -104.04 -29.95
CA ALA GA 250 -69.61 -103.86 -31.36
C ALA GA 250 -70.93 -103.08 -31.51
N PHE GA 251 -70.97 -102.20 -32.50
CA PHE GA 251 -72.14 -101.33 -32.75
C PHE GA 251 -72.57 -101.40 -34.21
N GLU GA 252 -73.87 -101.44 -34.45
CA GLU GA 252 -74.44 -101.56 -35.79
C GLU GA 252 -74.48 -100.21 -36.51
N ASP GA 253 -75.18 -99.26 -35.90
CA ASP GA 253 -75.42 -97.93 -36.47
C ASP GA 253 -75.14 -96.84 -35.45
N PHE GA 254 -74.95 -95.61 -35.93
CA PHE GA 254 -74.80 -94.43 -35.08
C PHE GA 254 -75.61 -93.26 -35.63
N ALA GA 255 -75.65 -92.17 -34.86
CA ALA GA 255 -76.30 -90.92 -35.27
C ALA GA 255 -75.86 -89.75 -34.39
N TRP GA 256 -76.03 -88.54 -34.93
CA TRP GA 256 -75.77 -87.29 -34.21
C TRP GA 256 -77.07 -86.53 -34.03
N LEU GA 257 -77.54 -86.40 -32.79
CA LEU GA 257 -78.88 -85.89 -32.50
C LEU GA 257 -78.90 -84.82 -31.39
N THR GA 258 -79.93 -83.99 -31.42
CA THR GA 258 -80.21 -83.02 -30.37
C THR GA 258 -80.91 -83.72 -29.20
N LYS GA 259 -81.08 -82.99 -28.09
CA LYS GA 259 -81.72 -83.53 -26.89
C LYS GA 259 -83.17 -83.98 -27.11
N GLY GA 260 -83.91 -83.25 -27.95
CA GLY GA 260 -85.30 -83.58 -28.27
C GLY GA 260 -85.49 -84.85 -29.07
N GLU GA 261 -84.52 -85.14 -29.94
CA GLU GA 261 -84.55 -86.34 -30.79
C GLU GA 261 -84.08 -87.61 -30.06
N ILE GA 262 -83.19 -87.43 -29.09
CA ILE GA 262 -82.67 -88.54 -28.27
C ILE GA 262 -83.78 -89.23 -27.48
N SER GA 263 -84.74 -88.45 -26.97
CA SER GA 263 -85.91 -89.00 -26.28
C SER GA 263 -86.69 -90.00 -27.14
N GLU GA 264 -86.88 -89.64 -28.41
CA GLU GA 264 -87.54 -90.50 -29.39
C GLU GA 264 -86.78 -91.81 -29.62
N TYR GA 265 -85.47 -91.67 -29.83
CA TYR GA 265 -84.60 -92.82 -30.12
C TYR GA 265 -84.41 -93.76 -28.93
N VAL GA 266 -83.95 -93.18 -27.82
CA VAL GA 266 -83.50 -93.93 -26.65
C VAL GA 266 -84.69 -94.33 -25.75
N PRO GA 267 -84.53 -95.36 -24.87
CA PRO GA 267 -85.58 -95.73 -23.91
C PRO GA 267 -85.91 -94.62 -22.90
N LYS GA 268 -87.03 -94.77 -22.19
CA LYS GA 268 -87.55 -93.72 -21.31
C LYS GA 268 -86.75 -93.62 -20.01
N ASP GA 269 -86.51 -94.77 -19.39
CA ASP GA 269 -85.71 -94.86 -18.16
C ASP GA 269 -84.30 -94.33 -18.36
N TYR GA 270 -83.68 -94.75 -19.47
CA TYR GA 270 -82.35 -94.30 -19.87
C TYR GA 270 -82.30 -92.79 -20.04
N PHE GA 271 -83.31 -92.25 -20.72
CA PHE GA 271 -83.44 -90.81 -20.93
C PHE GA 271 -83.53 -90.05 -19.62
N ASN GA 272 -84.39 -90.54 -18.71
CA ASN GA 272 -84.54 -89.97 -17.36
C ASN GA 272 -83.22 -89.93 -16.60
N LYS GA 273 -82.49 -91.05 -16.66
CA LYS GA 273 -81.15 -91.15 -16.08
C LYS GA 273 -80.18 -90.09 -16.60
N THR GA 274 -80.23 -89.84 -17.92
CA THR GA 274 -79.24 -89.00 -18.61
C THR GA 274 -79.82 -87.77 -19.34
N GLU GA 275 -80.94 -87.23 -18.86
CA GLU GA 275 -81.58 -86.06 -19.48
C GLU GA 275 -80.77 -84.79 -19.18
N PHE GA 276 -80.61 -84.50 -17.89
CA PHE GA 276 -79.93 -83.29 -17.38
C PHE GA 276 -78.49 -83.09 -17.87
N LEU GA 277 -77.80 -84.18 -18.21
CA LEU GA 277 -76.43 -84.09 -18.77
C LEU GA 277 -76.39 -83.35 -20.11
N LEU GA 278 -77.46 -83.49 -20.90
CA LEU GA 278 -77.53 -82.88 -22.23
C LEU GA 278 -78.03 -81.44 -22.17
N ALA GA 279 -77.43 -80.58 -22.99
CA ALA GA 279 -77.88 -79.20 -23.16
C ALA GA 279 -79.19 -79.16 -23.94
N ASP GA 280 -80.06 -78.23 -23.58
CA ASP GA 280 -81.36 -78.06 -24.24
C ASP GA 280 -81.20 -77.48 -25.64
N ASN GA 281 -80.30 -76.51 -25.78
CA ASN GA 281 -79.93 -75.95 -27.08
C ASN GA 281 -78.49 -76.34 -27.44
N ALA HA 1 -102.68 31.79 74.14
CA ALA HA 1 -102.07 33.14 73.86
C ALA HA 1 -101.17 33.66 74.99
N PRO HA 2 -101.67 33.73 76.24
CA PRO HA 2 -100.78 34.12 77.34
C PRO HA 2 -99.93 32.95 77.81
N ILE HA 3 -98.63 33.17 78.00
CA ILE HA 3 -97.71 32.10 78.42
C ILE HA 3 -98.04 31.60 79.84
N PHE HA 4 -98.19 32.51 80.79
CA PHE HA 4 -98.58 32.17 82.16
C PHE HA 4 -100.02 32.64 82.36
N PRO HA 5 -100.98 31.72 82.52
CA PRO HA 5 -102.35 32.15 82.76
C PRO HA 5 -102.55 32.72 84.17
N LYS HA 6 -103.70 33.34 84.38
CA LYS HA 6 -104.06 33.91 85.68
C LYS HA 6 -104.33 32.82 86.71
N LEU HA 7 -104.32 33.21 87.98
CA LEU HA 7 -104.42 32.26 89.09
C LEU HA 7 -105.82 31.63 89.22
N GLU HA 8 -106.84 32.30 88.69
CA GLU HA 8 -108.23 31.86 88.84
C GLU HA 8 -108.57 30.69 87.92
N ASP HA 9 -108.24 30.82 86.63
CA ASP HA 9 -108.61 29.84 85.61
C ASP HA 9 -107.94 28.46 85.76
N VAL HA 10 -106.76 28.41 86.37
CA VAL HA 10 -106.02 27.16 86.56
C VAL HA 10 -106.66 26.33 87.67
N LYS HA 11 -107.00 25.08 87.36
CA LYS HA 11 -107.59 24.15 88.32
C LYS HA 11 -106.51 23.44 89.13
N MET HA 12 -106.94 22.78 90.21
CA MET HA 12 -106.02 22.04 91.10
C MET HA 12 -105.46 20.78 90.44
N HIS HA 13 -106.31 20.04 89.73
CA HIS HA 13 -105.91 18.84 89.01
C HIS HA 13 -104.89 19.09 87.87
N GLU HA 14 -104.86 20.31 87.35
CA GLU HA 14 -103.87 20.72 86.34
C GLU HA 14 -102.45 20.84 86.88
N LEU HA 15 -102.30 21.03 88.20
CA LEU HA 15 -101.00 21.23 88.83
C LEU HA 15 -100.20 19.94 89.04
N ILE HA 16 -98.91 20.09 89.34
CA ILE HA 16 -98.00 18.96 89.55
C ILE HA 16 -98.23 18.40 90.96
N GLY HA 17 -98.11 17.08 91.09
CA GLY HA 17 -98.38 16.38 92.34
C GLY HA 17 -99.87 16.15 92.61
N ASN HA 18 -100.67 16.21 91.54
CA ASN HA 18 -102.12 15.94 91.61
C ASN HA 18 -102.49 14.95 90.51
N ASN HA 19 -103.52 14.14 90.78
CA ASN HA 19 -104.00 13.07 89.89
C ASN HA 19 -103.07 11.84 89.71
N ASN HA 20 -101.92 11.83 90.39
CA ASN HA 20 -101.04 10.66 90.46
C ASN HA 20 -100.52 10.18 89.09
N PHE HA 21 -99.89 11.09 88.36
CA PHE HA 21 -99.38 10.79 87.01
C PHE HA 21 -98.09 9.96 87.01
N GLY HA 22 -97.28 10.08 88.06
CA GLY HA 22 -96.02 9.34 88.18
C GLY HA 22 -96.20 7.83 88.36
N LYS HA 23 -97.10 7.45 89.25
CA LYS HA 23 -97.25 6.04 89.66
C LYS HA 23 -97.99 5.19 88.62
N LYS HA 24 -97.23 4.39 87.88
CA LYS HA 24 -97.74 3.37 86.95
C LYS HA 24 -98.65 3.89 85.81
N THR HA 25 -98.52 5.17 85.46
CA THR HA 25 -99.27 5.76 84.35
C THR HA 25 -98.33 6.52 83.42
N TYR HA 26 -98.85 6.89 82.25
CA TYR HA 26 -98.03 7.49 81.20
C TYR HA 26 -98.85 8.33 80.20
N TYR HA 27 -98.12 9.00 79.33
CA TYR HA 27 -98.68 9.75 78.21
C TYR HA 27 -97.74 9.67 77.02
N VAL HA 28 -98.28 9.74 75.82
CA VAL HA 28 -97.48 9.75 74.58
C VAL HA 28 -97.94 10.94 73.75
N GLU HA 29 -97.14 12.01 73.77
CA GLU HA 29 -97.46 13.26 73.11
C GLU HA 29 -97.25 13.14 71.60
N ARG HA 30 -98.18 13.69 70.82
CA ARG HA 30 -98.06 13.70 69.35
C ARG HA 30 -97.02 14.73 68.91
N SER HA 31 -96.58 14.62 67.66
CA SER HA 31 -95.61 15.55 67.07
C SER HA 31 -96.22 16.95 66.89
N ARG HA 32 -95.40 17.89 66.39
CA ARG HA 32 -95.87 19.25 66.12
C ARG HA 32 -96.99 19.27 65.07
N THR HA 33 -96.76 18.56 63.96
CA THR HA 33 -97.74 18.46 62.88
C THR HA 33 -98.99 17.62 63.24
N GLY HA 34 -98.88 16.82 64.31
CA GLY HA 34 -100.03 16.14 64.91
C GLY HA 34 -100.13 14.68 64.52
N ASN HA 35 -99.02 13.95 64.69
CA ASN HA 35 -98.92 12.53 64.34
C ASN HA 35 -98.29 11.74 65.48
N LEU HA 36 -98.47 10.42 65.45
CA LEU HA 36 -97.97 9.54 66.51
C LEU HA 36 -96.47 9.33 66.37
N PRO HA 37 -95.71 9.55 67.46
CA PRO HA 37 -94.26 9.48 67.39
C PRO HA 37 -93.75 8.04 67.38
N VAL HA 38 -93.91 7.37 66.24
CA VAL HA 38 -93.47 6.00 66.03
C VAL HA 38 -92.76 5.97 64.68
N TYR HA 39 -91.50 5.52 64.66
CA TYR HA 39 -90.65 5.68 63.49
C TYR HA 39 -89.84 4.42 63.18
N SER HA 40 -89.71 4.12 61.89
CA SER HA 40 -88.75 3.12 61.44
C SER HA 40 -87.36 3.73 61.45
N ALA HA 41 -86.36 2.92 61.76
CA ALA HA 41 -84.96 3.34 61.77
C ALA HA 41 -84.09 2.20 61.26
N TYR HA 42 -83.20 2.53 60.32
CA TYR HA 42 -82.43 1.53 59.58
C TYR HA 42 -80.96 1.62 59.99
N LYS HA 43 -80.64 0.91 61.07
CA LYS HA 43 -79.32 0.95 61.71
C LYS HA 43 -78.33 -0.06 61.13
N ASN HA 44 -77.06 0.18 61.42
CA ASN HA 44 -75.94 -0.69 61.01
C ASN HA 44 -75.80 -0.82 59.48
N GLY HA 45 -76.11 0.25 58.75
CA GLY HA 45 -76.02 0.27 57.30
C GLY HA 45 -77.20 -0.38 56.59
N GLY HA 46 -78.42 -0.07 57.06
CA GLY HA 46 -79.64 -0.62 56.49
C GLY HA 46 -79.93 -2.09 56.81
N ASN HA 47 -79.08 -2.68 57.65
CA ASN HA 47 -79.12 -4.11 57.95
C ASN HA 47 -80.07 -4.37 59.11
N LYS HA 48 -79.96 -3.56 60.16
CA LYS HA 48 -80.82 -3.63 61.33
C LYS HA 48 -81.96 -2.62 61.25
N ILE HA 49 -83.16 -3.11 60.95
CA ILE HA 49 -84.38 -2.30 61.06
C ILE HA 49 -84.78 -2.31 62.54
N ILE HA 50 -85.28 -1.18 63.04
CA ILE HA 50 -85.92 -1.09 64.36
C ILE HA 50 -87.01 -0.02 64.40
N THR HA 51 -88.05 -0.26 65.20
CA THR HA 51 -89.16 0.68 65.41
C THR HA 51 -88.95 1.43 66.72
N GLU HA 52 -88.86 2.75 66.64
CA GLU HA 52 -88.65 3.63 67.81
C GLU HA 52 -89.96 4.33 68.16
N ILE HA 53 -90.21 4.50 69.47
CA ILE HA 53 -91.39 5.22 69.96
C ILE HA 53 -90.95 6.36 70.89
N ARG HA 54 -91.24 7.60 70.51
CA ARG HA 54 -90.74 8.79 71.21
C ARG HA 54 -91.81 9.52 72.03
N LYS HA 55 -91.37 10.56 72.74
CA LYS HA 55 -92.24 11.57 73.38
C LYS HA 55 -93.12 10.97 74.48
N ILE HA 56 -92.55 10.05 75.25
CA ILE HA 56 -93.28 9.36 76.31
C ILE HA 56 -93.07 10.11 77.61
N GLU HA 57 -94.17 10.42 78.29
CA GLU HA 57 -94.16 11.03 79.62
C GLU HA 57 -94.58 9.94 80.61
N GLY HA 58 -94.00 9.96 81.81
CA GLY HA 58 -94.36 9.00 82.86
C GLY HA 58 -93.70 7.65 82.74
N ASP HA 59 -94.37 6.61 83.23
CA ASP HA 59 -93.82 5.26 83.35
C ASP HA 59 -93.74 4.55 81.98
N VAL HA 60 -92.53 4.41 81.46
CA VAL HA 60 -92.28 3.75 80.17
C VAL HA 60 -92.43 2.23 80.22
N ILE HA 61 -92.04 1.62 81.33
CA ILE HA 61 -92.12 0.16 81.52
C ILE HA 61 -93.57 -0.31 81.41
N GLN HA 62 -94.46 0.39 82.11
CA GLN HA 62 -95.90 0.09 82.06
C GLN HA 62 -96.47 0.18 80.65
N LEU HA 63 -96.11 1.26 79.95
CA LEU HA 63 -96.50 1.46 78.56
C LEU HA 63 -96.05 0.31 77.67
N ARG HA 64 -94.78 -0.08 77.83
CA ARG HA 64 -94.20 -1.21 77.10
C ARG HA 64 -94.98 -2.51 77.34
N ASN HA 65 -95.27 -2.77 78.61
CA ASN HA 65 -96.06 -3.95 79.02
C ASN HA 65 -97.44 -3.96 78.37
N ASP HA 66 -98.09 -2.80 78.36
CA ASP HA 66 -99.40 -2.62 77.73
C ASP HA 66 -99.35 -2.89 76.23
N LEU HA 67 -98.31 -2.39 75.58
CA LEU HA 67 -98.08 -2.62 74.15
C LEU HA 67 -97.84 -4.09 73.83
N GLN HA 68 -97.05 -4.75 74.67
CA GLN HA 68 -96.83 -6.21 74.56
C GLN HA 68 -98.12 -7.01 74.68
N GLU HA 69 -98.95 -6.61 75.63
CA GLU HA 69 -100.26 -7.24 75.84
C GLU HA 69 -101.16 -7.08 74.61
N GLN HA 70 -101.17 -5.87 74.07
CA GLN HA 70 -101.90 -5.55 72.83
C GLN HA 70 -101.42 -6.35 71.63
N LEU HA 71 -100.10 -6.37 71.45
CA LEU HA 71 -99.44 -7.10 70.36
C LEU HA 71 -98.71 -8.35 70.89
N PRO HA 72 -99.44 -9.47 71.08
CA PRO HA 72 -98.76 -10.70 71.49
C PRO HA 72 -97.91 -11.34 70.38
N PHE HA 73 -98.21 -11.03 69.12
CA PHE HA 73 -97.49 -11.60 67.97
C PHE HA 73 -95.99 -11.24 67.91
N ILE HA 74 -95.64 -10.05 68.41
CA ILE HA 74 -94.23 -9.66 68.57
C ILE HA 74 -93.71 -10.40 69.82
N PRO HA 75 -92.47 -10.94 69.78
CA PRO HA 75 -91.95 -11.62 70.97
C PRO HA 75 -91.73 -10.72 72.19
N LYS HA 76 -91.45 -11.33 73.34
CA LYS HA 76 -91.21 -10.61 74.58
C LYS HA 76 -89.82 -9.98 74.61
N LYS HA 77 -88.84 -10.72 74.09
CA LYS HA 77 -87.43 -10.30 74.03
C LYS HA 77 -87.22 -8.95 73.33
N SER HA 78 -87.87 -8.78 72.18
CA SER HA 78 -87.62 -7.64 71.30
C SER HA 78 -88.36 -6.35 71.69
N TRP HA 79 -88.10 -5.87 72.92
CA TRP HA 79 -88.71 -4.64 73.44
C TRP HA 79 -87.70 -3.93 74.35
N SER HA 80 -86.74 -3.24 73.72
CA SER HA 80 -85.66 -2.56 74.44
C SER HA 80 -86.07 -1.13 74.80
N VAL HA 81 -86.33 -0.88 76.09
CA VAL HA 81 -86.69 0.46 76.56
C VAL HA 81 -85.46 1.18 77.11
N VAL HA 82 -84.95 2.16 76.35
CA VAL HA 82 -83.79 2.95 76.78
C VAL HA 82 -84.27 4.01 77.77
N MET HA 83 -83.73 3.96 78.99
CA MET HA 83 -84.26 4.74 80.12
C MET HA 83 -83.81 6.19 80.18
N GLN HA 84 -82.64 6.50 79.60
CA GLN HA 84 -82.10 7.86 79.66
C GLN HA 84 -83.00 8.87 78.93
N SER HA 85 -83.42 8.54 77.71
CA SER HA 85 -84.30 9.38 76.90
C SER HA 85 -85.77 8.95 76.94
N LYS HA 86 -86.06 7.81 77.57
CA LYS HA 86 -87.41 7.23 77.64
C LYS HA 86 -88.03 7.04 76.26
N LYS HA 87 -87.53 6.04 75.55
CA LYS HA 87 -88.11 5.58 74.30
C LYS HA 87 -87.96 4.06 74.20
N ILE HA 88 -88.94 3.42 73.57
CA ILE HA 88 -89.04 1.96 73.56
C ILE HA 88 -88.84 1.42 72.13
N ILE HA 89 -87.75 0.68 71.95
CA ILE HA 89 -87.32 0.20 70.64
C ILE HA 89 -87.81 -1.24 70.44
N ILE HA 90 -88.32 -1.52 69.25
CA ILE HA 90 -88.81 -2.85 68.85
C ILE HA 90 -87.98 -3.29 67.65
N LYS HA 91 -87.78 -4.61 67.51
CA LYS HA 91 -86.87 -5.17 66.50
C LYS HA 91 -87.33 -4.98 65.05
N GLY HA 92 -88.53 -5.42 64.71
CA GLY HA 92 -89.01 -5.35 63.33
C GLY HA 92 -89.49 -3.96 62.92
N ASN HA 93 -89.93 -3.84 61.68
CA ASN HA 93 -90.73 -2.68 61.25
C ASN HA 93 -92.15 -2.93 61.74
N ALA HA 94 -92.37 -2.62 63.01
CA ALA HA 94 -93.67 -2.81 63.66
C ALA HA 94 -94.27 -1.45 63.99
N VAL HA 95 -94.19 -0.52 63.04
CA VAL HA 95 -94.59 0.87 63.27
C VAL HA 95 -96.11 1.01 63.19
N GLU HA 96 -96.67 0.50 62.09
CA GLU HA 96 -98.09 0.62 61.79
C GLU HA 96 -98.98 -0.01 62.86
N ALA HA 97 -98.59 -1.18 63.33
CA ALA HA 97 -99.27 -1.88 64.42
C ALA HA 97 -99.26 -1.07 65.71
N VAL HA 98 -98.09 -0.54 66.04
CA VAL HA 98 -97.92 0.34 67.22
C VAL HA 98 -98.82 1.55 67.15
N LYS HA 99 -98.82 2.22 65.99
CA LYS HA 99 -99.69 3.38 65.75
C LYS HA 99 -101.16 3.05 65.97
N ARG HA 100 -101.59 1.92 65.42
CA ARG HA 100 -102.96 1.42 65.57
C ARG HA 100 -103.34 1.23 67.03
N VAL HA 101 -102.43 0.61 67.78
CA VAL HA 101 -102.60 0.39 69.22
C VAL HA 101 -102.71 1.70 70.00
N LEU HA 102 -101.88 2.68 69.65
CA LEU HA 102 -101.81 3.95 70.38
C LEU HA 102 -102.98 4.89 70.05
N THR HA 103 -103.29 5.03 68.76
CA THR HA 103 -104.32 5.98 68.26
C THR HA 103 -105.54 6.14 69.16
N LYS HA 104 -106.12 5.01 69.55
CA LYS HA 104 -107.37 5.00 70.36
C LYS HA 104 -107.32 5.83 71.66
N LYS HA 105 -106.15 5.93 72.29
CA LYS HA 105 -105.97 6.73 73.50
C LYS HA 105 -105.17 8.03 73.29
N PHE HA 106 -104.11 7.97 72.48
CA PHE HA 106 -103.25 9.13 72.24
C PHE HA 106 -103.41 9.67 70.83
N ASP IA 38 -25.33 55.77 102.92
CA ASP IA 38 -25.98 56.15 104.23
C ASP IA 38 -24.97 56.10 105.37
N PHE IA 39 -24.28 54.97 105.48
CA PHE IA 39 -23.28 54.75 106.52
C PHE IA 39 -22.19 55.81 106.49
N MET IA 40 -21.65 56.05 105.30
CA MET IA 40 -20.59 57.04 105.07
C MET IA 40 -21.02 58.43 105.55
N SER IA 41 -22.25 58.80 105.20
CA SER IA 41 -22.84 60.08 105.62
C SER IA 41 -22.94 60.16 107.15
N TRP IA 42 -23.42 59.09 107.76
CA TRP IA 42 -23.51 58.98 109.21
C TRP IA 42 -22.14 59.14 109.88
N PHE IA 43 -21.15 58.44 109.35
CA PHE IA 43 -19.77 58.52 109.83
C PHE IA 43 -19.22 59.94 109.77
N LYS IA 44 -19.47 60.61 108.65
CA LYS IA 44 -19.09 62.01 108.46
C LYS IA 44 -19.72 62.93 109.50
N ARG IA 45 -21.02 62.74 109.73
CA ARG IA 45 -21.77 63.47 110.75
C ARG IA 45 -21.18 63.27 112.15
N LYS IA 46 -20.88 62.02 112.47
CA LYS IA 46 -20.23 61.65 113.74
C LYS IA 46 -18.88 62.34 113.94
N LYS IA 47 -18.08 62.34 112.87
CA LYS IA 47 -16.80 63.05 112.85
C LYS IA 47 -16.95 64.54 113.12
N GLN IA 48 -17.91 65.15 112.42
CA GLN IA 48 -18.24 66.57 112.61
C GLN IA 48 -18.62 66.89 114.05
N GLU IA 49 -19.49 66.06 114.61
CA GLU IA 49 -19.92 66.18 116.02
C GLU IA 49 -18.73 66.11 116.97
N GLU IA 50 -17.85 65.14 116.73
CA GLU IA 50 -16.62 64.95 117.52
C GLU IA 50 -15.75 66.21 117.47
N HIS IA 51 -15.59 66.74 116.26
CA HIS IA 51 -14.81 67.96 116.01
C HIS IA 51 -15.35 69.14 116.82
N GLN IA 52 -16.66 69.36 116.75
CA GLN IA 52 -17.33 70.45 117.46
C GLN IA 52 -17.85 69.97 118.82
N LYS IA 81 -39.98 60.59 129.95
CA LYS IA 81 -39.81 59.28 129.33
C LYS IA 81 -39.58 59.38 127.83
N ASN IA 82 -38.66 58.56 127.32
CA ASN IA 82 -38.35 58.53 125.89
C ASN IA 82 -39.44 57.79 125.11
N ARG IA 83 -39.69 56.54 125.50
CA ARG IA 83 -40.65 55.68 124.80
C ARG IA 83 -42.11 56.19 124.87
N LEU IA 84 -42.88 55.79 123.87
CA LEU IA 84 -44.32 56.07 123.79
C LEU IA 84 -45.05 54.77 123.47
N GLU IA 85 -45.91 54.33 124.38
CA GLU IA 85 -46.65 53.06 124.22
C GLU IA 85 -47.67 53.14 123.08
N LEU IA 86 -47.63 52.16 122.18
CA LEU IA 86 -48.50 52.13 121.01
C LEU IA 86 -49.89 51.62 121.40
N ILE IA 87 -50.88 52.51 121.37
CA ILE IA 87 -52.26 52.19 121.74
C ILE IA 87 -53.18 53.26 121.12
N PRO IA 88 -54.40 52.88 120.64
CA PRO IA 88 -55.30 53.88 120.05
C PRO IA 88 -55.67 55.12 120.90
N GLU IA 89 -55.46 55.06 122.21
CA GLU IA 89 -55.65 56.22 123.09
C GLU IA 89 -54.59 57.30 122.85
N ASN IA 90 -53.34 56.88 122.62
CA ASN IA 90 -52.23 57.80 122.37
C ASN IA 90 -52.24 58.43 120.96
N PHE IA 91 -52.79 57.73 119.98
CA PHE IA 91 -52.89 58.26 118.60
C PHE IA 91 -53.99 59.32 118.48
N ILE IA 92 -53.96 60.05 117.37
CA ILE IA 92 -54.96 61.10 117.08
C ILE IA 92 -55.19 61.28 115.58
N GLY IA 93 -56.40 61.74 115.24
CA GLY IA 93 -56.77 62.07 113.86
C GLY IA 93 -57.52 60.96 113.15
N GLU IA 94 -57.81 61.20 111.87
CA GLU IA 94 -58.48 60.23 111.01
C GLU IA 94 -57.51 59.10 110.65
N GLY IA 95 -57.85 57.89 111.09
CA GLY IA 95 -57.00 56.71 110.86
C GLY IA 95 -57.18 56.11 109.48
N SER IA 96 -57.33 54.79 109.44
CA SER IA 96 -57.53 54.07 108.18
C SER IA 96 -58.93 54.29 107.64
N ARG IA 97 -59.04 54.49 106.32
CA ARG IA 97 -60.33 54.67 105.64
C ARG IA 97 -61.11 53.36 105.59
N ARG IA 98 -60.43 52.31 105.16
CA ARG IA 98 -61.02 50.97 105.00
C ARG IA 98 -61.65 50.48 106.29
N CYS IA 99 -60.90 50.59 107.38
CA CYS IA 99 -61.35 50.21 108.72
C CYS IA 99 -62.62 50.95 109.13
N LYS IA 100 -62.61 52.26 108.92
CA LYS IA 100 -63.77 53.14 109.17
C LYS IA 100 -65.00 52.70 108.38
N ARG IA 101 -64.78 52.40 107.10
CA ARG IA 101 -65.87 52.02 106.17
C ARG IA 101 -66.57 50.74 106.60
N GLN IA 102 -65.76 49.74 106.97
CA GLN IA 102 -66.26 48.46 107.50
C GLN IA 102 -67.09 48.65 108.77
N LYS IA 103 -66.59 49.48 109.68
CA LYS IA 103 -67.30 49.83 110.92
C LYS IA 103 -68.65 50.47 110.64
N GLU IA 104 -68.66 51.42 109.72
CA GLU IA 104 -69.89 52.10 109.27
C GLU IA 104 -70.92 51.12 108.72
N LEU IA 105 -70.45 50.22 107.87
CA LEU IA 105 -71.28 49.15 107.30
C LEU IA 105 -71.90 48.26 108.38
N LYS IA 106 -71.07 47.89 109.36
CA LYS IA 106 -71.51 47.08 110.51
C LYS IA 106 -72.57 47.79 111.34
N LEU IA 107 -72.34 49.08 111.58
CA LEU IA 107 -73.33 49.95 112.25
C LEU IA 107 -74.66 49.99 111.50
N ALA IA 108 -74.56 50.15 110.18
CA ALA IA 108 -75.73 50.20 109.31
C ALA IA 108 -76.55 48.91 109.33
N VAL IA 109 -75.87 47.79 109.10
CA VAL IA 109 -76.54 46.49 108.96
C VAL IA 109 -77.27 46.05 110.24
N SER IA 110 -76.68 46.36 111.40
CA SER IA 110 -77.29 46.07 112.71
C SER IA 110 -78.62 46.80 112.90
N SER IA 111 -78.66 48.08 112.51
CA SER IA 111 -79.86 48.91 112.63
C SER IA 111 -80.22 49.55 111.29
N ALA IA 112 -80.95 48.82 110.46
CA ALA IA 112 -81.42 49.29 109.16
C ALA IA 112 -82.88 48.88 108.91
N PRO IA 113 -83.59 49.61 108.02
CA PRO IA 113 -84.97 49.26 107.70
C PRO IA 113 -85.05 48.03 106.78
N PHE IA 114 -85.69 46.97 107.27
CA PHE IA 114 -85.83 45.71 106.53
C PHE IA 114 -87.11 45.01 107.00
N ASN IA 115 -87.73 44.23 106.11
CA ASN IA 115 -89.07 43.68 106.36
C ASN IA 115 -89.07 42.57 107.42
N GLN IA 116 -88.33 41.50 107.15
CA GLN IA 116 -88.27 40.32 108.02
C GLN IA 116 -89.65 39.68 108.22
N TRP IA 117 -90.24 39.25 107.11
CA TRP IA 117 -91.56 38.58 107.10
C TRP IA 117 -91.55 37.19 107.76
N LEU IA 118 -90.39 36.53 107.77
CA LEU IA 118 -90.21 35.28 108.50
C LEU IA 118 -90.10 35.59 109.99
N SER IA 119 -90.58 34.68 110.84
CA SER IA 119 -90.42 34.82 112.29
C SER IA 119 -88.95 34.66 112.67
N ARG IA 120 -88.55 35.36 113.73
CA ARG IA 120 -87.18 35.29 114.25
C ARG IA 120 -86.94 33.94 114.91
N ASP IA 121 -87.80 33.61 115.88
CA ASP IA 121 -87.74 32.32 116.57
C ASP IA 121 -88.34 31.22 115.70
N LYS IA 122 -87.64 30.09 115.61
CA LYS IA 122 -88.03 28.95 114.79
C LYS IA 122 -88.89 27.99 115.61
N ILE IA 123 -89.33 26.88 115.02
CA ILE IA 123 -90.26 25.95 115.71
C ILE IA 123 -89.46 24.96 116.57
N THR IA 124 -88.79 24.01 115.92
CA THR IA 124 -87.93 23.01 116.60
C THR IA 124 -88.69 22.17 117.64
N SER IA 125 -89.96 21.86 117.35
CA SER IA 125 -90.81 21.06 118.25
C SER IA 125 -92.05 20.58 117.49
N ASP IA 126 -92.34 19.29 117.60
CA ASP IA 126 -93.47 18.67 116.87
C ASP IA 126 -94.84 19.14 117.39
N ASN IA 127 -94.95 19.28 118.71
CA ASN IA 127 -96.15 19.81 119.36
C ASN IA 127 -96.43 21.25 118.95
N GLN IA 128 -95.38 22.05 118.97
CA GLN IA 128 -95.43 23.45 118.56
C GLN IA 128 -95.84 23.59 117.10
N LEU IA 129 -95.25 22.75 116.25
CA LEU IA 129 -95.55 22.72 114.82
C LEU IA 129 -97.02 22.39 114.55
N ASP IA 130 -97.52 21.37 115.23
CA ASP IA 130 -98.93 20.97 115.15
C ASP IA 130 -99.87 22.12 115.54
N ASP IA 131 -99.53 22.81 116.62
CA ASP IA 131 -100.28 23.97 117.10
C ASP IA 131 -100.31 25.10 116.08
N MET IA 132 -99.16 25.37 115.47
CA MET IA 132 -99.04 26.35 114.38
C MET IA 132 -99.93 26.01 113.18
N ILE IA 133 -99.89 24.74 112.79
CA ILE IA 133 -100.71 24.21 111.69
C ILE IA 133 -102.20 24.43 111.98
N LEU IA 134 -102.61 24.06 113.19
CA LEU IA 134 -103.99 24.26 113.65
C LEU IA 134 -104.42 25.72 113.56
N GLN IA 135 -103.54 26.61 114.04
CA GLN IA 135 -103.76 28.05 114.00
C GLN IA 135 -103.93 28.57 112.58
N ALA IA 136 -103.08 28.08 111.67
CA ALA IA 136 -103.14 28.41 110.25
C ALA IA 136 -104.47 27.97 109.64
N THR IA 137 -104.87 26.74 109.95
CA THR IA 137 -106.14 26.16 109.51
C THR IA 137 -107.33 27.02 109.96
N GLU IA 138 -107.31 27.39 111.25
CA GLU IA 138 -108.33 28.26 111.84
C GLU IA 138 -108.46 29.59 111.10
N LYS IA 139 -107.33 30.23 110.84
CA LYS IA 139 -107.29 31.60 110.32
C LYS IA 139 -107.58 31.68 108.82
N THR IA 140 -106.85 30.91 108.03
CA THR IA 140 -106.93 30.99 106.57
C THR IA 140 -108.11 30.21 105.98
N LEU IA 141 -108.29 28.96 106.42
CA LEU IA 141 -109.29 28.06 105.86
C LEU IA 141 -110.62 28.09 106.62
N GLY IA 142 -110.55 27.81 107.92
CA GLY IA 142 -111.72 27.64 108.79
C GLY IA 142 -111.65 26.30 109.50
N LYS IA 143 -112.73 25.94 110.20
CA LYS IA 143 -112.79 24.65 110.90
C LYS IA 143 -113.03 23.50 109.93
N VAL IA 144 -111.94 22.91 109.45
CA VAL IA 144 -111.96 21.71 108.60
C VAL IA 144 -110.86 20.75 109.04
N ASP IA 145 -111.00 19.49 108.63
CA ASP IA 145 -110.00 18.46 108.93
C ASP IA 145 -108.73 18.68 108.13
N GLN IA 146 -107.59 18.30 108.70
CA GLN IA 146 -106.28 18.44 108.05
C GLN IA 146 -106.09 17.45 106.89
N ASP IA 147 -106.84 16.36 106.89
CA ASP IA 147 -106.85 15.39 105.78
C ASP IA 147 -107.49 15.96 104.50
N VAL IA 148 -108.43 16.89 104.65
CA VAL IA 148 -109.17 17.47 103.52
C VAL IA 148 -108.28 18.45 102.76
N GLN IA 149 -108.40 18.44 101.44
CA GLN IA 149 -107.58 19.29 100.56
C GLN IA 149 -108.05 20.75 100.57
N PHE IA 150 -107.22 21.62 99.99
CA PHE IA 150 -107.55 23.05 99.87
C PHE IA 150 -108.61 23.24 98.80
N SER IA 151 -109.65 24.00 99.12
CA SER IA 151 -110.76 24.26 98.19
C SER IA 151 -110.33 25.24 97.11
N ASP IA 152 -109.88 26.42 97.55
CA ASP IA 152 -109.42 27.49 96.66
C ASP IA 152 -107.90 27.52 96.63
N LEU IA 153 -107.35 27.95 95.51
CA LEU IA 153 -105.90 28.04 95.31
C LEU IA 153 -105.31 29.29 95.99
N VAL IA 154 -106.08 30.37 95.98
CA VAL IA 154 -105.74 31.60 96.72
C VAL IA 154 -105.68 31.33 98.22
N ALA IA 155 -106.67 30.59 98.71
CA ALA IA 155 -106.76 30.18 100.12
C ALA IA 155 -105.56 29.34 100.53
N LYS IA 156 -105.20 28.38 99.68
CA LYS IA 156 -104.00 27.55 99.85
C LYS IA 156 -102.74 28.40 99.98
N PHE IA 157 -102.57 29.31 99.03
CA PHE IA 157 -101.45 30.26 99.02
C PHE IA 157 -101.35 31.01 100.35
N GLN IA 158 -102.49 31.54 100.78
CA GLN IA 158 -102.61 32.30 102.03
C GLN IA 158 -102.16 31.47 103.23
N PHE IA 159 -102.64 30.22 103.27
CA PHE IA 159 -102.26 29.25 104.30
C PHE IA 159 -100.76 29.01 104.34
N THR IA 160 -100.18 28.79 103.16
CA THR IA 160 -98.76 28.45 103.05
C THR IA 160 -97.86 29.62 103.45
N LYS IA 161 -98.23 30.82 103.03
CA LYS IA 161 -97.54 32.05 103.43
C LYS IA 161 -97.55 32.24 104.94
N PHE IA 162 -98.73 32.05 105.53
CA PHE IA 162 -98.91 32.13 106.98
C PHE IA 162 -98.02 31.13 107.70
N LEU IA 163 -98.06 29.89 107.23
CA LEU IA 163 -97.25 28.80 107.77
C LEU IA 163 -95.76 29.13 107.74
N GLN IA 164 -95.30 29.64 106.60
CA GLN IA 164 -93.92 30.10 106.42
C GLN IA 164 -93.53 31.18 107.43
N SER IA 165 -94.41 32.18 107.56
CA SER IA 165 -94.18 33.34 108.44
C SER IA 165 -94.05 32.92 109.89
N LYS IA 166 -94.98 32.10 110.36
CA LYS IA 166 -94.97 31.58 111.73
C LYS IA 166 -93.74 30.70 111.97
N SER IA 167 -93.45 29.84 111.00
CA SER IA 167 -92.33 28.91 111.07
C SER IA 167 -90.98 29.59 111.20
N GLY IA 168 -90.75 30.58 110.34
CA GLY IA 168 -89.43 31.18 110.16
C GLY IA 168 -88.68 30.63 108.94
N TYR IA 169 -89.11 29.46 108.45
CA TYR IA 169 -88.47 28.78 107.33
C TYR IA 169 -89.26 28.93 106.04
N LEU IA 170 -88.57 28.75 104.92
CA LEU IA 170 -89.17 28.82 103.57
C LEU IA 170 -89.43 27.41 103.03
N ILE IA 171 -90.69 27.14 102.70
CA ILE IA 171 -91.10 25.90 102.05
C ILE IA 171 -90.98 26.14 100.53
N PRO IA 172 -90.18 25.30 99.81
CA PRO IA 172 -89.94 25.54 98.38
C PRO IA 172 -91.18 25.50 97.48
N ASP IA 173 -91.08 26.16 96.34
CA ASP IA 173 -92.21 26.34 95.40
C ASP IA 173 -92.77 25.04 94.86
N TYR IA 174 -91.86 24.14 94.48
CA TYR IA 174 -92.19 22.79 94.02
C TYR IA 174 -92.98 22.01 95.07
N GLU IA 175 -92.50 22.07 96.31
CA GLU IA 175 -93.16 21.46 97.47
C GLU IA 175 -94.58 22.00 97.65
N LEU IA 176 -94.70 23.32 97.61
CA LEU IA 176 -96.01 24.01 97.71
C LEU IA 176 -96.99 23.50 96.66
N THR IA 177 -96.51 23.44 95.42
CA THR IA 177 -97.28 22.92 94.28
C THR IA 177 -97.75 21.48 94.53
N THR IA 178 -96.84 20.64 95.03
CA THR IA 178 -97.11 19.23 95.27
C THR IA 178 -98.14 18.99 96.37
N LEU IA 179 -97.84 19.50 97.57
CA LEU IA 179 -98.63 19.18 98.77
C LEU IA 179 -100.03 19.80 98.71
N SER IA 180 -101.05 18.94 98.80
CA SER IA 180 -102.45 19.32 98.62
C SER IA 180 -103.23 19.54 99.93
N THR IA 181 -102.64 19.15 101.07
CA THR IA 181 -103.32 19.26 102.38
C THR IA 181 -102.40 19.90 103.44
N PRO IA 182 -102.99 20.53 104.48
CA PRO IA 182 -102.23 20.97 105.66
C PRO IA 182 -101.48 19.86 106.37
N LEU IA 183 -102.11 18.68 106.47
CA LEU IA 183 -101.51 17.48 107.06
C LEU IA 183 -100.24 17.06 106.33
N GLN IA 184 -100.31 17.04 105.01
CA GLN IA 184 -99.16 16.74 104.14
C GLN IA 184 -98.00 17.71 104.36
N PHE IA 185 -98.34 18.99 104.43
CA PHE IA 185 -97.37 20.06 104.74
C PHE IA 185 -96.68 19.83 106.08
N LYS IA 186 -97.48 19.54 107.10
CA LYS IA 186 -96.99 19.22 108.44
C LYS IA 186 -96.02 18.05 108.42
N ARG IA 187 -96.41 16.98 107.74
CA ARG IA 187 -95.60 15.78 107.58
C ARG IA 187 -94.25 16.10 106.92
N TYR IA 188 -94.31 16.88 105.84
CA TYR IA 188 -93.11 17.36 105.15
C TYR IA 188 -92.17 18.12 106.09
N ILE IA 189 -92.73 19.05 106.85
CA ILE IA 189 -91.99 19.85 107.82
C ILE IA 189 -91.29 18.96 108.85
N LYS IA 190 -92.03 17.99 109.37
CA LYS IA 190 -91.52 17.00 110.33
C LYS IA 190 -90.35 16.21 109.77
N GLU IA 191 -90.49 15.80 108.50
CA GLU IA 191 -89.43 15.09 107.76
C GLU IA 191 -88.14 15.88 107.61
N LYS IA 192 -88.24 17.11 107.10
CA LYS IA 192 -87.11 17.79 106.47
C LYS IA 192 -86.41 18.85 107.33
N ILE IA 193 -87.20 19.80 107.83
CA ILE IA 193 -86.66 20.98 108.52
C ILE IA 193 -86.37 20.67 109.99
N LEU IA 194 -87.35 20.07 110.65
CA LEU IA 194 -87.31 19.74 112.10
C LEU IA 194 -86.03 19.07 112.61
N PRO IA 195 -85.60 17.96 111.98
CA PRO IA 195 -84.38 17.28 112.46
C PRO IA 195 -83.13 18.16 112.35
N SER IA 196 -83.04 18.90 111.25
CA SER IA 196 -81.92 19.84 111.03
C SER IA 196 -81.91 20.96 112.07
N ALA IA 197 -83.09 21.48 112.37
CA ALA IA 197 -83.28 22.50 113.42
C ALA IA 197 -82.84 21.98 114.78
N ASN IA 198 -83.25 20.75 115.11
CA ASN IA 198 -82.88 20.08 116.36
C ASN IA 198 -81.36 19.91 116.51
N ASP IA 199 -80.71 19.42 115.47
CA ASP IA 199 -79.27 19.14 115.48
C ASP IA 199 -78.56 19.82 114.30
N PRO IA 200 -77.76 20.88 114.58
CA PRO IA 200 -77.14 21.63 113.48
C PRO IA 200 -76.04 20.88 112.70
N LYS IA 201 -75.41 19.90 113.33
CA LYS IA 201 -74.46 19.02 112.62
C LYS IA 201 -75.15 18.08 111.63
N LEU IA 202 -76.39 17.69 111.94
CA LEU IA 202 -77.20 16.84 111.07
C LEU IA 202 -77.70 17.56 109.80
N ALA IA 203 -77.72 18.91 109.83
CA ALA IA 203 -78.22 19.73 108.72
C ALA IA 203 -77.51 19.50 107.38
N TYR IA 204 -78.24 19.78 106.30
CA TYR IA 204 -77.75 19.61 104.92
C TYR IA 204 -76.75 20.71 104.57
N LYS IA 205 -75.58 20.31 104.10
CA LYS IA 205 -74.54 21.23 103.61
C LYS IA 205 -74.48 21.18 102.09
N GLU IA 206 -74.26 22.33 101.47
CA GLU IA 206 -74.36 22.48 100.01
C GLU IA 206 -73.16 21.89 99.28
N ALA IA 207 -71.95 22.21 99.75
CA ALA IA 207 -70.71 21.72 99.12
C ALA IA 207 -70.54 20.19 99.20
N GLU IA 208 -71.10 19.59 100.25
CA GLU IA 208 -71.06 18.14 100.45
C GLU IA 208 -72.52 17.61 100.58
N PRO IA 209 -73.22 17.49 99.44
CA PRO IA 209 -74.64 17.10 99.44
C PRO IA 209 -74.88 15.62 99.73
N ASN IA 210 -73.88 14.78 99.49
CA ASN IA 210 -73.98 13.33 99.72
C ASN IA 210 -73.34 12.92 101.05
N ALA IA 211 -73.51 13.76 102.08
CA ALA IA 211 -72.94 13.50 103.40
C ALA IA 211 -73.80 12.50 104.15
N ILE IA 212 -73.16 11.77 105.06
CA ILE IA 212 -73.85 10.86 105.97
C ILE IA 212 -73.51 11.23 107.41
N HIS IA 213 -74.43 10.90 108.32
CA HIS IA 213 -74.30 11.28 109.74
C HIS IA 213 -74.57 10.07 110.62
N PRO IA 214 -73.67 9.07 110.58
CA PRO IA 214 -73.86 7.87 111.38
C PRO IA 214 -73.56 8.11 112.86
N PHE IA 215 -74.11 7.24 113.71
CA PHE IA 215 -73.87 7.26 115.15
C PHE IA 215 -73.67 5.84 115.66
N SER IA 216 -73.23 5.71 116.90
CA SER IA 216 -73.03 4.40 117.54
C SER IA 216 -74.36 3.68 117.80
N ASP IA 217 -75.40 4.45 118.12
CA ASP IA 217 -76.75 3.92 118.33
C ASP IA 217 -77.40 3.42 117.03
N ASN IA 218 -77.09 4.06 115.91
CA ASN IA 218 -77.65 3.73 114.59
C ASN IA 218 -77.49 2.27 114.17
N TYR IA 219 -76.37 1.65 114.54
CA TYR IA 219 -76.03 0.30 114.07
C TYR IA 219 -76.62 -0.84 114.90
N ALA IA 220 -76.92 -0.60 116.18
CA ALA IA 220 -77.65 -1.56 117.02
C ALA IA 220 -76.94 -2.92 117.26
N SER IA 221 -75.63 -2.95 117.07
CA SER IA 221 -74.79 -4.11 117.40
C SER IA 221 -73.60 -3.54 118.15
N PRO IA 222 -73.43 -3.92 119.43
CA PRO IA 222 -72.63 -3.11 120.34
C PRO IA 222 -71.13 -3.08 120.08
N ASN IA 223 -70.61 -4.00 119.26
CA ASN IA 223 -69.22 -3.93 118.79
C ASN IA 223 -68.97 -2.87 117.70
N ILE IA 224 -70.04 -2.35 117.08
CA ILE IA 224 -69.93 -1.25 116.12
C ILE IA 224 -70.09 0.08 116.87
N TYR IA 225 -69.30 1.08 116.45
CA TYR IA 225 -69.42 2.44 117.00
C TYR IA 225 -68.87 3.49 116.03
N VAL IA 226 -69.36 4.72 116.18
CA VAL IA 226 -68.94 5.86 115.36
C VAL IA 226 -68.24 6.87 116.27
N VAL IA 227 -66.97 7.13 115.97
CA VAL IA 227 -66.17 8.11 116.73
C VAL IA 227 -66.71 9.52 116.52
N ASN IA 228 -66.62 10.36 117.55
CA ASN IA 228 -67.25 11.69 117.55
C ASN IA 228 -66.57 12.69 116.62
N ASP IA 229 -67.36 13.27 115.72
CA ASP IA 229 -66.88 14.28 114.77
C ASP IA 229 -66.77 15.63 115.47
N VAL IA 230 -65.66 15.82 116.17
CA VAL IA 230 -65.29 17.12 116.74
C VAL IA 230 -64.13 17.63 115.90
N THR IA 231 -64.30 18.81 115.31
CA THR IA 231 -63.28 19.41 114.46
C THR IA 231 -62.02 19.74 115.28
N SER IA 232 -60.86 19.53 114.67
CA SER IA 232 -59.56 19.79 115.30
C SER IA 232 -59.43 21.21 115.82
N LYS IA 233 -59.92 22.17 115.03
CA LYS IA 233 -59.92 23.59 115.36
C LYS IA 233 -60.69 23.87 116.65
N GLU IA 234 -61.89 23.30 116.75
CA GLU IA 234 -62.75 23.44 117.92
C GLU IA 234 -62.08 22.91 119.19
N GLN IA 235 -61.46 21.75 119.06
CA GLN IA 235 -60.69 21.12 120.14
C GLN IA 235 -59.55 22.02 120.62
N LYS IA 236 -58.81 22.55 119.64
CA LYS IA 236 -57.71 23.49 119.90
C LYS IA 236 -58.19 24.73 120.65
N SER IA 237 -59.31 25.29 120.19
CA SER IA 237 -59.94 26.45 120.82
C SER IA 237 -60.33 26.14 122.28
N LYS IA 238 -60.95 24.98 122.48
CA LYS IA 238 -61.29 24.49 123.82
C LYS IA 238 -60.07 24.38 124.74
N TYR IA 239 -59.00 23.80 124.20
CA TYR IA 239 -57.74 23.66 124.93
C TYR IA 239 -57.19 25.03 125.35
N ASP IA 240 -57.16 25.96 124.39
CA ASP IA 240 -56.71 27.33 124.61
C ASP IA 240 -57.49 27.99 125.74
N THR IA 241 -58.82 27.87 125.68
CA THR IA 241 -59.71 28.46 126.69
C THR IA 241 -59.46 27.90 128.09
N ILE IA 242 -59.29 26.58 128.17
CA ILE IA 242 -59.11 25.89 129.45
C ILE IA 242 -57.77 26.26 130.09
N MET IA 243 -56.68 26.12 129.33
CA MET IA 243 -55.34 26.47 129.83
C MET IA 243 -55.21 27.95 130.18
N LYS IA 244 -55.84 28.79 129.37
CA LYS IA 244 -55.94 30.24 129.63
C LYS IA 244 -56.68 30.50 130.93
N GLU IA 245 -57.81 29.83 131.11
CA GLU IA 245 -58.65 29.96 132.31
C GLU IA 245 -57.91 29.55 133.58
N ILE IA 246 -57.15 28.46 133.48
CA ILE IA 246 -56.27 27.99 134.56
C ILE IA 246 -55.23 29.03 134.92
N GLN IA 247 -54.59 29.57 133.89
CA GLN IA 247 -53.57 30.60 134.04
C GLN IA 247 -54.12 31.82 134.77
N LYS IA 248 -55.29 32.28 134.31
CA LYS IA 248 -56.03 33.39 134.95
C LYS IA 248 -56.29 33.12 136.43
N LEU IA 249 -56.77 31.91 136.72
CA LEU IA 249 -57.05 31.48 138.09
C LEU IA 249 -55.80 31.51 138.96
N GLU IA 250 -54.71 30.99 138.41
CA GLU IA 250 -53.42 30.93 139.09
C GLU IA 250 -52.88 32.32 139.38
N ASP IA 251 -52.85 33.17 138.36
CA ASP IA 251 -52.34 34.54 138.46
C ASP IA 251 -53.05 35.38 139.52
N ASP IA 252 -54.37 35.26 139.57
CA ASP IA 252 -55.19 35.93 140.58
C ASP IA 252 -54.86 35.47 142.00
N ALA IA 253 -54.69 34.15 142.15
CA ALA IA 253 -54.30 33.54 143.42
C ALA IA 253 -52.93 34.01 143.90
N THR IA 254 -51.98 34.11 142.96
CA THR IA 254 -50.62 34.58 143.25
C THR IA 254 -50.63 36.03 143.70
N ARG IA 255 -51.41 36.85 142.99
CA ARG IA 255 -51.60 38.26 143.33
C ARG IA 255 -52.17 38.43 144.74
N LYS IA 256 -53.19 37.63 145.05
CA LYS IA 256 -53.81 37.60 146.37
C LYS IA 256 -52.80 37.26 147.45
N ALA IA 257 -52.01 36.21 147.21
CA ALA IA 257 -50.93 35.79 148.10
C ALA IA 257 -49.89 36.89 148.34
N LEU IA 258 -49.56 37.61 147.28
CA LEU IA 258 -48.64 38.76 147.34
C LEU IA 258 -49.20 39.88 148.23
N GLU IA 259 -50.48 40.19 148.01
CA GLU IA 259 -51.22 41.18 148.81
C GLU IA 259 -51.26 40.82 150.30
N THR IA 260 -51.48 39.54 150.59
CA THR IA 260 -51.51 39.04 151.97
C THR IA 260 -50.13 39.18 152.65
N ALA IA 261 -49.09 38.84 151.90
CA ALA IA 261 -47.70 38.98 152.35
C ALA IA 261 -47.35 40.43 152.67
N ARG IA 262 -47.77 41.33 151.78
CA ARG IA 262 -47.57 42.78 151.95
C ARG IA 262 -48.27 43.30 153.20
N SER IA 263 -49.50 42.84 153.41
CA SER IA 263 -50.29 43.19 154.60
C SER IA 263 -49.59 42.75 155.89
N ALA IA 264 -49.14 41.50 155.92
CA ALA IA 264 -48.44 40.95 157.08
C ALA IA 264 -47.65 39.70 156.71
N VAL JA 1 -8.97 -55.26 152.96
CA VAL JA 1 -9.55 -54.46 154.09
C VAL JA 1 -10.66 -53.55 153.54
N ILE JA 2 -11.83 -53.61 154.17
CA ILE JA 2 -12.97 -52.73 153.83
C ILE JA 2 -13.26 -51.87 155.06
N TYR JA 3 -12.46 -50.83 155.23
CA TYR JA 3 -12.63 -49.90 156.35
C TYR JA 3 -13.77 -48.92 156.08
N LEU JA 4 -14.92 -49.20 156.69
CA LEU JA 4 -16.06 -48.27 156.69
C LEU JA 4 -15.96 -47.42 157.95
N HIS JA 5 -15.85 -46.11 157.77
CA HIS JA 5 -15.64 -45.18 158.87
C HIS JA 5 -16.92 -45.03 159.71
N LYS JA 6 -16.76 -44.95 161.03
CA LYS JA 6 -17.89 -45.02 161.96
C LYS JA 6 -17.65 -44.14 163.19
N GLY JA 7 -17.44 -42.85 162.93
CA GLY JA 7 -17.17 -41.87 164.00
C GLY JA 7 -17.36 -40.43 163.53
N PRO JA 8 -16.46 -39.51 163.94
CA PRO JA 8 -16.47 -38.14 163.39
C PRO JA 8 -16.04 -38.08 161.92
N ARG JA 9 -16.09 -36.88 161.35
CA ARG JA 9 -15.84 -36.70 159.91
C ARG JA 9 -14.34 -36.77 159.57
N ILE JA 10 -14.00 -37.70 158.67
CA ILE JA 10 -12.74 -37.66 157.93
C ILE JA 10 -13.14 -37.27 156.50
N ASN JA 11 -12.54 -36.20 156.00
CA ASN JA 11 -12.92 -35.62 154.69
C ASN JA 11 -12.53 -36.55 153.55
N GLY JA 12 -13.54 -37.00 152.78
CA GLY JA 12 -13.33 -37.86 151.62
C GLY JA 12 -13.57 -39.34 151.86
N LEU JA 13 -13.54 -39.76 153.13
CA LEU JA 13 -13.60 -41.16 153.50
C LEU JA 13 -15.05 -41.63 153.63
N ARG JA 14 -15.37 -42.79 153.09
CA ARG JA 14 -16.75 -43.29 153.10
C ARG JA 14 -17.11 -43.86 154.47
N ARG JA 15 -18.39 -43.72 154.83
CA ARG JA 15 -18.90 -44.12 156.14
C ARG JA 15 -19.57 -45.49 156.10
N ASP JA 16 -19.74 -46.07 157.28
CA ASP JA 16 -20.59 -47.24 157.48
C ASP JA 16 -22.04 -46.79 157.36
N PRO JA 17 -22.87 -47.50 156.57
CA PRO JA 17 -24.24 -47.02 156.29
C PRO JA 17 -25.08 -46.69 157.54
N GLU JA 18 -24.95 -47.49 158.59
CA GLU JA 18 -25.72 -47.28 159.83
C GLU JA 18 -25.36 -46.01 160.62
N SER JA 19 -24.18 -45.43 160.35
CA SER JA 19 -23.78 -44.17 161.00
C SER JA 19 -24.54 -42.93 160.52
N TYR JA 20 -25.13 -42.99 159.32
CA TYR JA 20 -25.90 -41.86 158.76
C TYR JA 20 -27.33 -42.20 158.32
N LEU JA 21 -27.85 -43.35 158.73
CA LEU JA 21 -29.25 -43.73 158.42
C LEU JA 21 -30.14 -43.70 159.68
N ARG JA 22 -29.92 -42.72 160.54
CA ARG JA 22 -30.72 -42.52 161.75
C ARG JA 22 -31.08 -41.05 161.92
N ASN JA 23 -32.36 -40.80 162.20
CA ASN JA 23 -32.83 -39.45 162.55
C ASN JA 23 -32.37 -39.01 163.95
N PRO JA 24 -32.56 -37.72 164.30
CA PRO JA 24 -32.30 -37.27 165.67
C PRO JA 24 -32.98 -38.08 166.79
N SER JA 25 -34.15 -38.66 166.50
CA SER JA 25 -34.82 -39.58 167.43
C SER JA 25 -33.99 -40.84 167.66
N GLY JA 26 -33.42 -41.38 166.59
CA GLY JA 26 -32.52 -42.54 166.64
C GLY JA 26 -33.23 -43.84 166.29
N VAL JA 27 -33.81 -43.87 165.10
CA VAL JA 27 -34.37 -45.11 164.53
C VAL JA 27 -33.76 -45.32 163.14
N LEU JA 28 -33.37 -46.57 162.86
CA LEU JA 28 -32.70 -46.91 161.60
C LEU JA 28 -33.72 -46.81 160.45
N PHE JA 29 -33.29 -46.25 159.32
CA PHE JA 29 -34.17 -46.01 158.17
C PHE JA 29 -34.80 -47.29 157.60
N THR JA 30 -34.01 -48.36 157.49
CA THR JA 30 -34.53 -49.67 157.07
C THR JA 30 -35.47 -50.32 158.11
N GLU JA 31 -35.21 -50.03 159.40
CA GLU JA 31 -35.96 -50.63 160.52
C GLU JA 31 -37.31 -49.97 160.84
N VAL JA 32 -37.73 -48.96 160.07
CA VAL JA 32 -39.06 -48.34 160.25
C VAL JA 32 -40.18 -49.35 159.97
N ASN JA 33 -41.24 -49.27 160.76
CA ASN JA 33 -42.35 -50.22 160.72
C ASN JA 33 -43.68 -49.51 160.45
N ALA JA 34 -44.60 -50.23 159.80
CA ALA JA 34 -45.92 -49.69 159.47
C ALA JA 34 -46.77 -49.45 160.71
N LYS JA 35 -46.89 -50.48 161.53
CA LYS JA 35 -47.64 -50.43 162.80
C LYS JA 35 -47.17 -49.30 163.71
N GLU JA 36 -45.85 -49.14 163.85
CA GLU JA 36 -45.25 -48.21 164.81
C GLU JA 36 -45.08 -46.76 164.33
N CYS JA 37 -45.22 -46.49 163.03
CA CYS JA 37 -44.98 -45.13 162.51
C CYS JA 37 -46.00 -44.65 161.46
N GLN JA 38 -46.02 -45.29 160.30
CA GLN JA 38 -46.86 -44.82 159.18
C GLN JA 38 -48.35 -44.86 159.50
N ASP JA 39 -48.77 -45.91 160.19
CA ASP JA 39 -50.15 -46.04 160.70
C ASP JA 39 -50.50 -44.92 161.68
N LYS JA 40 -49.56 -44.62 162.58
CA LYS JA 40 -49.73 -43.53 163.54
C LYS JA 40 -49.87 -42.17 162.84
N VAL JA 41 -49.03 -41.95 161.83
CA VAL JA 41 -49.05 -40.73 161.02
C VAL JA 41 -50.41 -40.56 160.33
N ARG JA 42 -50.91 -41.64 159.74
CA ARG JA 42 -52.24 -41.67 159.10
C ARG JA 42 -53.34 -41.28 160.08
N SER JA 43 -53.29 -41.89 161.27
CA SER JA 43 -54.26 -41.64 162.35
C SER JA 43 -54.26 -40.18 162.80
N ILE JA 44 -53.05 -39.63 162.93
CA ILE JA 44 -52.85 -38.21 163.24
C ILE JA 44 -53.49 -37.31 162.19
N LEU JA 45 -53.21 -37.61 160.92
CA LEU JA 45 -53.73 -36.83 159.79
C LEU JA 45 -55.19 -37.13 159.41
N GLN JA 46 -55.80 -38.13 160.04
CA GLN JA 46 -57.22 -38.44 159.87
C GLN JA 46 -57.56 -38.79 158.41
N LEU JA 47 -56.67 -39.57 157.79
CA LEU JA 47 -56.79 -39.91 156.37
C LEU JA 47 -57.98 -40.84 156.05
N PRO JA 48 -58.41 -41.69 157.01
CA PRO JA 48 -59.68 -42.43 156.81
C PRO JA 48 -60.95 -41.57 156.71
N LYS JA 49 -60.95 -40.36 157.28
CA LYS JA 49 -62.09 -39.45 157.19
C LYS JA 49 -62.37 -38.99 155.75
N TYR JA 50 -61.31 -38.55 155.07
CA TYR JA 50 -61.42 -37.87 153.77
C TYR JA 50 -61.17 -38.82 152.58
N GLY JA 51 -61.37 -40.12 152.77
CA GLY JA 51 -61.17 -41.12 151.72
C GLY JA 51 -59.74 -41.21 151.17
N ILE JA 52 -58.77 -40.81 152.00
CA ILE JA 52 -57.38 -40.70 151.56
C ILE JA 52 -56.69 -42.06 151.67
N ASN JA 53 -55.75 -42.29 150.76
CA ASN JA 53 -54.95 -43.51 150.73
C ASN JA 53 -53.55 -43.23 150.18
N LEU JA 54 -52.59 -43.07 151.10
CA LEU JA 54 -51.17 -42.91 150.77
C LEU JA 54 -50.45 -44.24 150.99
N SER JA 55 -49.42 -44.49 150.18
CA SER JA 55 -48.57 -45.67 150.37
C SER JA 55 -47.59 -45.42 151.50
N ASN JA 56 -47.20 -46.49 152.20
CA ASN JA 56 -46.23 -46.44 153.30
C ASN JA 56 -44.91 -45.79 152.88
N GLU JA 57 -44.44 -46.18 151.69
CA GLU JA 57 -43.22 -45.64 151.09
C GLU JA 57 -43.36 -44.14 150.82
N LEU JA 58 -44.53 -43.76 150.31
CA LEU JA 58 -44.86 -42.35 150.03
C LEU JA 58 -44.85 -41.51 151.31
N ILE JA 59 -45.46 -42.06 152.36
CA ILE JA 59 -45.50 -41.43 153.69
C ILE JA 59 -44.08 -41.19 154.20
N LEU JA 60 -43.24 -42.23 154.08
CA LEU JA 60 -41.84 -42.17 154.50
C LEU JA 60 -41.05 -41.10 153.75
N GLN JA 61 -41.29 -41.01 152.44
CA GLN JA 61 -40.69 -39.98 151.59
C GLN JA 61 -41.07 -38.58 152.04
N CYS JA 62 -42.38 -38.39 152.28
CA CYS JA 62 -42.91 -37.12 152.79
C CYS JA 62 -42.25 -36.70 154.08
N LEU JA 63 -42.10 -37.66 154.99
CA LEU JA 63 -41.44 -37.45 156.28
C LEU JA 63 -39.99 -37.00 156.13
N THR JA 64 -39.24 -37.67 155.25
CA THR JA 64 -37.78 -37.47 155.18
C THR JA 64 -37.31 -36.26 154.33
N HIS JA 65 -36.29 -35.58 154.84
CA HIS JA 65 -35.74 -34.34 154.29
C HIS JA 65 -34.50 -34.64 153.43
N LYS JA 66 -34.20 -33.73 152.50
CA LYS JA 66 -33.03 -33.83 151.61
C LYS JA 66 -31.68 -33.97 152.35
N SER JA 67 -31.58 -33.32 153.51
CA SER JA 67 -30.38 -33.39 154.37
C SER JA 67 -30.11 -34.78 154.96
N PHE JA 68 -31.14 -35.60 155.10
CA PHE JA 68 -30.98 -36.98 155.56
C PHE JA 68 -30.27 -37.83 154.52
N ALA JA 69 -29.17 -38.47 154.94
CA ALA JA 69 -28.44 -39.44 154.13
C ALA JA 69 -27.95 -38.92 152.77
N HIS JA 70 -27.72 -37.60 152.69
CA HIS JA 70 -27.25 -36.93 151.47
C HIS JA 70 -28.15 -37.11 150.25
N GLY JA 71 -29.47 -37.10 150.48
CA GLY JA 71 -30.45 -37.33 149.42
C GLY JA 71 -30.35 -38.69 148.73
N SER JA 72 -29.84 -39.69 149.45
CA SER JA 72 -29.69 -41.03 148.91
C SER JA 72 -31.05 -41.74 148.93
N LYS JA 73 -31.71 -41.67 150.09
CA LYS JA 73 -33.05 -42.22 150.25
C LYS JA 73 -34.08 -41.18 149.76
N PRO JA 74 -35.25 -41.63 149.26
CA PRO JA 74 -36.21 -40.72 148.60
C PRO JA 74 -36.72 -39.61 149.52
N TYR JA 75 -36.48 -38.36 149.14
CA TYR JA 75 -36.68 -37.20 150.03
C TYR JA 75 -37.71 -36.20 149.49
N ASN JA 76 -38.44 -35.58 150.41
CA ASN JA 76 -39.40 -34.52 150.07
C ASN JA 76 -38.75 -33.19 149.66
N GLU JA 77 -38.99 -32.78 148.42
CA GLU JA 77 -38.65 -31.43 147.95
C GLU JA 77 -39.64 -30.98 146.88
N LYS JA 78 -39.72 -31.77 145.82
CA LYS JA 78 -40.69 -31.55 144.74
C LYS JA 78 -42.13 -31.63 145.24
N LEU JA 79 -42.39 -32.66 146.05
CA LEU JA 79 -43.68 -32.83 146.73
C LEU JA 79 -44.00 -31.62 147.60
N ASN JA 80 -43.04 -31.25 148.44
CA ASN JA 80 -43.14 -30.06 149.31
C ASN JA 80 -43.51 -28.80 148.52
N LEU JA 81 -42.78 -28.59 147.42
CA LEU JA 81 -43.00 -27.45 146.53
C LEU JA 81 -44.44 -27.44 146.01
N LEU JA 82 -44.88 -28.60 145.54
CA LEU JA 82 -46.24 -28.80 145.04
C LEU JA 82 -47.28 -28.47 146.12
N GLY JA 83 -47.05 -29.01 147.32
CA GLY JA 83 -47.94 -28.81 148.45
C GLY JA 83 -48.08 -27.35 148.85
N ALA JA 84 -46.94 -26.66 148.92
CA ALA JA 84 -46.91 -25.21 149.19
C ALA JA 84 -47.77 -24.43 148.20
N GLN JA 85 -47.62 -24.76 146.92
CA GLN JA 85 -48.39 -24.13 145.84
C GLN JA 85 -49.89 -24.35 145.99
N PHE JA 86 -50.27 -25.58 146.30
CA PHE JA 86 -51.67 -25.91 146.56
C PHE JA 86 -52.20 -25.24 147.82
N LEU JA 87 -51.36 -25.27 148.86
CA LEU JA 87 -51.73 -24.75 150.18
C LEU JA 87 -52.05 -23.27 150.13
N LYS JA 88 -51.18 -22.50 149.48
CA LYS JA 88 -51.35 -21.05 149.32
C LYS JA 88 -52.66 -20.68 148.62
N LEU JA 89 -52.97 -21.43 147.55
CA LEU JA 89 -54.23 -21.30 146.83
C LEU JA 89 -55.42 -21.60 147.73
N GLN JA 90 -55.32 -22.69 148.48
CA GLN JA 90 -56.32 -23.11 149.47
C GLN JA 90 -56.58 -22.07 150.57
N THR JA 91 -55.50 -21.44 151.03
CA THR JA 91 -55.60 -20.36 152.03
C THR JA 91 -56.30 -19.14 151.46
N CYS JA 92 -55.98 -18.83 150.19
CA CYS JA 92 -56.59 -17.72 149.48
C CYS JA 92 -58.09 -17.91 149.30
N ILE JA 93 -58.49 -19.09 148.83
CA ILE JA 93 -59.93 -19.40 148.69
C ILE JA 93 -60.65 -19.33 150.04
N HIS JA 94 -60.03 -19.85 151.10
CA HIS JA 94 -60.57 -19.75 152.47
C HIS JA 94 -60.82 -18.30 152.89
N SER JA 95 -59.84 -17.45 152.62
CA SER JA 95 -59.93 -16.01 152.92
C SER JA 95 -61.07 -15.35 152.15
N LEU JA 96 -61.16 -15.66 150.87
CA LEU JA 96 -62.26 -15.21 150.00
C LEU JA 96 -63.63 -15.62 150.52
N LYS JA 97 -63.75 -16.86 150.97
CA LYS JA 97 -64.99 -17.38 151.54
C LYS JA 97 -65.39 -16.62 152.80
N ASN JA 98 -64.43 -16.45 153.71
CA ASN JA 98 -64.66 -15.84 155.01
C ASN JA 98 -64.30 -14.36 155.02
N LEU JA 112 -68.53 -11.92 147.17
CA LEU JA 112 -67.25 -12.59 147.33
C LEU JA 112 -66.13 -11.58 147.56
N GLN JA 113 -65.43 -11.71 148.69
CA GLN JA 113 -64.41 -10.75 149.11
C GLN JA 113 -63.10 -10.97 148.37
N PHE JA 114 -62.46 -9.87 147.96
CA PHE JA 114 -61.09 -9.88 147.41
C PHE JA 114 -60.17 -8.87 148.12
N SER JA 115 -60.56 -8.42 149.32
CA SER JA 115 -59.83 -7.40 150.06
C SER JA 115 -59.19 -7.93 151.35
N ASN JA 116 -59.04 -9.25 151.45
CA ASN JA 116 -58.47 -9.91 152.64
C ASN JA 116 -57.31 -10.86 152.29
N LEU JA 117 -56.59 -10.56 151.20
CA LEU JA 117 -55.50 -11.41 150.71
C LEU JA 117 -54.15 -10.83 151.12
N GLY JA 118 -53.91 -9.58 150.73
CA GLY JA 118 -52.70 -8.86 151.11
C GLY JA 118 -52.79 -8.40 152.55
N THR JA 119 -52.57 -9.35 153.47
CA THR JA 119 -52.71 -9.11 154.91
C THR JA 119 -51.81 -10.05 155.71
N LYS JA 120 -51.69 -9.75 157.00
CA LYS JA 120 -50.74 -10.42 157.90
C LYS JA 120 -51.20 -11.82 158.25
N PHE JA 121 -52.46 -11.94 158.65
CA PHE JA 121 -53.07 -13.21 159.05
C PHE JA 121 -52.96 -14.28 157.95
N ALA JA 122 -53.30 -13.89 156.73
CA ALA JA 122 -53.21 -14.75 155.55
C ALA JA 122 -51.79 -15.26 155.31
N LYS JA 123 -50.83 -14.36 155.43
CA LYS JA 123 -49.40 -14.70 155.32
C LYS JA 123 -48.98 -15.72 156.38
N GLU JA 124 -49.40 -15.47 157.61
CA GLU JA 124 -49.11 -16.36 158.74
C GLU JA 124 -49.70 -17.76 158.52
N LEU JA 125 -50.92 -17.79 157.98
CA LEU JA 125 -51.60 -19.05 157.63
C LEU JA 125 -50.78 -19.88 156.64
N THR JA 126 -50.21 -19.24 155.62
CA THR JA 126 -49.35 -19.92 154.64
C THR JA 126 -47.85 -19.89 154.98
N SER JA 127 -47.50 -19.64 156.26
CA SER JA 127 -46.11 -19.48 156.67
C SER JA 127 -45.45 -20.80 157.07
N LYS JA 128 -44.14 -20.75 157.23
CA LYS JA 128 -43.30 -21.90 157.57
C LYS JA 128 -43.29 -22.18 159.08
N ASN JA 129 -43.26 -21.10 159.86
CA ASN JA 129 -43.30 -21.20 161.33
C ASN JA 129 -44.59 -21.83 161.81
N THR JA 130 -45.70 -21.36 161.26
CA THR JA 130 -47.04 -21.90 161.52
C THR JA 130 -47.12 -23.40 161.20
N ALA JA 131 -46.56 -23.77 160.05
CA ALA JA 131 -46.50 -25.17 159.63
C ALA JA 131 -45.72 -26.02 160.62
N CYS JA 132 -44.56 -25.51 161.05
CA CYS JA 132 -43.73 -26.16 162.06
C CYS JA 132 -44.47 -26.39 163.38
N THR JA 133 -45.16 -25.36 163.85
CA THR JA 133 -45.93 -25.43 165.09
C THR JA 133 -47.01 -26.50 164.99
N PHE JA 134 -47.74 -26.50 163.87
CA PHE JA 134 -48.74 -27.53 163.56
C PHE JA 134 -48.17 -28.94 163.65
N VAL JA 135 -47.01 -29.13 163.02
CA VAL JA 135 -46.29 -30.41 163.03
C VAL JA 135 -45.95 -30.85 164.46
N LYS JA 136 -45.42 -29.90 165.24
CA LYS JA 136 -45.09 -30.13 166.66
C LYS JA 136 -46.31 -30.54 167.49
N LEU JA 137 -47.42 -29.83 167.30
CA LEU JA 137 -48.67 -30.11 168.02
C LEU JA 137 -49.19 -31.52 167.77
N HIS JA 138 -49.19 -31.89 166.50
CA HIS JA 138 -49.63 -33.22 166.06
C HIS JA 138 -48.65 -34.35 166.40
N ASN JA 139 -47.44 -33.98 166.83
CA ASN JA 139 -46.42 -34.92 167.33
C ASN JA 139 -45.85 -35.81 166.21
N LEU JA 140 -45.60 -35.19 165.06
CA LEU JA 140 -44.96 -35.85 163.92
C LEU JA 140 -43.44 -35.68 163.91
N ASP JA 141 -42.92 -34.83 164.80
CA ASP JA 141 -41.48 -34.52 164.86
C ASP JA 141 -40.51 -35.69 165.14
N PRO JA 142 -40.91 -36.70 165.95
CA PRO JA 142 -39.99 -37.82 166.12
C PRO JA 142 -39.88 -38.74 164.90
N PHE JA 143 -40.92 -38.76 164.06
CA PHE JA 143 -40.98 -39.67 162.92
C PHE JA 143 -40.14 -39.22 161.71
N ILE JA 144 -39.98 -37.91 161.54
CA ILE JA 144 -39.29 -37.38 160.35
C ILE JA 144 -37.79 -37.66 160.34
N PHE JA 145 -37.24 -37.81 159.14
CA PHE JA 145 -35.82 -38.15 158.95
C PHE JA 145 -35.04 -36.98 158.36
N TRP JA 146 -34.04 -36.53 159.10
CA TRP JA 146 -33.23 -35.38 158.74
C TRP JA 146 -31.93 -35.40 159.53
N LYS JA 147 -31.02 -34.48 159.22
CA LYS JA 147 -29.77 -34.35 159.96
C LYS JA 147 -29.67 -32.97 160.60
N MET JA 148 -29.46 -32.94 161.92
CA MET JA 148 -29.30 -31.70 162.66
C MET JA 148 -27.94 -31.07 162.34
N ARG JA 149 -27.89 -29.75 162.46
CA ARG JA 149 -26.67 -28.98 162.19
C ARG JA 149 -25.70 -29.17 163.35
N ASP JA 150 -26.19 -28.89 164.56
CA ASP JA 150 -25.49 -29.16 165.81
C ASP JA 150 -26.48 -29.82 166.78
N PRO JA 151 -26.33 -31.14 167.05
CA PRO JA 151 -27.25 -31.88 167.94
C PRO JA 151 -27.59 -31.22 169.28
N ILE JA 152 -26.61 -30.57 169.91
CA ILE JA 152 -26.81 -29.89 171.20
C ILE JA 152 -27.20 -28.41 171.04
N LYS JA 153 -28.43 -28.22 170.53
CA LYS JA 153 -29.00 -26.88 170.32
C LYS JA 153 -30.50 -26.89 170.67
N ASP JA 154 -31.14 -25.73 170.56
CA ASP JA 154 -32.57 -25.58 170.83
C ASP JA 154 -33.44 -26.38 169.85
N GLY JA 155 -33.23 -26.14 168.56
CA GLY JA 155 -34.01 -26.76 167.49
C GLY JA 155 -34.13 -25.84 166.29
N HIS JA 156 -34.56 -24.61 166.56
CA HIS JA 156 -34.64 -23.54 165.54
C HIS JA 156 -33.27 -23.23 164.91
N ILE JA 157 -32.19 -23.39 165.68
CA ILE JA 157 -30.82 -23.20 165.19
C ILE JA 157 -30.48 -24.25 164.12
N ASN JA 158 -30.94 -25.48 164.30
CA ASN JA 158 -30.71 -26.56 163.35
C ASN JA 158 -31.50 -26.49 162.04
N GLY JA 159 -32.47 -25.57 161.94
CA GLY JA 159 -33.34 -25.47 160.77
C GLY JA 159 -34.46 -26.49 160.82
N GLU JA 160 -34.97 -26.71 162.02
CA GLU JA 160 -36.03 -27.68 162.29
C GLU JA 160 -37.35 -27.21 161.68
N THR JA 161 -37.68 -25.95 161.94
CA THR JA 161 -38.93 -25.32 161.50
C THR JA 161 -39.20 -25.42 160.00
N THR JA 162 -38.16 -25.20 159.21
CA THR JA 162 -38.23 -25.24 157.75
C THR JA 162 -38.52 -26.66 157.26
N ILE JA 163 -37.86 -27.62 157.90
CA ILE JA 163 -38.02 -29.04 157.59
C ILE JA 163 -39.43 -29.51 157.91
N PHE JA 164 -39.93 -29.09 159.07
CA PHE JA 164 -41.31 -29.39 159.50
C PHE JA 164 -42.33 -28.84 158.50
N ALA JA 165 -42.12 -27.59 158.09
CA ALA JA 165 -42.95 -26.93 157.08
C ALA JA 165 -42.95 -27.70 155.76
N SER JA 166 -41.76 -28.12 155.34
CA SER JA 166 -41.58 -28.94 154.14
C SER JA 166 -42.35 -30.25 154.24
N VAL JA 167 -42.24 -30.91 155.39
CA VAL JA 167 -42.96 -32.17 155.67
C VAL JA 167 -44.47 -31.98 155.56
N LEU JA 168 -44.98 -30.92 156.19
CA LEU JA 168 -46.41 -30.58 156.14
C LEU JA 168 -46.88 -30.41 154.71
N ASN JA 169 -46.11 -29.65 153.94
CA ASN JA 169 -46.41 -29.40 152.52
C ASN JA 169 -46.17 -30.63 151.65
N ALA JA 170 -45.14 -31.42 151.99
CA ALA JA 170 -44.83 -32.65 151.26
C ALA JA 170 -45.97 -33.64 151.30
N PHE JA 171 -46.55 -33.80 152.49
CA PHE JA 171 -47.76 -34.62 152.67
C PHE JA 171 -48.87 -34.16 151.74
N ILE JA 172 -49.11 -32.84 151.71
CA ILE JA 172 -50.14 -32.24 150.86
C ILE JA 172 -49.86 -32.53 149.38
N GLY JA 173 -48.60 -32.34 148.97
CA GLY JA 173 -48.17 -32.64 147.61
C GLY JA 173 -48.35 -34.10 147.21
N ALA JA 174 -48.07 -35.00 148.14
CA ALA JA 174 -48.30 -36.43 147.96
C ALA JA 174 -49.78 -36.76 147.77
N ILE JA 175 -50.62 -36.13 148.60
CA ILE JA 175 -52.08 -36.29 148.54
C ILE JA 175 -52.59 -35.84 147.17
N LEU JA 176 -52.14 -34.67 146.74
CA LEU JA 176 -52.44 -34.11 145.41
C LEU JA 176 -52.11 -35.09 144.30
N SER JA 177 -50.90 -35.63 144.37
CA SER JA 177 -50.40 -36.59 143.37
C SER JA 177 -51.25 -37.85 143.29
N THR JA 178 -51.60 -38.40 144.45
CA THR JA 178 -52.24 -39.71 144.52
C THR JA 178 -53.76 -39.67 144.46
N ASN JA 179 -54.36 -38.87 145.35
CA ASN JA 179 -55.80 -38.91 145.60
C ASN JA 179 -56.60 -37.81 144.90
N GLY JA 180 -55.97 -37.07 143.98
CA GLY JA 180 -56.64 -36.00 143.25
C GLY JA 180 -56.60 -34.67 143.97
N SER JA 181 -57.24 -33.67 143.35
CA SER JA 181 -57.21 -32.28 143.81
C SER JA 181 -58.32 -31.96 144.79
N GLU JA 182 -59.53 -32.36 144.43
CA GLU JA 182 -60.74 -32.17 145.24
C GLU JA 182 -60.58 -32.79 146.64
N LYS JA 183 -60.09 -34.02 146.66
CA LYS JA 183 -59.84 -34.76 147.90
C LYS JA 183 -58.85 -34.03 148.80
N ALA JA 184 -57.79 -33.53 148.19
CA ALA JA 184 -56.76 -32.74 148.88
C ALA JA 184 -57.34 -31.47 149.47
N ALA JA 185 -58.14 -30.77 148.68
CA ALA JA 185 -58.84 -29.55 149.13
C ALA JA 185 -59.71 -29.83 150.34
N LYS JA 186 -60.51 -30.89 150.26
CA LYS JA 186 -61.35 -31.35 151.37
C LYS JA 186 -60.56 -31.62 152.65
N PHE JA 187 -59.44 -32.33 152.50
CA PHE JA 187 -58.51 -32.61 153.59
C PHE JA 187 -57.98 -31.32 154.24
N ILE JA 188 -57.57 -30.38 153.38
CA ILE JA 188 -57.10 -29.06 153.82
C ILE JA 188 -58.17 -28.33 154.63
N GLN JA 189 -59.40 -28.34 154.13
CA GLN JA 189 -60.55 -27.73 154.82
C GLN JA 189 -60.80 -28.35 156.19
N GLY JA 190 -60.68 -29.67 156.27
CA GLY JA 190 -60.96 -30.43 157.48
C GLY JA 190 -59.92 -30.36 158.60
N SER JA 191 -58.75 -30.97 158.35
CA SER JA 191 -57.71 -31.12 159.40
C SER JA 191 -57.01 -29.79 159.69
N LEU JA 192 -56.55 -29.13 158.64
CA LEU JA 192 -56.05 -27.76 158.72
C LEU JA 192 -57.27 -26.85 158.57
N LEU JA 193 -57.05 -25.53 158.64
CA LEU JA 193 -58.08 -24.53 158.31
C LEU JA 193 -59.48 -24.85 158.90
N ASP JA 194 -59.52 -25.11 160.20
CA ASP JA 194 -60.77 -25.47 160.89
C ASP JA 194 -60.77 -25.10 162.37
N LYS JA 195 -61.86 -24.47 162.83
CA LYS JA 195 -61.92 -23.92 164.19
C LYS JA 195 -62.21 -24.97 165.27
N GLU JA 196 -62.85 -26.07 164.90
CA GLU JA 196 -63.26 -27.11 165.87
C GLU JA 196 -62.10 -27.90 166.47
N ASP JA 197 -61.00 -28.03 165.74
CA ASP JA 197 -59.84 -28.81 166.19
C ASP JA 197 -59.07 -28.07 167.30
N LEU JA 198 -58.84 -26.78 167.07
CA LEU JA 198 -58.13 -25.86 168.00
C LEU JA 198 -56.60 -25.92 167.92
N HIS JA 199 -56.05 -27.05 167.48
CA HIS JA 199 -54.65 -27.14 167.04
C HIS JA 199 -54.57 -27.23 165.50
N SER JA 200 -55.50 -26.56 164.83
CA SER JA 200 -55.49 -26.44 163.37
C SER JA 200 -54.58 -25.28 162.96
N LEU JA 201 -54.49 -25.05 161.66
CA LEU JA 201 -53.58 -24.04 161.10
C LEU JA 201 -54.09 -22.60 161.34
N VAL JA 202 -55.39 -22.40 161.17
CA VAL JA 202 -56.04 -21.10 161.39
C VAL JA 202 -55.85 -20.60 162.82
N ASN JA 203 -56.11 -21.49 163.78
CA ASN JA 203 -55.93 -21.19 165.21
C ASN JA 203 -54.51 -20.77 165.54
N ILE JA 204 -53.55 -21.51 164.98
CA ILE JA 204 -52.13 -21.21 165.13
C ILE JA 204 -51.80 -19.83 164.59
N ALA JA 205 -52.30 -19.55 163.39
CA ALA JA 205 -52.10 -18.25 162.73
C ALA JA 205 -52.65 -17.11 163.58
N ASN JA 206 -53.86 -17.29 164.11
CA ASN JA 206 -54.49 -16.34 165.05
C ASN JA 206 -53.63 -16.09 166.29
N GLU JA 207 -53.11 -17.16 166.86
CA GLU JA 207 -52.21 -17.09 168.02
C GLU JA 207 -50.94 -16.30 167.72
N ASN JA 208 -50.35 -16.57 166.57
CA ASN JA 208 -49.17 -15.85 166.08
C ASN JA 208 -49.44 -14.35 165.91
N VAL JA 209 -50.59 -14.04 165.33
CA VAL JA 209 -51.05 -12.65 165.16
C VAL JA 209 -51.17 -11.95 166.51
N ALA JA 210 -51.82 -12.62 167.46
CA ALA JA 210 -51.98 -12.12 168.82
C ALA JA 210 -50.65 -11.84 169.51
N SER JA 211 -49.69 -12.75 169.32
CA SER JA 211 -48.34 -12.61 169.87
C SER JA 211 -47.61 -11.41 169.28
N ALA JA 212 -47.75 -11.24 167.96
CA ALA JA 212 -47.19 -10.09 167.24
C ALA JA 212 -47.75 -8.76 167.74
N LYS JA 213 -49.07 -8.72 167.92
CA LYS JA 213 -49.78 -7.57 168.48
C LYS JA 213 -49.27 -7.20 169.87
N ALA JA 214 -49.12 -8.22 170.71
CA ALA JA 214 -48.59 -8.06 172.07
C ALA JA 214 -47.18 -7.46 172.04
N LYS JA 215 -46.33 -8.01 171.18
CA LYS JA 215 -44.97 -7.53 170.99
C LYS JA 215 -44.95 -6.32 170.06
N LYS KA 1 -39.59 -60.52 121.43
CA LYS KA 1 -40.56 -60.09 120.38
C LYS KA 1 -42.02 -60.27 120.83
N GLN KA 2 -42.62 -59.19 121.33
CA GLN KA 2 -44.05 -59.16 121.65
C GLN KA 2 -44.85 -59.09 120.35
N PHE KA 3 -44.56 -58.06 119.56
CA PHE KA 3 -45.29 -57.80 118.31
C PHE KA 3 -44.61 -58.51 117.14
N GLY KA 4 -45.42 -59.11 116.27
CA GLY KA 4 -44.95 -59.77 115.07
C GLY KA 4 -45.36 -59.02 113.81
N PHE KA 5 -45.15 -57.71 113.81
CA PHE KA 5 -45.44 -56.89 112.62
C PHE KA 5 -44.37 -57.15 111.57
N PRO KA 6 -44.74 -57.03 110.28
CA PRO KA 6 -43.70 -57.04 109.25
C PRO KA 6 -42.86 -55.78 109.33
N LYS KA 7 -41.55 -55.90 109.07
CA LYS KA 7 -40.64 -54.75 109.16
C LYS KA 7 -40.26 -54.25 107.78
N THR KA 8 -40.12 -52.93 107.67
CA THR KA 8 -39.86 -52.27 106.39
C THR KA 8 -38.73 -51.27 106.53
N GLN KA 9 -37.89 -51.19 105.50
CA GLN KA 9 -36.98 -50.06 105.31
C GLN KA 9 -37.81 -48.87 104.84
N VAL KA 10 -37.23 -47.67 104.94
CA VAL KA 10 -37.88 -46.46 104.45
C VAL KA 10 -37.68 -46.48 102.93
N THR KA 11 -38.65 -47.04 102.24
CA THR KA 11 -38.49 -47.51 100.86
C THR KA 11 -38.81 -46.43 99.82
N THR KA 12 -37.89 -46.25 98.87
CA THR KA 12 -38.14 -45.49 97.65
C THR KA 12 -38.52 -46.46 96.53
N ILE KA 13 -39.21 -45.94 95.53
CA ILE KA 13 -39.40 -46.68 94.27
C ILE KA 13 -38.13 -46.62 93.40
N TYR KA 14 -37.36 -45.53 93.53
CA TYR KA 14 -36.10 -45.34 92.79
C TYR KA 14 -34.94 -46.08 93.48
N ASN KA 15 -33.75 -45.98 92.89
CA ASN KA 15 -32.53 -46.54 93.48
C ASN KA 15 -32.12 -45.68 94.67
N LYS KA 16 -32.20 -46.26 95.87
CA LYS KA 16 -31.92 -45.56 97.11
C LYS KA 16 -30.46 -45.12 97.24
N THR KA 17 -29.55 -45.93 96.71
CA THR KA 17 -28.10 -45.62 96.70
C THR KA 17 -27.74 -44.41 95.83
N LYS KA 18 -28.54 -44.13 94.81
CA LYS KA 18 -28.32 -42.98 93.91
C LYS KA 18 -29.26 -41.81 94.15
N SER KA 19 -30.44 -42.07 94.68
CA SER KA 19 -31.47 -41.04 94.85
C SER KA 19 -32.16 -41.19 96.20
N ALA KA 20 -31.35 -41.04 97.25
CA ALA KA 20 -31.84 -41.05 98.62
C ALA KA 20 -32.55 -39.75 98.99
N SER KA 21 -32.11 -38.63 98.40
CA SER KA 21 -32.70 -37.32 98.67
C SER KA 21 -33.99 -37.05 97.89
N ASN KA 22 -34.27 -37.85 96.86
CA ASN KA 22 -35.45 -37.65 96.02
C ASN KA 22 -36.73 -38.05 96.77
N TYR KA 23 -37.43 -37.05 97.31
CA TYR KA 23 -38.69 -37.24 98.04
C TYR KA 23 -39.80 -37.87 97.19
N LYS KA 24 -39.75 -37.61 95.88
CA LYS KA 24 -40.78 -38.04 94.94
C LYS KA 24 -40.93 -39.56 94.94
N GLY KA 25 -39.80 -40.27 94.94
CA GLY KA 25 -39.78 -41.73 94.99
C GLY KA 25 -40.39 -42.30 96.25
N TYR KA 26 -40.12 -41.64 97.39
CA TYR KA 26 -40.72 -42.01 98.67
C TYR KA 26 -42.23 -41.82 98.65
N LEU KA 27 -42.66 -40.70 98.09
CA LEU KA 27 -44.07 -40.34 97.92
C LEU KA 27 -44.81 -41.39 97.08
N LYS KA 28 -44.16 -41.80 95.99
CA LYS KA 28 -44.69 -42.84 95.10
C LYS KA 28 -44.88 -44.19 95.79
N HIS KA 29 -43.90 -44.61 96.59
CA HIS KA 29 -43.92 -45.93 97.21
C HIS KA 29 -45.12 -46.12 98.15
N ARG KA 30 -46.09 -46.89 97.66
CA ARG KA 30 -47.22 -47.34 98.46
C ARG KA 30 -46.91 -48.74 98.98
N ASP KA 31 -47.29 -49.01 100.22
CA ASP KA 31 -47.19 -50.36 100.81
C ASP KA 31 -48.54 -50.75 101.41
N ALA KA 32 -48.80 -52.06 101.44
CA ALA KA 32 -50.11 -52.62 101.78
C ALA KA 32 -50.60 -52.18 103.18
N PRO KA 33 -51.91 -52.00 103.35
CA PRO KA 33 -52.44 -51.40 104.58
C PRO KA 33 -52.31 -52.30 105.80
N GLY KA 34 -51.82 -51.73 106.89
CA GLY KA 34 -51.65 -52.46 108.15
C GLY KA 34 -50.59 -51.84 109.05
N MET KA 35 -50.19 -52.61 110.07
CA MET KA 35 -49.15 -52.18 111.00
C MET KA 35 -47.78 -52.65 110.51
N TYR KA 36 -46.77 -51.81 110.71
CA TYR KA 36 -45.39 -52.12 110.34
C TYR KA 36 -44.43 -51.78 111.46
N TYR KA 37 -43.23 -52.35 111.37
CA TYR KA 37 -42.11 -52.01 112.23
C TYR KA 37 -41.02 -51.36 111.37
N GLN KA 38 -40.96 -50.03 111.40
CA GLN KA 38 -39.89 -49.26 110.76
C GLN KA 38 -38.85 -48.88 111.81
N PRO KA 39 -37.81 -49.71 112.02
CA PRO KA 39 -36.78 -49.29 112.98
C PRO KA 39 -36.14 -47.95 112.58
N SER KA 40 -35.98 -47.06 113.54
CA SER KA 40 -35.45 -45.72 113.29
C SER KA 40 -34.00 -45.81 112.80
N GLU KA 41 -33.65 -44.93 111.86
CA GLU KA 41 -32.31 -44.87 111.29
C GLU KA 41 -31.51 -43.75 111.97
N SER KA 42 -31.59 -43.69 113.29
CA SER KA 42 -31.11 -42.54 114.07
C SER KA 42 -30.51 -42.97 115.40
N ILE KA 43 -29.59 -42.15 115.90
CA ILE KA 43 -29.10 -42.29 117.27
C ILE KA 43 -30.15 -41.68 118.21
N ALA KA 44 -30.20 -42.20 119.44
CA ALA KA 44 -31.22 -41.81 120.42
C ALA KA 44 -30.63 -40.89 121.50
N THR KA 45 -29.91 -39.86 121.07
CA THR KA 45 -29.15 -38.99 121.97
C THR KA 45 -30.01 -37.86 122.53
N GLY KA 46 -30.63 -37.09 121.64
CA GLY KA 46 -31.50 -35.97 122.03
C GLY KA 46 -32.94 -36.35 122.35
N SER KA 47 -33.32 -37.59 122.03
CA SER KA 47 -34.72 -38.02 122.12
C SER KA 47 -35.19 -38.26 123.56
N VAL KA 48 -36.32 -37.62 123.90
CA VAL KA 48 -37.09 -37.90 125.10
C VAL KA 48 -38.21 -38.92 124.79
N ASN KA 49 -38.32 -39.31 123.51
CA ASN KA 49 -39.32 -40.29 123.04
C ASN KA 49 -39.41 -41.54 123.93
N SER KA 50 -40.63 -42.05 124.07
CA SER KA 50 -40.91 -43.19 124.95
C SER KA 50 -40.37 -44.50 124.40
N GLU KA 51 -40.21 -44.58 123.08
CA GLU KA 51 -39.60 -45.73 122.42
C GLU KA 51 -38.07 -45.74 122.50
N THR KA 52 -37.50 -44.65 123.02
CA THR KA 52 -36.06 -44.45 123.15
C THR KA 52 -35.56 -44.69 124.60
N ILE KA 53 -36.37 -44.30 125.59
CA ILE KA 53 -36.04 -44.48 127.02
C ILE KA 53 -35.82 -45.96 127.38
N PRO KA 54 -34.76 -46.27 128.16
CA PRO KA 54 -34.53 -47.66 128.58
C PRO KA 54 -35.51 -48.16 129.64
N ARG KA 55 -35.61 -49.47 129.77
CA ARG KA 55 -36.60 -50.12 130.65
C ARG KA 55 -36.34 -49.87 132.13
N SER KA 56 -35.06 -49.85 132.52
CA SER KA 56 -34.66 -49.53 133.90
C SER KA 56 -35.11 -48.12 134.35
N PHE KA 57 -35.16 -47.18 133.41
CA PHE KA 57 -35.64 -45.83 133.69
C PHE KA 57 -37.16 -45.69 133.57
N MET KA 58 -37.83 -46.62 132.91
CA MET KA 58 -39.30 -46.69 133.00
C MET KA 58 -39.73 -47.15 134.39
N ALA KA 59 -40.91 -46.70 134.81
CA ALA KA 59 -41.47 -47.08 136.12
C ALA KA 59 -41.94 -48.53 136.09
N ALA KA 60 -42.08 -49.11 137.27
CA ALA KA 60 -42.47 -50.52 137.41
C ALA KA 60 -43.86 -50.83 136.86
N SER KA 61 -44.79 -49.88 137.05
CA SER KA 61 -46.17 -50.01 136.55
C SER KA 61 -46.38 -49.50 135.11
N ASP KA 62 -45.28 -49.21 134.40
CA ASP KA 62 -45.35 -48.75 133.02
C ASP KA 62 -45.70 -49.93 132.12
N PRO KA 63 -46.75 -49.80 131.28
CA PRO KA 63 -47.00 -50.86 130.29
C PRO KA 63 -45.87 -51.03 129.27
N ARG KA 64 -45.15 -49.95 128.97
CA ARG KA 64 -44.10 -49.93 127.95
C ARG KA 64 -42.87 -50.82 128.25
N ARG KA 65 -42.64 -51.15 129.52
CA ARG KA 65 -41.55 -52.07 129.91
C ARG KA 65 -41.58 -53.40 129.16
N GLY KA 66 -42.76 -54.02 129.14
CA GLY KA 66 -42.96 -55.31 128.49
C GLY KA 66 -42.81 -55.30 126.98
N LEU KA 67 -43.18 -54.19 126.34
CA LEU KA 67 -43.07 -54.05 124.89
C LEU KA 67 -41.60 -53.88 124.48
N ASP KA 68 -41.27 -54.42 123.31
CA ASP KA 68 -39.88 -54.73 122.95
C ASP KA 68 -39.10 -53.60 122.24
N MET KA 69 -39.48 -52.34 122.45
CA MET KA 69 -38.99 -51.25 121.61
C MET KA 69 -37.64 -50.63 121.97
N PRO KA 70 -37.30 -50.53 123.28
CA PRO KA 70 -35.91 -50.16 123.55
C PRO KA 70 -34.98 -51.33 123.18
N VAL KA 71 -34.62 -51.40 121.90
CA VAL KA 71 -33.94 -52.58 121.35
C VAL KA 71 -32.48 -52.56 121.77
N GLN KA 72 -32.02 -53.68 122.31
CA GLN KA 72 -30.61 -53.86 122.63
C GLN KA 72 -29.89 -54.43 121.41
N SER KA 73 -29.63 -53.54 120.45
CA SER KA 73 -28.95 -53.91 119.21
C SER KA 73 -27.46 -54.20 119.46
N THR KA 74 -26.83 -53.34 120.27
CA THR KA 74 -25.44 -53.51 120.66
C THR KA 74 -25.28 -54.59 121.73
N LYS KA 75 -24.03 -54.99 121.95
CA LYS KA 75 -23.68 -55.96 123.00
C LYS KA 75 -22.44 -55.45 123.73
N ALA KA 76 -22.54 -55.39 125.06
CA ALA KA 76 -21.45 -54.86 125.92
C ALA KA 76 -20.19 -55.71 125.90
N LYS KA 77 -20.34 -57.01 125.64
CA LYS KA 77 -19.21 -57.93 125.47
C LYS KA 77 -18.35 -57.55 124.25
N GLN KA 78 -19.01 -57.16 123.17
CA GLN KA 78 -18.34 -56.82 121.91
C GLN KA 78 -17.69 -55.43 121.93
N CYS KA 79 -18.32 -54.47 122.59
CA CYS KA 79 -17.81 -53.10 122.68
C CYS KA 79 -16.63 -52.99 123.67
N PRO KA 80 -15.58 -52.20 123.33
CA PRO KA 80 -14.45 -51.97 124.24
C PRO KA 80 -14.61 -50.70 125.09
N ASN KA 81 -14.01 -50.70 126.28
CA ASN KA 81 -14.12 -49.60 127.24
C ASN KA 81 -13.45 -48.31 126.78
N VAL KA 82 -14.15 -47.17 126.95
CA VAL KA 82 -13.64 -45.85 126.53
C VAL KA 82 -13.53 -44.87 127.70
N LEU KA 83 -12.32 -44.33 127.87
CA LEU KA 83 -11.99 -43.36 128.96
C LEU KA 83 -12.51 -43.81 130.33
N VAL KA 84 -12.30 -45.08 130.61
CA VAL KA 84 -12.78 -45.73 131.83
C VAL KA 84 -11.68 -45.65 132.87
N GLY KA 85 -12.04 -45.29 134.10
CA GLY KA 85 -11.08 -45.22 135.20
C GLY KA 85 -10.63 -46.60 135.64
N LYS KA 86 -9.45 -46.65 136.27
CA LYS KA 86 -8.87 -47.92 136.75
C LYS KA 86 -9.67 -48.60 137.86
N SER KA 87 -10.48 -47.81 138.59
CA SER KA 87 -11.41 -48.32 139.60
C SER KA 87 -12.54 -49.14 138.99
N THR KA 88 -13.02 -48.72 137.83
CA THR KA 88 -14.12 -49.39 137.14
C THR KA 88 -13.70 -50.74 136.53
N VAL KA 89 -12.44 -50.82 136.08
CA VAL KA 89 -11.91 -52.04 135.47
C VAL KA 89 -11.62 -53.09 136.54
N ASN KA 90 -10.88 -52.68 137.57
CA ASN KA 90 -10.64 -53.48 138.77
C ASN KA 90 -11.14 -52.70 139.98
N GLY KA 91 -12.05 -53.32 140.74
CA GLY KA 91 -12.96 -52.62 141.67
C GLY KA 91 -12.42 -51.63 142.68
N LYS KA 92 -13.33 -50.80 143.20
CA LYS KA 92 -13.01 -49.80 144.22
C LYS KA 92 -12.51 -50.46 145.51
N THR KA 93 -11.51 -49.85 146.12
CA THR KA 93 -10.90 -50.36 147.35
C THR KA 93 -10.99 -49.31 148.46
N TYR KA 94 -11.44 -49.75 149.63
CA TYR KA 94 -11.65 -48.86 150.78
C TYR KA 94 -10.69 -49.24 151.92
N HIS KA 95 -9.43 -49.45 151.57
CA HIS KA 95 -8.44 -50.07 152.47
C HIS KA 95 -7.75 -49.11 153.45
N LEU KA 96 -7.50 -47.87 153.03
CA LEU KA 96 -6.75 -46.92 153.86
C LEU KA 96 -7.54 -46.44 155.08
N GLY KA 97 -6.96 -46.63 156.26
CA GLY KA 97 -7.54 -46.18 157.52
C GLY KA 97 -7.35 -44.69 157.77
N PRO KA 98 -7.78 -44.20 158.95
CA PRO KA 98 -7.67 -42.79 159.33
C PRO KA 98 -6.24 -42.29 159.50
N GLN KA 99 -5.40 -43.14 160.09
CA GLN KA 99 -3.99 -42.81 160.36
C GLN KA 99 -3.22 -42.55 159.06
N GLU KA 100 -3.43 -43.42 158.09
CA GLU KA 100 -2.81 -43.32 156.76
C GLU KA 100 -3.19 -42.02 156.06
N ILE KA 101 -4.49 -41.70 156.12
CA ILE KA 101 -5.06 -40.45 155.61
C ILE KA 101 -4.39 -39.23 156.25
N ASP KA 102 -4.29 -39.26 157.57
CA ASP KA 102 -3.66 -38.19 158.35
C ASP KA 102 -2.20 -37.98 157.95
N GLU KA 103 -1.48 -39.08 157.77
CA GLU KA 103 -0.10 -39.06 157.29
C GLU KA 103 0.02 -38.43 155.91
N ILE KA 104 -0.87 -38.83 155.00
CA ILE KA 104 -0.96 -38.28 153.64
C ILE KA 104 -1.17 -36.77 153.66
N ARG KA 105 -2.12 -36.33 154.49
CA ARG KA 105 -2.43 -34.91 154.67
C ARG KA 105 -1.22 -34.12 155.16
N LYS KA 106 -0.53 -34.67 156.15
CA LYS KA 106 0.70 -34.10 156.71
C LYS KA 106 1.77 -33.93 155.62
N LEU KA 107 1.98 -35.01 154.86
CA LEU KA 107 2.93 -35.01 153.75
C LEU KA 107 2.65 -33.95 152.70
N ARG KA 108 1.37 -33.80 152.35
CA ARG KA 108 0.97 -32.94 151.24
C ARG KA 108 1.18 -31.46 151.57
N LEU KA 109 0.75 -31.07 152.77
CA LEU KA 109 0.99 -29.72 153.31
C LEU KA 109 2.49 -29.40 153.38
N ASP KA 110 3.26 -30.35 153.89
CA ASP KA 110 4.70 -30.20 154.06
C ASP KA 110 5.44 -29.89 152.76
N ASN KA 111 5.20 -30.69 151.73
CA ASN KA 111 5.94 -30.58 150.47
C ASN KA 111 5.16 -31.15 149.28
N PRO KA 112 4.26 -30.34 148.68
CA PRO KA 112 3.48 -30.81 147.53
C PRO KA 112 4.29 -31.01 146.24
N GLN KA 113 5.43 -30.33 146.13
CA GLN KA 113 6.35 -30.52 144.99
C GLN KA 113 7.05 -31.87 145.05
N LYS KA 114 7.52 -32.26 146.23
CA LYS KA 114 8.12 -33.57 146.46
C LYS KA 114 7.02 -34.64 146.52
N TYR KA 115 6.09 -34.46 147.46
CA TYR KA 115 4.99 -35.40 147.68
C TYR KA 115 3.76 -34.97 146.89
N THR KA 116 3.85 -35.13 145.57
CA THR KA 116 2.74 -34.81 144.65
C THR KA 116 1.67 -35.91 144.68
N ARG KA 117 0.49 -35.61 144.12
CA ARG KA 117 -0.67 -36.50 144.15
C ARG KA 117 -0.39 -37.90 143.60
N LYS KA 118 0.28 -37.92 142.45
CA LYS KA 118 0.66 -39.16 141.76
C LYS KA 118 1.58 -40.04 142.60
N PHE KA 119 2.55 -39.39 143.26
CA PHE KA 119 3.49 -40.07 144.17
C PHE KA 119 2.76 -40.69 145.35
N LEU KA 120 1.86 -39.92 145.96
CA LEU KA 120 0.99 -40.40 147.05
C LEU KA 120 0.18 -41.62 146.63
N ALA KA 121 -0.43 -41.52 145.45
CA ALA KA 121 -1.21 -42.61 144.84
C ALA KA 121 -0.39 -43.89 144.69
N ALA KA 122 0.82 -43.73 144.16
CA ALA KA 122 1.78 -44.83 143.99
C ALA KA 122 2.15 -45.49 145.32
N LYS KA 123 2.38 -44.66 146.33
CA LYS KA 123 2.74 -45.10 147.67
C LYS KA 123 1.64 -45.95 148.31
N TYR KA 124 0.42 -45.42 148.32
CA TYR KA 124 -0.69 -45.99 149.09
C TYR KA 124 -1.66 -46.88 148.27
N GLY KA 125 -1.37 -47.09 146.99
CA GLY KA 125 -2.19 -47.94 146.13
C GLY KA 125 -3.59 -47.40 145.91
N ILE KA 126 -3.70 -46.10 145.71
CA ILE KA 126 -4.99 -45.40 145.65
C ILE KA 126 -4.95 -44.34 144.53
N SER KA 127 -6.11 -43.76 144.22
CA SER KA 127 -6.22 -42.81 143.10
C SER KA 127 -5.71 -41.40 143.48
N PRO KA 128 -5.14 -40.65 142.50
CA PRO KA 128 -4.84 -39.22 142.64
C PRO KA 128 -6.06 -38.37 143.00
N LEU KA 129 -7.20 -38.70 142.39
CA LEU KA 129 -8.49 -38.09 142.74
C LEU KA 129 -8.82 -38.27 144.22
N PHE KA 130 -8.63 -39.49 144.72
CA PHE KA 130 -8.88 -39.78 146.12
C PHE KA 130 -7.93 -38.99 147.04
N VAL KA 131 -6.65 -38.93 146.65
CA VAL KA 131 -5.65 -38.13 147.39
C VAL KA 131 -6.11 -36.68 147.50
N SER KA 132 -6.56 -36.13 146.37
CA SER KA 132 -7.09 -34.77 146.30
C SER KA 132 -8.29 -34.56 147.24
N MET KA 133 -9.20 -35.53 147.20
CA MET KA 133 -10.40 -35.55 148.05
C MET KA 133 -10.02 -35.55 149.53
N VAL KA 134 -9.05 -36.39 149.87
CA VAL KA 134 -8.50 -36.49 151.22
C VAL KA 134 -7.90 -35.19 151.71
N SER KA 135 -6.94 -34.66 150.93
CA SER KA 135 -5.99 -33.66 151.42
C SER KA 135 -5.90 -32.43 150.53
N LYS KA 136 -5.95 -31.26 151.15
CA LYS KA 136 -5.59 -30.00 150.49
C LYS KA 136 -4.07 -29.83 150.54
N PRO KA 137 -3.48 -29.22 149.49
CA PRO KA 137 -2.09 -28.76 149.60
C PRO KA 137 -2.00 -27.44 150.35
N SER KA 138 -0.78 -26.96 150.56
CA SER KA 138 -0.56 -25.61 151.08
C SER KA 138 -1.06 -24.60 150.05
N GLU KA 139 -1.91 -23.68 150.49
CA GLU KA 139 -2.54 -22.68 149.58
C GLU KA 139 -1.54 -21.86 148.76
N GLN KA 140 -0.34 -21.66 149.32
CA GLN KA 140 0.77 -21.01 148.61
C GLN KA 140 1.09 -21.74 147.31
N HIS KA 141 1.23 -23.06 147.39
CA HIS KA 141 1.49 -23.92 146.23
C HIS KA 141 0.43 -23.75 145.14
N VAL KA 142 -0.83 -23.70 145.56
CA VAL KA 142 -1.98 -23.52 144.68
C VAL KA 142 -1.89 -22.17 143.96
N GLN KA 143 -1.60 -21.12 144.74
CA GLN KA 143 -1.41 -19.76 144.23
C GLN KA 143 -0.31 -19.68 143.18
N ILE KA 144 0.83 -20.30 143.49
CA ILE KA 144 1.96 -20.43 142.57
C ILE KA 144 1.53 -21.08 141.24
N MET KA 145 0.78 -22.16 141.37
CA MET KA 145 0.29 -22.92 140.21
C MET KA 145 -0.65 -22.08 139.35
N GLU KA 146 -1.53 -21.34 140.01
CA GLU KA 146 -2.43 -20.40 139.34
C GLU KA 146 -1.65 -19.33 138.58
N SER KA 147 -0.62 -18.78 139.22
CA SER KA 147 0.26 -17.77 138.63
C SER KA 147 0.98 -18.30 137.38
N ARG KA 148 1.49 -19.53 137.49
CA ARG KA 148 2.12 -20.24 136.37
C ARG KA 148 1.17 -20.38 135.19
N LEU KA 149 -0.06 -20.81 135.50
CA LEU KA 149 -1.12 -20.98 134.49
C LEU KA 149 -1.44 -19.67 133.78
N GLN KA 150 -1.58 -18.60 134.56
CA GLN KA 150 -1.80 -17.24 134.04
C GLN KA 150 -0.68 -16.79 133.10
N GLU KA 151 0.56 -17.07 133.51
CA GLU KA 151 1.76 -16.76 132.71
C GLU KA 151 1.74 -17.49 131.37
N ILE KA 152 1.40 -18.78 131.42
CA ILE KA 152 1.26 -19.62 130.23
C ILE KA 152 0.20 -19.05 129.27
N GLN KA 153 -0.95 -18.70 129.84
CA GLN KA 153 -2.06 -18.08 129.08
C GLN KA 153 -1.64 -16.79 128.39
N SER KA 154 -0.90 -15.96 129.13
CA SER KA 154 -0.36 -14.70 128.60
C SER KA 154 0.61 -14.95 127.44
N ARG KA 155 1.43 -15.98 127.60
CA ARG KA 155 2.39 -16.40 126.57
C ARG KA 155 1.73 -16.80 125.23
N TRP KA 156 0.44 -17.13 125.24
CA TRP KA 156 -0.30 -17.42 124.01
C TRP KA 156 -0.33 -16.27 123.02
N LYS KA 157 -0.61 -16.61 121.77
CA LYS KA 157 -0.99 -15.66 120.74
C LYS KA 157 -2.50 -15.41 120.84
N GLU KA 158 -2.98 -14.47 120.02
CA GLU KA 158 -4.42 -14.18 119.90
C GLU KA 158 -5.20 -15.41 119.45
N LYS KA 159 -4.70 -16.04 118.39
CA LYS KA 159 -5.33 -17.21 117.76
C LYS KA 159 -5.56 -18.34 118.74
N ARG KA 160 -4.54 -18.66 119.53
CA ARG KA 160 -4.62 -19.74 120.51
C ARG KA 160 -5.71 -19.48 121.55
N ARG KA 161 -5.78 -18.24 122.04
CA ARG KA 161 -6.81 -17.83 123.00
C ARG KA 161 -8.22 -18.03 122.45
N ILE KA 162 -8.40 -17.63 121.19
CA ILE KA 162 -9.67 -17.80 120.47
C ILE KA 162 -10.05 -19.27 120.35
N ALA KA 163 -9.07 -20.09 119.96
CA ALA KA 163 -9.24 -21.55 119.85
C ALA KA 163 -9.67 -22.18 121.17
N ARG KA 164 -9.02 -21.75 122.26
CA ARG KA 164 -9.35 -22.19 123.62
C ARG KA 164 -10.77 -21.82 124.01
N GLU KA 165 -11.16 -20.61 123.64
CA GLU KA 165 -12.52 -20.13 123.87
C GLU KA 165 -13.54 -20.99 123.13
N ASP KA 166 -13.25 -21.25 121.84
CA ASP KA 166 -14.08 -22.12 120.99
C ASP KA 166 -14.26 -23.51 121.59
N ARG KA 167 -13.14 -24.10 122.00
CA ARG KA 167 -13.10 -25.39 122.69
C ARG KA 167 -13.99 -25.42 123.93
N LYS KA 168 -13.91 -24.36 124.72
CA LYS KA 168 -14.73 -24.19 125.93
C LYS KA 168 -16.21 -24.13 125.60
N ARG KA 169 -16.55 -23.38 124.55
CA ARG KA 169 -17.92 -23.27 124.04
C ARG KA 169 -18.46 -24.62 123.59
N ARG KA 170 -17.64 -25.36 122.85
CA ARG KA 170 -17.98 -26.71 122.40
C ARG KA 170 -18.27 -27.62 123.59
N LYS KA 171 -17.38 -27.59 124.57
CA LYS KA 171 -17.52 -28.37 125.81
C LYS KA 171 -18.85 -28.10 126.51
N LEU KA 172 -19.17 -26.81 126.64
CA LEU KA 172 -20.44 -26.36 127.21
C LEU KA 172 -21.63 -26.90 126.45
N LEU KA 173 -21.53 -26.84 125.11
CA LEU KA 173 -22.55 -27.35 124.20
C LEU KA 173 -22.79 -28.85 124.34
N TRP KA 174 -21.72 -29.62 124.59
CA TRP KA 174 -21.82 -31.07 124.78
C TRP KA 174 -22.82 -31.45 125.87
N TYR KA 175 -22.77 -30.73 126.99
CA TYR KA 175 -23.60 -31.03 128.17
C TYR KA 175 -25.03 -30.48 128.12
N GLN KA 176 -25.44 -29.89 126.98
CA GLN KA 176 -26.78 -29.31 126.82
C GLN KA 176 -27.86 -30.36 126.68
N ALA KA 177 -27.71 -31.21 125.65
CA ALA KA 177 -28.72 -32.20 125.23
C ALA KA 177 -30.08 -31.55 124.94
N TYR LA 1 -99.01 67.93 53.34
CA TYR LA 1 -98.53 67.77 51.92
C TYR LA 1 -97.02 67.89 51.83
N LYS LA 2 -96.49 68.95 52.43
CA LYS LA 2 -95.05 69.19 52.50
C LYS LA 2 -94.32 68.03 53.19
N GLN LA 3 -94.89 67.57 54.30
CA GLN LA 3 -94.35 66.42 55.04
C GLN LA 3 -94.34 65.14 54.20
N TYR LA 4 -95.41 64.94 53.43
CA TYR LA 4 -95.52 63.79 52.51
C TYR LA 4 -94.47 63.85 51.41
N PHE LA 5 -94.28 65.04 50.86
CA PHE LA 5 -93.22 65.29 49.87
C PHE LA 5 -91.85 64.97 50.44
N ASP LA 6 -91.58 65.48 51.64
CA ASP LA 6 -90.32 65.21 52.35
C ASP LA 6 -90.07 63.72 52.57
N SER LA 7 -91.14 63.00 52.90
CA SER LA 7 -91.10 61.56 53.11
C SER LA 7 -90.73 60.75 51.85
N LEU LA 8 -90.83 61.35 50.66
CA LEU LA 8 -90.38 60.71 49.42
C LEU LA 8 -88.92 60.27 49.51
N PRO LA 9 -88.57 59.15 48.83
CA PRO LA 9 -87.19 58.69 48.70
C PRO LA 9 -86.21 59.77 48.22
N LEU LA 10 -84.93 59.57 48.54
CA LEU LA 10 -83.91 60.61 48.44
C LEU LA 10 -83.63 61.03 47.00
N LYS LA 11 -83.39 60.05 46.14
CA LYS LA 11 -83.03 60.28 44.73
C LYS LA 11 -84.09 61.10 44.00
N LEU LA 12 -85.34 60.69 44.19
CA LEU LA 12 -86.51 61.36 43.61
C LEU LA 12 -86.60 62.82 44.07
N LYS LA 13 -86.42 63.02 45.38
CA LYS LA 13 -86.41 64.35 46.00
C LYS LA 13 -85.33 65.25 45.40
N SER LA 14 -84.13 64.68 45.27
CA SER LA 14 -82.98 65.36 44.66
C SER LA 14 -83.26 65.78 43.22
N PHE LA 15 -83.85 64.85 42.46
CA PHE LA 15 -84.26 65.11 41.08
C PHE LA 15 -85.23 66.28 40.97
N PHE LA 16 -86.25 66.25 41.83
CA PHE LA 16 -87.26 67.31 41.89
C PHE LA 16 -86.64 68.66 42.24
N GLN LA 17 -85.69 68.66 43.17
CA GLN LA 17 -84.94 69.87 43.51
C GLN LA 17 -84.20 70.47 42.32
N ARG LA 18 -83.47 69.62 41.58
CA ARG LA 18 -82.57 70.11 40.51
C ARG LA 18 -83.16 70.14 39.08
N TYR LA 19 -84.31 69.50 38.87
CA TYR LA 19 -85.11 69.66 37.65
C TYR LA 19 -86.59 69.77 38.04
N PRO LA 20 -87.04 70.96 38.48
CA PRO LA 20 -88.38 71.10 39.05
C PRO LA 20 -89.52 71.07 38.03
N PRO LA 21 -90.74 70.72 38.48
CA PRO LA 21 -91.87 70.47 37.57
C PRO LA 21 -92.54 71.71 36.98
N SER LA 22 -92.24 72.90 37.49
CA SER LA 22 -92.75 74.15 36.91
C SER LA 22 -92.33 74.34 35.46
N ILE LA 23 -91.09 73.92 35.14
CA ILE LA 23 -90.58 73.96 33.77
C ILE LA 23 -91.11 72.75 33.01
N LYS LA 24 -91.83 73.00 31.92
CA LYS LA 24 -92.26 71.94 31.00
C LYS LA 24 -91.11 71.61 30.06
N TYR LA 25 -90.38 70.55 30.38
CA TYR LA 25 -89.23 70.12 29.59
C TYR LA 25 -89.70 69.45 28.31
N SER LA 26 -88.86 69.51 27.28
CA SER LA 26 -89.23 69.07 25.94
C SER LA 26 -89.36 67.54 25.85
N PRO LA 27 -90.27 67.05 24.98
CA PRO LA 27 -90.30 65.63 24.67
C PRO LA 27 -89.16 65.20 23.72
N VAL LA 28 -88.81 66.08 22.79
CA VAL LA 28 -87.80 65.81 21.76
C VAL LA 28 -86.44 66.33 22.21
N SER LA 29 -85.37 65.80 21.62
CA SER LA 29 -84.01 66.34 21.79
C SER LA 29 -83.94 67.82 21.41
N THR LA 30 -83.12 68.57 22.14
CA THR LA 30 -83.07 70.03 22.06
C THR LA 30 -81.63 70.51 22.04
N SER LA 31 -81.44 71.83 22.04
CA SER LA 31 -80.14 72.45 22.31
C SER LA 31 -79.76 72.22 23.78
N THR LA 32 -78.47 72.04 24.05
CA THR LA 32 -77.97 71.89 25.42
C THR LA 32 -78.12 73.19 26.23
N LYS LA 33 -78.04 74.33 25.53
CA LYS LA 33 -78.21 75.64 26.15
C LYS LA 33 -79.65 75.94 26.60
N ALA LA 34 -80.64 75.24 26.04
CA ALA LA 34 -82.05 75.48 26.34
C ALA LA 34 -82.40 75.23 27.81
N ILE LA 35 -83.41 75.95 28.29
CA ILE LA 35 -83.88 75.83 29.68
C ILE LA 35 -84.75 74.57 29.80
N ASN LA 36 -85.60 74.34 28.80
CA ASN LA 36 -86.49 73.17 28.74
C ASN LA 36 -85.83 71.88 28.19
N ALA LA 37 -84.50 71.78 28.29
CA ALA LA 37 -83.77 70.61 27.80
C ALA LA 37 -84.01 69.42 28.72
N ASN LA 38 -84.49 68.32 28.15
CA ASN LA 38 -84.82 67.12 28.92
C ASN LA 38 -83.53 66.44 29.38
N PRO LA 39 -83.38 66.21 30.70
CA PRO LA 39 -82.17 65.55 31.21
C PRO LA 39 -82.05 64.07 30.83
N PHE LA 40 -83.17 63.42 30.49
CA PHE LA 40 -83.18 62.01 30.08
C PHE LA 40 -82.79 61.82 28.61
N LEU LA 41 -83.06 62.81 27.76
CA LEU LA 41 -82.69 62.74 26.34
C LEU LA 41 -81.25 63.22 26.10
N PRO LA 42 -80.63 62.76 24.99
CA PRO LA 42 -79.35 63.31 24.55
C PRO LA 42 -79.57 64.59 23.73
N ASN LA 43 -79.24 65.73 24.34
CA ASN LA 43 -79.40 67.03 23.69
C ASN LA 43 -78.15 67.42 22.90
N LYS LA 44 -78.35 68.06 21.76
CA LYS LA 44 -77.24 68.49 20.90
C LYS LA 44 -76.72 69.86 21.32
N HIS LA 45 -75.39 69.99 21.36
CA HIS LA 45 -74.76 71.26 21.70
C HIS LA 45 -74.66 72.11 20.44
N PRO LA 46 -75.14 73.38 20.48
CA PRO LA 46 -75.37 74.16 19.26
C PRO LA 46 -74.11 74.56 18.46
N VAL LA 47 -73.01 74.84 19.16
CA VAL LA 47 -71.75 75.24 18.51
C VAL LA 47 -71.07 74.04 17.84
N THR LA 48 -70.72 73.05 18.67
CA THR LA 48 -69.99 71.86 18.23
C THR LA 48 -70.84 70.91 17.38
N GLN LA 49 -72.16 70.93 17.58
CA GLN LA 49 -73.10 70.03 16.90
C GLN LA 49 -72.84 68.55 17.22
N ARG LA 50 -72.51 68.30 18.49
CA ARG LA 50 -72.30 66.96 19.02
C ARG LA 50 -73.37 66.68 20.06
N PHE LA 51 -73.99 65.50 19.98
CA PHE LA 51 -74.96 65.07 20.99
C PHE LA 51 -74.26 64.82 22.31
N HIS LA 52 -74.58 65.63 23.32
CA HIS LA 52 -74.18 65.36 24.70
C HIS LA 52 -74.97 64.17 25.23
N ASP LA 53 -74.33 63.37 26.07
CA ASP LA 53 -75.00 62.27 26.75
C ASP LA 53 -76.00 62.84 27.76
N PRO LA 54 -77.13 62.13 27.98
CA PRO LA 54 -78.17 62.61 28.92
C PRO LA 54 -77.63 62.98 30.30
N LYS LA 55 -78.15 64.06 30.88
CA LYS LA 55 -77.69 64.54 32.18
C LYS LA 55 -77.92 63.50 33.27
N TYR LA 56 -79.06 62.83 33.20
CA TYR LA 56 -79.30 61.61 33.96
C TYR LA 56 -79.07 60.42 33.05
N SER LA 57 -77.96 59.70 33.31
CA SER LA 57 -77.65 58.45 32.60
C SER LA 57 -78.78 57.43 32.82
N LEU LA 58 -78.86 56.46 31.92
CA LEU LA 58 -80.11 55.72 31.69
C LEU LA 58 -80.62 54.94 32.90
N ARG LA 59 -79.70 54.32 33.63
CA ARG LA 59 -80.00 53.61 34.88
C ARG LA 59 -80.65 54.51 35.91
N ARG LA 60 -80.00 55.64 36.18
CA ARG LA 60 -80.49 56.64 37.14
C ARG LA 60 -81.89 57.14 36.78
N MET LA 61 -82.07 57.47 35.51
CA MET LA 61 -83.37 57.85 34.95
C MET LA 61 -84.45 56.80 35.22
N SER LA 62 -84.10 55.54 34.96
CA SER LA 62 -85.01 54.41 35.17
C SER LA 62 -85.42 54.28 36.63
N ASP LA 63 -84.42 54.39 37.52
CA ASP LA 63 -84.65 54.37 38.98
C ASP LA 63 -85.60 55.48 39.42
N VAL LA 64 -85.34 56.69 38.92
CA VAL LA 64 -86.19 57.86 39.19
C VAL LA 64 -87.63 57.62 38.76
N TYR LA 65 -87.79 57.05 37.57
CA TYR LA 65 -89.11 56.76 37.01
C TYR LA 65 -89.87 55.73 37.86
N LYS LA 66 -89.15 54.69 38.29
CA LYS LA 66 -89.71 53.66 39.16
C LYS LA 66 -90.14 54.21 40.52
N LEU LA 67 -89.34 55.12 41.06
CA LEU LA 67 -89.68 55.84 42.30
C LEU LA 67 -90.95 56.67 42.14
N ALA LA 68 -91.03 57.39 41.02
CA ALA LA 68 -92.22 58.18 40.69
C ALA LA 68 -93.47 57.31 40.58
N LEU LA 69 -93.34 56.19 39.88
CA LEU LA 69 -94.41 55.19 39.77
C LEU LA 69 -94.91 54.68 41.12
N ARG LA 70 -93.95 54.39 42.01
CA ARG LA 70 -94.23 53.93 43.36
C ARG LA 70 -95.06 54.94 44.16
N TYR LA 71 -94.69 56.22 44.07
CA TYR LA 71 -95.35 57.29 44.83
C TYR LA 71 -96.36 58.13 44.01
N GLY LA 72 -96.63 57.72 42.77
CA GLY LA 72 -97.64 58.36 41.93
C GLY LA 72 -97.29 59.78 41.49
N VAL LA 73 -96.02 60.02 41.20
CA VAL LA 73 -95.49 61.35 40.88
C VAL LA 73 -94.80 61.31 39.51
N GLU LA 74 -95.45 60.64 38.55
CA GLU LA 74 -94.89 60.44 37.20
C GLU LA 74 -94.91 61.70 36.36
N GLU LA 75 -96.08 62.33 36.30
CA GLU LA 75 -96.31 63.48 35.41
C GLU LA 75 -95.52 64.74 35.79
N PHE LA 76 -95.09 64.84 37.04
CA PHE LA 76 -94.20 65.92 37.47
C PHE LA 76 -92.75 65.74 36.97
N LEU LA 77 -92.33 64.50 36.73
CA LEU LA 77 -91.06 64.24 36.04
C LEU LA 77 -91.20 64.64 34.57
N PRO LA 78 -90.07 65.00 33.90
CA PRO LA 78 -90.14 65.31 32.47
C PRO LA 78 -90.32 64.04 31.64
N PRO LA 79 -90.85 64.17 30.41
CA PRO LA 79 -91.31 63.01 29.62
C PRO LA 79 -90.19 62.05 29.22
N ILE LA 80 -90.51 60.75 29.27
CA ILE LA 80 -89.59 59.68 28.87
C ILE LA 80 -90.06 58.99 27.57
N GLU LA 81 -90.75 59.74 26.71
CA GLU LA 81 -91.30 59.21 25.46
C GLU LA 81 -90.19 58.78 24.51
N ASN LA 82 -89.29 59.73 24.22
CA ASN LA 82 -88.25 59.53 23.20
C ASN LA 82 -86.97 58.85 23.72
N THR LA 83 -86.87 58.67 25.04
CA THR LA 83 -86.02 57.62 25.59
C THR LA 83 -86.77 56.32 25.36
N LYS LA 84 -86.09 55.31 24.82
CA LYS LA 84 -86.75 54.08 24.37
C LYS LA 84 -87.35 53.19 25.48
N LYS LA 85 -86.97 53.44 26.74
CA LYS LA 85 -87.50 52.66 27.87
C LYS LA 85 -88.99 52.87 28.14
N LEU LA 86 -89.72 51.76 28.18
CA LEU LA 86 -91.06 51.68 28.77
C LEU LA 86 -90.91 50.97 30.11
N PHE LA 87 -91.96 51.02 30.94
CA PHE LA 87 -91.90 50.45 32.30
C PHE LA 87 -93.18 49.74 32.73
N PHE LA 88 -93.00 48.51 33.23
CA PHE LA 88 -94.06 47.74 33.92
C PHE LA 88 -95.27 47.38 33.03
N GLU LA 89 -96.46 47.90 33.36
CA GLU LA 89 -97.69 47.50 32.67
C GLU LA 89 -97.80 48.07 31.26
N GLU LA 90 -97.36 49.31 31.09
CA GLU LA 90 -97.31 49.97 29.77
C GLU LA 90 -96.39 49.23 28.81
N LYS LA 91 -95.22 48.86 29.30
CA LYS LA 91 -94.24 48.06 28.55
C LYS LA 91 -94.82 46.73 28.11
N TYR LA 92 -95.45 46.03 29.06
CA TYR LA 92 -96.11 44.74 28.83
C TYR LA 92 -97.15 44.83 27.71
N ASN LA 93 -98.00 45.85 27.80
CA ASN LA 93 -99.11 46.03 26.86
C ASN LA 93 -98.66 46.44 25.45
N LYS LA 94 -97.81 47.45 25.39
CA LYS LA 94 -97.41 48.06 24.11
C LYS LA 94 -96.48 47.22 23.24
N LYS LA 95 -95.75 46.27 23.82
CA LYS LA 95 -94.70 45.57 23.09
C LYS LA 95 -95.24 44.57 22.08
N THR LA 96 -94.52 44.44 20.96
CA THR LA 96 -94.73 43.37 20.00
C THR LA 96 -93.91 42.17 20.45
N LEU LA 97 -94.48 40.97 20.30
CA LEU LA 97 -93.75 39.74 20.56
C LEU LA 97 -92.64 39.58 19.53
N MET LA 98 -91.57 38.90 19.92
CA MET LA 98 -90.44 38.66 19.02
C MET LA 98 -90.84 37.85 17.81
N LYS LA 99 -90.10 38.03 16.72
CA LYS LA 99 -90.29 37.28 15.49
C LYS LA 99 -90.18 35.78 15.71
N GLY LA 100 -89.26 35.37 16.60
CA GLY LA 100 -89.11 33.98 17.01
C GLY LA 100 -90.32 33.39 17.74
N VAL LA 101 -91.00 34.21 18.53
CA VAL LA 101 -92.19 33.77 19.27
C VAL LA 101 -93.38 33.57 18.33
N LEU LA 102 -93.62 34.57 17.48
CA LEU LA 102 -94.77 34.56 16.56
C LEU LA 102 -94.53 33.65 15.36
N LEU LA 103 -93.33 33.73 14.79
CA LEU LA 103 -92.93 32.91 13.63
C LEU LA 103 -91.66 32.10 13.92
N PRO LA 104 -91.81 30.93 14.59
CA PRO LA 104 -90.68 30.00 14.67
C PRO LA 104 -90.36 29.39 13.30
N LYS LA 105 -89.08 29.27 12.99
CA LYS LA 105 -88.65 28.76 11.69
C LYS LA 105 -88.83 27.24 11.56
N GLY LA 106 -88.56 26.53 12.65
CA GLY LA 106 -88.44 25.07 12.63
C GLY LA 106 -87.00 24.68 12.33
N HIS LA 107 -86.53 23.60 12.92
CA HIS LA 107 -85.17 23.10 12.69
C HIS LA 107 -85.05 22.49 11.30
N LYS LA 108 -83.82 22.33 10.83
CA LYS LA 108 -83.58 21.81 9.47
C LYS LA 108 -84.06 20.37 9.33
N HIS LA 109 -83.79 19.56 10.35
CA HIS LA 109 -84.28 18.17 10.42
C HIS LA 109 -85.81 18.11 10.53
N GLU LA 110 -86.38 19.09 11.22
CA GLU LA 110 -87.83 19.21 11.43
C GLU LA 110 -88.57 19.57 10.14
N LEU LA 111 -87.99 20.46 9.34
CA LEU LA 111 -88.63 20.96 8.10
C LEU LA 111 -88.63 19.92 6.97
N LYS LA 112 -87.49 19.27 6.74
CA LYS LA 112 -87.36 18.26 5.67
C LYS LA 112 -87.73 16.84 6.13
N LEU LA 113 -88.71 16.74 7.05
CA LEU LA 113 -89.15 15.47 7.62
C LEU LA 113 -90.19 14.82 6.72
N ASN LA 114 -91.19 15.60 6.31
CA ASN LA 114 -92.27 15.14 5.44
C ASN LA 114 -91.76 14.58 4.12
N GLU LA 115 -90.81 15.30 3.52
CA GLU LA 115 -90.14 14.89 2.28
C GLU LA 115 -89.42 13.56 2.44
N LYS LA 116 -88.67 13.43 3.53
CA LYS LA 116 -87.97 12.19 3.90
C LYS LA 116 -88.94 11.02 4.02
N LEU LA 117 -90.05 11.26 4.71
CA LEU LA 117 -91.11 10.26 4.91
C LEU LA 117 -91.70 9.79 3.58
N LYS LA 118 -91.96 10.76 2.70
CA LYS LA 118 -92.46 10.50 1.35
C LYS LA 118 -91.48 9.64 0.55
N LYS LA 119 -90.21 9.99 0.63
CA LYS LA 119 -89.12 9.25 -0.04
C LYS LA 119 -89.03 7.80 0.45
N ARG LA 120 -89.17 7.63 1.75
CA ARG LA 120 -89.19 6.31 2.39
C ARG LA 120 -90.36 5.45 1.90
N GLU LA 121 -91.53 6.08 1.83
CA GLU LA 121 -92.75 5.45 1.33
C GLU LA 121 -92.59 4.99 -0.12
N GLU LA 122 -92.01 5.87 -0.94
CA GLU LA 122 -91.71 5.58 -2.35
C GLU LA 122 -90.76 4.40 -2.50
N ALA LA 123 -89.72 4.39 -1.68
CA ALA LA 123 -88.76 3.29 -1.63
C ALA LA 123 -89.42 1.97 -1.28
N LEU LA 124 -90.25 1.99 -0.24
CA LEU LA 124 -91.03 0.84 0.21
C LEU LA 124 -91.84 0.16 -0.89
N LYS LA 125 -92.41 0.96 -1.78
CA LYS LA 125 -93.10 0.45 -2.97
C LYS LA 125 -92.17 -0.35 -3.89
N LYS LA 126 -90.90 0.05 -3.99
CA LYS LA 126 -89.92 -0.60 -4.87
C LYS LA 126 -88.96 -1.63 -4.24
N VAL LA 127 -89.04 -1.86 -2.92
CA VAL LA 127 -88.09 -2.73 -2.20
C VAL LA 127 -88.14 -4.18 -2.70
N ASP LA 128 -89.36 -4.71 -2.79
CA ASP LA 128 -89.60 -6.11 -3.17
C ASP LA 128 -89.06 -6.42 -4.56
N GLU LA 129 -89.31 -5.49 -5.49
CA GLU LA 129 -88.79 -5.56 -6.86
C GLU LA 129 -87.27 -5.62 -6.89
N LEU LA 130 -86.65 -4.72 -6.13
CA LEU LA 130 -85.19 -4.67 -5.98
C LEU LA 130 -84.59 -5.96 -5.45
N ILE LA 131 -85.25 -6.52 -4.43
CA ILE LA 131 -84.86 -7.82 -3.85
C ILE LA 131 -84.92 -8.92 -4.91
N ALA LA 132 -86.02 -8.95 -5.65
CA ALA LA 132 -86.23 -9.92 -6.74
C ALA LA 132 -85.15 -9.83 -7.81
N SER LA 133 -84.83 -8.61 -8.20
CA SER LA 133 -83.76 -8.33 -9.16
C SER LA 133 -82.40 -8.84 -8.68
N LYS LA 134 -82.12 -8.60 -7.40
CA LYS LA 134 -80.90 -9.07 -6.75
C LYS LA 134 -80.79 -10.60 -6.77
N LYS LA 135 -81.86 -11.26 -6.37
CA LYS LA 135 -81.86 -12.71 -6.16
C LYS LA 135 -81.95 -13.48 -7.46
N GLY LA 136 -82.96 -13.16 -8.28
CA GLY LA 136 -83.12 -13.76 -9.60
C GLY LA 136 -84.56 -13.94 -10.03
N SER LA 137 -84.73 -14.64 -11.15
CA SER LA 137 -86.03 -14.88 -11.76
C SER LA 137 -86.82 -15.98 -11.05
N LYS LA 138 -86.11 -17.02 -10.59
CA LYS LA 138 -86.72 -18.12 -9.83
C LYS LA 138 -87.42 -17.62 -8.57
N TYR LA 139 -86.74 -16.74 -7.85
CA TYR LA 139 -87.28 -16.09 -6.67
C TYR LA 139 -88.56 -15.32 -7.01
N ALA LA 140 -88.50 -14.51 -8.06
CA ALA LA 140 -89.64 -13.74 -8.55
C ALA LA 140 -90.84 -14.62 -8.88
N LYS LA 141 -90.59 -15.73 -9.57
CA LYS LA 141 -91.60 -16.73 -9.89
C LYS LA 141 -92.25 -17.31 -8.63
N ARG LA 142 -91.42 -17.63 -7.65
CA ARG LA 142 -91.87 -18.16 -6.36
C ARG LA 142 -92.78 -17.16 -5.63
N VAL LA 143 -92.36 -15.88 -5.64
CA VAL LA 143 -93.14 -14.78 -5.07
C VAL LA 143 -94.50 -14.65 -5.74
N GLU LA 144 -94.50 -14.67 -7.07
CA GLU LA 144 -95.73 -14.65 -7.88
C GLU LA 144 -96.68 -15.79 -7.53
N LYS LA 145 -96.12 -16.99 -7.37
CA LYS LA 145 -96.87 -18.18 -6.99
C LYS LA 145 -97.50 -18.04 -5.62
N MET LA 146 -96.71 -17.52 -4.67
CA MET LA 146 -97.18 -17.21 -3.31
C MET LA 146 -98.32 -16.20 -3.32
N LYS LA 147 -98.18 -15.16 -4.15
CA LYS LA 147 -99.22 -14.12 -4.30
C LYS LA 147 -100.54 -14.70 -4.78
N LYS LA 148 -100.48 -15.61 -5.75
CA LYS LA 148 -101.65 -16.40 -6.16
C LYS LA 148 -101.76 -17.61 -5.21
N ASN LA 149 -101.96 -17.32 -3.92
CA ASN LA 149 -102.06 -18.35 -2.89
C ASN LA 149 -103.45 -18.94 -2.92
N GLN LA 150 -104.44 -18.04 -2.92
CA GLN LA 150 -105.85 -18.38 -2.87
C GLN LA 150 -106.10 -19.14 -1.56
N SER LA 151 -105.76 -18.47 -0.47
CA SER LA 151 -105.73 -19.06 0.86
C SER LA 151 -105.95 -17.98 1.92
N ILE LA 152 -107.09 -18.07 2.62
CA ILE LA 152 -107.34 -17.20 3.77
C ILE LA 152 -106.61 -17.83 4.97
N GLY LA 153 -105.94 -17.00 5.77
CA GLY LA 153 -105.36 -17.46 7.03
C GLY LA 153 -106.43 -17.55 8.09
N TRP LA 154 -106.02 -17.43 9.35
CA TRP LA 154 -106.95 -17.19 10.45
C TRP LA 154 -106.22 -16.55 11.62
N PHE LA 155 -106.92 -15.67 12.33
CA PHE LA 155 -106.37 -15.01 13.52
C PHE LA 155 -107.08 -15.55 14.77
N GLY MA 1 -24.17 -28.85 52.94
CA GLY MA 1 -25.03 -29.09 54.14
C GLY MA 1 -24.42 -28.56 55.42
N GLY MA 2 -24.32 -27.24 55.50
CA GLY MA 2 -23.70 -26.56 56.65
C GLY MA 2 -24.56 -26.57 57.91
N LEU MA 3 -25.88 -26.46 57.74
CA LEU MA 3 -26.81 -26.60 58.86
C LEU MA 3 -26.87 -28.07 59.27
N LEU MA 4 -26.84 -28.32 60.58
CA LEU MA 4 -26.76 -29.66 61.13
C LEU MA 4 -28.10 -30.11 61.70
N TRP MA 5 -28.82 -30.90 60.91
CA TRP MA 5 -29.99 -31.64 61.38
C TRP MA 5 -29.49 -32.99 61.86
N LYS MA 6 -29.07 -33.04 63.13
CA LYS MA 6 -28.46 -34.23 63.69
C LYS MA 6 -29.54 -35.24 64.09
N ILE MA 7 -30.03 -35.96 63.09
CA ILE MA 7 -30.99 -37.04 63.26
C ILE MA 7 -30.27 -38.35 62.95
N PRO MA 8 -30.29 -39.33 63.87
CA PRO MA 8 -29.59 -40.58 63.60
C PRO MA 8 -30.30 -41.41 62.54
N TRP MA 9 -29.53 -42.18 61.79
CA TRP MA 9 -30.08 -43.01 60.70
C TRP MA 9 -30.97 -44.16 61.17
N ARG MA 10 -30.82 -44.57 62.44
CA ARG MA 10 -31.64 -45.62 63.05
C ARG MA 10 -32.20 -45.19 64.40
N MET MA 11 -33.17 -45.95 64.89
CA MET MA 11 -33.87 -45.66 66.13
C MET MA 11 -33.21 -46.36 67.32
N SER MA 12 -33.42 -45.79 68.50
CA SER MA 12 -33.01 -46.42 69.77
C SER MA 12 -34.02 -47.52 70.14
N THR MA 13 -33.68 -48.31 71.16
CA THR MA 13 -34.56 -49.36 71.67
C THR MA 13 -35.86 -48.78 72.20
N HIS MA 14 -35.73 -47.69 72.97
CA HIS MA 14 -36.86 -47.01 73.59
C HIS MA 14 -37.81 -46.40 72.57
N GLN MA 15 -37.23 -45.80 71.52
CA GLN MA 15 -38.00 -45.30 70.37
C GLN MA 15 -38.81 -46.39 69.69
N LYS MA 16 -38.15 -47.53 69.46
CA LYS MA 16 -38.79 -48.71 68.85
C LYS MA 16 -39.95 -49.25 69.69
N THR MA 17 -39.77 -49.29 71.00
CA THR MA 17 -40.82 -49.72 71.93
C THR MA 17 -42.03 -48.79 71.88
N ARG MA 18 -41.76 -47.48 71.86
CA ARG MA 18 -42.81 -46.46 71.73
C ARG MA 18 -43.59 -46.58 70.43
N GLN MA 19 -42.85 -46.76 69.34
CA GLN MA 19 -43.44 -47.00 68.02
C GLN MA 19 -44.38 -48.20 68.04
N ARG MA 20 -43.88 -49.31 68.57
CA ARG MA 20 -44.67 -50.55 68.75
C ARG MA 20 -45.96 -50.31 69.55
N GLU MA 21 -45.83 -49.57 70.64
CA GLU MA 21 -46.96 -49.22 71.49
C GLU MA 21 -48.00 -48.41 70.72
N ARG MA 22 -47.53 -47.41 69.98
CA ARG MA 22 -48.38 -46.59 69.11
C ARG MA 22 -49.13 -47.41 68.08
N LEU MA 23 -48.42 -48.33 67.42
CA LEU MA 23 -49.02 -49.25 66.45
C LEU MA 23 -50.12 -50.08 67.07
N ARG MA 24 -49.83 -50.60 68.26
CA ARG MA 24 -50.79 -51.40 69.05
C ARG MA 24 -52.05 -50.60 69.40
N ASN MA 25 -51.84 -49.33 69.77
CA ASN MA 25 -52.95 -48.42 70.09
C ASN MA 25 -53.91 -48.18 68.92
N VAL MA 26 -53.38 -48.02 67.72
CA VAL MA 26 -54.22 -47.79 66.54
C VAL MA 26 -55.05 -49.04 66.20
N ASP MA 27 -54.44 -50.21 66.37
CA ASP MA 27 -55.15 -51.51 66.21
C ASP MA 27 -56.28 -51.64 67.22
N GLN MA 28 -55.99 -51.27 68.47
CA GLN MA 28 -56.97 -51.25 69.56
C GLN MA 28 -58.14 -50.33 69.26
N VAL MA 29 -57.84 -49.13 68.77
CA VAL MA 29 -58.86 -48.15 68.37
C VAL MA 29 -59.80 -48.74 67.32
N ILE MA 30 -59.21 -49.35 66.29
CA ILE MA 30 -59.95 -50.00 65.21
C ILE MA 30 -60.87 -51.08 65.75
N LYS MA 31 -60.32 -51.94 66.61
CA LYS MA 31 -61.08 -53.00 67.28
C LYS MA 31 -62.28 -52.46 68.05
N GLN MA 32 -62.05 -51.39 68.81
CA GLN MA 32 -63.10 -50.71 69.57
C GLN MA 32 -64.21 -50.18 68.66
N LEU MA 33 -63.81 -49.56 67.54
CA LEU MA 33 -64.75 -49.06 66.54
C LEU MA 33 -65.64 -50.15 65.97
N THR MA 34 -65.04 -51.29 65.63
CA THR MA 34 -65.79 -52.42 65.08
C THR MA 34 -66.74 -53.01 66.12
N LEU MA 35 -66.23 -53.11 67.34
CA LEU MA 35 -66.95 -53.69 68.48
C LEU MA 35 -68.20 -52.88 68.81
N GLY MA 36 -68.02 -51.56 68.92
CA GLY MA 36 -69.13 -50.64 69.18
C GLY MA 36 -70.23 -50.70 68.14
N LEU MA 37 -69.83 -50.75 66.86
CA LEU MA 37 -70.76 -50.92 65.75
C LEU MA 37 -71.57 -52.21 65.86
N HIS MA 38 -70.87 -53.30 66.13
CA HIS MA 38 -71.49 -54.62 66.38
C HIS MA 38 -72.52 -54.56 67.51
N VAL MA 39 -72.12 -53.95 68.62
CA VAL MA 39 -73.00 -53.77 69.79
C VAL MA 39 -74.26 -53.00 69.41
N GLN MA 40 -74.06 -51.91 68.68
CA GLN MA 40 -75.17 -51.07 68.20
C GLN MA 40 -76.14 -51.85 67.33
N ARG MA 41 -75.59 -52.68 66.43
CA ARG MA 41 -76.39 -53.50 65.53
C ARG MA 41 -77.19 -54.57 66.28
N CYS MA 42 -76.56 -55.16 67.30
CA CYS MA 42 -77.23 -56.11 68.19
C CYS MA 42 -78.41 -55.46 68.92
N GLN MA 43 -78.17 -54.26 69.46
CA GLN MA 43 -79.21 -53.46 70.11
C GLN MA 43 -80.39 -53.14 69.19
N ASP MA 44 -80.07 -52.77 67.95
CA ASP MA 44 -81.09 -52.50 66.92
C ASP MA 44 -81.96 -53.73 66.65
N LYS MA 45 -81.32 -54.88 66.53
CA LYS MA 45 -82.02 -56.17 66.39
C LYS MA 45 -82.86 -56.50 67.63
N GLY MA 46 -82.33 -56.17 68.81
CA GLY MA 46 -83.09 -56.17 70.06
C GLY MA 46 -82.51 -56.97 71.20
N LEU MA 47 -81.19 -56.87 71.40
CA LEU MA 47 -80.50 -57.52 72.51
C LEU MA 47 -80.06 -56.45 73.50
N THR MA 48 -79.83 -56.86 74.74
CA THR MA 48 -79.23 -55.97 75.74
C THR MA 48 -77.73 -55.82 75.44
N TYR MA 49 -77.10 -54.87 76.11
CA TYR MA 49 -75.67 -54.60 75.91
C TYR MA 49 -74.84 -55.84 76.24
N GLN MA 50 -75.10 -56.41 77.42
CA GLN MA 50 -74.40 -57.61 77.89
C GLN MA 50 -74.57 -58.78 76.94
N GLU MA 51 -75.81 -59.01 76.50
CA GLU MA 51 -76.13 -60.04 75.51
C GLU MA 51 -75.37 -59.86 74.20
N ALA MA 52 -75.31 -58.61 73.73
CA ALA MA 52 -74.56 -58.24 72.53
C ALA MA 52 -73.07 -58.57 72.68
N MET MA 53 -72.51 -58.19 73.82
CA MET MA 53 -71.11 -58.46 74.15
C MET MA 53 -70.80 -59.96 74.17
N GLU MA 54 -71.71 -60.74 74.76
CA GLU MA 54 -71.62 -62.20 74.81
C GLU MA 54 -71.64 -62.86 73.42
N SER MA 55 -72.50 -62.34 72.54
CA SER MA 55 -72.82 -62.94 71.22
C SER MA 55 -71.67 -63.66 70.51
N LYS MA 56 -71.96 -64.87 70.02
CA LYS MA 56 -70.98 -65.70 69.31
C LYS MA 56 -70.61 -65.07 67.97
N LYS MA 57 -71.65 -64.78 67.18
CA LYS MA 57 -71.49 -64.22 65.84
C LYS MA 57 -71.36 -62.69 65.90
N LYS MA 58 -70.13 -62.21 65.76
CA LYS MA 58 -69.84 -60.77 65.76
C LYS MA 58 -70.08 -60.22 64.35
N TYR MA 59 -70.75 -59.08 64.27
CA TYR MA 59 -71.06 -58.46 62.99
C TYR MA 59 -69.86 -57.70 62.45
N LYS MA 60 -69.56 -57.91 61.17
CA LYS MA 60 -68.45 -57.25 60.50
C LYS MA 60 -68.94 -55.91 59.94
N PRO MA 61 -68.05 -54.89 59.91
CA PRO MA 61 -68.50 -53.55 59.52
C PRO MA 61 -68.80 -53.43 58.03
N ARG MA 62 -69.90 -52.74 57.72
CA ARG MA 62 -70.41 -52.62 56.34
C ARG MA 62 -69.74 -51.50 55.56
N SER MA 63 -69.40 -50.41 56.25
CA SER MA 63 -68.68 -49.30 55.62
C SER MA 63 -67.29 -49.75 55.16
N LYS MA 64 -66.81 -49.10 54.10
CA LYS MA 64 -65.69 -49.59 53.29
C LYS MA 64 -64.35 -49.46 54.02
N SER MA 65 -64.09 -48.25 54.49
CA SER MA 65 -62.81 -47.93 55.15
C SER MA 65 -62.55 -48.81 56.37
N LEU MA 66 -63.57 -48.96 57.21
CA LEU MA 66 -63.53 -49.85 58.38
C LEU MA 66 -63.22 -51.30 58.00
N ARG MA 67 -63.90 -51.77 56.96
CA ARG MA 67 -63.73 -53.14 56.45
C ARG MA 67 -62.31 -53.38 55.94
N LEU MA 68 -61.75 -52.38 55.25
CA LEU MA 68 -60.36 -52.39 54.81
C LEU MA 68 -59.37 -52.44 55.96
N LEU MA 69 -59.61 -51.60 56.97
CA LEU MA 69 -58.79 -51.57 58.18
C LEU MA 69 -58.77 -52.91 58.91
N ASN MA 70 -59.94 -53.54 58.98
CA ASN MA 70 -60.09 -54.89 59.54
C ASN MA 70 -59.23 -55.94 58.84
N LYS MA 71 -59.13 -55.86 57.51
CA LYS MA 71 -58.29 -56.78 56.74
C LYS MA 71 -56.80 -56.60 57.05
N PRO MA 72 -56.10 -57.70 57.40
CA PRO MA 72 -54.67 -57.63 57.72
C PRO MA 72 -53.76 -57.47 56.50
N SER MA 73 -54.21 -57.92 55.33
CA SER MA 73 -53.49 -57.72 54.06
C SER MA 73 -53.35 -56.24 53.71
N VAL MA 74 -54.39 -55.45 54.03
CA VAL MA 74 -54.39 -54.01 53.79
C VAL MA 74 -53.74 -53.29 54.96
N PHE MA 75 -54.29 -53.52 56.16
CA PHE MA 75 -53.83 -52.87 57.39
C PHE MA 75 -53.51 -53.94 58.44
N PRO MA 76 -52.22 -54.37 58.51
CA PRO MA 76 -51.84 -55.40 59.46
C PRO MA 76 -51.74 -54.90 60.90
N LYS MA 77 -51.89 -55.81 61.85
CA LYS MA 77 -51.73 -55.51 63.28
C LYS MA 77 -50.24 -55.50 63.63
N GLU MA 78 -49.91 -54.95 64.79
CA GLU MA 78 -48.51 -54.87 65.23
C GLU MA 78 -47.89 -56.26 65.41
N ASN MA 79 -48.64 -57.17 66.03
CA ASN MA 79 -48.22 -58.57 66.16
C ASN MA 79 -48.02 -59.28 64.80
N GLN MA 80 -48.87 -58.94 63.83
CA GLN MA 80 -48.75 -59.46 62.46
C GLN MA 80 -47.54 -58.89 61.73
N MET MA 81 -47.38 -57.56 61.78
CA MET MA 81 -46.32 -56.83 61.07
C MET MA 81 -44.91 -57.42 61.19
N SER MA 82 -44.11 -57.24 60.14
CA SER MA 82 -42.70 -57.60 60.16
C SER MA 82 -41.93 -56.60 61.02
N SER MA 83 -40.80 -57.06 61.56
CA SER MA 83 -39.84 -56.18 62.24
C SER MA 83 -39.45 -54.97 61.38
N LYS MA 84 -39.22 -55.24 60.10
CA LYS MA 84 -38.75 -54.22 59.16
C LYS MA 84 -39.79 -53.12 58.91
N ASP MA 85 -41.04 -53.51 58.68
CA ASP MA 85 -42.11 -52.54 58.41
C ASP MA 85 -42.53 -51.69 59.62
N LYS MA 86 -42.21 -52.16 60.84
CA LYS MA 86 -42.39 -51.35 62.05
C LYS MA 86 -41.42 -50.17 62.09
N TYR MA 87 -40.18 -50.41 61.68
CA TYR MA 87 -39.08 -49.44 61.84
C TYR MA 87 -38.48 -48.87 60.55
N TRP MA 88 -38.96 -49.31 59.38
CA TRP MA 88 -38.43 -48.86 58.09
C TRP MA 88 -39.52 -48.60 57.06
N THR MA 89 -39.58 -47.37 56.58
CA THR MA 89 -40.43 -47.00 55.43
C THR MA 89 -39.75 -47.38 54.12
N PHE MA 90 -40.56 -47.43 53.07
CA PHE MA 90 -40.05 -47.51 51.70
C PHE MA 90 -39.74 -46.09 51.21
N ASP MA 91 -38.52 -45.89 50.72
CA ASP MA 91 -38.09 -44.63 50.13
C ASP MA 91 -37.31 -44.93 48.85
N LYS MA 92 -37.94 -44.71 47.70
CA LYS MA 92 -37.36 -45.05 46.39
C LYS MA 92 -36.00 -44.39 46.08
N LYS MA 93 -35.80 -43.20 46.60
CA LYS MA 93 -34.53 -42.46 46.39
C LYS MA 93 -33.39 -42.81 47.36
N ALA MA 94 -33.70 -43.54 48.44
CA ALA MA 94 -32.66 -44.05 49.36
C ALA MA 94 -31.97 -45.29 48.78
N VAL MA 95 -30.73 -45.51 49.22
CA VAL MA 95 -30.01 -46.76 48.94
C VAL MA 95 -30.57 -47.85 49.86
N GLY MA 96 -30.84 -49.02 49.28
CA GLY MA 96 -31.61 -50.07 49.95
C GLY MA 96 -33.11 -49.94 49.74
N TYR MA 97 -33.53 -48.88 49.05
CA TYR MA 97 -34.94 -48.48 48.95
C TYR MA 97 -35.68 -48.44 50.29
N ARG MA 98 -34.96 -48.04 51.33
CA ARG MA 98 -35.48 -48.07 52.70
C ARG MA 98 -34.96 -46.88 53.50
N LYS MA 99 -35.76 -46.46 54.47
CA LYS MA 99 -35.51 -45.27 55.27
C LYS MA 99 -36.18 -45.48 56.61
N GLY MA 100 -35.57 -45.00 57.69
CA GLY MA 100 -36.17 -45.11 59.02
C GLY MA 100 -37.51 -44.40 59.09
N ILE MA 101 -38.46 -44.98 59.83
CA ILE MA 101 -39.82 -44.38 59.94
C ILE MA 101 -39.73 -43.06 60.71
N HIS MA 102 -38.87 -43.02 61.74
CA HIS MA 102 -38.53 -41.78 62.45
C HIS MA 102 -38.08 -40.59 61.58
N LYS MA 103 -37.54 -40.86 60.39
CA LYS MA 103 -37.22 -39.83 59.41
C LYS MA 103 -38.45 -39.27 58.68
N VAL MA 104 -39.57 -39.99 58.69
CA VAL MA 104 -40.84 -39.50 58.12
C VAL MA 104 -41.33 -38.33 58.99
N PRO MA 105 -41.84 -37.25 58.35
CA PRO MA 105 -42.33 -36.14 59.16
C PRO MA 105 -43.68 -36.47 59.79
N LYS MA 106 -43.83 -36.12 61.07
CA LYS MA 106 -45.01 -36.46 61.87
C LYS MA 106 -45.28 -37.98 61.94
N TRP MA 107 -44.20 -38.77 62.05
CA TRP MA 107 -44.31 -40.24 62.12
C TRP MA 107 -45.07 -40.75 63.34
N THR MA 108 -45.06 -39.96 64.42
CA THR MA 108 -45.80 -40.27 65.63
C THR MA 108 -47.32 -40.26 65.42
N LYS MA 109 -47.81 -39.35 64.57
CA LYS MA 109 -49.23 -39.34 64.19
C LYS MA 109 -49.48 -40.20 62.97
N ILE MA 110 -48.83 -39.86 61.85
CA ILE MA 110 -49.02 -40.55 60.57
C ILE MA 110 -48.78 -42.06 60.69
N SER MA 111 -49.69 -42.85 60.13
CA SER MA 111 -49.56 -44.32 60.09
C SER MA 111 -49.02 -44.77 58.74
N ILE MA 112 -48.21 -45.83 58.77
CA ILE MA 112 -47.67 -46.45 57.56
C ILE MA 112 -47.22 -47.88 57.88
N ARG MA 113 -48.12 -48.83 57.65
CA ARG MA 113 -47.90 -50.23 57.98
C ARG MA 113 -47.34 -51.01 56.80
N LYS MA 114 -48.01 -50.89 55.64
CA LYS MA 114 -47.75 -51.72 54.49
C LYS MA 114 -46.68 -51.13 53.57
N ALA MA 115 -45.60 -51.88 53.35
CA ALA MA 115 -44.61 -51.56 52.31
C ALA MA 115 -44.89 -52.43 51.08
N PRO MA 116 -44.29 -52.10 49.92
CA PRO MA 116 -44.41 -52.96 48.74
C PRO MA 116 -43.87 -54.38 48.95
N LYS MA 117 -44.35 -55.31 48.12
CA LYS MA 117 -44.11 -56.75 48.32
C LYS MA 117 -42.64 -57.15 48.37
N PHE MA 118 -41.81 -56.50 47.55
CA PHE MA 118 -40.38 -56.84 47.44
C PHE MA 118 -39.45 -55.65 47.70
N PHE MA 119 -39.96 -54.58 48.32
CA PHE MA 119 -39.18 -53.38 48.64
C PHE MA 119 -39.45 -52.92 50.07
N MET NA 1 29.74 70.89 43.92
CA MET NA 1 29.06 71.36 45.18
C MET NA 1 30.04 71.42 46.36
N LYS NA 2 29.63 72.12 47.41
CA LYS NA 2 30.33 72.11 48.70
C LYS NA 2 29.58 71.21 49.68
N VAL NA 3 30.23 70.12 50.08
CA VAL NA 3 29.63 69.12 50.96
C VAL NA 3 29.73 69.57 52.42
N ASN NA 4 30.95 69.79 52.89
CA ASN NA 4 31.19 70.12 54.29
C ASN NA 4 30.75 71.53 54.67
N HIS NA 5 30.14 71.63 55.85
CA HIS NA 5 29.88 72.91 56.51
C HIS NA 5 30.86 73.04 57.68
N SER NA 6 30.71 74.12 58.46
CA SER NA 6 31.48 74.32 59.70
C SER NA 6 31.36 73.13 60.67
N ILE NA 7 30.14 72.62 60.79
CA ILE NA 7 29.83 71.50 61.69
C ILE NA 7 30.41 70.14 61.24
N SER NA 8 30.61 69.97 59.94
CA SER NA 8 30.97 68.66 59.34
C SER NA 8 32.26 68.00 59.85
N ARG NA 9 33.18 68.80 60.39
CA ARG NA 9 34.40 68.28 61.02
C ARG NA 9 34.55 68.80 62.45
N PHE NA 10 35.54 68.22 63.14
CA PHE NA 10 36.12 68.83 64.34
C PHE NA 10 36.91 70.05 63.86
N ARG NA 11 36.70 71.19 64.51
CA ARG NA 11 37.40 72.42 64.16
C ARG NA 11 38.36 72.83 65.28
N PRO NA 12 39.67 72.93 64.97
CA PRO NA 12 40.62 73.43 65.97
C PRO NA 12 40.59 74.97 66.08
N ALA NA 13 41.40 75.49 67.00
CA ALA NA 13 41.47 76.93 67.30
C ALA NA 13 41.80 77.79 66.09
N SER NA 14 42.77 77.32 65.30
CA SER NA 14 43.25 78.03 64.11
C SER NA 14 42.14 78.28 63.10
N TRP NA 15 41.33 77.26 62.88
CA TRP NA 15 40.16 77.35 62.00
C TRP NA 15 39.17 78.40 62.48
N PHE NA 16 38.87 78.36 63.77
CA PHE NA 16 37.98 79.33 64.41
C PHE NA 16 38.48 80.77 64.26
N GLU NA 17 39.77 80.95 64.50
CA GLU NA 17 40.44 82.25 64.32
C GLU NA 17 40.32 82.77 62.90
N LYS NA 18 40.51 81.87 61.94
CA LYS NA 18 40.36 82.19 60.52
C LYS NA 18 38.94 82.65 60.18
N THR NA 19 37.96 81.91 60.69
CA THR NA 19 36.54 82.15 60.39
C THR NA 19 35.89 83.21 61.29
N LYS NA 20 35.82 82.92 62.59
CA LYS NA 20 35.10 83.73 63.59
C LYS NA 20 33.59 83.78 63.30
N ILE NA 21 32.97 82.60 63.28
CA ILE NA 21 31.51 82.46 63.18
C ILE NA 21 30.93 82.83 64.54
N ILE NA 22 31.45 82.18 65.57
CA ILE NA 22 31.03 82.39 66.96
C ILE NA 22 32.27 82.74 67.79
N PRO NA 23 32.06 83.24 69.02
CA PRO NA 23 33.20 83.47 69.92
C PRO NA 23 33.76 82.16 70.47
N PRO NA 24 34.80 82.23 71.32
CA PRO NA 24 35.27 81.02 71.98
C PRO NA 24 34.24 80.50 72.99
N GLN NA 25 33.51 79.46 72.61
CA GLN NA 25 32.50 78.85 73.48
C GLN NA 25 32.09 77.45 73.05
N VAL NA 26 31.53 76.71 74.00
CA VAL NA 26 31.03 75.35 73.81
C VAL NA 26 29.55 75.32 74.17
N TYR NA 27 28.76 74.61 73.36
CA TYR NA 27 27.33 74.47 73.58
C TYR NA 27 27.01 73.08 74.11
N ILE NA 28 26.01 73.01 74.99
CA ILE NA 28 25.57 71.75 75.62
C ILE NA 28 24.06 71.63 75.44
N PHE NA 29 23.60 70.43 75.07
CA PHE NA 29 22.20 70.19 74.70
C PHE NA 29 21.57 69.01 75.44
N ARG NA 30 20.53 69.30 76.25
CA ARG NA 30 19.69 68.26 76.84
C ARG NA 30 18.88 67.54 75.77
N ASN NA 31 18.58 66.28 76.03
CA ASN NA 31 17.63 65.51 75.24
C ASN NA 31 16.37 65.36 76.08
N LEU NA 32 15.30 66.02 75.65
CA LEU NA 32 14.02 66.00 76.37
C LEU NA 32 13.38 64.60 76.44
N GLU NA 33 13.66 63.77 75.44
CA GLU NA 33 13.15 62.40 75.36
C GLU NA 33 13.79 61.48 76.41
N TYR NA 34 15.13 61.40 76.39
CA TYR NA 34 15.89 60.45 77.22
C TYR NA 34 16.67 61.06 78.40
N GLY NA 35 16.89 62.37 78.39
CA GLY NA 35 17.72 63.04 79.40
C GLY NA 35 19.21 63.03 79.12
N GLN NA 36 19.60 62.54 77.94
CA GLN NA 36 21.00 62.50 77.53
C GLN NA 36 21.47 63.88 77.13
N VAL NA 37 22.79 64.11 77.23
CA VAL NA 37 23.40 65.40 76.95
C VAL NA 37 24.28 65.31 75.69
N LEU NA 38 24.37 66.41 74.94
CA LEU NA 38 25.13 66.46 73.70
C LEU NA 38 25.97 67.73 73.65
N TYR NA 39 27.29 67.56 73.68
CA TYR NA 39 28.24 68.68 73.59
C TYR NA 39 28.49 69.00 72.12
N SER NA 40 28.78 70.27 71.84
CA SER NA 40 29.13 70.69 70.48
C SER NA 40 29.91 72.00 70.47
N GLN NA 41 30.81 72.11 69.50
CA GLN NA 41 31.57 73.33 69.25
C GLN NA 41 30.73 74.46 68.65
N PHE NA 42 29.57 74.11 68.08
CA PHE NA 42 28.70 75.06 67.39
C PHE NA 42 27.27 75.02 67.93
N PRO NA 43 26.47 76.10 67.71
CA PRO NA 43 25.08 76.11 68.18
C PRO NA 43 24.14 75.13 67.45
N ASN NA 44 24.57 74.64 66.28
CA ASN NA 44 23.92 73.51 65.62
C ASN NA 44 24.76 72.25 65.77
N PHE NA 45 24.20 71.12 65.32
CA PHE NA 45 24.92 69.85 65.30
C PHE NA 45 24.28 68.90 64.28
N SER NA 46 25.00 67.81 63.99
CA SER NA 46 24.56 66.82 63.01
C SER NA 46 24.62 65.42 63.60
N GLN NA 47 24.25 64.43 62.77
CA GLN NA 47 24.35 63.01 63.12
C GLN NA 47 25.79 62.59 63.47
N THR NA 48 26.77 63.23 62.85
CA THR NA 48 28.20 62.94 63.09
C THR NA 48 28.60 63.12 64.56
N GLN NA 49 28.14 64.23 65.13
CA GLN NA 49 28.36 64.55 66.56
C GLN NA 49 27.74 63.49 67.47
N VAL NA 50 26.52 63.10 67.15
CA VAL NA 50 25.78 62.06 67.88
C VAL NA 50 26.54 60.73 67.84
N ASP NA 51 26.97 60.36 66.64
CA ASP NA 51 27.76 59.14 66.43
C ASP NA 51 29.05 59.13 67.25
N LYS NA 52 29.73 60.27 67.26
CA LYS NA 52 30.97 60.48 68.02
C LYS NA 52 30.77 60.26 69.52
N LEU NA 53 29.69 60.79 70.07
CA LEU NA 53 29.42 60.68 71.50
C LEU NA 53 28.80 59.34 71.86
N PHE NA 54 27.72 58.98 71.18
CA PHE NA 54 26.96 57.78 71.50
C PHE NA 54 27.51 56.57 70.74
N VAL NA 55 28.67 56.11 71.21
CA VAL NA 55 29.47 55.06 70.56
C VAL NA 55 29.12 53.65 71.01
N ARG NA 56 28.78 53.49 72.30
CA ARG NA 56 28.40 52.20 72.87
C ARG NA 56 27.00 52.32 73.49
N PRO NA 57 25.94 52.25 72.65
CA PRO NA 57 24.59 52.37 73.15
C PRO NA 57 24.00 51.03 73.59
N ASN NA 58 23.19 51.06 74.64
CA ASN NA 58 22.45 49.89 75.15
C ASN NA 58 21.01 50.31 75.46
N TRP NA 59 20.22 49.41 76.05
CA TRP NA 59 18.83 49.73 76.43
C TRP NA 59 18.73 50.93 77.40
N SER NA 60 19.69 51.03 78.31
CA SER NA 60 19.73 52.10 79.30
C SER NA 60 20.16 53.44 78.69
N ASN NA 61 21.16 53.40 77.82
CA ASN NA 61 21.73 54.58 77.20
C ASN NA 61 21.62 54.47 75.68
N ARG NA 62 20.38 54.51 75.18
CA ARG NA 62 20.12 54.35 73.75
C ARG NA 62 20.66 55.53 72.95
N LYS NA 63 21.10 55.24 71.72
CA LYS NA 63 21.57 56.26 70.80
C LYS NA 63 20.38 57.16 70.44
N PRO NA 64 20.47 58.47 70.75
CA PRO NA 64 19.30 59.33 70.62
C PRO NA 64 18.93 59.64 69.18
N SER NA 65 17.67 59.98 68.98
CA SER NA 65 17.18 60.47 67.69
C SER NA 65 17.77 61.85 67.42
N LEU NA 66 17.92 62.17 66.13
CA LEU NA 66 18.43 63.47 65.71
C LEU NA 66 17.31 64.50 65.48
N ARG NA 67 16.06 64.13 65.82
CA ARG NA 67 14.92 65.04 65.66
C ARG NA 67 15.12 66.33 66.47
N ARG NA 68 14.97 67.47 65.79
CA ARG NA 68 15.37 68.77 66.34
C ARG NA 68 14.59 69.26 67.57
N ASP NA 69 13.34 68.82 67.71
CA ASP NA 69 12.48 69.32 68.78
C ASP NA 69 12.86 68.84 70.19
N ILE NA 70 13.26 67.57 70.31
CA ILE NA 70 13.64 66.99 71.61
C ILE NA 70 14.98 67.50 72.14
N TRP NA 71 15.85 67.99 71.25
CA TRP NA 71 17.10 68.62 71.67
C TRP NA 71 16.87 70.07 72.07
N LYS NA 72 17.39 70.45 73.24
CA LYS NA 72 17.26 71.80 73.77
C LYS NA 72 18.54 72.17 74.53
N CYS NA 73 18.93 73.43 74.44
CA CYS NA 73 20.22 73.89 74.98
C CYS NA 73 20.20 73.95 76.51
N MET NA 74 21.00 73.08 77.13
CA MET NA 74 21.16 73.03 78.59
C MET NA 74 22.00 74.18 79.11
N CYS NA 75 23.04 74.51 78.36
CA CYS NA 75 24.12 75.33 78.86
C CYS NA 75 25.05 75.78 77.73
N VAL NA 76 25.38 77.08 77.75
CA VAL NA 76 26.32 77.66 76.80
C VAL NA 76 27.49 78.19 77.62
N VAL NA 77 28.67 77.59 77.44
CA VAL NA 77 29.84 77.93 78.26
C VAL NA 77 30.88 78.68 77.40
N ASN NA 78 31.17 79.91 77.82
CA ASN NA 78 32.12 80.77 77.13
C ASN NA 78 33.47 80.75 77.83
N LEU NA 79 34.54 80.86 77.04
CA LEU NA 79 35.90 80.79 77.56
C LEU NA 79 36.79 81.90 77.02
N GLN NA 80 37.99 82.01 77.59
CA GLN NA 80 38.91 83.11 77.31
C GLN NA 80 39.55 83.07 75.92
N ASN NA 81 39.63 81.87 75.33
CA ASN NA 81 40.27 81.69 74.03
C ASN NA 81 39.66 80.50 73.27
N TYR NA 82 39.70 80.57 71.95
CA TYR NA 82 39.21 79.50 71.06
C TYR NA 82 39.86 78.15 71.39
N LYS NA 83 41.17 78.19 71.51
CA LYS NA 83 41.99 77.03 71.87
C LYS NA 83 41.55 76.38 73.18
N GLN NA 84 41.26 77.24 74.16
CA GLN NA 84 40.75 76.81 75.47
C GLN NA 84 39.39 76.12 75.36
N SER NA 85 38.51 76.68 74.53
CA SER NA 85 37.18 76.12 74.26
C SER NA 85 37.26 74.76 73.59
N VAL NA 86 38.18 74.65 72.62
CA VAL NA 86 38.46 73.40 71.92
C VAL NA 86 38.93 72.33 72.91
N HIS NA 87 39.86 72.72 73.79
CA HIS NA 87 40.40 71.83 74.81
C HIS NA 87 39.32 71.32 75.77
N LEU NA 88 38.45 72.23 76.21
CA LEU NA 88 37.28 71.90 77.03
C LEU NA 88 36.38 70.87 76.36
N TYR NA 89 36.08 71.13 75.09
CA TYR NA 89 35.25 70.24 74.27
C TYR NA 89 35.84 68.83 74.17
N GLN NA 90 37.15 68.77 73.93
CA GLN NA 90 37.90 67.51 73.90
C GLN NA 90 37.84 66.76 75.22
N ASN NA 91 38.01 67.49 76.32
CA ASN NA 91 37.89 66.94 77.67
C ASN NA 91 36.54 66.33 77.96
N LEU NA 92 35.47 67.03 77.54
CA LEU NA 92 34.10 66.53 77.69
C LEU NA 92 33.88 65.23 76.95
N CYS NA 93 34.35 65.19 75.69
CA CYS NA 93 34.29 63.98 74.85
C CYS NA 93 35.05 62.82 75.48
N ARG NA 94 36.22 63.11 76.02
CA ARG NA 94 37.03 62.13 76.73
C ARG NA 94 36.28 61.56 77.93
N LEU NA 95 35.72 62.44 78.74
CA LEU NA 95 34.91 62.04 79.91
C LEU NA 95 33.74 61.15 79.55
N ARG NA 96 33.04 61.53 78.48
CA ARG NA 96 31.94 60.74 77.96
C ARG NA 96 32.39 59.33 77.57
N TYR NA 97 33.50 59.27 76.84
CA TYR NA 97 34.10 58.00 76.44
C TYR NA 97 34.39 57.12 77.66
N LEU NA 98 35.04 57.71 78.65
CA LEU NA 98 35.37 57.03 79.91
C LEU NA 98 34.12 56.43 80.57
N ARG NA 99 33.08 57.24 80.66
CA ARG NA 99 31.80 56.83 81.25
C ARG NA 99 31.11 55.69 80.49
N ASP NA 100 31.20 55.72 79.16
CA ASP NA 100 30.53 54.72 78.31
C ASP NA 100 31.33 53.43 78.15
N VAL NA 101 32.62 53.56 77.86
CA VAL NA 101 33.46 52.42 77.45
C VAL NA 101 34.48 52.00 78.52
N ALA NA 102 35.44 52.89 78.80
CA ALA NA 102 36.64 52.51 79.56
C ALA NA 102 36.38 52.26 81.04
N GLN NA 103 35.87 53.29 81.72
CA GLN NA 103 35.60 53.24 83.16
C GLN NA 103 34.08 53.26 83.39
N ARG NA 104 33.40 52.28 82.80
CA ARG NA 104 31.94 52.22 82.81
C ARG NA 104 31.36 51.71 84.13
N LYS NA 105 32.05 50.74 84.73
CA LYS NA 105 31.61 50.11 85.98
C LYS NA 105 31.60 51.09 87.14
N GLU NA 106 32.65 51.92 87.19
CA GLU NA 106 32.78 52.97 88.21
C GLU NA 106 31.65 53.99 88.08
N SER NA 107 31.40 54.41 86.85
CA SER NA 107 30.30 55.34 86.54
C SER NA 107 28.96 54.78 87.00
N ASP NA 108 28.72 53.51 86.66
CA ASP NA 108 27.50 52.80 87.05
C ASP NA 108 27.31 52.76 88.57
N LYS NA 109 28.38 52.44 89.27
CA LYS NA 109 28.41 52.44 90.74
C LYS NA 109 28.02 53.81 91.32
N LEU NA 110 28.61 54.86 90.74
CA LEU NA 110 28.30 56.25 91.11
C LEU NA 110 26.83 56.65 90.94
N ARG NA 111 26.16 56.09 89.93
CA ARG NA 111 24.76 56.46 89.61
C ARG NA 111 23.74 56.03 90.67
N LYS NA 112 22.55 56.62 90.58
CA LYS NA 112 21.40 56.25 91.40
C LYS NA 112 20.68 55.06 90.78
N LYS NA 113 20.48 54.01 91.57
CA LYS NA 113 19.74 52.82 91.15
C LYS NA 113 18.37 52.77 91.79
N ASP NA 114 17.40 52.20 91.07
CA ASP NA 114 16.07 51.91 91.62
C ASP NA 114 16.03 50.50 92.21
N SER NA 115 14.87 50.09 92.72
CA SER NA 115 14.62 48.69 93.06
C SER NA 115 14.60 47.87 91.78
N ASN NA 116 15.16 46.66 91.85
CA ASN NA 116 15.55 45.86 90.68
C ASN NA 116 16.83 46.37 89.97
N GLY NA 117 17.65 47.12 90.71
CA GLY NA 117 19.03 47.43 90.33
C GLY NA 117 19.33 48.12 89.01
N HIS NA 118 18.36 48.86 88.47
CA HIS NA 118 18.55 49.63 87.23
C HIS NA 118 18.80 51.09 87.56
N VAL NA 119 19.52 51.77 86.67
CA VAL NA 119 19.75 53.21 86.82
C VAL NA 119 18.38 53.90 86.74
N TRP NA 120 18.07 54.71 87.76
CA TRP NA 120 16.73 55.26 87.95
C TRP NA 120 16.19 55.93 86.68
N TYR NA 121 14.95 55.60 86.32
CA TYR NA 121 14.30 56.18 85.14
C TYR NA 121 12.83 56.53 85.41
N SER NA 122 12.31 57.43 84.59
CA SER NA 122 10.87 57.67 84.47
C SER NA 122 10.55 57.68 82.99
N GLY NA 123 9.86 56.63 82.53
CA GLY NA 123 9.78 56.34 81.10
C GLY NA 123 11.16 55.94 80.63
N GLN NA 124 11.58 56.44 79.48
CA GLN NA 124 12.98 56.29 79.03
C GLN NA 124 13.84 57.51 79.39
N TYR NA 125 13.27 58.49 80.10
CA TYR NA 125 14.02 59.62 80.63
C TYR NA 125 14.81 59.18 81.87
N ARG NA 126 16.12 59.33 81.83
CA ARG NA 126 17.01 59.04 82.95
C ARG NA 126 17.69 60.33 83.41
N PRO NA 127 17.35 60.83 84.62
CA PRO NA 127 17.91 62.13 85.04
C PRO NA 127 19.37 62.14 85.52
N THR NA 128 20.05 60.99 85.51
CA THR NA 128 21.46 60.91 85.93
C THR NA 128 22.42 61.46 84.88
N TYR NA 129 22.09 61.27 83.60
CA TYR NA 129 22.98 61.65 82.49
C TYR NA 129 23.25 63.14 82.45
N CYS NA 130 22.18 63.93 82.62
CA CYS NA 130 22.28 65.38 82.73
C CYS NA 130 23.20 65.79 83.87
N GLN NA 131 22.97 65.19 85.04
CA GLN NA 131 23.76 65.46 86.26
C GLN NA 131 25.24 65.17 86.04
N GLU NA 132 25.51 64.03 85.42
CA GLU NA 132 26.86 63.60 85.05
C GLU NA 132 27.52 64.62 84.14
N ALA NA 133 26.78 65.07 83.13
CA ALA NA 133 27.25 66.11 82.19
C ALA NA 133 27.63 67.41 82.89
N VAL NA 134 26.83 67.81 83.88
CA VAL NA 134 27.12 69.02 84.68
C VAL NA 134 28.41 68.79 85.49
N ALA NA 135 28.49 67.64 86.16
CA ALA NA 135 29.69 67.21 86.88
C ALA NA 135 30.92 67.09 85.97
N ASP NA 136 30.69 66.51 84.80
CA ASP NA 136 31.74 66.36 83.79
C ASP NA 136 32.22 67.69 83.24
N LEU NA 137 31.27 68.60 82.99
CA LEU NA 137 31.57 69.97 82.58
C LEU NA 137 32.46 70.68 83.59
N ARG NA 138 32.05 70.60 84.85
CA ARG NA 138 32.79 71.17 85.98
C ARG NA 138 34.22 70.63 86.02
N GLU NA 139 34.34 69.32 85.86
CA GLU NA 139 35.63 68.64 85.85
C GLU NA 139 36.53 69.12 84.71
N SER NA 140 35.98 69.10 83.50
CA SER NA 140 36.72 69.48 82.30
C SER NA 140 37.24 70.90 82.38
N LEU NA 141 36.35 71.82 82.75
CA LEU NA 141 36.71 73.24 82.98
C LEU NA 141 37.87 73.38 83.96
N LEU NA 142 37.76 72.67 85.08
CA LEU NA 142 38.78 72.68 86.13
C LEU NA 142 40.13 72.23 85.58
N LYS NA 143 40.11 71.14 84.83
CA LYS NA 143 41.31 70.60 84.16
C LYS NA 143 41.93 71.61 83.20
N VAL NA 144 41.08 72.26 82.41
CA VAL NA 144 41.50 73.28 81.46
C VAL NA 144 42.25 74.43 82.17
N PHE NA 145 41.68 74.88 83.28
CA PHE NA 145 42.26 75.99 84.04
C PHE NA 145 43.53 75.60 84.79
N GLU NA 146 43.62 74.33 85.21
CA GLU NA 146 44.87 73.77 85.73
C GLU NA 146 45.97 73.78 84.67
N ASN NA 147 45.62 73.30 83.47
CA ASN NA 147 46.52 73.34 82.30
C ASN NA 147 47.03 74.73 81.97
N ALA NA 148 46.12 75.71 82.03
CA ALA NA 148 46.44 77.12 81.77
C ALA NA 148 47.45 77.67 82.78
N ALA NA 158 41.74 91.00 80.29
CA ALA NA 158 41.31 89.69 79.77
C ALA NA 158 39.83 89.46 79.99
N LYS NA 159 39.25 88.57 79.18
CA LYS NA 159 37.85 88.19 79.29
C LYS NA 159 37.64 87.32 80.53
N LYS NA 160 36.60 87.64 81.30
CA LYS NA 160 36.18 86.78 82.40
C LYS NA 160 35.28 85.69 81.82
N PRO NA 161 35.64 84.40 82.03
CA PRO NA 161 34.81 83.32 81.48
C PRO NA 161 33.48 83.20 82.21
N SER NA 162 32.51 82.59 81.54
CA SER NA 162 31.15 82.49 82.07
C SER NA 162 30.40 81.31 81.50
N ILE NA 163 29.42 80.83 82.26
CA ILE NA 163 28.57 79.72 81.85
C ILE NA 163 27.11 80.17 81.87
N TYR NA 164 26.59 80.49 80.68
CA TYR NA 164 25.17 80.84 80.54
C TYR NA 164 24.30 79.59 80.65
N TRP NA 165 23.56 79.50 81.75
CA TRP NA 165 22.65 78.38 82.00
C TRP NA 165 21.27 78.61 81.38
N GLU NA 166 20.68 77.52 80.92
CA GLU NA 166 19.25 77.47 80.59
C GLU NA 166 18.40 77.84 81.80
N ASP NA 167 18.80 77.31 82.95
CA ASP NA 167 17.96 77.23 84.14
C ASP NA 167 18.85 77.29 85.39
N PRO NA 168 18.55 78.19 86.35
CA PRO NA 168 19.40 78.30 87.55
C PRO NA 168 19.34 77.06 88.48
N TRP NA 169 18.19 76.37 88.46
CA TRP NA 169 17.97 75.12 89.20
C TRP NA 169 18.98 74.01 88.88
N ARG NA 170 19.50 73.99 87.65
CA ARG NA 170 20.36 72.89 87.19
C ARG NA 170 21.72 72.77 87.91
N MET NA 171 22.12 73.79 88.67
CA MET NA 171 23.30 73.71 89.54
C MET NA 171 23.05 72.84 90.76
N GLY NA 172 24.03 71.98 91.06
CA GLY NA 172 23.96 71.08 92.20
C GLY NA 172 23.85 71.85 93.50
N ASP NA 173 24.76 72.81 93.67
CA ASP NA 173 24.76 73.78 94.77
C ASP NA 173 25.98 74.68 94.58
N LYS NA 174 25.79 75.99 94.69
CA LYS NA 174 26.90 76.95 94.54
C LYS NA 174 27.94 76.87 95.66
N ASP NA 175 27.58 76.30 96.81
CA ASP NA 175 28.51 76.07 97.92
C ASP NA 175 29.30 74.77 97.74
N LYS NA 176 28.58 73.65 97.63
CA LYS NA 176 29.20 72.31 97.58
C LYS NA 176 30.07 72.11 96.35
N HIS NA 177 29.56 72.53 95.19
CA HIS NA 177 30.30 72.53 93.93
C HIS NA 177 30.43 73.97 93.47
N TRP NA 178 31.15 74.18 92.36
CA TRP NA 178 31.27 75.50 91.70
C TRP NA 178 31.93 76.62 92.53
N ASN NA 179 32.62 76.25 93.61
CA ASN NA 179 33.33 77.21 94.46
C ASN NA 179 34.77 76.75 94.71
N TYR NA 180 35.40 76.24 93.65
CA TYR NA 180 36.84 75.96 93.66
C TYR NA 180 37.60 77.29 93.61
N ASP NA 181 38.85 77.24 94.08
CA ASP NA 181 39.70 78.44 94.16
C ASP NA 181 40.08 78.96 92.77
N VAL NA 182 40.30 78.05 91.84
CA VAL NA 182 40.70 78.37 90.47
C VAL NA 182 39.59 79.14 89.74
N PHE NA 183 38.37 78.64 89.86
CA PHE NA 183 37.18 79.30 89.27
C PHE NA 183 37.00 80.71 89.80
N ASN NA 184 37.12 80.85 91.11
CA ASN NA 184 37.04 82.15 91.80
C ASN NA 184 38.08 83.15 91.29
N ALA NA 185 39.32 82.67 91.16
CA ALA NA 185 40.44 83.46 90.63
C ALA NA 185 40.15 83.96 89.21
N LEU NA 186 39.66 83.05 88.38
CA LEU NA 186 39.23 83.38 87.01
C LEU NA 186 38.15 84.45 86.95
N GLY NA 187 37.15 84.29 87.81
CA GLY NA 187 35.94 85.12 87.77
C GLY NA 187 34.89 84.43 86.91
N LEU NA 188 34.59 83.18 87.27
CA LEU NA 188 33.63 82.36 86.54
C LEU NA 188 32.20 82.79 86.90
N GLU NA 189 31.62 83.61 86.03
CA GLU NA 189 30.27 84.17 86.25
C GLU NA 189 29.20 83.20 85.76
N HIS NA 190 28.37 82.71 86.68
CA HIS NA 190 27.28 81.80 86.33
C HIS NA 190 26.02 82.58 86.00
N LYS NA 191 25.97 83.05 84.75
CA LYS NA 191 24.81 83.78 84.22
C LYS NA 191 23.76 82.80 83.73
N LEU NA 192 22.61 83.33 83.33
CA LEU NA 192 21.55 82.54 82.70
C LEU NA 192 21.02 83.23 81.45
N ILE NA 193 20.52 82.43 80.50
CA ILE NA 193 20.01 82.96 79.23
C ILE NA 193 18.67 83.65 79.49
N GLN NA 194 18.46 84.79 78.83
CA GLN NA 194 17.26 85.59 79.03
C GLN NA 194 16.06 84.89 78.39
N ARG NA 195 15.03 84.65 79.20
CA ARG NA 195 13.81 84.01 78.72
C ARG NA 195 12.70 85.05 78.60
N VAL NA 196 12.87 85.91 77.57
CA VAL NA 196 11.87 86.89 77.17
C VAL NA 196 11.46 86.59 75.73
N GLY NA 197 10.98 85.36 75.55
CA GLY NA 197 10.61 84.84 74.23
C GLY NA 197 10.54 83.34 74.23
N ASN NA 198 10.10 82.77 73.11
CA ASN NA 198 10.07 81.32 72.95
C ASN NA 198 11.50 80.80 72.93
N ILE NA 199 11.86 80.09 74.00
CA ILE NA 199 13.25 79.68 74.26
C ILE NA 199 13.61 78.52 73.35
N ALA NA 200 12.67 77.59 73.19
CA ALA NA 200 12.86 76.42 72.33
C ALA NA 200 12.84 76.78 70.84
N ARG NA 201 11.86 77.58 70.43
CA ARG NA 201 11.62 77.86 69.01
C ARG NA 201 12.62 78.88 68.44
N GLU NA 202 12.78 80.01 69.12
CA GLU NA 202 13.79 81.00 68.76
C GLU NA 202 15.09 80.81 69.57
N GLU NA 203 15.54 79.56 69.66
CA GLU NA 203 16.74 79.18 70.40
C GLU NA 203 17.99 79.69 69.69
N SER NA 204 18.06 79.37 68.40
CA SER NA 204 19.19 79.76 67.54
C SER NA 204 19.45 81.26 67.53
N VAL NA 205 18.37 82.03 67.48
CA VAL NA 205 18.42 83.49 67.52
C VAL NA 205 19.03 83.98 68.84
N ILE NA 206 18.54 83.41 69.94
CA ILE NA 206 19.04 83.69 71.30
C ILE NA 206 20.53 83.42 71.41
N LEU NA 207 20.95 82.26 70.91
CA LEU NA 207 22.36 81.86 70.91
C LEU NA 207 23.24 82.84 70.12
N LYS NA 208 22.73 83.25 68.95
CA LYS NA 208 23.38 84.29 68.14
C LYS NA 208 23.55 85.60 68.89
N GLU NA 209 22.49 86.01 69.57
CA GLU NA 209 22.47 87.23 70.37
C GLU NA 209 23.50 87.18 71.50
N LEU NA 210 23.55 86.04 72.17
CA LEU NA 210 24.56 85.77 73.22
C LEU NA 210 25.99 85.88 72.68
N ALA NA 211 26.21 85.23 71.54
CA ALA NA 211 27.49 85.26 70.84
C ALA NA 211 27.94 86.69 70.51
N LYS NA 212 27.01 87.47 69.95
CA LYS NA 212 27.22 88.89 69.67
C LYS NA 212 27.61 89.68 70.92
N LEU NA 213 26.89 89.43 72.01
CA LEU NA 213 27.09 90.12 73.29
C LEU NA 213 28.54 90.08 73.79
N GLU NA 214 29.16 88.90 73.76
CA GLU NA 214 30.57 88.76 74.18
C GLU NA 214 31.52 88.72 72.98
N SER NA 215 31.69 89.87 72.34
CA SER NA 215 32.63 90.04 71.23
C SER NA 215 32.98 91.51 71.03
N THR OA 2 67.11 39.96 -77.35
CA THR OA 2 66.69 38.81 -76.50
C THR OA 2 65.32 38.28 -76.90
N LEU OA 3 64.95 37.14 -76.32
CA LEU OA 3 63.61 36.56 -76.45
C LEU OA 3 62.53 37.55 -76.01
N ALA OA 4 62.77 38.21 -74.89
CA ALA OA 4 61.84 39.19 -74.32
C ALA OA 4 61.46 40.28 -75.32
N GLU OA 5 62.47 40.81 -76.01
CA GLU OA 5 62.27 41.82 -77.06
C GLU OA 5 61.38 41.30 -78.19
N LEU OA 6 61.66 40.08 -78.64
CA LEU OA 6 60.87 39.40 -79.68
C LEU OA 6 59.42 39.23 -79.25
N LEU OA 7 59.22 38.80 -78.00
CA LEU OA 7 57.90 38.65 -77.42
C LEU OA 7 57.13 39.96 -77.42
N GLY OA 8 57.79 41.04 -76.99
CA GLY OA 8 57.21 42.38 -76.99
C GLY OA 8 56.78 42.85 -78.37
N ARG OA 9 57.64 42.58 -79.36
CA ARG OA 9 57.33 42.86 -80.77
C ARG OA 9 56.13 42.06 -81.29
N SER OA 10 56.09 40.77 -80.91
CA SER OA 10 55.25 39.76 -81.58
C SER OA 10 53.74 39.98 -81.50
N ARG OA 11 53.04 39.32 -82.43
CA ARG OA 11 51.63 39.61 -82.77
C ARG OA 11 50.59 39.44 -81.64
N ILE OA 12 50.90 38.67 -80.60
CA ILE OA 12 50.02 38.57 -79.43
C ILE OA 12 50.19 39.78 -78.52
N ALA OA 13 51.44 40.22 -78.32
CA ALA OA 13 51.73 41.47 -77.61
C ALA OA 13 51.13 42.69 -78.29
N GLN OA 14 51.00 42.62 -79.62
CA GLN OA 14 50.44 43.70 -80.43
C GLN OA 14 48.95 43.92 -80.17
N VAL OA 15 48.21 42.83 -79.92
CA VAL OA 15 46.81 42.91 -79.53
C VAL OA 15 46.73 43.46 -78.10
N ALA OA 16 46.25 44.70 -77.97
CA ALA OA 16 46.16 45.38 -76.68
C ALA OA 16 45.12 44.71 -75.80
N ASN OA 17 45.53 44.33 -74.59
CA ASN OA 17 44.67 43.54 -73.70
C ASN OA 17 43.48 44.31 -73.16
N ASN OA 18 42.36 43.60 -73.00
CA ASN OA 18 41.17 44.12 -72.33
C ASN OA 18 40.31 42.99 -71.77
N HIS OA 19 39.62 43.29 -70.68
CA HIS OA 19 38.69 42.34 -70.05
C HIS OA 19 37.26 42.90 -70.06
N LYS OA 20 36.92 43.56 -71.17
CA LYS OA 20 35.55 44.03 -71.38
C LYS OA 20 34.67 42.84 -71.74
N PRO OA 21 33.35 42.91 -71.44
CA PRO OA 21 32.48 41.78 -71.80
C PRO OA 21 32.40 41.54 -73.30
N LEU OA 22 32.44 40.26 -73.69
CA LEU OA 22 32.19 39.87 -75.08
C LEU OA 22 30.69 39.99 -75.36
N THR OA 23 29.88 39.57 -74.38
CA THR OA 23 28.45 39.86 -74.36
C THR OA 23 28.19 41.17 -73.59
N TYR OA 24 27.95 42.24 -74.34
CA TYR OA 24 27.53 43.51 -73.76
C TYR OA 24 26.19 43.92 -74.37
N THR OA 25 25.13 43.76 -73.59
CA THR OA 25 23.77 44.06 -74.03
C THR OA 25 23.41 45.55 -73.97
N GLY OA 26 24.29 46.37 -73.39
CA GLY OA 26 24.12 47.82 -73.41
C GLY OA 26 24.33 48.45 -74.78
N LYS OA 27 24.47 49.77 -74.79
CA LYS OA 27 24.59 50.53 -76.04
C LYS OA 27 26.00 50.43 -76.62
N LYS OA 28 26.09 49.94 -77.86
CA LYS OA 28 27.36 49.79 -78.56
C LYS OA 28 27.54 50.89 -79.61
N PHE OA 29 28.40 51.85 -79.30
CA PHE OA 29 28.68 53.00 -80.18
C PHE OA 29 29.92 52.81 -81.06
N HIS OA 30 30.82 51.93 -80.65
CA HIS OA 30 32.02 51.59 -81.42
C HIS OA 30 32.54 50.21 -81.01
N PRO OA 31 33.46 49.62 -81.82
CA PRO OA 31 34.08 48.35 -81.47
C PRO OA 31 34.70 48.29 -80.08
N THR OA 32 34.48 47.15 -79.42
CA THR OA 32 35.01 46.88 -78.10
C THR OA 32 36.35 46.15 -78.21
N HIS OA 33 36.39 45.11 -79.04
CA HIS OA 33 37.52 44.19 -79.15
C HIS OA 33 38.17 44.19 -80.52
N GLN OA 34 39.47 43.93 -80.52
CA GLN OA 34 40.23 43.70 -81.76
C GLN OA 34 39.67 42.47 -82.47
N ILE OA 35 39.22 42.65 -83.70
CA ILE OA 35 38.82 41.52 -84.55
C ILE OA 35 40.09 40.81 -85.00
N ILE OA 36 40.03 39.47 -85.02
CA ILE OA 36 41.16 38.64 -85.40
C ILE OA 36 40.72 37.62 -86.44
N GLU OA 37 41.29 37.72 -87.64
CA GLU OA 37 41.00 36.80 -88.73
C GLU OA 37 42.06 35.71 -88.83
N THR OA 38 41.70 34.61 -89.47
CA THR OA 38 42.65 33.63 -89.96
C THR OA 38 42.64 33.66 -91.48
N LYS OA 39 43.53 32.88 -92.06
CA LYS OA 39 43.44 32.48 -93.45
C LYS OA 39 42.58 31.21 -93.48
N PRO OA 40 42.09 30.81 -94.67
CA PRO OA 40 41.33 29.55 -94.76
C PRO OA 40 42.15 28.31 -94.42
N SER OA 41 43.39 28.29 -94.90
CA SER OA 41 44.32 27.18 -94.64
C SER OA 41 44.56 26.96 -93.16
N THR OA 42 44.87 28.05 -92.46
CA THR OA 42 45.11 28.01 -91.02
C THR OA 42 43.87 27.63 -90.22
N LEU OA 43 42.70 28.07 -90.68
CA LEU OA 43 41.41 27.66 -90.08
C LEU OA 43 41.23 26.15 -90.22
N TYR OA 44 41.52 25.62 -91.41
CA TYR OA 44 41.42 24.19 -91.70
C TYR OA 44 42.18 23.31 -90.70
N ARG OA 45 43.35 23.76 -90.25
CA ARG OA 45 44.06 23.09 -89.14
C ARG OA 45 43.99 23.93 -87.85
N GLN OA 46 42.79 24.46 -87.60
CA GLN OA 46 42.38 25.08 -86.32
C GLN OA 46 43.33 26.09 -85.66
N GLU OA 47 44.21 26.72 -86.45
CA GLU OA 47 45.24 27.61 -85.88
C GLU OA 47 44.90 29.07 -86.15
N TRP OA 48 44.82 29.84 -85.07
CA TRP OA 48 44.45 31.25 -85.10
C TRP OA 48 45.61 32.17 -84.68
N GLY OA 49 46.76 31.60 -84.34
CA GLY OA 49 47.88 32.34 -83.77
C GLY OA 49 47.64 32.71 -82.32
N LEU OA 50 46.97 31.83 -81.58
CA LEU OA 50 46.73 31.99 -80.15
C LEU OA 50 47.46 30.87 -79.40
N LYS OA 51 47.33 30.87 -78.07
CA LYS OA 51 47.93 29.84 -77.22
C LYS OA 51 47.55 28.42 -77.63
N SER OA 52 46.27 28.21 -77.89
CA SER OA 52 45.72 26.88 -78.12
C SER OA 52 45.08 26.77 -79.51
N ALA OA 53 44.67 25.55 -79.85
CA ALA OA 53 43.79 25.32 -80.99
C ALA OA 53 42.40 25.80 -80.62
N ILE OA 54 41.65 26.23 -81.63
CA ILE OA 54 40.27 26.69 -81.44
C ILE OA 54 39.32 25.66 -82.03
N PRO OA 55 38.14 25.44 -81.38
CA PRO OA 55 37.30 24.30 -81.73
C PRO OA 55 36.94 24.21 -83.22
N SER OA 56 36.88 22.99 -83.74
CA SER OA 56 36.53 22.73 -85.13
C SER OA 56 35.09 23.11 -85.48
N LYS OA 57 34.24 23.27 -84.47
CA LYS OA 57 32.89 23.82 -84.63
C LYS OA 57 32.87 25.22 -85.25
N ILE OA 58 33.86 26.05 -84.94
CA ILE OA 58 33.99 27.38 -85.54
C ILE OA 58 34.44 27.21 -87.00
N LYS OA 59 33.59 27.68 -87.90
CA LYS OA 59 33.89 27.73 -89.34
C LYS OA 59 34.07 29.15 -89.88
N SER OA 60 33.73 30.16 -89.09
CA SER OA 60 34.00 31.56 -89.44
C SER OA 60 35.50 31.86 -89.31
N ARG OA 61 36.01 32.70 -90.21
CA ARG OA 61 37.43 33.05 -90.21
C ARG OA 61 37.80 34.12 -89.18
N TYR OA 62 36.82 34.91 -88.74
CA TYR OA 62 37.04 36.02 -87.80
C TYR OA 62 36.59 35.65 -86.39
N LEU OA 63 37.20 36.29 -85.40
CA LEU OA 63 36.73 36.18 -84.01
C LEU OA 63 37.17 37.36 -83.14
N VAL OA 64 36.75 37.31 -81.88
CA VAL OA 64 37.11 38.28 -80.85
C VAL OA 64 37.47 37.47 -79.61
N TYR OA 65 38.46 37.92 -78.83
CA TYR OA 65 38.84 37.23 -77.59
C TYR OA 65 39.27 38.16 -76.44
N ASN OA 66 39.26 37.60 -75.24
CA ASN OA 66 39.73 38.28 -74.01
C ASN OA 66 40.96 37.65 -73.40
N ASP OA 67 40.91 36.34 -73.17
CA ASP OA 67 41.98 35.60 -72.50
C ASP OA 67 42.52 34.51 -73.42
N LEU OA 68 43.85 34.42 -73.52
CA LEU OA 68 44.51 33.36 -74.27
C LEU OA 68 44.21 31.98 -73.67
N ASP OA 69 44.23 31.93 -72.34
CA ASP OA 69 43.85 30.73 -71.61
C ASP OA 69 43.31 31.13 -70.23
N THR OA 70 42.25 30.45 -69.80
CA THR OA 70 41.63 30.73 -68.50
C THR OA 70 41.78 29.54 -67.55
N LEU OA 71 41.33 29.74 -66.31
CA LEU OA 71 41.25 28.69 -65.29
C LEU OA 71 40.32 27.54 -65.73
N GLU OA 72 39.31 27.86 -66.54
CA GLU OA 72 38.37 26.86 -67.06
C GLU OA 72 38.97 26.01 -68.20
N ARG OA 73 40.24 26.24 -68.55
CA ARG OA 73 40.95 25.56 -69.64
C ARG OA 73 40.30 25.76 -71.01
N ILE OA 74 39.78 26.98 -71.22
CA ILE OA 74 39.22 27.40 -72.51
C ILE OA 74 39.57 28.86 -72.76
N THR OA 75 39.96 29.19 -73.99
CA THR OA 75 40.12 30.61 -74.37
C THR OA 75 38.75 31.28 -74.38
N THR OA 76 38.67 32.48 -73.81
CA THR OA 76 37.43 33.25 -73.81
C THR OA 76 37.33 34.02 -75.11
N PHE OA 77 36.52 33.49 -76.04
CA PHE OA 77 36.34 34.13 -77.34
C PHE OA 77 34.88 34.13 -77.79
N GLU OA 78 34.63 34.88 -78.86
CA GLU OA 78 33.35 34.89 -79.55
C GLU OA 78 33.63 34.96 -81.05
N PRO OA 79 33.15 33.97 -81.83
CA PRO OA 79 33.42 33.97 -83.27
C PRO OA 79 32.53 34.95 -84.03
N ARG OA 80 32.91 36.22 -83.99
CA ARG OA 80 32.23 37.26 -84.78
C ARG OA 80 33.09 38.51 -84.97
N GLY OA 81 33.03 39.07 -86.18
CA GLY OA 81 33.74 40.29 -86.55
C GLY OA 81 32.84 41.20 -87.33
N GLY OA 82 31.67 41.51 -86.76
CA GLY OA 82 30.66 42.34 -87.39
C GLY OA 82 31.06 43.80 -87.57
N THR OA 83 31.93 44.28 -86.68
CA THR OA 83 32.36 45.68 -86.66
C THR OA 83 33.11 46.13 -87.91
N GLN OA 84 33.86 45.23 -88.52
CA GLN OA 84 34.55 45.52 -89.79
C GLN OA 84 33.54 45.81 -90.90
N TRP OA 85 32.44 45.03 -90.91
CA TRP OA 85 31.40 45.14 -91.95
C TRP OA 85 30.62 46.43 -91.83
N ASN OA 86 30.38 46.86 -90.60
CA ASN OA 86 29.77 48.17 -90.34
C ASN OA 86 30.62 49.29 -90.92
N ARG OA 87 31.93 49.22 -90.66
CA ARG OA 87 32.89 50.20 -91.17
C ARG OA 87 32.91 50.22 -92.70
N LEU OA 88 32.92 49.03 -93.30
CA LEU OA 88 32.90 48.88 -94.76
C LEU OA 88 31.62 49.40 -95.39
N ARG OA 89 30.49 49.15 -94.74
CA ARG OA 89 29.20 49.73 -95.13
C ARG OA 89 29.24 51.24 -95.11
N PHE OA 90 29.77 51.78 -94.03
CA PHE OA 90 29.91 53.23 -93.87
C PHE OA 90 30.75 53.86 -94.99
N GLN OA 91 31.85 53.20 -95.30
CA GLN OA 91 32.74 53.59 -96.39
C GLN OA 91 32.01 53.60 -97.73
N GLU OA 92 31.26 52.53 -97.98
CA GLU OA 92 30.43 52.40 -99.20
C GLU OA 92 29.42 53.53 -99.34
N MET OA 93 28.73 53.83 -98.24
CA MET OA 93 27.77 54.93 -98.18
C MET OA 93 28.43 56.26 -98.56
N GLY OA 94 29.67 56.45 -98.12
CA GLY OA 94 30.51 57.55 -98.59
C GLY OA 94 30.12 58.92 -98.09
N VAL OA 95 29.42 58.96 -96.95
CA VAL OA 95 29.03 60.21 -96.32
C VAL OA 95 30.16 60.57 -95.35
N PRO OA 96 30.91 61.65 -95.65
CA PRO OA 96 32.09 61.96 -94.86
C PRO OA 96 31.73 62.57 -93.51
N ILE OA 97 32.32 62.04 -92.43
CA ILE OA 97 32.08 62.56 -91.09
C ILE OA 97 32.83 63.87 -90.89
N VAL OA 98 32.10 64.91 -90.52
CA VAL OA 98 32.66 66.22 -90.19
C VAL OA 98 32.09 66.63 -88.83
N SER OA 99 32.91 67.30 -88.03
CA SER OA 99 32.47 67.84 -86.75
C SER OA 99 31.54 69.02 -86.99
N ASN OA 100 30.28 68.88 -86.58
CA ASN OA 100 29.29 69.96 -86.69
C ASN OA 100 29.67 71.24 -85.90
N ILE OA 101 30.45 71.07 -84.83
CA ILE OA 101 31.02 72.19 -84.09
C ILE OA 101 32.19 72.75 -84.90
N GLY OA 102 32.34 74.07 -84.90
CA GLY OA 102 33.40 74.75 -85.65
C GLY OA 102 34.77 74.48 -85.07
N ARG OA 103 35.40 73.39 -85.53
CA ARG OA 103 36.70 72.95 -85.03
C ARG OA 103 37.57 72.40 -86.17
N GLN OA 104 38.88 72.47 -85.98
CA GLN OA 104 39.85 71.95 -86.95
C GLN OA 104 39.81 70.42 -86.98
N ASN OA 105 40.13 69.84 -88.14
CA ASN OA 105 40.17 68.39 -88.30
C ASN OA 105 41.35 67.81 -87.50
N PRO OA 106 41.07 66.95 -86.48
CA PRO OA 106 42.13 66.45 -85.58
C PRO OA 106 43.33 65.74 -86.22
N PHE OA 107 43.12 65.13 -87.38
CA PHE OA 107 44.20 64.41 -88.08
C PHE OA 107 45.29 65.34 -88.62
N PHE OA 108 44.97 66.63 -88.82
CA PHE OA 108 45.95 67.63 -89.25
C PHE OA 108 46.48 68.44 -88.06
N LYS OA 109 47.52 69.23 -88.30
CA LYS OA 109 48.05 70.16 -87.30
C LYS OA 109 48.62 71.42 -87.95
N LYS OA 195 48.97 64.31 -69.51
CA LYS OA 195 49.86 64.23 -70.67
C LYS OA 195 49.15 63.61 -71.87
N PHE OA 196 48.65 62.39 -71.68
CA PHE OA 196 47.91 61.66 -72.72
C PHE OA 196 46.40 61.89 -72.58
N ASN OA 197 45.71 61.99 -73.72
CA ASN OA 197 44.26 62.11 -73.77
C ASN OA 197 43.63 60.82 -74.28
N THR OA 198 42.91 60.12 -73.40
CA THR OA 198 42.26 58.85 -73.75
C THR OA 198 40.99 58.99 -74.60
N GLU OA 199 40.44 60.21 -74.68
CA GLU OA 199 39.25 60.46 -75.52
C GLU OA 199 39.51 60.23 -77.01
N ILE OA 200 38.43 60.00 -77.75
CA ILE OA 200 38.49 59.58 -79.14
C ILE OA 200 38.94 60.75 -80.03
N ILE OA 201 40.06 60.56 -80.74
CA ILE OA 201 40.67 61.60 -81.57
C ILE OA 201 39.89 61.75 -82.88
N GLY OA 202 38.96 62.69 -82.91
CA GLY OA 202 38.09 62.90 -84.07
C GLY OA 202 37.09 61.76 -84.18
N THR OA 203 37.11 61.08 -85.33
CA THR OA 203 36.46 59.78 -85.46
C THR OA 203 37.41 58.72 -84.89
N GLY OA 204 36.87 57.56 -84.54
CA GLY OA 204 37.70 56.46 -84.05
C GLY OA 204 38.52 55.74 -85.11
N GLY OA 205 38.47 56.22 -86.36
CA GLY OA 205 39.12 55.60 -87.50
C GLY OA 205 38.20 54.74 -88.36
N LEU OA 206 36.88 54.97 -88.25
CA LEU OA 206 35.92 54.35 -89.17
C LEU OA 206 35.95 55.05 -90.52
N SER OA 207 36.30 56.34 -90.51
CA SER OA 207 36.43 57.13 -91.73
C SER OA 207 37.63 58.07 -91.65
N TYR OA 208 38.58 57.87 -92.56
CA TYR OA 208 39.64 58.84 -92.84
C TYR OA 208 39.35 59.58 -94.17
N SER OA 209 38.09 59.59 -94.59
CA SER OA 209 37.67 60.30 -95.78
C SER OA 209 37.56 61.80 -95.50
N LEU OA 210 37.84 62.60 -96.53
CA LEU OA 210 37.75 64.06 -96.45
C LEU OA 210 36.48 64.55 -97.14
N PRO OA 211 35.90 65.67 -96.67
CA PRO OA 211 34.54 66.03 -97.04
C PRO OA 211 34.34 66.67 -98.42
N GLY OA 212 35.41 67.19 -99.02
CA GLY OA 212 35.31 68.01 -100.21
C GLY OA 212 35.09 67.35 -101.56
N LYS OA 213 35.06 66.02 -101.62
CA LYS OA 213 35.02 65.33 -102.91
C LYS OA 213 33.61 65.09 -103.42
N LEU OA 214 33.49 65.00 -104.75
CA LEU OA 214 32.30 64.50 -105.43
C LEU OA 214 32.63 63.14 -106.03
N LYS OA 215 31.58 62.39 -106.39
CA LYS OA 215 31.73 61.03 -106.90
C LYS OA 215 30.96 60.86 -108.22
N ASN OA 216 31.69 60.90 -109.33
CA ASN OA 216 31.09 60.75 -110.66
C ASN OA 216 30.83 59.29 -111.02
N SER OA 217 29.92 59.10 -111.97
CA SER OA 217 29.49 57.79 -112.43
C SER OA 217 29.10 57.91 -113.91
N PRO OA 218 28.75 56.78 -114.57
CA PRO OA 218 28.24 56.85 -115.95
C PRO OA 218 27.03 57.76 -116.11
N ASN OA 219 26.09 57.63 -115.17
CA ASN OA 219 24.87 58.42 -115.15
C ASN OA 219 25.12 59.90 -114.83
N GLY OA 220 26.14 60.18 -114.02
CA GLY OA 220 26.59 61.56 -113.76
C GLY OA 220 27.26 61.72 -112.41
N VAL OA 221 27.25 62.95 -111.90
CA VAL OA 221 27.82 63.28 -110.60
C VAL OA 221 26.71 63.07 -109.57
N ILE OA 222 26.96 62.20 -108.60
CA ILE OA 222 25.95 61.83 -107.61
C ILE OA 222 25.83 62.95 -106.57
N GLN OA 223 24.68 63.62 -106.56
CA GLN OA 223 24.37 64.66 -105.57
C GLN OA 223 23.84 64.02 -104.30
N ARG OA 224 22.82 63.17 -104.45
CA ARG OA 224 22.14 62.52 -103.32
C ARG OA 224 22.54 61.06 -103.20
N THR OA 225 23.04 60.69 -102.03
CA THR OA 225 23.50 59.32 -101.76
C THR OA 225 22.31 58.41 -101.44
N VAL OA 226 22.06 57.44 -102.31
CA VAL OA 226 20.90 56.55 -102.18
C VAL OA 226 21.34 55.27 -101.48
N VAL OA 227 20.69 54.97 -100.35
CA VAL OA 227 21.03 53.82 -99.52
C VAL OA 227 19.75 53.12 -99.03
N PRO OA 228 19.68 51.77 -99.15
CA PRO OA 228 18.51 51.08 -98.61
C PRO OA 228 18.65 50.82 -97.11
N GLY OA 229 17.56 51.02 -96.38
CA GLY OA 229 17.53 50.81 -94.93
C GLY OA 229 16.16 50.31 -94.47
N ARG OA 230 16.06 50.06 -93.17
CA ARG OA 230 14.83 49.55 -92.56
C ARG OA 230 14.35 50.51 -91.46
N ILE OA 231 13.05 50.78 -91.44
CA ILE OA 231 12.44 51.59 -90.39
C ILE OA 231 12.00 50.66 -89.26
N LEU OA 232 12.27 51.08 -88.02
CA LEU OA 232 12.03 50.27 -86.83
C LEU OA 232 10.66 50.53 -86.19
N ASN OA 233 10.24 51.80 -86.18
CA ASN OA 233 9.02 52.23 -85.50
C ASN OA 233 8.36 53.42 -86.19
N LEU OA 244 13.55 56.64 -86.17
CA LEU OA 244 14.79 55.86 -86.23
C LEU OA 244 14.76 54.84 -87.37
N ALA OA 245 15.90 54.66 -88.04
CA ALA OA 245 16.02 53.69 -89.13
C ALA OA 245 17.41 53.05 -89.18
N ALA OA 246 17.42 51.73 -89.32
CA ALA OA 246 18.65 50.95 -89.49
C ALA OA 246 19.13 51.07 -90.94
N ILE OA 247 20.27 51.74 -91.14
CA ILE OA 247 20.80 52.04 -92.47
C ILE OA 247 22.26 51.58 -92.58
N GLY OA 248 22.45 50.33 -93.02
CA GLY OA 248 23.78 49.80 -93.32
C GLY OA 248 24.71 49.70 -92.12
N GLY OA 249 24.27 48.96 -91.12
CA GLY OA 249 25.03 48.80 -89.87
C GLY OA 249 25.07 49.99 -88.93
N PHE OA 250 24.21 51.00 -89.15
CA PHE OA 250 24.07 52.14 -88.24
C PHE OA 250 22.60 52.51 -88.09
N VAL OA 251 22.20 52.87 -86.87
CA VAL OA 251 20.87 53.43 -86.62
C VAL OA 251 20.97 54.93 -86.87
N ALA OA 252 19.95 55.50 -87.51
CA ALA OA 252 19.96 56.89 -87.95
C ALA OA 252 18.62 57.58 -87.75
N ASP OA 253 18.67 58.86 -87.40
CA ASP OA 253 17.47 59.70 -87.29
C ASP OA 253 16.93 59.98 -88.70
N VAL OA 254 15.61 60.04 -88.82
CA VAL OA 254 14.93 60.16 -90.12
C VAL OA 254 13.94 61.32 -90.17
N VAL OA 255 13.78 61.88 -91.36
CA VAL OA 255 12.85 62.98 -91.61
C VAL OA 255 12.19 62.80 -92.97
N PHE OA 256 10.99 63.36 -93.13
CA PHE OA 256 10.24 63.26 -94.39
C PHE OA 256 9.25 64.41 -94.57
N PHE OA 257 8.72 64.52 -95.80
CA PHE OA 257 7.84 65.62 -96.18
C PHE OA 257 6.44 65.37 -95.61
N GLN OA 258 5.92 64.17 -95.86
CA GLN OA 258 4.67 63.69 -95.27
C GLN OA 258 4.85 62.25 -94.82
N SER OA 259 4.30 61.91 -93.65
CA SER OA 259 4.36 60.56 -93.11
C SER OA 259 3.45 59.63 -93.93
N PRO OA 260 4.04 58.65 -94.67
CA PRO OA 260 3.19 57.82 -95.54
C PRO OA 260 2.37 56.79 -94.76
N PRO OA 261 1.02 56.85 -94.85
CA PRO OA 261 0.17 55.93 -94.10
C PRO OA 261 0.07 54.53 -94.68
N SER OA 262 0.05 54.41 -96.01
CA SER OA 262 -0.15 53.13 -96.71
C SER OA 262 0.89 52.07 -96.34
N SER OA 263 2.17 52.48 -96.32
CA SER OA 263 3.27 51.58 -95.95
C SER OA 263 3.36 51.35 -94.44
N PHE OA 264 3.16 52.40 -93.65
CA PHE OA 264 3.32 52.34 -92.19
C PHE OA 264 2.15 51.63 -91.50
N ASN OA 265 0.95 52.15 -91.70
CA ASN OA 265 -0.24 51.68 -90.97
C ASN OA 265 -0.77 50.29 -91.40
N SER OA 266 -0.37 49.83 -92.59
CA SER OA 266 -0.70 48.47 -93.05
C SER OA 266 -0.01 47.41 -92.18
N MET OA 267 1.24 47.68 -91.81
CA MET OA 267 2.02 46.82 -90.91
C MET OA 267 2.75 47.70 -89.89
N GLY OA 268 2.07 47.98 -88.78
CA GLY OA 268 2.49 48.98 -87.80
C GLY OA 268 3.81 48.67 -87.10
N ASP OA 269 3.96 47.44 -86.63
CA ASP OA 269 5.20 46.99 -85.98
C ASP OA 269 5.82 45.77 -86.71
N PHE OA 270 5.66 45.74 -88.03
CA PHE OA 270 6.42 44.87 -88.92
C PHE OA 270 6.97 45.71 -90.07
N ILE OA 271 7.44 46.92 -89.72
CA ILE OA 271 8.00 47.87 -90.70
C ILE OA 271 9.43 47.44 -91.05
N ARG OA 272 10.06 46.70 -90.13
CA ARG OA 272 11.41 46.15 -90.31
C ARG OA 272 11.55 45.21 -91.52
N MET OA 273 10.46 44.54 -91.89
CA MET OA 273 10.45 43.63 -93.05
C MET OA 273 10.76 44.36 -94.34
N LYS OA 274 9.99 45.42 -94.61
CA LYS OA 274 10.09 46.17 -95.84
C LYS OA 274 11.28 47.12 -95.81
N THR OA 275 12.19 46.96 -96.77
CA THR OA 275 13.35 47.83 -96.93
C THR OA 275 12.90 49.07 -97.73
N PHE OA 276 13.21 50.25 -97.21
CA PHE OA 276 12.95 51.52 -97.89
C PHE OA 276 14.27 52.20 -98.26
N LEU OA 277 14.23 53.02 -99.30
CA LEU OA 277 15.40 53.80 -99.73
C LEU OA 277 15.54 55.03 -98.83
N PHE OA 278 16.77 55.53 -98.75
CA PHE OA 278 17.08 56.70 -97.92
C PHE OA 278 18.09 57.62 -98.60
N GLU OA 279 17.97 58.91 -98.30
CA GLU OA 279 18.91 59.93 -98.72
C GLU OA 279 19.62 60.44 -97.48
N ILE OA 280 20.89 60.07 -97.32
CA ILE OA 280 21.67 60.43 -96.12
C ILE OA 280 22.19 61.85 -96.29
N LEU OA 281 21.85 62.72 -95.36
CA LEU OA 281 22.15 64.14 -95.46
C LEU OA 281 23.58 64.42 -94.98
N GLU OA 282 23.86 64.07 -93.72
CA GLU OA 282 25.20 64.22 -93.15
C GLU OA 282 25.39 63.33 -91.91
N ALA OA 283 26.66 63.11 -91.57
CA ALA OA 283 27.04 62.30 -90.42
C ALA OA 283 27.89 63.13 -89.46
N SER OA 284 27.36 63.37 -88.25
CA SER OA 284 28.09 64.03 -87.17
C SER OA 284 28.54 62.97 -86.16
N MET OA 285 29.57 63.30 -85.38
CA MET OA 285 30.12 62.40 -84.37
C MET OA 285 30.26 63.11 -83.02
N GLU OA 286 29.58 62.58 -82.02
CA GLU OA 286 29.54 63.18 -80.68
C GLU OA 286 30.74 62.75 -79.83
N LYS OA 287 30.83 63.29 -78.62
CA LYS OA 287 31.93 63.01 -77.69
C LYS OA 287 32.04 61.54 -77.26
N ASN OA 288 30.89 60.90 -77.05
CA ASN OA 288 30.85 59.47 -76.66
C ASN OA 288 31.29 58.47 -77.75
N GLY OA 289 31.51 58.95 -78.98
CA GLY OA 289 31.97 58.11 -80.09
C GLY OA 289 30.84 57.49 -80.89
N SER OA 290 29.62 58.00 -80.70
CA SER OA 290 28.46 57.57 -81.48
C SER OA 290 28.39 58.34 -82.79
N VAL OA 291 28.13 57.64 -83.88
CA VAL OA 291 27.93 58.25 -85.19
C VAL OA 291 26.44 58.61 -85.33
N SER OA 292 26.15 59.91 -85.27
CA SER OA 292 24.78 60.41 -85.40
C SER OA 292 24.47 60.77 -86.85
N MET OA 293 24.02 59.78 -87.61
CA MET OA 293 23.59 59.98 -88.99
C MET OA 293 22.21 60.64 -89.04
N HIS OA 294 21.91 61.21 -90.21
CA HIS OA 294 20.60 61.79 -90.49
C HIS OA 294 20.18 61.46 -91.92
N ALA OA 295 19.08 60.73 -92.05
CA ALA OA 295 18.58 60.27 -93.35
C ALA OA 295 17.24 60.91 -93.71
N ARG OA 296 16.81 60.68 -94.95
CA ARG OA 296 15.53 61.16 -95.46
C ARG OA 296 14.86 60.06 -96.29
N LEU OA 297 13.62 59.73 -95.96
CA LEU OA 297 12.89 58.62 -96.59
C LEU OA 297 12.44 59.00 -98.00
N LEU OA 298 12.78 58.17 -98.98
CA LEU OA 298 12.41 58.37 -100.39
C LEU OA 298 11.29 57.43 -100.80
N GLU OA 299 10.35 57.95 -101.60
CA GLU OA 299 9.24 57.16 -102.15
C GLU OA 299 8.85 57.67 -103.54
N PRO PA 1 47.15 9.12 -119.36
CA PRO PA 1 46.39 9.88 -118.37
C PRO PA 1 44.99 10.23 -118.86
N TYR PA 2 44.00 10.10 -117.99
CA TYR PA 2 42.58 10.30 -118.31
C TYR PA 2 42.12 9.42 -119.48
N PRO PA 3 42.16 8.08 -119.32
CA PRO PA 3 41.82 7.17 -120.42
C PRO PA 3 40.33 7.16 -120.79
N ASN PA 4 39.46 7.43 -119.83
CA ASN PA 4 38.01 7.40 -120.04
C ASN PA 4 37.40 8.75 -120.43
N LEU PA 5 38.23 9.73 -120.78
CA LEU PA 5 37.75 11.05 -121.17
C LEU PA 5 37.12 10.97 -122.56
N ILE PA 6 35.82 11.23 -122.63
CA ILE PA 6 35.08 11.27 -123.90
C ILE PA 6 35.13 12.72 -124.40
N PRO PA 7 35.97 13.00 -125.40
CA PRO PA 7 36.12 14.39 -125.84
C PRO PA 7 34.95 14.85 -126.70
N SER PA 8 34.53 16.09 -126.53
CA SER PA 8 33.41 16.65 -127.29
C SER PA 8 33.78 16.89 -128.75
N ALA PA 9 32.76 17.01 -129.58
CA ALA PA 9 32.94 17.24 -131.02
C ALA PA 9 33.51 18.64 -131.29
N ASN PA 10 34.22 18.77 -132.40
CA ASN PA 10 34.91 20.02 -132.76
C ASN PA 10 33.95 21.19 -133.01
N ASP PA 11 32.81 20.91 -133.62
CA ASP PA 11 31.74 21.91 -133.80
C ASP PA 11 31.09 22.31 -132.47
N LYS PA 12 30.96 21.34 -131.55
CA LYS PA 12 30.37 21.57 -130.23
C LYS PA 12 31.35 22.31 -129.30
N PRO PA 13 30.84 22.89 -128.19
CA PRO PA 13 31.73 23.46 -127.17
C PRO PA 13 32.46 22.39 -126.34
N TYR PA 14 33.27 22.83 -125.38
CA TYR PA 14 33.93 21.92 -124.45
C TYR PA 14 32.91 21.19 -123.57
N SER PA 15 33.20 19.94 -123.24
CA SER PA 15 32.42 19.21 -122.22
C SER PA 15 32.83 19.74 -120.84
N SER PA 16 32.19 19.23 -119.79
CA SER PA 16 32.49 19.64 -118.41
C SER PA 16 33.88 19.13 -117.98
N GLN PA 17 34.14 17.87 -118.30
CA GLN PA 17 35.39 17.19 -117.97
C GLN PA 17 36.57 17.82 -118.72
N GLU PA 18 36.35 18.06 -120.01
CA GLU PA 18 37.34 18.71 -120.89
C GLU PA 18 37.70 20.11 -120.40
N LEU PA 19 36.67 20.84 -119.97
CA LEU PA 19 36.82 22.18 -119.40
C LEU PA 19 37.64 22.15 -118.12
N PHE PA 20 37.33 21.20 -117.25
CA PHE PA 20 38.07 20.97 -116.01
C PHE PA 20 39.55 20.71 -116.27
N LEU PA 21 39.82 19.83 -117.24
CA LEU PA 21 41.19 19.52 -117.67
C LEU PA 21 41.95 20.75 -118.16
N ARG PA 22 41.26 21.56 -118.96
CA ARG PA 22 41.80 22.83 -119.46
C ARG PA 22 42.16 23.80 -118.33
N GLN PA 23 41.27 23.86 -117.33
CA GLN PA 23 41.49 24.68 -116.13
C GLN PA 23 42.73 24.20 -115.36
N LEU PA 24 42.81 22.89 -115.15
CA LEU PA 24 43.97 22.26 -114.50
C LEU PA 24 45.28 22.60 -115.21
N ASN PA 25 45.25 22.47 -116.54
CA ASN PA 25 46.39 22.80 -117.40
C ASN PA 25 46.83 24.26 -117.25
N HIS PA 26 45.85 25.15 -117.24
CA HIS PA 26 46.06 26.57 -117.01
C HIS PA 26 46.71 26.82 -115.65
N SER PA 27 46.17 26.17 -114.62
CA SER PA 27 46.68 26.27 -113.25
C SER PA 27 48.13 25.83 -113.15
N MET PA 28 48.47 24.71 -113.80
CA MET PA 28 49.83 24.18 -113.79
C MET PA 28 50.83 25.11 -114.47
N ARG PA 29 50.39 25.76 -115.56
CA ARG PA 29 51.32 26.50 -116.44
C ARG PA 29 51.39 27.99 -116.10
N THR PA 30 50.22 28.65 -116.05
CA THR PA 30 50.15 30.11 -116.09
C THR PA 30 49.30 30.82 -115.02
N ALA PA 31 48.80 30.09 -114.01
CA ALA PA 31 48.02 30.74 -112.94
C ALA PA 31 48.96 31.37 -111.92
N LYS PA 32 49.80 30.54 -111.29
CA LYS PA 32 50.92 31.03 -110.47
C LYS PA 32 51.96 31.65 -111.41
N LEU PA 33 51.74 32.92 -111.75
CA LEU PA 33 52.49 33.60 -112.80
C LEU PA 33 52.98 34.96 -112.33
N GLY PA 34 52.04 35.89 -112.14
CA GLY PA 34 52.36 37.31 -111.96
C GLY PA 34 53.49 37.66 -110.99
N ALA PA 35 53.51 36.96 -109.86
CA ALA PA 35 54.50 37.18 -108.81
C ALA PA 35 54.87 35.86 -108.12
N THR PA 36 55.87 35.94 -107.24
CA THR PA 36 56.23 34.86 -106.34
C THR PA 36 56.14 35.41 -104.92
N ILE PA 37 55.69 34.59 -103.98
CA ILE PA 37 55.40 35.05 -102.61
C ILE PA 37 56.39 34.46 -101.60
N SER PA 38 57.48 35.19 -101.38
CA SER PA 38 58.50 34.83 -100.40
C SER PA 38 58.08 35.26 -99.00
N LYS PA 39 58.63 34.59 -97.99
CA LYS PA 39 58.40 34.90 -96.58
C LYS PA 39 56.92 34.87 -96.18
N VAL PA 40 56.32 33.68 -96.25
CA VAL PA 40 54.95 33.49 -95.78
C VAL PA 40 54.72 32.04 -95.36
N TYR PA 41 53.91 31.87 -94.31
CA TYR PA 41 53.68 30.58 -93.66
C TYR PA 41 52.53 29.84 -94.33
N TYR PA 42 52.87 28.68 -94.92
CA TYR PA 42 51.87 27.71 -95.34
C TYR PA 42 51.90 26.60 -94.30
N PRO PA 43 50.73 26.30 -93.69
CA PRO PA 43 50.66 25.21 -92.70
C PRO PA 43 51.23 23.87 -93.16
N HIS PA 44 50.88 23.43 -94.37
CA HIS PA 44 51.32 22.14 -94.89
C HIS PA 44 52.85 22.00 -94.97
N LYS PA 45 53.53 23.12 -95.23
CA LYS PA 45 54.98 23.13 -95.45
C LYS PA 45 55.81 22.69 -94.24
N ASP PA 46 55.26 22.84 -93.02
CA ASP PA 46 55.94 22.37 -91.80
C ASP PA 46 55.94 20.85 -91.66
N ILE PA 47 54.92 20.18 -92.21
CA ILE PA 47 54.82 18.72 -92.20
C ILE PA 47 55.74 18.10 -93.26
N PHE PA 48 55.69 18.64 -94.48
CA PHE PA 48 56.39 18.06 -95.63
C PHE PA 48 57.80 18.61 -95.86
N TYR PA 49 58.11 19.77 -95.28
CA TYR PA 49 59.47 20.33 -95.33
C TYR PA 49 59.87 20.93 -93.97
N PRO PA 50 59.97 20.07 -92.94
CA PRO PA 50 60.46 20.55 -91.64
C PRO PA 50 61.97 20.81 -91.67
N PRO PA 51 62.45 21.74 -90.83
CA PRO PA 51 63.87 22.07 -90.79
C PRO PA 51 64.66 21.07 -89.96
N LEU PA 52 65.95 20.94 -90.23
CA LEU PA 52 66.84 20.11 -89.42
C LEU PA 52 67.00 20.72 -88.02
N PRO PA 53 67.29 19.87 -87.00
CA PRO PA 53 67.49 20.36 -85.62
C PRO PA 53 68.51 21.49 -85.50
N GLU PA 54 69.56 21.44 -86.31
CA GLU PA 54 70.61 22.47 -86.36
C GLU PA 54 70.02 23.84 -86.70
N ASN PA 55 69.31 23.89 -87.82
CA ASN PA 55 68.87 25.15 -88.43
C ASN PA 55 67.72 25.85 -87.71
N ILE PA 56 67.11 25.19 -86.72
CA ILE PA 56 66.07 25.79 -85.90
C ILE PA 56 66.68 26.89 -85.04
N THR PA 57 65.94 27.99 -84.92
CA THR PA 57 66.32 29.12 -84.08
C THR PA 57 65.27 29.34 -83.00
N VAL PA 58 65.53 30.30 -82.12
CA VAL PA 58 64.55 30.77 -81.15
C VAL PA 58 63.40 31.52 -81.85
N GLU PA 59 63.73 32.27 -82.89
CA GLU PA 59 62.76 33.07 -83.66
C GLU PA 59 61.70 32.19 -84.32
N SER PA 60 62.17 31.10 -84.93
CA SER PA 60 61.30 30.11 -85.58
C SER PA 60 60.35 29.45 -84.57
N LEU PA 61 60.89 29.07 -83.41
CA LEU PA 61 60.10 28.52 -82.31
C LEU PA 61 59.02 29.48 -81.83
N MET PA 62 59.39 30.76 -81.71
CA MET PA 62 58.45 31.80 -81.32
C MET PA 62 57.33 32.00 -82.33
N SER PA 63 57.70 31.96 -83.61
CA SER PA 63 56.74 32.06 -84.71
C SER PA 63 55.75 30.89 -84.72
N ALA PA 64 56.28 29.70 -84.47
CA ALA PA 64 55.49 28.49 -84.32
C ALA PA 64 54.47 28.58 -83.17
N GLY PA 65 54.83 29.34 -82.14
CA GLY PA 65 53.99 29.55 -80.96
C GLY PA 65 54.36 28.61 -79.83
N VAL PA 66 55.59 28.09 -79.85
CA VAL PA 66 56.07 27.11 -78.88
C VAL PA 66 56.22 27.75 -77.49
N HIS PA 67 56.55 29.04 -77.48
CA HIS PA 67 56.73 29.81 -76.25
C HIS PA 67 55.48 29.96 -75.34
N LEU PA 68 54.28 29.81 -75.91
CA LEU PA 68 53.04 30.06 -75.16
C LEU PA 68 52.66 28.88 -74.25
N GLY PA 69 53.00 29.00 -72.96
CA GLY PA 69 52.66 27.99 -71.95
C GLY PA 69 51.20 28.08 -71.53
N GLN PA 70 50.75 27.09 -70.75
CA GLN PA 70 49.32 26.93 -70.39
C GLN PA 70 48.63 28.18 -69.84
N SER PA 71 48.85 28.50 -68.57
CA SER PA 71 48.17 29.62 -67.90
C SER PA 71 48.81 29.85 -66.55
N THR PA 72 48.55 31.03 -65.99
CA THR PA 72 49.10 31.39 -64.68
C THR PA 72 48.41 30.61 -63.55
N SER PA 73 47.11 30.36 -63.70
CA SER PA 73 46.33 29.62 -62.71
C SER PA 73 46.37 28.09 -62.86
N LEU PA 74 46.87 27.60 -63.98
CA LEU PA 74 46.98 26.16 -64.24
C LEU PA 74 48.46 25.76 -64.21
N TRP PA 75 49.16 26.19 -63.16
CA TRP PA 75 50.59 26.04 -63.09
C TRP PA 75 50.99 24.86 -62.24
N ARG PA 76 51.74 23.92 -62.84
CA ARG PA 76 52.45 22.90 -62.11
C ARG PA 76 53.82 23.50 -61.82
N SER PA 77 54.11 23.77 -60.55
CA SER PA 77 55.36 24.45 -60.16
C SER PA 77 56.60 23.58 -60.35
N SER PA 78 56.39 22.26 -60.51
CA SER PA 78 57.42 21.33 -60.99
C SER PA 78 58.13 21.82 -62.26
N THR PA 79 57.38 22.51 -63.14
CA THR PA 79 57.91 23.01 -64.40
C THR PA 79 58.57 24.42 -64.32
N GLN PA 80 58.86 24.91 -63.12
CA GLN PA 80 59.31 26.30 -62.89
C GLN PA 80 60.57 26.70 -63.65
N SER PA 81 61.57 25.81 -63.66
CA SER PA 81 62.84 26.07 -64.33
C SER PA 81 62.70 26.40 -65.82
N TYR PA 82 61.74 25.76 -66.48
CA TYR PA 82 61.53 25.94 -67.93
C TYR PA 82 60.93 27.27 -68.34
N ILE PA 83 60.22 27.94 -67.42
CA ILE PA 83 59.40 29.08 -67.81
C ILE PA 83 60.23 30.37 -67.71
N TYR PA 84 60.04 31.25 -68.68
CA TYR PA 84 60.83 32.48 -68.87
C TYR PA 84 60.26 33.62 -68.03
N GLY PA 85 58.97 33.88 -68.19
CA GLY PA 85 58.22 34.83 -67.37
C GLY PA 85 56.74 34.68 -67.65
N GLU PA 86 55.92 35.56 -67.05
CA GLU PA 86 54.49 35.59 -67.36
C GLU PA 86 54.08 36.89 -68.05
N TYR PA 87 53.06 36.78 -68.89
CA TYR PA 87 52.62 37.88 -69.75
C TYR PA 87 51.26 37.50 -70.36
N LYS PA 88 50.33 38.46 -70.39
CA LYS PA 88 48.95 38.24 -70.87
C LYS PA 88 48.21 37.15 -70.06
N GLY PA 89 48.54 37.04 -68.78
CA GLY PA 89 47.99 35.98 -67.93
C GLY PA 89 48.33 34.59 -68.46
N ILE PA 90 49.60 34.38 -68.78
CA ILE PA 90 50.05 33.13 -69.38
C ILE PA 90 51.55 32.98 -69.11
N HIS PA 91 51.98 31.82 -68.64
CA HIS PA 91 53.41 31.54 -68.47
C HIS PA 91 54.03 31.34 -69.85
N ILE PA 92 55.21 31.90 -70.04
CA ILE PA 92 55.90 31.84 -71.31
C ILE PA 92 57.17 31.03 -71.14
N ILE PA 93 57.31 30.03 -72.00
CA ILE PA 93 58.33 29.02 -71.86
C ILE PA 93 59.66 29.57 -72.39
N ASP PA 94 60.72 29.43 -71.59
CA ASP PA 94 62.07 29.82 -72.02
C ASP PA 94 62.42 28.99 -73.24
N LEU PA 95 62.77 29.68 -74.31
CA LEU PA 95 62.80 29.10 -75.65
C LEU PA 95 64.19 28.64 -76.06
N ASN PA 96 65.23 29.21 -75.45
CA ASN PA 96 66.59 28.68 -75.56
C ASN PA 96 66.66 27.29 -74.94
N GLN PA 97 66.05 27.17 -73.76
CA GLN PA 97 65.90 25.90 -73.06
C GLN PA 97 65.16 24.88 -73.93
N THR PA 98 64.00 25.31 -74.44
CA THR PA 98 63.19 24.51 -75.37
C THR PA 98 64.03 23.97 -76.53
N LEU PA 99 64.80 24.86 -77.13
CA LEU PA 99 65.69 24.53 -78.26
C LEU PA 99 66.66 23.41 -77.88
N SER PA 100 67.35 23.58 -76.75
CA SER PA 100 68.37 22.61 -76.32
C SER PA 100 67.78 21.23 -76.05
N TYR PA 101 66.64 21.21 -75.37
CA TYR PA 101 65.90 19.97 -75.11
C TYR PA 101 65.40 19.30 -76.40
N LEU PA 102 64.92 20.12 -77.34
CA LEU PA 102 64.49 19.64 -78.66
C LEU PA 102 65.63 18.97 -79.41
N LYS PA 103 66.79 19.62 -79.41
CA LYS PA 103 68.01 19.08 -80.03
C LYS PA 103 68.40 17.74 -79.43
N ARG PA 104 68.37 17.67 -78.11
CA ARG PA 104 68.66 16.45 -77.37
C ARG PA 104 67.69 15.33 -77.75
N ALA PA 105 66.41 15.68 -77.77
CA ALA PA 105 65.34 14.77 -78.19
C ALA PA 105 65.52 14.31 -79.64
N ALA PA 106 65.81 15.27 -80.52
CA ALA PA 106 66.04 15.00 -81.94
C ALA PA 106 67.19 14.01 -82.17
N LYS PA 107 68.26 14.18 -81.40
CA LYS PA 107 69.44 13.32 -81.47
C LYS PA 107 69.11 11.88 -81.06
N VAL PA 108 68.35 11.72 -79.98
CA VAL PA 108 67.95 10.38 -79.52
C VAL PA 108 66.99 9.71 -80.51
N VAL PA 109 66.12 10.50 -81.13
CA VAL PA 109 65.21 10.02 -82.19
C VAL PA 109 66.01 9.49 -83.37
N GLU PA 110 67.01 10.26 -83.78
CA GLU PA 110 67.92 9.88 -84.87
C GLU PA 110 68.68 8.59 -84.55
N GLY PA 111 69.16 8.49 -83.32
CA GLY PA 111 69.95 7.35 -82.88
C GLY PA 111 69.19 6.03 -82.93
N VAL PA 112 67.96 6.02 -82.43
CA VAL PA 112 67.14 4.79 -82.41
C VAL PA 112 66.74 4.39 -83.83
N SER PA 113 66.48 5.39 -84.69
CA SER PA 113 66.19 5.15 -86.11
C SER PA 113 67.38 4.51 -86.81
N GLU PA 114 68.58 5.00 -86.50
CA GLU PA 114 69.85 4.46 -87.00
C GLU PA 114 70.07 3.01 -86.57
N SER PA 115 69.79 2.74 -85.30
CA SER PA 115 69.88 1.40 -84.73
C SER PA 115 68.76 0.46 -85.20
N GLY PA 116 67.73 1.01 -85.82
CA GLY PA 116 66.62 0.24 -86.38
C GLY PA 116 65.59 -0.09 -85.33
N GLY PA 117 65.33 0.88 -84.45
CA GLY PA 117 64.36 0.74 -83.38
C GLY PA 117 62.98 1.12 -83.84
N ILE PA 118 61.98 0.69 -83.06
CA ILE PA 118 60.57 0.97 -83.35
C ILE PA 118 60.18 2.27 -82.66
N ILE PA 119 60.02 3.33 -83.46
CA ILE PA 119 59.58 4.64 -82.94
C ILE PA 119 58.06 4.71 -83.05
N LEU PA 120 57.43 5.19 -81.99
CA LEU PA 120 55.97 5.26 -81.88
C LEU PA 120 55.51 6.67 -81.51
N PHE PA 121 54.78 7.31 -82.42
CA PHE PA 121 54.31 8.69 -82.26
C PHE PA 121 52.86 8.73 -81.78
N LEU PA 122 52.67 9.21 -80.55
CA LEU PA 122 51.36 9.15 -79.87
C LEU PA 122 50.75 10.55 -79.76
N GLY PA 123 49.57 10.75 -80.36
CA GLY PA 123 48.97 12.09 -80.46
C GLY PA 123 47.45 12.07 -80.50
N THR PA 124 46.84 12.06 -79.32
CA THR PA 124 45.39 11.92 -79.17
C THR PA 124 44.54 13.16 -79.50
N ARG PA 125 45.15 14.35 -79.62
CA ARG PA 125 44.38 15.57 -79.92
C ARG PA 125 43.80 15.55 -81.35
N GLN PA 126 42.84 16.44 -81.59
CA GLN PA 126 41.99 16.38 -82.79
C GLN PA 126 42.72 16.49 -84.13
N GLY PA 127 43.41 17.62 -84.35
CA GLY PA 127 44.06 17.90 -85.63
C GLY PA 127 45.38 17.18 -85.90
N GLN PA 128 45.92 16.50 -84.90
CA GLN PA 128 47.30 15.97 -84.97
C GLN PA 128 47.51 14.77 -85.88
N LYS PA 129 46.45 14.08 -86.28
CA LYS PA 129 46.55 12.76 -86.92
C LYS PA 129 47.42 12.71 -88.18
N ARG PA 130 47.11 13.58 -89.13
CA ARG PA 130 47.74 13.58 -90.45
C ARG PA 130 49.26 13.79 -90.37
N GLY PA 131 49.66 14.80 -89.60
CA GLY PA 131 51.08 15.09 -89.36
C GLY PA 131 51.81 13.97 -88.64
N LEU PA 132 51.11 13.33 -87.71
CA LEU PA 132 51.60 12.16 -86.97
C LEU PA 132 51.87 10.99 -87.90
N GLU PA 133 50.93 10.75 -88.81
CA GLU PA 133 51.03 9.67 -89.81
C GLU PA 133 52.20 9.92 -90.76
N GLU PA 134 52.37 11.18 -91.17
CA GLU PA 134 53.48 11.61 -92.02
C GLU PA 134 54.83 11.37 -91.38
N ALA PA 135 54.92 11.72 -90.10
CA ALA PA 135 56.13 11.50 -89.30
C ALA PA 135 56.47 10.02 -89.19
N ALA PA 136 55.44 9.21 -88.95
CA ALA PA 136 55.56 7.74 -88.88
C ALA PA 136 56.01 7.13 -90.19
N LYS PA 137 55.53 7.69 -91.30
CA LYS PA 137 55.94 7.29 -92.63
C LYS PA 137 57.41 7.63 -92.91
N LYS PA 138 57.82 8.82 -92.48
CA LYS PA 138 59.14 9.38 -92.74
C LYS PA 138 60.30 8.50 -92.24
N THR PA 139 60.34 8.23 -90.94
CA THR PA 139 61.11 7.10 -90.39
C THR PA 139 60.20 5.91 -90.58
N HIS PA 140 60.73 4.69 -90.68
CA HIS PA 140 59.87 3.51 -90.84
C HIS PA 140 59.27 3.17 -89.48
N GLY PA 141 58.30 4.00 -89.08
CA GLY PA 141 57.82 4.11 -87.72
C GLY PA 141 56.32 4.03 -87.62
N TYR PA 142 55.82 4.28 -86.42
CA TYR PA 142 54.45 3.95 -86.02
C TYR PA 142 53.79 5.12 -85.36
N TYR PA 143 52.46 5.09 -85.34
CA TYR PA 143 51.71 6.16 -84.69
C TYR PA 143 50.36 5.74 -84.14
N VAL PA 144 49.82 6.59 -83.28
CA VAL PA 144 48.54 6.38 -82.61
C VAL PA 144 47.83 7.73 -82.49
N SER PA 145 46.66 7.85 -83.12
CA SER PA 145 45.82 9.05 -83.04
C SER PA 145 44.51 8.72 -82.31
N THR PA 146 43.83 7.68 -82.77
CA THR PA 146 42.72 7.07 -82.04
C THR PA 146 43.26 6.51 -80.73
N ARG PA 147 42.47 6.60 -79.66
CA ARG PA 147 42.98 6.47 -78.29
C ARG PA 147 43.83 5.22 -77.99
N TRP PA 148 44.74 5.40 -77.05
CA TRP PA 148 45.70 4.38 -76.63
C TRP PA 148 45.01 3.46 -75.62
N ILE PA 149 44.65 2.24 -76.05
CA ILE PA 149 43.97 1.28 -75.15
C ILE PA 149 44.91 0.87 -74.00
N PRO PA 150 44.54 1.24 -72.74
CA PRO PA 150 45.45 1.02 -71.61
C PRO PA 150 45.98 -0.42 -71.47
N GLY PA 151 47.29 -0.56 -71.61
CA GLY PA 151 47.97 -1.86 -71.55
C GLY PA 151 48.42 -2.41 -72.89
N THR PA 152 48.82 -1.56 -73.82
CA THR PA 152 49.36 -2.04 -75.10
C THR PA 152 50.75 -2.66 -74.93
N LEU PA 153 51.55 -2.11 -74.00
CA LEU PA 153 52.87 -2.70 -73.67
C LEU PA 153 52.80 -3.62 -72.44
N THR PA 154 52.13 -3.19 -71.37
CA THR PA 154 52.04 -4.00 -70.14
C THR PA 154 51.24 -5.29 -70.35
N ASN PA 155 50.16 -5.20 -71.12
CA ASN PA 155 49.28 -6.33 -71.42
C ASN PA 155 49.21 -6.55 -72.95
N SER PA 156 50.39 -6.70 -73.54
CA SER PA 156 50.55 -6.75 -75.00
C SER PA 156 49.88 -7.95 -75.67
N THR PA 157 49.97 -9.11 -75.03
CA THR PA 157 49.51 -10.38 -75.60
C THR PA 157 47.99 -10.42 -75.79
N GLU PA 158 47.26 -9.82 -74.86
CA GLU PA 158 45.80 -9.72 -74.96
C GLU PA 158 45.38 -8.70 -76.01
N ILE PA 159 46.01 -7.53 -75.99
CA ILE PA 159 45.63 -6.40 -76.85
C ILE PA 159 46.17 -6.57 -78.27
N SER PA 160 47.51 -6.64 -78.39
CA SER PA 160 48.18 -6.71 -79.70
C SER PA 160 48.53 -8.16 -80.06
N GLY PA 161 47.56 -9.05 -79.92
CA GLY PA 161 47.76 -10.49 -80.14
C GLY PA 161 47.51 -10.95 -81.57
N ILE PA 162 46.45 -10.42 -82.18
CA ILE PA 162 45.92 -10.94 -83.46
C ILE PA 162 46.27 -10.04 -84.66
N TRP PA 163 47.34 -9.25 -84.54
CA TRP PA 163 47.81 -8.42 -85.65
C TRP PA 163 49.07 -9.02 -86.26
N GLU PA 164 49.23 -8.80 -87.56
CA GLU PA 164 50.33 -9.42 -88.32
C GLU PA 164 51.67 -8.79 -87.98
N LYS PA 165 52.64 -9.64 -87.63
CA LYS PA 165 54.03 -9.24 -87.57
C LYS PA 165 54.71 -9.61 -88.89
N GLN PA 166 55.95 -9.14 -89.03
CA GLN PA 166 56.66 -9.15 -90.30
C GLN PA 166 58.11 -9.51 -90.02
N GLU PA 167 58.88 -9.74 -91.08
CA GLU PA 167 60.35 -9.75 -90.97
C GLU PA 167 60.93 -8.66 -91.86
N ILE PA 168 62.15 -8.25 -91.54
CA ILE PA 168 62.79 -7.09 -92.15
C ILE PA 168 64.29 -7.38 -92.34
N ASP PA 169 64.86 -6.83 -93.42
CA ASP PA 169 66.29 -6.95 -93.71
C ASP PA 169 67.12 -6.05 -92.79
N SER PA 170 68.40 -5.87 -93.10
CA SER PA 170 69.16 -4.71 -92.64
C SER PA 170 68.63 -3.45 -93.33
N ASN PA 171 68.18 -3.61 -94.58
CA ASN PA 171 67.29 -2.64 -95.25
C ASN PA 171 65.85 -2.83 -94.73
N ASP PA 172 64.86 -2.20 -95.37
CA ASP PA 172 63.45 -2.34 -94.96
C ASP PA 172 62.63 -3.09 -96.01
N ASN PA 173 63.09 -4.29 -96.35
CA ASN PA 173 62.39 -5.17 -97.28
C ASN PA 173 61.69 -6.29 -96.50
N PRO PA 174 60.37 -6.50 -96.72
CA PRO PA 174 59.58 -7.53 -96.02
C PRO PA 174 60.13 -8.97 -95.93
N THR PA 175 61.02 -9.37 -96.84
CA THR PA 175 61.60 -10.75 -96.86
C THR PA 175 60.58 -11.81 -96.44
N GLU PA 176 59.43 -11.76 -97.12
CA GLU PA 176 58.20 -12.47 -96.69
C GLU PA 176 58.34 -14.00 -96.55
N ARG PA 177 58.82 -14.42 -95.38
CA ARG PA 177 58.78 -15.82 -94.96
C ARG PA 177 57.71 -15.95 -93.86
N ALA PA 178 57.23 -17.17 -93.65
CA ALA PA 178 56.18 -17.42 -92.67
C ALA PA 178 56.73 -17.36 -91.24
N LEU PA 179 56.15 -16.47 -90.43
CA LEU PA 179 56.49 -16.38 -89.01
C LEU PA 179 55.79 -17.53 -88.28
N SER PA 180 56.53 -18.22 -87.41
CA SER PA 180 55.97 -19.32 -86.62
C SER PA 180 55.00 -18.77 -85.56
N PRO PA 181 54.01 -19.58 -85.13
CA PRO PA 181 53.03 -19.11 -84.14
C PRO PA 181 53.66 -18.74 -82.78
N ASN PA 182 54.74 -19.41 -82.40
CA ASN PA 182 55.56 -19.02 -81.26
C ASN PA 182 56.30 -17.71 -81.53
N GLU PA 183 56.87 -17.60 -82.73
CA GLU PA 183 57.59 -16.40 -83.19
C GLU PA 183 56.69 -15.15 -83.28
N THR PA 184 55.40 -15.36 -83.58
CA THR PA 184 54.44 -14.27 -83.75
C THR PA 184 53.93 -13.70 -82.41
N SER PA 185 53.66 -14.59 -81.44
CA SER PA 185 52.97 -14.20 -80.19
C SER PA 185 53.78 -13.34 -79.22
N LYS PA 186 55.10 -13.25 -79.39
CA LYS PA 186 55.95 -12.40 -78.54
C LYS PA 186 55.58 -10.92 -78.71
N GLN PA 187 55.73 -10.13 -77.65
CA GLN PA 187 55.45 -8.69 -77.71
C GLN PA 187 56.50 -8.01 -78.57
N VAL PA 188 56.08 -6.96 -79.28
CA VAL PA 188 57.00 -6.12 -80.03
C VAL PA 188 56.90 -4.72 -79.45
N LYS PA 189 57.85 -4.42 -78.56
CA LYS PA 189 57.84 -3.21 -77.75
C LYS PA 189 58.50 -2.06 -78.52
N PRO PA 190 57.99 -0.82 -78.39
CA PRO PA 190 58.70 0.30 -79.01
C PRO PA 190 60.02 0.62 -78.31
N ASP PA 191 60.97 1.15 -79.08
CA ASP PA 191 62.25 1.63 -78.55
C ASP PA 191 62.25 3.15 -78.37
N LEU PA 192 61.16 3.81 -78.76
CA LEU PA 192 60.93 5.23 -78.45
C LEU PA 192 59.44 5.57 -78.54
N LEU PA 193 58.85 5.87 -77.39
CA LEU PA 193 57.52 6.44 -77.34
C LEU PA 193 57.68 7.96 -77.37
N VAL PA 194 57.06 8.61 -78.34
CA VAL PA 194 57.11 10.08 -78.44
C VAL PA 194 55.70 10.65 -78.49
N VAL PA 195 55.32 11.34 -77.42
CA VAL PA 195 53.94 11.81 -77.26
C VAL PA 195 53.82 13.31 -77.54
N LEU PA 196 52.64 13.72 -78.01
CA LEU PA 196 52.33 15.12 -78.30
C LEU PA 196 51.37 15.75 -77.29
N ASN PA 197 50.87 14.94 -76.35
CA ASN PA 197 49.95 15.41 -75.32
C ASN PA 197 50.09 14.51 -74.08
N PRO PA 198 51.25 14.59 -73.39
CA PRO PA 198 51.54 13.70 -72.26
C PRO PA 198 50.53 13.86 -71.10
N THR PA 199 50.02 15.09 -70.94
CA THR PA 199 48.99 15.39 -69.94
C THR PA 199 47.67 14.65 -70.19
N GLU PA 200 47.34 14.39 -71.46
CA GLU PA 200 46.12 13.67 -71.84
C GLU PA 200 46.27 12.15 -71.80
N ASN PA 201 47.47 11.63 -72.04
CA ASN PA 201 47.74 10.18 -71.88
C ASN PA 201 48.91 9.91 -70.92
N ARG PA 202 48.64 10.21 -69.66
CA ARG PA 202 49.41 9.74 -68.49
C ARG PA 202 49.67 8.24 -68.53
N ASN PA 203 48.61 7.49 -68.86
CA ASN PA 203 48.64 6.02 -68.87
C ASN PA 203 49.75 5.46 -69.74
N ALA PA 204 49.81 5.95 -70.97
CA ALA PA 204 50.85 5.54 -71.93
C ALA PA 204 52.26 5.77 -71.40
N LEU PA 205 52.47 6.93 -70.78
CA LEU PA 205 53.73 7.27 -70.11
C LEU PA 205 54.07 6.30 -69.00
N LEU PA 206 53.09 6.06 -68.11
CA LEU PA 206 53.22 5.08 -67.02
C LEU PA 206 53.58 3.68 -67.53
N GLU PA 207 52.98 3.22 -68.61
CA GLU PA 207 53.31 1.90 -69.13
C GLU PA 207 54.70 1.92 -69.72
N ALA PA 208 55.04 3.00 -70.39
CA ALA PA 208 56.41 3.11 -70.93
C ALA PA 208 57.48 2.98 -69.85
N ILE PA 209 57.29 3.65 -68.71
CA ILE PA 209 58.29 3.58 -67.63
C ILE PA 209 58.27 2.23 -66.91
N LYS PA 210 57.11 1.59 -66.88
CA LYS PA 210 56.98 0.21 -66.38
C LYS PA 210 57.64 -0.75 -67.36
N SER PA 211 57.31 -0.57 -68.64
CA SER PA 211 57.81 -1.41 -69.73
C SER PA 211 59.25 -1.09 -70.14
N ARG PA 212 59.83 -0.03 -69.57
CA ARG PA 212 61.27 0.21 -69.62
C ARG PA 212 61.67 0.75 -71.00
N VAL PA 213 60.92 1.77 -71.43
CA VAL PA 213 61.04 2.36 -72.76
C VAL PA 213 61.33 3.84 -72.59
N PRO PA 214 62.38 4.36 -73.24
CA PRO PA 214 62.63 5.80 -73.15
C PRO PA 214 61.57 6.56 -73.92
N THR PA 215 61.19 7.73 -73.41
CA THR PA 215 60.05 8.48 -73.95
C THR PA 215 60.32 9.98 -74.06
N ILE PA 216 59.73 10.59 -75.08
CA ILE PA 216 59.88 12.02 -75.38
C ILE PA 216 58.48 12.65 -75.32
N ALA PA 217 58.39 13.86 -74.77
CA ALA PA 217 57.10 14.53 -74.61
C ALA PA 217 57.21 16.05 -74.65
N ILE PA 218 56.17 16.68 -75.22
CA ILE PA 218 56.06 18.13 -75.26
C ILE PA 218 55.47 18.59 -73.92
N ILE PA 219 56.36 18.95 -73.00
CA ILE PA 219 55.96 19.35 -71.65
C ILE PA 219 55.53 20.83 -71.66
N ASP PA 220 54.24 21.05 -71.46
CA ASP PA 220 53.67 22.39 -71.36
C ASP PA 220 53.87 22.88 -69.92
N THR PA 221 53.41 24.10 -69.64
CA THR PA 221 53.59 24.71 -68.31
C THR PA 221 52.63 24.14 -67.23
N ASP PA 222 51.78 23.18 -67.59
CA ASP PA 222 50.98 22.40 -66.62
C ASP PA 222 51.35 20.91 -66.51
N SER PA 223 52.32 20.45 -67.31
CA SER PA 223 52.68 19.02 -67.38
C SER PA 223 53.86 18.68 -66.47
N GLU PA 224 53.85 17.47 -65.91
CA GLU PA 224 54.95 16.98 -65.07
C GLU PA 224 56.12 16.56 -65.95
N PRO PA 225 57.28 17.23 -65.83
CA PRO PA 225 58.42 16.88 -66.70
C PRO PA 225 59.19 15.62 -66.29
N SER PA 226 59.05 15.21 -65.03
CA SER PA 226 59.74 14.01 -64.54
C SER PA 226 59.16 12.70 -65.07
N LEU PA 227 57.96 12.75 -65.66
CA LEU PA 227 57.28 11.53 -66.14
C LEU PA 227 57.80 10.92 -67.44
N VAL PA 228 58.81 11.56 -68.03
CA VAL PA 228 59.44 11.15 -69.29
C VAL PA 228 60.96 11.27 -69.29
N THR PA 229 61.64 10.56 -70.17
CA THR PA 229 63.09 10.58 -70.25
C THR PA 229 63.68 11.83 -70.91
N TYR PA 230 62.97 12.41 -71.88
CA TYR PA 230 63.48 13.55 -72.67
C TYR PA 230 62.37 14.58 -72.93
N PRO PA 231 62.12 15.47 -71.96
CA PRO PA 231 61.04 16.46 -72.12
C PRO PA 231 61.47 17.61 -73.01
N ILE PA 232 60.56 18.06 -73.86
CA ILE PA 232 60.76 19.26 -74.67
C ILE PA 232 59.77 20.30 -74.13
N PRO PA 233 60.27 21.36 -73.46
CA PRO PA 233 59.35 22.42 -73.02
C PRO PA 233 58.69 23.11 -74.21
N GLY PA 234 57.37 23.26 -74.17
CA GLY PA 234 56.66 23.91 -75.27
C GLY PA 234 55.15 23.85 -75.26
N ASN PA 235 54.58 24.48 -76.28
CA ASN PA 235 53.14 24.72 -76.39
C ASN PA 235 52.43 23.53 -77.04
N ASP PA 236 51.91 22.62 -76.22
CA ASP PA 236 51.24 21.41 -76.72
C ASP PA 236 49.79 21.61 -77.19
N ASP PA 237 49.18 22.75 -76.85
CA ASP PA 237 47.78 23.00 -77.17
C ASP PA 237 47.57 23.41 -78.64
N SER PA 238 48.35 24.38 -79.11
CA SER PA 238 48.26 24.83 -80.51
C SER PA 238 48.74 23.72 -81.42
N LEU PA 239 48.06 23.54 -82.55
CA LEU PA 239 48.32 22.42 -83.44
C LEU PA 239 49.62 22.60 -84.24
N ARG PA 240 49.97 23.85 -84.55
CA ARG PA 240 51.06 24.13 -85.49
C ARG PA 240 52.44 24.02 -84.81
N SER PA 241 52.53 24.44 -83.55
CA SER PA 241 53.75 24.34 -82.74
C SER PA 241 54.15 22.89 -82.49
N VAL PA 242 53.13 22.07 -82.21
CA VAL PA 242 53.30 20.63 -82.02
C VAL PA 242 53.84 19.99 -83.30
N ASN PA 243 53.16 20.28 -84.42
CA ASN PA 243 53.57 19.82 -85.75
C ASN PA 243 55.00 20.18 -86.10
N PHE PA 244 55.38 21.42 -85.78
CA PHE PA 244 56.74 21.91 -85.99
C PHE PA 244 57.77 21.07 -85.23
N LEU PA 245 57.53 20.86 -83.95
CA LEU PA 245 58.40 20.01 -83.11
C LEU PA 245 58.42 18.57 -83.62
N LEU PA 246 57.22 18.04 -83.89
CA LEU PA 246 57.02 16.68 -84.38
C LEU PA 246 57.72 16.48 -85.73
N GLY PA 247 57.50 17.42 -86.63
CA GLY PA 247 58.12 17.41 -87.97
C GLY PA 247 59.63 17.42 -87.92
N VAL PA 248 60.18 18.23 -87.01
CA VAL PA 248 61.62 18.26 -86.73
C VAL PA 248 62.14 16.89 -86.29
N LEU PA 249 61.45 16.32 -85.30
CA LEU PA 249 61.76 14.97 -84.79
C LEU PA 249 61.75 13.92 -85.89
N ALA PA 250 60.70 13.97 -86.73
CA ALA PA 250 60.57 13.08 -87.88
C ALA PA 250 61.75 13.21 -88.83
N ARG PA 251 62.13 14.46 -89.10
CA ARG PA 251 63.27 14.77 -89.97
C ARG PA 251 64.59 14.24 -89.41
N ALA PA 252 64.76 14.38 -88.10
CA ALA PA 252 65.94 13.84 -87.40
C ALA PA 252 66.01 12.32 -87.50
N GLY PA 253 64.86 11.68 -87.27
CA GLY PA 253 64.73 10.23 -87.43
C GLY PA 253 64.91 9.75 -88.86
N GLN PA 254 64.40 10.54 -89.81
CA GLN PA 254 64.56 10.28 -91.24
C GLN PA 254 66.03 10.25 -91.64
N ARG PA 255 66.77 11.27 -91.21
CA ARG PA 255 68.21 11.36 -91.42
C ARG PA 255 68.92 10.10 -90.93
N GLY PA 256 68.65 9.72 -89.69
CA GLY PA 256 69.25 8.54 -89.07
C GLY PA 256 68.93 7.25 -89.82
N LEU PA 257 67.70 7.15 -90.30
CA LEU PA 257 67.28 6.04 -91.17
C LEU PA 257 68.09 6.00 -92.46
N GLN PA 258 68.21 7.15 -93.11
CA GLN PA 258 69.01 7.29 -94.34
C GLN PA 258 70.47 6.87 -94.13
N ASN PA 259 71.04 7.28 -93.00
CA ASN PA 259 72.40 6.91 -92.62
C ASN PA 259 72.57 5.41 -92.44
N ARG PA 260 71.59 4.80 -91.77
CA ARG PA 260 71.53 3.35 -91.58
C ARG PA 260 71.48 2.60 -92.91
N LEU PA 261 70.63 3.09 -93.81
CA LEU PA 261 70.51 2.52 -95.15
C LEU PA 261 71.81 2.61 -95.95
N ALA PA 262 72.47 3.75 -95.83
CA ALA PA 262 73.77 3.98 -96.46
C ALA PA 262 74.83 3.00 -95.95
N ARG PA 263 74.87 2.81 -94.63
CA ARG PA 263 75.86 1.91 -94.02
C ARG PA 263 75.57 0.42 -94.33
N ASN PA 264 74.29 0.09 -94.47
CA ASN PA 264 73.88 -1.24 -94.95
C ASN PA 264 74.36 -1.49 -96.38
N ASN PA 265 74.14 -0.50 -97.24
CA ASN PA 265 74.59 -0.52 -98.63
C ASN PA 265 76.11 -0.72 -98.75
N GLU PA 266 76.84 0.02 -97.91
CA GLU PA 266 78.29 -0.10 -97.81
C GLU PA 266 78.73 -1.50 -97.41
N SER QA 30 22.86 -3.57 -146.48
CA SER QA 30 24.33 -3.47 -146.69
C SER QA 30 25.08 -4.64 -146.03
N LEU QA 31 26.37 -4.75 -146.34
CA LEU QA 31 27.23 -5.82 -145.82
C LEU QA 31 27.58 -5.62 -144.35
N MET QA 32 27.95 -4.39 -144.01
CA MET QA 32 28.27 -4.00 -142.64
C MET QA 32 27.10 -4.24 -141.69
N ASN QA 33 25.92 -3.82 -142.12
CA ASN QA 33 24.67 -4.02 -141.37
C ASN QA 33 24.37 -5.49 -141.11
N LYS QA 34 24.54 -6.30 -142.16
CA LYS QA 34 24.41 -7.76 -142.05
C LYS QA 34 25.37 -8.36 -141.02
N LYS QA 35 26.63 -7.93 -141.10
CA LYS QA 35 27.67 -8.35 -140.16
C LYS QA 35 27.32 -8.02 -138.71
N LEU QA 36 26.84 -6.80 -138.50
CA LEU QA 36 26.36 -6.34 -137.20
C LEU QA 36 25.21 -7.18 -136.66
N LEU QA 37 24.26 -7.49 -137.54
CA LEU QA 37 23.12 -8.34 -137.22
C LEU QA 37 23.57 -9.74 -136.79
N LEU QA 38 24.51 -10.30 -137.55
CA LEU QA 38 25.12 -11.59 -137.23
C LEU QA 38 25.77 -11.59 -135.85
N LYS QA 39 26.59 -10.58 -135.60
CA LYS QA 39 27.24 -10.37 -134.29
C LYS QA 39 26.24 -10.32 -133.14
N ASN QA 40 25.16 -9.57 -133.35
CA ASN QA 40 24.07 -9.45 -132.38
C ASN QA 40 23.42 -10.81 -132.09
N MET QA 41 23.19 -11.56 -133.16
CA MET QA 41 22.63 -12.92 -133.09
C MET QA 41 23.54 -13.84 -132.27
N LEU QA 42 24.84 -13.79 -132.56
CA LEU QA 42 25.86 -14.56 -131.83
C LEU QA 42 25.88 -14.22 -130.34
N LEU QA 43 25.79 -12.93 -130.03
CA LEU QA 43 25.74 -12.43 -128.66
C LEU QA 43 24.51 -12.97 -127.91
N ASP QA 44 23.36 -12.93 -128.58
CA ASP QA 44 22.11 -13.47 -128.05
C ASP QA 44 22.21 -14.96 -127.74
N MET QA 45 22.82 -15.70 -128.68
CA MET QA 45 23.07 -17.15 -128.53
C MET QA 45 23.95 -17.44 -127.32
N ASN QA 46 25.03 -16.67 -127.19
CA ASN QA 46 25.94 -16.76 -126.03
C ASN QA 46 25.23 -16.52 -124.70
N ASN QA 47 24.38 -15.49 -124.69
CA ASN QA 47 23.58 -15.13 -123.52
C ASN QA 47 22.62 -16.25 -123.11
N LYS QA 48 21.96 -16.82 -124.11
CA LYS QA 48 21.09 -18.00 -123.94
C LYS QA 48 21.83 -19.19 -123.35
N LYS QA 49 23.03 -19.44 -123.88
CA LYS QA 49 23.89 -20.53 -123.40
C LYS QA 49 24.30 -20.33 -121.94
N MET QA 50 24.67 -19.10 -121.62
CA MET QA 50 25.01 -18.70 -120.24
C MET QA 50 23.84 -18.92 -119.28
N ASN QA 51 22.65 -18.51 -119.72
CA ASN QA 51 21.42 -18.70 -118.96
C ASN QA 51 21.10 -20.17 -118.69
N ASN QA 52 21.29 -20.99 -119.72
CA ASN QA 52 21.14 -22.44 -119.63
C ASN QA 52 22.12 -23.04 -118.63
N MET QA 53 23.38 -22.61 -118.72
CA MET QA 53 24.45 -23.01 -117.80
C MET QA 53 24.11 -22.69 -116.35
N LYS QA 54 23.62 -21.47 -116.12
CA LYS QA 54 23.16 -21.02 -114.81
C LYS QA 54 22.03 -21.89 -114.24
N ARG QA 55 21.05 -22.17 -115.10
CA ARG QA 55 19.93 -23.05 -114.77
C ARG QA 55 20.41 -24.44 -114.36
N MET QA 56 21.36 -24.98 -115.13
CA MET QA 56 21.96 -26.30 -114.85
C MET QA 56 22.65 -26.32 -113.50
N LEU QA 57 23.42 -25.27 -113.21
CA LEU QA 57 24.08 -25.08 -111.92
C LEU QA 57 23.09 -25.07 -110.77
N ASN QA 58 22.04 -24.26 -110.92
CA ASN QA 58 20.95 -24.15 -109.93
C ASN QA 58 20.31 -25.51 -109.61
N ASN QA 59 20.03 -26.27 -110.67
CA ASN QA 59 19.51 -27.63 -110.54
C ASN QA 59 20.42 -28.56 -109.74
N ASN QA 60 21.73 -28.48 -109.99
CA ASN QA 60 22.72 -29.32 -109.33
C ASN QA 60 23.40 -28.72 -108.08
N ASN QA 61 23.02 -27.49 -107.70
CA ASN QA 61 23.71 -26.77 -106.62
C ASN QA 61 23.40 -27.36 -105.23
N MET QA 62 24.22 -28.33 -104.83
CA MET QA 62 24.16 -28.91 -103.48
C MET QA 62 25.56 -29.25 -102.96
N ASN QA 63 25.70 -29.17 -101.64
CA ASN QA 63 27.00 -29.26 -100.96
C ASN QA 63 26.79 -29.46 -99.45
N PRO QA 64 27.88 -29.70 -98.69
CA PRO QA 64 27.80 -29.63 -97.23
C PRO QA 64 27.43 -28.24 -96.74
N ALA QA 65 26.57 -28.17 -95.73
CA ALA QA 65 26.15 -26.90 -95.13
C ALA QA 65 27.30 -26.28 -94.33
N GLY QA 66 27.42 -24.95 -94.41
CA GLY QA 66 28.28 -24.17 -93.52
C GLY QA 66 29.15 -23.15 -94.23
N ALA QA 67 28.52 -22.32 -95.07
CA ALA QA 67 29.26 -21.41 -95.95
C ALA QA 67 29.53 -20.06 -95.29
N ASN QA 68 28.50 -19.23 -95.14
CA ASN QA 68 28.66 -17.83 -94.73
C ASN QA 68 29.06 -17.69 -93.26
N GLY QA 78 21.51 -23.59 -101.60
CA GLY QA 78 21.84 -24.89 -102.18
C GLY QA 78 22.88 -25.64 -101.36
N ASN QA 79 22.43 -26.19 -100.23
CA ASN QA 79 23.29 -26.94 -99.31
C ASN QA 79 22.49 -27.78 -98.32
N ILE QA 80 23.13 -28.82 -97.78
CA ILE QA 80 22.50 -29.73 -96.82
C ILE QA 80 23.46 -30.17 -95.72
N ASN QA 81 22.89 -30.52 -94.56
CA ASN QA 81 23.65 -31.16 -93.49
C ASN QA 81 23.87 -32.64 -93.82
N ASN QA 82 25.12 -32.99 -94.11
CA ASN QA 82 25.49 -34.38 -94.41
C ASN QA 82 25.49 -35.23 -93.14
N LYS QA 83 25.54 -36.55 -93.32
CA LYS QA 83 25.52 -37.49 -92.19
C LYS QA 83 26.77 -37.46 -91.29
N LEU QA 84 27.81 -36.72 -91.69
CA LEU QA 84 28.94 -36.39 -90.80
C LEU QA 84 28.82 -35.01 -90.14
N GLN QA 85 27.77 -34.24 -90.44
CA GLN QA 85 27.60 -32.88 -89.91
C GLN QA 85 26.55 -32.72 -88.81
N HIS QA 86 25.71 -33.74 -88.60
CA HIS QA 86 24.69 -33.71 -87.53
C HIS QA 86 24.28 -35.10 -87.10
N LEU QA 87 23.70 -35.17 -85.91
CA LEU QA 87 23.16 -36.43 -85.40
C LEU QA 87 21.81 -36.75 -86.05
N ASN QA 88 21.60 -38.03 -86.31
CA ASN QA 88 20.29 -38.55 -86.68
C ASN QA 88 19.43 -38.46 -85.42
N ASN QA 89 18.24 -37.88 -85.53
CA ASN QA 89 17.32 -37.78 -84.39
C ASN QA 89 16.93 -39.12 -83.76
N MET QA 90 17.04 -40.21 -84.52
CA MET QA 90 17.00 -41.57 -83.96
C MET QA 90 18.05 -41.82 -82.87
N ASN QA 91 19.23 -41.22 -83.01
CA ASN QA 91 20.26 -41.26 -81.96
C ASN QA 91 20.04 -40.25 -80.80
N ASN QA 92 18.81 -39.75 -80.65
CA ASN QA 92 18.36 -39.09 -79.42
C ASN QA 92 17.71 -40.11 -78.48
N TRP QA 93 16.91 -41.02 -79.05
CA TRP QA 93 16.28 -42.11 -78.30
C TRP QA 93 17.22 -43.31 -78.16
N ASN QA 94 16.95 -44.14 -77.17
CA ASN QA 94 17.76 -45.33 -76.87
C ASN QA 94 17.15 -46.65 -77.37
N THR QA 95 15.83 -46.69 -77.54
CA THR QA 95 15.17 -47.81 -78.22
C THR QA 95 14.70 -47.34 -79.59
N GLN QA 96 15.57 -47.53 -80.58
CA GLN QA 96 15.33 -47.10 -81.95
C GLN QA 96 14.42 -48.10 -82.65
N ILE QA 97 13.11 -47.88 -82.53
CA ILE QA 97 12.10 -48.84 -82.96
C ILE QA 97 10.82 -48.14 -83.43
N TYR QA 98 10.18 -48.70 -84.45
CA TYR QA 98 8.75 -48.51 -84.68
C TYR QA 98 8.11 -49.87 -84.93
N ASN QA 99 7.03 -50.15 -84.20
CA ASN QA 99 6.15 -51.28 -84.49
C ASN QA 99 4.72 -50.76 -84.66
N TYR QA 100 3.94 -51.44 -85.50
CA TYR QA 100 2.56 -51.04 -85.79
C TYR QA 100 1.63 -51.37 -84.63
N ASN QA 101 1.81 -52.54 -84.02
CA ASN QA 101 1.14 -52.86 -82.75
C ASN QA 101 1.93 -52.24 -81.60
N LYS QA 102 1.32 -51.25 -80.95
CA LYS QA 102 2.01 -50.43 -79.94
C LYS QA 102 2.27 -51.18 -78.62
N ASN QA 103 1.39 -52.13 -78.30
CA ASN QA 103 1.61 -53.06 -77.18
C ASN QA 103 2.95 -53.80 -77.31
N MET QA 104 3.18 -54.34 -78.50
CA MET QA 104 4.42 -55.05 -78.83
C MET QA 104 5.64 -54.15 -78.70
N GLU QA 105 5.52 -52.92 -79.20
CA GLU QA 105 6.57 -51.90 -79.11
C GLU QA 105 6.93 -51.59 -77.66
N ILE QA 106 5.89 -51.44 -76.83
CA ILE QA 106 6.04 -51.21 -75.38
C ILE QA 106 6.77 -52.38 -74.72
N MET QA 107 6.36 -53.59 -75.08
CA MET QA 107 6.99 -54.82 -74.56
C MET QA 107 8.47 -54.89 -74.93
N ASN QA 108 8.77 -54.54 -76.17
CA ASN QA 108 10.15 -54.47 -76.67
C ASN QA 108 11.02 -53.48 -75.90
N THR QA 109 10.48 -52.27 -75.67
CA THR QA 109 11.22 -51.23 -74.96
C THR QA 109 11.43 -51.59 -73.47
N MET QA 110 10.46 -52.29 -72.89
CA MET QA 110 10.60 -52.85 -71.54
C MET QA 110 11.74 -53.86 -71.48
N ASN QA 111 11.72 -54.81 -72.41
CA ASN QA 111 12.78 -55.80 -72.57
C ASN QA 111 14.15 -55.14 -72.65
N ASP QA 112 14.28 -54.17 -73.55
CA ASP QA 112 15.51 -53.39 -73.74
C ASP QA 112 16.02 -52.78 -72.45
N LYS QA 113 15.10 -52.14 -71.72
CA LYS QA 113 15.41 -51.55 -70.41
C LYS QA 113 15.91 -52.58 -69.40
N LEU QA 114 15.25 -53.74 -69.37
CA LEU QA 114 15.67 -54.84 -68.50
C LEU QA 114 17.05 -55.39 -68.85
N ILE QA 115 17.32 -55.49 -70.16
CA ILE QA 115 18.63 -55.95 -70.64
C ILE QA 115 19.75 -54.98 -70.24
N ASN QA 116 19.45 -53.68 -70.27
CA ASN QA 116 20.41 -52.65 -69.87
C ASN QA 116 20.91 -52.89 -68.45
N LYS QA 117 19.97 -53.14 -67.54
CA LYS QA 117 20.27 -53.43 -66.14
C LYS QA 117 21.16 -54.66 -66.00
N LEU QA 118 20.80 -55.70 -66.76
CA LEU QA 118 21.56 -56.96 -66.79
C LEU QA 118 23.00 -56.71 -67.24
N LEU QA 119 23.14 -55.95 -68.31
CA LEU QA 119 24.46 -55.55 -68.84
C LEU QA 119 25.29 -54.81 -67.79
N TYR QA 120 24.68 -53.83 -67.14
CA TYR QA 120 25.30 -53.08 -66.03
C TYR QA 120 25.82 -54.01 -64.94
N LYS QA 121 24.98 -54.95 -64.54
CA LYS QA 121 25.35 -55.99 -63.55
C LYS QA 121 26.57 -56.80 -63.97
N MET QA 122 26.55 -57.24 -65.23
CA MET QA 122 27.67 -57.99 -65.82
C MET QA 122 28.98 -57.21 -65.80
N MET QA 123 28.90 -55.92 -66.11
CA MET QA 123 30.08 -55.08 -66.31
C MET QA 123 31.14 -55.09 -65.20
N THR QA 124 30.74 -55.32 -63.94
CA THR QA 124 31.69 -55.41 -62.83
C THR QA 124 32.16 -56.85 -62.62
N LEU QA 125 33.48 -57.07 -62.63
CA LEU QA 125 34.08 -58.39 -62.41
C LEU QA 125 34.89 -58.46 -61.11
N LYS QA 126 35.29 -59.68 -60.76
CA LYS QA 126 36.15 -59.96 -59.60
C LYS QA 126 37.25 -60.92 -60.02
N LEU QA 127 38.41 -60.85 -59.37
CA LEU QA 127 39.54 -61.74 -59.65
C LEU QA 127 40.06 -62.40 -58.38
N ASN QA 128 39.38 -63.47 -57.95
CA ASN QA 128 39.74 -64.25 -56.76
C ASN QA 128 39.74 -63.41 -55.46
N ASN QA 129 38.79 -62.47 -55.39
CA ASN QA 129 38.67 -61.51 -54.27
C ASN QA 129 39.94 -60.66 -54.04
N MET QA 130 40.67 -60.39 -55.11
CA MET QA 130 41.91 -59.60 -55.07
C MET QA 130 41.67 -58.22 -55.68
N ASN QA 131 41.20 -58.21 -56.93
CA ASN QA 131 40.93 -57.00 -57.68
C ASN QA 131 39.50 -56.99 -58.21
N ILE QA 132 38.82 -55.85 -58.06
CA ILE QA 132 37.45 -55.67 -58.56
C ILE QA 132 37.50 -54.53 -59.59
N ASN QA 133 37.79 -54.91 -60.83
CA ASN QA 133 37.83 -53.94 -61.95
C ASN QA 133 36.44 -53.61 -62.46
N LYS QA 134 35.96 -52.41 -62.11
CA LYS QA 134 34.62 -51.95 -62.48
C LYS QA 134 34.66 -51.30 -63.85
N ILE QA 135 34.35 -52.08 -64.89
CA ILE QA 135 34.24 -51.56 -66.26
C ILE QA 135 33.01 -50.66 -66.30
N ILE QA 136 33.22 -49.39 -66.66
CA ILE QA 136 32.12 -48.46 -66.85
C ILE QA 136 31.60 -48.62 -68.28
N MET QA 137 30.28 -48.58 -68.41
CA MET QA 137 29.58 -48.72 -69.68
C MET QA 137 28.63 -47.55 -69.83
N SER QA 138 28.35 -47.16 -71.08
CA SER QA 138 27.33 -46.16 -71.37
C SER QA 138 25.95 -46.80 -71.25
N LYS QA 139 24.91 -45.98 -71.33
CA LYS QA 139 23.55 -46.50 -71.54
C LYS QA 139 23.51 -47.12 -72.92
N THR QA 140 22.93 -48.32 -73.02
CA THR QA 140 22.87 -49.03 -74.30
C THR QA 140 21.92 -48.33 -75.26
N ILE QA 141 22.18 -48.49 -76.55
CA ILE QA 141 21.26 -48.03 -77.58
C ILE QA 141 20.89 -49.22 -78.46
N ASN QA 142 19.59 -49.47 -78.55
CA ASN QA 142 19.03 -50.67 -79.16
C ASN QA 142 18.45 -50.29 -80.51
N GLN QA 143 18.99 -50.88 -81.57
CA GLN QA 143 18.60 -50.58 -82.94
C GLN QA 143 17.70 -51.71 -83.46
N HIS QA 144 16.41 -51.43 -83.56
CA HIS QA 144 15.43 -52.45 -83.97
C HIS QA 144 15.06 -52.35 -85.43
N SER QA 145 15.88 -52.96 -86.29
CA SER QA 145 15.52 -53.13 -87.68
C SER QA 145 14.46 -54.24 -87.79
N LEU QA 146 13.88 -54.37 -88.98
CA LEU QA 146 12.87 -55.39 -89.25
C LEU QA 146 13.47 -56.78 -89.08
N ASN QA 147 14.64 -56.99 -89.66
CA ASN QA 147 15.37 -58.23 -89.54
C ASN QA 147 15.84 -58.45 -88.11
N LYS QA 148 16.68 -57.54 -87.61
CA LYS QA 148 17.46 -57.78 -86.40
C LYS QA 148 17.50 -56.62 -85.42
N LEU QA 149 17.61 -56.96 -84.14
CA LEU QA 149 18.03 -56.05 -83.10
C LEU QA 149 19.55 -55.92 -83.16
N ASN QA 150 20.05 -54.74 -82.78
CA ASN QA 150 21.46 -54.55 -82.46
C ASN QA 150 21.60 -53.67 -81.23
N ILE QA 151 22.09 -54.25 -80.14
CA ILE QA 151 22.39 -53.51 -78.93
C ILE QA 151 23.80 -52.97 -79.10
N LYS QA 152 24.05 -51.73 -78.65
CA LYS QA 152 25.42 -51.22 -78.62
C LYS QA 152 25.67 -50.24 -77.49
N PHE QA 153 26.89 -50.29 -76.98
CA PHE QA 153 27.32 -49.43 -75.88
C PHE QA 153 28.79 -49.04 -76.00
N TYR QA 154 29.12 -47.88 -75.43
CA TYR QA 154 30.49 -47.44 -75.28
C TYR QA 154 30.94 -47.83 -73.88
N TYR QA 155 32.19 -48.28 -73.74
CA TYR QA 155 32.72 -48.70 -72.44
C TYR QA 155 34.15 -48.20 -72.22
N TYR QA 156 34.50 -48.07 -70.94
CA TYR QA 156 35.86 -47.73 -70.52
C TYR QA 156 36.42 -48.83 -69.63
N ASN QA 157 37.72 -49.08 -69.76
CA ASN QA 157 38.45 -50.03 -68.93
C ASN QA 157 39.80 -49.42 -68.52
N ASN QA 158 40.13 -49.54 -67.24
CA ASN QA 158 41.31 -48.90 -66.67
C ASN QA 158 42.48 -49.88 -66.66
N ASN QA 166 54.58 -53.43 -72.92
CA ASN QA 166 55.18 -54.68 -73.38
C ASN QA 166 54.15 -55.74 -73.77
N ASN QA 167 54.54 -56.62 -74.68
CA ASN QA 167 53.65 -57.63 -75.25
C ASN QA 167 53.64 -58.93 -74.44
N ASN QA 168 53.21 -58.82 -73.19
CA ASN QA 168 53.08 -59.97 -72.28
C ASN QA 168 51.67 -60.57 -72.28
N ASN QA 169 50.66 -59.76 -72.62
CA ASN QA 169 49.25 -60.18 -72.58
C ASN QA 169 48.67 -60.61 -73.94
N ASN QA 170 49.50 -61.27 -74.76
CA ASN QA 170 49.04 -62.00 -75.93
C ASN QA 170 48.68 -63.45 -75.59
N TYR QA 171 48.97 -63.86 -74.36
CA TYR QA 171 48.97 -65.27 -73.97
C TYR QA 171 48.01 -65.65 -72.83
N TYR QA 172 47.23 -64.69 -72.35
CA TYR QA 172 46.17 -64.95 -71.37
C TYR QA 172 45.00 -64.00 -71.63
N MET QA 173 43.79 -64.49 -71.40
CA MET QA 173 42.58 -63.70 -71.63
C MET QA 173 42.26 -62.90 -70.38
N ASN QA 174 42.19 -61.58 -70.54
CA ASN QA 174 41.82 -60.67 -69.46
C ASN QA 174 40.34 -60.83 -69.12
N MET QA 175 39.95 -60.42 -67.92
CA MET QA 175 38.56 -60.54 -67.45
C MET QA 175 37.59 -59.77 -68.35
N MET QA 176 37.98 -58.55 -68.70
CA MET QA 176 37.23 -57.71 -69.63
C MET QA 176 37.09 -58.36 -71.00
N ASN QA 177 38.21 -58.87 -71.51
CA ASN QA 177 38.25 -59.60 -72.79
C ASN QA 177 37.28 -60.78 -72.81
N LYS QA 178 37.33 -61.58 -71.74
CA LYS QA 178 36.43 -62.72 -71.54
C LYS QA 178 34.95 -62.31 -71.57
N LEU QA 179 34.67 -61.21 -70.89
CA LEU QA 179 33.32 -60.64 -70.82
C LEU QA 179 32.84 -60.24 -72.21
N MET QA 180 33.68 -59.52 -72.94
CA MET QA 180 33.40 -59.11 -74.32
C MET QA 180 33.18 -60.30 -75.27
N ASN QA 181 33.96 -61.36 -75.05
CA ASN QA 181 33.84 -62.59 -75.85
C ASN QA 181 32.50 -63.27 -75.60
N ILE QA 182 32.11 -63.33 -74.32
CA ILE QA 182 30.80 -63.82 -73.90
C ILE QA 182 29.63 -63.16 -74.64
N MET QA 183 29.74 -61.87 -74.94
CA MET QA 183 28.65 -61.11 -75.58
C MET QA 183 28.23 -61.69 -76.93
N ASN QA 184 29.21 -62.06 -77.77
CA ASN QA 184 28.93 -62.60 -79.12
C ASN QA 184 29.67 -63.86 -79.59
N ASN QA 185 30.80 -64.22 -78.97
CA ASN QA 185 31.70 -65.24 -79.54
C ASN QA 185 31.50 -66.68 -79.04
N ASN QA 186 30.91 -66.86 -77.85
CA ASN QA 186 30.68 -68.21 -77.30
C ASN QA 186 29.60 -68.94 -78.10
N MET QA 187 30.01 -69.88 -78.94
CA MET QA 187 29.18 -70.45 -80.04
C MET QA 187 27.69 -70.57 -79.72
N ASN QA 188 27.34 -71.45 -78.78
CA ASN QA 188 25.96 -71.68 -78.36
C ASN QA 188 25.61 -70.82 -77.14
N ASN QA 189 26.57 -70.68 -76.24
CA ASN QA 189 26.37 -70.12 -74.91
C ASN QA 189 26.22 -68.61 -74.83
N ASN QA 190 26.68 -67.89 -75.86
CA ASN QA 190 26.73 -66.41 -75.85
C ASN QA 190 25.43 -65.69 -75.48
N LEU QA 191 25.62 -64.47 -74.96
CA LEU QA 191 24.54 -63.66 -74.39
C LEU QA 191 23.53 -63.22 -75.45
N CYS QA 192 24.03 -62.90 -76.65
CA CYS QA 192 23.19 -62.50 -77.79
C CYS QA 192 22.15 -63.56 -78.17
N ASN QA 193 22.58 -64.81 -78.16
CA ASN QA 193 21.73 -65.98 -78.41
C ASN QA 193 20.59 -66.05 -77.41
N ILE QA 194 20.93 -65.88 -76.14
CA ILE QA 194 19.95 -65.95 -75.04
C ILE QA 194 18.96 -64.78 -75.11
N LEU QA 195 19.45 -63.60 -75.49
CA LEU QA 195 18.58 -62.44 -75.74
C LEU QA 195 17.58 -62.69 -76.85
N SER QA 196 18.04 -63.33 -77.93
CA SER QA 196 17.21 -63.60 -79.11
C SER QA 196 15.87 -64.29 -78.79
N TYR QA 197 15.83 -65.10 -77.74
CA TYR QA 197 14.58 -65.71 -77.27
C TYR QA 197 13.53 -64.68 -76.80
N TYR QA 198 13.99 -63.60 -76.18
CA TYR QA 198 13.10 -62.55 -75.67
C TYR QA 198 12.51 -61.68 -76.79
N TYR QA 199 13.27 -61.48 -77.87
CA TYR QA 199 12.88 -60.61 -78.98
C TYR QA 199 12.32 -61.31 -80.23
N LYS QA 200 12.60 -62.62 -80.37
CA LYS QA 200 12.28 -63.40 -81.58
C LYS QA 200 12.94 -62.81 -82.85
N LYS QA 201 14.20 -62.42 -82.71
CA LYS QA 201 15.03 -61.97 -83.84
C LYS QA 201 16.49 -61.96 -83.42
N LYS QA 202 17.40 -62.08 -84.39
CA LYS QA 202 18.83 -62.19 -84.09
C LYS QA 202 19.38 -60.90 -83.49
N VAL QA 203 20.04 -61.04 -82.33
CA VAL QA 203 20.57 -59.91 -81.57
C VAL QA 203 22.07 -59.83 -81.79
N THR QA 204 22.61 -58.61 -81.79
CA THR QA 204 24.03 -58.36 -81.93
C THR QA 204 24.45 -57.25 -80.97
N ILE QA 205 25.21 -57.63 -79.95
CA ILE QA 205 25.77 -56.67 -78.99
C ILE QA 205 27.13 -56.21 -79.52
N GLU QA 206 27.28 -54.91 -79.79
CA GLU QA 206 28.60 -54.36 -80.15
C GLU QA 206 29.14 -53.42 -79.05
N PRO QA 207 30.19 -53.88 -78.31
CA PRO QA 207 30.93 -52.97 -77.44
C PRO QA 207 31.84 -52.05 -78.25
N ILE QA 208 31.97 -50.79 -77.80
CA ILE QA 208 32.92 -49.84 -78.39
C ILE QA 208 33.79 -49.28 -77.26
N LYS QA 209 35.11 -49.46 -77.38
CA LYS QA 209 36.04 -49.01 -76.35
C LYS QA 209 36.32 -47.52 -76.48
N LEU QA 210 36.25 -46.82 -75.35
CA LEU QA 210 36.71 -45.43 -75.26
C LEU QA 210 37.98 -45.39 -74.40
N SER QA 211 39.02 -44.75 -74.93
CA SER QA 211 40.32 -44.69 -74.28
C SER QA 211 40.36 -43.68 -73.13
N TYR QA 212 39.51 -42.65 -73.21
CA TYR QA 212 39.39 -41.64 -72.15
C TYR QA 212 38.07 -41.77 -71.42
N ILE QA 213 38.02 -41.18 -70.22
CA ILE QA 213 36.83 -41.22 -69.36
C ILE QA 213 35.79 -40.16 -69.74
N TYR QA 214 36.22 -39.14 -70.49
CA TYR QA 214 35.48 -37.88 -70.66
C TYR QA 214 35.01 -37.63 -72.11
N LEU QA 215 35.04 -38.68 -72.93
CA LEU QA 215 34.57 -38.60 -74.31
C LEU QA 215 33.05 -38.85 -74.37
N ASN QA 216 32.59 -39.79 -73.56
CA ASN QA 216 31.16 -39.99 -73.31
C ASN QA 216 30.81 -39.35 -71.97
N SER QA 217 29.64 -38.71 -71.91
CA SER QA 217 29.19 -38.00 -70.70
C SER QA 217 28.75 -38.94 -69.60
N ASP QA 218 28.01 -39.98 -69.99
CA ASP QA 218 27.45 -40.96 -69.05
C ASP QA 218 28.58 -41.70 -68.33
N ILE QA 219 29.55 -42.17 -69.12
CA ILE QA 219 30.73 -42.87 -68.62
C ILE QA 219 31.50 -42.02 -67.62
N PHE QA 220 31.72 -40.75 -67.99
CA PHE QA 220 32.41 -39.78 -67.16
C PHE QA 220 31.73 -39.64 -65.79
N SER QA 221 30.41 -39.43 -65.82
CA SER QA 221 29.63 -39.27 -64.60
C SER QA 221 29.59 -40.56 -63.77
N LYS QA 222 29.33 -41.67 -64.44
CA LYS QA 222 29.31 -43.00 -63.83
C LYS QA 222 30.63 -43.37 -63.16
N TYR QA 223 31.72 -43.17 -63.88
CA TYR QA 223 33.06 -43.48 -63.37
C TYR QA 223 33.35 -42.72 -62.09
N ILE QA 224 33.05 -41.43 -62.09
CA ILE QA 224 33.30 -40.57 -60.92
C ILE QA 224 32.43 -41.03 -59.76
N SER QA 225 31.17 -41.36 -60.03
CA SER QA 225 30.26 -41.91 -59.01
C SER QA 225 30.80 -43.16 -58.34
N LEU QA 226 31.30 -44.10 -59.16
CA LEU QA 226 31.70 -45.42 -58.69
C LEU QA 226 33.13 -45.47 -58.16
N ASN QA 227 34.08 -45.03 -58.99
CA ASN QA 227 35.51 -45.29 -58.76
C ASN QA 227 36.20 -44.30 -57.83
N ASP QA 228 35.96 -43.00 -58.05
CA ASP QA 228 36.70 -41.94 -57.36
C ASP QA 228 36.01 -41.41 -56.08
N MET QA 229 35.29 -42.29 -55.37
CA MET QA 229 34.62 -41.97 -54.10
C MET QA 229 35.52 -41.16 -53.15
N ASP QA 230 36.65 -41.76 -52.78
CA ASP QA 230 37.59 -41.19 -51.79
C ASP QA 230 38.04 -39.75 -52.08
N LYS QA 231 38.14 -39.39 -53.36
CA LYS QA 231 38.55 -38.03 -53.75
C LYS QA 231 37.55 -36.91 -53.42
N TYR QA 232 36.27 -37.24 -53.24
CA TYR QA 232 35.23 -36.22 -52.93
C TYR QA 232 34.29 -36.51 -51.74
N ASN QA 233 34.46 -37.65 -51.04
CA ASN QA 233 33.54 -38.05 -49.96
C ASN QA 233 33.56 -37.08 -48.76
N ASN QA 234 34.76 -36.75 -48.28
CA ASN QA 234 34.93 -35.67 -47.29
C ASN QA 234 34.75 -34.33 -47.99
N GLY QA 235 35.52 -34.16 -49.07
CA GLY QA 235 35.53 -32.94 -49.88
C GLY QA 235 36.43 -33.17 -51.07
N ILE QA 236 36.25 -32.36 -52.12
CA ILE QA 236 36.99 -32.57 -53.38
C ILE QA 236 38.47 -32.28 -53.12
N LEU QA 237 39.30 -33.31 -53.24
CA LEU QA 237 40.74 -33.17 -53.05
C LEU QA 237 41.31 -32.26 -54.13
N THR QA 238 42.37 -31.52 -53.77
CA THR QA 238 42.89 -30.41 -54.57
C THR QA 238 43.48 -30.90 -55.89
N ASN QA 239 44.29 -31.94 -55.80
CA ASN QA 239 44.94 -32.57 -56.96
C ASN QA 239 43.90 -33.08 -57.96
N TYR QA 240 42.90 -33.79 -57.45
CA TYR QA 240 41.80 -34.33 -58.25
C TYR QA 240 41.03 -33.25 -58.99
N GLN QA 241 40.76 -32.15 -58.28
CA GLN QA 241 40.10 -30.98 -58.85
C GLN QA 241 40.92 -30.36 -59.99
N ARG QA 242 42.21 -30.20 -59.73
CA ARG QA 242 43.18 -29.72 -60.75
C ARG QA 242 43.19 -30.58 -62.01
N MET QA 243 43.23 -31.90 -61.80
CA MET QA 243 43.16 -32.88 -62.89
C MET QA 243 41.89 -32.74 -63.71
N LEU QA 244 40.76 -32.61 -63.02
CA LEU QA 244 39.46 -32.36 -63.66
C LEU QA 244 39.47 -31.09 -64.51
N ASN QA 245 40.01 -30.01 -63.93
CA ASN QA 245 40.13 -28.72 -64.63
C ASN QA 245 40.95 -28.79 -65.89
N ASN QA 246 42.09 -29.48 -65.83
CA ASN QA 246 43.06 -29.52 -66.92
C ASN QA 246 43.07 -30.89 -67.62
N ILE QA 247 41.89 -31.32 -68.04
CA ILE QA 247 41.73 -32.48 -68.92
C ILE QA 247 42.16 -32.05 -70.33
N MET QA 248 41.49 -31.00 -70.83
CA MET QA 248 41.64 -30.50 -72.19
C MET QA 248 42.59 -29.29 -72.15
N PRO QA 249 43.17 -28.91 -73.31
CA PRO QA 249 44.22 -27.89 -73.32
C PRO QA 249 43.76 -26.44 -73.59
N LYS QA 250 42.51 -26.13 -73.24
CA LYS QA 250 41.90 -24.81 -73.51
C LYS QA 250 41.95 -24.43 -75.00
N LEU QA 251 41.11 -25.10 -75.78
CA LEU QA 251 41.05 -24.89 -77.23
C LEU QA 251 40.27 -23.62 -77.56
N ASN QA 252 40.86 -22.77 -78.39
CA ASN QA 252 40.15 -21.60 -78.93
C ASN QA 252 39.01 -22.04 -79.87
N ASP QA 253 37.84 -22.22 -79.28
CA ASP QA 253 36.66 -22.76 -79.98
C ASP QA 253 36.18 -21.87 -81.14
N HIS QA 254 36.31 -20.56 -80.96
CA HIS QA 254 36.00 -19.57 -82.00
C HIS QA 254 36.85 -19.81 -83.25
N ASN QA 255 38.15 -19.94 -83.03
CA ASN QA 255 39.11 -20.17 -84.10
C ASN QA 255 38.81 -21.44 -84.89
N ILE QA 256 38.51 -22.51 -84.17
CA ILE QA 256 38.27 -23.84 -84.75
C ILE QA 256 37.03 -23.85 -85.64
N SER QA 257 35.93 -23.31 -85.09
CA SER QA 257 34.67 -23.18 -85.81
C SER QA 257 34.83 -22.36 -87.10
N MET QA 258 35.55 -21.25 -86.98
CA MET QA 258 35.84 -20.37 -88.12
C MET QA 258 36.64 -21.09 -89.20
N ASN QA 259 37.67 -21.83 -88.78
CA ASN QA 259 38.48 -22.64 -89.68
C ASN QA 259 37.67 -23.69 -90.43
N TYR QA 260 36.80 -24.38 -89.68
CA TYR QA 260 35.86 -25.36 -90.24
C TYR QA 260 34.96 -24.75 -91.32
N ILE QA 261 34.43 -23.57 -91.02
CA ILE QA 261 33.58 -22.80 -91.94
C ILE QA 261 34.34 -22.43 -93.21
N ASN QA 262 35.56 -21.95 -93.04
CA ASN QA 262 36.46 -21.63 -94.16
C ASN QA 262 36.73 -22.82 -95.06
N ASN QA 263 36.99 -23.96 -94.42
CA ASN QA 263 37.20 -25.24 -95.12
C ASN QA 263 35.98 -25.66 -95.95
N ILE QA 264 34.80 -25.51 -95.35
CA ILE QA 264 33.51 -25.80 -96.01
C ILE QA 264 33.33 -24.90 -97.23
N ASN QA 265 33.57 -23.60 -97.05
CA ASN QA 265 33.53 -22.62 -98.15
C ASN QA 265 34.45 -23.00 -99.30
N ASN QA 266 35.68 -23.36 -98.96
CA ASN QA 266 36.69 -23.81 -99.95
C ASN QA 266 36.23 -25.03 -100.74
N ILE QA 267 35.66 -26.00 -100.02
CA ILE QA 267 35.07 -27.20 -100.62
C ILE QA 267 33.96 -26.84 -101.61
N ASN QA 268 33.05 -25.97 -101.18
CA ASN QA 268 31.95 -25.48 -102.02
C ASN QA 268 32.44 -24.80 -103.29
N ASN QA 269 33.44 -23.93 -103.13
CA ASN QA 269 34.10 -23.26 -104.25
C ASN QA 269 34.71 -24.26 -105.24
N ASN QA 270 35.39 -25.27 -104.70
CA ASN QA 270 36.00 -26.33 -105.50
C ASN QA 270 34.97 -27.06 -106.34
N LYS QA 271 33.85 -27.45 -105.73
CA LYS QA 271 32.77 -28.13 -106.44
C LYS QA 271 32.18 -27.24 -107.53
N TYR QA 272 31.94 -25.98 -107.17
CA TYR QA 272 31.45 -24.96 -108.11
C TYR QA 272 32.40 -24.77 -109.28
N ASN QA 273 33.69 -24.64 -108.97
CA ASN QA 273 34.74 -24.54 -109.99
C ASN QA 273 34.75 -25.72 -110.96
N ASN QA 274 34.63 -26.92 -110.41
CA ASN QA 274 34.54 -28.16 -111.21
C ASN QA 274 33.33 -28.13 -112.14
N MET QA 275 32.18 -27.74 -111.60
CA MET QA 275 30.94 -27.60 -112.38
C MET QA 275 31.11 -26.62 -113.54
N ILE QA 276 31.72 -25.47 -113.24
CA ILE QA 276 32.06 -24.46 -114.25
C ILE QA 276 32.93 -25.04 -115.37
N ASN QA 277 33.98 -25.77 -114.96
CA ASN QA 277 34.92 -26.40 -115.91
C ASN QA 277 34.22 -27.39 -116.83
N LEU QA 278 33.32 -28.19 -116.25
CA LEU QA 278 32.49 -29.15 -117.00
C LEU QA 278 31.63 -28.44 -118.04
N LEU QA 279 30.99 -27.36 -117.60
CA LEU QA 279 30.14 -26.55 -118.47
C LEU QA 279 30.92 -25.72 -119.50
N ASN QA 280 32.20 -25.46 -119.22
CA ASN QA 280 33.10 -24.71 -120.11
C ASN QA 280 32.67 -23.26 -120.30
N ASN QA 295 16.30 -29.35 -123.01
CA ASN QA 295 16.11 -29.05 -121.60
C ASN QA 295 16.41 -30.28 -120.72
N ASN QA 296 17.68 -30.41 -120.33
CA ASN QA 296 18.13 -31.50 -119.46
C ASN QA 296 19.29 -31.03 -118.59
N ASN QA 297 19.27 -31.42 -117.31
CA ASN QA 297 20.20 -30.92 -116.30
C ASN QA 297 21.25 -31.96 -115.89
N TYR QA 298 21.89 -32.57 -116.89
CA TYR QA 298 22.98 -33.51 -116.68
C TYR QA 298 24.31 -32.82 -116.97
N ILE QA 299 25.24 -32.90 -116.01
CA ILE QA 299 26.57 -32.31 -116.13
C ILE QA 299 27.50 -33.39 -116.73
N GLY QA 300 28.82 -33.20 -116.66
CA GLY QA 300 29.77 -34.22 -117.14
C GLY QA 300 29.84 -35.47 -116.28
N ASN QA 301 30.97 -36.17 -116.37
CA ASN QA 301 31.18 -37.42 -115.63
C ASN QA 301 31.49 -37.14 -114.17
N ILE QA 302 31.37 -38.17 -113.32
CA ILE QA 302 31.52 -38.01 -111.86
C ILE QA 302 32.95 -37.63 -111.48
N ASN QA 303 33.92 -38.32 -112.07
CA ASN QA 303 35.36 -38.01 -111.88
C ASN QA 303 35.72 -36.53 -112.04
N ASN QA 304 35.11 -35.86 -113.00
CA ASN QA 304 35.40 -34.45 -113.28
C ASN QA 304 34.63 -33.46 -112.37
N ILE QA 305 33.45 -33.87 -111.86
CA ILE QA 305 32.67 -33.05 -110.91
C ILE QA 305 33.40 -33.02 -109.57
N TYR QA 306 33.75 -34.21 -109.09
CA TYR QA 306 34.47 -34.40 -107.83
C TYR QA 306 35.94 -34.61 -108.16
N ASN QA 307 36.58 -33.56 -108.68
CA ASN QA 307 37.95 -33.64 -109.19
C ASN QA 307 38.99 -33.82 -108.07
N ASN QA 308 38.96 -32.91 -107.10
CA ASN QA 308 39.87 -32.94 -105.96
C ASN QA 308 39.24 -33.56 -104.69
N MET QA 309 37.99 -34.02 -104.79
CA MET QA 309 37.23 -34.52 -103.65
C MET QA 309 37.49 -36.01 -103.45
N THR QA 310 37.93 -36.38 -102.24
CA THR QA 310 38.37 -37.75 -101.95
C THR QA 310 38.06 -38.13 -100.48
N ILE QA 311 38.37 -39.37 -100.13
CA ILE QA 311 38.17 -39.86 -98.74
C ILE QA 311 39.25 -39.28 -97.82
N ASP QA 312 40.44 -39.03 -98.38
CA ASP QA 312 41.57 -38.49 -97.63
C ASP QA 312 41.38 -37.02 -97.22
N ASN QA 313 40.73 -36.25 -98.09
CA ASN QA 313 40.59 -34.80 -97.90
C ASN QA 313 39.37 -34.39 -97.07
N ILE QA 314 38.19 -34.75 -97.57
CA ILE QA 314 36.92 -34.17 -97.13
C ILE QA 314 36.36 -34.68 -95.77
N PRO QA 315 36.06 -35.99 -95.66
CA PRO QA 315 35.31 -36.56 -94.51
C PRO QA 315 35.69 -36.05 -93.12
N MET QA 316 36.98 -35.98 -92.83
CA MET QA 316 37.48 -35.64 -91.49
C MET QA 316 37.31 -34.15 -91.17
N ASP QA 317 37.47 -33.30 -92.18
CA ASP QA 317 37.19 -31.86 -92.03
C ASP QA 317 35.70 -31.61 -91.79
N ILE QA 318 34.86 -32.29 -92.59
CA ILE QA 318 33.39 -32.18 -92.48
C ILE QA 318 32.85 -32.70 -91.13
N LEU QA 319 33.48 -33.75 -90.58
CA LEU QA 319 33.08 -34.32 -89.28
C LEU QA 319 32.85 -33.20 -88.26
N MET QA 320 31.60 -33.09 -87.78
CA MET QA 320 31.16 -31.91 -87.00
C MET QA 320 31.80 -31.85 -85.62
N TYR QA 321 31.35 -32.71 -84.71
CA TYR QA 321 31.78 -32.64 -83.31
C TYR QA 321 33.08 -33.42 -83.22
N LYS QA 322 34.15 -32.78 -82.78
CA LYS QA 322 35.44 -33.45 -82.51
C LYS QA 322 36.18 -33.02 -81.25
N TYR QA 323 35.84 -31.85 -80.70
CA TYR QA 323 36.68 -31.16 -79.72
C TYR QA 323 35.87 -30.78 -78.51
N LEU QA 324 36.15 -31.44 -77.38
CA LEU QA 324 35.56 -31.09 -76.10
C LEU QA 324 35.97 -29.65 -75.75
N VAL QA 325 35.12 -28.70 -76.11
CA VAL QA 325 35.41 -27.27 -75.91
C VAL QA 325 35.29 -26.90 -74.43
N GLY QA 326 34.14 -27.19 -73.85
CA GLY QA 326 33.84 -26.84 -72.46
C GLY QA 326 33.04 -27.92 -71.75
N TRP QA 327 33.23 -28.01 -70.44
CA TRP QA 327 32.55 -29.01 -69.63
C TRP QA 327 32.32 -28.56 -68.20
N SER QA 328 31.20 -28.99 -67.65
CA SER QA 328 30.83 -28.72 -66.26
C SER QA 328 30.51 -30.02 -65.55
N ILE QA 329 31.06 -30.18 -64.35
CA ILE QA 329 30.81 -31.36 -63.52
C ILE QA 329 30.37 -30.86 -62.14
N LYS QA 330 29.21 -31.36 -61.69
CA LYS QA 330 28.64 -30.99 -60.40
C LYS QA 330 28.55 -32.22 -59.50
N PHE QA 331 29.12 -32.11 -58.30
CA PHE QA 331 28.92 -33.09 -57.24
C PHE QA 331 27.86 -32.49 -56.31
N LYS QA 332 26.92 -33.31 -55.86
CA LYS QA 332 25.83 -32.82 -55.00
C LYS QA 332 25.35 -33.88 -54.02
N GLY QA 333 24.99 -33.44 -52.82
CA GLY QA 333 24.49 -34.32 -51.76
C GLY QA 333 25.32 -34.24 -50.50
N ARG QA 334 25.21 -35.25 -49.66
CA ARG QA 334 25.96 -35.33 -48.40
C ARG QA 334 27.39 -35.80 -48.66
N LEU QA 335 28.22 -34.88 -49.12
CA LEU QA 335 29.64 -35.10 -49.36
C LEU QA 335 30.44 -34.22 -48.39
N SER QA 336 30.18 -34.44 -47.11
CA SER QA 336 30.84 -33.71 -46.02
C SER QA 336 30.55 -34.46 -44.72
N ASN QA 337 31.60 -34.98 -44.10
CA ASN QA 337 31.45 -35.83 -42.92
C ASN QA 337 31.07 -35.09 -41.66
N ASN QA 338 31.72 -33.94 -41.46
CA ASN QA 338 31.43 -33.09 -40.31
C ASN QA 338 30.06 -32.43 -40.42
N ASN QA 339 29.76 -31.89 -41.61
CA ASN QA 339 28.51 -31.15 -41.84
C ASN QA 339 27.31 -32.08 -42.01
N GLY QA 340 26.18 -31.67 -41.45
CA GLY QA 340 24.89 -32.34 -41.66
C GLY QA 340 24.22 -31.94 -42.96
N ARG QA 341 24.44 -30.70 -43.38
CA ARG QA 341 23.85 -30.14 -44.61
C ARG QA 341 24.50 -30.71 -45.89
N THR QA 342 23.88 -30.40 -47.02
CA THR QA 342 24.36 -30.82 -48.34
C THR QA 342 25.47 -29.88 -48.86
N SER QA 343 26.06 -30.26 -49.98
CA SER QA 343 27.13 -29.46 -50.60
C SER QA 343 27.12 -29.58 -52.13
N THR QA 344 26.58 -28.55 -52.79
CA THR QA 344 26.66 -28.43 -54.25
C THR QA 344 28.05 -27.90 -54.58
N THR QA 345 28.85 -28.68 -55.31
CA THR QA 345 30.18 -28.25 -55.74
C THR QA 345 30.32 -28.43 -57.24
N ASN QA 346 30.59 -27.32 -57.94
CA ASN QA 346 30.60 -27.27 -59.40
C ASN QA 346 31.97 -26.93 -59.95
N LEU QA 347 32.44 -27.72 -60.91
CA LEU QA 347 33.66 -27.43 -61.68
C LEU QA 347 33.22 -27.03 -63.08
N LEU QA 348 33.69 -25.88 -63.54
CA LEU QA 348 33.35 -25.32 -64.85
C LEU QA 348 34.61 -25.07 -65.68
N ASN QA 349 34.56 -25.44 -66.96
CA ASN QA 349 35.66 -25.18 -67.91
C ASN QA 349 35.13 -24.87 -69.29
N GLY QA 350 35.93 -24.13 -70.06
CA GLY QA 350 35.62 -23.79 -71.46
C GLY QA 350 34.31 -23.06 -71.64
N THR QA 351 33.61 -23.38 -72.74
CA THR QA 351 32.32 -22.78 -73.05
C THR QA 351 31.30 -23.79 -73.58
N PHE QA 352 30.03 -23.46 -73.38
CA PHE QA 352 28.89 -24.30 -73.78
C PHE QA 352 28.08 -23.74 -74.95
N ASN QA 353 28.44 -22.57 -75.46
CA ASN QA 353 27.90 -22.08 -76.72
C ASN QA 353 28.74 -22.61 -77.88
N ASN QA 354 28.11 -22.82 -79.03
CA ASN QA 354 28.81 -23.25 -80.24
C ASN QA 354 28.80 -22.11 -81.26
N LYS QA 355 29.99 -21.78 -81.77
CA LYS QA 355 30.18 -20.66 -82.70
C LYS QA 355 30.15 -21.09 -84.18
N LYS QA 356 30.03 -22.39 -84.45
CA LYS QA 356 29.78 -22.89 -85.80
C LYS QA 356 28.36 -22.53 -86.28
N TYR QA 357 27.40 -22.54 -85.36
CA TYR QA 357 26.01 -22.17 -85.68
C TYR QA 357 25.79 -20.65 -85.72
N LEU QA 358 26.67 -19.89 -85.09
CA LEU QA 358 26.49 -18.44 -84.90
C LEU QA 358 26.64 -17.65 -86.21
N TRP QA 359 27.67 -17.99 -87.00
CA TRP QA 359 27.92 -17.31 -88.28
C TRP QA 359 28.15 -18.29 -89.44
N SER QA 360 27.10 -19.05 -89.76
CA SER QA 360 27.13 -19.95 -90.93
C SER QA 360 25.76 -20.54 -91.28
N ASN QA 361 25.72 -21.25 -92.41
CA ASN QA 361 24.52 -21.93 -92.89
C ASN QA 361 24.05 -23.07 -91.98
N ILE QA 362 24.98 -23.73 -91.29
CA ILE QA 362 24.63 -24.83 -90.38
C ILE QA 362 23.86 -24.23 -89.20
N ASN QA 363 22.71 -24.84 -88.88
CA ASN QA 363 21.92 -24.46 -87.73
C ASN QA 363 22.00 -25.49 -86.61
N ASN QA 364 21.81 -25.03 -85.38
CA ASN QA 364 21.71 -25.88 -84.21
C ASN QA 364 20.41 -26.66 -84.25
N ASN QA 365 20.41 -27.88 -83.70
CA ASN QA 365 19.19 -28.67 -83.56
C ASN QA 365 19.07 -29.22 -82.15
N TYR QA 366 17.83 -29.53 -81.75
CA TYR QA 366 17.53 -29.88 -80.36
C TYR QA 366 17.09 -31.34 -80.21
N LYS QA 367 17.80 -32.07 -79.36
CA LYS QA 367 17.57 -33.49 -79.12
C LYS QA 367 16.44 -33.63 -78.11
N LEU QA 368 15.41 -34.39 -78.48
CA LEU QA 368 14.12 -34.42 -77.77
C LEU QA 368 13.50 -33.01 -77.61
N ASN QA 369 13.79 -32.12 -78.57
CA ASN QA 369 13.36 -30.71 -78.54
C ASN QA 369 13.71 -29.91 -77.26
N TYR QA 370 14.82 -30.25 -76.60
CA TYR QA 370 15.28 -29.48 -75.43
C TYR QA 370 16.77 -29.51 -75.06
N ILE QA 371 17.60 -30.26 -75.79
CA ILE QA 371 19.03 -30.34 -75.54
C ILE QA 371 19.75 -29.97 -76.84
N PRO QA 372 20.48 -28.84 -76.86
CA PRO QA 372 21.30 -28.48 -78.02
C PRO QA 372 22.18 -29.65 -78.46
N SER QA 373 22.16 -29.97 -79.75
CA SER QA 373 22.77 -31.21 -80.26
C SER QA 373 24.17 -31.43 -79.71
N ASN QA 374 25.00 -30.41 -79.83
CA ASN QA 374 26.38 -30.45 -79.32
C ASN QA 374 26.52 -30.83 -77.82
N HIS QA 375 25.61 -30.36 -76.97
CA HIS QA 375 25.58 -30.74 -75.55
C HIS QA 375 25.35 -32.24 -75.37
N ASN QA 376 25.86 -32.79 -74.27
CA ASN QA 376 25.37 -34.07 -73.75
C ASN QA 376 25.49 -34.15 -72.23
N LEU QA 377 24.34 -34.26 -71.58
CA LEU QA 377 24.21 -34.14 -70.13
C LEU QA 377 23.92 -35.51 -69.57
N TYR QA 378 24.44 -35.79 -68.37
CA TYR QA 378 24.12 -37.04 -67.68
C TYR QA 378 24.44 -36.96 -66.19
N ASN QA 379 23.80 -37.83 -65.42
CA ASN QA 379 24.10 -38.00 -64.00
C ASN QA 379 24.01 -39.46 -63.55
N ASN QA 380 24.68 -39.75 -62.45
CA ASN QA 380 24.72 -41.08 -61.86
C ASN QA 380 24.84 -40.95 -60.35
N SER QA 381 23.95 -41.64 -59.62
CA SER QA 381 23.78 -41.41 -58.18
C SER QA 381 24.13 -42.62 -57.33
N ASN QA 382 25.39 -42.69 -56.88
CA ASN QA 382 25.86 -43.75 -55.99
C ASN QA 382 25.47 -43.39 -54.55
N ILE QA 383 25.16 -44.41 -53.74
CA ILE QA 383 24.86 -44.24 -52.32
C ILE QA 383 26.15 -44.28 -51.50
N ASN QA 384 26.22 -43.41 -50.49
CA ASN QA 384 27.37 -43.27 -49.58
C ASN QA 384 27.01 -43.85 -48.20
N LYS QA 385 27.95 -43.77 -47.26
CA LYS QA 385 27.65 -44.03 -45.84
C LYS QA 385 26.64 -43.04 -45.29
N ASN QA 386 26.84 -41.76 -45.62
CA ASN QA 386 25.96 -40.68 -45.18
C ASN QA 386 24.56 -40.70 -45.82
N GLY QA 387 24.47 -41.22 -47.05
CA GLY QA 387 23.21 -41.27 -47.79
C GLY QA 387 23.43 -41.13 -49.28
N LYS QA 388 22.42 -40.61 -49.98
CA LYS QA 388 22.45 -40.51 -51.44
C LYS QA 388 23.17 -39.25 -51.92
N TYR QA 389 23.88 -39.37 -53.03
CA TYR QA 389 24.52 -38.25 -53.71
C TYR QA 389 24.52 -38.55 -55.21
N ASN QA 390 24.79 -37.54 -56.04
CA ASN QA 390 24.95 -37.75 -57.49
C ASN QA 390 26.02 -36.85 -58.10
N ILE QA 391 26.31 -37.11 -59.38
CA ILE QA 391 27.38 -36.43 -60.10
C ILE QA 391 26.93 -36.08 -61.51
N LYS QA 392 26.43 -34.85 -61.69
CA LYS QA 392 26.11 -34.33 -63.02
C LYS QA 392 27.40 -34.10 -63.80
N VAL QA 393 27.38 -34.47 -65.07
CA VAL QA 393 28.43 -34.12 -66.03
C VAL QA 393 27.73 -33.51 -67.24
N LYS QA 394 28.40 -32.54 -67.87
CA LYS QA 394 27.87 -31.85 -69.04
C LYS QA 394 29.04 -31.39 -69.89
N LEU QA 395 29.17 -31.96 -71.09
CA LEU QA 395 30.24 -31.64 -72.03
C LEU QA 395 29.63 -30.89 -73.21
N ASN QA 396 30.46 -30.17 -73.96
CA ASN QA 396 29.97 -29.31 -75.06
C ASN QA 396 30.24 -29.81 -76.48
N PHE QA 397 31.46 -30.24 -76.75
CA PHE QA 397 31.84 -30.76 -78.08
C PHE QA 397 31.52 -29.81 -79.25
N ILE QA 398 32.29 -28.74 -79.34
CA ILE QA 398 32.21 -27.72 -80.41
C ILE QA 398 30.93 -27.77 -81.27
N PRO RA 2 79.09 -39.63 -21.76
CA PRO RA 2 78.52 -38.98 -22.93
C PRO RA 2 77.20 -39.59 -23.38
N ARG RA 3 76.61 -39.01 -24.43
CA ARG RA 3 75.34 -39.48 -24.98
C ARG RA 3 75.52 -40.88 -25.58
N LYS RA 4 74.63 -41.80 -25.24
CA LYS RA 4 74.79 -43.21 -25.62
C LYS RA 4 74.57 -43.44 -27.11
N ALA RA 5 75.34 -44.36 -27.67
CA ALA RA 5 75.26 -44.73 -29.08
C ALA RA 5 74.05 -45.63 -29.29
N ASN RA 6 73.10 -45.16 -30.10
CA ASN RA 6 71.86 -45.90 -30.35
C ASN RA 6 71.21 -45.47 -31.67
N LEU RA 7 71.17 -46.40 -32.63
CA LEU RA 7 70.64 -46.16 -33.97
C LEU RA 7 71.37 -45.03 -34.70
N LEU RA 8 72.70 -45.04 -34.59
CA LEU RA 8 73.55 -44.05 -35.24
C LEU RA 8 73.60 -44.23 -36.76
N LYS RA 9 73.44 -45.46 -37.23
CA LYS RA 9 73.59 -45.79 -38.65
C LYS RA 9 72.34 -46.49 -39.22
N SER RA 10 71.16 -45.98 -38.84
CA SER RA 10 69.90 -46.40 -39.44
C SER RA 10 69.78 -45.79 -40.83
N LEU RA 11 68.91 -46.37 -41.67
CA LEU RA 11 68.68 -45.88 -43.02
C LEU RA 11 67.46 -44.97 -43.14
N ALA RA 12 66.44 -45.21 -42.31
CA ALA RA 12 65.24 -44.37 -42.28
C ALA RA 12 65.51 -42.96 -41.76
N ARG RA 13 66.59 -42.79 -41.00
CA ARG RA 13 67.19 -41.49 -40.73
C ARG RA 13 68.54 -41.50 -41.41
N GLY RA 14 68.66 -40.77 -42.53
CA GLY RA 14 69.90 -40.74 -43.31
C GLY RA 14 70.94 -39.85 -42.66
N ARG RA 15 71.32 -40.19 -41.43
CA ARG RA 15 72.25 -39.39 -40.64
C ARG RA 15 73.65 -39.84 -41.00
N VAL RA 16 74.50 -38.88 -41.35
CA VAL RA 16 75.86 -39.16 -41.79
C VAL RA 16 76.75 -38.94 -40.57
N ARG RA 17 77.16 -40.04 -39.94
CA ARG RA 17 78.05 -40.01 -38.78
C ARG RA 17 79.51 -39.98 -39.18
N THR RA 18 80.36 -39.64 -38.22
CA THR RA 18 81.82 -39.74 -38.36
C THR RA 18 82.24 -41.19 -38.13
N SER RA 19 82.30 -41.95 -39.23
CA SER RA 19 82.70 -43.36 -39.19
C SER RA 19 83.03 -43.85 -40.59
N PHE RA 20 83.61 -45.05 -40.67
CA PHE RA 20 83.83 -45.72 -41.95
C PHE RA 20 82.86 -46.89 -42.15
N ASN RA 21 81.71 -46.86 -41.47
CA ASN RA 21 80.79 -47.99 -41.53
C ASN RA 21 80.09 -48.07 -42.88
N LYS RA 22 79.80 -49.30 -43.28
CA LYS RA 22 79.12 -49.61 -44.54
C LYS RA 22 77.73 -48.96 -44.62
N TYR RA 23 77.01 -49.00 -43.51
CA TYR RA 23 75.68 -48.40 -43.40
C TYR RA 23 75.77 -46.88 -43.42
N ASN RA 24 76.79 -46.36 -42.76
CA ASN RA 24 77.10 -44.93 -42.79
C ASN RA 24 77.44 -44.44 -44.20
N LEU RA 25 78.26 -45.22 -44.91
CA LEU RA 25 78.61 -44.95 -46.30
C LEU RA 25 77.38 -44.89 -47.19
N PHE RA 26 76.49 -45.86 -47.02
CA PHE RA 26 75.25 -45.90 -47.80
C PHE RA 26 74.38 -44.68 -47.52
N ASN RA 27 74.25 -44.33 -46.24
CA ASN RA 27 73.53 -43.12 -45.82
C ASN RA 27 74.07 -41.86 -46.48
N LEU RA 28 75.39 -41.74 -46.48
CA LEU RA 28 76.10 -40.62 -47.15
C LEU RA 28 75.74 -40.59 -48.63
N TYR RA 29 75.82 -41.76 -49.27
CA TYR RA 29 75.55 -41.94 -50.69
C TYR RA 29 74.14 -41.47 -51.10
N LYS RA 30 73.13 -41.99 -50.40
CA LYS RA 30 71.73 -41.83 -50.82
C LYS RA 30 71.02 -40.59 -50.24
N LYS RA 31 71.74 -39.76 -49.49
CA LYS RA 31 71.14 -38.55 -48.89
C LYS RA 31 70.94 -37.44 -49.92
N GLY RA 32 71.93 -37.25 -50.81
CA GLY RA 32 71.95 -36.12 -51.73
C GLY RA 32 72.34 -34.88 -50.96
N GLY RA 33 71.45 -33.88 -50.94
CA GLY RA 33 71.61 -32.71 -50.08
C GLY RA 33 70.79 -32.87 -48.82
N VAL RA 34 70.67 -31.79 -48.06
CA VAL RA 34 69.63 -31.69 -47.02
C VAL RA 34 68.61 -30.71 -47.61
N ASP RA 35 67.35 -31.12 -47.67
CA ASP RA 35 66.31 -30.30 -48.27
C ASP RA 35 65.83 -29.28 -47.24
N LEU RA 36 65.98 -28.00 -47.59
CA LEU RA 36 65.53 -26.89 -46.76
C LEU RA 36 64.38 -26.12 -47.41
N LYS RA 37 63.85 -26.66 -48.51
CA LYS RA 37 62.74 -26.04 -49.25
C LYS RA 37 61.42 -26.43 -48.59
N SER RA 38 60.42 -25.55 -48.75
CA SER RA 38 59.07 -25.75 -48.21
C SER RA 38 59.02 -25.84 -46.67
N LYS RA 39 60.00 -25.22 -46.00
CA LYS RA 39 60.10 -25.22 -44.55
C LYS RA 39 60.06 -23.79 -44.02
N SER RA 40 59.60 -23.63 -42.79
CA SER RA 40 59.74 -22.36 -42.07
C SER RA 40 61.20 -22.16 -41.71
N LEU RA 41 61.54 -20.99 -41.20
CA LEU RA 41 62.91 -20.71 -40.78
C LEU RA 41 63.31 -21.67 -39.66
N TYR RA 42 62.46 -21.78 -38.65
CA TYR RA 42 62.69 -22.68 -37.52
C TYR RA 42 62.89 -24.12 -37.94
N GLN RA 43 62.01 -24.59 -38.82
CA GLN RA 43 62.09 -25.96 -39.36
C GLN RA 43 63.41 -26.21 -40.07
N GLN RA 44 63.83 -25.26 -40.90
CA GLN RA 44 65.15 -25.30 -41.56
C GLN RA 44 66.29 -25.41 -40.56
N LYS RA 45 66.23 -24.57 -39.52
CA LYS RA 45 67.23 -24.57 -38.44
C LYS RA 45 67.31 -25.91 -37.72
N TRP RA 46 66.12 -26.49 -37.48
CA TRP RA 46 66.02 -27.80 -36.86
C TRP RA 46 66.66 -28.89 -37.69
N THR RA 47 66.36 -28.89 -38.99
CA THR RA 47 66.90 -29.88 -39.93
C THR RA 47 68.41 -29.77 -40.08
N ALA RA 48 68.91 -28.54 -40.02
CA ALA RA 48 70.35 -28.27 -40.01
C ALA RA 48 71.00 -28.87 -38.77
N LYS RA 49 70.41 -28.57 -37.61
CA LYS RA 49 70.85 -29.10 -36.32
C LYS RA 49 70.90 -30.62 -36.34
N GLN RA 50 69.83 -31.24 -36.83
CA GLN RA 50 69.74 -32.70 -36.98
C GLN RA 50 70.89 -33.28 -37.76
N GLU RA 51 71.13 -32.73 -38.96
CA GLU RA 51 72.13 -33.26 -39.86
C GLU RA 51 73.53 -32.95 -39.39
N THR RA 52 73.78 -31.67 -39.11
CA THR RA 52 75.12 -31.21 -38.81
C THR RA 52 75.63 -31.78 -37.48
N ARG RA 53 74.79 -31.85 -36.45
CA ARG RA 53 75.23 -32.41 -35.17
C ARG RA 53 75.37 -33.92 -35.17
N ALA RA 54 74.67 -34.61 -36.08
CA ALA RA 54 74.83 -36.05 -36.24
C ALA RA 54 76.27 -36.41 -36.65
N TYR RA 55 76.83 -35.62 -37.57
CA TYR RA 55 78.23 -35.78 -37.95
C TYR RA 55 79.17 -35.23 -36.87
N HIS RA 56 78.96 -33.97 -36.51
CA HIS RA 56 79.86 -33.26 -35.59
C HIS RA 56 79.44 -33.43 -34.12
N GLY RA 57 79.95 -34.49 -33.49
CA GLY RA 57 79.79 -34.69 -32.06
C GLY RA 57 78.44 -35.24 -31.66
N GLU RA 58 78.12 -36.44 -32.14
CA GLU RA 58 76.91 -37.15 -31.73
C GLU RA 58 77.01 -37.67 -30.29
N HIS RA 59 78.22 -37.97 -29.85
CA HIS RA 59 78.47 -38.41 -28.46
C HIS RA 59 78.27 -37.29 -27.44
N LEU RA 60 78.49 -36.04 -27.85
CA LEU RA 60 78.32 -34.89 -26.96
C LEU RA 60 76.85 -34.67 -26.60
N THR RA 61 76.59 -34.37 -25.33
CA THR RA 61 75.26 -33.94 -24.90
C THR RA 61 75.00 -32.52 -25.41
N GLU RA 62 73.72 -32.22 -25.63
CA GLU RA 62 73.30 -30.94 -26.21
C GLU RA 62 73.73 -29.74 -25.38
N LYS RA 63 73.48 -29.82 -24.08
CA LYS RA 63 73.86 -28.75 -23.13
C LYS RA 63 75.36 -28.54 -23.08
N ARG RA 64 76.08 -29.67 -23.04
CA ARG RA 64 77.54 -29.66 -23.06
C ARG RA 64 78.05 -29.00 -24.33
N TRP RA 65 77.54 -29.44 -25.47
CA TRP RA 65 77.87 -28.86 -26.78
C TRP RA 65 77.66 -27.35 -26.79
N GLN RA 66 76.48 -26.94 -26.34
CA GLN RA 66 76.10 -25.51 -26.27
C GLN RA 66 77.13 -24.72 -25.48
N THR RA 67 77.54 -25.27 -24.34
CA THR RA 67 78.57 -24.67 -23.49
C THR RA 67 79.90 -24.53 -24.22
N VAL RA 68 80.32 -25.56 -24.94
CA VAL RA 68 81.60 -25.52 -25.68
C VAL RA 68 81.49 -24.63 -26.94
N PHE RA 69 80.31 -24.62 -27.57
CA PHE RA 69 80.10 -23.89 -28.84
C PHE RA 69 80.55 -22.43 -28.76
N LYS RA 70 81.46 -22.05 -29.65
CA LYS RA 70 81.98 -20.68 -29.75
C LYS RA 70 81.27 -19.94 -30.88
N PRO RA 71 80.78 -18.71 -30.61
CA PRO RA 71 80.30 -17.86 -31.70
C PRO RA 71 81.41 -17.31 -32.61
N LYS RA 72 82.49 -16.81 -32.01
CA LYS RA 72 83.57 -16.15 -32.75
C LYS RA 72 84.33 -17.14 -33.63
N LEU RA 73 83.96 -17.18 -34.91
CA LEU RA 73 84.62 -18.03 -35.91
C LEU RA 73 85.95 -17.40 -36.34
N ASP RA 74 86.76 -18.19 -37.04
CA ASP RA 74 88.12 -17.79 -37.42
C ASP RA 74 88.35 -17.89 -38.93
N SER RA 75 89.33 -17.14 -39.41
CA SER RA 75 89.61 -17.01 -40.84
C SER RA 75 90.99 -16.41 -41.09
N VAL RA 76 91.42 -16.44 -42.35
CA VAL RA 76 92.76 -15.97 -42.75
C VAL RA 76 92.69 -15.12 -44.03
N ALA RA 77 93.31 -13.94 -43.98
CA ALA RA 77 93.39 -13.04 -45.13
C ALA RA 77 94.67 -13.30 -45.92
N GLN RA 78 94.52 -13.65 -47.19
CA GLN RA 78 95.67 -13.97 -48.06
C GLN RA 78 96.47 -12.75 -48.52
N LEU RA 79 95.82 -11.58 -48.56
CA LEU RA 79 96.45 -10.30 -48.95
C LEU RA 79 97.29 -10.34 -50.25
N ASP RA 80 96.78 -11.08 -51.24
CA ASP RA 80 97.41 -11.20 -52.56
C ASP RA 80 96.46 -10.68 -53.64
N ILE RA 88 88.12 -13.09 -57.15
CA ILE RA 88 88.51 -14.23 -56.31
C ILE RA 88 87.30 -14.91 -55.66
N LYS RA 89 87.51 -16.11 -55.13
CA LYS RA 89 86.46 -16.88 -54.48
C LYS RA 89 86.11 -16.31 -53.09
N GLU RA 90 84.92 -16.65 -52.61
CA GLU RA 90 84.40 -16.17 -51.34
C GLU RA 90 84.62 -17.20 -50.25
N THR RA 91 85.25 -16.78 -49.14
CA THR RA 91 85.55 -17.69 -48.02
C THR RA 91 84.25 -18.20 -47.35
N PRO RA 92 84.19 -19.50 -47.01
CA PRO RA 92 83.01 -20.03 -46.34
C PRO RA 92 83.20 -19.95 -44.82
N PHE RA 93 82.92 -18.76 -44.27
CA PHE RA 93 83.10 -18.50 -42.84
C PHE RA 93 82.39 -19.52 -41.97
N LEU RA 94 81.10 -19.71 -42.23
CA LEU RA 94 80.22 -20.47 -41.32
C LEU RA 94 80.36 -22.00 -41.38
N LEU RA 95 81.22 -22.52 -42.26
CA LEU RA 95 81.67 -23.93 -42.13
C LEU RA 95 82.49 -24.16 -40.83
N GLN RA 96 82.99 -23.08 -40.23
CA GLN RA 96 83.75 -23.14 -38.98
C GLN RA 96 82.96 -23.40 -37.69
N THR RA 97 81.64 -23.56 -37.76
CA THR RA 97 80.81 -23.80 -36.56
C THR RA 97 81.29 -24.95 -35.67
N PHE RA 98 81.81 -26.00 -36.30
CA PHE RA 98 82.35 -27.17 -35.60
C PHE RA 98 83.87 -27.29 -35.73
N ALA RA 99 84.54 -26.13 -35.80
CA ALA RA 99 86.00 -26.06 -35.77
C ALA RA 99 86.53 -26.37 -34.38
N VAL RA 100 85.76 -26.00 -33.36
CA VAL RA 100 86.14 -26.15 -31.95
C VAL RA 100 86.28 -27.62 -31.54
N LEU RA 101 85.51 -28.51 -32.18
CA LEU RA 101 85.58 -29.94 -31.91
C LEU RA 101 86.84 -30.61 -32.47
N GLU RA 102 87.43 -30.08 -33.55
CA GLU RA 102 88.69 -30.63 -34.08
C GLU RA 102 89.88 -30.45 -33.13
N LYS RA 103 89.81 -29.41 -32.30
CA LYS RA 103 90.76 -29.17 -31.21
C LYS RA 103 90.78 -30.32 -30.20
N ARG RA 104 89.63 -30.97 -30.00
CA ARG RA 104 89.53 -32.18 -29.16
C ARG RA 104 90.52 -33.25 -29.60
N LEU RA 105 90.94 -34.08 -28.66
CA LEU RA 105 91.89 -35.15 -28.93
C LEU RA 105 91.27 -36.24 -29.80
N ASP RA 106 90.07 -36.63 -29.41
CA ASP RA 106 89.30 -37.69 -30.05
C ASP RA 106 89.05 -37.43 -31.54
N PHE RA 107 88.57 -36.23 -31.83
CA PHE RA 107 88.32 -35.78 -33.21
C PHE RA 107 89.61 -35.73 -34.05
N ALA RA 108 90.66 -35.18 -33.46
CA ALA RA 108 91.99 -35.13 -34.11
C ALA RA 108 92.49 -36.51 -34.48
N LEU RA 109 92.33 -37.46 -33.57
CA LEU RA 109 92.69 -38.86 -33.77
C LEU RA 109 91.92 -39.47 -34.95
N PHE RA 110 90.62 -39.19 -34.98
CA PHE RA 110 89.74 -39.63 -36.06
C PHE RA 110 90.18 -39.06 -37.42
N ARG RA 111 90.48 -37.76 -37.45
CA ARG RA 111 90.99 -37.08 -38.65
C ARG RA 111 92.28 -37.68 -39.17
N ALA RA 112 93.18 -38.00 -38.24
CA ALA RA 112 94.44 -38.67 -38.56
C ALA RA 112 94.26 -40.05 -39.20
N MET RA 113 93.11 -40.68 -38.95
CA MET RA 113 92.76 -42.03 -39.41
C MET RA 113 93.51 -43.06 -38.57
N PHE RA 114 93.65 -42.74 -37.29
CA PHE RA 114 94.09 -43.70 -36.29
C PHE RA 114 92.90 -44.36 -35.61
N ALA RA 115 91.68 -44.02 -36.06
CA ALA RA 115 90.47 -44.76 -35.71
C ALA RA 115 89.47 -44.77 -36.87
N SER RA 116 88.70 -45.86 -36.92
CA SER RA 116 87.59 -46.03 -37.87
C SER RA 116 86.51 -44.98 -37.69
N SER RA 117 86.25 -44.62 -36.43
CA SER RA 117 85.21 -43.68 -36.05
C SER RA 117 85.71 -42.74 -34.96
N VAL RA 118 84.85 -41.80 -34.58
CA VAL RA 118 85.12 -40.91 -33.44
C VAL RA 118 84.91 -41.66 -32.13
N ARG RA 119 83.82 -42.43 -32.06
CA ARG RA 119 83.54 -43.32 -30.91
C ARG RA 119 84.69 -44.27 -30.59
N GLN RA 120 85.20 -44.92 -31.62
CA GLN RA 120 86.32 -45.86 -31.51
C GLN RA 120 87.58 -45.16 -31.00
N ALA RA 121 87.88 -44.00 -31.59
CA ALA RA 121 89.00 -43.17 -31.17
C ALA RA 121 88.91 -42.83 -29.68
N ARG RA 122 87.70 -42.44 -29.26
CA ARG RA 122 87.38 -42.12 -27.88
C ARG RA 122 87.68 -43.31 -26.96
N GLN RA 123 87.20 -44.48 -27.36
CA GLN RA 123 87.45 -45.74 -26.66
C GLN RA 123 88.93 -46.07 -26.52
N PHE RA 124 89.66 -45.91 -27.62
CA PHE RA 124 91.11 -46.12 -27.67
C PHE RA 124 91.82 -45.28 -26.62
N ILE RA 125 91.50 -44.00 -26.58
CA ILE RA 125 92.20 -43.07 -25.70
C ILE RA 125 91.79 -43.29 -24.23
N LEU RA 126 90.54 -43.67 -23.98
CA LEU RA 126 90.12 -44.14 -22.65
C LEU RA 126 90.94 -45.33 -22.16
N HIS RA 127 91.18 -46.27 -23.07
CA HIS RA 127 91.97 -47.47 -22.79
C HIS RA 127 93.48 -47.19 -22.65
N GLY RA 128 93.89 -45.96 -22.95
CA GLY RA 128 95.22 -45.46 -22.60
C GLY RA 128 96.27 -45.79 -23.64
N ASN RA 129 95.87 -45.73 -24.90
CA ASN RA 129 96.73 -46.07 -26.03
C ASN RA 129 97.33 -44.84 -26.70
N VAL RA 130 96.54 -43.78 -26.82
CA VAL RA 130 97.04 -42.51 -27.35
C VAL RA 130 98.02 -41.89 -26.37
N ARG RA 131 99.00 -41.20 -26.93
CA ARG RA 131 99.89 -40.31 -26.18
C ARG RA 131 99.86 -38.96 -26.88
N VAL RA 132 100.19 -37.91 -26.13
CA VAL RA 132 100.35 -36.57 -26.70
C VAL RA 132 101.52 -35.91 -25.98
N ASN RA 133 102.61 -35.73 -26.73
CA ASN RA 133 103.90 -35.28 -26.20
C ASN RA 133 104.44 -36.24 -25.14
N GLY RA 134 104.45 -37.52 -25.48
CA GLY RA 134 104.87 -38.60 -24.57
C GLY RA 134 103.78 -39.02 -23.60
N VAL RA 135 103.39 -38.11 -22.73
CA VAL RA 135 102.43 -38.45 -21.68
C VAL RA 135 101.15 -39.03 -22.22
N LYS RA 136 100.78 -40.16 -21.63
CA LYS RA 136 99.59 -40.90 -22.00
C LYS RA 136 98.35 -40.17 -21.50
N ILE RA 137 97.30 -40.17 -22.30
CA ILE RA 137 96.05 -39.53 -21.88
C ILE RA 137 94.89 -40.52 -21.89
N LYS RA 138 93.97 -40.37 -20.94
CA LYS RA 138 92.73 -41.16 -20.90
C LYS RA 138 91.51 -40.24 -20.78
N HIS RA 139 91.44 -39.27 -21.70
CA HIS RA 139 90.50 -38.16 -21.61
C HIS RA 139 90.25 -37.53 -22.99
N PRO RA 140 89.18 -37.98 -23.67
CA PRO RA 140 88.70 -37.41 -24.95
C PRO RA 140 88.47 -35.91 -25.01
N SER RA 141 88.07 -35.30 -23.89
CA SER RA 141 87.89 -33.85 -23.82
C SER RA 141 89.21 -33.06 -23.76
N TYR RA 142 90.35 -33.75 -23.68
CA TYR RA 142 91.68 -33.14 -23.86
C TYR RA 142 91.73 -32.37 -25.18
N THR RA 143 92.31 -31.17 -25.15
CA THR RA 143 92.38 -30.29 -26.31
C THR RA 143 93.82 -30.09 -26.75
N LEU RA 144 94.12 -30.38 -28.02
CA LEU RA 144 95.45 -30.15 -28.56
C LEU RA 144 95.74 -28.66 -28.73
N LYS RA 145 96.98 -28.29 -28.45
CA LYS RA 145 97.52 -26.98 -28.82
C LYS RA 145 98.28 -27.15 -30.15
N PRO RA 146 98.53 -26.04 -30.88
CA PRO RA 146 99.33 -26.16 -32.11
C PRO RA 146 100.78 -26.54 -31.80
N GLY RA 147 101.28 -27.57 -32.49
CA GLY RA 147 102.61 -28.12 -32.22
C GLY RA 147 102.61 -29.45 -31.47
N ASP RA 148 101.48 -29.77 -30.83
CA ASP RA 148 101.35 -31.03 -30.08
C ASP RA 148 101.35 -32.24 -31.01
N MET RA 149 102.25 -33.18 -30.76
CA MET RA 149 102.16 -34.52 -31.34
C MET RA 149 101.05 -35.27 -30.64
N PHE RA 150 100.48 -36.25 -31.34
CA PHE RA 150 99.71 -37.32 -30.70
C PHE RA 150 99.97 -38.64 -31.42
N SER RA 151 99.97 -39.72 -30.65
CA SER RA 151 100.47 -41.01 -31.12
C SER RA 151 99.66 -42.18 -30.58
N VAL RA 152 98.94 -42.86 -31.47
CA VAL RA 152 98.16 -44.05 -31.14
C VAL RA 152 99.07 -45.27 -31.22
N LYS RA 153 98.77 -46.29 -30.41
CA LYS RA 153 99.48 -47.57 -30.48
C LYS RA 153 99.23 -48.19 -31.86
N PRO RA 154 100.31 -48.58 -32.57
CA PRO RA 154 100.21 -48.98 -33.98
C PRO RA 154 99.27 -50.16 -34.24
N ASP RA 155 99.23 -51.11 -33.32
CA ASP RA 155 98.30 -52.25 -33.40
C ASP RA 155 96.84 -51.81 -33.48
N LYS RA 156 96.47 -50.85 -32.65
CA LYS RA 156 95.11 -50.30 -32.63
C LYS RA 156 94.76 -49.54 -33.91
N VAL RA 157 95.74 -48.83 -34.45
CA VAL RA 157 95.60 -48.14 -35.74
C VAL RA 157 95.35 -49.14 -36.85
N LEU RA 158 96.15 -50.22 -36.85
CA LEU RA 158 96.00 -51.32 -37.81
C LEU RA 158 94.64 -51.98 -37.73
N GLU RA 159 94.18 -52.21 -36.50
CA GLU RA 159 92.84 -52.77 -36.25
C GLU RA 159 91.73 -51.88 -36.81
N ALA RA 160 91.87 -50.58 -36.57
CA ALA RA 160 90.94 -49.56 -37.08
C ALA RA 160 90.85 -49.59 -38.60
N LEU RA 161 92.00 -49.52 -39.26
CA LEU RA 161 92.08 -49.48 -40.72
C LEU RA 161 92.11 -50.85 -41.41
N GLY RA 162 92.28 -51.92 -40.62
CA GLY RA 162 92.32 -53.27 -41.16
C GLY RA 162 90.95 -53.93 -41.20
N ALA RA 163 90.90 -55.11 -41.82
CA ALA RA 163 89.66 -55.89 -41.88
C ALA RA 163 89.38 -56.57 -40.55
N LYS RA 164 88.14 -57.04 -40.39
CA LYS RA 164 87.72 -57.72 -39.17
C LYS RA 164 88.33 -59.12 -39.17
N LYS RA 165 89.05 -59.47 -38.09
CA LYS RA 165 89.71 -60.77 -37.98
C LYS RA 165 88.65 -61.87 -37.84
N PRO RA 166 88.59 -62.82 -38.80
CA PRO RA 166 87.55 -63.87 -38.72
C PRO RA 166 87.66 -64.80 -37.52
N SER RA 167 86.50 -65.35 -37.14
CA SER RA 167 86.43 -66.46 -36.19
C SER RA 167 87.06 -67.69 -36.85
N PHE RA 168 87.52 -68.63 -36.05
CA PHE RA 168 88.24 -69.80 -36.57
C PHE RA 168 87.36 -70.64 -37.49
N GLN RA 169 86.16 -70.95 -37.01
CA GLN RA 169 85.18 -71.75 -37.76
C GLN RA 169 84.80 -71.13 -39.10
N GLU RA 170 84.58 -69.82 -39.06
CA GLU RA 170 84.24 -69.02 -40.25
C GLU RA 170 85.38 -69.08 -41.27
N ALA RA 171 86.60 -68.84 -40.79
CA ALA RA 171 87.82 -68.92 -41.60
C ALA RA 171 88.01 -70.29 -42.27
N LEU RA 172 87.74 -71.34 -41.49
CA LEU RA 172 87.83 -72.72 -41.97
C LEU RA 172 86.81 -73.00 -43.08
N LYS RA 173 85.59 -72.50 -42.87
CA LYS RA 173 84.50 -72.59 -43.85
C LYS RA 173 84.84 -71.88 -45.16
N ILE RA 174 85.44 -70.69 -45.03
CA ILE RA 174 85.90 -69.90 -46.18
C ILE RA 174 86.98 -70.67 -46.95
N ASP RA 175 87.94 -71.23 -46.22
CA ASP RA 175 89.00 -72.07 -46.81
C ASP RA 175 88.46 -73.24 -47.60
N LYS RA 176 87.48 -73.93 -47.01
CA LYS RA 176 86.85 -75.09 -47.62
C LYS RA 176 86.28 -74.76 -48.99
N THR RA 177 85.54 -73.66 -49.06
CA THR RA 177 84.96 -73.17 -50.32
C THR RA 177 86.02 -72.81 -51.35
N GLN RA 178 87.07 -72.11 -50.91
CA GLN RA 178 88.23 -71.78 -51.75
C GLN RA 178 88.90 -73.01 -52.36
N ILE RA 179 89.12 -74.01 -51.51
CA ILE RA 179 89.69 -75.30 -51.90
C ILE RA 179 88.85 -75.98 -52.97
N VAL RA 180 87.54 -76.00 -52.76
CA VAL RA 180 86.56 -76.56 -53.70
C VAL RA 180 86.64 -75.85 -55.06
N LEU RA 181 86.71 -74.53 -55.02
CA LEU RA 181 86.84 -73.69 -56.22
C LEU RA 181 88.13 -73.98 -56.98
N TRP RA 182 89.22 -74.12 -56.23
CA TRP RA 182 90.53 -74.50 -56.78
C TRP RA 182 90.46 -75.85 -57.48
N ASN RA 183 89.88 -76.84 -56.79
CA ASN RA 183 89.66 -78.18 -57.35
C ASN RA 183 88.83 -78.18 -58.64
N LYS RA 184 87.81 -77.34 -58.66
CA LYS RA 184 86.96 -77.16 -59.84
C LYS RA 184 87.75 -76.57 -61.01
N TYR RA 185 88.57 -75.58 -60.70
CA TYR RA 185 89.45 -74.94 -61.67
C TYR RA 185 90.47 -75.92 -62.29
N VAL RA 186 91.09 -76.75 -61.44
CA VAL RA 186 92.08 -77.72 -61.94
C VAL RA 186 91.39 -78.80 -62.80
N LYS RA 187 90.17 -79.18 -62.42
CA LYS RA 187 89.35 -80.10 -63.23
C LYS RA 187 89.06 -79.51 -64.61
N GLU RA 188 88.66 -78.24 -64.63
CA GLU RA 188 88.40 -77.50 -65.87
C GLU RA 188 89.64 -77.40 -66.77
N ALA RA 189 90.79 -77.17 -66.14
CA ALA RA 189 92.08 -77.13 -66.84
C ALA RA 189 92.43 -78.48 -67.47
N LYS RA 190 92.22 -79.55 -66.69
CA LYS RA 190 92.41 -80.93 -67.16
C LYS RA 190 91.53 -81.27 -68.36
N THR RA 191 90.28 -80.84 -68.31
CA THR RA 191 89.31 -81.08 -69.39
C THR RA 191 89.75 -80.41 -70.68
N GLU RA 192 90.17 -79.14 -70.59
CA GLU RA 192 90.65 -78.36 -71.74
C GLU RA 192 91.78 -77.42 -71.34
N ASP RA 384 92.65 -81.52 -52.47
CA ASP RA 384 93.11 -81.07 -51.16
C ASP RA 384 91.94 -80.80 -50.20
N PRO RA 385 91.03 -81.79 -50.03
CA PRO RA 385 89.76 -81.53 -49.35
C PRO RA 385 89.88 -81.45 -47.83
N ILE RA 386 88.90 -80.80 -47.19
CA ILE RA 386 88.82 -80.68 -45.74
C ILE RA 386 87.42 -81.06 -45.26
N LYS RA 387 87.35 -81.81 -44.17
CA LYS RA 387 86.10 -82.10 -43.47
C LYS RA 387 86.01 -81.21 -42.23
N LEU RA 388 85.07 -80.27 -42.25
CA LEU RA 388 84.93 -79.26 -41.19
C LEU RA 388 84.35 -79.82 -39.90
N SER RA 389 83.44 -80.80 -40.01
CA SER RA 389 82.81 -81.43 -38.84
C SER RA 389 83.81 -82.14 -37.92
N GLU RA 390 84.80 -82.81 -38.51
CA GLU RA 390 85.88 -83.45 -37.77
C GLU RA 390 86.82 -82.40 -37.16
N LEU RA 391 87.35 -81.55 -38.03
CA LEU RA 391 88.30 -80.51 -37.64
C LEU RA 391 87.57 -79.37 -36.93
N GLU RA 392 87.32 -79.55 -35.64
CA GLU RA 392 86.49 -78.64 -34.85
C GLU RA 392 87.22 -77.36 -34.45
N GLY RA 393 88.31 -77.52 -33.69
CA GLY RA 393 89.05 -76.37 -33.15
C GLY RA 393 90.52 -76.65 -32.89
N ASP RA 394 91.17 -77.31 -33.85
CA ASP RA 394 92.62 -77.53 -33.84
C ASP RA 394 93.23 -76.66 -34.94
N GLU RA 395 93.67 -75.47 -34.56
CA GLU RA 395 94.24 -74.49 -35.51
C GLU RA 395 95.53 -74.97 -36.19
N PRO RA 396 96.50 -75.52 -35.42
CA PRO RA 396 97.71 -76.07 -36.05
C PRO RA 396 97.43 -77.21 -37.04
N LYS RA 397 96.50 -78.09 -36.68
CA LYS RA 397 96.07 -79.17 -37.58
C LYS RA 397 95.50 -78.62 -38.88
N ALA RA 398 94.64 -77.60 -38.77
CA ALA RA 398 94.05 -76.93 -39.93
C ALA RA 398 95.11 -76.33 -40.84
N ARG RA 399 96.07 -75.64 -40.24
CA ARG RA 399 97.22 -75.06 -40.95
C ARG RA 399 98.01 -76.12 -41.71
N LYS RA 400 98.30 -77.22 -41.03
CA LYS RA 400 99.01 -78.37 -41.61
C LYS RA 400 98.27 -78.93 -42.82
N LEU RA 401 96.95 -79.04 -42.68
CA LEU RA 401 96.07 -79.55 -43.75
C LEU RA 401 96.11 -78.66 -44.99
N ILE RA 402 95.97 -77.35 -44.79
CA ILE RA 402 95.78 -76.40 -45.88
C ILE RA 402 97.08 -76.10 -46.63
N ASN RA 403 97.00 -76.11 -47.97
CA ASN RA 403 98.09 -75.65 -48.83
C ASN RA 403 97.61 -75.27 -50.22
N LEU RA 404 97.20 -74.00 -50.35
CA LEU RA 404 96.86 -73.39 -51.64
C LEU RA 404 98.04 -72.54 -52.12
N PRO RA 405 98.01 -72.06 -53.38
CA PRO RA 405 99.07 -71.13 -53.83
C PRO RA 405 99.03 -69.75 -53.17
N TRP RA 406 97.83 -69.25 -52.86
CA TRP RA 406 97.65 -67.89 -52.31
C TRP RA 406 97.68 -67.83 -50.77
N GLN RA 407 97.52 -68.98 -50.11
CA GLN RA 407 97.83 -69.11 -48.69
C GLN RA 407 98.50 -70.46 -48.42
N LYS RA 408 99.73 -70.41 -47.90
CA LYS RA 408 100.60 -71.58 -47.79
C LYS RA 408 100.17 -72.56 -46.70
N ASN RA 409 99.81 -72.03 -45.53
CA ASN RA 409 99.36 -72.86 -44.40
C ASN RA 409 98.20 -72.22 -43.65
N TYR RA 410 98.44 -71.02 -43.12
CA TYR RA 410 97.42 -70.23 -42.43
C TYR RA 410 96.02 -70.26 -43.06
N VAL RA 411 95.00 -70.41 -42.22
CA VAL RA 411 93.60 -70.31 -42.68
C VAL RA 411 93.29 -68.88 -43.14
N TYR RA 412 92.24 -68.74 -43.93
CA TYR RA 412 91.89 -67.47 -44.59
C TYR RA 412 92.09 -66.23 -43.73
N GLY RA 413 91.61 -66.30 -42.49
CA GLY RA 413 91.56 -65.16 -41.59
C GLY RA 413 92.52 -65.14 -40.42
N ARG RA 414 93.47 -66.08 -40.37
CA ARG RA 414 94.35 -66.23 -39.21
C ARG RA 414 95.78 -66.67 -39.56
N GLN RA 415 96.60 -65.72 -40.00
CA GLN RA 415 98.05 -65.94 -40.20
C GLN RA 415 98.82 -65.72 -38.90
N ASP RA 416 98.43 -64.68 -38.17
CA ASP RA 416 98.93 -64.43 -36.82
C ASP RA 416 97.72 -64.21 -35.90
N PRO RA 417 97.07 -65.32 -35.46
CA PRO RA 417 95.92 -65.27 -34.55
C PRO RA 417 96.07 -64.35 -33.33
N LYS RA 418 97.29 -64.24 -32.80
CA LYS RA 418 97.58 -63.36 -31.66
C LYS RA 418 97.41 -61.87 -31.96
N LYS RA 419 97.66 -61.46 -33.20
CA LYS RA 419 97.38 -60.07 -33.63
C LYS RA 419 95.87 -59.82 -33.70
N PRO RA 420 95.42 -58.58 -33.46
CA PRO RA 420 93.99 -58.27 -33.39
C PRO RA 420 93.31 -57.92 -34.72
N PHE RA 421 93.91 -58.27 -35.87
CA PHE RA 421 93.39 -57.91 -37.18
C PHE RA 421 93.66 -58.99 -38.24
N PHE RA 422 93.18 -58.74 -39.45
CA PHE RA 422 93.20 -59.72 -40.55
C PHE RA 422 94.59 -60.02 -41.14
N THR RA 423 95.20 -61.12 -40.67
CA THR RA 423 96.21 -61.91 -41.44
C THR RA 423 97.41 -61.09 -41.97
N PRO RA 424 97.85 -61.32 -43.25
CA PRO RA 424 98.56 -60.19 -43.84
C PRO RA 424 97.63 -59.00 -43.91
N TRP RA 425 97.98 -57.95 -43.15
CA TRP RA 425 97.15 -56.77 -43.02
C TRP RA 425 96.75 -56.26 -44.42
N LYS RA 426 95.44 -56.13 -44.62
CA LYS RA 426 94.90 -55.43 -45.79
C LYS RA 426 94.04 -54.29 -45.26
N PRO RA 427 93.60 -53.36 -46.14
CA PRO RA 427 92.75 -52.27 -45.66
C PRO RA 427 91.32 -52.67 -45.26
N ARG RA 428 90.55 -51.65 -44.87
CA ARG RA 428 89.16 -51.79 -44.46
C ARG RA 428 88.25 -51.93 -45.69
N PRO RA 429 87.14 -52.71 -45.57
CA PRO RA 429 86.19 -52.96 -46.68
C PRO RA 429 85.65 -51.79 -47.51
N PHE RA 430 85.51 -50.59 -46.94
CA PHE RA 430 85.13 -49.40 -47.72
C PHE RA 430 85.93 -48.19 -47.23
N LEU RA 431 87.25 -48.27 -47.36
CA LEU RA 431 88.14 -47.27 -46.78
C LEU RA 431 88.30 -46.03 -47.67
N SER RA 432 88.24 -46.22 -48.98
CA SER RA 432 88.44 -45.14 -49.98
C SER RA 432 87.58 -43.88 -49.81
N PRO RA 433 86.24 -44.02 -49.76
CA PRO RA 433 85.39 -42.81 -49.76
C PRO RA 433 85.45 -41.94 -48.48
N PHE RA 434 86.07 -42.44 -47.41
CA PHE RA 434 86.28 -41.67 -46.17
C PHE RA 434 87.72 -41.25 -45.90
N ALA RA 435 88.67 -41.74 -46.69
CA ALA RA 435 90.07 -41.34 -46.53
C ALA RA 435 90.21 -39.92 -47.07
N ILE RA 436 89.94 -38.95 -46.20
CA ILE RA 436 90.04 -37.52 -46.52
C ILE RA 436 91.21 -36.99 -45.67
N LEU RA 437 92.31 -36.69 -46.34
CA LEU RA 437 93.56 -36.30 -45.68
C LEU RA 437 93.44 -34.83 -45.23
N PRO RA 438 93.57 -34.58 -43.92
CA PRO RA 438 93.28 -33.24 -43.40
C PRO RA 438 94.43 -32.25 -43.56
N HIS RA 439 94.12 -30.96 -43.40
CA HIS RA 439 95.08 -29.87 -43.53
C HIS RA 439 95.76 -29.52 -42.22
N HIS RA 440 94.98 -29.48 -41.15
CA HIS RA 440 95.45 -29.06 -39.82
C HIS RA 440 96.30 -30.10 -39.07
N LEU RA 441 96.32 -31.34 -39.55
CA LEU RA 441 97.21 -32.38 -39.04
C LEU RA 441 98.30 -32.72 -40.03
N GLU RA 442 99.49 -33.01 -39.52
CA GLU RA 442 100.56 -33.64 -40.29
C GLU RA 442 100.66 -35.05 -39.74
N ILE RA 443 100.61 -36.04 -40.63
CA ILE RA 443 100.50 -37.45 -40.25
C ILE RA 443 101.69 -38.24 -40.79
N SER RA 444 102.11 -39.27 -40.03
CA SER RA 444 103.02 -40.29 -40.52
C SER RA 444 102.49 -41.66 -40.11
N PHE RA 445 102.06 -42.44 -41.10
CA PHE RA 445 101.37 -43.72 -40.84
C PHE RA 445 102.30 -44.89 -40.49
N LYS RA 446 103.60 -44.71 -40.67
CA LYS RA 446 104.58 -45.73 -40.31
C LYS RA 446 104.64 -45.92 -38.79
N THR RA 447 104.86 -44.83 -38.09
CA THR RA 447 104.92 -44.81 -36.62
C THR RA 447 103.55 -44.57 -35.97
N CYS RA 448 102.61 -44.04 -36.76
CA CYS RA 448 101.28 -43.61 -36.28
C CYS RA 448 101.35 -42.40 -35.33
N HIS RA 449 102.32 -41.51 -35.59
CA HIS RA 449 102.40 -40.21 -34.92
C HIS RA 449 101.72 -39.17 -35.79
N ALA RA 450 101.27 -38.08 -35.18
CA ALA RA 450 100.64 -36.99 -35.91
C ALA RA 450 100.74 -35.66 -35.18
N VAL RA 451 101.30 -34.66 -35.85
CA VAL RA 451 101.43 -33.32 -35.29
C VAL RA 451 100.16 -32.53 -35.60
N TYR RA 452 99.50 -32.07 -34.54
CA TYR RA 452 98.40 -31.10 -34.67
C TYR RA 452 99.06 -29.73 -34.90
N LEU RA 453 99.11 -29.29 -36.16
CA LEU RA 453 99.86 -28.07 -36.53
C LEU RA 453 99.05 -26.76 -36.53
N ARG RA 454 97.73 -26.86 -36.62
CA ARG RA 454 96.86 -25.67 -36.71
C ARG RA 454 95.49 -25.97 -36.12
N ASP RA 455 94.79 -24.91 -35.70
CA ASP RA 455 93.34 -25.00 -35.45
C ASP RA 455 92.66 -24.75 -36.79
N PRO RA 456 91.75 -25.66 -37.23
CA PRO RA 456 91.25 -25.58 -38.61
C PRO RA 456 90.62 -24.22 -38.91
N VAL RA 457 90.94 -23.66 -40.07
CA VAL RA 457 90.59 -22.29 -40.40
C VAL RA 457 90.14 -22.16 -41.86
N ALA RA 458 89.27 -21.19 -42.12
CA ALA RA 458 88.67 -20.99 -43.44
C ALA RA 458 89.46 -20.01 -44.31
N ARG RA 459 89.81 -20.45 -45.52
CA ARG RA 459 90.48 -19.62 -46.53
C ARG RA 459 89.44 -19.15 -47.55
N PRO RA 460 89.82 -18.19 -48.44
CA PRO RA 460 89.01 -17.79 -49.59
C PRO RA 460 88.39 -18.92 -50.41
N GLY RA 461 89.17 -19.96 -50.68
CA GLY RA 461 88.68 -21.13 -51.42
C GLY RA 461 87.81 -22.04 -50.59
N GLN RA 462 88.36 -22.50 -49.46
CA GLN RA 462 87.80 -23.62 -48.70
C GLN RA 462 87.79 -23.40 -47.19
N SER RA 463 87.15 -24.34 -46.49
CA SER RA 463 87.28 -24.51 -45.05
C SER RA 463 88.08 -25.78 -44.78
N GLU RA 464 88.76 -25.80 -43.64
CA GLU RA 464 89.53 -26.97 -43.20
C GLU RA 464 88.73 -27.89 -42.26
N VAL RA 465 87.53 -27.46 -41.85
CA VAL RA 465 86.61 -28.32 -41.11
C VAL RA 465 85.99 -29.28 -42.12
N ILE RA 466 86.44 -30.54 -42.09
CA ILE RA 466 85.94 -31.57 -42.99
C ILE RA 466 84.51 -31.93 -42.61
N SER RA 467 83.56 -31.54 -43.47
CA SER RA 467 82.15 -31.83 -43.25
C SER RA 467 81.45 -32.24 -44.56
N PRO RA 468 80.44 -33.14 -44.46
CA PRO RA 468 79.63 -33.55 -45.61
C PRO RA 468 78.38 -32.68 -45.86
N PHE RA 469 78.43 -31.40 -45.51
CA PHE RA 469 77.27 -30.51 -45.64
C PHE RA 469 77.65 -29.19 -46.28
N ASP RA 470 76.74 -28.67 -47.09
CA ASP RA 470 76.92 -27.38 -47.78
C ASP RA 470 76.86 -26.23 -46.77
N VAL RA 471 77.30 -25.05 -47.19
CA VAL RA 471 77.44 -23.90 -46.30
C VAL RA 471 76.10 -23.39 -45.72
N PRO RA 472 75.01 -23.37 -46.52
CA PRO RA 472 73.70 -22.96 -45.99
C PRO RA 472 73.27 -23.73 -44.74
N VAL RA 473 73.47 -25.05 -44.76
CA VAL RA 473 73.16 -25.93 -43.62
C VAL RA 473 73.95 -25.49 -42.38
N HIS RA 474 75.24 -25.25 -42.58
CA HIS RA 474 76.12 -24.79 -41.50
C HIS RA 474 75.74 -23.39 -40.98
N GLU RA 475 75.27 -22.52 -41.88
CA GLU RA 475 74.73 -21.22 -41.49
C GLU RA 475 73.50 -21.35 -40.61
N ARG RA 476 72.58 -22.23 -41.02
CA ARG RA 476 71.36 -22.52 -40.26
C ARG RA 476 71.68 -23.06 -38.86
N ALA RA 477 72.64 -23.97 -38.80
CA ALA RA 477 73.13 -24.53 -37.54
C ALA RA 477 73.67 -23.44 -36.62
N TYR RA 478 74.49 -22.56 -37.19
CA TYR RA 478 75.06 -21.42 -36.46
C TYR RA 478 73.95 -20.54 -35.88
N MET RA 479 73.00 -20.18 -36.74
CA MET RA 479 71.82 -19.39 -36.36
C MET RA 479 71.08 -20.00 -35.19
N TYR RA 480 70.87 -21.32 -35.26
CA TYR RA 480 70.22 -22.05 -34.19
C TYR RA 480 70.99 -21.92 -32.87
N TYR RA 481 72.29 -22.18 -32.94
CA TYR RA 481 73.14 -22.30 -31.73
C TYR RA 481 73.59 -20.99 -31.11
N LEU RA 482 73.49 -19.89 -31.85
CA LEU RA 482 73.66 -18.55 -31.28
C LEU RA 482 72.64 -18.28 -30.18
N ARG RA 483 71.38 -18.58 -30.49
CA ARG RA 483 70.25 -18.27 -29.60
C ARG RA 483 69.74 -19.46 -28.79
N ASN RA 484 70.40 -20.61 -28.91
CA ASN RA 484 69.94 -21.88 -28.30
C ASN RA 484 68.54 -22.27 -28.78
N GLY RA 485 68.23 -21.94 -30.04
CA GLY RA 485 66.92 -22.17 -30.62
C GLY RA 485 65.80 -21.32 -30.02
N LYS RA 486 66.07 -20.04 -29.79
CA LYS RA 486 65.05 -19.10 -29.29
C LYS RA 486 64.12 -18.72 -30.44
N GLN SA 1 27.99 -43.39 -119.04
CA GLN SA 1 29.23 -43.71 -119.83
C GLN SA 1 29.50 -45.22 -119.80
N HIS SA 2 29.29 -45.87 -120.95
CA HIS SA 2 29.38 -47.33 -121.06
C HIS SA 2 30.77 -47.74 -121.53
N TYR SA 3 31.58 -48.23 -120.60
CA TYR SA 3 32.97 -48.63 -120.88
C TYR SA 3 33.05 -50.09 -121.32
N ASP SA 4 34.17 -50.44 -121.94
CA ASP SA 4 34.44 -51.82 -122.35
C ASP SA 4 34.80 -52.69 -121.14
N GLU SA 5 34.68 -54.00 -121.34
CA GLU SA 5 34.91 -55.00 -120.28
C GLU SA 5 36.37 -55.06 -119.85
N SER SA 6 37.26 -55.08 -120.84
CA SER SA 6 38.71 -55.14 -120.63
C SER SA 6 39.22 -53.95 -119.82
N LEU SA 7 38.75 -52.76 -120.19
CA LEU SA 7 39.08 -51.52 -119.48
C LEU SA 7 38.66 -51.58 -118.02
N LEU SA 8 37.44 -52.05 -117.79
CA LEU SA 8 36.91 -52.23 -116.43
C LEU SA 8 37.78 -53.20 -115.63
N SER SA 9 38.12 -54.33 -116.24
CA SER SA 9 38.98 -55.34 -115.60
C SER SA 9 40.34 -54.77 -115.20
N ARG SA 10 40.91 -53.93 -116.05
CA ARG SA 10 42.18 -53.25 -115.78
C ARG SA 10 42.14 -52.41 -114.49
N TYR SA 11 41.06 -51.66 -114.29
CA TYR SA 11 40.92 -50.77 -113.12
C TYR SA 11 40.14 -51.37 -111.93
N TYR SA 12 39.20 -52.29 -112.21
CA TYR SA 12 38.32 -52.86 -111.18
C TYR SA 12 38.58 -54.36 -111.00
N PRO SA 13 38.34 -54.89 -109.78
CA PRO SA 13 38.60 -56.32 -109.52
C PRO SA 13 37.62 -57.26 -110.22
N GLU SA 14 37.95 -58.55 -110.20
CA GLU SA 14 37.22 -59.56 -110.97
C GLU SA 14 35.82 -59.89 -110.41
N SER SA 15 35.60 -59.62 -109.13
CA SER SA 15 34.31 -59.88 -108.46
C SER SA 15 33.19 -58.95 -108.93
N LEU SA 16 33.50 -57.65 -109.02
CA LEU SA 16 32.50 -56.61 -109.34
C LEU SA 16 32.24 -56.42 -110.83
N LEU SA 17 33.06 -57.04 -111.68
CA LEU SA 17 32.99 -56.86 -113.13
C LEU SA 17 31.64 -57.28 -113.72
N LYS SA 18 31.16 -58.44 -113.25
CA LYS SA 18 29.85 -58.97 -113.62
C LYS SA 18 28.72 -58.01 -113.23
N SER SA 19 28.80 -57.50 -112.01
CA SER SA 19 27.80 -56.54 -111.49
C SER SA 19 27.76 -55.26 -112.33
N ILE SA 20 28.95 -54.77 -112.69
CA ILE SA 20 29.11 -53.60 -113.55
C ILE SA 20 28.44 -53.84 -114.92
N LYS SA 21 28.74 -54.99 -115.51
CA LYS SA 21 28.16 -55.41 -116.79
C LYS SA 21 26.63 -55.43 -116.73
N LEU SA 22 26.10 -56.00 -115.66
CA LEU SA 22 24.65 -56.05 -115.41
C LEU SA 22 24.04 -54.66 -115.31
N ALA SA 23 24.71 -53.78 -114.56
CA ALA SA 23 24.29 -52.38 -114.43
C ALA SA 23 24.23 -51.67 -115.78
N GLN SA 24 25.27 -51.89 -116.60
CA GLN SA 24 25.34 -51.35 -117.96
C GLN SA 24 24.19 -51.84 -118.83
N GLN SA 25 23.92 -53.14 -118.77
CA GLN SA 25 22.79 -53.75 -119.49
C GLN SA 25 21.46 -53.12 -119.12
N THR SA 26 21.24 -52.96 -117.81
CA THR SA 26 19.97 -52.47 -117.28
C THR SA 26 19.73 -50.99 -117.57
N ILE SA 27 20.68 -50.16 -117.12
CA ILE SA 27 20.57 -48.71 -117.26
C ILE SA 27 20.96 -48.33 -118.69
N PRO SA 28 20.08 -47.57 -119.40
CA PRO SA 28 20.39 -47.21 -120.78
C PRO SA 28 21.49 -46.15 -120.91
N GLU SA 29 21.96 -45.94 -122.13
CA GLU SA 29 22.99 -44.94 -122.41
C GLU SA 29 22.40 -43.53 -122.28
N ASP SA 30 21.25 -43.33 -122.91
CA ASP SA 30 20.48 -42.09 -122.76
C ASP SA 30 19.78 -42.09 -121.40
N THR SA 31 20.45 -41.50 -120.40
CA THR SA 31 19.93 -41.37 -119.04
C THR SA 31 20.09 -39.93 -118.56
N LYS SA 32 19.07 -39.44 -117.87
CA LYS SA 32 19.02 -38.05 -117.39
C LYS SA 32 19.84 -37.88 -116.11
N PHE SA 33 19.58 -38.74 -115.13
CA PHE SA 33 20.19 -38.68 -113.79
C PHE SA 33 19.91 -37.33 -113.07
N ARG SA 34 18.80 -37.28 -112.37
CA ARG SA 34 18.44 -36.09 -111.57
C ARG SA 34 19.26 -36.00 -110.29
N VAL SA 35 19.32 -34.80 -109.73
CA VAL SA 35 20.02 -34.52 -108.47
C VAL SA 35 18.98 -34.43 -107.35
N SER SA 36 18.99 -35.42 -106.46
CA SER SA 36 18.05 -35.43 -105.32
C SER SA 36 18.46 -34.40 -104.28
N ARG SA 37 17.75 -33.28 -104.26
CA ARG SA 37 18.04 -32.19 -103.32
C ARG SA 37 17.52 -32.48 -101.91
N ASN SA 38 16.30 -33.00 -101.82
CA ASN SA 38 15.65 -33.24 -100.52
C ASN SA 38 16.18 -34.43 -99.69
N VAL SA 39 16.99 -35.29 -100.30
CA VAL SA 39 17.64 -36.38 -99.58
C VAL SA 39 18.93 -36.81 -100.29
N GLU SA 40 19.97 -37.09 -99.52
CA GLU SA 40 21.28 -37.48 -100.05
C GLU SA 40 21.66 -38.90 -99.66
N PHE SA 41 21.56 -39.79 -100.64
CA PHE SA 41 21.93 -41.20 -100.50
C PHE SA 41 23.45 -41.39 -100.44
N ALA SA 42 24.15 -40.70 -101.35
CA ALA SA 42 25.60 -40.87 -101.54
C ALA SA 42 26.41 -39.84 -100.72
N PRO SA 43 27.74 -40.06 -100.59
CA PRO SA 43 28.55 -39.15 -99.76
C PRO SA 43 28.91 -37.84 -100.49
N PRO SA 44 29.50 -36.85 -99.77
CA PRO SA 44 29.86 -35.57 -100.38
C PRO SA 44 31.20 -35.54 -101.13
N TYR SA 45 31.85 -36.70 -101.24
CA TYR SA 45 33.13 -36.85 -101.94
C TYR SA 45 32.99 -38.02 -102.91
N LEU SA 46 33.80 -38.02 -103.97
CA LEU SA 46 33.81 -39.14 -104.92
C LEU SA 46 34.56 -40.32 -104.34
N ASP SA 47 33.97 -41.51 -104.46
CA ASP SA 47 34.62 -42.74 -104.08
C ASP SA 47 34.04 -43.94 -104.81
N ASP SA 48 34.89 -44.62 -105.57
CA ASP SA 48 34.63 -45.98 -106.03
C ASP SA 48 34.69 -46.87 -104.79
N PHE SA 49 33.58 -47.53 -104.49
CA PHE SA 49 33.41 -48.26 -103.22
C PHE SA 49 34.06 -49.66 -103.20
N THR SA 50 34.82 -50.01 -104.23
CA THR SA 50 35.53 -51.30 -104.30
C THR SA 50 36.47 -51.58 -103.12
N LYS SA 51 37.15 -50.54 -102.63
CA LYS SA 51 38.07 -50.66 -101.49
C LYS SA 51 37.35 -50.34 -100.19
N ILE SA 52 37.33 -51.31 -99.27
CA ILE SA 52 36.81 -51.09 -97.91
C ILE SA 52 37.86 -50.30 -97.10
N HIS SA 53 37.44 -49.19 -96.50
CA HIS SA 53 38.34 -48.35 -95.71
C HIS SA 53 38.46 -48.90 -94.28
N PRO SA 54 39.58 -48.65 -93.59
CA PRO SA 54 39.69 -49.15 -92.20
C PRO SA 54 38.78 -48.39 -91.21
N PHE SA 55 38.80 -47.05 -91.29
CA PHE SA 55 38.08 -46.20 -90.34
C PHE SA 55 36.67 -45.84 -90.82
N TRP SA 56 36.53 -45.51 -92.10
CA TRP SA 56 35.30 -44.91 -92.63
C TRP SA 56 34.23 -45.93 -93.03
N ASP SA 57 34.61 -47.19 -93.19
CA ASP SA 57 33.64 -48.29 -93.28
C ASP SA 57 33.67 -49.10 -91.99
N TYR SA 58 32.67 -49.97 -91.83
CA TYR SA 58 32.62 -50.89 -90.70
C TYR SA 58 33.80 -51.85 -90.71
N LYS SA 59 34.29 -52.20 -89.53
CA LYS SA 59 35.35 -53.20 -89.39
C LYS SA 59 34.76 -54.57 -89.74
N PRO SA 60 35.49 -55.38 -90.56
CA PRO SA 60 34.84 -56.56 -91.17
C PRO SA 60 34.40 -57.64 -90.18
N GLY SA 61 35.32 -58.09 -89.34
CA GLY SA 61 35.04 -59.14 -88.35
C GLY SA 61 34.19 -58.71 -87.16
N MET SA 62 34.12 -57.40 -86.90
CA MET SA 62 33.37 -56.87 -85.76
C MET SA 62 31.86 -57.04 -85.95
N PRO SA 63 31.12 -57.40 -84.87
CA PRO SA 63 29.66 -57.43 -84.96
C PRO SA 63 29.01 -56.06 -84.84
N HIS SA 64 27.87 -55.89 -85.50
CA HIS SA 64 27.13 -54.62 -85.53
C HIS SA 64 25.80 -54.84 -86.26
N LEU SA 65 25.00 -53.78 -86.39
CA LEU SA 65 23.85 -53.80 -87.31
C LEU SA 65 24.41 -53.71 -88.73
N HIS SA 66 23.79 -54.47 -89.65
CA HIS SA 66 24.31 -54.67 -91.02
C HIS SA 66 25.60 -55.52 -91.02
N ALA SA 67 25.63 -56.56 -90.19
CA ALA SA 67 26.82 -57.42 -90.04
C ALA SA 67 27.14 -58.22 -91.31
N GLN SA 68 26.11 -58.85 -91.88
CA GLN SA 68 26.25 -59.72 -93.06
C GLN SA 68 27.20 -60.89 -92.81
N GLU SA 69 27.13 -61.44 -91.60
CA GLU SA 69 27.89 -62.62 -91.19
C GLU SA 69 26.99 -63.52 -90.35
N GLU SA 70 27.47 -64.72 -90.06
CA GLU SA 70 26.72 -65.68 -89.25
C GLU SA 70 26.86 -65.31 -87.77
N ASN SA 71 25.92 -65.79 -86.96
CA ASN SA 71 25.93 -65.53 -85.50
C ASN SA 71 27.17 -66.10 -84.80
N ASN SA 72 27.70 -67.21 -85.35
CA ASN SA 72 28.93 -67.81 -84.84
C ASN SA 72 30.17 -66.98 -85.22
N ASN SA 73 30.29 -66.66 -86.51
CA ASN SA 73 31.50 -66.01 -87.05
C ASN SA 73 31.56 -64.50 -86.81
N PHE SA 74 32.43 -64.09 -85.89
CA PHE SA 74 32.82 -62.68 -85.73
C PHE SA 74 34.31 -62.62 -85.33
N SER SA 75 35.16 -62.26 -86.30
CA SER SA 75 36.62 -62.25 -86.09
C SER SA 75 37.07 -61.04 -85.26
N ILE SA 76 36.90 -61.14 -83.95
CA ILE SA 76 37.23 -60.05 -83.02
C ILE SA 76 37.25 -60.57 -81.57
N PHE SA 77 38.41 -61.04 -81.13
CA PHE SA 77 38.55 -61.74 -79.84
C PHE SA 77 39.50 -61.06 -78.85
N ARG SA 78 39.96 -59.85 -79.17
CA ARG SA 78 40.71 -59.02 -78.23
C ARG SA 78 40.07 -57.64 -78.18
N TRP SA 79 39.74 -57.20 -76.99
CA TRP SA 79 39.03 -55.94 -76.77
C TRP SA 79 39.84 -55.00 -75.87
N ASP SA 80 41.14 -55.24 -75.76
CA ASP SA 80 42.06 -54.41 -74.98
C ASP SA 80 42.32 -53.08 -75.67
N GLN SA 81 42.64 -53.14 -76.96
CA GLN SA 81 42.87 -51.95 -77.77
C GLN SA 81 41.62 -51.57 -78.57
N VAL SA 82 41.66 -50.36 -79.14
CA VAL SA 82 40.54 -49.82 -79.91
C VAL SA 82 40.52 -50.47 -81.29
N GLN SA 83 39.31 -50.71 -81.80
CA GLN SA 83 39.12 -51.49 -83.02
C GLN SA 83 39.40 -50.66 -84.27
N GLN SA 84 38.79 -49.48 -84.34
CA GLN SA 84 38.93 -48.58 -85.49
C GLN SA 84 39.66 -47.29 -85.09
N PRO SA 85 41.01 -47.29 -85.18
CA PRO SA 85 41.76 -46.05 -84.94
C PRO SA 85 41.65 -45.09 -86.12
N LEU SA 86 42.12 -43.86 -85.91
CA LEU SA 86 41.85 -42.76 -86.85
C LEU SA 86 42.74 -42.85 -88.09
N PRO SA 87 42.20 -42.44 -89.26
CA PRO SA 87 42.85 -42.74 -90.54
C PRO SA 87 43.92 -41.72 -90.95
N GLY SA 88 44.85 -42.17 -91.80
CA GLY SA 88 45.91 -41.32 -92.32
C GLY SA 88 46.87 -40.87 -91.23
N GLU SA 89 46.76 -39.60 -90.85
CA GLU SA 89 47.51 -39.06 -89.71
C GLU SA 89 46.82 -39.51 -88.43
N GLY SA 90 47.60 -40.04 -87.49
CA GLY SA 90 47.07 -40.59 -86.24
C GLY SA 90 46.33 -39.59 -85.36
N ASN SA 91 46.77 -38.33 -85.39
CA ASN SA 91 46.17 -37.27 -84.59
C ASN SA 91 44.96 -36.61 -85.23
N ILE SA 92 44.24 -35.84 -84.42
CA ILE SA 92 43.24 -34.87 -84.91
C ILE SA 92 43.50 -33.52 -84.23
N LEU SA 93 44.76 -33.11 -84.21
CA LEU SA 93 45.17 -31.85 -83.56
C LEU SA 93 44.69 -30.66 -84.39
N PRO SA 94 44.06 -29.66 -83.75
CA PRO SA 94 43.76 -28.41 -84.46
C PRO SA 94 45.02 -27.65 -84.93
N PRO SA 95 44.83 -26.56 -85.71
CA PRO SA 95 45.98 -25.72 -86.08
C PRO SA 95 46.53 -24.93 -84.89
N GLY SA 96 47.82 -25.09 -84.62
CA GLY SA 96 48.50 -24.35 -83.56
C GLY SA 96 48.24 -24.87 -82.15
N VAL SA 97 48.39 -26.19 -81.98
CA VAL SA 97 48.37 -26.83 -80.66
C VAL SA 97 49.42 -27.94 -80.58
N SER SA 98 49.75 -28.33 -79.35
CA SER SA 98 50.76 -29.35 -79.09
C SER SA 98 50.33 -30.29 -77.96
N LEU SA 99 50.94 -31.47 -77.95
CA LEU SA 99 50.65 -32.50 -76.93
C LEU SA 99 51.39 -32.18 -75.63
N PRO SA 100 50.96 -32.75 -74.50
CA PRO SA 100 51.64 -32.48 -73.22
C PRO SA 100 53.02 -33.11 -73.14
N LYS SA 106 59.24 -27.47 -60.97
CA LYS SA 106 60.17 -27.19 -62.06
C LYS SA 106 59.44 -26.87 -63.36
N SER SA 107 58.50 -27.75 -63.72
CA SER SA 107 57.66 -27.59 -64.92
C SER SA 107 56.86 -26.29 -64.87
N LYS SA 108 56.27 -26.02 -63.71
CA LYS SA 108 55.53 -24.78 -63.46
C LYS SA 108 56.41 -23.54 -63.63
N SER SA 109 57.62 -23.61 -63.07
CA SER SA 109 58.61 -22.54 -63.19
C SER SA 109 59.01 -22.27 -64.64
N ALA SA 110 59.17 -23.35 -65.40
CA ALA SA 110 59.46 -23.28 -66.83
C ALA SA 110 58.33 -22.62 -67.63
N ASP SA 111 57.10 -23.01 -67.31
CA ASP SA 111 55.90 -22.42 -67.90
C ASP SA 111 55.77 -20.93 -67.63
N VAL SA 112 56.02 -20.55 -66.38
CA VAL SA 112 56.08 -19.14 -65.95
C VAL SA 112 57.09 -18.37 -66.80
N ALA SA 113 58.31 -18.90 -66.87
CA ALA SA 113 59.41 -18.31 -67.63
C ALA SA 113 59.05 -18.09 -69.11
N ALA SA 114 58.41 -19.10 -69.70
CA ALA SA 114 57.94 -19.05 -71.08
C ALA SA 114 56.90 -17.94 -71.28
N GLY SA 115 55.96 -17.86 -70.34
CA GLY SA 115 54.92 -16.83 -70.36
C GLY SA 115 55.47 -15.42 -70.25
N LEU SA 116 56.46 -15.26 -69.37
CA LEU SA 116 57.19 -13.99 -69.21
C LEU SA 116 57.90 -13.58 -70.49
N HIS SA 117 58.55 -14.55 -71.13
CA HIS SA 117 59.25 -14.34 -72.39
C HIS SA 117 58.31 -13.82 -73.50
N LYS SA 118 57.10 -14.39 -73.56
CA LYS SA 118 56.07 -13.89 -74.46
C LYS SA 118 55.64 -12.47 -74.12
N GLN SA 119 55.22 -12.27 -72.87
CA GLN SA 119 54.63 -11.00 -72.44
C GLN SA 119 55.61 -9.84 -72.43
N THR SA 120 56.83 -10.07 -71.94
CA THR SA 120 57.78 -8.98 -71.67
C THR SA 120 59.24 -9.22 -72.12
N GLY SA 121 59.46 -10.17 -73.05
CA GLY SA 121 60.77 -10.37 -73.68
C GLY SA 121 61.92 -10.78 -72.78
N VAL SA 122 61.60 -11.38 -71.62
CA VAL SA 122 62.61 -11.76 -70.63
C VAL SA 122 63.18 -13.14 -70.98
N ASP SA 123 64.44 -13.34 -70.60
CA ASP SA 123 65.17 -14.59 -70.89
C ASP SA 123 64.57 -15.74 -70.06
N PRO SA 124 63.98 -16.76 -70.73
CA PRO SA 124 63.36 -17.87 -70.00
C PRO SA 124 64.34 -18.73 -69.22
N ASP SA 125 65.47 -19.05 -69.86
CA ASP SA 125 66.51 -19.91 -69.28
C ASP SA 125 67.06 -19.37 -67.96
N TYR SA 126 67.29 -18.06 -67.92
CA TYR SA 126 67.70 -17.37 -66.70
C TYR SA 126 66.67 -17.53 -65.59
N ILE SA 127 65.40 -17.30 -65.93
CA ILE SA 127 64.27 -17.42 -64.99
C ILE SA 127 64.19 -18.81 -64.41
N THR SA 128 64.35 -19.82 -65.27
CA THR SA 128 64.28 -21.22 -64.88
C THR SA 128 65.40 -21.58 -63.89
N ARG SA 129 66.62 -21.14 -64.20
CA ARG SA 129 67.81 -21.63 -63.49
C ARG SA 129 68.24 -20.73 -62.33
N LYS SA 130 68.66 -19.51 -62.65
CA LYS SA 130 69.33 -18.64 -61.69
C LYS SA 130 68.40 -18.06 -60.63
N LEU SA 131 67.17 -17.72 -61.03
CA LEU SA 131 66.16 -17.26 -60.08
C LEU SA 131 65.67 -18.43 -59.23
N THR SA 132 65.57 -18.21 -57.93
CA THR SA 132 65.02 -19.18 -56.98
C THR SA 132 64.02 -18.47 -56.09
N MET SA 133 62.83 -19.04 -55.94
CA MET SA 133 61.74 -18.38 -55.23
C MET SA 133 61.54 -18.92 -53.81
N LYS SA 134 60.78 -18.15 -53.03
CA LYS SA 134 60.53 -18.44 -51.63
C LYS SA 134 59.21 -17.78 -51.21
N PRO SA 135 58.19 -18.59 -50.85
CA PRO SA 135 56.96 -18.00 -50.28
C PRO SA 135 57.18 -17.37 -48.89
N LEU SA 136 56.71 -16.14 -48.72
CA LEU SA 136 56.80 -15.42 -47.44
C LEU SA 136 55.50 -15.49 -46.65
N VAL SA 137 54.38 -15.23 -47.32
CA VAL SA 137 53.04 -15.38 -46.70
C VAL SA 137 52.10 -16.11 -47.65
N MET SA 138 51.20 -16.90 -47.05
CA MET SA 138 50.35 -17.85 -47.74
C MET SA 138 48.96 -17.88 -47.09
N LYS SA 139 48.28 -16.74 -47.11
CA LYS SA 139 46.95 -16.61 -46.50
C LYS SA 139 45.87 -17.34 -47.30
N ARG SA 140 44.81 -17.72 -46.60
CA ARG SA 140 43.49 -17.85 -47.18
C ARG SA 140 42.70 -16.63 -46.74
N VAL SA 141 42.00 -16.02 -47.69
CA VAL SA 141 41.42 -14.69 -47.54
C VAL SA 141 40.00 -14.75 -48.14
N SER SA 142 39.07 -13.97 -47.62
CA SER SA 142 37.66 -14.09 -48.04
C SER SA 142 36.92 -12.76 -48.19
N ASN SA 143 35.87 -12.77 -49.02
CA ASN SA 143 35.00 -11.62 -49.23
C ASN SA 143 33.55 -12.01 -48.98
N GLN SA 144 32.83 -11.19 -48.23
CA GLN SA 144 31.40 -11.42 -47.98
C GLN SA 144 30.59 -10.89 -49.16
N THR SA 145 30.21 -11.81 -50.04
CA THR SA 145 29.40 -11.53 -51.21
C THR SA 145 27.96 -11.96 -50.89
N GLY SA 146 26.99 -11.45 -51.65
CA GLY SA 146 25.58 -11.85 -51.51
C GLY SA 146 25.35 -13.35 -51.63
N LYS SA 147 26.10 -13.99 -52.53
CA LYS SA 147 26.16 -15.46 -52.64
C LYS SA 147 26.55 -16.08 -51.31
N GLY SA 148 27.62 -15.55 -50.73
CA GLY SA 148 28.09 -15.96 -49.41
C GLY SA 148 29.51 -15.49 -49.18
N LYS SA 149 30.18 -16.12 -48.22
CA LYS SA 149 31.60 -15.89 -48.00
C LYS SA 149 32.38 -16.59 -49.10
N ILE SA 150 33.16 -15.81 -49.86
CA ILE SA 150 33.91 -16.33 -51.00
C ILE SA 150 35.40 -16.27 -50.67
N ALA SA 151 36.00 -17.44 -50.45
CA ALA SA 151 37.41 -17.54 -50.05
C ALA SA 151 38.34 -17.40 -51.25
N SER SA 152 39.57 -16.97 -50.99
CA SER SA 152 40.56 -16.65 -52.01
C SER SA 152 41.96 -16.82 -51.45
N PHE SA 153 42.79 -17.61 -52.14
CA PHE SA 153 44.13 -17.95 -51.67
C PHE SA 153 45.13 -16.86 -52.05
N TYR SA 154 45.71 -16.22 -51.04
CA TYR SA 154 46.67 -15.12 -51.24
C TYR SA 154 48.08 -15.60 -50.92
N ALA SA 155 48.98 -15.47 -51.91
CA ALA SA 155 50.40 -15.78 -51.74
C ALA SA 155 51.21 -14.50 -51.83
N LEU SA 156 52.46 -14.56 -51.35
CA LEU SA 156 53.39 -13.43 -51.42
C LEU SA 156 54.80 -14.00 -51.41
N VAL SA 157 55.45 -13.94 -52.57
CA VAL SA 157 56.53 -14.86 -52.91
C VAL SA 157 57.75 -14.10 -53.44
N VAL SA 158 58.80 -14.01 -52.61
CA VAL SA 158 60.06 -13.39 -53.05
C VAL SA 158 60.83 -14.33 -53.97
N VAL SA 159 61.22 -13.82 -55.13
CA VAL SA 159 62.09 -14.52 -56.08
C VAL SA 159 63.37 -13.70 -56.21
N GLY SA 160 64.49 -14.36 -56.47
CA GLY SA 160 65.76 -13.66 -56.57
C GLY SA 160 66.95 -14.50 -56.96
N ASP SA 161 67.64 -14.03 -58.01
CA ASP SA 161 69.00 -14.49 -58.33
C ASP SA 161 69.89 -14.02 -57.19
N LYS SA 162 70.70 -14.91 -56.64
CA LYS SA 162 71.52 -14.59 -55.46
C LYS SA 162 72.78 -13.81 -55.81
N ASN SA 163 72.59 -12.70 -56.53
CA ASN SA 163 73.64 -11.75 -56.88
C ASN SA 163 73.05 -10.34 -56.94
N GLY SA 164 72.33 -9.97 -55.88
CA GLY SA 164 71.74 -8.64 -55.75
C GLY SA 164 70.53 -8.32 -56.63
N MET SA 165 69.97 -9.32 -57.30
CA MET SA 165 68.79 -9.14 -58.15
C MET SA 165 67.62 -9.86 -57.47
N VAL SA 166 66.65 -9.09 -57.00
CA VAL SA 166 65.56 -9.63 -56.17
C VAL SA 166 64.23 -8.94 -56.50
N GLY SA 167 63.13 -9.70 -56.36
CA GLY SA 167 61.79 -9.18 -56.59
C GLY SA 167 60.73 -9.84 -55.72
N LEU SA 168 59.85 -9.00 -55.18
CA LEU SA 168 58.65 -9.44 -54.45
C LEU SA 168 57.48 -9.51 -55.40
N GLY SA 169 56.54 -10.42 -55.13
CA GLY SA 169 55.34 -10.56 -55.95
C GLY SA 169 54.22 -11.22 -55.18
N GLU SA 170 53.00 -10.71 -55.37
CA GLU SA 170 51.79 -11.26 -54.75
C GLU SA 170 50.81 -11.69 -55.81
N GLY SA 171 50.01 -12.70 -55.49
CA GLY SA 171 49.10 -13.32 -56.43
C GLY SA 171 47.93 -13.95 -55.70
N LYS SA 172 46.86 -14.21 -56.43
CA LYS SA 172 45.57 -14.53 -55.81
C LYS SA 172 44.72 -15.42 -56.72
N SER SA 173 44.09 -16.43 -56.12
CA SER SA 173 43.20 -17.32 -56.86
C SER SA 173 42.11 -17.86 -55.96
N ARG SA 174 40.88 -17.84 -56.46
CA ARG SA 174 39.74 -18.49 -55.81
C ARG SA 174 39.92 -20.01 -55.82
N GLU SA 175 40.41 -20.52 -56.94
CA GLU SA 175 40.88 -21.91 -57.05
C GLU SA 175 42.16 -22.09 -56.22
N GLU SA 176 42.54 -23.34 -55.99
CA GLU SA 176 43.53 -23.70 -54.96
C GLU SA 176 44.89 -22.99 -55.05
N MET SA 177 45.59 -22.98 -53.91
CA MET SA 177 46.73 -22.10 -53.64
C MET SA 177 47.90 -22.18 -54.63
N SER SA 178 48.07 -23.33 -55.27
CA SER SA 178 49.11 -23.51 -56.29
C SER SA 178 49.06 -22.44 -57.38
N LYS SA 179 47.85 -22.14 -57.84
CA LYS SA 179 47.60 -21.10 -58.85
C LYS SA 179 47.98 -19.71 -58.34
N ALA SA 180 47.62 -19.42 -57.09
CA ALA SA 180 47.96 -18.17 -56.42
C ALA SA 180 49.46 -17.97 -56.30
N ILE SA 181 50.16 -19.05 -55.92
CA ILE SA 181 51.62 -19.05 -55.81
C ILE SA 181 52.30 -18.80 -57.16
N PHE SA 182 51.79 -19.46 -58.21
CA PHE SA 182 52.24 -19.26 -59.59
C PHE SA 182 52.13 -17.79 -59.99
N LYS SA 183 50.98 -17.20 -59.71
CA LYS SA 183 50.71 -15.78 -59.96
C LYS SA 183 51.67 -14.84 -59.22
N ALA SA 184 51.92 -15.17 -57.96
CA ALA SA 184 52.86 -14.43 -57.12
C ALA SA 184 54.29 -14.49 -57.68
N HIS SA 185 54.67 -15.68 -58.12
CA HIS SA 185 55.97 -15.92 -58.76
C HIS SA 185 56.12 -15.09 -60.04
N TRP SA 186 55.09 -15.13 -60.87
CA TRP SA 186 55.02 -14.33 -62.10
C TRP SA 186 55.23 -12.86 -61.80
N ASP SA 187 54.47 -12.34 -60.82
CA ASP SA 187 54.55 -10.96 -60.37
C ASP SA 187 55.95 -10.58 -59.91
N ALA SA 188 56.56 -11.48 -59.15
CA ALA SA 188 57.92 -11.31 -58.64
C ALA SA 188 58.96 -11.17 -59.75
N VAL SA 189 58.84 -12.01 -60.77
CA VAL SA 189 59.77 -11.99 -61.90
C VAL SA 189 59.54 -10.74 -62.77
N ARG SA 190 58.30 -10.29 -62.88
CA ARG SA 190 58.00 -9.00 -63.53
C ARG SA 190 58.67 -7.83 -62.80
N ASN SA 191 58.69 -7.91 -61.47
CA ASN SA 191 59.25 -6.87 -60.60
C ASN SA 191 60.68 -7.14 -60.08
N LEU SA 192 61.55 -7.69 -60.91
CA LEU SA 192 62.95 -7.91 -60.50
C LEU SA 192 63.69 -6.58 -60.43
N LYS SA 193 64.61 -6.49 -59.46
CA LYS SA 193 65.13 -5.21 -58.99
C LYS SA 193 66.57 -5.40 -58.49
N GLU SA 194 67.48 -4.55 -58.96
CA GLU SA 194 68.89 -4.63 -58.56
C GLU SA 194 69.11 -3.84 -57.26
N ILE SA 195 69.30 -4.57 -56.16
CA ILE SA 195 69.65 -3.95 -54.88
C ILE SA 195 71.17 -3.71 -54.82
N PRO SA 196 71.60 -2.54 -54.29
CA PRO SA 196 73.02 -2.30 -54.07
C PRO SA 196 73.47 -2.93 -52.76
N ARG SA 197 74.71 -3.41 -52.72
CA ARG SA 197 75.23 -4.04 -51.50
C ARG SA 197 76.76 -4.01 -51.43
N TYR SA 198 77.27 -3.65 -50.25
CA TYR SA 198 78.70 -3.52 -49.98
C TYR SA 198 79.40 -4.89 -49.96
N GLU SA 199 80.46 -5.02 -50.75
CA GLU SA 199 81.27 -6.25 -50.86
C GLU SA 199 80.51 -7.51 -51.33
N ASN SA 200 79.35 -7.32 -51.97
CA ASN SA 200 78.44 -8.42 -52.32
C ASN SA 200 78.14 -9.35 -51.14
N ARG SA 201 77.70 -8.75 -50.03
CA ARG SA 201 77.38 -9.49 -48.81
C ARG SA 201 76.50 -8.77 -47.78
N THR SA 202 76.59 -7.43 -47.71
CA THR SA 202 75.78 -6.66 -46.78
C THR SA 202 75.42 -5.28 -47.34
N ILE SA 203 74.49 -4.63 -46.67
CA ILE SA 203 74.09 -3.25 -47.01
C ILE SA 203 75.22 -2.27 -46.68
N TYR SA 204 75.14 -1.07 -47.26
CA TYR SA 204 76.22 -0.08 -47.12
C TYR SA 204 76.27 0.56 -45.72
N GLY SA 205 75.22 1.32 -45.39
CA GLY SA 205 75.11 1.97 -44.09
C GLY SA 205 74.07 1.31 -43.20
N ASP SA 206 74.02 1.76 -41.96
CA ASP SA 206 72.97 1.37 -41.02
C ASP SA 206 71.69 2.12 -41.41
N ILE SA 207 70.74 1.41 -42.03
CA ILE SA 207 69.51 2.04 -42.53
C ILE SA 207 68.39 1.96 -41.49
N ASP SA 208 67.54 2.98 -41.49
CA ASP SA 208 66.40 3.09 -40.58
C ASP SA 208 65.23 3.70 -41.35
N PHE SA 209 64.27 2.85 -41.71
CA PHE SA 209 63.28 3.16 -42.73
C PHE SA 209 61.89 2.75 -42.26
N ARG SA 210 60.90 3.59 -42.55
CA ARG SA 210 59.51 3.30 -42.23
C ARG SA 210 58.71 3.04 -43.50
N TYR SA 211 58.08 1.87 -43.53
CA TYR SA 211 57.12 1.52 -44.57
C TYR SA 211 55.77 1.28 -43.91
N HIS SA 212 54.88 2.26 -44.04
CA HIS SA 212 53.53 2.20 -43.47
C HIS SA 212 53.57 1.99 -41.94
N GLY SA 213 53.22 0.80 -41.47
CA GLY SA 213 53.27 0.50 -40.04
C GLY SA 213 54.70 0.19 -39.64
N VAL SA 214 55.24 -0.87 -40.22
CA VAL SA 214 56.59 -1.36 -39.86
C VAL SA 214 57.65 -0.25 -39.86
N LYS SA 215 58.33 -0.13 -38.72
CA LYS SA 215 59.57 0.63 -38.59
C LYS SA 215 60.72 -0.37 -38.68
N LEU SA 216 61.52 -0.26 -39.74
CA LEU SA 216 62.69 -1.12 -39.92
C LEU SA 216 63.94 -0.47 -39.35
N HIS SA 217 64.86 -1.32 -38.90
CA HIS SA 217 66.21 -0.91 -38.53
C HIS SA 217 67.13 -2.02 -38.97
N LEU SA 218 68.01 -1.75 -39.95
CA LEU SA 218 68.93 -2.75 -40.47
C LEU SA 218 70.35 -2.21 -40.39
N ARG SA 219 71.15 -2.80 -39.50
CA ARG SA 219 72.56 -2.48 -39.35
C ARG SA 219 73.39 -3.33 -40.31
N SER SA 220 74.48 -2.76 -40.81
CA SER SA 220 75.47 -3.52 -41.57
C SER SA 220 76.20 -4.49 -40.66
N ALA SA 221 76.97 -5.40 -41.25
CA ALA SA 221 77.60 -6.48 -40.49
C ALA SA 221 79.00 -6.80 -40.99
N LYS SA 222 79.89 -7.10 -40.05
CA LYS SA 222 81.23 -7.62 -40.38
C LYS SA 222 81.10 -9.00 -41.01
N PRO SA 223 82.05 -9.38 -41.89
CA PRO SA 223 81.88 -10.62 -42.64
C PRO SA 223 82.01 -11.86 -41.74
N GLY SA 224 81.08 -12.80 -41.89
CA GLY SA 224 81.02 -14.01 -41.04
C GLY SA 224 79.84 -13.96 -40.08
N PHE SA 225 79.64 -12.80 -39.46
CA PHE SA 225 78.40 -12.50 -38.72
C PHE SA 225 77.25 -12.68 -39.71
N GLY SA 226 76.32 -13.58 -39.41
CA GLY SA 226 75.31 -14.00 -40.38
C GLY SA 226 74.14 -13.05 -40.53
N LEU SA 227 73.03 -13.60 -41.02
CA LEU SA 227 71.75 -12.89 -41.05
C LEU SA 227 71.09 -13.06 -39.69
N ARG SA 228 70.88 -11.94 -39.00
CA ARG SA 228 70.31 -11.92 -37.65
C ARG SA 228 69.15 -10.95 -37.63
N VAL SA 229 68.07 -11.35 -38.31
CA VAL SA 229 66.93 -10.49 -38.56
C VAL SA 229 65.63 -11.29 -38.60
N ASN SA 230 64.51 -10.56 -38.58
CA ASN SA 230 63.17 -11.13 -38.74
C ASN SA 230 63.10 -12.11 -39.91
N HIS SA 231 62.34 -13.20 -39.72
CA HIS SA 231 62.34 -14.34 -40.66
C HIS SA 231 62.02 -13.97 -42.12
N VAL SA 232 61.15 -12.97 -42.29
CA VAL SA 232 60.79 -12.45 -43.61
C VAL SA 232 62.00 -11.77 -44.26
N ILE SA 233 62.68 -10.96 -43.45
CA ILE SA 233 63.87 -10.21 -43.88
C ILE SA 233 64.95 -11.19 -44.32
N PHE SA 234 65.18 -12.21 -43.48
CA PHE SA 234 66.13 -13.29 -43.75
C PHE SA 234 65.86 -13.94 -45.09
N GLU SA 235 64.61 -14.36 -45.29
CA GLU SA 235 64.15 -14.97 -46.54
C GLU SA 235 64.46 -14.10 -47.77
N ILE SA 236 64.16 -12.82 -47.65
CA ILE SA 236 64.43 -11.85 -48.71
C ILE SA 236 65.93 -11.69 -48.99
N CYS SA 237 66.72 -11.68 -47.92
CA CYS SA 237 68.18 -11.56 -48.02
C CYS SA 237 68.83 -12.76 -48.70
N GLU SA 238 68.36 -13.96 -48.34
CA GLU SA 238 68.82 -15.21 -48.96
C GLU SA 238 68.68 -15.18 -50.48
N CYS SA 239 67.51 -14.74 -50.93
CA CYS SA 239 67.22 -14.57 -52.36
C CYS SA 239 68.02 -13.42 -52.99
N ALA SA 240 68.13 -12.31 -52.27
CA ALA SA 240 68.84 -11.11 -52.75
C ALA SA 240 70.36 -11.10 -52.54
N GLY SA 241 70.93 -12.18 -52.00
CA GLY SA 241 72.39 -12.34 -51.89
C GLY SA 241 73.08 -11.63 -50.74
N ILE SA 242 72.31 -11.15 -49.76
CA ILE SA 242 72.87 -10.54 -48.55
C ILE SA 242 73.25 -11.65 -47.58
N LYS SA 243 74.55 -11.81 -47.34
CA LYS SA 243 75.08 -12.81 -46.39
C LYS SA 243 75.02 -12.33 -44.94
N ASP SA 244 75.36 -11.06 -44.71
CA ASP SA 244 75.56 -10.52 -43.36
C ASP SA 244 74.60 -9.36 -43.11
N LEU SA 245 73.81 -9.45 -42.04
CA LEU SA 245 72.85 -8.40 -41.70
C LEU SA 245 72.37 -8.52 -40.26
N SER SA 246 72.36 -7.40 -39.55
CA SER SA 246 71.70 -7.31 -38.24
C SER SA 246 70.54 -6.33 -38.39
N GLY SA 247 69.52 -6.48 -37.55
CA GLY SA 247 68.39 -5.59 -37.62
C GLY SA 247 67.19 -6.03 -36.80
N LYS SA 248 66.26 -5.11 -36.63
CA LYS SA 248 65.10 -5.33 -35.76
C LYS SA 248 63.91 -4.48 -36.21
N VAL SA 249 62.74 -5.11 -36.20
CA VAL SA 249 61.50 -4.50 -36.63
C VAL SA 249 60.75 -3.97 -35.41
N TYR SA 250 60.38 -2.69 -35.47
CA TYR SA 250 59.52 -2.06 -34.47
C TYR SA 250 58.16 -1.72 -35.06
N LYS SA 251 57.23 -1.42 -34.16
CA LYS SA 251 55.84 -1.12 -34.49
C LYS SA 251 55.16 -2.35 -35.13
N SER SA 252 54.52 -2.22 -36.30
CA SER SA 252 53.91 -3.37 -36.97
C SER SA 252 54.97 -4.39 -37.39
N ARG SA 253 54.61 -5.66 -37.29
CA ARG SA 253 55.42 -6.77 -37.80
C ARG SA 253 54.56 -7.60 -38.74
N ASN SA 254 53.85 -6.89 -39.61
CA ASN SA 254 52.97 -7.51 -40.59
C ASN SA 254 53.82 -8.02 -41.74
N ASP SA 255 53.82 -9.34 -41.90
CA ASP SA 255 54.78 -10.08 -42.75
C ASP SA 255 54.90 -9.47 -44.15
N MET SA 256 53.75 -9.27 -44.78
CA MET SA 256 53.66 -8.67 -46.11
C MET SA 256 54.32 -7.29 -46.16
N ASN SA 257 53.96 -6.44 -45.21
CA ASN SA 257 54.49 -5.08 -45.12
C ASN SA 257 55.98 -5.03 -44.80
N ILE SA 258 56.46 -6.02 -44.05
CA ILE SA 258 57.90 -6.20 -43.81
C ILE SA 258 58.59 -6.49 -45.14
N ALA SA 259 58.04 -7.44 -45.88
CA ALA SA 259 58.58 -7.86 -47.17
C ALA SA 259 58.63 -6.71 -48.18
N LYS SA 260 57.56 -5.94 -48.23
CA LYS SA 260 57.47 -4.75 -49.08
C LYS SA 260 58.41 -3.64 -48.60
N GLY SA 261 58.43 -3.42 -47.29
CA GLY SA 261 59.24 -2.37 -46.68
C GLY SA 261 60.73 -2.59 -46.81
N THR SA 262 61.17 -3.84 -46.64
CA THR SA 262 62.60 -4.15 -46.63
C THR SA 262 63.24 -4.02 -48.01
N ILE SA 263 62.54 -4.46 -49.07
CA ILE SA 263 63.04 -4.30 -50.45
C ILE SA 263 63.08 -2.82 -50.86
N GLU SA 264 62.11 -2.06 -50.36
CA GLU SA 264 62.05 -0.62 -50.59
C GLU SA 264 63.25 0.06 -49.92
N ALA SA 265 63.49 -0.30 -48.67
CA ALA SA 265 64.65 0.18 -47.91
C ALA SA 265 65.97 -0.13 -48.63
N PHE SA 266 66.10 -1.37 -49.12
CA PHE SA 266 67.28 -1.79 -49.87
C PHE SA 266 67.52 -0.95 -51.11
N THR SA 267 66.46 -0.74 -51.89
CA THR SA 267 66.58 -0.04 -53.17
C THR SA 267 66.79 1.47 -52.96
N LYS SA 268 66.17 2.01 -51.91
CA LYS SA 268 65.93 3.45 -51.76
C LYS SA 268 66.79 4.08 -50.65
N ALA SA 269 66.74 3.49 -49.44
CA ALA SA 269 67.49 4.01 -48.29
C ALA SA 269 69.01 3.89 -48.45
N GLN SA 270 69.46 2.85 -49.15
CA GLN SA 270 70.88 2.66 -49.42
C GLN SA 270 71.41 3.69 -50.41
N LYS SA 271 72.65 4.13 -50.16
CA LYS SA 271 73.46 4.84 -51.14
C LYS SA 271 74.78 4.09 -51.24
N THR SA 272 75.19 3.76 -52.48
CA THR SA 272 76.50 3.18 -52.71
C THR SA 272 77.56 4.25 -52.46
N LEU SA 273 78.74 3.83 -52.00
CA LEU SA 273 79.83 4.77 -51.69
C LEU SA 273 80.23 5.61 -52.89
N ASP SA 274 80.28 4.97 -54.06
CA ASP SA 274 80.66 5.62 -55.31
C ASP SA 274 79.72 6.77 -55.69
N GLU SA 275 78.42 6.53 -55.55
CA GLU SA 275 77.39 7.55 -55.77
C GLU SA 275 77.55 8.75 -54.84
N VAL SA 276 77.82 8.46 -53.57
CA VAL SA 276 78.03 9.49 -52.53
C VAL SA 276 79.26 10.33 -52.88
N ALA SA 277 80.35 9.65 -53.23
CA ALA SA 277 81.59 10.27 -53.65
C ALA SA 277 81.39 11.23 -54.83
N LEU SA 278 80.65 10.75 -55.82
CA LEU SA 278 80.28 11.55 -57.01
C LEU SA 278 79.49 12.79 -56.66
N GLY SA 279 78.50 12.63 -55.79
CA GLY SA 279 77.67 13.73 -55.31
C GLY SA 279 78.45 14.81 -54.58
N ARG SA 280 79.35 14.37 -53.69
CA ARG SA 280 80.09 15.30 -52.83
C ARG SA 280 81.38 15.83 -53.46
N GLY SA 281 81.97 15.05 -54.37
CA GLY SA 281 83.21 15.41 -55.04
C GLY SA 281 84.42 15.05 -54.21
N LYS SA 282 84.35 13.90 -53.53
CA LYS SA 282 85.39 13.45 -52.61
C LYS SA 282 85.70 11.96 -52.79
N LYS SA 283 86.87 11.57 -52.30
CA LYS SA 283 87.25 10.17 -52.21
C LYS SA 283 86.53 9.58 -51.00
N LEU SA 284 86.10 8.33 -51.11
CA LEU SA 284 85.37 7.66 -50.03
C LEU SA 284 85.89 6.24 -49.88
N VAL SA 285 87.04 6.13 -49.24
CA VAL SA 285 87.78 4.87 -49.17
C VAL SA 285 87.17 3.93 -48.13
N ASP SA 286 87.28 2.64 -48.37
CA ASP SA 286 86.97 1.61 -47.37
C ASP SA 286 88.27 1.09 -46.75
N VAL SA 287 88.45 1.40 -45.47
CA VAL SA 287 89.74 1.25 -44.77
C VAL SA 287 90.19 -0.22 -44.68
N ARG SA 288 89.26 -1.10 -44.37
CA ARG SA 288 89.49 -2.55 -44.28
C ARG SA 288 90.07 -3.13 -45.57
N LYS SA 289 89.44 -2.77 -46.70
CA LYS SA 289 89.87 -3.20 -48.03
C LYS SA 289 91.30 -2.76 -48.33
N VAL SA 290 91.59 -1.50 -47.99
CA VAL SA 290 92.92 -0.91 -48.18
C VAL SA 290 93.98 -1.67 -47.38
N TYR SA 291 93.63 -1.96 -46.12
CA TYR SA 291 94.49 -2.74 -45.22
C TYR SA 291 94.82 -4.14 -45.76
N TYR SA 292 93.82 -4.76 -46.40
CA TYR SA 292 93.83 -6.17 -46.84
C TYR SA 292 93.55 -7.12 -45.67
N SER SA 293 92.62 -6.71 -44.80
CA SER SA 293 92.17 -7.49 -43.64
C SER SA 293 93.32 -7.99 -42.76
N MET TA 1 33.13 67.50 -26.15
CA MET TA 1 32.56 66.34 -26.91
C MET TA 1 31.34 66.75 -27.73
N LEU TA 2 31.47 66.67 -29.04
CA LEU TA 2 30.38 67.04 -29.96
C LEU TA 2 29.30 65.96 -29.97
N TYR TA 3 28.12 66.29 -29.47
CA TYR TA 3 26.96 65.41 -29.51
C TYR TA 3 25.90 65.98 -30.44
N GLU TA 4 25.50 65.20 -31.44
CA GLU TA 4 24.34 65.51 -32.26
C GLU TA 4 23.09 65.15 -31.46
N LEU TA 5 21.98 65.82 -31.75
CA LEU TA 5 20.69 65.51 -31.15
C LEU TA 5 19.63 65.43 -32.25
N ILE TA 6 18.63 64.57 -32.06
CA ILE TA 6 17.43 64.54 -32.90
C ILE TA 6 16.20 64.44 -31.99
N GLY TA 7 15.45 65.54 -31.91
CA GLY TA 7 14.19 65.58 -31.18
C GLY TA 7 13.02 65.74 -32.13
N LEU TA 8 12.01 64.87 -32.00
CA LEU TA 8 10.75 64.99 -32.74
C LEU TA 8 9.73 65.58 -31.79
N VAL TA 9 9.48 66.89 -31.92
CA VAL TA 9 8.63 67.60 -30.96
C VAL TA 9 7.15 67.45 -31.29
N ARG TA 10 6.33 67.84 -30.33
CA ARG TA 10 4.87 67.85 -30.46
C ARG TA 10 4.42 69.09 -31.24
N ILE TA 11 3.31 68.95 -31.96
CA ILE TA 11 2.67 70.08 -32.66
C ILE TA 11 1.16 70.07 -32.44
N THR TA 12 0.75 70.60 -31.28
CA THR TA 12 -0.66 70.66 -30.88
C THR TA 12 -1.43 71.68 -31.71
N ASN TA 13 -0.92 72.91 -31.76
CA ASN TA 13 -1.54 74.00 -32.51
C ASN TA 13 -1.40 73.77 -34.02
N SER TA 14 -2.52 73.90 -34.73
CA SER TA 14 -2.57 73.62 -36.17
C SER TA 14 -1.95 74.74 -37.00
N ASN TA 15 -2.36 75.97 -36.72
CA ASN TA 15 -1.94 77.15 -37.50
C ASN TA 15 -0.48 77.54 -37.28
N ALA TA 16 -0.03 77.49 -36.03
CA ALA TA 16 1.35 77.84 -35.65
C ALA TA 16 2.06 76.61 -35.07
N PRO TA 17 2.57 75.71 -35.93
CA PRO TA 17 3.13 74.43 -35.47
C PRO TA 17 4.50 74.53 -34.78
N LYS TA 18 5.37 75.40 -35.29
CA LYS TA 18 6.78 75.46 -34.84
C LYS TA 18 7.04 76.04 -33.44
N LEU TA 19 6.02 76.62 -32.80
CA LEU TA 19 6.22 77.37 -31.54
C LEU TA 19 6.77 76.50 -30.41
N GLU TA 20 6.14 75.36 -30.20
CA GLU TA 20 6.56 74.39 -29.17
C GLU TA 20 7.99 73.89 -29.41
N ALA TA 21 8.29 73.60 -30.69
CA ALA TA 21 9.62 73.21 -31.13
C ALA TA 21 10.66 74.25 -30.80
N LYS TA 22 10.34 75.49 -31.16
CA LYS TA 22 11.18 76.66 -30.94
C LYS TA 22 11.50 76.87 -29.47
N GLU TA 23 10.46 76.74 -28.63
CA GLU TA 23 10.59 76.80 -27.17
C GLU TA 23 11.52 75.72 -26.63
N LEU TA 24 11.34 74.50 -27.13
CA LEU TA 24 12.17 73.35 -26.77
C LEU TA 24 13.65 73.63 -27.10
N SER TA 25 13.88 74.10 -28.33
CA SER TA 25 15.21 74.45 -28.82
C SER TA 25 15.87 75.52 -27.97
N SER TA 26 15.09 76.53 -27.60
CA SER TA 26 15.55 77.60 -26.70
C SER TA 26 15.99 77.03 -25.37
N THR TA 27 15.12 76.24 -24.74
CA THR TA 27 15.34 75.73 -23.38
C THR TA 27 16.57 74.83 -23.31
N ILE TA 28 16.64 73.86 -24.20
CA ILE TA 28 17.77 72.93 -24.24
C ILE TA 28 19.08 73.65 -24.58
N GLY TA 29 19.02 74.62 -25.49
CA GLY TA 29 20.18 75.46 -25.82
C GLY TA 29 20.66 76.28 -24.63
N LYS TA 30 19.71 76.83 -23.89
CA LYS TA 30 19.98 77.56 -22.63
C LYS TA 30 20.67 76.68 -21.60
N LEU TA 31 20.15 75.46 -21.43
CA LEU TA 31 20.73 74.47 -20.53
C LEU TA 31 22.18 74.16 -20.91
N ILE TA 32 22.39 73.88 -22.19
CA ILE TA 32 23.72 73.60 -22.75
C ILE TA 32 24.71 74.70 -22.40
N ILE TA 33 24.33 75.95 -22.68
CA ILE TA 33 25.23 77.09 -22.47
C ILE TA 33 25.49 77.41 -20.99
N GLN TA 34 24.50 77.16 -20.13
CA GLN TA 34 24.70 77.29 -18.68
C GLN TA 34 25.68 76.26 -18.17
N ASN TA 35 25.67 75.07 -18.79
CA ASN TA 35 26.53 73.97 -18.38
C ASN TA 35 27.75 73.74 -19.26
N ARG TA 36 28.58 74.77 -19.34
CA ARG TA 36 29.86 74.75 -20.08
C ARG TA 36 29.79 74.40 -21.58
N GLY TA 37 28.59 74.30 -22.14
CA GLY TA 37 28.39 73.75 -23.47
C GLY TA 37 28.43 74.81 -24.55
N VAL TA 38 28.42 74.34 -25.79
CA VAL TA 38 28.53 75.20 -26.98
C VAL TA 38 27.66 74.60 -28.09
N VAL TA 39 26.45 75.12 -28.28
CA VAL TA 39 25.62 74.71 -29.43
C VAL TA 39 26.21 75.29 -30.73
N ARG TA 40 26.51 74.42 -31.69
CA ARG TA 40 27.13 74.82 -32.96
C ARG TA 40 26.10 75.14 -34.02
N ASP TA 41 25.11 74.26 -34.19
CA ASP TA 41 24.08 74.42 -35.21
C ASP TA 41 22.74 73.87 -34.74
N ILE TA 42 21.67 74.51 -35.19
CA ILE TA 42 20.30 74.13 -34.87
C ILE TA 42 19.57 73.93 -36.21
N VAL TA 43 19.82 72.79 -36.84
CA VAL TA 43 19.23 72.50 -38.16
C VAL TA 43 17.75 72.17 -37.98
N PRO TA 44 16.86 72.96 -38.62
CA PRO TA 44 15.45 72.56 -38.62
C PRO TA 44 15.21 71.46 -39.64
N MET TA 45 14.19 70.64 -39.38
CA MET TA 45 13.65 69.75 -40.39
C MET TA 45 12.13 69.96 -40.45
N GLY TA 46 11.51 69.42 -41.48
CA GLY TA 46 10.11 69.73 -41.79
C GLY TA 46 9.08 69.17 -40.82
N ILE TA 47 7.84 69.60 -41.00
CA ILE TA 47 6.69 69.02 -40.29
C ILE TA 47 6.41 67.70 -41.00
N ARG TA 48 7.11 66.66 -40.55
CA ARG TA 48 7.10 65.34 -41.19
C ARG TA 48 6.16 64.40 -40.44
N TYR TA 49 5.37 63.63 -41.18
CA TYR TA 49 4.48 62.63 -40.59
C TYR TA 49 5.29 61.47 -40.02
N LEU TA 50 4.88 60.96 -38.87
CA LEU TA 50 5.52 59.79 -38.26
C LEU TA 50 5.15 58.53 -39.05
N PRO TA 51 6.03 57.50 -39.04
CA PRO TA 51 5.71 56.24 -39.72
C PRO TA 51 4.48 55.53 -39.18
N LYS TA 52 4.35 55.48 -37.86
CA LYS TA 52 3.19 54.92 -37.17
C LYS TA 52 2.64 55.96 -36.19
N ILE TA 53 1.45 55.71 -35.65
CA ILE TA 53 0.83 56.60 -34.67
C ILE TA 53 1.57 56.40 -33.34
N MET TA 54 2.63 57.19 -33.15
CA MET TA 54 3.49 57.05 -31.97
C MET TA 54 2.86 57.77 -30.79
N LYS TA 55 2.94 57.14 -29.62
CA LYS TA 55 2.23 57.62 -28.43
C LYS TA 55 3.15 57.84 -27.23
N LYS TA 56 3.02 59.02 -26.63
CA LYS TA 56 3.62 59.34 -25.33
C LYS TA 56 2.63 58.94 -24.22
N ASP TA 57 2.98 59.24 -22.97
CA ASP TA 57 2.11 58.93 -21.83
C ASP TA 57 0.77 59.68 -21.89
N GLN TA 58 -0.31 58.93 -22.10
CA GLN TA 58 -1.69 59.46 -22.19
C GLN TA 58 -1.92 60.46 -23.33
N GLU TA 59 -1.22 60.23 -24.44
CA GLU TA 59 -1.33 61.05 -25.66
C GLU TA 59 -1.11 60.18 -26.89
N LYS TA 60 -1.38 60.73 -28.07
CA LYS TA 60 -1.07 60.08 -29.34
C LYS TA 60 -0.64 61.11 -30.39
N HIS TA 61 0.27 60.69 -31.27
CA HIS TA 61 0.84 61.58 -32.28
C HIS TA 61 1.05 60.88 -33.62
N PHE TA 62 0.70 61.59 -34.69
CA PHE TA 62 0.81 61.12 -36.08
C PHE TA 62 1.71 62.01 -36.93
N ARG TA 63 1.78 63.31 -36.60
CA ARG TA 63 2.71 64.25 -37.22
C ARG TA 63 3.51 64.97 -36.14
N ALA TA 64 4.74 65.34 -36.49
CA ALA TA 64 5.65 66.01 -35.57
C ALA TA 64 6.57 66.95 -36.33
N TYR TA 65 7.23 67.85 -35.60
CA TYR TA 65 8.26 68.71 -36.15
C TYR TA 65 9.62 68.19 -35.69
N HIS TA 66 10.54 68.08 -36.64
CA HIS TA 66 11.83 67.42 -36.45
C HIS TA 66 12.93 68.47 -36.48
N PHE TA 67 13.98 68.28 -35.70
CA PHE TA 67 15.16 69.16 -35.76
C PHE TA 67 16.41 68.52 -35.18
N LEU TA 68 17.57 68.97 -35.65
CA LEU TA 68 18.86 68.56 -35.11
C LEU TA 68 19.50 69.72 -34.36
N MET TA 69 20.02 69.44 -33.17
CA MET TA 69 20.89 70.36 -32.44
C MET TA 69 22.25 69.71 -32.27
N LEU TA 70 23.28 70.41 -32.75
CA LEU TA 70 24.62 69.87 -32.88
C LEU TA 70 25.51 70.65 -31.90
N PHE TA 71 25.62 70.12 -30.68
CA PHE TA 71 26.23 70.86 -29.56
C PHE TA 71 27.40 70.14 -28.91
N ASP TA 72 28.25 70.92 -28.25
CA ASP TA 72 29.35 70.39 -27.43
C ASP TA 72 29.00 70.50 -25.96
N SER TA 73 29.56 69.59 -25.16
CA SER TA 73 29.22 69.46 -23.74
C SER TA 73 30.14 68.43 -23.08
N SER TA 74 29.98 68.27 -21.78
CA SER TA 74 30.52 67.11 -21.07
C SER TA 74 29.58 65.92 -21.28
N ALA TA 75 30.02 64.74 -20.85
CA ALA TA 75 29.23 63.52 -20.95
C ALA TA 75 28.04 63.54 -19.98
N ALA TA 76 28.34 63.92 -18.73
CA ALA TA 76 27.33 64.07 -17.68
C ALA TA 76 26.25 65.08 -18.04
N VAL TA 77 26.69 66.20 -18.62
CA VAL TA 77 25.80 67.26 -19.11
C VAL TA 77 24.84 66.67 -20.15
N GLN TA 78 25.42 66.05 -21.17
CA GLN TA 78 24.68 65.40 -22.25
C GLN TA 78 23.63 64.41 -21.73
N SER TA 79 24.06 63.55 -20.79
CA SER TA 79 23.18 62.55 -20.18
C SER TA 79 21.98 63.18 -19.50
N GLU TA 80 22.24 64.27 -18.78
CA GLU TA 80 21.21 65.02 -18.07
C GLU TA 80 20.24 65.68 -19.04
N ILE TA 81 20.77 66.29 -20.10
CA ILE TA 81 19.97 66.85 -21.19
C ILE TA 81 19.03 65.79 -21.77
N LEU TA 82 19.58 64.61 -22.03
CA LEU TA 82 18.81 63.48 -22.54
C LEU TA 82 17.66 63.13 -21.61
N ARG TA 83 17.98 63.02 -20.32
CA ARG TA 83 16.99 62.77 -19.26
C ARG TA 83 15.86 63.81 -19.25
N THR TA 84 16.23 65.08 -19.37
CA THR TA 84 15.27 66.18 -19.39
C THR TA 84 14.34 66.09 -20.61
N LEU TA 85 14.92 65.74 -21.75
CA LEU TA 85 14.16 65.48 -22.98
C LEU TA 85 13.15 64.35 -22.80
N LYS TA 86 13.62 63.23 -22.23
CA LYS TA 86 12.77 62.06 -21.96
C LYS TA 86 11.59 62.43 -21.05
N LYS TA 87 11.89 63.24 -20.05
CA LYS TA 87 10.90 63.71 -19.08
C LYS TA 87 9.78 64.55 -19.69
N ASP TA 88 10.14 65.50 -20.55
CA ASP TA 88 9.18 66.52 -20.99
C ASP TA 88 8.04 65.94 -21.84
N PRO TA 89 6.83 66.52 -21.76
CA PRO TA 89 5.66 65.99 -22.48
C PRO TA 89 5.57 66.43 -23.94
N ARG TA 90 6.32 67.46 -24.34
CA ARG TA 90 6.19 68.04 -25.68
C ARG TA 90 7.21 67.52 -26.72
N VAL TA 91 7.86 66.38 -26.42
CA VAL TA 91 8.66 65.65 -27.41
C VAL TA 91 8.22 64.20 -27.47
N ILE TA 92 8.23 63.63 -28.68
CA ILE TA 92 7.74 62.28 -28.92
C ILE TA 92 8.91 61.31 -28.82
N ARG TA 93 9.94 61.56 -29.64
CA ARG TA 93 11.17 60.76 -29.64
C ARG TA 93 12.37 61.70 -29.57
N SER TA 94 13.35 61.32 -28.75
CA SER TA 94 14.61 62.05 -28.62
C SER TA 94 15.77 61.09 -28.86
N SER TA 95 16.88 61.60 -29.35
CA SER TA 95 18.06 60.77 -29.62
C SER TA 95 19.33 61.58 -29.73
N ILE TA 96 20.15 61.53 -28.68
CA ILE TA 96 21.50 62.05 -28.72
C ILE TA 96 22.45 60.96 -29.21
N VAL TA 97 23.42 61.35 -30.02
CA VAL TA 97 24.43 60.44 -30.56
C VAL TA 97 25.73 61.22 -30.78
N LYS TA 98 26.84 60.57 -30.45
CA LYS TA 98 28.16 61.20 -30.44
C LYS TA 98 28.69 61.41 -31.86
N VAL TA 99 29.43 62.50 -32.04
CA VAL TA 99 30.16 62.81 -33.27
C VAL TA 99 31.63 62.81 -32.87
N ASP TA 100 32.42 61.93 -33.48
CA ASP TA 100 33.79 61.67 -33.03
C ASP TA 100 34.77 62.75 -33.51
N LEU TA 101 35.53 63.30 -32.57
CA LEU TA 101 36.48 64.40 -32.83
C LEU TA 101 37.95 63.97 -32.68
N ASP TA 102 38.24 62.68 -32.83
CA ASP TA 102 39.61 62.17 -32.76
C ASP TA 102 40.46 62.60 -33.96
N LYS TA 103 39.82 62.78 -35.11
CA LYS TA 103 40.50 63.15 -36.36
C LYS TA 103 40.36 64.66 -36.63
N GLN TA 104 39.12 65.15 -36.63
CA GLN TA 104 38.80 66.55 -36.93
C GLN TA 104 38.36 67.31 -35.67
N LEU TA 105 38.26 68.63 -35.80
CA LEU TA 105 37.62 69.49 -34.79
C LEU TA 105 36.29 70.03 -35.30
N ASP TA 106 36.30 70.60 -36.52
CA ASP TA 106 35.07 71.03 -37.19
C ASP TA 106 34.37 69.83 -37.81
N ARG TA 107 33.18 69.53 -37.31
CA ARG TA 107 32.33 68.47 -37.87
C ARG TA 107 30.89 68.97 -37.97
N ALA TA 108 30.34 68.93 -39.18
CA ALA TA 108 28.94 69.31 -39.42
C ALA TA 108 27.99 68.24 -38.92
N SER TA 109 26.68 68.52 -39.00
CA SER TA 109 25.66 67.54 -38.63
C SER TA 109 25.65 66.38 -39.63
N SER TA 110 25.04 65.27 -39.21
CA SER TA 110 24.98 64.03 -40.00
C SER TA 110 24.38 64.24 -41.39
N LEU TA 111 23.33 65.06 -41.45
CA LEU TA 111 22.62 65.39 -42.68
C LEU TA 111 23.54 66.11 -43.67
N HIS TA 112 24.26 67.10 -43.15
CA HIS TA 112 25.22 67.89 -43.95
C HIS TA 112 26.35 67.03 -44.49
N ARG TA 113 26.83 66.11 -43.66
CA ARG TA 113 27.88 65.16 -44.06
C ARG TA 113 27.39 64.21 -45.16
N SER TA 114 26.15 63.75 -45.04
CA SER TA 114 25.51 62.90 -46.05
C SER TA 114 25.38 63.63 -47.39
N LEU TA 115 24.96 64.90 -47.32
CA LEU TA 115 24.86 65.77 -48.50
C LEU TA 115 26.21 65.92 -49.22
N GLY TA 116 27.26 66.17 -48.44
CA GLY TA 116 28.60 66.41 -48.99
C GLY TA 116 29.54 67.19 -48.09
N LYS TA 117 29.01 68.15 -47.34
CA LYS TA 117 29.81 69.07 -46.54
C LYS TA 117 30.27 68.39 -45.24
N LYS TA 118 31.56 68.07 -45.16
CA LYS TA 118 32.14 67.42 -43.98
C LYS TA 118 32.20 68.38 -42.80
N SER TA 119 32.92 69.48 -42.98
CA SER TA 119 33.04 70.53 -41.96
C SER TA 119 31.97 71.59 -42.15
N ILE TA 120 31.75 72.38 -41.11
CA ILE TA 120 30.82 73.53 -41.17
C ILE TA 120 31.37 74.70 -42.00
N LEU TA 121 32.69 74.75 -42.19
CA LEU TA 121 33.33 75.71 -43.12
C LEU TA 121 32.76 75.64 -44.53
N GLU TA 122 32.58 74.42 -45.01
CA GLU TA 122 32.00 74.16 -46.34
C GLU TA 122 30.58 74.71 -46.43
N LEU TA 123 29.78 74.46 -45.39
CA LEU TA 123 28.41 74.97 -45.29
C LEU TA 123 28.36 76.49 -45.33
N VAL TA 124 29.26 77.12 -44.57
CA VAL TA 124 29.40 78.57 -44.52
C VAL TA 124 29.69 79.13 -45.92
N ASN TA 125 30.64 78.52 -46.61
CA ASN TA 125 31.06 78.96 -47.95
C ASN TA 125 30.04 78.56 -49.02
N LYS UA 1 12.69 -7.23 -119.35
CA LYS UA 1 11.62 -6.74 -120.28
C LYS UA 1 10.22 -6.96 -119.68
N ILE UA 2 9.55 -5.85 -119.35
CA ILE UA 2 8.24 -5.88 -118.69
C ILE UA 2 7.12 -5.96 -119.73
N LYS UA 3 7.15 -5.03 -120.69
CA LYS UA 3 6.16 -4.93 -121.77
C LYS UA 3 4.72 -4.72 -121.28
N PRO UA 4 4.40 -3.49 -120.83
CA PRO UA 4 3.02 -3.12 -120.51
C PRO UA 4 2.26 -2.69 -121.77
N THR UA 5 1.06 -3.23 -121.96
CA THR UA 5 0.24 -2.90 -123.12
C THR UA 5 -0.40 -1.51 -122.98
N ALA UA 6 -0.90 -0.98 -124.10
CA ALA UA 6 -1.42 0.39 -124.16
C ALA UA 6 -2.70 0.56 -123.35
N GLU UA 7 -3.62 -0.37 -123.54
CA GLU UA 7 -4.91 -0.39 -122.83
C GLU UA 7 -4.72 -0.45 -121.31
N GLN UA 8 -3.84 -1.35 -120.88
CA GLN UA 8 -3.46 -1.48 -119.46
C GLN UA 8 -2.91 -0.18 -118.88
N LEU UA 9 -2.04 0.47 -119.65
CA LEU UA 9 -1.44 1.76 -119.28
C LEU UA 9 -2.52 2.82 -119.10
N ALA UA 10 -3.43 2.89 -120.07
CA ALA UA 10 -4.57 3.83 -120.04
C ALA UA 10 -5.46 3.62 -118.82
N GLN UA 11 -5.72 2.35 -118.52
CA GLN UA 11 -6.49 1.96 -117.34
C GLN UA 11 -5.81 2.40 -116.05
N TRP UA 12 -4.50 2.16 -115.97
CA TRP UA 12 -3.68 2.59 -114.83
C TRP UA 12 -3.73 4.10 -114.62
N GLU UA 13 -3.57 4.84 -115.71
CA GLU UA 13 -3.68 6.31 -115.71
C GLU UA 13 -5.03 6.79 -115.18
N ALA UA 14 -6.10 6.16 -115.66
CA ALA UA 14 -7.47 6.46 -115.21
C ALA UA 14 -7.63 6.24 -113.72
N LEU UA 15 -7.12 5.10 -113.24
CA LEU UA 15 -7.11 4.76 -111.82
C LEU UA 15 -6.37 5.79 -110.95
N LYS UA 16 -5.22 6.22 -111.44
CA LYS UA 16 -4.27 7.05 -110.68
C LYS UA 16 -4.89 8.25 -109.97
N SER UA 17 -5.78 8.97 -110.66
CA SER UA 17 -6.46 10.14 -110.10
C SER UA 17 -7.48 9.78 -109.01
N VAL UA 18 -8.14 8.62 -109.15
CA VAL UA 18 -9.14 8.15 -108.18
C VAL UA 18 -8.44 7.70 -106.89
N PRO UA 19 -8.93 8.16 -105.71
CA PRO UA 19 -8.38 7.66 -104.45
C PRO UA 19 -8.92 6.28 -104.10
N ILE UA 20 -8.17 5.53 -103.30
CA ILE UA 20 -8.58 4.19 -102.87
C ILE UA 20 -9.84 4.30 -102.01
N PRO UA 21 -10.91 3.55 -102.36
CA PRO UA 21 -12.18 3.67 -101.65
C PRO UA 21 -12.11 3.10 -100.23
N PRO UA 22 -12.78 3.74 -99.25
CA PRO UA 22 -12.75 3.25 -97.88
C PRO UA 22 -13.64 2.02 -97.72
N ARG UA 23 -13.14 1.04 -96.95
CA ARG UA 23 -13.82 -0.23 -96.78
C ARG UA 23 -14.99 -0.16 -95.78
N LYS UA 24 -14.95 0.81 -94.86
CA LYS UA 24 -16.00 1.00 -93.86
C LYS UA 24 -16.27 2.48 -93.60
N ASN UA 25 -17.52 2.82 -93.31
CA ASN UA 25 -17.84 4.07 -92.63
C ASN UA 25 -17.44 3.84 -91.18
N ALA UA 26 -16.49 4.64 -90.70
CA ALA UA 26 -15.77 4.35 -89.45
C ALA UA 26 -16.62 4.50 -88.21
N THR UA 27 -17.36 5.60 -88.15
CA THR UA 27 -18.22 5.92 -87.01
C THR UA 27 -19.34 4.89 -86.83
N LEU UA 28 -19.96 4.52 -87.95
CA LEU UA 28 -20.98 3.45 -87.97
C LEU UA 28 -20.42 2.13 -87.47
N ASP UA 29 -19.26 1.74 -87.99
CA ASP UA 29 -18.56 0.51 -87.59
C ASP UA 29 -18.27 0.47 -86.09
N HIS UA 30 -17.78 1.60 -85.59
CA HIS UA 30 -17.55 1.78 -84.14
C HIS UA 30 -18.83 1.56 -83.33
N ILE UA 31 -19.91 2.20 -83.77
CA ILE UA 31 -21.23 2.05 -83.14
C ILE UA 31 -21.69 0.59 -83.11
N THR UA 32 -21.54 -0.09 -84.25
CA THR UA 32 -21.93 -1.50 -84.38
C THR UA 32 -21.14 -2.38 -83.41
N ASN UA 33 -19.85 -2.10 -83.30
CA ASN UA 33 -18.95 -2.78 -82.36
C ASN UA 33 -19.38 -2.60 -80.90
N MET UA 34 -19.72 -1.37 -80.56
CA MET UA 34 -20.22 -1.02 -79.22
C MET UA 34 -21.52 -1.74 -78.88
N ILE UA 35 -22.44 -1.77 -79.85
CA ILE UA 35 -23.71 -2.51 -79.73
C ILE UA 35 -23.44 -3.99 -79.48
N MET UA 36 -22.60 -4.57 -80.33
CA MET UA 36 -22.20 -5.98 -80.28
C MET UA 36 -21.65 -6.39 -78.91
N ARG UA 37 -21.81 -7.67 -78.57
CA ARG UA 37 -21.40 -8.20 -77.26
C ARG UA 37 -20.49 -9.43 -77.36
N HIS UA 38 -21.04 -10.56 -77.82
CA HIS UA 38 -20.39 -11.86 -77.71
C HIS UA 38 -19.77 -12.34 -79.03
N GLY UA 39 -19.02 -11.44 -79.66
CA GLY UA 39 -18.53 -11.65 -81.03
C GLY UA 39 -19.65 -11.86 -82.04
N LYS UA 40 -20.86 -11.39 -81.72
CA LYS UA 40 -22.04 -11.57 -82.55
C LYS UA 40 -22.29 -10.24 -83.25
N LYS UA 41 -21.37 -9.93 -84.16
CA LYS UA 41 -21.35 -8.65 -84.88
C LYS UA 41 -22.50 -8.52 -85.84
N GLU UA 42 -22.83 -9.62 -86.50
CA GLU UA 42 -23.89 -9.66 -87.50
C GLU UA 42 -25.22 -9.18 -86.93
N LYS UA 43 -25.56 -9.70 -85.75
CA LYS UA 43 -26.78 -9.30 -85.03
C LYS UA 43 -26.80 -7.80 -84.72
N ALA UA 44 -25.67 -7.29 -84.23
CA ALA UA 44 -25.50 -5.87 -83.95
C ALA UA 44 -25.69 -5.01 -85.21
N GLN UA 45 -25.12 -5.48 -86.31
CA GLN UA 45 -25.26 -4.81 -87.62
C GLN UA 45 -26.70 -4.76 -88.08
N THR UA 46 -27.39 -5.89 -87.95
CA THR UA 46 -28.81 -6.00 -88.33
C THR UA 46 -29.64 -5.01 -87.52
N ILE UA 47 -29.42 -5.00 -86.21
CA ILE UA 47 -30.07 -4.06 -85.28
C ILE UA 47 -29.90 -2.61 -85.71
N LEU UA 48 -28.65 -2.25 -85.99
CA LEU UA 48 -28.28 -0.87 -86.31
C LEU UA 48 -28.91 -0.42 -87.62
N SER UA 49 -28.74 -1.23 -88.65
CA SER UA 49 -29.26 -0.91 -89.98
C SER UA 49 -30.78 -0.88 -90.03
N ARG UA 50 -31.42 -1.81 -89.32
CA ARG UA 50 -32.89 -1.80 -89.14
C ARG UA 50 -33.39 -0.51 -88.50
N ALA UA 51 -32.68 -0.09 -87.46
CA ALA UA 51 -32.98 1.19 -86.77
C ALA UA 51 -32.86 2.36 -87.73
N LEU UA 52 -31.77 2.39 -88.50
CA LEU UA 52 -31.52 3.45 -89.48
C LEU UA 52 -32.58 3.48 -90.58
N TYR UA 53 -32.99 2.31 -91.03
CA TYR UA 53 -34.11 2.14 -91.98
C TYR UA 53 -35.40 2.76 -91.42
N LEU UA 54 -35.71 2.40 -90.18
CA LEU UA 54 -36.87 2.95 -89.47
C LEU UA 54 -36.85 4.46 -89.39
N VAL UA 55 -35.67 4.98 -89.04
CA VAL UA 55 -35.44 6.43 -88.96
C VAL UA 55 -35.71 7.10 -90.30
N TYR UA 56 -35.15 6.53 -91.35
CA TYR UA 56 -35.36 7.00 -92.72
C TYR UA 56 -36.85 7.04 -93.07
N CYS UA 57 -37.54 5.93 -92.79
CA CYS UA 57 -38.99 5.83 -93.04
C CYS UA 57 -39.80 6.92 -92.34
N GLN UA 58 -39.45 7.17 -91.08
CA GLN UA 58 -40.10 8.23 -90.29
C GLN UA 58 -39.84 9.63 -90.82
N THR UA 59 -38.60 9.88 -91.25
CA THR UA 59 -38.17 11.18 -91.79
C THR UA 59 -37.26 10.97 -93.01
N ARG UA 60 -37.81 11.18 -94.21
CA ARG UA 60 -37.19 10.73 -95.46
C ARG UA 60 -35.99 11.59 -95.86
N GLN UA 61 -34.84 11.28 -95.25
CA GLN UA 61 -33.56 11.91 -95.57
C GLN UA 61 -32.45 11.03 -95.02
N ASP UA 62 -31.30 11.04 -95.69
CA ASP UA 62 -30.19 10.11 -95.40
C ASP UA 62 -30.04 9.80 -93.91
N PRO UA 63 -30.23 8.52 -93.51
CA PRO UA 63 -30.23 8.17 -92.09
C PRO UA 63 -28.85 8.20 -91.43
N ILE UA 64 -27.82 7.80 -92.17
CA ILE UA 64 -26.45 7.75 -91.66
C ILE UA 64 -25.96 9.16 -91.34
N GLN UA 65 -26.13 10.06 -92.31
CA GLN UA 65 -25.79 11.48 -92.17
C GLN UA 65 -26.48 12.14 -90.97
N ALA UA 66 -27.77 11.85 -90.83
CA ALA UA 66 -28.57 12.34 -89.70
C ALA UA 66 -28.04 11.85 -88.36
N LEU UA 67 -27.66 10.58 -88.32
CA LEU UA 67 -27.06 9.96 -87.13
C LEU UA 67 -25.74 10.63 -86.77
N GLU UA 68 -24.89 10.82 -87.78
CA GLU UA 68 -23.60 11.51 -87.62
C GLU UA 68 -23.78 12.92 -87.05
N LYS UA 69 -24.73 13.66 -87.62
CA LYS UA 69 -25.10 15.00 -87.13
C LYS UA 69 -25.52 14.98 -85.67
N SER UA 70 -26.38 14.02 -85.33
CA SER UA 70 -26.85 13.82 -83.96
C SER UA 70 -25.70 13.57 -83.00
N LEU UA 71 -24.79 12.68 -83.40
CA LEU UA 71 -23.56 12.40 -82.65
C LEU UA 71 -22.72 13.66 -82.41
N ASP UA 72 -22.49 14.42 -83.48
CA ASP UA 72 -21.75 15.68 -83.43
C ASP UA 72 -22.37 16.67 -82.43
N GLU UA 73 -23.70 16.82 -82.51
CA GLU UA 73 -24.46 17.66 -81.59
C GLU UA 73 -24.28 17.21 -80.14
N LEU UA 74 -24.43 15.91 -79.92
CA LEU UA 74 -24.56 15.35 -78.58
C LEU UA 74 -23.22 15.18 -77.89
N ALA UA 75 -22.24 14.66 -78.63
CA ALA UA 75 -20.88 14.46 -78.14
C ALA UA 75 -20.31 15.70 -77.45
N PRO UA 76 -20.05 15.61 -76.12
CA PRO UA 76 -19.43 16.75 -75.44
C PRO UA 76 -17.96 16.92 -75.84
N LEU UA 77 -17.63 18.06 -76.42
CA LEU UA 77 -16.26 18.38 -76.89
C LEU UA 77 -15.13 18.22 -75.87
N MET UA 78 -15.43 18.35 -74.57
CA MET UA 78 -14.47 18.05 -73.51
C MET UA 78 -15.14 17.48 -72.26
N MET UA 79 -14.32 16.89 -71.38
CA MET UA 79 -14.79 16.26 -70.14
C MET UA 79 -13.94 16.71 -68.95
N THR UA 80 -14.61 16.97 -67.83
CA THR UA 80 -13.95 17.34 -66.57
C THR UA 80 -13.40 16.10 -65.89
N LYS UA 81 -12.21 15.67 -66.32
CA LYS UA 81 -11.59 14.45 -65.79
C LYS UA 81 -11.00 14.68 -64.40
N THR UA 82 -11.33 13.79 -63.47
CA THR UA 82 -10.87 13.89 -62.08
C THR UA 82 -9.42 13.43 -61.94
N PHE UA 83 -8.72 13.99 -60.96
CA PHE UA 83 -7.33 13.64 -60.65
C PHE UA 83 -7.12 13.58 -59.15
N ASN UA 84 -6.10 12.85 -58.72
CA ASN UA 84 -5.69 12.80 -57.31
C ASN UA 84 -4.98 14.09 -56.89
N THR UA 85 -4.13 14.60 -57.78
CA THR UA 85 -3.48 15.92 -57.64
C THR UA 85 -2.49 15.94 -56.46
N GLY UA 86 -1.56 14.98 -56.49
CA GLY UA 86 -0.47 14.89 -55.51
C GLY UA 86 -0.88 14.76 -54.05
N VAL UA 87 -1.97 14.01 -53.81
CA VAL UA 87 -2.56 13.84 -52.47
C VAL UA 87 -2.96 15.20 -51.89
N ALA UA 88 -4.07 15.72 -52.39
CA ALA UA 88 -4.60 17.02 -51.99
C ALA UA 88 -6.08 17.05 -52.35
N LYS UA 89 -6.60 18.21 -52.74
CA LYS UA 89 -7.92 18.27 -53.36
C LYS UA 89 -7.92 17.63 -54.71
N ALA UA 90 -8.99 16.90 -55.00
CA ALA UA 90 -9.15 16.29 -56.30
C ALA UA 90 -9.53 17.36 -57.33
N SER UA 91 -8.52 18.09 -57.80
CA SER UA 91 -8.72 19.21 -58.73
C SER UA 91 -9.02 18.70 -60.14
N VAL UA 92 -10.27 18.86 -60.56
CA VAL UA 92 -10.71 18.41 -61.90
C VAL UA 92 -10.17 19.33 -62.98
N ILE UA 93 -9.97 18.77 -64.18
CA ILE UA 93 -9.45 19.51 -65.34
C ILE UA 93 -10.30 19.15 -66.57
N PRO UA 94 -10.67 20.17 -67.39
CA PRO UA 94 -11.19 19.89 -68.72
C PRO UA 94 -10.14 19.22 -69.61
N VAL UA 95 -10.52 18.14 -70.29
CA VAL UA 95 -9.62 17.38 -71.16
C VAL UA 95 -10.30 17.20 -72.51
N PRO UA 96 -9.58 17.46 -73.62
CA PRO UA 96 -10.20 17.30 -74.94
C PRO UA 96 -10.41 15.84 -75.28
N LEU UA 97 -11.43 15.57 -76.09
CA LEU UA 97 -11.84 14.21 -76.40
C LEU UA 97 -11.51 13.82 -77.84
N ASN UA 98 -10.98 12.60 -77.98
CA ASN UA 98 -10.88 11.91 -79.27
C ASN UA 98 -12.28 11.73 -79.89
N LYS UA 99 -12.34 11.63 -81.21
CA LYS UA 99 -13.62 11.53 -81.93
C LYS UA 99 -14.46 10.36 -81.43
N ARG UA 100 -13.83 9.19 -81.33
CA ARG UA 100 -14.45 7.97 -80.80
C ARG UA 100 -15.05 8.17 -79.41
N GLN UA 101 -14.27 8.78 -78.53
CA GLN UA 101 -14.67 9.06 -77.15
C GLN UA 101 -15.90 9.96 -77.11
N ARG UA 102 -15.84 11.02 -77.92
CA ARG UA 102 -16.96 11.95 -78.11
C ARG UA 102 -18.23 11.22 -78.53
N ASN UA 103 -18.12 10.40 -79.57
CA ASN UA 103 -19.27 9.65 -80.09
C ASN UA 103 -19.69 8.47 -79.19
N ARG UA 104 -18.73 7.91 -78.45
CA ARG UA 104 -19.00 6.86 -77.45
C ARG UA 104 -19.91 7.38 -76.34
N ILE UA 105 -19.57 8.56 -75.82
CA ILE UA 105 -20.39 9.23 -74.79
C ILE UA 105 -21.82 9.44 -75.29
N ALA UA 106 -21.93 9.95 -76.51
CA ALA UA 106 -23.22 10.18 -77.16
C ALA UA 106 -24.04 8.89 -77.28
N TRP UA 107 -23.38 7.82 -77.70
CA TRP UA 107 -24.08 6.55 -77.96
C TRP UA 107 -24.71 5.94 -76.71
N ASN UA 108 -23.96 5.93 -75.61
CA ASN UA 108 -24.45 5.39 -74.34
C ASN UA 108 -25.73 6.10 -73.88
N TRP UA 109 -25.71 7.43 -73.98
CA TRP UA 109 -26.89 8.25 -73.70
C TRP UA 109 -28.07 7.92 -74.62
N ILE UA 110 -27.78 7.77 -75.90
CA ILE UA 110 -28.77 7.41 -76.92
C ILE UA 110 -29.42 6.07 -76.59
N VAL UA 111 -28.58 5.09 -76.24
CA VAL UA 111 -29.01 3.75 -75.84
C VAL UA 111 -29.95 3.81 -74.62
N GLN UA 112 -29.53 4.57 -73.61
CA GLN UA 112 -30.31 4.78 -72.39
C GLN UA 112 -31.69 5.35 -72.68
N SER UA 113 -31.72 6.39 -73.52
CA SER UA 113 -32.97 7.04 -73.91
C SER UA 113 -33.88 6.13 -74.74
N ALA UA 114 -33.27 5.27 -75.57
CA ALA UA 114 -34.00 4.24 -76.32
C ALA UA 114 -34.65 3.22 -75.40
N ASN UA 115 -33.90 2.80 -74.38
CA ASN UA 115 -34.37 1.80 -73.40
C ASN UA 115 -35.64 2.22 -72.63
N GLN UA 116 -35.91 3.52 -72.55
CA GLN UA 116 -37.17 4.03 -71.99
C GLN UA 116 -38.38 3.90 -72.93
N ARG UA 117 -38.15 3.66 -74.23
CA ARG UA 117 -39.23 3.47 -75.20
C ARG UA 117 -39.87 2.07 -75.03
N VAL UA 118 -41.01 1.87 -75.70
CA VAL UA 118 -41.98 0.82 -75.31
C VAL UA 118 -41.68 -0.59 -75.83
N SER UA 119 -41.28 -0.70 -77.10
CA SER UA 119 -41.30 -2.00 -77.82
C SER UA 119 -40.42 -3.09 -77.21
N SER UA 120 -40.70 -4.33 -77.61
CA SER UA 120 -39.88 -5.48 -77.21
C SER UA 120 -38.53 -5.46 -77.91
N ASP UA 121 -38.57 -5.26 -79.23
CA ASP UA 121 -37.37 -5.19 -80.06
C ASP UA 121 -36.57 -3.91 -79.77
N PHE UA 122 -35.30 -4.08 -79.40
CA PHE UA 122 -34.38 -2.95 -79.12
C PHE UA 122 -34.12 -2.10 -80.36
N ALA UA 123 -34.03 -2.74 -81.52
CA ALA UA 123 -33.77 -2.05 -82.79
C ALA UA 123 -34.82 -0.97 -83.09
N VAL UA 124 -36.08 -1.30 -82.82
CA VAL UA 124 -37.20 -0.38 -82.98
C VAL UA 124 -37.03 0.82 -82.04
N ARG UA 125 -36.87 0.52 -80.75
CA ARG UA 125 -36.59 1.52 -79.71
C ARG UA 125 -35.47 2.48 -80.09
N LEU UA 126 -34.38 1.91 -80.58
CA LEU UA 126 -33.20 2.66 -81.01
C LEU UA 126 -33.57 3.63 -82.14
N GLY UA 127 -34.28 3.11 -83.13
CA GLY UA 127 -34.71 3.90 -84.29
C GLY UA 127 -35.59 5.08 -83.91
N GLU UA 128 -36.55 4.82 -83.02
CA GLU UA 128 -37.42 5.88 -82.49
C GLU UA 128 -36.64 6.98 -81.79
N GLU UA 129 -35.63 6.56 -81.02
CA GLU UA 129 -34.77 7.49 -80.30
C GLU UA 129 -33.96 8.36 -81.25
N LEU UA 130 -33.39 7.73 -82.28
CA LEU UA 130 -32.64 8.43 -83.32
C LEU UA 130 -33.49 9.45 -84.07
N THR UA 131 -34.74 9.10 -84.37
CA THR UA 131 -35.68 10.03 -85.02
C THR UA 131 -36.00 11.23 -84.14
N ALA UA 132 -36.21 10.97 -82.86
CA ALA UA 132 -36.46 12.02 -81.86
C ALA UA 132 -35.30 13.00 -81.77
N ILE UA 133 -34.08 12.46 -81.78
CA ILE UA 133 -32.86 13.25 -81.73
C ILE UA 133 -32.69 14.09 -83.00
N ALA UA 134 -32.98 13.50 -84.15
CA ALA UA 134 -32.98 14.20 -85.45
C ALA UA 134 -33.95 15.37 -85.45
N LYS UA 135 -35.15 15.13 -84.93
CA LYS UA 135 -36.19 16.16 -84.80
C LYS UA 135 -35.82 17.21 -83.74
N GLY UA 136 -35.22 16.75 -82.64
CA GLY UA 136 -34.57 17.62 -81.65
C GLY UA 136 -35.15 17.61 -80.26
N THR UA 137 -35.14 16.43 -79.62
CA THR UA 137 -35.68 16.24 -78.26
C THR UA 137 -35.00 15.09 -77.51
N SER UA 138 -34.23 15.40 -76.47
CA SER UA 138 -33.64 14.38 -75.59
C SER UA 138 -33.10 14.96 -74.27
N SER UA 139 -33.07 14.13 -73.24
CA SER UA 139 -32.34 14.42 -71.99
C SER UA 139 -30.82 14.34 -72.19
N ALA UA 140 -30.39 13.61 -73.22
CA ALA UA 140 -28.98 13.54 -73.62
C ALA UA 140 -28.37 14.92 -73.92
N PHE UA 141 -29.15 15.76 -74.61
CA PHE UA 141 -28.77 17.16 -74.88
C PHE UA 141 -28.56 17.95 -73.60
N GLU UA 142 -29.49 17.79 -72.66
CA GLU UA 142 -29.44 18.44 -71.35
C GLU UA 142 -28.18 18.03 -70.57
N LYS UA 143 -27.89 16.73 -70.60
CA LYS UA 143 -26.69 16.17 -69.97
C LYS UA 143 -25.40 16.75 -70.55
N ARG UA 144 -25.37 16.85 -71.87
CA ARG UA 144 -24.25 17.48 -72.60
C ARG UA 144 -24.06 18.92 -72.18
N ASP UA 145 -25.15 19.68 -72.17
CA ASP UA 145 -25.15 21.09 -71.73
C ASP UA 145 -24.58 21.24 -70.32
N GLN UA 146 -25.04 20.38 -69.42
CA GLN UA 146 -24.57 20.34 -68.03
C GLN UA 146 -23.06 20.08 -67.97
N ILE UA 147 -22.60 19.09 -68.72
CA ILE UA 147 -21.17 18.77 -68.85
C ILE UA 147 -20.36 19.97 -69.30
N HIS UA 148 -20.85 20.65 -70.33
CA HIS UA 148 -20.21 21.84 -70.86
C HIS UA 148 -20.12 22.97 -69.83
N LYS UA 149 -21.20 23.16 -69.09
CA LYS UA 149 -21.23 24.12 -67.98
C LYS UA 149 -20.21 23.80 -66.90
N THR UA 150 -20.10 22.52 -66.56
CA THR UA 150 -19.12 22.05 -65.56
C THR UA 150 -17.68 22.22 -66.04
N ALA UA 151 -17.47 22.03 -67.34
CA ALA UA 151 -16.17 22.28 -67.99
C ALA UA 151 -15.81 23.76 -67.97
N ILE UA 152 -16.81 24.61 -68.23
CA ILE UA 152 -16.65 26.06 -68.20
C ILE UA 152 -16.19 26.55 -66.83
N ALA UA 153 -16.79 26.04 -65.77
CA ALA UA 153 -16.21 26.17 -64.43
C ALA UA 153 -14.93 25.34 -64.45
N HIS UA 154 -13.85 25.86 -63.85
CA HIS UA 154 -12.49 25.33 -64.04
C HIS UA 154 -11.97 25.75 -65.43
N ARG UA 155 -11.83 27.06 -65.64
CA ARG UA 155 -11.32 27.63 -66.90
C ARG UA 155 -9.82 27.43 -67.01
N ALA UA 156 -9.11 27.95 -66.01
CA ALA UA 156 -7.64 27.96 -65.99
C ALA UA 156 -7.02 26.80 -65.18
N TYR UA 157 -7.83 25.80 -64.82
CA TYR UA 157 -7.31 24.55 -64.25
C TYR UA 157 -6.52 23.73 -65.28
N ILE UA 158 -6.79 23.96 -66.56
CA ILE UA 158 -5.96 23.44 -67.65
C ILE UA 158 -4.49 23.87 -67.46
N GLN UA 159 -3.58 22.91 -67.66
CA GLN UA 159 -2.19 23.06 -67.22
C GLN UA 159 -1.34 23.88 -68.19
N LEU UA 160 -1.26 23.43 -69.43
CA LEU UA 160 -0.44 24.09 -70.47
C LEU UA 160 -1.07 25.39 -70.95
N LYS UA 161 -2.41 25.44 -70.97
CA LYS UA 161 -3.19 26.64 -71.34
C LYS UA 161 -2.97 27.06 -72.78
N SER VA 1 73.76 30.02 -31.60
CA SER VA 1 72.87 29.17 -30.74
C SER VA 1 72.49 27.84 -31.41
N LEU VA 2 72.03 26.91 -30.59
CA LEU VA 2 71.78 25.52 -30.99
C LEU VA 2 70.37 25.33 -31.57
N VAL VA 3 69.41 26.08 -31.03
CA VAL VA 3 68.04 26.13 -31.56
C VAL VA 3 68.04 26.66 -32.99
N LYS VA 4 68.76 27.77 -33.20
CA LYS VA 4 68.96 28.34 -34.54
C LYS VA 4 69.52 27.33 -35.51
N LEU VA 5 70.58 26.64 -35.08
CA LEU VA 5 71.25 25.60 -35.87
C LEU VA 5 70.27 24.51 -36.30
N ALA VA 6 69.45 24.06 -35.35
CA ALA VA 6 68.39 23.08 -35.60
C ALA VA 6 67.37 23.57 -36.63
N ASN VA 7 66.97 24.83 -36.50
CA ASN VA 7 66.04 25.47 -37.44
C ASN VA 7 66.60 25.53 -38.86
N THR VA 8 67.87 25.89 -38.98
CA THR VA 8 68.54 25.96 -40.29
C THR VA 8 68.68 24.59 -40.93
N CYS VA 9 68.98 23.59 -40.11
CA CYS VA 9 69.01 22.18 -40.53
C CYS VA 9 67.67 21.73 -41.10
N ALA VA 10 66.60 22.03 -40.35
CA ALA VA 10 65.22 21.75 -40.76
C ALA VA 10 64.85 22.42 -42.09
N HIS VA 11 65.26 23.68 -42.22
CA HIS VA 11 65.07 24.46 -43.44
C HIS VA 11 65.79 23.85 -44.63
N LEU VA 12 67.04 23.45 -44.41
CA LEU VA 12 67.84 22.74 -45.42
C LEU VA 12 67.17 21.45 -45.90
N GLN VA 13 66.67 20.67 -44.95
CA GLN VA 13 65.93 19.42 -45.24
C GLN VA 13 64.70 19.69 -46.10
N ASN VA 14 63.92 20.69 -45.70
CA ASN VA 14 62.73 21.12 -46.44
C ASN VA 14 63.06 21.50 -47.89
N CYS VA 15 64.12 22.26 -48.04
CA CYS VA 15 64.60 22.70 -49.36
C CYS VA 15 65.08 21.54 -50.22
N SER VA 16 65.77 20.58 -49.60
CA SER VA 16 66.17 19.34 -50.27
C SER VA 16 64.96 18.53 -50.75
N LYS VA 17 63.93 18.47 -49.92
CA LYS VA 17 62.69 17.74 -50.24
C LYS VA 17 62.01 18.22 -51.53
N VAL VA 18 61.85 19.54 -51.66
CA VAL VA 18 61.19 20.14 -52.84
C VAL VA 18 62.12 20.50 -54.02
N ARG VA 19 63.43 20.31 -53.85
CA ARG VA 19 64.44 20.58 -54.87
C ARG VA 19 64.62 22.08 -55.23
N VAL VA 20 64.70 22.97 -54.24
CA VAL VA 20 65.14 24.35 -54.54
C VAL VA 20 66.66 24.37 -54.70
N ALA VA 21 67.15 25.30 -55.51
CA ALA VA 21 68.56 25.39 -55.83
C ALA VA 21 69.34 26.21 -54.80
N LEU VA 22 68.81 27.37 -54.42
CA LEU VA 22 69.55 28.38 -53.68
C LEU VA 22 68.69 28.91 -52.52
N THR VA 23 69.24 28.79 -51.31
CA THR VA 23 68.49 28.88 -50.07
C THR VA 23 69.16 29.82 -49.07
N SER VA 24 68.36 30.66 -48.42
CA SER VA 24 68.84 31.59 -47.39
C SER VA 24 68.95 30.93 -46.02
N ILE VA 25 69.86 31.44 -45.19
CA ILE VA 25 70.08 30.97 -43.81
C ILE VA 25 70.37 32.23 -42.97
N PRO VA 26 70.12 32.19 -41.64
CA PRO VA 26 70.49 33.34 -40.80
C PRO VA 26 72.00 33.61 -40.75
N TYR VA 27 72.35 34.89 -40.65
CA TYR VA 27 73.75 35.34 -40.67
C TYR VA 27 74.29 35.46 -39.24
N THR VA 28 74.81 34.35 -38.73
CA THR VA 28 75.55 34.31 -37.47
C THR VA 28 76.89 33.62 -37.73
N LYS VA 29 77.76 33.59 -36.71
CA LYS VA 29 79.12 33.07 -36.87
C LYS VA 29 79.10 31.54 -36.89
N LEU VA 30 78.47 30.96 -35.88
CA LEU VA 30 78.28 29.50 -35.77
C LEU VA 30 77.63 28.93 -37.04
N GLN VA 31 76.55 29.58 -37.46
CA GLN VA 31 75.80 29.19 -38.66
C GLN VA 31 76.66 29.25 -39.91
N LEU VA 32 77.43 30.33 -40.04
CA LEU VA 32 78.36 30.52 -41.14
C LEU VA 32 79.42 29.42 -41.18
N GLN VA 33 80.01 29.15 -40.02
CA GLN VA 33 81.01 28.09 -39.86
C GLN VA 33 80.46 26.74 -40.32
N PHE VA 34 79.27 26.40 -39.81
CA PHE VA 34 78.54 25.18 -40.19
C PHE VA 34 78.38 25.08 -41.70
N ALA VA 35 77.92 26.17 -42.31
CA ALA VA 35 77.74 26.26 -43.77
C ALA VA 35 79.05 26.05 -44.52
N TYR VA 36 80.12 26.65 -44.02
CA TYR VA 36 81.46 26.48 -44.59
C TYR VA 36 81.94 25.03 -44.52
N ASN VA 37 81.70 24.40 -43.37
CA ASN VA 37 82.04 22.99 -43.18
C ASN VA 37 81.31 22.06 -44.16
N LEU VA 38 80.02 22.33 -44.35
CA LEU VA 38 79.20 21.60 -45.32
C LEU VA 38 79.73 21.75 -46.75
N TYR VA 39 80.05 22.99 -47.10
CA TYR VA 39 80.64 23.34 -48.40
C TYR VA 39 81.93 22.58 -48.68
N GLN VA 40 82.82 22.55 -47.68
CA GLN VA 40 84.11 21.89 -47.80
C GLN VA 40 84.00 20.37 -47.88
N GLN VA 41 83.09 19.79 -47.11
CA GLN VA 41 82.79 18.35 -47.21
C GLN VA 41 82.13 18.01 -48.55
N GLY VA 42 81.33 18.95 -49.06
CA GLY VA 42 80.76 18.87 -50.41
C GLY VA 42 79.26 18.74 -50.52
N PHE VA 43 78.53 19.23 -49.50
CA PHE VA 43 77.08 19.16 -49.48
C PHE VA 43 76.43 20.38 -50.12
N LEU VA 44 77.07 21.54 -49.99
CA LEU VA 44 76.61 22.77 -50.63
C LEU VA 44 77.41 23.07 -51.89
N SER VA 45 76.71 23.52 -52.93
CA SER VA 45 77.33 23.96 -54.17
C SER VA 45 77.93 25.36 -54.05
N SER VA 46 77.30 26.20 -53.22
CA SER VA 46 77.68 27.60 -53.08
C SER VA 46 77.46 28.06 -51.63
N LEU VA 47 78.19 29.09 -51.24
CA LEU VA 47 78.03 29.73 -49.94
C LEU VA 47 78.42 31.18 -50.10
N GLN VA 48 77.50 32.09 -49.81
CA GLN VA 48 77.75 33.51 -50.01
C GLN VA 48 76.87 34.40 -49.15
N LYS VA 49 77.47 35.49 -48.66
CA LYS VA 49 76.77 36.45 -47.81
C LYS VA 49 75.83 37.28 -48.66
N GLY VA 50 74.77 37.79 -48.05
CA GLY VA 50 73.82 38.61 -48.76
C GLY VA 50 72.69 39.19 -47.96
N SER VA 51 71.79 39.84 -48.68
CA SER VA 51 70.64 40.51 -48.07
C SER VA 51 69.55 39.50 -47.77
N THR VA 52 68.52 39.97 -47.08
CA THR VA 52 67.31 39.18 -46.85
C THR VA 52 66.61 38.88 -48.19
N MET VA 53 66.78 39.77 -49.17
CA MET VA 53 66.15 39.63 -50.49
C MET VA 53 66.92 38.72 -51.47
N GLY VA 54 68.24 38.62 -51.33
CA GLY VA 54 69.04 37.78 -52.23
C GLY VA 54 70.53 37.76 -51.93
N PRO VA 55 71.29 36.85 -52.57
CA PRO VA 55 72.75 36.83 -52.41
C PRO VA 55 73.42 38.05 -53.04
N ASP VA 56 74.53 38.48 -52.47
CA ASP VA 56 75.20 39.72 -52.87
C ASP VA 56 76.25 39.46 -53.94
N LYS VA 57 76.26 40.29 -54.97
CA LYS VA 57 77.24 40.19 -56.06
C LYS VA 57 78.58 40.76 -55.60
N ASP VA 58 78.55 42.02 -55.18
CA ASP VA 58 79.74 42.73 -54.68
C ASP VA 58 79.83 42.58 -53.17
N PHE VA 59 80.97 43.02 -52.61
CA PHE VA 59 81.15 43.03 -51.15
C PHE VA 59 80.37 44.20 -50.54
N VAL VA 60 79.63 43.90 -49.47
CA VAL VA 60 78.96 44.92 -48.66
C VAL VA 60 79.32 44.64 -47.22
N GLU VA 61 79.99 45.59 -46.56
CA GLU VA 61 80.38 45.43 -45.16
C GLU VA 61 79.16 45.44 -44.25
N VAL VA 62 79.18 44.59 -43.24
CA VAL VA 62 78.04 44.38 -42.35
C VAL VA 62 78.21 45.26 -41.11
N THR VA 63 77.17 46.05 -40.81
CA THR VA 63 77.16 46.96 -39.67
C THR VA 63 75.81 46.92 -38.97
N PRO VA 64 75.67 47.60 -37.80
CA PRO VA 64 74.37 47.91 -37.20
C PRO VA 64 73.29 48.46 -38.15
N ASP VA 65 73.71 49.16 -39.20
CA ASP VA 65 72.78 49.65 -40.24
C ASP VA 65 72.18 48.50 -41.08
N ASN VA 66 72.99 47.47 -41.37
CA ASN VA 66 72.56 46.31 -42.16
C ASN VA 66 72.08 45.11 -41.34
N ILE VA 67 72.78 44.83 -40.23
CA ILE VA 67 72.82 43.47 -39.61
C ILE VA 67 71.47 42.71 -39.55
N SER VA 68 70.39 43.43 -39.24
CA SER VA 68 69.05 42.83 -39.15
C SER VA 68 68.54 42.26 -40.47
N THR VA 69 68.96 42.89 -41.58
CA THR VA 69 68.57 42.48 -42.93
C THR VA 69 69.56 41.50 -43.59
N ARG VA 70 70.61 41.09 -42.85
CA ARG VA 70 71.68 40.27 -43.43
C ARG VA 70 71.40 38.78 -43.29
N ARG VA 71 72.01 38.03 -44.19
CA ARG VA 71 71.54 36.69 -44.53
C ARG VA 71 72.65 35.90 -45.22
N LEU VA 72 72.57 34.58 -45.14
CA LEU VA 72 73.61 33.71 -45.66
C LEU VA 72 73.02 32.75 -46.69
N TRP VA 73 73.32 33.02 -47.96
CA TRP VA 73 72.74 32.27 -49.06
C TRP VA 73 73.61 31.07 -49.41
N VAL VA 74 72.94 29.98 -49.74
CA VAL VA 74 73.55 28.66 -49.75
C VAL VA 74 72.96 27.84 -50.90
N GLY VA 75 73.83 27.32 -51.75
CA GLY VA 75 73.43 26.53 -52.91
C GLY VA 75 73.35 25.07 -52.52
N LEU VA 76 72.23 24.44 -52.85
CA LEU VA 76 72.03 23.01 -52.60
C LEU VA 76 72.45 22.19 -53.83
N LYS VA 77 72.48 20.88 -53.69
CA LYS VA 77 73.24 20.00 -54.59
C LYS VA 77 72.51 18.69 -54.85
N TYR VA 78 72.41 18.30 -56.13
CA TYR VA 78 71.64 17.13 -56.57
C TYR VA 78 72.40 16.37 -57.66
N ARG VA 79 72.20 15.06 -57.71
CA ARG VA 79 72.90 14.20 -58.69
C ARG VA 79 72.16 12.88 -58.92
N ASP VA 80 71.85 12.60 -60.20
CA ASP VA 80 71.10 11.41 -60.60
C ASP VA 80 69.75 11.28 -59.87
N ASN VA 81 68.99 12.37 -59.91
CA ASN VA 81 67.65 12.45 -59.32
C ASN VA 81 67.61 12.13 -57.82
N LYS VA 82 68.63 12.61 -57.10
CA LYS VA 82 68.78 12.37 -55.67
C LYS VA 82 69.54 13.53 -55.03
N PRO VA 83 69.00 14.10 -53.93
CA PRO VA 83 69.69 15.23 -53.30
C PRO VA 83 70.89 14.77 -52.48
N VAL VA 84 71.95 15.57 -52.49
CA VAL VA 84 73.19 15.24 -51.80
C VAL VA 84 72.98 15.33 -50.29
N LEU VA 85 72.46 16.49 -49.85
CA LEU VA 85 72.17 16.74 -48.44
C LEU VA 85 70.78 16.21 -48.09
N SER VA 86 70.70 14.92 -47.81
CA SER VA 86 69.44 14.25 -47.47
C SER VA 86 68.92 14.64 -46.09
N SER VA 87 69.81 14.62 -45.10
CA SER VA 87 69.45 14.81 -43.69
C SER VA 87 70.32 15.86 -43.00
N CYS VA 88 69.80 16.42 -41.90
CA CYS VA 88 70.54 17.35 -41.05
C CYS VA 88 70.12 17.22 -39.58
N LYS VA 89 70.03 15.99 -39.07
CA LYS VA 89 69.69 15.77 -37.66
C LYS VA 89 70.82 16.30 -36.79
N LEU VA 90 70.50 17.10 -35.78
CA LEU VA 90 71.52 17.47 -34.79
C LEU VA 90 71.52 16.49 -33.62
N ILE VA 91 72.65 16.45 -32.91
CA ILE VA 91 72.89 15.46 -31.85
C ILE VA 91 72.75 16.15 -30.50
N SER VA 92 73.58 17.17 -30.26
CA SER VA 92 73.43 18.03 -29.08
C SER VA 92 72.19 18.90 -29.28
N LYS VA 93 71.07 18.46 -28.71
CA LYS VA 93 69.84 19.22 -28.73
C LYS VA 93 69.92 20.24 -27.59
N PRO VA 94 69.18 21.36 -27.69
CA PRO VA 94 69.19 22.39 -26.65
C PRO VA 94 68.95 21.89 -25.21
N ASN VA 95 68.07 20.90 -25.03
CA ASN VA 95 67.75 20.38 -23.70
C ASN VA 95 68.73 19.33 -23.15
N SER VA 96 69.24 18.47 -24.03
CA SER VA 96 70.26 17.47 -23.68
C SER VA 96 71.50 17.70 -24.54
N ARG VA 97 72.34 18.62 -24.09
CA ARG VA 97 73.56 18.98 -24.80
C ARG VA 97 74.64 17.99 -24.39
N ILE VA 98 75.34 17.43 -25.36
CA ILE VA 98 76.32 16.37 -25.07
C ILE VA 98 77.72 16.80 -25.50
N HIS VA 99 78.69 16.50 -24.63
CA HIS VA 99 80.07 16.92 -24.79
C HIS VA 99 80.97 15.71 -24.58
N LEU VA 100 81.59 15.25 -25.66
CA LEU VA 100 82.40 14.03 -25.61
C LEU VA 100 83.88 14.33 -25.46
N PRO VA 101 84.61 13.46 -24.73
CA PRO VA 101 86.06 13.48 -24.84
C PRO VA 101 86.53 12.79 -26.13
N MET VA 102 87.82 12.91 -26.41
CA MET VA 102 88.43 12.42 -27.66
C MET VA 102 88.26 10.91 -27.86
N GLU VA 103 88.35 10.15 -26.76
CA GLU VA 103 88.17 8.70 -26.78
C GLU VA 103 86.78 8.31 -27.24
N ASP VA 104 85.77 8.98 -26.69
CA ASP VA 104 84.36 8.76 -27.06
C ASP VA 104 84.11 9.02 -28.54
N MET VA 105 84.70 10.10 -29.05
CA MET VA 105 84.60 10.47 -30.46
C MET VA 105 85.25 9.42 -31.37
N LYS VA 106 86.42 8.93 -30.95
CA LYS VA 106 87.11 7.84 -31.65
C LYS VA 106 86.24 6.58 -31.73
N LYS VA 107 85.66 6.21 -30.60
CA LYS VA 107 84.75 5.06 -30.50
C LYS VA 107 83.56 5.20 -31.45
N LEU VA 108 82.94 6.38 -31.43
CA LEU VA 108 81.85 6.71 -32.35
C LEU VA 108 82.24 6.51 -33.80
N CYS VA 109 83.40 7.04 -34.16
CA CYS VA 109 83.97 6.89 -35.50
C CYS VA 109 84.17 5.43 -35.91
N SER VA 110 84.60 4.61 -34.95
CA SER VA 110 84.85 3.18 -35.16
C SER VA 110 83.66 2.27 -34.84
N GLY VA 111 82.43 2.76 -34.99
CA GLY VA 111 81.24 1.91 -34.92
C GLY VA 111 80.82 1.45 -33.54
N VAL VA 112 80.77 2.38 -32.59
CA VAL VA 112 80.32 2.11 -31.23
C VAL VA 112 79.26 3.13 -30.83
N THR VA 113 78.08 2.65 -30.44
CA THR VA 113 77.00 3.52 -29.95
C THR VA 113 77.43 4.13 -28.62
N ILE VA 114 77.40 5.46 -28.53
CA ILE VA 114 77.84 6.19 -27.33
C ILE VA 114 76.81 7.23 -26.93
N ARG VA 115 76.41 7.19 -25.66
CA ARG VA 115 75.50 8.16 -25.07
C ARG VA 115 74.19 8.27 -25.88
N ASN VA 116 73.76 7.12 -26.42
CA ASN VA 116 72.70 7.02 -27.42
C ASN VA 116 72.90 7.94 -28.63
N ILE VA 117 74.04 7.75 -29.29
CA ILE VA 117 74.30 8.26 -30.64
C ILE VA 117 74.55 7.01 -31.48
N LYS VA 118 73.85 6.89 -32.59
CA LYS VA 118 74.17 5.85 -33.57
C LYS VA 118 75.53 6.22 -34.17
N PRO VA 119 76.51 5.28 -34.16
CA PRO VA 119 77.86 5.63 -34.61
C PRO VA 119 77.92 6.01 -36.08
N LEU VA 120 78.88 6.86 -36.45
CA LEU VA 120 78.80 7.60 -37.71
C LEU VA 120 78.94 6.69 -38.94
N GLN VA 121 78.25 7.07 -40.01
CA GLN VA 121 77.97 6.20 -41.17
C GLN VA 121 78.93 6.43 -42.34
N PRO VA 122 78.92 5.51 -43.34
CA PRO VA 122 79.81 5.56 -44.52
C PRO VA 122 79.98 6.93 -45.19
N GLY VA 123 78.88 7.54 -45.62
CA GLY VA 123 78.91 8.84 -46.29
C GLY VA 123 78.36 9.96 -45.43
N GLU VA 124 78.62 9.87 -44.13
CA GLU VA 124 78.05 10.80 -43.15
C GLU VA 124 79.12 11.78 -42.69
N LEU VA 125 78.67 12.83 -42.00
CA LEU VA 125 79.54 13.85 -41.44
C LEU VA 125 78.96 14.30 -40.11
N ILE VA 126 79.63 13.95 -39.02
CA ILE VA 126 79.31 14.48 -37.70
C ILE VA 126 80.18 15.70 -37.44
N LEU VA 127 79.53 16.86 -37.27
CA LEU VA 127 80.24 18.09 -36.92
C LEU VA 127 80.39 18.23 -35.41
N VAL VA 128 81.51 18.82 -35.00
CA VAL VA 128 81.92 18.90 -33.61
C VAL VA 128 82.38 20.32 -33.31
N ARG VA 129 81.80 20.95 -32.29
CA ARG VA 129 82.25 22.25 -31.82
C ARG VA 129 83.33 22.07 -30.75
N ALA VA 130 84.43 22.80 -30.91
CA ALA VA 130 85.54 22.76 -29.96
C ALA VA 130 86.20 24.13 -29.87
N HIS VA 131 85.93 24.84 -28.76
CA HIS VA 131 86.36 26.23 -28.54
C HIS VA 131 85.82 27.20 -29.60
N ASN VA 132 84.50 27.15 -29.80
CA ASN VA 132 83.80 27.99 -30.78
C ASN VA 132 84.38 27.89 -32.20
N ASN VA 133 84.60 26.66 -32.63
CA ASN VA 133 85.09 26.35 -33.98
C ASN VA 133 84.57 24.98 -34.40
N ILE VA 134 83.74 24.95 -35.42
CA ILE VA 134 83.10 23.71 -35.86
C ILE VA 134 84.07 22.96 -36.76
N MET VA 135 84.17 21.65 -36.54
CA MET VA 135 85.09 20.78 -37.28
C MET VA 135 84.38 19.49 -37.62
N ASP VA 136 85.04 18.67 -38.44
CA ASP VA 136 84.64 17.28 -38.62
C ASP VA 136 85.09 16.52 -37.37
N ILE VA 137 84.38 15.45 -37.02
CA ILE VA 137 84.74 14.65 -35.84
C ILE VA 137 86.10 13.95 -36.00
N ASN VA 138 86.41 13.51 -37.22
CA ASN VA 138 87.72 12.95 -37.56
C ASN VA 138 88.85 13.97 -37.39
N GLU VA 139 88.59 15.19 -37.86
CA GLU VA 139 89.52 16.33 -37.70
C GLU VA 139 89.78 16.65 -36.23
N ALA VA 140 88.70 16.66 -35.45
CA ALA VA 140 88.76 16.90 -34.01
C ALA VA 140 89.59 15.84 -33.29
N ILE VA 141 89.39 14.58 -33.66
CA ILE VA 141 90.17 13.44 -33.16
C ILE VA 141 91.66 13.61 -33.47
N SER VA 142 91.95 13.95 -34.73
CA SER VA 142 93.32 14.18 -35.19
C SER VA 142 94.01 15.27 -34.37
N LYS VA 143 93.31 16.39 -34.19
CA LYS VA 143 93.79 17.51 -33.38
C LYS VA 143 93.71 17.23 -31.87
N LYS VA 144 92.84 16.31 -31.48
CA LYS VA 144 92.64 15.87 -30.08
C LYS VA 144 91.93 16.97 -29.27
N LEU VA 145 90.67 17.20 -29.64
CA LEU VA 145 89.83 18.22 -29.02
C LEU VA 145 88.60 17.57 -28.40
N ASP VA 146 88.46 17.71 -27.08
CA ASP VA 146 87.24 17.33 -26.37
C ASP VA 146 86.19 18.39 -26.68
N GLY VA 147 85.10 17.99 -27.33
CA GLY VA 147 84.12 18.94 -27.88
C GLY VA 147 82.67 18.51 -27.84
N GLU VA 148 81.79 19.48 -28.12
CA GLU VA 148 80.36 19.25 -28.22
C GLU VA 148 80.05 18.62 -29.57
N VAL VA 149 79.42 17.45 -29.55
CA VAL VA 149 78.98 16.79 -30.78
C VAL VA 149 77.75 17.55 -31.28
N LEU VA 150 77.96 18.39 -32.29
CA LEU VA 150 76.91 19.30 -32.76
C LEU VA 150 75.81 18.58 -33.52
N CYS VA 151 76.13 18.12 -34.72
CA CYS VA 151 75.11 17.68 -35.65
C CYS VA 151 75.64 16.66 -36.65
N ARG VA 152 74.75 16.23 -37.54
CA ARG VA 152 74.94 15.04 -38.33
C ARG VA 152 74.29 15.26 -39.71
N VAL VA 153 75.08 15.19 -40.78
CA VAL VA 153 74.53 15.34 -42.14
C VAL VA 153 74.83 14.13 -43.03
N LYS VA 154 73.87 13.78 -43.87
CA LYS VA 154 73.94 12.59 -44.73
C LYS VA 154 73.13 12.82 -46.01
N ARG WA 1 68.25 -10.18 -89.25
CA ARG WA 1 66.88 -9.71 -89.48
C ARG WA 1 66.19 -9.27 -88.20
N ARG WA 2 65.03 -8.61 -88.36
CA ARG WA 2 64.24 -8.08 -87.25
C ARG WA 2 62.79 -8.50 -87.42
N ILE WA 3 62.14 -8.89 -86.32
CA ILE WA 3 60.69 -9.13 -86.31
C ILE WA 3 60.00 -7.85 -85.86
N VAL WA 4 59.04 -7.41 -86.68
CA VAL WA 4 58.51 -6.05 -86.64
C VAL WA 4 57.04 -6.08 -87.10
N PRO WA 5 56.17 -5.20 -86.54
CA PRO WA 5 54.79 -5.14 -87.04
C PRO WA 5 54.64 -4.68 -88.50
N LYS WA 6 53.68 -5.27 -89.21
CA LYS WA 6 53.39 -4.90 -90.61
C LYS WA 6 52.87 -3.48 -90.72
N LEU WA 7 51.71 -3.24 -90.11
CA LEU WA 7 51.00 -1.97 -90.26
C LEU WA 7 51.60 -0.91 -89.37
N ALA WA 8 51.68 0.32 -89.89
CA ALA WA 8 52.14 1.48 -89.12
C ALA WA 8 51.15 1.87 -88.00
N THR WA 9 49.89 1.47 -88.16
CA THR WA 9 48.85 1.67 -87.14
C THR WA 9 48.80 0.57 -86.05
N PHE WA 10 49.68 -0.43 -86.14
CA PHE WA 10 49.71 -1.60 -85.23
C PHE WA 10 49.24 -1.36 -83.80
N TYR WA 11 49.81 -0.35 -83.16
CA TYR WA 11 49.55 -0.06 -81.74
C TYR WA 11 48.19 0.58 -81.45
N SER WA 12 47.56 1.17 -82.48
CA SER WA 12 46.22 1.75 -82.34
C SER WA 12 45.15 0.68 -82.07
N ALA WA 13 43.96 1.13 -81.68
CA ALA WA 13 42.87 0.25 -81.23
C ALA WA 13 42.47 -0.79 -82.26
N ASN WA 14 42.05 -0.33 -83.43
CA ASN WA 14 41.70 -1.19 -84.55
C ASN WA 14 42.67 -0.88 -85.70
N PRO WA 15 43.82 -1.57 -85.74
CA PRO WA 15 44.90 -1.19 -86.65
C PRO WA 15 44.61 -1.42 -88.13
N ASN WA 16 44.02 -2.59 -88.44
CA ASN WA 16 43.70 -2.96 -89.81
C ASN WA 16 42.74 -1.98 -90.46
N HIS WA 17 41.66 -1.65 -89.76
CA HIS WA 17 40.68 -0.67 -90.23
C HIS WA 17 41.34 0.67 -90.52
N GLU WA 18 42.14 1.13 -89.56
CA GLU WA 18 42.88 2.40 -89.68
C GLU WA 18 43.76 2.44 -90.92
N ASP WA 19 44.48 1.35 -91.15
CA ASP WA 19 45.31 1.16 -92.35
C ASP WA 19 44.48 1.26 -93.63
N ARG WA 20 43.34 0.57 -93.63
CA ARG WA 20 42.42 0.58 -94.77
C ARG WA 20 41.92 1.98 -95.09
N ILE WA 21 41.52 2.70 -94.04
CA ILE WA 21 41.09 4.09 -94.15
C ILE WA 21 42.18 5.00 -94.72
N ASN WA 22 43.42 4.79 -94.25
CA ASN WA 22 44.58 5.59 -94.69
C ASN WA 22 44.85 5.59 -96.19
N ARG WA 23 44.69 4.43 -96.84
CA ARG WA 23 44.88 4.31 -98.30
C ARG WA 23 43.84 5.13 -99.05
N LEU WA 24 42.58 5.00 -98.61
CA LEU WA 24 41.46 5.76 -99.18
C LEU WA 24 41.65 7.26 -99.00
N GLU WA 25 42.12 7.64 -97.81
CA GLU WA 25 42.41 9.04 -97.47
C GLU WA 25 43.50 9.62 -98.38
N ARG WA 26 44.55 8.82 -98.58
CA ARG WA 26 45.65 9.16 -99.50
C ARG WA 26 45.16 9.38 -100.92
N LEU WA 27 44.31 8.46 -101.39
CA LEU WA 27 43.70 8.56 -102.72
C LEU WA 27 42.88 9.84 -102.88
N LEU WA 28 42.04 10.10 -101.88
CA LEU WA 28 41.23 11.33 -101.84
C LEU WA 28 42.09 12.57 -101.94
N ARG WA 29 43.15 12.61 -101.13
CA ARG WA 29 44.13 13.70 -101.16
C ARG WA 29 44.76 13.89 -102.53
N LYS WA 30 45.15 12.78 -103.15
CA LYS WA 30 45.76 12.78 -104.48
C LYS WA 30 44.82 13.37 -105.54
N TYR WA 31 43.58 12.90 -105.53
CA TYR WA 31 42.57 13.28 -106.52
C TYR WA 31 41.48 14.12 -105.89
N ILE WA 32 41.91 15.13 -105.13
CA ILE WA 32 41.02 16.00 -104.37
C ILE WA 32 40.36 17.05 -105.27
N LYS WA 33 41.05 17.41 -106.36
CA LYS WA 33 40.55 18.39 -107.33
C LYS WA 33 39.63 17.80 -108.40
N LEU WA 34 39.64 16.47 -108.57
CA LEU WA 34 38.79 15.83 -109.58
C LEU WA 34 37.31 16.04 -109.27
N PRO WA 35 36.52 16.52 -110.26
CA PRO WA 35 35.14 16.91 -110.00
C PRO WA 35 34.20 15.72 -109.82
N SER WA 36 33.19 15.90 -108.97
CA SER WA 36 32.27 14.83 -108.58
C SER WA 36 30.92 14.98 -109.28
N GLN WA 37 30.71 14.17 -110.32
CA GLN WA 37 29.46 14.16 -111.11
C GLN WA 37 29.04 15.55 -111.61
N ALA WA 47 27.47 2.49 -104.58
CA ALA WA 47 26.21 2.03 -103.98
C ALA WA 47 26.30 0.62 -103.38
N PRO WA 48 26.80 -0.37 -104.15
CA PRO WA 48 26.79 -1.75 -103.67
C PRO WA 48 28.04 -2.09 -102.84
N TRP WA 49 28.18 -1.43 -101.69
CA TRP WA 49 29.35 -1.62 -100.83
C TRP WA 49 29.17 -2.85 -99.94
N ILE WA 50 30.29 -3.47 -99.56
CA ILE WA 50 30.27 -4.63 -98.65
C ILE WA 50 29.63 -4.26 -97.30
N SER WA 51 28.97 -5.24 -96.69
CA SER WA 51 28.27 -5.04 -95.42
C SER WA 51 29.23 -4.85 -94.26
N PHE WA 52 28.68 -4.46 -93.11
CA PHE WA 52 29.44 -4.30 -91.87
C PHE WA 52 30.15 -5.59 -91.49
N ASP WA 53 29.39 -6.68 -91.46
CA ASP WA 53 29.91 -8.01 -91.13
C ASP WA 53 30.96 -8.49 -92.14
N GLU WA 54 30.69 -8.24 -93.42
CA GLU WA 54 31.63 -8.56 -94.50
C GLU WA 54 32.93 -7.77 -94.37
N TYR WA 55 32.79 -6.49 -94.03
CA TYR WA 55 33.94 -5.61 -93.81
C TYR WA 55 34.78 -6.05 -92.61
N ALA WA 56 34.10 -6.46 -91.54
CA ALA WA 56 34.75 -6.94 -90.32
C ALA WA 56 35.73 -8.09 -90.55
N LEU WA 57 35.35 -9.02 -91.43
CA LEU WA 57 36.18 -10.21 -91.70
C LEU WA 57 37.55 -9.84 -92.28
N ILE WA 58 37.59 -8.83 -93.16
CA ILE WA 58 38.85 -8.28 -93.68
C ILE WA 58 39.43 -7.18 -92.77
N GLY WA 59 38.56 -6.38 -92.16
CA GLY WA 59 38.95 -5.24 -91.34
C GLY WA 59 39.27 -5.61 -89.91
N GLY WA 60 38.58 -4.99 -88.96
CA GLY WA 60 38.85 -5.17 -87.54
C GLY WA 60 38.35 -6.45 -86.91
N GLY WA 61 37.24 -6.98 -87.42
CA GLY WA 61 36.59 -8.16 -86.84
C GLY WA 61 35.67 -7.74 -85.71
N THR WA 62 35.90 -8.29 -84.53
CA THR WA 62 35.14 -7.90 -83.32
C THR WA 62 35.41 -6.46 -82.87
N LYS WA 63 36.59 -5.93 -83.21
CA LYS WA 63 36.98 -4.56 -82.85
C LYS WA 63 36.45 -3.47 -83.81
N LEU WA 64 35.73 -3.88 -84.85
CA LEU WA 64 35.12 -2.95 -85.81
C LEU WA 64 33.90 -2.29 -85.15
N LYS WA 65 33.85 -0.96 -85.19
CA LYS WA 65 32.74 -0.17 -84.61
C LYS WA 65 31.86 0.43 -85.71
N PRO WA 66 30.58 0.73 -85.40
CA PRO WA 66 29.67 1.33 -86.39
C PRO WA 66 30.19 2.63 -86.99
N THR WA 67 30.71 3.51 -86.14
CA THR WA 67 31.28 4.80 -86.54
C THR WA 67 32.42 4.65 -87.55
N GLN WA 68 33.28 3.68 -87.30
CA GLN WA 68 34.39 3.35 -88.21
C GLN WA 68 33.89 2.90 -89.58
N TYR WA 69 32.86 2.05 -89.57
CA TYR WA 69 32.22 1.57 -90.79
C TYR WA 69 31.59 2.70 -91.59
N THR WA 70 30.89 3.60 -90.89
CA THR WA 70 30.26 4.77 -91.52
C THR WA 70 31.30 5.67 -92.18
N GLN WA 71 32.41 5.87 -91.49
CA GLN WA 71 33.55 6.63 -92.00
C GLN WA 71 34.09 6.01 -93.28
N LEU WA 72 34.31 4.70 -93.23
CA LEU WA 72 34.78 3.93 -94.38
C LEU WA 72 33.85 4.08 -95.59
N LEU WA 73 32.55 3.94 -95.35
CA LEU WA 73 31.52 4.13 -96.38
C LEU WA 73 31.60 5.52 -97.01
N TYR WA 74 31.69 6.53 -96.16
CA TYR WA 74 31.86 7.93 -96.59
C TYR WA 74 33.08 8.11 -97.51
N MET WA 75 34.20 7.52 -97.10
CA MET WA 75 35.45 7.58 -97.87
C MET WA 75 35.30 6.95 -99.25
N LEU WA 76 34.66 5.78 -99.28
CA LEU WA 76 34.43 5.04 -100.52
C LEU WA 76 33.49 5.77 -101.48
N ASN WA 77 32.36 6.22 -100.93
CA ASN WA 77 31.31 6.89 -101.71
C ASN WA 77 31.81 8.13 -102.44
N LYS WA 78 32.57 8.97 -101.73
CA LYS WA 78 33.15 10.18 -102.29
C LYS WA 78 34.11 9.87 -103.44
N LEU WA 79 34.97 8.89 -103.22
CA LEU WA 79 35.90 8.39 -104.26
C LEU WA 79 35.17 7.91 -105.50
N HIS WA 80 34.11 7.13 -105.27
CA HIS WA 80 33.26 6.61 -106.34
C HIS WA 80 32.61 7.74 -107.15
N ASN WA 81 32.14 8.76 -106.44
CA ASN WA 81 31.51 9.93 -107.05
C ASN WA 81 32.36 10.72 -108.05
N ILE WA 82 33.70 10.58 -108.00
CA ILE WA 82 34.57 11.21 -108.99
C ILE WA 82 34.02 10.88 -110.38
N ASP WA 83 33.71 11.92 -111.17
CA ASP WA 83 33.21 11.78 -112.55
C ASP WA 83 33.91 10.62 -113.30
N PRO WA 84 33.15 9.57 -113.70
CA PRO WA 84 33.71 8.37 -114.34
C PRO WA 84 34.77 8.59 -115.43
N GLN WA 85 34.63 9.68 -116.18
CA GLN WA 85 35.60 10.04 -117.23
C GLN WA 85 36.97 10.42 -116.66
N LEU WA 86 37.01 11.14 -115.55
CA LEU WA 86 38.27 11.55 -114.91
C LEU WA 86 38.91 10.51 -113.97
N THR WA 87 38.17 9.45 -113.63
CA THR WA 87 38.65 8.45 -112.67
C THR WA 87 39.90 7.72 -113.14
N ASN WA 88 40.67 7.24 -112.16
CA ASN WA 88 41.93 6.54 -112.39
C ASN WA 88 41.75 5.02 -112.28
N ASP WA 89 42.79 4.31 -112.67
CA ASP WA 89 42.86 2.85 -112.52
C ASP WA 89 43.13 2.45 -111.07
N GLU WA 90 44.01 3.20 -110.41
CA GLU WA 90 44.41 2.94 -109.02
C GLU WA 90 43.23 3.05 -108.06
N ILE WA 91 42.42 4.09 -108.26
CA ILE WA 91 41.23 4.34 -107.44
C ILE WA 91 40.25 3.18 -107.57
N THR WA 92 39.97 2.79 -108.81
CA THR WA 92 39.06 1.69 -109.11
C THR WA 92 39.52 0.36 -108.52
N SER WA 93 40.84 0.13 -108.55
CA SER WA 93 41.45 -1.05 -107.94
C SER WA 93 41.25 -1.08 -106.43
N GLU WA 94 41.46 0.07 -105.80
CA GLU WA 94 41.25 0.23 -104.35
C GLU WA 94 39.78 0.03 -103.96
N LEU WA 95 38.86 0.56 -104.77
CA LEU WA 95 37.43 0.38 -104.55
C LEU WA 95 36.93 -1.03 -104.88
N SER WA 96 37.59 -1.72 -105.81
CA SER WA 96 37.23 -3.10 -106.20
C SER WA 96 36.95 -4.02 -105.01
N GLN WA 97 37.82 -3.92 -104.00
CA GLN WA 97 37.71 -4.68 -102.74
C GLN WA 97 36.33 -4.62 -102.08
N TYR WA 98 35.74 -3.41 -102.07
CA TYR WA 98 34.56 -3.12 -101.28
C TYR WA 98 33.23 -3.34 -102.02
N TYR WA 99 33.27 -3.78 -103.28
CA TYR WA 99 32.03 -4.12 -104.00
C TYR WA 99 31.47 -5.48 -103.57
N LYS WA 100 30.23 -5.74 -103.99
CA LYS WA 100 29.45 -6.92 -103.59
C LYS WA 100 29.08 -6.84 -102.11
N LYS WA 110 9.61 -16.05 -110.94
CA LYS WA 110 8.91 -16.51 -112.19
C LYS WA 110 7.69 -15.65 -112.49
N ILE WA 111 7.43 -15.42 -113.77
CA ILE WA 111 6.34 -14.55 -114.24
C ILE WA 111 5.04 -15.35 -114.32
N LYS WA 112 3.95 -14.76 -113.81
CA LYS WA 112 2.63 -15.37 -113.87
C LYS WA 112 1.90 -14.97 -115.15
N THR WA 113 1.20 -15.94 -115.75
CA THR WA 113 0.45 -15.73 -117.00
C THR WA 113 -0.90 -16.46 -116.96
N LEU WA 114 -1.77 -16.12 -117.90
CA LEU WA 114 -3.09 -16.75 -118.02
C LEU WA 114 -2.98 -18.16 -118.59
N ASP WA 115 -4.02 -18.96 -118.34
CA ASP WA 115 -4.07 -20.37 -118.76
C ASP WA 115 -4.48 -20.50 -120.24
N GLU WA 116 -4.64 -21.75 -120.70
CA GLU WA 116 -5.22 -22.08 -122.01
C GLU WA 116 -6.54 -21.35 -122.29
N PHE WA 117 -7.41 -21.27 -121.27
CA PHE WA 117 -8.74 -20.67 -121.41
C PHE WA 117 -8.82 -19.21 -120.92
N GLY WA 118 -7.67 -18.58 -120.70
CA GLY WA 118 -7.58 -17.15 -120.42
C GLY WA 118 -8.07 -16.68 -119.07
N ARG WA 119 -7.89 -17.50 -118.03
CA ARG WA 119 -8.25 -17.11 -116.66
C ARG WA 119 -7.05 -17.26 -115.72
N SER WA 120 -6.97 -16.36 -114.73
CA SER WA 120 -5.86 -16.31 -113.79
C SER WA 120 -6.23 -17.01 -112.48
N ILE WA 121 -5.60 -18.17 -112.24
CA ILE WA 121 -5.80 -18.91 -110.99
C ILE WA 121 -4.99 -18.24 -109.88
N ALA WA 122 -5.53 -18.25 -108.68
CA ALA WA 122 -4.82 -17.73 -107.50
C ALA WA 122 -5.41 -18.34 -106.24
N VAL WA 123 -4.53 -18.70 -105.31
CA VAL WA 123 -4.91 -19.33 -104.04
C VAL WA 123 -4.65 -18.35 -102.90
N GLY WA 124 -5.70 -18.08 -102.12
CA GLY WA 124 -5.61 -17.24 -100.94
C GLY WA 124 -5.96 -18.03 -99.69
N LYS WA 125 -5.48 -17.56 -98.54
CA LYS WA 125 -5.72 -18.22 -97.26
C LYS WA 125 -6.00 -17.22 -96.13
N ARG WA 126 -6.82 -17.63 -95.19
CA ARG WA 126 -6.98 -16.92 -93.92
C ARG WA 126 -7.56 -17.84 -92.85
N LYS WA 127 -7.04 -17.72 -91.63
CA LYS WA 127 -7.34 -18.65 -90.53
C LYS WA 127 -7.10 -20.10 -90.98
N SER WA 128 -8.16 -20.92 -91.08
CA SER WA 128 -8.08 -22.28 -91.62
C SER WA 128 -8.52 -22.36 -93.09
N SER WA 129 -9.12 -21.28 -93.61
CA SER WA 129 -9.69 -21.28 -94.96
C SER WA 129 -8.63 -21.28 -96.05
N THR WA 130 -9.00 -21.87 -97.20
CA THR WA 130 -8.20 -21.84 -98.43
C THR WA 130 -9.15 -21.60 -99.59
N ALA WA 131 -8.82 -20.62 -100.45
CA ALA WA 131 -9.67 -20.23 -101.58
C ALA WA 131 -8.90 -20.19 -102.88
N LYS WA 132 -9.11 -21.19 -103.74
CA LYS WA 132 -8.60 -21.19 -105.11
C LYS WA 132 -9.65 -20.52 -105.99
N VAL WA 133 -9.24 -19.47 -106.70
CA VAL WA 133 -10.18 -18.61 -107.43
C VAL WA 133 -9.76 -18.43 -108.89
N PHE WA 134 -10.67 -18.78 -109.81
CA PHE WA 134 -10.47 -18.59 -111.25
C PHE WA 134 -11.13 -17.27 -111.66
N VAL WA 135 -10.31 -16.26 -111.94
CA VAL WA 135 -10.80 -14.95 -112.41
C VAL WA 135 -10.59 -14.85 -113.93
N VAL WA 136 -11.64 -14.44 -114.64
CA VAL WA 136 -11.67 -14.43 -116.11
C VAL WA 136 -12.35 -13.13 -116.60
N ARG WA 137 -12.05 -12.74 -117.84
CA ARG WA 137 -12.45 -11.43 -118.39
C ARG WA 137 -13.95 -11.22 -118.71
N GLY WA 138 -14.77 -12.27 -118.64
CA GLY WA 138 -16.21 -12.16 -118.92
C GLY WA 138 -17.01 -11.33 -117.92
N THR WA 139 -18.18 -10.86 -118.35
CA THR WA 139 -19.05 -9.94 -117.56
C THR WA 139 -19.24 -10.41 -116.10
N GLY WA 140 -19.22 -9.45 -115.18
CA GLY WA 140 -19.03 -9.72 -113.76
C GLY WA 140 -20.14 -10.50 -113.06
N GLU WA 141 -19.99 -11.82 -113.04
CA GLU WA 141 -20.84 -12.71 -112.23
C GLU WA 141 -19.96 -13.56 -111.31
N ILE WA 142 -20.54 -14.00 -110.20
CA ILE WA 142 -19.82 -14.71 -109.14
C ILE WA 142 -20.40 -16.10 -108.98
N LEU WA 143 -19.52 -17.06 -108.66
CA LEU WA 143 -19.92 -18.40 -108.25
C LEU WA 143 -18.96 -18.90 -107.17
N VAL WA 144 -19.43 -18.90 -105.92
CA VAL WA 144 -18.65 -19.39 -104.78
C VAL WA 144 -18.97 -20.86 -104.56
N ASN WA 145 -17.97 -21.71 -104.75
CA ASN WA 145 -18.03 -23.12 -104.35
C ASN WA 145 -19.16 -23.90 -105.05
N GLY WA 146 -19.42 -23.57 -106.30
CA GLY WA 146 -20.47 -24.19 -107.10
C GLY WA 146 -21.89 -23.77 -106.78
N ARG WA 147 -22.07 -22.54 -106.32
CA ARG WA 147 -23.40 -21.97 -106.09
C ARG WA 147 -23.37 -20.45 -106.00
N GLN WA 148 -24.56 -19.85 -106.05
CA GLN WA 148 -24.70 -18.39 -106.13
C GLN WA 148 -24.14 -17.69 -104.89
N LEU WA 149 -23.65 -16.47 -105.09
CA LEU WA 149 -22.93 -15.72 -104.06
C LEU WA 149 -23.80 -15.40 -102.85
N ASN WA 150 -25.00 -14.89 -103.10
CA ASN WA 150 -25.95 -14.60 -102.01
C ASN WA 150 -26.41 -15.86 -101.24
N ASP WA 151 -26.43 -17.00 -101.93
CA ASP WA 151 -26.75 -18.29 -101.30
C ASP WA 151 -25.63 -18.79 -100.38
N TYR WA 152 -24.38 -18.59 -100.79
CA TYR WA 152 -23.23 -19.05 -100.00
C TYR WA 152 -22.95 -18.13 -98.82
N PHE WA 153 -22.67 -16.87 -99.11
CA PHE WA 153 -22.38 -15.86 -98.07
C PHE WA 153 -23.63 -15.06 -97.75
N LEU WA 154 -24.19 -15.34 -96.57
CA LEU WA 154 -25.45 -14.73 -96.14
C LEU WA 154 -25.22 -13.33 -95.59
N LYS WA 155 -24.12 -13.19 -94.83
CA LYS WA 155 -23.70 -11.87 -94.34
C LYS WA 155 -23.23 -11.01 -95.50
N MET WA 156 -23.84 -9.84 -95.65
CA MET WA 156 -23.47 -8.85 -96.68
C MET WA 156 -22.03 -8.36 -96.56
N LYS WA 157 -21.51 -8.35 -95.34
CA LYS WA 157 -20.13 -7.90 -95.05
C LYS WA 157 -19.09 -8.72 -95.82
N ASP WA 158 -19.29 -10.03 -95.81
CA ASP WA 158 -18.43 -10.99 -96.52
C ASP WA 158 -18.42 -10.72 -98.02
N ARG WA 159 -19.60 -10.46 -98.56
CA ARG WA 159 -19.77 -10.15 -99.98
C ARG WA 159 -19.06 -8.85 -100.36
N GLU WA 160 -19.23 -7.84 -99.50
CA GLU WA 160 -18.57 -6.54 -99.65
C GLU WA 160 -17.05 -6.69 -99.65
N SER WA 161 -16.55 -7.51 -98.72
CA SER WA 161 -15.12 -7.82 -98.61
C SER WA 161 -14.60 -8.46 -99.90
N ILE WA 162 -15.32 -9.47 -100.39
CA ILE WA 162 -15.02 -10.15 -101.65
C ILE WA 162 -14.93 -9.19 -102.83
N MET WA 163 -15.92 -8.29 -102.89
CA MET WA 163 -15.99 -7.27 -103.94
C MET WA 163 -14.79 -6.31 -103.92
N TYR WA 164 -14.32 -5.96 -102.71
CA TYR WA 164 -13.34 -4.88 -102.48
C TYR WA 164 -12.10 -4.82 -103.41
N PRO WA 165 -11.45 -5.96 -103.71
CA PRO WA 165 -10.39 -5.95 -104.75
C PRO WA 165 -10.84 -5.45 -106.11
N LEU WA 166 -12.06 -5.82 -106.51
CA LEU WA 166 -12.67 -5.32 -107.75
C LEU WA 166 -13.17 -3.88 -107.60
N GLN WA 167 -13.45 -3.46 -106.36
CA GLN WA 167 -13.91 -2.11 -106.04
C GLN WA 167 -12.80 -1.06 -105.92
N VAL WA 168 -11.61 -1.46 -105.46
CA VAL WA 168 -10.45 -0.53 -105.45
C VAL WA 168 -10.01 -0.18 -106.87
N ILE WA 169 -10.05 -1.18 -107.76
CA ILE WA 169 -9.98 -0.97 -109.19
C ILE WA 169 -11.41 -0.59 -109.62
N GLU WA 170 -11.57 0.02 -110.78
CA GLU WA 170 -12.91 0.14 -111.37
C GLU WA 170 -13.10 -1.02 -112.34
N SER WA 171 -13.25 -2.22 -111.76
CA SER WA 171 -13.41 -3.46 -112.53
C SER WA 171 -14.39 -4.49 -111.92
N VAL WA 172 -15.23 -4.10 -110.96
CA VAL WA 172 -16.38 -4.91 -110.58
C VAL WA 172 -17.39 -4.77 -111.74
N GLY WA 173 -17.83 -5.90 -112.27
CA GLY WA 173 -18.61 -5.94 -113.51
C GLY WA 173 -17.80 -6.35 -114.74
N LYS WA 174 -16.49 -6.07 -114.74
CA LYS WA 174 -15.60 -6.49 -115.82
C LYS WA 174 -15.22 -7.96 -115.74
N TYR WA 175 -14.82 -8.42 -114.55
CA TYR WA 175 -14.27 -9.78 -114.36
C TYR WA 175 -15.26 -10.79 -113.80
N ASN WA 176 -15.46 -11.89 -114.55
CA ASN WA 176 -16.12 -13.08 -114.02
C ASN WA 176 -15.20 -13.76 -113.01
N ILE WA 177 -15.79 -14.23 -111.91
CA ILE WA 177 -15.03 -14.85 -110.81
C ILE WA 177 -15.68 -16.18 -110.43
N PHE WA 178 -14.88 -17.24 -110.46
CA PHE WA 178 -15.29 -18.56 -110.02
C PHE WA 178 -14.43 -18.97 -108.83
N ALA WA 179 -14.96 -18.75 -107.63
CA ALA WA 179 -14.25 -19.07 -106.38
C ALA WA 179 -14.53 -20.50 -105.94
N THR WA 180 -13.52 -21.15 -105.37
CA THR WA 180 -13.67 -22.48 -104.77
C THR WA 180 -12.95 -22.50 -103.41
N THR WA 181 -13.75 -22.51 -102.34
CA THR WA 181 -13.24 -22.47 -100.97
C THR WA 181 -13.20 -23.84 -100.30
N SER WA 182 -12.40 -23.94 -99.25
CA SER WA 182 -12.36 -25.12 -98.38
C SER WA 182 -11.76 -24.77 -97.04
N GLY WA 183 -12.33 -25.35 -95.98
CA GLY WA 183 -11.84 -25.13 -94.62
C GLY WA 183 -12.28 -23.81 -94.00
N GLY WA 184 -12.12 -23.71 -92.69
CA GLY WA 184 -12.51 -22.53 -91.92
C GLY WA 184 -14.01 -22.28 -91.89
N GLY WA 185 -14.38 -21.07 -91.46
CA GLY WA 185 -15.77 -20.63 -91.41
C GLY WA 185 -16.08 -19.65 -92.54
N PRO WA 186 -17.28 -19.05 -92.53
CA PRO WA 186 -17.73 -18.22 -93.67
C PRO WA 186 -16.96 -16.92 -93.87
N THR WA 187 -16.77 -16.14 -92.81
CA THR WA 187 -16.10 -14.83 -92.90
C THR WA 187 -14.64 -14.99 -93.33
N GLY WA 188 -13.96 -15.97 -92.73
CA GLY WA 188 -12.59 -16.32 -93.08
C GLY WA 188 -12.45 -16.81 -94.52
N GLN WA 189 -13.40 -17.64 -94.94
CA GLN WA 189 -13.50 -18.11 -96.34
C GLN WA 189 -13.63 -16.95 -97.32
N ALA WA 190 -14.54 -16.03 -97.01
CA ALA WA 190 -14.77 -14.83 -97.82
C ALA WA 190 -13.50 -13.98 -97.96
N GLU WA 191 -12.80 -13.84 -96.85
CA GLU WA 191 -11.55 -13.10 -96.79
C GLU WA 191 -10.45 -13.75 -97.64
N SER WA 192 -10.38 -15.07 -97.57
CA SER WA 192 -9.43 -15.85 -98.37
C SER WA 192 -9.73 -15.73 -99.87
N ILE WA 193 -11.01 -15.75 -100.22
CA ILE WA 193 -11.48 -15.53 -101.60
C ILE WA 193 -11.04 -14.16 -102.11
N MET WA 194 -11.32 -13.14 -101.31
CA MET WA 194 -10.92 -11.75 -101.60
C MET WA 194 -9.42 -11.67 -101.88
N HIS WA 195 -8.64 -12.25 -100.98
CA HIS WA 195 -7.18 -12.29 -101.10
C HIS WA 195 -6.74 -12.91 -102.43
N ALA WA 196 -7.33 -14.06 -102.74
CA ALA WA 196 -7.09 -14.77 -104.00
C ALA WA 196 -7.42 -13.91 -105.22
N ILE WA 197 -8.57 -13.23 -105.17
CA ILE WA 197 -9.04 -12.36 -106.26
C ILE WA 197 -8.06 -11.23 -106.55
N ALA WA 198 -7.54 -10.61 -105.50
CA ALA WA 198 -6.54 -9.54 -105.64
C ALA WA 198 -5.29 -10.02 -106.39
N LYS WA 199 -4.82 -11.20 -106.01
CA LYS WA 199 -3.67 -11.84 -106.65
C LYS WA 199 -3.94 -12.18 -108.11
N ALA WA 200 -5.15 -12.66 -108.38
CA ALA WA 200 -5.61 -12.95 -109.73
C ALA WA 200 -5.66 -11.70 -110.60
N LEU WA 201 -6.21 -10.62 -110.04
CA LEU WA 201 -6.27 -9.31 -110.70
C LEU WA 201 -4.90 -8.76 -111.06
N VAL WA 202 -3.95 -8.91 -110.13
CA VAL WA 202 -2.55 -8.49 -110.31
C VAL WA 202 -1.93 -9.00 -111.63
N VAL WA 203 -2.30 -10.22 -112.04
CA VAL WA 203 -1.81 -10.78 -113.30
C VAL WA 203 -2.36 -10.04 -114.53
N PHE WA 204 -3.65 -9.67 -114.50
CA PHE WA 204 -4.30 -8.97 -115.62
C PHE WA 204 -3.68 -7.61 -115.94
N ASN WA 205 -3.31 -6.86 -114.89
CA ASN WA 205 -2.61 -5.58 -115.04
C ASN WA 205 -1.62 -5.38 -113.88
N PRO WA 206 -0.32 -5.69 -114.10
CA PRO WA 206 0.74 -5.49 -113.10
C PRO WA 206 0.95 -4.08 -112.55
N LEU WA 207 0.51 -3.04 -113.27
CA LEU WA 207 0.64 -1.65 -112.81
C LEU WA 207 -0.25 -1.32 -111.60
N LEU WA 208 -1.37 -2.03 -111.47
CA LEU WA 208 -2.30 -1.86 -110.35
C LEU WA 208 -1.89 -2.59 -109.06
N LYS WA 209 -0.83 -3.41 -109.14
CA LYS WA 209 -0.39 -4.23 -108.02
C LYS WA 209 -0.06 -3.41 -106.78
N SER WA 210 0.68 -2.33 -106.99
CA SER WA 210 1.04 -1.37 -105.93
C SER WA 210 -0.20 -0.78 -105.26
N ARG WA 211 -1.16 -0.39 -106.09
CA ARG WA 211 -2.43 0.17 -105.63
C ARG WA 211 -3.23 -0.82 -104.77
N LEU WA 212 -3.30 -2.07 -105.24
CA LEU WA 212 -3.93 -3.16 -104.50
C LEU WA 212 -3.27 -3.40 -103.14
N HIS WA 213 -1.94 -3.36 -103.15
CA HIS WA 213 -1.14 -3.52 -101.93
C HIS WA 213 -1.44 -2.40 -100.92
N LYS WA 214 -1.52 -1.18 -101.43
CA LYS WA 214 -1.86 0.00 -100.63
C LYS WA 214 -3.24 -0.10 -99.99
N ALA WA 215 -4.20 -0.56 -100.79
CA ALA WA 215 -5.57 -0.81 -100.33
C ALA WA 215 -5.63 -1.80 -99.16
N GLY WA 216 -4.71 -2.77 -99.16
CA GLY WA 216 -4.59 -3.76 -98.09
C GLY WA 216 -5.24 -5.09 -98.44
N VAL WA 217 -5.21 -5.44 -99.73
CA VAL WA 217 -5.81 -6.67 -100.23
C VAL WA 217 -4.74 -7.72 -100.57
N LEU WA 218 -3.58 -7.26 -101.07
CA LEU WA 218 -2.43 -8.14 -101.37
C LEU WA 218 -1.67 -8.66 -100.14
N THR WA 219 -1.98 -8.14 -98.95
CA THR WA 219 -1.35 -8.63 -97.72
C THR WA 219 -2.11 -9.90 -97.29
N ARG WA 220 -1.39 -11.00 -97.10
CA ARG WA 220 -1.98 -12.20 -96.50
C ARG WA 220 -2.18 -11.91 -95.02
N ASP WA 221 -3.43 -11.94 -94.58
CA ASP WA 221 -3.75 -11.68 -93.18
C ASP WA 221 -3.29 -12.86 -92.32
N TYR WA 222 -2.24 -12.62 -91.54
CA TYR WA 222 -1.57 -13.67 -90.77
C TYR WA 222 -2.35 -14.15 -89.53
N ARG WA 223 -3.23 -13.29 -89.01
CA ARG WA 223 -3.93 -13.54 -87.72
C ARG WA 223 -4.31 -15.02 -87.53
N HIS WA 224 -3.52 -15.71 -86.72
CA HIS WA 224 -3.63 -17.15 -86.51
C HIS WA 224 -4.13 -17.43 -85.10
N VAL WA 225 -5.06 -18.38 -84.95
CA VAL WA 225 -5.67 -18.70 -83.65
C VAL WA 225 -4.59 -19.21 -82.69
N GLU WA 226 -4.41 -18.50 -81.57
CA GLU WA 226 -3.45 -18.91 -80.54
C GLU WA 226 -3.92 -20.18 -79.86
N ARG WA 227 -2.98 -21.06 -79.55
CA ARG WA 227 -3.27 -22.34 -78.92
C ARG WA 227 -3.57 -22.14 -77.43
N LYS WA 228 -4.29 -23.10 -76.85
CA LYS WA 228 -4.49 -23.15 -75.41
C LYS WA 228 -3.16 -23.55 -74.76
N LYS WA 229 -2.63 -22.68 -73.91
CA LYS WA 229 -1.43 -22.99 -73.13
C LYS WA 229 -1.84 -23.82 -71.91
N PRO WA 230 -0.91 -24.61 -71.33
CA PRO WA 230 -1.25 -25.55 -70.23
C PRO WA 230 -2.04 -24.93 -69.06
N GLY WA 231 -1.41 -24.13 -68.21
CA GLY WA 231 -2.05 -23.62 -67.00
C GLY WA 231 -3.25 -22.72 -67.25
N LYS WA 232 -3.20 -21.96 -68.34
CA LYS WA 232 -4.27 -21.05 -68.74
C LYS WA 232 -5.49 -21.81 -69.24
N LYS WA 233 -6.67 -21.18 -69.11
CA LYS WA 233 -7.93 -21.79 -69.53
C LYS WA 233 -8.07 -21.77 -71.04
N LYS WA 234 -7.91 -20.58 -71.62
CA LYS WA 234 -7.83 -20.39 -73.07
C LYS WA 234 -6.39 -19.93 -73.37
N ALA WA 235 -6.16 -19.27 -74.51
CA ALA WA 235 -4.83 -18.77 -74.86
C ALA WA 235 -4.26 -17.85 -73.78
N ARG WA 236 -4.98 -16.76 -73.51
CA ARG WA 236 -4.58 -15.77 -72.51
C ARG WA 236 -5.37 -15.87 -71.21
N LYS WA 237 -6.67 -16.23 -71.29
CA LYS WA 237 -7.52 -16.31 -70.10
C LYS WA 237 -6.97 -17.28 -69.07
N MET WA 238 -6.45 -16.73 -67.97
CA MET WA 238 -5.98 -17.53 -66.86
C MET WA 238 -7.12 -17.81 -65.88
N PRO WA 239 -6.99 -18.88 -65.08
CA PRO WA 239 -7.96 -19.13 -64.02
C PRO WA 239 -7.71 -18.15 -62.87
N THR WA 240 -8.75 -17.92 -62.07
CA THR WA 240 -8.71 -16.88 -61.04
C THR WA 240 -7.54 -17.01 -60.07
N TRP WA 241 -7.00 -15.85 -59.69
CA TRP WA 241 -5.94 -15.74 -58.72
C TRP WA 241 -6.56 -15.52 -57.34
N VAL WA 242 -5.83 -15.84 -56.27
CA VAL WA 242 -6.34 -15.61 -54.92
C VAL WA 242 -5.21 -15.27 -53.99
N LYS WA 243 -5.09 -14.00 -53.64
CA LYS WA 243 -4.01 -13.54 -52.77
C LYS WA 243 -4.00 -14.12 -51.37
N ARG WA 244 -5.17 -14.24 -50.75
CA ARG WA 244 -5.24 -14.78 -49.39
C ARG WA 244 -5.08 -16.30 -49.40
N SER XA 1 40.03 -38.27 -115.06
CA SER XA 1 41.49 -38.50 -114.91
C SER XA 1 41.86 -39.97 -115.11
N THR XA 2 41.64 -40.44 -116.34
CA THR XA 2 41.84 -41.86 -116.77
C THR XA 2 41.42 -42.91 -115.72
N ARG XA 3 40.25 -42.69 -115.10
CA ARG XA 3 39.69 -43.61 -114.10
C ARG XA 3 38.20 -43.81 -114.45
N PRO XA 4 37.86 -44.96 -115.07
CA PRO XA 4 36.49 -45.16 -115.55
C PRO XA 4 35.53 -45.57 -114.43
N TYR XA 5 34.80 -44.59 -113.90
CA TYR XA 5 33.73 -44.85 -112.93
C TYR XA 5 32.49 -45.34 -113.69
N PRO XA 6 32.11 -46.63 -113.52
CA PRO XA 6 30.99 -47.17 -114.29
C PRO XA 6 29.63 -46.62 -113.87
N VAL XA 7 28.57 -47.11 -114.51
CA VAL XA 7 27.25 -46.47 -114.45
C VAL XA 7 26.58 -46.63 -113.08
N ASN XA 8 26.77 -47.79 -112.45
CA ASN XA 8 26.18 -48.04 -111.12
C ASN XA 8 26.63 -47.05 -110.04
N VAL XA 9 27.91 -46.68 -110.07
CA VAL XA 9 28.48 -45.68 -109.16
C VAL XA 9 27.80 -44.33 -109.42
N GLU XA 10 27.73 -43.96 -110.70
CA GLU XA 10 27.08 -42.73 -111.14
C GLU XA 10 25.63 -42.65 -110.65
N ALA XA 11 24.90 -43.74 -110.85
CA ALA XA 11 23.51 -43.88 -110.39
C ALA XA 11 23.36 -43.67 -108.89
N VAL XA 12 24.26 -44.29 -108.13
CA VAL XA 12 24.34 -44.14 -106.67
C VAL XA 12 24.49 -42.67 -106.29
N TYR XA 13 25.45 -42.00 -106.94
CA TYR XA 13 25.73 -40.58 -106.69
C TYR XA 13 24.56 -39.64 -107.00
N TYR XA 14 23.82 -39.96 -108.07
CA TYR XA 14 22.63 -39.20 -108.45
C TYR XA 14 21.36 -39.75 -107.79
N ALA XA 15 20.21 -39.15 -108.10
CA ALA XA 15 18.90 -39.61 -107.61
C ALA XA 15 18.52 -40.98 -108.19
N PRO XA 16 17.58 -41.70 -107.53
CA PRO XA 16 17.26 -43.06 -107.98
C PRO XA 16 16.35 -43.07 -109.21
N LEU XA 17 16.65 -43.98 -110.14
CA LEU XA 17 15.87 -44.14 -111.36
C LEU XA 17 14.57 -44.87 -111.07
N LYS XA 18 13.54 -44.57 -111.85
CA LYS XA 18 12.23 -45.22 -111.74
C LYS XA 18 11.75 -45.70 -113.11
N LEU XA 19 11.35 -46.97 -113.18
CA LEU XA 19 10.79 -47.53 -114.41
C LEU XA 19 9.35 -47.08 -114.58
N PRO XA 20 8.92 -46.84 -115.84
CA PRO XA 20 7.55 -46.41 -116.09
C PRO XA 20 6.52 -47.54 -115.92
N ILE XA 21 5.28 -47.16 -115.65
CA ILE XA 21 4.20 -48.09 -115.36
C ILE XA 21 3.41 -48.36 -116.66
N LYS XA 22 3.44 -49.61 -117.11
CA LYS XA 22 2.74 -50.01 -118.33
C LYS XA 22 1.22 -50.06 -118.11
N TYR XA 23 0.80 -50.78 -117.07
CA TYR XA 23 -0.61 -50.87 -116.69
C TYR XA 23 -0.77 -50.56 -115.20
N GLY XA 24 -1.92 -49.99 -114.83
CA GLY XA 24 -2.21 -49.66 -113.45
C GLY XA 24 -2.75 -50.83 -112.65
N ASP XA 25 -1.94 -51.88 -112.52
CA ASP XA 25 -2.31 -53.09 -111.80
C ASP XA 25 -1.55 -53.13 -110.49
N LEU XA 26 -1.90 -52.22 -109.59
CA LEU XA 26 -1.24 -52.11 -108.27
C LEU XA 26 -1.09 -53.48 -107.64
N VAL XA 27 0.14 -54.00 -107.66
CA VAL XA 27 0.42 -55.35 -107.16
C VAL XA 27 0.61 -55.30 -105.65
N ALA XA 28 1.41 -54.34 -105.18
CA ALA XA 28 1.66 -54.17 -103.76
C ALA XA 28 1.91 -52.72 -103.41
N ASP XA 29 1.47 -52.31 -102.23
CA ASP XA 29 1.88 -51.04 -101.64
C ASP XA 29 2.53 -51.26 -100.27
N ILE XA 30 3.63 -50.56 -100.05
CA ILE XA 30 4.46 -50.71 -98.87
C ILE XA 30 4.46 -49.37 -98.13
N GLN XA 31 3.89 -49.36 -96.92
CA GLN XA 31 3.95 -48.18 -96.07
C GLN XA 31 5.09 -48.29 -95.06
N LEU XA 32 5.85 -47.20 -94.95
CA LEU XA 32 6.99 -47.11 -94.05
C LEU XA 32 6.69 -46.10 -92.95
N ARG XA 33 6.63 -46.57 -91.70
CA ARG XA 33 6.46 -45.71 -90.54
C ARG XA 33 7.76 -45.58 -89.75
N SER XA 34 7.97 -44.40 -89.21
CA SER XA 34 9.10 -44.16 -88.30
C SER XA 34 8.84 -42.92 -87.45
N TYR XA 35 9.51 -42.85 -86.31
CA TYR XA 35 9.41 -41.68 -85.44
C TYR XA 35 10.38 -40.53 -85.83
N ASP XA 36 11.07 -40.67 -86.97
CA ASP XA 36 11.80 -39.54 -87.58
C ASP XA 36 12.03 -39.74 -89.09
N ASN XA 37 12.70 -38.76 -89.73
CA ASN XA 37 12.81 -38.68 -91.20
C ASN XA 37 14.06 -39.32 -91.79
N GLU XA 38 15.23 -38.88 -91.33
CA GLU XA 38 16.50 -39.08 -92.05
C GLU XA 38 16.75 -40.51 -92.47
N ASN XA 39 16.59 -41.43 -91.52
CA ASN XA 39 16.68 -42.88 -91.78
C ASN XA 39 15.61 -43.35 -92.76
N LEU XA 40 14.38 -42.90 -92.52
CA LEU XA 40 13.21 -43.34 -93.28
C LEU XA 40 13.34 -42.98 -94.77
N ASP XA 41 13.70 -41.73 -95.03
CA ASP XA 41 13.88 -41.21 -96.40
C ASP XA 41 14.95 -41.97 -97.14
N PHE XA 42 16.06 -42.22 -96.45
CA PHE XA 42 17.18 -43.01 -96.96
C PHE XA 42 16.73 -44.42 -97.34
N TYR XA 43 15.98 -45.04 -96.44
CA TYR XA 43 15.46 -46.39 -96.62
C TYR XA 43 14.54 -46.49 -97.84
N SER XA 44 13.65 -45.51 -97.95
CA SER XA 44 12.76 -45.37 -99.11
C SER XA 44 13.54 -45.25 -100.42
N ASP XA 45 14.59 -44.45 -100.39
CA ASP XA 45 15.48 -44.26 -101.55
C ASP XA 45 16.13 -45.59 -101.94
N PHE XA 46 16.61 -46.32 -100.94
CA PHE XA 46 17.21 -47.64 -101.15
C PHE XA 46 16.23 -48.64 -101.75
N ILE XA 47 15.00 -48.63 -101.23
CA ILE XA 47 13.90 -49.47 -101.75
C ILE XA 47 13.62 -49.18 -103.22
N LEU XA 48 13.56 -47.88 -103.54
CA LEU XA 48 13.38 -47.44 -104.93
C LEU XA 48 14.48 -47.94 -105.85
N ARG XA 49 15.72 -47.83 -105.39
CA ARG XA 49 16.89 -48.29 -106.14
C ARG XA 49 16.83 -49.77 -106.47
N THR XA 50 16.55 -50.58 -105.44
CA THR XA 50 16.46 -52.03 -105.64
C THR XA 50 15.27 -52.40 -106.54
N GLY XA 51 14.16 -51.68 -106.38
CA GLY XA 51 12.99 -51.83 -107.24
C GLY XA 51 13.29 -51.52 -108.71
N TYR XA 52 14.14 -50.54 -108.97
CA TYR XA 52 14.57 -50.21 -110.32
C TYR XA 52 15.23 -51.41 -111.01
N TYR XA 53 16.15 -52.07 -110.32
CA TYR XA 53 16.93 -53.14 -110.93
C TYR XA 53 15.99 -54.20 -111.46
N LEU XA 54 14.96 -54.46 -110.69
CA LEU XA 54 13.92 -55.40 -111.11
C LEU XA 54 13.01 -54.70 -112.13
N GLY XA 55 12.23 -55.48 -112.85
CA GLY XA 55 11.34 -54.94 -113.87
C GLY XA 55 10.25 -53.98 -113.39
N ILE XA 56 9.85 -54.11 -112.14
CA ILE XA 56 8.78 -53.32 -111.55
C ILE XA 56 8.91 -51.81 -111.54
N PRO XA 57 7.76 -51.23 -111.83
CA PRO XA 57 7.43 -49.78 -111.75
C PRO XA 57 7.03 -49.12 -110.41
N LEU XA 58 7.92 -49.13 -109.41
CA LEU XA 58 7.61 -48.54 -108.13
C LEU XA 58 7.41 -47.06 -108.33
N THR XA 59 6.39 -46.55 -107.68
CA THR XA 59 6.10 -45.12 -107.80
C THR XA 59 7.12 -44.33 -106.99
N GLY XA 60 6.87 -44.10 -105.70
CA GLY XA 60 7.80 -43.31 -104.90
C GLY XA 60 7.25 -42.82 -103.59
N PRO XA 61 8.13 -42.35 -102.68
CA PRO XA 61 7.73 -41.96 -101.32
C PRO XA 61 6.72 -40.82 -101.30
N LYS XA 62 5.45 -41.19 -101.43
CA LYS XA 62 4.34 -40.27 -101.21
C LYS XA 62 4.24 -40.09 -99.71
N PRO XA 63 4.48 -38.87 -99.19
CA PRO XA 63 4.33 -38.69 -97.75
C PRO XA 63 2.86 -38.65 -97.34
N LEU XA 64 2.43 -39.65 -96.58
CA LEU XA 64 1.12 -39.64 -95.96
C LEU XA 64 1.27 -38.77 -94.72
N PRO XA 65 0.16 -38.21 -94.21
CA PRO XA 65 0.32 -37.23 -93.13
C PRO XA 65 0.89 -37.82 -91.84
N THR XA 66 1.77 -37.06 -91.19
CA THR XA 66 2.34 -37.43 -89.90
C THR XA 66 1.24 -37.41 -88.85
N ARG XA 67 1.36 -38.30 -87.88
CA ARG XA 67 0.47 -38.32 -86.73
C ARG XA 67 0.99 -37.32 -85.70
N ARG XA 68 0.25 -37.17 -84.61
CA ARG XA 68 0.78 -36.48 -83.43
C ARG XA 68 0.09 -37.01 -82.18
N GLU XA 69 0.82 -37.86 -81.45
CA GLU XA 69 0.37 -38.36 -80.16
C GLU XA 69 0.88 -37.41 -79.09
N ARG XA 70 0.00 -36.55 -78.59
CA ARG XA 70 0.35 -35.60 -77.53
C ARG XA 70 0.02 -36.16 -76.15
N TRP XA 71 0.76 -35.70 -75.15
CA TRP XA 71 0.55 -36.09 -73.76
C TRP XA 71 1.08 -34.98 -72.86
N THR XA 72 0.24 -34.49 -71.95
CA THR XA 72 0.65 -33.45 -71.00
C THR XA 72 0.82 -34.05 -69.61
N VAL XA 73 1.69 -33.43 -68.83
CA VAL XA 73 2.11 -33.95 -67.54
C VAL XA 73 2.51 -32.79 -66.63
N ILE XA 74 2.10 -32.86 -65.36
CA ILE XA 74 2.56 -31.93 -64.33
C ILE XA 74 4.05 -32.20 -64.10
N LYS XA 75 4.88 -31.16 -64.22
CA LYS XA 75 6.34 -31.28 -64.14
C LYS XA 75 6.84 -31.85 -62.81
N SER XA 76 6.22 -31.41 -61.72
CA SER XA 76 6.65 -31.81 -60.37
C SER XA 76 6.27 -33.25 -60.05
N PRO XA 77 6.95 -33.85 -59.07
CA PRO XA 77 6.51 -35.14 -58.53
C PRO XA 77 5.32 -35.02 -57.56
N PHE XA 78 5.07 -33.80 -57.05
CA PHE XA 78 4.04 -33.59 -56.04
C PHE XA 78 3.50 -32.15 -56.08
N VAL XA 79 2.20 -32.03 -56.38
CA VAL XA 79 1.49 -30.74 -56.45
C VAL XA 79 2.11 -29.85 -57.56
N HIS XA 80 2.32 -28.56 -57.32
CA HIS XA 80 2.60 -27.56 -58.37
C HIS XA 80 1.92 -27.86 -59.71
N ALA XA 81 0.62 -28.14 -59.65
CA ALA XA 81 -0.15 -28.55 -60.84
C ALA XA 81 -0.41 -27.42 -61.84
N LYS XA 82 -0.16 -26.17 -61.43
CA LYS XA 82 -0.27 -25.01 -62.34
C LYS XA 82 0.81 -25.04 -63.43
N SER XA 83 1.99 -25.57 -63.10
CA SER XA 83 3.06 -25.83 -64.08
C SER XA 83 2.84 -27.19 -64.73
N LYS XA 84 2.65 -27.20 -66.05
CA LYS XA 84 2.49 -28.44 -66.81
C LYS XA 84 3.32 -28.41 -68.10
N GLU XA 85 3.82 -29.59 -68.47
CA GLU XA 85 4.69 -29.78 -69.63
C GLU XA 85 4.00 -30.69 -70.63
N ASN XA 86 4.19 -30.39 -71.92
CA ASN XA 86 3.67 -31.21 -73.01
C ASN XA 86 4.72 -32.18 -73.51
N PHE XA 87 4.25 -33.23 -74.19
CA PHE XA 87 5.10 -34.17 -74.91
C PHE XA 87 4.39 -34.58 -76.19
N GLU XA 88 5.15 -34.86 -77.24
CA GLU XA 88 4.60 -35.23 -78.55
C GLU XA 88 5.40 -36.35 -79.22
N ARG XA 89 4.74 -37.09 -80.11
CA ARG XA 89 5.36 -38.17 -80.88
C ARG XA 89 4.77 -38.24 -82.28
N HIS XA 90 5.59 -37.99 -83.29
CA HIS XA 90 5.16 -37.92 -84.69
C HIS XA 90 5.47 -39.21 -85.43
N THR XA 91 4.42 -39.95 -85.81
CA THR XA 91 4.55 -41.14 -86.64
C THR XA 91 4.63 -40.72 -88.10
N HIS XA 92 5.84 -40.61 -88.63
CA HIS XA 92 6.05 -40.23 -90.03
C HIS XA 92 5.78 -41.41 -90.95
N LYS XA 93 4.96 -41.18 -91.98
CA LYS XA 93 4.47 -42.24 -92.87
C LYS XA 93 4.83 -41.92 -94.33
N ARG XA 94 5.49 -42.87 -95.00
CA ARG XA 94 5.75 -42.78 -96.45
C ARG XA 94 5.18 -44.01 -97.16
N LEU XA 95 4.67 -43.81 -98.38
CA LEU XA 95 4.10 -44.89 -99.18
C LEU XA 95 4.91 -45.17 -100.44
N ILE XA 96 5.25 -46.44 -100.64
CA ILE XA 96 5.75 -46.96 -101.92
C ILE XA 96 4.62 -47.81 -102.51
N ARG XA 97 4.52 -47.84 -103.84
CA ARG XA 97 3.58 -48.73 -104.53
C ARG XA 97 4.25 -49.36 -105.75
N ALA XA 98 4.39 -50.69 -105.72
CA ALA XA 98 4.84 -51.46 -106.88
C ALA XA 98 3.67 -51.64 -107.84
N TRP XA 99 3.94 -51.58 -109.15
CA TRP XA 99 2.87 -51.49 -110.16
C TRP XA 99 2.72 -52.63 -111.16
N ASP XA 100 3.83 -53.24 -111.60
CA ASP XA 100 3.77 -54.38 -112.53
C ASP XA 100 4.90 -55.35 -112.27
N THR XA 101 4.59 -56.47 -111.63
CA THR XA 101 5.58 -57.50 -111.32
C THR XA 101 4.96 -58.88 -111.13
N ASN XA 102 5.64 -59.88 -111.69
CA ASN XA 102 5.34 -61.28 -111.42
C ASN XA 102 5.68 -61.53 -109.94
N PRO XA 103 4.69 -61.97 -109.13
CA PRO XA 103 4.77 -62.17 -107.68
C PRO XA 103 6.14 -62.52 -107.09
N GLU XA 104 6.85 -63.46 -107.72
CA GLU XA 104 8.17 -63.92 -107.27
C GLU XA 104 9.19 -62.79 -107.13
N VAL XA 105 9.22 -61.91 -108.13
CA VAL XA 105 10.09 -60.74 -108.15
C VAL XA 105 9.77 -59.79 -107.00
N LEU XA 106 8.47 -59.58 -106.80
CA LEU XA 106 7.96 -58.75 -105.70
C LEU XA 106 8.37 -59.31 -104.35
N GLN XA 107 8.18 -60.61 -104.17
CA GLN XA 107 8.60 -61.32 -102.95
C GLN XA 107 10.08 -61.13 -102.66
N MET XA 108 10.90 -61.35 -103.69
CA MET XA 108 12.35 -61.15 -103.63
C MET XA 108 12.72 -59.74 -103.17
N LEU XA 109 12.10 -58.75 -103.81
CA LEU XA 109 12.26 -57.34 -103.46
C LEU XA 109 11.99 -57.14 -101.97
N ILE XA 110 10.81 -57.57 -101.54
CA ILE XA 110 10.37 -57.40 -100.15
C ILE XA 110 11.35 -58.08 -99.19
N ALA XA 111 11.74 -59.32 -99.53
CA ALA XA 111 12.72 -60.08 -98.76
C ALA XA 111 14.06 -59.36 -98.63
N TYR XA 112 14.49 -58.78 -99.75
CA TYR XA 112 15.72 -57.99 -99.80
C TYR XA 112 15.65 -56.75 -98.91
N ILE XA 113 14.50 -56.08 -98.98
CA ILE XA 113 14.22 -54.89 -98.17
C ILE XA 113 14.32 -55.21 -96.68
N THR XA 114 13.64 -56.26 -96.26
CA THR XA 114 13.65 -56.65 -94.84
C THR XA 114 15.03 -57.16 -94.37
N LYS XA 115 15.82 -57.73 -95.28
CA LYS XA 115 17.20 -58.15 -94.97
C LYS XA 115 18.08 -56.97 -94.56
N HIS XA 116 18.10 -55.94 -95.40
CA HIS XA 116 18.92 -54.75 -95.17
C HIS XA 116 18.07 -53.59 -94.69
N SER XA 117 17.28 -53.84 -93.64
CA SER XA 117 16.42 -52.83 -93.05
C SER XA 117 17.23 -51.90 -92.14
N MET XA 118 16.68 -50.71 -91.92
CA MET XA 118 17.34 -49.66 -91.14
C MET XA 118 16.74 -49.62 -89.73
N ALA XA 119 17.35 -48.82 -88.86
CA ALA XA 119 17.07 -48.87 -87.41
C ALA XA 119 15.67 -48.42 -87.01
N GLY XA 120 15.34 -47.17 -87.29
CA GLY XA 120 14.09 -46.56 -86.79
C GLY XA 120 12.80 -46.91 -87.51
N VAL XA 121 12.88 -47.62 -88.63
CA VAL XA 121 11.77 -47.74 -89.59
C VAL XA 121 11.00 -49.04 -89.42
N GLY XA 122 9.69 -48.92 -89.20
CA GLY XA 122 8.76 -50.04 -89.30
C GLY XA 122 8.23 -50.12 -90.71
N MET XA 123 7.66 -51.28 -91.08
CA MET XA 123 7.14 -51.49 -92.43
C MET XA 123 5.86 -52.31 -92.43
N LYS XA 124 4.97 -51.99 -93.36
CA LYS XA 124 3.73 -52.74 -93.60
C LYS XA 124 3.54 -52.90 -95.11
N CYS XA 125 3.09 -54.08 -95.53
CA CYS XA 125 2.87 -54.40 -96.94
C CYS XA 125 1.43 -54.82 -97.17
N ASN XA 126 0.78 -54.21 -98.16
CA ASN XA 126 -0.50 -54.68 -98.67
C ASN XA 126 -0.29 -55.25 -100.07
N PHE XA 127 -0.39 -56.58 -100.19
CA PHE XA 127 -0.28 -57.27 -101.47
C PHE XA 127 -1.66 -57.50 -102.06
N PHE XA 128 -1.76 -57.47 -103.39
CA PHE XA 128 -3.02 -57.57 -104.11
C PHE XA 128 -2.93 -58.68 -105.15
N GLN XA 129 -3.88 -59.61 -105.10
CA GLN XA 129 -3.88 -60.81 -105.94
C GLN XA 129 -5.16 -60.86 -106.79
N ARG XA 130 -5.04 -60.48 -108.06
CA ARG XA 130 -6.16 -60.53 -109.01
C ARG XA 130 -6.47 -61.97 -109.40
N SER XA 131 -7.35 -62.61 -108.63
CA SER XA 131 -7.79 -63.99 -108.88
C SER XA 131 -9.13 -64.01 -109.62
N GLU XA 132 -9.38 -65.11 -110.31
CA GLU XA 132 -10.70 -65.36 -110.93
C GLU XA 132 -11.77 -65.63 -109.88
N ILE XA 133 -13.03 -65.60 -110.33
CA ILE XA 133 -14.19 -65.66 -109.42
C ILE XA 133 -14.31 -67.06 -108.83
N SER XA 134 -14.45 -68.06 -109.71
CA SER XA 134 -14.57 -69.46 -109.31
C SER XA 134 -13.18 -70.06 -109.10
N LEU XA 135 -13.04 -70.83 -108.02
CA LEU XA 135 -11.77 -71.47 -107.67
C LEU XA 135 -12.04 -72.89 -107.19
N ASP XA 136 -11.00 -73.71 -107.15
CA ASP XA 136 -11.10 -75.12 -106.77
C ASP XA 136 -9.85 -75.62 -106.05
N LEU XA 137 -10.05 -76.13 -104.83
CA LEU XA 137 -9.01 -76.83 -104.07
C LEU XA 137 -9.45 -78.28 -103.91
N GLY XA 138 -9.71 -78.93 -105.05
CA GLY XA 138 -10.12 -80.34 -105.11
C GLY XA 138 -9.05 -81.18 -105.80
N SER XA 139 -8.69 -80.78 -107.02
CA SER XA 139 -7.52 -81.33 -107.71
C SER XA 139 -6.26 -80.84 -106.99
N ASP XA 140 -5.87 -81.58 -105.94
CA ASP XA 140 -4.98 -81.06 -104.89
C ASP XA 140 -3.54 -81.54 -105.00
N ALA XA 141 -3.35 -82.86 -104.99
CA ALA XA 141 -2.02 -83.48 -104.97
C ALA XA 141 -1.14 -83.03 -106.12
N ASN XA 142 -1.72 -83.03 -107.32
CA ASN XA 142 -1.05 -82.53 -108.53
C ASN XA 142 -0.66 -81.06 -108.43
N GLY XA 143 -1.55 -80.24 -107.87
CA GLY XA 143 -1.29 -78.81 -107.67
C GLY XA 143 -0.19 -78.55 -106.66
N LEU XA 144 -0.16 -79.38 -105.61
CA LEU XA 144 0.90 -79.36 -104.61
C LEU XA 144 2.26 -79.68 -105.25
N GLU XA 145 2.27 -80.74 -106.05
CA GLU XA 145 3.47 -81.19 -106.79
C GLU XA 145 4.01 -80.09 -107.70
N LYS XA 146 3.10 -79.44 -108.43
CA LYS XA 146 3.43 -78.29 -109.28
C LYS XA 146 4.07 -77.15 -108.49
N SER XA 147 3.46 -76.83 -107.34
CA SER XA 147 3.97 -75.79 -106.45
C SER XA 147 5.39 -76.11 -105.96
N LEU XA 148 5.60 -77.36 -105.56
CA LEU XA 148 6.92 -77.84 -105.15
C LEU XA 148 7.96 -77.72 -106.26
N SER XA 149 7.56 -78.07 -107.48
CA SER XA 149 8.43 -77.96 -108.66
C SER XA 149 8.83 -76.50 -108.92
N ASN XA 150 7.84 -75.60 -108.84
CA ASN XA 150 8.04 -74.16 -108.97
C ASN XA 150 9.01 -73.61 -107.94
N ILE XA 151 8.84 -74.05 -106.69
CA ILE XA 151 9.73 -73.68 -105.58
C ILE XA 151 11.16 -74.12 -105.87
N ASP XA 152 11.30 -75.37 -106.31
CA ASP XA 152 12.60 -75.96 -106.66
C ASP XA 152 13.30 -75.15 -107.76
N GLU XA 153 12.54 -74.81 -108.80
CA GLU XA 153 13.02 -73.96 -109.90
C GLU XA 153 13.53 -72.61 -109.40
N LEU XA 154 12.75 -71.99 -108.51
CA LEU XA 154 13.08 -70.70 -107.91
C LEU XA 154 14.39 -70.74 -107.14
N TYR XA 155 14.52 -71.72 -106.25
CA TYR XA 155 15.67 -71.84 -105.33
C TYR XA 155 16.67 -72.90 -105.81
N SER XA 156 17.22 -72.67 -107.00
CA SER XA 156 18.27 -73.53 -107.57
C SER XA 156 19.59 -72.78 -107.63
N LEU XA 157 20.66 -73.43 -107.19
CA LEU XA 157 22.01 -72.84 -107.21
C LEU XA 157 22.56 -72.95 -108.63
N ARG XA 158 22.63 -71.82 -109.33
CA ARG XA 158 23.05 -71.79 -110.73
C ARG XA 158 24.56 -72.04 -110.85
N ASN XA 159 25.34 -71.22 -110.14
CA ASN XA 159 26.80 -71.35 -110.09
C ASN XA 159 27.31 -71.03 -108.68
N ASP XA 160 27.83 -72.04 -107.99
CA ASP XA 160 28.38 -71.87 -106.64
C ASP XA 160 29.75 -71.18 -106.71
N ASP XA 161 29.72 -69.86 -106.84
CA ASP XA 161 30.93 -69.02 -106.92
C ASP XA 161 31.00 -68.14 -105.68
N LYS XA 162 30.98 -68.79 -104.52
CA LYS XA 162 30.93 -68.13 -103.20
C LYS XA 162 29.74 -67.16 -103.08
N ALA XA 163 28.56 -67.65 -103.46
CA ALA XA 163 27.32 -66.89 -103.38
C ALA XA 163 26.78 -66.89 -101.95
N GLN XA 164 25.80 -66.02 -101.69
CA GLN XA 164 25.15 -65.95 -100.38
C GLN XA 164 24.30 -67.21 -100.16
N THR XA 165 24.49 -67.83 -98.99
CA THR XA 165 23.78 -69.06 -98.64
C THR XA 165 23.16 -68.93 -97.25
N SER XA 166 22.02 -69.58 -97.06
CA SER XA 166 21.30 -69.59 -95.78
C SER XA 166 21.03 -71.03 -95.37
N ALA XA 167 21.35 -71.36 -94.12
CA ALA XA 167 21.18 -72.70 -93.58
C ALA XA 167 19.71 -73.05 -93.36
N VAL XA 168 18.97 -72.10 -92.79
CA VAL XA 168 17.53 -72.27 -92.54
C VAL XA 168 16.76 -72.48 -93.85
N GLY XA 169 17.11 -71.71 -94.87
CA GLY XA 169 16.49 -71.82 -96.19
C GLY XA 169 16.74 -73.17 -96.84
N GLN XA 170 17.98 -73.63 -96.75
CA GLN XA 170 18.35 -74.98 -97.20
C GLN XA 170 17.55 -76.08 -96.51
N LYS XA 171 17.39 -75.94 -95.20
CA LYS XA 171 16.61 -76.87 -94.38
C LYS XA 171 15.16 -76.91 -94.86
N VAL XA 172 14.58 -75.73 -95.04
CA VAL XA 172 13.22 -75.55 -95.55
C VAL XA 172 13.04 -76.27 -96.90
N LEU XA 173 13.99 -76.04 -97.80
CA LEU XA 173 14.00 -76.69 -99.12
C LEU XA 173 14.03 -78.21 -99.02
N GLU XA 174 14.89 -78.72 -98.13
CA GLU XA 174 15.00 -80.14 -97.86
C GLU XA 174 13.68 -80.73 -97.35
N LEU XA 175 13.03 -80.01 -96.44
CA LEU XA 175 11.73 -80.41 -95.90
C LEU XA 175 10.66 -80.48 -96.99
N LEU XA 176 10.64 -79.45 -97.84
CA LEU XA 176 9.73 -79.39 -99.00
C LEU XA 176 9.92 -80.57 -99.94
N ASP XA 177 11.18 -80.91 -100.21
CA ASP XA 177 11.55 -82.05 -101.05
C ASP XA 177 11.06 -83.40 -100.51
N SER XA 178 11.06 -83.58 -99.19
CA SER XA 178 10.87 -84.89 -98.56
C SER XA 178 9.53 -85.60 -98.88
N PRO XA 179 9.52 -86.95 -98.88
CA PRO XA 179 8.32 -87.78 -99.03
C PRO XA 179 7.22 -87.53 -98.00
N ASP XA 180 7.64 -87.31 -96.75
CA ASP XA 180 6.74 -87.02 -95.63
C ASP XA 180 5.87 -85.79 -95.89
N PHE XA 181 6.51 -84.75 -96.42
CA PHE XA 181 5.83 -83.51 -96.79
C PHE XA 181 4.78 -83.73 -97.88
N LYS XA 182 5.15 -84.50 -98.89
CA LYS XA 182 4.23 -84.88 -99.97
C LYS XA 182 3.01 -85.63 -99.45
N LYS XA 183 3.27 -86.56 -98.52
CA LYS XA 183 2.22 -87.36 -97.89
C LYS XA 183 1.19 -86.53 -97.15
N HIS XA 184 1.65 -85.54 -96.37
CA HIS XA 184 0.82 -84.68 -95.48
C HIS XA 184 -0.68 -84.66 -95.75
N LEU XA 185 -1.05 -84.22 -96.95
CA LEU XA 185 -2.44 -83.93 -97.29
C LEU XA 185 -3.30 -85.18 -97.37
N GLU XA 186 -2.86 -86.15 -98.19
CA GLU XA 186 -3.59 -87.41 -98.34
C GLU XA 186 -3.25 -88.36 -97.19
N LYS YA 1 -24.74 61.40 -36.34
CA LYS YA 1 -24.96 60.65 -37.62
C LYS YA 1 -24.10 59.39 -37.69
N GLU YA 2 -24.47 58.49 -38.61
CA GLU YA 2 -23.74 57.24 -38.85
C GLU YA 2 -23.68 56.92 -40.33
N GLU YA 3 -22.63 57.41 -41.00
CA GLU YA 3 -22.40 57.17 -42.42
C GLU YA 3 -21.40 56.02 -42.59
N VAL YA 4 -21.81 55.00 -43.35
CA VAL YA 4 -20.92 53.88 -43.69
C VAL YA 4 -20.00 54.33 -44.83
N VAL YA 5 -18.70 54.40 -44.56
CA VAL YA 5 -17.71 54.85 -45.53
C VAL YA 5 -17.38 53.71 -46.51
N LYS YA 6 -17.02 52.56 -45.94
CA LYS YA 6 -16.63 51.38 -46.70
C LYS YA 6 -16.76 50.14 -45.83
N TYR YA 7 -16.83 48.99 -46.48
CA TYR YA 7 -16.86 47.71 -45.77
C TYR YA 7 -15.49 47.07 -45.79
N ILE YA 8 -15.19 46.24 -44.78
CA ILE YA 8 -13.94 45.48 -44.74
C ILE YA 8 -14.24 43.98 -44.57
N LEU YA 9 -13.78 43.19 -45.52
CA LEU YA 9 -13.94 41.73 -45.49
C LEU YA 9 -12.67 41.12 -44.88
N HIS YA 10 -12.79 40.61 -43.67
CA HIS YA 10 -11.68 39.99 -42.96
C HIS YA 10 -11.80 38.47 -43.03
N GLY YA 11 -10.67 37.81 -43.26
CA GLY YA 11 -10.60 36.35 -43.36
C GLY YA 11 -9.41 35.79 -42.62
N LYS YA 12 -9.65 35.22 -41.44
CA LYS YA 12 -8.60 34.55 -40.67
C LYS YA 12 -8.60 33.06 -41.01
N PHE YA 13 -7.53 32.61 -41.66
CA PHE YA 13 -7.44 31.25 -42.21
C PHE YA 13 -6.38 30.42 -41.50
N THR YA 14 -6.76 29.84 -40.36
CA THR YA 14 -5.86 29.03 -39.55
C THR YA 14 -5.74 27.62 -40.13
N LYS YA 15 -4.86 26.82 -39.50
CA LYS YA 15 -4.69 25.41 -39.84
C LYS YA 15 -6.00 24.61 -39.82
N ASN YA 16 -6.76 24.78 -38.74
CA ASN YA 16 -7.93 23.93 -38.45
C ASN YA 16 -9.30 24.53 -38.77
N ASN YA 17 -9.36 25.83 -39.08
CA ASN YA 17 -10.64 26.51 -39.31
C ASN YA 17 -10.48 27.88 -39.97
N THR YA 18 -11.53 28.33 -40.66
CA THR YA 18 -11.59 29.67 -41.25
C THR YA 18 -12.54 30.55 -40.45
N HIS YA 19 -12.30 31.86 -40.47
CA HIS YA 19 -13.20 32.86 -39.91
C HIS YA 19 -13.37 34.03 -40.85
N LEU YA 20 -14.51 34.07 -41.53
CA LEU YA 20 -14.86 35.17 -42.42
C LEU YA 20 -15.75 36.18 -41.69
N THR YA 21 -15.42 37.46 -41.84
CA THR YA 21 -16.08 38.53 -41.10
C THR YA 21 -16.28 39.74 -42.02
N PHE YA 22 -17.50 40.25 -42.04
CA PHE YA 22 -17.85 41.47 -42.78
C PHE YA 22 -18.15 42.55 -41.76
N SER YA 23 -17.69 43.77 -42.04
CA SER YA 23 -17.84 44.87 -41.09
C SER YA 23 -17.83 46.23 -41.77
N SER YA 24 -18.76 47.09 -41.35
CA SER YA 24 -18.91 48.44 -41.88
C SER YA 24 -18.01 49.43 -41.15
N VAL YA 25 -17.30 50.27 -41.89
CA VAL YA 25 -16.55 51.38 -41.31
C VAL YA 25 -17.52 52.56 -41.12
N VAL YA 26 -17.90 52.80 -39.87
CA VAL YA 26 -18.94 53.78 -39.53
C VAL YA 26 -18.31 55.12 -39.14
N GLU YA 27 -18.38 56.09 -40.04
CA GLU YA 27 -17.91 57.46 -39.79
C GLU YA 27 -19.09 58.33 -39.37
N ASP YA 28 -18.90 59.09 -38.28
CA ASP YA 28 -19.87 60.10 -37.84
C ASP YA 28 -19.42 61.45 -38.40
N LYS YA 29 -20.38 62.23 -38.87
CA LYS YA 29 -20.09 63.49 -39.57
C LYS YA 29 -19.68 64.63 -38.62
N ASN YA 30 -20.07 64.52 -37.35
CA ASN YA 30 -19.76 65.55 -36.35
C ASN YA 30 -18.32 65.43 -35.86
N LEU YA 37 -13.43 70.97 -30.47
CA LEU YA 37 -12.51 69.83 -30.50
C LEU YA 37 -11.23 70.16 -31.28
N THR YA 38 -10.13 69.51 -30.87
CA THR YA 38 -8.80 69.78 -31.42
C THR YA 38 -8.63 69.16 -32.81
N TYR YA 39 -7.85 69.82 -33.66
CA TYR YA 39 -7.56 69.36 -35.02
C TYR YA 39 -6.89 67.99 -35.05
N ASN YA 40 -5.85 67.84 -34.23
CA ASN YA 40 -5.10 66.59 -34.13
C ASN YA 40 -5.98 65.39 -33.78
N ASP YA 41 -6.86 65.61 -32.81
CA ASP YA 41 -7.82 64.59 -32.36
C ASP YA 41 -8.77 64.16 -33.47
N THR YA 42 -9.27 65.15 -34.22
CA THR YA 42 -10.16 64.91 -35.37
C THR YA 42 -9.45 64.08 -36.43
N MET YA 43 -8.22 64.47 -36.75
CA MET YA 43 -7.40 63.77 -37.72
C MET YA 43 -7.14 62.32 -37.32
N LEU YA 44 -6.86 62.11 -36.04
CA LEU YA 44 -6.67 60.78 -35.46
C LEU YA 44 -7.93 59.92 -35.61
N TYR YA 45 -9.07 60.52 -35.30
CA TYR YA 45 -10.39 59.89 -35.47
C TYR YA 45 -10.64 59.46 -36.92
N TYR YA 46 -10.35 60.38 -37.84
CA TYR YA 46 -10.45 60.12 -39.29
C TYR YA 46 -9.58 58.95 -39.73
N LEU YA 47 -8.35 58.91 -39.21
CA LEU YA 47 -7.40 57.83 -39.51
C LEU YA 47 -7.91 56.44 -39.09
N ASN YA 48 -8.41 56.34 -37.85
CA ASN YA 48 -8.94 55.07 -37.33
C ASN YA 48 -10.45 55.17 -37.04
N LEU YA 49 -11.23 55.00 -38.10
CA LEU YA 49 -12.69 55.03 -38.01
C LEU YA 49 -13.21 53.77 -37.33
N PRO YA 50 -14.17 53.91 -36.39
CA PRO YA 50 -14.80 52.73 -35.77
C PRO YA 50 -15.50 51.80 -36.75
N GLN YA 51 -15.42 50.50 -36.48
CA GLN YA 51 -16.06 49.46 -37.30
C GLN YA 51 -17.19 48.78 -36.54
N LYS YA 52 -18.21 48.32 -37.28
CA LYS YA 52 -19.31 47.51 -36.74
C LYS YA 52 -19.41 46.21 -37.53
N VAL YA 53 -19.45 45.08 -36.81
CA VAL YA 53 -19.54 43.76 -37.44
C VAL YA 53 -20.96 43.54 -37.96
N LYS YA 54 -21.06 43.01 -39.18
CA LYS YA 54 -22.35 42.82 -39.85
C LYS YA 54 -22.72 41.34 -39.98
N ILE YA 55 -21.81 40.54 -40.56
CA ILE YA 55 -21.94 39.09 -40.56
C ILE YA 55 -20.60 38.43 -40.21
N SER YA 56 -20.58 37.72 -39.09
CA SER YA 56 -19.48 36.83 -38.74
C SER YA 56 -19.82 35.46 -39.30
N LEU YA 57 -18.77 34.68 -39.61
CA LEU YA 57 -18.93 33.35 -40.19
C LEU YA 57 -17.69 32.51 -39.94
N SER YA 58 -17.93 31.25 -39.62
CA SER YA 58 -16.87 30.25 -39.49
C SER YA 58 -17.40 28.97 -40.11
N THR YA 59 -16.53 28.21 -40.75
CA THR YA 59 -16.97 27.10 -41.62
C THR YA 59 -17.73 25.94 -40.92
N GLY YA 60 -17.74 25.92 -39.58
CA GLY YA 60 -18.67 25.06 -38.84
C GLY YA 60 -20.12 25.51 -38.88
N CYS YA 61 -20.34 26.83 -39.04
CA CYS YA 61 -21.68 27.39 -39.26
C CYS YA 61 -22.38 26.82 -40.51
N LEU YA 62 -21.58 26.39 -41.49
CA LEU YA 62 -22.07 25.69 -42.68
C LEU YA 62 -22.18 24.15 -42.50
N GLY YA 63 -22.23 23.68 -41.25
CA GLY YA 63 -22.41 22.26 -40.95
C GLY YA 63 -21.24 21.34 -41.23
N PHE YA 64 -20.02 21.87 -41.17
CA PHE YA 64 -18.80 21.06 -41.25
C PHE YA 64 -18.26 20.82 -39.85
N ARG YA 65 -18.30 19.57 -39.41
CA ARG YA 65 -17.99 19.21 -38.02
C ARG YA 65 -16.54 18.75 -37.85
N LYS YA 66 -15.89 19.27 -36.82
CA LYS YA 66 -14.60 18.76 -36.31
C LYS YA 66 -13.40 18.91 -37.27
N ALA YA 67 -13.15 17.92 -38.13
CA ALA YA 67 -11.96 17.89 -38.98
C ALA YA 67 -12.19 18.49 -40.37
N ALA YA 68 -13.36 18.23 -40.94
CA ALA YA 68 -13.72 18.73 -42.28
C ALA YA 68 -13.70 20.27 -42.38
N ARG YA 69 -13.93 20.95 -41.26
CA ARG YA 69 -13.85 22.42 -41.20
C ARG YA 69 -12.44 23.00 -41.37
N GLY YA 70 -11.39 22.18 -41.26
CA GLY YA 70 -10.03 22.58 -41.60
C GLY YA 70 -9.67 22.48 -43.09
N GLU YA 71 -10.56 21.84 -43.84
CA GLU YA 71 -10.40 21.60 -45.28
C GLU YA 71 -10.77 22.72 -46.24
N TYR YA 72 -10.26 22.57 -47.46
CA TYR YA 72 -10.46 23.51 -48.56
C TYR YA 72 -11.89 23.69 -49.08
N GLU YA 73 -12.64 22.62 -49.27
CA GLU YA 73 -14.01 22.78 -49.78
C GLU YA 73 -14.90 23.54 -48.82
N ALA YA 74 -14.80 23.18 -47.55
CA ALA YA 74 -15.57 23.78 -46.46
C ALA YA 74 -15.38 25.30 -46.42
N ALA YA 75 -14.13 25.73 -46.51
CA ALA YA 75 -13.78 27.16 -46.57
C ALA YA 75 -14.42 27.88 -47.75
N PHE YA 76 -14.34 27.24 -48.91
CA PHE YA 76 -14.96 27.74 -50.15
C PHE YA 76 -16.46 27.93 -50.00
N GLN YA 77 -17.12 26.94 -49.41
CA GLN YA 77 -18.56 26.97 -49.13
C GLN YA 77 -18.92 28.14 -48.20
N THR YA 78 -18.14 28.30 -47.15
CA THR YA 78 -18.29 29.40 -46.19
C THR YA 78 -18.16 30.77 -46.85
N SER YA 79 -17.16 30.88 -47.73
CA SER YA 79 -16.94 32.10 -48.52
C SER YA 79 -18.14 32.40 -49.40
N GLY YA 80 -18.65 31.38 -50.09
CA GLY YA 80 -19.85 31.49 -50.91
C GLY YA 80 -21.07 31.93 -50.13
N ARG YA 81 -21.24 31.36 -48.94
CA ARG YA 81 -22.33 31.72 -48.02
C ARG YA 81 -22.24 33.18 -47.59
N MET YA 82 -21.02 33.58 -47.23
CA MET YA 82 -20.72 34.98 -46.88
C MET YA 82 -21.13 35.92 -48.00
N PHE YA 83 -20.69 35.60 -49.22
CA PHE YA 83 -21.01 36.39 -50.41
C PHE YA 83 -22.52 36.52 -50.65
N GLU YA 84 -23.23 35.41 -50.49
CA GLU YA 84 -24.69 35.38 -50.57
C GLU YA 84 -25.34 36.32 -49.54
N LEU YA 85 -24.85 36.25 -48.31
CA LEU YA 85 -25.33 37.12 -47.22
C LEU YA 85 -25.11 38.60 -47.53
N ILE YA 86 -23.94 38.93 -48.04
CA ILE YA 86 -23.59 40.28 -48.47
C ILE YA 86 -24.57 40.79 -49.53
N LYS YA 87 -24.81 39.94 -50.52
CA LYS YA 87 -25.73 40.23 -51.62
C LYS YA 87 -27.15 40.51 -51.12
N GLU YA 88 -27.64 39.66 -50.23
CA GLU YA 88 -29.03 39.72 -49.74
C GLU YA 88 -29.24 40.84 -48.74
N LYS YA 89 -28.38 40.88 -47.72
CA LYS YA 89 -28.52 41.82 -46.60
C LYS YA 89 -28.22 43.28 -46.99
N ASN YA 90 -27.65 43.49 -48.17
CA ASN YA 90 -27.55 44.81 -48.82
C ASN YA 90 -26.46 45.68 -48.18
N MET YA 91 -25.25 45.13 -48.15
CA MET YA 91 -24.04 45.89 -47.81
C MET YA 91 -23.09 45.90 -49.01
N LEU YA 92 -23.65 46.22 -50.18
CA LEU YA 92 -22.90 46.29 -51.44
C LEU YA 92 -22.91 47.69 -52.08
N ASN YA 93 -23.50 48.68 -51.39
CA ASN YA 93 -23.61 50.05 -51.91
C ASN YA 93 -22.29 50.82 -51.92
N LYS YA 94 -21.47 50.60 -50.91
CA LYS YA 94 -20.14 51.21 -50.80
C LYS YA 94 -19.03 50.21 -51.15
N ASP YA 95 -17.80 50.72 -51.26
CA ASP YA 95 -16.63 49.89 -51.57
C ASP YA 95 -16.24 48.93 -50.45
N ILE YA 96 -15.45 47.92 -50.82
CA ILE YA 96 -15.06 46.81 -49.94
C ILE YA 96 -13.53 46.70 -49.87
N GLU YA 97 -13.02 46.26 -48.71
CA GLU YA 97 -11.58 46.10 -48.48
C GLU YA 97 -11.28 44.69 -47.95
N VAL YA 98 -10.62 43.87 -48.76
CA VAL YA 98 -10.30 42.49 -48.35
C VAL YA 98 -8.99 42.45 -47.55
N VAL YA 99 -8.99 41.68 -46.45
CA VAL YA 99 -7.76 41.40 -45.68
C VAL YA 99 -7.71 39.92 -45.26
N MET YA 100 -6.52 39.41 -44.99
CA MET YA 100 -6.31 37.99 -44.63
C MET YA 100 -5.31 37.74 -43.49
N ASP YA 101 -5.37 36.52 -42.95
CA ASP YA 101 -4.47 36.07 -41.88
C ASP YA 101 -4.14 34.56 -41.97
N ASP YA 102 -2.88 34.22 -41.68
CA ASP YA 102 -2.44 32.85 -41.27
C ASP YA 102 -2.33 31.73 -42.33
N PHE YA 103 -2.41 32.07 -43.63
CA PHE YA 103 -2.05 31.15 -44.73
C PHE YA 103 -2.51 29.69 -44.62
N GLY YA 104 -3.78 29.49 -44.26
CA GLY YA 104 -4.38 28.14 -44.27
C GLY YA 104 -4.73 27.69 -45.68
N LYS YA 105 -5.27 26.47 -45.78
CA LYS YA 105 -5.91 25.98 -47.00
C LYS YA 105 -7.07 26.89 -47.36
N GLY YA 106 -7.85 27.24 -46.33
CA GLY YA 106 -9.05 28.07 -46.49
C GLY YA 106 -8.84 29.43 -47.11
N ARG YA 107 -7.66 30.00 -46.91
CA ARG YA 107 -7.26 31.24 -47.58
C ARG YA 107 -7.28 31.07 -49.09
N ALA YA 108 -6.67 29.98 -49.55
CA ALA YA 108 -6.64 29.61 -50.97
C ALA YA 108 -8.05 29.43 -51.55
N ALA YA 109 -8.93 28.81 -50.75
CA ALA YA 109 -10.35 28.64 -51.11
C ALA YA 109 -11.07 29.96 -51.29
N PHE YA 110 -10.88 30.83 -50.31
CA PHE YA 110 -11.55 32.12 -50.26
C PHE YA 110 -11.25 32.98 -51.47
N ILE YA 111 -9.96 33.10 -51.79
CA ILE YA 111 -9.52 33.87 -52.96
C ILE YA 111 -10.09 33.30 -54.26
N SER YA 112 -10.10 31.98 -54.38
CA SER YA 112 -10.65 31.29 -55.56
C SER YA 112 -12.15 31.57 -55.72
N ALA YA 113 -12.87 31.52 -54.59
CA ALA YA 113 -14.30 31.85 -54.54
C ALA YA 113 -14.57 33.28 -54.97
N LEU YA 114 -13.74 34.19 -54.47
CA LEU YA 114 -13.83 35.62 -54.83
C LEU YA 114 -13.63 35.84 -56.32
N VAL YA 115 -12.61 35.18 -56.86
CA VAL YA 115 -12.30 35.22 -58.30
C VAL YA 115 -13.49 34.75 -59.15
N GLY YA 116 -14.08 33.61 -58.77
CA GLY YA 116 -15.11 32.97 -59.57
C GLY YA 116 -16.49 33.62 -59.52
N LYS YA 117 -17.48 32.88 -60.00
CA LYS YA 117 -18.87 33.35 -60.06
C LYS YA 117 -19.55 33.52 -58.70
N GLU YA 118 -19.08 32.80 -57.69
CA GLU YA 118 -19.65 32.88 -56.34
C GLU YA 118 -19.48 34.26 -55.69
N GLY YA 119 -18.34 34.89 -55.95
CA GLY YA 119 -18.09 36.27 -55.55
C GLY YA 119 -18.10 37.23 -56.72
N ALA YA 120 -19.10 37.08 -57.61
CA ALA YA 120 -19.21 37.90 -58.82
C ALA YA 120 -19.67 39.31 -58.51
N SER YA 121 -20.75 39.41 -57.73
CA SER YA 121 -21.32 40.72 -57.33
C SER YA 121 -20.43 41.53 -56.39
N VAL YA 122 -19.56 40.86 -55.63
CA VAL YA 122 -18.73 41.51 -54.60
C VAL YA 122 -17.51 42.19 -55.24
N VAL YA 123 -16.80 41.43 -56.07
CA VAL YA 123 -15.54 41.86 -56.74
C VAL YA 123 -15.53 43.31 -57.25
N LYS YA 124 -16.62 43.72 -57.90
CA LYS YA 124 -16.71 45.07 -58.50
C LYS YA 124 -16.66 46.20 -57.45
N LYS YA 125 -17.04 45.90 -56.22
CA LYS YA 125 -16.91 46.86 -55.10
C LYS YA 125 -15.59 46.75 -54.33
N VAL YA 126 -14.85 45.66 -54.53
CA VAL YA 126 -13.58 45.43 -53.81
C VAL YA 126 -12.49 46.38 -54.32
N VAL YA 127 -12.22 47.42 -53.53
CA VAL YA 127 -11.21 48.44 -53.89
C VAL YA 127 -9.80 47.92 -53.69
N LYS YA 128 -9.51 47.35 -52.52
CA LYS YA 128 -8.14 46.90 -52.19
C LYS YA 128 -8.12 45.56 -51.46
N ILE YA 129 -7.15 44.72 -51.83
CA ILE YA 129 -6.76 43.55 -51.05
C ILE YA 129 -5.53 43.99 -50.25
N SER YA 130 -5.47 43.60 -48.99
CA SER YA 130 -4.35 43.98 -48.12
C SER YA 130 -4.16 43.03 -46.95
N ASP YA 131 -3.13 42.20 -47.05
CA ASP YA 131 -2.80 41.23 -46.01
C ASP YA 131 -2.37 41.89 -44.69
N ALA YA 132 -2.63 41.20 -43.58
CA ALA YA 132 -2.19 41.64 -42.26
C ALA YA 132 -1.98 40.45 -41.32
N THR YA 133 -1.09 39.55 -41.70
CA THR YA 133 -0.71 38.41 -40.85
C THR YA 133 0.22 38.91 -39.74
N LYS YA 134 0.03 38.39 -38.54
CA LYS YA 134 0.81 38.78 -37.37
C LYS YA 134 2.07 37.93 -37.25
N LEU YA 135 3.20 38.60 -37.01
CA LEU YA 135 4.47 37.95 -36.73
C LEU YA 135 5.07 38.58 -35.48
N LYS YA 136 6.11 37.96 -34.93
CA LYS YA 136 6.75 38.43 -33.70
C LYS YA 136 8.26 38.59 -33.87
N PHE YA 137 8.78 39.72 -33.40
CA PHE YA 137 10.22 40.00 -33.43
C PHE YA 137 10.82 39.58 -32.09
N GLY YA 138 10.93 38.26 -31.92
CA GLY YA 138 11.32 37.65 -30.65
C GLY YA 138 10.07 37.24 -29.91
N GLY YA 139 9.68 38.02 -28.90
CA GLY YA 139 8.43 37.83 -28.20
C GLY YA 139 8.34 36.57 -27.34
N VAL YA 140 7.11 36.13 -27.10
CA VAL YA 140 6.85 34.96 -26.25
C VAL YA 140 7.34 33.68 -26.92
N ARG YA 141 7.96 32.79 -26.15
CA ARG YA 141 8.52 31.56 -26.73
C ARG YA 141 7.37 30.63 -27.12
N SER YA 142 7.51 29.99 -28.27
CA SER YA 142 6.48 29.10 -28.79
C SER YA 142 6.59 27.74 -28.09
N PRO YA 143 5.58 26.86 -28.28
CA PRO YA 143 5.67 25.50 -27.72
C PRO YA 143 6.84 24.68 -28.26
N LYS YA 144 7.26 23.68 -27.49
CA LYS YA 144 8.35 22.78 -27.90
C LYS YA 144 7.90 21.99 -29.13
N MET YA 145 8.81 21.79 -30.09
CA MET YA 145 8.45 21.15 -31.36
C MET YA 145 8.13 19.66 -31.19
N ARG YA 146 6.82 19.38 -31.14
CA ARG YA 146 6.25 18.03 -31.07
C ARG YA 146 7.03 16.93 -31.80
N ARG YA 147 7.23 15.82 -31.10
CA ARG YA 147 8.07 14.71 -31.60
C ARG YA 147 7.36 13.89 -32.68
N LEU YA 148 6.17 13.40 -32.34
CA LEU YA 148 5.35 12.56 -33.24
C LEU YA 148 6.03 11.24 -33.61
N ALA ZA 1 56.45 12.69 -21.83
CA ALA ZA 1 57.43 12.31 -22.88
C ALA ZA 1 58.50 13.37 -23.20
N THR ZA 2 58.35 14.59 -22.69
CA THR ZA 2 59.48 15.53 -22.66
C THR ZA 2 60.56 14.99 -21.74
N LEU ZA 3 61.77 15.49 -21.94
CA LEU ZA 3 62.95 15.03 -21.21
C LEU ZA 3 62.81 15.24 -19.70
N ASN ZA 4 62.28 16.41 -19.34
CA ASN ZA 4 61.97 16.74 -17.95
C ASN ZA 4 60.93 15.81 -17.34
N GLN ZA 5 59.86 15.56 -18.08
CA GLN ZA 5 58.80 14.62 -17.68
C GLN ZA 5 59.33 13.21 -17.42
N ILE ZA 6 60.20 12.76 -18.32
CA ILE ZA 6 60.88 11.46 -18.20
C ILE ZA 6 61.68 11.37 -16.91
N LYS ZA 7 62.46 12.42 -16.65
CA LYS ZA 7 63.26 12.55 -15.42
C LYS ZA 7 62.43 12.41 -14.16
N ARG ZA 8 61.30 13.11 -14.11
CA ARG ZA 8 60.39 13.06 -12.95
C ARG ZA 8 59.32 11.95 -13.09
N GLY ZA 9 59.75 10.77 -13.50
CA GLY ZA 9 58.89 9.58 -13.53
C GLY ZA 9 58.03 9.45 -14.77
N SER ZA 10 58.63 8.95 -15.85
CA SER ZA 10 57.89 8.55 -17.04
C SER ZA 10 58.76 7.63 -17.91
N GLY ZA 11 58.12 6.63 -18.51
CA GLY ZA 11 58.83 5.66 -19.34
C GLY ZA 11 57.94 4.53 -19.80
N PRO ZA 12 58.52 3.53 -20.50
CA PRO ZA 12 57.77 2.33 -20.87
C PRO ZA 12 57.28 1.57 -19.64
N PRO ZA 13 56.08 0.95 -19.72
CA PRO ZA 13 55.58 0.21 -18.58
C PRO ZA 13 56.27 -1.15 -18.48
N ARG ZA 14 57.14 -1.28 -17.50
CA ARG ZA 14 57.90 -2.49 -17.38
C ARG ZA 14 56.92 -3.60 -17.09
N ARG ZA 15 57.01 -4.66 -17.88
CA ARG ZA 15 56.15 -5.81 -17.69
C ARG ZA 15 57.07 -6.99 -17.60
N LYS ZA 16 56.92 -7.78 -16.55
CA LYS ZA 16 57.40 -9.14 -16.59
C LYS ZA 16 56.23 -10.07 -16.35
N LYS ZA 17 55.95 -10.35 -15.08
CA LYS ZA 17 54.86 -11.24 -14.73
C LYS ZA 17 54.11 -10.89 -13.45
N ILE ZA 18 52.87 -11.34 -13.42
CA ILE ZA 18 51.96 -11.26 -12.27
C ILE ZA 18 51.68 -12.67 -11.75
N SER ZA 19 51.50 -12.79 -10.44
CA SER ZA 19 51.34 -14.09 -9.78
C SER ZA 19 50.05 -14.79 -10.21
N THR ZA 20 50.19 -15.91 -10.91
CA THR ZA 20 49.07 -16.76 -11.31
C THR ZA 20 48.39 -17.40 -10.10
N ALA ZA 21 49.18 -17.72 -9.08
CA ALA ZA 21 48.70 -18.37 -7.85
C ALA ZA 21 49.11 -17.56 -6.61
N PRO ZA 22 48.34 -16.49 -6.29
CA PRO ZA 22 48.61 -15.68 -5.09
C PRO ZA 22 48.43 -16.40 -3.74
N GLN ZA 23 47.39 -17.22 -3.63
CA GLN ZA 23 47.07 -17.92 -2.37
C GLN ZA 23 48.14 -18.94 -1.97
N LEU ZA 24 48.89 -19.42 -2.97
CA LEU ZA 24 50.01 -20.36 -2.75
C LEU ZA 24 51.20 -19.72 -2.01
N ASP ZA 25 51.31 -18.40 -2.03
CA ASP ZA 25 52.33 -17.63 -1.28
C ASP ZA 25 53.78 -17.95 -1.70
N GLN ZA 26 54.10 -17.63 -2.96
CA GLN ZA 26 55.45 -17.73 -3.52
C GLN ZA 26 56.20 -19.00 -3.15
N CYS ZA 27 55.56 -20.14 -3.41
CA CYS ZA 27 56.20 -21.43 -3.22
C CYS ZA 27 55.53 -22.51 -4.07
N PRO ZA 28 56.28 -23.56 -4.46
CA PRO ZA 28 55.85 -24.52 -5.48
C PRO ZA 28 54.56 -25.25 -5.14
N GLN ZA 29 54.48 -25.75 -3.91
CA GLN ZA 29 53.29 -26.41 -3.40
C GLN ZA 29 52.94 -25.86 -2.05
N ARG ZA 30 51.70 -26.12 -1.65
CA ARG ZA 30 51.32 -26.03 -0.25
C ARG ZA 30 50.38 -27.18 0.10
N LYS ZA 31 50.56 -27.70 1.31
CA LYS ZA 31 49.69 -28.74 1.85
C LYS ZA 31 48.37 -28.08 2.20
N GLY ZA 32 47.29 -28.84 2.02
CA GLY ZA 32 45.97 -28.40 2.42
C GLY ZA 32 45.08 -29.56 2.83
N VAL ZA 33 43.95 -29.21 3.43
CA VAL ZA 33 42.92 -30.16 3.81
C VAL ZA 33 41.69 -29.85 2.96
N VAL ZA 34 41.17 -30.87 2.28
CA VAL ZA 34 39.92 -30.71 1.52
C VAL ZA 34 38.75 -30.45 2.48
N LEU ZA 35 37.86 -29.55 2.07
CA LEU ZA 35 36.69 -29.15 2.87
C LEU ZA 35 35.47 -29.85 2.28
N ARG ZA 36 35.21 -29.55 1.01
CA ARG ZA 36 34.23 -30.28 0.21
C ARG ZA 36 34.85 -30.59 -1.16
N VAL ZA 37 34.23 -31.54 -1.85
CA VAL ZA 37 34.70 -31.99 -3.17
C VAL ZA 37 33.50 -31.97 -4.12
N MET ZA 38 33.62 -31.17 -5.19
CA MET ZA 38 32.47 -30.83 -6.03
C MET ZA 38 32.50 -31.51 -7.40
N VAL ZA 39 31.42 -31.26 -8.16
CA VAL ZA 39 31.36 -31.54 -9.60
C VAL ZA 39 30.86 -30.29 -10.32
N LEU ZA 40 31.78 -29.56 -10.95
CA LEU ZA 40 31.46 -28.26 -11.55
C LEU ZA 40 31.03 -28.37 -13.00
N LYS ZA 41 30.09 -27.49 -13.39
CA LYS ZA 41 29.69 -27.32 -14.78
C LYS ZA 41 30.67 -26.32 -15.42
N PRO ZA 42 31.32 -26.70 -16.54
CA PRO ZA 42 32.22 -25.75 -17.20
C PRO ZA 42 31.55 -24.55 -17.87
N LYS ZA 43 32.37 -23.64 -18.39
CA LYS ZA 43 31.90 -22.50 -19.19
C LYS ZA 43 31.37 -22.96 -20.54
N LYS ZA 44 30.62 -22.10 -21.21
CA LYS ZA 44 30.12 -22.42 -22.52
C LYS ZA 44 31.26 -22.08 -23.47
N PRO ZA 45 31.63 -22.99 -24.38
CA PRO ZA 45 30.71 -24.00 -24.89
C PRO ZA 45 31.04 -25.43 -24.50
N ASN ZA 46 32.25 -25.70 -24.02
CA ASN ZA 46 32.60 -27.08 -23.67
C ASN ZA 46 31.81 -27.54 -22.45
N SER ZA 47 31.46 -28.82 -22.45
CA SER ZA 47 30.66 -29.38 -21.34
C SER ZA 47 31.16 -30.74 -20.87
N ALA ZA 48 31.16 -30.91 -19.55
CA ALA ZA 48 31.56 -32.15 -18.89
C ALA ZA 48 31.09 -32.05 -17.43
N GLN ZA 49 31.66 -32.87 -16.53
CA GLN ZA 49 31.46 -32.67 -15.10
C GLN ZA 49 32.81 -32.76 -14.38
N ARG ZA 50 33.34 -31.58 -14.04
CA ARG ZA 50 34.71 -31.43 -13.58
C ARG ZA 50 34.83 -31.69 -12.10
N LYS ZA 51 35.74 -32.59 -11.73
CA LYS ZA 51 35.85 -33.05 -10.35
C LYS ZA 51 36.78 -32.12 -9.56
N ALA ZA 52 36.29 -30.91 -9.28
CA ALA ZA 52 37.04 -29.94 -8.48
C ALA ZA 52 36.88 -30.23 -7.00
N CYS ZA 53 37.64 -29.51 -6.18
CA CYS ZA 53 37.49 -29.57 -4.72
C CYS ZA 53 37.88 -28.25 -4.06
N ARG ZA 54 37.39 -28.06 -2.84
CA ARG ZA 54 37.72 -26.90 -2.02
C ARG ZA 54 38.74 -27.34 -0.97
N VAL ZA 55 39.80 -26.56 -0.81
CA VAL ZA 55 40.93 -26.93 0.06
C VAL ZA 55 41.39 -25.74 0.91
N ARG ZA 56 41.51 -25.97 2.21
CA ARG ZA 56 42.10 -25.00 3.13
C ARG ZA 56 43.59 -25.33 3.24
N LEU ZA 57 44.43 -24.41 2.77
CA LEU ZA 57 45.89 -24.61 2.81
C LEU ZA 57 46.44 -24.42 4.22
N THR ZA 58 47.71 -24.81 4.41
CA THR ZA 58 48.40 -24.65 5.69
C THR ZA 58 48.62 -23.18 6.05
N ASN ZA 59 48.84 -22.33 5.05
CA ASN ZA 59 49.00 -20.88 5.27
C ASN ZA 59 47.74 -20.19 5.77
N GLY ZA 60 46.57 -20.80 5.49
CA GLY ZA 60 45.29 -20.37 6.05
C GLY ZA 60 44.22 -20.15 5.00
N ASN ZA 61 44.58 -19.46 3.92
CA ASN ZA 61 43.62 -19.12 2.86
C ASN ZA 61 43.06 -20.35 2.12
N VAL ZA 62 41.78 -20.27 1.76
CA VAL ZA 62 41.04 -21.38 1.15
C VAL ZA 62 41.02 -21.23 -0.37
N VAL ZA 63 41.03 -22.37 -1.07
CA VAL ZA 63 41.29 -22.41 -2.51
C VAL ZA 63 40.43 -23.49 -3.19
N SER ZA 64 39.94 -23.19 -4.40
CA SER ZA 64 39.26 -24.16 -5.24
C SER ZA 64 40.28 -24.82 -6.15
N ALA ZA 65 40.64 -26.07 -5.85
CA ALA ZA 65 41.65 -26.82 -6.61
C ALA ZA 65 41.01 -27.85 -7.52
N TYR ZA 66 41.51 -27.93 -8.76
CA TYR ZA 66 41.12 -28.97 -9.69
C TYR ZA 66 41.76 -30.30 -9.30
N ILE ZA 67 41.10 -31.41 -9.68
CA ILE ZA 67 41.64 -32.76 -9.49
C ILE ZA 67 41.68 -33.42 -10.87
N PRO ZA 68 42.90 -33.66 -11.41
CA PRO ZA 68 43.01 -34.27 -12.74
C PRO ZA 68 42.88 -35.80 -12.72
N GLY ZA 69 43.01 -36.43 -13.88
CA GLY ZA 69 42.93 -37.87 -13.97
C GLY ZA 69 41.51 -38.33 -14.19
N GLU ZA 70 41.35 -39.56 -14.68
CA GLU ZA 70 40.03 -40.11 -14.96
C GLU ZA 70 39.15 -40.28 -13.72
N GLY ZA 71 39.74 -40.75 -12.63
CA GLY ZA 71 39.01 -41.04 -11.40
C GLY ZA 71 39.78 -40.57 -10.20
N HIS ZA 72 39.13 -40.33 -9.06
CA HIS ZA 72 39.90 -39.86 -7.91
C HIS ZA 72 39.41 -40.40 -6.56
N ASP ZA 73 40.27 -40.17 -5.55
CA ASP ZA 73 40.07 -40.63 -4.18
C ASP ZA 73 40.31 -39.44 -3.24
N ALA ZA 74 39.23 -38.71 -2.94
CA ALA ZA 74 39.29 -37.54 -2.06
C ALA ZA 74 37.99 -37.40 -1.26
N GLN ZA 75 38.13 -37.30 0.06
CA GLN ZA 75 36.99 -37.29 0.98
C GLN ZA 75 36.70 -35.83 1.39
N GLU ZA 76 36.12 -35.63 2.58
CA GLU ZA 76 35.90 -34.29 3.14
C GLU ZA 76 36.99 -33.86 4.14
N HIS ZA 77 38.02 -34.70 4.34
CA HIS ZA 77 39.16 -34.37 5.22
C HIS ZA 77 40.56 -34.72 4.69
N SER ZA 78 40.66 -35.34 3.50
CA SER ZA 78 41.92 -35.84 2.96
C SER ZA 78 43.08 -34.83 2.92
N ILE ZA 79 44.27 -35.29 3.31
CA ILE ZA 79 45.51 -34.55 3.10
C ILE ZA 79 45.77 -34.47 1.61
N VAL ZA 80 45.94 -33.25 1.10
CA VAL ZA 80 46.12 -33.01 -0.33
C VAL ZA 80 47.13 -31.88 -0.54
N TYR ZA 81 48.00 -32.03 -1.53
CA TYR ZA 81 49.00 -31.00 -1.88
C TYR ZA 81 48.54 -30.24 -3.11
N VAL ZA 82 48.62 -28.91 -3.05
CA VAL ZA 82 48.11 -28.02 -4.09
C VAL ZA 82 49.28 -27.39 -4.85
N ARG ZA 83 49.16 -27.34 -6.19
CA ARG ZA 83 50.12 -26.62 -7.04
C ARG ZA 83 49.39 -25.62 -7.95
N GLY ZA 84 50.17 -24.72 -8.56
CA GLY ZA 84 49.64 -23.50 -9.17
C GLY ZA 84 49.16 -23.53 -10.61
N GLY ZA 85 48.64 -24.65 -11.09
CA GLY ZA 85 47.99 -24.71 -12.41
C GLY ZA 85 46.67 -23.95 -12.42
N ARG ZA 86 45.91 -24.10 -13.49
CA ARG ZA 86 44.61 -23.45 -13.64
C ARG ZA 86 43.71 -24.32 -14.51
N CYS ZA 87 42.51 -24.62 -14.02
CA CYS ZA 87 41.48 -25.27 -14.84
C CYS ZA 87 40.83 -24.16 -15.65
N GLN ZA 88 40.99 -24.23 -16.98
CA GLN ZA 88 40.68 -23.10 -17.85
C GLN ZA 88 39.18 -22.94 -18.09
N ASP ZA 89 38.45 -24.05 -18.19
CA ASP ZA 89 37.01 -24.00 -18.44
C ASP ZA 89 36.18 -23.68 -17.20
N LEU ZA 90 36.60 -24.18 -16.04
CA LEU ZA 90 35.97 -23.79 -14.78
C LEU ZA 90 36.49 -22.41 -14.36
N PRO ZA 91 35.59 -21.43 -14.17
CA PRO ZA 91 36.02 -20.13 -13.67
C PRO ZA 91 36.14 -20.14 -12.15
N GLY ZA 92 37.12 -19.40 -11.62
CA GLY ZA 92 37.33 -19.28 -10.18
C GLY ZA 92 38.01 -20.46 -9.50
N VAL ZA 93 38.75 -21.26 -10.29
CA VAL ZA 93 39.56 -22.38 -9.76
C VAL ZA 93 40.91 -22.30 -10.47
N LYS ZA 94 41.94 -21.98 -9.70
CA LYS ZA 94 43.25 -21.56 -10.22
C LYS ZA 94 44.36 -22.43 -9.65
N TYR ZA 95 44.08 -23.72 -9.47
CA TYR ZA 95 44.97 -24.63 -8.73
C TYR ZA 95 44.71 -26.08 -9.13
N HIS ZA 96 45.71 -26.92 -8.90
CA HIS ZA 96 45.60 -28.36 -9.13
C HIS ZA 96 46.07 -29.08 -7.88
N VAL ZA 97 45.38 -30.16 -7.52
CA VAL ZA 97 45.91 -31.06 -6.50
C VAL ZA 97 46.95 -31.94 -7.19
N ILE ZA 98 48.18 -31.94 -6.66
CA ILE ZA 98 49.26 -32.78 -7.21
C ILE ZA 98 48.99 -34.20 -6.70
N ARG ZA 99 49.01 -35.16 -7.62
CA ARG ZA 99 48.22 -36.38 -7.48
C ARG ZA 99 48.92 -37.62 -6.89
N GLY ZA 100 50.24 -37.70 -7.01
CA GLY ZA 100 51.00 -38.79 -6.41
C GLY ZA 100 51.09 -38.73 -4.90
N ALA ZA 101 51.07 -37.53 -4.34
CA ALA ZA 101 51.35 -37.29 -2.92
C ALA ZA 101 50.09 -37.04 -2.09
N GLY ZA 102 50.20 -37.32 -0.79
CA GLY ZA 102 49.11 -37.15 0.16
C GLY ZA 102 48.14 -38.31 0.17
N ASP ZA 103 46.95 -38.08 0.72
CA ASP ZA 103 45.86 -39.06 0.67
C ASP ZA 103 45.30 -39.22 -0.75
N LEU ZA 104 45.49 -38.21 -1.60
CA LEU ZA 104 45.19 -38.33 -3.03
C LEU ZA 104 46.16 -39.35 -3.63
N SER ZA 105 45.61 -40.44 -4.15
CA SER ZA 105 46.41 -41.56 -4.66
C SER ZA 105 46.75 -41.35 -6.13
N GLY ZA 106 47.75 -42.08 -6.60
CA GLY ZA 106 48.13 -42.06 -8.01
C GLY ZA 106 47.06 -42.67 -8.89
N VAL ZA 107 46.88 -42.11 -10.07
CA VAL ZA 107 45.76 -42.46 -10.94
C VAL ZA 107 45.98 -43.87 -11.51
N VAL ZA 108 44.95 -44.71 -11.41
CA VAL ZA 108 45.10 -46.16 -11.64
C VAL ZA 108 45.11 -46.55 -13.12
N ASN ZA 109 45.91 -47.56 -13.43
CA ASN ZA 109 46.10 -48.06 -14.80
C ASN ZA 109 46.50 -46.95 -15.80
N ARG ZA 110 47.42 -46.10 -15.35
CA ARG ZA 110 47.96 -45.02 -16.17
C ARG ZA 110 49.25 -45.53 -16.81
N ILE ZA 111 49.33 -45.43 -18.13
CA ILE ZA 111 50.46 -45.95 -18.89
C ILE ZA 111 51.27 -44.79 -19.48
N SER ZA 112 50.59 -43.89 -20.18
CA SER ZA 112 51.20 -42.66 -20.69
C SER ZA 112 51.33 -41.62 -19.60
N SER ZA 113 52.41 -40.83 -19.67
CA SER ZA 113 52.55 -39.61 -18.88
C SER ZA 113 52.40 -39.83 -17.38
N ARG ZA 114 52.98 -40.92 -16.88
CA ARG ZA 114 52.75 -41.40 -15.52
C ARG ZA 114 53.19 -40.44 -14.41
N SER ZA 115 54.27 -39.70 -14.64
CA SER ZA 115 54.78 -38.74 -13.65
C SER ZA 115 53.88 -37.52 -13.49
N LYS ZA 116 53.12 -37.20 -14.53
CA LYS ZA 116 52.14 -36.10 -14.50
C LYS ZA 116 51.00 -36.41 -13.52
N TYR ZA 117 50.73 -37.70 -13.33
CA TYR ZA 117 49.84 -38.21 -12.30
C TYR ZA 117 50.72 -38.93 -11.28
N GLY ZA 118 50.14 -39.69 -10.36
CA GLY ZA 118 50.94 -40.41 -9.37
C GLY ZA 118 51.62 -41.68 -9.86
N ALA ZA 119 51.06 -42.28 -10.91
CA ALA ZA 119 51.42 -43.62 -11.40
C ALA ZA 119 52.89 -44.01 -11.28
N LYS ZA 120 53.15 -45.10 -10.57
CA LYS ZA 120 54.49 -45.69 -10.49
C LYS ZA 120 54.74 -46.50 -11.76
N LYS ZA 121 56.00 -46.89 -11.99
CA LYS ZA 121 56.36 -47.73 -13.13
C LYS ZA 121 55.88 -49.14 -12.84
N PRO ZA 122 55.12 -49.76 -13.78
CA PRO ZA 122 54.45 -51.03 -13.48
C PRO ZA 122 55.38 -52.20 -13.12
N SER ZA 123 56.61 -52.16 -13.64
CA SER ZA 123 57.68 -53.12 -13.29
C SER ZA 123 57.34 -54.55 -13.73
N LYS ZA 124 56.98 -54.69 -15.01
CA LYS ZA 124 56.66 -55.99 -15.65
C LYS ZA 124 55.86 -56.96 -14.78
N VAL AB 1 -60.43 -15.24 -64.01
CA VAL AB 1 -61.93 -15.29 -64.06
C VAL AB 1 -62.43 -16.71 -64.24
N VAL AB 2 -62.10 -17.31 -65.39
CA VAL AB 2 -62.66 -18.60 -65.80
C VAL AB 2 -62.26 -19.76 -64.87
N HIS AB 3 -63.10 -20.02 -63.88
CA HIS AB 3 -62.85 -21.06 -62.88
C HIS AB 3 -63.12 -22.45 -63.47
N ILE AB 4 -62.30 -23.42 -63.03
CA ILE AB 4 -62.43 -24.81 -63.45
C ILE AB 4 -61.76 -25.68 -62.38
N LEU AB 5 -62.56 -26.55 -61.75
CA LEU AB 5 -62.11 -27.48 -60.70
C LEU AB 5 -61.49 -26.75 -59.48
N GLY AB 6 -62.00 -25.55 -59.18
CA GLY AB 6 -61.52 -24.76 -58.05
C GLY AB 6 -60.40 -23.78 -58.38
N LYS AB 7 -59.47 -24.18 -59.23
CA LYS AB 7 -58.33 -23.33 -59.60
C LYS AB 7 -58.76 -22.18 -60.48
N GLY AB 8 -58.39 -20.96 -60.10
CA GLY AB 8 -58.66 -19.77 -60.90
C GLY AB 8 -57.72 -19.68 -62.09
N PHE AB 9 -58.20 -19.04 -63.16
CA PHE AB 9 -57.41 -18.85 -64.38
C PHE AB 9 -57.63 -17.47 -64.97
N LYS AB 10 -56.54 -16.80 -65.29
CA LYS AB 10 -56.60 -15.57 -66.07
C LYS AB 10 -56.99 -15.91 -67.51
N GLY AB 11 -57.68 -14.99 -68.16
CA GLY AB 11 -58.01 -15.11 -69.58
C GLY AB 11 -56.76 -14.97 -70.42
N LYS AB 12 -56.89 -15.31 -71.70
CA LYS AB 12 -55.76 -15.40 -72.65
C LYS AB 12 -54.66 -16.43 -72.27
N GLU AB 13 -54.93 -17.31 -71.30
CA GLU AB 13 -53.98 -18.32 -70.88
C GLU AB 13 -54.30 -19.56 -71.70
N VAL AB 14 -53.33 -20.03 -72.48
CA VAL AB 14 -53.51 -21.18 -73.35
C VAL AB 14 -53.88 -22.38 -72.47
N ILE AB 15 -54.93 -23.10 -72.87
CA ILE AB 15 -55.63 -24.04 -71.98
C ILE AB 15 -54.71 -25.13 -71.42
N LYS AB 16 -54.14 -25.92 -72.31
CA LYS AB 16 -53.25 -27.04 -71.93
C LYS AB 16 -52.09 -26.61 -71.02
N ILE AB 17 -51.49 -25.48 -71.36
CA ILE AB 17 -50.37 -24.91 -70.60
C ILE AB 17 -50.85 -24.49 -69.22
N ALA AB 18 -52.00 -23.83 -69.19
CA ALA AB 18 -52.64 -23.39 -67.95
C ALA AB 18 -52.93 -24.58 -67.03
N LEU AB 19 -53.52 -25.64 -67.60
CA LEU AB 19 -53.78 -26.88 -66.88
C LEU AB 19 -52.52 -27.48 -66.26
N ALA AB 20 -51.47 -27.54 -67.08
CA ALA AB 20 -50.15 -28.03 -66.66
C ALA AB 20 -49.59 -27.24 -65.48
N SER AB 21 -49.71 -25.92 -65.58
CA SER AB 21 -49.24 -25.00 -64.53
C SER AB 21 -49.97 -25.22 -63.21
N LYS AB 22 -51.29 -25.33 -63.27
CA LYS AB 22 -52.12 -25.35 -62.06
C LYS AB 22 -52.22 -26.73 -61.41
N PHE AB 23 -52.69 -27.72 -62.16
CA PHE AB 23 -53.06 -29.01 -61.57
C PHE AB 23 -51.85 -29.93 -61.35
N TYR AB 24 -51.72 -30.39 -60.10
CA TYR AB 24 -50.53 -31.10 -59.61
C TYR AB 24 -50.23 -32.43 -60.32
N GLY AB 25 -51.28 -33.12 -60.77
CA GLY AB 25 -51.11 -34.46 -61.35
C GLY AB 25 -50.65 -34.47 -62.79
N ILE AB 26 -50.78 -33.33 -63.48
CA ILE AB 26 -50.61 -33.26 -64.93
C ILE AB 26 -49.48 -32.31 -65.35
N GLY AB 27 -48.79 -32.69 -66.42
CA GLY AB 27 -47.75 -31.87 -67.04
C GLY AB 27 -48.18 -31.46 -68.44
N LYS AB 28 -47.28 -31.64 -69.40
CA LYS AB 28 -47.51 -31.18 -70.78
C LYS AB 28 -48.34 -32.18 -71.56
N THR AB 29 -47.86 -33.43 -71.57
CA THR AB 29 -48.46 -34.51 -72.37
C THR AB 29 -49.89 -34.80 -71.97
N THR AB 30 -50.12 -34.92 -70.66
CA THR AB 30 -51.43 -35.17 -70.08
C THR AB 30 -52.47 -34.10 -70.44
N ALA AB 31 -52.06 -32.85 -70.35
CA ALA AB 31 -52.92 -31.70 -70.70
C ALA AB 31 -53.32 -31.72 -72.18
N GLU AB 32 -52.35 -32.02 -73.04
CA GLU AB 32 -52.58 -32.19 -74.47
C GLU AB 32 -53.58 -33.30 -74.78
N LYS AB 33 -53.39 -34.44 -74.12
CA LYS AB 33 -54.29 -35.60 -74.24
C LYS AB 33 -55.73 -35.25 -73.84
N ILE AB 34 -55.85 -34.53 -72.73
CA ILE AB 34 -57.14 -34.03 -72.24
C ILE AB 34 -57.81 -33.15 -73.28
N CYS AB 35 -57.05 -32.18 -73.80
CA CYS AB 35 -57.54 -31.26 -74.84
C CYS AB 35 -58.01 -32.00 -76.09
N SER AB 36 -57.25 -33.01 -76.50
CA SER AB 36 -57.59 -33.86 -77.64
C SER AB 36 -58.91 -34.61 -77.42
N LYS AB 37 -59.04 -35.19 -76.22
CA LYS AB 37 -60.25 -35.90 -75.81
C LYS AB 37 -61.49 -35.01 -75.86
N LEU AB 38 -61.33 -33.78 -75.36
CA LEU AB 38 -62.42 -32.81 -75.32
C LEU AB 38 -62.65 -32.13 -76.68
N GLY AB 39 -61.57 -31.97 -77.45
CA GLY AB 39 -61.65 -31.44 -78.81
C GLY AB 39 -61.49 -29.93 -78.89
N PHE AB 40 -60.55 -29.40 -78.11
CA PHE AB 40 -60.15 -27.99 -78.23
C PHE AB 40 -58.99 -27.92 -79.19
N TYR AB 41 -58.98 -26.89 -80.03
CA TYR AB 41 -57.84 -26.62 -80.91
C TYR AB 41 -56.64 -26.20 -80.07
N PRO AB 42 -55.42 -26.66 -80.42
CA PRO AB 42 -54.25 -26.29 -79.64
C PRO AB 42 -53.99 -24.78 -79.72
N TRP AB 43 -53.49 -24.21 -78.62
CA TRP AB 43 -53.38 -22.76 -78.45
C TRP AB 43 -54.75 -22.04 -78.36
N MET AB 44 -55.78 -22.78 -77.93
CA MET AB 44 -57.06 -22.17 -77.54
C MET AB 44 -56.86 -21.61 -76.14
N ARG AB 45 -57.51 -20.48 -75.89
CA ARG AB 45 -57.30 -19.70 -74.67
C ARG AB 45 -58.41 -20.03 -73.68
N MET AB 46 -58.17 -19.73 -72.41
CA MET AB 46 -59.10 -20.08 -71.33
C MET AB 46 -60.40 -19.28 -71.40
N HIS AB 47 -60.33 -18.03 -71.90
CA HIS AB 47 -61.50 -17.17 -72.05
C HIS AB 47 -62.50 -17.67 -73.11
N GLN AB 48 -61.99 -18.40 -74.11
CA GLN AB 48 -62.83 -18.91 -75.20
C GLN AB 48 -63.75 -20.06 -74.79
N LEU AB 49 -63.43 -20.74 -73.68
CA LEU AB 49 -64.20 -21.89 -73.21
C LEU AB 49 -65.64 -21.54 -72.82
N SER AB 50 -66.59 -22.26 -73.42
CA SER AB 50 -68.00 -22.18 -73.02
C SER AB 50 -68.22 -23.00 -71.75
N GLU AB 51 -69.42 -22.89 -71.18
CA GLU AB 51 -69.74 -23.54 -69.90
C GLU AB 51 -69.75 -25.08 -70.00
N PRO AB 52 -70.36 -25.65 -71.06
CA PRO AB 52 -70.31 -27.12 -71.24
C PRO AB 52 -68.90 -27.67 -71.40
N GLN AB 53 -68.06 -26.94 -72.13
CA GLN AB 53 -66.64 -27.29 -72.29
C GLN AB 53 -65.92 -27.30 -70.95
N ILE AB 54 -66.16 -26.28 -70.14
CA ILE AB 54 -65.60 -26.18 -68.77
C ILE AB 54 -66.01 -27.38 -67.93
N MET AB 55 -67.29 -27.73 -67.98
CA MET AB 55 -67.84 -28.88 -67.25
C MET AB 55 -67.18 -30.19 -67.68
N SER AB 56 -66.99 -30.33 -68.99
CA SER AB 56 -66.32 -31.51 -69.58
C SER AB 56 -64.86 -31.63 -69.12
N ILE AB 57 -64.18 -30.48 -69.06
CA ILE AB 57 -62.81 -30.40 -68.56
C ILE AB 57 -62.75 -30.85 -67.11
N ALA AB 58 -63.66 -30.30 -66.30
CA ALA AB 58 -63.77 -30.62 -64.88
C ALA AB 58 -63.99 -32.12 -64.64
N SER AB 59 -64.89 -32.69 -65.42
CA SER AB 59 -65.17 -34.13 -65.40
C SER AB 59 -63.91 -34.93 -65.71
N GLU AB 60 -63.21 -34.54 -66.78
CA GLU AB 60 -61.96 -35.18 -67.19
C GLU AB 60 -60.89 -35.14 -66.09
N LEU AB 61 -60.76 -33.97 -65.45
CA LEU AB 61 -59.87 -33.81 -64.30
C LEU AB 61 -60.22 -34.74 -63.15
N SER AB 62 -61.51 -34.84 -62.84
CA SER AB 62 -62.02 -35.72 -61.78
C SER AB 62 -61.71 -37.19 -62.07
N THR AB 63 -61.85 -37.58 -63.34
CA THR AB 63 -61.53 -38.94 -63.79
C THR AB 63 -60.05 -39.28 -63.60
N MET AB 64 -59.19 -38.29 -63.87
CA MET AB 64 -57.74 -38.42 -63.69
C MET AB 64 -57.39 -38.40 -62.19
N THR AB 65 -56.31 -39.09 -61.83
CA THR AB 65 -55.76 -39.06 -60.47
C THR AB 65 -54.83 -37.85 -60.33
N ILE AB 66 -55.37 -36.76 -59.79
CA ILE AB 66 -54.68 -35.46 -59.77
C ILE AB 66 -54.84 -34.70 -58.46
N GLU AB 67 -54.11 -33.58 -58.36
CA GLU AB 67 -54.27 -32.58 -57.31
C GLU AB 67 -53.87 -33.10 -55.92
N GLY AB 68 -54.85 -33.38 -55.05
CA GLY AB 68 -54.57 -33.83 -53.68
C GLY AB 68 -54.28 -35.31 -53.58
N ASP AB 69 -55.00 -36.10 -54.38
CA ASP AB 69 -54.84 -37.56 -54.42
C ASP AB 69 -53.43 -37.96 -54.87
N ALA AB 70 -52.97 -37.31 -55.93
CA ALA AB 70 -51.62 -37.52 -56.46
C ALA AB 70 -50.53 -37.19 -55.43
N ARG AB 71 -50.71 -36.07 -54.75
CA ARG AB 71 -49.82 -35.66 -53.64
C ARG AB 71 -49.77 -36.71 -52.54
N ALA AB 72 -50.94 -37.21 -52.17
CA ALA AB 72 -51.08 -38.22 -51.12
C ALA AB 72 -50.32 -39.51 -51.41
N ILE AB 73 -50.31 -39.94 -52.68
CA ILE AB 73 -49.57 -41.14 -53.11
C ILE AB 73 -48.08 -41.02 -52.78
N VAL AB 74 -47.52 -39.86 -53.11
CA VAL AB 74 -46.12 -39.55 -52.85
C VAL AB 74 -45.82 -39.60 -51.34
N LYS AB 75 -46.70 -38.97 -50.56
CA LYS AB 75 -46.62 -38.97 -49.10
C LYS AB 75 -46.68 -40.38 -48.53
N ASP AB 76 -47.60 -41.18 -49.05
CA ASP AB 76 -47.76 -42.59 -48.65
C ASP AB 76 -46.50 -43.40 -48.91
N ASN AB 77 -45.89 -43.19 -50.07
CA ASN AB 77 -44.62 -43.87 -50.43
C ASN AB 77 -43.50 -43.57 -49.45
N ILE AB 78 -43.38 -42.30 -49.08
CA ILE AB 78 -42.34 -41.86 -48.15
C ILE AB 78 -42.61 -42.36 -46.73
N ALA AB 79 -43.89 -42.42 -46.35
CA ALA AB 79 -44.31 -43.04 -45.09
C ALA AB 79 -43.95 -44.52 -45.03
N LEU AB 80 -44.17 -45.22 -46.14
CA LEU AB 80 -43.80 -46.64 -46.29
C LEU AB 80 -42.29 -46.82 -46.16
N LYS AB 81 -41.53 -45.98 -46.87
CA LYS AB 81 -40.07 -45.97 -46.80
C LYS AB 81 -39.56 -45.80 -45.38
N ARG AB 82 -40.14 -44.84 -44.67
CA ARG AB 82 -39.83 -44.57 -43.26
C ARG AB 82 -40.11 -45.77 -42.36
N LYS AB 83 -41.25 -46.41 -42.59
CA LYS AB 83 -41.71 -47.56 -41.79
C LYS AB 83 -40.70 -48.69 -41.74
N ILE AB 84 -40.14 -49.05 -42.89
CA ILE AB 84 -39.06 -50.04 -42.94
C ILE AB 84 -37.81 -49.26 -42.56
N GLY AB 85 -36.87 -49.88 -41.84
CA GLY AB 85 -35.66 -49.17 -41.38
C GLY AB 85 -34.69 -48.82 -42.49
N SER AB 86 -35.19 -48.12 -43.51
CA SER AB 86 -34.49 -47.92 -44.78
C SER AB 86 -33.62 -46.68 -44.70
N TYR AB 87 -32.60 -46.63 -45.55
CA TYR AB 87 -31.68 -45.50 -45.62
C TYR AB 87 -32.41 -44.25 -46.12
N SER AB 88 -33.14 -44.40 -47.22
CA SER AB 88 -33.92 -43.32 -47.83
C SER AB 88 -34.91 -42.72 -46.85
N GLY AB 89 -35.65 -43.59 -46.16
CA GLY AB 89 -36.58 -43.19 -45.11
C GLY AB 89 -35.90 -42.40 -44.01
N MET AB 90 -34.74 -42.89 -43.58
CA MET AB 90 -33.91 -42.21 -42.57
C MET AB 90 -33.51 -40.80 -43.02
N ARG AB 91 -33.10 -40.69 -44.29
CA ARG AB 91 -32.71 -39.40 -44.87
C ARG AB 91 -33.88 -38.42 -44.87
N HIS AB 92 -35.05 -38.93 -45.29
CA HIS AB 92 -36.30 -38.16 -45.29
C HIS AB 92 -36.66 -37.62 -43.90
N THR AB 93 -36.49 -38.48 -42.89
CA THR AB 93 -36.78 -38.10 -41.50
C THR AB 93 -35.86 -36.98 -41.03
N LEU AB 94 -34.57 -37.11 -41.35
CA LEU AB 94 -33.54 -36.19 -40.87
C LEU AB 94 -33.33 -34.92 -41.72
N HIS AB 95 -34.09 -34.77 -42.81
CA HIS AB 95 -34.01 -33.59 -43.68
C HIS AB 95 -32.63 -33.44 -44.33
N LEU AB 96 -32.12 -34.54 -44.86
CA LEU AB 96 -30.90 -34.56 -45.65
C LEU AB 96 -31.23 -34.99 -47.08
N PRO AB 97 -30.31 -34.74 -48.03
CA PRO AB 97 -30.52 -35.25 -49.40
C PRO AB 97 -30.52 -36.78 -49.47
N VAL AB 98 -31.47 -37.31 -50.23
CA VAL AB 98 -31.78 -38.74 -50.26
C VAL AB 98 -31.04 -39.49 -51.38
N ARG AB 99 -30.82 -38.81 -52.51
CA ARG AB 99 -30.33 -39.46 -53.75
C ARG AB 99 -28.80 -39.48 -53.87
N GLY AB 100 -28.15 -40.06 -52.87
CA GLY AB 100 -26.70 -40.32 -52.90
C GLY AB 100 -25.83 -39.12 -53.21
N GLN AB 101 -26.13 -38.00 -52.57
CA GLN AB 101 -25.48 -36.73 -52.85
C GLN AB 101 -24.39 -36.45 -51.81
N HIS AB 102 -23.68 -35.35 -52.01
CA HIS AB 102 -22.72 -34.83 -51.02
C HIS AB 102 -23.39 -33.76 -50.18
N THR AB 103 -23.02 -33.70 -48.91
CA THR AB 103 -23.56 -32.70 -47.98
C THR AB 103 -22.48 -32.03 -47.11
N ARG AB 104 -21.23 -32.05 -47.56
CA ARG AB 104 -20.16 -31.28 -46.90
C ARG AB 104 -20.45 -29.79 -47.11
N ASN AB 105 -20.87 -29.46 -48.33
CA ASN AB 105 -21.52 -28.18 -48.62
C ASN AB 105 -22.56 -28.34 -49.73
N ASN AB 106 -23.50 -27.39 -49.78
CA ASN AB 106 -24.65 -27.41 -50.71
C ASN AB 106 -25.58 -28.60 -50.49
N ALA AB 107 -26.41 -28.50 -49.46
CA ALA AB 107 -27.52 -29.43 -49.22
C ALA AB 107 -28.68 -28.66 -48.60
N LYS AB 108 -28.93 -27.45 -49.12
CA LYS AB 108 -29.83 -26.48 -48.51
C LYS AB 108 -31.29 -26.71 -48.90
N THR AB 109 -31.51 -27.04 -50.18
CA THR AB 109 -32.84 -27.37 -50.68
C THR AB 109 -33.43 -28.59 -50.00
N ALA AB 110 -32.60 -29.63 -49.85
CA ALA AB 110 -32.98 -30.85 -49.12
C ALA AB 110 -33.41 -30.54 -47.69
N ARG AB 111 -32.58 -29.78 -46.99
CA ARG AB 111 -32.88 -29.32 -45.62
C ARG AB 111 -34.21 -28.58 -45.52
N LYS AB 112 -34.45 -27.72 -46.52
CA LYS AB 112 -35.68 -26.93 -46.59
C LYS AB 112 -36.94 -27.78 -46.74
N LEU AB 113 -36.93 -28.76 -47.64
CA LEU AB 113 -38.15 -29.53 -47.98
C LEU AB 113 -38.02 -31.05 -48.21
N ASN AB 114 -37.06 -31.72 -47.57
CA ASN AB 114 -37.08 -33.18 -47.47
C ASN AB 114 -37.70 -33.59 -46.13
N LYS AB 115 -39.02 -33.47 -46.07
CA LYS AB 115 -39.80 -33.90 -44.92
C LYS AB 115 -40.49 -35.22 -45.27
N ILE AB 116 -41.17 -35.81 -44.29
CA ILE AB 116 -42.05 -36.96 -44.53
C ILE AB 116 -43.34 -36.44 -45.17
N ASP AB 117 -43.86 -35.33 -44.63
CA ASP AB 117 -44.92 -34.56 -45.28
C ASP AB 117 -44.29 -33.63 -46.31
N ARG AB 118 -44.13 -34.15 -47.53
CA ARG AB 118 -43.39 -33.43 -48.59
C ARG AB 118 -44.06 -32.14 -49.08
N ARG AB 119 -45.13 -32.31 -49.84
CA ARG AB 119 -45.60 -31.27 -50.76
C ARG AB 119 -46.47 -30.23 -50.06
N GLY AB 120 -46.48 -29.01 -50.61
CA GLY AB 120 -47.24 -27.90 -50.06
C GLY AB 120 -47.38 -26.74 -51.04
N MET BB 1 -1.72 -69.40 -47.98
CA MET BB 1 -0.92 -70.23 -47.02
C MET BB 1 0.44 -69.54 -46.72
N GLY BB 2 1.37 -70.28 -46.13
CA GLY BB 2 2.68 -69.72 -45.78
C GLY BB 2 3.63 -69.48 -46.95
N ASN BB 3 3.76 -70.48 -47.81
CA ASN BB 3 4.74 -70.44 -48.90
C ASN BB 3 4.42 -69.46 -50.04
N PHE BB 4 3.15 -69.06 -50.16
CA PHE BB 4 2.75 -68.03 -51.12
C PHE BB 4 1.54 -67.22 -50.64
N ARG BB 5 1.46 -65.98 -51.11
CA ARG BB 5 0.40 -65.05 -50.71
C ARG BB 5 -0.96 -65.48 -51.26
N PHE BB 6 -0.98 -65.81 -52.54
CA PHE BB 6 -2.20 -66.16 -53.27
C PHE BB 6 -2.26 -67.68 -53.43
N PRO BB 7 -3.43 -68.22 -53.86
CA PRO BB 7 -3.56 -69.68 -54.05
C PRO BB 7 -2.60 -70.30 -55.07
N ILE BB 8 -2.44 -69.65 -56.22
CA ILE BB 8 -1.68 -70.19 -57.35
C ILE BB 8 -0.26 -69.62 -57.38
N LYS BB 9 0.72 -70.49 -57.61
CA LYS BB 9 2.12 -70.07 -57.77
C LYS BB 9 2.32 -69.40 -59.14
N THR BB 10 2.34 -68.08 -59.14
CA THR BB 10 2.66 -67.28 -60.34
C THR BB 10 4.08 -66.73 -60.22
N LYS BB 11 4.67 -66.43 -61.37
CA LYS BB 11 6.02 -65.86 -61.41
C LYS BB 11 5.98 -64.38 -61.02
N LEU BB 12 7.14 -63.86 -60.62
CA LEU BB 12 7.29 -62.44 -60.36
C LEU BB 12 7.57 -61.73 -61.68
N PRO BB 13 7.00 -60.52 -61.87
CA PRO BB 13 7.30 -59.78 -63.09
C PRO BB 13 8.73 -59.23 -63.05
N PRO BB 14 9.36 -59.06 -64.23
CA PRO BB 14 10.74 -58.60 -64.26
C PRO BB 14 10.85 -57.11 -63.93
N GLY BB 15 12.00 -56.70 -63.45
CA GLY BB 15 12.23 -55.30 -63.08
C GLY BB 15 11.63 -54.95 -61.74
N PHE BB 16 10.87 -53.87 -61.70
CA PHE BB 16 10.37 -53.31 -60.43
C PHE BB 16 9.21 -54.13 -59.86
N ILE BB 17 9.48 -54.79 -58.74
CA ILE BB 17 8.48 -55.53 -57.98
C ILE BB 17 8.01 -54.68 -56.80
N ASN BB 18 6.72 -54.84 -56.47
CA ASN BB 18 6.09 -54.17 -55.33
C ASN BB 18 4.92 -55.05 -54.88
N ALA BB 19 4.46 -54.89 -53.65
CA ALA BB 19 3.37 -55.72 -53.11
C ALA BB 19 2.08 -55.55 -53.91
N ARG BB 20 1.72 -54.30 -54.14
CA ARG BB 20 0.56 -53.95 -54.97
C ARG BB 20 0.66 -54.45 -56.40
N ILE BB 21 1.84 -54.26 -57.00
CA ILE BB 21 2.17 -54.80 -58.32
C ILE BB 21 1.97 -56.31 -58.37
N LEU BB 22 2.53 -57.00 -57.38
CA LEU BB 22 2.42 -58.46 -57.24
C LEU BB 22 0.95 -58.90 -57.24
N ARG BB 23 0.17 -58.20 -56.42
CA ARG BB 23 -1.26 -58.43 -56.26
C ARG BB 23 -2.01 -58.28 -57.58
N ASP BB 24 -1.70 -57.21 -58.28
CA ASP BB 24 -2.33 -56.89 -59.56
C ASP BB 24 -1.98 -57.95 -60.61
N ASN BB 25 -0.68 -58.23 -60.74
CA ASN BB 25 -0.16 -59.18 -61.72
C ASN BB 25 -0.83 -60.55 -61.62
N PHE BB 26 -0.84 -61.09 -60.41
CA PHE BB 26 -1.51 -62.37 -60.11
C PHE BB 26 -2.97 -62.35 -60.57
N LYS BB 27 -3.67 -61.27 -60.21
CA LYS BB 27 -5.08 -61.07 -60.59
C LYS BB 27 -5.27 -61.11 -62.09
N ARG BB 28 -4.40 -60.41 -62.81
CA ARG BB 28 -4.38 -60.37 -64.27
C ARG BB 28 -4.18 -61.76 -64.88
N GLN BB 29 -3.25 -62.52 -64.30
CA GLN BB 29 -2.96 -63.89 -64.74
C GLN BB 29 -4.17 -64.80 -64.58
N GLN BB 30 -4.83 -64.69 -63.43
CA GLN BB 30 -6.04 -65.47 -63.15
C GLN BB 30 -7.19 -65.12 -64.07
N PHE BB 31 -7.34 -63.82 -64.37
CA PHE BB 31 -8.31 -63.35 -65.36
C PHE BB 31 -8.06 -63.97 -66.75
N LYS BB 32 -6.79 -63.94 -67.16
CA LYS BB 32 -6.35 -64.53 -68.43
C LYS BB 32 -6.68 -66.02 -68.49
N GLU BB 33 -6.38 -66.71 -67.40
CA GLU BB 33 -6.64 -68.15 -67.26
C GLU BB 33 -8.12 -68.48 -67.41
N ASN BB 34 -8.94 -67.74 -66.67
CA ASN BB 34 -10.38 -67.99 -66.56
C ASN BB 34 -11.16 -66.83 -67.17
N GLU BB 35 -10.94 -66.61 -68.46
CA GLU BB 35 -11.60 -65.54 -69.22
C GLU BB 35 -12.79 -66.14 -69.98
N ILE BB 36 -12.50 -67.14 -70.80
CA ILE BB 36 -13.52 -67.88 -71.59
C ILE BB 36 -14.65 -68.43 -70.70
N LEU BB 37 -14.27 -69.05 -69.59
CA LEU BB 37 -15.21 -69.68 -68.66
C LEU BB 37 -16.20 -68.65 -68.13
N VAL BB 38 -15.65 -67.53 -67.65
CA VAL BB 38 -16.42 -66.41 -67.11
C VAL BB 38 -17.42 -65.88 -68.14
N LYS BB 39 -16.92 -65.66 -69.36
CA LYS BB 39 -17.75 -65.24 -70.50
C LYS BB 39 -18.92 -66.19 -70.74
N SER BB 40 -18.61 -67.48 -70.76
CA SER BB 40 -19.62 -68.53 -70.97
C SER BB 40 -20.69 -68.51 -69.89
N LEU BB 41 -20.25 -68.38 -68.63
CA LEU BB 41 -21.14 -68.26 -67.48
C LEU BB 41 -22.06 -67.04 -67.59
N LYS BB 42 -21.48 -65.91 -67.97
CA LYS BB 42 -22.22 -64.67 -68.20
C LYS BB 42 -23.28 -64.84 -69.26
N PHE BB 43 -22.89 -65.47 -70.37
CA PHE BB 43 -23.82 -65.75 -71.47
C PHE BB 43 -25.01 -66.60 -71.01
N ILE BB 44 -24.71 -67.65 -70.26
CA ILE BB 44 -25.73 -68.56 -69.74
C ILE BB 44 -26.69 -67.81 -68.80
N ALA BB 45 -26.14 -66.92 -67.98
CA ALA BB 45 -26.94 -66.09 -67.06
C ALA BB 45 -27.92 -65.18 -67.79
N ARG BB 46 -27.43 -64.45 -68.78
CA ARG BB 46 -28.19 -63.37 -69.44
C ARG BB 46 -28.91 -63.89 -70.69
N ASN BB 47 -29.71 -64.93 -70.51
CA ASN BB 47 -30.37 -65.62 -71.62
C ASN BB 47 -31.86 -65.76 -71.34
N MET BB 48 -32.66 -65.13 -72.21
CA MET BB 48 -34.13 -65.22 -72.11
C MET BB 48 -34.61 -66.57 -72.64
N ASN BB 49 -33.89 -67.12 -73.61
CA ASN BB 49 -34.28 -68.36 -74.28
C ASN BB 49 -34.01 -69.64 -73.47
N LEU BB 50 -32.87 -69.68 -72.78
CA LEU BB 50 -32.46 -70.87 -72.02
C LEU BB 50 -33.38 -71.16 -70.83
N PRO BB 51 -33.31 -72.40 -70.28
CA PRO BB 51 -34.01 -72.72 -69.02
C PRO BB 51 -33.58 -71.80 -67.87
N THR BB 52 -34.55 -71.40 -67.04
CA THR BB 52 -34.31 -70.42 -65.99
C THR BB 52 -33.44 -70.96 -64.86
N LYS BB 53 -33.64 -72.23 -64.50
CA LYS BB 53 -32.85 -72.89 -63.45
C LYS BB 53 -31.36 -72.89 -63.77
N LEU BB 54 -31.05 -73.23 -65.02
CA LEU BB 54 -29.67 -73.22 -65.52
C LEU BB 54 -29.03 -71.82 -65.44
N ARG BB 55 -29.79 -70.81 -65.85
CA ARG BB 55 -29.32 -69.41 -65.81
C ARG BB 55 -29.05 -68.96 -64.37
N LEU BB 56 -29.93 -69.38 -63.46
CA LEU BB 56 -29.79 -69.08 -62.03
C LEU BB 56 -28.51 -69.70 -61.48
N GLU BB 57 -28.30 -70.98 -61.82
CA GLU BB 57 -27.09 -71.73 -61.43
C GLU BB 57 -25.81 -71.03 -61.93
N ALA BB 58 -25.84 -70.60 -63.18
CA ALA BB 58 -24.73 -69.85 -63.79
C ALA BB 58 -24.44 -68.55 -63.04
N GLN BB 59 -25.51 -67.82 -62.72
CA GLN BB 59 -25.43 -66.58 -61.96
C GLN BB 59 -24.81 -66.80 -60.57
N LEU BB 60 -25.25 -67.85 -59.90
CA LEU BB 60 -24.69 -68.26 -58.61
C LEU BB 60 -23.20 -68.55 -58.69
N LYS BB 61 -22.83 -69.29 -59.73
CA LYS BB 61 -21.43 -69.64 -60.00
C LYS BB 61 -20.58 -68.39 -60.19
N LEU BB 62 -21.06 -67.46 -61.00
CA LEU BB 62 -20.42 -66.16 -61.24
C LEU BB 62 -20.21 -65.38 -59.96
N ASN BB 63 -21.25 -65.36 -59.13
CA ASN BB 63 -21.21 -64.71 -57.82
C ASN BB 63 -20.13 -65.30 -56.92
N ALA BB 64 -20.07 -66.63 -56.92
CA ALA BB 64 -19.10 -67.39 -56.11
C ALA BB 64 -17.66 -67.36 -56.61
N LEU BB 65 -17.42 -66.89 -57.85
CA LEU BB 65 -16.05 -66.77 -58.36
C LEU BB 65 -15.22 -65.80 -57.50
N PRO BB 66 -13.90 -66.06 -57.37
CA PRO BB 66 -13.10 -65.27 -56.41
C PRO BB 66 -12.81 -63.84 -56.86
N ASN BB 67 -12.06 -63.13 -56.01
CA ASN BB 67 -11.58 -61.77 -56.29
C ASN BB 67 -10.70 -61.69 -57.54
N TYR BB 68 -9.91 -62.73 -57.77
CA TYR BB 68 -8.90 -62.74 -58.85
C TYR BB 68 -9.40 -63.12 -60.25
N MET BB 69 -10.63 -63.63 -60.34
CA MET BB 69 -11.29 -63.88 -61.64
C MET BB 69 -11.90 -62.62 -62.29
N ARG BB 70 -12.00 -61.53 -61.53
CA ARG BB 70 -12.82 -60.38 -61.94
C ARG BB 70 -11.97 -59.48 -62.85
N SER BB 71 -12.51 -59.16 -64.03
CA SER BB 71 -11.85 -58.24 -64.97
C SER BB 71 -11.82 -56.82 -64.44
N THR BB 72 -12.91 -56.41 -63.79
CA THR BB 72 -13.09 -55.08 -63.22
C THR BB 72 -12.05 -54.76 -62.13
N GLN BB 73 -11.61 -55.79 -61.41
CA GLN BB 73 -10.57 -55.68 -60.38
C GLN BB 73 -9.19 -55.25 -60.88
N ILE BB 74 -8.91 -55.44 -62.17
CA ILE BB 74 -7.58 -55.11 -62.73
C ILE BB 74 -7.42 -53.59 -62.80
N LYS BB 75 -6.25 -53.11 -62.37
CA LYS BB 75 -5.91 -51.69 -62.36
C LYS BB 75 -4.53 -51.51 -62.97
N ASN BB 76 -4.43 -50.64 -63.97
CA ASN BB 76 -3.17 -50.38 -64.66
C ASN BB 76 -2.18 -49.61 -63.77
N ARG BB 77 -1.17 -50.34 -63.28
CA ARG BB 77 -0.08 -49.76 -62.51
C ARG BB 77 0.98 -49.18 -63.43
N CYS BB 78 1.82 -48.31 -62.87
CA CYS BB 78 3.09 -47.96 -63.48
C CYS BB 78 3.98 -49.20 -63.42
N VAL BB 79 4.78 -49.41 -64.46
CA VAL BB 79 5.67 -50.57 -64.55
C VAL BB 79 7.07 -50.24 -64.00
N ASP BB 80 7.55 -49.03 -64.25
CA ASP BB 80 8.86 -48.58 -63.75
C ASP BB 80 8.85 -48.35 -62.25
N SER BB 81 7.90 -47.54 -61.79
CA SER BB 81 7.55 -47.43 -60.37
C SER BB 81 6.36 -48.37 -60.11
N GLY BB 82 5.69 -48.24 -58.96
CA GLY BB 82 4.45 -49.02 -58.69
C GLY BB 82 3.24 -48.16 -58.38
N HIS BB 83 3.19 -46.98 -58.98
CA HIS BB 83 2.09 -46.03 -58.76
C HIS BB 83 0.87 -46.43 -59.58
N ALA BB 84 -0.31 -45.95 -59.16
CA ALA BB 84 -1.57 -46.22 -59.85
C ALA BB 84 -2.42 -44.95 -59.98
N ARG BB 85 -1.78 -43.88 -60.43
CA ARG BB 85 -2.47 -42.62 -60.71
C ARG BB 85 -1.82 -41.93 -61.91
N PHE BB 86 -2.66 -41.51 -62.86
CA PHE BB 86 -2.21 -40.87 -64.10
C PHE BB 86 -1.30 -41.82 -64.89
N VAL BB 87 -1.72 -43.09 -64.95
CA VAL BB 87 -0.95 -44.13 -65.62
C VAL BB 87 -1.32 -44.15 -67.10
N LEU BB 88 -0.38 -43.73 -67.94
CA LEU BB 88 -0.60 -43.61 -69.38
C LEU BB 88 -0.45 -45.00 -70.00
N SER BB 89 -1.41 -45.38 -70.85
CA SER BB 89 -1.43 -46.75 -71.42
C SER BB 89 -0.40 -46.97 -72.53
N ASP BB 90 -0.01 -45.91 -73.23
CA ASP BB 90 0.90 -46.01 -74.38
C ASP BB 90 2.36 -46.27 -73.99
N PHE BB 91 2.69 -45.98 -72.74
CA PHE BB 91 3.93 -46.42 -72.10
C PHE BB 91 3.52 -46.66 -70.67
N ARG BB 92 3.46 -47.92 -70.24
CA ARG BB 92 2.82 -48.29 -68.96
C ARG BB 92 3.58 -47.70 -67.78
N LEU BB 93 3.43 -46.39 -67.62
CA LEU BB 93 4.23 -45.59 -66.70
C LEU BB 93 3.35 -44.54 -66.03
N CYS BB 94 3.74 -44.17 -64.81
CA CYS BB 94 3.08 -43.08 -64.09
C CYS BB 94 3.55 -41.74 -64.66
N ARG BB 95 2.77 -40.70 -64.36
CA ARG BB 95 2.97 -39.34 -64.90
C ARG BB 95 4.40 -38.80 -64.76
N TYR BB 96 4.88 -38.70 -63.52
CA TYR BB 96 6.25 -38.22 -63.25
C TYR BB 96 7.29 -39.13 -63.87
N GLN BB 97 7.08 -40.44 -63.70
CA GLN BB 97 8.00 -41.47 -64.19
C GLN BB 97 8.13 -41.46 -65.71
N PHE BB 98 6.99 -41.29 -66.38
CA PHE BB 98 6.93 -41.13 -67.84
C PHE BB 98 7.76 -39.93 -68.30
N ARG BB 99 7.55 -38.79 -67.64
CA ARG BB 99 8.26 -37.54 -67.93
C ARG BB 99 9.77 -37.74 -67.81
N GLU BB 100 10.18 -38.34 -66.69
CA GLU BB 100 11.58 -38.68 -66.41
C GLU BB 100 12.19 -39.51 -67.54
N ASN BB 101 11.46 -40.55 -67.94
CA ASN BB 101 11.89 -41.44 -69.02
C ASN BB 101 11.97 -40.73 -70.35
N ALA BB 102 10.95 -39.90 -70.61
CA ALA BB 102 10.81 -39.15 -71.87
C ALA BB 102 11.97 -38.20 -72.10
N LEU BB 103 12.30 -37.43 -71.05
CA LEU BB 103 13.40 -36.47 -71.12
C LEU BB 103 14.76 -37.15 -71.31
N LYS BB 104 14.95 -38.28 -70.64
CA LYS BB 104 16.15 -39.13 -70.83
C LYS BB 104 16.31 -39.62 -72.27
N GLY BB 105 15.18 -39.89 -72.92
CA GLY BB 105 15.17 -40.44 -74.26
C GLY BB 105 14.84 -41.93 -74.28
N ASN BB 106 14.43 -42.47 -73.14
CA ASN BB 106 14.07 -43.87 -73.01
C ASN BB 106 12.89 -44.23 -73.91
N LEU BB 107 11.92 -43.34 -74.00
CA LEU BB 107 10.76 -43.57 -74.85
C LEU BB 107 11.17 -43.61 -76.32
N PRO BB 108 10.51 -44.46 -77.09
CA PRO BB 108 10.86 -44.66 -78.51
C PRO BB 108 10.71 -43.45 -79.42
N GLY BB 109 9.66 -42.65 -79.29
CA GLY BB 109 9.49 -41.46 -80.13
C GLY BB 109 9.03 -40.19 -79.41
N VAL BB 110 9.12 -40.16 -78.09
CA VAL BB 110 8.58 -39.06 -77.28
C VAL BB 110 9.63 -37.94 -77.20
N LYS BB 111 9.14 -36.71 -77.18
CA LYS BB 111 10.00 -35.52 -77.05
C LYS BB 111 9.16 -34.33 -76.56
N LYS BB 112 9.84 -33.23 -76.23
CA LYS BB 112 9.16 -32.03 -75.72
C LYS BB 112 8.10 -31.50 -76.69
N GLY BB 113 6.91 -31.20 -76.14
CA GLY BB 113 5.77 -30.72 -76.90
C GLY BB 113 5.86 -29.22 -77.07
N ILE BB 114 6.58 -28.79 -78.11
CA ILE BB 114 6.87 -27.37 -78.31
C ILE BB 114 5.75 -26.65 -79.05
N TRP BB 115 5.05 -27.36 -79.95
CA TRP BB 115 4.25 -26.74 -81.02
C TRP BB 115 5.17 -25.85 -81.83
N SER CB 1 56.89 15.55 37.36
CA SER CB 1 56.59 16.99 37.63
C SER CB 1 57.57 17.92 36.93
N ALA CB 2 58.87 17.67 37.13
CA ALA CB 2 59.94 18.42 36.48
C ALA CB 2 59.85 18.38 34.97
N LYS CB 3 59.60 17.19 34.43
CA LYS CB 3 59.35 16.98 33.00
C LYS CB 3 58.21 17.86 32.49
N ALA CB 4 57.10 17.86 33.24
CA ALA CB 4 55.92 18.67 32.93
C ALA CB 4 56.25 20.16 32.90
N VAL CB 5 57.02 20.60 33.90
CA VAL CB 5 57.48 21.98 33.99
C VAL CB 5 58.33 22.37 32.78
N LYS CB 6 59.27 21.49 32.43
CA LYS CB 6 60.14 21.68 31.25
C LYS CB 6 59.33 21.81 29.97
N PHE CB 7 58.34 20.93 29.81
CA PHE CB 7 57.43 20.95 28.67
C PHE CB 7 56.69 22.28 28.57
N LEU CB 8 56.13 22.71 29.71
CA LEU CB 8 55.45 24.00 29.81
C LEU CB 8 56.32 25.17 29.39
N LYS CB 9 57.55 25.17 29.90
CA LYS CB 9 58.57 26.16 29.54
C LYS CB 9 58.81 26.21 28.02
N ALA CB 10 58.99 25.03 27.44
CA ALA CB 10 59.20 24.87 25.99
C ALA CB 10 58.02 25.42 25.19
N GLN CB 11 56.81 25.08 25.62
CA GLN CB 11 55.56 25.61 25.04
C GLN CB 11 55.53 27.13 25.08
N ARG CB 12 55.85 27.68 26.25
CA ARG CB 12 55.87 29.13 26.48
C ARG CB 12 56.87 29.82 25.54
N ARG CB 13 58.04 29.22 25.40
CA ARG CB 13 59.08 29.69 24.49
C ARG CB 13 58.63 29.69 23.03
N LYS CB 14 57.95 28.61 22.65
CA LYS CB 14 57.37 28.47 21.31
C LYS CB 14 56.34 29.55 21.02
N GLN CB 15 55.46 29.78 21.99
CA GLN CB 15 54.44 30.84 21.92
C GLN CB 15 55.05 32.22 21.75
N LYS CB 16 56.10 32.50 22.52
CA LYS CB 16 56.86 33.76 22.41
C LYS CB 16 57.43 33.94 21.02
N ASN CB 17 58.04 32.88 20.49
CA ASN CB 17 58.62 32.88 19.14
C ASN CB 17 57.57 33.16 18.07
N GLU CB 18 56.41 32.52 18.20
CA GLU CB 18 55.25 32.74 17.32
C GLU CB 18 54.77 34.17 17.35
N ALA CB 19 54.71 34.74 18.56
CA ALA CB 19 54.34 36.14 18.76
C ALA CB 19 55.33 37.07 18.05
N LYS CB 20 56.62 36.81 18.25
CA LYS CB 20 57.70 37.56 17.60
C LYS CB 20 57.62 37.52 16.07
N GLN CB 21 57.31 36.34 15.54
CA GLN CB 21 57.10 36.13 14.11
C GLN CB 21 55.92 36.96 13.58
N ALA CB 22 54.83 36.95 14.34
CA ALA CB 22 53.63 37.72 14.01
C ALA CB 22 53.90 39.22 14.00
N THR CB 23 54.66 39.69 14.99
CA THR CB 23 55.05 41.10 15.09
C THR CB 23 55.91 41.53 13.91
N LEU CB 24 56.86 40.67 13.54
CA LEU CB 24 57.72 40.88 12.37
C LEU CB 24 56.90 40.99 11.09
N LYS CB 25 55.94 40.08 10.94
CA LYS CB 25 55.03 40.06 9.78
C LYS CB 25 54.20 41.35 9.69
N ALA CB 26 53.69 41.80 10.83
CA ALA CB 26 52.96 43.06 10.94
C ALA CB 26 53.83 44.25 10.53
N SER CB 27 55.08 44.24 10.98
CA SER CB 27 56.06 45.29 10.66
C SER CB 27 56.38 45.39 9.17
N THR CB 28 56.54 44.25 8.50
CA THR CB 28 56.83 44.23 7.06
C THR CB 28 55.68 44.92 6.32
N ASP CB 29 55.97 46.10 5.77
CA ASP CB 29 54.96 47.05 5.32
C ASP CB 29 54.11 46.49 4.17
N LYS CB 30 52.79 46.54 4.36
CA LYS CB 30 51.84 46.00 3.40
C LYS CB 30 51.48 47.05 2.35
N VAL CB 31 52.41 47.26 1.41
CA VAL CB 31 52.17 48.11 0.25
C VAL CB 31 51.46 47.25 -0.79
N ASP CB 32 50.29 47.71 -1.24
CA ASP CB 32 49.53 46.95 -2.24
C ASP CB 32 50.23 47.05 -3.61
N PRO CB 33 50.27 45.94 -4.38
CA PRO CB 33 50.97 46.01 -5.67
C PRO CB 33 50.29 46.82 -6.77
N VAL CB 34 48.94 46.77 -6.84
CA VAL CB 34 48.21 47.37 -7.96
C VAL CB 34 48.41 48.86 -8.02
N LEU CB 35 48.06 49.56 -6.95
CA LEU CB 35 48.10 51.03 -6.93
C LEU CB 35 48.81 51.62 -5.71
N GLY CB 36 49.94 51.02 -5.37
CA GLY CB 36 51.00 51.66 -4.58
C GLY CB 36 50.71 51.97 -3.13
N ARG CB 37 51.25 53.09 -2.68
CA ARG CB 37 51.12 53.55 -1.28
C ARG CB 37 49.77 54.25 -1.12
N ALA CB 38 49.46 54.69 0.10
CA ALA CB 38 48.19 55.35 0.41
C ALA CB 38 48.03 56.66 -0.37
N ASP CB 39 49.02 57.53 -0.22
CA ASP CB 39 49.08 58.80 -0.95
C ASP CB 39 50.51 59.09 -1.40
N THR CB 40 50.93 58.43 -2.49
CA THR CB 40 52.22 58.73 -3.12
C THR CB 40 52.11 60.09 -3.83
N PRO CB 41 53.12 60.97 -3.68
CA PRO CB 41 52.95 62.38 -4.07
C PRO CB 41 52.86 62.65 -5.58
N PHE CB 42 53.69 61.94 -6.34
CA PHE CB 42 53.78 62.09 -7.80
C PHE CB 42 52.43 61.86 -8.50
N ILE CB 43 51.77 60.77 -8.12
CA ILE CB 43 50.44 60.41 -8.64
C ILE CB 43 49.41 61.49 -8.31
N THR CB 44 49.40 61.92 -7.05
CA THR CB 44 48.45 62.94 -6.57
C THR CB 44 48.60 64.26 -7.33
N ARG CB 45 49.86 64.64 -7.57
CA ARG CB 45 50.20 65.83 -8.36
C ARG CB 45 49.67 65.73 -9.79
N ILE CB 46 49.90 64.58 -10.42
CA ILE CB 46 49.37 64.28 -11.76
C ILE CB 46 47.86 64.43 -11.81
N MET CB 47 47.19 63.82 -10.85
CA MET CB 47 45.73 63.91 -10.72
C MET CB 47 45.25 65.36 -10.62
N ALA CB 48 45.93 66.14 -9.81
CA ALA CB 48 45.66 67.57 -9.64
C ALA CB 48 45.82 68.34 -10.96
N GLU CB 49 46.91 68.05 -11.67
CA GLU CB 49 47.23 68.66 -12.97
C GLU CB 49 46.12 68.47 -14.01
N LEU CB 50 45.63 67.24 -14.12
CA LEU CB 50 44.53 66.91 -15.03
C LEU CB 50 43.27 67.70 -14.70
N LYS CB 51 42.99 67.76 -13.40
CA LYS CB 51 41.82 68.46 -12.86
C LYS CB 51 41.83 69.97 -13.11
N GLU CB 52 43.01 70.59 -13.03
CA GLU CB 52 43.20 72.06 -13.06
C GLU CB 52 42.36 72.86 -14.07
N PRO CB 53 42.06 74.15 -13.74
CA PRO CB 53 40.88 74.85 -14.29
C PRO CB 53 40.94 75.23 -15.77
N LEU CB 54 42.09 75.72 -16.24
CA LEU CB 54 42.28 76.07 -17.66
C LEU CB 54 43.31 75.14 -18.29
N VAL CB 55 42.98 73.86 -18.27
CA VAL CB 55 43.75 72.81 -18.94
C VAL CB 55 42.96 72.38 -20.16
N LEU CB 56 43.67 72.12 -21.25
CA LEU CB 56 43.04 71.81 -22.54
C LEU CB 56 43.42 70.41 -23.05
N SER CB 57 42.52 69.85 -23.85
CA SER CB 57 42.69 68.53 -24.47
C SER CB 57 43.37 68.67 -25.83
N LYS CB 58 43.51 67.54 -26.54
CA LYS CB 58 43.99 67.52 -27.94
C LYS CB 58 45.42 68.03 -28.12
N GLY CB 59 46.24 67.94 -27.07
CA GLY CB 59 47.62 68.44 -27.11
C GLY CB 59 47.75 69.93 -27.29
N TYR CB 60 46.88 70.69 -26.63
CA TYR CB 60 46.91 72.16 -26.65
C TYR CB 60 47.38 72.71 -25.31
N ASN CB 61 47.76 73.99 -25.32
CA ASN CB 61 48.16 74.72 -24.12
C ASN CB 61 47.50 76.10 -24.15
N ILE CB 62 46.89 76.49 -23.02
CA ILE CB 62 46.00 77.67 -22.98
C ILE CB 62 46.75 78.98 -23.31
N GLU CB 63 47.96 79.12 -22.78
CA GLU CB 63 48.80 80.29 -23.02
C GLU CB 63 49.10 80.44 -24.51
N GLU CB 64 49.49 79.32 -25.13
CA GLU CB 64 49.79 79.25 -26.56
C GLU CB 64 48.57 79.59 -27.44
N VAL CB 65 47.40 79.11 -27.03
CA VAL CB 65 46.15 79.31 -27.78
C VAL CB 65 45.79 80.79 -27.84
N ASP CB 66 45.80 81.44 -26.68
CA ASP CB 66 45.55 82.89 -26.57
C ASP CB 66 46.49 83.72 -27.44
N LYS CB 67 47.78 83.37 -27.39
CA LYS CB 67 48.80 84.02 -28.23
C LYS CB 67 48.52 83.86 -29.72
N PHE CB 68 48.12 82.65 -30.11
CA PHE CB 68 47.76 82.32 -31.49
C PHE CB 68 46.56 83.16 -31.95
N LEU CB 69 45.54 83.23 -31.10
CA LEU CB 69 44.34 84.05 -31.35
C LEU CB 69 44.68 85.52 -31.53
N ALA CB 70 45.56 86.03 -30.68
CA ALA CB 70 46.03 87.42 -30.76
C ALA CB 70 46.76 87.69 -32.08
N ALA CB 71 47.62 86.74 -32.47
CA ALA CB 71 48.35 86.82 -33.74
C ALA CB 71 47.42 86.84 -34.95
N ILE CB 72 46.39 86.00 -34.90
CA ILE CB 72 45.35 85.95 -35.93
C ILE CB 72 44.63 87.29 -36.05
N GLU CB 73 44.21 87.83 -34.90
CA GLU CB 73 43.60 89.16 -34.81
C GLU CB 73 44.46 90.25 -35.44
N SER CB 74 45.75 90.22 -35.11
CA SER CB 74 46.72 91.18 -35.65
C SER CB 74 46.83 91.07 -37.17
N ALA CB 75 46.88 89.84 -37.66
CA ALA CB 75 46.90 89.56 -39.10
C ALA CB 75 45.66 90.08 -39.82
N LYS CB 76 44.50 89.86 -39.21
CA LYS CB 76 43.22 90.38 -39.72
C LYS CB 76 43.20 91.90 -39.81
N ARG CB 77 43.65 92.54 -38.74
CA ARG CB 77 43.79 94.00 -38.69
C ARG CB 77 44.67 94.53 -39.81
N GLU CB 78 45.83 93.90 -39.99
CA GLU CB 78 46.78 94.24 -41.06
C GLU CB 78 46.11 94.15 -42.44
N ARG CB 79 45.41 93.04 -42.66
CA ARG CB 79 44.69 92.80 -43.91
C ARG CB 79 43.35 93.54 -43.92
N ILE CB 95 34.86 93.30 -30.66
CA ILE CB 95 35.68 92.83 -29.54
C ILE CB 95 34.92 91.80 -28.70
N GLU CB 96 33.70 92.16 -28.31
CA GLU CB 96 32.82 91.28 -27.52
C GLU CB 96 32.55 89.96 -28.23
N LYS CB 97 32.28 90.04 -29.53
CA LYS CB 97 32.09 88.87 -30.39
C LYS CB 97 33.33 87.97 -30.40
N LEU CB 98 34.50 88.60 -30.55
CA LEU CB 98 35.79 87.90 -30.56
C LEU CB 98 36.04 87.16 -29.25
N GLU CB 99 35.74 87.83 -28.15
CA GLU CB 99 35.82 87.25 -26.80
C GLU CB 99 34.91 86.04 -26.63
N ASP CB 100 33.69 86.16 -27.13
CA ASP CB 100 32.70 85.08 -27.11
C ASP CB 100 33.17 83.86 -27.91
N ARG CB 101 33.75 84.12 -29.08
CA ARG CB 101 34.33 83.07 -29.93
C ARG CB 101 35.47 82.35 -29.23
N ARG CB 102 36.35 83.12 -28.60
CA ARG CB 102 37.48 82.60 -27.81
C ARG CB 102 36.99 81.69 -26.69
N GLU CB 103 35.97 82.16 -25.97
CA GLU CB 103 35.32 81.38 -24.90
C GLU CB 103 34.77 80.06 -25.41
N ALA CB 104 34.07 80.12 -26.56
CA ALA CB 104 33.52 78.93 -27.23
C ALA CB 104 34.59 77.91 -27.58
N ILE CB 105 35.70 78.41 -28.12
CA ILE CB 105 36.87 77.60 -28.45
C ILE CB 105 37.45 76.90 -27.23
N LEU CB 106 37.63 77.66 -26.16
CA LEU CB 106 38.11 77.12 -24.88
C LEU CB 106 37.22 76.01 -24.34
N ARG CB 107 35.91 76.26 -24.37
CA ARG CB 107 34.90 75.27 -23.98
C ARG CB 107 35.02 73.98 -24.78
N ILE CB 108 35.15 74.13 -26.09
CA ILE CB 108 35.35 73.00 -27.01
C ILE CB 108 36.59 72.19 -26.66
N LEU CB 109 37.70 72.89 -26.42
CA LEU CB 109 39.00 72.26 -26.16
C LEU CB 109 39.31 72.01 -24.67
N SER CB 110 38.38 72.31 -23.78
CA SER CB 110 38.58 72.05 -22.34
C SER CB 110 38.63 70.55 -22.03
N MET CB 111 39.35 70.20 -20.97
CA MET CB 111 39.40 68.82 -20.49
C MET CB 111 38.06 68.33 -19.97
N ARG CB 112 37.36 69.20 -19.24
CA ARG CB 112 36.14 68.82 -18.52
C ARG CB 112 34.94 68.54 -19.44
N ASN CB 113 34.96 69.06 -20.66
CA ASN CB 113 33.99 68.68 -21.70
C ASN CB 113 34.47 67.48 -22.54
N SER CB 114 35.79 67.33 -22.68
CA SER CB 114 36.36 66.20 -23.42
C SER CB 114 36.26 64.87 -22.67
N GLU CB 115 36.69 63.80 -23.32
CA GLU CB 115 36.68 62.45 -22.75
C GLU CB 115 37.74 62.28 -21.66
N ASN CB 116 37.62 61.18 -20.92
CA ASN CB 116 38.64 60.76 -19.95
C ASN CB 116 39.95 60.32 -20.64
N LYS CB 117 39.81 59.74 -21.84
CA LYS CB 117 40.95 59.26 -22.64
C LYS CB 117 42.03 60.30 -22.89
N ASN CB 118 41.59 61.52 -23.22
CA ASN CB 118 42.49 62.67 -23.40
C ASN CB 118 43.26 63.01 -22.14
N ALA CB 119 42.57 62.97 -21.01
CA ALA CB 119 43.16 63.25 -19.69
C ALA CB 119 44.23 62.23 -19.34
N ILE CB 120 43.91 60.96 -19.60
CA ILE CB 120 44.84 59.84 -19.40
C ILE CB 120 46.10 60.03 -20.24
N LYS CB 121 45.90 60.30 -21.53
CA LYS CB 121 47.00 60.57 -22.45
C LYS CB 121 47.91 61.68 -21.95
N MET CB 122 47.31 62.76 -21.47
CA MET CB 122 48.03 63.88 -20.88
C MET CB 122 48.86 63.45 -19.66
N ALA CB 123 48.24 62.66 -18.78
CA ALA CB 123 48.90 62.10 -17.60
C ALA CB 123 50.09 61.22 -17.96
N VAL CB 124 49.91 60.40 -18.99
CA VAL CB 124 50.97 59.54 -19.53
C VAL CB 124 52.15 60.37 -20.04
N GLU CB 125 51.83 61.40 -20.82
CA GLU CB 125 52.83 62.36 -21.34
C GLU CB 125 53.63 63.01 -20.21
N LEU CB 126 52.91 63.50 -19.20
CA LEU CB 126 53.53 64.08 -18.00
C LEU CB 126 54.49 63.12 -17.31
N ALA CB 127 54.02 61.89 -17.12
CA ALA CB 127 54.83 60.81 -16.52
C ALA CB 127 56.12 60.57 -17.33
N ARG CB 128 55.96 60.51 -18.65
CA ARG CB 128 57.10 60.33 -19.56
C ARG CB 128 58.12 61.46 -19.40
N LYS CB 129 57.63 62.69 -19.39
CA LYS CB 129 58.46 63.89 -19.20
C LYS CB 129 59.25 63.85 -17.90
N GLU CB 130 58.57 63.42 -16.83
CA GLU CB 130 59.20 63.27 -15.51
C GLU CB 130 60.33 62.25 -15.51
N PHE CB 131 60.06 61.08 -16.11
CA PHE CB 131 60.95 59.92 -16.00
C PHE CB 131 62.06 59.84 -17.05
N GLU CB 132 61.83 60.39 -18.25
CA GLU CB 132 62.78 60.27 -19.37
C GLU CB 132 64.21 60.66 -18.97
N ARG CB 133 65.12 59.70 -19.05
CA ARG CB 133 66.55 59.95 -18.76
C ARG CB 133 67.25 60.80 -19.85
N PHE CB 134 66.59 60.96 -20.99
CA PHE CB 134 66.89 62.05 -21.92
C PHE CB 134 65.68 62.33 -22.83
N PRO CB 135 65.50 63.60 -23.31
CA PRO CB 135 64.31 64.06 -24.04
C PRO CB 135 63.53 63.06 -24.89
N GLY CB 136 64.26 62.24 -25.66
CA GLY CB 136 63.64 61.24 -26.53
C GLY CB 136 63.05 60.02 -25.85
N ASP CB 137 63.46 59.76 -24.63
CA ASP CB 137 63.10 58.50 -24.02
C ASP CB 137 61.65 58.17 -23.80
N THR CB 138 61.33 57.07 -24.44
CA THR CB 138 60.09 56.34 -24.42
C THR CB 138 60.66 54.92 -24.45
N GLY CB 139 60.25 54.06 -23.53
CA GLY CB 139 60.94 52.76 -23.52
C GLY CB 139 62.04 52.55 -22.51
N SER CB 140 62.52 53.61 -21.86
CA SER CB 140 63.34 53.45 -20.66
C SER CB 140 62.50 52.61 -19.68
N SER CB 141 63.06 51.52 -19.18
CA SER CB 141 62.31 50.60 -18.31
C SER CB 141 61.50 51.33 -17.23
N GLU CB 142 62.15 52.32 -16.61
CA GLU CB 142 61.50 53.22 -15.65
C GLU CB 142 60.33 54.03 -16.23
N VAL CB 143 60.49 54.56 -17.45
CA VAL CB 143 59.43 55.37 -18.09
C VAL CB 143 58.28 54.47 -18.51
N GLN CB 144 58.60 53.27 -18.99
CA GLN CB 144 57.59 52.25 -19.32
C GLN CB 144 56.73 51.91 -18.11
N ALA CB 145 57.38 51.69 -16.97
CA ALA CB 145 56.71 51.42 -15.70
C ALA CB 145 55.79 52.57 -15.29
N ALA CB 146 56.30 53.79 -15.42
CA ALA CB 146 55.54 55.01 -15.14
C ALA CB 146 54.31 55.14 -16.02
N CYS CB 147 54.49 54.88 -17.31
CA CYS CB 147 53.40 54.86 -18.29
C CYS CB 147 52.33 53.83 -17.95
N MET CB 148 52.78 52.63 -17.58
CA MET CB 148 51.91 51.55 -17.10
C MET CB 148 51.07 51.98 -15.88
N THR CB 149 51.74 52.64 -14.93
CA THR CB 149 51.11 53.06 -13.67
C THR CB 149 49.86 53.92 -13.86
N VAL CB 150 49.96 54.93 -14.72
CA VAL CB 150 48.84 55.85 -14.99
C VAL CB 150 47.61 55.08 -15.49
N ARG CB 151 47.85 54.18 -16.44
CA ARG CB 151 46.82 53.31 -17.00
C ARG CB 151 46.20 52.41 -15.93
N ILE CB 152 47.07 51.79 -15.12
CA ILE CB 152 46.66 50.96 -13.98
C ILE CB 152 45.75 51.70 -13.02
N GLN CB 153 46.14 52.91 -12.67
CA GLN CB 153 45.36 53.79 -11.78
C GLN CB 153 43.96 54.00 -12.36
N ASN CB 154 43.92 54.40 -13.63
CA ASN CB 154 42.67 54.62 -14.34
C ASN CB 154 41.82 53.36 -14.47
N MET CB 155 42.48 52.26 -14.80
CA MET CB 155 41.85 50.94 -14.92
C MET CB 155 41.27 50.48 -13.58
N ALA CB 156 42.04 50.71 -12.51
CA ALA CB 156 41.61 50.42 -11.13
C ALA CB 156 40.36 51.21 -10.75
N ASN CB 157 40.40 52.51 -11.06
CA ASN CB 157 39.24 53.40 -10.87
C ASN CB 157 37.99 52.92 -11.60
N HIS CB 158 38.18 52.51 -12.85
CA HIS CB 158 37.10 51.95 -13.67
C HIS CB 158 36.50 50.70 -13.03
N ILE CB 159 37.37 49.80 -12.60
CA ILE CB 159 36.95 48.58 -11.90
C ILE CB 159 36.15 48.87 -10.64
N LYS CB 160 36.61 49.85 -9.86
CA LYS CB 160 35.92 50.29 -8.66
C LYS CB 160 34.49 50.76 -8.93
N GLU CB 161 34.29 51.45 -10.05
CA GLU CB 161 32.95 51.79 -10.54
C GLU CB 161 32.18 50.52 -10.95
N HIS CB 162 32.85 49.66 -11.72
CA HIS CB 162 32.25 48.48 -12.36
C HIS CB 162 32.83 47.15 -11.83
N ARG CB 163 32.18 46.57 -10.82
CA ARG CB 163 32.71 45.35 -10.16
C ARG CB 163 32.81 44.14 -11.09
N LYS CB 164 31.68 43.77 -11.70
CA LYS CB 164 31.56 42.52 -12.46
C LYS CB 164 32.14 42.57 -13.88
N ASP CB 165 32.70 43.71 -14.28
CA ASP CB 165 33.41 43.84 -15.55
C ASP CB 165 34.71 43.03 -15.50
N PHE CB 166 34.58 41.71 -15.72
CA PHE CB 166 35.68 40.77 -15.48
C PHE CB 166 36.79 40.82 -16.54
N ALA CB 167 36.43 41.14 -17.78
CA ALA CB 167 37.42 41.29 -18.86
C ALA CB 167 38.41 42.42 -18.54
N ASN CB 168 37.88 43.54 -18.07
CA ASN CB 168 38.71 44.69 -17.72
C ASN CB 168 39.50 44.51 -16.41
N THR CB 169 39.01 43.67 -15.50
CA THR CB 169 39.81 43.25 -14.33
C THR CB 169 40.98 42.39 -14.75
N ARG CB 170 40.72 41.44 -15.66
CA ARG CB 170 41.76 40.60 -16.25
C ARG CB 170 42.84 41.47 -16.89
N ASN CB 171 42.41 42.41 -17.73
CA ASN CB 171 43.30 43.36 -18.40
C ASN CB 171 44.18 44.14 -17.43
N LEU CB 172 43.56 44.62 -16.35
CA LEU CB 172 44.29 45.30 -15.28
C LEU CB 172 45.37 44.39 -14.72
N ARG CB 173 44.95 43.19 -14.35
CA ARG CB 173 45.84 42.15 -13.81
C ARG CB 173 47.05 41.99 -14.71
N ILE CB 174 46.80 41.77 -16.01
CA ILE CB 174 47.87 41.59 -17.01
C ILE CB 174 48.84 42.77 -16.96
N LEU CB 175 48.27 43.98 -16.91
CA LEU CB 175 49.04 45.21 -16.92
C LEU CB 175 49.97 45.34 -15.71
N VAL CB 176 49.49 44.95 -14.53
CA VAL CB 176 50.34 45.02 -13.33
C VAL CB 176 51.40 43.91 -13.34
N GLN CB 177 51.08 42.77 -13.95
CA GLN CB 177 52.04 41.67 -14.14
C GLN CB 177 53.19 42.12 -15.04
N GLN CB 178 52.82 42.81 -16.12
CA GLN CB 178 53.76 43.41 -17.07
C GLN CB 178 54.66 44.43 -16.38
N ARG CB 179 54.05 45.28 -15.56
CA ARG CB 179 54.78 46.29 -14.78
C ARG CB 179 55.78 45.63 -13.85
N GLN CB 180 55.32 44.64 -13.08
CA GLN CB 180 56.18 43.85 -12.20
C GLN CB 180 57.40 43.29 -12.94
N ALA CB 181 57.11 42.65 -14.08
CA ALA CB 181 58.15 42.07 -14.94
C ALA CB 181 59.20 43.08 -15.37
N ILE CB 182 58.76 44.29 -15.74
CA ILE CB 182 59.68 45.32 -16.20
C ILE CB 182 60.49 45.94 -15.05
N LEU CB 183 59.88 46.03 -13.87
CA LEU CB 183 60.62 46.47 -12.67
C LEU CB 183 61.65 45.41 -12.26
N ARG CB 184 61.27 44.13 -12.33
CA ARG CB 184 62.22 43.02 -12.11
C ARG CB 184 63.43 43.10 -13.04
N TYR CB 185 63.16 43.38 -14.32
CA TYR CB 185 64.21 43.57 -15.30
C TYR CB 185 65.13 44.73 -14.93
N LEU CB 186 64.51 45.86 -14.60
CA LEU CB 186 65.22 47.09 -14.20
C LEU CB 186 66.17 46.82 -13.04
N LYS CB 187 65.67 46.08 -12.06
CA LYS CB 187 66.45 45.65 -10.89
C LYS CB 187 67.72 44.90 -11.29
N ARG CB 188 67.59 43.98 -12.24
CA ARG CB 188 68.74 43.22 -12.75
C ARG CB 188 69.73 44.15 -13.45
N ASP CB 189 69.20 44.96 -14.37
CA ASP CB 189 70.02 45.84 -15.21
C ASP CB 189 70.77 46.91 -14.42
N ASN CB 190 70.04 47.61 -13.56
CA ASN CB 190 70.47 48.89 -13.02
C ASN CB 190 69.74 49.15 -11.68
N PRO CB 191 70.24 48.55 -10.57
CA PRO CB 191 69.44 48.40 -9.34
C PRO CB 191 69.04 49.71 -8.67
N GLU CB 192 69.99 50.62 -8.54
CA GLU CB 192 69.77 51.93 -7.91
C GLU CB 192 68.64 52.71 -8.60
N LYS CB 193 68.70 52.73 -9.92
CA LYS CB 193 67.69 53.37 -10.77
C LYS CB 193 66.30 52.76 -10.55
N TYR CB 194 66.27 51.43 -10.52
CA TYR CB 194 65.07 50.66 -10.21
C TYR CB 194 64.45 51.02 -8.87
N TYR CB 195 65.30 51.08 -7.84
CA TYR CB 195 64.90 51.49 -6.50
C TYR CB 195 64.31 52.91 -6.45
N TRP CB 196 64.96 53.82 -7.16
CA TRP CB 196 64.50 55.20 -7.31
C TRP CB 196 63.12 55.27 -7.96
N THR CB 197 62.96 54.52 -9.04
CA THR CB 197 61.70 54.40 -9.76
C THR CB 197 60.58 53.92 -8.85
N ILE CB 198 60.86 52.84 -8.12
CA ILE CB 198 59.91 52.27 -7.15
C ILE CB 198 59.47 53.31 -6.13
N GLN CB 199 60.44 54.00 -5.57
CA GLN CB 199 60.21 55.04 -4.57
C GLN CB 199 59.31 56.15 -5.10
N LYS CB 200 59.58 56.56 -6.33
CA LYS CB 200 58.77 57.56 -7.02
C LYS CB 200 57.32 57.11 -7.18
N LEU CB 201 57.14 55.86 -7.65
CA LEU CB 201 55.80 55.31 -7.92
C LEU CB 201 54.99 54.97 -6.66
N GLY CB 202 55.67 54.86 -5.51
CA GLY CB 202 55.00 54.56 -4.24
C GLY CB 202 54.82 53.07 -4.04
N LEU CB 203 55.87 52.32 -4.36
CA LEU CB 203 55.83 50.86 -4.32
C LEU CB 203 56.90 50.31 -3.38
N ASN CB 204 56.87 48.99 -3.18
CA ASN CB 204 57.77 48.27 -2.31
C ASN CB 204 58.49 47.19 -3.12
N ASP CB 205 59.73 46.88 -2.72
CA ASP CB 205 60.53 45.82 -3.36
C ASP CB 205 59.82 44.47 -3.32
N ALA CB 206 59.11 44.20 -2.22
CA ALA CB 206 58.25 43.03 -2.09
C ALA CB 206 57.12 43.02 -3.13
N ALA CB 207 56.44 44.15 -3.27
CA ALA CB 207 55.33 44.30 -4.23
C ALA CB 207 55.72 44.05 -5.70
N ILE CB 208 57.00 44.26 -6.02
CA ILE CB 208 57.55 43.91 -7.34
C ILE CB 208 57.93 42.44 -7.40
N THR CB 209 58.80 42.02 -6.48
CA THR CB 209 59.41 40.69 -6.53
C THR CB 209 58.45 39.53 -6.26
N ASP CB 210 57.57 39.70 -5.27
CA ASP CB 210 56.63 38.64 -4.88
C ASP CB 210 55.60 38.41 -5.98
N GLU CB 211 55.19 37.15 -6.17
CA GLU CB 211 54.19 36.81 -7.20
C GLU CB 211 52.85 37.41 -6.78
N PHE CB 212 52.16 37.99 -7.75
CA PHE CB 212 50.91 38.69 -7.48
C PHE CB 212 49.83 38.38 -8.51
N ASN CB 213 48.77 37.73 -8.04
CA ASN CB 213 47.51 37.63 -8.75
C ASN CB 213 46.58 38.63 -8.09
N MET CB 214 45.76 39.33 -8.86
CA MET CB 214 44.70 40.18 -8.29
C MET CB 214 43.56 39.27 -7.81
N ASP CB 215 43.86 38.47 -6.79
CA ASP CB 215 42.94 37.44 -6.33
C ASP CB 215 41.93 38.02 -5.35
N ARG CB 216 40.90 37.25 -5.04
CA ARG CB 216 39.83 37.66 -4.12
C ARG CB 216 40.36 37.96 -2.72
N ARG CB 217 41.40 37.24 -2.30
CA ARG CB 217 42.09 37.51 -1.03
C ARG CB 217 42.71 38.89 -1.00
N TYR CB 218 43.43 39.23 -2.07
CA TYR CB 218 44.02 40.56 -2.24
C TYR CB 218 42.96 41.65 -2.12
N MET CB 219 41.85 41.47 -2.85
CA MET CB 219 40.75 42.42 -2.89
C MET CB 219 40.19 42.68 -1.49
N GLN CB 220 39.99 41.58 -0.76
CA GLN CB 220 39.56 41.62 0.64
C GLN CB 220 40.51 42.42 1.53
N ASP CB 221 41.81 42.12 1.41
CA ASP CB 221 42.84 42.70 2.26
C ASP CB 221 42.91 44.21 2.15
N TYR CB 222 42.95 44.71 0.92
CA TYR CB 222 43.15 46.14 0.65
C TYR CB 222 41.87 46.91 0.36
N GLU CB 223 40.71 46.29 0.62
CA GLU CB 223 39.40 46.95 0.52
C GLU CB 223 39.16 47.56 -0.86
N PHE CB 224 39.59 46.85 -1.91
CA PHE CB 224 39.62 47.40 -3.27
C PHE CB 224 38.25 47.93 -3.69
N PHE CB 225 37.21 47.15 -3.41
CA PHE CB 225 35.82 47.59 -3.58
C PHE CB 225 35.32 48.22 -2.30
N GLY CB 226 35.46 47.51 -1.19
CA GLY CB 226 35.06 48.01 0.12
C GLY CB 226 35.13 46.96 1.21
N ASP CB 227 34.24 47.07 2.20
CA ASP CB 227 34.18 46.15 3.34
C ASP CB 227 33.48 44.81 3.05
N LYS CB 228 32.87 44.68 1.87
CA LYS CB 228 32.22 43.42 1.46
C LYS CB 228 33.24 42.30 1.22
N ILE CB 229 32.87 41.08 1.60
CA ILE CB 229 33.76 39.92 1.56
C ILE CB 229 33.63 39.21 0.21
N LEU CB 230 34.76 38.89 -0.39
CA LEU CB 230 34.82 38.19 -1.68
C LEU CB 230 34.82 36.67 -1.51
N ILE CB 231 35.52 36.18 -0.48
CA ILE CB 231 35.55 34.75 -0.14
C ILE CB 231 35.39 34.50 1.36
N ARG CB 232 34.35 33.74 1.73
CA ARG CB 232 34.19 33.26 3.10
C ARG CB 232 35.16 32.12 3.32
N ASP CB 233 35.97 32.22 4.38
CA ASP CB 233 36.95 31.18 4.71
C ASP CB 233 36.24 29.91 5.19
N SER CB 234 36.91 28.78 5.07
CA SER CB 234 36.37 27.50 5.53
C SER CB 234 36.15 27.52 7.04
N LYS CB 235 35.24 26.66 7.51
CA LYS CB 235 34.84 26.64 8.92
C LYS CB 235 36.01 26.28 9.85
N LYS CB 236 36.72 25.23 9.47
CA LYS CB 236 37.93 24.78 10.17
C LYS CB 236 39.00 25.88 10.23
N VAL CB 237 39.20 26.55 9.10
CA VAL CB 237 40.15 27.66 8.97
C VAL CB 237 39.76 28.81 9.91
N ALA CB 238 38.48 29.15 9.89
CA ALA CB 238 37.92 30.20 10.76
C ALA CB 238 38.11 29.89 12.24
N ASN CB 239 37.88 28.63 12.61
CA ASN CB 239 38.12 28.14 13.97
C ASN CB 239 39.57 28.25 14.40
N GLN CB 240 40.47 27.86 13.51
CA GLN CB 240 41.92 27.99 13.72
C GLN CB 240 42.33 29.43 13.96
N LYS CB 241 41.84 30.33 13.10
CA LYS CB 241 42.07 31.77 13.23
C LYS CB 241 41.61 32.30 14.58
N ARG CB 242 40.39 31.92 14.97
CA ARG CB 242 39.83 32.26 16.29
C ARG CB 242 40.73 31.82 17.43
N LYS CB 243 41.20 30.57 17.35
CA LYS CB 243 42.10 29.98 18.34
C LYS CB 243 43.41 30.77 18.45
N GLU CB 244 43.96 31.13 17.29
CA GLU CB 244 45.17 31.95 17.21
C GLU CB 244 44.98 33.32 17.87
N ILE CB 245 43.84 33.95 17.56
CA ILE CB 245 43.46 35.24 18.15
C ILE CB 245 43.40 35.15 19.68
N ARG CB 246 42.72 34.12 20.17
CA ARG CB 246 42.62 33.84 21.61
C ARG CB 246 43.98 33.68 22.28
N LYS CB 247 44.84 32.90 21.64
CA LYS CB 247 46.21 32.69 22.11
C LYS CB 247 46.98 34.02 22.20
N GLN CB 248 46.81 34.84 21.16
CA GLN CB 248 47.42 36.18 21.11
C GLN CB 248 46.94 37.05 22.26
N LYS CB 249 45.63 37.05 22.48
CA LYS CB 249 45.00 37.77 23.61
C LYS CB 249 45.54 37.33 24.96
N ARG CB 250 45.66 36.02 25.14
CA ARG CB 250 46.23 35.42 26.36
C ARG CB 250 47.67 35.87 26.60
N ALA CB 251 48.46 35.87 25.54
CA ALA CB 251 49.85 36.33 25.58
C ALA CB 251 49.95 37.80 26.01
N THR CB 252 49.09 38.63 25.45
CA THR CB 252 49.10 40.07 25.72
C THR CB 252 48.63 40.44 27.14
N PHE CB 253 47.36 40.12 27.44
CA PHE CB 253 46.64 40.57 28.66
C PHE CB 253 47.39 41.53 29.60
N THR DB 1 102.55 -18.94 17.31
CA THR DB 1 103.59 -17.86 17.36
C THR DB 1 103.07 -16.60 18.04
N CYS DB 2 103.98 -15.69 18.35
CA CYS DB 2 103.64 -14.42 18.99
C CYS DB 2 103.37 -13.33 17.95
N GLY DB 3 102.84 -12.21 18.43
CA GLY DB 3 102.74 -10.98 17.63
C GLY DB 3 101.32 -10.51 17.42
N LEU DB 4 101.21 -9.33 16.81
CA LEU DB 4 99.94 -8.78 16.33
C LEU DB 4 99.90 -8.96 14.81
N VAL DB 5 100.93 -8.48 14.14
CA VAL DB 5 101.15 -8.73 12.71
C VAL DB 5 101.90 -10.05 12.60
N ARG DB 6 101.43 -10.95 11.74
CA ARG DB 6 102.02 -12.28 11.59
C ARG DB 6 102.00 -12.74 10.15
N ILE DB 7 103.14 -13.25 9.68
CA ILE DB 7 103.26 -13.79 8.34
C ILE DB 7 102.91 -15.29 8.40
N ARG DB 8 101.86 -15.68 7.68
CA ARG DB 8 101.29 -17.02 7.78
C ARG DB 8 100.67 -17.48 6.46
N LEU DB 9 100.30 -18.77 6.41
CA LEU DB 9 99.65 -19.34 5.23
C LEU DB 9 98.13 -19.34 5.39
N ALA DB 10 97.44 -18.64 4.48
CA ALA DB 10 95.99 -18.74 4.34
C ALA DB 10 95.67 -19.82 3.31
N ARG DB 11 94.77 -20.74 3.65
CA ARG DB 11 94.45 -21.86 2.77
C ARG DB 11 93.51 -21.45 1.63
N PHE DB 12 93.78 -21.99 0.45
CA PHE DB 12 92.95 -21.78 -0.74
C PHE DB 12 92.80 -23.09 -1.50
N GLY DB 13 91.99 -23.06 -2.56
CA GLY DB 13 91.75 -24.23 -3.39
C GLY DB 13 90.66 -25.11 -2.82
N ARG DB 14 90.67 -26.37 -3.27
CA ARG DB 14 89.59 -27.32 -3.00
C ARG DB 14 89.99 -28.37 -1.98
N LYS DB 15 89.03 -29.21 -1.62
CA LYS DB 15 89.26 -30.39 -0.75
C LYS DB 15 90.25 -31.36 -1.38
N ASN DB 16 91.05 -32.00 -0.53
CA ASN DB 16 92.10 -32.94 -0.92
C ASN DB 16 93.12 -32.39 -1.96
N SER DB 17 93.27 -31.07 -1.99
CA SER DB 17 94.08 -30.41 -3.02
C SER DB 17 94.35 -28.95 -2.62
N PRO DB 18 95.12 -28.75 -1.54
CA PRO DB 18 95.35 -27.41 -1.02
C PRO DB 18 96.40 -26.64 -1.79
N VAL DB 19 96.16 -25.34 -1.93
CA VAL DB 19 97.21 -24.35 -2.25
C VAL DB 19 97.17 -23.33 -1.13
N TYR DB 20 98.31 -22.71 -0.86
CA TYR DB 20 98.42 -21.76 0.23
C TYR DB 20 98.78 -20.37 -0.27
N ASN DB 21 98.31 -19.39 0.49
CA ASN DB 21 98.44 -17.99 0.18
C ASN DB 21 99.21 -17.38 1.35
N ILE DB 22 100.49 -17.11 1.12
CA ILE DB 22 101.37 -16.50 2.13
C ILE DB 22 100.92 -15.05 2.30
N VAL DB 23 100.51 -14.70 3.52
CA VAL DB 23 99.99 -13.37 3.82
C VAL DB 23 100.72 -12.77 5.00
N VAL DB 24 100.45 -11.49 5.24
CA VAL DB 24 100.65 -10.89 6.55
C VAL DB 24 99.26 -10.46 7.01
N ALA DB 25 98.94 -10.81 8.24
CA ALA DB 25 97.58 -10.69 8.76
C ALA DB 25 97.61 -10.22 10.19
N ASN DB 26 96.44 -9.85 10.70
CA ASN DB 26 96.26 -9.68 12.14
C ASN DB 26 96.13 -11.04 12.78
N SER DB 27 96.64 -11.17 14.00
CA SER DB 27 96.54 -12.40 14.78
C SER DB 27 95.08 -12.78 15.06
N ARG DB 28 94.26 -11.76 15.35
CA ARG DB 28 92.85 -11.95 15.69
C ARG DB 28 91.97 -12.37 14.51
N LYS DB 29 92.21 -11.80 13.32
CA LYS DB 29 91.38 -12.13 12.16
C LYS DB 29 91.55 -13.58 11.71
N ALA DB 30 90.52 -14.08 11.03
CA ALA DB 30 90.41 -15.50 10.70
C ALA DB 30 91.48 -15.99 9.73
N ARG DB 31 91.58 -17.31 9.61
CA ARG DB 31 92.64 -17.96 8.85
C ARG DB 31 92.56 -17.65 7.35
N ASP DB 32 91.36 -17.76 6.77
CA ASP DB 32 91.13 -17.51 5.34
C ASP DB 32 90.46 -16.16 5.02
N ALA DB 33 90.38 -15.26 6.01
CA ALA DB 33 89.85 -13.90 5.80
C ALA DB 33 90.84 -13.05 5.02
N LYS DB 34 90.38 -11.88 4.55
CA LYS DB 34 91.20 -10.98 3.76
C LYS DB 34 92.25 -10.30 4.65
N PRO DB 35 93.55 -10.40 4.27
CA PRO DB 35 94.64 -10.02 5.15
C PRO DB 35 95.11 -8.57 4.93
N ILE DB 36 96.25 -8.22 5.50
CA ILE DB 36 96.89 -6.92 5.29
C ILE DB 36 97.52 -6.89 3.91
N GLU DB 37 98.36 -7.88 3.63
CA GLU DB 37 99.09 -7.99 2.37
C GLU DB 37 99.41 -9.44 2.05
N VAL DB 38 98.97 -9.89 0.87
CA VAL DB 38 99.40 -11.17 0.32
C VAL DB 38 100.81 -11.00 -0.24
N LEU DB 39 101.75 -11.80 0.25
CA LEU DB 39 103.14 -11.75 -0.22
C LEU DB 39 103.43 -12.78 -1.31
N GLY DB 40 102.77 -13.94 -1.25
CA GLY DB 40 103.04 -15.00 -2.19
C GLY DB 40 102.10 -16.18 -2.13
N THR DB 41 102.38 -17.18 -2.96
CA THR DB 41 101.65 -18.44 -2.96
C THR DB 41 102.59 -19.58 -2.57
N TYR DB 42 101.99 -20.75 -2.34
CA TYR DB 42 102.75 -21.95 -2.00
C TYR DB 42 101.88 -23.19 -2.22
N VAL DB 43 102.24 -24.00 -3.23
CA VAL DB 43 101.60 -25.30 -3.44
C VAL DB 43 102.49 -26.38 -2.79
N PRO DB 44 101.94 -27.10 -1.78
CA PRO DB 44 102.74 -28.08 -1.05
C PRO DB 44 102.98 -29.39 -1.81
N VAL DB 45 102.10 -29.70 -2.77
CA VAL DB 45 102.22 -30.93 -3.56
C VAL DB 45 103.29 -30.69 -4.61
N PRO DB 46 104.40 -31.47 -4.56
CA PRO DB 46 105.53 -31.19 -5.43
C PRO DB 46 105.30 -31.57 -6.88
N SER DB 47 106.02 -30.93 -7.79
CA SER DB 47 105.89 -31.18 -9.23
C SER DB 47 106.32 -32.62 -9.56
N PRO DB 48 105.41 -33.43 -10.14
CA PRO DB 48 105.69 -34.86 -10.31
C PRO DB 48 106.72 -35.16 -11.39
N VAL DB 49 107.74 -35.93 -11.05
CA VAL DB 49 108.82 -36.28 -11.98
C VAL DB 49 108.49 -37.51 -12.82
N THR DB 50 109.09 -37.58 -14.00
CA THR DB 50 108.95 -38.72 -14.91
C THR DB 50 109.79 -39.89 -14.39
N LYS DB 51 109.43 -41.10 -14.80
CA LYS DB 51 110.16 -42.33 -14.41
C LYS DB 51 111.63 -42.25 -14.78
N ARG DB 52 111.90 -41.89 -16.03
CA ARG DB 52 113.26 -41.64 -16.52
C ARG DB 52 114.00 -40.61 -15.67
N GLU DB 53 113.31 -39.52 -15.39
CA GLU DB 53 113.84 -38.43 -14.57
C GLU DB 53 114.20 -38.90 -13.16
N LEU DB 54 113.33 -39.73 -12.60
CA LEU DB 54 113.53 -40.34 -11.28
C LEU DB 54 114.78 -41.23 -11.27
N LYS DB 55 114.88 -42.09 -12.29
CA LYS DB 55 116.05 -42.96 -12.48
C LYS DB 55 117.36 -42.18 -12.56
N ARG DB 56 117.34 -41.10 -13.34
CA ARG DB 56 118.48 -40.19 -13.48
C ARG DB 56 118.93 -39.62 -12.13
N GLY DB 57 117.96 -39.15 -11.35
CA GLY DB 57 118.20 -38.57 -10.03
C GLY DB 57 117.97 -37.08 -10.01
N VAL DB 58 116.72 -36.69 -10.31
CA VAL DB 58 116.28 -35.30 -10.27
C VAL DB 58 115.14 -35.21 -9.27
N VAL DB 59 115.28 -34.29 -8.31
CA VAL DB 59 114.26 -34.13 -7.26
C VAL DB 59 113.06 -33.29 -7.74
N PRO DB 60 111.86 -33.59 -7.22
CA PRO DB 60 110.68 -32.72 -7.38
C PRO DB 60 110.89 -31.31 -6.81
N ILE DB 61 110.10 -30.35 -7.29
CA ILE DB 61 110.14 -28.97 -6.82
C ILE DB 61 108.80 -28.54 -6.24
N LYS DB 62 108.86 -27.71 -5.20
CA LYS DB 62 107.69 -27.07 -4.62
C LYS DB 62 107.76 -25.60 -5.00
N ASP DB 63 106.78 -25.14 -5.79
CA ASP DB 63 106.77 -23.77 -6.32
C ASP DB 63 106.29 -22.79 -5.24
N VAL DB 64 107.03 -21.70 -5.07
CA VAL DB 64 106.74 -20.70 -4.03
C VAL DB 64 107.00 -19.29 -4.57
N LYS DB 65 106.11 -18.80 -5.43
CA LYS DB 65 106.20 -17.41 -5.92
C LYS DB 65 105.89 -16.44 -4.78
N LEU DB 66 106.75 -15.42 -4.63
CA LEU DB 66 106.91 -14.69 -3.37
C LEU DB 66 107.54 -13.32 -3.61
N ASP DB 67 106.91 -12.25 -3.12
CA ASP DB 67 107.52 -10.90 -3.14
C ASP DB 67 108.60 -10.83 -2.06
N PHE DB 68 109.86 -10.89 -2.48
CA PHE DB 68 110.99 -11.00 -1.54
C PHE DB 68 111.18 -9.73 -0.72
N ASP DB 69 111.23 -8.60 -1.42
CA ASP DB 69 111.48 -7.28 -0.80
C ASP DB 69 110.41 -6.91 0.22
N ARG DB 70 109.15 -7.13 -0.15
CA ARG DB 70 108.01 -6.91 0.74
C ARG DB 70 108.07 -7.76 2.01
N THR DB 71 108.35 -9.04 1.81
CA THR DB 71 108.52 -9.99 2.92
C THR DB 71 109.60 -9.54 3.88
N LYS DB 72 110.76 -9.16 3.32
CA LYS DB 72 111.88 -8.61 4.09
C LYS DB 72 111.47 -7.40 4.92
N TYR DB 73 110.79 -6.46 4.26
CA TYR DB 73 110.25 -5.27 4.93
C TYR DB 73 109.38 -5.65 6.12
N TRP DB 74 108.44 -6.57 5.89
CA TRP DB 74 107.53 -7.04 6.93
C TRP DB 74 108.24 -7.70 8.11
N ILE DB 75 109.27 -8.48 7.79
CA ILE DB 75 110.15 -9.07 8.81
C ILE DB 75 110.83 -7.98 9.64
N GLY DB 76 111.36 -6.97 8.95
CA GLY DB 76 112.03 -5.84 9.58
C GLY DB 76 111.16 -5.07 10.56
N VAL DB 77 109.93 -4.77 10.15
CA VAL DB 77 108.97 -4.07 11.04
C VAL DB 77 108.46 -4.95 12.20
N GLY DB 78 108.73 -6.26 12.13
CA GLY DB 78 108.57 -7.16 13.27
C GLY DB 78 107.29 -7.97 13.21
N ALA DB 79 107.01 -8.53 12.04
CA ALA DB 79 105.86 -9.39 11.82
C ALA DB 79 106.35 -10.84 11.89
N GLN DB 80 106.03 -11.51 12.99
CA GLN DB 80 106.56 -12.85 13.24
C GLN DB 80 105.96 -13.90 12.31
N PRO DB 81 106.83 -14.69 11.63
CA PRO DB 81 106.35 -15.73 10.74
C PRO DB 81 105.87 -16.96 11.50
N SER DB 82 104.95 -17.71 10.91
CA SER DB 82 104.49 -18.99 11.46
C SER DB 82 105.58 -20.06 11.30
N GLU DB 83 105.36 -21.21 11.93
CA GLU DB 83 106.35 -22.31 11.96
C GLU DB 83 106.72 -22.83 10.57
N THR DB 84 105.72 -22.87 9.68
CA THR DB 84 105.90 -23.32 8.30
C THR DB 84 106.45 -22.21 7.41
N VAL DB 85 105.88 -21.02 7.55
CA VAL DB 85 106.31 -19.84 6.81
C VAL DB 85 107.77 -19.52 7.07
N THR DB 86 108.16 -19.51 8.35
CA THR DB 86 109.55 -19.22 8.74
C THR DB 86 110.53 -20.24 8.15
N LYS DB 87 110.13 -21.49 8.11
CA LYS DB 87 110.91 -22.58 7.50
C LYS DB 87 111.10 -22.31 6.01
N LEU DB 88 110.00 -21.96 5.35
CA LEU DB 88 109.99 -21.63 3.91
C LEU DB 88 110.96 -20.49 3.62
N LEU DB 89 110.87 -19.43 4.42
CA LEU DB 89 111.75 -18.26 4.32
C LEU DB 89 113.22 -18.61 4.49
N ARG DB 90 113.50 -19.47 5.47
CA ARG DB 90 114.84 -19.99 5.73
C ARG DB 90 115.39 -20.74 4.53
N LYS DB 91 114.53 -21.59 3.96
CA LYS DB 91 114.86 -22.39 2.76
C LYS DB 91 115.21 -21.49 1.57
N ALA DB 92 114.39 -20.45 1.38
CA ALA DB 92 114.62 -19.44 0.34
C ALA DB 92 115.97 -18.75 0.52
N GLY DB 93 116.25 -18.35 1.75
CA GLY DB 93 117.47 -17.63 2.09
C GLY DB 93 117.28 -16.19 2.57
N ILE DB 94 116.04 -15.82 2.94
CA ILE DB 94 115.79 -14.54 3.57
C ILE DB 94 116.28 -14.61 5.02
N LEU DB 95 115.68 -15.52 5.79
CA LEU DB 95 116.01 -15.67 7.20
C LEU DB 95 117.23 -16.57 7.43
N ASN DB 96 117.92 -16.32 8.54
CA ASN DB 96 119.17 -17.03 8.89
C ASN DB 96 118.89 -18.34 9.64
N ASP DB 97 119.97 -19.01 10.06
CA ASP DB 97 119.90 -20.13 11.01
C ASP DB 97 119.31 -19.72 12.37
N ALA DB 98 119.46 -18.44 12.74
CA ALA DB 98 118.89 -17.87 13.97
C ALA DB 98 117.44 -18.27 14.28
N TRP DB 99 116.60 -18.31 13.25
CA TRP DB 99 115.17 -18.66 13.40
C TRP DB 99 114.92 -20.17 13.57
N ALA DB 100 115.88 -21.00 13.18
CA ALA DB 100 115.74 -22.46 13.29
C ALA DB 100 115.63 -22.94 14.73
N THR DB 101 114.50 -23.54 15.06
CA THR DB 101 114.25 -24.11 16.40
C THR DB 101 115.06 -25.39 16.64
N SER DB 102 114.99 -25.89 17.87
CA SER DB 102 115.76 -27.08 18.30
C SER DB 102 115.33 -28.37 17.58
N LYS DB 103 114.04 -28.49 17.29
CA LYS DB 103 113.50 -29.66 16.56
C LYS DB 103 114.03 -29.77 15.13
N ASN DB 104 114.19 -28.63 14.46
CA ASN DB 104 114.67 -28.60 13.06
C ASN DB 104 116.16 -28.90 12.98
N SER DB 105 116.96 -28.05 13.63
CA SER DB 105 118.43 -28.15 13.65
C SER DB 105 119.05 -28.13 12.25
N ARG DB 109 123.73 -34.42 8.81
CA ARG DB 109 122.93 -34.12 7.62
C ARG DB 109 123.72 -33.29 6.61
N LYS DB 110 124.37 -33.99 5.67
CA LYS DB 110 125.22 -33.36 4.65
C LYS DB 110 124.36 -32.74 3.54
N VAL DB 111 124.72 -31.53 3.12
CA VAL DB 111 124.02 -30.85 2.02
C VAL DB 111 124.50 -31.39 0.67
N VAL DB 112 123.55 -31.65 -0.22
CA VAL DB 112 123.82 -32.15 -1.57
C VAL DB 112 123.94 -30.97 -2.54
N PHE DB 113 122.90 -30.16 -2.59
CA PHE DB 113 122.80 -29.02 -3.50
C PHE DB 113 122.71 -27.72 -2.70
N GLU DB 114 123.53 -26.74 -3.06
CA GLU DB 114 123.56 -25.44 -2.40
C GLU DB 114 122.64 -24.44 -3.10
N ARG DB 115 122.17 -23.44 -2.37
CA ARG DB 115 121.29 -22.40 -2.92
C ARG DB 115 122.01 -21.51 -3.92
N MET DB 116 121.25 -20.94 -4.85
CA MET DB 116 121.76 -19.88 -5.74
C MET DB 116 120.62 -19.09 -6.38
N GLU DB 117 120.85 -17.79 -6.57
CA GLU DB 117 119.95 -16.95 -7.36
C GLU DB 117 120.22 -17.18 -8.85
N THR DB 118 119.15 -17.28 -9.62
CA THR DB 118 119.23 -17.47 -11.08
C THR DB 118 118.23 -16.51 -11.75
N LEU DB 119 118.21 -16.52 -13.09
CA LEU DB 119 117.29 -15.69 -13.87
C LEU DB 119 116.63 -16.51 -14.97
N ALA EB 2 93.17 21.32 -0.81
CA ALA EB 2 93.08 20.36 0.33
C ALA EB 2 91.67 20.35 0.92
N ARG EB 3 91.24 21.50 1.44
CA ARG EB 3 89.88 21.68 1.95
C ARG EB 3 88.87 21.58 0.81
N GLN EB 4 87.67 21.11 1.13
CA GLN EB 4 86.57 21.03 0.18
C GLN EB 4 85.97 22.43 -0.03
N ASN EB 5 86.06 22.95 -1.26
CA ASN EB 5 85.54 24.27 -1.61
C ASN EB 5 84.40 24.19 -2.62
N PHE EB 6 83.48 25.15 -2.55
CA PHE EB 6 82.35 25.26 -3.47
C PHE EB 6 82.08 26.73 -3.78
N LEU EB 7 81.85 27.05 -5.06
CA LEU EB 7 81.37 28.38 -5.44
C LEU EB 7 79.87 28.42 -5.23
N GLY EB 8 79.42 29.30 -4.33
CA GLY EB 8 78.01 29.41 -3.95
C GLY EB 8 77.36 30.67 -4.45
N LEU EB 9 76.15 30.91 -3.97
CA LEU EB 9 75.44 32.18 -4.17
C LEU EB 9 74.54 32.42 -2.96
N VAL EB 10 74.90 33.39 -2.13
CA VAL EB 10 74.21 33.61 -0.85
C VAL EB 10 72.72 33.96 -1.05
N VAL EB 11 71.87 33.00 -0.66
CA VAL EB 11 70.42 33.08 -0.87
C VAL EB 11 69.76 33.96 0.18
N SER EB 12 69.91 33.57 1.45
CA SER EB 12 69.33 34.30 2.58
C SER EB 12 70.45 34.83 3.48
N GLN EB 13 70.16 35.92 4.18
CA GLN EB 13 71.11 36.54 5.10
C GLN EB 13 70.38 37.41 6.12
N GLY EB 14 70.94 37.50 7.33
CA GLY EB 14 70.38 38.33 8.39
C GLY EB 14 69.19 37.74 9.13
N LYS EB 15 68.95 36.44 8.95
CA LYS EB 15 67.92 35.72 9.70
C LYS EB 15 68.57 35.03 10.89
N MET EB 16 69.63 34.27 10.61
CA MET EB 16 70.47 33.67 11.65
C MET EB 16 71.63 34.61 12.00
N GLN EB 17 72.06 34.53 13.26
CA GLN EB 17 73.22 35.29 13.73
C GLN EB 17 74.49 34.57 13.32
N LYS EB 18 75.34 35.26 12.55
CA LYS EB 18 76.66 34.73 12.14
C LYS EB 18 76.58 33.51 11.20
N THR EB 19 75.43 33.33 10.54
CA THR EB 19 75.18 32.19 9.64
C THR EB 19 74.47 32.71 8.40
N VAL EB 20 74.70 32.05 7.27
CA VAL EB 20 74.18 32.50 5.99
C VAL EB 20 73.90 31.30 5.09
N LYS EB 21 72.73 31.28 4.45
CA LYS EB 21 72.34 30.16 3.60
C LYS EB 21 72.85 30.39 2.19
N VAL EB 22 73.87 29.61 1.80
CA VAL EB 22 74.44 29.68 0.47
C VAL EB 22 73.92 28.51 -0.36
N ARG EB 23 73.62 28.78 -1.63
CA ARG EB 23 73.21 27.75 -2.59
C ARG EB 23 74.39 27.43 -3.49
N VAL EB 24 74.80 26.16 -3.52
CA VAL EB 24 75.78 25.69 -4.50
C VAL EB 24 75.03 25.04 -5.66
N GLU EB 25 75.77 24.66 -6.70
CA GLU EB 25 75.19 24.08 -7.90
C GLU EB 25 76.27 23.27 -8.64
N THR EB 26 76.10 21.95 -8.68
CA THR EB 26 77.13 21.01 -9.16
C THR EB 26 76.59 20.13 -10.28
N LYS EB 27 77.37 20.00 -11.36
CA LYS EB 27 76.97 19.18 -12.51
C LYS EB 27 77.07 17.69 -12.20
N VAL EB 28 76.02 16.95 -12.59
CA VAL EB 28 75.94 15.51 -12.38
C VAL EB 28 75.31 14.87 -13.61
N PHE EB 29 75.94 13.80 -14.12
CA PHE EB 29 75.41 13.07 -15.27
C PHE EB 29 74.35 12.08 -14.83
N ASN EB 30 73.11 12.34 -15.22
CA ASN EB 30 71.97 11.47 -14.95
C ASN EB 30 71.83 10.47 -16.10
N LYS EB 31 72.01 9.18 -15.78
CA LYS EB 31 72.07 8.10 -16.77
C LYS EB 31 70.72 7.80 -17.42
N LYS EB 32 69.65 7.81 -16.61
CA LYS EB 32 68.28 7.52 -17.08
C LYS EB 32 67.83 8.53 -18.14
N ILE EB 33 67.82 9.81 -17.76
CA ILE EB 33 67.46 10.90 -18.66
C ILE EB 33 68.50 11.10 -19.79
N ASN EB 34 69.76 10.80 -19.49
CA ASN EB 34 70.90 11.02 -20.39
C ASN EB 34 71.16 12.51 -20.67
N LYS EB 35 71.48 13.24 -19.61
CA LYS EB 35 72.04 14.59 -19.72
C LYS EB 35 72.70 15.04 -18.42
N GLU EB 36 73.79 15.79 -18.56
CA GLU EB 36 74.51 16.35 -17.42
C GLU EB 36 73.75 17.58 -16.93
N LEU EB 37 73.29 17.55 -15.67
CA LEU EB 37 72.51 18.66 -15.11
C LEU EB 37 72.93 19.02 -13.68
N PHE EB 38 72.56 20.23 -13.30
CA PHE EB 38 73.05 20.85 -12.07
C PHE EB 38 72.24 20.42 -10.84
N HIS EB 39 72.74 19.43 -10.12
CA HIS EB 39 72.20 19.08 -8.80
C HIS EB 39 72.58 20.17 -7.82
N ARG EB 40 71.60 20.97 -7.40
CA ARG EB 40 71.83 22.06 -6.45
C ARG EB 40 71.55 21.64 -5.02
N ARG EB 41 72.00 22.49 -4.10
CA ARG EB 41 71.85 22.24 -2.66
C ARG EB 41 72.15 23.53 -1.90
N ASP EB 42 71.33 23.81 -0.87
CA ASP EB 42 71.60 24.93 0.03
C ASP EB 42 72.41 24.45 1.24
N TYR EB 43 73.45 25.20 1.59
CA TYR EB 43 74.30 24.96 2.74
C TYR EB 43 74.08 26.09 3.74
N LEU EB 44 74.05 25.77 5.02
CA LEU EB 44 74.16 26.78 6.07
C LEU EB 44 75.65 27.01 6.27
N VAL EB 45 76.11 28.23 6.03
CA VAL EB 45 77.53 28.56 5.98
C VAL EB 45 77.86 29.67 6.98
N HIS EB 46 79.04 29.56 7.58
CA HIS EB 46 79.48 30.51 8.60
C HIS EB 46 79.98 31.80 7.98
N ASP EB 47 79.85 32.88 8.76
CA ASP EB 47 80.18 34.23 8.31
C ASP EB 47 80.53 35.10 9.52
N GLU EB 48 81.75 34.95 10.02
CA GLU EB 48 82.22 35.73 11.20
C GLU EB 48 82.37 37.22 10.91
N GLY EB 49 82.79 37.55 9.69
CA GLY EB 49 82.85 38.94 9.25
C GLY EB 49 81.51 39.64 9.16
N GLU EB 50 80.43 38.87 8.97
CA GLU EB 50 79.09 39.38 8.71
C GLU EB 50 79.10 40.15 7.38
N ILE EB 51 79.89 39.64 6.44
CA ILE EB 51 80.30 40.37 5.24
C ILE EB 51 79.37 40.13 4.04
N SER EB 52 78.82 38.91 3.92
CA SER EB 52 77.89 38.60 2.84
C SER EB 52 76.52 39.23 3.04
N ARG EB 53 75.80 39.39 1.94
CA ARG EB 53 74.40 39.85 1.94
C ARG EB 53 73.69 39.31 0.70
N GLU EB 54 72.38 39.04 0.82
CA GLU EB 54 71.66 38.22 -0.17
C GLU EB 54 71.76 38.72 -1.62
N GLY EB 55 72.66 38.09 -2.38
CA GLY EB 55 73.00 38.49 -3.75
C GLY EB 55 74.39 38.07 -4.19
N ASP EB 56 75.35 38.10 -3.26
CA ASP EB 56 76.76 37.84 -3.58
C ASP EB 56 77.03 36.39 -3.96
N LEU EB 57 78.05 36.19 -4.80
CA LEU EB 57 78.66 34.88 -4.99
C LEU EB 57 79.85 34.80 -4.04
N VAL EB 58 80.13 33.59 -3.59
CA VAL EB 58 81.16 33.35 -2.58
C VAL EB 58 81.86 32.03 -2.83
N ARG EB 59 83.09 31.92 -2.32
CA ARG EB 59 83.78 30.64 -2.22
C ARG EB 59 83.71 30.19 -0.78
N ILE EB 60 82.87 29.19 -0.52
CA ILE EB 60 82.76 28.61 0.83
C ILE EB 60 83.78 27.46 0.93
N GLU EB 61 84.36 27.28 2.11
CA GLU EB 61 85.33 26.21 2.33
C GLU EB 61 84.93 25.33 3.52
N ALA EB 62 85.43 24.10 3.52
CA ALA EB 62 85.12 23.14 4.58
C ALA EB 62 85.86 23.49 5.87
N THR EB 63 85.14 23.42 6.98
CA THR EB 63 85.67 23.71 8.30
C THR EB 63 85.40 22.52 9.21
N ARG EB 64 85.70 22.67 10.49
CA ARG EB 64 85.20 21.75 11.51
C ARG EB 64 83.67 21.88 11.62
N PRO EB 65 83.00 20.88 12.21
CA PRO EB 65 81.58 21.05 12.53
C PRO EB 65 81.33 22.18 13.52
N LEU EB 66 80.84 23.31 13.02
CA LEU EB 66 80.55 24.48 13.86
C LEU EB 66 79.24 24.32 14.62
N SER EB 67 78.29 23.60 14.02
CA SER EB 67 77.02 23.30 14.68
C SER EB 67 76.40 22.01 14.15
N LYS EB 68 75.19 21.71 14.64
CA LYS EB 68 74.36 20.59 14.19
C LYS EB 68 74.46 20.29 12.69
N ARG EB 69 74.19 21.31 11.88
CA ARG EB 69 74.17 21.16 10.43
C ARG EB 69 74.83 22.36 9.72
N LYS EB 70 76.11 22.54 10.03
CA LYS EB 70 76.85 23.74 9.62
C LYS EB 70 78.36 23.46 9.65
N PHE EB 71 78.91 23.09 8.50
CA PHE EB 71 80.28 22.57 8.39
C PHE EB 71 81.14 23.35 7.39
N PHE EB 72 80.70 24.55 7.02
CA PHE EB 72 81.39 25.37 6.03
C PHE EB 72 81.43 26.82 6.47
N ALA EB 73 82.42 27.56 5.95
CA ALA EB 73 82.58 28.98 6.22
C ALA EB 73 82.89 29.72 4.93
N ILE EB 74 82.48 30.98 4.86
CA ILE EB 74 82.75 31.83 3.70
C ILE EB 74 84.24 32.18 3.67
N ALA EB 75 84.93 31.70 2.63
CA ALA EB 75 86.35 31.95 2.45
C ALA EB 75 86.61 33.26 1.70
N GLU EB 76 85.72 33.62 0.79
CA GLU EB 76 85.90 34.80 -0.06
C GLU EB 76 84.58 35.26 -0.67
N ILE EB 77 84.33 36.57 -0.65
CA ILE EB 77 83.31 37.20 -1.49
C ILE EB 77 83.94 37.31 -2.87
N ILE EB 78 83.31 36.72 -3.88
CA ILE EB 78 83.88 36.72 -5.24
C ILE EB 78 83.27 37.79 -6.16
N ARG EB 79 81.98 38.09 -5.96
CA ARG EB 79 81.29 39.13 -6.73
C ARG EB 79 80.21 39.78 -5.88
N ASN EB 80 80.36 41.07 -5.61
CA ASN EB 80 79.55 41.79 -4.63
C ASN EB 80 78.35 42.52 -5.24
N LYS EB 81 77.22 41.83 -5.32
CA LYS EB 81 75.95 42.40 -5.82
C LYS EB 81 74.93 42.68 -4.70
N GLY EB 82 74.89 41.84 -3.67
CA GLY EB 82 73.92 41.96 -2.59
C GLY EB 82 74.10 43.14 -1.67
N GLN EB 83 75.35 43.48 -1.35
CA GLN EB 83 75.67 44.62 -0.48
C GLN EB 83 75.33 45.97 -1.10
N GLN EB 84 75.37 46.05 -2.43
CA GLN EB 84 75.01 47.26 -3.18
C GLN EB 84 73.54 47.67 -2.97
N PHE EB 85 72.67 46.68 -2.88
CA PHE EB 85 71.21 46.88 -2.77
C PHE EB 85 70.79 47.61 -1.48
N ALA EB 86 71.53 47.40 -0.40
CA ALA EB 86 71.21 47.98 0.92
C ALA EB 86 71.38 49.50 0.97
N LEU EB 87 72.45 50.00 0.34
CA LEU EB 87 72.71 51.45 0.26
C LEU EB 87 71.71 52.13 -0.66
N TYR EB 88 71.54 51.54 -1.85
CA TYR EB 88 70.82 52.14 -2.97
C TYR EB 88 69.41 52.58 -2.61
N GLU EB 89 68.66 51.68 -1.98
CA GLU EB 89 67.27 51.96 -1.58
C GLU EB 89 67.15 53.16 -0.65
N SER EB 90 68.06 53.26 0.31
CA SER EB 90 68.10 54.39 1.25
C SER EB 90 68.48 55.68 0.53
N GLU EB 91 69.47 55.59 -0.34
CA GLU EB 91 69.92 56.70 -1.18
C GLU EB 91 68.81 57.20 -2.10
N ALA EB 92 68.09 56.26 -2.70
CA ALA EB 92 66.92 56.55 -3.54
C ALA EB 92 65.86 57.30 -2.75
N GLN EB 93 65.52 56.79 -1.57
CA GLN EB 93 64.56 57.42 -0.65
C GLN EB 93 64.93 58.87 -0.34
N LEU EB 94 66.20 59.08 0.00
CA LEU EB 94 66.74 60.42 0.26
C LEU EB 94 66.58 61.36 -0.94
N SER EB 95 66.93 60.84 -2.12
CA SER EB 95 66.83 61.60 -3.37
C SER EB 95 65.40 62.01 -3.71
N VAL EB 96 64.46 61.07 -3.52
CA VAL EB 96 63.12 61.16 -4.08
C VAL EB 96 62.26 62.21 -3.37
N ALA EB 97 62.18 62.08 -2.04
CA ALA EB 97 61.21 62.83 -1.23
C ALA EB 97 61.35 64.34 -1.36
N LYS EB 98 62.58 64.82 -1.27
CA LYS EB 98 62.88 66.25 -1.43
C LYS EB 98 62.58 66.77 -2.84
N GLU EB 99 62.83 65.93 -3.84
CA GLU EB 99 62.55 66.25 -5.25
C GLU EB 99 61.05 66.36 -5.48
N GLU EB 100 60.30 65.42 -4.93
CA GLU EB 100 58.84 65.42 -4.95
C GLU EB 100 58.24 66.67 -4.30
N ALA EB 101 58.79 67.02 -3.13
CA ALA EB 101 58.38 68.22 -2.39
C ALA EB 101 58.61 69.50 -3.20
N GLN EB 102 59.77 69.58 -3.83
CA GLN EB 102 60.13 70.69 -4.73
C GLN EB 102 59.15 70.81 -5.89
N LYS EB 103 58.83 69.67 -6.48
CA LYS EB 103 57.86 69.58 -7.59
C LYS EB 103 56.48 70.06 -7.18
N ALA EB 104 56.07 69.62 -5.99
CA ALA EB 104 54.80 70.03 -5.38
C ALA EB 104 54.74 71.54 -5.17
N LYS EB 105 55.82 72.10 -4.62
CA LYS EB 105 55.97 73.56 -4.45
C LYS EB 105 55.83 74.32 -5.76
N GLU EB 106 56.52 73.81 -6.80
CA GLU EB 106 56.48 74.39 -8.14
C GLU EB 106 55.07 74.41 -8.72
N PHE EB 107 54.36 73.29 -8.54
CA PHE EB 107 52.96 73.16 -8.94
C PHE EB 107 52.06 74.18 -8.24
N LEU EB 108 52.25 74.31 -6.93
CA LEU EB 108 51.52 75.33 -6.12
C LEU EB 108 51.74 76.74 -6.64
N ASP EB 109 53.01 77.06 -6.90
CA ASP EB 109 53.40 78.36 -7.44
C ASP EB 109 52.69 78.63 -8.77
N LYS EB 110 52.72 77.63 -9.66
CA LYS EB 110 52.05 77.70 -10.96
C LYS EB 110 50.54 77.94 -10.83
N ARG EB 111 49.94 77.23 -9.88
CA ARG EB 111 48.51 77.38 -9.55
C ARG EB 111 48.19 78.79 -9.08
N SER EB 112 49.02 79.30 -8.17
CA SER EB 112 48.90 80.68 -7.65
C SER EB 112 49.00 81.71 -8.76
N VAL EB 113 49.95 81.50 -9.68
CA VAL EB 113 50.13 82.37 -10.85
C VAL EB 113 48.89 82.37 -11.73
N ARG EB 114 48.34 81.18 -11.96
CA ARG EB 114 47.11 81.00 -12.75
C ARG EB 114 45.93 81.76 -12.12
N GLU EB 115 45.79 81.62 -10.81
CA GLU EB 115 44.77 82.33 -10.03
C GLU EB 115 44.88 83.84 -10.16
N ASN EB 116 46.11 84.34 -10.04
CA ASN EB 116 46.42 85.77 -10.21
C ASN EB 116 45.96 86.26 -11.58
N LYS EB 117 46.30 85.49 -12.61
CA LYS EB 117 45.76 85.64 -13.98
C LYS EB 117 46.20 86.93 -14.66
N LEU EB 124 43.78 89.04 -22.80
CA LEU EB 124 44.95 89.22 -23.66
C LEU EB 124 44.60 89.94 -24.95
N LEU EB 125 43.54 89.46 -25.62
CA LEU EB 125 43.06 90.05 -26.88
C LEU EB 125 42.70 91.52 -26.72
N ARG EB 126 41.97 91.81 -25.63
CA ARG EB 126 41.63 93.18 -25.26
C ARG EB 126 42.85 94.05 -25.07
N ASP EB 127 43.84 93.53 -24.35
CA ASP EB 127 45.11 94.23 -24.10
C ASP EB 127 45.82 94.57 -25.41
N ILE EB 128 45.88 93.58 -26.31
CA ILE EB 128 46.43 93.75 -27.67
C ILE EB 128 45.71 94.86 -28.44
N ARG EB 129 44.39 94.84 -28.39
CA ARG EB 129 43.54 95.87 -29.01
C ARG EB 129 43.86 97.27 -28.48
N THR EB 130 44.00 97.37 -27.16
CA THR EB 130 44.31 98.65 -26.50
C THR EB 130 45.69 99.18 -26.90
N ILE EB 131 46.66 98.26 -27.01
CA ILE EB 131 48.02 98.57 -27.47
C ILE EB 131 47.99 99.12 -28.90
N GLN EB 132 47.26 98.41 -29.77
CA GLN EB 132 47.04 98.83 -31.17
C GLN EB 132 46.47 100.24 -31.25
N ASP EB 133 45.42 100.48 -30.47
CA ASP EB 133 44.77 101.80 -30.40
C ASP EB 133 45.74 102.89 -29.99
N ALA EB 134 46.55 102.60 -28.98
CA ALA EB 134 47.59 103.52 -28.50
C ALA EB 134 48.59 103.87 -29.59
N LEU EB 135 49.07 102.85 -30.31
CA LEU EB 135 49.97 103.04 -31.45
C LEU EB 135 49.14 103.45 -32.67
N THR EB 140 47.44 106.09 -25.28
CA THR EB 140 47.18 107.40 -24.68
C THR EB 140 46.91 107.33 -23.17
N PRO EB 141 46.11 106.35 -22.69
CA PRO EB 141 45.89 106.24 -21.24
C PRO EB 141 47.08 105.64 -20.48
N LYS EB 142 46.93 105.53 -19.16
CA LYS EB 142 47.98 104.98 -18.28
C LYS EB 142 47.91 103.45 -18.09
N GLU EB 143 46.96 102.78 -18.75
CA GLU EB 143 46.84 101.32 -18.74
C GLU EB 143 47.95 100.61 -19.54
N LEU EB 144 48.63 101.34 -20.43
CA LEU EB 144 49.77 100.82 -21.19
C LEU EB 144 50.87 100.26 -20.28
N LEU EB 145 51.18 101.00 -19.23
CA LEU EB 145 52.16 100.59 -18.22
C LEU EB 145 51.75 99.29 -17.54
N GLU EB 146 50.48 99.22 -17.14
CA GLU EB 146 49.88 98.03 -16.52
C GLU EB 146 49.97 96.80 -17.44
N ILE EB 147 49.67 97.00 -18.72
CA ILE EB 147 49.77 95.97 -19.74
C ILE EB 147 51.21 95.45 -19.87
N LYS EB 148 52.16 96.39 -19.92
CA LYS EB 148 53.59 96.07 -19.99
C LYS EB 148 54.04 95.23 -18.80
N GLN EB 149 53.60 95.64 -17.61
CA GLN EB 149 53.88 94.89 -16.37
C GLN EB 149 53.37 93.45 -16.42
N ARG EB 150 52.17 93.26 -16.95
CA ARG EB 150 51.60 91.92 -17.15
C ARG EB 150 52.38 91.12 -18.19
N GLU EB 159 57.17 95.13 -33.14
CA GLU EB 159 58.22 95.55 -32.21
C GLU EB 159 57.94 95.04 -30.79
N THR EB 160 56.78 95.45 -30.25
CA THR EB 160 56.31 95.05 -28.93
C THR EB 160 55.28 93.93 -29.06
N VAL EB 161 54.33 94.11 -29.98
CA VAL EB 161 53.28 93.13 -30.28
C VAL EB 161 53.87 91.79 -30.70
N ARG EB 162 54.85 91.84 -31.59
CA ARG EB 162 55.58 90.64 -32.05
C ARG EB 162 56.23 89.90 -30.89
N GLN EB 163 56.89 90.65 -30.02
CA GLN EB 163 57.54 90.11 -28.82
C GLN EB 163 56.55 89.40 -27.90
N LEU EB 164 55.40 90.05 -27.67
CA LEU EB 164 54.31 89.49 -26.89
C LEU EB 164 53.80 88.16 -27.46
N LEU EB 165 53.61 88.13 -28.78
CA LEU EB 165 53.04 86.97 -29.48
C LEU EB 165 54.11 86.16 -30.24
N GLN EB 166 55.32 86.09 -29.70
CA GLN EB 166 56.40 85.30 -30.30
C GLN EB 166 56.21 83.83 -29.92
N LEU EB 167 55.77 83.03 -30.88
CA LEU EB 167 55.44 81.62 -30.62
C LEU EB 167 56.66 80.71 -30.58
N ASP EB 168 56.48 79.55 -29.95
CA ASP EB 168 57.51 78.51 -29.82
C ASP EB 168 57.67 77.71 -31.10
N ILE EB 169 56.56 77.46 -31.78
CA ILE EB 169 56.48 76.60 -32.97
C ILE EB 169 57.37 77.17 -34.09
N SER EB 170 57.23 78.46 -34.32
CA SER EB 170 58.01 79.20 -35.32
C SER EB 170 59.52 79.12 -35.04
N GLY EB 171 59.88 79.29 -33.76
CA GLY EB 171 61.27 79.16 -33.32
C GLY EB 171 61.82 77.76 -33.50
N LEU EB 172 60.98 76.76 -33.23
CA LEU EB 172 61.33 75.35 -33.42
C LEU EB 172 61.59 75.03 -34.90
N GLU EB 173 60.71 75.55 -35.76
CA GLU EB 173 60.79 75.34 -37.21
C GLU EB 173 62.14 75.72 -37.80
N VAL EB 174 62.60 76.90 -37.42
CA VAL EB 174 63.90 77.44 -37.86
C VAL EB 174 65.04 76.52 -37.44
N ASN EB 175 64.99 76.08 -36.19
CA ASN EB 175 65.96 75.14 -35.63
C ASN EB 175 66.00 73.82 -36.38
N LEU EB 176 64.82 73.29 -36.67
CA LEU EB 176 64.65 72.08 -37.49
C LEU EB 176 65.28 72.23 -38.88
N GLU EB 177 64.98 73.34 -39.54
CA GLU EB 177 65.55 73.67 -40.85
C GLU EB 177 67.08 73.71 -40.83
N LYS EB 178 67.61 74.35 -39.79
CA LYS EB 178 69.05 74.43 -39.55
C LYS EB 178 69.69 73.05 -39.37
N GLN EB 179 69.04 72.21 -38.56
CA GLN EB 179 69.46 70.82 -38.35
C GLN EB 179 69.50 70.04 -39.67
N ARG EB 180 68.44 70.20 -40.45
CA ARG EB 180 68.31 69.55 -41.76
C ARG EB 180 69.43 69.96 -42.71
N SER EB 181 69.71 71.27 -42.73
CA SER EB 181 70.79 71.84 -43.55
C SER EB 181 72.16 71.27 -43.14
N LEU EB 182 72.38 71.18 -41.83
CA LEU EB 182 73.61 70.59 -41.26
C LEU EB 182 73.78 69.15 -41.71
N ILE EB 183 72.70 68.38 -41.60
CA ILE EB 183 72.68 66.97 -42.03
C ILE EB 183 73.04 66.84 -43.50
N ASP EB 184 72.42 67.69 -44.33
CA ASP EB 184 72.70 67.73 -45.78
C ASP EB 184 74.16 68.01 -46.09
N ARG EB 185 74.71 69.04 -45.44
CA ARG EB 185 76.07 69.53 -45.72
C ARG EB 185 77.15 68.46 -45.50
N ILE EB 186 77.04 67.75 -44.40
CA ILE EB 186 77.96 66.67 -44.03
C ILE EB 186 77.94 65.57 -45.10
N GLN EB 187 76.74 65.17 -45.49
CA GLN EB 187 76.53 64.13 -46.50
C GLN EB 187 77.08 64.51 -47.88
N THR EB 188 76.72 65.69 -48.34
CA THR EB 188 77.11 66.19 -49.68
C THR EB 188 78.62 66.32 -49.81
N ARG EB 189 79.26 66.85 -48.78
CA ARG EB 189 80.72 66.96 -48.70
C ARG EB 189 81.37 65.59 -48.77
N LEU EB 190 80.86 64.67 -47.96
CA LEU EB 190 81.33 63.28 -47.94
C LEU EB 190 81.25 62.60 -49.30
N SER EB 191 80.11 62.78 -49.97
CA SER EB 191 79.87 62.23 -51.31
C SER EB 191 80.88 62.78 -52.32
N GLU EB 192 81.14 64.09 -52.23
CA GLU EB 192 82.14 64.77 -53.05
C GLU EB 192 83.54 64.20 -52.83
N LEU EB 193 83.89 64.02 -51.56
CA LEU EB 193 85.16 63.40 -51.15
C LEU EB 193 85.34 62.00 -51.73
N LEU EB 194 84.28 61.19 -51.61
CA LEU EB 194 84.24 59.83 -52.18
C LEU EB 194 84.47 59.83 -53.69
N SER EB 195 83.81 60.77 -54.37
CA SER EB 195 83.91 60.91 -55.83
C SER EB 195 85.35 61.18 -56.30
N ASN EB 196 86.05 62.10 -55.63
CA ASN EB 196 87.41 62.50 -56.04
C ASN EB 196 88.50 62.01 -55.08
N ASP EB 197 89.35 61.09 -55.57
CA ASP EB 197 90.37 60.43 -54.75
C ASP EB 197 91.58 61.32 -54.52
N LEU EB 198 92.06 61.96 -55.58
CA LEU EB 198 93.19 62.89 -55.54
C LEU EB 198 92.88 64.04 -54.58
N LYS EB 199 91.71 64.64 -54.75
CA LYS EB 199 91.21 65.71 -53.89
C LYS EB 199 91.20 65.29 -52.42
N CYS EB 200 90.65 64.10 -52.16
CA CYS EB 200 90.54 63.53 -50.81
C CYS EB 200 91.84 63.50 -50.01
N ASP EB 201 92.90 63.02 -50.64
CA ASP EB 201 94.24 62.95 -50.03
C ASP EB 201 94.77 64.34 -49.66
N GLN EB 202 94.59 65.28 -50.58
CA GLN EB 202 94.97 66.68 -50.36
C GLN EB 202 94.20 67.31 -49.19
N PHE EB 203 92.90 67.07 -49.16
CA PHE EB 203 92.03 67.52 -48.07
C PHE EB 203 92.50 66.97 -46.71
N LEU EB 204 92.81 65.68 -46.68
CA LEU EB 204 93.33 65.02 -45.48
C LEU EB 204 94.63 65.64 -44.99
N LYS EB 205 95.54 65.91 -45.93
CA LYS EB 205 96.81 66.58 -45.64
C LYS EB 205 96.60 67.98 -45.05
N ASP EB 206 95.68 68.73 -45.65
CA ASP EB 206 95.32 70.07 -45.17
C ASP EB 206 94.78 70.03 -43.75
N HIS EB 207 93.91 69.06 -43.48
CA HIS EB 207 93.35 68.84 -42.15
C HIS EB 207 94.43 68.55 -41.11
N GLY EB 208 95.33 67.62 -41.42
CA GLY EB 208 96.43 67.26 -40.54
C GLY EB 208 97.08 65.94 -40.91
N ASN EB 218 88.97 52.55 -45.37
CA ASN EB 218 87.93 52.64 -44.33
C ASN EB 218 88.31 53.62 -43.24
N ILE EB 219 89.51 53.46 -42.71
CA ILE EB 219 90.09 54.36 -41.69
C ILE EB 219 90.16 55.79 -42.21
N LYS EB 220 90.66 55.92 -43.44
CA LYS EB 220 90.76 57.21 -44.13
C LYS EB 220 89.40 57.88 -44.29
N LYS EB 221 88.41 57.09 -44.69
CA LYS EB 221 87.02 57.56 -44.83
C LYS EB 221 86.46 58.06 -43.51
N ASN EB 222 86.70 57.30 -42.44
CA ASN EB 222 86.30 57.67 -41.08
C ASN EB 222 86.91 58.99 -40.63
N LEU EB 223 88.21 59.14 -40.90
CA LEU EB 223 88.94 60.38 -40.62
C LEU EB 223 88.35 61.58 -41.36
N LEU EB 224 88.07 61.38 -42.64
CA LEU EB 224 87.42 62.39 -43.49
C LEU EB 224 86.08 62.83 -42.90
N ARG EB 225 85.26 61.85 -42.55
CA ARG EB 225 83.96 62.08 -41.91
C ARG EB 225 84.09 62.91 -40.63
N LYS EB 226 85.05 62.52 -39.79
CA LYS EB 226 85.34 63.24 -38.54
C LYS EB 226 85.71 64.70 -38.79
N HIS EB 227 86.57 64.91 -39.80
CA HIS EB 227 86.98 66.25 -40.21
C HIS EB 227 85.80 67.09 -40.67
N VAL EB 228 84.92 66.48 -41.46
CA VAL EB 228 83.70 67.11 -41.94
C VAL EB 228 82.82 67.54 -40.78
N MET EB 229 82.61 66.64 -39.83
CA MET EB 229 81.84 66.90 -38.61
C MET EB 229 82.40 68.08 -37.82
N MET EB 230 83.72 68.08 -37.64
CA MET EB 230 84.44 69.17 -36.98
C MET EB 230 84.22 70.51 -37.67
N ASP EB 231 84.29 70.50 -39.00
CA ASP EB 231 84.06 71.70 -39.81
C ASP EB 231 82.65 72.27 -39.60
N MET EB 232 81.64 71.40 -39.66
CA MET EB 232 80.25 71.81 -39.49
C MET EB 232 79.85 71.71 -38.03
N LYS FB 1 -0.09 44.97 -85.30
CA LYS FB 1 0.35 45.40 -83.94
C LYS FB 1 1.01 44.26 -83.17
N ILE FB 2 1.91 44.61 -82.25
CA ILE FB 2 2.64 43.62 -81.45
C ILE FB 2 3.14 44.23 -80.13
N ASP FB 3 3.32 43.37 -79.12
CA ASP FB 3 3.82 43.81 -77.81
C ASP FB 3 5.28 44.28 -77.83
N GLN FB 4 5.67 44.95 -76.74
CA GLN FB 4 7.02 45.53 -76.62
C GLN FB 4 8.12 44.50 -76.31
N SER FB 5 7.75 43.40 -75.66
CA SER FB 5 8.72 42.38 -75.22
C SER FB 5 9.42 41.62 -76.36
N LEU FB 6 8.76 41.51 -77.52
CA LEU FB 6 9.28 40.73 -78.65
C LEU FB 6 9.80 41.59 -79.81
N SER FB 7 10.42 42.73 -79.51
CA SER FB 7 11.01 43.59 -80.54
C SER FB 7 12.02 44.54 -79.92
N LYS FB 8 13.30 44.33 -80.21
CA LYS FB 8 14.37 45.13 -79.63
C LYS FB 8 14.49 46.47 -80.36
N LYS FB 9 14.26 47.56 -79.61
CA LYS FB 9 14.38 48.91 -80.15
C LYS FB 9 15.85 49.34 -80.08
N LEU FB 10 16.52 49.36 -81.23
CA LEU FB 10 17.92 49.76 -81.31
C LEU FB 10 18.00 51.27 -81.05
N PRO FB 11 18.85 51.71 -80.09
CA PRO FB 11 18.96 53.15 -79.84
C PRO FB 11 19.50 53.98 -81.01
N LYS FB 12 19.40 55.29 -80.88
CA LYS FB 12 19.62 56.23 -81.98
C LYS FB 12 21.07 56.27 -82.47
N GLY FB 13 22.01 56.49 -81.55
CA GLY FB 13 23.43 56.58 -81.88
C GLY FB 13 24.17 55.26 -82.00
N THR FB 14 23.51 54.15 -81.66
CA THR FB 14 24.17 52.84 -81.60
C THR FB 14 24.43 52.20 -82.96
N ILE FB 15 25.34 51.23 -82.94
CA ILE FB 15 25.57 50.29 -84.02
C ILE FB 15 24.61 49.13 -83.82
N TYR FB 16 24.32 48.42 -84.89
CA TYR FB 16 23.57 47.16 -84.82
C TYR FB 16 24.24 46.07 -85.66
N ASP FB 17 23.62 44.89 -85.66
CA ASP FB 17 24.09 43.71 -86.37
C ASP FB 17 22.85 42.93 -86.84
N PRO FB 18 22.95 42.18 -87.96
CA PRO FB 18 21.89 41.26 -88.35
C PRO FB 18 21.32 40.38 -87.23
N PHE FB 19 22.19 39.83 -86.39
CA PHE FB 19 21.78 39.09 -85.17
C PHE FB 19 20.89 39.92 -84.24
N ASP FB 20 21.20 41.21 -84.13
CA ASP FB 20 20.50 42.11 -83.20
C ASP FB 20 18.98 42.22 -83.43
N PHE FB 21 18.53 41.99 -84.67
CA PHE FB 21 17.08 41.92 -84.96
C PHE FB 21 16.38 40.65 -84.42
N SER FB 22 17.14 39.60 -84.10
CA SER FB 22 16.58 38.28 -83.79
C SER FB 22 15.90 38.16 -82.42
N MET FB 23 15.12 37.08 -82.29
CA MET FB 23 14.58 36.61 -81.01
C MET FB 23 15.68 36.30 -79.99
N GLY FB 24 16.73 35.64 -80.46
CA GLY FB 24 17.87 35.23 -79.64
C GLY FB 24 18.58 36.38 -78.97
N ARG FB 25 18.70 37.50 -79.68
CA ARG FB 25 19.26 38.74 -79.12
C ARG FB 25 18.42 39.23 -77.95
N ILE FB 26 17.11 39.29 -78.16
CA ILE FB 26 16.14 39.75 -77.15
C ILE FB 26 16.23 38.91 -75.88
N HIS FB 27 16.30 37.59 -76.07
CA HIS FB 27 16.48 36.62 -74.98
C HIS FB 27 17.75 36.87 -74.20
N LEU FB 28 18.83 37.13 -74.94
CA LEU FB 28 20.15 37.43 -74.36
C LEU FB 28 20.09 38.70 -73.52
N ASP FB 29 19.48 39.74 -74.07
CA ASP FB 29 19.23 41.01 -73.36
C ASP FB 29 18.45 40.82 -72.06
N ARG FB 30 17.40 40.01 -72.13
CA ARG FB 30 16.56 39.67 -70.98
C ARG FB 30 17.35 38.97 -69.89
N LYS FB 31 18.21 38.04 -70.32
CA LYS FB 31 19.09 37.29 -69.41
C LYS FB 31 20.06 38.20 -68.67
N TYR FB 32 20.79 39.02 -69.42
CA TYR FB 32 21.85 39.88 -68.87
C TYR FB 32 21.33 41.27 -68.49
N GLN FB 33 21.10 41.47 -67.20
CA GLN FB 33 20.73 42.79 -66.65
C GLN FB 33 21.45 43.06 -65.34
N ASP FB 42 25.20 53.62 -56.84
CA ASP FB 42 24.31 54.37 -55.96
C ASP FB 42 25.11 55.02 -54.82
N ILE FB 43 24.52 56.03 -54.19
CA ILE FB 43 25.17 56.83 -53.12
C ILE FB 43 25.94 56.05 -52.05
N MET FB 44 25.46 54.86 -51.68
CA MET FB 44 26.15 54.00 -50.71
C MET FB 44 27.34 53.28 -51.36
N LYS FB 45 27.18 52.84 -52.61
CA LYS FB 45 28.29 52.28 -53.39
C LYS FB 45 29.35 53.32 -53.78
N SER FB 46 28.94 54.59 -53.88
CA SER FB 46 29.83 55.70 -54.28
C SER FB 46 31.04 55.90 -53.38
N GLY FB 47 30.92 55.56 -52.09
CA GLY FB 47 32.03 55.62 -51.14
C GLY FB 47 31.81 56.67 -50.07
N ALA FB 48 30.75 56.49 -49.30
CA ALA FB 48 30.44 57.32 -48.14
C ALA FB 48 29.75 56.45 -47.11
N ASN FB 49 30.27 56.41 -45.88
CA ASN FB 49 29.69 55.61 -44.81
C ASN FB 49 28.17 55.83 -44.68
N PRO FB 50 27.36 54.75 -44.84
CA PRO FB 50 25.89 54.86 -44.70
C PRO FB 50 25.38 55.38 -43.35
N LEU FB 51 26.22 55.35 -42.31
CA LEU FB 51 25.84 55.89 -41.00
C LEU FB 51 25.80 57.43 -40.92
N GLU FB 52 25.90 58.11 -42.06
CA GLU FB 52 25.51 59.52 -42.17
C GLU FB 52 24.02 59.70 -42.47
N PHE FB 53 23.38 58.64 -42.97
CA PHE FB 53 22.02 58.70 -43.51
C PHE FB 53 20.95 58.26 -42.51
N TYR FB 54 21.29 58.14 -41.23
CA TYR FB 54 20.33 57.69 -40.19
C TYR FB 54 19.25 58.73 -39.86
N ALA FB 55 19.41 59.98 -40.30
CA ALA FB 55 18.35 60.98 -40.27
C ALA FB 55 17.80 61.27 -41.69
N ARG FB 56 17.94 60.29 -42.59
CA ARG FB 56 17.51 60.39 -43.99
C ARG FB 56 16.79 59.09 -44.42
N PRO FB 57 15.61 58.80 -43.83
CA PRO FB 57 14.79 57.62 -44.19
C PRO FB 57 14.55 57.42 -45.69
N ARG FB 58 14.31 58.51 -46.41
CA ARG FB 58 14.09 58.48 -47.87
C ARG FB 58 15.14 57.65 -48.61
N ILE FB 59 16.40 57.91 -48.28
CA ILE FB 59 17.54 57.22 -48.92
C ILE FB 59 17.74 55.81 -48.35
N LEU FB 60 17.58 55.64 -47.04
CA LEU FB 60 17.68 54.33 -46.40
C LEU FB 60 16.55 53.37 -46.79
N SER FB 61 15.37 53.92 -47.10
CA SER FB 61 14.22 53.13 -47.55
C SER FB 61 14.42 52.44 -48.91
N ARG FB 62 15.38 52.92 -49.70
CA ARG FB 62 15.78 52.27 -50.96
C ARG FB 62 16.41 50.89 -50.71
N TYR FB 63 17.08 50.73 -49.56
CA TYR FB 63 17.77 49.49 -49.19
C TYR FB 63 16.92 48.62 -48.26
N VAL FB 64 15.63 48.53 -48.56
CA VAL FB 64 14.64 47.92 -47.68
C VAL FB 64 13.48 47.38 -48.53
N THR FB 65 12.94 46.23 -48.13
CA THR FB 65 11.80 45.61 -48.81
C THR FB 65 10.51 46.38 -48.51
N SER FB 66 9.52 46.26 -49.39
CA SER FB 66 8.22 46.93 -49.25
C SER FB 66 7.60 46.89 -47.84
N THR FB 67 7.70 45.74 -47.18
CA THR FB 67 7.23 45.56 -45.80
C THR FB 67 8.07 46.37 -44.79
N GLY FB 68 9.39 46.37 -44.98
CA GLY FB 68 10.31 47.03 -44.04
C GLY FB 68 11.62 46.31 -43.76
N ARG FB 69 11.70 45.02 -44.12
CA ARG FB 69 12.92 44.22 -43.98
C ARG FB 69 14.12 44.83 -44.70
N ILE FB 70 15.32 44.66 -44.11
CA ILE FB 70 16.57 45.05 -44.77
C ILE FB 70 16.93 44.00 -45.81
N GLN FB 71 17.44 44.47 -46.96
CA GLN FB 71 17.82 43.57 -48.05
C GLN FB 71 19.20 42.96 -47.84
N HIS FB 72 19.37 41.74 -48.34
CA HIS FB 72 20.59 40.96 -48.18
C HIS FB 72 21.71 41.51 -49.08
N ARG FB 73 22.96 41.29 -48.68
CA ARG FB 73 24.12 41.72 -49.48
C ARG FB 73 24.18 41.10 -50.89
N ASP FB 74 23.61 39.91 -51.04
CA ASP FB 74 23.40 39.31 -52.36
C ASP FB 74 22.50 40.18 -53.24
N ILE FB 75 21.43 40.70 -52.63
CA ILE FB 75 20.47 41.59 -53.32
C ILE FB 75 21.05 42.99 -53.51
N THR FB 76 21.36 43.66 -52.41
CA THR FB 76 21.81 45.07 -52.47
C THR FB 76 23.16 45.24 -53.19
N GLY FB 77 24.04 44.25 -53.08
CA GLY FB 77 25.29 44.20 -53.83
C GLY FB 77 26.34 45.17 -53.33
N LEU FB 78 26.54 45.20 -52.01
CA LEU FB 78 27.44 46.15 -51.35
C LEU FB 78 28.72 45.46 -50.88
N SER FB 79 29.71 46.28 -50.53
CA SER FB 79 30.87 45.84 -49.75
C SER FB 79 30.35 45.43 -48.37
N ALA FB 80 30.93 44.35 -47.83
CA ALA FB 80 30.40 43.71 -46.60
C ALA FB 80 30.34 44.68 -45.42
N LYS FB 81 31.43 45.40 -45.22
CA LYS FB 81 31.53 46.47 -44.22
C LYS FB 81 30.48 47.56 -44.47
N ASN FB 82 30.40 48.00 -45.72
CA ASN FB 82 29.46 49.06 -46.10
C ASN FB 82 28.01 48.62 -45.90
N GLN FB 83 27.72 47.36 -46.23
CA GLN FB 83 26.42 46.74 -45.97
C GLN FB 83 26.06 46.74 -44.49
N ARG FB 84 27.02 46.36 -43.65
CA ARG FB 84 26.80 46.29 -42.21
C ARG FB 84 26.55 47.68 -41.60
N ARG FB 85 27.26 48.68 -42.12
CA ARG FB 85 27.06 50.08 -41.76
C ARG FB 85 25.66 50.59 -42.12
N LEU FB 86 25.24 50.27 -43.34
CA LEU FB 86 23.89 50.55 -43.84
C LEU FB 86 22.83 49.94 -42.93
N SER FB 87 23.01 48.67 -42.60
CA SER FB 87 22.11 47.95 -41.69
C SER FB 87 22.02 48.62 -40.33
N LYS FB 88 23.18 48.94 -39.77
CA LYS FB 88 23.27 49.70 -38.50
C LYS FB 88 22.48 51.00 -38.55
N ALA FB 89 22.70 51.78 -39.61
CA ALA FB 89 22.03 53.06 -39.84
C ALA FB 89 20.51 52.90 -39.89
N ILE FB 90 20.07 51.86 -40.60
CA ILE FB 90 18.64 51.51 -40.70
C ILE FB 90 18.05 51.22 -39.32
N ARG FB 91 18.75 50.38 -38.56
CA ARG FB 91 18.33 50.01 -37.21
C ARG FB 91 18.27 51.20 -36.25
N ARG FB 92 19.23 52.11 -36.39
CA ARG FB 92 19.25 53.38 -35.65
C ARG FB 92 18.01 54.20 -36.01
N CYS FB 93 17.75 54.31 -37.32
CA CYS FB 93 16.59 55.03 -37.84
C CYS FB 93 15.29 54.54 -37.19
N GLN FB 94 15.05 53.23 -37.27
CA GLN FB 94 13.81 52.67 -36.68
C GLN FB 94 13.74 52.70 -35.15
N ALA FB 95 14.89 52.78 -34.49
CA ALA FB 95 14.93 53.07 -33.04
C ALA FB 95 14.39 54.49 -32.77
N ILE FB 96 14.78 55.43 -33.64
CA ILE FB 96 14.21 56.79 -33.62
C ILE FB 96 12.81 56.70 -34.23
N GLY FB 97 11.98 57.73 -34.05
CA GLY FB 97 10.71 57.84 -34.76
C GLY FB 97 10.85 57.72 -36.27
N LEU FB 98 11.58 58.67 -36.87
CA LEU FB 98 11.84 58.70 -38.32
C LEU FB 98 12.30 57.35 -38.88
N MET FB 99 11.53 56.82 -39.85
CA MET FB 99 11.61 55.42 -40.29
C MET FB 99 11.21 54.47 -39.17
N SER GB 1 -27.93 -57.32 -60.30
CA SER GB 1 -28.67 -56.97 -61.56
C SER GB 1 -29.92 -56.12 -61.27
N ARG GB 2 -29.81 -54.81 -61.54
CA ARG GB 2 -30.94 -53.88 -61.34
C ARG GB 2 -32.01 -54.10 -62.40
N SER GB 3 -31.63 -54.00 -63.67
CA SER GB 3 -32.59 -54.06 -64.79
C SER GB 3 -33.54 -55.25 -64.60
N VAL GB 4 -34.82 -55.00 -64.84
CA VAL GB 4 -35.89 -56.00 -64.61
C VAL GB 4 -35.58 -57.36 -65.27
N TRP GB 5 -35.12 -57.31 -66.52
CA TRP GB 5 -34.57 -58.50 -67.18
C TRP GB 5 -33.21 -58.80 -66.55
N LYS GB 6 -32.93 -60.08 -66.31
CA LYS GB 6 -31.66 -60.48 -65.71
C LYS GB 6 -31.75 -60.54 -64.18
N GLY GB 7 -32.71 -59.78 -63.63
CA GLY GB 7 -32.90 -59.75 -62.20
C GLY GB 7 -33.68 -60.93 -61.69
N PRO GB 8 -33.78 -61.05 -60.37
CA PRO GB 8 -33.16 -60.08 -59.45
C PRO GB 8 -31.87 -60.60 -58.86
N ASN GB 9 -31.11 -59.72 -58.21
CA ASN GB 9 -29.85 -60.11 -57.59
C ASN GB 9 -30.03 -61.29 -56.65
N ILE GB 10 -29.19 -62.31 -56.80
CA ILE GB 10 -29.26 -63.50 -55.96
C ILE GB 10 -27.87 -63.82 -55.40
N VAL GB 11 -27.83 -64.26 -54.14
CA VAL GB 11 -26.60 -64.64 -53.44
C VAL GB 11 -26.87 -65.99 -52.76
N PRO GB 12 -25.82 -66.84 -52.59
CA PRO GB 12 -26.00 -68.05 -51.77
C PRO GB 12 -26.09 -67.74 -50.28
N LEU GB 13 -27.08 -68.32 -49.60
CA LEU GB 13 -27.28 -68.14 -48.15
C LEU GB 13 -27.66 -69.47 -47.47
N PRO GB 14 -27.50 -69.54 -46.12
CA PRO GB 14 -28.05 -70.66 -45.35
C PRO GB 14 -29.53 -70.40 -45.03
N ILE GB 15 -30.37 -70.58 -46.05
CA ILE GB 15 -31.78 -70.17 -46.01
C ILE GB 15 -32.65 -71.31 -45.48
N ARG GB 16 -32.46 -72.49 -46.04
CA ARG GB 16 -33.33 -73.63 -45.73
C ARG GB 16 -33.21 -74.06 -44.26
N GLU GB 17 -31.99 -74.01 -43.72
CA GLU GB 17 -31.75 -74.33 -42.31
C GLU GB 17 -32.42 -73.31 -41.37
N ALA GB 18 -32.39 -72.04 -41.77
CA ALA GB 18 -33.07 -70.96 -41.04
C ALA GB 18 -34.59 -71.15 -41.03
N MET GB 19 -35.11 -71.58 -42.19
CA MET GB 19 -36.53 -71.87 -42.37
C MET GB 19 -36.99 -73.03 -41.49
N THR GB 20 -36.17 -74.08 -41.44
CA THR GB 20 -36.45 -75.27 -40.60
C THR GB 20 -36.43 -74.92 -39.12
N LYS GB 21 -35.38 -74.22 -38.71
CA LYS GB 21 -35.09 -73.94 -37.30
C LYS GB 21 -34.56 -72.51 -37.20
N GLY GB 22 -35.19 -71.70 -36.34
CA GLY GB 22 -34.89 -70.26 -36.24
C GLY GB 22 -33.47 -69.92 -35.84
N THR GB 23 -32.56 -70.02 -36.83
CA THR GB 23 -31.16 -69.66 -36.67
C THR GB 23 -30.92 -68.45 -37.58
N PRO GB 24 -30.60 -67.28 -36.99
CA PRO GB 24 -30.40 -66.08 -37.81
C PRO GB 24 -29.29 -66.19 -38.86
N ILE GB 25 -29.51 -65.58 -40.01
CA ILE GB 25 -28.58 -65.63 -41.14
C ILE GB 25 -27.65 -64.41 -41.08
N ARG GB 26 -26.40 -64.63 -40.68
CA ARG GB 26 -25.40 -63.55 -40.67
C ARG GB 26 -24.88 -63.26 -42.08
N THR GB 27 -25.52 -62.28 -42.72
CA THR GB 27 -25.14 -61.83 -44.06
C THR GB 27 -24.05 -60.78 -43.98
N ASN GB 28 -23.02 -60.96 -44.80
CA ASN GB 28 -22.07 -59.89 -45.12
C ASN GB 28 -22.21 -59.53 -46.61
N ALA GB 29 -23.41 -59.76 -47.17
CA ALA GB 29 -23.67 -59.51 -48.59
C ALA GB 29 -23.95 -58.03 -48.80
N ARG GB 30 -25.02 -57.53 -48.18
CA ARG GB 30 -25.49 -56.13 -48.32
C ARG GB 30 -25.95 -55.70 -49.72
N ALA GB 31 -25.71 -56.53 -50.75
CA ALA GB 31 -26.18 -56.27 -52.11
C ALA GB 31 -27.06 -57.41 -52.64
N ALA GB 32 -27.53 -58.29 -51.74
CA ALA GB 32 -28.46 -59.35 -52.12
C ALA GB 32 -29.87 -58.78 -52.06
N THR GB 33 -30.63 -58.93 -53.13
CA THR GB 33 -32.04 -58.53 -53.12
C THR GB 33 -32.82 -59.44 -52.19
N ILE GB 34 -33.69 -58.84 -51.39
CA ILE GB 34 -34.63 -59.60 -50.56
C ILE GB 34 -35.63 -60.26 -51.51
N LEU GB 35 -36.06 -61.47 -51.16
CA LEU GB 35 -36.98 -62.24 -51.99
C LEU GB 35 -38.24 -62.56 -51.19
N PRO GB 36 -39.32 -62.98 -51.88
CA PRO GB 36 -40.50 -63.53 -51.18
C PRO GB 36 -40.21 -64.83 -50.41
N GLN GB 37 -39.17 -65.57 -50.81
CA GLN GB 37 -38.81 -66.84 -50.17
C GLN GB 37 -38.20 -66.65 -48.78
N PHE GB 38 -37.74 -65.44 -48.45
CA PHE GB 38 -37.38 -65.11 -47.07
C PHE GB 38 -38.01 -63.79 -46.58
N VAL GB 39 -39.29 -63.91 -46.21
CA VAL GB 39 -39.96 -62.96 -45.33
C VAL GB 39 -40.30 -63.71 -44.04
N GLY GB 40 -39.99 -63.11 -42.91
CA GLY GB 40 -40.10 -63.79 -41.61
C GLY GB 40 -38.89 -64.63 -41.22
N LEU GB 41 -37.77 -64.46 -41.93
CA LEU GB 41 -36.48 -65.04 -41.54
C LEU GB 41 -35.64 -63.97 -40.88
N LYS GB 42 -34.95 -64.33 -39.81
CA LYS GB 42 -34.10 -63.38 -39.08
C LYS GB 42 -32.75 -63.27 -39.79
N PHE GB 43 -32.41 -62.05 -40.20
CA PHE GB 43 -31.11 -61.75 -40.80
C PHE GB 43 -30.26 -60.92 -39.84
N GLN GB 44 -28.95 -61.08 -39.95
CA GLN GB 44 -27.98 -60.34 -39.16
C GLN GB 44 -26.99 -59.69 -40.11
N ILE GB 45 -27.40 -58.59 -40.72
CA ILE GB 45 -26.71 -57.99 -41.86
C ILE GB 45 -25.53 -57.14 -41.39
N HIS GB 46 -24.40 -57.22 -42.11
CA HIS GB 46 -23.18 -56.53 -41.71
C HIS GB 46 -23.31 -55.01 -41.89
N ASN GB 47 -22.62 -54.27 -41.03
CA ASN GB 47 -22.69 -52.80 -40.98
C ASN GB 47 -21.30 -52.16 -41.15
N GLY GB 48 -20.35 -52.94 -41.66
CA GLY GB 48 -18.94 -52.60 -41.57
C GLY GB 48 -18.33 -53.11 -40.27
N LYS GB 49 -18.84 -52.58 -39.15
CA LYS GB 49 -18.33 -52.94 -37.81
C LYS GB 49 -19.05 -54.14 -37.21
N GLU GB 50 -20.36 -54.01 -36.99
CA GLU GB 50 -21.15 -54.95 -36.20
C GLU GB 50 -22.37 -55.45 -36.96
N TYR GB 51 -22.67 -56.73 -36.84
CA TYR GB 51 -23.82 -57.33 -37.55
C TYR GB 51 -25.14 -56.90 -36.90
N VAL GB 52 -26.11 -56.54 -37.75
CA VAL GB 52 -27.35 -55.87 -37.35
C VAL GB 52 -28.55 -56.82 -37.47
N PRO GB 53 -29.27 -57.06 -36.37
CA PRO GB 53 -30.39 -58.00 -36.41
C PRO GB 53 -31.65 -57.39 -37.03
N ILE GB 54 -32.23 -58.07 -38.03
CA ILE GB 54 -33.44 -57.60 -38.72
C ILE GB 54 -34.37 -58.78 -39.02
N GLU GB 55 -35.66 -58.58 -38.81
CA GLU GB 55 -36.70 -59.53 -39.21
C GLU GB 55 -37.40 -58.99 -40.46
N ILE GB 56 -37.24 -59.70 -41.57
CA ILE GB 56 -37.67 -59.21 -42.89
C ILE GB 56 -39.19 -59.30 -43.05
N SER GB 57 -39.84 -58.13 -43.05
CA SER GB 57 -41.27 -58.01 -43.31
C SER GB 57 -41.56 -58.06 -44.80
N GLU GB 58 -42.86 -58.12 -45.13
CA GLU GB 58 -43.32 -58.17 -46.53
C GLU GB 58 -43.17 -56.84 -47.29
N ASP GB 59 -42.97 -55.74 -46.58
CA ASP GB 59 -42.67 -54.45 -47.21
C ASP GB 59 -41.23 -54.36 -47.74
N MET GB 60 -40.33 -55.20 -47.24
CA MET GB 60 -38.91 -55.19 -47.64
C MET GB 60 -38.60 -55.94 -48.94
N VAL GB 61 -39.61 -56.59 -49.54
CA VAL GB 61 -39.38 -57.63 -50.56
C VAL GB 61 -38.56 -57.15 -51.77
N GLY GB 62 -38.77 -55.90 -52.20
CA GLY GB 62 -38.03 -55.36 -53.34
C GLY GB 62 -36.59 -54.92 -53.09
N HIS GB 63 -36.24 -54.67 -51.83
CA HIS GB 63 -35.02 -53.93 -51.47
C HIS GB 63 -33.80 -54.82 -51.23
N LYS GB 64 -32.63 -54.17 -51.11
CA LYS GB 64 -31.39 -54.83 -50.72
C LYS GB 64 -31.28 -54.90 -49.20
N LEU GB 65 -30.50 -55.87 -48.71
CA LEU GB 65 -30.27 -56.05 -47.26
C LEU GB 65 -29.45 -54.92 -46.65
N GLY GB 66 -28.45 -54.45 -47.40
CA GLY GB 66 -27.59 -53.34 -46.95
C GLY GB 66 -28.31 -52.01 -46.74
N GLU GB 67 -29.47 -51.86 -47.36
CA GLU GB 67 -30.34 -50.69 -47.16
C GLU GB 67 -30.91 -50.58 -45.74
N PHE GB 68 -30.95 -51.70 -45.00
CA PHE GB 68 -31.46 -51.73 -43.63
C PHE GB 68 -30.38 -51.82 -42.53
N ALA GB 69 -29.11 -51.72 -42.91
CA ALA GB 69 -28.00 -51.68 -41.96
C ALA GB 69 -27.17 -50.41 -42.20
N PRO GB 70 -27.53 -49.30 -41.52
CA PRO GB 70 -26.94 -48.00 -41.82
C PRO GB 70 -25.52 -47.85 -41.28
N THR GB 71 -24.56 -47.67 -42.19
CA THR GB 71 -23.14 -47.85 -41.89
C THR GB 71 -22.55 -46.71 -41.06
N ARG GB 72 -22.86 -45.48 -41.43
CA ARG GB 72 -22.38 -44.29 -40.72
C ARG GB 72 -23.26 -43.95 -39.52
N LYS GB 73 -22.63 -43.37 -38.50
CA LYS GB 73 -23.33 -42.92 -37.30
C LYS GB 73 -24.03 -41.60 -37.61
N ARG GB 74 -25.11 -41.32 -36.88
CA ARG GB 74 -25.90 -40.11 -37.08
C ARG GB 74 -25.09 -38.88 -36.65
N PHE GB 75 -24.90 -37.95 -37.58
CA PHE GB 75 -24.01 -36.79 -37.38
C PHE GB 75 -24.53 -35.83 -36.32
N SER GB 76 -23.59 -35.25 -35.56
CA SER GB 76 -23.88 -34.18 -34.61
C SER GB 76 -22.72 -33.18 -34.58
N TYR GB 77 -22.96 -32.03 -33.97
CA TYR GB 77 -21.92 -31.01 -33.77
C TYR GB 77 -21.73 -30.72 -32.28
N THR GB 78 -20.47 -30.77 -31.85
CA THR GB 78 -20.12 -30.38 -30.48
C THR GB 78 -20.05 -28.86 -30.38
N GLN GB 79 -21.11 -28.28 -29.82
CA GLN GB 79 -21.26 -26.82 -29.77
C GLN GB 79 -20.35 -26.20 -28.71
N THR GB 80 -19.10 -26.00 -29.10
CA THR GB 80 -18.06 -25.43 -28.23
C THR GB 80 -17.69 -24.02 -28.68
N ALA HB 1 -10.95 71.60 -37.59
CA ALA HB 1 -11.91 70.79 -38.42
C ALA HB 1 -11.71 71.00 -39.92
N GLU HB 2 -11.65 72.27 -40.31
CA GLU HB 2 -11.37 72.67 -41.70
C GLU HB 2 -10.03 72.12 -42.21
N ILE HB 3 -9.03 72.15 -41.34
CA ILE HB 3 -7.68 71.65 -41.64
C ILE HB 3 -7.72 70.14 -41.85
N ALA HB 4 -8.44 69.45 -40.96
CA ALA HB 4 -8.63 68.00 -41.05
C ALA HB 4 -9.32 67.59 -42.35
N ARG HB 5 -10.37 68.33 -42.71
CA ARG HB 5 -11.09 68.15 -43.98
C ARG HB 5 -10.18 68.31 -45.18
N SER HB 6 -9.34 69.35 -45.15
CA SER HB 6 -8.37 69.62 -46.23
C SER HB 6 -7.39 68.46 -46.42
N SER HB 7 -6.90 67.91 -45.31
CA SER HB 7 -6.08 66.71 -45.32
C SER HB 7 -6.94 65.49 -45.68
N VAL HB 8 -7.19 65.32 -46.97
CA VAL HB 8 -8.10 64.28 -47.48
C VAL HB 8 -7.47 62.87 -47.48
N GLU HB 9 -7.33 62.31 -46.29
CA GLU HB 9 -6.75 60.97 -46.09
C GLU HB 9 -5.35 60.84 -46.70
N ASN HB 10 -4.51 61.86 -46.48
CA ASN HB 10 -3.15 61.89 -47.01
C ASN HB 10 -2.24 60.91 -46.26
N ALA HB 11 -2.36 60.91 -44.93
CA ALA HB 11 -1.60 60.00 -44.07
C ALA HB 11 -2.02 58.53 -44.24
N GLN HB 12 -3.31 58.27 -44.47
CA GLN HB 12 -3.83 56.90 -44.63
C GLN HB 12 -3.10 56.06 -45.68
N MET HB 13 -2.65 56.70 -46.77
CA MET HB 13 -1.93 56.02 -47.84
C MET HB 13 -0.49 55.64 -47.42
N ARG HB 14 0.22 56.59 -46.82
CA ARG HB 14 1.63 56.37 -46.43
C ARG HB 14 1.78 55.60 -45.11
N PHE HB 15 0.80 55.70 -44.21
CA PHE HB 15 0.84 54.99 -42.91
C PHE HB 15 0.80 53.47 -43.04
N ASN HB 16 -0.03 52.97 -43.96
CA ASN HB 16 -0.18 51.52 -44.16
C ASN HB 16 1.10 50.83 -44.63
N SER HB 17 1.19 49.54 -44.34
CA SER HB 17 2.36 48.73 -44.68
C SER HB 17 2.38 48.37 -46.16
N GLY HB 18 3.47 47.71 -46.58
CA GLY HB 18 3.61 47.21 -47.94
C GLY HB 18 2.76 45.99 -48.29
N LYS HB 19 2.05 45.42 -47.31
CA LYS HB 19 1.14 44.30 -47.53
C LYS HB 19 -0.25 44.82 -47.91
N SER HB 20 -0.31 45.52 -49.04
CA SER HB 20 -1.53 46.21 -49.48
C SER HB 20 -1.38 46.69 -50.91
N ILE HB 21 -2.42 46.48 -51.72
CA ILE HB 21 -2.40 46.83 -53.14
C ILE HB 21 -3.80 47.24 -53.62
N ILE HB 22 -3.83 48.22 -54.53
CA ILE HB 22 -5.07 48.74 -55.08
C ILE HB 22 -5.47 47.83 -56.25
N VAL HB 23 -6.69 47.31 -56.20
CA VAL HB 23 -7.17 46.34 -57.18
C VAL HB 23 -7.58 47.03 -58.48
N ASN HB 24 -7.13 46.50 -59.61
CA ASN HB 24 -7.69 46.83 -60.91
C ASN HB 24 -8.97 46.00 -61.12
N LYS HB 25 -10.06 46.68 -61.50
CA LYS HB 25 -11.37 46.03 -61.63
C LYS HB 25 -11.43 45.02 -62.78
N ASN HB 26 -10.56 45.21 -63.78
CA ASN HB 26 -10.44 44.28 -64.89
C ASN HB 26 -9.86 42.92 -64.52
N ASN HB 27 -9.02 42.88 -63.48
CA ASN HB 27 -8.33 41.64 -63.08
C ASN HB 27 -8.02 41.58 -61.56
N PRO HB 28 -8.99 41.12 -60.74
CA PRO HB 28 -8.73 40.88 -59.31
C PRO HB 28 -7.72 39.76 -59.05
N ALA HB 29 -7.80 38.71 -59.86
CA ALA HB 29 -6.89 37.55 -59.80
C ALA HB 29 -5.42 37.96 -59.93
N GLU HB 30 -5.15 38.85 -60.87
CA GLU HB 30 -3.81 39.42 -61.08
C GLU HB 30 -3.30 40.13 -59.82
N SER HB 31 -4.17 40.93 -59.22
CA SER HB 31 -3.87 41.64 -57.98
C SER HB 31 -3.50 40.65 -56.87
N PHE HB 32 -4.34 39.64 -56.69
CA PHE HB 32 -4.10 38.56 -55.72
C PHE HB 32 -2.75 37.86 -55.90
N LYS HB 33 -2.45 37.54 -57.16
CA LYS HB 33 -1.16 36.94 -57.53
C LYS HB 33 0.01 37.83 -57.16
N ARG HB 34 -0.13 39.12 -57.44
CA ARG HB 34 0.88 40.13 -57.09
C ARG HB 34 1.10 40.19 -55.58
N LEU HB 35 0.01 40.22 -54.83
CA LEU HB 35 0.06 40.20 -53.37
C LEU HB 35 0.82 38.98 -52.86
N ASN HB 36 0.45 37.82 -53.38
CA ASN HB 36 1.10 36.54 -53.04
C ASN HB 36 2.61 36.58 -53.29
N ARG HB 37 2.98 37.10 -54.45
CA ARG HB 37 4.39 37.31 -54.82
C ARG HB 37 5.12 38.19 -53.80
N ILE HB 38 4.49 39.32 -53.47
CA ILE HB 38 5.00 40.25 -52.45
C ILE HB 38 5.25 39.54 -51.11
N MET HB 39 4.27 38.73 -50.70
CA MET HB 39 4.35 37.97 -49.44
C MET HB 39 5.51 36.99 -49.46
N PHE HB 40 5.65 36.28 -50.58
CA PHE HB 40 6.77 35.37 -50.83
C PHE HB 40 8.13 36.06 -50.74
N GLU HB 41 8.23 37.22 -51.37
CA GLU HB 41 9.44 38.06 -51.31
C GLU HB 41 9.81 38.44 -49.89
N ASN HB 42 8.80 38.88 -49.14
CA ASN HB 42 8.97 39.23 -47.72
C ASN HB 42 9.13 38.01 -46.77
N ASN HB 43 8.91 36.80 -47.28
CA ASN HB 43 9.12 35.53 -46.56
C ASN HB 43 8.16 35.37 -45.37
N ILE HB 44 6.99 36.01 -45.47
CA ILE HB 44 6.06 36.12 -44.35
C ILE HB 44 5.42 34.78 -43.97
N PRO HB 45 4.95 33.99 -44.95
CA PRO HB 45 4.40 32.67 -44.63
C PRO HB 45 5.42 31.73 -44.00
N GLY HB 46 6.64 31.74 -44.56
CA GLY HB 46 7.75 30.94 -44.04
C GLY HB 46 8.15 31.32 -42.62
N ASP HB 47 8.16 32.63 -42.34
CA ASP HB 47 8.39 33.15 -40.99
C ASP HB 47 7.31 32.69 -40.02
N LYS HB 48 6.05 32.78 -40.45
CA LYS HB 48 4.90 32.34 -39.66
C LYS HB 48 4.99 30.86 -39.30
N ARG HB 49 5.37 30.06 -40.30
CA ARG HB 49 5.56 28.61 -40.15
C ARG HB 49 6.67 28.29 -39.15
N SER HB 50 7.77 29.02 -39.25
CA SER HB 50 8.90 28.88 -38.33
C SER HB 50 8.49 29.18 -36.89
N GLN HB 51 7.68 30.22 -36.72
CA GLN HB 51 7.24 30.70 -35.40
C GLN HB 51 6.20 29.82 -34.67
N ARG HB 52 5.65 28.80 -35.31
CA ARG HB 52 4.69 27.91 -34.64
C ARG HB 52 5.30 27.15 -33.45
N PHE HB 53 6.55 26.72 -33.59
CA PHE HB 53 7.25 26.01 -32.51
C PHE HB 53 8.60 26.65 -32.16
N TYR HB 54 9.12 26.25 -31.01
CA TYR HB 54 10.44 26.65 -30.56
C TYR HB 54 11.47 25.61 -30.98
N MET HB 55 12.63 26.11 -31.42
CA MET HB 55 13.76 25.28 -31.79
C MET HB 55 14.97 25.82 -31.01
N LYS HB 56 15.73 24.91 -30.38
CA LYS HB 56 16.88 25.30 -29.56
C LYS HB 56 17.87 26.14 -30.38
N PRO HB 57 18.42 27.22 -29.77
CA PRO HB 57 19.15 28.25 -30.54
C PRO HB 57 20.34 27.72 -31.35
N GLY HB 58 21.05 26.75 -30.79
CA GLY HB 58 22.16 26.10 -31.50
C GLY HB 58 21.69 25.29 -32.69
N LYS HB 59 20.55 24.63 -32.51
CA LYS HB 59 19.92 23.83 -33.58
C LYS HB 59 19.45 24.71 -34.75
N VAL HB 60 18.82 25.85 -34.43
CA VAL HB 60 18.37 26.79 -35.47
C VAL HB 60 19.55 27.46 -36.21
N ALA HB 61 20.63 27.72 -35.47
CA ALA HB 61 21.87 28.24 -36.06
C ALA HB 61 22.48 27.26 -37.05
N GLU HB 62 22.53 25.99 -36.65
CA GLU HB 62 22.99 24.88 -37.49
C GLU HB 62 22.17 24.75 -38.77
N LEU HB 63 20.85 24.84 -38.61
CA LEU HB 63 19.91 24.80 -39.75
C LEU HB 63 20.17 25.95 -40.72
N LYS HB 64 20.31 27.15 -40.16
CA LYS HB 64 20.60 28.36 -40.93
C LYS HB 64 21.88 28.24 -41.75
N ARG HB 65 22.92 27.71 -41.10
CA ARG HB 65 24.21 27.43 -41.74
C ARG HB 65 24.04 26.47 -42.92
N SER HB 66 23.33 25.38 -42.67
CA SER HB 66 23.03 24.37 -43.68
C SER HB 66 22.31 24.96 -44.89
N GLN HB 67 21.31 25.79 -44.62
CA GLN HB 67 20.56 26.51 -45.66
C GLN HB 67 21.46 27.40 -46.50
N ARG HB 68 22.34 28.12 -45.81
CA ARG HB 68 23.31 29.02 -46.46
C ARG HB 68 24.21 28.22 -47.39
N HIS HB 69 24.78 27.14 -46.86
CA HIS HB 69 25.62 26.23 -47.63
C HIS HB 69 24.93 25.76 -48.91
N ARG HB 70 23.70 25.29 -48.74
CA ARG HB 70 22.85 24.79 -49.83
C ARG HB 70 22.65 25.85 -50.91
N LYS HB 71 22.37 27.08 -50.48
CA LYS HB 71 22.28 28.25 -51.35
C LYS HB 71 23.55 28.46 -52.17
N GLU HB 72 24.69 28.50 -51.47
CA GLU HB 72 25.98 28.74 -52.10
C GLU HB 72 26.38 27.65 -53.09
N PHE HB 73 26.05 26.40 -52.75
CA PHE HB 73 26.26 25.27 -53.65
C PHE HB 73 25.44 25.42 -54.92
N MET HB 74 24.17 25.82 -54.77
CA MET HB 74 23.27 25.95 -55.91
C MET HB 74 23.79 27.01 -56.90
N MET HB 75 24.22 28.17 -56.39
CA MET HB 75 24.77 29.19 -57.30
C MET HB 75 26.15 28.83 -57.87
N GLY HB 76 26.92 28.01 -57.15
CA GLY HB 76 28.14 27.42 -57.68
C GLY HB 76 27.85 26.46 -58.83
N PHE HB 77 26.80 25.66 -58.66
CA PHE HB 77 26.31 24.75 -59.70
C PHE HB 77 25.84 25.52 -60.94
N LYS HB 78 25.06 26.57 -60.70
CA LYS HB 78 24.57 27.47 -61.76
C LYS HB 78 25.71 28.05 -62.59
N ARG HB 79 26.71 28.55 -61.89
CA ARG HB 79 27.93 29.10 -62.50
C ARG HB 79 28.60 28.07 -63.40
N LEU HB 80 28.74 26.86 -62.88
CA LEU HB 80 29.36 25.75 -63.58
C LEU HB 80 28.61 25.39 -64.86
N ILE HB 81 27.29 25.29 -64.75
CA ILE HB 81 26.43 24.91 -65.88
C ILE HB 81 26.41 26.00 -66.96
N GLU HB 82 26.47 27.27 -66.56
CA GLU HB 82 26.58 28.38 -67.51
C GLU HB 82 27.87 28.29 -68.34
N ILE HB 83 28.96 27.94 -67.67
CA ILE HB 83 30.26 27.72 -68.32
C ILE HB 83 30.17 26.54 -69.29
N VAL HB 84 29.58 25.45 -68.83
CA VAL HB 84 29.36 24.24 -69.65
C VAL HB 84 28.58 24.57 -70.91
N LYS HB 85 27.50 25.33 -70.75
CA LYS HB 85 26.67 25.81 -71.87
C LYS HB 85 27.47 26.63 -72.88
N ASP HB 86 28.32 27.52 -72.36
CA ASP HB 86 29.19 28.38 -73.19
C ASP HB 86 30.15 27.52 -74.01
N ALA HB 87 30.74 26.52 -73.36
CA ALA HB 87 31.68 25.60 -73.98
C ALA HB 87 31.01 24.80 -75.10
N LYS HB 88 29.82 24.29 -74.82
CA LYS HB 88 28.97 23.60 -75.79
C LYS HB 88 28.71 24.46 -77.02
N ARG HB 89 28.29 25.70 -76.76
CA ARG HB 89 28.00 26.68 -77.81
C ARG HB 89 29.20 26.93 -78.72
N LYS HB 90 30.36 27.11 -78.10
CA LYS HB 90 31.59 27.44 -78.83
C LYS HB 90 32.12 26.24 -79.61
N GLY HB 91 32.19 25.08 -78.95
CA GLY HB 91 32.71 23.86 -79.60
C GLY HB 91 33.43 22.92 -78.67
N TYR HB 92 34.04 23.48 -77.62
CA TYR HB 92 34.66 22.70 -76.53
C TYR HB 92 33.74 21.64 -75.98
N MET IB 1 52.38 16.20 -57.51
CA MET IB 1 53.04 15.07 -58.23
C MET IB 1 54.50 14.93 -57.80
N LYS IB 2 54.85 13.74 -57.30
CA LYS IB 2 56.21 13.45 -56.84
C LYS IB 2 57.15 13.32 -58.04
N ILE IB 3 58.43 13.63 -57.81
CA ILE IB 3 59.45 13.53 -58.86
C ILE IB 3 59.71 12.06 -59.15
N GLN IB 4 59.34 11.63 -60.35
CA GLN IB 4 59.43 10.22 -60.75
C GLN IB 4 60.87 9.82 -61.03
N THR IB 5 61.37 8.85 -60.27
CA THR IB 5 62.69 8.26 -60.51
C THR IB 5 62.73 7.40 -61.78
N ASN IB 6 61.63 6.71 -62.07
CA ASN IB 6 61.62 5.60 -63.05
C ASN IB 6 61.48 5.95 -64.53
N ALA IB 7 61.27 7.23 -64.85
CA ALA IB 7 61.18 7.67 -66.25
C ALA IB 7 62.55 8.00 -66.86
N VAL IB 8 63.49 8.43 -66.03
CA VAL IB 8 64.83 8.85 -66.47
C VAL IB 8 65.95 7.83 -66.18
N ASN IB 9 65.71 6.88 -65.27
CA ASN IB 9 66.71 5.86 -64.90
C ASN IB 9 66.55 4.56 -65.69
N VAL IB 10 66.16 4.68 -66.97
CA VAL IB 10 65.70 3.54 -67.77
C VAL IB 10 66.90 2.67 -68.10
N LEU IB 11 67.96 3.29 -68.62
CA LEU IB 11 69.16 2.57 -69.03
C LEU IB 11 69.84 1.82 -67.88
N GLN IB 12 69.83 2.43 -66.68
CA GLN IB 12 70.36 1.78 -65.47
C GLN IB 12 69.60 0.50 -65.14
N ARG IB 13 68.27 0.61 -65.19
CA ARG IB 13 67.39 -0.53 -64.93
C ARG IB 13 67.57 -1.66 -65.95
N THR IB 14 67.78 -1.28 -67.21
CA THR IB 14 68.06 -2.25 -68.28
C THR IB 14 69.48 -2.81 -68.19
N SER IB 15 70.44 -1.96 -67.81
CA SER IB 15 71.82 -2.39 -67.63
C SER IB 15 71.93 -3.47 -66.56
N ALA IB 16 71.16 -3.30 -65.48
CA ALA IB 16 71.05 -4.29 -64.42
C ALA IB 16 70.50 -5.62 -64.94
N TYR IB 17 69.42 -5.53 -65.72
CA TYR IB 17 68.80 -6.68 -66.38
C TYR IB 17 69.77 -7.42 -67.29
N LEU IB 18 70.52 -6.67 -68.08
CA LEU IB 18 71.55 -7.21 -68.98
C LEU IB 18 72.64 -7.94 -68.22
N LYS IB 19 73.11 -7.32 -67.14
CA LYS IB 19 74.09 -7.91 -66.22
C LYS IB 19 73.60 -9.25 -65.66
N SER IB 20 72.35 -9.27 -65.21
CA SER IB 20 71.74 -10.46 -64.64
C SER IB 20 71.68 -11.62 -65.65
N GLY IB 21 71.19 -11.29 -66.84
CA GLY IB 21 70.81 -12.30 -67.83
C GLY IB 21 69.31 -12.42 -68.01
N LEU IB 22 68.53 -11.57 -67.34
CA LEU IB 22 67.10 -11.39 -67.64
C LEU IB 22 66.89 -10.95 -69.08
N LEU IB 23 67.75 -10.05 -69.54
CA LEU IB 23 67.80 -9.67 -70.95
C LEU IB 23 68.97 -10.36 -71.63
N LYS IB 24 68.66 -11.13 -72.66
CA LYS IB 24 69.66 -11.76 -73.50
C LYS IB 24 70.24 -10.75 -74.48
N GLU IB 25 69.35 -10.04 -75.19
CA GLU IB 25 69.72 -9.06 -76.21
C GLU IB 25 69.49 -7.63 -75.72
N THR IB 26 70.41 -6.73 -76.07
CA THR IB 26 70.30 -5.31 -75.73
C THR IB 26 69.24 -4.64 -76.62
N PRO IB 27 68.48 -3.67 -76.06
CA PRO IB 27 67.59 -2.84 -76.89
C PRO IB 27 68.32 -1.98 -77.93
N ALA IB 28 67.57 -1.49 -78.91
CA ALA IB 28 68.09 -0.57 -79.93
C ALA IB 28 68.48 0.78 -79.32
N TRP IB 29 67.65 1.26 -78.40
CA TRP IB 29 67.84 2.55 -77.73
C TRP IB 29 68.98 2.64 -76.71
N TYR IB 30 69.50 1.49 -76.26
CA TYR IB 30 70.38 1.41 -75.07
C TYR IB 30 71.67 2.22 -75.22
N ASN IB 31 72.39 1.96 -76.30
CA ASN IB 31 73.61 2.71 -76.65
C ASN IB 31 73.37 4.20 -76.85
N VAL IB 32 72.24 4.52 -77.49
CA VAL IB 32 71.85 5.89 -77.79
C VAL IB 32 71.59 6.66 -76.50
N VAL IB 33 70.85 6.05 -75.58
CA VAL IB 33 70.53 6.66 -74.29
C VAL IB 33 71.79 6.83 -73.43
N ALA IB 34 72.70 5.87 -73.50
CA ALA IB 34 74.01 5.97 -72.83
C ALA IB 34 74.80 7.17 -73.34
N SER IB 35 74.81 7.35 -74.65
CA SER IB 35 75.49 8.47 -75.31
C SER IB 35 74.92 9.84 -74.93
N ILE IB 36 73.59 9.93 -74.85
CA ILE IB 36 72.88 11.18 -74.61
C ILE IB 36 72.10 11.05 -73.29
N PRO IB 37 72.70 11.46 -72.16
CA PRO IB 37 72.04 11.25 -70.86
C PRO IB 37 70.89 12.24 -70.58
N PRO IB 38 69.82 11.78 -69.91
CA PRO IB 38 68.76 12.68 -69.41
C PRO IB 38 69.23 13.67 -68.34
N SER IB 39 68.37 14.66 -68.05
CA SER IB 39 68.71 15.74 -67.11
C SER IB 39 68.73 15.26 -65.66
N THR IB 40 67.61 14.74 -65.18
CA THR IB 40 67.50 14.08 -63.86
C THR IB 40 67.88 14.98 -62.66
N LYS IB 41 67.64 16.28 -62.81
CA LYS IB 41 68.07 17.28 -61.84
C LYS IB 41 66.97 18.33 -61.75
N PHE IB 42 65.80 17.87 -61.29
CA PHE IB 42 64.54 18.62 -61.42
C PHE IB 42 64.43 19.72 -60.36
N THR IB 43 65.29 20.74 -60.50
CA THR IB 43 65.41 21.78 -59.48
C THR IB 43 64.52 22.98 -59.76
N ARG IB 44 64.29 23.77 -58.72
CA ARG IB 44 63.73 25.11 -58.84
C ARG IB 44 64.95 26.03 -58.88
N GLU IB 45 65.21 26.62 -60.05
CA GLU IB 45 66.35 27.53 -60.25
C GLU IB 45 65.90 28.99 -60.07
N PRO IB 46 66.68 29.80 -59.34
CA PRO IB 46 66.30 31.19 -59.10
C PRO IB 46 66.70 32.10 -60.26
N ARG IB 47 65.98 33.21 -60.40
CA ARG IB 47 66.22 34.17 -61.47
C ARG IB 47 66.45 35.57 -60.88
N PHE IB 48 67.47 36.25 -61.38
CA PHE IB 48 67.94 37.52 -60.79
C PHE IB 48 67.63 38.78 -61.60
N LYS IB 49 67.28 38.64 -62.88
CA LYS IB 49 66.83 39.76 -63.71
C LYS IB 49 65.43 39.49 -64.27
N ASN IB 50 64.61 40.54 -64.31
CA ASN IB 50 63.42 40.54 -65.16
C ASN IB 50 63.93 40.76 -66.59
N PRO IB 51 63.65 39.81 -67.52
CA PRO IB 51 64.21 39.95 -68.88
C PRO IB 51 63.65 41.12 -69.69
N SER IB 52 62.35 41.42 -69.53
CA SER IB 52 61.69 42.46 -70.31
C SER IB 52 62.21 43.86 -69.96
N ASN IB 53 62.15 44.19 -68.66
CA ASN IB 53 62.62 45.48 -68.17
C ASN IB 53 64.15 45.54 -68.08
N GLY IB 54 64.71 44.54 -67.40
CA GLY IB 54 66.08 44.57 -66.94
C GLY IB 54 66.21 45.08 -65.51
N HIS IB 55 65.15 44.93 -64.71
CA HIS IB 55 65.20 45.25 -63.29
C HIS IB 55 65.95 44.13 -62.57
N ILE IB 56 66.59 44.47 -61.46
CA ILE IB 56 67.30 43.49 -60.64
C ILE IB 56 66.29 42.93 -59.63
N ILE IB 57 66.28 41.61 -59.47
CA ILE IB 57 65.37 40.92 -58.58
C ILE IB 57 65.98 40.81 -57.18
N GLY IB 58 67.20 40.26 -57.12
CA GLY IB 58 67.83 39.87 -55.86
C GLY IB 58 68.20 40.96 -54.87
N LYS IB 59 68.58 42.14 -55.34
CA LYS IB 59 69.21 43.14 -54.48
C LYS IB 59 68.24 43.86 -53.53
N LEU IB 60 68.81 44.41 -52.46
CA LEU IB 60 68.09 45.17 -51.44
C LEU IB 60 68.78 46.52 -51.29
N VAL IB 61 68.01 47.61 -51.37
CA VAL IB 61 68.56 48.95 -51.13
C VAL IB 61 68.75 49.14 -49.61
N ASP IB 62 69.97 49.50 -49.23
CA ASP IB 62 70.35 49.63 -47.82
C ASP IB 62 70.02 51.00 -47.24
N VAL IB 63 70.22 51.15 -45.94
CA VAL IB 63 70.06 52.43 -45.24
C VAL IB 63 71.20 53.38 -45.63
N THR IB 64 72.42 52.84 -45.74
CA THR IB 64 73.59 53.63 -46.16
C THR IB 64 73.52 54.05 -47.63
N GLU IB 65 72.85 53.25 -48.47
CA GLU IB 65 72.64 53.58 -49.89
C GLU IB 65 71.54 54.62 -50.13
N GLN IB 66 70.72 54.90 -49.11
CA GLN IB 66 69.72 55.96 -49.13
C GLN IB 66 70.06 57.04 -48.10
N PRO IB 67 71.07 57.89 -48.40
CA PRO IB 67 71.48 58.91 -47.43
C PRO IB 67 70.52 60.09 -47.31
N HIS IB 68 69.95 60.55 -48.43
CA HIS IB 68 69.17 61.79 -48.46
C HIS IB 68 67.77 61.56 -47.89
N ALA IB 69 67.09 62.66 -47.59
CA ALA IB 69 65.79 62.62 -46.92
C ALA IB 69 64.69 62.04 -47.81
N ASN IB 70 63.72 61.39 -47.19
CA ASN IB 70 62.60 60.75 -47.87
C ASN IB 70 61.50 61.77 -48.20
N ASN IB 71 60.52 61.35 -48.98
CA ASN IB 71 59.24 62.06 -49.06
C ASN IB 71 58.62 62.16 -47.66
N LYS IB 72 58.13 63.35 -47.33
CA LYS IB 72 57.81 63.75 -45.95
C LYS IB 72 59.09 63.96 -45.09
N GLY IB 73 60.21 64.23 -45.75
CA GLY IB 73 61.45 64.70 -45.10
C GLY IB 73 62.04 63.95 -43.92
N LEU IB 74 61.82 62.64 -43.84
CA LEU IB 74 62.39 61.82 -42.76
C LEU IB 74 63.57 61.00 -43.28
N TYR IB 75 64.68 61.04 -42.56
CA TYR IB 75 65.88 60.26 -42.93
C TYR IB 75 65.69 58.82 -42.50
N LYS IB 76 65.89 57.89 -43.43
CA LYS IB 76 65.87 56.46 -43.10
C LYS IB 76 67.13 56.14 -42.31
N THR IB 77 66.95 55.75 -41.05
CA THR IB 77 68.05 55.34 -40.17
C THR IB 77 67.99 53.86 -39.76
N ARG IB 78 66.89 53.18 -40.09
CA ARG IB 78 66.67 51.79 -39.73
C ARG IB 78 66.18 51.00 -40.94
N PRO IB 79 66.35 49.67 -40.93
CA PRO IB 79 65.59 48.85 -41.86
C PRO IB 79 64.11 48.85 -41.51
N ASN IB 80 63.25 48.93 -42.53
CA ASN IB 80 61.81 48.85 -42.34
C ASN IB 80 61.36 47.39 -42.12
N SER IB 81 60.05 47.17 -42.00
CA SER IB 81 59.50 45.82 -41.82
C SER IB 81 59.76 44.90 -43.02
N SER IB 82 59.55 45.43 -44.23
CA SER IB 82 59.75 44.65 -45.47
C SER IB 82 61.22 44.32 -45.76
N ASP IB 83 62.14 45.16 -45.28
CA ASP IB 83 63.59 44.94 -45.45
C ASP IB 83 64.14 43.81 -44.56
N LYS IB 84 63.36 43.37 -43.58
CA LYS IB 84 63.74 42.25 -42.70
C LYS IB 84 63.18 40.89 -43.15
N ARG IB 85 62.05 40.91 -43.86
CA ARG IB 85 61.39 39.67 -44.35
C ARG IB 85 62.21 39.02 -45.45
N VAL IB 86 62.35 37.69 -45.38
CA VAL IB 86 63.23 36.95 -46.29
C VAL IB 86 62.51 36.76 -47.63
N GLY IB 87 62.86 37.59 -48.60
CA GLY IB 87 62.23 37.60 -49.92
C GLY IB 87 62.85 36.60 -50.88
N VAL IB 88 62.62 35.32 -50.62
CA VAL IB 88 63.14 34.22 -51.44
C VAL IB 88 62.16 33.85 -52.55
N LYS IB 89 60.86 33.91 -52.24
CA LYS IB 89 59.80 33.62 -53.23
C LYS IB 89 59.87 34.51 -54.48
N ARG IB 90 60.36 35.73 -54.34
CA ARG IB 90 60.58 36.63 -55.49
C ARG IB 90 61.66 36.13 -56.45
N LEU IB 91 62.72 35.53 -55.90
CA LEU IB 91 63.78 34.93 -56.72
C LEU IB 91 63.28 33.75 -57.58
N TYR IB 92 62.28 33.02 -57.08
CA TYR IB 92 61.81 31.79 -57.72
C TYR IB 92 60.56 31.94 -58.58
N ARG IB 93 59.60 32.75 -58.15
CA ARG IB 93 58.38 32.94 -58.93
C ARG IB 93 58.75 33.71 -60.21
N PRO IB 94 58.27 33.24 -61.37
CA PRO IB 94 58.72 33.83 -62.62
C PRO IB 94 58.24 35.27 -62.83
N PRO IB 95 59.07 36.11 -63.47
CA PRO IB 95 58.83 37.55 -63.53
C PRO IB 95 57.69 37.95 -64.46
N LYS IB 96 56.92 38.95 -64.04
CA LYS IB 96 55.86 39.53 -64.87
C LYS IB 96 56.51 40.45 -65.89
N LEU IB 97 56.43 40.07 -67.16
CA LEU IB 97 57.10 40.80 -68.24
C LEU IB 97 56.32 42.07 -68.56
N THR IB 98 57.00 43.21 -68.49
CA THR IB 98 56.38 44.51 -68.73
C THR IB 98 57.09 45.24 -69.88
N TYR IB 99 56.29 45.92 -70.71
CA TYR IB 99 56.78 46.66 -71.85
C TYR IB 99 56.14 48.05 -71.86
N VAL IB 100 56.93 49.05 -72.26
CA VAL IB 100 56.44 50.43 -72.41
C VAL IB 100 55.41 50.51 -73.56
N GLU IB 101 55.61 49.65 -74.56
CA GLU IB 101 54.78 49.61 -75.77
C GLU IB 101 53.34 49.20 -75.49
N ASP IB 102 53.13 48.33 -74.50
CA ASP IB 102 51.78 47.88 -74.10
C ASP IB 102 50.85 49.03 -73.72
N ARG IB 103 51.40 49.99 -72.96
CA ARG IB 103 50.67 51.18 -72.54
C ARG IB 103 50.28 52.04 -73.74
N LEU IB 104 51.23 52.22 -74.65
CA LEU IB 104 51.01 52.95 -75.91
C LEU IB 104 49.92 52.30 -76.77
N ARG IB 105 49.99 50.98 -76.87
CA ARG IB 105 48.97 50.19 -77.58
C ARG IB 105 47.58 50.41 -76.99
N SER IB 106 47.49 50.32 -75.67
CA SER IB 106 46.24 50.55 -74.94
C SER IB 106 45.67 51.95 -75.20
N LEU IB 107 46.54 52.95 -75.14
CA LEU IB 107 46.19 54.34 -75.44
C LEU IB 107 45.65 54.51 -76.86
N PHE IB 108 46.34 53.91 -77.81
CA PHE IB 108 46.00 54.06 -79.24
C PHE IB 108 44.60 53.58 -79.53
N TYR IB 109 44.28 52.38 -79.06
CA TYR IB 109 42.97 51.78 -79.30
C TYR IB 109 41.83 52.43 -78.51
N LYS IB 110 42.16 53.07 -77.38
CA LYS IB 110 41.22 53.97 -76.69
C LYS IB 110 40.91 55.19 -77.54
N GLN IB 111 41.96 55.79 -78.10
CA GLN IB 111 41.84 56.96 -78.97
C GLN IB 111 41.20 56.63 -80.33
N HIS IB 112 41.42 55.41 -80.83
CA HIS IB 112 40.94 54.96 -82.14
C HIS IB 112 40.19 53.63 -81.98
N PRO IB 113 38.94 53.68 -81.45
CA PRO IB 113 38.15 52.45 -81.33
C PRO IB 113 38.00 51.66 -82.63
N TRP IB 114 37.70 52.35 -83.73
CA TRP IB 114 37.47 51.68 -85.02
C TRP IB 114 38.71 51.05 -85.68
N GLU IB 115 39.90 51.31 -85.14
CA GLU IB 115 41.09 50.52 -85.51
C GLU IB 115 41.00 49.07 -85.05
N LEU IB 116 40.24 48.79 -83.98
CA LEU IB 116 39.97 47.41 -83.55
C LEU IB 116 39.21 46.60 -84.60
N SER IB 117 38.31 47.25 -85.34
CA SER IB 117 37.52 46.59 -86.39
C SER IB 117 38.35 46.14 -87.60
N ARG IB 118 39.55 46.69 -87.78
CA ARG IB 118 40.46 46.24 -88.82
C ARG IB 118 41.00 44.87 -88.43
N PRO IB 119 40.66 43.80 -89.18
CA PRO IB 119 41.07 42.46 -88.73
C PRO IB 119 42.58 42.25 -88.66
N LYS IB 120 43.00 41.45 -87.68
CA LYS IB 120 44.41 41.20 -87.40
C LYS IB 120 44.72 39.70 -87.52
N ILE IB 121 45.61 39.34 -88.43
CA ILE IB 121 46.13 37.97 -88.48
C ILE IB 121 47.24 37.85 -87.45
N LEU IB 122 47.09 36.88 -86.54
CA LEU IB 122 48.08 36.60 -85.48
C LEU IB 122 49.01 35.44 -85.82
N VAL IB 123 48.71 34.70 -86.88
CA VAL IB 123 49.53 33.57 -87.32
C VAL IB 123 50.83 34.13 -87.93
N GLU IB 124 51.94 33.96 -87.20
CA GLU IB 124 53.21 34.58 -87.55
C GLU IB 124 53.83 33.97 -88.81
N ASN IB 125 54.39 34.83 -89.66
CA ASN IB 125 55.34 34.40 -90.68
C ASN IB 125 56.72 34.53 -90.02
N GLU IB 126 57.75 34.01 -90.67
CA GLU IB 126 59.10 33.97 -90.08
C GLU IB 126 59.51 35.28 -89.41
N ILE IB 127 59.60 35.24 -88.07
CA ILE IB 127 59.94 36.41 -87.25
C ILE IB 127 61.41 36.82 -87.45
N GLY IB 128 62.28 35.84 -87.71
CA GLY IB 128 63.69 36.10 -88.01
C GLY IB 128 63.95 36.79 -89.34
N ASP IB 129 63.12 36.51 -90.35
CA ASP IB 129 63.31 37.04 -91.71
C ASP IB 129 63.14 38.55 -91.86
N GLU IB 130 62.30 39.15 -91.01
CA GLU IB 130 61.97 40.59 -91.14
C GLU IB 130 63.14 41.51 -90.78
N ASN IB 131 63.06 42.74 -91.27
CA ASN IB 131 64.15 43.73 -91.15
C ASN IB 131 63.64 45.15 -91.41
N TYR IB 132 62.91 45.69 -90.44
CA TYR IB 132 62.20 46.96 -90.59
C TYR IB 132 63.00 48.16 -90.10
N ASP IB 133 63.29 49.09 -91.00
CA ASP IB 133 63.86 50.40 -90.64
C ASP IB 133 62.72 51.33 -90.27
N TRP IB 134 62.60 51.64 -88.98
CA TRP IB 134 61.51 52.48 -88.47
C TRP IB 134 61.77 54.01 -88.59
N SER IB 135 62.71 54.37 -89.46
CA SER IB 135 62.77 55.71 -90.07
C SER IB 135 61.43 56.15 -90.67
N HIS IB 136 60.70 55.19 -91.24
CA HIS IB 136 59.36 55.39 -91.80
C HIS IB 136 58.40 54.34 -91.25
N MET IB 137 57.11 54.54 -91.48
CA MET IB 137 56.07 53.62 -90.99
C MET IB 137 55.84 52.46 -91.93
N LEU IB 138 55.64 52.77 -93.20
CA LEU IB 138 55.30 51.76 -94.21
C LEU IB 138 56.44 50.77 -94.40
N GLN IB 139 56.33 49.63 -93.73
CA GLN IB 139 57.20 48.48 -93.97
C GLN IB 139 56.47 47.56 -94.94
N ILE IB 140 57.21 46.64 -95.55
CA ILE IB 140 56.68 45.84 -96.67
C ILE IB 140 55.86 44.64 -96.18
N GLY IB 141 56.48 43.73 -95.45
CA GLY IB 141 55.78 42.54 -94.91
C GLY IB 141 54.70 42.87 -93.91
N ARG IB 142 54.88 43.98 -93.20
CA ARG IB 142 53.92 44.45 -92.18
C ARG IB 142 52.86 45.38 -92.81
N PRO IB 143 51.59 45.28 -92.35
CA PRO IB 143 50.54 46.24 -92.76
C PRO IB 143 50.59 47.54 -91.95
N LEU IB 144 49.75 48.49 -92.33
CA LEU IB 144 49.64 49.75 -91.61
C LEU IB 144 48.64 49.55 -90.46
N ASP IB 145 49.10 49.79 -89.22
CA ASP IB 145 48.21 49.70 -88.05
C ASP IB 145 48.82 50.49 -86.86
N GLY IB 146 48.14 50.44 -85.71
CA GLY IB 146 48.63 51.05 -84.48
C GLY IB 146 50.00 50.55 -84.05
N GLU IB 147 50.26 49.27 -84.30
CA GLU IB 147 51.57 48.65 -84.02
C GLU IB 147 52.70 49.42 -84.70
N SER IB 148 52.52 49.67 -86.00
CA SER IB 148 53.52 50.39 -86.80
C SER IB 148 53.81 51.78 -86.25
N VAL IB 149 52.73 52.48 -85.85
CA VAL IB 149 52.82 53.76 -85.14
C VAL IB 149 53.73 53.63 -83.93
N ILE IB 150 53.39 52.68 -83.07
CA ILE IB 150 54.11 52.44 -81.80
C ILE IB 150 55.59 52.15 -82.04
N GLN IB 151 55.88 51.33 -83.04
CA GLN IB 151 57.26 51.03 -83.44
C GLN IB 151 58.01 52.29 -83.86
N ARG IB 152 57.34 53.13 -84.64
CA ARG IB 152 57.86 54.44 -85.02
C ARG IB 152 58.15 55.35 -83.82
N THR IB 153 57.24 55.34 -82.85
CA THR IB 153 57.40 56.12 -81.61
C THR IB 153 58.65 55.67 -80.86
N MET IB 154 58.80 54.36 -80.74
CA MET IB 154 59.95 53.74 -80.07
C MET IB 154 61.26 54.09 -80.76
N TYR IB 155 61.25 54.05 -82.08
CA TYR IB 155 62.41 54.43 -82.90
C TYR IB 155 62.81 55.89 -82.65
N LEU IB 156 61.81 56.77 -82.65
CA LEU IB 156 62.02 58.20 -82.37
C LEU IB 156 62.64 58.42 -80.99
N ILE IB 157 62.09 57.74 -79.99
CA ILE IB 157 62.60 57.76 -78.62
C ILE IB 157 64.06 57.35 -78.55
N LYS IB 158 64.37 56.23 -79.20
CA LYS IB 158 65.74 55.71 -79.28
C LYS IB 158 66.71 56.72 -79.89
N THR IB 159 66.31 57.30 -81.01
CA THR IB 159 67.17 58.21 -81.78
C THR IB 159 67.29 59.61 -81.15
N LYS IB 160 66.33 59.94 -80.28
CA LYS IB 160 66.27 61.23 -79.59
C LYS IB 160 66.02 62.41 -80.54
N GLN IB 161 65.19 62.17 -81.57
CA GLN IB 161 64.66 63.24 -82.41
C GLN IB 161 63.62 63.99 -81.60
N TYR IB 162 62.69 63.23 -81.02
CA TYR IB 162 61.81 63.70 -79.97
C TYR IB 162 62.26 63.05 -78.67
N GLY IB 163 62.86 63.84 -77.79
CA GLY IB 163 63.31 63.36 -76.48
C GLY IB 163 62.16 62.87 -75.62
N ASP IB 164 61.06 63.62 -75.64
CA ASP IB 164 59.83 63.23 -74.96
C ASP IB 164 59.11 62.11 -75.73
N MET IB 165 58.52 61.19 -74.98
CA MET IB 165 57.79 60.03 -75.51
C MET IB 165 56.47 60.44 -76.16
N VAL IB 166 55.76 61.35 -75.49
CA VAL IB 166 54.43 61.80 -75.90
C VAL IB 166 54.48 62.47 -77.27
N GLU IB 167 55.46 63.35 -77.44
CA GLU IB 167 55.68 64.07 -78.70
C GLU IB 167 55.96 63.11 -79.86
N ALA IB 168 56.80 62.13 -79.59
CA ALA IB 168 57.13 61.07 -80.55
C ALA IB 168 55.90 60.28 -80.97
N TYR IB 169 55.08 59.94 -79.98
CA TYR IB 169 53.80 59.25 -80.19
C TYR IB 169 52.86 60.05 -81.09
N ASP IB 170 52.73 61.33 -80.78
CA ASP IB 170 51.91 62.25 -81.57
C ASP IB 170 52.36 62.30 -83.02
N HIS IB 171 53.67 62.46 -83.20
CA HIS IB 171 54.31 62.47 -84.53
C HIS IB 171 53.99 61.22 -85.33
N ALA IB 172 54.14 60.07 -84.69
CA ALA IB 172 53.82 58.77 -85.30
C ALA IB 172 52.35 58.66 -85.71
N ARG IB 173 51.48 59.14 -84.83
CA ARG IB 173 50.04 59.21 -85.09
C ARG IB 173 49.74 60.05 -86.32
N TYR IB 174 50.37 61.21 -86.40
CA TYR IB 174 50.21 62.13 -87.54
C TYR IB 174 50.72 61.54 -88.86
N GLU IB 175 51.82 60.81 -88.79
CA GLU IB 175 52.34 60.05 -89.95
C GLU IB 175 51.34 59.01 -90.44
N PHE IB 176 50.79 58.26 -89.49
CA PHE IB 176 49.75 57.24 -89.72
C PHE IB 176 48.51 57.79 -90.40
N TYR IB 177 48.05 58.94 -89.91
CA TYR IB 177 46.79 59.53 -90.38
C TYR IB 177 46.82 59.83 -91.88
N ALA IB 178 47.89 60.48 -92.32
CA ALA IB 178 48.11 60.80 -93.73
C ALA IB 178 48.05 59.55 -94.61
N LEU IB 179 48.76 58.52 -94.17
CA LEU IB 179 48.78 57.22 -94.86
C LEU IB 179 47.40 56.59 -94.95
N ARG IB 180 46.67 56.64 -93.84
CA ARG IB 180 45.29 56.14 -93.79
C ARG IB 180 44.37 56.87 -94.75
N MET IB 181 44.47 58.20 -94.76
CA MET IB 181 43.71 59.04 -95.69
C MET IB 181 44.01 58.68 -97.14
N GLN IB 182 45.29 58.50 -97.45
CA GLN IB 182 45.73 58.07 -98.78
C GLN IB 182 45.14 56.72 -99.18
N GLU IB 183 45.20 55.77 -98.26
CA GLU IB 183 44.58 54.44 -98.45
C GLU IB 183 43.09 54.53 -98.74
N GLU IB 184 42.40 55.38 -97.97
CA GLU IB 184 40.96 55.62 -98.11
C GLU IB 184 40.64 56.16 -99.51
N THR IB 185 41.41 57.16 -99.92
CA THR IB 185 41.24 57.79 -101.24
C THR IB 185 41.48 56.79 -102.38
N GLU IB 186 42.52 55.97 -102.23
CA GLU IB 186 42.86 54.94 -103.24
C GLU IB 186 41.68 54.05 -103.60
N GLN IB 187 41.04 53.50 -102.56
CA GLN IB 187 39.95 52.55 -102.73
C GLN IB 187 38.73 53.16 -103.42
N GLN IB 188 38.34 54.34 -102.94
CA GLN IB 188 37.21 55.08 -103.50
C GLN IB 188 37.39 55.40 -104.98
N VAL IB 189 38.57 55.89 -105.34
CA VAL IB 189 38.89 56.24 -106.72
C VAL IB 189 38.94 54.99 -107.60
N ALA IB 190 39.51 53.91 -107.09
CA ALA IB 190 39.50 52.60 -107.77
C ALA IB 190 38.09 52.12 -108.06
N LEU IB 191 37.20 52.34 -107.09
CA LEU IB 191 35.78 52.01 -107.23
C LEU IB 191 35.13 52.87 -108.31
N GLU IB 192 35.41 54.17 -108.27
CA GLU IB 192 34.94 55.12 -109.28
C GLU IB 192 35.37 54.72 -110.69
N GLU IB 193 36.65 54.44 -110.84
CA GLU IB 193 37.22 53.95 -112.10
C GLU IB 193 36.48 52.73 -112.63
N ALA IB 194 36.28 51.76 -111.74
CA ALA IB 194 35.55 50.53 -112.05
C ALA IB 194 34.14 50.83 -112.56
N GLU IB 195 33.44 51.70 -111.86
CA GLU IB 195 32.11 52.18 -112.26
C GLU IB 195 32.10 52.82 -113.65
N MET IB 196 33.10 53.66 -113.90
CA MET IB 196 33.25 54.34 -115.20
C MET IB 196 33.46 53.38 -116.35
N PHE IB 197 34.36 52.41 -116.18
CA PHE IB 197 34.73 51.50 -117.28
C PHE IB 197 33.85 50.25 -117.40
N GLY IB 198 32.63 50.30 -116.87
CA GLY IB 198 31.65 49.25 -117.07
C GLY IB 198 31.90 47.96 -116.31
N SER IB 199 32.54 48.08 -115.14
CA SER IB 199 32.68 46.93 -114.25
C SER IB 199 31.35 46.70 -113.56
N LEU IB 200 31.06 45.44 -113.22
CA LEU IB 200 29.78 45.07 -112.63
C LEU IB 200 29.98 44.26 -111.36
N PHE IB 201 29.52 44.83 -110.24
CA PHE IB 201 29.58 44.18 -108.93
C PHE IB 201 28.19 43.66 -108.58
N GLY IB 202 28.06 42.35 -108.45
CA GLY IB 202 26.77 41.71 -108.22
C GLY IB 202 26.15 41.98 -106.87
N VAL IB 203 26.99 42.00 -105.84
CA VAL IB 203 26.54 42.24 -104.47
C VAL IB 203 27.47 43.24 -103.79
N SER IB 204 26.96 44.45 -103.53
CA SER IB 204 27.67 45.44 -102.72
C SER IB 204 27.52 45.12 -101.24
N ALA IB 205 28.43 45.68 -100.44
CA ALA IB 205 28.54 45.38 -99.00
C ALA IB 205 27.26 45.69 -98.23
N ILE IB 206 26.70 46.86 -98.49
CA ILE IB 206 25.44 47.29 -97.89
C ILE IB 206 24.27 46.39 -98.30
N GLU IB 207 24.25 46.00 -99.57
CA GLU IB 207 23.23 45.09 -100.12
C GLU IB 207 23.30 43.72 -99.45
N HIS IB 208 24.54 43.23 -99.30
CA HIS IB 208 24.83 41.99 -98.58
C HIS IB 208 24.30 42.02 -97.15
N GLY IB 209 24.59 43.11 -96.45
CA GLY IB 209 24.13 43.33 -95.09
C GLY IB 209 22.63 43.29 -94.96
N ILE IB 210 21.96 43.98 -95.88
CA ILE IB 210 20.50 44.01 -95.96
C ILE IB 210 19.93 42.60 -96.15
N GLN IB 211 20.52 41.85 -97.08
CA GLN IB 211 20.15 40.45 -97.31
C GLN IB 211 20.28 39.60 -96.05
N LYS IB 212 21.39 39.79 -95.34
CA LYS IB 212 21.68 39.08 -94.10
C LYS IB 212 20.63 39.37 -93.03
N GLU IB 213 20.29 40.66 -92.89
CA GLU IB 213 19.25 41.13 -91.99
C GLU IB 213 17.88 40.52 -92.31
N GLN IB 214 17.58 40.44 -93.61
CA GLN IB 214 16.29 39.94 -94.11
C GLN IB 214 15.95 38.52 -93.65
N GLU IB 215 16.92 37.61 -93.75
CA GLU IB 215 16.74 36.22 -93.31
C GLU IB 215 16.41 36.14 -91.82
N VAL IB 216 17.18 36.89 -91.03
CA VAL IB 216 16.99 36.98 -89.57
C VAL IB 216 15.59 37.48 -89.24
N LEU IB 217 15.19 38.55 -89.93
CA LEU IB 217 13.85 39.14 -89.76
C LEU IB 217 12.73 38.16 -90.07
N ASP IB 218 12.90 37.42 -91.17
CA ASP IB 218 11.94 36.36 -91.56
C ASP IB 218 11.81 35.29 -90.48
N VAL IB 219 12.95 34.87 -89.94
CA VAL IB 219 13.01 33.90 -88.83
C VAL IB 219 12.26 34.42 -87.61
N TRP IB 220 12.56 35.67 -87.25
CA TRP IB 220 11.91 36.38 -86.13
C TRP IB 220 10.39 36.45 -86.28
N GLU IB 221 9.93 36.80 -87.49
CA GLU IB 221 8.52 37.07 -87.74
C GLU IB 221 7.62 35.86 -87.47
N LYS IB 222 8.01 34.71 -88.03
CA LYS IB 222 7.26 33.46 -87.84
C LYS IB 222 7.21 33.08 -86.36
N LYS IB 223 8.36 33.15 -85.70
CA LYS IB 223 8.48 32.92 -84.26
C LYS IB 223 7.60 33.88 -83.45
N VAL IB 224 7.65 35.17 -83.83
CA VAL IB 224 6.92 36.21 -83.11
C VAL IB 224 5.40 35.99 -83.20
N VAL IB 225 4.93 35.59 -84.38
CA VAL IB 225 3.52 35.27 -84.60
C VAL IB 225 3.07 34.11 -83.72
N GLU IB 226 3.89 33.06 -83.67
CA GLU IB 226 3.64 31.91 -82.80
C GLU IB 226 3.55 32.29 -81.33
N GLU IB 227 4.48 33.14 -80.90
CA GLU IB 227 4.51 33.66 -79.54
C GLU IB 227 3.27 34.48 -79.18
N THR IB 228 2.83 35.30 -80.13
CA THR IB 228 1.60 36.10 -79.95
C THR IB 228 0.37 35.21 -79.81
N GLU IB 229 0.30 34.18 -80.66
CA GLU IB 229 -0.77 33.16 -80.61
C GLU IB 229 -0.80 32.44 -79.26
N LEU IB 230 0.38 32.07 -78.79
CA LEU IB 230 0.56 31.42 -77.48
C LEU IB 230 0.02 32.31 -76.36
N MET IB 231 0.42 33.58 -76.40
CA MET IB 231 0.00 34.60 -75.43
C MET IB 231 -1.51 34.79 -75.40
N ALA IB 232 -2.09 34.86 -76.60
CA ALA IB 232 -3.55 34.98 -76.77
C ALA IB 232 -4.28 33.83 -76.09
N ALA IB 233 -3.80 32.62 -76.34
CA ALA IB 233 -4.39 31.41 -75.79
C ALA IB 233 -3.72 31.02 -74.47
N GLY JB 1 80.64 -11.04 -12.13
CA GLY JB 1 81.51 -11.24 -13.34
C GLY JB 1 81.46 -10.10 -14.34
N LYS JB 2 80.27 -9.50 -14.48
CA LYS JB 2 80.06 -8.36 -15.38
C LYS JB 2 80.94 -7.16 -15.03
N GLY JB 3 81.01 -6.81 -13.75
CA GLY JB 3 81.80 -5.68 -13.27
C GLY JB 3 83.30 -5.89 -13.14
N ALA JB 4 83.77 -7.12 -13.36
CA ALA JB 4 85.20 -7.45 -13.34
C ALA JB 4 85.97 -6.87 -14.53
N ALA JB 5 85.27 -6.58 -15.62
CA ALA JB 5 85.88 -5.98 -16.82
C ALA JB 5 86.45 -4.58 -16.61
N LYS JB 6 85.95 -3.87 -15.59
CA LYS JB 6 86.56 -2.61 -15.13
C LYS JB 6 87.99 -2.85 -14.64
N TYR JB 7 88.16 -3.92 -13.85
CA TYR JB 7 89.45 -4.25 -13.21
C TYR JB 7 90.27 -5.31 -13.97
N GLY JB 8 90.09 -5.40 -15.29
CA GLY JB 8 90.86 -6.33 -16.13
C GLY JB 8 90.49 -7.79 -15.97
N PHE JB 9 89.19 -8.04 -15.81
CA PHE JB 9 88.63 -9.39 -15.67
C PHE JB 9 89.30 -10.19 -14.53
N LYS JB 10 89.35 -9.56 -13.37
CA LYS JB 10 89.99 -10.09 -12.17
C LYS JB 10 88.93 -10.40 -11.11
N SER JB 11 88.44 -11.63 -11.10
CA SER JB 11 87.49 -12.06 -10.07
C SER JB 11 88.23 -12.22 -8.74
N GLY JB 12 87.66 -11.68 -7.67
CA GLY JB 12 88.32 -11.61 -6.37
C GLY JB 12 89.18 -10.37 -6.27
N VAL JB 13 89.49 -9.97 -5.04
CA VAL JB 13 90.21 -8.74 -4.75
C VAL JB 13 91.41 -9.02 -3.83
N PHE JB 14 92.46 -8.23 -4.01
CA PHE JB 14 93.58 -8.19 -3.06
C PHE JB 14 93.38 -7.03 -2.09
N PRO JB 15 93.98 -7.12 -0.90
CA PRO JB 15 93.99 -5.96 -0.01
C PRO JB 15 94.94 -4.90 -0.55
N THR JB 16 94.66 -3.63 -0.25
CA THR JB 16 95.42 -2.50 -0.80
C THR JB 16 96.88 -2.58 -0.40
N THR JB 17 97.78 -2.41 -1.38
CA THR JB 17 99.22 -2.48 -1.13
C THR JB 17 99.64 -1.33 -0.22
N ARG JB 18 100.30 -1.67 0.88
CA ARG JB 18 100.44 -0.78 2.02
C ARG JB 18 101.76 -0.02 1.92
N SER JB 19 101.67 1.31 1.76
CA SER JB 19 102.84 2.16 1.51
C SER JB 19 103.90 2.04 2.61
N ILE JB 20 105.13 1.75 2.22
CA ILE JB 20 106.25 1.56 3.16
C ILE JB 20 106.63 2.90 3.81
N LEU JB 21 106.73 3.96 3.01
CA LEU JB 21 106.84 5.32 3.53
C LEU JB 21 105.45 5.97 3.46
N LYS JB 22 104.92 6.34 4.62
CA LYS JB 22 103.51 6.77 4.74
C LYS JB 22 103.30 8.29 4.65
N SER JB 23 104.37 9.03 4.37
CA SER JB 23 104.32 10.46 4.05
C SER JB 23 105.37 10.75 2.97
N PRO JB 24 105.27 11.92 2.29
CA PRO JB 24 106.30 12.26 1.31
C PRO JB 24 107.62 12.61 1.98
N THR JB 25 108.73 12.16 1.38
CA THR JB 25 110.06 12.40 1.95
C THR JB 25 110.55 13.83 1.68
N THR JB 26 111.65 14.18 2.34
CA THR JB 26 112.34 15.45 2.12
C THR JB 26 113.03 15.51 0.74
N LYS JB 27 113.48 14.36 0.24
CA LYS JB 27 114.13 14.28 -1.07
C LYS JB 27 113.18 14.51 -2.25
N GLN JB 28 111.88 14.27 -2.04
CA GLN JB 28 110.86 14.61 -3.04
C GLN JB 28 110.68 16.13 -3.06
N THR JB 29 111.52 16.79 -3.86
CA THR JB 29 111.62 18.25 -3.92
C THR JB 29 110.43 18.90 -4.61
N ASP JB 30 109.99 18.29 -5.71
CA ASP JB 30 108.89 18.81 -6.53
C ASP JB 30 107.59 18.93 -5.74
N ILE JB 31 107.32 17.92 -4.92
CA ILE JB 31 106.15 17.90 -4.03
C ILE JB 31 106.22 19.05 -3.03
N ILE JB 32 107.39 19.19 -2.40
CA ILE JB 32 107.66 20.26 -1.44
C ILE JB 32 107.43 21.64 -2.07
N ASN JB 33 107.95 21.83 -3.27
CA ASN JB 33 107.77 23.08 -4.04
C ASN JB 33 106.29 23.38 -4.29
N LYS JB 34 105.56 22.35 -4.70
CA LYS JB 34 104.12 22.44 -4.95
C LYS JB 34 103.36 22.86 -3.69
N VAL JB 35 103.71 22.24 -2.57
CA VAL JB 35 103.15 22.56 -1.25
C VAL JB 35 103.37 24.02 -0.89
N LYS JB 36 104.61 24.47 -1.05
CA LYS JB 36 105.04 25.80 -0.57
C LYS JB 36 104.73 26.98 -1.49
N SER JB 37 104.28 26.70 -2.72
CA SER JB 37 103.95 27.76 -3.68
C SER JB 37 102.70 28.55 -3.24
N PRO JB 38 102.55 29.81 -3.70
CA PRO JB 38 101.39 30.62 -3.29
C PRO JB 38 100.05 29.97 -3.66
N LYS JB 39 99.19 29.78 -2.65
CA LYS JB 39 97.90 29.13 -2.83
C LYS JB 39 96.95 30.10 -3.55
N PRO JB 40 96.21 29.60 -4.57
CA PRO JB 40 95.39 30.49 -5.39
C PRO JB 40 94.15 31.02 -4.68
N LYS JB 41 93.55 32.06 -5.25
CA LYS JB 41 92.32 32.67 -4.74
C LYS JB 41 91.35 32.93 -5.88
N GLY JB 42 90.14 33.37 -5.53
CA GLY JB 42 89.12 33.72 -6.51
C GLY JB 42 88.10 32.60 -6.69
N VAL JB 43 87.99 32.08 -7.91
CA VAL JB 43 86.98 31.07 -8.26
C VAL JB 43 87.52 29.70 -7.84
N LEU JB 44 88.72 29.37 -8.30
CA LEU JB 44 89.40 28.12 -7.94
C LEU JB 44 90.46 28.40 -6.87
N GLY JB 45 90.00 28.92 -5.73
CA GLY JB 45 90.86 29.21 -4.59
C GLY JB 45 90.78 28.10 -3.55
N ILE JB 46 91.76 28.05 -2.65
CA ILE JB 46 91.85 27.01 -1.63
C ILE JB 46 91.50 27.55 -0.23
N GLY JB 47 92.37 28.42 0.30
CA GLY JB 47 92.26 28.88 1.69
C GLY JB 47 91.24 29.98 1.91
N TYR JB 48 91.53 30.88 2.85
CA TYR JB 48 90.73 32.08 3.11
C TYR JB 48 91.34 33.27 2.39
N ALA JB 49 90.49 34.18 1.90
CA ALA JB 49 90.94 35.45 1.32
C ALA JB 49 91.49 36.35 2.42
N LYS JB 50 92.49 37.18 2.07
CA LYS JB 50 93.22 38.00 3.04
C LYS JB 50 92.32 38.85 3.95
N GLY JB 51 91.34 39.51 3.36
CA GLY JB 51 90.41 40.35 4.11
C GLY JB 51 89.41 39.60 4.98
N VAL JB 52 89.02 38.40 4.54
CA VAL JB 52 87.94 37.64 5.17
C VAL JB 52 88.45 36.90 6.41
N LYS JB 53 87.62 36.89 7.46
CA LYS JB 53 87.93 36.20 8.72
C LYS JB 53 87.64 34.70 8.62
N HIS JB 54 87.95 33.96 9.68
CA HIS JB 54 87.67 32.53 9.78
C HIS JB 54 87.04 32.22 11.14
N PRO JB 55 86.31 31.09 11.28
CA PRO JB 55 85.60 30.79 12.53
C PRO JB 55 86.52 30.80 13.77
N LYS JB 56 85.98 31.25 14.89
CA LYS JB 56 86.79 31.57 16.09
C LYS JB 56 87.68 30.42 16.55
N GLY JB 57 87.05 29.30 16.90
CA GLY JB 57 87.76 28.10 17.36
C GLY JB 57 88.65 27.43 16.32
N SER JB 58 88.29 27.55 15.05
CA SER JB 58 88.97 26.82 13.97
C SER JB 58 90.30 27.47 13.58
N HIS JB 59 91.20 26.66 13.02
CA HIS JB 59 92.44 27.16 12.41
C HIS JB 59 92.11 27.77 11.05
N ARG JB 60 92.93 28.73 10.63
CA ARG JB 60 92.75 29.42 9.34
C ARG JB 60 93.25 28.55 8.20
N LEU JB 61 94.52 28.17 8.27
CA LEU JB 61 95.17 27.36 7.23
C LEU JB 61 94.94 25.87 7.49
N SER JB 62 95.44 25.03 6.59
CA SER JB 62 95.51 23.58 6.79
C SER JB 62 96.82 23.24 7.52
N PRO JB 63 96.88 22.06 8.18
CA PRO JB 63 98.12 21.67 8.88
C PRO JB 63 99.27 21.37 7.91
N LYS JB 64 100.49 21.60 8.37
CA LYS JB 64 101.68 21.44 7.54
C LYS JB 64 102.03 19.97 7.33
N VAL JB 65 102.52 19.65 6.14
CA VAL JB 65 102.82 18.27 5.73
C VAL JB 65 104.17 17.86 6.30
N ASN JB 66 104.16 16.84 7.16
CA ASN JB 66 105.38 16.36 7.81
C ASN JB 66 106.23 15.53 6.86
N PHE JB 67 107.26 16.16 6.29
CA PHE JB 67 108.16 15.49 5.36
C PHE JB 67 109.15 14.61 6.11
N ILE JB 68 109.20 13.32 5.74
CA ILE JB 68 110.07 12.35 6.40
C ILE JB 68 111.52 12.56 5.98
N ASP JB 69 112.37 12.89 6.95
CA ASP JB 69 113.80 12.69 6.81
C ASP JB 69 114.02 11.20 6.95
N VAL JB 70 114.43 10.53 5.87
CA VAL JB 70 114.47 9.06 5.83
C VAL JB 70 115.59 8.51 6.72
N ASP JB 71 116.77 9.14 6.64
CA ASP JB 71 117.90 8.79 7.51
C ASP JB 71 117.57 8.91 8.98
N ASN JB 72 116.87 9.98 9.35
CA ASN JB 72 116.40 10.20 10.71
C ASN JB 72 115.43 9.11 11.17
N LEU JB 73 114.49 8.80 10.29
CA LEU JB 73 113.51 7.72 10.51
C LEU JB 73 114.21 6.39 10.79
N ILE JB 74 115.19 6.07 9.94
CA ILE JB 74 116.00 4.86 10.06
C ILE JB 74 116.70 4.80 11.42
N ALA JB 75 117.34 5.91 11.79
CA ALA JB 75 118.03 6.04 13.08
C ALA JB 75 117.09 5.78 14.26
N LYS JB 76 115.89 6.34 14.20
CA LYS JB 76 114.91 6.23 15.28
C LYS JB 76 114.30 4.82 15.41
N THR JB 77 113.69 4.34 14.33
CA THR JB 77 113.14 2.98 14.28
C THR JB 77 114.21 1.93 14.54
N VAL JB 78 115.33 2.08 13.85
CA VAL JB 78 116.37 1.07 13.77
C VAL JB 78 117.71 1.68 14.24
N ALA JB 79 117.84 1.84 15.55
CA ALA JB 79 119.08 2.32 16.15
C ALA JB 79 120.09 1.19 16.22
N GLU JB 80 121.34 1.48 15.86
CA GLU JB 80 122.43 0.51 16.04
C GLU JB 80 122.82 0.47 17.52
N PRO JB 81 123.27 -0.71 18.02
CA PRO JB 81 123.53 -0.85 19.44
C PRO JB 81 124.74 -0.06 19.92
N GLN JB 82 124.57 0.69 21.01
CA GLN JB 82 125.64 1.52 21.59
C GLN JB 82 126.68 0.63 22.26
N SER JB 83 126.22 -0.28 23.12
CA SER JB 83 127.06 -1.33 23.69
C SER JB 83 127.37 -2.36 22.59
N ILE JB 84 128.49 -2.14 21.91
CA ILE JB 84 128.81 -2.86 20.66
C ILE JB 84 129.24 -4.32 20.84
N LYS JB 85 130.03 -4.62 21.87
CA LYS JB 85 130.70 -5.92 22.02
C LYS JB 85 130.20 -6.82 23.17
N SER JB 86 129.19 -6.38 23.92
CA SER JB 86 128.61 -7.19 25.00
C SER JB 86 127.74 -8.31 24.42
N SER JB 87 128.28 -9.53 24.36
CA SER JB 87 127.58 -10.66 23.74
C SER JB 87 128.14 -12.02 24.19
N ASN JB 88 127.44 -12.66 25.12
CA ASN JB 88 127.71 -14.05 25.54
C ASN JB 88 126.39 -14.85 25.55
N GLY JB 89 126.51 -16.16 25.49
CA GLY JB 89 125.34 -17.05 25.49
C GLY JB 89 124.76 -17.26 24.10
N SER JB 90 124.17 -18.43 23.87
CA SER JB 90 123.71 -18.83 22.54
C SER JB 90 122.42 -18.12 22.13
N ALA JB 91 121.44 -18.16 23.03
CA ALA JB 91 120.14 -17.50 22.81
C ALA JB 91 120.29 -16.00 22.56
N GLN JB 92 121.11 -15.36 23.39
CA GLN JB 92 121.46 -13.94 23.24
C GLN JB 92 122.06 -13.62 21.87
N LYS JB 93 123.01 -14.46 21.46
CA LYS JB 93 123.64 -14.35 20.13
C LYS JB 93 122.62 -14.44 19.01
N VAL JB 94 121.71 -15.40 19.12
CA VAL JB 94 120.62 -15.61 18.17
C VAL JB 94 119.74 -14.37 18.08
N ARG JB 95 119.33 -13.84 19.23
CA ARG JB 95 118.55 -12.60 19.31
C ARG JB 95 119.25 -11.43 18.61
N LEU JB 96 120.55 -11.30 18.87
CA LEU JB 96 121.38 -10.26 18.27
C LEU JB 96 121.40 -10.38 16.75
N GLN JB 97 121.62 -11.60 16.27
CA GLN JB 97 121.58 -11.91 14.83
C GLN JB 97 120.24 -11.53 14.19
N LYS JB 98 119.15 -11.89 14.87
CA LYS JB 98 117.79 -11.56 14.43
C LYS JB 98 117.59 -10.05 14.32
N ALA JB 99 118.04 -9.34 15.35
CA ALA JB 99 117.98 -7.88 15.40
C ALA JB 99 118.72 -7.27 14.21
N GLU JB 100 119.97 -7.70 14.02
CA GLU JB 100 120.81 -7.28 12.89
C GLU JB 100 120.12 -7.48 11.54
N LEU JB 101 119.47 -8.63 11.40
CA LEU JB 101 118.77 -8.99 10.16
C LEU JB 101 117.59 -8.04 9.91
N ARG JB 102 116.85 -7.78 10.99
CA ARG JB 102 115.72 -6.84 10.95
C ARG JB 102 116.15 -5.43 10.63
N ARG JB 103 117.30 -5.02 11.18
CA ARG JB 103 117.88 -3.72 10.87
C ARG JB 103 118.19 -3.62 9.39
N LYS JB 104 118.91 -4.62 8.89
CA LYS JB 104 119.28 -4.72 7.48
C LYS JB 104 118.07 -4.56 6.58
N PHE JB 105 117.04 -5.36 6.83
CA PHE JB 105 115.86 -5.41 5.96
C PHE JB 105 115.09 -4.10 5.95
N LEU JB 106 114.79 -3.57 7.13
CA LEU JB 106 114.02 -2.33 7.24
C LEU JB 106 114.78 -1.14 6.67
N ILE JB 107 116.10 -1.11 6.92
CA ILE JB 107 116.98 -0.09 6.34
C ILE JB 107 116.88 -0.13 4.82
N GLU JB 108 117.16 -1.30 4.25
CA GLU JB 108 117.11 -1.51 2.80
C GLU JB 108 115.76 -1.08 2.22
N ALA JB 109 114.69 -1.55 2.85
CA ALA JB 109 113.32 -1.28 2.41
C ALA JB 109 113.04 0.22 2.30
N PHE JB 110 113.36 0.96 3.37
CA PHE JB 110 113.15 2.41 3.42
C PHE JB 110 113.96 3.14 2.36
N ARG JB 111 115.26 2.84 2.30
CA ARG JB 111 116.18 3.43 1.32
C ARG JB 111 115.75 3.17 -0.11
N LYS JB 112 115.39 1.91 -0.38
CA LYS JB 112 114.84 1.50 -1.68
C LYS JB 112 113.60 2.30 -2.04
N GLU JB 113 112.68 2.41 -1.09
CA GLU JB 113 111.43 3.17 -1.26
C GLU JB 113 111.72 4.62 -1.64
N GLU JB 114 112.65 5.23 -0.90
CA GLU JB 114 113.09 6.61 -1.12
C GLU JB 114 113.63 6.78 -2.54
N ALA JB 115 114.52 5.87 -2.95
CA ALA JB 115 115.08 5.84 -4.30
C ALA JB 115 114.01 5.60 -5.35
N ARG JB 116 113.13 4.64 -5.06
CA ARG JB 116 112.11 4.17 -5.99
C ARG JB 116 111.10 5.25 -6.37
N LEU JB 117 110.61 5.99 -5.38
CA LEU JB 117 109.68 7.11 -5.60
C LEU JB 117 110.28 8.18 -6.49
N LEU JB 118 111.54 8.53 -6.22
CA LEU JB 118 112.29 9.50 -7.02
C LEU JB 118 112.47 9.02 -8.45
N HIS JB 119 112.80 7.74 -8.60
CA HIS JB 119 112.93 7.10 -9.91
C HIS JB 119 111.64 7.14 -10.71
N LYS JB 120 110.53 6.84 -10.03
CA LYS JB 120 109.19 6.89 -10.61
C LYS JB 120 108.83 8.29 -11.10
N HIS JB 121 109.13 9.28 -10.25
CA HIS JB 121 108.94 10.69 -10.58
C HIS JB 121 109.72 11.12 -11.82
N GLU JB 122 110.99 10.71 -11.87
CA GLU JB 122 111.87 10.96 -13.02
C GLU JB 122 111.30 10.36 -14.31
N TYR JB 123 110.82 9.13 -14.21
CA TYR JB 123 110.19 8.41 -15.32
C TYR JB 123 108.96 9.16 -15.83
N LEU JB 124 108.11 9.60 -14.90
CA LEU JB 124 106.93 10.41 -15.22
C LEU JB 124 107.30 11.69 -15.96
N GLN JB 125 108.30 12.39 -15.44
CA GLN JB 125 108.83 13.61 -16.06
C GLN JB 125 109.29 13.40 -17.49
N LYS JB 126 110.07 12.33 -17.69
CA LYS JB 126 110.51 11.91 -19.02
C LYS JB 126 109.32 11.63 -19.95
N ARG JB 127 108.37 10.88 -19.42
CA ARG JB 127 107.21 10.40 -20.18
C ARG JB 127 106.32 11.54 -20.67
N THR JB 128 106.03 12.49 -19.78
CA THR JB 128 105.24 13.67 -20.10
C THR JB 128 105.87 14.50 -21.21
N LYS JB 129 107.19 14.70 -21.11
CA LYS JB 129 107.97 15.40 -22.13
C LYS JB 129 107.90 14.70 -23.48
N GLU JB 130 108.08 13.37 -23.46
CA GLU JB 130 107.97 12.53 -24.66
C GLU JB 130 106.60 12.66 -25.33
N LEU JB 131 105.55 12.64 -24.51
CA LEU JB 131 104.17 12.81 -24.99
C LEU JB 131 103.96 14.17 -25.65
N GLU JB 132 104.46 15.22 -25.01
CA GLU JB 132 104.43 16.59 -25.54
C GLU JB 132 105.12 16.69 -26.90
N LYS JB 133 106.31 16.09 -26.99
CA LYS JB 133 107.07 16.03 -28.24
C LYS JB 133 106.30 15.33 -29.36
N ALA JB 134 105.67 14.22 -29.00
CA ALA JB 134 104.84 13.45 -29.93
C ALA JB 134 103.65 14.26 -30.45
N LYS JB 135 102.99 14.96 -29.53
CA LYS JB 135 101.90 15.89 -29.87
C LYS JB 135 102.33 16.99 -30.82
N GLU JB 136 103.50 17.59 -30.53
CA GLU JB 136 104.10 18.62 -31.38
C GLU JB 136 104.39 18.11 -32.79
N LEU JB 137 104.95 16.90 -32.87
CA LEU JB 137 105.21 16.23 -34.15
C LEU JB 137 103.92 16.01 -34.95
N GLU JB 138 102.89 15.52 -34.26
CA GLU JB 138 101.56 15.31 -34.87
C GLU JB 138 100.98 16.62 -35.43
N LEU JB 139 101.09 17.68 -34.64
CA LEU JB 139 100.65 19.02 -35.04
C LEU JB 139 101.38 19.51 -36.29
N GLU JB 140 102.69 19.31 -36.31
CA GLU JB 140 103.53 19.66 -37.46
C GLU JB 140 103.12 18.91 -38.72
N LYS JB 141 102.89 17.61 -38.57
CA LYS JB 141 102.40 16.73 -39.65
C LYS JB 141 101.06 17.21 -40.22
N LEU JB 142 100.14 17.56 -39.32
CA LEU JB 142 98.84 18.12 -39.70
C LEU JB 142 98.99 19.41 -40.50
N ASN JB 143 99.90 20.27 -40.04
CA ASN JB 143 100.13 21.57 -40.67
C ASN JB 143 100.70 21.53 -42.08
N LYS JB 144 101.78 20.78 -42.29
CA LYS JB 144 102.51 20.83 -43.56
C LYS JB 144 101.58 20.59 -44.75
N GLU JB 145 101.58 21.54 -45.69
CA GLU JB 145 100.56 21.60 -46.74
C GLU JB 145 100.78 20.51 -47.77
N LYS JB 146 99.80 19.61 -47.89
CA LYS JB 146 99.82 18.54 -48.89
C LYS JB 146 99.53 19.11 -50.27
N SER JB 147 99.96 18.37 -51.30
CA SER JB 147 99.65 18.70 -52.68
C SER JB 147 98.14 18.65 -52.93
N SER JB 148 97.52 17.58 -52.43
CA SER JB 148 96.09 17.29 -52.64
C SER JB 148 95.09 18.08 -51.75
N ASP JB 149 95.57 19.13 -51.08
CA ASP JB 149 94.69 20.07 -50.35
C ASP JB 149 93.89 20.99 -51.28
N LEU JB 150 94.39 21.23 -52.50
CA LEU JB 150 93.77 22.21 -53.42
C LEU JB 150 92.44 21.71 -54.01
N THR JB 151 92.23 20.40 -54.01
CA THR JB 151 90.92 19.81 -54.36
C THR JB 151 89.82 20.19 -53.36
N ILE JB 152 90.20 20.35 -52.09
CA ILE JB 152 89.27 20.82 -51.05
C ILE JB 152 89.01 22.31 -51.29
N MET JB 153 87.74 22.70 -51.13
CA MET JB 153 87.25 24.01 -51.54
C MET JB 153 87.56 25.08 -50.50
N THR JB 154 87.58 26.34 -50.96
CA THR JB 154 87.92 27.48 -50.11
C THR JB 154 87.07 28.72 -50.43
N LEU JB 155 86.76 29.48 -49.39
CA LEU JB 155 86.12 30.80 -49.51
C LEU JB 155 86.85 31.70 -48.51
N ASP JB 156 88.17 31.76 -48.68
CA ASP JB 156 89.10 32.25 -47.64
C ASP JB 156 88.88 33.71 -47.25
N LYS JB 157 88.74 34.56 -48.26
CA LYS JB 157 88.51 35.99 -48.06
C LYS JB 157 87.24 36.25 -47.25
N MET JB 158 86.16 35.58 -47.63
CA MET JB 158 84.87 35.67 -46.95
C MET JB 158 84.98 35.28 -45.47
N MET JB 159 85.70 34.17 -45.22
CA MET JB 159 85.96 33.71 -43.85
C MET JB 159 86.73 34.74 -43.04
N SER JB 160 87.74 35.34 -43.67
CA SER JB 160 88.57 36.37 -43.04
C SER JB 160 87.78 37.61 -42.63
N GLN JB 161 86.87 38.05 -43.51
CA GLN JB 161 86.05 39.24 -43.26
C GLN JB 161 85.38 39.19 -41.89
N PRO JB 162 85.52 40.26 -41.07
CA PRO JB 162 84.86 40.26 -39.77
C PRO JB 162 83.36 40.43 -39.95
N LEU JB 163 82.59 39.74 -39.11
CA LEU JB 163 81.13 39.70 -39.25
C LEU JB 163 80.43 41.02 -38.89
N LEU JB 164 81.14 41.90 -38.19
CA LEU JB 164 80.66 43.26 -37.95
C LEU JB 164 81.79 44.28 -37.98
N ARG JB 165 81.51 45.43 -38.60
CA ARG JB 165 82.27 46.65 -38.40
C ARG JB 165 81.43 47.51 -37.47
N ASN JB 166 81.83 47.57 -36.20
CA ASN JB 166 81.17 48.43 -35.22
C ASN JB 166 81.29 49.89 -35.64
N ARG JB 167 80.22 50.65 -35.44
CA ARG JB 167 80.18 52.05 -35.87
C ARG JB 167 81.30 52.85 -35.22
N SER JB 168 81.97 53.69 -36.02
CA SER JB 168 82.91 54.68 -35.48
C SER JB 168 82.07 55.76 -34.76
N PRO JB 169 82.62 56.39 -33.70
CA PRO JB 169 81.85 57.37 -32.91
C PRO JB 169 81.26 58.49 -33.75
N GLU JB 170 82.06 59.01 -34.67
CA GLU JB 170 81.62 60.00 -35.66
C GLU JB 170 80.39 59.53 -36.44
N GLU JB 171 80.47 58.28 -36.93
CA GLU JB 171 79.41 57.66 -37.73
C GLU JB 171 78.11 57.60 -36.92
N SER JB 172 78.25 57.18 -35.67
CA SER JB 172 77.13 57.10 -34.72
C SER JB 172 76.47 58.46 -34.46
N GLU JB 173 77.32 59.49 -34.29
CA GLU JB 173 76.86 60.86 -34.03
C GLU JB 173 75.91 61.41 -35.10
N LEU JB 174 76.29 61.20 -36.35
CA LEU JB 174 75.46 61.61 -37.51
C LEU JB 174 74.11 60.90 -37.49
N LEU JB 175 74.15 59.60 -37.22
CA LEU JB 175 72.95 58.76 -37.12
C LEU JB 175 72.03 59.25 -36.01
N LYS JB 176 72.61 59.53 -34.85
CA LYS JB 176 71.89 60.12 -33.71
C LYS JB 176 71.21 61.43 -34.07
N LEU JB 177 71.97 62.33 -34.69
CA LEU JB 177 71.46 63.62 -35.20
C LEU JB 177 70.24 63.46 -36.11
N LYS JB 178 70.37 62.54 -37.07
CA LYS JB 178 69.28 62.20 -38.00
C LYS JB 178 68.03 61.73 -37.26
N ARG JB 179 68.24 60.84 -36.29
CA ARG JB 179 67.15 60.32 -35.44
C ARG JB 179 66.46 61.41 -34.63
N ASN JB 180 67.27 62.31 -34.07
CA ASN JB 180 66.75 63.49 -33.36
C ASN JB 180 65.90 64.38 -34.25
N TYR JB 181 66.38 64.60 -35.47
CA TYR JB 181 65.67 65.38 -36.47
C TYR JB 181 64.32 64.75 -36.80
N ASN JB 182 64.35 63.44 -37.10
CA ASN JB 182 63.13 62.67 -37.37
C ASN JB 182 62.09 62.77 -36.27
N ARG JB 183 62.55 62.63 -35.02
CA ARG JB 183 61.71 62.78 -33.84
C ARG JB 183 61.05 64.15 -33.78
N SER JB 184 61.87 65.18 -33.95
CA SER JB 184 61.43 66.57 -33.81
C SER JB 184 60.56 67.07 -34.97
N LEU JB 185 60.88 66.63 -36.18
CA LEU JB 185 60.17 67.07 -37.39
C LEU JB 185 58.70 66.66 -37.35
N LEU JB 186 58.46 65.39 -37.03
CA LEU JB 186 57.10 64.84 -36.89
C LEU JB 186 56.27 65.57 -35.84
N ASN JB 187 56.90 65.87 -34.70
CA ASN JB 187 56.28 66.63 -33.62
C ASN JB 187 55.88 68.03 -34.09
N PHE JB 188 56.80 68.68 -34.80
CA PHE JB 188 56.57 70.00 -35.38
C PHE JB 188 55.39 70.01 -36.35
N GLN JB 189 55.38 69.03 -37.26
CA GLN JB 189 54.28 68.83 -38.21
C GLN JB 189 52.93 68.70 -37.51
N ALA JB 190 52.91 67.85 -36.48
CA ALA JB 190 51.71 67.63 -35.65
C ALA JB 190 51.23 68.92 -35.00
N HIS JB 191 52.18 69.70 -34.48
CA HIS JB 191 51.91 71.00 -33.89
C HIS JB 191 51.29 71.96 -34.89
N LYS JB 192 51.89 72.03 -36.08
CA LYS JB 192 51.38 72.82 -37.20
C LYS JB 192 49.94 72.47 -37.56
N LYS JB 193 49.68 71.17 -37.68
CA LYS JB 193 48.33 70.65 -37.95
C LYS JB 193 47.32 71.09 -36.90
N LYS JB 194 47.72 70.97 -35.63
CA LYS JB 194 46.90 71.41 -34.49
C LYS JB 194 46.57 72.90 -34.56
N LEU JB 195 47.57 73.70 -34.89
CA LEU JB 195 47.40 75.15 -35.06
C LEU JB 195 46.42 75.49 -36.19
N ASN JB 196 46.59 74.81 -37.33
CA ASN JB 196 45.68 74.92 -38.47
C ASN JB 196 44.23 74.62 -38.10
N GLU JB 197 44.05 73.50 -37.41
CA GLU JB 197 42.75 73.07 -36.88
C GLU JB 197 42.11 74.13 -35.97
N LEU JB 198 42.93 74.68 -35.08
CA LEU JB 198 42.51 75.76 -34.17
C LEU JB 198 42.05 76.98 -34.95
N LEU JB 199 42.84 77.36 -35.96
CA LEU JB 199 42.55 78.50 -36.84
C LEU JB 199 41.21 78.30 -37.56
N ASN JB 200 41.01 77.11 -38.11
CA ASN JB 200 39.75 76.73 -38.75
C ASN JB 200 38.55 76.85 -37.82
N LEU JB 201 38.74 76.37 -36.59
CA LEU JB 201 37.72 76.45 -35.54
C LEU JB 201 37.35 77.91 -35.24
N TYR JB 202 38.38 78.75 -35.09
CA TYR JB 202 38.21 80.18 -34.87
C TYR JB 202 37.43 80.87 -35.99
N HIS JB 203 37.79 80.53 -37.23
CA HIS JB 203 37.08 81.01 -38.42
C HIS JB 203 35.61 80.66 -38.41
N VAL JB 204 35.33 79.39 -38.12
CA VAL JB 204 33.97 78.87 -37.95
C VAL JB 204 33.17 79.62 -36.88
N ALA JB 205 33.81 79.84 -35.73
CA ALA JB 205 33.15 80.11 -34.45
C ALA JB 205 32.19 81.31 -34.32
N ASN JB 206 32.15 82.20 -35.32
CA ASN JB 206 31.08 83.21 -35.39
C ASN JB 206 29.67 82.59 -35.44
N GLU JB 207 29.56 81.42 -36.09
CA GLU JB 207 28.32 80.65 -36.12
C GLU JB 207 28.01 79.96 -34.79
N PHE JB 208 29.04 79.52 -34.07
CA PHE JB 208 28.89 78.88 -32.75
C PHE JB 208 28.28 79.83 -31.71
N ILE JB 209 27.68 79.23 -30.68
CA ILE JB 209 26.90 79.94 -29.67
C ILE JB 209 27.44 79.66 -28.27
N VAL JB 210 27.56 80.72 -27.48
CA VAL JB 210 27.85 80.64 -26.04
C VAL JB 210 26.80 81.44 -25.25
N THR JB 211 26.57 82.69 -25.65
CA THR JB 211 25.65 83.58 -24.94
C THR JB 211 24.18 83.33 -25.31
N GLU JB 212 23.29 83.98 -24.55
CA GLU JB 212 21.84 83.81 -24.68
C GLU JB 212 21.29 84.51 -25.92
N SER JB 213 21.72 85.76 -26.10
CA SER JB 213 21.29 86.61 -27.22
C SER JB 213 21.59 85.99 -28.58
N GLN JB 214 22.80 85.46 -28.72
CA GLN JB 214 23.24 84.75 -29.92
C GLN JB 214 22.35 83.54 -30.22
N LEU JB 215 22.05 82.78 -29.18
CA LEU JB 215 21.18 81.60 -29.26
C LEU JB 215 19.78 81.99 -29.75
N LEU JB 216 19.25 83.06 -29.17
CA LEU JB 216 17.95 83.61 -29.54
C LEU JB 216 17.92 84.02 -31.02
N LYS JB 217 18.96 84.73 -31.45
CA LYS JB 217 19.12 85.14 -32.85
C LYS JB 217 19.13 83.94 -33.80
N LYS JB 218 19.88 82.91 -33.42
CA LYS JB 218 19.95 81.66 -34.19
C LYS JB 218 18.57 81.02 -34.34
N ILE JB 219 17.87 80.93 -33.22
CA ILE JB 219 16.50 80.41 -33.17
C ILE JB 219 15.58 81.17 -34.13
N ASP JB 220 15.65 82.50 -34.05
CA ASP JB 220 14.86 83.39 -34.92
C ASP JB 220 15.15 83.12 -36.40
N LYS JB 221 16.44 83.05 -36.73
CA LYS JB 221 16.90 82.69 -38.08
C LYS JB 221 16.32 81.36 -38.58
N VAL JB 222 16.38 80.35 -37.72
CA VAL JB 222 15.92 79.00 -38.04
C VAL JB 222 14.40 78.98 -38.24
N PHE JB 223 13.67 79.47 -37.25
CA PHE JB 223 12.22 79.24 -37.13
C PHE JB 223 11.35 80.33 -37.75
N ASN JB 224 11.65 81.58 -37.45
CA ASN JB 224 10.80 82.72 -37.86
C ASN JB 224 10.81 83.00 -39.37
N ASP JB 225 11.96 82.78 -40.00
CA ASP JB 225 12.12 82.98 -41.45
C ASP JB 225 11.23 82.08 -42.30
N GLU JB 226 11.02 80.84 -41.83
CA GLU JB 226 10.25 79.82 -42.55
C GLU JB 226 10.92 79.45 -43.88
N THR JB 227 12.24 79.28 -43.83
CA THR JB 227 13.06 79.00 -45.01
C THR JB 227 14.15 77.99 -44.69
N GLU JB 228 14.47 77.15 -45.68
CA GLU JB 228 15.49 76.10 -45.57
C GLU JB 228 15.24 75.10 -44.42
N GLU JB 229 14.02 74.59 -44.37
CA GLU JB 229 13.70 73.45 -43.51
C GLU JB 229 14.20 72.20 -44.21
N PHE JB 230 15.07 71.43 -43.54
CA PHE JB 230 15.68 70.25 -44.15
C PHE JB 230 14.63 69.14 -44.29
N THR JB 231 14.02 69.08 -45.47
CA THR JB 231 13.06 68.02 -45.81
C THR JB 231 13.31 67.55 -47.24
N ASP JB 232 13.30 66.24 -47.43
CA ASP JB 232 13.77 65.61 -48.67
C ASP JB 232 12.61 65.24 -49.59
N ALA JB 233 12.85 65.35 -50.90
CA ALA JB 233 11.86 64.99 -51.92
C ALA JB 233 12.53 64.84 -53.29
N ARG KB 1 -48.57 1.00 -70.07
CA ARG KB 1 -47.72 2.22 -70.29
C ARG KB 1 -47.48 2.48 -71.80
N VAL KB 2 -48.56 2.46 -72.56
CA VAL KB 2 -48.49 2.57 -74.03
C VAL KB 2 -49.59 3.50 -74.57
N THR KB 3 -49.23 4.30 -75.58
CA THR KB 3 -50.16 5.22 -76.24
C THR KB 3 -50.62 4.63 -77.58
N PRO KB 4 -51.65 5.23 -78.21
CA PRO KB 4 -52.04 4.80 -79.56
C PRO KB 4 -50.97 5.06 -80.64
N GLY KB 5 -50.33 6.24 -80.59
CA GLY KB 5 -49.35 6.63 -81.59
C GLY KB 5 -48.00 5.93 -81.54
N SER KB 6 -47.57 5.54 -80.33
CA SER KB 6 -46.24 4.95 -80.13
C SER KB 6 -46.11 3.54 -80.73
N LEU KB 7 -44.92 3.21 -81.20
CA LEU KB 7 -44.63 1.92 -81.81
C LEU KB 7 -44.24 0.89 -80.74
N TYR KB 8 -45.13 -0.09 -80.52
CA TYR KB 8 -44.93 -1.15 -79.53
C TYR KB 8 -44.48 -2.49 -80.14
N LYS KB 9 -44.69 -2.66 -81.45
CA LYS KB 9 -44.38 -3.93 -82.13
C LYS KB 9 -42.88 -4.14 -82.32
N ASN KB 10 -42.52 -5.38 -82.66
CA ASN KB 10 -41.19 -5.71 -83.17
C ASN KB 10 -40.99 -5.13 -84.58
N TRP KB 11 -39.73 -5.16 -85.06
CA TRP KB 11 -39.34 -4.42 -86.26
C TRP KB 11 -40.11 -4.75 -87.54
N THR KB 12 -40.11 -6.01 -87.93
CA THR KB 12 -40.80 -6.46 -89.15
C THR KB 12 -42.29 -6.13 -89.12
N ASN KB 13 -42.91 -6.43 -87.98
CA ASN KB 13 -44.32 -6.09 -87.72
C ASN KB 13 -44.58 -4.59 -87.82
N THR KB 14 -43.72 -3.81 -87.16
CA THR KB 14 -43.78 -2.34 -87.19
C THR KB 14 -43.74 -1.82 -88.63
N THR KB 15 -42.80 -2.32 -89.41
CA THR KB 15 -42.64 -1.89 -90.81
C THR KB 15 -43.86 -2.25 -91.67
N HIS KB 16 -44.45 -3.40 -91.39
CA HIS KB 16 -45.69 -3.80 -92.05
C HIS KB 16 -46.89 -2.96 -91.61
N THR KB 17 -47.03 -2.78 -90.29
CA THR KB 17 -48.28 -2.35 -89.68
C THR KB 17 -48.37 -0.87 -89.26
N ALA KB 18 -47.23 -0.25 -88.97
CA ALA KB 18 -47.17 1.20 -88.75
C ALA KB 18 -47.00 1.85 -90.11
N GLN KB 19 -47.93 2.74 -90.48
CA GLN KB 19 -47.94 3.37 -91.79
C GLN KB 19 -46.84 4.42 -91.91
N LEU KB 20 -45.64 3.96 -92.22
CA LEU KB 20 -44.52 4.83 -92.58
C LEU KB 20 -44.46 5.06 -94.10
N GLN KB 21 -45.36 4.41 -94.84
CA GLN KB 21 -45.63 4.76 -96.24
C GLN KB 21 -46.28 6.13 -96.40
N GLN KB 22 -46.91 6.64 -95.33
CA GLN KB 22 -47.44 8.01 -95.26
C GLN KB 22 -46.46 9.06 -95.80
N THR KB 23 -45.33 9.20 -95.12
CA THR KB 23 -44.31 10.16 -95.49
C THR KB 23 -43.50 9.61 -96.65
N ALA KB 24 -44.04 9.78 -97.85
CA ALA KB 24 -43.40 9.28 -99.07
C ALA KB 24 -43.80 10.15 -100.27
N VAL KB 25 -42.90 10.23 -101.25
CA VAL KB 25 -43.13 11.06 -102.44
C VAL KB 25 -44.21 10.43 -103.34
N PRO KB 26 -45.18 11.24 -103.81
CA PRO KB 26 -46.06 10.78 -104.89
C PRO KB 26 -45.31 10.60 -106.20
N LEU KB 27 -45.53 9.49 -106.88
CA LEU KB 27 -44.81 9.13 -108.11
C LEU KB 27 -45.79 8.83 -109.24
N ALA KB 28 -45.79 9.67 -110.27
CA ALA KB 28 -46.62 9.48 -111.45
C ALA KB 28 -46.00 8.42 -112.36
N LEU KB 29 -46.21 7.15 -111.99
CA LEU KB 29 -45.68 6.00 -112.72
C LEU KB 29 -46.75 5.45 -113.67
N PRO KB 30 -46.33 4.67 -114.69
CA PRO KB 30 -47.32 4.00 -115.56
C PRO KB 30 -48.10 2.87 -114.86
N ILE KB 31 -49.19 2.45 -115.49
CA ILE KB 31 -50.14 1.51 -114.90
C ILE KB 31 -49.98 0.12 -115.52
N PHE KB 32 -50.09 -0.92 -114.69
CA PHE KB 32 -49.92 -2.32 -115.12
C PHE KB 32 -51.15 -2.83 -115.87
N ASN KB 33 -50.99 -3.09 -117.16
CA ASN KB 33 -52.01 -3.74 -117.99
C ASN KB 33 -51.35 -4.71 -118.97
N PHE KB 34 -51.86 -5.94 -119.02
CA PHE KB 34 -51.32 -6.97 -119.91
C PHE KB 34 -51.55 -6.65 -121.40
N ASP KB 35 -52.67 -5.97 -121.70
CA ASP KB 35 -52.98 -5.55 -123.07
C ASP KB 35 -51.99 -4.52 -123.63
N ASP KB 36 -51.35 -3.74 -122.76
CA ASP KB 36 -50.35 -2.75 -123.15
C ASP KB 36 -49.00 -2.99 -122.45
N ILE KB 37 -48.51 -4.23 -122.53
CA ILE KB 37 -47.18 -4.58 -122.00
C ILE KB 37 -46.06 -4.10 -122.93
N SER KB 38 -46.34 -4.04 -124.24
CA SER KB 38 -45.41 -3.50 -125.24
C SER KB 38 -44.90 -2.09 -124.90
N LYS KB 39 -45.77 -1.27 -124.32
CA LYS KB 39 -45.42 0.08 -123.87
C LYS KB 39 -44.49 0.04 -122.65
N THR KB 40 -44.86 -0.75 -121.65
CA THR KB 40 -44.17 -0.80 -120.36
C THR KB 40 -43.61 -2.20 -120.09
N LEU KB 41 -42.74 -2.65 -120.98
CA LEU KB 41 -42.21 -4.03 -120.94
C LEU KB 41 -41.10 -4.17 -119.89
N ASN KB 42 -40.18 -3.21 -119.85
CA ASN KB 42 -39.09 -3.19 -118.85
C ASN KB 42 -39.04 -1.85 -118.13
N LYS KB 43 -40.11 -1.55 -117.41
CA LYS KB 43 -40.23 -0.33 -116.60
C LYS KB 43 -40.98 -0.62 -115.31
N VAL KB 44 -40.69 0.16 -114.27
CA VAL KB 44 -41.49 0.13 -113.04
C VAL KB 44 -42.89 0.67 -113.31
N VAL KB 45 -43.88 0.03 -112.70
CA VAL KB 45 -45.29 0.33 -112.95
C VAL KB 45 -46.10 0.20 -111.66
N SER KB 46 -46.80 1.27 -111.28
CA SER KB 46 -47.76 1.21 -110.18
C SER KB 46 -49.00 0.47 -110.68
N TYR KB 47 -49.68 -0.21 -109.78
CA TYR KB 47 -50.91 -0.91 -110.13
C TYR KB 47 -52.07 0.07 -110.31
N SER KB 48 -53.11 -0.38 -111.00
CA SER KB 48 -54.37 0.36 -111.08
C SER KB 48 -55.06 0.38 -109.71
N ASN KB 49 -55.98 1.31 -109.53
CA ASN KB 49 -56.70 1.48 -108.25
C ASN KB 49 -57.55 0.26 -107.90
N LYS KB 50 -58.30 -0.22 -108.90
CA LYS KB 50 -59.12 -1.42 -108.79
C LYS KB 50 -58.28 -2.66 -108.45
N GLN KB 51 -57.15 -2.79 -109.14
CA GLN KB 51 -56.20 -3.89 -108.90
C GLN KB 51 -55.71 -3.87 -107.46
N TYR KB 52 -55.21 -2.70 -107.04
CA TYR KB 52 -54.77 -2.48 -105.66
C TYR KB 52 -55.81 -2.91 -104.64
N LYS KB 53 -57.03 -2.42 -104.83
CA LYS KB 53 -58.17 -2.75 -103.98
C LYS KB 53 -58.35 -4.27 -103.86
N SER KB 54 -58.38 -4.93 -105.01
CA SER KB 54 -58.48 -6.39 -105.09
C SER KB 54 -57.29 -7.07 -104.42
N LEU KB 55 -56.09 -6.62 -104.78
CA LEU KB 55 -54.84 -7.25 -104.32
C LEU KB 55 -54.66 -7.21 -102.81
N HIS KB 56 -54.97 -6.08 -102.19
CA HIS KB 56 -54.92 -5.94 -100.74
C HIS KB 56 -55.88 -6.91 -100.05
N HIS KB 57 -57.11 -6.95 -100.54
CA HIS KB 57 -58.13 -7.88 -100.04
C HIS KB 57 -57.68 -9.34 -100.12
N LEU KB 58 -57.10 -9.70 -101.25
CA LEU KB 58 -56.58 -11.06 -101.47
C LEU KB 58 -55.48 -11.41 -100.47
N GLY KB 59 -54.57 -10.46 -100.27
CA GLY KB 59 -53.39 -10.64 -99.42
C GLY KB 59 -52.13 -10.89 -100.21
N SER KB 60 -51.94 -10.13 -101.28
CA SER KB 60 -50.78 -10.28 -102.16
C SER KB 60 -49.56 -9.57 -101.58
N PHE KB 61 -49.75 -8.34 -101.12
CA PHE KB 61 -48.66 -7.52 -100.59
C PHE KB 61 -48.35 -7.94 -99.15
N LYS KB 62 -47.13 -8.43 -98.92
CA LYS KB 62 -46.75 -9.11 -97.68
C LYS KB 62 -45.77 -8.32 -96.82
N LYS KB 63 -45.60 -8.78 -95.59
CA LYS KB 63 -44.92 -8.01 -94.54
C LYS KB 63 -43.40 -7.84 -94.71
N SER KB 64 -42.72 -8.93 -95.07
CA SER KB 64 -41.25 -8.94 -95.15
C SER KB 64 -40.69 -8.24 -96.41
N GLN KB 65 -41.58 -7.84 -97.32
CA GLN KB 65 -41.20 -7.04 -98.49
C GLN KB 65 -40.97 -5.60 -98.03
N PHE KB 66 -40.33 -4.80 -98.89
CA PHE KB 66 -40.14 -3.38 -98.63
C PHE KB 66 -41.16 -2.53 -99.40
N ASN KB 67 -42.44 -2.83 -99.17
CA ASN KB 67 -43.55 -2.03 -99.72
C ASN KB 67 -43.77 -0.72 -98.95
N GLU KB 68 -43.17 -0.61 -97.77
CA GLU KB 68 -43.16 0.61 -96.98
C GLU KB 68 -42.38 1.77 -97.62
N LEU KB 69 -41.39 1.43 -98.45
CA LEU KB 69 -40.54 2.42 -99.15
C LEU KB 69 -41.25 3.41 -100.07
N PHE KB 70 -42.44 3.06 -100.56
CA PHE KB 70 -43.14 3.86 -101.57
C PHE KB 70 -44.56 4.20 -101.11
N GLN KB 71 -45.24 5.03 -101.92
CA GLN KB 71 -46.61 5.45 -101.64
C GLN KB 71 -47.53 4.24 -101.58
N LYS KB 72 -47.45 3.40 -102.61
CA LYS KB 72 -48.12 2.11 -102.63
C LYS KB 72 -47.14 1.06 -103.17
N PRO KB 73 -47.41 -0.24 -102.91
CA PRO KB 73 -46.63 -1.34 -103.48
C PRO KB 73 -46.45 -1.25 -104.99
N VAL KB 74 -45.22 -1.49 -105.46
CA VAL KB 74 -44.85 -1.29 -106.86
C VAL KB 74 -43.98 -2.45 -107.35
N CYS KB 75 -44.18 -2.79 -108.62
CA CYS KB 75 -43.34 -3.78 -109.31
C CYS KB 75 -42.88 -3.21 -110.65
N LEU KB 76 -41.95 -3.92 -111.29
CA LEU KB 76 -41.67 -3.69 -112.70
C LEU KB 76 -42.07 -4.91 -113.52
N VAL KB 77 -42.38 -4.67 -114.79
CA VAL KB 77 -42.66 -5.74 -115.73
C VAL KB 77 -41.31 -6.26 -116.21
N ARG KB 78 -41.25 -7.56 -116.47
CA ARG KB 78 -40.01 -8.21 -116.91
C ARG KB 78 -40.33 -9.14 -118.08
N GLU KB 79 -39.53 -9.05 -119.14
CA GLU KB 79 -39.72 -9.88 -120.34
C GLU KB 79 -39.44 -11.35 -120.03
N ASP KB 80 -38.34 -11.60 -119.32
CA ASP KB 80 -37.90 -12.96 -118.99
C ASP KB 80 -38.75 -13.62 -117.88
N ALA KB 81 -39.18 -12.83 -116.90
CA ALA KB 81 -39.85 -13.37 -115.70
C ALA KB 81 -41.39 -13.33 -115.75
N THR KB 82 -41.96 -12.13 -115.74
CA THR KB 82 -43.39 -11.93 -115.51
C THR KB 82 -44.20 -12.04 -116.80
N ASN KB 83 -43.74 -11.34 -117.82
CA ASN KB 83 -44.39 -11.31 -119.13
C ASN KB 83 -44.49 -12.71 -119.75
N SER KB 84 -43.38 -13.44 -119.70
CA SER KB 84 -43.31 -14.82 -120.19
C SER KB 84 -44.30 -15.74 -119.48
N PHE KB 85 -44.37 -15.60 -118.16
CA PHE KB 85 -45.33 -16.34 -117.33
C PHE KB 85 -46.78 -16.05 -117.73
N LEU KB 86 -47.08 -14.76 -117.91
CA LEU KB 86 -48.39 -14.32 -118.36
C LEU KB 86 -48.77 -14.92 -119.71
N LYS KB 87 -47.85 -14.88 -120.66
CA LYS KB 87 -48.01 -15.50 -121.97
C LYS KB 87 -48.32 -16.98 -121.88
N LYS KB 88 -47.56 -17.69 -121.05
CA LYS KB 88 -47.77 -19.12 -120.78
C LYS KB 88 -49.18 -19.40 -120.25
N LEU KB 89 -49.58 -18.58 -119.28
CA LEU KB 89 -50.92 -18.66 -118.67
C LEU KB 89 -52.02 -18.50 -119.73
N VAL KB 90 -51.85 -17.49 -120.58
CA VAL KB 90 -52.77 -17.20 -121.69
C VAL KB 90 -52.87 -18.40 -122.64
N SER KB 91 -51.71 -18.93 -123.02
CA SER KB 91 -51.59 -19.87 -124.13
C SER KB 91 -51.88 -21.34 -123.76
N HIS KB 92 -51.28 -21.79 -122.66
CA HIS KB 92 -51.32 -23.22 -122.28
C HIS KB 92 -52.74 -23.81 -122.20
N PRO KB 93 -52.90 -25.11 -122.55
CA PRO KB 93 -54.21 -25.76 -122.41
C PRO KB 93 -54.60 -26.08 -120.97
N VAL KB 94 -53.63 -26.58 -120.18
CA VAL KB 94 -53.88 -26.96 -118.78
C VAL KB 94 -54.07 -25.73 -117.87
N LYS KB 95 -53.21 -24.73 -118.04
CA LYS KB 95 -53.20 -23.51 -117.21
C LYS KB 95 -53.10 -23.86 -115.72
N LYS KB 96 -51.92 -24.32 -115.31
CA LYS KB 96 -51.72 -24.91 -114.00
C LYS KB 96 -50.24 -24.85 -113.63
N PHE KB 97 -49.89 -23.86 -112.80
CA PHE KB 97 -48.47 -23.50 -112.57
C PHE KB 97 -48.06 -23.53 -111.11
N ILE KB 98 -46.77 -23.78 -110.90
CA ILE KB 98 -46.13 -23.63 -109.59
C ILE KB 98 -44.88 -22.76 -109.77
N ILE KB 99 -44.86 -21.62 -109.10
CA ILE KB 99 -43.81 -20.61 -109.27
C ILE KB 99 -42.64 -20.94 -108.33
N THR KB 100 -41.58 -21.50 -108.91
CA THR KB 100 -40.38 -21.90 -108.17
C THR KB 100 -39.25 -20.88 -108.33
N GLY KB 101 -38.24 -20.97 -107.47
CA GLY KB 101 -37.08 -20.08 -107.50
C GLY KB 101 -36.35 -20.03 -106.18
N GLU KB 102 -35.26 -19.27 -106.15
CA GLU KB 102 -34.49 -19.06 -104.92
C GLU KB 102 -35.20 -18.02 -104.02
N PRO KB 103 -34.93 -18.05 -102.70
CA PRO KB 103 -35.48 -17.08 -101.75
C PRO KB 103 -35.26 -15.62 -102.14
N GLY KB 104 -36.34 -14.84 -102.19
CA GLY KB 104 -36.29 -13.42 -102.51
C GLY KB 104 -36.26 -13.05 -103.98
N VAL KB 105 -36.38 -14.04 -104.86
CA VAL KB 105 -36.31 -13.82 -106.31
C VAL KB 105 -37.52 -13.06 -106.89
N GLY KB 106 -38.66 -13.17 -106.21
CA GLY KB 106 -39.89 -12.46 -106.61
C GLY KB 106 -40.99 -13.38 -107.12
N LYS KB 107 -41.37 -14.33 -106.27
CA LYS KB 107 -42.47 -15.26 -106.53
C LYS KB 107 -43.80 -14.62 -106.13
N THR KB 108 -43.82 -14.00 -104.96
CA THR KB 108 -45.01 -13.33 -104.49
C THR KB 108 -45.36 -12.28 -105.53
N VAL KB 109 -44.38 -11.43 -105.83
CA VAL KB 109 -44.59 -10.33 -106.76
C VAL KB 109 -45.20 -10.84 -108.06
N LEU KB 110 -44.69 -11.98 -108.55
CA LEU KB 110 -45.23 -12.64 -109.73
C LEU KB 110 -46.71 -13.01 -109.54
N LEU KB 111 -47.00 -13.59 -108.38
CA LEU KB 111 -48.39 -13.90 -107.98
C LEU KB 111 -49.29 -12.67 -107.98
N SER KB 112 -48.78 -11.58 -107.42
CA SER KB 112 -49.52 -10.31 -107.36
C SER KB 112 -49.83 -9.76 -108.76
N GLN KB 113 -48.84 -9.87 -109.65
CA GLN KB 113 -49.01 -9.50 -111.06
C GLN KB 113 -50.06 -10.34 -111.76
N ALA KB 114 -50.02 -11.65 -111.51
CA ALA KB 114 -51.01 -12.60 -112.05
C ALA KB 114 -52.42 -12.29 -111.58
N HIS KB 115 -52.55 -11.96 -110.29
CA HIS KB 115 -53.82 -11.53 -109.70
C HIS KB 115 -54.34 -10.27 -110.38
N ALA KB 116 -53.46 -9.28 -110.51
CA ALA KB 116 -53.77 -8.00 -111.17
C ALA KB 116 -54.27 -8.20 -112.60
N TYR KB 117 -53.57 -9.07 -113.33
CA TYR KB 117 -53.97 -9.46 -114.69
C TYR KB 117 -55.38 -10.06 -114.73
N ALA KB 118 -55.63 -10.99 -113.81
CA ALA KB 118 -56.94 -11.64 -113.68
C ALA KB 118 -58.06 -10.65 -113.41
N VAL KB 119 -57.79 -9.71 -112.51
CA VAL KB 119 -58.69 -8.60 -112.19
C VAL KB 119 -59.03 -7.78 -113.43
N ASP KB 120 -58.00 -7.41 -114.18
CA ASP KB 120 -58.14 -6.67 -115.44
C ASP KB 120 -59.03 -7.40 -116.45
N SER KB 121 -58.81 -8.71 -116.58
CA SER KB 121 -59.49 -9.54 -117.56
C SER KB 121 -60.82 -10.17 -117.06
N LYS KB 122 -61.45 -9.56 -116.06
CA LYS KB 122 -62.77 -9.96 -115.55
C LYS KB 122 -62.79 -11.42 -115.08
N GLN KB 123 -62.04 -11.69 -114.02
CA GLN KB 123 -61.93 -13.04 -113.44
C GLN KB 123 -62.08 -12.97 -111.92
N ILE KB 124 -62.68 -14.03 -111.36
CA ILE KB 124 -62.76 -14.19 -109.90
C ILE KB 124 -61.44 -14.79 -109.41
N ILE KB 125 -61.02 -14.37 -108.22
CA ILE KB 125 -59.74 -14.80 -107.63
C ILE KB 125 -60.00 -15.35 -106.22
N ILE KB 126 -59.66 -16.63 -106.04
CA ILE KB 126 -59.67 -17.28 -104.72
C ILE KB 126 -58.21 -17.45 -104.29
N ASN KB 127 -57.71 -16.46 -103.54
CA ASN KB 127 -56.33 -16.48 -103.06
C ASN KB 127 -56.24 -17.02 -101.64
N ILE KB 128 -55.26 -17.91 -101.43
CA ILE KB 128 -54.93 -18.44 -100.12
C ILE KB 128 -53.47 -18.08 -99.85
N SER KB 129 -53.25 -16.85 -99.43
CA SER KB 129 -51.93 -16.40 -98.96
C SER KB 129 -51.75 -16.92 -97.55
N TYR KB 130 -50.66 -17.65 -97.32
CA TYR KB 130 -50.30 -18.18 -96.01
C TYR KB 130 -51.26 -19.30 -95.55
N PRO KB 131 -51.05 -20.53 -96.08
CA PRO KB 131 -51.79 -21.72 -95.63
C PRO KB 131 -51.44 -22.15 -94.21
N GLU KB 132 -50.28 -21.70 -93.71
CA GLU KB 132 -49.88 -21.86 -92.30
C GLU KB 132 -51.01 -21.64 -91.29
N LEU KB 133 -51.90 -20.68 -91.57
CA LEU KB 133 -53.03 -20.40 -90.68
C LEU KB 133 -53.99 -21.57 -90.54
N PHE KB 134 -54.39 -22.17 -91.67
CA PHE KB 134 -55.27 -23.35 -91.64
C PHE KB 134 -54.49 -24.63 -91.32
N LEU KB 135 -53.23 -24.71 -91.72
CA LEU KB 135 -52.43 -25.93 -91.53
C LEU KB 135 -51.98 -26.07 -90.09
N ASN KB 136 -51.33 -25.03 -89.55
CA ASN KB 136 -50.97 -24.99 -88.12
C ASN KB 136 -52.25 -24.76 -87.30
N GLY KB 137 -52.25 -25.26 -86.09
CA GLY KB 137 -53.45 -25.30 -85.26
C GLY KB 137 -53.53 -24.08 -84.38
N ARG KB 138 -54.10 -23.00 -84.89
CA ARG KB 138 -54.25 -21.74 -84.14
C ARG KB 138 -55.62 -21.09 -84.35
N ASN KB 139 -56.63 -21.92 -84.57
CA ASN KB 139 -58.02 -21.49 -84.72
C ASN KB 139 -58.95 -22.71 -84.57
N ASP KB 140 -60.23 -22.47 -84.31
CA ASP KB 140 -61.16 -23.57 -83.99
C ASP KB 140 -61.37 -24.51 -85.19
N PHE KB 141 -61.71 -25.76 -84.88
CA PHE KB 141 -62.00 -26.77 -85.90
C PHE KB 141 -63.02 -27.77 -85.37
N SER KB 142 -63.61 -28.54 -86.28
CA SER KB 142 -64.64 -29.51 -85.93
C SER KB 142 -64.82 -30.57 -87.01
N TYR KB 143 -65.02 -31.81 -86.58
CA TYR KB 143 -65.28 -32.91 -87.51
C TYR KB 143 -66.73 -32.85 -87.97
N ASP KB 144 -66.93 -32.45 -89.23
CA ASP KB 144 -68.24 -32.49 -89.86
C ASP KB 144 -68.62 -33.95 -90.14
N ASP KB 145 -69.91 -34.26 -90.05
CA ASP KB 145 -70.41 -35.61 -90.25
C ASP KB 145 -70.79 -35.89 -91.71
N ASP KB 146 -71.37 -34.89 -92.38
CA ASP KB 146 -71.77 -35.01 -93.79
C ASP KB 146 -70.53 -35.09 -94.69
N LEU KB 147 -69.67 -34.07 -94.59
CA LEU KB 147 -68.37 -34.07 -95.23
C LEU KB 147 -67.40 -34.81 -94.30
N LYS KB 148 -66.81 -35.91 -94.77
CA LYS KB 148 -65.91 -36.72 -93.94
C LYS KB 148 -64.52 -36.09 -93.81
N LEU KB 149 -64.48 -34.92 -93.18
CA LEU KB 149 -63.24 -34.17 -92.96
C LEU KB 149 -63.42 -33.07 -91.91
N PHE KB 150 -62.31 -32.60 -91.35
CA PHE KB 150 -62.32 -31.58 -90.30
C PHE KB 150 -62.44 -30.17 -90.89
N ILE KB 151 -63.53 -29.47 -90.58
CA ILE KB 151 -63.73 -28.07 -91.02
C ILE KB 151 -63.09 -27.11 -90.01
N GLN KB 152 -62.74 -25.91 -90.50
CA GLN KB 152 -62.10 -24.86 -89.68
C GLN KB 152 -62.86 -23.54 -89.85
N PRO KB 153 -63.92 -23.32 -89.03
CA PRO KB 153 -64.87 -22.22 -89.26
C PRO KB 153 -64.53 -20.82 -88.69
N MET KB 154 -63.26 -20.53 -88.42
CA MET KB 154 -62.79 -19.15 -88.23
C MET KB 154 -62.04 -18.70 -89.49
N TYR KB 155 -61.08 -19.52 -89.90
CA TYR KB 155 -60.33 -19.34 -91.13
C TYR KB 155 -61.25 -19.27 -92.36
N LEU KB 156 -62.18 -20.22 -92.43
CA LEU KB 156 -63.12 -20.34 -93.56
C LEU KB 156 -63.93 -19.05 -93.78
N LYS KB 157 -64.47 -18.53 -92.69
CA LYS KB 157 -65.22 -17.26 -92.68
C LYS KB 157 -64.39 -16.12 -93.26
N LYS KB 158 -63.15 -16.00 -92.78
CA LYS KB 158 -62.19 -15.00 -93.27
C LYS KB 158 -61.94 -15.12 -94.77
N LEU KB 159 -61.73 -16.37 -95.20
CA LEU KB 159 -61.50 -16.68 -96.62
C LEU KB 159 -62.69 -16.29 -97.49
N ILE KB 160 -63.89 -16.60 -97.01
CA ILE KB 160 -65.15 -16.22 -97.67
C ILE KB 160 -65.27 -14.71 -97.81
N ARG KB 161 -64.97 -14.01 -96.72
CA ARG KB 161 -64.99 -12.54 -96.70
C ARG KB 161 -64.02 -11.95 -97.72
N LYS KB 162 -62.80 -12.49 -97.75
CA LYS KB 162 -61.77 -12.08 -98.71
C LYS KB 162 -62.25 -12.25 -100.16
N ILE KB 163 -62.83 -13.42 -100.44
CA ILE KB 163 -63.41 -13.73 -101.75
C ILE KB 163 -64.47 -12.71 -102.14
N LEU KB 164 -65.37 -12.42 -101.20
CA LEU KB 164 -66.44 -11.44 -101.40
C LEU KB 164 -65.87 -10.08 -101.78
N LYS KB 165 -64.90 -9.61 -101.02
CA LYS KB 165 -64.41 -8.24 -101.12
C LYS KB 165 -63.38 -8.01 -102.24
N ALA KB 166 -62.44 -8.94 -102.38
CA ALA KB 166 -61.42 -8.86 -103.44
C ALA KB 166 -62.01 -8.71 -104.84
N ASN KB 167 -63.09 -9.44 -105.10
CA ASN KB 167 -63.75 -9.45 -106.41
C ASN KB 167 -64.90 -8.44 -106.48
N ASP KB 168 -65.11 -7.90 -107.67
CA ASP KB 168 -66.22 -6.96 -107.91
C ASP KB 168 -67.56 -7.71 -107.95
N PRO KB 169 -68.64 -7.07 -107.44
CA PRO KB 169 -69.94 -7.75 -107.32
C PRO KB 169 -70.67 -8.00 -108.64
N ALA KB 170 -70.45 -7.15 -109.64
CA ALA KB 170 -71.09 -7.30 -110.96
C ALA KB 170 -70.68 -8.58 -111.67
N LEU KB 171 -69.38 -8.87 -111.65
CA LEU KB 171 -68.84 -10.13 -112.19
C LEU KB 171 -69.30 -11.33 -111.36
N LEU KB 172 -69.35 -11.15 -110.04
CA LEU KB 172 -69.70 -12.21 -109.10
C LEU KB 172 -71.20 -12.54 -109.08
N LYS KB 173 -72.05 -11.51 -109.25
CA LYS KB 173 -73.51 -11.70 -109.28
C LYS KB 173 -74.08 -11.97 -110.69
N SER KB 174 -73.20 -12.14 -111.70
CA SER KB 174 -73.62 -12.64 -113.01
C SER KB 174 -73.89 -14.16 -113.02
N ILE KB 175 -73.53 -14.85 -111.92
CA ILE KB 175 -73.61 -16.30 -111.82
C ILE KB 175 -74.88 -16.71 -111.07
N GLU KB 176 -75.78 -17.41 -111.77
CA GLU KB 176 -76.94 -18.03 -111.13
C GLU KB 176 -76.53 -19.39 -110.57
N LEU KB 177 -77.27 -19.85 -109.55
CA LEU KB 177 -76.94 -21.12 -108.88
C LEU KB 177 -77.46 -22.32 -109.65
N SER KB 178 -76.78 -23.45 -109.47
CA SER KB 178 -77.17 -24.73 -110.07
C SER KB 178 -78.17 -25.48 -109.20
N LYS KB 179 -77.97 -25.43 -107.89
CA LYS KB 179 -78.83 -26.09 -106.91
C LYS KB 179 -79.41 -25.11 -105.90
N ASP KB 180 -80.41 -25.57 -105.15
CA ASP KB 180 -80.96 -24.84 -104.00
C ASP KB 180 -80.13 -25.17 -102.76
N TYR KB 181 -80.06 -24.24 -101.82
CA TYR KB 181 -79.24 -24.40 -100.61
C TYR KB 181 -79.94 -23.92 -99.34
N LYS KB 182 -80.09 -24.82 -98.37
CA LYS KB 182 -80.52 -24.47 -97.02
C LYS KB 182 -79.31 -24.28 -96.12
N PHE KB 183 -79.35 -23.23 -95.31
CA PHE KB 183 -78.31 -22.99 -94.28
C PHE KB 183 -78.96 -22.54 -92.99
N SER KB 184 -78.25 -22.76 -91.88
CA SER KB 184 -78.65 -22.21 -90.58
C SER KB 184 -78.40 -20.71 -90.58
N ASN KB 185 -79.37 -19.94 -90.11
CA ASN KB 185 -79.22 -18.49 -90.01
C ASN KB 185 -78.39 -18.11 -88.79
N ALA KB 186 -77.61 -17.03 -88.90
CA ALA KB 186 -76.84 -16.51 -87.76
C ALA KB 186 -76.65 -14.99 -87.81
N ASN KB 187 -77.74 -14.28 -88.12
CA ASN KB 187 -77.77 -12.81 -88.01
C ASN KB 187 -78.10 -12.39 -86.57
N PRO KB 188 -77.74 -11.14 -86.20
CA PRO KB 188 -78.31 -10.55 -84.97
C PRO KB 188 -79.80 -10.33 -85.12
N LYS KB 189 -80.21 -9.78 -86.27
CA LYS KB 189 -81.61 -9.73 -86.68
C LYS KB 189 -82.14 -11.12 -87.06
N ASN KB 190 -83.46 -11.19 -87.25
CA ASN KB 190 -84.17 -12.42 -87.68
C ASN KB 190 -83.62 -13.78 -87.22
N ALA KB 191 -83.22 -13.86 -85.95
CA ALA KB 191 -82.70 -15.10 -85.36
C ALA KB 191 -83.87 -16.03 -85.02
N SER KB 192 -84.82 -15.49 -84.25
CA SER KB 192 -86.04 -16.21 -83.88
C SER KB 192 -87.04 -16.32 -85.04
N VAL KB 193 -87.08 -15.30 -85.90
CA VAL KB 193 -88.04 -15.24 -87.00
C VAL KB 193 -87.64 -16.22 -88.12
N LYS KB 194 -86.42 -16.08 -88.60
CA LYS KB 194 -85.86 -16.95 -89.64
C LYS KB 194 -84.85 -17.93 -89.05
N PRO KB 195 -85.28 -19.18 -88.75
CA PRO KB 195 -84.33 -20.18 -88.26
C PRO KB 195 -83.36 -20.68 -89.34
N PHE KB 196 -83.81 -20.68 -90.60
CA PHE KB 196 -82.98 -21.10 -91.74
C PHE KB 196 -82.99 -20.05 -92.85
N VAL KB 197 -81.89 -20.01 -93.62
CA VAL KB 197 -81.77 -19.18 -94.81
C VAL KB 197 -81.79 -20.12 -96.02
N THR KB 198 -82.62 -19.78 -97.01
CA THR KB 198 -82.79 -20.59 -98.23
C THR KB 198 -82.38 -19.81 -99.47
N LEU KB 199 -81.51 -20.40 -100.29
CA LEU KB 199 -81.13 -19.85 -101.59
C LEU KB 199 -81.73 -20.73 -102.69
N ASN KB 200 -82.50 -20.13 -103.58
CA ASN KB 200 -83.13 -20.84 -104.71
C ASN KB 200 -82.18 -20.95 -105.92
N LYS KB 201 -82.62 -21.71 -106.93
CA LYS KB 201 -81.79 -22.01 -108.10
C LYS KB 201 -81.54 -20.81 -109.00
N THR KB 202 -82.59 -20.30 -109.66
CA THR KB 202 -82.47 -19.23 -110.65
C THR KB 202 -82.51 -17.82 -110.05
N LYS KB 203 -83.35 -17.64 -109.04
CA LYS KB 203 -83.58 -16.32 -108.42
C LYS KB 203 -82.35 -15.81 -107.68
N ASN KB 204 -81.73 -16.67 -106.87
CA ASN KB 204 -80.60 -16.29 -106.02
C ASN KB 204 -79.29 -16.18 -106.82
N THR KB 205 -78.24 -15.68 -106.16
CA THR KB 205 -76.94 -15.42 -106.81
C THR KB 205 -75.76 -15.95 -105.98
N VAL KB 206 -74.60 -16.03 -106.61
CA VAL KB 206 -73.36 -16.45 -105.95
C VAL KB 206 -72.92 -15.42 -104.90
N LEU KB 207 -73.08 -14.14 -105.22
CA LEU KB 207 -72.87 -13.03 -104.27
C LEU KB 207 -73.70 -13.21 -103.00
N ASP KB 208 -74.98 -13.52 -103.18
CA ASP KB 208 -75.90 -13.78 -102.06
C ASP KB 208 -75.44 -14.96 -101.21
N LEU KB 209 -75.03 -16.03 -101.89
CA LEU KB 209 -74.49 -17.24 -101.25
C LEU KB 209 -73.28 -16.92 -100.37
N LEU KB 210 -72.35 -16.14 -100.94
CA LEU KB 210 -71.17 -15.66 -100.22
C LEU KB 210 -71.52 -14.84 -98.97
N SER KB 211 -72.53 -13.98 -99.10
CA SER KB 211 -73.00 -13.14 -98.01
C SER KB 211 -73.72 -13.88 -96.87
N VAL KB 212 -74.04 -15.16 -97.06
CA VAL KB 212 -74.70 -15.98 -96.02
C VAL KB 212 -73.82 -16.07 -94.77
N MET KB 213 -74.47 -16.07 -93.61
CA MET KB 213 -73.80 -16.08 -92.31
C MET KB 213 -74.45 -17.13 -91.43
N THR KB 214 -73.75 -18.25 -91.24
CA THR KB 214 -74.26 -19.42 -90.54
C THR KB 214 -73.52 -19.62 -89.21
N HIS KB 215 -73.92 -20.67 -88.49
CA HIS KB 215 -73.17 -21.13 -87.32
C HIS KB 215 -71.94 -21.90 -87.82
N PRO KB 216 -70.86 -21.97 -87.00
CA PRO KB 216 -69.61 -22.66 -87.35
C PRO KB 216 -69.75 -24.02 -88.04
N HIS KB 217 -70.65 -24.86 -87.54
CA HIS KB 217 -70.84 -26.23 -88.10
C HIS KB 217 -71.46 -26.29 -89.52
N ASN KB 218 -72.08 -25.21 -89.97
CA ASN KB 218 -72.58 -25.08 -91.37
C ASN KB 218 -71.65 -24.30 -92.31
N ARG KB 219 -70.65 -23.63 -91.74
CA ARG KB 219 -69.70 -22.82 -92.50
C ARG KB 219 -68.92 -23.63 -93.53
N GLY KB 220 -68.46 -24.80 -93.13
CA GLY KB 220 -67.78 -25.75 -94.02
C GLY KB 220 -68.69 -26.22 -95.16
N LYS KB 221 -69.96 -26.46 -94.83
CA LYS KB 221 -70.98 -26.84 -95.82
C LYS KB 221 -71.18 -25.73 -96.85
N LEU KB 222 -71.30 -24.50 -96.35
CA LEU KB 222 -71.39 -23.28 -97.17
C LEU KB 222 -70.20 -23.15 -98.13
N MET KB 223 -69.00 -23.32 -97.58
CA MET KB 223 -67.77 -23.26 -98.37
C MET KB 223 -67.78 -24.29 -99.50
N LYS KB 224 -68.12 -25.53 -99.15
CA LYS KB 224 -68.26 -26.63 -100.11
C LYS KB 224 -69.21 -26.28 -101.25
N ALA KB 225 -70.38 -25.74 -100.88
CA ALA KB 225 -71.40 -25.31 -101.84
C ALA KB 225 -70.89 -24.25 -102.80
N ILE KB 226 -70.18 -23.26 -102.26
CA ILE KB 226 -69.61 -22.14 -103.03
C ILE KB 226 -68.65 -22.65 -104.10
N ILE KB 227 -67.72 -23.51 -103.66
CA ILE KB 227 -66.71 -24.12 -104.55
C ILE KB 227 -67.39 -24.87 -105.69
N ASP KB 228 -68.39 -25.68 -105.34
CA ASP KB 228 -69.18 -26.44 -106.31
C ASP KB 228 -69.81 -25.51 -107.34
N GLU KB 229 -70.43 -24.42 -106.84
CA GLU KB 229 -71.05 -23.40 -107.69
C GLU KB 229 -70.06 -22.81 -108.69
N LEU KB 230 -68.88 -22.46 -108.18
CA LEU KB 230 -67.81 -21.88 -109.00
C LEU KB 230 -67.29 -22.85 -110.06
N SER KB 231 -67.19 -24.12 -109.69
CA SER KB 231 -66.82 -25.19 -110.62
C SER KB 231 -67.84 -25.35 -111.75
N VAL KB 232 -69.12 -25.28 -111.39
CA VAL KB 232 -70.23 -25.44 -112.34
C VAL KB 232 -70.29 -24.31 -113.38
N GLN KB 233 -70.12 -23.07 -112.92
CA GLN KB 233 -70.31 -21.89 -113.78
C GLN KB 233 -69.24 -21.78 -114.88
N SER KB 234 -69.69 -21.46 -116.09
CA SER KB 234 -68.81 -21.29 -117.26
C SER KB 234 -68.74 -19.84 -117.78
N LYS KB 235 -69.41 -18.92 -117.09
CA LYS KB 235 -69.49 -17.52 -117.52
C LYS KB 235 -68.23 -16.71 -117.20
N VAL KB 236 -67.62 -16.96 -116.03
CA VAL KB 236 -66.43 -16.21 -115.58
C VAL KB 236 -65.26 -17.15 -115.23
N PRO KB 237 -64.01 -16.75 -115.54
CA PRO KB 237 -62.86 -17.58 -115.10
C PRO KB 237 -62.56 -17.45 -113.60
N ILE KB 238 -62.12 -18.56 -113.00
CA ILE KB 238 -61.77 -18.63 -111.58
C ILE KB 238 -60.26 -18.87 -111.46
N MET KB 239 -59.54 -17.86 -110.97
CA MET KB 239 -58.12 -18.00 -110.65
C MET KB 239 -57.98 -18.44 -109.20
N PHE KB 240 -57.55 -19.68 -109.00
CA PHE KB 240 -57.16 -20.15 -107.67
C PHE KB 240 -55.67 -19.94 -107.50
N THR KB 241 -55.26 -19.45 -106.33
CA THR KB 241 -53.84 -19.28 -106.02
C THR KB 241 -53.53 -19.61 -104.57
N VAL KB 242 -52.37 -20.23 -104.36
CA VAL KB 242 -51.88 -20.59 -103.03
C VAL KB 242 -50.40 -20.23 -102.93
N ASP KB 243 -50.08 -19.22 -102.13
CA ASP KB 243 -48.70 -18.81 -101.93
C ASP KB 243 -48.19 -19.38 -100.61
N ASN KB 244 -46.89 -19.65 -100.56
CA ASN KB 244 -46.27 -20.47 -99.51
C ASN KB 244 -46.83 -21.90 -99.52
N PHE KB 245 -47.03 -22.43 -100.73
CA PHE KB 245 -47.45 -23.83 -100.96
C PHE KB 245 -46.40 -24.86 -100.50
N SER KB 246 -45.15 -24.41 -100.42
CA SER KB 246 -44.06 -25.20 -99.84
C SER KB 246 -44.38 -25.73 -98.44
N LYS KB 247 -44.95 -24.86 -97.60
CA LYS KB 247 -45.37 -25.22 -96.24
C LYS KB 247 -46.38 -26.36 -96.27
N VAL KB 248 -47.37 -26.23 -97.15
CA VAL KB 248 -48.42 -27.23 -97.34
C VAL KB 248 -47.82 -28.58 -97.73
N LEU KB 249 -46.93 -28.55 -98.71
CA LEU KB 249 -46.22 -29.74 -99.17
C LEU KB 249 -45.46 -30.45 -98.06
N THR KB 250 -44.74 -29.67 -97.26
CA THR KB 250 -43.88 -30.20 -96.21
C THR KB 250 -44.67 -30.60 -94.96
N THR KB 251 -45.51 -29.69 -94.47
CA THR KB 251 -46.38 -29.95 -93.33
C THR KB 251 -47.55 -30.85 -93.78
N ALA KB 252 -47.26 -32.15 -93.86
CA ALA KB 252 -48.24 -33.15 -94.30
C ALA KB 252 -49.30 -33.40 -93.23
N TYR KB 253 -48.87 -33.39 -91.96
CA TYR KB 253 -49.78 -33.53 -90.82
C TYR KB 253 -49.90 -32.20 -90.08
N SER KB 254 -51.14 -31.79 -89.81
CA SER KB 254 -51.42 -30.57 -89.07
C SER KB 254 -51.12 -30.73 -87.58
N ALA KB 255 -51.18 -29.61 -86.85
CA ALA KB 255 -51.01 -29.62 -85.40
C ALA KB 255 -52.29 -30.00 -84.65
N TYR KB 256 -53.43 -30.06 -85.34
CA TYR KB 256 -54.70 -30.47 -84.73
C TYR KB 256 -54.67 -31.94 -84.32
N ARG KB 257 -55.33 -32.25 -83.20
CA ARG KB 257 -55.42 -33.61 -82.67
C ARG KB 257 -56.87 -34.05 -82.65
N ASN KB 258 -57.15 -35.25 -83.16
CA ASN KB 258 -58.51 -35.84 -83.09
C ASN KB 258 -58.82 -36.36 -81.68
N THR KB 259 -59.94 -37.07 -81.51
CA THR KB 259 -60.39 -37.56 -80.18
C THR KB 259 -59.30 -38.34 -79.44
N GLU KB 260 -58.67 -39.28 -80.14
CA GLU KB 260 -57.46 -39.94 -79.65
C GLU KB 260 -56.28 -39.02 -79.93
N ASN KB 261 -55.33 -38.95 -78.99
CA ASN KB 261 -54.21 -38.01 -79.10
C ASN KB 261 -53.21 -38.42 -80.20
N LYS KB 262 -53.52 -38.02 -81.43
CA LYS KB 262 -52.59 -38.13 -82.56
C LYS KB 262 -52.91 -37.08 -83.63
N GLN KB 263 -51.90 -36.70 -84.40
CA GLN KB 263 -52.00 -35.56 -85.31
C GLN KB 263 -52.89 -35.83 -86.51
N ILE KB 264 -53.71 -34.84 -86.87
CA ILE KB 264 -54.61 -34.92 -88.02
C ILE KB 264 -53.83 -34.68 -89.30
N TYR KB 265 -54.16 -35.46 -90.33
CA TYR KB 265 -53.53 -35.37 -91.65
C TYR KB 265 -54.09 -34.16 -92.41
N SER KB 266 -53.26 -33.52 -93.23
CA SER KB 266 -53.69 -32.34 -94.02
C SER KB 266 -54.87 -32.62 -94.94
N LEU KB 267 -54.86 -33.80 -95.57
CA LEU KB 267 -55.96 -34.23 -96.46
C LEU KB 267 -57.23 -34.65 -95.71
N ASP KB 268 -57.13 -34.89 -94.41
CA ASP KB 268 -58.32 -35.10 -93.55
C ASP KB 268 -59.00 -33.80 -93.10
N LEU KB 269 -58.36 -32.65 -93.34
CA LEU KB 269 -58.99 -31.35 -93.12
C LEU KB 269 -59.91 -30.99 -94.30
N GLN KB 270 -60.70 -29.94 -94.13
CA GLN KB 270 -61.56 -29.43 -95.21
C GLN KB 270 -60.73 -28.64 -96.20
N MET KB 271 -60.02 -27.63 -95.68
CA MET KB 271 -59.32 -26.65 -96.50
C MET KB 271 -58.20 -27.25 -97.34
N GLY KB 272 -57.33 -28.01 -96.67
CA GLY KB 272 -56.18 -28.65 -97.34
C GLY KB 272 -56.60 -29.66 -98.39
N LYS KB 273 -57.63 -30.46 -98.07
CA LYS KB 273 -58.22 -31.41 -99.01
C LYS KB 273 -58.81 -30.72 -100.23
N LEU KB 274 -59.62 -29.70 -99.97
CA LEU KB 274 -60.24 -28.85 -101.01
C LEU KB 274 -59.17 -28.31 -101.95
N MET KB 275 -58.13 -27.71 -101.36
CA MET KB 275 -56.99 -27.16 -102.09
C MET KB 275 -56.35 -28.20 -103.00
N MET KB 276 -56.09 -29.38 -102.43
CA MET KB 276 -55.51 -30.50 -103.17
C MET KB 276 -56.39 -30.94 -104.35
N ASP KB 277 -57.69 -30.98 -104.10
CA ASP KB 277 -58.70 -31.30 -105.12
C ASP KB 277 -58.69 -30.30 -106.27
N ILE KB 278 -58.59 -29.02 -105.92
CA ILE KB 278 -58.49 -27.93 -106.89
C ILE KB 278 -57.24 -28.07 -107.76
N ILE KB 279 -56.11 -28.32 -107.11
CA ILE KB 279 -54.81 -28.57 -107.77
C ILE KB 279 -54.92 -29.69 -108.80
N SER KB 280 -55.45 -30.84 -108.36
CA SER KB 280 -55.56 -32.02 -109.21
C SER KB 280 -56.73 -31.90 -110.19
N GLY KB 281 -56.75 -32.79 -111.18
CA GLY KB 281 -57.88 -32.88 -112.11
C GLY KB 281 -59.03 -33.62 -111.47
N GLU KB 282 -59.77 -32.91 -110.60
CA GLU KB 282 -60.87 -33.51 -109.83
C GLU KB 282 -62.05 -32.54 -109.70
N THR KB 283 -61.86 -31.40 -109.01
CA THR KB 283 -62.84 -30.29 -109.06
C THR KB 283 -62.50 -29.43 -110.28
N LYS KB 284 -62.89 -29.93 -111.45
CA LYS KB 284 -62.60 -29.26 -112.71
C LYS KB 284 -63.58 -28.11 -112.95
N PHE KB 285 -63.04 -26.92 -113.18
CA PHE KB 285 -63.85 -25.74 -113.47
C PHE KB 285 -64.39 -25.81 -114.89
N ALA KB 286 -65.64 -25.41 -115.07
CA ALA KB 286 -66.32 -25.54 -116.37
C ALA KB 286 -65.74 -24.62 -117.44
N ASN KB 287 -65.40 -23.39 -117.06
CA ASN KB 287 -64.83 -22.42 -117.98
C ASN KB 287 -63.36 -22.71 -118.29
N GLY KB 288 -62.93 -22.30 -119.48
CA GLY KB 288 -61.52 -22.15 -119.79
C GLY KB 288 -60.98 -20.90 -119.10
N GLU KB 289 -59.68 -20.65 -119.26
CA GLU KB 289 -58.98 -19.52 -118.60
C GLU KB 289 -59.00 -19.58 -117.06
N SER KB 290 -59.38 -20.74 -116.50
CA SER KB 290 -59.55 -20.91 -115.05
C SER KB 290 -58.33 -21.66 -114.53
N SER KB 291 -57.44 -20.92 -113.85
CA SER KB 291 -56.10 -21.41 -113.52
C SER KB 291 -55.91 -21.68 -112.04
N THR KB 292 -54.90 -22.50 -111.73
CA THR KB 292 -54.36 -22.64 -110.38
C THR KB 292 -52.90 -22.19 -110.45
N ILE KB 293 -52.52 -21.20 -109.65
CA ILE KB 293 -51.14 -20.69 -109.62
C ILE KB 293 -50.59 -20.80 -108.21
N LEU KB 294 -49.72 -21.79 -108.00
CA LEU KB 294 -49.13 -22.06 -106.69
C LEU KB 294 -47.80 -21.32 -106.61
N ALA KB 295 -47.33 -21.06 -105.39
CA ALA KB 295 -46.05 -20.39 -105.18
C ALA KB 295 -45.30 -20.93 -103.95
N ILE KB 296 -44.04 -21.29 -104.17
CA ILE KB 296 -43.13 -21.72 -103.11
C ILE KB 296 -42.66 -20.50 -102.32
N SER KB 297 -42.27 -20.72 -101.08
CA SER KB 297 -41.60 -19.70 -100.27
C SER KB 297 -40.31 -20.25 -99.68
N GLY KB 298 -39.21 -19.53 -99.88
CA GLY KB 298 -37.92 -19.86 -99.26
C GLY KB 298 -37.90 -19.87 -97.75
N VAL KB 299 -38.83 -19.14 -97.14
CA VAL KB 299 -39.12 -19.21 -95.70
C VAL KB 299 -39.27 -20.65 -95.23
N ASP KB 300 -40.11 -21.41 -95.94
CA ASP KB 300 -40.55 -22.73 -95.50
C ASP KB 300 -39.49 -23.80 -95.70
N ARG KB 301 -39.79 -25.00 -95.19
CA ARG KB 301 -38.89 -26.15 -95.28
C ARG KB 301 -38.73 -26.64 -96.73
N THR KB 302 -37.59 -27.26 -97.01
CA THR KB 302 -37.34 -27.94 -98.29
C THR KB 302 -37.08 -29.43 -98.05
N ASN KB 303 -37.52 -30.25 -99.01
CA ASN KB 303 -37.43 -31.70 -98.93
C ASN KB 303 -37.61 -32.33 -100.33
N LYS KB 304 -37.59 -33.66 -100.41
CA LYS KB 304 -37.58 -34.35 -101.71
C LYS KB 304 -38.91 -34.31 -102.48
N THR KB 305 -40.02 -34.03 -101.80
CA THR KB 305 -41.38 -34.08 -102.39
C THR KB 305 -41.56 -33.27 -103.68
N LEU KB 306 -41.33 -31.95 -103.59
CA LEU KB 306 -41.59 -31.04 -104.72
C LEU KB 306 -40.71 -31.34 -105.93
N PRO KB 307 -39.39 -31.58 -105.71
CA PRO KB 307 -38.54 -32.05 -106.81
C PRO KB 307 -39.02 -33.33 -107.48
N VAL KB 308 -39.44 -34.30 -106.68
CA VAL KB 308 -39.96 -35.58 -107.18
C VAL KB 308 -41.22 -35.37 -108.02
N ALA KB 309 -42.12 -34.52 -107.53
CA ALA KB 309 -43.34 -34.15 -108.25
C ALA KB 309 -43.04 -33.58 -109.64
N LEU KB 310 -42.06 -32.69 -109.69
CA LEU KB 310 -41.60 -32.09 -110.95
C LEU KB 310 -40.58 -33.01 -111.64
N GLY KB 311 -40.10 -32.60 -112.81
CA GLY KB 311 -39.09 -33.35 -113.55
C GLY KB 311 -37.68 -32.99 -113.09
N LYS KB 312 -37.31 -33.46 -111.91
CA LYS KB 312 -36.04 -33.07 -111.26
C LYS KB 312 -35.23 -34.29 -110.82
N ILE KB 313 -35.79 -35.09 -109.90
CA ILE KB 313 -35.10 -36.24 -109.30
C ILE KB 313 -35.91 -37.51 -109.56
N PRO KB 314 -35.22 -38.66 -109.76
CA PRO KB 314 -35.93 -39.95 -109.73
C PRO KB 314 -36.46 -40.28 -108.33
N VAL KB 315 -37.54 -41.07 -108.28
CA VAL KB 315 -38.25 -41.35 -107.03
C VAL KB 315 -37.45 -42.38 -106.21
N ASP KB 316 -36.80 -41.90 -105.15
CA ASP KB 316 -36.21 -42.79 -104.15
C ASP KB 316 -37.34 -43.28 -103.26
N PRO KB 317 -37.56 -44.62 -103.21
CA PRO KB 317 -38.65 -45.15 -102.38
C PRO KB 317 -38.35 -45.21 -100.88
N TYR KB 318 -37.07 -45.23 -100.50
CA TYR KB 318 -36.65 -45.46 -99.11
C TYR KB 318 -36.62 -44.21 -98.22
N VAL KB 319 -36.52 -43.02 -98.81
CA VAL KB 319 -36.60 -41.77 -98.03
C VAL KB 319 -37.90 -41.67 -97.23
N THR KB 320 -37.82 -41.02 -96.08
CA THR KB 320 -38.88 -41.07 -95.06
C THR KB 320 -40.08 -40.23 -95.44
N ARG KB 321 -41.20 -40.48 -94.76
CA ARG KB 321 -42.44 -39.70 -94.93
C ARG KB 321 -42.22 -38.22 -94.66
N TYR KB 322 -41.39 -37.93 -93.66
CA TYR KB 322 -41.04 -36.56 -93.28
C TYR KB 322 -40.37 -35.79 -94.43
N HIS KB 323 -39.43 -36.44 -95.12
CA HIS KB 323 -38.68 -35.82 -96.22
C HIS KB 323 -39.20 -36.15 -97.63
N TYR KB 324 -40.19 -37.04 -97.71
CA TYR KB 324 -40.83 -37.37 -98.99
C TYR KB 324 -42.21 -37.97 -98.77
N GLU KB 325 -43.25 -37.19 -99.03
CA GLU KB 325 -44.63 -37.70 -99.04
C GLU KB 325 -45.05 -38.01 -100.47
N PRO KB 326 -45.33 -39.29 -100.78
CA PRO KB 326 -45.64 -39.71 -102.14
C PRO KB 326 -47.06 -39.40 -102.61
N LYS KB 327 -48.03 -39.32 -101.68
CA LYS KB 327 -49.41 -39.00 -102.00
C LYS KB 327 -49.53 -37.62 -102.67
N PHE KB 328 -48.87 -36.64 -102.07
CA PHE KB 328 -48.81 -35.27 -102.58
C PHE KB 328 -48.21 -35.19 -103.99
N VAL KB 329 -47.13 -35.93 -104.18
CA VAL KB 329 -46.48 -36.08 -105.49
C VAL KB 329 -47.45 -36.64 -106.52
N GLU KB 330 -48.13 -37.72 -106.15
CA GLU KB 330 -49.12 -38.37 -107.01
C GLU KB 330 -50.23 -37.39 -107.42
N LEU KB 331 -50.74 -36.65 -106.45
CA LEU KB 331 -51.74 -35.61 -106.67
C LEU KB 331 -51.27 -34.54 -107.65
N LEU KB 332 -50.03 -34.09 -107.46
CA LEU KB 332 -49.39 -33.11 -108.34
C LEU KB 332 -49.23 -33.63 -109.77
N GLN KB 333 -48.84 -34.88 -109.91
CA GLN KB 333 -48.75 -35.54 -111.21
C GLN KB 333 -50.10 -35.67 -111.91
N LYS KB 334 -51.14 -35.93 -111.12
CA LYS KB 334 -52.52 -36.09 -111.63
C LYS KB 334 -53.02 -34.83 -112.34
N GLY KB 335 -52.91 -33.68 -111.66
CA GLY KB 335 -53.19 -32.38 -112.27
C GLY KB 335 -51.91 -31.82 -112.84
N ASN KB 336 -51.76 -31.87 -114.16
CA ASN KB 336 -50.46 -31.62 -114.82
C ASN KB 336 -49.85 -30.24 -114.52
N VAL KB 337 -49.14 -30.16 -113.40
CA VAL KB 337 -48.48 -28.93 -112.95
C VAL KB 337 -47.16 -28.73 -113.67
N THR KB 338 -47.12 -27.76 -114.58
CA THR KB 338 -45.87 -27.33 -115.22
C THR KB 338 -45.25 -26.20 -114.39
N GLU KB 339 -44.06 -26.45 -113.84
CA GLU KB 339 -43.40 -25.47 -112.97
C GLU KB 339 -42.83 -24.29 -113.73
N PHE KB 340 -42.74 -23.15 -113.06
CA PHE KB 340 -42.16 -21.94 -113.63
C PHE KB 340 -41.05 -21.40 -112.74
N GLU KB 341 -39.82 -21.47 -113.24
CA GLU KB 341 -38.65 -20.94 -112.53
C GLU KB 341 -38.60 -19.43 -112.73
N VAL KB 342 -38.60 -18.68 -111.62
CA VAL KB 342 -38.43 -17.22 -111.68
C VAL KB 342 -36.93 -16.96 -111.89
N PRO KB 343 -36.55 -16.32 -113.00
CA PRO KB 343 -35.15 -16.02 -113.23
C PRO KB 343 -34.70 -14.81 -112.41
N LYS KB 344 -33.41 -14.76 -112.08
CA LYS KB 344 -32.83 -13.58 -111.41
C LYS KB 344 -32.70 -12.42 -112.38
N LEU KB 345 -32.55 -11.22 -111.81
CA LEU KB 345 -32.55 -9.98 -112.58
C LEU KB 345 -31.34 -9.88 -113.51
N ASN KB 346 -31.57 -9.27 -114.69
CA ASN KB 346 -30.49 -8.90 -115.59
C ASN KB 346 -29.84 -7.61 -115.09
N LYS KB 347 -28.73 -7.22 -115.71
CA LYS KB 347 -28.02 -5.99 -115.33
C LYS KB 347 -28.87 -4.75 -115.61
N GLN KB 348 -29.49 -4.73 -116.79
CA GLN KB 348 -30.35 -3.62 -117.24
C GLN KB 348 -31.56 -3.42 -116.31
N GLU KB 349 -32.18 -4.52 -115.93
CA GLU KB 349 -33.32 -4.51 -115.00
C GLU KB 349 -32.93 -3.94 -113.65
N VAL KB 350 -31.80 -4.40 -113.13
CA VAL KB 350 -31.21 -3.91 -111.88
C VAL KB 350 -30.97 -2.39 -111.93
N ASN KB 351 -30.32 -1.95 -113.00
CA ASN KB 351 -30.10 -0.52 -113.27
C ASN KB 351 -31.40 0.29 -113.22
N GLU KB 352 -32.42 -0.23 -113.90
CA GLU KB 352 -33.75 0.40 -113.97
C GLU KB 352 -34.38 0.53 -112.59
N LEU KB 353 -34.29 -0.55 -111.81
CA LEU KB 353 -34.75 -0.56 -110.41
C LEU KB 353 -34.05 0.51 -109.58
N ILE KB 354 -32.72 0.55 -109.70
CA ILE KB 354 -31.89 1.53 -108.97
C ILE KB 354 -32.26 2.96 -109.33
N ASP KB 355 -32.50 3.20 -110.62
CA ASP KB 355 -32.96 4.49 -111.12
C ASP KB 355 -34.30 4.89 -110.50
N TYR KB 356 -35.23 3.93 -110.46
CA TYR KB 356 -36.53 4.12 -109.84
C TYR KB 356 -36.41 4.48 -108.36
N TYR KB 357 -35.58 3.74 -107.65
CA TYR KB 357 -35.33 3.97 -106.22
C TYR KB 357 -34.78 5.38 -105.97
N LYS KB 358 -33.86 5.80 -106.84
CA LYS KB 358 -33.29 7.15 -106.82
C LYS KB 358 -34.36 8.24 -107.00
N GLN KB 359 -35.23 8.02 -107.99
CA GLN KB 359 -36.37 8.91 -108.24
C GLN KB 359 -37.29 9.04 -107.03
N SER KB 360 -37.61 7.89 -106.44
CA SER KB 360 -38.43 7.84 -105.21
C SER KB 360 -37.69 8.34 -103.96
N ASN KB 361 -36.36 8.41 -104.04
CA ASN KB 361 -35.49 8.98 -102.99
C ASN KB 361 -35.30 7.98 -101.84
N VAL KB 362 -34.88 6.77 -102.21
CA VAL KB 362 -34.54 5.70 -101.26
C VAL KB 362 -33.02 5.54 -101.11
N LEU KB 363 -32.27 5.87 -102.17
CA LEU KB 363 -30.81 5.71 -102.16
C LEU KB 363 -30.15 6.59 -101.12
N LEU KB 364 -29.03 6.10 -100.58
CA LEU KB 364 -28.25 6.82 -99.58
C LEU KB 364 -27.34 7.82 -100.28
N ASP KB 365 -26.85 8.79 -99.51
CA ASP KB 365 -26.01 9.87 -100.04
C ASP KB 365 -24.66 9.36 -100.55
N LYS KB 366 -24.08 8.40 -99.84
CA LYS KB 366 -22.81 7.79 -100.24
C LYS KB 366 -22.89 7.02 -101.57
N ASP KB 367 -24.07 6.48 -101.87
CA ASP KB 367 -24.32 5.84 -103.17
C ASP KB 367 -24.40 6.88 -104.29
N ILE KB 368 -25.24 7.89 -104.12
CA ILE KB 368 -25.51 8.90 -105.16
C ILE KB 368 -24.29 9.80 -105.38
N THR KB 369 -23.97 10.63 -104.38
CA THR KB 369 -22.99 11.70 -104.53
C THR KB 369 -21.55 11.18 -104.49
N GLY KB 370 -20.77 11.55 -105.51
CA GLY KB 370 -19.36 11.17 -105.60
C GLY KB 370 -19.17 9.72 -105.98
N LYS KB 371 -19.83 9.29 -107.04
CA LYS KB 371 -19.78 7.90 -107.50
C LYS KB 371 -20.30 7.78 -108.94
N LYS KB 372 -19.57 7.02 -109.76
CA LYS KB 372 -20.04 6.70 -111.11
C LYS KB 372 -21.27 5.78 -111.04
N TRP KB 373 -22.21 6.00 -111.95
CA TRP KB 373 -23.52 5.33 -111.92
C TRP KB 373 -23.41 3.87 -112.34
N GLU KB 374 -22.71 3.63 -113.45
CA GLU KB 374 -22.48 2.28 -113.97
C GLU KB 374 -21.73 1.41 -112.96
N ASN KB 375 -20.70 1.98 -112.36
CA ASN KB 375 -19.91 1.31 -111.32
C ASN KB 375 -20.76 0.90 -110.10
N LEU KB 376 -21.61 1.83 -109.66
CA LEU KB 376 -22.56 1.62 -108.57
C LEU KB 376 -23.49 0.44 -108.88
N ILE KB 377 -24.05 0.46 -110.09
CA ILE KB 377 -24.94 -0.60 -110.58
C ILE KB 377 -24.24 -1.96 -110.54
N ASP KB 378 -23.01 -2.00 -111.05
CA ASP KB 378 -22.18 -3.21 -111.06
C ASP KB 378 -21.93 -3.75 -109.65
N GLU KB 379 -21.62 -2.84 -108.73
CA GLU KB 379 -21.46 -3.18 -107.31
C GLU KB 379 -22.73 -3.78 -106.71
N LYS KB 380 -23.86 -3.15 -107.03
CA LYS KB 380 -25.18 -3.60 -106.55
C LYS KB 380 -25.51 -5.01 -107.05
N TYR KB 381 -25.24 -5.23 -108.33
CA TYR KB 381 -25.38 -6.54 -108.98
C TYR KB 381 -24.52 -7.61 -108.32
N PHE KB 382 -23.29 -7.24 -108.02
CA PHE KB 382 -22.32 -8.10 -107.32
C PHE KB 382 -22.82 -8.52 -105.94
N LEU KB 383 -23.30 -7.53 -105.18
CA LEU KB 383 -23.74 -7.73 -103.80
C LEU KB 383 -25.06 -8.49 -103.68
N SER KB 384 -25.93 -8.34 -104.67
CA SER KB 384 -27.18 -9.11 -104.72
C SER KB 384 -26.98 -10.59 -105.06
N GLY KB 385 -25.78 -10.95 -105.54
CA GLY KB 385 -25.52 -12.29 -106.05
C GLY KB 385 -26.05 -12.38 -107.46
N ASN KB 386 -25.74 -11.36 -108.26
CA ASN KB 386 -26.14 -11.26 -109.67
C ASN KB 386 -27.65 -11.20 -109.88
N GLY KB 387 -28.30 -10.31 -109.12
CA GLY KB 387 -29.68 -9.92 -109.38
C GLY KB 387 -30.77 -10.65 -108.60
N ASN KB 388 -30.52 -10.96 -107.33
CA ASN KB 388 -31.59 -11.35 -106.42
C ASN KB 388 -32.24 -10.04 -105.93
N PRO KB 389 -33.50 -9.76 -106.33
CA PRO KB 389 -34.10 -8.44 -106.07
C PRO KB 389 -34.16 -8.03 -104.60
N ARG KB 390 -34.59 -8.94 -103.72
CA ARG KB 390 -34.68 -8.67 -102.29
C ARG KB 390 -33.31 -8.32 -101.71
N GLU KB 391 -32.33 -9.17 -102.01
CA GLU KB 391 -30.94 -8.97 -101.57
C GLU KB 391 -30.37 -7.62 -102.01
N LEU KB 392 -30.61 -7.29 -103.28
CA LEU KB 392 -30.26 -5.99 -103.86
C LEU KB 392 -30.88 -4.86 -103.06
N LEU KB 393 -32.17 -4.98 -102.82
CA LEU KB 393 -32.94 -3.97 -102.06
C LEU KB 393 -32.35 -3.77 -100.66
N LYS KB 394 -32.03 -4.89 -100.02
CA LYS KB 394 -31.40 -4.90 -98.69
C LYS KB 394 -30.05 -4.18 -98.68
N SER KB 395 -29.23 -4.48 -99.69
CA SER KB 395 -27.93 -3.83 -99.87
C SER KB 395 -28.06 -2.32 -100.06
N LEU KB 396 -29.07 -1.93 -100.82
CA LEU KB 396 -29.36 -0.53 -101.10
C LEU KB 396 -29.76 0.24 -99.84
N VAL KB 397 -30.71 -0.33 -99.10
CA VAL KB 397 -31.43 0.40 -98.04
C VAL KB 397 -31.05 -0.07 -96.63
N LEU KB 398 -31.11 -1.38 -96.39
CA LEU KB 398 -30.88 -1.96 -95.06
C LEU KB 398 -29.41 -2.34 -94.78
N SER KB 399 -28.46 -1.73 -95.48
CA SER KB 399 -27.03 -2.02 -95.29
C SER KB 399 -26.46 -1.21 -94.12
N HIS KB 400 -26.19 0.07 -94.34
CA HIS KB 400 -25.61 0.97 -93.34
C HIS KB 400 -24.36 0.38 -92.66
N ARG KB 401 -23.47 -0.15 -93.50
CA ARG KB 401 -22.32 -0.94 -93.08
C ARG KB 401 -21.04 -0.12 -93.26
N MET LB 1 -41.40 -45.19 -96.90
CA MET LB 1 -41.26 -46.67 -97.06
C MET LB 1 -42.50 -47.28 -97.74
N ASN LB 2 -42.61 -47.05 -99.04
CA ASN LB 2 -43.70 -47.61 -99.85
C ASN LB 2 -43.51 -49.10 -100.12
N VAL LB 3 -42.24 -49.52 -100.25
CA VAL LB 3 -41.88 -50.94 -100.38
C VAL LB 3 -42.37 -51.73 -99.16
N PRO LB 4 -42.96 -52.93 -99.38
CA PRO LB 4 -43.53 -53.68 -98.25
C PRO LB 4 -42.51 -54.21 -97.23
N LYS LB 5 -42.99 -54.46 -96.03
CA LYS LB 5 -42.17 -54.84 -94.88
C LYS LB 5 -41.74 -56.30 -94.93
N ALA LB 6 -42.72 -57.18 -95.20
CA ALA LB 6 -42.51 -58.62 -95.21
C ALA LB 6 -41.43 -59.05 -96.19
N ARG LB 7 -41.49 -58.48 -97.39
CA ARG LB 7 -40.48 -58.71 -98.44
C ARG LB 7 -39.08 -58.30 -97.98
N LEU LB 8 -38.98 -57.11 -97.38
CA LEU LB 8 -37.72 -56.61 -96.83
C LEU LB 8 -37.14 -57.54 -95.77
N LEU LB 9 -38.00 -58.01 -94.87
CA LEU LB 9 -37.64 -58.99 -93.84
C LEU LB 9 -37.10 -60.28 -94.44
N LYS LB 10 -37.79 -60.80 -95.45
CA LYS LB 10 -37.37 -62.00 -96.18
C LYS LB 10 -35.99 -61.82 -96.82
N VAL LB 11 -35.80 -60.67 -97.45
CA VAL LB 11 -34.51 -60.30 -98.07
C VAL LB 11 -33.39 -60.30 -97.03
N ALA LB 12 -33.66 -59.67 -95.89
CA ALA LB 12 -32.71 -59.58 -94.77
C ALA LB 12 -32.33 -60.96 -94.22
N GLU LB 13 -33.34 -61.82 -94.08
CA GLU LB 13 -33.15 -63.21 -93.66
C GLU LB 13 -32.26 -63.97 -94.65
N LEU LB 14 -32.53 -63.78 -95.93
CA LEU LB 14 -31.76 -64.41 -96.99
C LEU LB 14 -30.29 -63.97 -96.93
N SER LB 15 -30.08 -62.66 -96.79
CA SER LB 15 -28.74 -62.09 -96.67
C SER LB 15 -27.99 -62.69 -95.47
N ALA LB 16 -28.68 -62.77 -94.35
CA ALA LB 16 -28.15 -63.39 -93.12
C ALA LB 16 -27.74 -64.86 -93.33
N LYS LB 17 -28.57 -65.59 -94.08
CA LYS LB 17 -28.31 -66.99 -94.42
C LYS LB 17 -27.04 -67.11 -95.29
N ILE LB 18 -26.94 -66.22 -96.28
CA ILE LB 18 -25.80 -66.16 -97.19
C ILE LB 18 -24.48 -65.95 -96.45
N PHE LB 19 -24.43 -64.88 -95.66
CA PHE LB 19 -23.29 -64.64 -94.79
C PHE LB 19 -23.50 -65.49 -93.54
N ASP LB 20 -22.58 -65.45 -92.60
CA ASP LB 20 -22.74 -66.24 -91.37
C ASP LB 20 -23.69 -65.55 -90.38
N GLN LB 21 -23.66 -64.22 -90.34
CA GLN LB 21 -24.46 -63.40 -89.41
C GLN LB 21 -25.90 -63.87 -89.13
N ASN LB 22 -26.32 -63.77 -87.86
CA ASN LB 22 -27.69 -64.19 -87.46
C ASN LB 22 -28.78 -63.19 -87.84
N PHE LB 23 -30.00 -63.70 -87.90
CA PHE LB 23 -31.20 -62.95 -88.27
C PHE LB 23 -32.17 -62.96 -87.10
N ASN LB 24 -32.26 -61.83 -86.40
CA ASN LB 24 -33.14 -61.66 -85.25
C ASN LB 24 -34.21 -60.61 -85.57
N PRO LB 25 -35.36 -61.05 -86.14
CA PRO LB 25 -36.42 -60.11 -86.52
C PRO LB 25 -37.20 -59.51 -85.35
N SER LB 26 -37.42 -60.31 -84.30
CA SER LB 26 -38.16 -59.89 -83.11
C SER LB 26 -37.44 -58.82 -82.28
N GLY LB 27 -36.10 -58.84 -82.31
CA GLY LB 27 -35.29 -57.89 -81.54
C GLY LB 27 -35.20 -58.23 -80.07
N ILE LB 28 -35.06 -59.52 -79.77
CA ILE LB 28 -34.95 -60.03 -78.40
C ILE LB 28 -33.48 -60.07 -78.00
N ARG LB 29 -33.22 -59.97 -76.70
CA ARG LB 29 -31.88 -60.15 -76.13
C ARG LB 29 -31.45 -61.60 -76.29
N THR LB 30 -30.57 -61.86 -77.27
CA THR LB 30 -30.08 -63.22 -77.55
C THR LB 30 -28.88 -63.59 -76.68
N GLY LB 31 -28.08 -62.59 -76.31
CA GLY LB 31 -26.82 -62.80 -75.60
C GLY LB 31 -25.60 -62.81 -76.52
N SER LB 32 -25.81 -62.48 -77.80
CA SER LB 32 -24.74 -62.49 -78.82
C SER LB 32 -23.54 -61.61 -78.45
N LYS LB 33 -23.81 -60.43 -77.91
CA LYS LB 33 -22.76 -59.48 -77.54
C LYS LB 33 -21.83 -59.94 -76.40
N ILE LB 34 -22.26 -60.92 -75.60
CA ILE LB 34 -21.44 -61.48 -74.52
C ILE LB 34 -20.31 -62.33 -75.12
N LEU LB 35 -20.67 -63.30 -75.96
CA LEU LB 35 -19.70 -64.25 -76.53
C LEU LB 35 -18.86 -63.57 -77.62
N ASN LB 36 -19.53 -62.90 -78.55
CA ASN LB 36 -18.90 -62.29 -79.74
C ASN LB 36 -17.76 -61.32 -79.42
N GLU LB 37 -17.82 -60.68 -78.25
CA GLU LB 37 -16.71 -59.87 -77.72
C GLU LB 37 -15.38 -60.64 -77.75
N ARG LB 38 -14.40 -60.07 -78.43
CA ARG LB 38 -13.03 -60.60 -78.44
C ARG LB 38 -12.46 -60.63 -77.02
N LEU LB 39 -11.93 -61.79 -76.62
CA LEU LB 39 -11.37 -61.96 -75.28
C LEU LB 39 -9.97 -61.33 -75.19
N LYS LB 40 -9.77 -60.51 -74.17
CA LYS LB 40 -8.62 -59.61 -74.05
C LYS LB 40 -7.53 -60.08 -73.05
N GLY LB 41 -7.66 -61.33 -72.58
CA GLY LB 41 -6.87 -61.83 -71.45
C GLY LB 41 -5.36 -61.89 -71.61
N PRO LB 42 -4.87 -62.44 -72.75
CA PRO LB 42 -3.41 -62.57 -72.97
C PRO LB 42 -2.66 -61.24 -72.94
N SER LB 43 -3.23 -60.22 -73.59
CA SER LB 43 -2.68 -58.86 -73.60
C SER LB 43 -2.60 -58.26 -72.20
N VAL LB 44 -3.67 -58.47 -71.42
CA VAL LB 44 -3.74 -58.03 -70.03
C VAL LB 44 -2.66 -58.71 -69.18
N ALA LB 45 -2.51 -60.02 -69.36
CA ALA LB 45 -1.48 -60.81 -68.67
C ALA LB 45 -0.06 -60.33 -68.98
N SER LB 46 0.17 -59.94 -70.23
CA SER LB 46 1.48 -59.47 -70.71
C SER LB 46 1.85 -58.02 -70.31
N TYR LB 47 1.23 -57.48 -69.25
CA TYR LB 47 1.35 -56.07 -68.91
C TYR LB 47 2.72 -55.73 -68.30
N TYR LB 48 3.08 -56.43 -67.24
CA TYR LB 48 4.31 -56.12 -66.48
C TYR LB 48 5.60 -56.55 -67.18
N GLY LB 49 5.53 -57.62 -67.96
CA GLY LB 49 6.65 -58.02 -68.82
C GLY LB 49 6.77 -59.52 -69.03
N ASN LB 50 7.93 -59.92 -69.54
CA ASN LB 50 8.28 -61.32 -69.75
C ASN LB 50 8.99 -61.84 -68.48
N PRO LB 51 8.29 -62.67 -67.66
CA PRO LB 51 8.86 -63.09 -66.37
C PRO LB 51 10.18 -63.87 -66.50
N ASP LB 52 10.26 -64.72 -67.53
CA ASP LB 52 11.52 -65.33 -67.91
C ASP LB 52 12.35 -64.27 -68.64
N ILE LB 53 13.15 -63.56 -67.86
CA ILE LB 53 14.18 -62.63 -68.35
C ILE LB 53 15.45 -63.01 -67.60
N LEU LB 54 16.61 -62.76 -68.20
CA LEU LB 54 17.89 -63.07 -67.55
C LEU LB 54 18.06 -62.24 -66.28
N LYS LB 55 18.59 -62.90 -65.25
CA LYS LB 55 18.82 -62.31 -63.94
C LYS LB 55 20.29 -62.48 -63.62
N PHE LB 56 20.73 -61.91 -62.49
CA PHE LB 56 22.12 -62.07 -62.05
C PHE LB 56 22.44 -63.52 -61.68
N ARG LB 57 21.46 -64.21 -61.07
CA ARG LB 57 21.57 -65.62 -60.71
C ARG LB 57 22.10 -66.49 -61.85
N HIS LB 58 21.56 -66.27 -63.05
CA HIS LB 58 21.86 -67.12 -64.21
C HIS LB 58 23.23 -66.80 -64.76
N LEU LB 59 24.65 -62.10 -66.63
CA LEU LB 59 24.54 -62.44 -65.21
C LEU LB 59 24.98 -61.25 -64.36
N LYS LB 60 25.63 -67.10 -62.77
CA LYS LB 60 26.68 -68.11 -62.58
C LYS LB 60 26.48 -69.36 -63.46
N THR LB 61 25.23 -69.67 -63.80
CA THR LB 61 24.87 -70.87 -64.58
C THR LB 61 25.50 -70.89 -65.97
N LEU LB 62 25.31 -69.82 -66.72
CA LEU LB 62 25.74 -69.74 -68.12
C LEU LB 62 27.24 -69.61 -68.26
N TYR LB 63 27.82 -68.69 -67.48
CA TYR LB 63 29.25 -68.37 -67.51
C TYR LB 63 29.86 -68.53 -66.10
N PRO LB 64 30.21 -69.77 -65.71
CA PRO LB 64 30.88 -69.99 -64.41
C PRO LB 64 32.28 -69.38 -64.30
N ASP LB 65 32.99 -69.27 -65.43
CA ASP LB 65 34.36 -68.74 -65.49
C ASP LB 65 34.49 -67.32 -64.94
N ILE LB 66 33.51 -66.47 -65.26
CA ILE LB 66 33.58 -65.05 -64.91
C ILE LB 66 32.95 -64.85 -63.52
N GLU LB 67 33.78 -64.41 -62.57
CA GLU LB 67 33.33 -64.11 -61.21
C GLU LB 67 32.68 -62.73 -61.18
N PHE LB 68 31.39 -62.69 -61.50
CA PHE LB 68 30.61 -61.45 -61.51
C PHE LB 68 30.35 -60.92 -60.10
N VAL LB 69 29.97 -59.65 -60.02
CA VAL LB 69 29.60 -59.00 -58.77
C VAL LB 69 28.30 -58.22 -58.97
N ASP LB 70 27.25 -58.61 -58.24
CA ASP LB 70 26.02 -57.83 -58.18
C ASP LB 70 26.24 -56.77 -57.10
N LEU LB 71 26.25 -55.50 -57.51
CA LEU LB 71 26.68 -54.40 -56.64
C LEU LB 71 25.66 -54.06 -55.57
N GLU LB 72 24.40 -54.00 -55.97
CA GLU LB 72 23.28 -53.65 -55.07
C GLU LB 72 23.12 -54.68 -53.95
N GLU LB 73 23.22 -55.95 -54.32
CA GLU LB 73 23.17 -57.08 -53.39
C GLU LB 73 24.32 -56.99 -52.38
N GLN LB 74 25.53 -56.79 -52.88
CA GLN LB 74 26.74 -56.62 -52.06
C GLN LB 74 26.60 -55.48 -51.05
N TYR LB 75 26.08 -54.35 -51.53
CA TYR LB 75 25.80 -53.18 -50.69
C TYR LB 75 24.83 -53.53 -49.57
N ARG LB 76 23.73 -54.19 -49.93
CA ARG LB 76 22.72 -54.65 -48.98
C ARG LB 76 23.33 -55.54 -47.89
N LEU LB 77 24.15 -56.50 -48.31
CA LEU LB 77 24.87 -57.40 -47.41
C LEU LB 77 25.78 -56.64 -46.44
N SER LB 78 26.48 -55.64 -46.96
CA SER LB 78 27.36 -54.78 -46.16
C SER LB 78 26.57 -54.00 -45.11
N MET LB 79 25.43 -53.46 -45.52
CA MET LB 79 24.50 -52.75 -44.62
C MET LB 79 24.00 -53.66 -43.50
N VAL LB 80 23.58 -54.86 -43.87
CA VAL LB 80 23.15 -55.90 -42.91
C VAL LB 80 24.24 -56.21 -41.89
N GLU LB 81 25.46 -56.38 -42.38
CA GLU LB 81 26.64 -56.67 -41.55
C GLU LB 81 26.88 -55.52 -40.54
N ALA LB 82 26.80 -54.29 -41.05
CA ALA LB 82 26.94 -53.09 -40.23
C ALA LB 82 25.88 -53.01 -39.12
N LYS LB 83 24.64 -53.33 -39.49
CA LYS LB 83 23.51 -53.38 -38.55
C LYS LB 83 23.74 -54.40 -37.43
N LYS LB 84 24.17 -55.60 -37.83
CA LYS LB 84 24.55 -56.67 -36.89
C LYS LB 84 25.62 -56.21 -35.91
N ARG LB 85 26.66 -55.56 -36.44
CA ARG LB 85 27.77 -55.05 -35.63
C ARG LB 85 27.32 -54.07 -34.55
N ARG LB 86 26.53 -53.07 -34.92
CA ARG LB 86 26.14 -52.00 -33.99
C ARG LB 86 24.84 -52.25 -33.20
N GLY LB 87 24.41 -53.51 -33.11
CA GLY LB 87 23.24 -53.89 -32.33
C GLY LB 87 21.90 -53.42 -32.87
N LYS LB 88 21.83 -53.24 -34.19
CA LYS LB 88 20.60 -52.83 -34.88
C LYS LB 88 20.18 -53.86 -35.93
N GLY LB 89 20.57 -55.12 -35.72
CA GLY LB 89 20.18 -56.21 -36.60
C GLY LB 89 18.74 -56.61 -36.38
N ALA LB 90 18.18 -57.38 -37.32
CA ALA LB 90 16.79 -57.82 -37.24
C ALA LB 90 16.60 -58.78 -36.06
N PRO LB 91 15.48 -58.68 -35.33
CA PRO LB 91 15.22 -59.66 -34.28
C PRO LB 91 14.91 -61.04 -34.87
N LYS LB 92 15.26 -62.10 -34.14
CA LYS LB 92 15.04 -63.46 -34.62
C LYS LB 92 13.55 -63.75 -34.72
N LYS LB 93 13.14 -64.33 -35.86
CA LYS LB 93 11.73 -64.49 -36.17
C LYS LB 93 11.08 -65.62 -35.37
N MET LB 94 9.85 -65.36 -34.92
CA MET LB 94 9.06 -66.33 -34.17
C MET LB 94 8.56 -67.43 -35.11
N LYS LB 95 8.51 -68.66 -34.60
CA LYS LB 95 8.10 -69.84 -35.39
C LYS LB 95 6.76 -70.39 -34.95
N LYS LB 96 6.66 -70.74 -33.67
CA LYS LB 96 5.43 -71.25 -33.04
C LYS LB 96 4.94 -72.55 -33.68
N SER MB 1 41.02 -73.97 -93.04
CA SER MB 1 39.55 -74.12 -92.82
C SER MB 1 39.04 -73.21 -91.69
N ALA MB 2 37.72 -73.13 -91.58
CA ALA MB 2 37.06 -72.36 -90.51
C ALA MB 2 37.22 -73.08 -89.17
N ASP MB 3 36.88 -74.37 -89.16
CA ASP MB 3 37.04 -75.22 -87.98
C ASP MB 3 38.52 -75.64 -87.83
N LEU MB 4 39.31 -74.70 -87.33
CA LEU MB 4 40.77 -74.88 -87.16
C LEU MB 4 41.17 -74.76 -85.69
N TYR MB 5 40.71 -73.69 -85.03
CA TYR MB 5 40.86 -73.49 -83.57
C TYR MB 5 40.55 -74.73 -82.72
N MET MB 6 39.51 -75.48 -83.12
CA MET MB 6 39.06 -76.68 -82.40
C MET MB 6 40.11 -77.79 -82.36
N HIS MB 7 40.97 -77.85 -83.38
CA HIS MB 7 42.06 -78.82 -83.46
C HIS MB 7 43.41 -78.15 -83.19
N PRO MB 8 43.89 -78.17 -81.92
CA PRO MB 8 45.22 -77.61 -81.62
C PRO MB 8 46.41 -78.42 -82.13
N GLU MB 9 46.18 -79.70 -82.47
CA GLU MB 9 47.24 -80.58 -82.97
C GLU MB 9 47.82 -80.16 -84.33
N LYS MB 10 46.98 -79.57 -85.19
CA LYS MB 10 47.38 -79.24 -86.56
C LYS MB 10 48.32 -78.04 -86.69
N TRP MB 11 48.16 -77.02 -85.84
CA TRP MB 11 48.88 -75.74 -86.02
C TRP MB 11 50.16 -75.63 -85.20
N LYS MB 12 51.24 -76.17 -85.77
CA LYS MB 12 52.62 -75.86 -85.38
C LYS MB 12 53.40 -75.16 -86.52
N GLY MB 13 53.16 -75.56 -87.76
CA GLY MB 13 53.83 -74.97 -88.92
C GLY MB 13 53.37 -73.59 -89.39
N LEU MB 14 52.31 -73.06 -88.78
CA LEU MB 14 51.79 -71.72 -89.13
C LEU MB 14 52.73 -70.61 -88.61
N PRO MB 15 52.57 -69.37 -89.12
CA PRO MB 15 53.30 -68.24 -88.54
C PRO MB 15 52.84 -67.89 -87.11
N PRO MB 16 53.64 -67.08 -86.37
CA PRO MB 16 53.35 -66.86 -84.95
C PRO MB 16 52.06 -66.09 -84.68
N GLN MB 17 51.86 -65.01 -85.44
CA GLN MB 17 50.66 -64.19 -85.34
C GLN MB 17 49.39 -65.01 -85.57
N ARG MB 18 49.42 -65.82 -86.62
CA ARG MB 18 48.31 -66.73 -86.96
C ARG MB 18 48.00 -67.69 -85.81
N ILE MB 19 49.04 -68.29 -85.26
CA ILE MB 19 48.94 -69.19 -84.10
C ILE MB 19 48.27 -68.49 -82.92
N LEU MB 20 48.74 -67.28 -82.63
CA LEU MB 20 48.17 -66.43 -81.57
C LEU MB 20 46.67 -66.18 -81.79
N GLU MB 21 46.32 -65.82 -83.03
CA GLU MB 21 44.93 -65.61 -83.42
C GLU MB 21 44.05 -66.83 -83.19
N LEU MB 22 44.57 -67.99 -83.59
CA LEU MB 22 43.89 -69.28 -83.39
C LEU MB 22 43.66 -69.59 -81.90
N TYR MB 23 44.70 -69.37 -81.11
CA TYR MB 23 44.64 -69.49 -79.64
C TYR MB 23 43.55 -68.62 -79.04
N TRP MB 24 43.51 -67.36 -79.47
CA TRP MB 24 42.50 -66.39 -79.02
C TRP MB 24 41.09 -66.81 -79.40
N GLU MB 25 40.93 -67.29 -80.63
CA GLU MB 25 39.67 -67.87 -81.10
C GLU MB 25 39.21 -69.02 -80.21
N ARG MB 26 40.14 -69.94 -79.95
CA ARG MB 26 39.88 -71.11 -79.12
C ARG MB 26 39.40 -70.73 -77.73
N MET MB 27 40.08 -69.76 -77.13
CA MET MB 27 39.71 -69.20 -75.82
C MET MB 27 38.31 -68.60 -75.82
N ALA MB 28 38.01 -67.86 -76.89
CA ALA MB 28 36.71 -67.23 -77.08
C ALA MB 28 35.56 -68.23 -77.16
N ARG MB 29 35.71 -69.19 -78.06
CA ARG MB 29 34.61 -70.07 -78.48
C ARG MB 29 34.12 -70.92 -77.31
N LEU MB 30 35.07 -71.55 -76.63
CA LEU MB 30 34.82 -72.32 -75.42
C LEU MB 30 35.40 -71.51 -74.26
N GLY MB 31 34.60 -70.59 -73.73
CA GLY MB 31 35.01 -69.67 -72.68
C GLY MB 31 35.20 -70.36 -71.35
N SER MB 32 34.09 -70.82 -70.77
CA SER MB 32 34.09 -71.56 -69.51
C SER MB 32 34.54 -73.01 -69.67
N GLU MB 33 34.30 -73.59 -70.85
CA GLU MB 33 34.71 -74.96 -71.17
C GLU MB 33 36.08 -75.05 -71.85
N TYR MB 34 36.99 -74.13 -71.52
CA TYR MB 34 38.36 -74.17 -72.01
C TYR MB 34 39.16 -75.20 -71.22
N LYS MB 35 39.96 -75.98 -71.93
CA LYS MB 35 40.83 -77.00 -71.32
C LYS MB 35 42.17 -77.07 -72.07
N PRO MB 36 43.28 -76.68 -71.41
CA PRO MB 36 44.62 -76.63 -72.03
C PRO MB 36 45.08 -77.89 -72.80
N ASN MB 37 45.96 -77.67 -73.77
CA ASN MB 37 46.46 -78.73 -74.67
C ASN MB 37 47.98 -78.62 -74.82
N LYS MB 38 48.65 -79.76 -74.98
CA LYS MB 38 50.11 -79.82 -75.11
C LYS MB 38 50.61 -79.24 -76.43
N ASP MB 39 49.98 -79.65 -77.52
CA ASP MB 39 50.29 -79.14 -78.88
C ASP MB 39 50.13 -77.64 -78.97
N GLU MB 40 49.06 -77.14 -78.36
CA GLU MB 40 48.76 -75.71 -78.30
C GLU MB 40 49.84 -74.95 -77.54
N LEU MB 41 50.24 -75.50 -76.40
CA LEU MB 41 51.33 -74.95 -75.58
C LEU MB 41 52.63 -74.87 -76.39
N ASN MB 42 52.97 -75.97 -77.06
CA ASN MB 42 54.16 -76.04 -77.92
C ASN MB 42 54.16 -74.97 -79.01
N ALA MB 43 53.00 -74.78 -79.64
CA ALA MB 43 52.80 -73.73 -80.63
C ALA MB 43 53.08 -72.36 -80.02
N LEU MB 44 52.47 -72.09 -78.87
CA LEU MB 44 52.66 -70.83 -78.13
C LEU MB 44 54.12 -70.55 -77.77
N LEU MB 45 54.83 -71.60 -77.36
CA LEU MB 45 56.28 -71.52 -77.09
C LEU MB 45 57.06 -71.15 -78.34
N THR MB 46 56.73 -71.80 -79.45
CA THR MB 46 57.34 -71.53 -80.76
C THR MB 46 57.13 -70.08 -81.19
N THR MB 47 55.92 -69.57 -80.96
CA THR MB 47 55.57 -68.20 -81.30
C THR MB 47 56.38 -67.15 -80.53
N SER MB 48 56.71 -67.47 -79.27
CA SER MB 48 57.40 -66.54 -78.32
C SER MB 48 58.47 -65.58 -78.87
N GLU MB 49 59.20 -66.01 -79.91
CA GLU MB 49 60.17 -65.12 -80.58
C GLU MB 49 59.54 -63.90 -81.27
N TYR MB 50 58.28 -64.02 -81.69
CA TYR MB 50 57.52 -62.93 -82.30
C TYR MB 50 57.34 -61.74 -81.36
N SER MB 51 56.64 -61.96 -80.25
CA SER MB 51 56.44 -60.94 -79.20
C SER MB 51 57.37 -61.24 -78.03
N ASN MB 52 58.24 -60.28 -77.70
CA ASN MB 52 59.37 -60.50 -76.77
C ASN MB 52 58.96 -61.03 -75.39
N VAL MB 53 58.90 -62.36 -75.28
CA VAL MB 53 58.55 -63.05 -74.03
C VAL MB 53 59.43 -64.31 -73.89
N PRO MB 54 60.06 -64.52 -72.70
CA PRO MB 54 60.83 -65.77 -72.47
C PRO MB 54 59.97 -67.05 -72.41
N VAL MB 55 60.64 -68.19 -72.54
CA VAL MB 55 59.99 -69.50 -72.73
C VAL MB 55 59.31 -70.02 -71.45
N ASN MB 56 59.97 -69.82 -70.31
CA ASN MB 56 59.38 -70.16 -69.01
C ASN MB 56 58.18 -69.26 -68.70
N ASP MB 57 58.35 -67.97 -68.96
CA ASP MB 57 57.33 -66.94 -68.69
C ASP MB 57 56.03 -67.20 -69.46
N ILE MB 58 56.15 -67.41 -70.78
CA ILE MB 58 54.99 -67.79 -71.64
C ILE MB 58 54.23 -68.99 -71.09
N LYS MB 59 54.97 -70.03 -70.69
CA LYS MB 59 54.38 -71.25 -70.15
C LYS MB 59 53.61 -70.98 -68.87
N LYS MB 60 54.23 -70.17 -68.01
CA LYS MB 60 53.62 -69.74 -66.74
C LYS MB 60 52.31 -68.98 -66.96
N LEU MB 61 52.34 -68.06 -67.92
CA LEU MB 61 51.16 -67.28 -68.35
C LEU MB 61 50.04 -68.17 -68.87
N TYR MB 62 50.42 -69.16 -69.66
CA TYR MB 62 49.47 -70.14 -70.20
C TYR MB 62 48.79 -70.93 -69.08
N HIS MB 63 49.59 -71.37 -68.13
CA HIS MB 63 49.10 -72.11 -66.95
C HIS MB 63 48.14 -71.28 -66.10
N ARG MB 64 48.59 -70.08 -65.74
CA ARG MB 64 47.83 -69.17 -64.88
C ARG MB 64 47.61 -67.84 -65.59
N GLY MB 65 46.35 -67.48 -65.80
CA GLY MB 65 45.98 -66.32 -66.63
C GLY MB 65 46.40 -64.96 -66.10
N GLU MB 66 45.47 -64.27 -65.45
CA GLU MB 66 45.72 -62.91 -64.94
C GLU MB 66 46.56 -62.93 -63.66
N GLN MB 67 46.34 -63.94 -62.81
CA GLN MB 67 47.12 -64.14 -61.58
C GLN MB 67 48.61 -64.28 -61.87
N GLY MB 68 48.92 -65.09 -62.87
CA GLY MB 68 50.30 -65.27 -63.34
C GLY MB 68 50.93 -63.98 -63.82
N ALA MB 69 50.16 -63.22 -64.62
CA ALA MB 69 50.59 -61.90 -65.12
C ALA MB 69 50.90 -60.93 -63.99
N ILE MB 70 50.02 -60.90 -62.98
CA ILE MB 70 50.20 -60.08 -61.78
C ILE MB 70 51.50 -60.45 -61.05
N ASP MB 71 51.71 -61.75 -60.86
CA ASP MB 71 52.92 -62.28 -60.23
C ASP MB 71 54.19 -61.86 -60.98
N ILE MB 72 54.13 -61.95 -62.30
CA ILE MB 72 55.22 -61.50 -63.18
C ILE MB 72 55.58 -60.03 -62.94
N LYS MB 73 54.56 -59.17 -62.86
CA LYS MB 73 54.75 -57.74 -62.56
C LYS MB 73 55.26 -57.54 -61.12
N ASN MB 78 49.25 -50.47 -60.11
CA ASN MB 78 49.52 -49.47 -61.13
C ASN MB 78 48.71 -48.18 -60.89
N ARG MB 79 49.28 -47.04 -61.29
CA ARG MB 79 48.65 -45.74 -61.12
C ARG MB 79 47.35 -45.58 -61.92
N ASP MB 80 46.43 -44.79 -61.37
CA ASP MB 80 45.18 -44.46 -62.06
C ASP MB 80 45.47 -43.38 -63.11
N ASN MB 81 45.07 -43.67 -64.36
CA ASN MB 81 45.24 -42.74 -65.49
C ASN MB 81 43.90 -42.47 -66.18
N SER MB 82 42.87 -42.22 -65.37
CA SER MB 82 41.51 -41.97 -65.86
C SER MB 82 41.37 -40.55 -66.43
N LEU MB 83 41.89 -39.58 -65.69
CA LEU MB 83 41.89 -38.17 -66.11
C LEU MB 83 43.26 -37.71 -66.65
N ARG MB 84 43.95 -38.61 -67.35
CA ARG MB 84 45.20 -38.23 -68.04
C ARG MB 84 44.83 -37.32 -69.22
N PRO MB 85 45.68 -36.31 -69.51
CA PRO MB 85 45.30 -35.27 -70.47
C PRO MB 85 45.20 -35.79 -71.90
N PHE MB 86 44.39 -35.09 -72.70
CA PHE MB 86 43.97 -35.55 -74.02
C PHE MB 86 45.11 -35.47 -75.05
N MET MB 87 45.50 -36.64 -75.57
CA MET MB 87 46.56 -36.74 -76.59
C MET MB 87 46.05 -36.61 -78.03
N PHE MB 88 44.75 -36.35 -78.21
CA PHE MB 88 44.14 -36.14 -79.53
C PHE MB 88 44.34 -37.34 -80.45
N ASP MB 89 43.77 -38.47 -80.03
CA ASP MB 89 43.88 -39.73 -80.78
C ASP MB 89 42.61 -40.61 -80.68
N GLU MB 90 41.46 -39.98 -80.41
CA GLU MB 90 40.19 -40.71 -80.25
C GLU MB 90 39.01 -39.75 -80.27
N LEU MB 91 38.02 -40.05 -81.11
CA LEU MB 91 36.84 -39.19 -81.25
C LEU MB 91 35.86 -39.36 -80.08
N PRO MB 92 35.13 -38.27 -79.70
CA PRO MB 92 34.09 -38.39 -78.67
C PRO MB 92 32.85 -39.20 -79.07
N SER MB 93 31.82 -39.16 -78.23
CA SER MB 93 30.60 -39.98 -78.41
C SER MB 93 29.77 -39.56 -79.62
N GLN MB 94 29.43 -38.27 -79.67
CA GLN MB 94 28.66 -37.71 -80.79
C GLN MB 94 29.37 -37.91 -82.12
N ALA MB 95 30.65 -37.55 -82.12
CA ALA MB 95 31.55 -37.75 -83.25
C ALA MB 95 31.52 -39.20 -83.75
N GLN MB 96 31.69 -40.12 -82.81
CA GLN MB 96 31.69 -41.57 -83.11
C GLN MB 96 30.36 -42.04 -83.69
N GLU MB 97 29.27 -41.47 -83.19
CA GLU MB 97 27.92 -41.72 -83.69
C GLU MB 97 27.77 -41.24 -85.13
N LEU MB 98 28.27 -40.03 -85.40
CA LEU MB 98 28.28 -39.45 -86.75
C LEU MB 98 29.10 -40.29 -87.73
N VAL MB 99 30.24 -40.78 -87.26
CA VAL MB 99 31.10 -41.66 -88.05
C VAL MB 99 30.34 -42.93 -88.41
N ALA MB 100 29.72 -43.55 -87.40
CA ALA MB 100 28.92 -44.77 -87.57
C ALA MB 100 27.80 -44.60 -88.61
N GLN MB 101 27.10 -43.47 -88.54
CA GLN MB 101 26.10 -43.10 -89.54
C GLN MB 101 26.70 -43.04 -90.94
N HIS MB 102 27.86 -42.40 -91.03
CA HIS MB 102 28.58 -42.29 -92.29
C HIS MB 102 29.04 -43.64 -92.84
N ARG MB 103 29.50 -44.53 -91.95
CA ARG MB 103 29.86 -45.90 -92.31
C ARG MB 103 28.65 -46.64 -92.91
N GLU MB 104 27.51 -46.50 -92.24
CA GLU MB 104 26.24 -47.09 -92.67
C GLU MB 104 25.84 -46.62 -94.06
N GLN MB 105 25.91 -45.30 -94.26
CA GLN MB 105 25.64 -44.68 -95.55
C GLN MB 105 26.51 -45.28 -96.66
N ARG MB 106 27.81 -45.32 -96.40
CA ARG MB 106 28.81 -45.90 -97.32
C ARG MB 106 28.50 -47.35 -97.68
N PHE MB 107 28.17 -48.14 -96.66
CA PHE MB 107 27.74 -49.53 -96.83
C PHE MB 107 26.54 -49.65 -97.77
N TYR MB 108 25.54 -48.80 -97.53
CA TYR MB 108 24.33 -48.76 -98.37
C TYR MB 108 24.62 -48.33 -99.80
N ASN MB 109 25.54 -47.38 -99.97
CA ASN MB 109 26.01 -46.95 -101.30
C ASN MB 109 26.67 -48.10 -102.05
N ARG MB 110 27.51 -48.83 -101.34
CA ARG MB 110 28.19 -50.02 -101.87
C ARG MB 110 27.21 -51.08 -102.32
N LEU MB 111 26.22 -51.35 -101.47
CA LEU MB 111 25.13 -52.28 -101.78
C LEU MB 111 24.40 -51.89 -103.06
N ALA MB 112 24.04 -50.61 -103.14
CA ALA MB 112 23.38 -50.04 -104.31
C ALA MB 112 24.20 -50.20 -105.59
N ALA MB 113 25.52 -50.01 -105.46
CA ALA MB 113 26.44 -50.10 -106.59
C ALA MB 113 26.64 -51.51 -107.13
N TYR MB 114 26.95 -52.47 -106.25
CA TYR MB 114 27.43 -53.79 -106.70
C TYR MB 114 26.52 -54.99 -106.43
N GLU MB 115 25.53 -54.86 -105.54
CA GLU MB 115 24.59 -55.95 -105.24
C GLU MB 115 23.24 -55.78 -105.94
N LEU MB 116 22.78 -54.54 -106.12
CA LEU MB 116 21.51 -54.31 -106.79
C LEU MB 116 21.56 -54.60 -108.30
N PRO MB 117 22.68 -54.30 -108.98
CA PRO MB 117 22.85 -54.81 -110.35
C PRO MB 117 22.87 -56.33 -110.48
N LEU MB 118 23.51 -57.01 -109.53
CA LEU MB 118 23.45 -58.48 -109.44
C LEU MB 118 22.03 -58.99 -109.30
N LEU MB 119 21.26 -58.30 -108.46
CA LEU MB 119 19.84 -58.61 -108.21
C LEU MB 119 18.99 -58.55 -109.49
N ALA MB 120 19.38 -57.70 -110.45
CA ALA MB 120 18.69 -57.60 -111.75
C ALA MB 120 18.79 -58.85 -112.64
N GLN MB 121 19.64 -59.81 -112.29
CA GLN MB 121 19.59 -61.15 -112.89
C GLN MB 121 18.22 -61.78 -112.70
N TYR MB 122 17.74 -61.74 -111.46
CA TYR MB 122 16.44 -62.33 -111.08
C TYR MB 122 15.35 -61.34 -111.45
N ARG MB 123 15.01 -61.32 -112.74
CA ARG MB 123 14.13 -60.31 -113.33
C ARG MB 123 13.21 -60.98 -114.35
N GLN MB 124 11.91 -60.74 -114.19
CA GLN MB 124 10.88 -61.35 -115.04
C GLN MB 124 9.95 -60.25 -115.56
N GLU MB 125 9.55 -60.35 -116.83
CA GLU MB 125 8.56 -59.42 -117.41
C GLU MB 125 7.18 -59.74 -116.86
N TYR MB 126 6.32 -58.72 -116.79
CA TYR MB 126 4.99 -58.85 -116.20
C TYR MB 126 4.10 -59.76 -117.04
N LYS MB 127 3.50 -60.76 -116.37
CA LYS MB 127 2.57 -61.70 -117.00
C LYS MB 127 1.17 -61.37 -116.51
N ARG MB 128 0.49 -60.50 -117.25
CA ARG MB 128 -0.78 -59.93 -116.83
C ARG MB 128 -1.93 -60.94 -116.91
N PRO MB 129 -2.69 -61.13 -115.80
CA PRO MB 129 -3.98 -61.79 -115.88
C PRO MB 129 -5.04 -60.77 -116.29
N SER MB 130 -5.82 -61.09 -117.33
CA SER MB 130 -6.77 -60.14 -117.90
C SER MB 130 -7.92 -59.84 -116.92
N PRO MB 131 -8.36 -58.55 -116.83
CA PRO MB 131 -9.53 -58.17 -116.02
C PRO MB 131 -10.83 -58.90 -116.36
N GLU MB 132 -10.98 -59.33 -117.62
CA GLU MB 132 -12.15 -60.11 -118.06
C GLU MB 132 -12.24 -61.45 -117.33
N SER MB 133 -11.11 -62.16 -117.23
CA SER MB 133 -11.04 -63.44 -116.54
C SER MB 133 -10.81 -63.33 -115.03
N HIS MB 134 -10.07 -62.30 -114.60
CA HIS MB 134 -9.70 -62.11 -113.19
C HIS MB 134 -10.20 -60.77 -112.64
N PRO MB 135 -11.51 -60.68 -112.34
CA PRO MB 135 -12.11 -59.44 -111.78
C PRO MB 135 -11.94 -59.25 -110.28
N VAL MB 136 -11.92 -60.35 -109.52
CA VAL MB 136 -11.86 -60.30 -108.05
C VAL MB 136 -10.44 -59.99 -107.60
N THR MB 137 -10.31 -59.22 -106.51
CA THR MB 137 -8.99 -58.82 -105.98
C THR MB 137 -8.92 -59.08 -104.46
N TYR MB 138 -8.38 -60.24 -104.10
CA TYR MB 138 -8.12 -60.58 -102.69
C TYR MB 138 -6.88 -59.84 -102.23
N ARG MB 139 -7.04 -58.76 -101.44
CA ARG MB 139 -5.89 -58.05 -100.90
C ARG MB 139 -5.51 -58.61 -99.52
N TYR MB 140 -4.24 -59.03 -99.40
CA TYR MB 140 -3.68 -59.53 -98.15
C TYR MB 140 -2.76 -58.47 -97.57
N THR MB 141 -2.67 -58.42 -96.26
CA THR MB 141 -1.77 -57.50 -95.55
C THR MB 141 -0.80 -58.29 -94.67
N SER MB 142 0.43 -57.79 -94.57
CA SER MB 142 1.48 -58.43 -93.78
C SER MB 142 2.35 -57.37 -93.11
N TYR MB 143 2.47 -57.47 -91.79
CA TYR MB 143 3.34 -56.60 -91.00
C TYR MB 143 4.66 -57.37 -90.85
N VAL MB 144 5.76 -56.75 -91.26
CA VAL MB 144 7.02 -57.47 -91.50
C VAL MB 144 7.68 -57.98 -90.21
N GLY MB 145 8.21 -57.06 -89.42
CA GLY MB 145 8.90 -57.42 -88.17
C GLY MB 145 7.95 -57.85 -87.06
N GLU MB 146 6.75 -57.29 -87.07
CA GLU MB 146 5.77 -57.49 -86.00
C GLU MB 146 4.94 -58.75 -86.23
N GLU MB 147 4.13 -59.09 -85.23
CA GLU MB 147 3.07 -60.08 -85.37
C GLU MB 147 1.74 -59.42 -84.98
N HIS MB 148 1.26 -58.59 -85.90
CA HIS MB 148 -0.02 -57.89 -85.77
C HIS MB 148 -1.15 -58.92 -85.90
N PRO MB 149 -2.30 -58.70 -85.22
CA PRO MB 149 -3.47 -59.53 -85.44
C PRO MB 149 -4.33 -59.11 -86.64
N ASN MB 150 -3.89 -58.12 -87.40
CA ASN MB 150 -4.53 -57.68 -88.65
C ASN MB 150 -3.89 -58.35 -89.89
N SER MB 151 -2.78 -59.06 -89.70
CA SER MB 151 -2.18 -59.87 -90.78
C SER MB 151 -3.13 -60.96 -91.29
N ARG MB 152 -4.01 -61.45 -90.42
CA ARG MB 152 -5.07 -62.39 -90.81
C ARG MB 152 -6.15 -61.79 -91.71
N LYS MB 153 -6.32 -60.47 -91.66
CA LYS MB 153 -7.36 -59.78 -92.44
C LYS MB 153 -7.10 -59.90 -93.94
N VAL MB 154 -8.09 -60.43 -94.65
CA VAL MB 154 -8.10 -60.52 -96.12
C VAL MB 154 -9.36 -59.82 -96.59
N VAL MB 155 -9.25 -59.12 -97.74
CA VAL MB 155 -10.36 -58.35 -98.29
C VAL MB 155 -10.58 -58.69 -99.76
N LEU MB 156 -11.70 -59.35 -100.04
CA LEU MB 156 -12.17 -59.56 -101.41
C LEU MB 156 -12.89 -58.30 -101.87
N SER MB 157 -12.76 -57.97 -103.16
CA SER MB 157 -13.42 -56.80 -103.74
C SER MB 157 -13.59 -56.95 -105.25
N VAL MB 158 -14.84 -56.83 -105.72
CA VAL MB 158 -15.19 -57.05 -107.13
C VAL MB 158 -16.17 -55.99 -107.64
N LYS MB 159 -16.00 -55.58 -108.89
CA LYS MB 159 -17.05 -54.83 -109.60
C LYS MB 159 -18.15 -55.82 -109.99
N THR MB 160 -19.40 -55.47 -109.66
CA THR MB 160 -20.54 -56.39 -109.86
C THR MB 160 -20.88 -56.63 -111.33
N LYS MB 161 -20.64 -55.64 -112.18
CA LYS MB 161 -20.83 -55.80 -113.63
C LYS MB 161 -19.79 -56.73 -114.27
N GLU MB 162 -18.59 -56.81 -113.68
CA GLU MB 162 -17.54 -57.73 -114.14
C GLU MB 162 -17.85 -59.21 -113.83
N LEU MB 163 -18.70 -59.46 -112.83
CA LEU MB 163 -19.16 -60.81 -112.52
C LEU MB 163 -20.07 -61.34 -113.64
N GLY MB 164 -19.91 -62.62 -113.97
CA GLY MB 164 -20.70 -63.27 -115.01
C GLY MB 164 -22.12 -63.54 -114.57
N LEU MB 165 -22.98 -62.54 -114.72
CA LEU MB 165 -24.39 -62.62 -114.30
C LEU MB 165 -25.32 -62.04 -115.36
N GLU MB 166 -26.55 -62.54 -115.38
CA GLU MB 166 -27.64 -61.94 -116.17
C GLU MB 166 -28.20 -60.76 -115.35
N GLU MB 167 -29.03 -59.94 -115.97
CA GLU MB 167 -29.44 -58.66 -115.34
C GLU MB 167 -30.33 -58.84 -114.10
N LYS MB 168 -31.28 -59.76 -114.18
CA LYS MB 168 -32.17 -60.09 -113.05
C LYS MB 168 -31.37 -60.63 -111.86
N SER MB 169 -30.48 -61.58 -112.16
CA SER MB 169 -29.61 -62.20 -111.15
C SER MB 169 -28.66 -61.18 -110.50
N LEU MB 170 -28.15 -60.25 -111.31
CA LEU MB 170 -27.27 -59.18 -110.85
C LEU MB 170 -27.95 -58.31 -109.78
N HIS MB 171 -29.18 -57.91 -110.07
CA HIS MB 171 -29.99 -57.12 -109.15
C HIS MB 171 -30.20 -57.84 -107.81
N LYS MB 172 -30.56 -59.12 -107.90
CA LYS MB 172 -30.74 -59.99 -106.73
C LYS MB 172 -29.46 -60.06 -105.88
N PHE MB 173 -28.34 -60.27 -106.55
CA PHE MB 173 -27.01 -60.30 -105.93
C PHE MB 173 -26.73 -59.02 -105.15
N ARG MB 174 -26.98 -57.88 -105.80
CA ARG MB 174 -26.83 -56.55 -105.20
C ARG MB 174 -27.68 -56.35 -103.96
N ILE MB 175 -28.93 -56.81 -104.05
CA ILE MB 175 -29.88 -56.78 -102.93
C ILE MB 175 -29.36 -57.59 -101.75
N LEU MB 176 -28.89 -58.79 -102.03
CA LEU MB 176 -28.30 -59.68 -101.02
C LEU MB 176 -27.08 -59.07 -100.33
N ALA MB 177 -26.24 -58.41 -101.11
CA ALA MB 177 -25.05 -57.73 -100.61
C ALA MB 177 -25.36 -56.65 -99.56
N ARG MB 178 -26.41 -55.87 -99.82
CA ARG MB 178 -26.88 -54.80 -98.92
C ARG MB 178 -25.84 -53.68 -98.73
N SER MB 179 -25.26 -53.53 -97.53
CA SER MB 179 -24.28 -52.48 -97.25
C SER MB 179 -22.94 -52.69 -97.97
N ARG MB 180 -22.61 -53.95 -98.25
CA ARG MB 180 -21.36 -54.30 -98.94
C ARG MB 180 -21.28 -53.76 -100.37
N TYR MB 181 -22.41 -53.72 -101.08
CA TYR MB 181 -22.47 -53.16 -102.43
C TYR MB 181 -22.65 -51.64 -102.42
N ASP MB 182 -21.64 -50.93 -102.92
CA ASP MB 182 -21.75 -49.51 -103.24
C ASP MB 182 -22.36 -49.39 -104.64
N HIS MB 183 -23.18 -48.36 -104.87
CA HIS MB 183 -23.87 -48.16 -106.16
C HIS MB 183 -23.26 -47.09 -107.06
N THR MB 184 -22.54 -46.12 -106.48
CA THR MB 184 -21.91 -45.04 -107.27
C THR MB 184 -20.75 -45.62 -108.08
N THR MB 185 -19.79 -46.24 -107.38
CA THR MB 185 -18.86 -47.19 -107.98
C THR MB 185 -19.52 -48.56 -107.82
N ASP MB 186 -19.66 -49.29 -108.92
CA ASP MB 186 -20.43 -50.56 -108.92
C ASP MB 186 -19.69 -51.73 -108.23
N ILE MB 187 -19.21 -51.47 -107.01
CA ILE MB 187 -18.24 -52.34 -106.35
C ILE MB 187 -18.86 -53.01 -105.13
N PHE MB 188 -18.58 -54.31 -105.00
CA PHE MB 188 -18.95 -55.10 -103.84
C PHE MB 188 -17.66 -55.63 -103.22
N LYS MB 189 -17.43 -55.31 -101.95
CA LYS MB 189 -16.30 -55.85 -101.21
C LYS MB 189 -16.70 -56.30 -99.81
N MET MB 190 -15.90 -57.21 -99.27
CA MET MB 190 -16.13 -57.76 -97.93
C MET MB 190 -14.83 -58.32 -97.37
N SER MB 191 -14.62 -58.13 -96.07
CA SER MB 191 -13.42 -58.60 -95.38
C SER MB 191 -13.81 -59.55 -94.25
N SER MB 192 -12.93 -60.52 -93.99
CA SER MB 192 -13.15 -61.50 -92.92
C SER MB 192 -11.93 -61.52 -92.00
N ASP MB 193 -12.20 -61.42 -90.71
CA ASP MB 193 -11.19 -61.51 -89.66
C ASP MB 193 -11.54 -62.62 -88.65
N LYS MB 194 -12.47 -63.48 -89.02
CA LYS MB 194 -13.05 -64.44 -88.07
C LYS MB 194 -12.08 -65.56 -87.69
N PHE MB 195 -11.26 -65.98 -88.65
CA PHE MB 195 -10.39 -67.15 -88.49
C PHE MB 195 -8.96 -66.75 -88.15
N GLU MB 196 -8.19 -67.72 -87.69
CA GLU MB 196 -6.85 -67.50 -87.13
C GLU MB 196 -5.89 -66.99 -88.20
N HIS MB 197 -5.83 -67.72 -89.31
CA HIS MB 197 -4.88 -67.45 -90.39
C HIS MB 197 -5.52 -66.64 -91.51
N ALA MB 198 -4.66 -66.01 -92.33
CA ALA MB 198 -5.09 -65.19 -93.47
C ALA MB 198 -5.69 -66.05 -94.59
N SER MB 199 -4.99 -67.13 -94.92
CA SER MB 199 -5.42 -68.08 -95.95
C SER MB 199 -6.82 -68.64 -95.69
N GLN MB 200 -7.06 -69.05 -94.45
CA GLN MB 200 -8.39 -69.48 -93.97
C GLN MB 200 -9.46 -68.45 -94.28
N ASN MB 201 -9.20 -67.22 -93.84
CA ASN MB 201 -10.10 -66.08 -94.04
C ASN MB 201 -10.42 -65.82 -95.51
N ALA MB 202 -9.39 -65.89 -96.35
CA ALA MB 202 -9.53 -65.77 -97.80
C ALA MB 202 -10.43 -66.85 -98.39
N ARG MB 203 -10.22 -68.07 -97.92
CA ARG MB 203 -11.01 -69.25 -98.34
C ARG MB 203 -12.48 -69.07 -97.97
N TYR MB 204 -12.71 -68.64 -96.73
CA TYR MB 204 -14.05 -68.33 -96.21
C TYR MB 204 -14.77 -67.27 -97.04
N LEU MB 205 -14.05 -66.20 -97.36
CA LEU MB 205 -14.56 -65.12 -98.22
C LEU MB 205 -14.94 -65.61 -99.60
N HIS MB 206 -14.08 -66.45 -100.17
CA HIS MB 206 -14.34 -67.09 -101.46
C HIS MB 206 -15.61 -67.93 -101.42
N ASP MB 207 -15.74 -68.75 -100.38
CA ASP MB 207 -16.92 -69.60 -100.16
C ASP MB 207 -18.21 -68.78 -100.07
N ILE MB 208 -18.14 -67.66 -99.34
CA ILE MB 208 -19.26 -66.72 -99.22
C ILE MB 208 -19.66 -66.17 -100.58
N LEU MB 209 -18.66 -65.72 -101.33
CA LEU MB 209 -18.86 -65.18 -102.69
C LEU MB 209 -19.59 -66.20 -103.57
N GLN MB 210 -19.09 -67.42 -103.55
CA GLN MB 210 -19.68 -68.55 -104.31
C GLN MB 210 -21.14 -68.79 -103.94
N ARG MB 211 -21.41 -68.76 -102.64
CA ARG MB 211 -22.77 -68.89 -102.10
C ARG MB 211 -23.69 -67.77 -102.58
N LEU MB 212 -23.15 -66.55 -102.58
CA LEU MB 212 -23.87 -65.36 -103.06
C LEU MB 212 -24.23 -65.49 -104.53
N LEU MB 213 -23.26 -65.93 -105.33
CA LEU MB 213 -23.45 -66.18 -106.76
C LEU MB 213 -24.50 -67.25 -107.04
N ALA MB 214 -24.44 -68.34 -106.27
CA ALA MB 214 -25.43 -69.42 -106.35
C ALA MB 214 -26.85 -68.92 -106.08
N GLU MB 215 -26.96 -68.05 -105.07
CA GLU MB 215 -28.23 -67.45 -104.69
C GLU MB 215 -28.77 -66.54 -105.79
N SER MB 216 -27.88 -65.75 -106.37
CA SER MB 216 -28.22 -64.84 -107.48
C SER MB 216 -28.76 -65.60 -108.69
N LYS MB 217 -28.14 -66.75 -109.01
CA LYS MB 217 -28.50 -67.56 -110.17
C LYS MB 217 -29.66 -68.55 -109.94
N ASP MB 218 -30.31 -68.50 -108.78
CA ASP MB 218 -31.40 -69.42 -108.44
C ASP MB 218 -32.67 -69.11 -109.24
N LEU MB 219 -33.28 -67.96 -108.97
CA LEU MB 219 -34.53 -67.49 -109.63
C LEU MB 219 -35.80 -68.35 -109.45
N THR MB 220 -35.69 -69.50 -108.78
CA THR MB 220 -36.84 -70.40 -108.60
C THR MB 220 -37.66 -69.96 -107.40
N GLU MB 221 -38.82 -69.36 -107.67
CA GLU MB 221 -39.73 -68.83 -106.64
C GLU MB 221 -39.12 -67.74 -105.74
N ASP MB 222 -38.14 -67.00 -106.29
CA ASP MB 222 -37.46 -65.93 -105.56
C ASP MB 222 -36.65 -65.06 -106.53
N ASP MB 223 -37.29 -64.01 -107.05
CA ASP MB 223 -36.69 -63.14 -108.06
C ASP MB 223 -36.03 -61.90 -107.44
N PHE MB 224 -36.75 -61.24 -106.53
CA PHE MB 224 -36.43 -59.89 -106.05
C PHE MB 224 -36.35 -58.90 -107.21
N SER MB 225 -37.45 -58.84 -107.97
CA SER MB 225 -37.66 -57.82 -109.00
C SER MB 225 -38.26 -56.54 -108.41
N ASP MB 226 -39.06 -56.70 -107.35
CA ASP MB 226 -39.82 -55.59 -106.74
C ASP MB 226 -39.33 -55.21 -105.33
N VAL MB 227 -38.02 -55.24 -105.13
CA VAL MB 227 -37.37 -54.62 -103.96
C VAL MB 227 -36.31 -53.67 -104.51
N PRO MB 228 -36.61 -52.34 -104.54
CA PRO MB 228 -35.63 -51.37 -105.05
C PRO MB 228 -34.31 -51.37 -104.29
N LEU MB 229 -33.26 -50.87 -104.93
CA LEU MB 229 -31.92 -50.88 -104.34
C LEU MB 229 -31.82 -49.87 -103.21
N ASP MB 230 -31.56 -50.38 -102.00
CA ASP MB 230 -31.40 -49.56 -100.81
C ASP MB 230 -30.01 -48.90 -100.86
N THR MB 231 -29.99 -47.57 -100.99
CA THR MB 231 -28.75 -46.80 -101.11
C THR MB 231 -28.53 -45.83 -99.94
N ARG MB 232 -29.05 -46.18 -98.76
CA ARG MB 232 -28.98 -45.30 -97.58
C ARG MB 232 -27.57 -45.22 -96.99
N HIS MB 233 -26.94 -46.38 -96.85
CA HIS MB 233 -25.55 -46.47 -96.37
C HIS MB 233 -24.55 -45.67 -97.22
N THR MB 234 -24.75 -45.71 -98.54
CA THR MB 234 -23.91 -44.99 -99.49
C THR MB 234 -24.08 -43.48 -99.36
N ILE MB 235 -25.32 -43.02 -99.20
CA ILE MB 235 -25.61 -41.58 -99.04
C ILE MB 235 -25.06 -41.08 -97.70
N ALA MB 236 -25.14 -41.91 -96.67
CA ALA MB 236 -24.55 -41.61 -95.35
C ALA MB 236 -23.04 -41.43 -95.43
N LYS MB 237 -22.39 -42.34 -96.17
CA LYS MB 237 -20.95 -42.29 -96.42
C LYS MB 237 -20.56 -41.02 -97.16
N SER MB 238 -21.34 -40.69 -98.19
CA SER MB 238 -21.13 -39.48 -99.00
C SER MB 238 -21.25 -38.21 -98.16
N LEU MB 239 -22.26 -38.17 -97.29
CA LEU MB 239 -22.46 -37.07 -96.33
C LEU MB 239 -21.28 -36.88 -95.40
N ARG MB 240 -20.78 -38.00 -94.86
CA ARG MB 240 -19.57 -38.04 -94.02
C ARG MB 240 -18.37 -37.40 -94.71
N LYS MB 241 -18.16 -37.78 -95.97
CA LYS MB 241 -17.10 -37.19 -96.81
C LYS MB 241 -17.54 -35.82 -97.34
N LYS MB 242 -16.63 -35.15 -98.03
CA LYS MB 242 -16.93 -33.89 -98.73
C LYS MB 242 -16.92 -34.12 -100.25
N LYS MB 243 -17.50 -33.17 -100.98
CA LYS MB 243 -17.64 -33.26 -102.44
C LYS MB 243 -17.11 -32.00 -103.14
N ARG MB 244 -16.45 -32.20 -104.28
CA ARG MB 244 -15.96 -31.13 -105.14
C ARG MB 244 -16.53 -31.32 -106.55
N ASP MB 245 -17.85 -31.54 -106.61
CA ASP MB 245 -18.54 -31.84 -107.88
C ASP MB 245 -18.59 -30.67 -108.86
N TYR MB 246 -18.65 -29.45 -108.32
CA TYR MB 246 -18.68 -28.22 -109.11
C TYR MB 246 -17.47 -28.04 -110.03
N GLU MB 247 -17.68 -27.35 -111.14
CA GLU MB 247 -16.65 -27.10 -112.15
C GLU MB 247 -16.75 -25.69 -112.73
N PHE MB 248 -15.68 -25.24 -113.36
CA PHE MB 248 -15.63 -23.95 -114.03
C PHE MB 248 -16.62 -23.96 -115.21
N PRO MB 249 -17.53 -22.96 -115.30
CA PRO MB 249 -18.45 -22.90 -116.43
C PRO MB 249 -17.73 -22.84 -117.78
N GLU MB 250 -18.17 -23.69 -118.72
CA GLU MB 250 -17.50 -23.80 -120.02
C GLU MB 250 -17.71 -22.56 -120.91
N HIS MB 251 -18.86 -21.89 -120.75
CA HIS MB 251 -19.15 -20.66 -121.48
C HIS MB 251 -18.46 -19.41 -120.91
N TRP MB 252 -17.94 -19.50 -119.68
CA TRP MB 252 -17.11 -18.44 -119.08
C TRP MB 252 -15.66 -18.39 -119.65
N LYS MB 253 -15.23 -19.45 -120.32
CA LYS MB 253 -13.87 -19.53 -120.87
C LYS MB 253 -13.61 -18.48 -121.95
N ARG MB 254 -12.34 -18.05 -122.04
CA ARG MB 254 -11.89 -17.05 -123.02
C ARG MB 254 -10.56 -17.48 -123.66
N PRO MB 255 -10.61 -18.39 -124.65
CA PRO MB 255 -9.40 -18.76 -125.42
C PRO MB 255 -8.72 -17.59 -126.14
N GLU MB 256 -9.51 -16.59 -126.56
CA GLU MB 256 -8.98 -15.37 -127.19
C GLU MB 256 -8.12 -14.50 -126.25
N ASP MB 257 -8.47 -14.48 -124.97
CA ASP MB 257 -7.70 -13.73 -123.95
C ASP MB 257 -6.43 -14.45 -123.47
N ALA MB 258 -6.27 -15.73 -123.81
CA ALA MB 258 -5.10 -16.52 -123.42
C ALA MB 258 -3.80 -15.97 -124.04
N PRO MB 259 -2.65 -16.22 -123.38
CA PRO MB 259 -1.40 -15.64 -123.87
C PRO MB 259 -0.88 -16.41 -125.09
N LYS MB 260 -0.72 -15.70 -126.20
CA LYS MB 260 -0.28 -16.30 -127.46
C LYS MB 260 1.22 -16.58 -127.42
N LYS MB 261 1.68 -17.47 -128.30
CA LYS MB 261 3.09 -17.86 -128.36
C LYS MB 261 3.93 -16.65 -128.81
N LYS MB 262 4.84 -16.22 -127.93
CA LYS MB 262 5.71 -15.07 -128.20
C LYS MB 262 6.90 -15.52 -129.04
N PHE MB 263 7.22 -14.75 -130.08
CA PHE MB 263 8.22 -15.14 -131.07
C PHE MB 263 9.64 -14.97 -130.52
N ASP MB 264 10.34 -16.10 -130.35
CA ASP MB 264 11.72 -16.11 -129.88
C ASP MB 264 12.62 -16.48 -131.07
N ILE MB 265 13.38 -15.51 -131.56
CA ILE MB 265 14.12 -15.64 -132.83
C ILE MB 265 15.41 -16.45 -132.69
N VAL MB 266 16.13 -16.26 -131.59
CA VAL MB 266 17.38 -17.00 -131.32
C VAL MB 266 17.13 -18.50 -131.13
N ASP MB 267 16.02 -18.82 -130.46
CA ASP MB 267 15.59 -20.21 -130.27
C ASP MB 267 15.28 -20.88 -131.61
N GLN MB 268 14.56 -20.15 -132.46
CA GLN MB 268 14.22 -20.60 -133.81
C GLN MB 268 15.46 -20.89 -134.65
N LEU MB 269 16.42 -19.97 -134.59
CA LEU MB 269 17.70 -20.09 -135.28
C LEU MB 269 18.43 -21.35 -134.82
N LEU MB 270 18.47 -21.55 -133.51
CA LEU MB 270 19.11 -22.72 -132.89
C LEU MB 270 18.52 -24.03 -133.40
N SER MB 271 17.19 -24.11 -133.45
CA SER MB 271 16.47 -25.33 -133.86
C SER MB 271 16.68 -25.64 -135.35
N THR MB 272 17.82 -26.27 -135.64
CA THR MB 272 18.18 -26.71 -136.99
C THR MB 272 17.91 -28.21 -137.23
N LEU MB 273 17.55 -28.94 -136.16
CA LEU MB 273 17.31 -30.38 -136.24
C LEU MB 273 15.95 -30.66 -136.89
N PRO NB 1 31.66 41.24 -58.59
CA PRO NB 1 30.61 40.44 -57.95
C PRO NB 1 31.15 39.22 -57.19
N PRO NB 2 30.30 38.58 -56.35
CA PRO NB 2 30.75 37.43 -55.57
C PRO NB 2 30.69 36.11 -56.35
N VAL NB 3 31.84 35.63 -56.80
CA VAL NB 3 31.96 34.31 -57.43
C VAL NB 3 31.83 33.22 -56.37
N TYR NB 4 31.30 32.07 -56.76
CA TYR NB 4 31.12 30.92 -55.87
C TYR NB 4 31.72 29.66 -56.49
N ARG NB 5 32.91 29.29 -56.03
CA ARG NB 5 33.58 28.07 -56.48
C ARG NB 5 33.09 26.88 -55.67
N LEU NB 6 32.63 25.85 -56.36
CA LEU NB 6 32.25 24.58 -55.73
C LEU NB 6 33.49 23.79 -55.31
N PRO NB 7 33.32 22.82 -54.39
CA PRO NB 7 34.39 21.87 -54.09
C PRO NB 7 34.51 20.82 -55.21
N PRO NB 8 35.48 19.89 -55.10
CA PRO NB 8 35.52 18.76 -56.03
C PRO NB 8 34.30 17.85 -55.84
N LEU NB 9 33.53 17.67 -56.91
CA LEU NB 9 32.33 16.84 -56.87
C LEU NB 9 32.58 15.51 -57.59
N PRO NB 10 31.77 14.48 -57.26
CA PRO NB 10 31.84 13.23 -58.00
C PRO NB 10 31.40 13.34 -59.46
N ARG NB 11 30.32 14.08 -59.72
CA ARG NB 11 29.74 14.18 -61.07
C ARG NB 11 28.79 15.37 -61.22
N LEU NB 12 29.16 16.34 -62.06
CA LEU NB 12 28.29 17.48 -62.35
C LEU NB 12 27.17 17.03 -63.27
N LYS NB 13 25.94 17.06 -62.76
CA LYS NB 13 24.78 16.75 -63.58
C LYS NB 13 23.50 17.41 -63.03
N VAL NB 14 22.62 17.87 -63.91
CA VAL NB 14 21.36 18.43 -63.47
C VAL NB 14 20.48 17.24 -63.17
N LYS NB 15 19.76 17.23 -62.05
CA LYS NB 15 18.95 16.06 -61.72
C LYS NB 15 17.90 15.78 -62.78
N LYS NB 16 17.20 16.81 -63.21
CA LYS NB 16 16.21 16.66 -64.27
C LYS NB 16 16.38 17.76 -65.28
N PRO NB 17 16.63 17.45 -66.54
CA PRO NB 17 16.74 18.55 -67.49
C PRO NB 17 15.41 18.79 -68.19
N ILE NB 18 14.90 20.01 -68.06
CA ILE NB 18 13.69 20.46 -68.75
C ILE NB 18 14.03 20.81 -70.21
N ILE NB 19 13.19 20.34 -71.13
CA ILE NB 19 13.34 20.59 -72.56
C ILE NB 19 12.74 21.96 -72.90
N ARG NB 20 11.61 22.27 -72.28
CA ARG NB 20 10.81 23.47 -72.55
C ARG NB 20 10.32 23.43 -73.99
N GLN NB 21 9.43 22.48 -74.24
CA GLN NB 21 8.72 22.36 -75.51
C GLN NB 21 7.50 23.28 -75.52
N GLU NB 22 7.00 23.56 -76.72
CA GLU NB 22 5.82 24.42 -76.88
C GLU NB 22 4.55 23.69 -76.45
N ALA NB 23 3.58 24.46 -75.96
CA ALA NB 23 2.28 23.90 -75.52
C ALA NB 23 1.48 23.39 -76.71
N ASN NB 24 0.59 22.44 -76.45
CA ASN NB 24 -0.18 21.77 -77.51
C ASN NB 24 -1.23 22.69 -78.14
N LYS NB 25 -1.40 22.54 -79.45
CA LYS NB 25 -2.33 23.36 -80.23
C LYS NB 25 -3.79 23.05 -79.87
N CYS NB 26 -4.10 21.77 -79.78
CA CYS NB 26 -5.44 21.28 -79.44
C CYS NB 26 -5.92 21.78 -78.09
N LEU NB 27 -5.03 21.72 -77.10
CA LEU NB 27 -5.29 22.22 -75.75
C LEU NB 27 -5.60 23.72 -75.75
N VAL NB 28 -4.77 24.46 -76.48
CA VAL NB 28 -4.96 25.90 -76.68
C VAL NB 28 -6.32 26.25 -77.27
N LEU NB 29 -6.68 25.55 -78.34
CA LEU NB 29 -7.99 25.70 -78.99
C LEU NB 29 -9.13 25.44 -78.01
N MET NB 30 -8.98 24.39 -77.20
CA MET NB 30 -9.97 24.01 -76.20
C MET NB 30 -10.13 25.10 -75.13
N SER NB 31 -9.00 25.67 -74.72
CA SER NB 31 -8.98 26.79 -73.76
C SER NB 31 -9.69 28.03 -74.32
N ASN NB 32 -9.38 28.34 -75.58
CA ASN NB 32 -10.02 29.45 -76.31
C ASN NB 32 -11.53 29.29 -76.37
N LEU NB 33 -11.96 28.09 -76.74
CA LEU NB 33 -13.39 27.74 -76.80
C LEU NB 33 -14.08 27.92 -75.44
N LEU NB 34 -13.41 27.45 -74.41
CA LEU NB 34 -13.87 27.58 -73.03
C LEU NB 34 -14.06 29.06 -72.64
N GLN NB 35 -13.06 29.86 -73.01
CA GLN NB 35 -13.07 31.31 -72.78
C GLN NB 35 -14.24 31.99 -73.50
N CYS NB 36 -14.45 31.60 -74.75
CA CYS NB 36 -15.57 32.09 -75.55
C CYS NB 36 -16.92 31.75 -74.93
N TRP NB 37 -17.05 30.51 -74.45
CA TRP NB 37 -18.28 30.05 -73.79
C TRP NB 37 -18.54 30.67 -72.42
N SER NB 38 -17.49 31.18 -71.77
CA SER NB 38 -17.66 31.99 -70.55
C SER NB 38 -18.50 33.23 -70.85
N SER NB 39 -18.17 33.89 -71.96
CA SER NB 39 -18.99 34.98 -72.52
C SER NB 39 -20.07 34.40 -73.46
N TYR NB 40 -20.87 35.28 -74.04
CA TYR NB 40 -21.78 34.93 -75.15
C TYR NB 40 -22.78 33.77 -74.91
N GLY NB 41 -23.11 33.49 -73.65
CA GLY NB 41 -23.99 32.36 -73.31
C GLY NB 41 -23.33 31.00 -73.50
N HIS NB 42 -24.15 29.96 -73.66
CA HIS NB 42 -23.67 28.58 -73.72
C HIS NB 42 -22.97 28.23 -75.04
N MET NB 43 -23.67 28.41 -76.15
CA MET NB 43 -23.18 27.98 -77.47
C MET NB 43 -23.77 28.84 -78.59
N SER NB 44 -23.29 30.07 -78.68
CA SER NB 44 -23.68 31.02 -79.72
C SER NB 44 -22.71 30.86 -80.91
N PRO NB 45 -23.09 31.33 -82.11
CA PRO NB 45 -22.27 31.06 -83.30
C PRO NB 45 -21.05 31.99 -83.52
N LYS NB 46 -20.68 32.79 -82.51
CA LYS NB 46 -19.40 33.50 -82.51
C LYS NB 46 -18.21 32.53 -82.49
N CYS NB 47 -18.36 31.45 -81.72
CA CYS NB 47 -17.37 30.36 -81.67
C CYS NB 47 -17.87 29.15 -82.49
N ALA NB 48 -18.16 29.39 -83.76
CA ALA NB 48 -18.61 28.38 -84.71
C ALA NB 48 -17.44 27.71 -85.43
N GLY NB 49 -16.45 28.51 -85.81
CA GLY NB 49 -15.23 28.02 -86.44
C GLY NB 49 -14.25 27.41 -85.46
N LEU NB 50 -14.18 27.97 -84.26
CA LEU NB 50 -13.27 27.49 -83.20
C LEU NB 50 -13.56 26.04 -82.81
N VAL NB 51 -14.85 25.73 -82.61
CA VAL NB 51 -15.28 24.36 -82.30
C VAL NB 51 -14.92 23.37 -83.42
N THR NB 52 -15.10 23.81 -84.66
CA THR NB 52 -14.77 23.01 -85.85
C THR NB 52 -13.26 22.72 -85.91
N GLU NB 53 -12.48 23.75 -85.62
CA GLU NB 53 -11.01 23.64 -85.58
C GLU NB 53 -10.55 22.65 -84.50
N LEU NB 54 -11.20 22.74 -83.33
CA LEU NB 54 -10.93 21.83 -82.21
C LEU NB 54 -11.24 20.38 -82.60
N LYS NB 55 -12.39 20.18 -83.22
CA LYS NB 55 -12.82 18.86 -83.72
C LYS NB 55 -11.81 18.27 -84.71
N SER NB 56 -11.36 19.10 -85.64
CA SER NB 56 -10.36 18.71 -86.65
C SER NB 56 -9.05 18.27 -85.99
N CYS NB 57 -8.61 19.06 -85.01
CA CYS NB 57 -7.41 18.76 -84.22
C CYS NB 57 -7.50 17.43 -83.48
N THR NB 58 -8.65 17.22 -82.81
CA THR NB 58 -8.85 16.08 -81.93
C THR NB 58 -9.76 15.02 -82.59
N SER NB 59 -9.36 14.59 -83.79
CA SER NB 59 -10.10 13.58 -84.57
C SER NB 59 -9.43 12.21 -84.46
N GLU NB 60 -8.11 12.17 -84.68
CA GLU NB 60 -7.35 10.92 -84.59
C GLU NB 60 -7.01 10.56 -83.15
N SER NB 61 -6.61 11.56 -82.36
CA SER NB 61 -6.34 11.40 -80.94
C SER NB 61 -6.59 12.70 -80.17
N ALA NB 62 -6.81 12.58 -78.86
CA ALA NB 62 -7.15 13.71 -77.98
C ALA NB 62 -6.14 14.87 -78.06
N LEU NB 63 -4.87 14.53 -78.23
CA LEU NB 63 -3.82 15.51 -78.48
C LEU NB 63 -3.31 15.36 -79.91
N GLY NB 64 -2.83 16.45 -80.50
CA GLY NB 64 -2.38 16.45 -81.89
C GLY NB 64 -1.09 15.71 -82.10
N LYS NB 65 0.03 16.38 -81.84
CA LYS NB 65 1.37 15.80 -81.98
C LYS NB 65 1.75 15.03 -80.72
N ARG NB 66 2.55 13.97 -80.90
CA ARG NB 66 3.09 13.17 -79.79
C ARG NB 66 4.53 12.76 -80.09
N LYS NB 71 14.74 14.73 -76.14
CA LYS NB 71 15.34 15.19 -74.88
C LYS NB 71 16.55 16.08 -75.10
N SER NB 72 16.82 16.93 -74.11
CA SER NB 72 17.94 17.88 -74.16
C SER NB 72 19.21 17.22 -73.63
N ASN NB 73 20.23 17.12 -74.48
CA ASN NB 73 21.54 16.66 -74.05
C ASN NB 73 22.21 17.78 -73.25
N ILE NB 74 22.01 17.80 -71.94
CA ILE NB 74 22.71 18.76 -71.09
C ILE NB 74 23.63 18.02 -70.13
N ASN NB 75 23.21 16.84 -69.70
CA ASN NB 75 24.00 16.01 -68.80
C ASN NB 75 25.25 15.47 -69.47
N TYR NB 76 25.13 15.10 -70.73
CA TYR NB 76 26.26 14.55 -71.48
C TYR NB 76 27.36 15.58 -71.58
N HIS NB 77 26.98 16.83 -71.81
CA HIS NB 77 27.99 17.92 -71.91
C HIS NB 77 28.68 18.24 -70.60
N ALA NB 78 27.88 18.51 -69.57
CA ALA NB 78 28.38 18.68 -68.19
C ALA NB 78 29.34 17.56 -67.79
N ALA NB 79 28.92 16.32 -68.01
CA ALA NB 79 29.73 15.13 -67.75
C ALA NB 79 31.04 15.15 -68.54
N ARG NB 80 30.92 15.50 -69.82
CA ARG NB 80 32.08 15.64 -70.72
C ARG NB 80 33.06 16.68 -70.23
N LEU NB 81 32.54 17.86 -69.94
CA LEU NB 81 33.36 19.06 -69.70
C LEU NB 81 33.61 19.40 -68.23
N TYR NB 82 33.17 18.55 -67.30
CA TYR NB 82 33.39 18.83 -65.88
C TYR NB 82 34.87 18.92 -65.57
N ASP NB 83 35.63 17.91 -65.99
CA ASP NB 83 37.06 17.83 -65.70
C ASP NB 83 37.87 19.00 -66.28
N ARG NB 84 37.48 19.46 -67.47
CA ARG NB 84 38.04 20.70 -68.05
C ARG NB 84 37.68 21.91 -67.21
N ILE NB 85 36.38 22.10 -67.03
CA ILE NB 85 35.81 23.32 -66.46
C ILE NB 85 36.12 23.49 -64.97
N ASN NB 86 36.49 22.40 -64.29
CA ASN NB 86 37.00 22.51 -62.92
C ASN NB 86 38.17 23.47 -62.84
N GLY NB 87 38.27 24.13 -61.68
CA GLY NB 87 39.51 24.78 -61.28
C GLY NB 87 40.24 23.87 -60.31
N LYS NB 88 40.29 22.58 -60.63
CA LYS NB 88 40.88 21.59 -59.75
C LYS NB 88 42.38 21.70 -59.91
N PRO NB 89 43.11 21.81 -58.79
CA PRO NB 89 44.57 21.94 -58.88
C PRO NB 89 45.22 20.64 -59.37
N HIS NB 90 46.48 20.76 -59.79
CA HIS NB 90 47.17 19.66 -60.47
C HIS NB 90 47.36 18.42 -59.59
N ASP NB 91 47.81 17.33 -60.23
CA ASP NB 91 47.90 16.02 -59.59
C ASP NB 91 49.13 15.97 -58.68
N ASP OB 1 35.85 7.36 -27.39
CA ASP OB 1 34.52 6.69 -27.23
C ASP OB 1 33.62 6.88 -28.46
N SER OB 2 33.23 5.75 -29.06
CA SER OB 2 32.06 5.72 -29.95
C SER OB 2 30.80 5.90 -29.12
N VAL OB 3 29.65 6.01 -29.78
CA VAL OB 3 28.36 6.18 -29.09
C VAL OB 3 28.00 4.89 -28.33
N MET OB 4 28.21 3.74 -28.99
CA MET OB 4 27.96 2.43 -28.41
C MET OB 4 28.73 2.20 -27.11
N ARG OB 5 30.02 2.55 -27.13
CA ARG OB 5 30.87 2.45 -25.94
C ARG OB 5 30.42 3.39 -24.84
N LYS OB 6 30.14 4.64 -25.22
CA LYS OB 6 29.56 5.65 -24.31
C LYS OB 6 28.29 5.20 -23.59
N ARG OB 7 27.47 4.43 -24.29
CA ARG OB 7 26.19 3.96 -23.75
C ARG OB 7 26.33 3.07 -22.51
N LYS OB 8 27.40 2.27 -22.46
CA LYS OB 8 27.74 1.49 -21.26
C LYS OB 8 28.06 2.40 -20.08
N LYS OB 9 28.90 3.40 -20.33
CA LYS OB 9 29.25 4.42 -19.35
C LYS OB 9 28.03 5.17 -18.82
N LYS OB 10 27.18 5.60 -19.73
CA LYS OB 10 25.90 6.25 -19.42
C LYS OB 10 25.05 5.39 -18.50
N MET OB 11 24.94 4.12 -18.85
CA MET OB 11 24.16 3.15 -18.09
C MET OB 11 24.71 3.02 -16.66
N LYS OB 12 26.03 2.86 -16.57
CA LYS OB 12 26.75 2.84 -15.27
C LYS OB 12 26.46 4.06 -14.42
N LYS OB 13 26.51 5.23 -15.05
CA LYS OB 13 26.24 6.50 -14.38
C LYS OB 13 24.82 6.58 -13.86
N HIS OB 14 23.87 6.10 -14.66
CA HIS OB 14 22.47 6.02 -14.28
C HIS OB 14 22.26 5.11 -13.06
N LYS OB 15 22.88 3.94 -13.10
CA LYS OB 15 22.83 2.97 -11.98
C LYS OB 15 23.34 3.57 -10.69
N LEU OB 16 24.48 4.26 -10.79
CA LEU OB 16 25.09 4.97 -9.68
C LEU OB 16 24.15 6.01 -9.09
N ARG OB 17 23.53 6.80 -9.96
CA ARG OB 17 22.54 7.81 -9.58
C ARG OB 17 21.36 7.21 -8.83
N LYS OB 18 20.86 6.09 -9.36
CA LYS OB 18 19.79 5.31 -8.73
C LYS OB 18 20.15 4.84 -7.33
N ARG OB 19 21.35 4.26 -7.22
CA ARG OB 19 21.90 3.81 -5.93
C ARG OB 19 21.94 4.96 -4.91
N ARG OB 20 22.43 6.11 -5.36
CA ARG OB 20 22.48 7.32 -4.53
C ARG OB 20 21.10 7.78 -4.05
N LYS OB 21 20.14 7.72 -4.95
CA LYS OB 21 18.74 8.05 -4.65
C LYS OB 21 18.16 7.10 -3.59
N ARG OB 22 18.40 5.81 -3.78
CA ARG OB 22 17.99 4.76 -2.83
C ARG OB 22 18.57 4.98 -1.44
N GLU OB 23 19.89 5.17 -1.41
CA GLU OB 23 20.63 5.30 -0.16
C GLU OB 23 20.74 6.77 0.27
N LYS OB 24 19.63 7.50 0.29
CA LYS OB 24 19.63 8.90 0.73
C LYS OB 24 19.39 8.96 2.23
N ALA OB 25 18.32 8.31 2.67
CA ALA OB 25 17.97 8.24 4.10
C ALA OB 25 19.03 7.54 4.92
N GLU OB 26 19.56 6.45 4.36
CA GLU OB 26 20.65 5.70 4.98
C GLU OB 26 21.91 6.55 5.12
N ARG OB 27 22.25 7.26 4.04
CA ARG OB 27 23.39 8.18 4.00
C ARG OB 27 23.26 9.30 5.04
N ARG OB 28 22.08 9.90 5.09
CA ARG OB 28 21.72 10.92 6.08
C ARG OB 28 21.93 10.41 7.51
N LYS OB 29 21.44 9.21 7.78
CA LYS OB 29 21.57 8.56 9.08
C LYS OB 29 23.04 8.36 9.47
N LEU OB 30 23.82 7.86 8.50
CA LEU OB 30 25.26 7.66 8.67
C LEU OB 30 26.02 8.97 8.91
N SER OB 31 25.63 10.04 8.23
CA SER OB 31 26.39 11.29 8.25
C SER OB 31 26.28 12.06 9.56
N GLN OB 32 25.05 12.25 10.04
CA GLN OB 32 24.78 13.08 11.22
C GLN OB 32 25.20 12.39 12.51
N GLY OB 33 25.97 13.11 13.33
CA GLY OB 33 26.33 12.65 14.67
C GLY OB 33 27.42 11.58 14.77
N ARG OB 34 28.19 11.39 13.69
CA ARG OB 34 29.34 10.48 13.71
C ARG OB 34 30.29 10.73 12.53
N THR PB 1 117.85 -46.29 11.51
CA THR PB 1 119.03 -46.66 12.35
C THR PB 1 118.62 -47.05 13.77
N ILE PB 2 118.93 -48.29 14.16
CA ILE PB 2 118.63 -48.79 15.52
C ILE PB 2 119.50 -48.10 16.58
N PRO PB 3 118.89 -47.68 17.71
CA PRO PB 3 119.66 -47.22 18.87
C PRO PB 3 119.80 -48.29 19.95
N LYS PB 4 120.74 -48.07 20.87
CA LYS PB 4 121.03 -49.04 21.93
C LYS PB 4 120.01 -48.92 23.08
N PRO PB 5 119.66 -50.06 23.73
CA PRO PB 5 118.86 -49.96 24.95
C PRO PB 5 119.65 -49.39 26.13
N SER PB 6 119.10 -48.39 26.81
CA SER PB 6 119.76 -47.74 27.94
C SER PB 6 119.61 -48.56 29.24
N ASP PB 7 120.30 -48.12 30.28
CA ASP PB 7 120.26 -48.77 31.60
C ASP PB 7 118.89 -48.61 32.27
N GLN PB 8 118.31 -47.42 32.16
CA GLN PB 8 117.02 -47.11 32.77
C GLN PB 8 115.84 -47.82 32.10
N VAL PB 9 115.91 -47.97 30.78
CA VAL PB 9 114.89 -48.71 30.00
C VAL PB 9 115.58 -49.61 28.95
N PRO PB 10 116.01 -50.82 29.36
CA PRO PB 10 116.68 -51.76 28.45
C PRO PB 10 115.73 -52.66 27.64
N ASP PB 11 114.42 -52.64 27.96
CA ASP PB 11 113.45 -53.53 27.35
C ASP PB 11 112.30 -52.72 26.71
N VAL PB 12 111.62 -53.35 25.75
CA VAL PB 12 110.41 -52.79 25.11
C VAL PB 12 109.33 -52.52 26.15
N ASP PB 13 109.08 -53.52 26.98
CA ASP PB 13 108.09 -53.44 28.07
C ASP PB 13 108.37 -52.26 29.00
N ALA PB 14 109.63 -52.13 29.40
CA ALA PB 14 110.11 -51.02 30.23
C ALA PB 14 109.85 -49.66 29.59
N PHE PB 15 110.14 -49.57 28.30
CA PHE PB 15 109.87 -48.38 27.49
C PHE PB 15 108.39 -48.03 27.50
N LEU PB 16 107.55 -49.03 27.24
CA LEU PB 16 106.09 -48.87 27.25
C LEU PB 16 105.58 -48.34 28.59
N ASN PB 17 106.06 -48.95 29.67
CA ASN PB 17 105.75 -48.54 31.05
C ASN PB 17 106.10 -47.08 31.29
N LYS PB 18 107.31 -46.71 30.88
CA LYS PB 18 107.80 -45.33 30.99
C LYS PB 18 106.89 -44.33 30.30
N ILE PB 19 106.52 -44.62 29.06
CA ILE PB 19 105.76 -43.67 28.25
C ILE PB 19 104.32 -43.50 28.73
N GLY PB 20 103.69 -44.60 29.15
CA GLY PB 20 102.38 -44.53 29.78
C GLY PB 20 101.25 -44.22 28.80
N ARG PB 21 100.21 -43.54 29.30
CA ARG PB 21 98.93 -43.35 28.59
C ARG PB 21 98.30 -44.68 28.17
N ASN PB 22 98.35 -45.65 29.08
CA ASN PB 22 97.87 -47.00 28.84
C ASN PB 22 98.57 -47.69 27.66
N CYS PB 23 99.89 -47.48 27.55
CA CYS PB 23 100.71 -48.18 26.57
C CYS PB 23 101.00 -49.62 27.04
N ASN PB 24 100.77 -49.90 28.32
CA ASN PB 24 100.65 -51.27 28.80
C ASN PB 24 99.40 -51.92 28.22
N GLU PB 25 99.33 -53.24 28.32
CA GLU PB 25 98.37 -54.08 27.56
C GLU PB 25 98.67 -54.00 26.05
N LEU PB 26 99.94 -53.81 25.70
CA LEU PB 26 100.39 -53.76 24.30
C LEU PB 26 101.67 -54.59 24.09
N LYS PB 27 101.88 -55.58 24.96
CA LYS PB 27 103.06 -56.46 24.91
C LYS PB 27 102.76 -57.73 24.10
N ASP PB 28 101.49 -57.96 23.79
CA ASP PB 28 101.05 -59.11 23.01
C ASP PB 28 101.03 -58.81 21.51
N THR PB 29 100.59 -57.60 21.15
CA THR PB 29 100.53 -57.17 19.74
C THR PB 29 101.91 -57.09 19.08
N PHE PB 30 102.94 -56.72 19.86
CA PHE PB 30 104.33 -56.97 19.49
C PHE PB 30 105.12 -57.46 20.71
N GLU PB 31 105.88 -58.54 20.52
CA GLU PB 31 106.66 -59.15 21.59
C GLU PB 31 107.90 -58.31 21.87
N ASN PB 32 108.56 -58.57 23.01
CA ASN PB 32 109.68 -57.75 23.47
C ASN PB 32 110.92 -57.88 22.58
N ASN PB 33 110.88 -57.19 21.45
CA ASN PB 33 111.96 -57.10 20.49
C ASN PB 33 112.29 -55.63 20.30
N TRP PB 34 113.49 -55.23 20.71
CA TRP PB 34 113.90 -53.82 20.72
C TRP PB 34 114.00 -53.24 19.32
N ASN PB 35 114.70 -53.95 18.44
CA ASN PB 35 114.85 -53.59 17.04
C ASN PB 35 113.50 -53.45 16.33
N ASN PB 36 112.63 -54.42 16.59
CA ASN PB 36 111.29 -54.50 16.01
C ASN PB 36 110.45 -53.25 16.24
N LEU PB 37 110.39 -52.82 17.50
CA LEU PB 37 109.63 -51.62 17.89
C LEU PB 37 110.10 -50.38 17.15
N PHE PB 38 111.42 -50.19 17.12
CA PHE PB 38 112.03 -48.97 16.58
C PHE PB 38 111.93 -48.90 15.06
N GLN PB 39 112.21 -50.01 14.37
CA GLN PB 39 112.13 -50.04 12.90
C GLN PB 39 110.69 -49.89 12.38
N TRP PB 40 109.73 -50.48 13.10
CA TRP PB 40 108.30 -50.42 12.75
C TRP PB 40 107.77 -49.00 12.61
N ASP PB 41 106.80 -48.85 11.70
CA ASP PB 41 106.24 -47.56 11.31
C ASP PB 41 104.75 -47.54 11.64
N SER PB 42 104.01 -46.58 11.08
CA SER PB 42 102.60 -46.36 11.40
C SER PB 42 101.67 -47.39 10.78
N LYS PB 43 101.88 -47.65 9.49
CA LYS PB 43 101.06 -48.59 8.73
C LYS PB 43 101.10 -49.99 9.33
N ILE PB 44 102.30 -50.42 9.72
CA ILE PB 44 102.53 -51.71 10.36
C ILE PB 44 101.76 -51.80 11.68
N LEU PB 45 101.87 -50.75 12.50
CA LEU PB 45 101.14 -50.65 13.77
C LEU PB 45 99.63 -50.76 13.58
N LYS PB 46 99.12 -50.07 12.57
CA LYS PB 46 97.70 -50.09 12.21
C LYS PB 46 97.24 -51.49 11.82
N GLU PB 47 98.03 -52.16 10.99
CA GLU PB 47 97.79 -53.55 10.58
C GLU PB 47 97.73 -54.49 11.77
N LYS PB 48 98.67 -54.33 12.70
CA LYS PB 48 98.73 -55.10 13.95
C LYS PB 48 97.46 -54.94 14.78
N GLY PB 49 97.00 -53.70 14.87
CA GLY PB 49 95.70 -53.37 15.50
C GLY PB 49 95.79 -52.56 16.78
N VAL PB 50 96.63 -51.53 16.78
CA VAL PB 50 96.72 -50.57 17.89
C VAL PB 50 95.80 -49.39 17.59
N ASN PB 51 95.61 -48.52 18.58
CA ASN PB 51 94.78 -47.31 18.40
C ASN PB 51 95.52 -46.26 17.58
N ILE PB 52 94.81 -45.20 17.18
CA ILE PB 52 95.41 -44.09 16.42
C ILE PB 52 96.27 -43.25 17.37
N GLN PB 53 95.68 -42.88 18.49
CA GLN PB 53 96.32 -42.02 19.50
C GLN PB 53 97.54 -42.69 20.11
N GLN PB 54 97.38 -43.97 20.45
CA GLN PB 54 98.48 -44.80 20.96
C GLN PB 54 99.63 -44.89 19.96
N ARG PB 55 99.28 -45.19 18.71
CA ARG PB 55 100.25 -45.26 17.59
C ARG PB 55 101.05 -43.97 17.47
N LYS PB 56 100.34 -42.84 17.45
CA LYS PB 56 100.94 -41.51 17.40
C LYS PB 56 101.92 -41.26 18.54
N TYR PB 57 101.50 -41.64 19.74
CA TYR PB 57 102.28 -41.42 20.95
C TYR PB 57 103.57 -42.23 20.95
N ILE PB 58 103.44 -43.53 20.66
CA ILE PB 58 104.58 -44.46 20.66
C ILE PB 58 105.68 -43.97 19.72
N LEU PB 59 105.29 -43.65 18.48
CA LEU PB 59 106.22 -43.16 17.45
C LEU PB 59 106.97 -41.91 17.89
N LYS PB 60 106.24 -41.00 18.51
CA LYS PB 60 106.81 -39.77 19.07
C LYS PB 60 107.85 -40.07 20.15
N GLN PB 61 107.51 -41.00 21.04
CA GLN PB 61 108.40 -41.40 22.12
C GLN PB 61 109.65 -42.15 21.63
N VAL PB 62 109.46 -42.95 20.58
CA VAL PB 62 110.58 -43.59 19.88
C VAL PB 62 111.53 -42.54 19.33
N HIS PB 63 110.96 -41.57 18.63
CA HIS PB 63 111.72 -40.45 18.05
C HIS PB 63 112.52 -39.69 19.11
N ASN PB 64 111.86 -39.37 20.22
CA ASN PB 64 112.50 -38.73 21.39
C ASN PB 64 113.68 -39.53 21.90
N TYR PB 65 113.48 -40.85 22.02
CA TYR PB 65 114.52 -41.78 22.47
C TYR PB 65 115.73 -41.77 21.54
N ARG PB 66 115.46 -41.78 20.24
CA ARG PB 66 116.50 -41.71 19.21
C ARG PB 66 117.32 -40.43 19.31
N ASN PB 67 116.62 -39.31 19.47
CA ASN PB 67 117.26 -38.00 19.67
C ASN PB 67 117.79 -37.77 21.10
N ASN PB 68 117.54 -38.71 22.00
CA ASN PB 68 117.97 -38.66 23.40
C ASN PB 68 117.34 -37.49 24.17
N ARG PB 69 116.05 -37.28 23.92
CA ARG PB 69 115.23 -36.34 24.67
C ARG PB 69 114.54 -37.15 25.78
N PRO PB 70 114.23 -36.50 26.92
CA PRO PB 70 113.72 -37.26 28.08
C PRO PB 70 112.26 -37.71 27.90
N ILE PB 71 112.07 -39.02 27.71
CA ILE PB 71 110.73 -39.58 27.60
C ILE PB 71 110.12 -39.77 29.00
N HIS PB 72 108.86 -39.37 29.13
CA HIS PB 72 108.07 -39.62 30.34
C HIS PB 72 106.60 -39.33 30.06
N GLU PB 73 105.73 -39.90 30.90
CA GLU PB 73 104.29 -39.78 30.70
C GLU PB 73 103.80 -38.34 30.94
N ILE PB 74 103.89 -37.53 29.89
CA ILE PB 74 103.23 -36.23 29.86
C ILE PB 74 101.76 -36.50 29.63
N LYS PB 75 100.97 -36.41 30.70
CA LYS PB 75 99.57 -36.82 30.68
C LYS PB 75 98.72 -35.90 29.81
N LEU PB 76 97.62 -36.45 29.30
CA LEU PB 76 96.67 -35.68 28.50
C LEU PB 76 95.92 -34.70 29.38
N GLY PB 77 95.47 -33.61 28.76
CA GLY PB 77 94.79 -32.52 29.45
C GLY PB 77 93.50 -32.96 30.12
N LYS PB 78 93.27 -32.42 31.31
CA LYS PB 78 92.13 -32.80 32.15
C LYS PB 78 91.28 -31.56 32.44
N LYS PB 79 89.96 -31.75 32.44
CA LYS PB 79 89.04 -30.67 32.83
C LYS PB 79 89.10 -30.49 34.34
N SER PB 80 88.74 -29.30 34.81
CA SER PB 80 88.75 -29.00 36.24
C SER PB 80 87.75 -29.85 37.01
N PHE PB 81 88.04 -30.12 38.28
CA PHE PB 81 87.17 -30.90 39.17
C PHE PB 81 85.72 -30.39 39.15
N PHE PB 82 85.58 -29.06 39.12
CA PHE PB 82 84.26 -28.44 39.01
C PHE PB 82 83.69 -28.68 37.60
N GLY PB 83 84.30 -28.07 36.59
CA GLY PB 83 83.87 -28.32 35.23
C GLY PB 83 84.67 -27.55 34.20
N GLY PB 84 84.30 -27.74 32.93
CA GLY PB 84 84.84 -26.93 31.86
C GLY PB 84 84.37 -25.49 32.05
N GLU PB 85 85.27 -24.53 31.80
CA GLU PB 85 84.99 -23.08 31.85
C GLU PB 85 83.53 -22.65 31.66
N ARG PB 86 82.84 -23.25 30.70
CA ARG PB 86 81.43 -22.97 30.43
C ARG PB 86 80.50 -23.46 31.55
N LYS PB 87 80.64 -24.74 31.91
CA LYS PB 87 79.75 -25.39 32.89
C LYS PB 87 80.05 -25.10 34.36
N ARG PB 88 81.20 -24.51 34.66
CA ARG PB 88 81.63 -24.27 36.06
C ARG PB 88 80.61 -23.54 36.91
N LYS PB 89 80.20 -22.35 36.45
CA LYS PB 89 79.33 -21.44 37.22
C LYS PB 89 78.16 -22.17 37.88
N ALA PB 90 77.49 -23.00 37.10
CA ALA PB 90 76.34 -23.78 37.55
C ALA PB 90 76.75 -24.95 38.42
N PHE PB 91 77.75 -25.69 37.94
CA PHE PB 91 78.26 -26.87 38.65
C PHE PB 91 78.74 -26.52 40.05
N THR PB 92 79.54 -25.45 40.14
CA THR PB 92 80.09 -24.96 41.39
C THR PB 92 78.97 -24.62 42.40
N ALA PB 93 77.95 -23.93 41.89
CA ALA PB 93 76.77 -23.57 42.69
C ALA PB 93 76.03 -24.80 43.22
N LYS PB 94 75.87 -25.80 42.35
CA LYS PB 94 75.26 -27.09 42.72
C LYS PB 94 76.06 -27.79 43.82
N TRP PB 95 77.38 -27.82 43.64
CA TRP PB 95 78.31 -28.41 44.61
C TRP PB 95 78.22 -27.74 45.98
N LYS PB 96 78.17 -26.41 45.97
CA LYS PB 96 77.97 -25.61 47.18
C LYS PB 96 76.67 -25.94 47.90
N ALA PB 97 75.60 -26.04 47.11
CA ALA PB 97 74.27 -26.38 47.63
C ALA PB 97 74.24 -27.76 48.28
N GLU PB 98 74.88 -28.73 47.62
CA GLU PB 98 75.04 -30.08 48.15
C GLU PB 98 75.77 -30.07 49.50
N ASN PB 99 76.87 -29.34 49.55
CA ASN PB 99 77.71 -29.25 50.75
C ASN PB 99 77.33 -28.05 51.61
N ILE QB 1 55.41 38.01 -98.85
CA ILE QB 1 55.56 39.28 -99.64
C ILE QB 1 55.72 38.98 -101.13
N HIS QB 2 54.98 39.69 -101.97
CA HIS QB 2 55.00 39.47 -103.42
C HIS QB 2 56.24 40.11 -104.02
N VAL QB 3 57.04 39.31 -104.72
CA VAL QB 3 58.25 39.79 -105.38
C VAL QB 3 58.24 39.34 -106.84
N VAL QB 4 58.91 40.11 -107.71
CA VAL QB 4 58.89 39.83 -109.15
C VAL QB 4 59.63 38.52 -109.46
N PRO QB 5 59.11 37.73 -110.42
CA PRO QB 5 59.78 36.48 -110.76
C PRO QB 5 61.03 36.68 -111.62
N LYS QB 6 61.98 35.77 -111.48
CA LYS QB 6 63.21 35.79 -112.27
C LYS QB 6 62.93 35.31 -113.69
N LEU QB 7 63.10 36.20 -114.66
CA LEU QB 7 62.91 35.85 -116.08
C LEU QB 7 64.11 35.04 -116.58
N PRO QB 8 63.90 34.18 -117.60
CA PRO QB 8 65.04 33.49 -118.22
C PRO QB 8 65.90 34.44 -119.04
N ASN QB 9 67.18 34.13 -119.15
CA ASN QB 9 68.22 35.04 -119.69
C ASN QB 9 68.01 36.52 -119.31
N SER QB 10 67.98 36.76 -118.00
CA SER QB 10 67.66 38.06 -117.41
C SER QB 10 68.73 39.11 -117.70
N LYS QB 11 69.99 38.72 -117.52
CA LYS QB 11 71.14 39.58 -117.79
C LYS QB 11 71.21 40.04 -119.25
N ALA QB 12 70.92 39.12 -120.17
CA ALA QB 12 70.85 39.41 -121.60
C ALA QB 12 69.76 40.43 -121.92
N LEU QB 13 68.57 40.20 -121.36
CA LEU QB 13 67.44 41.14 -121.44
C LEU QB 13 67.79 42.54 -120.94
N LEU QB 14 68.47 42.58 -119.80
CA LEU QB 14 68.92 43.84 -119.19
C LEU QB 14 69.86 44.59 -120.14
N GLN QB 15 70.80 43.86 -120.71
CA GLN QB 15 71.77 44.40 -121.67
C GLN QB 15 71.11 44.98 -122.92
N ASN QB 16 70.17 44.23 -123.48
CA ASN QB 16 69.58 44.54 -124.79
C ASN QB 16 68.14 45.07 -124.73
N GLY QB 17 67.27 44.31 -124.08
CA GLY QB 17 65.84 44.61 -124.00
C GLY QB 17 65.10 43.46 -124.64
N VAL QB 18 64.52 43.72 -125.82
CA VAL QB 18 63.99 42.66 -126.68
C VAL QB 18 64.31 43.03 -128.13
N PRO QB 19 64.98 42.12 -128.88
CA PRO QB 19 65.51 42.41 -130.23
C PRO QB 19 64.77 43.44 -131.09
N ASN QB 20 63.46 43.24 -131.26
CA ASN QB 20 62.66 44.05 -132.18
C ASN QB 20 61.74 45.10 -131.53
N ILE QB 21 61.00 44.70 -130.50
CA ILE QB 21 59.85 45.49 -130.02
C ILE QB 21 60.17 46.49 -128.90
N LEU QB 22 61.07 46.13 -127.99
CA LEU QB 22 61.37 46.94 -126.80
C LEU QB 22 62.88 47.12 -126.58
N SER QB 23 63.28 48.34 -126.24
CA SER QB 23 64.68 48.66 -125.96
C SER QB 23 65.09 48.16 -124.56
N SER QB 24 66.37 48.30 -124.26
CA SER QB 24 66.91 48.00 -122.92
C SER QB 24 66.21 48.81 -121.85
N SER QB 25 66.09 50.11 -122.12
CA SER QB 25 65.41 51.05 -121.23
C SER QB 25 63.90 50.79 -121.20
N GLY QB 26 63.32 50.66 -122.39
CA GLY QB 26 61.89 50.39 -122.54
C GLY QB 26 61.41 49.11 -121.88
N PHE QB 27 62.24 48.08 -121.90
CA PHE QB 27 61.92 46.82 -121.21
C PHE QB 27 62.02 46.98 -119.69
N LYS QB 28 63.02 47.73 -119.24
CA LYS QB 28 63.19 48.05 -117.82
C LYS QB 28 61.98 48.81 -117.28
N THR QB 29 61.52 49.79 -118.06
CA THR QB 29 60.36 50.61 -117.70
C THR QB 29 59.11 49.76 -117.55
N VAL QB 30 58.89 48.83 -118.49
CA VAL QB 30 57.69 48.00 -118.47
C VAL QB 30 57.74 46.90 -117.38
N TRP QB 31 58.92 46.33 -117.16
CA TRP QB 31 59.08 45.18 -116.25
C TRP QB 31 59.95 45.50 -115.05
N PHE QB 32 61.27 45.54 -115.22
CA PHE QB 32 62.21 45.60 -114.09
C PHE QB 32 61.95 46.71 -113.06
N ASP QB 33 61.24 47.76 -113.45
CA ASP QB 33 60.78 48.80 -112.52
C ASP QB 33 59.27 48.77 -112.25
N TYR QB 34 58.46 48.84 -113.31
CA TYR QB 34 56.99 48.97 -113.17
C TYR QB 34 56.34 47.76 -112.50
N GLN QB 35 56.75 46.57 -112.93
CA GLN QB 35 56.27 45.32 -112.34
C GLN QB 35 56.61 45.23 -110.85
N ARG QB 36 57.85 45.57 -110.53
CA ARG QB 36 58.35 45.66 -109.14
C ARG QB 36 57.50 46.60 -108.30
N TYR QB 37 57.27 47.80 -108.83
CA TYR QB 37 56.40 48.82 -108.21
C TYR QB 37 55.01 48.27 -107.91
N LEU QB 38 54.42 47.63 -108.92
CA LEU QB 38 53.11 46.97 -108.79
C LEU QB 38 53.08 45.92 -107.69
N CYS QB 39 54.10 45.07 -107.67
CA CYS QB 39 54.26 44.04 -106.64
C CYS QB 39 54.33 44.64 -105.24
N ASP QB 40 55.13 45.70 -105.11
CA ASP QB 40 55.28 46.44 -103.84
C ASP QB 40 53.95 47.01 -103.37
N LYS QB 41 53.21 47.63 -104.29
CA LYS QB 41 51.87 48.16 -104.02
C LYS QB 41 50.89 47.09 -103.54
N LEU QB 42 50.94 45.94 -104.21
CA LEU QB 42 50.09 44.80 -103.88
C LEU QB 42 50.41 44.27 -102.48
N THR QB 43 51.69 44.19 -102.16
CA THR QB 43 52.18 43.80 -100.84
C THR QB 43 51.68 44.76 -99.76
N LEU QB 44 51.81 46.05 -100.02
CA LEU QB 44 51.33 47.11 -99.11
C LEU QB 44 49.82 47.00 -98.84
N ALA QB 45 49.06 46.77 -99.90
CA ALA QB 45 47.61 46.56 -99.82
C ALA QB 45 47.28 45.33 -98.97
N THR QB 46 47.96 44.22 -99.27
CA THR QB 46 47.62 42.90 -98.76
C THR QB 46 48.73 42.33 -97.87
N ALA QB 47 49.21 43.13 -96.93
CA ALA QB 47 50.32 42.71 -96.06
C ALA QB 47 49.84 41.76 -94.97
N GLY QB 48 48.87 42.21 -94.18
CA GLY QB 48 48.35 41.47 -93.03
C GLY QB 48 47.03 40.75 -93.27
N GLN QB 49 46.45 40.91 -94.46
CA GLN QB 49 45.20 40.23 -94.83
C GLN QB 49 45.46 38.76 -95.13
N SER QB 50 44.37 38.01 -95.31
CA SER QB 50 44.46 36.62 -95.79
C SER QB 50 44.95 36.52 -97.24
N LEU QB 51 44.82 37.61 -98.00
CA LEU QB 51 45.28 37.68 -99.38
C LEU QB 51 46.81 37.56 -99.58
N GLU QB 52 47.59 37.79 -98.53
CA GLU QB 52 49.07 37.72 -98.61
C GLU QB 52 49.60 36.36 -99.14
N SER QB 53 48.93 35.28 -98.77
CA SER QB 53 49.35 33.93 -99.14
C SER QB 53 49.08 33.57 -100.61
N TYR QB 54 48.05 34.17 -101.20
CA TYR QB 54 47.58 33.79 -102.53
C TYR QB 54 48.41 34.41 -103.65
N TYR QB 55 48.42 33.75 -104.80
CA TYR QB 55 49.05 34.29 -106.02
C TYR QB 55 48.20 35.42 -106.60
N PRO QB 56 48.79 36.29 -107.47
CA PRO QB 56 48.05 37.41 -108.05
C PRO QB 56 46.75 37.04 -108.77
N PHE QB 57 46.80 36.01 -109.61
CA PHE QB 57 45.63 35.54 -110.34
C PHE QB 57 44.51 35.09 -109.39
N HIS QB 58 44.89 34.31 -108.39
CA HIS QB 58 43.93 33.81 -107.41
C HIS QB 58 43.36 34.93 -106.54
N ILE QB 59 44.19 35.92 -106.21
CA ILE QB 59 43.75 37.14 -105.52
C ILE QB 59 42.68 37.87 -106.35
N LEU QB 60 42.99 38.05 -107.64
CA LEU QB 60 42.08 38.75 -108.56
C LEU QB 60 40.72 38.06 -108.61
N LEU QB 61 40.74 36.74 -108.73
CA LEU QB 61 39.52 35.92 -108.79
C LEU QB 61 38.70 36.01 -107.51
N LYS QB 62 39.40 36.04 -106.37
CA LYS QB 62 38.78 36.24 -105.05
C LYS QB 62 38.10 37.60 -104.98
N THR QB 63 38.84 38.62 -105.41
CA THR QB 63 38.47 40.02 -105.24
C THR QB 63 37.41 40.51 -106.22
N ALA QB 64 37.38 39.95 -107.43
CA ALA QB 64 36.60 40.47 -108.56
C ALA QB 64 35.19 40.97 -108.22
N GLY QB 65 34.45 40.17 -107.46
CA GLY QB 65 33.07 40.50 -107.09
C GLY QB 65 32.90 41.64 -106.09
N ASN QB 66 33.94 41.89 -105.28
CA ASN QB 66 33.87 42.90 -104.22
C ASN QB 66 34.02 44.32 -104.82
N PRO QB 67 33.05 45.23 -104.57
CA PRO QB 67 33.17 46.59 -105.11
C PRO QB 67 34.26 47.39 -104.41
N LEU QB 68 34.24 47.41 -103.09
CA LEU QB 68 35.38 47.88 -102.31
C LEU QB 68 36.53 46.88 -102.44
N GLN QB 69 37.73 47.35 -102.12
CA GLN QB 69 38.98 46.61 -102.36
C GLN QB 69 39.22 46.38 -103.88
N SER QB 70 38.74 47.32 -104.70
CA SER QB 70 39.00 47.33 -106.14
C SER QB 70 40.46 47.63 -106.47
N ASN QB 71 41.12 48.40 -105.60
CA ASN QB 71 42.55 48.68 -105.74
C ASN QB 71 43.40 47.41 -105.78
N ILE QB 72 43.11 46.49 -104.87
CA ILE QB 72 43.78 45.18 -104.82
C ILE QB 72 43.59 44.42 -106.12
N PHE QB 73 42.35 44.36 -106.57
CA PHE QB 73 41.99 43.72 -107.84
C PHE QB 73 42.78 44.29 -109.00
N ASN QB 74 42.78 45.63 -109.09
CA ASN QB 74 43.50 46.36 -110.13
C ASN QB 74 44.97 45.99 -110.16
N LEU QB 75 45.60 46.03 -108.99
CA LEU QB 75 47.03 45.70 -108.85
C LEU QB 75 47.32 44.25 -109.26
N ALA QB 76 46.54 43.33 -108.69
CA ALA QB 76 46.64 41.90 -109.00
C ALA QB 76 46.44 41.62 -110.49
N SER QB 77 45.43 42.26 -111.07
CA SER QB 77 45.14 42.16 -112.50
C SER QB 77 46.33 42.62 -113.32
N SER QB 78 46.86 43.80 -112.98
CA SER QB 78 48.02 44.38 -113.66
C SER QB 78 49.23 43.44 -113.64
N ILE QB 79 49.52 42.91 -112.45
CA ILE QB 79 50.68 42.05 -112.22
C ILE QB 79 50.63 40.80 -113.10
N HIS QB 80 49.47 40.15 -113.09
CA HIS QB 80 49.23 38.95 -113.88
C HIS QB 80 49.28 39.24 -115.37
N ASN QB 81 48.52 40.25 -115.78
CA ASN QB 81 48.46 40.69 -117.19
C ASN QB 81 49.82 41.09 -117.74
N ASN QB 82 50.58 41.82 -116.94
CA ASN QB 82 51.92 42.26 -117.34
C ASN QB 82 52.86 41.08 -117.51
N HIS QB 83 52.80 40.10 -116.61
CA HIS QB 83 53.67 38.93 -116.75
C HIS QB 83 53.27 38.03 -117.92
N LEU QB 84 51.97 37.91 -118.19
CA LEU QB 84 51.47 37.26 -119.42
C LEU QB 84 52.06 37.91 -120.67
N PHE QB 85 51.99 39.24 -120.70
CA PHE QB 85 52.56 40.05 -121.78
C PHE QB 85 54.05 39.82 -121.97
N VAL QB 86 54.78 39.78 -120.87
CA VAL QB 86 56.22 39.52 -120.88
C VAL QB 86 56.52 38.11 -121.39
N GLU QB 87 55.73 37.14 -120.94
CA GLU QB 87 55.85 35.74 -121.39
C GLU QB 87 55.65 35.63 -122.90
N ASN QB 88 54.64 36.32 -123.41
CA ASN QB 88 54.37 36.41 -124.84
C ASN QB 88 55.54 37.00 -125.61
N ILE QB 89 56.10 38.08 -125.08
CA ILE QB 89 57.25 38.75 -125.67
C ILE QB 89 58.48 37.83 -125.83
N LEU QB 90 58.85 37.15 -124.73
CA LEU QB 90 60.21 36.59 -124.57
C LEU QB 90 60.74 35.80 -125.78
N PRO QB 91 62.03 35.99 -126.14
CA PRO QB 91 62.58 35.28 -127.30
C PRO QB 91 62.77 33.78 -127.08
N SER QB 92 63.21 33.39 -125.89
CA SER QB 92 63.42 31.98 -125.55
C SER QB 92 63.37 31.75 -124.03
N ALA QB 93 63.32 30.48 -123.62
CA ALA QB 93 63.30 30.11 -122.21
C ALA QB 93 63.82 28.69 -122.01
N LYS QB 105 63.72 29.28 -134.67
CA LYS QB 105 62.56 30.15 -134.52
C LYS QB 105 61.26 29.35 -134.42
N THR QB 106 60.37 29.78 -133.53
CA THR QB 106 59.09 29.12 -133.30
C THR QB 106 57.98 29.77 -134.13
N GLU QB 107 57.17 28.94 -134.78
CA GLU QB 107 56.02 29.39 -135.56
C GLU QB 107 54.72 29.18 -134.78
N PRO QB 108 53.62 29.86 -135.18
CA PRO QB 108 52.31 29.54 -134.59
C PRO QB 108 51.85 28.13 -134.94
N SER QB 109 51.13 27.49 -134.02
CA SER QB 109 50.71 26.09 -134.18
C SER QB 109 49.63 25.94 -135.25
N ARG QB 110 49.55 24.72 -135.79
CA ARG QB 110 48.55 24.34 -136.79
C ARG QB 110 47.14 24.32 -136.18
N LEU QB 111 47.05 23.77 -134.97
CA LEU QB 111 45.80 23.73 -134.21
C LEU QB 111 45.25 25.13 -133.96
N PHE QB 112 46.12 26.01 -133.49
CA PHE QB 112 45.79 27.42 -133.25
C PHE QB 112 45.25 28.11 -134.51
N LEU QB 113 45.92 27.89 -135.64
CA LEU QB 113 45.48 28.41 -136.93
C LEU QB 113 44.10 27.90 -137.35
N SER QB 114 43.87 26.61 -137.12
CA SER QB 114 42.57 25.98 -137.40
C SER QB 114 41.45 26.58 -136.54
N LYS QB 115 41.76 26.80 -135.27
CA LYS QB 115 40.83 27.45 -134.33
C LYS QB 115 40.47 28.88 -134.76
N ILE QB 116 41.50 29.63 -135.16
CA ILE QB 116 41.32 30.99 -135.70
C ILE QB 116 40.39 31.00 -136.90
N LYS QB 117 40.68 30.10 -137.85
CA LYS QB 117 39.88 29.93 -139.07
C LYS QB 117 38.42 29.65 -138.75
N ASP QB 118 38.20 28.75 -137.80
CA ASP QB 118 36.86 28.41 -137.32
C ASP QB 118 36.14 29.63 -136.75
N SER QB 119 36.86 30.42 -135.97
CA SER QB 119 36.31 31.61 -135.30
C SER QB 119 35.93 32.74 -136.25
N PHE QB 120 36.90 33.23 -137.02
CA PHE QB 120 36.76 34.48 -137.79
C PHE QB 120 36.34 34.27 -139.25
N ASN QB 121 35.27 33.49 -139.45
CA ASN QB 121 34.69 33.26 -140.79
C ASN QB 121 35.68 32.78 -141.86
N GLY QB 122 36.64 31.96 -141.44
CA GLY QB 122 37.67 31.43 -142.35
C GLY QB 122 38.67 32.44 -142.87
N SER QB 123 39.03 33.42 -142.03
CA SER QB 123 39.98 34.47 -142.41
C SER QB 123 41.42 34.05 -142.09
N ASP QB 124 42.37 34.81 -142.63
CA ASP QB 124 43.81 34.54 -142.45
C ASP QB 124 44.27 35.10 -141.10
N TRP QB 125 45.43 34.62 -140.64
CA TRP QB 125 46.03 35.09 -139.39
C TRP QB 125 46.48 36.58 -139.46
N GLU QB 126 46.99 36.98 -140.62
CA GLU QB 126 47.35 38.38 -140.89
C GLU QB 126 46.14 39.31 -140.79
N VAL QB 127 45.02 38.86 -141.32
CA VAL QB 127 43.74 39.58 -141.28
C VAL QB 127 43.28 39.76 -139.83
N VAL QB 128 43.37 38.68 -139.06
CA VAL QB 128 43.00 38.67 -137.64
C VAL QB 128 43.83 39.67 -136.84
N LYS QB 129 45.15 39.62 -137.06
CA LYS QB 129 46.09 40.59 -136.48
C LYS QB 129 45.67 42.03 -136.78
N GLU QB 130 45.35 42.28 -138.04
CA GLU QB 130 44.91 43.59 -138.53
C GLU QB 130 43.63 44.05 -137.82
N GLU QB 131 42.69 43.12 -137.66
CA GLU QB 131 41.45 43.39 -136.93
C GLU QB 131 41.71 43.72 -135.46
N MET QB 132 42.64 42.98 -134.85
CA MET QB 132 43.07 43.21 -133.46
C MET QB 132 43.66 44.61 -133.26
N ILE QB 133 44.59 44.98 -134.14
CA ILE QB 133 45.22 46.32 -134.08
C ILE QB 133 44.21 47.45 -134.29
N TYR QB 134 43.25 47.23 -135.18
CA TYR QB 134 42.16 48.18 -135.41
C TYR QB 134 41.31 48.37 -134.14
N ARG QB 135 40.99 47.25 -133.50
CA ARG QB 135 40.23 47.24 -132.23
C ARG QB 135 40.97 48.01 -131.15
N ALA QB 136 42.27 47.73 -131.03
CA ALA QB 136 43.17 48.41 -130.08
C ALA QB 136 43.18 49.93 -130.30
N GLU QB 137 43.29 50.32 -131.56
CA GLU QB 137 43.26 51.73 -131.96
C GLU QB 137 41.96 52.43 -131.56
N ASN QB 138 40.84 51.76 -131.84
CA ASN QB 138 39.50 52.36 -131.71
C ASN QB 138 38.96 52.31 -130.28
N GLU QB 139 39.01 51.12 -129.67
CA GLU QB 139 38.33 50.88 -128.38
C GLU QB 139 38.95 51.65 -127.22
N VAL QB 140 40.15 51.26 -126.82
CA VAL QB 140 40.76 51.79 -125.59
C VAL QB 140 41.38 53.17 -125.81
N LEU QB 141 40.92 54.15 -125.02
CA LEU QB 141 41.58 55.44 -124.90
C LEU QB 141 42.42 55.40 -123.63
N GLY QB 142 43.57 56.07 -123.65
CA GLY QB 142 44.47 56.11 -122.51
C GLY QB 142 45.26 54.82 -122.35
N GLN QB 143 45.03 54.13 -121.24
CA GLN QB 143 45.74 52.89 -120.90
C GLN QB 143 44.86 51.69 -121.27
N GLY QB 144 45.36 50.47 -120.99
CA GLY QB 144 44.57 49.26 -121.19
C GLY QB 144 45.34 48.02 -121.59
N TRP QB 145 44.59 47.01 -122.00
CA TRP QB 145 45.12 45.71 -122.42
C TRP QB 145 44.38 45.23 -123.67
N LEU QB 146 45.08 44.43 -124.48
CA LEU QB 146 44.53 43.86 -125.71
C LEU QB 146 44.76 42.34 -125.70
N PHE QB 147 43.70 41.59 -125.41
CA PHE QB 147 43.75 40.12 -125.35
C PHE QB 147 43.12 39.49 -126.58
N LEU QB 148 43.67 38.32 -126.94
CA LEU QB 148 43.01 37.39 -127.85
C LEU QB 148 42.67 36.21 -126.95
N VAL QB 149 41.39 36.03 -126.65
CA VAL QB 149 40.95 35.02 -125.66
C VAL QB 149 40.24 33.83 -126.29
N GLU QB 150 40.05 32.80 -125.47
CA GLU QB 150 39.27 31.60 -125.83
C GLU QB 150 38.30 31.31 -124.69
N ASN QB 151 37.03 31.03 -125.03
CA ASN QB 151 35.98 30.75 -124.05
C ASN QB 151 35.50 29.29 -124.12
N ASN QB 152 34.53 28.93 -123.27
CA ASN QB 152 33.97 27.57 -123.22
C ASN QB 152 33.41 27.04 -124.56
N GLU QB 153 32.97 27.95 -125.42
CA GLU QB 153 32.77 27.64 -126.84
C GLU QB 153 34.13 27.79 -127.50
N LYS QB 154 34.62 26.70 -128.10
CA LYS QB 154 36.03 26.58 -128.52
C LYS QB 154 36.59 27.70 -129.43
N LYS QB 155 35.72 28.47 -130.07
CA LYS QB 155 36.14 29.61 -130.89
C LYS QB 155 36.77 30.74 -130.05
N LEU QB 156 37.74 31.43 -130.65
CA LEU QB 156 38.45 32.55 -130.01
C LEU QB 156 37.75 33.86 -130.30
N PHE QB 157 38.10 34.90 -129.55
CA PHE QB 157 37.71 36.27 -129.89
C PHE QB 157 38.62 37.33 -129.26
N ILE QB 158 38.52 38.54 -129.79
CA ILE QB 158 39.37 39.66 -129.38
C ILE QB 158 38.69 40.39 -128.23
N LEU QB 159 39.48 40.73 -127.21
CA LEU QB 159 38.97 41.34 -125.97
C LEU QB 159 39.89 42.49 -125.54
N THR QB 160 39.35 43.71 -125.60
CA THR QB 160 40.05 44.90 -125.10
C THR QB 160 39.60 45.20 -123.67
N SER QB 161 40.53 45.70 -122.85
CA SER QB 161 40.23 46.14 -121.47
C SER QB 161 40.86 47.51 -121.26
N ASN QB 162 40.20 48.35 -120.45
CA ASN QB 162 40.48 49.79 -120.41
C ASN QB 162 41.56 50.30 -119.44
N ASN QB 163 41.98 49.48 -118.48
CA ASN QB 163 43.21 49.78 -117.70
C ASN QB 163 43.77 48.56 -116.95
N ASN QB 164 42.96 47.98 -116.06
CA ASN QB 164 43.33 46.77 -115.32
C ASN QB 164 42.17 45.77 -115.36
N GLY QB 165 41.47 45.72 -116.49
CA GLY QB 165 40.36 44.81 -116.69
C GLY QB 165 40.89 43.45 -117.08
N THR QB 166 40.41 42.41 -116.39
CA THR QB 166 40.88 41.05 -116.61
C THR QB 166 40.14 40.39 -117.77
N PRO QB 167 40.85 39.57 -118.57
CA PRO QB 167 40.16 38.80 -119.61
C PRO QB 167 39.34 37.62 -119.04
N TYR QB 168 39.65 37.21 -117.81
CA TYR QB 168 39.12 35.97 -117.23
C TYR QB 168 37.65 36.06 -116.82
N TYR QB 169 37.29 37.11 -116.10
CA TYR QB 169 36.00 37.23 -115.42
C TYR QB 169 35.21 38.40 -116.03
N PHE QB 170 34.12 38.09 -116.74
CA PHE QB 170 33.49 39.06 -117.65
C PHE QB 170 32.89 40.33 -117.00
N PRO QB 171 32.44 40.24 -115.73
CA PRO QB 171 32.02 41.48 -115.04
C PRO QB 171 33.14 42.48 -114.78
N ARG QB 172 34.38 41.98 -114.68
CA ARG QB 172 35.56 42.84 -114.63
C ARG QB 172 36.42 42.72 -115.90
N ASN QB 173 35.75 42.61 -117.06
CA ASN QB 173 36.42 42.77 -118.37
C ASN QB 173 36.88 44.20 -118.54
N GLN QB 174 36.06 45.14 -118.07
CA GLN QB 174 36.34 46.57 -118.14
C GLN QB 174 36.51 46.97 -119.61
N SER QB 175 35.58 46.49 -120.41
CA SER QB 175 35.74 46.40 -121.87
C SER QB 175 35.41 47.67 -122.65
N PHE QB 176 34.61 48.57 -122.06
CA PHE QB 176 34.27 49.83 -122.71
C PHE QB 176 33.97 50.94 -121.71
N ASP QB 177 34.25 52.17 -122.12
CA ASP QB 177 34.23 53.35 -121.24
C ASP QB 177 32.89 54.07 -121.25
N LEU QB 178 32.22 54.10 -120.10
CA LEU QB 178 30.96 54.83 -119.92
C LEU QB 178 31.20 56.28 -119.47
N ASN QB 179 32.47 56.66 -119.27
CA ASN QB 179 32.83 58.07 -119.08
C ASN QB 179 32.48 58.87 -120.33
N SER QB 180 32.80 58.29 -121.49
CA SER QB 180 32.33 58.78 -122.79
C SER QB 180 30.91 58.28 -123.05
N ALA QB 181 30.31 58.76 -124.15
CA ALA QB 181 28.99 58.30 -124.57
C ALA QB 181 29.07 56.88 -125.15
N ILE QB 182 27.99 56.13 -125.03
CA ILE QB 182 27.93 54.73 -125.49
C ILE QB 182 26.74 54.47 -126.41
N SER QB 183 26.82 53.36 -127.14
CA SER QB 183 25.78 52.94 -128.08
C SER QB 183 24.57 52.33 -127.36
N ILE QB 184 23.55 52.01 -128.15
CA ILE QB 184 22.34 51.35 -127.66
C ILE QB 184 22.64 49.87 -127.44
N ASP QB 185 23.31 49.28 -128.43
CA ASP QB 185 23.68 47.85 -128.41
C ASP QB 185 24.59 47.52 -127.22
N GLU QB 186 25.56 48.38 -126.98
CA GLU QB 186 26.48 48.26 -125.84
C GLU QB 186 25.75 48.30 -124.51
N PHE QB 187 24.81 49.24 -124.40
CA PHE QB 187 23.96 49.38 -123.21
C PHE QB 187 23.13 48.12 -122.96
N ALA QB 188 22.51 47.61 -124.02
CA ALA QB 188 21.73 46.37 -123.98
C ALA QB 188 22.57 45.19 -123.49
N THR QB 189 23.79 45.08 -124.02
CA THR QB 189 24.76 44.05 -123.63
C THR QB 189 25.10 44.14 -122.14
N LEU QB 190 25.37 45.37 -121.69
CA LEU QB 190 25.62 45.65 -120.26
C LEU QB 190 24.46 45.21 -119.38
N LYS QB 191 23.24 45.56 -119.81
CA LYS QB 191 22.01 45.20 -119.10
C LYS QB 191 21.84 43.68 -118.97
N GLN QB 192 22.15 42.99 -120.07
CA GLN QB 192 22.12 41.52 -120.14
C GLN QB 192 23.13 40.91 -119.17
N MET QB 193 24.34 41.46 -119.17
CA MET QB 193 25.39 41.03 -118.23
C MET QB 193 24.93 41.17 -116.78
N LYS QB 194 24.42 42.35 -116.45
CA LYS QB 194 23.88 42.65 -115.12
C LYS QB 194 22.82 41.65 -114.68
N GLU QB 195 21.90 41.36 -115.60
CA GLU QB 195 20.83 40.37 -115.37
C GLU QB 195 21.43 39.01 -115.05
N LEU QB 196 22.38 38.58 -115.87
CA LEU QB 196 23.12 37.31 -115.69
C LEU QB 196 23.77 37.23 -114.31
N ILE QB 197 24.43 38.33 -113.93
CA ILE QB 197 25.05 38.47 -112.61
C ILE QB 197 24.04 38.29 -111.47
N GLY QB 198 22.90 38.96 -111.61
CA GLY QB 198 21.81 38.85 -110.63
C GLY QB 198 21.24 37.44 -110.53
N LYS QB 199 21.18 36.75 -111.67
CA LYS QB 199 20.74 35.35 -111.73
C LYS QB 199 21.67 34.35 -111.01
N SER QB 200 22.94 34.71 -110.85
CA SER QB 200 23.95 33.84 -110.20
C SER QB 200 23.47 33.22 -108.87
N THR QB 201 22.88 34.05 -108.02
CA THR QB 201 22.35 33.64 -106.71
C THR QB 201 23.36 32.93 -105.81
N LYS QB 202 24.36 33.70 -105.38
CA LYS QB 202 25.27 33.31 -104.30
C LYS QB 202 25.49 34.50 -103.38
N LEU QB 203 26.07 34.24 -102.21
CA LEU QB 203 26.20 35.27 -101.17
C LEU QB 203 27.19 36.35 -101.60
N ASN QB 204 28.33 35.91 -102.14
CA ASN QB 204 29.29 36.81 -102.79
C ASN QB 204 28.76 37.40 -104.11
N GLY QB 205 28.00 36.60 -104.85
CA GLY QB 205 27.40 37.04 -106.11
C GLY QB 205 28.41 37.07 -107.23
N LYS QB 206 28.88 35.88 -107.61
CA LYS QB 206 29.93 35.73 -108.62
C LYS QB 206 29.58 34.65 -109.64
N VAL QB 207 29.49 35.06 -110.90
CA VAL QB 207 29.16 34.15 -112.00
C VAL QB 207 30.30 33.19 -112.35
N GLN QB 208 29.94 32.15 -113.10
CA GLN QB 208 30.90 31.21 -113.66
C GLN QB 208 31.38 31.75 -115.01
N ASP QB 209 32.68 31.60 -115.27
CA ASP QB 209 33.29 32.08 -116.51
C ASP QB 209 34.60 31.33 -116.78
N TRP QB 210 34.78 30.92 -118.04
CA TRP QB 210 35.93 30.09 -118.44
C TRP QB 210 36.69 30.69 -119.62
N THR QB 211 36.83 32.02 -119.61
CA THR QB 211 37.62 32.72 -120.62
C THR QB 211 39.11 32.62 -120.25
N MET QB 212 39.93 32.23 -121.24
CA MET QB 212 41.37 32.08 -121.06
C MET QB 212 42.08 32.97 -122.07
N PRO QB 213 43.12 33.73 -121.64
CA PRO QB 213 43.87 34.57 -122.58
C PRO QB 213 44.90 33.76 -123.36
N ILE QB 214 44.99 34.01 -124.67
CA ILE QB 214 45.97 33.35 -125.55
C ILE QB 214 47.09 34.32 -125.93
N ILE QB 215 46.74 35.55 -126.32
CA ILE QB 215 47.72 36.62 -126.59
C ILE QB 215 47.29 37.92 -125.89
N CYS QB 216 47.76 38.10 -124.67
CA CYS QB 216 47.75 39.40 -124.00
C CYS QB 216 48.78 40.36 -124.61
N VAL QB 217 48.38 41.63 -124.77
CA VAL QB 217 49.29 42.71 -125.16
C VAL QB 217 49.03 43.90 -124.24
N ASN QB 218 50.11 44.59 -123.87
CA ASN QB 218 50.08 45.66 -122.87
C ASN QB 218 49.96 47.02 -123.54
N LEU QB 219 48.75 47.58 -123.50
CA LEU QB 219 48.48 48.90 -124.12
C LEU QB 219 48.68 50.06 -123.13
N TRP QB 220 49.28 49.78 -121.98
CA TRP QB 220 49.78 50.83 -121.08
C TRP QB 220 50.97 51.57 -121.70
N ASP QB 221 51.18 52.80 -121.24
CA ASP QB 221 52.31 53.62 -121.67
C ASP QB 221 53.67 53.19 -121.11
N HIS QB 222 53.67 52.31 -120.11
CA HIS QB 222 54.91 51.79 -119.53
C HIS QB 222 55.72 50.91 -120.51
N ALA QB 223 55.04 50.32 -121.50
CA ALA QB 223 55.70 49.54 -122.55
C ALA QB 223 56.26 50.42 -123.66
N TYR QB 224 55.37 51.14 -124.35
CA TYR QB 224 55.70 51.78 -125.63
C TYR QB 224 56.28 53.20 -125.56
N LEU QB 225 55.80 54.02 -124.61
CA LEU QB 225 56.03 55.47 -124.63
C LEU QB 225 57.50 55.91 -124.72
N HIS QB 226 58.40 55.14 -124.09
CA HIS QB 226 59.83 55.42 -124.18
C HIS QB 226 60.36 55.27 -125.61
N ASP QB 227 60.01 54.15 -126.24
CA ASP QB 227 60.53 53.79 -127.56
C ASP QB 227 59.75 54.48 -128.68
N TYR QB 228 58.43 54.37 -128.63
CA TYR QB 228 57.54 54.77 -129.71
C TYR QB 228 56.96 56.19 -129.58
N GLY QB 229 57.19 56.86 -128.45
CA GLY QB 229 56.61 58.18 -128.19
C GLY QB 229 55.15 58.07 -127.81
N VAL QB 230 54.46 59.21 -127.73
CA VAL QB 230 53.05 59.23 -127.32
C VAL QB 230 52.10 58.67 -128.39
N GLY QB 231 52.42 58.95 -129.66
CA GLY QB 231 51.75 58.28 -130.78
C GLY QB 231 52.38 56.92 -131.01
N ASN QB 232 52.02 56.29 -132.12
CA ASN QB 232 52.64 55.03 -132.58
C ASN QB 232 52.41 53.84 -131.63
N ARG QB 233 51.34 53.88 -130.84
CA ARG QB 233 50.95 52.75 -130.00
C ARG QB 233 50.50 51.59 -130.87
N SER QB 234 49.73 51.90 -131.91
CA SER QB 234 49.32 50.92 -132.92
C SER QB 234 50.53 50.21 -133.54
N LYS QB 235 51.51 51.00 -133.97
CA LYS QB 235 52.77 50.50 -134.54
C LYS QB 235 53.49 49.54 -133.58
N TYR QB 236 53.56 49.95 -132.32
CA TYR QB 236 54.12 49.12 -131.24
C TYR QB 236 53.37 47.78 -131.12
N VAL QB 237 52.05 47.85 -131.11
CA VAL QB 237 51.19 46.66 -131.03
C VAL QB 237 51.45 45.71 -132.19
N LYS QB 238 51.53 46.27 -133.39
CA LYS QB 238 51.86 45.53 -134.61
C LYS QB 238 53.20 44.81 -134.49
N ASN QB 239 54.21 45.54 -134.04
CA ASN QB 239 55.56 44.99 -133.80
C ASN QB 239 55.55 43.82 -132.82
N VAL QB 240 54.81 44.00 -131.73
CA VAL QB 240 54.63 42.95 -130.71
C VAL QB 240 54.01 41.69 -131.31
N LEU QB 241 52.96 41.88 -132.09
CA LEU QB 241 52.26 40.80 -132.79
C LEU QB 241 53.19 40.04 -133.75
N ASP QB 242 53.99 40.79 -134.49
CA ASP QB 242 54.98 40.23 -135.42
C ASP QB 242 55.99 39.33 -134.69
N ASN QB 243 56.57 39.85 -133.61
CA ASN QB 243 57.60 39.15 -132.85
C ASN QB 243 57.13 38.83 -131.43
N LEU QB 244 56.50 37.66 -131.27
CA LEU QB 244 56.14 37.13 -129.95
C LEU QB 244 56.47 35.64 -129.85
N ASN QB 245 56.67 35.18 -128.61
CA ASN QB 245 56.91 33.77 -128.31
C ASN QB 245 55.68 32.94 -128.67
N TRP QB 246 55.82 32.14 -129.72
CA TRP QB 246 54.73 31.33 -130.23
C TRP QB 246 54.56 30.02 -129.47
N SER QB 247 55.67 29.45 -129.00
CA SER QB 247 55.65 28.23 -128.19
C SER QB 247 54.81 28.39 -126.92
N VAL QB 248 55.00 29.53 -126.25
CA VAL QB 248 54.22 29.90 -125.06
C VAL QB 248 52.72 29.96 -125.37
N VAL QB 249 52.39 30.64 -126.47
CA VAL QB 249 51.02 30.78 -126.95
C VAL QB 249 50.38 29.42 -127.21
N ASN QB 250 51.12 28.56 -127.90
CA ASN QB 250 50.69 27.19 -128.21
C ASN QB 250 50.40 26.40 -126.95
N ASN QB 251 51.28 26.52 -125.97
CA ASN QB 251 51.12 25.89 -124.66
C ASN QB 251 49.83 26.30 -123.93
N ARG QB 252 49.49 27.58 -124.01
CA ARG QB 252 48.27 28.10 -123.35
C ARG QB 252 47.02 28.10 -124.25
N ILE QB 253 46.88 27.06 -125.08
CA ILE QB 253 45.79 26.98 -126.08
C ILE QB 253 44.92 25.71 -125.91
N PHE QB 254 45.54 24.54 -125.82
CA PHE QB 254 44.81 23.27 -125.81
C PHE QB 254 44.24 22.95 -124.43
N SER QB 255 43.09 22.28 -124.42
CA SER QB 255 42.42 21.88 -123.18
C SER QB 255 43.14 20.68 -122.55
N ALA RB 18 49.97 76.55 -128.61
CA ALA RB 18 48.73 77.28 -128.19
C ALA RB 18 49.00 78.27 -127.04
N LEU RB 19 49.58 77.76 -125.97
CA LEU RB 19 49.87 78.56 -124.77
C LEU RB 19 51.12 79.43 -124.91
N GLU RB 20 51.20 80.45 -124.05
CA GLU RB 20 52.28 81.44 -124.08
C GLU RB 20 53.44 81.08 -123.15
N HIS RB 21 53.10 80.74 -121.90
CA HIS RB 21 54.10 80.54 -120.83
C HIS RB 21 55.12 79.42 -121.07
N LEU RB 22 54.78 78.42 -121.90
CA LEU RB 22 55.70 77.34 -122.25
C LEU RB 22 56.11 77.41 -123.73
N LYS RB 23 57.30 76.89 -124.03
CA LYS RB 23 57.88 76.90 -125.38
C LYS RB 23 58.72 75.65 -125.64
N GLU RB 24 59.04 75.44 -126.92
CA GLU RB 24 59.70 74.21 -127.38
C GLU RB 24 61.17 74.09 -126.96
N GLY RB 25 61.88 75.21 -126.95
CA GLY RB 25 63.30 75.22 -126.59
C GLY RB 25 63.56 75.04 -125.10
N ALA RB 26 63.02 75.95 -124.30
CA ALA RB 26 63.25 75.99 -122.85
C ALA RB 26 61.95 75.85 -122.05
N PRO RB 27 61.65 74.61 -121.58
CA PRO RB 27 60.56 74.35 -120.63
C PRO RB 27 60.67 75.05 -119.26
N LEU RB 28 59.74 74.69 -118.38
CA LEU RB 28 59.71 75.21 -117.01
C LEU RB 28 60.88 74.64 -116.20
N LYS RB 29 61.45 75.48 -115.33
CA LYS RB 29 62.56 75.06 -114.46
C LYS RB 29 62.10 74.07 -113.39
N GLY RB 30 60.86 74.21 -112.95
CA GLY RB 30 60.29 73.35 -111.92
C GLY RB 30 60.01 71.92 -112.37
N LEU RB 31 58.98 71.77 -113.20
CA LEU RB 31 58.45 70.46 -113.56
C LEU RB 31 59.28 69.71 -114.61
N PHE RB 32 59.11 70.09 -115.88
CA PHE RB 32 59.53 69.24 -117.00
C PHE RB 32 60.92 69.61 -117.53
N SER RB 33 61.46 68.73 -118.37
CA SER RB 33 62.78 68.91 -119.01
C SER RB 33 62.63 69.16 -120.50
N ILE RB 34 63.74 69.57 -121.14
CA ILE RB 34 63.75 69.97 -122.56
C ILE RB 34 63.13 68.95 -123.53
N GLU RB 35 63.32 67.67 -123.24
CA GLU RB 35 62.77 66.56 -124.02
C GLU RB 35 61.46 66.08 -123.41
N GLY RB 36 61.47 65.88 -122.09
CA GLY RB 36 60.31 65.37 -121.36
C GLY RB 36 59.06 66.23 -121.45
N LEU RB 37 59.25 67.55 -121.46
CA LEU RB 37 58.15 68.51 -121.66
C LEU RB 37 57.49 68.31 -123.02
N GLN RB 38 58.33 68.25 -124.05
CA GLN RB 38 57.89 68.04 -125.44
C GLN RB 38 57.07 66.76 -125.58
N LYS RB 39 57.58 65.68 -124.99
CA LYS RB 39 56.88 64.39 -124.95
C LYS RB 39 55.51 64.49 -124.29
N ALA RB 40 55.47 65.20 -123.16
CA ALA RB 40 54.25 65.42 -122.40
C ALA RB 40 53.19 66.21 -123.18
N TRP RB 41 53.61 67.33 -123.78
CA TRP RB 41 52.67 68.37 -124.21
C TRP RB 41 52.63 68.59 -125.73
N PHE RB 42 53.76 69.02 -126.30
CA PHE RB 42 53.80 69.42 -127.72
C PHE RB 42 53.42 68.29 -128.68
N ASP RB 43 53.91 67.08 -128.39
CA ASP RB 43 53.62 65.90 -129.20
C ASP RB 43 52.18 65.41 -129.03
N ARG RB 44 51.73 65.34 -127.78
CA ARG RB 44 50.36 64.93 -127.46
C ARG RB 44 49.31 65.79 -128.15
N VAL RB 45 49.48 67.11 -128.03
CA VAL RB 45 48.57 68.09 -128.63
C VAL RB 45 48.48 67.89 -130.14
N LYS RB 46 49.63 67.75 -130.79
CA LYS RB 46 49.73 67.46 -132.23
C LYS RB 46 48.98 66.20 -132.62
N TYR RB 47 49.20 65.13 -131.86
CA TYR RB 47 48.51 63.86 -132.05
C TYR RB 47 47.00 64.01 -132.00
N LEU RB 48 46.53 64.74 -130.99
CA LEU RB 48 45.10 64.97 -130.76
C LEU RB 48 44.43 65.80 -131.87
N ASP RB 49 45.04 66.94 -132.19
CA ASP RB 49 44.52 67.85 -133.22
C ASP RB 49 44.39 67.17 -134.58
N ALA RB 50 45.44 66.46 -134.97
CA ALA RB 50 45.48 65.69 -136.22
C ALA RB 50 44.39 64.62 -136.27
N LYS RB 51 44.21 63.94 -135.14
CA LYS RB 51 43.16 62.92 -134.98
C LYS RB 51 41.77 63.52 -135.14
N LEU RB 52 41.58 64.68 -134.51
CA LEU RB 52 40.32 65.43 -134.58
C LEU RB 52 39.99 65.84 -136.02
N ASN RB 53 41.00 66.35 -136.71
CA ASN RB 53 40.91 66.70 -138.14
C ASN RB 53 40.54 65.52 -139.02
N ASP RB 54 41.14 64.36 -138.74
CA ASP RB 54 40.85 63.12 -139.45
C ASP RB 54 39.40 62.71 -139.26
N CYS RB 55 38.91 62.81 -138.03
CA CYS RB 55 37.53 62.49 -137.68
C CYS RB 55 36.52 63.43 -138.34
N THR RB 56 36.71 64.73 -138.18
CA THR RB 56 35.80 65.76 -138.71
C THR RB 56 36.42 66.54 -139.87
N ASN RB 57 35.70 66.60 -140.99
CA ASN RB 57 36.15 67.33 -142.18
C ASN RB 57 36.41 68.83 -141.97
N GLU RB 58 35.68 69.43 -141.02
CA GLU RB 58 35.90 70.84 -140.66
C GLU RB 58 37.26 71.04 -139.98
N ALA RB 59 37.97 72.08 -140.40
CA ALA RB 59 39.26 72.47 -139.82
C ALA RB 59 39.14 73.64 -138.83
N GLN RB 60 37.93 74.18 -138.65
CA GLN RB 60 37.69 75.28 -137.72
C GLN RB 60 37.77 74.76 -136.29
N GLN RB 61 38.64 75.37 -135.48
CA GLN RB 61 38.82 74.97 -134.09
C GLN RB 61 37.60 75.31 -133.25
N LYS RB 62 37.17 76.57 -133.32
CA LYS RB 62 36.04 77.10 -132.54
C LYS RB 62 36.35 76.94 -131.04
N PRO RB 63 35.31 76.96 -130.16
CA PRO RB 63 35.56 76.45 -128.81
C PRO RB 63 35.42 74.93 -128.73
N LEU RB 64 36.18 74.32 -127.82
CA LEU RB 64 36.18 72.87 -127.61
C LEU RB 64 34.97 72.44 -126.80
N GLU RB 65 34.68 73.21 -125.75
CA GLU RB 65 33.54 72.96 -124.86
C GLU RB 65 32.22 72.94 -125.63
N THR RB 66 32.04 73.94 -126.49
CA THR RB 66 30.84 74.07 -127.33
C THR RB 66 30.66 72.85 -128.24
N LEU RB 67 31.74 72.44 -128.88
CA LEU RB 67 31.77 71.23 -129.72
C LEU RB 67 31.36 69.98 -128.95
N ILE RB 68 31.89 69.84 -127.74
CA ILE RB 68 31.56 68.73 -126.83
C ILE RB 68 30.07 68.72 -126.52
N HIS RB 69 29.54 69.90 -126.18
CA HIS RB 69 28.11 70.06 -125.86
C HIS RB 69 27.22 69.66 -127.02
N GLU RB 70 27.61 70.11 -128.22
CA GLU RB 70 26.91 69.77 -129.47
C GLU RB 70 26.85 68.25 -129.71
N ASN RB 71 27.99 67.59 -129.57
CA ASN RB 71 28.15 66.19 -129.97
C ASN RB 71 28.04 65.15 -128.83
N SER RB 72 27.75 65.58 -127.60
CA SER RB 72 27.58 64.66 -126.47
C SER RB 72 26.28 63.86 -126.57
N LYS RB 73 26.23 62.77 -125.79
CA LYS RB 73 25.11 61.80 -125.81
C LYS RB 73 24.89 61.21 -127.21
N SER RB 74 25.98 60.83 -127.87
CA SER RB 74 25.93 60.30 -129.23
C SER RB 74 27.11 59.36 -129.49
N ALA RB 75 26.79 58.10 -129.82
CA ALA RB 75 27.81 57.06 -130.06
C ALA RB 75 28.56 57.25 -131.37
N SER RB 76 27.85 57.74 -132.40
CA SER RB 76 28.47 58.06 -133.70
C SER RB 76 29.43 59.23 -133.60
N LYS RB 77 28.99 60.29 -132.91
CA LYS RB 77 29.81 61.49 -132.68
C LYS RB 77 30.45 61.43 -131.29
N LYS RB 78 31.17 60.33 -131.03
CA LYS RB 78 31.73 60.03 -129.71
C LYS RB 78 33.24 60.28 -129.68
N HIS RB 79 33.94 59.69 -130.65
CA HIS RB 79 35.39 59.82 -130.78
C HIS RB 79 35.87 61.27 -130.79
N ILE RB 80 35.19 62.07 -131.60
CA ILE RB 80 35.49 63.51 -131.75
C ILE RB 80 35.38 64.23 -130.41
N VAL RB 81 34.29 63.94 -129.70
CA VAL RB 81 34.02 64.48 -128.36
C VAL RB 81 35.14 64.11 -127.39
N ASN RB 82 35.53 62.84 -127.41
CA ASN RB 82 36.62 62.34 -126.58
C ASN RB 82 37.93 63.07 -126.84
N TYR RB 83 38.23 63.29 -128.12
CA TYR RB 83 39.43 64.00 -128.53
C TYR RB 83 39.40 65.47 -128.12
N ALA RB 84 38.22 66.08 -128.20
CA ALA RB 84 38.01 67.45 -127.73
C ALA RB 84 38.25 67.57 -126.22
N SER RB 85 37.69 66.62 -125.48
CA SER RB 85 37.87 66.54 -124.03
C SER RB 85 39.34 66.40 -123.65
N SER RB 86 40.03 65.47 -124.31
CA SER RB 86 41.47 65.24 -124.10
C SER RB 86 42.29 66.51 -124.32
N LEU RB 87 42.01 67.20 -125.42
CA LEU RB 87 42.70 68.45 -125.77
C LEU RB 87 42.43 69.55 -124.74
N TYR RB 88 41.15 69.75 -124.44
CA TYR RB 88 40.70 70.78 -123.52
C TYR RB 88 41.28 70.61 -122.12
N ASN RB 89 41.22 69.38 -121.62
CA ASN RB 89 41.68 69.04 -120.26
C ASN RB 89 43.17 69.34 -120.06
N LEU RB 90 43.97 68.91 -121.01
CA LEU RB 90 45.42 69.18 -121.03
C LEU RB 90 45.71 70.67 -120.99
N LYS RB 91 45.04 71.41 -121.87
CA LYS RB 91 45.17 72.87 -121.96
C LYS RB 91 44.85 73.54 -120.63
N PHE RB 92 43.76 73.08 -120.02
CA PHE RB 92 43.31 73.57 -118.71
C PHE RB 92 44.34 73.31 -117.62
N SER RB 93 44.93 72.11 -117.64
CA SER RB 93 45.99 71.74 -116.71
C SER RB 93 47.20 72.65 -116.86
N MET RB 94 47.64 72.83 -118.10
CA MET RB 94 48.85 73.62 -118.39
C MET RB 94 48.70 75.10 -118.10
N SER RB 95 47.50 75.66 -118.30
CA SER RB 95 47.22 77.06 -118.00
C SER RB 95 47.52 77.39 -116.54
N SER RB 96 47.03 76.52 -115.65
CA SER RB 96 47.25 76.64 -114.20
C SER RB 96 48.73 76.67 -113.82
N LEU RB 97 49.54 75.82 -114.45
CA LEU RB 97 50.94 75.64 -114.08
C LEU RB 97 51.84 76.86 -114.37
N GLN RB 98 52.98 76.87 -113.69
CA GLN RB 98 53.95 77.98 -113.73
C GLN RB 98 55.36 77.42 -113.47
N GLY RB 99 56.35 78.30 -113.27
CA GLY RB 99 57.68 77.89 -112.85
C GLY RB 99 57.74 77.54 -111.37
N CYS RB 100 58.91 77.08 -110.91
CA CYS RB 100 59.11 76.65 -109.53
C CYS RB 100 60.51 76.94 -108.99
N ILE RB 101 60.68 76.71 -107.70
CA ILE RB 101 61.95 76.91 -107.00
C ILE RB 101 62.84 75.67 -107.08
N ARG RB 102 62.23 74.47 -107.01
CA ARG RB 102 62.96 73.20 -107.06
C ARG RB 102 63.81 73.04 -108.33
N THR RB 103 64.83 72.18 -108.23
CA THR RB 103 65.72 71.90 -109.36
C THR RB 103 65.02 71.05 -110.43
N PRO RB 104 65.53 71.07 -111.68
CA PRO RB 104 64.95 70.21 -112.72
C PRO RB 104 65.20 68.70 -112.46
N PRO RB 105 64.25 67.83 -112.84
CA PRO RB 105 64.46 66.37 -112.76
C PRO RB 105 65.64 65.80 -113.57
N GLU RB 106 66.08 66.52 -114.61
CA GLU RB 106 67.27 66.11 -115.37
C GLU RB 106 68.53 66.12 -114.51
N GLU RB 107 68.64 67.10 -113.60
CA GLU RB 107 69.75 67.17 -112.64
C GLU RB 107 69.60 66.13 -111.52
N CYS RB 108 68.40 66.07 -110.93
CA CYS RB 108 68.14 65.16 -109.80
C CYS RB 108 68.12 63.69 -110.20
N PRO RB 109 68.34 62.77 -109.23
CA PRO RB 109 68.22 61.34 -109.51
C PRO RB 109 66.78 60.87 -109.44
N ARG RB 110 66.44 59.86 -110.26
CA ARG RB 110 65.09 59.30 -110.26
C ARG RB 110 64.84 58.47 -109.02
N LEU RB 111 63.61 58.53 -108.50
CA LEU RB 111 63.24 57.81 -107.28
C LEU RB 111 63.07 56.32 -107.56
N GLY RB 112 63.58 55.50 -106.64
CA GLY RB 112 63.50 54.04 -106.75
C GLY RB 112 62.29 53.47 -106.04
N PRO RB 113 62.32 52.16 -105.70
CA PRO RB 113 61.27 51.52 -104.89
C PRO RB 113 61.06 52.08 -103.47
N GLU RB 114 62.04 52.80 -102.93
CA GLU RB 114 61.95 53.41 -101.60
C GLU RB 114 60.91 54.54 -101.50
N ALA RB 115 60.62 55.18 -102.64
CA ALA RB 115 59.60 56.26 -102.71
C ALA RB 115 58.20 55.84 -102.24
N LEU RB 116 57.84 54.58 -102.48
CA LEU RB 116 56.56 54.02 -102.04
C LEU RB 116 56.39 54.03 -100.52
N LEU RB 117 57.48 53.77 -99.82
CA LEU RB 117 57.48 53.62 -98.36
C LEU RB 117 57.60 54.94 -97.60
N GLN RB 118 57.89 56.04 -98.31
CA GLN RB 118 57.98 57.37 -97.70
C GLN RB 118 56.60 57.85 -97.23
N THR RB 119 56.54 58.35 -96.00
CA THR RB 119 55.33 59.00 -95.49
C THR RB 119 55.13 60.34 -96.19
N PRO RB 120 53.87 60.68 -96.57
CA PRO RB 120 53.62 61.99 -97.16
C PRO RB 120 53.53 63.07 -96.10
N ASP RB 121 54.03 64.27 -96.42
CA ASP RB 121 54.07 65.39 -95.48
C ASP RB 121 52.90 66.38 -95.65
N PHE RB 122 51.83 65.95 -96.33
CA PHE RB 122 50.71 66.85 -96.67
C PHE RB 122 49.88 67.14 -95.43
N ASN RB 123 49.75 66.13 -94.58
CA ASN RB 123 49.09 66.23 -93.27
C ASN RB 123 49.71 67.27 -92.34
N ARG RB 124 51.03 67.37 -92.36
CA ARG RB 124 51.80 68.21 -91.41
C ARG RB 124 52.28 69.53 -92.00
N THR RB 125 52.88 69.46 -93.20
CA THR RB 125 53.44 70.64 -93.88
C THR RB 125 52.37 71.33 -94.73
N ILE RB 126 52.59 72.62 -94.99
CA ILE RB 126 51.86 73.36 -96.02
C ILE RB 126 52.81 74.34 -96.74
N SER RB 127 52.60 74.51 -98.04
CA SER RB 127 53.45 75.36 -98.87
C SER RB 127 52.57 76.25 -99.77
N ASN RB 128 53.21 76.95 -100.71
CA ASN RB 128 52.55 77.72 -101.79
C ASN RB 128 51.03 77.85 -101.69
N GLU RB 129 50.58 78.66 -100.74
CA GLU RB 129 49.16 78.97 -100.58
C GLU RB 129 48.77 80.10 -101.54
N PRO RB 130 47.46 80.27 -101.80
CA PRO RB 130 46.99 81.46 -102.53
C PRO RB 130 47.33 82.80 -101.87
N LEU RB 131 47.29 82.85 -100.53
CA LEU RB 131 47.51 84.09 -99.75
C LEU RB 131 48.82 84.82 -100.10
N THR RB 132 49.88 84.04 -100.34
CA THR RB 132 51.22 84.59 -100.62
C THR RB 132 51.29 85.50 -101.87
N THR RB 133 50.40 85.27 -102.84
CA THR RB 133 50.30 86.11 -104.04
C THR RB 133 48.86 86.65 -104.20
N GLY RB 134 48.39 87.32 -103.14
CA GLY RB 134 47.02 87.86 -103.12
C GLY RB 134 45.99 86.77 -102.94
N ASN RB 135 45.02 86.69 -103.85
CA ASN RB 135 44.07 85.58 -103.94
C ASN RB 135 43.42 85.19 -102.60
N GLU RB 136 42.99 86.20 -101.85
CA GLU RB 136 42.49 86.03 -100.49
C GLU RB 136 41.10 85.42 -100.47
N ARG RB 137 40.21 85.97 -101.30
CA ARG RB 137 38.83 85.50 -101.39
C ARG RB 137 38.72 84.05 -101.87
N LEU RB 138 39.62 83.67 -102.79
CA LEU RB 138 39.72 82.30 -103.29
C LEU RB 138 40.11 81.35 -102.17
N GLN RB 139 41.13 81.75 -101.41
CA GLN RB 139 41.60 80.99 -100.25
C GLN RB 139 40.49 80.78 -99.22
N ALA RB 140 39.76 81.85 -98.93
CA ALA RB 140 38.62 81.80 -98.01
C ALA RB 140 37.55 80.83 -98.48
N ALA RB 141 37.25 80.86 -99.78
CA ALA RB 141 36.30 79.95 -100.41
C ALA RB 141 36.74 78.49 -100.28
N LEU RB 142 38.02 78.24 -100.56
CA LEU RB 142 38.64 76.91 -100.40
C LEU RB 142 38.50 76.40 -98.97
N ILE RB 143 38.84 77.26 -98.02
CA ILE RB 143 38.72 76.95 -96.58
C ILE RB 143 37.29 76.56 -96.20
N SER RB 144 36.33 77.35 -96.68
CA SER RB 144 34.91 77.11 -96.45
C SER RB 144 34.47 75.74 -96.99
N SER RB 145 34.92 75.44 -98.21
CA SER RB 145 34.65 74.16 -98.86
C SER RB 145 35.23 72.98 -98.10
N PHE RB 146 36.51 73.09 -97.76
CA PHE RB 146 37.35 71.95 -97.39
C PHE RB 146 37.79 71.91 -95.91
N GLY RB 147 37.41 72.91 -95.13
CA GLY RB 147 37.87 73.03 -93.74
C GLY RB 147 39.16 73.81 -93.62
N SER RB 148 40.16 73.41 -94.40
CA SER RB 148 41.45 74.10 -94.44
C SER RB 148 42.14 73.95 -95.80
N LEU RB 149 43.31 74.58 -95.92
CA LEU RB 149 44.15 74.52 -97.13
C LEU RB 149 44.84 73.16 -97.26
N MET RB 150 45.37 72.69 -96.12
CA MET RB 150 46.07 71.41 -96.03
C MET RB 150 45.15 70.24 -96.38
N GLU RB 151 43.92 70.30 -95.85
CA GLU RB 151 42.89 69.29 -96.13
C GLU RB 151 42.54 69.22 -97.61
N PHE RB 152 42.37 70.40 -98.21
CA PHE RB 152 42.15 70.52 -99.65
C PHE RB 152 43.27 69.88 -100.46
N ARG RB 153 44.50 70.22 -100.10
CA ARG RB 153 45.71 69.71 -100.75
C ARG RB 153 45.77 68.18 -100.72
N THR RB 154 45.53 67.62 -99.52
CA THR RB 154 45.50 66.16 -99.33
C THR RB 154 44.43 65.53 -100.21
N LEU RB 155 43.25 66.14 -100.24
CA LEU RB 155 42.15 65.68 -101.10
C LEU RB 155 42.56 65.64 -102.56
N LEU RB 156 43.23 66.69 -103.01
CA LEU RB 156 43.66 66.85 -104.40
C LEU RB 156 44.73 65.84 -104.83
N ILE RB 157 45.85 65.84 -104.10
CA ILE RB 157 47.03 65.05 -104.47
C ILE RB 157 46.78 63.55 -104.37
N ASN RB 158 46.20 63.14 -103.24
CA ASN RB 158 45.85 61.73 -103.00
C ASN RB 158 44.89 61.18 -104.04
N SER RB 159 43.87 61.98 -104.37
CA SER RB 159 42.91 61.66 -105.44
C SER RB 159 43.61 61.45 -106.78
N ASN RB 160 44.55 62.34 -107.08
CA ASN RB 160 45.33 62.27 -108.31
C ASN RB 160 46.19 61.01 -108.40
N LEU RB 161 46.85 60.69 -107.29
CA LEU RB 161 47.62 59.45 -107.15
C LEU RB 161 46.76 58.21 -107.41
N ALA RB 162 45.59 58.21 -106.80
CA ALA RB 162 44.64 57.09 -106.88
C ALA RB 162 44.18 56.79 -108.31
N ILE RB 163 44.05 57.82 -109.14
CA ILE RB 163 43.56 57.69 -110.52
C ILE RB 163 44.25 56.58 -111.31
N SER RB 164 45.57 56.43 -111.14
CA SER RB 164 46.34 55.29 -111.68
C SER RB 164 45.94 54.88 -113.09
N GLY RB 165 46.31 55.73 -114.05
CA GLY RB 165 45.87 55.60 -115.44
C GLY RB 165 45.64 56.97 -116.05
N ASP RB 166 45.03 56.99 -117.24
CA ASP RB 166 44.76 58.25 -117.94
C ASP RB 166 43.56 58.94 -117.28
N GLY RB 167 43.78 60.13 -116.76
CA GLY RB 167 42.73 60.87 -116.06
C GLY RB 167 43.13 62.26 -115.62
N PHE RB 168 42.19 62.96 -115.00
CA PHE RB 168 42.36 64.34 -114.56
C PHE RB 168 41.63 64.59 -113.24
N THR RB 169 42.30 65.29 -112.34
CA THR RB 169 41.69 65.76 -111.09
C THR RB 169 41.27 67.21 -111.26
N TRP RB 170 40.02 67.51 -110.92
CA TRP RB 170 39.42 68.83 -111.16
C TRP RB 170 38.95 69.52 -109.90
N LEU RB 171 39.46 70.72 -109.66
CA LEU RB 171 38.88 71.66 -108.70
C LEU RB 171 37.74 72.36 -109.43
N VAL RB 172 36.53 72.29 -108.87
CA VAL RB 172 35.33 72.84 -109.52
C VAL RB 172 34.48 73.69 -108.57
N ALA RB 173 33.53 74.41 -109.14
CA ALA RB 173 32.60 75.27 -108.39
C ALA RB 173 31.16 74.96 -108.81
N ARG RB 174 30.30 74.74 -107.82
CA ARG RB 174 28.93 74.30 -108.06
C ARG RB 174 28.05 75.44 -108.59
N ARG RB 175 27.81 75.44 -109.89
CA ARG RB 175 26.91 76.40 -110.53
C ARG RB 175 25.47 75.94 -110.34
N GLN RB 176 24.61 76.83 -109.85
CA GLN RB 176 23.23 76.51 -109.52
C GLN RB 176 22.34 76.51 -110.76
N ASP RB 190 26.71 87.11 -114.66
CA ASP RB 190 26.58 86.77 -113.24
C ASP RB 190 27.32 85.49 -112.90
N ILE RB 191 26.97 84.41 -113.59
CA ILE RB 191 27.55 83.06 -113.42
C ILE RB 191 27.85 82.68 -111.94
N GLU RB 192 26.83 82.80 -111.11
CA GLU RB 192 26.95 82.52 -109.65
C GLU RB 192 27.35 81.07 -109.33
N TYR RB 193 27.92 80.88 -108.13
CA TYR RB 193 28.26 79.55 -107.62
C TYR RB 193 27.86 79.42 -106.15
N ASP RB 194 27.59 78.17 -105.74
CA ASP RB 194 27.13 77.86 -104.38
C ASP RB 194 28.30 77.46 -103.48
N LYS RB 195 29.08 76.47 -103.93
CA LYS RB 195 30.07 75.80 -103.11
C LYS RB 195 31.14 75.14 -103.97
N LEU RB 196 32.39 75.23 -103.53
CA LEU RB 196 33.50 74.60 -104.24
C LEU RB 196 33.56 73.11 -103.96
N PHE RB 197 34.09 72.36 -104.92
CA PHE RB 197 34.22 70.92 -104.83
C PHE RB 197 35.42 70.43 -105.64
N ILE RB 198 35.70 69.14 -105.55
CA ILE RB 198 36.77 68.51 -106.31
C ILE RB 198 36.28 67.13 -106.81
N LEU RB 199 36.58 66.83 -108.08
CA LEU RB 199 36.21 65.54 -108.66
C LEU RB 199 37.27 65.02 -109.63
N ASN RB 200 37.37 63.70 -109.73
CA ASN RB 200 38.23 63.03 -110.70
C ASN RB 200 37.41 62.68 -111.94
N THR RB 201 38.09 62.66 -113.09
CA THR RB 201 37.46 62.24 -114.35
C THR RB 201 38.50 61.59 -115.26
N TYR RB 202 38.08 60.54 -115.96
CA TYR RB 202 39.00 59.55 -116.51
C TYR RB 202 38.98 59.49 -118.04
N ASN RB 203 40.14 59.15 -118.61
CA ASN RB 203 40.38 59.09 -120.06
C ASN RB 203 40.05 60.39 -120.82
N ALA RB 204 38.76 60.59 -121.12
CA ALA RB 204 38.28 61.78 -121.81
C ALA RB 204 36.90 62.16 -121.27
N GLY RB 205 36.79 62.16 -119.95
CA GLY RB 205 35.56 62.54 -119.27
C GLY RB 205 35.54 64.03 -119.03
N THR RB 206 34.39 64.65 -119.25
CA THR RB 206 34.24 66.09 -119.08
C THR RB 206 34.02 66.41 -117.59
N PRO RB 207 34.47 67.60 -117.13
CA PRO RB 207 34.16 68.03 -115.76
C PRO RB 207 32.78 68.71 -115.63
N PHE RB 208 32.08 68.89 -116.75
CA PHE RB 208 30.78 69.56 -116.77
C PHE RB 208 29.72 68.47 -116.67
N ASN RB 209 28.86 68.58 -115.66
CA ASN RB 209 27.85 67.55 -115.39
C ASN RB 209 26.65 67.59 -116.35
N PHE RB 210 26.17 68.79 -116.65
CA PHE RB 210 24.95 68.99 -117.44
C PHE RB 210 24.93 68.31 -118.82
N SER RB 211 26.10 68.22 -119.45
CA SER RB 211 26.23 67.61 -120.79
C SER RB 211 25.96 66.10 -120.79
N THR RB 212 26.34 65.41 -119.71
CA THR RB 212 26.23 63.95 -119.59
C THR RB 212 25.24 63.48 -118.51
N SER RB 213 24.54 64.41 -117.86
CA SER RB 213 23.62 64.08 -116.77
C SER RB 213 22.34 63.41 -117.28
N GLY RB 214 22.13 62.16 -116.89
CA GLY RB 214 20.90 61.43 -117.21
C GLY RB 214 20.89 60.69 -118.55
N VAL RB 215 22.05 60.62 -119.20
CA VAL RB 215 22.21 59.82 -120.43
C VAL RB 215 21.92 58.33 -120.18
N MET RB 216 22.42 57.82 -119.06
CA MET RB 216 22.25 56.41 -118.69
C MET RB 216 20.78 56.10 -118.42
N ASN RB 217 20.11 57.03 -117.75
CA ASN RB 217 18.68 56.95 -117.47
C ASN RB 217 17.84 56.91 -118.74
N GLU RB 218 18.19 57.79 -119.68
CA GLU RB 218 17.56 57.86 -121.01
C GLU RB 218 17.69 56.53 -121.75
N LEU RB 219 18.91 55.99 -121.75
CA LEU RB 219 19.22 54.69 -122.35
C LEU RB 219 18.40 53.55 -121.74
N ASN RB 220 18.29 53.58 -120.41
CA ASN RB 220 17.46 52.63 -119.67
C ASN RB 220 16.01 52.72 -120.12
N ASN RB 221 15.48 53.94 -120.16
CA ASN RB 221 14.11 54.21 -120.62
C ASN RB 221 13.85 53.70 -122.04
N GLN RB 222 14.80 53.95 -122.93
CA GLN RB 222 14.75 53.43 -124.30
C GLN RB 222 14.67 51.91 -124.34
N TYR RB 223 15.53 51.27 -123.54
CA TYR RB 223 15.56 49.82 -123.41
C TYR RB 223 14.24 49.25 -122.92
N THR RB 224 13.64 49.91 -121.93
CA THR RB 224 12.34 49.52 -121.37
C THR RB 224 11.24 49.61 -122.42
N ASN RB 225 11.25 50.71 -123.18
CA ASN RB 225 10.33 50.93 -124.30
C ASN RB 225 10.43 49.83 -125.36
N MET RB 226 11.67 49.50 -125.72
CA MET RB 226 11.96 48.41 -126.67
C MET RB 226 11.42 47.06 -126.19
N GLU RB 227 11.64 46.78 -124.90
CA GLU RB 227 11.11 45.57 -124.26
C GLU RB 227 9.59 45.50 -124.31
N LYS RB 228 8.95 46.61 -123.99
CA LYS RB 228 7.49 46.76 -124.06
C LYS RB 228 6.94 46.49 -125.47
N GLN RB 229 7.61 47.07 -126.46
CA GLN RB 229 7.27 46.86 -127.88
C GLN RB 229 7.33 45.39 -128.27
N ARG RB 230 8.39 44.70 -127.83
CA ARG RB 230 8.55 43.27 -128.07
C ARG RB 230 7.50 42.45 -127.32
N ALA RB 244 7.65 47.96 -110.03
CA ALA RB 244 8.60 47.03 -110.63
C ALA RB 244 10.04 47.34 -110.22
N LYS RB 245 10.95 46.43 -110.57
CA LYS RB 245 12.39 46.59 -110.31
C LYS RB 245 12.96 47.70 -111.18
N GLN RB 246 12.64 47.65 -112.47
CA GLN RB 246 13.09 48.63 -113.46
C GLN RB 246 12.65 50.06 -113.11
N ALA RB 247 11.41 50.18 -112.65
CA ALA RB 247 10.85 51.46 -112.19
C ALA RB 247 11.60 52.01 -110.97
N LYS RB 248 11.90 51.11 -110.04
CA LYS RB 248 12.69 51.42 -108.84
C LYS RB 248 14.08 51.92 -109.19
N THR RB 249 14.73 51.24 -110.14
CA THR RB 249 16.08 51.61 -110.60
C THR RB 249 16.09 53.00 -111.24
N LYS RB 250 15.06 53.26 -112.06
CA LYS RB 250 14.85 54.56 -112.69
C LYS RB 250 14.70 55.67 -111.65
N PHE RB 251 13.87 55.40 -110.64
CA PHE RB 251 13.65 56.33 -109.53
C PHE RB 251 14.94 56.65 -108.78
N ILE RB 252 15.74 55.61 -108.53
CA ILE RB 252 17.05 55.74 -107.89
C ILE RB 252 17.99 56.62 -108.71
N TYR RB 253 18.04 56.35 -110.01
CA TYR RB 253 18.81 57.16 -110.97
C TYR RB 253 18.40 58.63 -110.92
N GLU RB 254 17.10 58.87 -110.94
CA GLU RB 254 16.54 60.22 -110.89
C GLU RB 254 16.96 60.98 -109.64
N THR RB 255 16.83 60.33 -108.48
CA THR RB 255 17.21 60.96 -107.21
C THR RB 255 18.72 61.19 -107.10
N GLN RB 256 19.52 60.29 -107.65
CA GLN RB 256 20.97 60.50 -107.78
C GLN RB 256 21.30 61.76 -108.58
N GLN RB 257 20.61 61.92 -109.71
CA GLN RB 257 20.85 63.05 -110.62
C GLN RB 257 20.42 64.39 -110.08
N LYS RB 258 19.14 64.49 -109.70
CA LYS RB 258 18.53 65.78 -109.37
C LYS RB 258 19.09 66.39 -108.08
N GLY RB 259 19.32 67.71 -108.11
CA GLY RB 259 19.88 68.43 -106.97
C GLY RB 259 18.86 68.74 -105.90
N PHE RB 260 19.25 69.60 -104.97
CA PHE RB 260 18.39 70.01 -103.85
C PHE RB 260 17.18 70.86 -104.26
N SER RB 261 17.28 71.57 -105.39
CA SER RB 261 16.20 72.44 -105.88
C SER RB 261 16.08 72.44 -107.41
N GLY RB 262 17.14 72.87 -108.09
CA GLY RB 262 17.14 73.03 -109.55
C GLY RB 262 16.94 71.76 -110.35
N LYS RB 263 16.53 71.92 -111.60
CA LYS RB 263 16.27 70.80 -112.52
C LYS RB 263 17.52 69.98 -112.84
N GLU RB 264 18.66 70.66 -112.95
CA GLU RB 264 19.97 69.99 -113.06
C GLU RB 264 21.06 70.84 -112.38
N VAL RB 265 22.30 70.34 -112.42
CA VAL RB 265 23.45 71.04 -111.84
C VAL RB 265 24.64 70.98 -112.80
N SER RB 266 25.49 72.01 -112.73
CA SER RB 266 26.70 72.09 -113.55
C SER RB 266 27.87 72.59 -112.70
N TYR RB 267 29.08 72.29 -113.17
CA TYR RB 267 30.32 72.59 -112.44
C TYR RB 267 31.24 73.49 -113.26
N ILE RB 268 31.61 74.63 -112.69
CA ILE RB 268 32.56 75.56 -113.31
C ILE RB 268 33.96 75.11 -112.89
N PRO RB 269 34.80 74.66 -113.86
CA PRO RB 269 36.15 74.22 -113.48
C PRO RB 269 37.07 75.40 -113.17
N LEU RB 270 37.84 75.27 -112.09
CA LEU RB 270 38.83 76.28 -111.68
C LEU RB 270 40.28 75.81 -111.83
N LEU RB 271 40.52 74.52 -111.61
CA LEU RB 271 41.87 73.94 -111.68
C LEU RB 271 41.78 72.51 -112.20
N ALA RB 272 42.65 72.17 -113.15
CA ALA RB 272 42.82 70.79 -113.62
C ALA RB 272 44.23 70.30 -113.34
N ILE RB 273 44.37 69.02 -113.02
CA ILE RB 273 45.67 68.38 -112.85
C ILE RB 273 45.64 66.99 -113.49
N ASP RB 274 46.45 66.80 -114.53
CA ASP RB 274 46.54 65.52 -115.23
C ASP RB 274 47.17 64.42 -114.36
N ALA RB 275 46.71 63.20 -114.57
CA ALA RB 275 47.18 62.02 -113.82
C ALA RB 275 47.86 60.97 -114.69
N SER RB 276 47.91 61.18 -116.01
CA SER RB 276 48.35 60.13 -116.94
C SER RB 276 49.86 59.92 -116.90
N PRO RB 277 50.32 58.66 -117.12
CA PRO RB 277 51.73 58.35 -117.32
C PRO RB 277 52.43 59.18 -118.40
N LYS RB 278 51.70 59.54 -119.46
CA LYS RB 278 52.22 60.33 -120.59
C LYS RB 278 53.14 61.49 -120.18
N THR RB 279 52.72 62.25 -119.18
CA THR RB 279 53.47 63.41 -118.72
C THR RB 279 54.68 63.03 -117.86
N TRP RB 280 54.41 62.36 -116.74
CA TRP RB 280 55.41 62.17 -115.66
C TRP RB 280 56.40 61.00 -115.81
N LEU RB 281 56.07 60.00 -116.64
CA LEU RB 281 57.01 58.86 -116.86
C LEU RB 281 58.37 59.27 -117.44
N THR RB 282 58.37 60.32 -118.28
CA THR RB 282 59.58 60.78 -118.96
C THR RB 282 60.63 61.32 -117.99
N ASP RB 283 60.21 62.17 -117.07
CA ASP RB 283 61.11 62.84 -116.13
C ASP RB 283 61.28 62.04 -114.84
N TYR RB 284 60.15 61.68 -114.23
CA TYR RB 284 60.12 61.14 -112.87
C TYR RB 284 60.17 59.62 -112.77
N GLY RB 285 60.13 58.94 -113.91
CA GLY RB 285 60.11 57.48 -113.94
C GLY RB 285 58.79 56.92 -113.45
N VAL RB 286 58.81 55.65 -113.04
CA VAL RB 286 57.61 54.96 -112.57
C VAL RB 286 57.22 55.41 -111.17
N PHE RB 287 58.21 55.50 -110.29
CA PHE RB 287 57.97 55.65 -108.85
C PHE RB 287 57.70 57.10 -108.41
N GLY RB 288 58.01 58.07 -109.28
CA GLY RB 288 57.93 59.48 -108.92
C GLY RB 288 56.67 60.22 -109.34
N LYS RB 289 55.51 59.57 -109.21
CA LYS RB 289 54.24 60.22 -109.48
C LYS RB 289 53.91 61.24 -108.39
N ARG RB 290 54.02 60.80 -107.14
CA ARG RB 290 53.78 61.64 -105.96
C ARG RB 290 54.65 62.89 -105.95
N GLU RB 291 55.94 62.69 -106.25
CA GLU RB 291 56.91 63.78 -106.37
C GLU RB 291 56.50 64.79 -107.44
N TYR RB 292 56.10 64.27 -108.61
CA TYR RB 292 55.58 65.08 -109.71
C TYR RB 292 54.39 65.94 -109.28
N LEU RB 293 53.43 65.30 -108.60
CA LEU RB 293 52.23 65.98 -108.10
C LEU RB 293 52.56 67.09 -107.11
N GLU RB 294 53.50 66.79 -106.21
CA GLU RB 294 54.04 67.77 -105.27
C GLU RB 294 54.61 69.00 -106.00
N ARG RB 295 55.45 68.72 -107.00
CA ARG RB 295 56.05 69.77 -107.85
C ARG RB 295 55.01 70.62 -108.55
N VAL RB 296 54.00 69.95 -109.12
CA VAL RB 296 52.88 70.62 -109.77
C VAL RB 296 52.20 71.56 -108.80
N TRP RB 297 51.92 71.05 -107.60
CA TRP RB 297 51.26 71.82 -106.56
C TRP RB 297 52.04 73.06 -106.14
N ASP RB 298 53.35 72.88 -105.96
CA ASP RB 298 54.28 73.99 -105.70
C ASP RB 298 54.23 75.07 -106.78
N SER RB 299 54.11 74.64 -108.05
CA SER RB 299 54.16 75.52 -109.21
C SER RB 299 52.80 75.82 -109.87
N ILE RB 300 51.74 75.94 -109.06
CA ILE RB 300 50.44 76.43 -109.54
C ILE RB 300 50.44 77.95 -109.52
N GLU RB 301 49.93 78.58 -110.58
CA GLU RB 301 49.68 80.02 -110.61
C GLU RB 301 48.24 80.25 -110.14
N TRP RB 302 48.10 80.64 -108.87
CA TRP RB 302 46.78 80.78 -108.21
C TRP RB 302 45.95 81.96 -108.69
N LYS RB 303 46.59 82.95 -109.30
CA LYS RB 303 45.91 84.15 -109.84
C LYS RB 303 44.87 83.78 -110.90
N ILE RB 304 45.25 82.86 -111.78
CA ILE RB 304 44.38 82.35 -112.85
C ILE RB 304 43.17 81.63 -112.25
N VAL RB 305 43.43 80.81 -111.23
CA VAL RB 305 42.39 80.07 -110.52
C VAL RB 305 41.39 81.03 -109.86
N GLU RB 306 41.92 82.07 -109.23
CA GLU RB 306 41.11 83.12 -108.60
C GLU RB 306 40.22 83.83 -109.61
N SER RB 307 40.80 84.16 -110.77
CA SER RB 307 40.06 84.82 -111.86
C SER RB 307 38.91 83.95 -112.37
N ARG RB 308 39.20 82.66 -112.55
CA ARG RB 308 38.19 81.66 -112.93
C ARG RB 308 37.03 81.57 -111.93
N LEU RB 309 37.36 81.64 -110.64
CA LEU RB 309 36.37 81.60 -109.55
C LEU RB 309 35.38 82.77 -109.69
N PRO RB 310 34.07 82.47 -109.86
CA PRO RB 310 33.09 83.56 -109.96
C PRO RB 310 32.65 84.12 -108.59
N GLN RB 311 31.75 85.10 -108.63
CA GLN RB 311 31.19 85.70 -107.41
C GLN RB 311 30.28 84.73 -106.66
N ARG RB 312 30.30 84.83 -105.33
CA ARG RB 312 29.54 83.96 -104.44
C ARG RB 312 28.15 84.52 -104.15
N THR RB 313 27.19 83.64 -103.87
CA THR RB 313 25.81 84.02 -103.57
C THR RB 313 25.67 84.48 -102.12
N GLU SB 42 95.68 -23.02 83.68
CA GLU SB 42 94.59 -23.27 82.67
C GLU SB 42 94.04 -21.96 82.13
N ILE SB 43 93.68 -21.06 83.03
CA ILE SB 43 93.18 -19.72 82.68
C ILE SB 43 94.21 -18.92 81.88
N ALA SB 44 95.48 -19.02 82.27
CA ALA SB 44 96.59 -18.36 81.57
C ALA SB 44 96.72 -18.88 80.16
N LYS SB 45 96.64 -20.20 80.01
CA LYS SB 45 96.67 -20.88 78.71
C LYS SB 45 95.52 -20.42 77.81
N ALA SB 46 94.33 -20.34 78.38
CA ALA SB 46 93.13 -19.87 77.68
C ALA SB 46 93.28 -18.42 77.19
N LYS SB 47 93.83 -17.58 78.05
CA LYS SB 47 94.15 -16.19 77.71
C LYS SB 47 95.13 -16.09 76.54
N LEU SB 48 96.19 -16.89 76.60
CA LEU SB 48 97.19 -16.96 75.52
C LEU SB 48 96.57 -17.38 74.19
N ASP SB 49 95.71 -18.39 74.25
CA ASP SB 49 94.98 -18.87 73.07
C ASP SB 49 94.12 -17.77 72.46
N GLU SB 50 93.39 -17.06 73.31
CA GLU SB 50 92.57 -15.90 72.91
C GLU SB 50 93.39 -14.82 72.22
N PHE SB 51 94.54 -14.50 72.82
CA PHE SB 51 95.50 -13.53 72.29
C PHE SB 51 96.03 -13.93 70.92
N LEU SB 52 96.32 -15.23 70.77
CA LEU SB 52 96.77 -15.81 69.51
C LEU SB 52 95.69 -15.68 68.43
N ILE SB 53 94.46 -16.03 68.80
CA ILE SB 53 93.28 -15.92 67.93
C ILE SB 53 93.07 -14.49 67.45
N TYR SB 54 93.14 -13.55 68.39
CA TYR SB 54 93.04 -12.12 68.10
C TYR SB 54 94.05 -11.68 67.05
N HIS SB 55 95.30 -12.06 67.26
CA HIS SB 55 96.38 -11.68 66.34
C HIS SB 55 96.24 -12.34 64.97
N LYS SB 56 95.73 -13.57 64.94
CA LYS SB 56 95.38 -14.23 63.68
C LYS SB 56 94.30 -13.49 62.88
N THR SB 57 93.30 -12.97 63.58
CA THR SB 57 92.18 -12.24 62.98
C THR SB 57 92.65 -11.21 61.97
N ASP SB 58 91.97 -11.12 60.84
CA ASP SB 58 92.37 -10.21 59.75
C ASP SB 58 92.27 -8.76 60.19
N ALA SB 59 93.19 -7.94 59.68
CA ALA SB 59 93.25 -6.51 60.01
C ALA SB 59 92.00 -5.73 59.58
N LYS SB 60 91.30 -6.24 58.57
CA LYS SB 60 90.01 -5.71 58.15
C LYS SB 60 88.89 -6.10 59.11
N LEU SB 61 88.93 -7.33 59.62
CA LEU SB 61 87.93 -7.84 60.57
C LEU SB 61 88.12 -7.36 62.01
N LYS SB 62 89.39 -7.28 62.45
CA LYS SB 62 89.75 -6.87 63.83
C LYS SB 62 88.91 -5.76 64.46
N PRO SB 63 88.84 -4.57 63.82
CA PRO SB 63 88.17 -3.44 64.47
C PRO SB 63 86.65 -3.56 64.58
N PHE SB 64 86.04 -4.50 63.86
CA PHE SB 64 84.62 -4.80 64.00
C PHE SB 64 84.37 -5.85 65.09
N ILE SB 65 85.16 -6.93 65.08
CA ILE SB 65 84.95 -8.06 66.00
C ILE SB 65 85.80 -8.01 67.29
N TYR SB 66 86.49 -6.90 67.52
CA TYR SB 66 87.17 -6.63 68.81
C TYR SB 66 86.98 -5.17 69.26
N ARG SB 67 85.75 -4.66 69.12
CA ARG SB 67 85.38 -3.33 69.61
C ARG SB 67 83.91 -3.33 70.07
N PRO SB 68 83.62 -2.73 71.24
CA PRO SB 68 82.24 -2.70 71.74
C PRO SB 68 81.31 -1.76 70.96
N LYS SB 69 81.85 -0.67 70.41
CA LYS SB 69 81.04 0.28 69.62
C LYS SB 69 80.55 -0.32 68.29
N ASN SB 70 81.30 -1.27 67.74
CA ASN SB 70 80.94 -1.93 66.48
C ASN SB 70 80.33 -3.32 66.71
N ALA SB 71 79.27 -3.36 67.52
CA ALA SB 71 78.49 -4.58 67.76
C ALA SB 71 77.32 -4.65 66.79
N GLN SB 72 76.58 -3.54 66.70
CA GLN SB 72 75.47 -3.38 65.76
C GLN SB 72 75.90 -3.61 64.31
N ILE SB 73 77.03 -3.02 63.96
CA ILE SB 73 77.64 -3.17 62.62
C ILE SB 73 77.94 -4.64 62.32
N LEU SB 74 78.53 -5.32 63.30
CA LEU SB 74 78.86 -6.74 63.21
C LEU SB 74 77.60 -7.57 62.96
N LEU SB 75 76.56 -7.32 63.75
CA LEU SB 75 75.26 -7.98 63.61
C LEU SB 75 74.68 -7.82 62.21
N THR SB 76 74.74 -6.59 61.69
CA THR SB 76 74.24 -6.28 60.35
C THR SB 76 75.08 -6.91 59.24
N LYS SB 77 76.39 -6.68 59.28
CA LYS SB 77 77.29 -7.09 58.20
C LYS SB 77 77.69 -8.56 58.24
N ASP SB 78 78.14 -9.01 59.42
CA ASP SB 78 78.61 -10.40 59.66
C ASP SB 78 79.84 -10.73 58.82
N GLU SB 115 101.24 -31.85 75.09
CA GLU SB 115 100.35 -30.69 75.01
C GLU SB 115 101.13 -29.39 74.84
N LEU SB 116 102.14 -29.21 75.68
CA LEU SB 116 103.04 -28.04 75.63
C LEU SB 116 103.70 -27.91 74.26
N LEU SB 117 104.24 -29.03 73.79
CA LEU SB 117 104.90 -29.10 72.49
C LEU SB 117 103.96 -28.72 71.35
N ASP SB 118 102.73 -29.24 71.43
CA ASP SB 118 101.67 -28.93 70.47
C ASP SB 118 101.31 -27.44 70.45
N TRP SB 119 101.19 -26.87 71.65
CA TRP SB 119 100.95 -25.44 71.82
C TRP SB 119 102.06 -24.61 71.19
N PHE SB 120 103.30 -25.00 71.47
CA PHE SB 120 104.48 -24.32 70.92
C PHE SB 120 104.47 -24.33 69.40
N LYS SB 121 104.21 -25.52 68.84
CA LYS SB 121 104.08 -25.71 67.39
C LYS SB 121 103.01 -24.81 66.78
N GLU SB 122 101.86 -24.72 67.45
CA GLU SB 122 100.75 -23.85 67.03
C GLU SB 122 101.18 -22.38 67.01
N TRP SB 123 101.88 -21.98 68.07
CA TRP SB 123 102.43 -20.63 68.22
C TRP SB 123 103.40 -20.27 67.09
N THR SB 124 104.27 -21.23 66.77
CA THR SB 124 105.24 -21.07 65.68
C THR SB 124 104.54 -20.93 64.32
N GLY SB 125 103.47 -21.70 64.12
CA GLY SB 125 102.68 -21.69 62.90
C GLY SB 125 102.15 -20.37 62.40
N THR SB 126 101.98 -19.39 63.29
CA THR SB 126 101.58 -18.03 62.91
C THR SB 126 102.65 -17.34 62.06
N SER SB 127 102.24 -16.28 61.38
CA SER SB 127 103.10 -15.60 60.41
C SER SB 127 104.26 -14.85 61.06
N ILE SB 128 105.39 -14.84 60.36
CA ILE SB 128 106.55 -14.01 60.71
C ILE SB 128 106.16 -12.53 60.73
N ARG SB 129 105.33 -12.14 59.75
CA ARG SB 129 104.85 -10.77 59.56
C ARG SB 129 104.32 -10.12 60.84
N LYS SB 130 103.49 -10.84 61.59
CA LYS SB 130 102.93 -10.34 62.85
C LYS SB 130 103.92 -10.54 64.00
N ARG SB 131 104.70 -9.48 64.27
CA ARG SB 131 105.81 -9.53 65.23
C ARG SB 131 105.40 -9.56 66.71
N ALA SB 132 104.19 -9.11 67.03
CA ALA SB 132 103.68 -9.13 68.41
C ALA SB 132 103.73 -10.52 69.04
N ILE SB 133 103.38 -11.53 68.25
CA ILE SB 133 103.49 -12.94 68.65
C ILE SB 133 104.95 -13.39 68.77
N TRP SB 134 105.76 -13.03 67.76
CA TRP SB 134 107.18 -13.43 67.74
C TRP SB 134 108.08 -12.67 68.72
N THR SB 135 107.60 -11.54 69.25
CA THR SB 135 108.27 -10.84 70.36
C THR SB 135 107.67 -11.33 71.68
N TYR SB 136 108.11 -12.50 72.12
CA TYR SB 136 107.52 -13.18 73.28
C TYR SB 136 108.44 -14.29 73.80
N PHE TB 1 56.19 -26.19 -43.97
CA PHE TB 1 55.60 -27.56 -43.87
C PHE TB 1 56.67 -28.65 -43.87
N SER TB 2 56.87 -29.28 -42.72
CA SER TB 2 57.83 -30.39 -42.58
C SER TB 2 57.11 -31.64 -42.08
N ARG TB 3 57.34 -32.76 -42.77
CA ARG TB 3 56.94 -34.08 -42.30
C ARG TB 3 58.19 -34.81 -41.83
N ARG TB 4 57.99 -35.98 -41.23
CA ARG TB 4 59.06 -36.94 -41.02
C ARG TB 4 59.25 -37.67 -42.34
N ARG TB 5 60.37 -37.38 -43.00
CA ARG TB 5 60.68 -37.95 -44.30
C ARG TB 5 61.71 -39.06 -44.14
N ILE TB 6 61.27 -40.29 -44.39
CA ILE TB 6 62.15 -41.45 -44.43
C ILE TB 6 63.14 -41.24 -45.57
N ALA TB 7 64.43 -41.45 -45.29
CA ALA TB 7 65.49 -41.07 -46.22
C ALA TB 7 65.71 -42.12 -47.28
N TYR TB 8 64.82 -42.15 -48.28
CA TYR TB 8 64.99 -43.01 -49.44
C TYR TB 8 66.02 -42.38 -50.36
N PRO TB 9 66.68 -43.19 -51.22
CA PRO TB 9 67.57 -42.60 -52.21
C PRO TB 9 66.87 -41.65 -53.17
N PHE TB 10 67.50 -40.51 -53.44
CA PHE TB 10 67.05 -39.58 -54.48
C PHE TB 10 67.08 -40.23 -55.86
N TYR TB 11 68.09 -41.07 -56.09
CA TYR TB 11 68.24 -41.83 -57.33
C TYR TB 11 67.19 -42.96 -57.42
N PRO TB 12 66.90 -43.44 -58.64
CA PRO TB 12 65.89 -44.51 -58.79
C PRO TB 12 66.47 -45.90 -58.55
N PHE TB 13 65.69 -46.75 -57.91
CA PHE TB 13 66.09 -48.12 -57.58
C PHE TB 13 64.88 -49.04 -57.64
N LYS TB 14 65.14 -50.34 -57.80
CA LYS TB 14 64.07 -51.35 -57.84
C LYS TB 14 63.41 -51.50 -56.48
N LYS TB 15 62.22 -50.93 -56.33
CA LYS TB 15 61.43 -51.03 -55.11
C LYS TB 15 60.88 -52.44 -54.92
N LEU TB 16 60.34 -52.68 -53.73
CA LEU TB 16 59.55 -53.88 -53.47
C LEU TB 16 58.20 -53.69 -54.16
N GLY TB 17 57.60 -54.78 -54.61
CA GLY TB 17 56.28 -54.76 -55.25
C GLY TB 17 55.30 -55.54 -54.39
N ARG TB 18 55.36 -56.86 -54.53
CA ARG TB 18 54.81 -57.79 -53.56
C ARG TB 18 55.91 -58.77 -53.19
N GLN TB 19 55.76 -59.42 -52.04
CA GLN TB 19 56.73 -60.41 -51.60
C GLN TB 19 56.16 -61.36 -50.55
N HIS TB 20 56.81 -62.52 -50.44
CA HIS TB 20 56.38 -63.60 -49.55
C HIS TB 20 56.21 -63.10 -48.12
N PRO TB 21 55.01 -63.27 -47.52
CA PRO TB 21 54.66 -62.76 -46.18
C PRO TB 21 55.75 -62.79 -45.11
N LYS TB 22 56.51 -63.89 -45.05
CA LYS TB 22 57.49 -64.07 -43.99
C LYS TB 22 58.76 -63.20 -44.09
N LYS TB 23 59.15 -62.75 -45.27
CA LYS TB 23 60.48 -62.11 -45.44
C LYS TB 23 60.65 -60.72 -44.79
N HIS TB 24 59.56 -59.94 -44.73
CA HIS TB 24 59.50 -58.68 -43.96
C HIS TB 24 60.48 -57.58 -44.40
N ASP TB 25 60.84 -57.57 -45.69
CA ASP TB 25 61.91 -56.69 -46.18
C ASP TB 25 61.43 -55.24 -46.35
N THR TB 26 62.38 -54.30 -46.29
CA THR TB 26 62.09 -52.87 -46.44
C THR TB 26 62.75 -52.32 -47.72
N ASN TB 27 62.18 -51.23 -48.23
CA ASN TB 27 62.67 -50.58 -49.46
C ASN TB 27 64.07 -49.99 -49.32
N LEU TB 28 64.34 -49.40 -48.15
CA LEU TB 28 65.67 -48.88 -47.81
C LEU TB 28 66.73 -49.98 -47.84
N LYS TB 29 66.40 -51.11 -47.21
CA LYS TB 29 67.27 -52.29 -47.20
C LYS TB 29 67.56 -52.83 -48.60
N THR TB 30 66.52 -52.84 -49.42
CA THR TB 30 66.62 -53.24 -50.83
C THR TB 30 67.57 -52.32 -51.60
N ALA TB 31 67.39 -51.01 -51.40
CA ALA TB 31 68.24 -49.99 -52.00
C ALA TB 31 69.71 -50.15 -51.60
N MET TB 32 69.92 -50.43 -50.31
CA MET TB 32 71.27 -50.69 -49.78
C MET TB 32 71.91 -51.91 -50.43
N ARG TB 33 71.14 -53.01 -50.51
CA ARG TB 33 71.58 -54.23 -51.19
C ARG TB 33 72.04 -53.96 -52.62
N GLN TB 34 71.20 -53.24 -53.35
CA GLN TB 34 71.48 -52.84 -54.73
C GLN TB 34 72.77 -52.05 -54.86
N PHE TB 35 72.94 -51.08 -53.98
CA PHE TB 35 74.16 -50.28 -53.89
C PHE TB 35 75.40 -51.16 -53.67
N LEU TB 36 75.28 -52.08 -52.73
CA LEU TB 36 76.36 -53.01 -52.40
C LEU TB 36 76.72 -53.96 -53.53
N GLY TB 37 75.70 -54.50 -54.19
CA GLY TB 37 75.88 -55.62 -55.11
C GLY TB 37 75.91 -56.92 -54.31
N PRO TB 38 76.21 -58.05 -54.98
CA PRO TB 38 76.21 -59.35 -54.33
C PRO TB 38 77.43 -59.57 -53.44
N LYS TB 39 77.22 -60.24 -52.30
CA LYS TB 39 78.27 -60.48 -51.31
C LYS TB 39 78.86 -61.88 -51.49
N ASN TB 40 80.18 -61.98 -51.30
CA ASN TB 40 80.89 -63.26 -51.44
C ASN TB 40 80.66 -64.21 -50.27
N TYR TB 41 81.05 -65.46 -50.49
CA TYR TB 41 81.30 -66.43 -49.42
C TYR TB 41 82.26 -65.92 -48.33
N LYS TB 42 83.27 -65.17 -48.74
CA LYS TB 42 84.22 -64.51 -47.82
C LYS TB 42 83.56 -63.42 -46.99
N GLY TB 43 82.69 -62.63 -47.62
CA GLY TB 43 82.08 -61.43 -47.01
C GLY TB 43 82.22 -60.16 -47.84
N GLU TB 44 83.05 -60.19 -48.89
CA GLU TB 44 83.35 -58.99 -49.68
C GLU TB 44 82.25 -58.63 -50.66
N TYR TB 45 81.88 -57.34 -50.69
CA TYR TB 45 81.04 -56.75 -51.73
C TYR TB 45 81.93 -56.30 -52.88
N VAL TB 46 82.25 -57.24 -53.77
CA VAL TB 46 83.26 -57.04 -54.82
C VAL TB 46 82.82 -56.07 -55.92
N MET TB 47 81.54 -56.13 -56.31
CA MET TB 47 81.04 -55.36 -57.45
C MET TB 47 80.91 -53.86 -57.17
N ASN TB 48 80.85 -53.48 -55.90
CA ASN TB 48 80.83 -52.07 -55.51
C ASN TB 48 82.15 -51.38 -55.88
N LYS TB 49 82.04 -50.29 -56.65
CA LYS TB 49 83.15 -49.37 -56.93
C LYS TB 49 84.05 -49.09 -55.73
N TYR TB 50 83.40 -48.73 -54.62
CA TYR TB 50 84.07 -48.14 -53.47
C TYR TB 50 84.58 -49.17 -52.45
N PHE TB 51 84.55 -50.45 -52.79
CA PHE TB 51 85.03 -51.51 -51.89
C PHE TB 51 86.55 -51.54 -51.84
N THR TB 52 87.16 -51.75 -53.01
CA THR TB 52 88.62 -51.83 -53.11
C THR TB 52 89.25 -50.46 -52.95
N VAL TB 53 90.55 -50.46 -52.65
CA VAL TB 53 91.30 -49.25 -52.36
C VAL TB 53 92.14 -48.87 -53.57
N PRO TB 54 92.14 -47.58 -53.96
CA PRO TB 54 92.89 -47.17 -55.15
C PRO TB 54 94.40 -47.21 -54.97
N THR TB 55 95.10 -47.64 -56.01
CA THR TB 55 96.57 -47.70 -56.03
C THR TB 55 97.11 -46.78 -57.13
N ASN TB 56 96.51 -45.58 -57.21
CA ASN TB 56 96.68 -44.68 -58.36
C ASN TB 56 97.19 -43.26 -58.03
N HIS TB 57 97.26 -42.91 -56.75
CA HIS TB 57 97.35 -41.51 -56.28
C HIS TB 57 96.18 -40.66 -56.81
N VAL TB 58 95.00 -41.28 -56.85
CA VAL TB 58 93.76 -40.63 -57.31
C VAL TB 58 92.64 -41.14 -56.39
N PRO TB 59 92.21 -40.32 -55.41
CA PRO TB 59 91.24 -40.82 -54.43
C PRO TB 59 89.88 -41.17 -55.05
N ASN TB 60 89.36 -42.35 -54.71
CA ASN TB 60 88.08 -42.82 -55.21
C ASN TB 60 86.97 -42.34 -54.28
N TYR TB 61 86.71 -41.04 -54.35
CA TYR TB 61 85.62 -40.41 -53.61
C TYR TB 61 84.32 -40.62 -54.35
N ILE TB 62 83.23 -40.23 -53.69
CA ILE TB 62 81.90 -40.65 -54.09
C ILE TB 62 81.30 -39.67 -55.08
N LYS TB 63 80.62 -40.21 -56.10
CA LYS TB 63 79.89 -39.42 -57.09
C LYS TB 63 78.48 -40.01 -57.30
N PRO TB 64 77.60 -39.90 -56.28
CA PRO TB 64 76.25 -40.44 -56.41
C PRO TB 64 75.36 -39.63 -57.36
N ASP TB 65 75.60 -38.32 -57.42
CA ASP TB 65 74.92 -37.43 -58.36
C ASP TB 65 75.25 -37.71 -59.83
N LEU TB 66 76.49 -38.12 -60.10
CA LEU TB 66 76.95 -38.31 -61.48
C LEU TB 66 76.50 -39.65 -62.06
N GLU TB 67 76.80 -40.73 -61.36
CA GLU TB 67 76.41 -42.09 -61.79
C GLU TB 67 74.95 -42.44 -61.51
N ARG TB 68 74.19 -41.51 -60.91
CA ARG TB 68 72.76 -41.65 -60.65
C ARG TB 68 72.47 -42.87 -59.77
N GLY TB 69 73.29 -43.03 -58.74
CA GLY TB 69 73.15 -44.11 -57.77
C GLY TB 69 73.66 -45.49 -58.14
N GLN TB 70 74.14 -45.66 -59.37
CA GLN TB 70 74.57 -46.97 -59.85
C GLN TB 70 76.07 -47.13 -59.65
N SER TB 71 76.41 -47.78 -58.53
CA SER TB 71 77.78 -47.88 -58.05
C SER TB 71 78.55 -49.11 -58.55
N LEU TB 72 77.86 -50.05 -59.18
CA LEU TB 72 78.44 -51.37 -59.46
C LEU TB 72 79.32 -51.39 -60.72
N GLU TB 73 80.61 -51.68 -60.51
CA GLU TB 73 81.58 -51.87 -61.59
C GLU TB 73 82.09 -53.32 -61.58
N HIS TB 74 82.56 -53.79 -62.75
CA HIS TB 74 83.20 -55.10 -62.83
C HIS TB 74 84.63 -54.96 -62.28
N PRO TB 75 85.00 -55.77 -61.26
CA PRO TB 75 86.27 -55.56 -60.52
C PRO TB 75 87.56 -55.58 -61.36
N VAL TB 76 87.64 -56.48 -62.34
CA VAL TB 76 88.86 -56.66 -63.15
C VAL TB 76 89.04 -55.51 -64.15
N THR TB 77 87.95 -55.11 -64.79
CA THR TB 77 87.98 -54.14 -65.90
C THR TB 77 87.51 -52.72 -65.53
N LYS TB 78 87.03 -52.54 -64.29
CA LYS TB 78 86.40 -51.29 -63.80
C LYS TB 78 85.34 -50.68 -64.74
N LYS TB 79 84.58 -51.54 -65.43
CA LYS TB 79 83.54 -51.10 -66.36
C LYS TB 79 82.18 -51.18 -65.67
N PRO TB 80 81.31 -50.17 -65.87
CA PRO TB 80 80.07 -50.03 -65.11
C PRO TB 80 79.02 -51.10 -65.44
N LEU TB 81 78.13 -51.36 -64.49
CA LEU TB 81 77.07 -52.35 -64.62
C LEU TB 81 75.76 -51.82 -64.03
N GLN TB 82 74.66 -52.53 -64.31
CA GLN TB 82 73.33 -52.21 -63.77
C GLN TB 82 72.61 -53.47 -63.32
N LEU TB 83 71.48 -53.25 -62.64
CA LEU TB 83 70.56 -54.33 -62.26
C LEU TB 83 69.42 -54.36 -63.28
N ARG TB 84 69.37 -55.44 -64.07
CA ARG TB 84 68.37 -55.61 -65.14
C ARG TB 84 67.05 -56.16 -64.57
N TYR TB 85 66.07 -56.41 -65.44
CA TYR TB 85 64.80 -57.03 -65.03
C TYR TB 85 64.97 -58.38 -64.34
N ASP TB 86 65.93 -59.18 -64.81
CA ASP TB 86 66.38 -60.38 -64.10
C ASP TB 86 67.36 -60.01 -63.00
N GLY TB 87 67.50 -60.89 -62.02
CA GLY TB 87 68.43 -60.69 -60.89
C GLY TB 87 69.90 -60.56 -61.24
N THR TB 88 70.29 -61.10 -62.40
CA THR TB 88 71.67 -60.98 -62.90
C THR TB 88 72.04 -59.55 -63.29
N LEU TB 89 73.30 -59.19 -63.07
CA LEU TB 89 73.84 -57.90 -63.49
C LEU TB 89 74.27 -57.94 -64.96
N GLY TB 90 74.43 -56.76 -65.54
CA GLY TB 90 74.89 -56.61 -66.92
C GLY TB 90 75.29 -55.18 -67.24
N PRO TB 91 75.89 -54.95 -68.42
CA PRO TB 91 76.31 -53.58 -68.75
C PRO TB 91 75.15 -52.64 -69.07
N PRO TB 92 75.35 -51.31 -68.92
CA PRO TB 92 74.29 -50.34 -69.19
C PRO TB 92 74.11 -50.14 -70.70
N PRO TB 93 72.88 -49.82 -71.14
CA PRO TB 93 72.65 -49.53 -72.57
C PRO TB 93 73.24 -48.19 -73.02
N VAL TB 94 73.02 -47.15 -72.22
CA VAL TB 94 73.53 -45.80 -72.51
C VAL TB 94 74.74 -45.52 -71.61
N GLU TB 95 75.79 -44.93 -72.19
CA GLU TB 95 76.99 -44.58 -71.45
C GLU TB 95 76.84 -43.21 -70.77
N ASN TB 96 77.44 -43.07 -69.59
CA ASN TB 96 77.36 -41.83 -68.81
C ASN TB 96 78.48 -40.86 -69.20
N LYS TB 97 78.08 -39.68 -69.70
CA LYS TB 97 79.03 -38.62 -70.04
C LYS TB 97 79.53 -37.86 -68.81
N ARG TB 98 78.76 -37.90 -67.71
CA ARG TB 98 79.13 -37.22 -66.46
C ARG TB 98 80.36 -37.80 -65.80
N LEU TB 99 80.43 -39.13 -65.72
CA LEU TB 99 81.60 -39.83 -65.15
C LEU TB 99 82.85 -39.72 -66.02
N GLN TB 100 82.67 -39.61 -67.33
CA GLN TB 100 83.79 -39.55 -68.27
C GLN TB 100 84.46 -38.17 -68.21
N ASN TB 101 83.66 -37.12 -68.26
CA ASN TB 101 84.12 -35.73 -68.14
C ASN TB 101 83.93 -35.21 -66.72
N ILE TB 102 85.00 -35.28 -65.92
CA ILE TB 102 85.02 -34.77 -64.54
C ILE TB 102 86.22 -33.84 -64.33
N PHE TB 103 86.06 -32.89 -63.41
CA PHE TB 103 87.04 -31.82 -63.20
C PHE TB 103 88.18 -32.27 -62.28
N LYS TB 104 89.19 -31.41 -62.16
CA LYS TB 104 90.33 -31.64 -61.28
C LYS TB 104 89.93 -31.49 -59.81
N ASP TB 105 89.22 -30.40 -59.52
CA ASP TB 105 88.79 -30.08 -58.14
C ASP TB 105 87.84 -31.11 -57.54
N ARG TB 106 86.91 -31.61 -58.34
CA ARG TB 106 85.89 -32.55 -57.86
C ARG TB 106 86.44 -33.97 -57.59
N LEU TB 107 87.56 -34.32 -58.23
CA LEU TB 107 88.27 -35.57 -57.90
C LEU TB 107 88.85 -35.56 -56.48
N LEU TB 108 89.20 -34.36 -56.00
CA LEU TB 108 89.65 -34.16 -54.62
C LEU TB 108 88.55 -33.51 -53.78
N GLN TB 109 87.34 -34.07 -53.86
CA GLN TB 109 86.18 -33.56 -53.14
C GLN TB 109 85.46 -34.77 -52.52
N PRO TB 110 85.78 -35.10 -51.26
CA PRO TB 110 85.29 -36.35 -50.66
C PRO TB 110 83.78 -36.48 -50.57
N PHE TB 111 83.10 -35.38 -50.24
CA PHE TB 111 81.64 -35.36 -50.12
C PHE TB 111 81.04 -34.56 -51.26
N PRO TB 112 80.00 -35.11 -51.94
CA PRO TB 112 79.40 -34.44 -53.10
C PRO TB 112 78.71 -33.12 -52.75
N SER TB 113 78.13 -33.05 -51.55
CA SER TB 113 77.30 -31.91 -51.14
C SER TB 113 78.10 -30.69 -50.62
N ASN TB 114 79.36 -30.89 -50.27
CA ASN TB 114 80.23 -29.79 -49.80
C ASN TB 114 81.43 -29.60 -50.76
N PRO TB 115 81.34 -28.61 -51.67
CA PRO TB 115 82.45 -28.22 -52.54
C PRO TB 115 83.72 -27.72 -51.83
N HIS TB 116 83.56 -27.13 -50.65
CA HIS TB 116 84.66 -26.46 -49.97
C HIS TB 116 85.64 -27.45 -49.35
N CYS TB 117 85.11 -28.49 -48.70
CA CYS TB 117 85.95 -29.57 -48.20
C CYS TB 117 86.68 -30.26 -49.35
N LYS TB 118 88.01 -30.17 -49.34
CA LYS TB 118 88.87 -30.91 -50.25
C LYS TB 118 89.93 -31.65 -49.45
N THR TB 119 90.50 -32.68 -50.05
CA THR TB 119 91.62 -33.39 -49.43
C THR TB 119 92.93 -32.63 -49.60
N ASN TB 120 93.72 -32.63 -48.53
CA ASN TB 120 95.08 -32.12 -48.57
C ASN TB 120 95.96 -33.18 -49.23
N TYR TB 121 97.04 -32.72 -49.87
CA TYR TB 121 97.96 -33.62 -50.57
C TYR TB 121 98.88 -34.32 -49.57
N VAL TB 122 99.49 -35.41 -50.01
CA VAL TB 122 100.47 -36.15 -49.21
C VAL TB 122 101.87 -35.85 -49.75
N LEU TB 123 102.81 -35.65 -48.83
CA LEU TB 123 104.20 -35.46 -49.18
C LEU TB 123 104.85 -36.78 -49.50
N SER TB 124 105.63 -36.80 -50.58
CA SER TB 124 106.45 -37.95 -50.91
C SER TB 124 107.57 -38.09 -49.86
N PRO TB 125 107.93 -39.33 -49.47
CA PRO TB 125 108.93 -39.57 -48.42
C PRO TB 125 110.30 -38.98 -48.72
N GLN TB 126 110.66 -38.98 -50.00
CA GLN TB 126 111.93 -38.42 -50.49
C GLN TB 126 112.00 -36.91 -50.22
N LEU TB 127 110.89 -36.23 -50.55
CA LEU TB 127 110.75 -34.79 -50.32
C LEU TB 127 110.89 -34.44 -48.84
N LYS TB 128 110.18 -35.19 -48.00
CA LYS TB 128 110.27 -35.03 -46.54
C LYS TB 128 111.70 -35.17 -46.03
N GLN TB 129 112.37 -36.21 -46.52
CA GLN TB 129 113.78 -36.47 -46.20
C GLN TB 129 114.69 -35.29 -46.59
N SER TB 130 114.47 -34.76 -47.80
CA SER TB 130 115.23 -33.61 -48.30
C SER TB 130 115.03 -32.36 -47.43
N ILE TB 131 113.78 -32.13 -47.06
CA ILE TB 131 113.40 -31.05 -46.11
C ILE TB 131 114.13 -31.19 -44.79
N PHE TB 132 114.11 -32.40 -44.24
CA PHE TB 132 114.78 -32.73 -42.97
C PHE TB 132 116.28 -32.46 -43.03
N GLU TB 133 116.90 -32.90 -44.13
CA GLU TB 133 118.32 -32.64 -44.41
C GLU TB 133 118.64 -31.15 -44.44
N GLU TB 134 117.81 -30.41 -45.17
CA GLU TB 134 117.94 -28.95 -45.30
C GLU TB 134 117.92 -28.25 -43.95
N ILE TB 135 116.96 -28.63 -43.11
CA ILE TB 135 116.81 -28.02 -41.78
C ILE TB 135 117.95 -28.38 -40.82
N THR TB 136 118.45 -29.62 -40.89
CA THR TB 136 119.44 -30.11 -39.93
C THR TB 136 120.89 -29.96 -40.39
N VAL TB 137 121.22 -30.61 -41.51
CA VAL TB 137 122.61 -30.71 -41.98
C VAL TB 137 123.05 -29.42 -42.67
N GLU TB 138 122.28 -29.00 -43.67
CA GLU TB 138 122.56 -27.75 -44.40
C GLU TB 138 122.34 -26.51 -43.52
N GLY TB 139 121.42 -26.62 -42.57
CA GLY TB 139 121.19 -25.56 -41.57
C GLY TB 139 120.47 -24.34 -42.11
N LEU TB 140 119.57 -24.55 -43.07
CA LEU TB 140 118.76 -23.47 -43.64
C LEU TB 140 117.62 -23.11 -42.69
N SER TB 141 117.16 -21.87 -42.79
CA SER TB 141 115.99 -21.42 -42.03
C SER TB 141 114.71 -22.02 -42.63
N ALA TB 142 113.70 -22.20 -41.78
CA ALA TB 142 112.44 -22.85 -42.18
C ALA TB 142 111.64 -22.04 -43.21
N GLN TB 143 111.74 -20.71 -43.13
CA GLN TB 143 111.03 -19.81 -44.05
C GLN TB 143 111.51 -19.99 -45.49
N GLN TB 144 112.83 -20.05 -45.65
CA GLN TB 144 113.47 -20.30 -46.95
C GLN TB 144 113.05 -21.63 -47.56
N VAL TB 145 113.00 -22.66 -46.72
CA VAL TB 145 112.57 -24.00 -47.11
C VAL TB 145 111.11 -23.96 -47.58
N SER TB 146 110.28 -23.28 -46.81
CA SER TB 146 108.85 -23.12 -47.11
C SER TB 146 108.64 -22.44 -48.46
N GLN TB 147 109.39 -21.37 -48.70
CA GLN TB 147 109.38 -20.64 -49.98
C GLN TB 147 109.77 -21.52 -51.16
N LYS TB 148 110.84 -22.30 -50.97
CA LYS TB 148 111.34 -23.24 -51.97
C LYS TB 148 110.29 -24.27 -52.37
N TYR TB 149 109.68 -24.91 -51.37
CA TYR TB 149 108.82 -26.08 -51.58
C TYR TB 149 107.35 -25.73 -51.80
N GLY TB 150 106.84 -24.80 -50.99
CA GLY TB 150 105.43 -24.40 -51.01
C GLY TB 150 104.61 -24.98 -49.88
N LEU TB 151 105.23 -25.13 -48.71
CA LEU TB 151 104.58 -25.59 -47.48
C LEU TB 151 104.59 -24.44 -46.51
N LYS TB 152 103.78 -24.54 -45.45
CA LYS TB 152 103.80 -23.54 -44.38
C LYS TB 152 104.81 -23.95 -43.31
N ILE TB 153 105.36 -22.95 -42.62
CA ILE TB 153 106.46 -23.13 -41.66
C ILE TB 153 106.10 -24.09 -40.52
N PRO TB 154 104.91 -23.95 -39.91
CA PRO TB 154 104.47 -24.96 -38.93
C PRO TB 154 104.36 -26.37 -39.50
N ARG TB 155 103.88 -26.46 -40.74
CA ARG TB 155 103.78 -27.72 -41.48
C ARG TB 155 105.15 -28.36 -41.65
N VAL TB 156 106.11 -27.54 -42.08
CA VAL TB 156 107.51 -27.94 -42.24
C VAL TB 156 108.09 -28.48 -40.93
N GLU TB 157 107.88 -27.73 -39.85
CA GLU TB 157 108.33 -28.13 -38.50
C GLU TB 157 107.74 -29.47 -38.07
N ALA TB 158 106.45 -29.64 -38.35
CA ALA TB 158 105.74 -30.89 -38.07
C ALA TB 158 106.35 -32.08 -38.82
N ILE TB 159 106.61 -31.86 -40.10
CA ILE TB 159 107.25 -32.85 -40.98
C ILE TB 159 108.61 -33.28 -40.40
N VAL TB 160 109.42 -32.29 -40.06
CA VAL TB 160 110.75 -32.49 -39.47
C VAL TB 160 110.66 -33.36 -38.21
N LYS TB 161 109.74 -32.99 -37.33
CA LYS TB 161 109.44 -33.74 -36.11
C LYS TB 161 109.12 -35.20 -36.40
N LEU TB 162 108.24 -35.43 -37.38
CA LEU TB 162 107.84 -36.77 -37.77
C LEU TB 162 108.97 -37.61 -38.37
N VAL TB 163 109.85 -36.95 -39.13
CA VAL TB 163 110.99 -37.63 -39.78
C VAL TB 163 111.95 -38.21 -38.75
N SER TB 164 112.31 -37.39 -37.76
CA SER TB 164 113.21 -37.81 -36.67
C SER TB 164 112.65 -38.99 -35.86
N VAL TB 165 111.34 -38.94 -35.61
CA VAL TB 165 110.61 -40.02 -34.93
C VAL TB 165 110.67 -41.31 -35.77
N GLU TB 166 110.37 -41.19 -37.06
CA GLU TB 166 110.45 -42.31 -38.00
C GLU TB 166 111.83 -42.97 -38.01
N ASN TB 167 112.86 -42.12 -38.06
CA ASN TB 167 114.26 -42.57 -38.01
C ASN TB 167 114.58 -43.34 -36.74
N SER TB 168 114.12 -42.80 -35.60
CA SER TB 168 114.30 -43.44 -34.29
C SER TB 168 113.63 -44.81 -34.24
N TRP TB 169 112.41 -44.87 -34.75
CA TRP TB 169 111.66 -46.13 -34.89
C TRP TB 169 112.39 -47.17 -35.73
N ASN TB 170 112.92 -46.73 -36.87
CA ASN TB 170 113.72 -47.58 -37.76
C ASN TB 170 114.97 -48.15 -37.07
N ARG TB 171 115.65 -47.29 -36.33
CA ARG TB 171 116.82 -47.68 -35.52
C ARG TB 171 116.46 -48.74 -34.49
N ARG TB 172 115.36 -48.51 -33.77
CA ARG TB 172 114.84 -49.47 -32.78
C ARG TB 172 114.25 -50.74 -33.41
N ASN TB 173 113.89 -50.68 -34.69
CA ASN TB 173 113.23 -51.77 -35.44
C ASN TB 173 111.80 -51.99 -34.95
N ARG TB 174 111.08 -50.88 -34.83
CA ARG TB 174 109.67 -50.87 -34.41
C ARG TB 174 108.69 -50.86 -35.60
N VAL TB 175 109.12 -50.25 -36.71
CA VAL TB 175 108.28 -50.17 -37.92
C VAL TB 175 108.09 -51.58 -38.48
N SER TB 176 106.97 -52.20 -38.13
CA SER TB 176 106.64 -53.55 -38.57
C SER TB 176 106.25 -53.60 -40.04
N SER TB 177 106.17 -54.82 -40.57
CA SER TB 177 105.79 -55.07 -41.96
C SER TB 177 104.37 -54.59 -42.26
N ASP TB 178 103.44 -54.97 -41.38
CA ASP TB 178 102.03 -54.60 -41.49
C ASP TB 178 101.82 -53.08 -41.50
N LEU TB 179 102.57 -52.39 -40.63
CA LEU TB 179 102.57 -50.93 -40.58
C LEU TB 179 103.07 -50.30 -41.88
N LYS TB 180 104.16 -50.84 -42.41
CA LYS TB 180 104.73 -50.40 -43.69
C LYS TB 180 103.72 -50.55 -44.82
N THR TB 181 103.05 -51.70 -44.85
CA THR TB 181 102.04 -51.99 -45.88
C THR TB 181 100.91 -50.97 -45.81
N MET TB 182 100.43 -50.71 -44.59
CA MET TB 182 99.41 -49.70 -44.33
C MET TB 182 99.84 -48.32 -44.83
N ASP TB 183 101.05 -47.92 -44.48
CA ASP TB 183 101.62 -46.65 -44.94
C ASP TB 183 101.62 -46.54 -46.46
N GLU TB 184 102.07 -47.62 -47.12
CA GLU TB 184 102.07 -47.71 -48.58
C GLU TB 184 100.67 -47.56 -49.18
N THR TB 185 99.70 -48.24 -48.59
CA THR TB 185 98.30 -48.17 -49.04
C THR TB 185 97.75 -46.76 -48.93
N LEU TB 186 98.02 -46.12 -47.79
CA LEU TB 186 97.63 -44.73 -47.54
C LEU TB 186 98.25 -43.77 -48.56
N TYR TB 187 99.54 -43.96 -48.83
CA TYR TB 187 100.27 -43.17 -49.83
C TYR TB 187 99.61 -43.30 -51.21
N ARG TB 188 99.34 -44.53 -51.60
CA ARG TB 188 98.66 -44.85 -52.86
C ARG TB 188 97.27 -44.21 -52.99
N MET TB 189 96.53 -44.19 -51.88
CA MET TB 189 95.21 -43.55 -51.83
C MET TB 189 95.25 -42.06 -52.15
N PHE TB 190 96.18 -41.33 -51.53
CA PHE TB 190 96.19 -39.86 -51.61
C PHE TB 190 97.02 -39.31 -52.77
N PRO TB 191 96.66 -38.11 -53.26
CA PRO TB 191 97.44 -37.45 -54.30
C PRO TB 191 98.72 -36.84 -53.74
N VAL TB 192 99.77 -36.83 -54.56
CA VAL TB 192 101.10 -36.43 -54.12
C VAL TB 192 101.29 -34.91 -54.25
N PHE TB 193 102.05 -34.34 -53.33
CA PHE TB 193 102.40 -32.91 -53.35
C PHE TB 193 103.52 -32.66 -54.36
N ASP TB 194 103.23 -31.86 -55.38
CA ASP TB 194 104.23 -31.43 -56.35
C ASP TB 194 104.73 -30.03 -55.98
N SER TB 195 106.05 -29.90 -55.83
CA SER TB 195 106.67 -28.63 -55.44
C SER TB 195 106.71 -27.57 -56.56
N ASP TB 196 106.57 -28.01 -57.82
CA ASP TB 196 106.59 -27.09 -58.97
C ASP TB 196 105.21 -26.55 -59.35
N ALA TB 197 104.17 -27.39 -59.24
CA ALA TB 197 102.80 -27.01 -59.59
C ALA TB 197 102.28 -25.89 -58.68
N SER TB 198 102.09 -24.70 -59.27
CA SER TB 198 101.72 -23.49 -58.51
C SER TB 198 100.36 -23.59 -57.81
N PHE TB 199 99.40 -24.26 -58.45
CA PHE TB 199 98.07 -24.47 -57.87
C PHE TB 199 98.09 -25.38 -56.63
N LYS TB 200 99.04 -26.33 -56.59
CA LYS TB 200 99.21 -27.24 -55.44
C LYS TB 200 99.94 -26.61 -54.26
N ARG TB 201 100.76 -25.57 -54.51
CA ARG TB 201 101.54 -24.94 -53.44
C ARG TB 201 100.66 -24.18 -52.45
N GLU TB 202 101.04 -24.23 -51.18
CA GLU TB 202 100.26 -23.59 -50.11
C GLU TB 202 100.51 -22.09 -50.11
N ASN TB 203 99.46 -21.31 -49.90
CA ASN TB 203 99.55 -19.84 -49.90
C ASN TB 203 100.23 -19.35 -48.63
N LEU TB 204 101.43 -18.79 -48.80
CA LEU TB 204 102.31 -18.43 -47.67
C LEU TB 204 102.09 -17.02 -47.13
N SER TB 205 101.15 -16.26 -47.71
CA SER TB 205 100.82 -14.91 -47.26
C SER TB 205 99.55 -14.84 -46.40
N GLU TB 206 99.05 -15.99 -45.94
CA GLU TB 206 97.87 -16.05 -45.08
C GLU TB 206 98.18 -15.61 -43.65
N ILE TB 207 97.83 -14.36 -43.33
CA ILE TB 207 97.79 -13.88 -41.94
C ILE TB 207 96.39 -14.16 -41.37
N PRO TB 208 96.28 -14.30 -40.04
CA PRO TB 208 94.96 -14.44 -39.43
C PRO TB 208 94.30 -13.08 -39.23
N VAL TB 209 92.98 -13.04 -39.34
CA VAL TB 209 92.21 -11.78 -39.37
C VAL TB 209 91.89 -11.34 -37.94
N PRO TB 210 92.31 -10.13 -37.53
CA PRO TB 210 91.98 -9.61 -36.20
C PRO TB 210 90.57 -9.01 -36.11
N GLN TB 211 90.21 -8.54 -34.92
CA GLN TB 211 88.89 -7.97 -34.64
C GLN TB 211 88.71 -6.57 -35.25
N LYS TB 212 89.73 -5.73 -35.12
CA LYS TB 212 89.66 -4.33 -35.56
C LYS TB 212 89.49 -4.14 -37.08
N THR TB 213 90.06 -5.06 -37.86
CA THR TB 213 89.92 -5.03 -39.32
C THR TB 213 88.49 -5.34 -39.77
N LEU TB 214 87.87 -6.35 -39.15
CA LEU TB 214 86.52 -6.82 -39.51
C LEU TB 214 85.45 -5.73 -39.42
N ALA TB 215 85.48 -4.95 -38.35
CA ALA TB 215 84.56 -3.81 -38.18
C ALA TB 215 84.89 -2.73 -39.21
N SER TB 216 84.00 -2.55 -40.18
CA SER TB 216 84.25 -1.69 -41.34
C SER TB 216 84.25 -0.20 -40.98
N ARG TB 217 85.22 0.52 -41.54
CA ARG TB 217 85.29 1.98 -41.42
C ARG TB 217 85.38 2.60 -42.81
N PHE TB 218 84.91 3.84 -42.92
CA PHE TB 218 85.00 4.62 -44.15
C PHE TB 218 85.50 6.03 -43.83
N LEU TB 219 86.25 6.61 -44.76
CA LEU TB 219 86.82 7.94 -44.60
C LEU TB 219 86.56 8.78 -45.84
N THR TB 220 86.08 10.00 -45.63
CA THR TB 220 85.94 10.98 -46.71
C THR TB 220 87.22 11.80 -46.82
N ILE TB 221 88.16 11.30 -47.61
CA ILE TB 221 89.41 12.02 -47.91
C ILE TB 221 89.11 12.83 -49.16
N ALA TB 222 89.91 13.88 -49.40
CA ALA TB 222 89.79 14.66 -50.63
C ALA TB 222 89.99 13.78 -51.87
N GLU TB 223 89.28 14.13 -52.95
CA GLU TB 223 89.26 13.32 -54.18
C GLU TB 223 90.63 12.88 -54.70
N SER TB 224 91.61 13.77 -54.60
CA SER TB 224 92.99 13.50 -55.04
C SER TB 224 93.88 12.88 -53.97
N GLU TB 225 93.60 13.16 -52.69
CA GLU TB 225 94.42 12.67 -51.56
C GLU TB 225 94.62 11.15 -51.58
N PRO TB 226 95.88 10.67 -51.66
CA PRO TB 226 96.14 9.23 -51.67
C PRO TB 226 96.01 8.62 -50.28
N PHE TB 227 95.78 7.31 -50.25
CA PHE TB 227 95.50 6.60 -49.01
C PHE TB 227 95.87 5.12 -49.16
N GLY TB 228 97.11 4.79 -48.79
CA GLY TB 228 97.65 3.45 -48.95
C GLY TB 228 97.35 2.51 -47.79
N PRO TB 229 97.82 1.25 -47.85
CA PRO TB 229 97.67 0.24 -46.79
C PRO TB 229 98.19 0.71 -45.42
N VAL TB 230 99.31 1.42 -45.44
CA VAL TB 230 99.95 1.95 -44.23
C VAL TB 230 99.02 2.94 -43.53
N ASP TB 231 98.42 3.83 -44.32
CA ASP TB 231 97.48 4.84 -43.83
C ASP TB 231 96.27 4.18 -43.17
N ALA TB 232 95.72 3.16 -43.84
CA ALA TB 232 94.61 2.37 -43.33
C ALA TB 232 94.92 1.70 -42.00
N ALA TB 233 96.11 1.10 -41.92
CA ALA TB 233 96.62 0.49 -40.68
C ALA TB 233 96.72 1.50 -39.54
N HIS TB 234 97.22 2.68 -39.88
CA HIS TB 234 97.35 3.79 -38.93
C HIS TB 234 96.00 4.26 -38.38
N VAL TB 235 95.03 4.36 -39.29
CA VAL TB 235 93.65 4.70 -38.95
C VAL TB 235 93.04 3.66 -37.99
N LEU TB 236 93.23 2.38 -38.32
CA LEU TB 236 92.75 1.28 -37.50
C LEU TB 236 93.51 1.08 -36.19
N GLU TB 237 94.73 1.66 -36.10
CA GLU TB 237 95.61 1.56 -34.94
C GLU TB 237 96.18 0.15 -34.80
N LEU TB 238 96.68 -0.37 -35.92
CA LEU TB 238 97.36 -1.66 -35.99
C LEU TB 238 98.73 -1.47 -36.65
N GLU TB 239 99.54 -2.52 -36.58
CA GLU TB 239 100.74 -2.61 -37.42
C GLU TB 239 100.28 -3.02 -38.82
N PRO TB 240 101.06 -2.68 -39.86
CA PRO TB 240 100.67 -3.10 -41.22
C PRO TB 240 100.60 -4.62 -41.42
N ALA TB 241 99.86 -5.03 -42.45
CA ALA TB 241 99.62 -6.44 -42.77
C ALA TB 241 100.90 -7.19 -43.14
N VAL TB 242 101.77 -6.52 -43.89
CA VAL TB 242 103.07 -7.07 -44.30
C VAL TB 242 103.94 -7.38 -43.08
N GLU TB 243 104.01 -6.41 -42.16
CA GLU TB 243 104.78 -6.56 -40.92
C GLU TB 243 104.31 -7.73 -40.06
N THR TB 244 102.99 -7.88 -39.95
CA THR TB 244 102.39 -8.99 -39.20
C THR TB 244 102.73 -10.34 -39.85
N LEU TB 245 102.70 -10.37 -41.18
CA LEU TB 245 103.08 -11.56 -41.96
C LEU TB 245 104.53 -11.95 -41.70
N ARG TB 246 105.41 -10.96 -41.74
CA ARG TB 246 106.85 -11.14 -41.44
C ARG TB 246 107.07 -11.70 -40.04
N ASN TB 247 106.37 -11.13 -39.07
CA ASN TB 247 106.42 -11.58 -37.67
C ASN TB 247 106.00 -13.04 -37.54
N LEU TB 248 104.90 -13.39 -38.20
CA LEU TB 248 104.40 -14.77 -38.24
C LEU TB 248 105.43 -15.74 -38.83
N SER TB 249 106.08 -15.31 -39.90
CA SER TB 249 107.11 -16.11 -40.57
C SER TB 249 108.30 -16.40 -39.64
N THR TB 250 108.76 -15.36 -38.93
CA THR TB 250 109.89 -15.49 -38.01
C THR TB 250 109.45 -16.11 -36.69
N ASN TB 265 115.93 -11.47 -15.91
CA ASN TB 265 114.52 -11.31 -16.24
C ASN TB 265 113.66 -11.26 -14.99
N THR TB 266 113.71 -12.34 -14.21
CA THR TB 266 112.97 -12.47 -12.94
C THR TB 266 113.82 -13.28 -11.97
N LYS TB 267 113.95 -12.81 -10.72
CA LYS TB 267 114.77 -13.50 -9.72
C LYS TB 267 114.14 -14.84 -9.30
N VAL TB 268 114.91 -15.91 -9.46
CA VAL TB 268 114.49 -17.26 -9.07
C VAL TB 268 115.56 -17.85 -8.15
N ILE TB 269 115.14 -18.21 -6.94
CA ILE TB 269 116.01 -18.90 -5.97
C ILE TB 269 115.62 -20.37 -5.96
N TYR TB 270 116.61 -21.23 -5.72
CA TYR TB 270 116.40 -22.65 -5.42
C TYR TB 270 116.88 -22.91 -4.00
N GLY TB 271 116.08 -23.67 -3.24
CA GLY TB 271 116.42 -24.00 -1.85
C GLY TB 271 117.53 -25.02 -1.76
N GLU TB 272 118.21 -25.05 -0.60
CA GLU TB 272 119.26 -26.04 -0.34
C GLU TB 272 118.65 -27.43 -0.24
N LEU TB 273 119.39 -28.43 -0.71
CA LEU TB 273 118.91 -29.81 -0.76
C LEU TB 273 119.75 -30.69 0.17
N VAL TB 274 119.22 -30.93 1.37
CA VAL TB 274 119.84 -31.80 2.37
C VAL TB 274 119.60 -33.26 1.95
N GLU TB 275 120.51 -34.15 2.37
CA GLU TB 275 120.48 -35.58 1.97
C GLU TB 275 119.14 -36.29 2.19
N GLY TB 276 118.48 -35.99 3.31
CA GLY TB 276 117.23 -36.64 3.67
C GLY TB 276 116.01 -36.15 2.93
N GLU TB 277 115.91 -34.83 2.73
CA GLU TB 277 114.70 -34.22 2.16
C GLU TB 277 114.50 -34.57 0.68
N ARG TB 278 113.23 -34.70 0.31
CA ARG TB 278 112.82 -35.36 -0.93
C ARG TB 278 112.49 -34.42 -2.09
N SER TB 279 112.60 -33.11 -1.88
CA SER TB 279 112.18 -32.13 -2.88
C SER TB 279 112.74 -30.74 -2.63
N GLN TB 280 113.04 -30.03 -3.71
CA GLN TB 280 113.55 -28.65 -3.65
C GLN TB 280 112.43 -27.64 -3.47
N TYR TB 281 112.82 -26.40 -3.15
CA TYR TB 281 111.92 -25.27 -3.04
C TYR TB 281 112.36 -24.16 -4.01
N LYS TB 282 111.64 -24.04 -5.13
CA LYS TB 282 111.89 -23.01 -6.14
C LYS TB 282 111.10 -21.75 -5.81
N PHE TB 283 111.80 -20.68 -5.43
CA PHE TB 283 111.18 -19.38 -5.12
C PHE TB 283 111.35 -18.40 -6.27
N THR TB 284 110.27 -18.17 -7.02
CA THR TB 284 110.25 -17.13 -8.05
C THR TB 284 109.83 -15.80 -7.41
N ASN TB 285 110.35 -14.69 -7.92
CA ASN TB 285 109.95 -13.36 -7.46
C ASN TB 285 108.57 -12.99 -8.03
N ALA TB 286 107.84 -12.13 -7.33
CA ALA TB 286 106.53 -11.65 -7.80
C ALA TB 286 106.14 -10.35 -7.11
N LYS TB 287 105.58 -9.39 -7.85
CA LYS TB 287 105.17 -8.09 -7.30
C LYS TB 287 103.91 -8.20 -6.46
N VAL TB 288 103.93 -7.63 -5.26
CA VAL TB 288 102.75 -7.58 -4.39
C VAL TB 288 101.61 -6.81 -5.05
N GLY TB 289 100.38 -7.27 -4.82
CA GLY TB 289 99.21 -6.82 -5.58
C GLY TB 289 99.01 -7.57 -6.90
N LYS TB 290 99.86 -8.57 -7.16
CA LYS TB 290 99.74 -9.41 -8.37
C LYS TB 290 99.96 -10.92 -8.15
N VAL TB 291 100.22 -11.36 -6.91
CA VAL TB 291 100.76 -12.70 -6.67
C VAL TB 291 99.70 -13.73 -6.29
N GLY TB 292 98.93 -13.40 -5.25
CA GLY TB 292 98.14 -14.39 -4.53
C GLY TB 292 96.92 -14.96 -5.22
N TYR TB 293 96.23 -15.82 -4.48
CA TYR TB 293 94.89 -16.26 -4.81
C TYR TB 293 93.95 -15.22 -4.23
N ARG TB 294 93.14 -14.61 -5.09
CA ARG TB 294 92.32 -13.46 -4.72
C ARG TB 294 91.15 -13.83 -3.80
N TYR TB 295 90.74 -12.85 -3.00
CA TYR TB 295 89.72 -13.03 -1.97
C TYR TB 295 88.36 -12.62 -2.50
N GLY TB 296 87.37 -13.52 -2.35
CA GLY TB 296 86.04 -13.30 -2.87
C GLY TB 296 85.96 -13.44 -4.38
N SER TB 297 86.71 -14.39 -4.92
CA SER TB 297 86.62 -14.73 -6.35
C SER TB 297 85.38 -15.58 -6.59
N GLY TB 298 85.01 -15.70 -7.86
CA GLY TB 298 83.80 -16.41 -8.25
C GLY TB 298 84.02 -17.91 -8.24
N ASN TB 299 83.29 -18.61 -7.36
CA ASN TB 299 83.33 -20.07 -7.37
C ASN TB 299 82.58 -20.56 -8.60
N ARG TB 300 83.31 -21.26 -9.45
CA ARG TB 300 82.84 -21.68 -10.76
C ARG TB 300 82.65 -23.19 -10.83
N ASP TB 301 82.73 -23.86 -9.68
CA ASP TB 301 82.76 -25.32 -9.61
C ASP TB 301 81.38 -25.93 -9.84
N ASN TB 302 80.34 -25.30 -9.29
CA ASN TB 302 78.95 -25.73 -9.51
C ASN TB 302 78.28 -25.12 -10.75
N LYS TB 303 79.02 -24.31 -11.51
CA LYS TB 303 78.54 -23.77 -12.80
C LYS TB 303 79.06 -24.64 -13.94
N LYS TB 304 78.38 -24.56 -15.08
CA LYS TB 304 78.77 -25.35 -16.27
C LYS TB 304 79.91 -24.72 -17.07
N ASP TB 305 80.32 -23.51 -16.69
CA ASP TB 305 81.54 -22.88 -17.22
C ASP TB 305 82.75 -23.17 -16.32
N ARG TB 306 82.78 -24.35 -15.69
CA ARG TB 306 83.86 -24.70 -14.76
C ARG TB 306 85.10 -25.06 -15.54
N ARG TB 307 86.26 -24.77 -14.96
CA ARG TB 307 87.55 -24.91 -15.65
C ARG TB 307 88.20 -26.23 -15.27
N ILE TB 308 88.51 -27.01 -16.31
CA ILE TB 308 89.09 -28.34 -16.16
C ILE TB 308 90.38 -28.37 -16.96
N GLY TB 309 91.49 -28.50 -16.24
CA GLY TB 309 92.82 -28.54 -16.85
C GLY TB 309 93.39 -29.94 -16.82
N PHE TB 310 94.66 -30.05 -17.18
CA PHE TB 310 95.36 -31.33 -17.16
C PHE TB 310 96.74 -31.22 -16.54
N ASN TB 311 97.14 -32.30 -15.88
CA ASN TB 311 98.38 -32.36 -15.11
C ASN TB 311 99.57 -32.61 -16.03
N LYS TB 312 100.78 -32.55 -15.48
CA LYS TB 312 101.98 -32.98 -16.20
C LYS TB 312 101.95 -34.48 -16.53
N LEU TB 313 101.25 -35.27 -15.71
CA LEU TB 313 101.06 -36.71 -15.93
C LEU TB 313 99.76 -37.07 -16.69
N GLY TB 314 99.13 -36.08 -17.33
CA GLY TB 314 97.89 -36.31 -18.09
C GLY TB 314 96.66 -36.65 -17.28
N GLN TB 315 96.68 -36.32 -15.99
CA GLN TB 315 95.53 -36.50 -15.11
C GLN TB 315 94.64 -35.28 -15.24
N MET TB 316 93.32 -35.50 -15.28
CA MET TB 316 92.35 -34.40 -15.38
C MET TB 316 92.19 -33.76 -14.01
N VAL TB 317 92.37 -32.44 -13.94
CA VAL TB 317 92.42 -31.69 -12.68
C VAL TB 317 91.56 -30.43 -12.78
N TYR TB 318 90.74 -30.19 -11.75
CA TYR TB 318 89.96 -28.95 -11.66
C TYR TB 318 90.89 -27.78 -11.32
N ILE TB 319 90.93 -26.79 -12.20
CA ILE TB 319 91.80 -25.62 -12.04
C ILE TB 319 91.21 -24.70 -10.97
N SER UB 1 41.72 -51.21 -95.69
CA SER UB 1 42.47 -51.17 -96.99
C SER UB 1 42.60 -52.57 -97.59
N SER UB 2 41.48 -53.04 -98.15
CA SER UB 2 41.40 -54.36 -98.77
C SER UB 2 40.25 -54.42 -99.78
N GLU UB 3 40.24 -55.49 -100.59
CA GLU UB 3 39.24 -55.65 -101.64
C GLU UB 3 37.88 -56.07 -101.06
N TYR UB 4 36.81 -55.54 -101.68
CA TYR UB 4 35.44 -55.88 -101.29
C TYR UB 4 35.07 -57.25 -101.84
N VAL UB 5 34.95 -58.23 -100.95
CA VAL UB 5 34.57 -59.60 -101.31
C VAL UB 5 33.06 -59.61 -101.56
N LEU UB 6 32.69 -59.54 -102.84
CA LEU UB 6 31.28 -59.51 -103.24
C LEU UB 6 30.70 -60.92 -103.21
N GLU UB 7 29.85 -61.18 -102.22
CA GLU UB 7 29.05 -62.41 -102.18
C GLU UB 7 27.72 -62.13 -102.88
N GLU UB 8 27.43 -62.92 -103.91
CA GLU UB 8 26.28 -62.69 -104.78
C GLU UB 8 24.95 -62.94 -104.05
N PRO UB 9 23.98 -62.01 -104.17
CA PRO UB 9 22.63 -62.28 -103.65
C PRO UB 9 21.94 -63.42 -104.38
N THR UB 10 21.12 -64.19 -103.66
CA THR UB 10 20.41 -65.34 -104.22
C THR UB 10 19.02 -65.43 -103.56
N PRO UB 11 18.02 -65.99 -104.28
CA PRO UB 11 16.74 -66.35 -103.65
C PRO UB 11 16.87 -67.16 -102.35
N LEU UB 12 17.82 -68.10 -102.31
CA LEU UB 12 18.10 -68.88 -101.09
C LEU UB 12 18.52 -68.04 -99.88
N SER UB 13 19.32 -67.01 -100.11
CA SER UB 13 19.72 -66.08 -99.03
C SER UB 13 18.53 -65.23 -98.56
N LEU UB 14 17.65 -64.87 -99.49
CA LEU UB 14 16.43 -64.12 -99.19
C LEU UB 14 15.26 -65.00 -98.70
N LEU UB 15 15.43 -66.32 -98.72
CA LEU UB 15 14.53 -67.24 -98.03
C LEU UB 15 14.71 -67.07 -96.52
N GLU UB 16 13.61 -67.23 -95.78
CA GLU UB 16 13.42 -66.79 -94.37
C GLU UB 16 12.83 -65.37 -94.32
N TYR UB 17 13.39 -64.47 -95.14
CA TYR UB 17 12.94 -63.08 -95.23
C TYR UB 17 11.69 -62.88 -96.10
N THR UB 18 11.25 -63.94 -96.78
CA THR UB 18 9.98 -63.91 -97.53
C THR UB 18 8.81 -63.55 -96.60
N PRO UB 19 7.85 -62.73 -97.08
CA PRO UB 19 6.70 -62.35 -96.24
C PRO UB 19 5.91 -63.54 -95.69
N GLN UB 20 5.53 -63.45 -94.42
CA GLN UB 20 4.75 -64.51 -93.77
C GLN UB 20 3.37 -64.68 -94.39
N VAL UB 21 2.77 -63.56 -94.81
CA VAL UB 21 1.53 -63.57 -95.59
C VAL UB 21 1.81 -63.00 -96.98
N PHE UB 22 1.89 -63.90 -97.97
CA PHE UB 22 1.97 -63.53 -99.38
C PHE UB 22 0.98 -64.41 -100.17
N PRO UB 23 0.23 -63.82 -101.14
CA PRO UB 23 -0.80 -64.54 -101.91
C PRO UB 23 -0.44 -65.92 -102.48
N THR UB 24 0.78 -66.06 -102.98
CA THR UB 24 1.21 -67.25 -103.77
C THR UB 24 1.11 -68.58 -103.00
N LYS UB 25 0.85 -69.65 -103.74
CA LYS UB 25 0.72 -71.00 -103.19
C LYS UB 25 2.08 -71.57 -102.76
N GLU UB 26 3.07 -71.37 -103.62
CA GLU UB 26 4.46 -71.76 -103.38
C GLU UB 26 5.01 -71.13 -102.10
N SER UB 27 4.78 -69.82 -101.97
CA SER UB 27 5.19 -69.05 -100.80
C SER UB 27 4.56 -69.55 -99.50
N ARG UB 28 3.27 -69.90 -99.59
CA ARG UB 28 2.50 -70.42 -98.44
C ARG UB 28 3.13 -71.66 -97.81
N LEU UB 29 3.48 -72.62 -98.67
CA LEU UB 29 4.16 -73.86 -98.25
C LEU UB 29 5.46 -73.57 -97.51
N VAL UB 30 6.25 -72.66 -98.08
CA VAL UB 30 7.51 -72.21 -97.50
C VAL UB 30 7.30 -71.59 -96.13
N ASN UB 31 6.31 -70.71 -96.04
CA ASN UB 31 5.94 -70.05 -94.77
C ASN UB 31 5.55 -71.05 -93.70
N PHE UB 32 4.71 -72.01 -94.09
CA PHE UB 32 4.32 -73.13 -93.22
C PHE UB 32 5.53 -73.89 -92.69
N THR UB 33 6.44 -74.24 -93.59
CA THR UB 33 7.67 -74.95 -93.26
C THR UB 33 8.52 -74.17 -92.25
N LEU UB 34 8.65 -72.87 -92.49
CA LEU UB 34 9.35 -71.96 -91.58
C LEU UB 34 8.71 -71.93 -90.19
N ASP UB 35 7.38 -71.87 -90.16
CA ASP UB 35 6.61 -71.89 -88.90
C ASP UB 35 6.83 -73.19 -88.13
N SER UB 36 6.82 -74.30 -88.86
CA SER UB 36 7.08 -75.63 -88.27
C SER UB 36 8.48 -75.73 -87.67
N LEU UB 37 9.47 -75.20 -88.39
CA LEU UB 37 10.85 -75.12 -87.91
C LEU UB 37 10.97 -74.30 -86.63
N LYS UB 38 10.31 -73.14 -86.61
CA LYS UB 38 10.25 -72.28 -85.44
C LYS UB 38 9.66 -72.99 -84.22
N LYS UB 39 8.55 -73.69 -84.45
CA LYS UB 39 7.89 -74.51 -83.42
C LYS UB 39 8.80 -75.58 -82.84
N SER UB 40 9.53 -76.26 -83.74
CA SER UB 40 10.51 -77.29 -83.36
C SER UB 40 11.65 -76.75 -82.49
N ASN UB 41 11.87 -75.44 -82.55
CA ASN UB 41 12.97 -74.73 -81.88
C ASN UB 41 14.27 -74.98 -82.66
N TYR UB 42 14.18 -74.74 -83.96
CA TYR UB 42 15.34 -74.79 -84.84
C TYR UB 42 16.14 -73.51 -84.65
N PRO UB 43 17.47 -73.56 -84.83
CA PRO UB 43 18.24 -72.31 -84.76
C PRO UB 43 17.96 -71.33 -85.91
N ILE UB 44 16.87 -70.58 -85.75
CA ILE UB 44 16.58 -69.38 -86.53
C ILE UB 44 16.66 -68.26 -85.50
N TYR UB 45 17.20 -67.11 -85.92
CA TYR UB 45 17.49 -65.97 -85.03
C TYR UB 45 18.62 -66.23 -84.03
N ARG UB 46 19.40 -67.30 -84.23
CA ARG UB 46 20.41 -67.70 -83.24
C ARG UB 46 21.42 -68.71 -83.79
N SER UB 47 22.59 -68.76 -83.15
CA SER UB 47 23.67 -69.68 -83.54
C SER UB 47 23.33 -71.11 -83.10
N PRO UB 48 23.67 -72.11 -83.95
CA PRO UB 48 23.26 -73.50 -83.71
C PRO UB 48 24.06 -74.20 -82.61
N ASN UB 49 23.49 -75.28 -82.08
CA ASN UB 49 24.17 -76.17 -81.15
C ASN UB 49 24.75 -77.36 -81.91
N LEU UB 50 26.07 -77.50 -81.86
CA LEU UB 50 26.79 -78.62 -82.48
C LEU UB 50 27.60 -79.35 -81.40
N GLY UB 51 28.33 -80.39 -81.80
CA GLY UB 51 29.16 -81.17 -80.88
C GLY UB 51 30.49 -80.52 -80.58
N ILE UB 52 30.45 -79.34 -79.93
CA ILE UB 52 31.65 -78.60 -79.52
C ILE UB 52 31.52 -78.29 -78.04
N LEU UB 53 30.50 -77.52 -77.67
CA LEU UB 53 30.13 -77.33 -76.26
C LEU UB 53 29.28 -78.51 -75.83
N LYS UB 54 29.58 -79.05 -74.64
CA LYS UB 54 28.89 -80.22 -74.10
C LYS UB 54 27.97 -79.88 -72.92
N VAL UB 55 28.50 -79.12 -71.96
CA VAL UB 55 27.75 -78.74 -70.75
C VAL UB 55 26.77 -77.61 -71.06
N HIS UB 56 27.30 -76.50 -71.60
CA HIS UB 56 26.50 -75.28 -71.82
C HIS UB 56 25.82 -75.30 -73.19
N ASP UB 57 24.79 -76.13 -73.31
CA ASP UB 57 23.99 -76.28 -74.55
C ASP UB 57 22.57 -75.75 -74.33
N PHE UB 58 22.42 -74.70 -73.54
CA PHE UB 58 21.11 -74.34 -72.98
C PHE UB 58 20.15 -73.70 -73.98
N THR UB 59 18.85 -73.81 -73.64
CA THR UB 59 17.77 -73.15 -74.36
C THR UB 59 16.79 -72.52 -73.38
N LEU UB 60 16.00 -71.58 -73.88
CA LEU UB 60 14.90 -70.97 -73.12
C LEU UB 60 13.51 -71.43 -73.57
N ASN UB 61 13.38 -71.90 -74.81
CA ASN UB 61 12.10 -72.40 -75.34
C ASN UB 61 11.68 -73.74 -74.70
N THR UB 62 11.09 -73.63 -73.51
CA THR UB 62 10.50 -74.75 -72.78
C THR UB 62 8.97 -74.66 -73.03
N PRO UB 63 8.18 -75.67 -72.60
CA PRO UB 63 6.73 -75.70 -72.90
C PRO UB 63 5.92 -74.45 -72.54
N ASN UB 64 6.30 -73.77 -71.45
CA ASN UB 64 5.68 -72.50 -71.03
C ASN UB 64 6.75 -71.48 -70.67
N PHE UB 65 7.32 -70.86 -71.70
CA PHE UB 65 8.46 -69.95 -71.54
C PHE UB 65 8.04 -68.61 -70.92
N GLY UB 66 7.52 -67.68 -71.73
CA GLY UB 66 7.18 -66.34 -71.26
C GLY UB 66 5.78 -66.29 -70.68
N LYS UB 67 5.58 -67.03 -69.59
CA LYS UB 67 4.27 -67.21 -68.96
C LYS UB 67 4.41 -67.32 -67.44
N TYR UB 68 3.41 -66.81 -66.73
CA TYR UB 68 3.45 -66.70 -65.27
C TYR UB 68 2.86 -67.93 -64.55
N THR UB 69 1.64 -68.30 -64.93
CA THR UB 69 0.81 -69.25 -64.15
C THR UB 69 1.48 -70.59 -63.77
N PRO UB 70 2.28 -71.19 -64.69
CA PRO UB 70 3.13 -72.31 -64.28
C PRO UB 70 4.25 -71.85 -63.33
N GLY UB 71 4.22 -72.34 -62.09
CA GLY UB 71 5.13 -71.89 -61.03
C GLY UB 71 6.54 -72.41 -61.16
N SER UB 72 7.45 -71.55 -61.62
CA SER UB 72 8.88 -71.87 -61.75
C SER UB 72 9.71 -70.59 -61.93
N SER UB 73 11.02 -70.75 -62.08
CA SER UB 73 11.89 -69.66 -62.52
C SER UB 73 12.34 -69.96 -63.96
N LEU UB 74 13.40 -69.31 -64.44
CA LEU UB 74 13.91 -69.57 -65.79
C LEU UB 74 14.55 -70.97 -65.84
N ILE UB 75 14.06 -71.79 -66.76
CA ILE UB 75 14.47 -73.20 -66.88
C ILE UB 75 15.42 -73.35 -68.06
N PHE UB 76 16.70 -73.60 -67.77
CA PHE UB 76 17.71 -73.80 -68.81
C PHE UB 76 17.81 -75.27 -69.20
N ALA UB 77 16.88 -75.70 -70.05
CA ALA UB 77 16.89 -77.05 -70.60
C ALA UB 77 17.96 -77.15 -71.68
N LYS UB 78 18.61 -78.32 -71.77
CA LYS UB 78 19.64 -78.56 -72.78
C LYS UB 78 19.01 -78.71 -74.17
N GLU UB 79 19.59 -78.06 -75.17
CA GLU UB 79 19.14 -78.19 -76.55
C GLU UB 79 19.72 -79.47 -77.14
N PRO UB 80 19.00 -80.11 -78.08
CA PRO UB 80 19.64 -81.09 -78.96
C PRO UB 80 20.68 -80.45 -79.88
N GLN UB 81 21.40 -81.29 -80.63
CA GLN UB 81 22.30 -80.81 -81.68
C GLN UB 81 21.46 -80.62 -82.95
N LEU UB 82 22.09 -80.26 -84.06
CA LEU UB 82 21.38 -80.20 -85.35
C LEU UB 82 21.01 -81.60 -85.82
N GLN UB 83 21.93 -82.55 -85.67
CA GLN UB 83 21.60 -83.97 -85.67
C GLN UB 83 20.84 -84.30 -84.38
N ASN UB 84 20.01 -85.34 -84.43
CA ASN UB 84 19.16 -85.74 -83.29
C ASN UB 84 18.08 -84.70 -82.93
N LEU UB 85 17.63 -83.92 -83.91
CA LEU UB 85 16.57 -82.92 -83.72
C LEU UB 85 15.34 -83.32 -84.53
N LEU UB 86 14.18 -83.32 -83.87
CA LEU UB 86 12.90 -83.63 -84.51
C LEU UB 86 12.14 -82.35 -84.85
N ILE UB 87 11.27 -82.45 -85.85
CA ILE UB 87 10.43 -81.34 -86.30
C ILE UB 87 8.97 -81.78 -86.14
N GLU UB 88 8.12 -80.87 -85.65
CA GLU UB 88 6.75 -81.20 -85.26
C GLU UB 88 5.87 -81.40 -86.50
N GLU UB 89 5.71 -80.34 -87.31
CA GLU UB 89 5.15 -80.45 -88.67
C GLU UB 89 3.73 -81.06 -88.73
N ASP UB 90 2.86 -80.62 -87.83
CA ASP UB 90 1.53 -81.27 -87.67
C ASP UB 90 0.58 -81.04 -88.86
N PRO UB 91 -0.36 -82.00 -89.11
CA PRO UB 91 -1.26 -81.92 -90.26
C PRO UB 91 -2.31 -80.82 -90.17
N GLU UB 92 -2.91 -80.68 -88.98
CA GLU UB 92 -3.95 -79.67 -88.73
C GLU UB 92 -3.45 -78.26 -89.02
N ASP UB 93 -2.23 -77.96 -88.56
CA ASP UB 93 -1.58 -76.68 -88.81
C ASP UB 93 -1.38 -76.42 -90.30
N PHE UB 94 -0.90 -77.44 -91.01
CA PHE UB 94 -0.74 -77.41 -92.47
C PHE UB 94 -2.05 -77.08 -93.17
N HIS UB 95 -3.11 -77.78 -92.76
CA HIS UB 95 -4.46 -77.58 -93.30
C HIS UB 95 -4.96 -76.15 -93.10
N ARG UB 96 -4.72 -75.63 -91.90
CA ARG UB 96 -5.05 -74.23 -91.57
C ARG UB 96 -4.32 -73.23 -92.44
N GLN UB 97 -3.02 -73.43 -92.61
CA GLN UB 97 -2.14 -72.42 -93.24
C GLN UB 97 -2.05 -72.52 -94.77
N VAL UB 98 -1.65 -73.70 -95.25
CA VAL UB 98 -1.38 -73.91 -96.68
C VAL UB 98 -2.66 -73.88 -97.49
N THR UB 99 -3.56 -74.83 -97.22
CA THR UB 99 -4.94 -74.73 -97.67
C THR UB 99 -5.66 -73.76 -96.72
N GLY UB 100 -6.91 -73.43 -97.03
CA GLY UB 100 -7.71 -72.55 -96.19
C GLY UB 100 -8.85 -73.29 -95.51
N GLU UB 101 -8.54 -74.44 -94.92
CA GLU UB 101 -9.57 -75.27 -94.28
C GLU UB 101 -9.92 -74.73 -92.90
N TYR UB 102 -11.22 -74.70 -92.61
CA TYR UB 102 -11.73 -74.27 -91.30
C TYR UB 102 -12.91 -75.14 -90.86
N GLN UB 103 -13.07 -75.28 -89.55
CA GLN UB 103 -14.02 -76.25 -88.97
C GLN UB 103 -15.46 -75.76 -88.99
N LEU UB 104 -15.68 -74.49 -88.64
CA LEU UB 104 -17.02 -73.85 -88.63
C LEU UB 104 -18.01 -74.37 -87.56
N LEU UB 105 -17.58 -75.28 -86.68
CA LEU UB 105 -18.47 -76.03 -85.77
C LEU UB 105 -19.55 -76.83 -86.54
N LYS UB 106 -20.47 -77.46 -85.80
CA LYS UB 106 -21.64 -78.11 -86.38
C LYS UB 106 -22.92 -77.44 -85.83
N PRO UB 107 -23.88 -77.11 -86.72
CA PRO UB 107 -25.20 -76.67 -86.21
C PRO UB 107 -25.96 -77.80 -85.50
N TYR UB 108 -26.43 -77.53 -84.29
CA TYR UB 108 -27.19 -78.53 -83.52
C TYR UB 108 -28.61 -78.67 -84.06
N VAL UB 109 -28.95 -79.89 -84.50
CA VAL UB 109 -30.29 -80.16 -85.05
C VAL UB 109 -31.34 -80.28 -83.95
N LYS UB 110 -32.60 -80.19 -84.36
CA LYS UB 110 -33.75 -80.21 -83.46
C LYS UB 110 -33.98 -81.56 -82.79
N LYS UB 111 -33.66 -82.64 -83.50
CA LYS UB 111 -33.80 -84.01 -83.01
C LYS UB 111 -33.01 -84.28 -81.73
N ASP UB 112 -31.77 -83.79 -81.71
CA ASP UB 112 -30.88 -83.91 -80.55
C ASP UB 112 -31.47 -83.23 -79.33
N PHE UB 113 -32.02 -82.04 -79.53
CA PHE UB 113 -32.67 -81.27 -78.46
C PHE UB 113 -33.93 -81.96 -77.93
N GLU UB 114 -34.70 -82.56 -78.83
CA GLU UB 114 -35.88 -83.36 -78.46
C GLU UB 114 -35.55 -84.55 -77.57
N LYS UB 115 -34.37 -85.12 -77.74
CA LYS UB 115 -33.89 -86.23 -76.90
C LYS UB 115 -33.92 -85.89 -75.41
N LEU UB 116 -33.47 -84.68 -75.06
CA LEU UB 116 -33.45 -84.22 -73.66
C LEU UB 116 -34.82 -83.67 -73.24
N THR UB 117 -35.19 -82.50 -73.78
CA THR UB 117 -36.41 -81.79 -73.35
C THR UB 117 -37.65 -82.23 -74.13
N LYS UB 118 -38.82 -82.08 -73.49
CA LYS UB 118 -40.08 -82.63 -74.00
C LYS UB 118 -40.82 -81.68 -74.94
N SER UB 119 -41.16 -80.48 -74.43
CA SER UB 119 -42.00 -79.53 -75.16
C SER UB 119 -41.34 -79.00 -76.44
N LYS UB 120 -42.16 -78.65 -77.42
CA LYS UB 120 -41.69 -78.33 -78.77
C LYS UB 120 -41.16 -76.91 -78.87
N ASP UB 121 -41.91 -75.96 -78.33
CA ASP UB 121 -41.54 -74.54 -78.31
C ASP UB 121 -40.22 -74.31 -77.58
N THR UB 122 -40.05 -75.00 -76.45
CA THR UB 122 -38.83 -74.93 -75.64
C THR UB 122 -37.62 -75.45 -76.42
N VAL UB 123 -37.82 -76.58 -77.11
CA VAL UB 123 -36.81 -77.16 -77.99
C VAL UB 123 -36.38 -76.19 -79.08
N SER UB 124 -37.37 -75.57 -79.73
CA SER UB 124 -37.13 -74.59 -80.79
C SER UB 124 -36.32 -73.39 -80.30
N LYS UB 125 -36.68 -72.90 -79.10
CA LYS UB 125 -35.93 -71.83 -78.43
C LYS UB 125 -34.47 -72.21 -78.16
N LEU UB 126 -34.28 -73.42 -77.64
CA LEU UB 126 -32.94 -73.97 -77.40
C LEU UB 126 -32.10 -74.06 -78.67
N VAL UB 127 -32.72 -74.51 -79.75
CA VAL UB 127 -32.10 -74.59 -81.07
C VAL UB 127 -31.66 -73.21 -81.55
N GLN UB 128 -32.57 -72.25 -81.44
CA GLN UB 128 -32.29 -70.84 -81.78
C GLN UB 128 -31.10 -70.30 -81.01
N ASN UB 129 -31.11 -70.53 -79.70
CA ASN UB 129 -30.03 -70.13 -78.81
C ASN UB 129 -28.69 -70.72 -79.25
N SER UB 130 -28.70 -72.02 -79.56
CA SER UB 130 -27.51 -72.73 -80.04
C SER UB 130 -26.97 -72.11 -81.33
N GLN UB 131 -27.89 -71.83 -82.26
CA GLN UB 131 -27.55 -71.14 -83.53
C GLN UB 131 -26.88 -69.80 -83.30
N VAL UB 132 -27.47 -68.99 -82.41
CA VAL UB 132 -26.95 -67.68 -82.03
C VAL UB 132 -25.51 -67.79 -81.51
N VAL UB 133 -25.31 -68.75 -80.60
CA VAL UB 133 -24.01 -69.03 -79.99
C VAL UB 133 -22.98 -69.35 -81.06
N ARG UB 134 -23.37 -70.23 -81.98
CA ARG UB 134 -22.47 -70.79 -83.01
C ARG UB 134 -21.72 -69.73 -83.79
N LEU UB 135 -22.45 -68.73 -84.28
CA LEU UB 135 -21.90 -67.67 -85.12
C LEU UB 135 -20.93 -66.78 -84.36
N SER UB 136 -21.31 -66.47 -83.13
CA SER UB 136 -20.47 -65.72 -82.20
C SER UB 136 -19.15 -66.45 -81.94
N LEU UB 137 -19.24 -67.73 -81.65
CA LEU UB 137 -18.06 -68.56 -81.39
C LEU UB 137 -17.16 -68.74 -82.62
N GLN UB 138 -17.76 -68.81 -83.81
CA GLN UB 138 -17.01 -68.79 -85.07
C GLN UB 138 -16.20 -67.51 -85.21
N SER UB 139 -16.84 -66.38 -84.91
CA SER UB 139 -16.22 -65.06 -84.97
C SER UB 139 -15.02 -64.94 -84.03
N VAL UB 140 -15.18 -65.48 -82.82
CA VAL UB 140 -14.12 -65.44 -81.78
C VAL UB 140 -13.03 -66.47 -82.10
N VAL UB 141 -11.82 -66.20 -81.61
CA VAL UB 141 -10.68 -67.12 -81.69
C VAL UB 141 -10.31 -67.59 -80.28
N MET UB 142 -10.32 -68.91 -80.05
CA MET UB 142 -9.97 -69.50 -78.75
C MET UB 142 -9.12 -70.76 -78.89
N GLY UB 143 -9.68 -71.81 -79.47
CA GLY UB 143 -9.05 -73.13 -79.53
C GLY UB 143 -10.04 -74.20 -79.95
N SER UB 144 -9.59 -75.10 -80.82
CA SER UB 144 -10.47 -76.05 -81.53
C SER UB 144 -11.42 -76.83 -80.61
N GLU UB 145 -10.84 -77.43 -79.58
CA GLU UB 145 -11.56 -78.30 -78.64
C GLU UB 145 -12.30 -77.47 -77.59
N GLU UB 146 -11.60 -76.48 -77.04
CA GLU UB 146 -12.14 -75.58 -76.01
C GLU UB 146 -13.38 -74.83 -76.50
N LYS UB 147 -13.29 -74.28 -77.71
CA LYS UB 147 -14.40 -73.59 -78.36
C LYS UB 147 -15.62 -74.49 -78.53
N LYS UB 148 -15.37 -75.73 -78.97
CA LYS UB 148 -16.41 -76.73 -79.13
C LYS UB 148 -17.12 -77.04 -77.81
N LEU UB 149 -16.31 -77.24 -76.76
CA LEU UB 149 -16.81 -77.43 -75.41
C LEU UB 149 -17.72 -76.29 -74.96
N VAL UB 150 -17.26 -75.06 -75.18
CA VAL UB 150 -18.01 -73.84 -74.84
C VAL UB 150 -19.36 -73.81 -75.56
N TYR UB 151 -19.32 -74.09 -76.86
CA TYR UB 151 -20.51 -74.18 -77.70
C TYR UB 151 -21.52 -75.21 -77.18
N ASP UB 152 -21.01 -76.37 -76.79
CA ASP UB 152 -21.83 -77.44 -76.19
C ASP UB 152 -22.48 -77.01 -74.89
N VAL UB 153 -21.70 -76.33 -74.05
CA VAL UB 153 -22.17 -75.80 -72.76
C VAL UB 153 -23.30 -74.80 -72.96
N CYS UB 154 -23.08 -73.86 -73.88
CA CYS UB 154 -24.07 -72.85 -74.24
C CYS UB 154 -25.38 -73.47 -74.74
N SER UB 155 -25.26 -74.50 -75.57
CA SER UB 155 -26.41 -75.24 -76.09
C SER UB 155 -27.23 -75.90 -74.98
N GLY UB 156 -26.54 -76.46 -73.99
CA GLY UB 156 -27.15 -77.26 -72.92
C GLY UB 156 -26.99 -78.76 -73.12
N MET UB 157 -26.25 -79.15 -74.16
CA MET UB 157 -25.92 -80.56 -74.40
C MET UB 157 -24.94 -81.08 -73.34
N LYS UB 158 -24.04 -80.22 -72.88
CA LYS UB 158 -23.17 -80.49 -71.74
C LYS UB 158 -23.45 -79.49 -70.60
N PRO UB 159 -23.20 -79.89 -69.34
CA PRO UB 159 -23.44 -79.00 -68.21
C PRO UB 159 -22.34 -77.96 -68.02
N ILE UB 160 -22.53 -77.07 -67.05
CA ILE UB 160 -21.55 -76.02 -66.73
C ILE UB 160 -20.27 -76.60 -66.13
N SER UB 161 -20.39 -77.70 -65.38
CA SER UB 161 -19.27 -78.34 -64.68
C SER UB 161 -18.06 -78.72 -65.54
N GLU UB 162 -18.30 -79.05 -66.82
CA GLU UB 162 -17.23 -79.44 -67.74
C GLU UB 162 -16.23 -78.32 -68.10
N LEU UB 163 -16.65 -77.06 -67.95
CA LEU UB 163 -15.74 -75.92 -68.16
C LEU UB 163 -14.70 -75.83 -67.04
N GLN UB 164 -15.18 -75.84 -65.79
CA GLN UB 164 -14.31 -75.76 -64.62
C GLN UB 164 -13.56 -77.07 -64.37
N GLN UB 165 -12.46 -77.25 -65.10
CA GLN UB 165 -11.59 -78.42 -64.97
C GLN UB 165 -10.13 -78.05 -65.21
N ALA VB 1 91.56 39.41 -52.95
CA ALA VB 1 90.94 38.22 -53.62
C ALA VB 1 91.97 37.44 -54.44
N PRO VB 2 91.77 36.10 -54.57
CA PRO VB 2 92.75 35.28 -55.27
C PRO VB 2 92.64 35.40 -56.80
N PRO VB 3 93.74 35.13 -57.53
CA PRO VB 3 93.75 35.29 -58.98
C PRO VB 3 93.01 34.18 -59.75
N VAL VB 4 92.95 32.98 -59.18
CA VAL VB 4 92.18 31.87 -59.73
C VAL VB 4 91.19 31.37 -58.68
N LEU VB 5 90.00 30.99 -59.12
CA LEU VB 5 88.99 30.34 -58.27
C LEU VB 5 88.73 28.93 -58.80
N PHE VB 6 88.58 27.99 -57.87
CA PHE VB 6 88.28 26.59 -58.20
C PHE VB 6 87.00 26.18 -57.51
N THR VB 7 86.00 25.79 -58.31
CA THR VB 7 84.69 25.39 -57.82
C THR VB 7 84.26 24.06 -58.43
N VAL VB 8 83.20 23.47 -57.86
CA VAL VB 8 82.69 22.16 -58.26
C VAL VB 8 81.28 22.33 -58.81
N GLN VB 9 81.13 22.14 -60.12
CA GLN VB 9 79.83 22.09 -60.78
C GLN VB 9 79.45 20.62 -60.97
N ASP VB 10 78.71 20.07 -60.00
CA ASP VB 10 78.29 18.66 -60.00
C ASP VB 10 79.48 17.68 -60.16
N THR VB 11 79.70 17.13 -61.35
CA THR VB 11 80.81 16.20 -61.62
C THR VB 11 81.93 16.83 -62.48
N ALA VB 12 81.90 18.16 -62.59
CA ALA VB 12 82.92 18.92 -63.31
C ALA VB 12 83.49 20.02 -62.41
N ARG VB 13 84.76 20.34 -62.61
CA ARG VB 13 85.43 21.40 -61.85
C ARG VB 13 85.61 22.63 -62.73
N VAL VB 14 85.16 23.78 -62.23
CA VAL VB 14 85.34 25.04 -62.92
C VAL VB 14 86.64 25.67 -62.43
N ILE VB 15 87.37 26.28 -63.36
CA ILE VB 15 88.55 27.11 -63.04
C ILE VB 15 88.25 28.51 -63.56
N THR VB 16 87.94 29.42 -62.64
CA THR VB 16 87.58 30.80 -63.00
C THR VB 16 88.81 31.70 -62.84
N LEU VB 17 89.21 32.34 -63.93
CA LEU VB 17 90.29 33.34 -63.89
C LEU VB 17 89.70 34.63 -63.32
N ASN VB 18 90.35 35.15 -62.28
CA ASN VB 18 89.77 36.19 -61.43
C ASN VB 18 90.76 37.33 -61.16
N ARG VB 19 91.11 38.04 -62.25
CA ARG VB 19 91.79 39.33 -62.18
C ARG VB 19 91.07 40.28 -63.14
N PRO VB 20 89.77 40.57 -62.87
CA PRO VB 20 88.93 41.31 -63.82
C PRO VB 20 89.39 42.75 -64.12
N LYS VB 21 90.08 43.36 -63.16
CA LYS VB 21 90.64 44.70 -63.35
C LYS VB 21 91.78 44.74 -64.38
N LYS VB 22 92.54 43.64 -64.47
CA LYS VB 22 93.65 43.52 -65.41
C LYS VB 22 93.41 42.45 -66.50
N LEU VB 23 92.15 42.31 -66.91
CA LEU VB 23 91.74 41.46 -68.04
C LEU VB 23 92.17 39.98 -67.93
N ASN VB 24 92.21 39.46 -66.70
CA ASN VB 24 92.61 38.08 -66.40
C ASN VB 24 93.96 37.68 -67.00
N ALA VB 25 94.91 38.61 -66.99
CA ALA VB 25 96.27 38.36 -67.48
C ALA VB 25 96.99 37.45 -66.49
N LEU VB 26 97.79 36.53 -67.02
CA LEU VB 26 98.40 35.49 -66.19
C LEU VB 26 99.59 35.98 -65.37
N ASN VB 27 99.99 35.16 -64.40
CA ASN VB 27 101.17 35.35 -63.58
C ASN VB 27 101.89 34.00 -63.48
N ALA VB 28 102.98 33.95 -62.72
CA ALA VB 28 103.65 32.68 -62.42
C ALA VB 28 102.88 31.94 -61.34
N GLU VB 29 102.61 32.63 -60.24
CA GLU VB 29 101.83 32.09 -59.10
C GLU VB 29 100.45 31.58 -59.51
N MET VB 30 99.80 32.35 -60.38
CA MET VB 30 98.47 32.06 -60.90
C MET VB 30 98.48 30.77 -61.71
N SER VB 31 99.47 30.65 -62.60
CA SER VB 31 99.65 29.46 -63.44
C SER VB 31 100.02 28.21 -62.63
N GLU VB 32 100.86 28.37 -61.61
CA GLU VB 32 101.36 27.25 -60.80
C GLU VB 32 100.24 26.54 -60.04
N SER VB 33 99.41 27.33 -59.37
CA SER VB 33 98.24 26.83 -58.64
C SER VB 33 97.28 26.07 -59.56
N MET VB 34 97.00 26.68 -60.71
CA MET VB 34 96.17 26.06 -61.76
C MET VB 34 96.71 24.71 -62.21
N PHE VB 35 98.02 24.67 -62.46
CA PHE VB 35 98.73 23.45 -62.86
C PHE VB 35 98.60 22.35 -61.81
N LYS VB 36 98.78 22.74 -60.54
CA LYS VB 36 98.65 21.82 -59.40
C LYS VB 36 97.25 21.23 -59.27
N THR VB 37 96.24 22.09 -59.43
CA THR VB 37 94.84 21.67 -59.38
C THR VB 37 94.50 20.71 -60.51
N LEU VB 38 95.00 21.02 -61.71
CA LEU VB 38 94.86 20.14 -62.88
C LEU VB 38 95.46 18.76 -62.63
N ASN VB 39 96.68 18.75 -62.10
CA ASN VB 39 97.36 17.51 -61.69
C ASN VB 39 96.53 16.67 -60.72
N GLU VB 40 96.00 17.35 -59.70
CA GLU VB 40 95.13 16.72 -58.70
C GLU VB 40 93.88 16.11 -59.31
N TYR VB 41 93.25 16.84 -60.22
CA TYR VB 41 92.06 16.37 -60.92
C TYR VB 41 92.36 15.14 -61.78
N ALA VB 42 93.51 15.16 -62.45
CA ALA VB 42 93.98 14.01 -63.22
C ALA VB 42 94.19 12.77 -62.35
N LYS VB 43 94.81 12.97 -61.20
CA LYS VB 43 94.99 11.91 -60.19
C LYS VB 43 93.66 11.32 -59.69
N SER VB 44 92.67 12.20 -59.48
CA SER VB 44 91.39 11.83 -58.87
C SER VB 44 90.37 11.20 -59.83
N ASP VB 45 89.22 10.79 -59.27
CA ASP VB 45 88.13 10.13 -60.01
C ASP VB 45 86.78 10.85 -60.03
N THR VB 46 86.48 11.69 -59.03
CA THR VB 46 85.19 12.40 -58.97
C THR VB 46 85.04 13.48 -60.05
N THR VB 47 86.16 14.00 -60.52
CA THR VB 47 86.19 14.84 -61.72
C THR VB 47 85.91 14.00 -62.97
N ASN VB 48 85.01 14.49 -63.81
CA ASN VB 48 84.82 13.95 -65.17
C ASN VB 48 85.37 14.89 -66.25
N LEU VB 49 85.23 16.20 -66.04
CA LEU VB 49 85.81 17.19 -66.95
C LEU VB 49 86.17 18.47 -66.19
N VAL VB 50 87.01 19.28 -66.82
CA VAL VB 50 87.38 20.60 -66.32
C VAL VB 50 86.67 21.66 -67.19
N ILE VB 51 86.37 22.81 -66.59
CA ILE VB 51 85.87 23.97 -67.33
C ILE VB 51 86.79 25.14 -67.03
N LEU VB 52 87.19 25.87 -68.09
CA LEU VB 52 88.03 27.06 -67.94
C LEU VB 52 87.18 28.31 -68.20
N LYS VB 53 86.85 29.02 -67.13
CA LYS VB 53 85.90 30.12 -67.14
C LYS VB 53 86.65 31.45 -66.96
N SER VB 54 85.90 32.53 -66.82
CA SER VB 54 86.42 33.83 -66.40
C SER VB 54 85.42 34.51 -65.46
N SER VB 55 85.93 35.33 -64.55
CA SER VB 55 85.09 36.09 -63.62
C SER VB 55 84.26 37.13 -64.36
N ASN VB 56 84.91 37.87 -65.26
CA ASN VB 56 84.26 38.86 -66.13
C ASN VB 56 84.16 38.33 -67.56
N ARG VB 57 83.23 37.41 -67.76
CA ARG VB 57 83.11 36.70 -69.05
C ARG VB 57 82.77 37.57 -70.28
N PRO VB 58 81.86 38.57 -70.13
CA PRO VB 58 81.59 39.41 -71.30
C PRO VB 58 82.75 40.34 -71.70
N ARG VB 59 83.57 40.74 -70.73
CA ARG VB 59 84.65 41.71 -70.96
C ARG VB 59 85.93 41.03 -71.45
N SER VB 60 86.47 40.12 -70.65
CA SER VB 60 87.76 39.48 -70.94
C SER VB 60 87.89 38.07 -70.37
N PHE VB 61 88.30 37.13 -71.20
CA PHE VB 61 88.60 35.77 -70.77
C PHE VB 61 90.01 35.72 -70.18
N CYS VB 62 90.99 36.13 -70.99
CA CYS VB 62 92.39 36.16 -70.57
C CYS VB 62 93.23 36.92 -71.60
N ALA VB 63 93.49 38.21 -71.34
CA ALA VB 63 94.28 39.06 -72.23
C ALA VB 63 95.75 39.02 -71.85
N GLY VB 64 96.52 38.22 -72.60
CA GLY VB 64 97.96 38.15 -72.44
C GLY VB 64 98.40 37.34 -71.23
N GLY VB 65 99.71 37.20 -71.08
CA GLY VB 65 100.32 36.57 -69.91
C GLY VB 65 100.85 37.57 -68.89
N ASP VB 66 100.38 38.81 -68.96
CA ASP VB 66 100.94 39.95 -68.21
C ASP VB 66 102.44 40.04 -68.44
N VAL VB 67 102.80 40.45 -69.66
CA VAL VB 67 104.21 40.53 -70.08
C VAL VB 67 104.88 41.80 -69.51
N ALA VB 68 104.08 42.78 -69.11
CA ALA VB 68 104.58 44.00 -68.45
C ALA VB 68 105.43 43.71 -67.22
N THR VB 69 104.93 42.78 -66.39
CA THR VB 69 105.65 42.33 -65.18
C THR VB 69 106.97 41.65 -65.52
N VAL VB 70 106.95 40.84 -66.57
CA VAL VB 70 108.16 40.15 -67.06
C VAL VB 70 109.20 41.17 -67.54
N ALA VB 71 108.73 42.17 -68.26
CA ALA VB 71 109.58 43.26 -68.75
C ALA VB 71 110.25 44.04 -67.63
N ILE VB 72 109.47 44.35 -66.59
CA ILE VB 72 109.99 45.10 -65.42
C ILE VB 72 111.02 44.27 -64.64
N PHE VB 73 110.77 42.97 -64.56
CA PHE VB 73 111.71 42.02 -63.95
C PHE VB 73 113.03 42.02 -64.72
N ASN VB 74 112.93 41.91 -66.03
CA ASN VB 74 114.08 41.95 -66.94
C ASN VB 74 114.90 43.23 -66.76
N PHE VB 75 114.20 44.36 -66.69
CA PHE VB 75 114.80 45.67 -66.47
C PHE VB 75 115.61 45.74 -65.17
N ASN VB 76 115.06 45.18 -64.10
CA ASN VB 76 115.74 45.14 -62.78
C ASN VB 76 116.65 43.92 -62.57
N LYS VB 77 117.03 43.24 -63.65
CA LYS VB 77 117.90 42.05 -63.62
C LYS VB 77 117.33 40.87 -62.81
N GLU VB 78 116.00 40.74 -62.81
CA GLU VB 78 115.30 39.61 -62.19
C GLU VB 78 115.01 38.59 -63.29
N PHE VB 79 116.08 38.02 -63.82
CA PHE VB 79 116.05 37.13 -64.99
C PHE VB 79 115.49 35.76 -64.62
N ALA VB 80 115.99 35.22 -63.51
CA ALA VB 80 115.61 33.89 -63.02
C ALA VB 80 114.12 33.77 -62.73
N LYS VB 81 113.57 34.80 -62.11
CA LYS VB 81 112.13 34.88 -61.81
C LYS VB 81 111.29 34.85 -63.09
N SER VB 82 111.71 35.65 -64.07
CA SER VB 82 111.06 35.70 -65.37
C SER VB 82 111.09 34.36 -66.09
N ILE VB 83 112.23 33.69 -66.02
CA ILE VB 83 112.42 32.37 -66.64
C ILE VB 83 111.51 31.32 -65.99
N LYS VB 84 111.40 31.39 -64.66
CA LYS VB 84 110.50 30.53 -63.89
C LYS VB 84 109.06 30.74 -64.30
N PHE VB 85 108.66 32.02 -64.37
CA PHE VB 85 107.32 32.41 -64.84
C PHE VB 85 107.00 31.81 -66.21
N PHE VB 86 107.95 31.97 -67.13
CA PHE VB 86 107.82 31.43 -68.49
C PHE VB 86 107.59 29.92 -68.45
N THR VB 87 108.46 29.23 -67.72
CA THR VB 87 108.37 27.79 -67.53
C THR VB 87 106.98 27.38 -67.04
N ASP VB 88 106.49 28.08 -66.02
CA ASP VB 88 105.16 27.85 -65.45
C ASP VB 88 104.05 28.00 -66.49
N GLU VB 89 104.17 29.06 -67.30
CA GLU VB 89 103.21 29.34 -68.39
C GLU VB 89 103.19 28.23 -69.43
N TYR VB 90 104.37 27.89 -69.94
CA TYR VB 90 104.53 26.85 -70.98
C TYR VB 90 104.21 25.45 -70.46
N SER VB 91 104.55 25.17 -69.20
CA SER VB 91 104.24 23.89 -68.57
C SER VB 91 102.74 23.64 -68.46
N LEU VB 92 102.02 24.69 -68.05
CA LEU VB 92 100.56 24.66 -67.95
C LEU VB 92 99.93 24.35 -69.30
N ASN VB 93 100.39 25.06 -70.33
CA ASN VB 93 99.92 24.86 -71.71
C ASN VB 93 100.15 23.43 -72.21
N PHE VB 94 101.34 22.91 -71.90
CA PHE VB 94 101.71 21.54 -72.24
C PHE VB 94 100.81 20.51 -71.56
N GLN VB 95 100.53 20.75 -70.28
CA GLN VB 95 99.61 19.93 -69.49
C GLN VB 95 98.22 19.91 -70.10
N ILE VB 96 97.71 21.10 -70.43
CA ILE VB 96 96.42 21.29 -71.08
C ILE VB 96 96.33 20.49 -72.38
N ALA VB 97 97.37 20.62 -73.21
CA ALA VB 97 97.49 19.89 -74.47
C ALA VB 97 97.39 18.39 -74.25
N THR VB 98 98.17 17.90 -73.30
CA THR VB 98 98.28 16.46 -73.01
C THR VB 98 97.32 15.98 -71.90
N TYR VB 99 96.30 16.78 -71.56
CA TYR VB 99 95.34 16.42 -70.52
C TYR VB 99 94.35 15.39 -71.06
N LEU VB 100 94.13 14.33 -70.29
CA LEU VB 100 93.39 13.15 -70.77
C LEU VB 100 91.89 13.20 -70.57
N LYS VB 101 91.42 13.93 -69.55
CA LYS VB 101 89.99 14.26 -69.44
C LYS VB 101 89.69 15.39 -70.41
N PRO VB 102 88.41 15.55 -70.80
CA PRO VB 102 88.03 16.76 -71.53
C PRO VB 102 88.14 18.00 -70.65
N ILE VB 103 88.73 19.06 -71.20
CA ILE VB 103 88.65 20.39 -70.60
C ILE VB 103 88.04 21.31 -71.65
N VAL VB 104 87.12 22.16 -71.23
CA VAL VB 104 86.32 23.01 -72.13
C VAL VB 104 86.43 24.45 -71.66
N THR VB 105 86.80 25.33 -72.59
CA THR VB 105 87.21 26.70 -72.26
C THR VB 105 86.24 27.69 -72.92
N PHE VB 106 85.42 28.33 -72.10
CA PHE VB 106 84.47 29.33 -72.58
C PHE VB 106 85.24 30.61 -72.89
N MET VB 107 85.63 30.76 -74.16
CA MET VB 107 86.34 31.96 -74.64
C MET VB 107 85.33 33.09 -74.83
N ASP VB 108 84.69 33.54 -73.76
CA ASP VB 108 83.57 34.48 -73.88
C ASP VB 108 84.12 35.86 -74.23
N GLY VB 109 85.01 36.39 -73.39
CA GLY VB 109 85.65 37.67 -73.63
C GLY VB 109 86.82 37.59 -74.61
N ILE VB 110 87.67 38.61 -74.59
CA ILE VB 110 88.88 38.68 -75.43
C ILE VB 110 89.88 37.59 -75.05
N THR VB 111 90.52 36.98 -76.06
CA THR VB 111 91.49 35.89 -75.86
C THR VB 111 92.78 36.19 -76.63
N MET VB 112 93.86 36.49 -75.89
CA MET VB 112 95.14 36.90 -76.49
C MET VB 112 96.32 36.33 -75.71
N GLY VB 113 97.36 35.90 -76.42
CA GLY VB 113 98.60 35.41 -75.81
C GLY VB 113 98.42 34.21 -74.90
N GLY VB 114 98.23 34.48 -73.60
CA GLY VB 114 98.03 33.45 -72.59
C GLY VB 114 96.68 32.77 -72.72
N GLY VB 115 95.64 33.58 -72.92
CA GLY VB 115 94.27 33.07 -73.16
C GLY VB 115 94.16 32.19 -74.39
N VAL VB 116 94.89 32.55 -75.44
CA VAL VB 116 94.97 31.76 -76.67
C VAL VB 116 95.58 30.40 -76.38
N GLY VB 117 96.67 30.41 -75.63
CA GLY VB 117 97.36 29.18 -75.21
C GLY VB 117 96.48 28.26 -74.40
N LEU VB 118 95.75 28.85 -73.45
CA LEU VB 118 94.77 28.12 -72.64
C LEU VB 118 93.71 27.45 -73.50
N SER VB 119 93.21 28.19 -74.49
CA SER VB 119 92.15 27.71 -75.36
C SER VB 119 92.59 26.64 -76.36
N ILE VB 120 93.64 26.97 -77.12
CA ILE VB 120 93.92 26.30 -78.39
C ILE VB 120 94.60 24.93 -78.32
N HIS VB 121 94.92 24.48 -77.11
CA HIS VB 121 95.40 23.11 -76.87
C HIS VB 121 94.29 22.16 -76.41
N THR VB 122 93.08 22.68 -76.25
CA THR VB 122 91.91 21.90 -75.85
C THR VB 122 91.00 21.64 -77.06
N PRO VB 123 90.38 20.46 -77.13
CA PRO VB 123 89.48 20.18 -78.25
C PRO VB 123 88.10 20.84 -78.14
N PHE VB 124 87.75 21.37 -76.96
CA PHE VB 124 86.45 22.01 -76.72
C PHE VB 124 86.60 23.47 -76.30
N ARG VB 125 87.25 24.24 -77.15
CA ARG VB 125 87.32 25.70 -76.97
C ARG VB 125 86.09 26.33 -77.64
N ILE VB 126 85.37 27.16 -76.87
CA ILE VB 126 84.03 27.61 -77.22
C ILE VB 126 83.99 29.13 -77.38
N ALA VB 127 83.62 29.58 -78.57
CA ALA VB 127 83.49 31.01 -78.88
C ALA VB 127 82.06 31.50 -78.71
N THR VB 128 81.91 32.70 -78.16
CA THR VB 128 80.65 33.43 -78.11
C THR VB 128 80.62 34.53 -79.17
N GLU VB 129 79.52 35.28 -79.19
CA GLU VB 129 79.44 36.58 -79.87
C GLU VB 129 80.52 37.60 -79.46
N ASN VB 130 80.97 37.52 -78.21
CA ASN VB 130 81.86 38.54 -77.61
C ASN VB 130 83.38 38.32 -77.75
N THR VB 131 83.83 37.30 -78.50
CA THR VB 131 85.27 36.97 -78.51
C THR VB 131 86.10 37.99 -79.28
N LYS VB 132 87.39 38.02 -78.98
CA LYS VB 132 88.38 38.77 -79.73
C LYS VB 132 89.69 37.96 -79.73
N TRP VB 133 89.80 37.03 -80.68
CA TRP VB 133 90.99 36.18 -80.79
C TRP VB 133 92.09 36.92 -81.51
N ALA VB 134 93.31 36.89 -80.95
CA ALA VB 134 94.45 37.61 -81.52
C ALA VB 134 95.78 37.11 -80.99
N MET VB 135 96.85 37.50 -81.68
CA MET VB 135 98.22 37.29 -81.23
C MET VB 135 99.01 38.59 -81.42
N PRO VB 136 98.78 39.59 -80.53
CA PRO VB 136 99.43 40.89 -80.65
C PRO VB 136 100.79 40.97 -79.94
N GLU VB 137 101.62 39.95 -80.12
CA GLU VB 137 102.95 39.90 -79.50
C GLU VB 137 104.01 40.62 -80.34
N MET VB 138 103.76 40.79 -81.64
CA MET VB 138 104.69 41.46 -82.55
C MET VB 138 104.79 42.96 -82.32
N ASP VB 139 103.66 43.57 -81.96
CA ASP VB 139 103.63 44.97 -81.51
C ASP VB 139 104.36 45.10 -80.16
N ILE VB 140 104.15 44.11 -79.29
CA ILE VB 140 104.86 44.01 -78.01
C ILE VB 140 106.37 43.72 -78.20
N GLY VB 141 106.71 43.06 -79.30
CA GLY VB 141 108.10 42.79 -79.69
C GLY VB 141 108.54 41.39 -79.28
N PHE VB 142 107.67 40.42 -79.53
CA PHE VB 142 107.78 39.07 -78.97
C PHE VB 142 107.12 38.07 -79.90
N PHE VB 143 107.59 36.83 -79.85
CA PHE VB 143 107.18 35.78 -80.79
C PHE VB 143 105.79 35.21 -80.44
N PRO VB 144 105.19 34.37 -81.32
CA PRO VB 144 103.93 33.72 -80.97
C PRO VB 144 104.11 32.65 -79.89
N ASP VB 145 103.65 32.97 -78.68
CA ASP VB 145 103.99 32.21 -77.47
C ASP VB 145 103.13 30.95 -77.31
N VAL VB 146 103.13 30.41 -76.10
CA VAL VB 146 102.14 29.43 -75.58
C VAL VB 146 101.93 28.16 -76.41
N GLY VB 147 102.91 27.79 -77.22
CA GLY VB 147 102.76 26.67 -78.16
C GLY VB 147 101.69 26.87 -79.24
N SER VB 148 101.28 28.11 -79.48
CA SER VB 148 100.28 28.42 -80.51
C SER VB 148 100.87 28.16 -81.89
N THR VB 149 102.16 28.47 -82.03
CA THR VB 149 103.00 28.11 -83.16
C THR VB 149 102.89 26.63 -83.61
N PHE VB 150 102.63 25.72 -82.67
CA PHE VB 150 102.35 24.31 -82.96
C PHE VB 150 100.93 24.09 -83.46
N ALA VB 151 99.95 24.68 -82.76
CA ALA VB 151 98.53 24.43 -83.01
C ALA VB 151 98.04 25.06 -84.31
N LEU VB 152 98.27 26.36 -84.45
CA LEU VB 152 97.79 27.14 -85.61
C LEU VB 152 98.00 26.49 -86.98
N PRO VB 153 99.21 25.94 -87.26
CA PRO VB 153 99.45 25.18 -88.49
C PRO VB 153 98.41 24.10 -88.83
N ARG VB 154 97.93 23.36 -87.82
CA ARG VB 154 97.04 22.21 -88.04
C ARG VB 154 95.58 22.37 -87.62
N ILE VB 155 95.30 23.21 -86.61
CA ILE VB 155 93.92 23.38 -86.12
C ILE VB 155 93.06 24.29 -87.02
N VAL VB 156 93.67 25.33 -87.61
CA VAL VB 156 92.95 26.28 -88.46
C VAL VB 156 92.59 25.61 -89.80
N THR VB 157 91.44 25.99 -90.36
CA THR VB 157 90.69 25.20 -91.34
C THR VB 157 91.10 25.50 -92.79
N LEU VB 158 91.13 26.78 -93.14
CA LEU VB 158 91.36 27.24 -94.51
C LEU VB 158 92.79 27.70 -94.75
N ALA VB 159 93.35 27.32 -95.89
CA ALA VB 159 94.70 27.72 -96.33
C ALA VB 159 95.80 27.26 -95.37
N ASN VB 160 96.14 25.97 -95.45
CA ASN VB 160 97.15 25.35 -94.58
C ASN VB 160 97.94 24.24 -95.26
N SER VB 161 98.41 24.51 -96.46
CA SER VB 161 99.33 23.60 -97.15
C SER VB 161 100.74 23.76 -96.55
N ASN VB 162 101.18 25.02 -96.49
CA ASN VB 162 102.44 25.40 -95.82
C ASN VB 162 102.20 26.38 -94.64
N SER VB 163 101.05 26.22 -93.96
CA SER VB 163 100.70 27.02 -92.78
C SER VB 163 100.66 28.54 -93.06
N GLN VB 164 99.95 28.91 -94.12
CA GLN VB 164 99.93 30.31 -94.60
C GLN VB 164 98.98 31.18 -93.77
N MET VB 165 97.77 30.67 -93.58
CA MET VB 165 96.74 31.33 -92.77
C MET VB 165 97.21 31.50 -91.33
N ALA VB 166 97.80 30.43 -90.80
CA ALA VB 166 98.38 30.40 -89.45
C ALA VB 166 99.45 31.47 -89.29
N LEU VB 167 100.36 31.53 -90.27
CA LEU VB 167 101.40 32.56 -90.33
C LEU VB 167 100.83 33.96 -90.32
N TYR VB 168 99.84 34.19 -91.17
CA TYR VB 168 99.14 35.47 -91.26
C TYR VB 168 98.59 35.89 -89.90
N LEU VB 169 97.86 34.97 -89.26
CA LEU VB 169 97.30 35.18 -87.92
C LEU VB 169 98.36 35.57 -86.90
N CYS VB 170 99.49 34.87 -86.93
CA CYS VB 170 100.60 35.13 -86.02
C CYS VB 170 101.34 36.43 -86.36
N LEU VB 171 101.81 36.53 -87.60
CA LEU VB 171 102.68 37.61 -88.04
C LEU VB 171 101.97 38.96 -88.13
N THR VB 172 100.81 38.99 -88.79
CA THR VB 172 100.05 40.23 -88.98
C THR VB 172 99.30 40.64 -87.70
N GLY VB 173 99.04 39.68 -86.82
CA GLY VB 173 98.46 39.93 -85.50
C GLY VB 173 97.06 40.53 -85.52
N GLU VB 174 96.23 40.07 -86.46
CA GLU VB 174 94.89 40.63 -86.67
C GLU VB 174 93.90 40.07 -85.65
N VAL VB 175 92.93 40.90 -85.28
CA VAL VB 175 91.87 40.51 -84.34
C VAL VB 175 90.80 39.75 -85.11
N VAL VB 176 90.26 38.71 -84.47
CA VAL VB 176 89.24 37.85 -85.08
C VAL VB 176 88.05 37.75 -84.12
N THR VB 177 86.85 38.02 -84.65
CA THR VB 177 85.61 37.96 -83.87
C THR VB 177 85.05 36.52 -83.81
N GLY VB 178 84.09 36.30 -82.92
CA GLY VB 178 83.57 34.97 -82.57
C GLY VB 178 83.22 33.99 -83.68
N ALA VB 179 82.19 34.31 -84.44
CA ALA VB 179 81.73 33.47 -85.55
C ALA VB 179 82.82 33.25 -86.58
N ASP VB 180 83.51 34.33 -86.94
CA ASP VB 180 84.63 34.31 -87.87
C ASP VB 180 85.77 33.41 -87.39
N ALA VB 181 86.09 33.53 -86.10
CA ALA VB 181 87.11 32.69 -85.44
C ALA VB 181 86.75 31.22 -85.48
N TYR VB 182 85.48 30.92 -85.19
CA TYR VB 182 84.94 29.57 -85.28
C TYR VB 182 85.07 28.97 -86.68
N MET VB 183 84.67 29.77 -87.68
CA MET VB 183 84.80 29.38 -89.09
C MET VB 183 86.25 29.08 -89.48
N LEU VB 184 87.16 29.94 -89.03
CA LEU VB 184 88.59 29.74 -89.21
C LEU VB 184 89.08 28.40 -88.67
N GLY VB 185 88.56 27.98 -87.51
CA GLY VB 185 89.00 26.76 -86.82
C GLY VB 185 89.63 27.02 -85.46
N LEU VB 186 89.74 28.30 -85.09
CA LEU VB 186 90.33 28.72 -83.82
C LEU VB 186 89.44 28.29 -82.65
N ALA VB 187 88.12 28.41 -82.83
CA ALA VB 187 87.14 27.86 -81.90
C ALA VB 187 86.58 26.54 -82.43
N SER VB 188 86.29 25.62 -81.52
CA SER VB 188 85.72 24.31 -81.86
C SER VB 188 84.20 24.39 -81.96
N HIS VB 189 83.59 25.22 -81.11
CA HIS VB 189 82.14 25.43 -81.12
C HIS VB 189 81.81 26.90 -81.00
N TYR VB 190 80.63 27.26 -81.51
CA TYR VB 190 80.09 28.60 -81.42
C TYR VB 190 78.79 28.57 -80.61
N VAL VB 191 78.88 29.01 -79.35
CA VAL VB 191 77.75 29.00 -78.43
C VAL VB 191 77.55 30.42 -77.91
N SER VB 192 76.30 30.87 -77.87
CA SER VB 192 75.98 32.24 -77.41
C SER VB 192 76.29 32.43 -75.93
N SER VB 193 76.54 33.69 -75.55
CA SER VB 193 76.88 34.05 -74.16
C SER VB 193 75.71 33.86 -73.18
N GLU VB 194 74.48 33.77 -73.69
CA GLU VB 194 73.28 33.57 -72.87
C GLU VB 194 73.19 32.13 -72.36
N ASN VB 195 73.50 31.16 -73.23
CA ASN VB 195 73.42 29.74 -72.92
C ASN VB 195 74.62 29.14 -72.16
N LEU VB 196 75.65 29.95 -71.91
CA LEU VB 196 76.90 29.47 -71.30
C LEU VB 196 76.68 28.79 -69.94
N ASP VB 197 75.87 29.43 -69.10
CA ASP VB 197 75.52 28.88 -67.79
C ASP VB 197 74.81 27.52 -67.92
N ALA VB 198 73.87 27.44 -68.86
CA ALA VB 198 73.15 26.21 -69.14
C ALA VB 198 74.07 25.09 -69.64
N LEU VB 199 75.01 25.46 -70.49
CA LEU VB 199 76.05 24.55 -71.00
C LEU VB 199 76.87 23.99 -69.84
N GLN VB 200 77.34 24.90 -68.98
CA GLN VB 200 78.13 24.55 -67.78
C GLN VB 200 77.39 23.58 -66.87
N LYS VB 201 76.12 23.85 -66.64
CA LYS VB 201 75.24 22.98 -65.85
C LYS VB 201 75.14 21.57 -66.45
N ARG VB 202 74.94 21.53 -67.76
CA ARG VB 202 74.89 20.26 -68.52
C ARG VB 202 76.17 19.46 -68.36
N LEU VB 203 77.30 20.15 -68.51
CA LEU VB 203 78.63 19.54 -68.36
C LEU VB 203 78.81 18.93 -66.97
N GLY VB 204 78.40 19.67 -65.96
CA GLY VB 204 78.43 19.21 -64.58
C GLY VB 204 77.58 17.97 -64.37
N GLU VB 205 76.35 18.00 -64.89
CA GLU VB 205 75.44 16.84 -64.85
C GLU VB 205 76.05 15.60 -65.48
N ILE VB 206 76.58 15.78 -66.69
CA ILE VB 206 77.09 14.69 -67.53
C ILE VB 206 78.16 13.82 -66.85
N SER VB 207 78.09 12.52 -67.14
CA SER VB 207 79.11 11.55 -66.70
C SER VB 207 79.13 10.36 -67.66
N PRO VB 208 80.28 9.65 -67.76
CA PRO VB 208 80.41 8.49 -68.66
C PRO VB 208 79.33 7.42 -68.49
N PRO VB 209 79.09 6.60 -69.55
CA PRO VB 209 77.85 5.83 -69.68
C PRO VB 209 77.62 4.74 -68.63
N PHE VB 210 78.63 3.90 -68.40
CA PHE VB 210 78.52 2.73 -67.50
C PHE VB 210 79.77 2.63 -66.63
N ASN VB 211 80.93 2.48 -67.27
CA ASN VB 211 82.22 2.51 -66.58
C ASN VB 211 82.53 3.96 -66.21
N ASN VB 212 83.25 4.15 -65.12
CA ASN VB 212 83.54 5.49 -64.59
C ASN VB 212 84.52 6.34 -65.44
N ASP VB 213 85.30 5.67 -66.29
CA ASP VB 213 86.29 6.31 -67.18
C ASP VB 213 85.83 7.59 -67.94
N PRO VB 214 86.32 8.77 -67.52
CA PRO VB 214 86.09 9.99 -68.31
C PRO VB 214 87.17 10.25 -69.36
N GLN VB 215 88.25 9.47 -69.36
CA GLN VB 215 89.38 9.66 -70.26
C GLN VB 215 89.17 8.97 -71.61
N SER VB 216 88.18 8.08 -71.69
CA SER VB 216 87.85 7.37 -72.93
C SER VB 216 87.26 8.30 -73.99
N ALA VB 217 87.42 7.92 -75.25
CA ALA VB 217 86.91 8.69 -76.39
C ALA VB 217 85.38 8.80 -76.42
N TYR VB 218 84.70 7.81 -75.81
CA TYR VB 218 83.25 7.83 -75.65
C TYR VB 218 82.81 9.08 -74.91
N PHE VB 219 83.44 9.36 -73.78
CA PHE VB 219 83.09 10.53 -72.97
C PHE VB 219 83.35 11.84 -73.71
N PHE VB 220 84.45 11.91 -74.44
CA PHE VB 220 84.73 13.06 -75.32
C PHE VB 220 83.60 13.28 -76.32
N GLY VB 221 83.14 12.21 -76.94
CA GLY VB 221 82.02 12.24 -77.88
C GLY VB 221 80.72 12.71 -77.24
N MET VB 222 80.49 12.27 -76.00
CA MET VB 222 79.33 12.72 -75.22
C MET VB 222 79.39 14.22 -74.91
N VAL VB 223 80.57 14.68 -74.51
CA VAL VB 223 80.84 16.09 -74.24
C VAL VB 223 80.58 16.94 -75.48
N ASN VB 224 81.09 16.48 -76.62
CA ASN VB 224 80.86 17.12 -77.91
C ASN VB 224 79.38 17.26 -78.24
N GLU VB 225 78.66 16.15 -78.09
CA GLU VB 225 77.20 16.11 -78.27
C GLU VB 225 76.47 17.13 -77.40
N SER VB 226 76.87 17.19 -76.13
CA SER VB 226 76.29 18.11 -75.15
C SER VB 226 76.51 19.57 -75.54
N ILE VB 227 77.72 19.86 -76.01
CA ILE VB 227 78.08 21.21 -76.46
C ILE VB 227 77.30 21.59 -77.72
N ASP VB 228 77.16 20.63 -78.65
CA ASP VB 228 76.32 20.80 -79.85
C ASP VB 228 74.87 21.13 -79.51
N GLU VB 229 74.34 20.44 -78.50
CA GLU VB 229 72.97 20.69 -78.02
C GLU VB 229 72.72 22.15 -77.60
N PHE VB 230 73.75 22.88 -77.17
CA PHE VB 230 73.63 24.30 -76.80
C PHE VB 230 74.05 25.36 -77.84
N VAL VB 231 74.44 24.94 -79.04
CA VAL VB 231 74.78 25.92 -80.11
C VAL VB 231 73.50 26.53 -80.67
N SER VB 232 73.68 27.61 -81.44
CA SER VB 232 72.59 28.26 -82.16
C SER VB 232 73.08 28.65 -83.55
N PRO VB 233 72.18 28.69 -84.56
CA PRO VB 233 72.62 29.15 -85.89
C PRO VB 233 73.06 30.61 -85.90
N LEU VB 234 73.90 30.94 -86.88
CA LEU VB 234 74.42 32.29 -87.04
C LEU VB 234 73.33 33.18 -87.63
N PRO VB 235 73.40 34.51 -87.37
CA PRO VB 235 72.38 35.41 -87.92
C PRO VB 235 72.37 35.46 -89.44
N LYS VB 236 71.24 35.86 -90.01
CA LYS VB 236 71.06 35.87 -91.47
C LYS VB 236 71.87 36.97 -92.17
N ASP VB 237 72.31 37.97 -91.40
CA ASP VB 237 73.22 39.01 -91.90
C ASP VB 237 74.71 38.66 -91.74
N TYR VB 238 75.03 37.43 -91.31
CA TYR VB 238 76.41 37.01 -91.12
C TYR VB 238 77.15 36.86 -92.45
N VAL VB 239 78.35 37.44 -92.51
CA VAL VB 239 79.24 37.31 -93.66
C VAL VB 239 80.62 36.91 -93.13
N PHE VB 240 81.23 35.91 -93.76
CA PHE VB 240 82.57 35.45 -93.39
C PHE VB 240 83.58 36.52 -93.80
N LYS VB 241 84.26 37.08 -92.80
CA LYS VB 241 85.14 38.27 -92.96
C LYS VB 241 86.15 38.10 -94.10
N TYR VB 242 86.88 36.98 -94.07
CA TYR VB 242 87.90 36.70 -95.07
C TYR VB 242 87.27 36.21 -96.37
N SER VB 243 87.15 37.12 -97.34
CA SER VB 243 86.62 36.80 -98.66
C SER VB 243 87.52 35.85 -99.44
N ASN VB 244 86.99 35.30 -100.53
CA ASN VB 244 87.71 34.30 -101.34
C ASN VB 244 89.01 34.81 -101.94
N GLU VB 245 88.93 35.98 -102.56
CA GLU VB 245 90.11 36.63 -103.17
C GLU VB 245 91.21 36.95 -102.15
N LYS VB 246 90.80 37.37 -100.95
CA LYS VB 246 91.73 37.64 -99.84
C LYS VB 246 92.42 36.37 -99.35
N LEU VB 247 91.65 35.29 -99.25
CA LEU VB 247 92.18 33.98 -98.89
C LEU VB 247 93.19 33.48 -99.93
N ASN VB 248 92.85 33.65 -101.20
CA ASN VB 248 93.72 33.28 -102.31
C ASN VB 248 95.06 34.03 -102.28
N VAL VB 249 95.01 35.33 -102.03
CA VAL VB 249 96.23 36.15 -101.96
C VAL VB 249 97.09 35.77 -100.76
N ILE VB 250 96.45 35.46 -99.63
CA ILE VB 250 97.14 34.95 -98.44
C ILE VB 250 97.89 33.65 -98.77
N GLU VB 251 97.19 32.74 -99.44
CA GLU VB 251 97.75 31.46 -99.88
C GLU VB 251 98.96 31.64 -100.77
N ALA VB 252 98.83 32.55 -101.73
CA ALA VB 252 99.91 32.89 -102.66
C ALA VB 252 101.15 33.44 -101.94
N CYS VB 253 100.93 34.34 -100.98
CA CYS VB 253 102.02 35.06 -100.33
C CYS VB 253 102.69 34.28 -99.22
N PHE VB 254 101.88 33.86 -98.23
CA PHE VB 254 102.42 33.28 -97.00
C PHE VB 254 102.95 31.83 -97.11
N ASN VB 255 102.64 31.12 -98.19
CA ASN VB 255 103.18 29.78 -98.41
C ASN VB 255 104.66 29.87 -98.83
N LEU VB 256 105.52 29.18 -98.10
CA LEU VB 256 106.98 29.30 -98.24
C LEU VB 256 107.65 27.93 -98.34
N SER VB 257 108.88 27.94 -98.86
CA SER VB 257 109.68 26.72 -99.00
C SER VB 257 110.44 26.42 -97.69
N LYS VB 258 111.38 25.47 -97.75
CA LYS VB 258 112.23 25.11 -96.60
C LYS VB 258 112.92 26.31 -95.94
N ASN VB 259 113.48 27.19 -96.76
CA ASN VB 259 114.24 28.36 -96.27
C ASN VB 259 113.57 29.70 -96.60
N GLY VB 260 112.28 29.79 -96.28
CA GLY VB 260 111.51 31.02 -96.47
C GLY VB 260 111.83 32.07 -95.41
N THR VB 261 111.56 33.33 -95.73
CA THR VB 261 111.81 34.47 -94.84
C THR VB 261 110.66 35.47 -94.85
N ILE VB 262 110.68 36.39 -93.89
CA ILE VB 262 109.75 37.54 -93.86
C ILE VB 262 109.98 38.47 -95.05
N GLU VB 263 111.25 38.66 -95.41
CA GLU VB 263 111.63 39.46 -96.58
C GLU VB 263 111.04 38.90 -97.88
N ASP VB 264 111.12 37.57 -98.02
CA ASP VB 264 110.55 36.85 -99.16
C ASP VB 264 109.03 37.04 -99.25
N ILE VB 265 108.37 36.95 -98.10
CA ILE VB 265 106.92 37.19 -97.99
C ILE VB 265 106.57 38.60 -98.45
N MET VB 266 107.32 39.58 -97.94
CA MET VB 266 107.15 40.99 -98.30
C MET VB 266 107.29 41.23 -99.81
N ASN VB 267 108.32 40.61 -100.39
CA ASN VB 267 108.56 40.65 -101.84
C ASN VB 267 107.39 40.08 -102.63
N ASN VB 268 106.89 38.94 -102.16
CA ASN VB 268 105.74 38.25 -102.76
C ASN VB 268 104.49 39.14 -102.74
N LEU VB 269 104.24 39.76 -101.60
CA LEU VB 269 103.13 40.71 -101.42
C LEU VB 269 103.22 41.88 -102.39
N ARG VB 270 104.43 42.43 -102.51
CA ARG VB 270 104.72 43.53 -103.42
C ARG VB 270 104.39 43.17 -104.88
N GLN VB 271 104.83 41.99 -105.31
CA GLN VB 271 104.70 41.55 -106.70
C GLN VB 271 103.45 40.71 -107.04
N TYR VB 272 102.48 40.66 -106.13
CA TYR VB 272 101.22 39.93 -106.39
C TYR VB 272 100.36 40.66 -107.41
N GLU VB 273 99.69 39.90 -108.26
CA GLU VB 273 98.82 40.44 -109.32
C GLU VB 273 97.53 39.62 -109.40
N GLY VB 274 96.40 40.32 -109.50
CA GLY VB 274 95.09 39.65 -109.57
C GLY VB 274 93.93 40.64 -109.50
N SER VB 275 93.01 40.41 -108.56
CA SER VB 275 91.90 41.33 -108.32
C SER VB 275 92.39 42.61 -107.65
N ALA VB 276 91.68 43.72 -107.90
CA ALA VB 276 92.06 45.03 -107.37
C ALA VB 276 91.90 45.10 -105.85
N GLU VB 277 90.76 44.61 -105.37
CA GLU VB 277 90.46 44.52 -103.93
C GLU VB 277 91.47 43.65 -103.21
N GLY VB 278 91.75 42.48 -103.79
CA GLY VB 278 92.76 41.56 -103.26
C GLY VB 278 94.16 42.14 -103.21
N LYS VB 279 94.51 42.92 -104.23
CA LYS VB 279 95.78 43.64 -104.28
C LYS VB 279 95.89 44.69 -103.18
N ALA VB 280 94.80 45.44 -102.99
CA ALA VB 280 94.69 46.43 -101.92
C ALA VB 280 94.84 45.81 -100.54
N PHE VB 281 94.19 44.66 -100.35
CA PHE VB 281 94.29 43.88 -99.12
C PHE VB 281 95.74 43.49 -98.86
N ALA VB 282 96.37 42.89 -99.87
CA ALA VB 282 97.78 42.48 -99.82
C ALA VB 282 98.72 43.63 -99.45
N GLN VB 283 98.49 44.79 -100.05
CA GLN VB 283 99.22 46.02 -99.73
C GLN VB 283 99.06 46.43 -98.26
N GLU VB 284 97.81 46.36 -97.79
CA GLU VB 284 97.46 46.68 -96.40
C GLU VB 284 98.18 45.77 -95.42
N ILE VB 285 98.24 44.48 -95.73
CA ILE VB 285 98.86 43.51 -94.82
C ILE VB 285 100.39 43.63 -94.84
N LYS VB 286 100.94 44.01 -95.99
CA LYS VB 286 102.36 44.34 -96.13
C LYS VB 286 102.74 45.54 -95.26
N THR VB 287 101.88 46.56 -95.30
CA THR VB 287 102.03 47.77 -94.49
C THR VB 287 102.05 47.45 -92.99
N LYS VB 288 101.10 46.62 -92.56
CA LYS VB 288 101.01 46.26 -91.14
C LYS VB 288 102.16 45.35 -90.68
N LEU VB 289 102.68 44.52 -91.59
CA LEU VB 289 103.91 43.77 -91.33
C LEU VB 289 105.11 44.70 -91.12
N LEU VB 290 105.22 45.70 -91.99
CA LEU VB 290 106.27 46.73 -91.92
C LEU VB 290 106.22 47.45 -90.58
N THR VB 291 105.01 47.85 -90.19
CA THR VB 291 104.74 48.52 -88.91
C THR VB 291 105.25 47.69 -87.72
N LYS VB 292 105.03 46.38 -87.76
CA LYS VB 292 105.52 45.46 -86.72
C LYS VB 292 107.02 45.19 -86.83
N SER VB 293 107.58 44.55 -85.79
CA SER VB 293 109.03 44.33 -85.69
C SER VB 293 109.54 43.22 -86.60
N PRO VB 294 110.71 43.42 -87.23
CA PRO VB 294 111.20 42.43 -88.19
C PRO VB 294 111.81 41.18 -87.55
N SER VB 295 112.64 41.37 -86.53
CA SER VB 295 113.38 40.28 -85.87
C SER VB 295 112.44 39.25 -85.24
N SER VB 296 111.42 39.76 -84.55
CA SER VB 296 110.39 38.91 -83.93
C SER VB 296 109.61 38.09 -84.96
N LEU VB 297 109.24 38.75 -86.06
CA LEU VB 297 108.57 38.09 -87.19
C LEU VB 297 109.41 36.96 -87.77
N GLN VB 298 110.70 37.24 -87.97
CA GLN VB 298 111.66 36.24 -88.45
C GLN VB 298 111.78 35.04 -87.53
N ILE VB 299 111.86 35.32 -86.23
CA ILE VB 299 111.90 34.28 -85.18
C ILE VB 299 110.66 33.40 -85.25
N ALA VB 300 109.50 34.03 -85.34
CA ALA VB 300 108.21 33.34 -85.48
C ALA VB 300 108.16 32.43 -86.71
N LEU VB 301 108.66 32.96 -87.82
CA LEU VB 301 108.76 32.23 -89.08
C LEU VB 301 109.65 30.99 -88.93
N ARG VB 302 110.78 31.18 -88.28
CA ARG VB 302 111.74 30.10 -88.01
C ARG VB 302 111.10 29.00 -87.16
N LEU VB 303 110.40 29.42 -86.11
CA LEU VB 303 109.69 28.52 -85.21
C LEU VB 303 108.62 27.67 -85.91
N VAL VB 304 107.81 28.29 -86.75
CA VAL VB 304 106.54 27.68 -87.18
C VAL VB 304 106.69 26.45 -88.06
N GLN VB 305 107.66 26.49 -88.98
CA GLN VB 305 107.97 25.34 -89.84
C GLN VB 305 108.46 24.16 -89.01
N GLU VB 306 109.37 24.45 -88.10
CA GLU VB 306 109.92 23.44 -87.17
C GLU VB 306 108.82 22.80 -86.32
N ASN VB 307 107.93 23.63 -85.80
CA ASN VB 307 106.79 23.16 -84.99
C ASN VB 307 105.81 22.30 -85.78
N SER VB 308 105.58 22.66 -87.04
CA SER VB 308 104.75 21.88 -87.96
C SER VB 308 105.36 20.49 -88.21
N ARG VB 309 106.66 20.47 -88.44
CA ARG VB 309 107.43 19.23 -88.61
C ARG VB 309 107.38 18.32 -87.39
N ASP VB 310 107.63 18.90 -86.22
CA ASP VB 310 107.94 18.15 -84.99
C ASP VB 310 106.71 17.94 -84.10
N HIS VB 311 106.93 17.25 -82.97
CA HIS VB 311 105.87 16.92 -82.01
C HIS VB 311 105.68 17.96 -80.90
N ILE VB 312 104.57 17.85 -80.15
CA ILE VB 312 104.11 18.89 -79.21
C ILE VB 312 105.12 19.30 -78.14
N GLU VB 313 105.66 18.33 -77.41
CA GLU VB 313 106.50 18.59 -76.24
C GLU VB 313 107.78 19.31 -76.63
N SER VB 314 108.41 18.80 -77.68
CA SER VB 314 109.62 19.39 -78.26
C SER VB 314 109.39 20.82 -78.74
N ALA VB 315 108.25 21.04 -79.39
CA ALA VB 315 107.84 22.37 -79.85
C ALA VB 315 107.66 23.35 -78.68
N ILE VB 316 107.01 22.87 -77.62
CA ILE VB 316 106.82 23.64 -76.39
C ILE VB 316 108.17 24.02 -75.76
N LYS VB 317 109.07 23.04 -75.67
CA LYS VB 317 110.42 23.24 -75.16
C LYS VB 317 111.17 24.32 -75.94
N ARG VB 318 111.13 24.18 -77.27
CA ARG VB 318 111.72 25.17 -78.19
C ARG VB 318 111.19 26.59 -77.93
N ASP VB 319 109.87 26.69 -77.82
CA ASP VB 319 109.18 27.96 -77.51
C ASP VB 319 109.65 28.55 -76.18
N LEU VB 320 109.78 27.69 -75.18
CA LEU VB 320 110.29 28.08 -73.86
C LEU VB 320 111.72 28.63 -73.96
N TYR VB 321 112.55 27.91 -74.72
CA TYR VB 321 113.96 28.31 -74.94
C TYR VB 321 114.05 29.68 -75.59
N THR VB 322 113.28 29.90 -76.65
CA THR VB 322 113.30 31.18 -77.37
C THR VB 322 112.78 32.33 -76.48
N ALA VB 323 111.78 32.05 -75.64
CA ALA VB 323 111.29 33.02 -74.64
C ALA VB 323 112.37 33.40 -73.64
N ALA VB 324 113.12 32.40 -73.19
CA ALA VB 324 114.27 32.61 -72.29
C ALA VB 324 115.32 33.49 -72.92
N ASN VB 325 115.69 33.16 -74.17
CA ASN VB 325 116.64 33.93 -74.97
C ASN VB 325 116.24 35.40 -75.14
N MET VB 326 114.95 35.60 -75.44
CA MET VB 326 114.37 36.95 -75.56
C MET VB 326 114.51 37.73 -74.27
N CYS VB 327 114.23 37.07 -73.15
CA CYS VB 327 114.36 37.66 -71.82
C CYS VB 327 115.80 38.07 -71.52
N MET VB 328 116.75 37.19 -71.80
CA MET VB 328 118.17 37.40 -71.48
C MET VB 328 119.03 37.49 -72.75
N ASN VB 329 118.70 38.44 -73.62
CA ASN VB 329 119.41 38.62 -74.90
C ASN VB 329 120.92 38.90 -74.74
N GLN VB 330 121.74 37.86 -74.93
CA GLN VB 330 123.21 38.00 -74.93
C GLN VB 330 123.70 38.78 -76.14
N ASP VB 331 123.23 38.37 -77.32
CA ASP VB 331 123.63 38.99 -78.59
C ASP VB 331 123.01 40.39 -78.81
N SER VB 332 121.99 40.74 -78.03
CA SER VB 332 121.33 42.06 -78.09
C SER VB 332 120.71 42.33 -79.46
N LEU VB 333 119.85 41.39 -79.87
CA LEU VB 333 119.23 41.40 -81.21
C LEU VB 333 117.72 41.14 -81.21
N VAL VB 334 117.07 41.41 -80.08
CA VAL VB 334 115.62 41.25 -79.92
C VAL VB 334 115.11 42.31 -78.93
N GLU VB 335 114.84 43.50 -79.45
CA GLU VB 335 114.45 44.64 -78.61
C GLU VB 335 113.02 44.45 -78.09
N PHE VB 336 112.91 43.70 -77.00
CA PHE VB 336 111.64 43.17 -76.50
C PHE VB 336 111.15 43.93 -75.26
N SER VB 337 111.97 43.91 -74.21
CA SER VB 337 111.62 44.54 -72.92
C SER VB 337 111.29 46.04 -73.06
N GLU VB 338 112.07 46.73 -73.88
CA GLU VB 338 111.84 48.15 -74.17
C GLU VB 338 110.53 48.38 -74.90
N ALA VB 339 110.26 47.52 -75.89
CA ALA VB 339 109.02 47.54 -76.67
C ALA VB 339 107.79 47.28 -75.80
N THR VB 340 107.91 46.35 -74.87
CA THR VB 340 106.85 46.02 -73.91
C THR VB 340 106.54 47.22 -73.01
N LYS VB 341 107.59 47.84 -72.50
CA LYS VB 341 107.49 49.05 -71.67
C LYS VB 341 106.75 50.16 -72.39
N HIS VB 342 107.16 50.41 -73.63
CA HIS VB 342 106.54 51.39 -74.51
C HIS VB 342 105.04 51.15 -74.66
N LYS VB 343 104.69 49.88 -74.92
CA LYS VB 343 103.30 49.47 -75.15
C LYS VB 343 102.48 49.30 -73.88
N LEU VB 344 102.82 48.29 -73.08
CA LEU VB 344 101.99 47.82 -71.97
C LEU VB 344 102.04 48.75 -70.76
N ILE VB 345 103.25 49.15 -70.38
CA ILE VB 345 103.46 49.94 -69.14
C ILE VB 345 103.21 51.43 -69.38
N ASP VB 346 103.91 52.01 -70.35
CA ASP VB 346 103.93 53.46 -70.55
C ASP VB 346 102.65 54.01 -71.20
N LYS VB 347 102.39 53.61 -72.43
CA LYS VB 347 101.28 54.17 -73.22
C LYS VB 347 100.76 53.25 -74.32
N GLN VB 348 99.43 53.20 -74.48
CA GLN VB 348 98.78 52.34 -75.46
C GLN VB 348 99.01 52.80 -76.91
N ARG VB 349 99.04 54.11 -77.13
CA ARG VB 349 99.14 54.69 -78.48
C ARG VB 349 100.58 54.69 -79.00
N VAL VB 350 100.71 54.82 -80.32
CA VAL VB 350 101.99 54.97 -81.05
C VAL VB 350 102.84 53.67 -81.06
N PRO VB 351 103.31 53.25 -82.25
CA PRO VB 351 104.17 52.06 -82.32
C PRO VB 351 105.62 52.39 -81.97
N TYR VB 352 106.40 51.35 -81.65
CA TYR VB 352 107.81 51.50 -81.29
C TYR VB 352 108.64 51.74 -82.55
N PRO VB 353 109.68 52.60 -82.47
CA PRO VB 353 110.47 52.93 -83.66
C PRO VB 353 111.39 51.80 -84.16
N TRP VB 354 111.89 50.98 -83.23
CA TRP VB 354 112.84 49.86 -83.47
C TRP VB 354 114.25 50.36 -83.71
N THR VB 355 115.23 49.58 -83.23
CA THR VB 355 116.65 49.92 -83.33
C THR VB 355 117.48 48.78 -83.94
N LYS VB 356 116.82 47.86 -84.63
CA LYS VB 356 117.50 46.72 -85.22
C LYS VB 356 116.68 46.17 -86.39
N LYS VB 357 117.22 46.31 -87.60
CA LYS VB 357 116.51 45.92 -88.83
C LYS VB 357 117.48 45.35 -89.88
N GLU VB 358 117.65 44.03 -89.85
CA GLU VB 358 118.42 43.33 -90.89
C GLU VB 358 118.09 41.84 -90.95
N GLN VB 359 118.50 41.20 -92.05
CA GLN VB 359 118.31 39.77 -92.24
C GLN VB 359 119.31 38.97 -91.40
N LEU VB 360 118.81 38.35 -90.32
CA LEU VB 360 119.62 37.48 -89.47
C LEU VB 360 119.95 36.17 -90.19
N PHE VB 361 121.12 35.62 -89.89
CA PHE VB 361 121.57 34.35 -90.48
C PHE VB 361 120.80 33.17 -89.88
N VAL VB 362 120.85 32.03 -90.57
CA VAL VB 362 120.11 30.84 -90.16
C VAL VB 362 120.67 30.22 -88.87
N SER VB 363 121.99 30.19 -88.78
CA SER VB 363 122.71 29.71 -87.58
C SER VB 363 122.39 30.56 -86.36
N GLN VB 364 122.37 31.87 -86.56
CA GLN VB 364 122.01 32.85 -85.54
C GLN VB 364 120.57 32.63 -85.06
N LEU VB 365 119.68 32.41 -86.01
CA LEU VB 365 118.26 32.13 -85.73
C LEU VB 365 118.09 30.86 -84.90
N THR VB 366 118.83 29.82 -85.29
CA THR VB 366 118.85 28.54 -84.56
C THR VB 366 119.31 28.74 -83.12
N SER VB 367 120.41 29.48 -82.95
CA SER VB 367 120.96 29.79 -81.63
C SER VB 367 119.96 30.51 -80.74
N ILE VB 368 119.25 31.47 -81.32
CA ILE VB 368 118.18 32.22 -80.65
C ILE VB 368 117.06 31.29 -80.14
N THR VB 369 116.68 30.32 -80.96
CA THR VB 369 115.58 29.39 -80.64
C THR VB 369 116.11 27.98 -80.31
N SER VB 370 117.09 27.90 -79.41
CA SER VB 370 117.66 26.63 -78.96
C SER VB 370 118.35 26.77 -77.59
N PRO VB 371 118.49 25.65 -76.85
CA PRO VB 371 119.07 25.73 -75.51
C PRO VB 371 120.59 25.68 -75.51
N LYS VB 372 121.19 25.83 -74.33
CA LYS VB 372 122.63 25.69 -74.11
C LYS VB 372 122.91 25.16 -72.71
N PRO VB 373 124.13 24.64 -72.47
CA PRO VB 373 124.49 24.15 -71.12
C PRO VB 373 124.72 25.25 -70.05
N SER VB 374 124.74 26.52 -70.46
CA SER VB 374 124.85 27.65 -69.51
C SER VB 374 123.70 27.69 -68.52
N LEU VB 375 122.47 27.61 -69.02
CA LEU VB 375 121.26 27.60 -68.18
C LEU VB 375 120.55 26.25 -68.28
N PRO VB 376 120.10 25.69 -67.13
CA PRO VB 376 119.28 24.49 -67.15
C PRO VB 376 117.81 24.84 -67.40
N MET VB 377 117.15 24.03 -68.25
CA MET VB 377 115.77 24.26 -68.64
C MET VB 377 114.98 22.96 -68.61
N SER VB 378 113.74 23.02 -68.11
CA SER VB 378 112.87 21.85 -68.02
C SER VB 378 111.42 22.24 -67.75
N LEU VB 379 110.49 21.57 -68.44
CA LEU VB 379 109.06 21.71 -68.17
C LEU VB 379 108.68 20.94 -66.92
N LEU VB 380 107.62 21.37 -66.26
CA LEU VB 380 107.12 20.71 -65.04
C LEU VB 380 106.34 19.47 -65.45
N ARG VB 381 106.59 18.36 -64.75
CA ARG VB 381 106.05 17.05 -65.13
C ARG VB 381 104.53 16.96 -64.94
N ASN VB 382 103.85 16.44 -65.97
CA ASN VB 382 102.41 16.17 -65.92
C ASN VB 382 102.16 14.82 -65.27
N THR VB 383 100.88 14.54 -65.01
CA THR VB 383 100.45 13.21 -64.61
C THR VB 383 100.51 12.27 -65.81
N SER VB 384 99.89 12.72 -66.91
CA SER VB 384 99.99 12.04 -68.20
C SER VB 384 101.17 12.60 -68.99
N ASN VB 385 102.35 12.01 -68.77
CA ASN VB 385 103.57 12.39 -69.49
C ASN VB 385 103.59 11.75 -70.88
N VAL VB 386 102.80 12.33 -71.78
CA VAL VB 386 102.57 11.79 -73.12
C VAL VB 386 103.09 12.79 -74.16
N THR VB 387 103.53 12.26 -75.30
CA THR VB 387 104.04 13.07 -76.41
C THR VB 387 103.44 12.57 -77.74
N TRP VB 388 103.02 13.51 -78.59
CA TRP VB 388 102.48 13.19 -79.92
C TRP VB 388 102.74 14.30 -80.95
N THR VB 389 102.72 13.89 -82.22
CA THR VB 389 103.00 14.79 -83.35
C THR VB 389 101.81 15.64 -83.77
N GLN VB 390 100.60 15.11 -83.61
CA GLN VB 390 99.36 15.84 -83.89
C GLN VB 390 98.33 15.60 -82.79
N TYR VB 391 97.36 16.52 -82.68
CA TYR VB 391 96.34 16.46 -81.63
C TYR VB 391 95.46 15.22 -81.75
N PRO VB 392 95.19 14.54 -80.62
CA PRO VB 392 94.35 13.33 -80.66
C PRO VB 392 92.85 13.60 -80.80
N TYR VB 393 92.34 14.72 -80.28
CA TYR VB 393 90.90 14.98 -80.19
C TYR VB 393 90.35 16.26 -80.87
N HIS VB 394 91.20 17.07 -81.48
CA HIS VB 394 90.75 18.31 -82.13
C HIS VB 394 89.97 18.04 -83.42
N SER VB 395 90.60 17.28 -84.31
CA SER VB 395 90.06 16.99 -85.66
C SER VB 395 88.59 16.53 -85.69
N LYS VB 396 88.18 15.77 -84.68
CA LYS VB 396 86.78 15.32 -84.57
C LYS VB 396 85.80 16.45 -84.30
N TYR VB 397 86.14 17.32 -83.35
CA TYR VB 397 85.19 18.26 -82.75
C TYR VB 397 85.38 19.72 -83.17
N GLN VB 398 85.77 19.93 -84.42
CA GLN VB 398 85.81 21.26 -85.05
C GLN VB 398 85.45 21.13 -86.53
N LEU VB 399 85.37 22.27 -87.24
CA LEU VB 399 85.09 22.27 -88.66
C LEU VB 399 86.24 21.63 -89.45
N PRO VB 400 85.92 20.82 -90.49
CA PRO VB 400 86.95 20.01 -91.13
C PRO VB 400 87.84 20.82 -92.06
N THR VB 401 89.16 20.60 -91.97
CA THR VB 401 90.15 21.34 -92.75
C THR VB 401 89.97 21.15 -94.26
N GLU VB 402 90.47 22.12 -95.03
CA GLU VB 402 90.55 22.02 -96.49
C GLU VB 402 91.24 20.73 -96.94
N GLN VB 403 92.32 20.39 -96.25
CA GLN VB 403 93.14 19.21 -96.56
C GLN VB 403 92.33 17.92 -96.50
N GLU VB 404 91.53 17.79 -95.45
CA GLU VB 404 90.64 16.64 -95.26
C GLU VB 404 89.61 16.53 -96.38
N ILE VB 405 89.04 17.67 -96.75
CA ILE VB 405 88.07 17.76 -97.86
C ILE VB 405 88.72 17.32 -99.17
N ALA VB 406 89.92 17.83 -99.43
CA ALA VB 406 90.71 17.47 -100.61
C ALA VB 406 91.00 15.97 -100.68
N ALA VB 407 91.38 15.40 -99.54
CA ALA VB 407 91.63 13.96 -99.41
C ALA VB 407 90.38 13.13 -99.72
N TYR VB 408 89.25 13.58 -99.18
CA TYR VB 408 87.96 12.95 -99.44
C TYR VB 408 87.60 12.96 -100.94
N ILE VB 409 87.78 14.12 -101.55
CA ILE VB 409 87.54 14.31 -103.00
C ILE VB 409 88.39 13.34 -103.82
N GLU VB 410 89.68 13.27 -103.48
CA GLU VB 410 90.62 12.34 -104.12
C GLU VB 410 90.18 10.89 -104.01
N LYS VB 411 89.73 10.51 -102.82
CA LYS VB 411 89.22 9.16 -102.54
C LYS VB 411 88.00 8.86 -103.41
N ARG VB 412 87.09 9.82 -103.48
CA ARG VB 412 85.88 9.73 -104.30
C ARG VB 412 86.21 9.52 -105.77
N THR VB 413 87.18 10.29 -106.26
CA THR VB 413 87.68 10.20 -107.63
C THR VB 413 88.21 8.79 -107.94
N ASN VB 414 89.06 8.29 -107.06
CA ASN VB 414 89.63 6.94 -107.20
C ASN VB 414 88.70 5.88 -106.64
N LYS VB 420 81.70 9.93 -110.79
CA LYS VB 420 81.75 11.39 -110.70
C LYS VB 420 81.64 11.90 -109.26
N VAL VB 421 82.01 13.16 -109.07
CA VAL VB 421 81.92 13.85 -107.79
C VAL VB 421 81.22 15.19 -107.99
N THR VB 422 80.45 15.63 -106.99
CA THR VB 422 79.75 16.91 -107.03
C THR VB 422 79.65 17.55 -105.64
N GLU VB 423 79.33 18.83 -105.63
CA GLU VB 423 79.35 19.66 -104.42
C GLU VB 423 78.32 19.22 -103.38
N ARG VB 424 77.09 19.02 -103.83
CA ARG VB 424 75.97 18.61 -102.98
C ARG VB 424 76.26 17.29 -102.26
N GLU VB 425 76.79 16.34 -103.01
CA GLU VB 425 77.19 15.02 -102.49
C GLU VB 425 78.26 15.14 -101.40
N VAL VB 426 79.25 16.00 -101.66
CA VAL VB 426 80.31 16.32 -100.71
C VAL VB 426 79.73 16.90 -99.42
N LEU VB 427 78.80 17.85 -99.57
CA LEU VB 427 78.13 18.47 -98.43
C LEU VB 427 77.37 17.45 -97.59
N ASN VB 428 76.63 16.57 -98.27
CA ASN VB 428 75.90 15.48 -97.62
C ASN VB 428 76.82 14.58 -96.83
N HIS VB 429 77.92 14.17 -97.45
CA HIS VB 429 78.94 13.36 -96.80
C HIS VB 429 79.45 14.01 -95.51
N PHE VB 430 79.79 15.30 -95.63
CA PHE VB 430 80.30 16.06 -94.49
C PHE VB 430 79.23 16.41 -93.44
N ALA VB 431 78.05 16.79 -93.90
CA ALA VB 431 76.96 17.22 -92.99
C ALA VB 431 76.08 16.10 -92.44
N ASN VB 432 76.16 14.89 -93.02
CA ASN VB 432 75.30 13.76 -92.58
C ASN VB 432 76.04 12.45 -92.25
N VAL VB 433 76.96 12.02 -93.12
CA VAL VB 433 77.61 10.71 -92.97
C VAL VB 433 78.58 10.65 -91.79
N ILE VB 434 79.38 11.71 -91.60
CA ILE VB 434 80.40 11.74 -90.55
C ILE VB 434 79.69 11.96 -89.21
N PRO VB 435 79.76 10.97 -88.29
CA PRO VB 435 78.96 11.00 -87.05
C PRO VB 435 79.35 12.11 -86.06
N SER VB 436 80.63 12.44 -86.00
CA SER VB 436 81.11 13.54 -85.14
C SER VB 436 80.70 14.93 -85.66
N ARG VB 437 80.56 15.07 -86.97
CA ARG VB 437 80.28 16.36 -87.62
C ARG VB 437 78.93 16.39 -88.34
N ARG VB 438 77.90 15.82 -87.72
CA ARG VB 438 76.55 15.84 -88.29
C ARG VB 438 75.88 17.20 -88.11
N GLY VB 439 75.88 17.67 -86.87
CA GLY VB 439 75.28 18.95 -86.53
C GLY VB 439 76.27 20.10 -86.35
N LYS VB 440 77.34 20.11 -87.12
CA LYS VB 440 78.30 21.23 -87.10
C LYS VB 440 77.62 22.46 -87.72
N LEU VB 441 77.85 23.61 -87.09
CA LEU VB 441 77.03 24.81 -87.33
C LEU VB 441 77.17 25.34 -88.77
N GLY VB 442 78.34 25.88 -89.10
CA GLY VB 442 78.57 26.52 -90.39
C GLY VB 442 79.46 25.67 -91.29
N ILE VB 443 79.18 24.37 -91.30
CA ILE VB 443 80.06 23.40 -91.97
C ILE VB 443 79.77 23.31 -93.48
N GLN VB 444 78.49 23.33 -93.83
CA GLN VB 444 78.07 23.30 -95.23
C GLN VB 444 78.57 24.51 -96.00
N SER VB 445 78.43 25.69 -95.38
CA SER VB 445 78.93 26.95 -95.93
C SER VB 445 80.44 26.92 -96.14
N LEU VB 446 81.15 26.39 -95.15
CA LEU VB 446 82.61 26.23 -95.21
C LEU VB 446 83.00 25.35 -96.39
N CYS VB 447 82.34 24.19 -96.50
CA CYS VB 447 82.56 23.25 -97.60
C CYS VB 447 82.33 23.88 -98.98
N LYS VB 448 81.25 24.67 -99.08
CA LYS VB 448 80.92 25.41 -100.30
C LYS VB 448 82.02 26.40 -100.68
N ILE VB 449 82.49 27.14 -99.68
CA ILE VB 449 83.61 28.10 -99.84
C ILE VB 449 84.87 27.39 -100.35
N VAL VB 450 85.17 26.24 -99.76
CA VAL VB 450 86.32 25.42 -100.14
C VAL VB 450 86.21 24.98 -101.61
N CYS VB 451 85.03 24.50 -101.98
CA CYS VB 451 84.74 24.09 -103.36
C CYS VB 451 84.93 25.23 -104.35
N GLU VB 452 84.40 26.40 -104.01
CA GLU VB 452 84.57 27.62 -104.81
C GLU VB 452 86.04 27.97 -105.03
N ARG VB 453 86.81 27.85 -103.95
CA ARG VB 453 88.22 28.20 -103.96
C ARG VB 453 89.08 27.26 -104.81
N LYS VB 454 88.93 25.96 -104.57
CA LYS VB 454 89.87 24.94 -105.10
C LYS VB 454 89.38 24.23 -106.36
N CYS VB 455 88.35 23.40 -106.22
CA CYS VB 455 87.93 22.49 -107.29
C CYS VB 455 87.19 23.20 -108.42
N GLU VB 456 87.01 22.48 -109.53
CA GLU VB 456 86.36 23.00 -110.73
C GLU VB 456 85.39 21.98 -111.33
N GLU VB 457 84.51 22.48 -112.19
CA GLU VB 457 83.44 21.65 -112.79
C GLU VB 457 83.99 20.83 -113.94
N UNK YB 1 30.82 5.57 -135.50
CA UNK YB 1 29.51 6.14 -135.05
C UNK YB 1 28.34 5.59 -135.87
N UNK YB 2 28.50 5.64 -137.20
CA UNK YB 2 27.51 5.10 -138.15
C UNK YB 2 27.26 3.61 -137.93
N UNK YB 3 28.35 2.87 -137.73
CA UNK YB 3 28.31 1.44 -137.43
C UNK YB 3 27.54 1.15 -136.14
N UNK YB 4 27.84 1.94 -135.11
CA UNK YB 4 27.16 1.84 -133.81
C UNK YB 4 25.66 2.10 -133.93
N UNK YB 5 25.31 3.12 -134.71
CA UNK YB 5 23.91 3.47 -135.00
C UNK YB 5 23.18 2.33 -135.71
N UNK YB 6 23.84 1.75 -136.70
CA UNK YB 6 23.31 0.60 -137.44
C UNK YB 6 23.06 -0.61 -136.53
N UNK YB 7 24.02 -0.85 -135.63
CA UNK YB 7 23.92 -1.92 -134.63
C UNK YB 7 22.72 -1.73 -133.70
N UNK YB 8 22.55 -0.49 -133.24
CA UNK YB 8 21.42 -0.09 -132.40
C UNK YB 8 20.08 -0.30 -133.10
N UNK YB 9 20.03 0.08 -134.37
CA UNK YB 9 18.84 -0.11 -135.23
C UNK YB 9 18.49 -1.59 -135.38
N UNK YB 10 19.51 -2.41 -135.61
CA UNK YB 10 19.36 -3.88 -135.71
C UNK YB 10 18.82 -4.48 -134.41
N UNK YB 11 19.36 -4.03 -133.29
CA UNK YB 11 18.92 -4.45 -131.95
C UNK YB 11 17.46 -4.10 -131.69
N UNK YB 12 17.07 -2.88 -132.09
CA UNK YB 12 15.69 -2.39 -132.00
C UNK YB 12 14.73 -3.25 -132.83
N UNK YB 13 15.16 -3.57 -134.05
CA UNK YB 13 14.40 -4.44 -134.97
C UNK YB 13 14.19 -5.83 -134.39
N UNK YB 14 15.26 -6.38 -133.80
CA UNK YB 14 15.22 -7.68 -133.14
C UNK YB 14 14.24 -7.69 -131.96
N UNK YB 15 14.28 -6.63 -131.16
CA UNK YB 15 13.36 -6.43 -130.04
C UNK YB 15 11.90 -6.37 -130.49
N UNK YB 16 11.67 -5.64 -131.57
CA UNK YB 16 10.34 -5.52 -132.19
C UNK YB 16 9.81 -6.88 -132.67
N UNK YB 17 10.69 -7.63 -133.33
CA UNK YB 17 10.38 -8.99 -133.79
C UNK YB 17 10.01 -9.91 -132.61
N UNK YB 18 10.79 -9.83 -131.55
CA UNK YB 18 10.55 -10.59 -130.31
C UNK YB 18 9.20 -10.27 -129.70
N UNK YB 19 8.87 -8.98 -129.67
CA UNK YB 19 7.57 -8.49 -129.17
C UNK YB 19 6.38 -9.04 -129.97
N UNK YB 20 6.54 -9.12 -131.30
CA UNK YB 20 5.49 -9.63 -132.18
C UNK YB 20 5.21 -11.12 -131.98
N UNK YB 21 4.01 -11.55 -132.39
CA UNK YB 21 3.54 -12.92 -132.15
C UNK YB 21 4.24 -13.94 -133.06
N UNK YB 22 4.32 -15.18 -132.55
CA UNK YB 22 5.01 -16.28 -133.24
C UNK YB 22 4.15 -16.96 -134.31
N UNK YB 23 2.87 -17.17 -133.99
CA UNK YB 23 1.95 -17.97 -134.82
C UNK YB 23 1.91 -17.58 -136.30
N UNK YB 24 1.85 -16.28 -136.58
CA UNK YB 24 1.71 -15.76 -137.94
C UNK YB 24 3.04 -15.72 -138.69
N UNK YB 25 4.05 -15.16 -138.05
CA UNK YB 25 5.41 -15.05 -138.61
C UNK YB 25 6.01 -16.40 -138.98
N UNK YB 26 5.86 -17.36 -138.06
CA UNK YB 26 6.30 -18.74 -138.26
C UNK YB 26 5.63 -19.40 -139.46
N UNK YB 27 4.32 -19.20 -139.57
CA UNK YB 27 3.51 -19.69 -140.69
C UNK YB 27 3.97 -19.10 -142.02
N UNK YB 28 4.24 -17.80 -142.02
CA UNK YB 28 4.77 -17.09 -143.19
C UNK YB 28 6.12 -17.63 -143.64
N UNK YB 29 6.99 -17.88 -142.66
CA UNK YB 29 8.31 -18.47 -142.89
C UNK YB 29 8.21 -19.86 -143.51
N UNK YB 30 7.30 -20.68 -142.96
CA UNK YB 30 7.03 -22.02 -143.47
C UNK YB 30 6.54 -21.99 -144.92
N UNK YB 31 5.63 -21.06 -145.21
CA UNK YB 31 5.12 -20.83 -146.56
C UNK YB 31 6.22 -20.46 -147.55
N UNK YB 32 7.10 -19.56 -147.12
CA UNK YB 32 8.27 -19.14 -147.90
C UNK YB 32 9.20 -20.31 -148.21
N UNK YB 33 9.46 -21.13 -147.20
CA UNK YB 33 10.27 -22.35 -147.33
C UNK YB 33 9.67 -23.33 -148.33
N UNK YB 34 8.36 -23.53 -148.24
CA UNK YB 34 7.60 -24.37 -149.18
C UNK YB 34 7.71 -23.88 -150.62
N UNK YB 35 7.57 -22.56 -150.79
CA UNK YB 35 7.71 -21.91 -152.09
C UNK YB 35 9.10 -22.10 -152.68
N UNK YB 36 10.12 -21.99 -151.83
CA UNK YB 36 11.51 -22.18 -152.23
C UNK YB 36 11.78 -23.62 -152.69
N UNK YB 37 21.73 -24.01 -155.36
CA UNK YB 37 22.86 -24.76 -154.81
C UNK YB 37 23.80 -23.86 -153.99
N UNK YB 38 24.18 -22.73 -154.59
CA UNK YB 38 25.02 -21.73 -153.93
C UNK YB 38 24.39 -21.19 -152.64
N UNK YB 39 23.09 -20.91 -152.71
CA UNK YB 39 22.30 -20.47 -151.56
C UNK YB 39 22.28 -21.51 -150.43
N UNK YB 40 22.10 -22.77 -150.81
CA UNK YB 40 22.12 -23.90 -149.89
C UNK YB 40 23.46 -24.05 -149.19
N UNK YB 41 24.54 -23.91 -149.97
CA UNK YB 41 25.91 -23.95 -149.46
C UNK YB 41 26.18 -22.84 -148.46
N UNK YB 42 25.71 -21.64 -148.78
CA UNK YB 42 25.81 -20.47 -147.91
C UNK YB 42 25.08 -20.69 -146.59
N UNK YB 43 23.88 -21.25 -146.67
CA UNK YB 43 23.07 -21.60 -145.50
C UNK YB 43 23.76 -22.61 -144.60
N UNK YB 44 24.36 -23.63 -145.22
CA UNK YB 44 25.14 -24.66 -144.52
C UNK YB 44 26.33 -24.06 -143.79
N UNK YB 45 27.05 -23.16 -144.47
CA UNK YB 45 28.18 -22.43 -143.90
C UNK YB 45 27.77 -21.60 -142.68
N UNK YB 46 26.64 -20.91 -142.81
CA UNK YB 46 26.06 -20.12 -141.71
C UNK YB 46 25.71 -20.98 -140.50
N UNK YB 47 25.11 -22.14 -140.77
CA UNK YB 47 24.77 -23.12 -139.73
C UNK YB 47 26.01 -23.63 -139.00
N UNK YB 48 27.06 -23.93 -139.76
CA UNK YB 48 28.36 -24.37 -139.23
C UNK YB 48 28.99 -23.31 -138.33
N UNK YB 49 28.94 -22.05 -138.79
CA UNK YB 49 29.42 -20.90 -138.02
C UNK YB 49 28.67 -20.72 -136.70
N UNK YB 50 27.35 -20.88 -136.76
CA UNK YB 50 26.49 -20.83 -135.58
C UNK YB 50 26.82 -21.92 -134.57
N UNK YB 51 27.04 -23.13 -135.07
CA UNK YB 51 27.44 -24.28 -134.26
C UNK YB 51 28.78 -24.04 -133.56
N UNK YB 52 29.74 -23.51 -134.32
CA UNK YB 52 31.06 -23.14 -133.79
C UNK YB 52 30.98 -22.10 -132.67
N UNK YB 53 30.13 -21.10 -132.89
CA UNK YB 53 29.86 -20.06 -131.89
C UNK YB 53 29.26 -20.63 -130.60
N UNK YB 54 28.31 -21.54 -130.77
CA UNK YB 54 27.67 -22.24 -129.66
C UNK YB 54 28.69 -23.05 -128.84
N UNK YB 55 29.56 -23.76 -129.56
CA UNK YB 55 30.64 -24.54 -128.95
C UNK YB 55 31.59 -23.66 -128.13
N UNK YB 56 31.94 -22.50 -128.71
CA UNK YB 56 32.80 -21.51 -128.05
C UNK YB 56 32.17 -20.98 -126.76
N UNK YB 57 18.31 -23.57 -144.50
CA UNK YB 57 17.40 -22.83 -145.37
C UNK YB 57 16.45 -21.94 -144.59
N UNK YB 58 15.83 -22.52 -143.56
CA UNK YB 58 14.91 -21.80 -142.66
C UNK YB 58 15.61 -20.65 -141.95
N UNK YB 59 16.81 -20.92 -141.45
CA UNK YB 59 17.67 -19.92 -140.81
C UNK YB 59 18.02 -18.76 -141.74
N UNK YB 60 18.36 -19.11 -142.99
CA UNK YB 60 18.65 -18.13 -144.04
C UNK YB 60 17.45 -17.24 -144.35
N UNK YB 61 16.28 -17.86 -144.44
CA UNK YB 61 15.01 -17.16 -144.64
C UNK YB 61 14.70 -16.17 -143.52
N UNK YB 62 14.91 -16.63 -142.29
CA UNK YB 62 14.74 -15.80 -141.09
C UNK YB 62 15.66 -14.59 -141.08
N UNK YB 63 16.93 -14.83 -141.45
CA UNK YB 63 17.94 -13.77 -141.58
C UNK YB 63 17.55 -12.73 -142.63
N UNK YB 64 17.05 -13.21 -143.77
CA UNK YB 64 16.55 -12.35 -144.86
C UNK YB 64 15.39 -11.49 -144.41
N UNK YB 65 14.45 -12.10 -143.68
CA UNK YB 65 13.29 -11.39 -143.11
C UNK YB 65 13.72 -10.30 -142.13
N UNK YB 66 14.68 -10.62 -141.28
CA UNK YB 66 15.27 -9.67 -140.32
C UNK YB 66 15.91 -8.47 -141.02
N UNK YB 67 16.67 -8.77 -142.08
CA UNK YB 67 17.29 -7.74 -142.92
C UNK YB 67 16.27 -6.82 -143.56
N UNK YB 68 15.19 -7.41 -144.08
CA UNK YB 68 14.07 -6.67 -144.68
C UNK YB 68 13.40 -5.73 -143.67
N UNK YB 69 13.18 -6.25 -142.46
CA UNK YB 69 12.62 -5.48 -141.35
C UNK YB 69 13.50 -4.29 -140.97
N UNK YB 70 14.80 -4.54 -140.90
CA UNK YB 70 15.81 -3.50 -140.62
C UNK YB 70 15.80 -2.40 -141.69
N UNK YB 71 15.71 -2.81 -142.95
CA UNK YB 71 15.61 -1.90 -144.09
C UNK YB 71 14.36 -1.03 -144.03
N UNK YB 72 13.24 -1.66 -143.69
CA UNK YB 72 11.95 -0.97 -143.50
C UNK YB 72 12.03 0.09 -142.39
N UNK YB 73 12.63 -0.30 -141.28
CA UNK YB 73 12.85 0.59 -140.13
C UNK YB 73 13.69 1.80 -140.51
N UNK YB 74 14.75 1.56 -141.27
CA UNK YB 74 15.63 2.62 -141.78
C UNK YB 74 14.90 3.59 -142.67
N UNK YB 75 23.40 -11.85 -153.12
CA UNK YB 75 23.01 -11.85 -151.71
C UNK YB 75 23.70 -12.96 -150.91
N UNK YB 76 23.64 -14.17 -151.44
CA UNK YB 76 24.29 -15.35 -150.86
C UNK YB 76 25.80 -15.17 -150.72
N UNK YB 77 26.41 -14.65 -151.79
CA UNK YB 77 27.84 -14.33 -151.81
C UNK YB 77 28.23 -13.31 -150.74
N UNK YB 78 27.41 -12.26 -150.63
CA UNK YB 78 27.59 -11.23 -149.61
C UNK YB 78 27.51 -11.80 -148.19
N UNK YB 79 26.54 -12.67 -147.97
CA UNK YB 79 26.35 -13.37 -146.69
C UNK YB 79 27.57 -14.22 -146.33
N UNK YB 80 28.07 -14.95 -147.33
CA UNK YB 80 29.28 -15.77 -147.17
C UNK YB 80 30.50 -14.94 -146.81
N UNK YB 81 30.66 -13.80 -147.49
CA UNK YB 81 31.73 -12.84 -147.21
C UNK YB 81 31.66 -12.29 -145.78
N UNK YB 82 30.45 -11.95 -145.36
CA UNK YB 82 30.17 -11.49 -143.99
C UNK YB 82 30.54 -12.54 -142.95
N UNK YB 83 30.17 -13.78 -143.21
CA UNK YB 83 30.50 -14.93 -142.35
C UNK YB 83 32.01 -15.14 -142.23
N UNK YB 84 32.70 -15.04 -143.37
CA UNK YB 84 34.16 -15.13 -143.42
C UNK YB 84 34.84 -14.04 -142.60
N UNK YB 85 34.33 -12.81 -142.73
CA UNK YB 85 34.81 -11.66 -141.96
C UNK YB 85 34.64 -11.86 -140.46
N UNK YB 86 33.47 -12.38 -140.08
CA UNK YB 86 33.15 -12.70 -138.69
C UNK YB 86 34.10 -13.76 -138.11
N UNK YB 87 34.37 -14.79 -138.90
CA UNK YB 87 35.31 -15.85 -138.55
C UNK YB 87 36.73 -15.31 -138.34
N UNK YB 88 37.15 -14.42 -139.24
CA UNK YB 88 38.45 -13.75 -139.16
C UNK YB 88 38.58 -12.91 -137.88
N UNK YB 89 37.52 -12.17 -137.57
CA UNK YB 89 37.43 -11.37 -136.34
C UNK YB 89 37.54 -12.23 -135.09
N UNK YB 90 36.84 -13.36 -135.10
CA UNK YB 90 36.88 -14.34 -134.00
C UNK YB 90 38.28 -14.91 -133.79
N UNK YB 91 38.94 -15.24 -134.90
CA UNK YB 91 40.32 -15.73 -134.90
C UNK YB 91 41.30 -14.70 -134.32
N UNK YB 92 41.13 -13.45 -134.73
CA UNK YB 92 41.92 -12.32 -134.23
C UNK YB 92 41.75 -12.13 -132.72
N UNK YB 93 40.51 -12.21 -132.26
CA UNK YB 93 40.16 -12.14 -130.83
C UNK YB 93 40.83 -13.24 -130.03
N UNK YB 94 40.81 -14.47 -130.57
CA UNK YB 94 41.43 -15.64 -129.96
C UNK YB 94 42.95 -15.47 -129.82
N UNK ZB 1 114.27 -14.45 75.60
CA UNK ZB 1 115.38 -15.24 76.14
C UNK ZB 1 114.96 -16.02 77.39
N UNK ZB 2 114.34 -15.30 78.33
CA UNK ZB 2 113.81 -15.89 79.57
C UNK ZB 2 112.78 -16.98 79.28
N UNK ZB 3 111.87 -16.69 78.35
CA UNK ZB 3 110.85 -17.64 77.89
C UNK ZB 3 111.47 -18.90 77.29
N UNK ZB 4 112.49 -18.72 76.46
CA UNK ZB 4 113.25 -19.81 75.86
C UNK ZB 4 113.93 -20.70 76.90
N UNK ZB 5 114.53 -20.04 77.90
CA UNK ZB 5 115.16 -20.73 79.03
C UNK ZB 5 114.16 -21.57 79.83
N UNK ZB 6 112.99 -20.99 80.07
CA UNK ZB 6 111.89 -21.67 80.76
C UNK ZB 6 111.40 -22.90 80.00
N UNK ZB 7 111.28 -22.75 78.68
CA UNK ZB 7 110.90 -23.84 77.78
C UNK ZB 7 111.92 -24.98 77.79
N UNK ZB 8 113.20 -24.61 77.78
CA UNK ZB 8 114.31 -25.57 77.87
C UNK ZB 8 114.29 -26.35 79.19
N UNK ZB 9 114.03 -25.63 80.27
CA UNK ZB 9 113.90 -26.23 81.61
C UNK ZB 9 112.75 -27.21 81.69
N UNK ZB 10 111.62 -26.83 81.10
CA UNK ZB 10 110.43 -27.68 81.01
C UNK ZB 10 110.71 -28.97 80.23
N UNK ZB 11 111.41 -28.82 79.12
CA UNK ZB 11 111.83 -29.95 78.28
C UNK ZB 11 112.73 -30.92 79.04
N UNK ZB 12 113.70 -30.36 79.77
CA UNK ZB 12 114.60 -31.13 80.62
C UNK ZB 12 113.86 -31.92 81.69
N UNK ZB 13 112.90 -31.26 82.33
CA UNK ZB 13 112.04 -31.89 83.34
C UNK ZB 13 111.23 -33.06 82.76
N UNK ZB 14 110.70 -32.86 81.55
CA UNK ZB 14 109.95 -33.88 80.84
C UNK ZB 14 110.81 -35.11 80.51
N UNK ZB 15 111.40 -36.55 74.46
CA UNK ZB 15 110.72 -35.28 74.67
C UNK ZB 15 111.68 -34.10 74.65
N UNK ZB 16 112.75 -34.22 75.43
CA UNK ZB 16 113.81 -33.20 75.50
C UNK ZB 16 114.44 -32.96 74.14
N UNK ZB 17 114.68 -34.06 73.42
CA UNK ZB 17 115.22 -34.03 72.08
C UNK ZB 17 114.33 -33.31 71.10
N UNK ZB 18 113.04 -33.63 71.14
CA UNK ZB 18 112.00 -32.98 70.34
C UNK ZB 18 111.95 -31.48 70.59
N UNK ZB 19 112.02 -31.09 71.86
CA UNK ZB 19 112.04 -29.69 72.28
C UNK ZB 19 113.25 -28.93 71.73
N UNK ZB 20 114.42 -29.58 71.81
CA UNK ZB 20 115.67 -29.02 71.25
C UNK ZB 20 115.58 -28.79 69.76
N UNK ZB 21 115.00 -29.77 69.06
CA UNK ZB 21 114.76 -29.70 67.62
C UNK ZB 21 113.83 -28.54 67.25
N UNK ZB 22 112.75 -28.40 68.02
CA UNK ZB 22 111.80 -27.30 67.86
C UNK ZB 22 112.46 -25.93 68.05
N UNK ZB 23 113.30 -25.84 69.08
CA UNK ZB 23 114.07 -24.62 69.37
C UNK ZB 23 115.01 -24.25 68.22
N UNK ZB 24 115.69 -25.27 67.68
CA UNK ZB 24 116.58 -25.10 66.52
C UNK ZB 24 115.82 -24.59 65.29
N UNK ZB 25 114.66 -25.17 65.05
CA UNK ZB 25 113.77 -24.76 63.96
C UNK ZB 25 113.32 -23.30 64.09
N UNK ZB 26 112.96 -22.93 65.32
CA UNK ZB 26 112.58 -21.55 65.66
C UNK ZB 26 113.72 -20.57 65.40
N UNK ZB 27 114.93 -20.95 65.81
CA UNK ZB 27 116.15 -20.17 65.59
C UNK ZB 27 116.43 -19.96 64.11
N UNK ZB 28 116.28 -21.03 63.33
CA UNK ZB 28 116.43 -21.00 61.88
C UNK ZB 28 115.44 -20.06 61.21
N UNK ZB 29 114.18 -20.13 61.66
CA UNK ZB 29 113.11 -19.25 61.19
C UNK ZB 29 113.41 -17.78 61.48
N UNK ZB 30 113.90 -17.52 62.69
CA UNK ZB 30 114.31 -16.18 63.11
C UNK ZB 30 115.44 -15.62 62.25
N UNK ZB 31 116.42 -16.47 61.97
CA UNK ZB 31 117.55 -16.14 61.10
C UNK ZB 31 117.10 -15.79 59.68
N UNK ZB 32 116.18 -16.60 59.16
CA UNK ZB 32 115.58 -16.37 57.83
C UNK ZB 32 114.85 -15.04 57.76
N UNK ZB 33 114.08 -14.75 58.80
CA UNK ZB 33 113.36 -13.47 58.94
C UNK ZB 33 114.32 -12.28 58.94
N UNK ZB 34 115.42 -12.42 59.68
CA UNK ZB 34 116.46 -11.39 59.76
C UNK ZB 34 117.11 -11.13 58.40
N UNK ZB 35 119.38 -9.16 68.11
CA UNK ZB 35 119.12 -10.10 69.20
C UNK ZB 35 118.78 -11.50 68.67
N UNK ZB 36 117.85 -11.54 67.71
CA UNK ZB 36 117.43 -12.79 67.05
C UNK ZB 36 118.60 -13.47 66.34
N UNK ZB 37 119.39 -12.66 65.63
CA UNK ZB 37 120.61 -13.13 64.95
C UNK ZB 37 121.62 -13.72 65.93
N UNK ZB 38 121.83 -13.03 67.06
CA UNK ZB 38 122.72 -13.48 68.13
C UNK ZB 38 122.26 -14.82 68.72
N UNK ZB 39 120.95 -14.93 68.94
CA UNK ZB 39 120.34 -16.18 69.44
C UNK ZB 39 120.55 -17.34 68.47
N UNK ZB 40 120.36 -17.06 67.18
CA UNK ZB 40 120.59 -18.04 66.11
C UNK ZB 40 122.04 -18.53 66.06
N UNK ZB 41 122.96 -17.57 66.18
CA UNK ZB 41 124.40 -17.86 66.24
C UNK ZB 41 124.77 -18.74 67.42
N UNK ZB 42 124.20 -18.43 68.58
CA UNK ZB 42 124.38 -19.22 69.80
C UNK ZB 42 123.87 -20.64 69.65
N UNK ZB 43 122.70 -20.78 69.02
CA UNK ZB 43 122.09 -22.09 68.73
C UNK ZB 43 122.98 -22.92 67.80
N UNK ZB 44 123.52 -22.28 66.78
CA UNK ZB 44 124.46 -22.90 65.84
C UNK ZB 44 125.73 -23.39 66.54
N UNK ZB 45 126.26 -22.56 67.42
CA UNK ZB 45 127.43 -22.90 68.23
C UNK ZB 45 127.18 -24.11 69.14
N UNK ZB 46 126.01 -24.12 69.76
CA UNK ZB 46 125.56 -25.24 70.60
C UNK ZB 46 125.46 -26.55 69.80
N UNK ZB 47 124.89 -26.45 68.60
CA UNK ZB 47 124.77 -27.58 67.67
C UNK ZB 47 126.12 -28.14 67.26
N UNK ZB 48 127.05 -27.23 66.97
CA UNK ZB 48 128.44 -27.58 66.63
C UNK ZB 48 129.14 -28.31 67.77
N UNK ZB 49 128.96 -27.79 68.98
CA UNK ZB 49 129.50 -28.40 70.21
C UNK ZB 49 128.96 -29.81 70.43
N UNK ZB 50 127.66 -29.97 70.22
CA UNK ZB 50 126.98 -31.27 70.31
C UNK ZB 50 127.53 -32.28 69.31
N UNK ZB 51 127.73 -31.81 68.08
CA UNK ZB 51 128.32 -32.62 67.00
C UNK ZB 51 129.74 -33.08 67.35
N UNK ZB 52 130.53 -32.16 67.89
CA UNK ZB 52 131.89 -32.44 68.35
C UNK ZB 52 131.93 -33.49 69.45
N UNK ZB 53 131.01 -33.35 70.40
CA UNK ZB 53 130.84 -34.32 71.50
C UNK ZB 53 130.49 -35.71 70.98
N UNK ZB 54 129.56 -35.75 70.01
CA UNK ZB 54 129.16 -37.00 69.36
C UNK ZB 54 130.32 -37.69 68.65
N UNK ZB 55 131.10 -36.89 67.93
CA UNK ZB 55 132.32 -37.37 67.26
C UNK ZB 55 133.32 -37.96 68.23
N UNK ZB 56 133.52 -37.28 69.36
CA UNK ZB 56 134.41 -37.73 70.43
C UNK ZB 56 133.97 -39.06 71.03
N UNK ZB 57 124.51 -43.30 82.18
CA UNK ZB 57 123.77 -42.77 81.03
C UNK ZB 57 122.84 -41.62 81.42
N UNK ZB 58 122.05 -41.84 82.47
CA UNK ZB 58 121.14 -40.83 83.01
C UNK ZB 58 121.88 -39.58 83.47
N UNK ZB 59 122.99 -39.78 84.17
CA UNK ZB 59 123.86 -38.70 84.62
C UNK ZB 59 124.43 -37.89 83.45
N UNK ZB 60 124.87 -38.59 82.41
CA UNK ZB 60 125.37 -37.98 81.18
C UNK ZB 60 124.30 -37.12 80.49
N UNK ZB 61 123.08 -37.67 80.42
CA UNK ZB 61 121.93 -36.96 79.85
C UNK ZB 61 121.61 -35.68 80.62
N UNK ZB 62 121.64 -35.78 81.95
CA UNK ZB 62 121.44 -34.62 82.85
C UNK ZB 62 122.48 -33.54 82.64
N UNK ZB 63 123.73 -33.96 82.51
CA UNK ZB 63 124.87 -33.06 82.23
C UNK ZB 63 124.70 -32.34 80.90
N UNK ZB 64 124.27 -33.09 79.88
CA UNK ZB 64 124.00 -32.54 78.54
C UNK ZB 64 122.88 -31.50 78.58
N UNK ZB 65 121.82 -31.80 79.32
CA UNK ZB 65 120.69 -30.89 79.52
C UNK ZB 65 121.12 -29.59 80.21
N UNK ZB 66 121.95 -29.73 81.23
CA UNK ZB 66 122.53 -28.59 81.96
C UNK ZB 66 123.37 -27.70 81.04
N UNK ZB 67 124.18 -28.33 80.22
CA UNK ZB 67 125.01 -27.63 79.22
C UNK ZB 67 124.17 -26.86 78.21
N UNK ZB 68 123.09 -27.49 77.75
CA UNK ZB 68 122.13 -26.87 76.84
C UNK ZB 68 121.46 -25.65 77.45
N UNK ZB 69 121.06 -25.79 78.71
CA UNK ZB 69 120.46 -24.69 79.49
C UNK ZB 69 121.41 -23.51 79.64
N UNK ZB 70 122.67 -23.82 79.94
CA UNK ZB 70 123.74 -22.82 80.04
C UNK ZB 70 123.96 -22.07 78.73
N UNK ZB 71 123.97 -22.81 77.63
CA UNK ZB 71 124.10 -22.25 76.28
C UNK ZB 71 122.94 -21.32 75.94
N UNK ZB 72 121.73 -21.73 76.30
CA UNK ZB 72 120.51 -20.93 76.12
C UNK ZB 72 120.57 -19.62 76.91
N UNK ZB 73 121.03 -19.72 78.15
CA UNK ZB 73 121.21 -18.56 79.04
C UNK ZB 73 122.22 -17.56 78.46
N UNK ZB 74 123.33 -18.09 77.96
CA UNK ZB 74 124.37 -17.30 77.29
C UNK ZB 74 123.84 -16.56 76.07
N UNK ZB 75 123.01 -17.26 75.29
CA UNK ZB 75 122.36 -16.70 74.10
C UNK ZB 75 121.45 -15.52 74.45
N UNK ZB 76 131.69 -10.88 84.15
CA UNK ZB 76 131.10 -11.90 85.01
C UNK ZB 76 130.31 -12.94 84.21
N UNK ZB 77 129.44 -12.44 83.33
CA UNK ZB 77 128.64 -13.29 82.44
C UNK ZB 77 129.51 -14.16 81.53
N UNK ZB 78 130.54 -13.53 80.96
CA UNK ZB 78 131.53 -14.22 80.12
C UNK ZB 78 132.25 -15.33 80.88
N UNK ZB 79 132.66 -15.02 82.12
CA UNK ZB 79 133.31 -15.98 83.02
C UNK ZB 79 132.40 -17.18 83.33
N UNK ZB 80 131.13 -16.88 83.60
CA UNK ZB 80 130.11 -17.91 83.85
C UNK ZB 80 129.91 -18.83 82.64
N UNK ZB 81 129.86 -18.22 81.45
CA UNK ZB 81 129.76 -18.96 80.18
C UNK ZB 81 130.95 -19.88 79.95
N UNK ZB 82 132.15 -19.36 80.23
CA UNK ZB 82 133.39 -20.13 80.13
C UNK ZB 82 133.40 -21.34 81.08
N UNK ZB 83 132.94 -21.10 82.30
CA UNK ZB 83 132.81 -22.15 83.33
C UNK ZB 83 131.84 -23.25 82.89
N UNK ZB 84 130.71 -22.83 82.32
CA UNK ZB 84 129.71 -23.75 81.77
C UNK ZB 84 130.27 -24.61 80.65
N UNK ZB 85 131.02 -23.98 79.75
CA UNK ZB 85 131.69 -24.65 78.64
C UNK ZB 85 132.68 -25.69 79.12
N UNK ZB 86 133.47 -25.32 80.14
CA UNK ZB 86 134.43 -26.22 80.79
C UNK ZB 86 133.75 -27.43 81.42
N UNK ZB 87 132.62 -27.18 82.09
CA UNK ZB 87 131.80 -28.24 82.69
C UNK ZB 87 131.26 -29.21 81.64
N UNK ZB 88 130.78 -28.65 80.53
CA UNK ZB 88 130.29 -29.44 79.39
C UNK ZB 88 131.39 -30.32 78.79
N UNK ZB 89 132.57 -29.75 78.64
CA UNK ZB 89 133.76 -30.47 78.14
C UNK ZB 89 134.16 -31.63 79.06
N UNK ZB 90 134.12 -31.38 80.36
CA UNK ZB 90 134.39 -32.38 81.39
C UNK ZB 90 133.39 -33.53 81.34
N UNK ZB 91 132.11 -33.18 81.17
CA UNK ZB 91 131.02 -34.16 81.02
C UNK ZB 91 131.20 -35.04 79.79
N UNK ZB 92 131.59 -34.41 78.69
CA UNK ZB 92 131.88 -35.10 77.42
C UNK ZB 92 133.04 -36.09 77.57
N UNK ZB 93 134.09 -35.64 78.25
CA UNK ZB 93 135.26 -36.47 78.54
C UNK ZB 93 134.90 -37.69 79.39
N UNK ZB 94 134.06 -37.46 80.40
CA UNK ZB 94 133.56 -38.53 81.28
C UNK ZB 94 132.75 -39.57 80.50
N UNK ZB 95 131.88 -39.08 79.61
CA UNK ZB 95 131.08 -39.93 78.72
C UNK ZB 95 131.96 -40.79 77.82
N UNK ZB 96 133.01 -40.19 77.27
CA UNK ZB 96 133.98 -40.87 76.41
C UNK ZB 96 134.72 -41.98 77.15
N UNK ZB 97 113.02 -9.68 88.38
CA UNK ZB 97 114.27 -9.77 89.15
C UNK ZB 97 114.37 -11.07 89.94
N UNK ZB 98 113.29 -11.37 90.67
CA UNK ZB 98 113.18 -12.61 91.45
C UNK ZB 98 113.30 -13.86 90.58
N UNK ZB 99 112.61 -13.84 89.44
CA UNK ZB 99 112.66 -14.91 88.45
C UNK ZB 99 114.07 -15.13 87.90
N UNK ZB 100 114.75 -14.02 87.60
CA UNK ZB 100 116.14 -14.03 87.13
C UNK ZB 100 117.08 -14.64 88.17
N UNK ZB 101 116.89 -14.23 89.43
CA UNK ZB 101 117.67 -14.76 90.56
C UNK ZB 101 117.48 -16.27 90.73
N UNK ZB 102 116.23 -16.72 90.60
CA UNK ZB 102 115.87 -18.14 90.65
C UNK ZB 102 116.54 -18.94 89.54
N UNK ZB 103 116.52 -18.38 88.33
CA UNK ZB 103 117.18 -18.98 87.16
C UNK ZB 103 118.68 -19.12 87.37
N UNK ZB 104 119.29 -18.07 87.92
CA UNK ZB 104 120.73 -18.05 88.24
C UNK ZB 104 121.08 -19.13 89.27
N UNK ZB 105 120.25 -19.25 90.30
CA UNK ZB 105 120.39 -20.29 91.32
C UNK ZB 105 120.33 -21.70 90.74
N UNK ZB 106 119.36 -21.89 89.84
CA UNK ZB 106 119.17 -23.17 89.13
C UNK ZB 106 120.39 -23.53 88.28
N UNK ZB 107 120.92 -22.54 87.57
CA UNK ZB 107 122.14 -22.68 86.76
C UNK ZB 107 123.34 -23.08 87.61
N UNK ZB 108 123.48 -22.42 88.76
CA UNK ZB 108 124.54 -22.72 89.72
C UNK ZB 108 124.46 -24.15 90.25
N UNK ZB 109 123.24 -24.56 90.59
CA UNK ZB 109 122.95 -25.93 91.05
C UNK ZB 109 123.33 -26.97 90.00
N UNK ZB 110 122.97 -26.68 88.75
CA UNK ZB 110 123.31 -27.52 87.60
C UNK ZB 110 124.83 -27.66 87.41
N UNK ZB 111 125.52 -26.53 87.55
CA UNK ZB 111 126.99 -26.49 87.47
C UNK ZB 111 127.65 -27.33 88.56
N UNK ZB 112 127.12 -27.20 89.78
CA UNK ZB 112 127.57 -27.98 90.93
C UNK ZB 112 127.39 -29.48 90.71
N UNK ZB 113 126.23 -29.85 90.17
CA UNK ZB 113 125.91 -31.24 89.83
C UNK ZB 113 126.88 -31.80 88.79
N UNK ZB 114 127.15 -31.00 87.76
CA UNK ZB 114 128.12 -31.36 86.72
C UNK ZB 114 129.52 -31.59 87.28
N UNK ZB 115 129.94 -30.69 88.17
CA UNK ZB 115 131.23 -30.80 88.86
C UNK ZB 115 131.34 -32.08 89.69
N UNK ZB 116 130.25 -32.40 90.40
CA UNK ZB 116 130.16 -33.63 91.19
C UNK ZB 116 130.29 -34.88 90.33
N UNK ZB 117 111.58 -19.67 102.54
CA UNK ZB 117 111.94 -20.26 101.24
C UNK ZB 117 112.79 -19.31 100.39
N UNK ZB 118 112.31 -18.08 100.27
CA UNK ZB 118 113.01 -17.01 99.55
C UNK ZB 118 114.40 -16.73 100.14
N UNK ZB 119 114.45 -16.66 101.47
CA UNK ZB 119 115.70 -16.48 102.21
C UNK ZB 119 116.70 -17.61 101.96
N UNK ZB 120 116.18 -18.84 101.98
CA UNK ZB 120 116.97 -20.04 101.70
C UNK ZB 120 117.55 -20.03 100.28
N UNK ZB 121 116.71 -19.64 99.32
CA UNK ZB 121 117.11 -19.48 97.92
C UNK ZB 121 118.22 -18.45 97.74
N UNK ZB 122 118.07 -17.32 98.43
CA UNK ZB 122 119.07 -16.24 98.44
C UNK ZB 122 120.41 -16.72 99.01
N UNK ZB 123 120.34 -17.48 100.10
CA UNK ZB 123 121.52 -18.07 100.74
C UNK ZB 123 122.25 -19.04 99.81
N UNK ZB 124 121.47 -19.88 99.11
CA UNK ZB 124 121.98 -20.81 98.11
C UNK ZB 124 122.69 -20.10 96.96
N UNK ZB 125 122.08 -19.02 96.48
CA UNK ZB 125 122.65 -18.17 95.43
C UNK ZB 125 123.97 -17.53 95.86
N UNK ZB 126 124.01 -17.06 97.10
CA UNK ZB 126 125.22 -16.49 97.69
C UNK ZB 126 126.35 -17.51 97.80
N UNK ZB 127 126.00 -18.72 98.22
CA UNK ZB 127 126.93 -19.85 98.31
C UNK ZB 127 127.52 -20.22 96.95
N UNK ZB 128 126.64 -20.24 95.94
CA UNK ZB 128 127.04 -20.50 94.55
C UNK ZB 128 128.02 -19.45 94.04
N UNK ZB 129 127.71 -18.19 94.30
CA UNK ZB 129 128.56 -17.05 93.94
C UNK ZB 129 129.94 -17.15 94.57
N UNK ZB 130 129.97 -17.52 95.85
CA UNK ZB 130 131.20 -17.74 96.60
C UNK ZB 130 132.05 -18.86 96.00
N UNK ZB 131 131.38 -19.96 95.63
CA UNK ZB 131 132.02 -21.09 94.97
C UNK ZB 131 132.65 -20.71 93.63
N UNK ZB 132 131.90 -19.92 92.85
CA UNK ZB 132 132.36 -19.39 91.57
C UNK ZB 132 133.60 -18.51 91.73
N UNK ZB 133 133.56 -17.64 92.73
CA UNK ZB 133 134.69 -16.77 93.08
C UNK ZB 133 135.94 -17.57 93.45
N UNK ZB 134 135.74 -18.60 94.27
CA UNK ZB 134 136.82 -19.52 94.66
C UNK ZB 134 137.45 -20.23 93.45
N UNK ZB 135 136.60 -20.67 92.53
CA UNK ZB 135 137.03 -21.31 91.30
C UNK ZB 135 137.87 -20.39 90.41
N UNK ZB 136 105.38 -11.78 78.90
CA UNK ZB 136 106.57 -12.56 79.22
C UNK ZB 136 106.39 -13.37 80.49
N UNK ZB 137 106.03 -12.69 81.58
CA UNK ZB 137 105.74 -13.34 82.86
C UNK ZB 137 104.59 -14.33 82.75
N UNK ZB 138 103.52 -13.89 82.09
CA UNK ZB 138 102.35 -14.74 81.80
C UNK ZB 138 102.72 -15.95 80.94
N UNK ZB 139 103.55 -15.71 79.93
CA UNK ZB 139 104.07 -16.76 79.05
C UNK ZB 139 104.87 -17.80 79.82
N UNK ZB 140 105.77 -17.31 80.67
CA UNK ZB 140 106.59 -18.16 81.54
C UNK ZB 140 105.74 -19.03 82.47
N UNK ZB 141 104.70 -18.42 83.04
CA UNK ZB 141 103.74 -19.12 83.90
C UNK ZB 141 103.01 -20.24 83.16
N UNK ZB 142 102.59 -19.93 81.93
CA UNK ZB 142 101.93 -20.90 81.05
C UNK ZB 142 102.83 -22.07 80.71
N UNK ZB 143 104.08 -21.76 80.38
CA UNK ZB 143 105.11 -22.76 80.09
C UNK ZB 143 105.35 -23.70 81.29
N UNK ZB 144 105.42 -23.10 82.47
CA UNK ZB 144 105.56 -23.83 83.74
C UNK ZB 144 104.38 -24.77 83.99
N UNK ZB 145 103.18 -24.25 83.77
CA UNK ZB 145 101.94 -25.03 83.89
C UNK ZB 145 101.91 -26.23 82.95
N UNK ZB 146 102.33 -25.99 81.72
CA UNK ZB 146 102.43 -27.02 80.69
C UNK ZB 146 103.44 -28.11 81.06
N UNK ZB 147 104.58 -27.68 81.59
CA UNK ZB 147 105.62 -28.59 82.09
C UNK ZB 147 105.10 -29.48 83.21
N UNK ZB 148 104.36 -28.87 84.15
CA UNK ZB 148 103.73 -29.57 85.26
C UNK ZB 148 102.72 -30.61 84.78
N UNK ZB 149 101.92 -30.24 83.79
CA UNK ZB 149 100.95 -31.15 83.15
C UNK ZB 149 101.64 -32.35 82.51
N UNK ZB 150 102.72 -32.08 81.78
CA UNK ZB 150 103.54 -33.13 81.17
C UNK ZB 150 104.12 -34.10 82.19
N UNK ZB 151 104.60 -33.56 83.30
CA UNK ZB 151 105.13 -34.34 84.42
C UNK ZB 151 104.07 -35.25 85.04
MG MG AC . -55.55 30.06 40.02
MG MG BC . -47.03 43.03 41.14
MG MG CC . -38.92 2.02 60.73
MG MG DC . -41.19 -10.07 58.97
MG MG EC . -35.33 11.17 79.36
MG MG FC . -39.53 7.00 25.37
MG MG GC . -22.58 24.33 94.11
MG MG HC . 4.50 13.05 85.66
MG MG IC . 3.41 0.29 68.83
MG MG JC . 6.06 32.29 65.96
MG MG KC . -56.62 -35.28 15.27
MG MG LC . -52.66 -34.78 28.64
MG MG MC . -42.29 -47.89 32.79
MG MG NC . 41.85 -3.42 106.22
MG MG OC . -17.41 -9.62 70.57
MG MG PC . -39.24 1.98 78.76
MG MG QC . -21.30 2.86 68.49
MG MG RC . -47.34 2.08 30.93
MG MG SC . -49.25 -21.39 64.24
MG MG TC . 17.85 -10.35 45.55
MG MG UC . -24.78 14.08 74.29
MG MG VC . -20.10 42.89 43.92
MG MG WC . 31.51 40.84 58.99
MG MG XC . 14.05 47.01 67.18
MG MG YC . -4.89 8.33 19.19
MG MG ZC . -12.37 -11.12 106.28
MG MG AD . -27.46 20.27 26.38
MG MG BD . 33.59 -22.33 66.66
MG MG CD . 17.91 32.40 95.99
MG MG DD . -9.96 32.48 59.27
MG MG ED . -7.27 67.11 43.70
MG MG FD . 38.85 -2.22 72.94
MG MG GD . -9.41 15.84 32.39
MG MG HD . -6.43 19.00 29.07
MG MG ID . -40.66 -3.96 52.71
MG MG JD . -38.34 -11.12 64.42
MG MG KD . -39.87 -23.25 69.63
MG MG LD . -51.13 -29.94 32.89
MG MG MD . -52.65 -25.45 27.69
MG MG ND . -53.62 -33.44 40.66
MG MG OD . -55.04 -31.67 36.12
MG MG PD . -47.06 -37.04 32.66
MG MG QD . 6.33 11.89 78.54
MG MG RD . 3.96 5.79 79.17
MG MG SD . -1.91 3.57 78.31
MG MG TD . -44.58 15.40 74.59
MG MG UD . 20.55 -7.87 41.48
MG MG VD . 4.46 27.18 41.10
MG MG WD . -3.53 37.83 66.29
MG MG XD . -7.03 63.17 50.68
MG MG YD . 37.79 -8.13 73.19
MG MG ZD . 1.68 19.54 19.63
MG MG AE . 5.52 16.74 17.37
MG MG BE . -12.52 36.94 63.95
MG MG CE . 27.51 41.35 39.48
MG MG DE . 9.32 12.32 39.61
MG MG EE . 5.53 17.41 43.23
MG MG FE . 11.09 20.58 27.47
MG MG GE . -1.69 36.66 11.76
MG MG HE . 25.19 23.57 42.68
MG MG IE . 27.91 21.22 46.94
MG MG JE . 21.25 26.07 34.09
MG MG KE . 13.29 23.34 32.75
MG MG LE . 20.99 32.51 32.91
MG MG ME . 9.91 22.47 12.07
MG MG NE . -11.62 16.42 80.33
MG MG OE . -0.09 20.76 69.51
MG MG PE . 10.00 25.82 75.17
MG MG QE . 29.09 30.88 67.94
MG MG RE . -66.82 -9.67 36.09
MG MG SE . -56.49 -4.80 50.27
MG MG TE . -55.57 -16.47 69.45
MG MG UE . -54.04 -12.80 73.37
MG MG VE . -53.30 -20.87 74.92
MG MG WE . -24.95 -38.75 73.90
MG MG XE . -20.40 -40.08 65.16
MG MG YE . -29.49 -39.80 89.39
MG MG ZE . -51.91 -25.66 80.71
MG MG AF . -61.20 57.51 40.80
MG MG BF . -69.70 58.62 30.38
MG MG CF . -59.47 57.05 45.95
MG MG DF . -70.37 59.90 23.69
MG MG EF . -69.53 -26.68 8.79
MG MG FF . -43.92 -6.16 44.16
MG MG GF . -39.03 2.60 39.05
MG MG HF . -40.08 1.66 44.37
MG MG IF . -49.26 -4.42 67.23
MG MG JF . -46.77 -0.85 53.53
MG MG KF . -31.61 9.25 72.39
MG MG LF . -2.64 -7.06 60.55
MG MG MF . -3.02 -6.50 68.23
MG MG NF . -6.07 -5.65 62.69
MG MG OF . -15.70 -21.54 66.29
MG MG PF . -14.57 -22.67 50.40
MG MG QF . -32.99 -21.87 49.05
MG MG RF . -9.49 -34.79 65.17
MG MG SF . -15.50 -45.60 68.52
MG MG TF . 14.98 -31.91 84.92
MG MG UF . 3.68 -42.35 55.68
MG MG VF . -19.55 -22.97 78.82
MG MG WF . -29.74 -17.89 67.50
MG MG XF . -10.60 -19.47 98.22
MG MG YF . -42.10 26.50 47.02
MG MG ZF . 36.28 -1.16 95.99
MG MG AG . 16.82 -45.29 68.37
MG MG BG . -8.38 -44.52 32.57
MG MG CG . 23.08 -52.49 45.02
MG MG DG . 32.10 22.20 70.22
MG MG EG . -47.78 -3.71 29.99
MG MG FG . -7.51 9.04 32.84
MG MG GG . 26.27 34.37 56.11
MG MG HG . 30.25 38.90 72.65
MG MG IG . -26.18 64.97 56.14
MG MG JG . -42.61 15.56 38.46
MG MG KG . -87.38 4.73 20.99
MG MG LG . 20.69 42.26 29.38
MG MG MG . 22.79 28.85 38.97
MG MG NG . -47.08 -18.17 53.57
MG MG OG . -76.07 -30.56 55.14
MG MG PG . -57.15 -47.07 29.03
MG MG QG . -45.03 -66.37 52.16
MG MG RG . 3.01 67.14 67.60
MG MG SG . 3.47 58.72 49.00
MG MG TG . 6.15 54.22 66.12
MG MG UG . 11.27 55.10 68.63
MG MG VG . -3.46 26.46 62.66
MG MG WG . 14.79 6.61 59.47
MG MG XG . 33.23 -1.25 56.11
MG MG YG . 38.56 -0.75 54.80
MG MG ZG . 21.12 9.65 45.37
MG MG AH . 36.66 20.62 17.35
MG MG BH . 4.30 33.12 17.99
MG MG CH . -49.26 32.08 1.03
MG MG DH . -0.70 15.93 3.33
MG MG EH . -2.44 15.68 9.65
MG MG FH . 0.00 -0.60 16.58
MG MG GH . 18.19 -11.09 26.14
MG MG HH . 20.72 -5.32 58.59
MG MG IH . -12.45 -13.44 84.94
MG MG JH . -36.61 12.86 36.73
MG MG KH . -19.63 24.15 23.23
MG MG LH . -63.17 -26.12 9.50
MG MG MH . -71.19 -15.37 23.15
MG MG NH . -79.94 31.08 21.05
MG MG OH . -52.80 10.88 24.06
MG MG PH . 2.30 -58.25 26.23
MG MG QH . 19.05 -5.37 37.21
MG MG RH . -2.26 -13.38 52.04
MG MG SH . 21.75 -37.98 69.91
MG MG TH . 40.91 -6.42 78.15
MG MG UH . 43.87 -3.91 68.94
MG MG VH . 37.29 61.87 53.97
MG MG WH . 13.95 -38.54 70.48
MG MG XH . 29.36 1.86 112.57
MG MG YH . 38.03 3.94 97.39
MG MG ZH . -23.81 -5.01 67.66
MG MG AI . 15.13 42.02 70.45
MG MG BI . 0.47 19.49 43.62
MG MG CI . -68.88 60.18 26.77
MG MG DI . -43.10 -11.49 45.09
MG MG EI . -45.24 -1.17 28.95
MG MG FI . -0.29 27.89 21.59
MG MG GI . -14.28 28.66 52.11
MG MG HI . -36.55 19.21 54.70
MG MG II . 38.28 15.78 80.64
MG MG JI . 46.44 10.21 87.75
MG MG KI . 5.10 70.33 59.13
MG MG LI . -18.38 41.78 15.20
MG MG MI . -10.17 22.33 41.42
MG MG NI . -51.74 30.86 36.08
MG MG OI . -68.51 33.40 45.74
MG MG PI . -56.92 42.09 18.47
MG MG QI . -66.17 19.42 71.92
MG MG RI . -10.03 46.17 46.27
MG MG SI . -0.19 21.66 31.10
MG MG TI . -3.45 36.40 18.33
MG MG UI . -66.13 -20.30 39.24
MG MG VI . 50.99 51.62 78.90
MG MG WI . 2.95 -78.86 62.56
MG MG XI . 7.19 -73.19 60.18
NA NA YI . -10.44 17.27 21.12
MG MG ZI . -38.15 -7.45 74.71
ZN ZN AJ . 17.60 21.20 113.42
ZN ZN BJ . 3.43 -67.49 44.64
MG MG CJ . -0.06 52.80 63.50
MG MG DJ . 13.46 75.01 66.18
MG MG EJ . 48.34 21.64 -71.99
MG MG FJ . 50.98 -3.94 -54.89
MG MG GJ . -47.99 -28.57 -62.71
MG MG HJ . -10.27 -50.64 -63.05
PB GDP IJ . -39.82 -15.89 -100.55
O1B GDP IJ . -39.98 -16.99 -101.58
O2B GDP IJ . -38.63 -16.10 -99.66
O3B GDP IJ . -41.09 -15.52 -99.83
O3A GDP IJ . -39.46 -14.58 -101.43
PA GDP IJ . -40.34 -14.21 -102.73
O1A GDP IJ . -40.02 -15.20 -103.82
O2A GDP IJ . -41.78 -14.04 -102.29
O5' GDP IJ . -39.76 -12.79 -103.23
C5' GDP IJ . -40.44 -11.55 -103.06
C4' GDP IJ . -39.41 -10.43 -103.19
O4' GDP IJ . -39.49 -9.74 -104.44
C3' GDP IJ . -39.55 -9.35 -102.12
O3' GDP IJ . -38.67 -9.62 -101.02
C2' GDP IJ . -39.24 -8.06 -102.83
O2' GDP IJ . -38.17 -7.33 -102.21
C1' GDP IJ . -38.84 -8.47 -104.25
N9 GDP IJ . -39.18 -7.44 -105.28
C8 GDP IJ . -39.23 -6.10 -105.05
N7 GDP IJ . -39.56 -5.42 -106.18
C5 GDP IJ . -39.71 -6.32 -107.16
C6 GDP IJ . -40.06 -6.25 -108.60
O6 GDP IJ . -40.27 -5.15 -109.17
N1 GDP IJ . -40.12 -7.40 -109.29
C2 GDP IJ . -39.88 -8.60 -108.72
N2 GDP IJ . -39.98 -9.70 -109.51
N3 GDP IJ . -39.56 -8.73 -107.40
C4 GDP IJ . -39.46 -7.65 -106.58
MG MG JJ . -43.09 -15.94 -100.10
MG MG KJ . 78.79 26.84 17.48
MG MG LJ . 105.70 -24.57 43.71
MG MG MJ . 101.60 -28.96 34.17
MG MG NJ . 94.71 -22.16 40.16
MG MG OJ . 82.00 -10.14 18.37
MG MG PJ . 80.88 -13.96 8.86
MG MG QJ . 75.07 -19.60 5.26
MG MG RJ . 68.89 -14.55 4.49
MG MG SJ . 67.65 -18.91 9.36
MG MG TJ . 64.24 -7.57 9.12
MG MG UJ . 112.06 -4.41 44.39
MG MG VJ . 106.79 -8.65 50.33
MG MG WJ . 100.67 -6.00 40.67
MG MG XJ . 69.80 16.96 18.89
MG MG YJ . 70.51 23.61 27.55
MG MG ZJ . 58.01 11.04 2.06
MG MG AK . 68.41 -4.71 -2.46
MG MG BK . 70.87 -6.70 23.68
MG MG CK . 75.35 -6.97 22.26
MG MG DK . 68.59 -18.86 20.98
MG MG EK . 72.99 -26.32 16.17
MG MG FK . 86.43 -33.62 17.93
MG MG GK . 96.37 -28.64 14.43
MG MG HK . 75.06 -33.74 -15.23
MG MG IK . 51.91 -60.01 -39.63
MG MG JK . 49.09 -35.54 -21.94
MG MG KK . 49.80 -31.25 -28.71
MG MG LK . 64.42 -1.87 -24.32
MG MG MK . 55.57 11.98 -37.03
MG MG NK . 48.26 8.82 -34.75
MG MG OK . 39.76 8.94 -26.51
MG MG PK . 38.92 16.47 -22.49
MG MG QK . 41.40 21.97 -25.42
MG MG RK . 51.84 31.77 -19.47
MG MG SK . 18.23 38.94 -35.96
MG MG TK . 30.00 25.55 -26.45
MG MG UK . 24.27 29.81 -25.08
MG MG VK . 56.02 39.43 -19.34
MG MG WK . 32.46 32.59 -8.58
MG MG XK . 19.70 28.97 -12.50
MG MG YK . 14.12 32.23 -5.34
MG MG ZK . 2.26 24.68 -23.14
MG MG AL . 2.44 18.72 -20.90
MG MG BL . 7.13 11.91 -17.10
MG MG CL . 35.52 17.20 -17.62
MG MG DL . 33.23 12.43 -7.67
MG MG EL . 32.98 -5.49 -59.00
MG MG FL . 8.36 2.14 -28.18
MG MG GL . 22.79 7.23 -36.69
MG MG HL . 13.68 0.96 -30.44
MG MG IL . 15.37 6.14 -31.10
MG MG JL . 29.29 15.93 -13.31
MG MG KL . 15.09 6.69 -27.06
MG MG LL . 18.10 17.29 -25.89
MG MG ML . 28.20 11.73 -41.69
MG MG NL . 42.30 29.69 -26.90
MG MG OL . 25.99 -4.42 -61.81
MG MG PL . 40.18 -17.20 -31.45
MG MG QL . 59.68 -19.60 -21.71
MG MG RL . 79.94 -33.27 -0.70
MG MG SL . 79.78 23.56 22.59
MG MG TL . 52.58 12.06 -3.96
MG MG UL . 76.20 -14.29 1.49
MG MG VL . 55.90 -30.89 9.43
MG MG WL . 55.74 -43.00 -18.70
MG MG XL . 55.79 -29.48 -37.76
MG MG YL . 47.55 -38.13 -27.14
MG MG ZL . 49.54 13.74 -51.81
MG MG AM . 41.07 19.10 -46.25
MG MG BM . 60.05 4.08 28.66
MG MG CM . 41.31 7.26 17.29
MG MG DM . 7.79 -9.56 -24.21
MG MG EM . 11.02 9.48 -36.57
MG MG FM . 71.45 -3.91 -6.01
MG MG GM . 104.80 -18.79 23.51
MG MG HM . 69.40 -27.29 -1.37
MG MG IM . 68.50 -8.21 9.05
MG MG JM . 41.90 5.09 1.88
MG MG KM . 92.25 -50.82 -13.63
MG MG LM . 38.38 -43.81 -33.51
MG MG MM . 55.69 -46.74 -28.74
MG MG NM . 30.13 -9.26 8.32
MG MG OM . -8.80 -2.48 -63.71
MG MG PM . -21.83 -17.70 -54.64
MG MG QM . -21.11 -16.96 -49.30
MG MG RM . -12.34 -35.96 -51.58
MG MG SM . -7.24 -25.08 -59.84
MG MG TM . -10.53 -54.90 -50.03
MG MG UM . 15.18 -52.57 -43.95
MG MG VM . -0.17 -50.56 -44.27
MG MG WM . -0.82 -56.02 -41.41
MG MG XM . 13.09 -27.78 -47.67
MG MG YM . 16.60 -17.34 -75.22
MG MG ZM . 16.71 -2.04 -65.42
MG MG AN . 15.60 -31.57 -52.69
MG MG BN . -7.34 -34.43 -46.55
MG MG CN . -8.41 -34.18 -105.83
MG MG DN . 10.65 -27.10 -44.44
MG MG EN . 4.77 -38.97 -44.58
MG MG FN . 8.91 -46.36 -51.33
MG MG GN . -27.06 -45.46 -86.79
MG MG HN . -12.82 -41.27 -93.33
MG MG IN . -31.94 -24.53 -70.71
MG MG JN . -38.79 -24.39 -67.80
MG MG KN . 5.30 -31.32 -44.73
MG MG LN . -38.93 -17.23 -54.11
MG MG MN . -11.62 -20.34 -79.39
MG MG NN . 14.07 -42.64 -45.36
MG MG ON . -34.01 -16.68 -71.34
MG MG PN . -26.51 -28.02 -90.66
MG MG QN . 17.59 -19.42 -60.23
#